data_8Z11
#
_entry.id   8Z11
#
loop_
_entity.id
_entity.type
_entity.pdbx_description
1 polymer iFCPI-7
2 polymer iFCPI-1
3 polymer iFCPI-11
4 polymer iFCPI-6
5 polymer iFCPI-5
6 polymer iFCPI-8
7 polymer iFCPI-13
8 polymer iFCPI-10
9 polymer iFCPI-3
10 polymer iFCPI-9
11 polymer iFCPI-4
12 polymer iFCPI-12
13 polymer iFCPI-15/14/16
14 polymer iFCPI-17
15 polymer iFCPI-20/19/21
16 polymer iFCPI-18
17 polymer iFCPI-22
18 polymer iFCPI-2
19 polymer L-iFP
20 polymer 'Photosystem I P700 chlorophyll a apoprotein A1'
21 polymer 'Photosystem I P700 chlorophyll a apoprotein A2'
22 polymer 'Photosystem I iron-sulfur center'
23 polymer 'Photosystem I reaction center subunit II'
24 polymer PsaE
25 polymer 'Photosystem I reaction center subunit III'
26 polymer 'Photosystem I reaction center subunit VIII'
27 polymer 'Photosystem I reaction center subunit IX'
28 polymer PsaK
29 polymer 'Photosystem I reaction center subunit XI'
30 polymer 'Photosystem I reaction center subunit XII'
31 polymer PsaR
32 non-polymer 'CHLOROPHYLL A'
33 non-polymer 'Chlorophyll c2'
34 non-polymer "(3S,3'R,5R,6S,7cis)-7',8'-didehydro-5,6-dihydro-5,6-epoxy-beta,beta-carotene-3,3'-diol"
35 non-polymer 1,2-DIPALMITOYL-PHOSPHATIDYL-GLYCEROLE
36 non-polymer 1,2-DISTEAROYL-MONOGALACTOSYL-DIGLYCERIDE
37 non-polymer "(3S,3'S,5R,5'R,6S,6'R,8'R)-3,5'-dihydroxy-8-oxo-6',7'-didehydro-5,5',6,6',7,8-hexahydro-5,6-epoxy-beta,beta-caroten-3'- yl acetate"
38 non-polymer DODECYL-ALPHA-D-MALTOSIDE
39 non-polymer 1,2-DI-O-ACYL-3-O-[6-DEOXY-6-SULFO-ALPHA-D-GLUCOPYRANOSYL]-SN-GLYCEROL
40 non-polymer 'DIGALACTOSYL DIACYL GLYCEROL (DGDG)'
41 non-polymer BETA-CAROTENE
42 non-polymer 'IRON/SULFUR CLUSTER'
43 non-polymer PHYLLOQUINONE
#
loop_
_entity_poly.entity_id
_entity_poly.type
_entity_poly.pdbx_seq_one_letter_code
_entity_poly.pdbx_strand_id
1 'polypeptide(L)'
;MLSIALSSLSYSPAAMPAVQVSRGAVNMAIAKPSNAVPFLTAPPCQSSKLAGAETGFDPLYLSEFIDLKWAREAELKHGR
ICMLAAPGYFFQEFFQLPGFPGYSPNGIEAVSSVSPEALAQIVIFMSVIEYNSNLNKWTMDTMFADPKREPGNLGFDPLK
FGENKNTRARLEMAELKNGRLAMLAFSGMVHQTFVTGKPVWASLQDIFA
;
A
2 'polypeptide(L)'
;MLSISVGSLSLATPMRPVVAPRAPVPKASIFEAGMAQYNADYPWLAKYGFGPSVKAERWNGRHAMFGWVAILATGVAKSH
GLLPAGDLMLTYQDWGGLAQQGFNTYISNERAVIMIAHVHALAVSFAAAFGPQVLGDSLTLLDGEKDEEPYGFLPPMQFG
LTPAAEIANGRMAMFGLISLVCTSAFTGMDILQIVDIGTGGNLLTHPMF
;
B
3 'polypeptide(L)'
;MLSLVSASPSLLAPVVTPRAPAPAMAAERSASIPFLKKPPALDGSMIGDVGFDPLGFSTTITELGGDLSYVREAELMHGR
QAMLAAVGMIFPKVFGKLPAPWTEAVSTNPLEAQYQLPPVVLGQILISIFIAEGLRSRIVFGNDPNYVVGDHGFGSNFLK
GKSEAQIADMKLKELNNGRLAMIAVTGMFFQISIKGNLWPIIDGF
;
C
4 'polypeptide(L)'
;MALRTLAVSVGVATALSTGATPAALARPKMTAHADALRFLRMDEAAPAKPAEEAEEAAAPAPPPAPPPVEYSESLPFLVK
RKALKGYVGDVGFDPLGFSEILPMDWLREAELKHCRVAMLATFGFGFTDFWHFPGFDYTTLEAHDACVASGAMSQLLLWI
GLLEVFGTIGIDQTLRGSGRAAGDFGFDPLGFGSDPAKMADLQMKELANGRLAMFAFSGFVTQSVLTGNQFPYLFDYQTT
DVFAL
;
D
5 'polypeptide(L)'
;MLSLASAPLSFAGPALSGVAHRTGALNMMAKSKSIPFLEAPPALDGTMAGDKGFDPMRLSEVVPIQWAREAELKHARICM
LAVVGWVAVDLGFTVPYAPQVSSLAAHDAAVEKGAFLFLLFPIAVVEVLAGIPKCFQIMNDPNAAPGGDYKFDPLGIGAS
ADMQEKEISNGRLAMMAFSGIVTQAALTQAPFPYTYNGMSDLVPVL
;
E
6 'polypeptide(L)'
;MLSVVSAPTLAFGAGVARVVPQRAAVQMSAGPMYDEPLAPSGMGREFINKERAPLSSYVGASQELAAFPGGGGKEGMAPT
PWDPFCFSELYKVSANNPDVAWLRESELKHGRMAMLAITGVMVQSTGFHLPGNAEVSFANSDWVSAPTTLPPVVWGQVLA
FVAIAEGQTSEGLFDLWLGDTSKREPGNLGWGSGLLSKDKKAADKMRLKELKNGRLAMLAIMGVAANHFIPGALPGCIYS
;
F
7 'polypeptide(L)'
;MLSLASLPSTAFVAPIPAARLGVRAAAPLMGVEDMVGASVEVSNKVWDPLKLSAKMDEGNLNLVRAAELKHCRVAMLATV
GWAWTATGTHFEGMLSTSQGISFADACAAGPLLGAAKVPAVGVWQIIAAIGALEVFWENKYPASECAGNFGVPWVTSDPA
KMKEIQLAELKNGRLAMIGIISFACAESIPGSVPFYPF
;
G
8 'polypeptide(L)'
;MLTLSLQSLSLNAGVAPAARVQRMQAPMMVKSQALPFLEAPAKLDGSMAGDKGFDPLNLAGSFDINWMREAELKHGRICM
LAWVGYVAVDNGFYVPFAPHVSSLAAHDTAVKSGQMLFLLGAVGVVEALSYNAINEMMSGQTDRRPGDFSMDPFKMVDTP
EKAKSMLEKEISHCRLAMMAFSGVVTQSALTGHGFPYL
;
H
9 'polypeptide(L)'
;MALSLLASPLALVNNGMLRAPVMQPACQGIQAKLDMVGACKPLGFFDPLGFSKDASPASMAKFREAELKHGRVAMLACAG
MITADKFHPLYDGKLSSNPLLAIAQVPKLGLLQILLFIGFMEVFGILNSRRPDYKPGDFLGSSQWDTTEVWDNYQLRELN
NGRLAMFASIGMLTHAYITGKGPLELLDGSSIVF
;
I
10 'polypeptide(L)'
;MLSLTSAPLAFSAPLAAPLAPQRAAVSMMAKSQALPFLEKPASLDGSMPGDVGFDPLGLSSYFPLDWMREAEIKHGRVCM
LAIVGYIAVDIGIRAPGAEKLGSLTSFTAHNAAVTSGHMWALLGVAGIAEIAGMAGIAATLNGSGRAPGDFAFDGGFAKD
AAKLERFKLSEIKHCRLAMMAFSGLVTQDAMANGMGFPYF
;
J
11 'polypeptide(L)'
;MLSLTSASALALHAPLAAVPTAQRAAAAPLMAMENELGATGPLGYWDPLGFSTKQPERFARYRAVELKHGRIAMAACTGY
FVQSVLRWPGYLSTSAGVKFSDLPNGIAGFAKIPPLGLAQIFLFIGLMEAFTWPFYQGGLGKVPEGKLPGDVAGDLWVRY
SDPEVKKHKLNVEINNGRAAMMGSLGMLMHDHILGTWIPPGF
;
K
12 'polypeptide(L)'
;MLSLALAPLSFNAPMAPLSQAMRSSTSVRMGVETMEGAAGPETAGKVFDPLGLASLGGEETLAFFRHAELKHGRVAMAAI
VGFQFHINHVHFPGYLSPSAGVTFEQLAGVGPFEAWNLIPLLGKMQILFTIAGLEHASECLDPAGHYTKGGTPGNLKFLK
KFWDTPGFTDKLTEEQKATKRVSELKNGRLAMIGMASIISAMSIPGSVPLLNGAPALTGTGFVLPFGDF
;
L
13 'polypeptide(L)'
;MAPALINAPVMPVAGAARVAVPKMAFVDSIEGVGEETGNKIWDPLGISDAVSDEAVMWFRHSELKHGRVAMLATVGYMIG
AAGITFPGEIAKGVTFASVGASGPYAAWDATPTAGKLQILTIILALEWAAETKKPHYMRGGVPGKIDQLPFEGIPGLWAP
KIKFWDPLNFMGALTEEQKARKRKSELKNGRLAMIGIISFLTGHNIPGSVPALDSHF
;
M,P,W
14 'polypeptide(L)'
;MALSLASPLACGLAAPAMVRPAVQTRHVMMSAADGMEGISHETGMKTWDPLGLADLGSPATLAFFRHAELKHCRVAMAAF
VGWLVAVSGVHFPGLCSFSEGVSFEDISKLTPLEQWAAVPALGKAQILLAIGIIEHNSEWKIKPHYMAAGGKPGDLKGLK
SFWDPAGLTSKMSAAKLERQRLSELKNGRAAMIGIISVLIAHNVPGSIPLPINFPAGPSLILPF
;
N
15 'polypeptide(L)'
;MLSIAVSSLSFNAPALAPRTAPSAASVRMGVADMEGVGPETGNKVFDPLGLAKIASPETLAWYRAAELKHSRVAMAAVTG
WAWVSSGGPLFPGYLSIDQGITFESLGRDGYAAWAAVPEAGKFQILGTIGILELLQEGSVKPHYMAGGTPGKVPLLWDPL
GFTTKLSADTLATKRTSELKNGRLAMIGVMSLVSAHFIPGSVPLLP
;
O,R,T
16 'polypeptide(L)'
;MLALSSMPLAFSAPASAAVAAAPRAAVSMGGNVNNMIGKYSVKGTVYDPLNLASTYDNNWLREAELKHGRLCMLAFAGFI
ANDAGWGLPGLDIKCSSVEAHDKMVESGHMWALLAFVSVCEALHFSVIIPKLDGDWGDYEPGNYGLDPFKLDTPARREAE
LKNGRACMLAFSGIVTQAALGHPAPYW
;
Q
17 'polypeptide(L)'
;MLSLASAAPLAFSAPIAAAVQPARAGAASMLTKEKLAEKLNPAIGYYDPLGLATADFWSQGNDATWGFLRHSEIKHGRVA
MAAFVGFCVQSNGIHFPFDFQGGGVSQAQYAAGLSPPEQWDALPFAAKAQIILFIGFLEWWSEFGGQHYMRGGQPGKYPE
FKNIPLHKMPNLFDPLGLSKGLSAEQRETKLCAEINNGRLAMLGVFGFYCAEKIPGSVPLLSFIKPYAGEIMGPF
;
S
18 'polypeptide(L)'
;MLSFALSPLALNVAPMGAVASPRATVAMMAKSKSMPMMDAKEHLQGMVGNVDFDPLGLSTPENIKWMREAELKHGRMAQL
AWAGYVAVDLGLRFPGEKYAGLTSLSAHDATVGYELFLLLLLVGTFETIGGKQIYDMQMSGANREAGDFGFDPLMLLKSP
NAEKYKLAELTHGRAAMIAFSGVVTHSALPDAFGYGKATFPYF
;
U
19 'polypeptide(L)'
;MAKLLFLLIGVLASVVSGLVVGTAARSAVRAEQPAMSESRRSVLAAALFLAPAAASAMTIPGVNAPGLVPATKKSVGPKP
EWDSFRDTSHFWSSEGIMNSVPKVKGIVTPKTPVGYGAPPKN
;
V
20 'polypeptide(L)'
;MKVGSKELEASKVRVIVDKDPVATSFEKWAQPGHFSRTLAKGPKTTTWIWNLHADAHDFDSQTSSLEDISRKIFSAHFGQ
LAIIFLWVSQAYFHGARFSNYSAWLQNPTAIKPSAQVVWPIVGQEILNGDVGGGFSGVQITSGVFQMWRASGITNETELY
WTAMGGLVMSALMVFAGWFHYHKAAPKLEWFQNVESMMNHHLAGLLGLGCLSWSGHQIHISLPINKLLDAGVAPQEIPLP
HELLFNQDLMAQLYPSFKKGLLPFFTLNWSEYSDFLTFKGGLNPITGSLWLSDTAHHHLALAVLFIFAGHMYRTNWGIGH
SMKEILEAHKGPLTGEGHKGLYEILTTSWHAQLAINLAMMGSLSIIVAHHMYAMPPYPYIGVDYPTQLSLFTHHMWIGGF
CICGAAAHGAIFMVRDYSPVQSYNNLLDRVLRHRDAIISHLNWVCIFLGTHSFGFYIHNDTMRALGRPQDMFSDKAIQLQ
PIFAKWVQSLHTLAPGSTAPNALATSSYAFGGDVVAVNGKIAMMPITLGTADFMVHHIHAFTIHVTVLILLKGVLFARSS
RLIPDKANLGFRFPCDGPGRGGTCQVSAWDHIFLGLFWMYNCISVVIFHFSWKMQSDVWGTISSSGKISHVTGGNFANSA
LTINGWLRDFLWSQASQVIQSYGSALSAYGLIFLGAHFIWAFSLMFLFSGRGYWQELIESIVWAHNKLKLAPAIQPRALS
ITQGRAVGLAHYLLGGIGTTWSFFLARIISVG
;
a
21 'polypeptide(L)'
;MATKFPKFSQALAQDPATRRIWYGIATAHDLESHDGMTEENLYQKIFASHFGHLAIIFLWTSGNLFHVAWQGNFQQWVLN
PLKVKPIAHAIWDPHFGQSAIKAFTRGGVSYPVNIATSGVYHWWYTIGMRTNEDLYFGALGLLILSTALLFAGWLHLQPK
FRPGIAWFKNNESRLNHHLSGLFGVSSLAWAGHLIHVAIPESRGQHIRWNNFTSTLPHPEGLTPFFTGNWGLYAENPDTA
QHIFGTSEGAGTAILTFLGGFHPQTQSMWLTDIAHHHLAIAVVFIFAGHMYRTNWGIGHSMKEILDAHVPPKGRLGSGHR
GLFETITDSLHMQLGLALASLGVATSLVAQHMYALPSYAFMAKDYVTQAALYTHHQYIAGFLMVGAFAHGAIFFVRDYDP
EVNKDNVLARMLQHKEAIISHLSWVSLFLGFHTLGLYIHNDVCVAFGTPEKQILFEPVFAQFIQAASGKALYGFDVLLSS
PTSVATVAGSKIWLPGWVEAINSGKNSLFLTIGPGDFLIHHAIALALHTTTLILVKGALDARGSKLMPDKKDFGYSFPCD
GPGRGGTCDISAWDAFYLAMFWMLNTIGWVTFYWHWKHMTIWGGNAAAFNESSTYIMGWLRDYLWLNSSPLINGYNAFGM
NAQAVWAWMFLFGHLIWATGFMFLISWRGYWQELIETLVWAHERTPIANLVKWRDKPVALSIVQARLVGLAHFTIGYIFT
YAPFVIASTTGKFS
;
b
22 'polypeptide(L)'
;MSHSVRVYDTCIGCTQCVRACPCDVLEMVPWDGCKAGQIASAPRAEDCIGCKRCETACPTDFLSVRVYLGSETTRSLGLS
Y
;
c
23 'polypeptide(L)'
;MTTDLLNLQIPSPTFGGSTGGWLRAAEIEEKYAITWTSKKEQIFEMPTSGAAIMQKGENLLYLAKKEQCLALGTQLRTLF
KISDYKIYRIFPNSEVQYLHPKDGVFPEKLNEGRVGVGNIGYSIGKNPNPVNVKFTGKNTFD
;
d
24 'polypeptide(L)'
;MLRSIALFALAGSASALAPSAIGSSRVATRAGSPEMISRGSVVRIMRPESYWFQECGSVATIAKGGDRYPVVVRFEKVNY
AGVATNNFAMDELVEVEAPPAKAAPAKAEAPAKEAAEAAPPAEA
;
e
25 'polypeptide(L)'
;MKTFFNWFLAISIFTTAPTLVSADVSGLTPCKDSAVFKRRLDGSVKKLNSRLANYTEGTPAYIALEQQIEQTKARFAKYG
EKGLLCGADGLPHLIADGRLDHAGEFIIPGFGFLYIAGWIGWAGRSYLQFSKKTDKPNENEIIINVPVALGMMAGAFIWP
LAAWKELIDGKLLVPGDEITVSPR
;
f
26 'polypeptide(L)' MSASFLPSILTPLVTLVFPGLCFALFFVLIEQDEIA i
27 'polypeptide(L)' MSNDLLKYLSTAPVLLTAWMSITAGIIIEIQRFFPDSLSF j
28 'polypeptide(L)'
;MLDAGHAVDTASQLMAMSLPIPAYSIPKAFIMMFCNVLVISTMTIQGKGLAKGTPHDEMVESFGITWLLAGTALGHIVGA
GTILGCSTAGIL
;
k
29 'polypeptide(L)'
;MSEFVKPFNNDPFVGNLSTPVTTSTATKLYLGNLPIYRKGLSPLMRGLEVGMAHGYFLIGPFYILGPLRNSPNALLVGLF
SAYGLIIILTLALTIYGLASFQDNSTGSNLESSKGWRSFTSGFTVGALGGASVAYVLLNNVSFFA
;
l
30 'polypeptide(L)' MITDGQIFVALCIALTAAILAIGLGRQLYV m
31 'polypeptide(L)'
;MHTVAALLCLIGSASALAPAARVVPVVQRAVAPAVRVAPAAMLDRSEAADTWWGDKDYPSSVVLGIGKDVPSSIYGVTSA
IAFSVGAYCIAQSNIINILSGSTVNGFYVAGALLVPYSWGLHVAAWIQKQNGK
;
r
#
loop_
_chem_comp.id
_chem_comp.type
_chem_comp.name
_chem_comp.formula
A86 non-polymer '(3S,3'S,5R,5'R,6S,6'R,8'R)-3,5'-dihydroxy-8-oxo-6',7'-didehydro-5,5',6,6',7,8-hexahydro-5,6-epoxy-beta,beta-caroten-3'- yl acetate' 'C42 H58 O6'
BCR non-polymer BETA-CAROTENE 'C40 H56'
CLA non-polymer 'CHLOROPHYLL A' 'C55 H72 Mg N4 O5'
DD6 non-polymer (3S,3'R,5R,6S,7cis)-7',8'-didehydro-5,6-dihydro-5,6-epoxy-beta,beta-carotene-3,3'-diol 'C40 H54 O3'
DGD saccharide 'DIGALACTOSYL DIACYL GLYCEROL (DGDG)' 'C51 H96 O15'
KC2 non-polymer 'Chlorophyll c2' 'C35 H28 Mg N4 O5'
LHG non-polymer 1,2-DIPALMITOYL-PHOSPHATIDYL-GLYCEROLE 'C38 H75 O10 P'
LMG non-polymer 1,2-DISTEAROYL-MONOGALACTOSYL-DIGLYCERIDE 'C45 H86 O10'
LMU D-saccharide DODECYL-ALPHA-D-MALTOSIDE 'C24 H46 O11'
PQN non-polymer PHYLLOQUINONE 'C31 H46 O2'
SF4 non-polymer 'IRON/SULFUR CLUSTER' 'Fe4 S4'
SQD non-polymer 1,2-DI-O-ACYL-3-O-[6-DEOXY-6-SULFO-ALPHA-D-GLUCOPYRANOSYL]-SN-GLYCEROL 'C41 H78 O12 S'
#
# COMPACT_ATOMS: atom_id res chain seq x y z
N ALA A 29 40.50 -8.02 -23.07
CA ALA A 29 40.49 -7.52 -24.47
C ALA A 29 39.65 -6.24 -24.59
N ILE A 30 39.76 -5.37 -23.59
CA ILE A 30 39.03 -4.11 -23.62
C ILE A 30 39.60 -3.23 -24.70
N ALA A 31 38.73 -2.66 -25.54
CA ALA A 31 39.19 -1.82 -26.64
C ALA A 31 39.86 -0.55 -26.12
N LYS A 32 39.21 0.15 -25.19
CA LYS A 32 39.68 1.42 -24.65
C LYS A 32 39.67 1.33 -23.13
N PRO A 33 40.66 0.67 -22.53
CA PRO A 33 40.67 0.52 -21.07
C PRO A 33 40.98 1.84 -20.38
N SER A 34 40.53 1.93 -19.13
CA SER A 34 40.82 3.10 -18.31
C SER A 34 42.27 3.07 -17.86
N ASN A 35 42.94 4.21 -17.95
CA ASN A 35 44.36 4.26 -17.59
C ASN A 35 44.59 3.99 -16.11
N ALA A 36 43.57 4.15 -15.26
CA ALA A 36 43.69 3.92 -13.82
C ALA A 36 43.17 2.54 -13.41
N VAL A 37 42.00 2.16 -13.92
CA VAL A 37 41.38 0.87 -13.62
C VAL A 37 41.38 0.07 -14.93
N PRO A 38 42.48 -0.57 -15.32
CA PRO A 38 42.59 -1.09 -16.69
C PRO A 38 41.66 -2.27 -17.01
N PHE A 39 40.88 -2.77 -16.06
CA PHE A 39 39.87 -3.77 -16.32
C PHE A 39 38.48 -3.17 -16.51
N LEU A 40 38.40 -1.86 -16.78
CA LEU A 40 37.15 -1.18 -17.05
C LEU A 40 37.30 -0.32 -18.29
N THR A 41 36.18 -0.05 -18.97
CA THR A 41 36.21 0.76 -20.17
C THR A 41 36.59 2.19 -19.84
N ALA A 42 37.11 2.89 -20.84
CA ALA A 42 37.54 4.27 -20.65
C ALA A 42 36.33 5.14 -20.33
N PRO A 43 36.36 5.95 -19.27
CA PRO A 43 35.24 6.86 -19.02
C PRO A 43 35.28 8.03 -19.99
N PRO A 44 34.18 8.79 -20.11
CA PRO A 44 34.24 10.00 -20.96
C PRO A 44 35.25 11.03 -20.51
N CYS A 45 35.52 11.10 -19.19
CA CYS A 45 36.48 12.09 -18.70
C CYS A 45 37.88 11.83 -19.22
N GLN A 46 38.21 10.57 -19.52
CA GLN A 46 39.54 10.25 -20.03
C GLN A 46 39.79 10.92 -21.37
N SER A 47 38.79 10.92 -22.25
CA SER A 47 38.89 11.57 -23.56
C SER A 47 38.34 12.99 -23.46
N SER A 48 39.05 13.82 -22.69
CA SER A 48 38.67 15.21 -22.50
C SER A 48 39.92 16.04 -22.27
N LYS A 49 39.78 17.35 -22.34
CA LYS A 49 40.94 18.21 -22.24
C LYS A 49 41.18 18.91 -20.90
N LEU A 50 40.32 18.68 -19.92
CA LEU A 50 40.55 19.26 -18.61
C LEU A 50 41.86 18.70 -18.07
N ALA A 51 42.32 19.21 -16.94
CA ALA A 51 43.62 18.79 -16.42
C ALA A 51 43.56 17.60 -15.50
N GLY A 52 44.32 16.57 -15.80
CA GLY A 52 44.35 15.42 -14.92
C GLY A 52 43.46 14.41 -15.50
N ALA A 53 43.16 14.57 -16.77
CA ALA A 53 42.23 13.69 -17.42
C ALA A 53 42.79 12.32 -17.64
N GLU A 54 44.07 12.20 -17.96
CA GLU A 54 44.52 10.86 -18.25
C GLU A 54 44.32 9.87 -17.16
N THR A 55 44.46 10.20 -15.91
CA THR A 55 44.33 9.17 -14.97
C THR A 55 43.12 8.42 -15.41
N GLY A 56 42.03 9.00 -15.72
CA GLY A 56 40.91 8.20 -16.04
C GLY A 56 40.36 7.48 -14.92
N PHE A 57 40.11 8.12 -13.83
CA PHE A 57 39.65 7.39 -12.76
C PHE A 57 38.25 7.73 -12.66
N ASP A 58 37.43 6.78 -13.03
CA ASP A 58 36.01 6.96 -12.82
C ASP A 58 35.33 5.60 -12.85
N PRO A 59 35.48 4.79 -11.81
CA PRO A 59 34.82 3.47 -11.82
C PRO A 59 33.31 3.54 -11.92
N LEU A 60 32.69 4.56 -11.32
CA LEU A 60 31.25 4.70 -11.34
C LEU A 60 30.74 5.43 -12.59
N TYR A 61 31.63 5.90 -13.46
CA TYR A 61 31.26 6.53 -14.73
C TYR A 61 30.33 7.72 -14.51
N LEU A 62 30.63 8.51 -13.48
CA LEU A 62 29.85 9.70 -13.19
C LEU A 62 30.14 10.84 -14.14
N SER A 63 31.21 10.77 -14.94
CA SER A 63 31.45 11.81 -15.93
C SER A 63 30.46 11.70 -17.08
N GLU A 64 29.94 10.50 -17.35
CA GLU A 64 28.92 10.36 -18.39
C GLU A 64 27.64 11.09 -17.99
N PHE A 65 27.28 11.04 -16.71
CA PHE A 65 26.04 11.65 -16.25
C PHE A 65 26.24 13.13 -15.91
N ILE A 66 27.13 13.41 -14.96
CA ILE A 66 27.36 14.79 -14.53
C ILE A 66 28.09 15.54 -15.63
N ASP A 67 27.77 16.83 -15.78
CA ASP A 67 28.49 17.66 -16.72
C ASP A 67 29.93 17.82 -16.26
N LEU A 68 30.88 17.60 -17.18
CA LEU A 68 32.28 17.50 -16.78
C LEU A 68 32.84 18.84 -16.34
N LYS A 69 32.51 19.92 -17.05
CA LYS A 69 33.01 21.24 -16.66
C LYS A 69 32.45 21.67 -15.31
N TRP A 70 31.19 21.38 -15.06
CA TRP A 70 30.57 21.73 -13.80
C TRP A 70 31.17 20.98 -12.64
N ALA A 71 31.74 19.83 -12.89
CA ALA A 71 32.32 19.04 -11.84
C ALA A 71 33.75 19.42 -11.62
N ARG A 72 34.40 20.07 -12.57
CA ARG A 72 35.73 20.55 -12.32
C ARG A 72 35.61 21.87 -11.63
N GLU A 73 34.44 22.45 -11.63
CA GLU A 73 34.29 23.70 -11.07
C GLU A 73 34.00 23.45 -9.69
N ALA A 74 33.53 22.26 -9.37
CA ALA A 74 33.15 21.94 -8.04
C ALA A 74 34.32 21.31 -7.41
N GLU A 75 35.03 20.53 -8.18
CA GLU A 75 36.22 19.92 -7.65
C GLU A 75 37.22 20.98 -7.21
N LEU A 76 37.43 21.98 -8.05
CA LEU A 76 38.40 23.02 -7.71
C LEU A 76 37.91 23.85 -6.53
N LYS A 77 36.61 24.17 -6.48
CA LYS A 77 36.10 24.93 -5.34
C LYS A 77 36.26 24.16 -4.04
N HIS A 78 35.89 22.88 -4.06
CA HIS A 78 36.05 22.05 -2.86
C HIS A 78 37.51 21.93 -2.46
N GLY A 79 38.40 21.72 -3.43
CA GLY A 79 39.80 21.58 -3.11
C GLY A 79 40.39 22.85 -2.53
N ARG A 80 39.98 24.01 -3.06
CA ARG A 80 40.46 25.27 -2.53
C ARG A 80 39.97 25.49 -1.09
N ILE A 81 38.69 25.20 -0.85
CA ILE A 81 38.16 25.32 0.51
C ILE A 81 38.90 24.37 1.45
N CYS A 82 39.14 23.14 1.01
CA CYS A 82 39.74 22.14 1.88
C CYS A 82 41.21 22.41 2.12
N MET A 83 41.92 22.98 1.15
CA MET A 83 43.33 23.29 1.34
C MET A 83 43.54 24.65 1.98
N LEU A 84 42.46 25.43 2.18
CA LEU A 84 42.49 26.46 3.21
C LEU A 84 42.17 25.88 4.59
N ALA A 85 41.27 24.89 4.64
CA ALA A 85 40.80 24.35 5.91
C ALA A 85 41.87 23.52 6.61
N ALA A 86 42.53 22.63 5.87
CA ALA A 86 43.46 21.68 6.49
C ALA A 86 44.63 22.37 7.17
N PRO A 87 45.36 23.29 6.55
CA PRO A 87 46.33 24.06 7.32
C PRO A 87 45.70 24.82 8.47
N GLY A 88 44.50 25.38 8.26
CA GLY A 88 43.85 26.09 9.34
C GLY A 88 43.52 25.19 10.51
N TYR A 89 42.95 24.02 10.24
CA TYR A 89 42.63 23.08 11.29
C TYR A 89 43.90 22.59 11.99
N PHE A 90 44.96 22.35 11.23
CA PHE A 90 46.17 21.78 11.81
C PHE A 90 46.97 22.80 12.60
N PHE A 91 46.86 24.09 12.28
CA PHE A 91 47.64 25.14 12.95
C PHE A 91 46.84 25.93 13.96
N GLN A 92 45.56 25.87 14.00
CA GLN A 92 44.82 26.51 15.02
C GLN A 92 45.10 25.84 16.36
N GLU A 93 45.44 24.58 16.53
CA GLU A 93 45.89 24.01 17.80
C GLU A 93 47.16 24.69 18.28
N PHE A 94 48.12 24.91 17.37
CA PHE A 94 49.40 25.47 17.77
C PHE A 94 49.31 26.96 18.05
N PHE A 95 48.59 27.72 17.22
CA PHE A 95 48.58 29.17 17.28
C PHE A 95 47.17 29.68 17.55
N GLN A 96 47.11 30.83 18.21
CA GLN A 96 45.88 31.55 18.47
C GLN A 96 45.99 32.95 17.88
N LEU A 97 44.88 33.43 17.33
CA LEU A 97 44.79 34.82 16.95
C LEU A 97 44.88 35.65 18.22
N PRO A 98 45.86 36.60 18.35
CA PRO A 98 46.09 37.22 19.67
C PRO A 98 44.88 37.89 20.30
N GLY A 99 44.42 37.34 21.42
CA GLY A 99 43.35 37.89 22.21
C GLY A 99 41.96 37.39 21.86
N PHE A 100 41.86 36.44 20.92
CA PHE A 100 40.56 35.95 20.48
C PHE A 100 39.83 35.24 21.61
N PRO A 101 38.54 35.50 21.85
CA PRO A 101 37.83 34.75 22.89
C PRO A 101 37.29 33.42 22.38
N GLY A 102 36.99 32.53 23.32
CA GLY A 102 36.41 31.25 22.99
C GLY A 102 37.34 30.30 22.28
N TYR A 103 38.65 30.53 22.33
CA TYR A 103 39.59 29.67 21.63
C TYR A 103 39.71 28.31 22.32
N SER A 104 39.76 27.26 21.51
CA SER A 104 40.03 25.91 21.97
C SER A 104 40.99 25.28 20.95
N PRO A 105 41.94 24.46 21.39
CA PRO A 105 42.92 23.92 20.42
C PRO A 105 42.32 23.00 19.38
N ASN A 106 41.15 22.40 19.61
CA ASN A 106 40.56 21.45 18.68
C ASN A 106 39.38 22.16 18.02
N GLY A 107 39.26 21.95 16.70
CA GLY A 107 38.36 22.76 15.90
C GLY A 107 36.90 22.61 16.27
N ILE A 108 36.49 21.42 16.72
CA ILE A 108 35.06 21.16 16.91
C ILE A 108 34.54 21.90 18.15
N GLU A 109 35.20 21.72 19.30
CA GLU A 109 34.77 22.52 20.44
C GLU A 109 35.15 23.99 20.25
N ALA A 110 36.13 24.27 19.38
CA ALA A 110 36.40 25.67 19.04
C ALA A 110 35.19 26.31 18.39
N VAL A 111 34.59 25.66 17.39
CA VAL A 111 33.41 26.24 16.75
C VAL A 111 32.22 26.23 17.70
N SER A 112 32.18 25.24 18.60
CA SER A 112 31.12 25.23 19.61
C SER A 112 31.21 26.43 20.54
N SER A 113 32.43 26.81 20.94
CA SER A 113 32.65 27.84 21.95
C SER A 113 32.70 29.25 21.37
N VAL A 114 33.16 29.40 20.12
CA VAL A 114 33.33 30.71 19.53
C VAL A 114 31.95 31.37 19.37
N SER A 115 31.93 32.70 19.49
CA SER A 115 30.68 33.44 19.44
C SER A 115 30.01 33.24 18.09
N PRO A 116 28.69 33.04 18.04
CA PRO A 116 28.05 32.79 16.73
C PRO A 116 28.19 33.93 15.73
N GLU A 117 28.29 35.17 16.19
CA GLU A 117 28.34 36.31 15.29
C GLU A 117 29.73 36.55 14.70
N ALA A 118 30.68 35.63 14.91
CA ALA A 118 31.92 35.59 14.15
C ALA A 118 31.84 34.58 13.02
N LEU A 119 31.28 33.39 13.31
CA LEU A 119 31.02 32.42 12.25
C LEU A 119 30.02 32.99 11.25
N ALA A 120 29.04 33.76 11.74
CA ALA A 120 28.07 34.38 10.84
C ALA A 120 28.76 35.35 9.88
N GLN A 121 29.70 36.15 10.39
CA GLN A 121 30.40 37.08 9.52
C GLN A 121 31.32 36.37 8.54
N ILE A 122 31.96 35.28 8.97
CA ILE A 122 32.77 34.49 8.04
C ILE A 122 31.89 33.95 6.92
N VAL A 123 30.73 33.40 7.28
CA VAL A 123 29.83 32.85 6.28
C VAL A 123 29.30 33.95 5.37
N ILE A 124 29.07 35.14 5.90
CA ILE A 124 28.60 36.25 5.08
C ILE A 124 29.68 36.67 4.10
N PHE A 125 30.94 36.68 4.55
CA PHE A 125 32.05 36.99 3.65
C PHE A 125 32.13 35.97 2.51
N MET A 126 32.05 34.68 2.85
CA MET A 126 32.09 33.65 1.82
C MET A 126 30.91 33.77 0.87
N SER A 127 29.71 34.04 1.40
CA SER A 127 28.53 34.17 0.56
C SER A 127 28.63 35.37 -0.36
N VAL A 128 29.16 36.49 0.15
CA VAL A 128 29.35 37.67 -0.68
C VAL A 128 30.29 37.37 -1.83
N ILE A 129 31.41 36.69 -1.52
CA ILE A 129 32.36 36.34 -2.57
C ILE A 129 31.70 35.43 -3.60
N GLU A 130 30.98 34.40 -3.14
CA GLU A 130 30.35 33.45 -4.05
C GLU A 130 29.32 34.14 -4.94
N TYR A 131 28.45 34.95 -4.34
CA TYR A 131 27.40 35.61 -5.10
C TYR A 131 27.98 36.57 -6.13
N ASN A 132 28.95 37.39 -5.73
CA ASN A 132 29.50 38.38 -6.66
C ASN A 132 30.33 37.72 -7.74
N SER A 133 30.99 36.60 -7.43
CA SER A 133 31.77 35.90 -8.45
C SER A 133 30.88 35.16 -9.42
N ASN A 134 29.75 34.63 -8.95
CA ASN A 134 28.85 33.81 -9.75
C ASN A 134 27.56 34.55 -10.09
N LEU A 135 27.60 35.88 -10.14
CA LEU A 135 26.43 36.70 -10.47
C LEU A 135 25.82 36.27 -11.80
N ASN A 136 24.53 35.96 -11.76
CA ASN A 136 23.72 35.53 -12.90
C ASN A 136 24.15 34.20 -13.49
N LYS A 137 25.06 33.47 -12.82
CA LYS A 137 25.54 32.16 -13.29
C LYS A 137 25.63 31.26 -12.08
N TRP A 138 24.53 30.56 -11.77
CA TRP A 138 24.45 29.65 -10.64
C TRP A 138 23.94 28.27 -11.00
N THR A 139 23.60 28.02 -12.26
CA THR A 139 23.01 26.78 -12.72
C THR A 139 23.96 26.14 -13.72
N MET A 140 23.80 24.83 -13.95
CA MET A 140 24.71 24.10 -14.82
C MET A 140 24.76 24.70 -16.23
N ASP A 141 23.63 25.23 -16.73
CA ASP A 141 23.63 25.83 -18.06
C ASP A 141 24.09 27.29 -18.03
N THR A 142 23.55 28.08 -17.09
CA THR A 142 23.90 29.49 -17.04
C THR A 142 25.39 29.69 -16.80
N MET A 143 25.96 28.97 -15.84
CA MET A 143 27.40 28.85 -15.76
C MET A 143 27.87 27.98 -16.92
N PHE A 144 28.92 28.43 -17.60
CA PHE A 144 29.43 27.83 -18.84
C PHE A 144 28.49 28.02 -20.03
N ALA A 145 27.44 28.84 -19.89
CA ALA A 145 26.79 29.37 -21.08
C ALA A 145 27.78 30.10 -21.97
N ASP A 146 28.68 30.86 -21.35
CA ASP A 146 29.77 31.51 -22.08
C ASP A 146 30.81 30.46 -22.46
N PRO A 147 31.14 30.27 -23.75
CA PRO A 147 32.17 29.28 -24.08
C PRO A 147 33.54 29.59 -23.49
N LYS A 148 33.88 30.87 -23.34
CA LYS A 148 35.20 31.23 -22.79
C LYS A 148 35.34 30.74 -21.36
N ARG A 149 34.29 30.92 -20.54
CA ARG A 149 34.33 30.62 -19.11
C ARG A 149 34.78 29.18 -18.86
N GLU A 150 35.95 29.03 -18.25
CA GLU A 150 36.58 27.74 -18.07
C GLU A 150 36.24 27.16 -16.70
N PRO A 151 36.40 25.85 -16.52
CA PRO A 151 36.13 25.26 -15.19
C PRO A 151 37.07 25.81 -14.13
N GLY A 152 36.49 26.52 -13.15
CA GLY A 152 37.25 27.00 -12.02
C GLY A 152 38.08 28.24 -12.27
N ASN A 153 38.01 28.83 -13.46
CA ASN A 153 38.79 30.02 -13.79
C ASN A 153 37.95 31.25 -13.43
N LEU A 154 37.92 31.55 -12.14
CA LEU A 154 37.17 32.70 -11.65
C LEU A 154 37.90 34.02 -11.88
N GLY A 155 39.15 34.00 -12.34
CA GLY A 155 39.89 35.21 -12.62
C GLY A 155 40.67 35.77 -11.45
N PHE A 156 40.80 35.02 -10.36
CA PHE A 156 41.56 35.48 -9.20
C PHE A 156 43.03 35.13 -9.43
N ASP A 157 43.79 36.10 -9.91
CA ASP A 157 45.23 35.95 -10.09
C ASP A 157 45.87 37.33 -10.03
N PRO A 158 45.91 37.94 -8.83
CA PRO A 158 46.51 39.29 -8.73
C PRO A 158 47.95 39.36 -9.20
N LEU A 159 48.75 38.33 -8.90
CA LEU A 159 50.17 38.35 -9.26
C LEU A 159 50.42 37.92 -10.70
N LYS A 160 49.38 37.45 -11.40
CA LYS A 160 49.48 37.10 -12.82
C LYS A 160 50.53 36.01 -13.06
N PHE A 161 50.35 34.89 -12.37
CA PHE A 161 51.12 33.70 -12.72
C PHE A 161 50.64 33.09 -14.03
N GLY A 162 49.37 33.32 -14.38
CA GLY A 162 48.79 32.72 -15.57
C GLY A 162 49.27 33.30 -16.88
N GLU A 163 49.88 34.49 -16.86
CA GLU A 163 50.43 35.05 -18.08
C GLU A 163 51.55 34.16 -18.62
N ASN A 164 52.37 33.61 -17.73
CA ASN A 164 53.36 32.61 -18.12
C ASN A 164 52.64 31.32 -18.44
N LYS A 165 52.52 31.00 -19.73
CA LYS A 165 51.79 29.84 -20.20
C LYS A 165 52.65 28.58 -20.29
N ASN A 166 53.95 28.68 -20.02
CA ASN A 166 54.79 27.49 -20.03
C ASN A 166 54.50 26.59 -18.84
N THR A 167 54.31 27.17 -17.66
CA THR A 167 54.08 26.43 -16.42
C THR A 167 52.61 26.39 -16.02
N ARG A 168 51.70 26.82 -16.89
CA ARG A 168 50.28 26.82 -16.56
C ARG A 168 49.77 25.40 -16.33
N ALA A 169 50.19 24.45 -17.18
CA ALA A 169 49.75 23.07 -17.01
C ALA A 169 50.28 22.48 -15.71
N ARG A 170 51.54 22.76 -15.40
CA ARG A 170 52.13 22.28 -14.15
C ARG A 170 51.36 22.83 -12.95
N LEU A 171 51.07 24.13 -12.97
CA LEU A 171 50.38 24.74 -11.84
C LEU A 171 48.96 24.22 -11.72
N GLU A 172 48.27 23.99 -12.85
CA GLU A 172 46.91 23.47 -12.80
C GLU A 172 46.90 22.06 -12.22
N MET A 173 47.79 21.20 -12.68
CA MET A 173 47.84 19.84 -12.15
C MET A 173 48.21 19.86 -10.67
N ALA A 174 49.13 20.74 -10.27
CA ALA A 174 49.53 20.82 -8.88
C ALA A 174 48.38 21.32 -8.01
N GLU A 175 47.63 22.31 -8.49
CA GLU A 175 46.45 22.78 -7.77
C GLU A 175 45.45 21.64 -7.58
N LEU A 176 45.19 20.89 -8.66
CA LEU A 176 44.21 19.80 -8.58
C LEU A 176 44.64 18.75 -7.57
N LYS A 177 45.89 18.29 -7.67
CA LYS A 177 46.36 17.25 -6.77
C LYS A 177 46.40 17.73 -5.32
N ASN A 178 46.87 18.96 -5.09
CA ASN A 178 46.93 19.48 -3.74
C ASN A 178 45.53 19.67 -3.16
N GLY A 179 44.58 20.11 -3.97
CA GLY A 179 43.22 20.24 -3.49
C GLY A 179 42.63 18.90 -3.10
N ARG A 180 42.84 17.88 -3.92
CA ARG A 180 42.33 16.55 -3.60
C ARG A 180 42.95 16.02 -2.32
N LEU A 181 44.28 16.13 -2.21
CA LEU A 181 44.96 15.71 -1.00
C LEU A 181 44.46 16.48 0.21
N ALA A 182 44.12 17.75 0.03
CA ALA A 182 43.63 18.55 1.15
C ALA A 182 42.23 18.12 1.56
N MET A 183 41.37 17.76 0.60
CA MET A 183 40.07 17.22 0.95
C MET A 183 40.23 15.98 1.83
N LEU A 184 41.06 15.04 1.37
CA LEU A 184 41.26 13.82 2.14
C LEU A 184 41.89 14.11 3.50
N ALA A 185 42.84 15.04 3.53
CA ALA A 185 43.53 15.36 4.78
C ALA A 185 42.59 16.01 5.78
N PHE A 186 41.76 16.95 5.34
CA PHE A 186 40.82 17.59 6.26
C PHE A 186 39.80 16.59 6.77
N SER A 187 39.31 15.72 5.89
CA SER A 187 38.39 14.67 6.34
C SER A 187 39.05 13.80 7.40
N GLY A 188 40.30 13.41 7.17
CA GLY A 188 41.00 12.60 8.14
C GLY A 188 41.21 13.31 9.46
N MET A 189 41.59 14.58 9.41
CA MET A 189 41.80 15.34 10.65
C MET A 189 40.52 15.43 11.45
N VAL A 190 39.42 15.79 10.79
CA VAL A 190 38.14 15.95 11.48
C VAL A 190 37.68 14.63 12.09
N HIS A 191 37.79 13.53 11.34
CA HIS A 191 37.29 12.26 11.86
C HIS A 191 38.22 11.67 12.92
N GLN A 192 39.53 11.91 12.80
CA GLN A 192 40.43 11.51 13.87
C GLN A 192 40.15 12.28 15.14
N THR A 193 39.83 13.58 15.02
CA THR A 193 39.43 14.33 16.20
C THR A 193 38.14 13.79 16.80
N PHE A 194 37.19 13.38 15.95
CA PHE A 194 35.98 12.76 16.48
C PHE A 194 36.32 11.48 17.23
N VAL A 195 37.22 10.66 16.68
CA VAL A 195 37.57 9.39 17.32
C VAL A 195 38.22 9.64 18.68
N THR A 196 39.20 10.54 18.72
CA THR A 196 40.07 10.64 19.88
C THR A 196 39.60 11.65 20.93
N GLY A 197 38.90 12.70 20.51
CA GLY A 197 38.57 13.80 21.40
C GLY A 197 39.67 14.80 21.60
N LYS A 198 40.83 14.61 20.98
CA LYS A 198 42.01 15.44 21.12
C LYS A 198 42.38 16.05 19.77
N PRO A 199 43.15 17.15 19.76
CA PRO A 199 43.48 17.77 18.47
C PRO A 199 44.37 16.88 17.61
N VAL A 200 44.66 17.34 16.39
CA VAL A 200 45.32 16.49 15.41
C VAL A 200 46.72 16.09 15.87
N TRP A 201 47.51 17.08 16.29
CA TRP A 201 48.89 16.78 16.65
C TRP A 201 48.98 15.93 17.91
N ALA A 202 48.14 16.22 18.91
CA ALA A 202 48.13 15.41 20.12
C ALA A 202 47.73 13.98 19.81
N SER A 203 46.68 13.81 19.01
CA SER A 203 46.24 12.46 18.63
C SER A 203 47.33 11.73 17.87
N LEU A 204 48.05 12.43 17.00
CA LEU A 204 49.13 11.79 16.24
C LEU A 204 50.29 11.41 17.15
N GLN A 205 50.69 12.29 18.06
CA GLN A 205 51.86 12.02 18.87
C GLN A 205 51.57 11.01 19.97
N ASP A 206 50.30 10.77 20.30
CA ASP A 206 49.96 9.71 21.25
C ASP A 206 49.90 8.32 20.61
N ILE A 207 50.15 8.21 19.30
CA ILE A 207 50.30 6.89 18.67
C ILE A 207 51.70 6.36 18.86
N PHE A 208 52.71 7.18 18.60
CA PHE A 208 54.11 6.77 18.69
C PHE A 208 54.61 6.92 20.12
N PHE B 31 -80.44 28.35 -7.97
CA PHE B 31 -79.59 27.32 -7.30
C PHE B 31 -79.03 26.34 -8.33
N GLU B 32 -79.80 26.09 -9.39
CA GLU B 32 -79.27 25.33 -10.53
C GLU B 32 -78.00 25.99 -11.07
N ALA B 33 -77.92 27.32 -11.00
CA ALA B 33 -76.69 28.00 -11.40
C ALA B 33 -75.53 27.57 -10.51
N GLY B 34 -75.75 27.48 -9.20
CA GLY B 34 -74.72 26.99 -8.32
C GLY B 34 -74.35 25.54 -8.62
N MET B 35 -75.34 24.73 -8.99
CA MET B 35 -75.06 23.35 -9.39
C MET B 35 -74.15 23.31 -10.61
N ALA B 36 -74.45 24.13 -11.61
CA ALA B 36 -73.61 24.18 -12.80
C ALA B 36 -72.22 24.69 -12.47
N GLN B 37 -72.12 25.66 -11.56
CA GLN B 37 -70.82 26.15 -11.13
C GLN B 37 -70.01 25.05 -10.47
N TYR B 38 -70.66 24.26 -9.62
CA TYR B 38 -69.99 23.13 -8.98
C TYR B 38 -69.52 22.11 -10.02
N ASN B 39 -70.53 21.63 -10.76
CA ASN B 39 -70.27 20.59 -11.73
C ASN B 39 -69.11 21.02 -12.49
N ALA B 40 -69.22 22.21 -13.03
CA ALA B 40 -68.15 22.69 -13.85
C ALA B 40 -66.84 22.56 -13.15
N ASP B 41 -66.77 23.08 -11.93
CA ASP B 41 -65.52 23.04 -11.20
C ASP B 41 -65.07 21.63 -10.96
N TYR B 42 -65.95 20.81 -10.44
CA TYR B 42 -65.60 19.45 -10.13
C TYR B 42 -66.34 18.62 -11.12
N PRO B 43 -65.70 18.31 -12.26
CA PRO B 43 -66.41 17.60 -13.32
C PRO B 43 -66.36 16.12 -13.21
N TRP B 44 -65.69 15.60 -12.20
CA TRP B 44 -65.50 14.18 -12.11
C TRP B 44 -66.41 13.61 -11.10
N LEU B 45 -66.42 14.22 -9.93
CA LEU B 45 -67.26 13.75 -8.84
C LEU B 45 -68.66 13.85 -9.25
N ALA B 46 -68.87 14.66 -10.25
CA ALA B 46 -70.21 14.89 -10.66
C ALA B 46 -70.90 13.67 -11.24
N LYS B 47 -70.22 12.93 -12.11
CA LYS B 47 -70.85 11.78 -12.79
C LYS B 47 -71.36 10.64 -11.97
N TYR B 48 -70.77 10.38 -10.83
CA TYR B 48 -71.14 9.27 -9.98
C TYR B 48 -72.27 9.63 -9.03
N GLY B 49 -72.68 10.87 -9.03
CA GLY B 49 -73.69 11.38 -8.13
C GLY B 49 -73.15 12.02 -6.86
N PHE B 50 -71.85 11.88 -6.58
CA PHE B 50 -71.27 12.53 -5.42
C PHE B 50 -71.26 14.03 -5.62
N GLY B 51 -72.00 14.75 -4.77
CA GLY B 51 -72.10 16.18 -4.84
C GLY B 51 -73.51 16.66 -4.57
N PRO B 52 -73.82 17.92 -4.93
CA PRO B 52 -75.21 18.38 -4.80
C PRO B 52 -76.11 17.70 -5.82
N SER B 53 -76.47 16.46 -5.56
CA SER B 53 -77.25 15.62 -6.46
C SER B 53 -78.47 15.10 -5.73
N VAL B 54 -79.51 14.79 -6.49
CA VAL B 54 -80.77 14.35 -5.89
C VAL B 54 -80.59 12.97 -5.26
N LYS B 55 -79.77 12.11 -5.87
CA LYS B 55 -79.49 10.81 -5.28
C LYS B 55 -78.80 10.95 -3.93
N ALA B 56 -77.80 11.83 -3.86
CA ALA B 56 -77.11 12.07 -2.60
C ALA B 56 -78.05 12.64 -1.55
N GLU B 57 -78.91 13.59 -1.95
CA GLU B 57 -79.86 14.16 -1.03
C GLU B 57 -80.83 13.10 -0.51
N ARG B 58 -81.30 12.22 -1.41
CA ARG B 58 -82.21 11.17 -1.02
C ARG B 58 -81.56 10.21 -0.02
N TRP B 59 -80.34 9.78 -0.30
CA TRP B 59 -79.67 8.82 0.59
C TRP B 59 -79.39 9.46 1.95
N ASN B 60 -78.93 10.68 1.98
CA ASN B 60 -78.72 11.20 3.28
C ASN B 60 -80.12 11.19 3.91
N GLY B 61 -81.10 11.81 3.28
CA GLY B 61 -82.39 11.89 3.95
C GLY B 61 -82.81 10.58 4.57
N ARG B 62 -82.59 9.47 3.84
CA ARG B 62 -82.91 8.15 4.39
C ARG B 62 -82.10 7.90 5.65
N HIS B 63 -80.81 8.20 5.61
CA HIS B 63 -79.98 7.99 6.79
C HIS B 63 -80.36 8.94 7.93
N ALA B 64 -80.81 10.15 7.62
CA ALA B 64 -81.21 11.07 8.67
C ALA B 64 -82.51 10.63 9.34
N MET B 65 -83.47 10.12 8.56
CA MET B 65 -84.68 9.56 9.16
C MET B 65 -84.34 8.36 10.04
N PHE B 66 -83.48 7.46 9.53
CA PHE B 66 -83.03 6.35 10.34
C PHE B 66 -82.30 6.82 11.59
N GLY B 67 -81.63 7.98 11.50
CA GLY B 67 -80.90 8.48 12.66
C GLY B 67 -81.77 9.13 13.70
N TRP B 68 -82.84 9.80 13.27
CA TRP B 68 -83.85 10.22 14.24
C TRP B 68 -84.43 9.02 14.96
N VAL B 69 -84.76 7.98 14.20
CA VAL B 69 -85.22 6.72 14.80
C VAL B 69 -84.15 6.16 15.74
N ALA B 70 -82.88 6.29 15.34
CA ALA B 70 -81.79 5.71 16.10
C ALA B 70 -81.62 6.40 17.45
N ILE B 71 -81.61 7.73 17.45
CA ILE B 71 -81.41 8.45 18.71
C ILE B 71 -82.63 8.29 19.61
N LEU B 72 -83.84 8.17 19.03
CA LEU B 72 -85.00 7.82 19.86
C LEU B 72 -84.83 6.43 20.46
N ALA B 73 -84.33 5.48 19.67
CA ALA B 73 -84.12 4.12 20.17
C ALA B 73 -83.11 4.11 21.31
N THR B 74 -82.02 4.86 21.16
CA THR B 74 -81.04 4.95 22.23
C THR B 74 -81.62 5.65 23.46
N GLY B 75 -82.48 6.66 23.26
CA GLY B 75 -83.10 7.31 24.40
C GLY B 75 -83.97 6.36 25.21
N VAL B 76 -84.83 5.60 24.54
CA VAL B 76 -85.68 4.66 25.28
C VAL B 76 -84.84 3.51 25.83
N ALA B 77 -83.79 3.10 25.12
CA ALA B 77 -82.92 2.05 25.63
C ALA B 77 -82.19 2.49 26.89
N LYS B 78 -81.79 3.76 26.94
CA LYS B 78 -81.13 4.28 28.14
C LYS B 78 -82.13 4.47 29.27
N SER B 79 -83.37 4.82 28.93
CA SER B 79 -84.41 4.89 29.96
C SER B 79 -84.66 3.52 30.58
N HIS B 80 -84.74 2.51 29.72
CA HIS B 80 -85.04 1.19 30.21
C HIS B 80 -83.75 0.50 30.52
N GLY B 81 -82.70 1.28 30.65
CA GLY B 81 -81.45 0.68 31.04
C GLY B 81 -81.29 -0.51 30.17
N LEU B 82 -81.24 -0.26 28.89
CA LEU B 82 -81.08 -1.33 27.97
C LEU B 82 -79.63 -1.42 27.73
N LEU B 83 -78.95 -0.28 27.57
CA LEU B 83 -77.53 -0.33 27.21
C LEU B 83 -76.66 -0.60 28.42
N PRO B 84 -75.91 -1.72 28.40
CA PRO B 84 -75.00 -1.98 29.50
C PRO B 84 -74.38 -0.62 29.79
N ALA B 85 -74.57 -0.09 30.98
CA ALA B 85 -74.11 1.28 31.22
C ALA B 85 -73.78 1.62 32.65
N GLY B 86 -73.23 2.81 32.87
CA GLY B 86 -72.80 3.21 34.19
C GLY B 86 -71.42 3.87 34.13
N ASP B 87 -70.70 3.75 35.25
CA ASP B 87 -69.31 4.19 35.32
C ASP B 87 -68.32 3.08 34.98
N LEU B 88 -68.82 1.94 34.49
CA LEU B 88 -67.93 0.86 34.07
C LEU B 88 -67.17 1.28 32.82
N MET B 89 -65.89 0.90 32.75
CA MET B 89 -65.01 1.32 31.67
C MET B 89 -64.21 0.12 31.18
N LEU B 90 -63.77 0.20 29.93
CA LEU B 90 -62.98 -0.87 29.35
C LEU B 90 -61.60 -0.90 29.99
N THR B 91 -60.84 -1.94 29.64
CA THR B 91 -59.50 -2.14 30.15
C THR B 91 -58.57 -2.53 29.01
N TYR B 92 -57.28 -2.26 29.21
CA TYR B 92 -56.29 -2.57 28.18
C TYR B 92 -56.22 -4.07 27.93
N GLN B 93 -56.49 -4.88 28.95
CA GLN B 93 -56.39 -6.33 28.81
C GLN B 93 -57.52 -6.92 27.96
N ASP B 94 -58.60 -6.18 27.72
CA ASP B 94 -59.74 -6.68 26.95
C ASP B 94 -59.81 -6.11 25.53
N TRP B 95 -59.39 -4.86 25.33
CA TRP B 95 -59.42 -4.22 24.02
C TRP B 95 -58.13 -3.53 23.65
N GLY B 96 -57.10 -3.58 24.49
CA GLY B 96 -55.79 -3.11 24.06
C GLY B 96 -55.74 -1.60 23.92
N GLY B 97 -54.94 -1.14 22.96
CA GLY B 97 -54.73 0.28 22.77
C GLY B 97 -55.98 1.05 22.40
N LEU B 98 -56.97 0.38 21.81
CA LEU B 98 -58.24 1.03 21.54
C LEU B 98 -59.03 1.29 22.81
N ALA B 99 -58.75 0.55 23.89
CA ALA B 99 -59.37 0.85 25.17
C ALA B 99 -58.96 2.21 25.69
N GLN B 100 -57.75 2.67 25.35
CA GLN B 100 -57.23 3.95 25.80
C GLN B 100 -57.12 4.02 27.32
N GLN B 101 -56.87 2.88 27.96
CA GLN B 101 -56.68 2.88 29.40
C GLN B 101 -55.35 3.54 29.75
N GLY B 102 -55.40 4.49 30.68
CA GLY B 102 -54.26 5.32 31.01
C GLY B 102 -54.31 6.70 30.37
N PHE B 103 -55.11 6.85 29.31
CA PHE B 103 -55.34 8.15 28.71
C PHE B 103 -56.38 8.92 29.51
N ASN B 104 -56.53 10.20 29.20
CA ASN B 104 -57.56 11.00 29.84
C ASN B 104 -58.96 10.52 29.45
N THR B 105 -59.13 10.06 28.22
CA THR B 105 -60.42 9.57 27.77
C THR B 105 -60.82 8.34 28.58
N TYR B 106 -62.10 8.28 28.97
CA TYR B 106 -62.66 7.20 29.78
C TYR B 106 -63.79 6.57 28.97
N ILE B 107 -63.46 5.53 28.21
CA ILE B 107 -64.44 4.86 27.37
C ILE B 107 -65.30 3.94 28.22
N SER B 108 -66.61 3.94 27.96
CA SER B 108 -67.57 3.14 28.71
C SER B 108 -68.04 1.95 27.89
N ASN B 109 -68.53 0.93 28.59
CA ASN B 109 -69.05 -0.25 27.92
C ASN B 109 -70.29 0.06 27.09
N GLU B 110 -71.08 1.06 27.50
CA GLU B 110 -72.18 1.50 26.65
C GLU B 110 -71.65 2.07 25.34
N ARG B 111 -70.56 2.84 25.41
CA ARG B 111 -69.94 3.33 24.19
C ARG B 111 -69.46 2.18 23.32
N ALA B 112 -68.85 1.17 23.96
CA ALA B 112 -68.35 0.02 23.21
C ALA B 112 -69.48 -0.72 22.50
N VAL B 113 -70.59 -0.97 23.20
CA VAL B 113 -71.65 -1.77 22.59
C VAL B 113 -72.36 -0.98 21.50
N ILE B 114 -72.57 0.33 21.71
CA ILE B 114 -73.19 1.12 20.66
C ILE B 114 -72.27 1.21 19.45
N MET B 115 -70.95 1.28 19.68
CA MET B 115 -70.00 1.29 18.59
C MET B 115 -70.02 -0.03 17.83
N ILE B 116 -70.20 -1.15 18.55
CA ILE B 116 -70.32 -2.44 17.88
C ILE B 116 -71.57 -2.47 17.01
N ALA B 117 -72.68 -1.94 17.53
CA ALA B 117 -73.90 -1.88 16.75
C ALA B 117 -73.70 -1.05 15.48
N HIS B 118 -73.02 0.09 15.62
CA HIS B 118 -72.75 0.92 14.45
C HIS B 118 -71.78 0.24 13.48
N VAL B 119 -70.87 -0.57 13.99
CA VAL B 119 -69.98 -1.32 13.10
C VAL B 119 -70.78 -2.33 12.29
N HIS B 120 -71.73 -3.01 12.93
CA HIS B 120 -72.59 -3.92 12.20
C HIS B 120 -73.40 -3.19 11.13
N ALA B 121 -73.93 -2.01 11.50
CA ALA B 121 -74.65 -1.19 10.53
C ALA B 121 -73.76 -0.81 9.35
N LEU B 122 -72.53 -0.40 9.64
CA LEU B 122 -71.59 -0.01 8.58
C LEU B 122 -71.24 -1.20 7.70
N ALA B 123 -71.05 -2.38 8.28
CA ALA B 123 -70.72 -3.55 7.49
C ALA B 123 -71.86 -3.93 6.55
N VAL B 124 -73.09 -3.94 7.07
CA VAL B 124 -74.24 -4.25 6.23
C VAL B 124 -74.38 -3.20 5.13
N SER B 125 -74.16 -1.93 5.48
CA SER B 125 -74.24 -0.86 4.50
C SER B 125 -73.18 -1.01 3.41
N PHE B 126 -71.96 -1.36 3.81
CA PHE B 126 -70.88 -1.53 2.86
C PHE B 126 -71.19 -2.69 1.91
N ALA B 127 -71.74 -3.77 2.45
CA ALA B 127 -72.17 -4.88 1.60
C ALA B 127 -73.25 -4.44 0.63
N ALA B 128 -74.20 -3.61 1.09
CA ALA B 128 -75.27 -3.16 0.22
C ALA B 128 -74.76 -2.19 -0.84
N ALA B 129 -73.73 -1.41 -0.53
CA ALA B 129 -73.23 -0.38 -1.43
C ALA B 129 -72.26 -0.94 -2.47
N PHE B 130 -71.16 -1.52 -2.01
CA PHE B 130 -70.17 -2.08 -2.92
C PHE B 130 -70.57 -3.43 -3.47
N GLY B 131 -71.51 -4.13 -2.81
CA GLY B 131 -72.03 -5.37 -3.34
C GLY B 131 -73.10 -5.12 -4.37
N PRO B 132 -73.59 -6.29 -4.84
CA PRO B 132 -74.61 -6.33 -5.86
C PRO B 132 -75.64 -5.36 -5.62
N GLN B 133 -76.33 -4.86 -6.64
CA GLN B 133 -77.44 -4.00 -6.33
C GLN B 133 -78.50 -5.03 -6.17
N VAL B 134 -78.30 -5.98 -5.26
CA VAL B 134 -79.23 -7.08 -5.12
C VAL B 134 -80.63 -6.60 -5.34
N LEU B 135 -81.06 -5.68 -4.49
CA LEU B 135 -82.41 -5.21 -4.59
C LEU B 135 -82.49 -3.86 -3.93
N GLY B 136 -83.35 -3.00 -4.46
CA GLY B 136 -83.54 -1.70 -3.87
C GLY B 136 -83.10 -0.55 -4.73
N ASP B 137 -81.99 0.09 -4.37
CA ASP B 137 -81.57 1.28 -5.09
C ASP B 137 -80.06 1.41 -4.98
N SER B 138 -79.44 1.92 -6.04
CA SER B 138 -78.00 2.09 -6.05
C SER B 138 -77.58 3.26 -5.16
N LEU B 139 -76.28 3.51 -5.13
CA LEU B 139 -75.69 4.64 -4.43
C LEU B 139 -74.95 5.59 -5.36
N THR B 140 -74.19 5.06 -6.31
CA THR B 140 -73.36 5.86 -7.21
C THR B 140 -74.14 6.21 -8.49
N LEU B 141 -75.35 6.74 -8.34
CA LEU B 141 -76.18 7.18 -9.47
C LEU B 141 -76.45 6.02 -10.43
N LEU B 142 -76.46 4.79 -9.89
CA LEU B 142 -76.56 3.55 -10.66
C LEU B 142 -75.41 3.45 -11.67
N ASP B 143 -74.37 4.25 -11.47
CA ASP B 143 -73.29 4.32 -12.45
C ASP B 143 -73.93 4.24 -13.83
N GLY B 144 -73.34 3.51 -14.77
CA GLY B 144 -73.96 3.33 -16.07
C GLY B 144 -74.41 4.62 -16.73
N GLU B 145 -73.78 5.72 -16.40
CA GLU B 145 -74.10 6.99 -17.05
C GLU B 145 -75.54 7.41 -16.82
N LYS B 146 -76.15 7.03 -15.71
CA LYS B 146 -77.51 7.49 -15.40
C LYS B 146 -77.52 8.97 -15.01
N ASP B 147 -78.72 9.56 -14.85
CA ASP B 147 -78.84 10.97 -14.46
C ASP B 147 -79.39 11.14 -13.04
N GLU B 148 -79.55 12.39 -12.58
CA GLU B 148 -79.95 12.65 -11.18
C GLU B 148 -81.37 13.13 -10.91
N GLU B 149 -82.30 13.01 -11.84
CA GLU B 149 -83.70 13.36 -11.55
C GLU B 149 -83.97 14.56 -10.63
N PRO B 150 -83.60 15.77 -11.06
CA PRO B 150 -83.79 17.00 -10.27
C PRO B 150 -85.12 17.12 -9.53
N TYR B 151 -85.12 17.62 -8.29
CA TYR B 151 -86.36 17.83 -7.55
C TYR B 151 -86.61 19.31 -7.35
N PRO B 163 -94.01 7.57 -3.88
CA PRO B 163 -94.43 8.81 -3.22
C PRO B 163 -93.58 10.01 -3.61
N ALA B 164 -92.26 9.87 -3.53
CA ALA B 164 -91.28 10.90 -3.88
C ALA B 164 -91.30 12.09 -2.93
N ALA B 165 -92.03 12.02 -1.82
CA ALA B 165 -91.95 13.01 -0.76
C ALA B 165 -90.89 12.67 0.28
N GLU B 166 -90.18 11.56 0.10
CA GLU B 166 -89.11 11.22 1.03
C GLU B 166 -87.99 12.24 0.98
N ILE B 167 -87.82 12.94 -0.14
CA ILE B 167 -86.83 14.01 -0.17
C ILE B 167 -87.27 15.17 0.70
N ALA B 168 -88.58 15.47 0.72
CA ALA B 168 -89.07 16.48 1.66
C ALA B 168 -88.89 16.03 3.11
N ASN B 169 -89.24 14.79 3.39
CA ASN B 169 -88.98 14.33 4.73
C ASN B 169 -87.46 14.45 5.04
N GLY B 170 -86.58 14.06 4.11
CA GLY B 170 -85.16 14.18 4.36
C GLY B 170 -84.73 15.61 4.63
N ARG B 171 -85.30 16.57 3.90
CA ARG B 171 -85.08 17.97 4.22
C ARG B 171 -85.46 18.25 5.66
N MET B 172 -86.63 17.77 6.07
CA MET B 172 -87.07 17.92 7.46
C MET B 172 -86.07 17.31 8.43
N ALA B 173 -85.68 16.06 8.18
CA ALA B 173 -84.83 15.34 9.13
C ALA B 173 -83.46 15.98 9.25
N MET B 174 -82.86 16.37 8.13
CA MET B 174 -81.54 16.97 8.16
C MET B 174 -81.58 18.38 8.75
N PHE B 175 -82.64 19.16 8.51
CA PHE B 175 -82.75 20.46 9.17
C PHE B 175 -82.95 20.29 10.67
N GLY B 176 -83.74 19.29 11.08
CA GLY B 176 -83.83 18.99 12.49
C GLY B 176 -82.48 18.62 13.09
N LEU B 177 -81.72 17.81 12.37
CA LEU B 177 -80.42 17.38 12.88
C LEU B 177 -79.45 18.55 13.02
N ILE B 178 -79.41 19.43 12.02
CA ILE B 178 -78.50 20.57 12.10
C ILE B 178 -78.95 21.51 13.21
N SER B 179 -80.26 21.64 13.41
CA SER B 179 -80.76 22.41 14.54
C SER B 179 -80.33 21.78 15.88
N LEU B 180 -80.37 20.45 15.96
CA LEU B 180 -79.98 19.78 17.21
C LEU B 180 -78.50 20.01 17.52
N VAL B 181 -77.63 19.91 16.51
CA VAL B 181 -76.21 20.21 16.75
C VAL B 181 -76.04 21.69 17.11
N CYS B 182 -76.82 22.57 16.47
CA CYS B 182 -76.69 23.98 16.77
C CYS B 182 -77.01 24.27 18.23
N THR B 183 -78.10 23.69 18.75
CA THR B 183 -78.42 23.90 20.15
C THR B 183 -77.41 23.21 21.06
N SER B 184 -76.96 22.00 20.69
CA SER B 184 -75.98 21.31 21.51
C SER B 184 -74.66 22.07 21.60
N ALA B 185 -74.33 22.84 20.56
CA ALA B 185 -73.10 23.62 20.57
C ALA B 185 -73.29 24.95 21.30
N PHE B 186 -74.39 25.65 21.02
CA PHE B 186 -74.58 26.99 21.58
C PHE B 186 -75.13 26.93 23.01
N THR B 187 -76.32 26.35 23.19
CA THR B 187 -76.91 26.27 24.51
C THR B 187 -76.16 25.31 25.44
N GLY B 188 -75.36 24.41 24.89
CA GLY B 188 -74.62 23.47 25.70
C GLY B 188 -75.47 22.53 26.52
N MET B 189 -76.69 22.25 26.08
CA MET B 189 -77.67 21.48 26.84
C MET B 189 -77.71 20.01 26.42
N ASP B 190 -76.62 19.48 25.85
CA ASP B 190 -76.48 18.07 25.50
C ASP B 190 -77.42 17.71 24.34
N ILE B 191 -77.73 16.42 24.18
CA ILE B 191 -78.50 15.93 23.04
C ILE B 191 -79.70 15.13 23.55
N LEU B 192 -79.44 14.04 24.28
CA LEU B 192 -80.53 13.23 24.81
C LEU B 192 -81.40 14.04 25.75
N GLN B 193 -80.79 14.92 26.54
CA GLN B 193 -81.56 15.77 27.44
C GLN B 193 -82.46 16.72 26.65
N ILE B 194 -81.94 17.29 25.56
CA ILE B 194 -82.75 18.19 24.74
C ILE B 194 -83.92 17.43 24.14
N VAL B 195 -83.65 16.22 23.63
CA VAL B 195 -84.71 15.42 23.02
C VAL B 195 -85.77 15.09 24.07
N ASP B 196 -85.35 14.71 25.27
CA ASP B 196 -86.29 14.33 26.31
C ASP B 196 -87.15 15.52 26.75
N ILE B 197 -86.54 16.67 27.00
CA ILE B 197 -87.31 17.81 27.49
C ILE B 197 -88.21 18.37 26.37
N GLY B 198 -87.71 18.42 25.14
CA GLY B 198 -88.56 18.85 24.04
C GLY B 198 -89.68 17.89 23.72
N THR B 199 -89.51 16.61 24.07
CA THR B 199 -90.55 15.60 23.88
C THR B 199 -90.97 15.04 25.24
N GLU C 28 -58.88 68.76 -17.05
CA GLU C 28 -57.44 68.70 -16.67
C GLU C 28 -57.26 68.85 -15.15
N ARG C 29 -58.17 69.57 -14.51
CA ARG C 29 -58.13 69.84 -13.08
C ARG C 29 -59.35 69.24 -12.40
N SER C 30 -59.17 68.76 -11.18
CA SER C 30 -60.26 68.19 -10.42
C SER C 30 -61.29 69.26 -10.06
N ALA C 31 -62.56 68.90 -10.13
CA ALA C 31 -63.63 69.82 -9.76
C ALA C 31 -63.78 69.98 -8.26
N SER C 32 -63.32 69.01 -7.47
CA SER C 32 -63.39 69.07 -6.02
C SER C 32 -62.19 69.79 -5.42
N ILE C 33 -61.01 69.55 -5.98
CA ILE C 33 -59.76 70.18 -5.55
C ILE C 33 -59.18 70.92 -6.75
N PRO C 34 -59.54 72.19 -6.94
CA PRO C 34 -59.22 72.86 -8.22
C PRO C 34 -57.76 73.23 -8.41
N PHE C 35 -56.85 72.82 -7.52
CA PHE C 35 -55.42 73.00 -7.71
C PHE C 35 -54.67 71.69 -7.89
N LEU C 36 -55.39 70.58 -8.16
CA LEU C 36 -54.79 69.30 -8.45
C LEU C 36 -55.34 68.77 -9.77
N LYS C 37 -54.53 67.96 -10.45
CA LYS C 37 -54.94 67.41 -11.74
C LYS C 37 -56.16 66.51 -11.57
N LYS C 38 -56.97 66.43 -12.62
CA LYS C 38 -58.08 65.51 -12.61
C LYS C 38 -57.54 64.09 -12.51
N PRO C 39 -58.20 63.20 -11.76
CA PRO C 39 -57.79 61.78 -11.80
C PRO C 39 -57.96 61.22 -13.20
N PRO C 40 -56.93 60.58 -13.78
CA PRO C 40 -57.10 60.05 -15.14
C PRO C 40 -58.21 59.02 -15.25
N ALA C 41 -58.39 58.18 -14.23
CA ALA C 41 -59.42 57.14 -14.31
C ALA C 41 -60.81 57.74 -14.28
N LEU C 42 -61.07 58.65 -13.34
CA LEU C 42 -62.38 59.29 -13.26
C LEU C 42 -62.56 60.23 -14.44
N ASP C 43 -63.73 60.14 -15.09
CA ASP C 43 -64.03 60.96 -16.26
C ASP C 43 -65.47 61.45 -16.27
N GLY C 44 -66.15 61.43 -15.13
CA GLY C 44 -67.53 61.89 -15.06
C GLY C 44 -68.56 60.89 -15.50
N SER C 45 -68.18 59.65 -15.80
CA SER C 45 -69.10 58.61 -16.23
C SER C 45 -69.66 57.79 -15.08
N MET C 46 -69.58 58.30 -13.86
CA MET C 46 -70.09 57.61 -12.68
C MET C 46 -70.84 58.59 -11.80
N ILE C 47 -71.77 58.06 -11.00
CA ILE C 47 -72.55 58.88 -10.10
C ILE C 47 -71.64 59.46 -9.03
N GLY C 48 -71.86 60.74 -8.70
CA GLY C 48 -71.07 61.37 -7.66
C GLY C 48 -69.64 61.63 -8.04
N ASP C 49 -69.33 61.74 -9.33
CA ASP C 49 -67.97 62.00 -9.79
C ASP C 49 -67.71 63.49 -9.74
N VAL C 50 -66.80 63.90 -8.86
CA VAL C 50 -66.34 65.28 -8.79
C VAL C 50 -64.82 65.31 -8.80
N GLY C 51 -64.19 64.28 -9.37
CA GLY C 51 -62.75 64.26 -9.50
C GLY C 51 -62.00 64.18 -8.19
N PHE C 52 -62.62 63.66 -7.13
CA PHE C 52 -61.99 63.57 -5.81
C PHE C 52 -61.25 62.24 -5.72
N ASP C 53 -59.96 62.28 -6.03
CA ASP C 53 -59.09 61.14 -5.80
C ASP C 53 -57.65 61.64 -5.70
N PRO C 54 -57.26 62.30 -4.59
CA PRO C 54 -55.87 62.75 -4.46
C PRO C 54 -54.84 61.63 -4.56
N LEU C 55 -55.04 60.53 -3.84
CA LEU C 55 -54.08 59.44 -3.88
C LEU C 55 -54.08 58.72 -5.21
N GLY C 56 -55.22 58.63 -5.88
CA GLY C 56 -55.29 57.97 -7.17
C GLY C 56 -55.58 56.49 -7.10
N PHE C 57 -56.51 56.09 -6.24
CA PHE C 57 -56.90 54.68 -6.16
C PHE C 57 -57.49 54.22 -7.49
N SER C 58 -58.36 55.03 -8.07
CA SER C 58 -58.92 54.71 -9.39
C SER C 58 -57.83 54.67 -10.43
N THR C 59 -56.85 55.56 -10.34
CA THR C 59 -55.76 55.59 -11.32
C THR C 59 -54.95 54.31 -11.27
N THR C 60 -54.54 53.88 -10.07
CA THR C 60 -53.77 52.65 -9.98
C THR C 60 -54.60 51.42 -10.33
N ILE C 61 -55.89 51.43 -10.01
CA ILE C 61 -56.75 50.31 -10.38
C ILE C 61 -56.84 50.21 -11.90
N THR C 62 -57.00 51.34 -12.58
CA THR C 62 -57.04 51.32 -14.04
C THR C 62 -55.71 50.90 -14.66
N GLU C 63 -54.58 51.31 -14.06
CA GLU C 63 -53.30 50.80 -14.53
C GLU C 63 -53.22 49.28 -14.34
N LEU C 64 -53.73 48.78 -13.21
CA LEU C 64 -53.74 47.35 -12.97
C LEU C 64 -54.55 46.61 -14.01
N GLY C 65 -55.74 47.13 -14.33
CA GLY C 65 -56.60 46.54 -15.33
C GLY C 65 -58.05 46.43 -14.89
N GLY C 66 -58.30 46.48 -13.59
CA GLY C 66 -59.64 46.38 -13.07
C GLY C 66 -60.45 47.64 -13.28
N ASP C 67 -61.76 47.51 -13.04
CA ASP C 67 -62.71 48.59 -13.15
C ASP C 67 -63.02 49.15 -11.77
N LEU C 68 -63.75 50.26 -11.74
CA LEU C 68 -64.16 50.90 -10.51
C LEU C 68 -65.51 50.40 -9.99
N SER C 69 -66.07 49.36 -10.63
CA SER C 69 -67.35 48.83 -10.19
C SER C 69 -67.25 48.28 -8.77
N TYR C 70 -66.17 47.58 -8.46
CA TYR C 70 -66.00 47.02 -7.13
C TYR C 70 -65.95 48.11 -6.07
N VAL C 71 -65.15 49.16 -6.30
CA VAL C 71 -65.04 50.21 -5.29
C VAL C 71 -66.34 50.99 -5.18
N ARG C 72 -67.05 51.20 -6.29
CA ARG C 72 -68.32 51.93 -6.20
C ARG C 72 -69.36 51.11 -5.43
N GLU C 73 -69.44 49.81 -5.70
CA GLU C 73 -70.41 49.00 -5.00
C GLU C 73 -70.05 48.86 -3.53
N ALA C 74 -68.74 48.78 -3.21
CA ALA C 74 -68.31 48.78 -1.82
C ALA C 74 -68.63 50.11 -1.15
N GLU C 75 -68.49 51.22 -1.87
CA GLU C 75 -68.87 52.52 -1.34
C GLU C 75 -70.35 52.55 -1.00
N LEU C 76 -71.19 52.03 -1.90
CA LEU C 76 -72.62 52.03 -1.63
C LEU C 76 -72.96 51.14 -0.45
N MET C 77 -72.31 49.97 -0.37
CA MET C 77 -72.50 49.09 0.78
C MET C 77 -72.13 49.79 2.08
N HIS C 78 -70.95 50.41 2.13
CA HIS C 78 -70.51 51.07 3.35
C HIS C 78 -71.41 52.25 3.69
N GLY C 79 -71.86 53.00 2.68
CA GLY C 79 -72.72 54.13 2.95
C GLY C 79 -74.07 53.72 3.50
N ARG C 80 -74.67 52.69 2.92
CA ARG C 80 -75.95 52.19 3.42
C ARG C 80 -75.79 51.66 4.84
N GLN C 81 -74.73 50.90 5.10
CA GLN C 81 -74.50 50.37 6.44
C GLN C 81 -74.26 51.49 7.43
N ALA C 82 -73.55 52.54 7.02
CA ALA C 82 -73.28 53.66 7.92
C ALA C 82 -74.56 54.43 8.24
N MET C 83 -75.43 54.61 7.24
CA MET C 83 -76.70 55.27 7.50
C MET C 83 -77.54 54.47 8.50
N LEU C 84 -77.65 53.15 8.26
CA LEU C 84 -78.40 52.30 9.17
C LEU C 84 -77.78 52.31 10.57
N ALA C 85 -76.45 52.26 10.65
CA ALA C 85 -75.78 52.26 11.93
C ALA C 85 -76.00 53.57 12.67
N ALA C 86 -75.94 54.70 11.97
CA ALA C 86 -76.14 55.98 12.60
C ALA C 86 -77.54 56.09 13.20
N VAL C 87 -78.56 55.70 12.42
CA VAL C 87 -79.92 55.79 12.95
C VAL C 87 -80.09 54.83 14.12
N GLY C 88 -79.57 53.60 13.99
CA GLY C 88 -79.74 52.61 15.04
C GLY C 88 -78.89 52.87 16.27
N MET C 89 -77.92 53.79 16.18
CA MET C 89 -77.12 54.19 17.33
C MET C 89 -77.66 55.43 18.01
N ILE C 90 -78.36 56.31 17.29
CA ILE C 90 -79.06 57.40 17.98
C ILE C 90 -80.39 56.92 18.57
N PHE C 91 -80.89 55.78 18.12
CA PHE C 91 -82.20 55.30 18.61
C PHE C 91 -82.29 54.59 19.96
N PRO C 92 -81.45 53.60 20.22
CA PRO C 92 -81.62 52.85 21.47
C PRO C 92 -81.87 53.70 22.71
N LYS C 93 -81.39 54.94 22.74
CA LYS C 93 -81.54 55.82 23.88
C LYS C 93 -82.35 57.06 23.52
N VAL C 94 -82.96 57.09 22.35
CA VAL C 94 -83.82 58.21 22.00
C VAL C 94 -85.25 57.71 22.19
N PHE C 95 -85.87 57.15 21.17
CA PHE C 95 -87.28 56.74 21.33
C PHE C 95 -87.44 55.49 22.19
N GLY C 96 -86.36 54.73 22.47
CA GLY C 96 -86.48 53.61 23.41
C GLY C 96 -85.88 52.24 23.18
N LYS C 97 -85.36 51.61 24.25
CA LYS C 97 -84.74 50.28 24.13
C LYS C 97 -85.75 49.13 24.04
N LEU C 98 -86.70 49.23 23.12
CA LEU C 98 -87.70 48.19 22.83
C LEU C 98 -88.68 48.04 23.98
N PRO C 99 -89.68 47.16 23.88
CA PRO C 99 -90.52 46.85 25.06
C PRO C 99 -89.78 46.12 26.18
N ALA C 100 -88.52 45.75 25.99
CA ALA C 100 -87.68 45.10 26.99
C ALA C 100 -88.21 43.73 27.41
N PRO C 101 -88.38 42.76 26.47
CA PRO C 101 -88.61 41.38 26.92
C PRO C 101 -87.33 40.77 27.49
N TRP C 102 -86.23 40.97 26.75
CA TRP C 102 -84.90 40.54 27.18
C TRP C 102 -83.87 41.66 27.16
N THR C 103 -84.11 42.76 26.45
CA THR C 103 -83.14 43.84 26.32
C THR C 103 -83.08 44.74 27.56
N GLU C 104 -83.79 44.41 28.64
CA GLU C 104 -83.68 45.18 29.87
C GLU C 104 -82.25 45.15 30.41
N ALA C 105 -81.56 44.02 30.27
CA ALA C 105 -80.20 43.88 30.78
C ALA C 105 -79.15 44.45 29.83
N VAL C 106 -79.44 44.51 28.53
CA VAL C 106 -78.49 45.06 27.58
C VAL C 106 -78.35 46.56 27.80
N SER C 107 -77.12 47.02 27.95
CA SER C 107 -76.88 48.42 28.23
C SER C 107 -77.28 49.30 27.06
N THR C 108 -77.84 50.47 27.37
CA THR C 108 -78.22 51.42 26.33
C THR C 108 -77.01 52.04 25.64
N ASN C 109 -75.82 51.93 26.23
CA ASN C 109 -74.61 52.41 25.57
C ASN C 109 -74.37 51.52 24.34
N PRO C 110 -74.31 52.08 23.13
CA PRO C 110 -74.17 51.21 21.94
C PRO C 110 -72.90 50.38 21.93
N LEU C 111 -71.78 50.93 22.39
CA LEU C 111 -70.54 50.17 22.37
C LEU C 111 -70.55 49.05 23.40
N GLU C 112 -71.39 49.15 24.43
CA GLU C 112 -71.53 48.08 25.41
C GLU C 112 -72.58 47.07 25.00
N ALA C 113 -73.58 47.46 24.21
CA ALA C 113 -74.63 46.54 23.80
C ALA C 113 -74.07 45.42 22.94
N GLN C 114 -73.07 45.72 22.10
CA GLN C 114 -72.52 44.70 21.21
C GLN C 114 -71.92 43.54 21.98
N TYR C 115 -71.27 43.83 23.12
CA TYR C 115 -70.78 42.80 24.02
C TYR C 115 -71.82 42.39 25.06
N GLN C 116 -73.11 42.66 24.81
CA GLN C 116 -74.18 42.29 25.73
C GLN C 116 -75.38 41.67 25.02
N LEU C 117 -75.35 41.53 23.69
CA LEU C 117 -76.39 40.76 23.02
C LEU C 117 -76.37 39.31 23.53
N PRO C 118 -77.53 38.65 23.60
CA PRO C 118 -77.54 37.26 24.07
C PRO C 118 -77.09 36.31 22.98
N PRO C 119 -76.75 35.06 23.31
CA PRO C 119 -76.29 34.12 22.28
C PRO C 119 -77.29 33.88 21.17
N VAL C 120 -78.58 33.74 21.51
CA VAL C 120 -79.59 33.41 20.50
C VAL C 120 -79.72 34.53 19.48
N VAL C 121 -79.98 35.74 19.97
CA VAL C 121 -80.17 36.88 19.08
C VAL C 121 -78.89 37.19 18.32
N LEU C 122 -77.74 37.09 18.98
CA LEU C 122 -76.48 37.37 18.31
C LEU C 122 -76.25 36.40 17.16
N GLY C 123 -76.34 35.10 17.43
CA GLY C 123 -76.13 34.11 16.39
C GLY C 123 -77.15 34.21 15.26
N GLN C 124 -78.37 34.62 15.58
CA GLN C 124 -79.42 34.61 14.55
C GLN C 124 -79.34 35.86 13.67
N ILE C 125 -78.98 37.01 14.26
CA ILE C 125 -78.60 38.15 13.44
C ILE C 125 -77.39 37.78 12.58
N LEU C 126 -76.44 37.06 13.16
CA LEU C 126 -75.24 36.66 12.43
C LEU C 126 -75.60 35.81 11.21
N ILE C 127 -76.47 34.80 11.40
CA ILE C 127 -76.78 33.90 10.29
C ILE C 127 -77.64 34.62 9.25
N SER C 128 -78.50 35.56 9.67
CA SER C 128 -79.29 36.32 8.70
C SER C 128 -78.39 37.15 7.79
N ILE C 129 -77.49 37.94 8.40
CA ILE C 129 -76.55 38.72 7.58
C ILE C 129 -75.62 37.81 6.79
N PHE C 130 -75.29 36.63 7.32
CA PHE C 130 -74.43 35.71 6.58
C PHE C 130 -75.13 35.20 5.32
N ILE C 131 -76.41 34.83 5.42
CA ILE C 131 -77.10 34.33 4.22
C ILE C 131 -77.29 35.46 3.22
N ALA C 132 -77.57 36.68 3.69
CA ALA C 132 -77.70 37.80 2.78
C ALA C 132 -76.40 38.07 2.03
N GLU C 133 -75.28 38.10 2.76
CA GLU C 133 -74.00 38.37 2.13
C GLU C 133 -73.58 37.23 1.21
N GLY C 134 -73.84 35.98 1.60
CA GLY C 134 -73.52 34.86 0.73
C GLY C 134 -74.32 34.87 -0.56
N LEU C 135 -75.59 35.27 -0.47
CA LEU C 135 -76.38 35.45 -1.69
C LEU C 135 -75.79 36.57 -2.55
N ARG C 136 -75.36 37.66 -1.92
CA ARG C 136 -74.82 38.78 -2.70
C ARG C 136 -73.48 38.44 -3.34
N SER C 137 -72.71 37.52 -2.74
CA SER C 137 -71.33 37.31 -3.16
C SER C 137 -71.23 36.84 -4.60
N ARG C 138 -72.17 36.05 -5.07
CA ARG C 138 -72.09 35.51 -6.41
C ARG C 138 -72.29 36.59 -7.44
N ILE C 139 -73.28 37.43 -7.28
CA ILE C 139 -73.44 38.53 -8.21
C ILE C 139 -72.35 39.58 -8.02
N VAL C 140 -71.70 39.62 -6.86
CA VAL C 140 -70.57 40.53 -6.68
C VAL C 140 -69.40 40.09 -7.54
N PHE C 141 -68.93 38.86 -7.35
CA PHE C 141 -67.77 38.34 -8.04
C PHE C 141 -68.12 37.57 -9.31
N GLY C 142 -69.37 37.65 -9.78
CA GLY C 142 -69.76 37.00 -11.00
C GLY C 142 -69.31 37.78 -12.22
N ASN C 143 -69.65 37.24 -13.39
CA ASN C 143 -69.34 37.85 -14.68
C ASN C 143 -70.59 38.35 -15.38
N ASP C 144 -71.60 38.77 -14.60
CA ASP C 144 -72.86 39.23 -15.18
C ASP C 144 -72.63 40.54 -15.92
N PRO C 145 -72.82 40.61 -17.24
CA PRO C 145 -72.61 41.90 -17.93
C PRO C 145 -73.72 42.89 -17.73
N ASN C 146 -74.95 42.42 -17.49
CA ASN C 146 -76.10 43.30 -17.31
C ASN C 146 -76.19 43.86 -15.89
N TYR C 147 -75.34 43.41 -14.96
CA TYR C 147 -75.45 43.85 -13.59
C TYR C 147 -75.11 45.34 -13.47
N VAL C 148 -76.00 46.08 -12.81
CA VAL C 148 -75.77 47.48 -12.48
C VAL C 148 -75.25 47.53 -11.05
N VAL C 149 -74.27 48.40 -10.81
CA VAL C 149 -73.71 48.51 -9.47
C VAL C 149 -74.76 49.05 -8.51
N GLY C 150 -74.87 48.41 -7.36
CA GLY C 150 -75.86 48.81 -6.39
C GLY C 150 -77.29 48.48 -6.76
N ASP C 151 -77.49 47.48 -7.64
CA ASP C 151 -78.82 47.06 -8.08
C ASP C 151 -78.98 45.60 -7.69
N HIS C 152 -79.42 45.36 -6.46
CA HIS C 152 -79.69 44.02 -5.95
C HIS C 152 -81.15 43.62 -6.08
N GLY C 153 -82.01 44.48 -6.61
CA GLY C 153 -83.41 44.18 -6.78
C GLY C 153 -84.26 44.44 -5.56
N PHE C 154 -83.67 44.80 -4.43
CA PHE C 154 -84.43 45.05 -3.21
C PHE C 154 -85.02 46.46 -3.25
N GLY C 155 -86.34 46.54 -3.42
CA GLY C 155 -87.01 47.83 -3.47
C GLY C 155 -86.80 48.59 -4.76
N SER C 156 -86.48 47.91 -5.85
CA SER C 156 -86.24 48.55 -7.14
C SER C 156 -87.51 48.95 -7.86
N ASN C 157 -88.69 48.54 -7.36
CA ASN C 157 -89.94 48.82 -8.07
C ASN C 157 -90.23 50.32 -8.21
N PHE C 158 -89.77 51.15 -7.27
CA PHE C 158 -90.06 52.57 -7.33
C PHE C 158 -89.32 53.25 -8.48
N LEU C 159 -88.18 52.69 -8.91
CA LEU C 159 -87.41 53.27 -10.01
C LEU C 159 -88.07 53.07 -11.36
N LYS C 160 -89.11 52.23 -11.45
CA LYS C 160 -89.79 52.05 -12.73
C LYS C 160 -90.46 53.33 -13.19
N GLY C 161 -91.11 54.04 -12.26
CA GLY C 161 -91.83 55.26 -12.63
C GLY C 161 -90.93 56.39 -13.07
N LYS C 162 -89.78 56.54 -12.42
CA LYS C 162 -88.95 57.73 -12.59
C LYS C 162 -88.11 57.64 -13.86
N SER C 163 -87.67 58.81 -14.33
CA SER C 163 -86.89 58.93 -15.55
C SER C 163 -85.40 58.90 -15.26
N GLU C 164 -84.60 58.70 -16.32
CA GLU C 164 -83.17 58.42 -16.15
C GLU C 164 -82.45 59.58 -15.47
N ALA C 165 -82.82 60.82 -15.79
CA ALA C 165 -82.26 61.96 -15.07
C ALA C 165 -82.65 61.91 -13.60
N GLN C 166 -83.93 61.59 -13.32
CA GLN C 166 -84.37 61.40 -11.95
C GLN C 166 -83.67 60.23 -11.30
N ILE C 167 -83.41 59.16 -12.07
CA ILE C 167 -82.72 58.00 -11.50
C ILE C 167 -81.31 58.40 -11.08
N ALA C 168 -80.60 59.15 -11.93
CA ALA C 168 -79.27 59.62 -11.58
C ALA C 168 -79.30 60.53 -10.37
N ASP C 169 -80.30 61.42 -10.29
CA ASP C 169 -80.42 62.31 -9.14
C ASP C 169 -80.64 61.51 -7.86
N MET C 170 -81.51 60.49 -7.92
CA MET C 170 -81.80 59.71 -6.72
C MET C 170 -80.60 58.88 -6.29
N LYS C 171 -79.89 58.28 -7.25
CA LYS C 171 -78.68 57.53 -6.90
C LYS C 171 -77.61 58.45 -6.33
N LEU C 172 -77.50 59.67 -6.86
CA LEU C 172 -76.54 60.63 -6.31
C LEU C 172 -76.94 61.03 -4.89
N LYS C 173 -78.24 61.20 -4.64
CA LYS C 173 -78.70 61.51 -3.28
C LYS C 173 -78.35 60.37 -2.32
N GLU C 174 -78.58 59.13 -2.77
CA GLU C 174 -78.22 57.97 -1.95
C GLU C 174 -76.73 57.97 -1.65
N LEU C 175 -75.91 58.21 -2.68
CA LEU C 175 -74.46 58.19 -2.49
C LEU C 175 -74.00 59.29 -1.55
N ASN C 176 -74.59 60.49 -1.69
CA ASN C 176 -74.22 61.60 -0.80
C ASN C 176 -74.62 61.30 0.63
N ASN C 177 -75.81 60.75 0.85
CA ASN C 177 -76.23 60.42 2.21
C ASN C 177 -75.33 59.36 2.82
N GLY C 178 -74.99 58.33 2.06
CA GLY C 178 -74.07 57.32 2.56
C GLY C 178 -72.70 57.88 2.85
N ARG C 179 -72.22 58.77 1.98
CA ARG C 179 -70.92 59.40 2.17
C ARG C 179 -70.89 60.21 3.46
N LEU C 180 -71.96 60.97 3.72
CA LEU C 180 -72.06 61.73 4.96
C LEU C 180 -72.09 60.79 6.16
N ALA C 181 -72.90 59.74 6.08
CA ALA C 181 -73.07 58.84 7.22
C ALA C 181 -71.79 58.08 7.54
N MET C 182 -70.95 57.83 6.53
CA MET C 182 -69.71 57.08 6.79
C MET C 182 -68.80 57.85 7.74
N ILE C 183 -68.82 59.18 7.57
CA ILE C 183 -67.99 60.05 8.38
C ILE C 183 -68.67 60.37 9.66
N ALA C 184 -69.95 60.64 9.61
CA ALA C 184 -70.65 60.86 10.84
C ALA C 184 -70.48 59.74 11.78
N VAL C 185 -70.90 58.57 11.39
CA VAL C 185 -70.85 57.49 12.29
C VAL C 185 -69.51 57.43 12.86
N THR C 186 -68.52 57.63 12.05
CA THR C 186 -67.20 57.45 12.55
C THR C 186 -66.99 58.37 13.69
N GLY C 187 -67.45 59.60 13.56
CA GLY C 187 -67.38 60.52 14.68
C GLY C 187 -68.12 59.95 15.86
N MET C 188 -69.40 59.67 15.68
CA MET C 188 -70.18 59.16 16.78
C MET C 188 -69.38 58.14 17.55
N PHE C 189 -68.95 57.08 16.90
CA PHE C 189 -68.29 56.02 17.62
C PHE C 189 -67.18 56.56 18.48
N PHE C 190 -66.41 57.50 17.98
CA PHE C 190 -65.28 57.98 18.75
C PHE C 190 -65.73 58.85 19.92
N GLN C 191 -66.75 59.67 19.71
CA GLN C 191 -67.28 60.48 20.79
C GLN C 191 -67.81 59.61 21.93
N ILE C 192 -68.54 58.53 21.60
CA ILE C 192 -69.01 57.63 22.65
C ILE C 192 -67.83 56.95 23.33
N SER C 193 -66.78 56.62 22.57
CA SER C 193 -65.66 55.92 23.17
C SER C 193 -64.88 56.79 24.15
N ILE C 194 -64.61 58.05 23.81
CA ILE C 194 -63.68 58.88 24.56
C ILE C 194 -64.40 59.85 25.49
N LYS C 195 -65.55 60.38 25.09
CA LYS C 195 -66.35 61.28 25.92
C LYS C 195 -67.52 60.59 26.59
N GLY C 196 -68.09 59.56 25.97
CA GLY C 196 -69.23 58.86 26.52
C GLY C 196 -70.58 59.47 26.20
N ASN C 197 -70.65 60.47 25.33
CA ASN C 197 -71.92 61.10 25.01
C ASN C 197 -71.72 62.02 23.81
N LEU C 198 -72.75 62.12 22.98
CA LEU C 198 -72.74 63.10 21.89
C LEU C 198 -73.08 64.47 22.43
N TRP C 199 -72.65 65.51 21.70
CA TRP C 199 -72.81 66.87 22.21
C TRP C 199 -74.25 67.35 22.16
N PRO C 200 -74.92 67.43 21.00
CA PRO C 200 -76.26 68.01 20.97
C PRO C 200 -77.38 67.06 21.38
N ILE C 201 -77.09 65.77 21.51
CA ILE C 201 -78.10 64.77 21.88
C ILE C 201 -77.37 63.74 22.72
N ILE C 202 -78.13 62.88 23.40
CA ILE C 202 -77.54 61.86 24.29
C ILE C 202 -76.74 62.57 25.37
N ASP C 203 -77.45 63.27 26.27
CA ASP C 203 -76.76 64.08 27.27
C ASP C 203 -75.93 63.21 28.21
N GLY C 204 -76.34 61.97 28.45
CA GLY C 204 -75.60 61.08 29.32
C GLY C 204 -75.90 59.61 29.05
N PRO D 68 30.39 -37.33 -35.45
CA PRO D 68 31.34 -37.10 -34.37
C PRO D 68 30.66 -36.66 -33.08
N VAL D 69 30.94 -37.37 -31.98
CA VAL D 69 30.37 -37.07 -30.68
C VAL D 69 31.51 -36.83 -29.69
N GLU D 70 31.38 -35.78 -28.91
CA GLU D 70 32.41 -35.37 -27.96
C GLU D 70 32.07 -35.90 -26.57
N TYR D 71 33.03 -36.60 -25.97
CA TYR D 71 32.90 -37.13 -24.61
C TYR D 71 33.85 -36.40 -23.69
N SER D 72 33.43 -36.21 -22.44
CA SER D 72 34.26 -35.53 -21.46
C SER D 72 35.53 -36.32 -21.19
N GLU D 73 36.62 -35.61 -20.94
CA GLU D 73 37.87 -36.25 -20.57
C GLU D 73 37.90 -36.66 -19.10
N SER D 74 36.97 -36.15 -18.29
CA SER D 74 36.87 -36.51 -16.89
C SER D 74 35.75 -37.50 -16.60
N LEU D 75 34.68 -37.47 -17.39
CA LEU D 75 33.58 -38.42 -17.30
C LEU D 75 33.35 -38.97 -18.69
N PRO D 76 34.15 -39.94 -19.13
CA PRO D 76 34.07 -40.40 -20.52
C PRO D 76 32.84 -41.26 -20.85
N PHE D 77 31.90 -41.38 -19.92
CA PHE D 77 30.60 -41.99 -20.17
C PHE D 77 29.51 -40.96 -20.41
N LEU D 78 29.84 -39.68 -20.46
CA LEU D 78 28.89 -38.60 -20.73
C LEU D 78 29.32 -37.81 -21.96
N VAL D 79 28.35 -37.21 -22.62
CA VAL D 79 28.60 -36.35 -23.77
C VAL D 79 29.07 -34.99 -23.27
N LYS D 80 29.96 -34.37 -24.04
CA LYS D 80 30.49 -33.07 -23.65
C LYS D 80 29.38 -32.02 -23.62
N ARG D 81 29.54 -31.05 -22.72
CA ARG D 81 28.52 -30.02 -22.55
C ARG D 81 28.39 -29.14 -23.79
N LYS D 82 29.51 -28.86 -24.46
CA LYS D 82 29.70 -28.00 -25.62
C LYS D 82 29.65 -26.51 -25.25
N ALA D 83 29.35 -26.15 -24.00
CA ALA D 83 29.37 -24.77 -23.55
C ALA D 83 30.69 -24.38 -22.90
N LEU D 84 31.59 -25.32 -22.64
CA LEU D 84 32.84 -25.07 -21.95
C LEU D 84 34.00 -24.82 -22.92
N LYS D 85 33.73 -24.71 -24.21
CA LYS D 85 34.80 -24.57 -25.19
C LYS D 85 35.56 -23.27 -25.00
N GLY D 86 36.86 -23.31 -25.31
CA GLY D 86 37.69 -22.13 -25.25
C GLY D 86 37.87 -21.59 -23.83
N TYR D 87 38.18 -22.48 -22.89
CA TYR D 87 38.43 -22.09 -21.51
C TYR D 87 39.58 -22.92 -20.96
N VAL D 88 40.25 -22.38 -19.95
CA VAL D 88 41.38 -23.06 -19.32
C VAL D 88 40.85 -24.08 -18.33
N GLY D 89 41.52 -25.22 -18.24
CA GLY D 89 41.04 -26.30 -17.38
C GLY D 89 39.72 -26.83 -17.88
N ASP D 90 39.74 -27.45 -19.06
CA ASP D 90 38.54 -27.85 -19.77
C ASP D 90 38.49 -29.37 -19.95
N VAL D 91 38.70 -30.10 -18.85
CA VAL D 91 38.61 -31.56 -18.88
C VAL D 91 37.17 -32.03 -19.02
N GLY D 92 36.21 -31.11 -19.00
CA GLY D 92 34.82 -31.47 -19.18
C GLY D 92 34.08 -31.82 -17.92
N PHE D 93 34.59 -31.44 -16.76
CA PHE D 93 33.96 -31.77 -15.49
C PHE D 93 32.80 -30.82 -15.27
N ASP D 94 31.61 -31.25 -15.67
CA ASP D 94 30.39 -30.51 -15.39
C ASP D 94 29.20 -31.46 -15.52
N PRO D 95 29.12 -32.49 -14.67
CA PRO D 95 28.00 -33.45 -14.79
C PRO D 95 26.64 -32.82 -14.57
N LEU D 96 26.55 -31.81 -13.69
CA LEU D 96 25.26 -31.23 -13.34
C LEU D 96 24.86 -30.05 -14.22
N GLY D 97 25.60 -29.75 -15.27
CA GLY D 97 25.13 -28.86 -16.32
C GLY D 97 24.83 -27.45 -15.87
N PHE D 98 25.66 -26.87 -15.01
CA PHE D 98 25.50 -25.47 -14.63
C PHE D 98 25.83 -24.53 -15.78
N SER D 99 26.73 -24.91 -16.68
CA SER D 99 27.11 -24.04 -17.79
C SER D 99 25.96 -23.83 -18.76
N GLU D 100 25.08 -24.83 -18.90
CA GLU D 100 23.93 -24.69 -19.78
C GLU D 100 23.01 -23.57 -19.33
N ILE D 101 22.84 -23.43 -18.01
CA ILE D 101 21.91 -22.43 -17.47
C ILE D 101 22.62 -21.09 -17.27
N LEU D 102 23.65 -21.07 -16.42
CA LEU D 102 24.35 -19.82 -16.13
C LEU D 102 25.42 -19.56 -17.18
N PRO D 103 25.84 -18.30 -17.35
CA PRO D 103 26.90 -18.02 -18.34
C PRO D 103 28.28 -18.40 -17.83
N MET D 104 29.13 -18.81 -18.77
CA MET D 104 30.48 -19.24 -18.44
C MET D 104 31.31 -18.11 -17.86
N ASP D 105 31.09 -16.88 -18.30
CA ASP D 105 31.85 -15.75 -17.76
C ASP D 105 31.57 -15.56 -16.27
N TRP D 106 30.28 -15.57 -15.90
CA TRP D 106 29.91 -15.45 -14.50
C TRP D 106 30.45 -16.62 -13.70
N LEU D 107 30.30 -17.84 -14.23
CA LEU D 107 30.76 -19.02 -13.51
C LEU D 107 32.27 -19.00 -13.29
N ARG D 108 33.03 -18.59 -14.30
CA ARG D 108 34.47 -18.58 -14.18
C ARG D 108 34.96 -17.45 -13.30
N GLU D 109 34.29 -16.31 -13.33
CA GLU D 109 34.63 -15.24 -12.40
C GLU D 109 34.42 -15.71 -10.96
N ALA D 110 33.31 -16.41 -10.72
CA ALA D 110 33.07 -16.97 -9.40
C ALA D 110 34.14 -18.00 -9.03
N GLU D 111 34.53 -18.84 -9.99
CA GLU D 111 35.55 -19.85 -9.73
C GLU D 111 36.87 -19.20 -9.31
N LEU D 112 37.29 -18.18 -10.05
CA LEU D 112 38.56 -17.53 -9.74
C LEU D 112 38.48 -16.78 -8.41
N LYS D 113 37.33 -16.17 -8.12
CA LYS D 113 37.18 -15.48 -6.84
C LYS D 113 37.29 -16.46 -5.68
N HIS D 114 36.61 -17.62 -5.79
CA HIS D 114 36.71 -18.64 -4.75
C HIS D 114 38.13 -19.17 -4.65
N CYS D 115 38.78 -19.39 -5.80
CA CYS D 115 40.14 -19.91 -5.80
C CYS D 115 41.08 -18.96 -5.06
N ARG D 116 41.01 -17.68 -5.38
CA ARG D 116 41.93 -16.71 -4.79
C ARG D 116 41.65 -16.50 -3.32
N VAL D 117 40.38 -16.36 -2.94
CA VAL D 117 40.04 -16.18 -1.54
C VAL D 117 40.40 -17.42 -0.74
N ALA D 118 40.24 -18.60 -1.33
CA ALA D 118 40.57 -19.83 -0.62
C ALA D 118 42.07 -20.00 -0.45
N MET D 119 42.85 -19.60 -1.46
CA MET D 119 44.31 -19.64 -1.32
C MET D 119 44.75 -18.73 -0.18
N LEU D 120 44.26 -17.49 -0.17
CA LEU D 120 44.62 -16.57 0.90
C LEU D 120 44.14 -17.10 2.24
N ALA D 121 42.94 -17.68 2.29
CA ALA D 121 42.40 -18.17 3.54
C ALA D 121 43.20 -19.35 4.08
N THR D 122 43.56 -20.31 3.22
CA THR D 122 44.29 -21.47 3.71
C THR D 122 45.70 -21.09 4.14
N PHE D 123 46.32 -20.12 3.47
CA PHE D 123 47.62 -19.65 3.97
C PHE D 123 47.45 -18.90 5.29
N GLY D 124 46.43 -18.04 5.39
CA GLY D 124 46.26 -17.23 6.59
C GLY D 124 45.89 -18.03 7.82
N PHE D 125 45.08 -19.07 7.64
CA PHE D 125 44.71 -19.93 8.77
C PHE D 125 45.95 -20.57 9.38
N GLY D 126 46.78 -21.19 8.54
CA GLY D 126 47.99 -21.81 9.04
C GLY D 126 48.96 -20.79 9.61
N PHE D 127 49.08 -19.63 8.97
CA PHE D 127 50.00 -18.61 9.47
C PHE D 127 49.57 -18.11 10.84
N THR D 128 48.28 -17.82 11.02
CA THR D 128 47.80 -17.33 12.29
C THR D 128 47.85 -18.41 13.36
N ASP D 129 47.84 -19.69 12.97
CA ASP D 129 48.07 -20.74 13.95
C ASP D 129 49.44 -20.64 14.61
N PHE D 130 50.42 -20.01 13.94
CA PHE D 130 51.79 -19.92 14.45
C PHE D 130 52.15 -18.53 14.96
N TRP D 131 51.88 -17.49 14.17
CA TRP D 131 52.29 -16.12 14.48
C TRP D 131 51.10 -15.18 14.40
N HIS D 132 51.15 -14.13 15.22
CA HIS D 132 50.10 -13.11 15.20
C HIS D 132 50.71 -11.78 15.62
N PHE D 133 50.03 -10.70 15.26
CA PHE D 133 50.50 -9.38 15.62
C PHE D 133 50.35 -9.17 17.13
N PRO D 134 51.09 -8.22 17.72
CA PRO D 134 51.01 -8.04 19.18
C PRO D 134 49.63 -7.67 19.68
N GLY D 135 48.87 -6.88 18.93
CA GLY D 135 47.56 -6.47 19.39
C GLY D 135 46.54 -7.58 19.36
N PHE D 136 46.67 -8.52 18.43
CA PHE D 136 45.71 -9.60 18.22
C PHE D 136 46.24 -10.84 18.92
N ASP D 137 45.73 -11.11 20.12
CA ASP D 137 46.15 -12.26 20.93
C ASP D 137 45.10 -13.36 20.93
N TYR D 138 44.45 -13.57 19.79
CA TYR D 138 43.37 -14.54 19.65
C TYR D 138 43.85 -15.72 18.81
N THR D 139 43.23 -16.88 19.04
CA THR D 139 43.49 -18.04 18.21
C THR D 139 42.72 -17.93 16.91
N THR D 140 42.98 -18.88 16.00
CA THR D 140 42.34 -18.84 14.68
C THR D 140 40.82 -18.93 14.79
N LEU D 141 40.31 -19.80 15.67
CA LEU D 141 38.87 -20.00 15.74
C LEU D 141 38.15 -18.77 16.30
N GLU D 142 38.64 -18.22 17.41
CA GLU D 142 38.00 -17.05 18.00
C GLU D 142 38.49 -15.73 17.42
N ALA D 143 39.40 -15.77 16.45
CA ALA D 143 39.89 -14.53 15.84
C ALA D 143 38.77 -13.77 15.17
N HIS D 144 37.88 -14.47 14.46
CA HIS D 144 36.80 -13.79 13.76
C HIS D 144 35.89 -13.04 14.73
N ASP D 145 35.45 -13.71 15.80
CA ASP D 145 34.58 -13.05 16.77
C ASP D 145 35.30 -11.91 17.48
N ALA D 146 36.54 -12.15 17.90
CA ALA D 146 37.29 -11.12 18.62
C ALA D 146 37.49 -9.88 17.75
N CYS D 147 37.82 -10.08 16.47
CA CYS D 147 38.08 -8.96 15.58
C CYS D 147 36.79 -8.29 15.10
N VAL D 148 35.68 -9.02 15.04
CA VAL D 148 34.40 -8.39 14.80
C VAL D 148 34.05 -7.47 15.96
N ALA D 149 34.28 -7.94 17.19
CA ALA D 149 34.03 -7.08 18.34
C ALA D 149 34.97 -5.88 18.35
N SER D 150 36.24 -6.09 17.99
CA SER D 150 37.20 -5.00 17.98
C SER D 150 36.93 -3.99 16.88
N GLY D 151 36.35 -4.43 15.77
CA GLY D 151 36.10 -3.58 14.63
C GLY D 151 37.09 -3.74 13.49
N ALA D 152 37.86 -4.79 13.48
CA ALA D 152 38.80 -5.02 12.45
C ALA D 152 38.34 -5.94 11.45
N MET D 153 37.06 -6.11 11.30
CA MET D 153 36.55 -6.95 10.27
C MET D 153 35.67 -6.03 9.50
N SER D 154 35.28 -4.94 10.09
CA SER D 154 34.54 -3.96 9.37
C SER D 154 35.51 -3.25 8.52
N GLN D 155 36.77 -3.27 8.88
CA GLN D 155 37.74 -2.52 8.16
C GLN D 155 38.22 -3.35 7.10
N LEU D 156 37.79 -4.57 7.05
CA LEU D 156 38.15 -5.36 5.96
C LEU D 156 36.97 -5.40 5.08
N LEU D 157 35.78 -5.28 5.59
CA LEU D 157 34.62 -5.39 4.75
C LEU D 157 34.39 -4.10 4.04
N LEU D 158 35.01 -3.02 4.48
CA LEU D 158 34.86 -1.76 3.82
C LEU D 158 35.84 -1.55 2.78
N TRP D 159 36.98 -2.19 2.87
CA TRP D 159 38.02 -1.97 1.94
C TRP D 159 38.06 -3.11 1.00
N ILE D 160 37.28 -4.14 1.23
CA ILE D 160 37.16 -5.24 0.29
C ILE D 160 35.87 -5.01 -0.41
N GLY D 161 34.89 -4.46 0.26
CA GLY D 161 33.66 -4.09 -0.41
C GLY D 161 33.84 -3.00 -1.43
N LEU D 162 34.76 -2.06 -1.18
CA LEU D 162 35.14 -1.14 -2.25
C LEU D 162 35.70 -1.91 -3.45
N LEU D 163 36.63 -2.82 -3.17
CA LEU D 163 37.21 -3.64 -4.24
C LEU D 163 36.15 -4.43 -4.97
N GLU D 164 35.17 -4.97 -4.23
CA GLU D 164 34.12 -5.76 -4.84
C GLU D 164 33.06 -4.92 -5.54
N VAL D 165 32.91 -3.64 -5.16
CA VAL D 165 32.08 -2.74 -5.96
C VAL D 165 32.72 -2.56 -7.34
N PHE D 166 34.02 -2.32 -7.37
CA PHE D 166 34.71 -2.26 -8.66
C PHE D 166 34.63 -3.61 -9.38
N GLY D 167 34.67 -4.70 -8.61
CA GLY D 167 34.58 -6.01 -9.22
C GLY D 167 33.22 -6.30 -9.85
N THR D 168 32.14 -5.88 -9.20
CA THR D 168 30.83 -6.09 -9.80
C THR D 168 30.63 -5.20 -11.01
N ILE D 169 31.20 -3.99 -11.00
CA ILE D 169 31.19 -3.19 -12.22
C ILE D 169 31.92 -3.93 -13.33
N GLY D 170 33.06 -4.54 -13.00
CA GLY D 170 33.83 -5.26 -14.01
C GLY D 170 33.09 -6.47 -14.58
N ILE D 171 32.50 -7.28 -13.70
CA ILE D 171 31.81 -8.49 -14.17
C ILE D 171 30.55 -8.10 -14.94
N ASP D 172 29.88 -7.02 -14.53
CA ASP D 172 28.78 -6.49 -15.32
C ASP D 172 29.25 -6.11 -16.71
N GLN D 173 30.39 -5.43 -16.81
CA GLN D 173 30.89 -5.01 -18.12
C GLN D 173 31.24 -6.21 -18.98
N THR D 174 31.92 -7.21 -18.42
CA THR D 174 32.35 -8.33 -19.25
C THR D 174 31.17 -9.21 -19.64
N LEU D 175 30.15 -9.29 -18.80
CA LEU D 175 28.94 -10.01 -19.19
C LEU D 175 28.17 -9.27 -20.27
N ARG D 176 28.22 -7.94 -20.24
CA ARG D 176 27.65 -7.15 -21.34
C ARG D 176 28.54 -7.14 -22.58
N GLY D 177 29.79 -7.60 -22.48
CA GLY D 177 30.65 -7.74 -23.64
C GLY D 177 31.61 -6.58 -23.84
N SER D 178 32.18 -6.09 -22.74
CA SER D 178 33.17 -5.02 -22.85
C SER D 178 34.44 -5.52 -23.54
N GLY D 179 34.88 -6.74 -23.22
CA GLY D 179 36.11 -7.29 -23.73
C GLY D 179 36.95 -7.95 -22.65
N ARG D 180 36.71 -7.55 -21.40
CA ARG D 180 37.40 -8.16 -20.28
C ARG D 180 37.08 -9.65 -20.18
N ALA D 181 38.07 -10.44 -19.77
CA ALA D 181 37.89 -11.87 -19.63
C ALA D 181 37.12 -12.16 -18.35
N ALA D 182 37.01 -13.44 -17.98
CA ALA D 182 36.19 -13.80 -16.82
C ALA D 182 36.77 -13.24 -15.53
N GLY D 183 38.05 -13.50 -15.27
CA GLY D 183 38.69 -13.13 -14.02
C GLY D 183 39.90 -12.24 -14.19
N ASP D 184 40.04 -11.63 -15.35
CA ASP D 184 41.21 -10.81 -15.65
C ASP D 184 40.98 -9.40 -15.10
N PHE D 185 41.80 -9.01 -14.13
CA PHE D 185 41.86 -7.63 -13.67
C PHE D 185 43.07 -6.88 -14.20
N GLY D 186 43.99 -7.55 -14.90
CA GLY D 186 45.22 -6.93 -15.34
C GLY D 186 46.26 -6.79 -14.26
N PHE D 187 46.00 -7.28 -13.05
CA PHE D 187 46.92 -7.11 -11.92
C PHE D 187 48.10 -8.04 -12.11
N ASP D 188 49.19 -7.51 -12.66
CA ASP D 188 50.42 -8.26 -12.87
C ASP D 188 51.60 -7.31 -12.74
N PRO D 189 51.87 -6.82 -11.53
CA PRO D 189 52.98 -5.85 -11.39
C PRO D 189 54.34 -6.44 -11.70
N LEU D 190 54.65 -7.61 -11.15
CA LEU D 190 55.98 -8.18 -11.28
C LEU D 190 56.24 -8.80 -12.63
N GLY D 191 55.23 -8.91 -13.49
CA GLY D 191 55.44 -9.38 -14.84
C GLY D 191 55.50 -10.88 -15.02
N PHE D 192 55.08 -11.65 -14.03
CA PHE D 192 54.97 -13.10 -14.20
C PHE D 192 53.99 -13.42 -15.32
N GLY D 193 54.44 -14.13 -16.34
CA GLY D 193 53.56 -14.55 -17.39
C GLY D 193 53.18 -13.49 -18.39
N SER D 194 53.92 -12.39 -18.45
CA SER D 194 53.62 -11.35 -19.44
C SER D 194 53.80 -11.88 -20.86
N ASP D 195 54.65 -12.89 -21.04
CA ASP D 195 54.73 -13.57 -22.32
C ASP D 195 53.45 -14.36 -22.53
N PRO D 196 52.76 -14.23 -23.68
CA PRO D 196 51.51 -15.00 -23.86
C PRO D 196 51.70 -16.51 -23.80
N ALA D 197 52.89 -17.01 -24.13
CA ALA D 197 53.11 -18.46 -24.10
C ALA D 197 52.96 -19.01 -22.69
N LYS D 198 53.48 -18.29 -21.70
CA LYS D 198 53.43 -18.75 -20.32
C LYS D 198 52.11 -18.43 -19.63
N MET D 199 51.30 -17.52 -20.20
CA MET D 199 50.07 -17.12 -19.53
C MET D 199 49.06 -18.26 -19.45
N ALA D 200 48.93 -19.06 -20.50
CA ALA D 200 47.97 -20.16 -20.45
C ALA D 200 48.38 -21.18 -19.40
N ASP D 201 49.66 -21.52 -19.35
CA ASP D 201 50.15 -22.46 -18.36
C ASP D 201 49.99 -21.92 -16.95
N LEU D 202 50.28 -20.63 -16.75
CA LEU D 202 50.12 -20.05 -15.43
C LEU D 202 48.65 -19.95 -15.03
N GLN D 203 47.75 -19.73 -15.99
CA GLN D 203 46.32 -19.74 -15.68
C GLN D 203 45.87 -21.12 -15.23
N MET D 204 46.33 -22.15 -15.93
CA MET D 204 45.98 -23.51 -15.51
C MET D 204 46.55 -23.81 -14.13
N LYS D 205 47.79 -23.37 -13.86
CA LYS D 205 48.40 -23.60 -12.56
C LYS D 205 47.67 -22.83 -11.47
N GLU D 206 47.23 -21.60 -11.77
CA GLU D 206 46.42 -20.84 -10.83
C GLU D 206 45.15 -21.60 -10.47
N LEU D 207 44.44 -22.08 -11.49
CA LEU D 207 43.20 -22.81 -11.23
C LEU D 207 43.48 -24.07 -10.44
N ALA D 208 44.54 -24.80 -10.77
CA ALA D 208 44.86 -26.02 -10.05
C ALA D 208 45.13 -25.73 -8.58
N ASN D 209 45.98 -24.74 -8.30
CA ASN D 209 46.31 -24.41 -6.92
C ASN D 209 45.10 -23.90 -6.16
N GLY D 210 44.27 -23.08 -6.80
CA GLY D 210 43.09 -22.57 -6.13
C GLY D 210 42.08 -23.65 -5.82
N ARG D 211 41.84 -24.54 -6.78
CA ARG D 211 40.89 -25.62 -6.55
C ARG D 211 41.41 -26.61 -5.51
N LEU D 212 42.73 -26.73 -5.39
CA LEU D 212 43.30 -27.49 -4.28
C LEU D 212 43.11 -26.75 -2.96
N ALA D 213 43.30 -25.42 -2.98
CA ALA D 213 43.23 -24.64 -1.75
C ALA D 213 41.82 -24.57 -1.20
N MET D 214 40.80 -24.69 -2.06
CA MET D 214 39.42 -24.75 -1.55
C MET D 214 39.25 -25.93 -0.59
N PHE D 215 39.61 -27.13 -1.05
CA PHE D 215 39.54 -28.29 -0.19
C PHE D 215 40.49 -28.16 0.99
N ALA D 216 41.65 -27.53 0.76
CA ALA D 216 42.61 -27.35 1.84
C ALA D 216 42.02 -26.53 2.98
N PHE D 217 41.41 -25.40 2.65
CA PHE D 217 40.82 -24.56 3.68
C PHE D 217 39.64 -25.24 4.35
N SER D 218 38.81 -25.96 3.56
CA SER D 218 37.70 -26.68 4.13
C SER D 218 38.19 -27.70 5.16
N GLY D 219 39.20 -28.48 4.79
CA GLY D 219 39.79 -29.42 5.72
C GLY D 219 40.40 -28.73 6.93
N PHE D 220 41.08 -27.61 6.70
CA PHE D 220 41.67 -26.85 7.81
C PHE D 220 40.62 -26.50 8.84
N VAL D 221 39.54 -25.83 8.43
CA VAL D 221 38.54 -25.38 9.38
C VAL D 221 37.86 -26.57 10.05
N THR D 222 37.40 -27.52 9.24
CA THR D 222 36.61 -28.62 9.79
C THR D 222 37.44 -29.47 10.74
N GLN D 223 38.65 -29.86 10.33
CA GLN D 223 39.50 -30.65 11.19
C GLN D 223 39.95 -29.87 12.42
N SER D 224 40.20 -28.57 12.29
CA SER D 224 40.58 -27.79 13.46
C SER D 224 39.47 -27.81 14.51
N VAL D 225 38.24 -27.56 14.10
CA VAL D 225 37.14 -27.57 15.06
C VAL D 225 36.91 -28.98 15.59
N LEU D 226 37.09 -29.99 14.74
CA LEU D 226 36.77 -31.36 15.14
C LEU D 226 37.79 -31.93 16.12
N THR D 227 39.07 -31.55 15.95
N THR D 227 39.07 -31.55 15.95
CA THR D 227 40.15 -32.10 16.76
CA THR D 227 40.15 -32.10 16.76
C THR D 227 40.50 -31.24 17.95
C THR D 227 40.50 -31.24 17.95
N GLY D 228 40.49 -29.91 17.80
CA GLY D 228 41.00 -29.05 18.84
C GLY D 228 42.51 -29.00 18.91
N ASN D 229 43.19 -29.18 17.78
CA ASN D 229 44.64 -29.15 17.68
C ASN D 229 45.07 -28.06 16.71
N GLN D 230 46.28 -27.53 16.90
CA GLN D 230 46.57 -26.20 16.39
C GLN D 230 46.91 -26.20 14.91
N PHE D 231 48.12 -26.67 14.53
CA PHE D 231 48.48 -26.62 13.12
C PHE D 231 48.08 -27.85 12.31
N PRO D 232 48.46 -29.07 12.71
CA PRO D 232 48.27 -30.20 11.78
C PRO D 232 46.82 -30.59 11.60
N TYR D 233 45.95 -30.24 12.55
CA TYR D 233 44.56 -30.67 12.55
C TYR D 233 44.49 -32.20 12.46
N LEU D 234 45.05 -32.84 13.48
CA LEU D 234 45.09 -34.29 13.59
C LEU D 234 44.72 -34.68 15.01
N PHE D 235 43.98 -35.78 15.14
CA PHE D 235 43.65 -36.30 16.44
C PHE D 235 44.93 -36.71 17.18
N ASP D 236 44.82 -36.79 18.51
CA ASP D 236 45.99 -37.11 19.33
C ASP D 236 46.54 -38.49 19.00
N TYR D 237 45.67 -39.46 18.72
CA TYR D 237 46.13 -40.81 18.40
C TYR D 237 46.79 -40.89 17.04
N GLN D 238 46.56 -39.91 16.17
CA GLN D 238 47.16 -39.90 14.83
C GLN D 238 48.61 -39.44 14.83
N THR D 239 49.13 -38.97 15.97
CA THR D 239 50.54 -38.60 16.09
C THR D 239 51.40 -39.75 16.62
N THR D 240 50.93 -40.99 16.49
CA THR D 240 51.66 -42.14 16.99
C THR D 240 51.04 -43.41 16.45
N ASP D 241 51.90 -44.36 16.06
CA ASP D 241 51.48 -45.70 15.65
C ASP D 241 50.60 -45.68 14.40
N VAL D 242 50.71 -44.62 13.58
CA VAL D 242 49.91 -44.54 12.36
C VAL D 242 50.50 -45.35 11.20
N PHE D 243 51.60 -46.05 11.41
CA PHE D 243 52.23 -46.92 10.42
C PHE D 243 52.52 -48.29 11.02
N ALA D 244 51.55 -48.83 11.75
CA ALA D 244 51.71 -50.05 12.52
C ALA D 244 51.00 -51.22 11.86
N LEU D 245 51.64 -52.38 11.85
CA LEU D 245 51.01 -53.61 11.38
C LEU D 245 50.24 -54.26 12.52
N LYS E 31 9.43 -67.57 -31.21
CA LYS E 31 9.32 -68.19 -29.85
C LYS E 31 10.58 -67.94 -29.04
N SER E 32 10.41 -67.49 -27.80
CA SER E 32 11.54 -67.23 -26.93
C SER E 32 12.26 -68.53 -26.60
N LYS E 33 13.58 -68.43 -26.46
CA LYS E 33 14.38 -69.62 -26.20
C LYS E 33 14.19 -70.12 -24.76
N SER E 34 13.90 -69.22 -23.82
CA SER E 34 13.73 -69.60 -22.43
C SER E 34 12.33 -70.12 -22.15
N ILE E 35 11.31 -69.41 -22.62
CA ILE E 35 9.91 -69.86 -22.51
C ILE E 35 9.50 -70.36 -23.90
N PRO E 36 9.41 -71.67 -24.14
CA PRO E 36 9.11 -72.14 -25.50
C PRO E 36 7.63 -72.15 -25.85
N PHE E 37 6.77 -71.50 -25.05
CA PHE E 37 5.37 -71.33 -25.37
C PHE E 37 4.97 -69.85 -25.39
N LEU E 38 5.91 -68.96 -25.65
CA LEU E 38 5.63 -67.54 -25.77
C LEU E 38 6.58 -66.94 -26.78
N GLU E 39 6.17 -65.81 -27.37
CA GLU E 39 6.96 -65.11 -28.36
C GLU E 39 7.81 -64.05 -27.67
N ALA E 40 9.10 -64.03 -27.99
CA ALA E 40 9.99 -63.07 -27.36
C ALA E 40 9.64 -61.65 -27.80
N PRO E 41 9.94 -60.63 -26.99
CA PRO E 41 9.61 -59.27 -27.39
C PRO E 41 10.52 -58.81 -28.52
N PRO E 42 10.08 -57.86 -29.35
CA PRO E 42 10.98 -57.36 -30.40
C PRO E 42 12.18 -56.59 -29.86
N ALA E 43 12.05 -55.99 -28.67
CA ALA E 43 13.12 -55.14 -28.15
C ALA E 43 14.34 -55.94 -27.73
N LEU E 44 14.14 -57.18 -27.27
CA LEU E 44 15.27 -57.95 -26.74
C LEU E 44 16.28 -58.27 -27.81
N ASP E 45 15.81 -58.65 -29.01
CA ASP E 45 16.62 -59.16 -30.13
C ASP E 45 17.73 -60.09 -29.63
N GLY E 46 18.99 -59.92 -30.07
CA GLY E 46 20.07 -60.73 -29.57
C GLY E 46 21.39 -59.99 -29.42
N THR E 47 21.37 -58.66 -29.56
CA THR E 47 22.62 -57.89 -29.47
C THR E 47 23.08 -57.73 -28.02
N MET E 48 22.16 -57.57 -27.08
CA MET E 48 22.56 -57.31 -25.71
C MET E 48 23.17 -58.56 -25.07
N ALA E 49 24.14 -58.33 -24.18
CA ALA E 49 24.76 -59.40 -23.45
C ALA E 49 23.81 -59.97 -22.40
N GLY E 50 23.89 -61.28 -22.20
CA GLY E 50 23.00 -61.96 -21.27
C GLY E 50 21.61 -62.19 -21.78
N ASP E 51 21.34 -61.90 -23.05
CA ASP E 51 20.01 -62.10 -23.60
C ASP E 51 19.72 -63.59 -23.71
N LYS E 52 18.56 -64.00 -23.19
CA LYS E 52 18.09 -65.37 -23.31
C LYS E 52 16.59 -65.42 -23.65
N GLY E 53 16.04 -64.33 -24.17
CA GLY E 53 14.64 -64.29 -24.49
C GLY E 53 13.70 -64.32 -23.30
N PHE E 54 14.21 -64.08 -22.09
CA PHE E 54 13.42 -64.18 -20.88
C PHE E 54 12.81 -62.82 -20.58
N ASP E 55 11.56 -62.62 -21.01
CA ASP E 55 10.80 -61.42 -20.68
C ASP E 55 9.33 -61.74 -20.87
N PRO E 56 8.76 -62.62 -20.02
CA PRO E 56 7.38 -63.08 -20.24
C PRO E 56 6.37 -61.95 -20.16
N MET E 57 6.34 -61.24 -19.03
CA MET E 57 5.68 -59.95 -18.95
C MET E 57 6.62 -58.90 -19.51
N ARG E 58 6.21 -58.27 -20.60
CA ARG E 58 7.12 -57.50 -21.45
C ARG E 58 7.32 -56.11 -20.83
N LEU E 59 8.23 -56.04 -19.86
CA LEU E 59 8.62 -54.75 -19.33
C LEU E 59 9.32 -53.91 -20.37
N SER E 60 10.01 -54.54 -21.32
CA SER E 60 10.85 -53.81 -22.27
C SER E 60 10.06 -52.82 -23.13
N GLU E 61 8.74 -52.96 -23.22
CA GLU E 61 7.93 -52.00 -23.96
C GLU E 61 7.56 -50.78 -23.14
N VAL E 62 7.48 -50.92 -21.81
CA VAL E 62 7.11 -49.81 -20.93
C VAL E 62 8.31 -49.19 -20.21
N VAL E 63 9.45 -49.85 -20.21
CA VAL E 63 10.70 -49.32 -19.66
C VAL E 63 11.74 -49.39 -20.77
N PRO E 64 12.52 -48.34 -21.02
CA PRO E 64 13.58 -48.47 -22.02
C PRO E 64 14.60 -49.52 -21.62
N ILE E 65 15.06 -50.28 -22.62
CA ILE E 65 15.95 -51.40 -22.35
C ILE E 65 17.28 -50.92 -21.78
N GLN E 66 17.75 -49.74 -22.18
CA GLN E 66 19.00 -49.22 -21.63
C GLN E 66 18.85 -48.88 -20.15
N TRP E 67 17.73 -48.26 -19.77
CA TRP E 67 17.47 -47.99 -18.36
C TRP E 67 17.40 -49.29 -17.57
N ALA E 68 16.68 -50.28 -18.11
CA ALA E 68 16.55 -51.56 -17.42
C ALA E 68 17.90 -52.24 -17.27
N ARG E 69 18.75 -52.15 -18.30
CA ARG E 69 20.07 -52.77 -18.24
C ARG E 69 20.96 -52.05 -17.23
N GLU E 70 20.89 -50.71 -17.18
CA GLU E 70 21.67 -49.99 -16.19
C GLU E 70 21.26 -50.41 -14.79
N ALA E 71 19.95 -50.51 -14.55
CA ALA E 71 19.48 -50.95 -13.24
C ALA E 71 19.93 -52.38 -12.94
N GLU E 72 19.84 -53.26 -13.94
CA GLU E 72 20.27 -54.64 -13.76
C GLU E 72 21.73 -54.71 -13.35
N LEU E 73 22.58 -53.99 -14.06
CA LEU E 73 24.01 -54.05 -13.76
C LEU E 73 24.32 -53.39 -12.41
N LYS E 74 23.61 -52.33 -12.06
CA LYS E 74 23.82 -51.70 -10.76
C LYS E 74 23.47 -52.65 -9.62
N HIS E 75 22.29 -53.28 -9.70
CA HIS E 75 21.90 -54.24 -8.68
C HIS E 75 22.85 -55.43 -8.66
N ALA E 76 23.27 -55.90 -9.82
CA ALA E 76 24.17 -57.04 -9.90
C ALA E 76 25.49 -56.73 -9.23
N ARG E 77 26.07 -55.57 -9.51
CA ARG E 77 27.35 -55.20 -8.94
C ARG E 77 27.24 -55.00 -7.43
N ILE E 78 26.17 -54.34 -6.98
CA ILE E 78 25.98 -54.12 -5.55
C ILE E 78 25.82 -55.46 -4.84
N CYS E 79 25.12 -56.42 -5.47
CA CYS E 79 24.92 -57.70 -4.82
C CYS E 79 26.19 -58.54 -4.83
N MET E 80 27.01 -58.44 -5.87
CA MET E 80 28.30 -59.13 -5.87
C MET E 80 29.16 -58.63 -4.72
N LEU E 81 29.27 -57.31 -4.59
CA LEU E 81 30.06 -56.75 -3.50
C LEU E 81 29.45 -57.11 -2.16
N ALA E 82 28.13 -57.09 -2.05
CA ALA E 82 27.47 -57.42 -0.80
C ALA E 82 27.72 -58.87 -0.40
N VAL E 83 27.66 -59.79 -1.37
CA VAL E 83 27.87 -61.21 -1.06
C VAL E 83 29.30 -61.42 -0.58
N VAL E 84 30.27 -60.88 -1.32
CA VAL E 84 31.66 -61.13 -0.91
C VAL E 84 31.96 -60.47 0.42
N GLY E 85 31.41 -59.27 0.67
CA GLY E 85 31.63 -58.63 1.95
C GLY E 85 30.98 -59.36 3.10
N TRP E 86 29.74 -59.81 2.91
CA TRP E 86 29.05 -60.59 3.93
C TRP E 86 29.83 -61.86 4.26
N VAL E 87 30.29 -62.57 3.23
CA VAL E 87 31.01 -63.82 3.48
C VAL E 87 32.33 -63.54 4.19
N ALA E 88 33.04 -62.49 3.79
CA ALA E 88 34.32 -62.17 4.44
C ALA E 88 34.12 -61.82 5.91
N VAL E 89 33.14 -60.95 6.19
CA VAL E 89 32.92 -60.53 7.58
C VAL E 89 32.43 -61.71 8.42
N ASP E 90 31.61 -62.59 7.84
CA ASP E 90 31.17 -63.77 8.58
C ASP E 90 32.34 -64.71 8.86
N LEU E 91 33.23 -64.89 7.89
CA LEU E 91 34.40 -65.72 8.11
C LEU E 91 35.30 -65.13 9.19
N GLY E 92 35.34 -63.81 9.29
CA GLY E 92 36.04 -63.13 10.37
C GLY E 92 36.95 -62.02 9.92
N PHE E 93 37.05 -61.80 8.61
CA PHE E 93 37.91 -60.75 8.08
C PHE E 93 37.36 -59.40 8.52
N THR E 94 38.05 -58.74 9.45
CA THR E 94 37.58 -57.51 10.06
C THR E 94 38.70 -56.46 10.06
N VAL E 95 38.33 -55.23 9.75
CA VAL E 95 39.25 -54.10 9.74
C VAL E 95 39.51 -53.68 11.18
N PRO E 96 40.66 -53.09 11.52
CA PRO E 96 40.89 -52.73 12.93
C PRO E 96 39.94 -51.64 13.40
N TYR E 97 39.67 -51.67 14.71
CA TYR E 97 38.82 -50.73 15.43
C TYR E 97 37.33 -50.91 15.14
N ALA E 98 36.96 -51.83 14.24
CA ALA E 98 35.56 -52.07 13.93
C ALA E 98 34.95 -53.06 14.93
N PRO E 99 33.63 -53.10 15.06
CA PRO E 99 33.02 -54.13 15.91
C PRO E 99 33.35 -55.53 15.42
N GLN E 100 33.52 -56.45 16.37
CA GLN E 100 33.80 -57.85 16.07
C GLN E 100 32.47 -58.61 16.14
N VAL E 101 31.66 -58.44 15.09
CA VAL E 101 30.32 -58.99 15.03
C VAL E 101 30.11 -59.65 13.69
N SER E 102 29.09 -60.51 13.61
CA SER E 102 28.72 -61.15 12.37
C SER E 102 28.05 -60.14 11.44
N SER E 103 27.89 -60.54 10.18
CA SER E 103 27.35 -59.64 9.17
C SER E 103 25.91 -59.26 9.46
N LEU E 104 25.16 -60.12 10.16
CA LEU E 104 23.76 -59.82 10.45
C LEU E 104 23.64 -58.59 11.34
N ALA E 105 24.46 -58.52 12.39
CA ALA E 105 24.46 -57.39 13.31
C ALA E 105 25.48 -56.31 12.94
N ALA E 106 26.23 -56.50 11.85
CA ALA E 106 27.27 -55.55 11.48
C ALA E 106 26.69 -54.19 11.13
N HIS E 107 25.51 -54.16 10.49
CA HIS E 107 24.89 -52.89 10.14
C HIS E 107 24.58 -52.07 11.40
N ASP E 108 23.91 -52.69 12.36
CA ASP E 108 23.57 -51.99 13.60
C ASP E 108 24.83 -51.59 14.36
N ALA E 109 25.82 -52.49 14.41
CA ALA E 109 27.05 -52.18 15.15
C ALA E 109 27.78 -51.01 14.54
N ALA E 110 27.90 -50.98 13.21
CA ALA E 110 28.58 -49.87 12.54
C ALA E 110 27.82 -48.56 12.70
N VAL E 111 26.48 -48.61 12.61
CA VAL E 111 25.70 -47.40 12.81
C VAL E 111 25.89 -46.88 14.22
N GLU E 112 25.88 -47.77 15.21
CA GLU E 112 26.08 -47.35 16.60
C GLU E 112 27.46 -46.75 16.79
N LYS E 113 28.50 -47.39 16.24
CA LYS E 113 29.87 -46.94 16.47
C LYS E 113 30.23 -45.69 15.69
N GLY E 114 29.49 -45.38 14.61
CA GLY E 114 29.56 -44.08 13.99
C GLY E 114 30.12 -44.04 12.59
N ALA E 115 31.18 -44.80 12.32
CA ALA E 115 31.86 -44.76 11.03
C ALA E 115 31.09 -45.63 10.03
N PHE E 116 29.93 -45.14 9.64
CA PHE E 116 29.13 -45.75 8.57
C PHE E 116 28.54 -44.75 7.61
N LEU E 117 28.51 -43.46 7.94
CA LEU E 117 28.15 -42.42 6.97
C LEU E 117 29.26 -42.12 5.99
N PHE E 118 30.51 -42.39 6.36
CA PHE E 118 31.61 -42.20 5.43
C PHE E 118 31.68 -43.28 4.36
N LEU E 119 30.89 -44.34 4.48
CA LEU E 119 30.67 -45.23 3.33
C LEU E 119 29.56 -44.70 2.43
N LEU E 120 28.64 -43.91 2.99
CA LEU E 120 27.61 -43.28 2.17
C LEU E 120 28.16 -42.10 1.38
N PHE E 121 29.13 -41.39 1.93
CA PHE E 121 29.65 -40.20 1.25
C PHE E 121 30.26 -40.51 -0.12
N PRO E 122 31.19 -41.46 -0.26
CA PRO E 122 31.62 -41.84 -1.62
C PRO E 122 30.50 -42.39 -2.47
N ILE E 123 29.57 -43.13 -1.87
CA ILE E 123 28.40 -43.57 -2.61
C ILE E 123 27.61 -42.35 -3.09
N ALA E 124 27.49 -41.34 -2.22
CA ALA E 124 26.74 -40.15 -2.59
C ALA E 124 27.40 -39.44 -3.78
N VAL E 125 28.71 -39.24 -3.74
CA VAL E 125 29.35 -38.52 -4.83
C VAL E 125 29.32 -39.34 -6.11
N VAL E 126 29.55 -40.66 -6.01
CA VAL E 126 29.52 -41.52 -7.19
C VAL E 126 28.15 -41.46 -7.84
N GLU E 127 27.09 -41.64 -7.05
CA GLU E 127 25.75 -41.61 -7.62
C GLU E 127 25.43 -40.24 -8.20
N VAL E 128 25.60 -39.18 -7.41
CA VAL E 128 25.16 -37.86 -7.85
C VAL E 128 25.94 -37.40 -9.08
N LEU E 129 27.18 -37.83 -9.24
CA LEU E 129 28.04 -37.33 -10.30
C LEU E 129 28.31 -38.34 -11.42
N ALA E 130 27.74 -39.55 -11.36
CA ALA E 130 27.85 -40.51 -12.45
C ALA E 130 26.55 -41.17 -12.85
N GLY E 131 25.58 -41.34 -11.94
CA GLY E 131 24.35 -42.03 -12.26
C GLY E 131 23.29 -41.08 -12.77
N ILE E 132 23.09 -39.96 -12.07
CA ILE E 132 22.10 -38.98 -12.50
C ILE E 132 22.44 -38.42 -13.89
N PRO E 133 23.65 -37.95 -14.17
CA PRO E 133 23.95 -37.54 -15.55
C PRO E 133 23.83 -38.69 -16.54
N LYS E 134 24.33 -39.87 -16.19
CA LYS E 134 24.21 -41.01 -17.10
C LYS E 134 22.75 -41.42 -17.27
N CYS E 135 21.96 -41.32 -16.19
CA CYS E 135 20.54 -41.65 -16.30
C CYS E 135 19.83 -40.71 -17.26
N PHE E 136 20.10 -39.41 -17.14
CA PHE E 136 19.45 -38.46 -18.04
C PHE E 136 19.98 -38.58 -19.45
N GLN E 137 21.24 -38.98 -19.62
CA GLN E 137 21.75 -39.25 -20.96
C GLN E 137 21.02 -40.44 -21.58
N ILE E 138 20.82 -41.50 -20.82
CA ILE E 138 20.11 -42.67 -21.33
C ILE E 138 18.66 -42.32 -21.66
N MET E 139 18.02 -41.54 -20.79
CA MET E 139 16.64 -41.14 -21.02
C MET E 139 16.52 -40.27 -22.27
N ASN E 140 17.35 -39.24 -22.38
CA ASN E 140 17.20 -38.20 -23.39
C ASN E 140 18.15 -38.36 -24.58
N ASP E 141 19.46 -38.42 -24.32
CA ASP E 141 20.42 -38.37 -25.41
C ASP E 141 20.34 -39.67 -26.24
N PRO E 142 20.32 -39.59 -27.59
CA PRO E 142 20.37 -40.83 -28.38
C PRO E 142 21.78 -41.36 -28.51
N ASN E 143 22.76 -40.46 -28.57
CA ASN E 143 24.18 -40.81 -28.69
C ASN E 143 24.78 -40.78 -27.28
N ALA E 144 24.53 -41.85 -26.53
CA ALA E 144 25.02 -42.00 -25.17
C ALA E 144 25.50 -43.42 -24.98
N ALA E 145 26.31 -43.62 -23.95
CA ALA E 145 26.84 -44.94 -23.66
C ALA E 145 25.71 -45.87 -23.21
N PRO E 146 25.85 -47.18 -23.40
CA PRO E 146 24.80 -48.10 -22.95
C PRO E 146 24.73 -48.17 -21.44
N GLY E 147 23.63 -48.73 -20.95
CA GLY E 147 23.43 -48.80 -19.51
C GLY E 147 24.48 -49.64 -18.84
N GLY E 148 24.99 -49.15 -17.72
CA GLY E 148 26.01 -49.84 -16.96
C GLY E 148 27.41 -49.70 -17.49
N ASP E 149 27.61 -48.96 -18.59
CA ASP E 149 28.92 -48.73 -19.18
C ASP E 149 29.43 -47.37 -18.69
N TYR E 150 30.38 -47.41 -17.76
CA TYR E 150 31.08 -46.21 -17.30
C TYR E 150 32.47 -46.07 -17.91
N LYS E 151 32.83 -46.93 -18.88
CA LYS E 151 34.16 -46.97 -19.45
C LYS E 151 35.23 -47.25 -18.41
N PHE E 152 34.88 -47.99 -17.36
CA PHE E 152 35.79 -48.26 -16.24
C PHE E 152 36.64 -49.47 -16.58
N ASP E 153 37.76 -49.22 -17.25
CA ASP E 153 38.74 -50.25 -17.59
C ASP E 153 40.14 -49.75 -17.26
N PRO E 154 40.49 -49.67 -15.98
CA PRO E 154 41.87 -49.25 -15.65
C PRO E 154 42.91 -50.22 -16.16
N LEU E 155 42.79 -51.50 -15.80
CA LEU E 155 43.74 -52.52 -16.23
C LEU E 155 43.59 -52.88 -17.71
N GLY E 156 42.51 -52.48 -18.35
CA GLY E 156 42.30 -52.85 -19.74
C GLY E 156 42.14 -54.33 -19.95
N ILE E 157 41.40 -54.99 -19.06
CA ILE E 157 41.20 -56.43 -19.18
C ILE E 157 40.38 -56.75 -20.44
N GLY E 158 39.38 -55.92 -20.73
CA GLY E 158 38.59 -56.06 -21.95
C GLY E 158 37.10 -56.10 -21.70
N ALA E 159 36.34 -55.48 -22.60
CA ALA E 159 34.87 -55.46 -22.55
C ALA E 159 34.28 -56.40 -23.58
N SER E 160 34.89 -57.57 -23.78
CA SER E 160 34.46 -58.51 -24.81
C SER E 160 33.03 -58.99 -24.53
N ALA E 161 32.47 -59.70 -25.44
CA ALA E 161 31.14 -60.11 -25.19
C ALA E 161 31.16 -61.35 -24.43
N ASP E 162 32.32 -61.75 -23.94
CA ASP E 162 32.39 -62.89 -23.12
C ASP E 162 32.52 -62.41 -21.80
N MET E 163 33.00 -61.22 -21.64
CA MET E 163 33.26 -60.78 -20.34
C MET E 163 32.06 -60.03 -19.99
N GLN E 164 31.27 -59.56 -20.91
CA GLN E 164 30.00 -58.97 -20.49
C GLN E 164 29.00 -60.06 -20.10
N GLU E 165 28.98 -61.17 -20.84
CA GLU E 165 28.11 -62.28 -20.47
C GLU E 165 28.48 -62.85 -19.11
N LYS E 166 29.78 -62.99 -18.84
CA LYS E 166 30.22 -63.47 -17.53
C LYS E 166 29.81 -62.50 -16.43
N GLU E 167 29.96 -61.20 -16.69
CA GLU E 167 29.54 -60.19 -15.71
C GLU E 167 28.06 -60.36 -15.39
N ILE E 168 27.23 -60.45 -16.43
CA ILE E 168 25.79 -60.52 -16.22
C ILE E 168 25.41 -61.80 -15.49
N SER E 169 25.99 -62.93 -15.89
CA SER E 169 25.64 -64.19 -15.24
C SER E 169 26.06 -64.19 -13.78
N ASN E 170 27.28 -63.74 -13.50
CA ASN E 170 27.74 -63.67 -12.12
C ASN E 170 26.89 -62.71 -11.31
N GLY E 171 26.48 -61.59 -11.91
CA GLY E 171 25.68 -60.63 -11.19
C GLY E 171 24.30 -61.16 -10.85
N ARG E 172 23.66 -61.85 -11.80
CA ARG E 172 22.35 -62.44 -11.52
C ARG E 172 22.45 -63.51 -10.46
N LEU E 173 23.48 -64.36 -10.54
CA LEU E 173 23.69 -65.37 -9.52
C LEU E 173 23.94 -64.71 -8.16
N ALA E 174 24.65 -63.59 -8.14
CA ALA E 174 24.92 -62.89 -6.89
C ALA E 174 23.66 -62.26 -6.33
N MET E 175 22.77 -61.77 -7.21
CA MET E 175 21.48 -61.25 -6.74
C MET E 175 20.70 -62.33 -6.02
N MET E 176 20.53 -63.48 -6.67
CA MET E 176 19.79 -64.58 -6.05
C MET E 176 20.50 -65.06 -4.78
N ALA E 177 21.83 -65.15 -4.82
CA ALA E 177 22.58 -65.62 -3.67
C ALA E 177 22.46 -64.67 -2.49
N PHE E 178 22.49 -63.36 -2.74
CA PHE E 178 22.35 -62.41 -1.64
C PHE E 178 20.96 -62.46 -1.05
N SER E 179 19.93 -62.57 -1.90
CA SER E 179 18.59 -62.72 -1.37
C SER E 179 18.50 -63.93 -0.46
N GLY E 180 19.03 -65.06 -0.93
CA GLY E 180 19.03 -66.26 -0.11
C GLY E 180 19.82 -66.10 1.18
N ILE E 181 20.99 -65.47 1.08
CA ILE E 181 21.87 -65.33 2.25
C ILE E 181 21.19 -64.49 3.32
N VAL E 182 20.62 -63.34 2.94
CA VAL E 182 19.98 -62.50 3.94
C VAL E 182 18.75 -63.18 4.51
N THR E 183 17.82 -63.69 3.75
CA THR E 183 16.64 -64.28 4.26
C THR E 183 16.88 -65.55 4.94
N GLN E 184 17.99 -66.23 4.75
CA GLN E 184 18.31 -67.40 5.53
C GLN E 184 19.05 -67.07 6.81
N ALA E 185 19.97 -66.10 6.76
CA ALA E 185 20.68 -65.69 7.97
C ALA E 185 19.73 -65.08 8.98
N ALA E 186 18.83 -64.20 8.53
CA ALA E 186 17.86 -63.63 9.45
C ALA E 186 16.93 -64.70 10.01
N LEU E 187 16.59 -65.70 9.19
CA LEU E 187 15.65 -66.74 9.63
C LEU E 187 16.29 -67.67 10.66
N THR E 188 17.52 -68.14 10.39
CA THR E 188 18.12 -69.21 11.16
C THR E 188 19.12 -68.74 12.20
N GLN E 189 19.82 -67.64 11.98
CA GLN E 189 20.80 -67.10 12.92
C GLN E 189 21.90 -68.13 13.20
N ALA E 190 22.64 -68.47 12.14
CA ALA E 190 23.67 -69.51 12.20
C ALA E 190 24.91 -69.09 11.42
N PRO E 191 26.01 -69.86 11.46
CA PRO E 191 27.20 -69.47 10.71
C PRO E 191 27.05 -69.60 9.20
N PHE E 192 28.18 -69.43 8.48
CA PHE E 192 28.29 -69.27 7.04
C PHE E 192 27.34 -70.09 6.18
N PRO E 193 27.09 -71.37 6.46
CA PRO E 193 26.13 -72.11 5.62
C PRO E 193 24.73 -71.51 5.61
N TYR E 194 24.31 -70.89 6.71
CA TYR E 194 22.97 -70.31 6.83
C TYR E 194 21.90 -71.36 6.60
N THR E 195 22.10 -72.53 7.22
CA THR E 195 21.14 -73.62 7.20
C THR E 195 21.00 -74.16 8.61
N TYR E 196 19.92 -74.84 8.85
CA TYR E 196 19.66 -75.20 10.18
C TYR E 196 20.59 -76.22 10.69
N ASN E 197 20.94 -77.18 9.87
CA ASN E 197 21.79 -78.26 10.31
C ASN E 197 23.21 -77.95 9.98
N GLY E 198 23.45 -77.46 8.78
CA GLY E 198 24.78 -77.06 8.40
C GLY E 198 25.08 -77.67 7.09
N MET E 199 26.31 -78.06 6.88
CA MET E 199 26.63 -78.76 5.66
C MET E 199 25.76 -79.95 5.53
N SER E 200 25.06 -80.36 6.57
CA SER E 200 24.26 -81.57 6.39
C SER E 200 23.06 -81.35 5.48
N ASP E 201 22.54 -80.12 5.40
CA ASP E 201 21.41 -79.86 4.51
C ASP E 201 21.86 -79.75 3.06
N LEU E 202 23.02 -79.13 2.82
CA LEU E 202 23.57 -79.14 1.47
C LEU E 202 23.99 -80.53 1.04
N VAL E 203 24.42 -81.36 2.00
CA VAL E 203 24.85 -82.73 1.73
C VAL E 203 24.08 -83.66 2.66
N PRO E 204 22.89 -84.15 2.28
CA PRO E 204 22.12 -85.01 3.20
C PRO E 204 22.81 -86.33 3.51
N VAL E 205 23.80 -86.74 2.72
CA VAL E 205 24.54 -87.97 3.01
C VAL E 205 25.24 -87.87 4.35
N LEU E 206 25.71 -86.68 4.72
CA LEU E 206 26.34 -86.46 6.02
C LEU E 206 25.36 -86.74 7.14
N ALA F 30 0.10 44.79 -27.47
CA ALA F 30 0.09 46.04 -28.27
C ALA F 30 0.50 47.23 -27.40
N GLY F 31 1.64 47.10 -26.73
CA GLY F 31 2.16 48.14 -25.88
C GLY F 31 3.37 47.69 -25.10
N PRO F 32 3.89 48.57 -24.24
CA PRO F 32 5.05 48.17 -23.41
C PRO F 32 4.78 46.98 -22.52
N MET F 33 3.55 46.83 -22.04
CA MET F 33 3.24 45.76 -21.10
C MET F 33 3.21 44.42 -21.81
N TYR F 34 3.68 43.38 -21.11
CA TYR F 34 3.63 42.03 -21.65
C TYR F 34 2.21 41.53 -21.84
N ASP F 35 1.27 42.04 -21.04
CA ASP F 35 -0.13 41.66 -21.10
C ASP F 35 -0.97 42.90 -21.39
N GLU F 36 -2.05 42.70 -22.12
CA GLU F 36 -3.03 43.76 -22.28
C GLU F 36 -3.65 44.07 -20.92
N PRO F 37 -3.90 45.34 -20.59
CA PRO F 37 -4.59 45.63 -19.32
C PRO F 37 -5.98 45.01 -19.30
N LEU F 38 -6.39 44.54 -18.11
CA LEU F 38 -7.74 44.01 -17.96
C LEU F 38 -8.79 45.09 -18.06
N ALA F 39 -8.42 46.36 -17.95
CA ALA F 39 -9.36 47.43 -18.25
C ALA F 39 -9.76 47.31 -19.73
N PRO F 40 -11.03 47.53 -20.07
CA PRO F 40 -11.51 47.16 -21.40
C PRO F 40 -11.13 48.18 -22.46
N SER F 41 -11.27 47.75 -23.71
CA SER F 41 -11.07 48.65 -24.84
C SER F 41 -12.19 49.69 -24.89
N GLY F 42 -11.80 50.93 -25.17
CA GLY F 42 -12.75 52.02 -25.19
C GLY F 42 -13.14 52.54 -23.82
N MET F 43 -12.54 52.01 -22.74
CA MET F 43 -12.80 52.50 -21.39
C MET F 43 -11.51 52.60 -20.57
N GLY F 44 -10.35 52.60 -21.22
CA GLY F 44 -9.09 52.81 -20.53
C GLY F 44 -7.91 52.04 -21.09
N ARG F 45 -8.16 50.96 -21.85
CA ARG F 45 -7.09 50.04 -22.23
C ARG F 45 -5.99 50.76 -23.00
N GLU F 46 -6.37 51.56 -24.00
CA GLU F 46 -5.39 52.31 -24.77
C GLU F 46 -4.71 53.39 -23.93
N PHE F 47 -5.39 53.90 -22.89
CA PHE F 47 -4.77 54.88 -22.01
C PHE F 47 -3.68 54.25 -21.15
N ILE F 48 -3.91 53.05 -20.62
CA ILE F 48 -2.88 52.38 -19.82
C ILE F 48 -1.76 51.83 -20.69
N ASN F 49 -2.08 51.24 -21.85
CA ASN F 49 -1.11 50.44 -22.60
C ASN F 49 -0.30 51.26 -23.60
N LYS F 50 -0.15 52.56 -23.38
CA LYS F 50 0.64 53.41 -24.27
C LYS F 50 2.09 53.47 -23.80
N GLU F 51 2.93 54.14 -24.58
CA GLU F 51 4.33 54.28 -24.23
C GLU F 51 4.49 55.14 -22.99
N ARG F 52 5.47 54.80 -22.16
CA ARG F 52 5.76 55.49 -20.91
C ARG F 52 7.24 55.81 -20.84
N ALA F 53 7.57 56.92 -20.18
CA ALA F 53 8.95 57.38 -20.13
C ALA F 53 9.81 56.43 -19.30
N PRO F 54 11.10 56.30 -19.59
CA PRO F 54 11.95 55.36 -18.87
C PRO F 54 12.53 55.96 -17.60
N LEU F 55 13.13 55.08 -16.79
CA LEU F 55 13.79 55.53 -15.57
C LEU F 55 15.02 56.37 -15.89
N SER F 56 15.69 56.10 -17.01
CA SER F 56 16.91 56.83 -17.34
C SER F 56 16.66 58.31 -17.59
N SER F 57 15.42 58.70 -17.90
CA SER F 57 15.07 60.09 -18.16
C SER F 57 14.64 60.83 -16.90
N TYR F 58 15.08 60.38 -15.72
CA TYR F 58 14.75 60.98 -14.44
C TYR F 58 16.03 61.32 -13.71
N VAL F 59 16.04 62.45 -13.01
CA VAL F 59 17.26 63.00 -12.41
C VAL F 59 17.36 62.40 -11.01
N GLY F 60 17.94 61.20 -10.95
CA GLY F 60 18.14 60.52 -9.69
C GLY F 60 19.45 59.76 -9.57
N ALA F 61 20.25 59.72 -10.64
CA ALA F 61 21.49 58.97 -10.62
C ALA F 61 22.46 59.58 -9.61
N SER F 62 23.22 58.71 -8.95
CA SER F 62 24.10 59.09 -7.85
C SER F 62 25.52 58.61 -8.13
N GLN F 63 26.47 59.55 -8.14
CA GLN F 63 27.87 59.19 -8.39
C GLN F 63 28.44 58.32 -7.28
N GLU F 64 27.89 58.43 -6.06
CA GLU F 64 28.46 57.70 -4.93
C GLU F 64 28.39 56.20 -5.16
N LEU F 65 27.25 55.71 -5.66
CA LEU F 65 27.15 54.29 -5.98
C LEU F 65 28.14 53.91 -7.07
N ALA F 66 28.26 54.73 -8.10
CA ALA F 66 29.28 54.55 -9.13
C ALA F 66 30.55 55.32 -8.81
N ALA F 67 31.03 55.18 -7.57
CA ALA F 67 32.28 55.77 -7.10
C ALA F 67 33.24 54.62 -6.81
N PHE F 68 33.94 54.18 -7.84
CA PHE F 68 34.99 53.17 -7.71
C PHE F 68 35.88 53.27 -8.93
N PRO F 69 37.06 52.62 -8.91
CA PRO F 69 37.94 52.68 -10.08
C PRO F 69 37.28 52.13 -11.33
N GLY F 70 37.62 52.73 -12.46
CA GLY F 70 37.04 52.35 -13.74
C GLY F 70 35.74 53.07 -14.01
N GLY F 71 34.64 52.33 -14.08
CA GLY F 71 33.34 52.92 -14.32
C GLY F 71 32.93 53.90 -13.25
N GLY F 72 32.45 55.07 -13.66
CA GLY F 72 32.04 56.07 -12.68
C GLY F 72 31.41 57.25 -13.37
N GLY F 73 30.81 58.11 -12.56
CA GLY F 73 30.09 59.27 -13.04
C GLY F 73 30.76 60.57 -12.66
N LYS F 74 30.09 61.69 -12.92
CA LYS F 74 30.62 63.01 -12.64
C LYS F 74 29.48 63.96 -12.33
N GLU F 75 29.80 65.05 -11.63
CA GLU F 75 28.83 66.06 -11.26
C GLU F 75 27.76 65.50 -10.32
N GLY F 76 28.13 64.52 -9.50
CA GLY F 76 27.23 63.93 -8.54
C GLY F 76 26.25 62.93 -9.09
N MET F 77 26.31 62.62 -10.39
CA MET F 77 25.39 61.71 -11.05
C MET F 77 26.15 60.56 -11.68
N ALA F 78 25.64 59.34 -11.51
CA ALA F 78 26.17 58.17 -12.19
C ALA F 78 25.63 58.08 -13.61
N PRO F 79 26.30 57.35 -14.50
CA PRO F 79 25.77 57.22 -15.86
C PRO F 79 24.42 56.51 -15.93
N THR F 80 24.14 55.61 -15.00
CA THR F 80 22.92 54.82 -14.99
C THR F 80 22.24 54.92 -13.63
N PRO F 81 20.93 54.68 -13.55
CA PRO F 81 20.24 54.74 -12.26
C PRO F 81 20.39 53.44 -11.49
N TRP F 82 20.04 53.51 -10.21
CA TRP F 82 20.15 52.38 -9.30
C TRP F 82 18.76 51.77 -9.11
N ASP F 83 18.63 50.48 -9.40
CA ASP F 83 17.38 49.77 -9.21
C ASP F 83 17.65 48.26 -9.20
N PRO F 84 18.28 47.74 -8.14
CA PRO F 84 18.56 46.29 -8.10
C PRO F 84 17.32 45.43 -8.18
N PHE F 85 16.22 45.85 -7.57
CA PHE F 85 14.97 45.09 -7.55
C PHE F 85 14.06 45.39 -8.73
N CYS F 86 14.40 46.37 -9.56
CA CYS F 86 13.65 46.65 -10.80
C CYS F 86 12.18 46.97 -10.52
N PHE F 87 11.92 47.68 -9.42
CA PHE F 87 10.57 48.14 -9.15
C PHE F 87 10.10 49.18 -10.17
N SER F 88 11.02 49.89 -10.81
CA SER F 88 10.64 50.91 -11.77
C SER F 88 9.89 50.31 -12.95
N GLU F 89 10.37 49.19 -13.49
CA GLU F 89 9.80 48.56 -14.67
C GLU F 89 8.87 47.40 -14.33
N LEU F 90 8.29 47.41 -13.12
CA LEU F 90 7.30 46.40 -12.78
C LEU F 90 5.94 46.66 -13.44
N TYR F 91 5.77 47.82 -14.08
CA TYR F 91 4.50 48.11 -14.75
C TYR F 91 4.28 47.14 -15.92
N LYS F 92 5.36 46.64 -16.52
CA LYS F 92 5.23 45.76 -17.68
C LYS F 92 4.51 44.46 -17.31
N VAL F 93 4.51 44.09 -16.07
CA VAL F 93 3.81 42.90 -15.66
C VAL F 93 2.36 43.21 -15.50
N SER F 94 2.04 44.26 -14.80
CA SER F 94 0.67 44.68 -14.65
C SER F 94 0.51 46.13 -14.36
N ALA F 95 -0.67 46.66 -14.58
CA ALA F 95 -0.94 48.04 -14.31
C ALA F 95 -1.44 48.19 -12.96
N ASN F 96 -1.29 47.19 -12.14
CA ASN F 96 -1.61 47.34 -10.78
C ASN F 96 -0.42 48.06 -10.23
N ASN F 97 0.81 47.75 -10.65
CA ASN F 97 1.98 48.35 -10.08
C ASN F 97 2.13 49.79 -10.54
N PRO F 98 2.71 50.68 -9.72
CA PRO F 98 2.76 52.09 -10.11
C PRO F 98 3.83 52.35 -11.18
N ASP F 99 3.70 53.51 -11.79
CA ASP F 99 4.65 53.97 -12.81
C ASP F 99 5.79 54.75 -12.14
N VAL F 100 6.87 54.92 -12.89
CA VAL F 100 8.03 55.65 -12.38
C VAL F 100 7.66 57.09 -12.04
N ALA F 101 6.68 57.66 -12.74
CA ALA F 101 6.20 58.99 -12.38
C ALA F 101 5.64 59.01 -10.97
N TRP F 102 4.78 58.03 -10.66
CA TRP F 102 4.24 57.94 -9.30
C TRP F 102 5.34 57.68 -8.29
N LEU F 103 6.30 56.83 -8.64
CA LEU F 103 7.37 56.51 -7.69
C LEU F 103 8.23 57.74 -7.41
N ARG F 104 8.52 58.55 -8.42
CA ARG F 104 9.28 59.78 -8.19
C ARG F 104 8.46 60.77 -7.38
N GLU F 105 7.15 60.85 -7.64
CA GLU F 105 6.30 61.73 -6.84
C GLU F 105 6.35 61.32 -5.38
N SER F 106 6.23 60.03 -5.11
CA SER F 106 6.26 59.55 -3.73
C SER F 106 7.64 59.72 -3.10
N GLU F 107 8.71 59.53 -3.89
CA GLU F 107 10.05 59.71 -3.38
C GLU F 107 10.27 61.16 -2.96
N LEU F 108 9.87 62.10 -3.82
CA LEU F 108 10.07 63.50 -3.48
C LEU F 108 9.19 63.91 -2.30
N LYS F 109 7.98 63.35 -2.22
CA LYS F 109 7.12 63.63 -1.08
C LYS F 109 7.75 63.14 0.22
N HIS F 110 8.21 61.88 0.23
CA HIS F 110 8.84 61.34 1.42
C HIS F 110 10.10 62.12 1.78
N GLY F 111 10.89 62.49 0.77
CA GLY F 111 12.10 63.24 1.03
C GLY F 111 11.83 64.60 1.63
N ARG F 112 10.87 65.33 1.07
CA ARG F 112 10.52 66.64 1.60
C ARG F 112 9.99 66.53 3.03
N MET F 113 9.10 65.57 3.26
CA MET F 113 8.56 65.38 4.61
C MET F 113 9.65 65.00 5.59
N ALA F 114 10.58 64.14 5.18
CA ALA F 114 11.65 63.72 6.05
C ALA F 114 12.64 64.84 6.32
N MET F 115 12.88 65.71 5.33
CA MET F 115 13.75 66.85 5.56
C MET F 115 13.13 67.78 6.61
N LEU F 116 11.85 68.08 6.47
CA LEU F 116 11.20 68.89 7.48
C LEU F 116 11.20 68.19 8.83
N ALA F 117 11.01 66.87 8.83
CA ALA F 117 10.95 66.14 10.09
C ALA F 117 12.30 66.11 10.80
N ILE F 118 13.37 65.85 10.06
CA ILE F 118 14.70 65.77 10.68
C ILE F 118 15.13 67.15 11.16
N THR F 119 14.84 68.20 10.37
CA THR F 119 15.14 69.55 10.84
C THR F 119 14.34 69.88 12.08
N GLY F 120 13.07 69.45 12.12
CA GLY F 120 12.24 69.74 13.27
C GLY F 120 12.73 69.07 14.53
N VAL F 121 13.07 67.78 14.45
CA VAL F 121 13.55 67.09 15.63
C VAL F 121 14.90 67.66 16.07
N MET F 122 15.78 67.98 15.12
CA MET F 122 17.07 68.55 15.49
C MET F 122 16.90 69.90 16.18
N VAL F 123 15.99 70.74 15.69
CA VAL F 123 15.80 72.05 16.30
C VAL F 123 15.10 71.90 17.66
N GLN F 124 14.14 70.99 17.76
CA GLN F 124 13.39 70.85 19.01
C GLN F 124 14.25 70.27 20.12
N SER F 125 15.12 69.31 19.80
CA SER F 125 15.90 68.65 20.82
C SER F 125 16.89 69.59 21.52
N THR F 126 17.24 70.71 20.88
CA THR F 126 18.07 71.70 21.54
C THR F 126 17.35 72.43 22.68
N GLY F 127 16.03 72.28 22.78
CA GLY F 127 15.25 72.97 23.79
C GLY F 127 14.60 74.25 23.32
N PHE F 128 14.97 74.75 22.15
CA PHE F 128 14.33 75.95 21.62
C PHE F 128 12.86 75.68 21.34
N HIS F 129 12.01 76.61 21.78
CA HIS F 129 10.58 76.45 21.65
C HIS F 129 9.94 77.83 21.55
N LEU F 130 8.71 77.85 21.05
CA LEU F 130 7.99 79.09 20.88
C LEU F 130 7.56 79.63 22.25
N PRO F 131 7.19 80.91 22.34
CA PRO F 131 6.95 81.51 23.67
C PRO F 131 5.89 80.81 24.50
N GLY F 132 4.71 80.56 23.95
CA GLY F 132 3.65 79.94 24.70
C GLY F 132 2.91 80.92 25.58
N ASN F 133 1.88 80.40 26.25
CA ASN F 133 1.07 81.18 27.18
C ASN F 133 0.45 80.23 28.19
N ALA F 134 -0.58 80.69 28.90
CA ALA F 134 -1.28 79.83 29.84
C ALA F 134 -1.90 78.62 29.15
N GLU F 135 -2.52 78.84 27.98
CA GLU F 135 -3.23 77.76 27.31
C GLU F 135 -2.27 76.73 26.73
N VAL F 136 -1.23 77.18 26.04
CA VAL F 136 -0.32 76.31 25.28
C VAL F 136 1.06 76.36 25.92
N SER F 137 1.71 75.21 25.97
CA SER F 137 3.09 75.09 26.44
C SER F 137 3.87 74.27 25.41
N PHE F 138 4.74 74.94 24.66
CA PHE F 138 5.54 74.30 23.63
C PHE F 138 6.86 73.75 24.16
N ALA F 139 7.00 73.60 25.48
CA ALA F 139 8.26 73.17 26.09
C ALA F 139 8.23 71.66 26.24
N ASN F 140 8.86 70.96 25.29
CA ASN F 140 9.00 69.51 25.38
C ASN F 140 10.07 69.08 24.41
N SER F 141 11.13 68.45 24.93
CA SER F 141 12.24 68.00 24.10
C SER F 141 12.03 66.60 23.53
N ASP F 142 11.10 65.82 24.08
CA ASP F 142 10.83 64.48 23.58
C ASP F 142 10.05 64.60 22.27
N TRP F 143 10.75 64.45 21.16
CA TRP F 143 10.12 64.61 19.85
C TRP F 143 9.04 63.57 19.61
N VAL F 144 9.18 62.37 20.19
CA VAL F 144 8.16 61.34 20.01
C VAL F 144 6.86 61.77 20.67
N SER F 145 6.94 62.31 21.88
CA SER F 145 5.77 62.73 22.65
C SER F 145 5.53 64.23 22.59
N ALA F 146 6.27 64.95 21.74
CA ALA F 146 6.04 66.40 21.59
C ALA F 146 4.62 66.72 21.16
N PRO F 147 4.04 66.09 20.14
CA PRO F 147 2.64 66.40 19.81
C PRO F 147 1.66 66.10 20.93
N THR F 148 1.94 65.10 21.76
CA THR F 148 0.99 64.72 22.81
C THR F 148 0.82 65.80 23.86
N THR F 149 1.84 66.64 24.08
CA THR F 149 1.74 67.68 25.10
C THR F 149 0.83 68.82 24.67
N LEU F 150 0.68 69.06 23.37
CA LEU F 150 -0.05 70.22 22.90
C LEU F 150 -1.54 70.06 23.17
N PRO F 151 -2.30 71.15 23.20
CA PRO F 151 -3.75 71.03 23.33
C PRO F 151 -4.35 70.43 22.06
N PRO F 152 -5.62 70.02 22.08
CA PRO F 152 -6.22 69.45 20.86
C PRO F 152 -6.21 70.41 19.68
N VAL F 153 -6.38 71.70 19.92
CA VAL F 153 -6.49 72.65 18.81
C VAL F 153 -5.15 72.83 18.10
N VAL F 154 -4.05 72.86 18.87
CA VAL F 154 -2.76 73.28 18.31
C VAL F 154 -2.27 72.29 17.26
N TRP F 155 -2.24 71.00 17.59
CA TRP F 155 -1.88 70.00 16.59
C TRP F 155 -3.02 69.74 15.62
N GLY F 156 -4.26 70.03 16.02
CA GLY F 156 -5.38 69.90 15.10
C GLY F 156 -5.23 70.81 13.90
N GLN F 157 -4.77 72.03 14.11
CA GLN F 157 -4.55 72.94 12.99
C GLN F 157 -3.47 72.41 12.05
N VAL F 158 -2.38 71.86 12.62
CA VAL F 158 -1.31 71.33 11.79
C VAL F 158 -1.82 70.17 10.94
N LEU F 159 -2.52 69.23 11.58
CA LEU F 159 -3.02 68.08 10.85
C LEU F 159 -4.06 68.49 9.81
N ALA F 160 -4.90 69.48 10.12
CA ALA F 160 -5.89 69.94 9.16
C ALA F 160 -5.23 70.61 7.97
N PHE F 161 -4.20 71.43 8.20
CA PHE F 161 -3.49 72.05 7.09
C PHE F 161 -2.85 71.00 6.20
N VAL F 162 -2.19 70.01 6.81
CA VAL F 162 -1.57 68.95 6.01
C VAL F 162 -2.63 68.18 5.24
N ALA F 163 -3.76 67.89 5.89
CA ALA F 163 -4.83 67.13 5.24
C ALA F 163 -5.40 67.89 4.04
N ILE F 164 -5.63 69.19 4.20
CA ILE F 164 -6.21 69.97 3.10
C ILE F 164 -5.20 70.10 1.96
N ALA F 165 -3.95 70.43 2.28
CA ALA F 165 -2.97 70.66 1.23
C ALA F 165 -2.63 69.37 0.50
N GLU F 166 -2.33 68.30 1.23
CA GLU F 166 -2.17 66.98 0.64
C GLU F 166 -3.56 66.45 0.37
N GLY F 167 -4.05 66.72 -0.84
CA GLY F 167 -5.44 66.46 -1.19
C GLY F 167 -5.96 67.53 -2.12
N GLN F 168 -5.48 68.78 -1.92
CA GLN F 168 -5.71 69.84 -2.88
C GLN F 168 -4.61 69.90 -3.93
N THR F 169 -3.35 69.84 -3.49
CA THR F 169 -2.24 69.79 -4.43
C THR F 169 -2.22 68.50 -5.25
N SER F 170 -2.87 67.44 -4.76
CA SER F 170 -2.90 66.15 -5.46
C SER F 170 -4.06 66.14 -6.43
N GLU F 171 -3.78 66.50 -7.68
CA GLU F 171 -4.75 66.38 -8.77
C GLU F 171 -4.02 65.81 -9.97
N GLY F 172 -4.55 64.71 -10.51
CA GLY F 172 -3.85 63.98 -11.55
C GLY F 172 -2.85 62.97 -11.05
N LEU F 173 -2.94 62.56 -9.77
CA LEU F 173 -2.03 61.54 -9.27
C LEU F 173 -2.42 60.15 -9.73
N PHE F 174 -3.73 59.89 -9.90
CA PHE F 174 -4.11 58.65 -10.57
C PHE F 174 -3.60 58.64 -12.01
N ASP F 175 -3.51 59.81 -12.64
CA ASP F 175 -2.83 59.89 -13.93
C ASP F 175 -1.35 59.60 -13.80
N LEU F 176 -0.61 59.96 -12.75
CA LEU F 176 0.83 59.59 -12.68
C LEU F 176 1.03 58.16 -12.36
N TRP F 177 -0.01 57.43 -12.00
CA TRP F 177 0.15 56.05 -11.59
C TRP F 177 0.11 55.21 -12.78
N LEU F 178 -0.82 55.51 -13.66
CA LEU F 178 -0.99 54.75 -14.87
C LEU F 178 0.06 55.22 -15.82
N GLY F 179 0.65 56.35 -15.54
CA GLY F 179 1.76 56.80 -16.35
C GLY F 179 1.68 58.05 -17.17
N ASP F 180 0.57 58.74 -17.15
CA ASP F 180 0.45 59.88 -18.03
C ASP F 180 1.07 61.14 -17.46
N THR F 181 2.39 61.24 -17.47
CA THR F 181 3.03 62.48 -17.03
C THR F 181 2.79 63.55 -18.04
N SER F 182 1.64 64.19 -17.97
CA SER F 182 1.27 65.23 -18.89
C SER F 182 0.72 66.36 -18.11
N LYS F 183 -0.42 66.14 -17.48
CA LYS F 183 -1.00 67.15 -16.65
C LYS F 183 -0.14 67.45 -15.45
N ARG F 184 0.48 66.45 -14.86
CA ARG F 184 1.26 66.69 -13.65
C ARG F 184 2.66 66.15 -13.84
N GLU F 185 3.66 66.99 -13.56
CA GLU F 185 5.04 66.52 -13.49
C GLU F 185 5.31 65.95 -12.10
N PRO F 186 6.07 64.85 -11.97
CA PRO F 186 6.34 64.34 -10.62
C PRO F 186 7.15 65.33 -9.79
N GLY F 187 6.56 65.74 -8.66
CA GLY F 187 7.23 66.60 -7.72
C GLY F 187 7.05 68.09 -7.95
N ASN F 188 6.39 68.48 -9.05
CA ASN F 188 6.20 69.89 -9.38
C ASN F 188 4.83 70.33 -8.89
N LEU F 189 4.78 70.77 -7.63
CA LEU F 189 3.56 71.35 -7.08
C LEU F 189 3.35 72.80 -7.51
N GLY F 190 4.30 73.39 -8.23
CA GLY F 190 4.22 74.79 -8.60
C GLY F 190 4.66 75.75 -7.53
N TRP F 191 5.16 75.27 -6.40
CA TRP F 191 5.62 76.12 -5.31
C TRP F 191 7.08 76.44 -5.56
N GLY F 192 7.37 77.68 -5.94
CA GLY F 192 8.74 78.09 -6.14
C GLY F 192 9.43 77.41 -7.30
N SER F 193 8.68 76.89 -8.27
CA SER F 193 9.29 76.27 -9.43
C SER F 193 9.98 77.28 -10.33
N GLY F 194 9.62 78.56 -10.23
CA GLY F 194 10.25 79.57 -11.06
C GLY F 194 11.70 79.82 -10.72
N LEU F 195 12.11 79.56 -9.48
CA LEU F 195 13.50 79.75 -9.09
C LEU F 195 14.43 78.70 -9.69
N LEU F 196 13.90 77.65 -10.31
CA LEU F 196 14.77 76.69 -10.99
C LEU F 196 15.49 77.38 -12.14
N SER F 197 16.75 77.05 -12.31
CA SER F 197 17.56 77.70 -13.33
C SER F 197 17.05 77.34 -14.71
N LYS F 198 17.29 78.25 -15.67
CA LYS F 198 16.81 78.02 -17.03
C LYS F 198 17.66 76.98 -17.74
N ASP F 199 18.95 76.89 -17.39
CA ASP F 199 19.81 75.89 -18.00
C ASP F 199 19.42 74.49 -17.54
N LYS F 200 19.35 73.57 -18.49
CA LYS F 200 18.94 72.20 -18.18
C LYS F 200 19.92 71.54 -17.22
N LYS F 201 21.22 71.76 -17.43
CA LYS F 201 22.23 71.13 -16.59
C LYS F 201 22.09 71.59 -15.14
N ALA F 202 21.94 72.90 -14.93
CA ALA F 202 21.84 73.42 -13.56
C ALA F 202 20.50 73.05 -12.93
N ALA F 203 19.42 73.02 -13.72
CA ALA F 203 18.14 72.57 -13.17
C ALA F 203 18.21 71.14 -12.70
N ASP F 204 18.84 70.27 -13.51
CA ASP F 204 19.00 68.88 -13.11
C ASP F 204 19.92 68.76 -11.91
N LYS F 205 20.95 69.61 -11.84
CA LYS F 205 21.83 69.62 -10.67
C LYS F 205 21.06 69.95 -9.40
N MET F 206 20.21 70.98 -9.45
CA MET F 206 19.42 71.35 -8.28
C MET F 206 18.43 70.25 -7.92
N ARG F 207 17.79 69.63 -8.91
CA ARG F 207 16.87 68.55 -8.63
C ARG F 207 17.59 67.37 -7.99
N LEU F 208 18.80 67.07 -8.45
CA LEU F 208 19.58 65.99 -7.88
C LEU F 208 20.00 66.32 -6.44
N LYS F 209 20.35 67.58 -6.19
CA LYS F 209 20.64 68.00 -4.81
C LYS F 209 19.43 67.79 -3.92
N GLU F 210 18.25 68.16 -4.42
CA GLU F 210 17.00 67.92 -3.69
C GLU F 210 16.85 66.45 -3.37
N LEU F 211 17.00 65.59 -4.38
CA LEU F 211 16.77 64.16 -4.16
C LEU F 211 17.77 63.59 -3.17
N LYS F 212 19.04 64.00 -3.27
CA LYS F 212 20.06 63.47 -2.39
C LYS F 212 19.81 63.89 -0.95
N ASN F 213 19.50 65.18 -0.74
CA ASN F 213 19.21 65.64 0.62
C ASN F 213 17.96 64.98 1.17
N GLY F 214 16.94 64.79 0.32
CA GLY F 214 15.74 64.12 0.78
C GLY F 214 16.00 62.68 1.20
N ARG F 215 16.79 61.96 0.41
CA ARG F 215 17.09 60.57 0.76
C ARG F 215 17.93 60.49 2.03
N LEU F 216 18.90 61.39 2.18
CA LEU F 216 19.69 61.43 3.40
C LEU F 216 18.81 61.74 4.61
N ALA F 217 17.87 62.67 4.46
CA ALA F 217 16.99 63.02 5.57
C ALA F 217 16.05 61.86 5.91
N MET F 218 15.58 61.14 4.89
CA MET F 218 14.76 59.96 5.14
C MET F 218 15.52 58.93 5.95
N LEU F 219 16.75 58.62 5.53
CA LEU F 219 17.57 57.69 6.29
C LEU F 219 17.80 58.20 7.71
N ALA F 220 18.06 59.49 7.86
CA ALA F 220 18.35 60.05 9.18
C ALA F 220 17.16 59.95 10.11
N ILE F 221 15.98 60.37 9.64
CA ILE F 221 14.81 60.39 10.51
C ILE F 221 14.40 58.96 10.86
N MET F 222 14.42 58.05 9.89
CA MET F 222 14.06 56.67 10.23
C MET F 222 15.11 56.04 11.12
N GLY F 223 16.38 56.44 10.99
CA GLY F 223 17.40 55.92 11.88
C GLY F 223 17.22 56.41 13.30
N VAL F 224 16.86 57.69 13.46
CA VAL F 224 16.60 58.21 14.80
C VAL F 224 15.37 57.52 15.40
N ALA F 225 14.33 57.30 14.59
CA ALA F 225 13.15 56.60 15.09
C ALA F 225 13.49 55.16 15.50
N ALA F 226 14.29 54.47 14.69
CA ALA F 226 14.68 53.10 15.04
C ALA F 226 15.56 53.09 16.28
N ASN F 227 16.45 54.08 16.42
CA ASN F 227 17.26 54.18 17.62
C ASN F 227 16.40 54.38 18.85
N HIS F 228 15.36 55.21 18.73
CA HIS F 228 14.46 55.41 19.86
C HIS F 228 13.71 54.13 20.21
N PHE F 229 13.17 53.45 19.20
CA PHE F 229 12.36 52.26 19.48
C PHE F 229 13.21 51.14 20.04
N ILE F 230 14.32 50.81 19.37
CA ILE F 230 15.31 49.86 19.88
C ILE F 230 16.63 50.64 20.03
N PRO F 231 17.19 50.78 21.24
CA PRO F 231 18.47 51.48 21.35
C PRO F 231 19.59 50.72 20.65
N GLY F 232 20.58 51.49 20.17
CA GLY F 232 21.72 50.93 19.49
C GLY F 232 21.56 50.76 17.99
N ALA F 233 20.39 51.07 17.43
CA ALA F 233 20.21 50.95 15.99
C ALA F 233 21.10 51.94 15.25
N LEU F 234 21.22 53.16 15.77
CA LEU F 234 22.08 54.20 15.20
C LEU F 234 23.16 54.55 16.23
N PRO F 235 24.38 54.01 16.12
CA PRO F 235 25.38 54.28 17.18
C PRO F 235 25.77 55.73 17.32
N GLY F 236 25.64 56.52 16.25
CA GLY F 236 26.03 57.93 16.30
C GLY F 236 24.94 58.85 16.82
N CYS F 237 23.90 58.27 17.42
CA CYS F 237 22.77 59.06 17.87
C CYS F 237 23.15 59.99 19.01
N ILE F 238 22.41 61.10 19.11
CA ILE F 238 22.41 61.97 20.28
C ILE F 238 21.02 62.21 20.85
N TYR F 239 19.97 61.76 20.16
CA TYR F 239 18.59 61.98 20.59
C TYR F 239 18.00 60.71 21.16
N GLY G 31 -49.51 -72.75 -27.97
CA GLY G 31 -49.16 -74.18 -28.22
C GLY G 31 -49.22 -75.03 -26.97
N VAL G 32 -50.39 -75.06 -26.33
CA VAL G 32 -50.55 -75.83 -25.10
C VAL G 32 -50.42 -77.32 -25.39
N GLU G 33 -50.92 -77.76 -26.55
CA GLU G 33 -50.77 -79.15 -26.95
C GLU G 33 -49.36 -79.47 -27.44
N ASP G 34 -48.64 -78.47 -27.94
CA ASP G 34 -47.29 -78.70 -28.44
C ASP G 34 -46.36 -79.06 -27.29
N MET G 35 -46.52 -78.43 -26.13
CA MET G 35 -45.60 -78.63 -25.02
C MET G 35 -45.69 -80.05 -24.48
N VAL G 36 -44.55 -80.54 -23.99
CA VAL G 36 -44.46 -81.86 -23.38
C VAL G 36 -44.86 -81.73 -21.91
N GLY G 37 -45.54 -82.75 -21.39
CA GLY G 37 -45.97 -82.75 -20.01
C GLY G 37 -47.30 -83.42 -19.75
N ALA G 38 -48.02 -83.79 -20.82
CA ALA G 38 -49.30 -84.46 -20.65
C ALA G 38 -49.12 -85.80 -19.94
N SER G 39 -49.56 -85.89 -18.70
CA SER G 39 -49.36 -87.08 -17.87
C SER G 39 -50.51 -88.06 -18.11
N VAL G 40 -50.18 -89.22 -18.68
CA VAL G 40 -51.20 -90.20 -19.03
C VAL G 40 -51.93 -90.71 -17.79
N GLU G 41 -51.30 -90.63 -16.62
CA GLU G 41 -51.95 -91.10 -15.40
C GLU G 41 -53.23 -90.32 -15.11
N VAL G 42 -53.19 -89.00 -15.29
CA VAL G 42 -54.34 -88.15 -15.00
C VAL G 42 -55.20 -87.92 -16.24
N SER G 43 -54.61 -87.87 -17.43
CA SER G 43 -55.37 -87.61 -18.65
C SER G 43 -54.45 -87.82 -19.85
N ASN G 44 -55.01 -88.38 -20.93
CA ASN G 44 -54.22 -88.60 -22.14
C ASN G 44 -53.69 -87.31 -22.75
N LYS G 45 -54.37 -86.19 -22.52
CA LYS G 45 -54.02 -84.88 -23.06
C LYS G 45 -53.70 -83.92 -21.92
N VAL G 46 -53.54 -82.64 -22.26
CA VAL G 46 -53.24 -81.63 -21.25
C VAL G 46 -54.36 -81.56 -20.24
N TRP G 47 -54.01 -81.58 -18.96
CA TRP G 47 -54.97 -81.57 -17.85
C TRP G 47 -55.00 -80.17 -17.27
N ASP G 48 -55.98 -79.38 -17.70
CA ASP G 48 -56.16 -77.99 -17.26
C ASP G 48 -57.60 -77.82 -16.84
N PRO G 49 -57.96 -78.24 -15.61
CA PRO G 49 -59.37 -78.15 -15.19
C PRO G 49 -59.96 -76.75 -15.27
N LEU G 50 -59.28 -75.75 -14.72
CA LEU G 50 -59.83 -74.41 -14.58
C LEU G 50 -59.59 -73.53 -15.80
N LYS G 51 -59.04 -74.07 -16.89
CA LYS G 51 -58.88 -73.36 -18.16
C LYS G 51 -58.06 -72.08 -17.97
N LEU G 52 -56.85 -72.24 -17.45
CA LEU G 52 -55.94 -71.11 -17.26
C LEU G 52 -55.06 -70.85 -18.47
N SER G 53 -54.90 -71.84 -19.36
CA SER G 53 -54.15 -71.68 -20.59
C SER G 53 -55.02 -71.44 -21.81
N ALA G 54 -56.35 -71.33 -21.63
CA ALA G 54 -57.23 -71.09 -22.77
C ALA G 54 -56.94 -69.73 -23.41
N LYS G 55 -56.70 -68.72 -22.60
CA LYS G 55 -56.36 -67.37 -23.05
C LYS G 55 -54.96 -67.05 -22.56
N MET G 56 -53.95 -67.46 -23.33
CA MET G 56 -52.56 -67.22 -22.95
C MET G 56 -51.72 -67.10 -24.22
N ASP G 57 -50.67 -66.30 -24.14
CA ASP G 57 -49.78 -66.04 -25.27
C ASP G 57 -48.69 -67.10 -25.28
N GLU G 58 -48.07 -67.27 -26.45
CA GLU G 58 -46.99 -68.24 -26.60
C GLU G 58 -45.83 -67.87 -25.69
N GLY G 59 -45.48 -66.58 -25.64
CA GLY G 59 -44.43 -66.14 -24.74
C GLY G 59 -44.77 -66.40 -23.28
N ASN G 60 -46.02 -66.11 -22.89
CA ASN G 60 -46.43 -66.38 -21.52
C ASN G 60 -46.55 -67.87 -21.26
N LEU G 61 -46.89 -68.66 -22.27
CA LEU G 61 -46.87 -70.11 -22.10
C LEU G 61 -45.46 -70.60 -21.82
N ASN G 62 -44.48 -70.08 -22.56
CA ASN G 62 -43.09 -70.43 -22.29
C ASN G 62 -42.67 -69.98 -20.90
N LEU G 63 -43.11 -68.79 -20.49
CA LEU G 63 -42.79 -68.29 -19.15
C LEU G 63 -43.38 -69.20 -18.08
N VAL G 64 -44.62 -69.65 -18.26
CA VAL G 64 -45.27 -70.51 -17.27
C VAL G 64 -44.58 -71.87 -17.24
N ARG G 65 -44.18 -72.39 -18.40
CA ARG G 65 -43.44 -73.66 -18.40
C ARG G 65 -42.08 -73.50 -17.71
N ALA G 66 -41.42 -72.37 -17.94
CA ALA G 66 -40.15 -72.13 -17.25
C ALA G 66 -40.34 -72.09 -15.75
N ALA G 67 -41.43 -71.46 -15.29
CA ALA G 67 -41.72 -71.43 -13.86
C ALA G 67 -42.02 -72.82 -13.34
N GLU G 68 -42.79 -73.63 -14.10
CA GLU G 68 -43.07 -75.00 -13.70
C GLU G 68 -41.78 -75.79 -13.54
N LEU G 69 -40.87 -75.67 -14.51
CA LEU G 69 -39.62 -76.41 -14.46
C LEU G 69 -38.76 -75.94 -13.31
N LYS G 70 -38.73 -74.64 -13.04
CA LYS G 70 -37.92 -74.14 -11.92
C LYS G 70 -38.49 -74.62 -10.60
N HIS G 71 -39.81 -74.62 -10.45
CA HIS G 71 -40.43 -75.19 -9.27
C HIS G 71 -40.08 -76.66 -9.13
N CYS G 72 -40.14 -77.40 -10.24
CA CYS G 72 -39.83 -78.82 -10.22
C CYS G 72 -38.41 -79.05 -9.72
N ARG G 73 -37.46 -78.36 -10.34
CA ARG G 73 -36.04 -78.57 -10.05
C ARG G 73 -35.70 -78.14 -8.63
N VAL G 74 -36.31 -77.05 -8.15
CA VAL G 74 -36.10 -76.68 -6.76
C VAL G 74 -36.72 -77.70 -5.82
N ALA G 75 -37.87 -78.28 -6.20
CA ALA G 75 -38.54 -79.25 -5.33
C ALA G 75 -37.72 -80.51 -5.17
N MET G 76 -37.12 -81.02 -6.25
CA MET G 76 -36.32 -82.24 -6.13
C MET G 76 -35.13 -82.01 -5.20
N LEU G 77 -34.42 -80.89 -5.41
CA LEU G 77 -33.25 -80.60 -4.58
C LEU G 77 -33.66 -80.40 -3.13
N ALA G 78 -34.79 -79.73 -2.89
CA ALA G 78 -35.26 -79.54 -1.53
C ALA G 78 -35.65 -80.86 -0.88
N THR G 79 -36.27 -81.76 -1.64
CA THR G 79 -36.62 -83.07 -1.08
C THR G 79 -35.38 -83.86 -0.70
N VAL G 80 -34.36 -83.84 -1.56
CA VAL G 80 -33.12 -84.56 -1.25
C VAL G 80 -32.42 -83.92 -0.06
N GLY G 81 -32.43 -82.58 0.01
CA GLY G 81 -31.85 -81.92 1.17
C GLY G 81 -32.57 -82.25 2.46
N TRP G 82 -33.90 -82.33 2.40
CA TRP G 82 -34.67 -82.75 3.56
C TRP G 82 -34.30 -84.17 3.98
N ALA G 83 -34.18 -85.07 3.00
CA ALA G 83 -33.85 -86.45 3.31
C ALA G 83 -32.46 -86.55 3.95
N TRP G 84 -31.52 -85.75 3.45
CA TRP G 84 -30.15 -85.80 3.99
C TRP G 84 -30.09 -85.20 5.40
N THR G 85 -30.69 -84.03 5.59
CA THR G 85 -30.57 -83.34 6.87
C THR G 85 -31.41 -84.02 7.96
N ALA G 86 -32.56 -84.59 7.60
CA ALA G 86 -33.39 -85.26 8.59
C ALA G 86 -32.81 -86.60 9.02
N THR G 87 -32.12 -87.29 8.11
CA THR G 87 -31.53 -88.58 8.41
C THR G 87 -30.28 -88.48 9.28
N GLY G 88 -29.71 -87.28 9.40
CA GLY G 88 -28.52 -87.04 10.22
C GLY G 88 -27.28 -86.65 9.45
N THR G 89 -27.38 -86.42 8.14
CA THR G 89 -26.21 -86.06 7.36
C THR G 89 -25.92 -84.57 7.50
N HIS G 90 -24.65 -84.26 7.77
CA HIS G 90 -24.25 -82.86 7.96
C HIS G 90 -22.74 -82.78 7.79
N PHE G 91 -22.25 -81.55 7.59
CA PHE G 91 -20.82 -81.32 7.46
C PHE G 91 -20.14 -81.46 8.83
N GLU G 92 -18.83 -81.38 8.85
CA GLU G 92 -18.13 -81.47 10.11
C GLU G 92 -17.51 -80.15 10.28
N GLY G 93 -18.20 -79.25 10.97
CA GLY G 93 -17.68 -77.92 11.06
C GLY G 93 -18.40 -76.83 11.78
N MET G 94 -17.87 -75.63 11.63
CA MET G 94 -18.47 -74.48 12.25
C MET G 94 -18.90 -73.57 11.15
N LEU G 95 -20.13 -73.08 11.22
CA LEU G 95 -20.67 -72.26 10.16
C LEU G 95 -20.31 -70.80 10.33
N SER G 96 -19.96 -70.37 11.54
CA SER G 96 -19.56 -69.00 11.80
C SER G 96 -18.62 -68.98 12.99
N THR G 97 -17.39 -68.50 12.78
CA THR G 97 -16.43 -68.41 13.87
C THR G 97 -16.82 -67.31 14.85
N SER G 98 -17.40 -66.23 14.37
CA SER G 98 -17.72 -65.08 15.20
C SER G 98 -19.10 -65.17 15.86
N GLN G 99 -19.84 -66.27 15.66
CA GLN G 99 -21.18 -66.41 16.22
C GLN G 99 -21.40 -67.77 16.88
N GLY G 100 -20.38 -68.63 16.95
CA GLY G 100 -20.49 -69.89 17.66
C GLY G 100 -21.54 -70.82 17.11
N ILE G 101 -21.55 -71.00 15.79
CA ILE G 101 -22.52 -71.83 15.10
C ILE G 101 -21.82 -73.08 14.57
N SER G 102 -22.58 -74.15 14.42
CA SER G 102 -22.05 -75.41 13.91
C SER G 102 -23.12 -76.12 13.09
N PHE G 103 -22.65 -76.92 12.13
CA PHE G 103 -23.58 -77.70 11.30
C PHE G 103 -24.31 -78.74 12.14
N ALA G 104 -23.63 -79.34 13.12
CA ALA G 104 -24.24 -80.39 13.93
C ALA G 104 -25.43 -79.86 14.70
N ASP G 105 -25.35 -78.62 15.18
CA ASP G 105 -26.49 -78.05 15.90
C ASP G 105 -27.69 -77.88 14.97
N ALA G 106 -27.44 -77.41 13.75
CA ALA G 106 -28.53 -77.26 12.79
C ALA G 106 -29.15 -78.61 12.45
N CYS G 107 -28.32 -79.62 12.25
CA CYS G 107 -28.84 -80.95 11.93
C CYS G 107 -29.63 -81.54 13.09
N ALA G 108 -29.15 -81.36 14.32
CA ALA G 108 -29.85 -81.89 15.48
C ALA G 108 -31.17 -81.17 15.70
N ALA G 109 -31.21 -79.86 15.43
CA ALA G 109 -32.45 -79.10 15.60
C ALA G 109 -33.53 -79.60 14.65
N GLY G 110 -33.16 -79.95 13.43
CA GLY G 110 -34.09 -80.37 12.39
C GLY G 110 -34.04 -79.41 11.23
N PRO G 111 -34.70 -79.76 10.11
CA PRO G 111 -34.63 -78.88 8.94
C PRO G 111 -35.30 -77.53 9.17
N LEU G 112 -36.56 -77.54 9.61
CA LEU G 112 -37.30 -76.30 9.78
C LEU G 112 -36.68 -75.41 10.84
N LEU G 113 -36.08 -76.04 11.82
CA LEU G 113 -35.53 -75.33 12.92
C LEU G 113 -34.10 -75.06 12.63
N GLY G 114 -33.37 -76.11 12.33
CA GLY G 114 -31.96 -75.93 12.10
C GLY G 114 -31.76 -74.76 11.20
N ALA G 115 -32.57 -74.69 10.17
CA ALA G 115 -32.46 -73.61 9.23
C ALA G 115 -32.60 -72.34 9.97
N ALA G 116 -33.65 -72.25 10.76
CA ALA G 116 -33.90 -71.05 11.51
C ALA G 116 -32.66 -70.79 12.28
N LYS G 117 -31.87 -71.84 12.46
CA LYS G 117 -30.64 -71.73 13.18
C LYS G 117 -29.50 -71.55 12.18
N VAL G 118 -29.47 -70.44 11.47
CA VAL G 118 -28.36 -70.15 10.57
C VAL G 118 -28.23 -68.66 10.65
N PRO G 119 -27.06 -68.12 10.40
CA PRO G 119 -27.04 -66.67 10.56
C PRO G 119 -27.83 -65.98 9.51
N ALA G 120 -28.33 -64.81 9.76
CA ALA G 120 -29.01 -64.16 8.66
C ALA G 120 -28.04 -63.76 7.56
N VAL G 121 -26.79 -63.42 7.92
CA VAL G 121 -25.81 -63.01 6.91
C VAL G 121 -25.50 -64.15 5.96
N GLY G 122 -25.32 -65.36 6.49
CA GLY G 122 -25.10 -66.51 5.63
C GLY G 122 -26.28 -66.78 4.71
N VAL G 123 -27.50 -66.61 5.24
CA VAL G 123 -28.70 -66.80 4.42
C VAL G 123 -28.71 -65.79 3.28
N TRP G 124 -28.43 -64.53 3.60
CA TRP G 124 -28.40 -63.51 2.56
C TRP G 124 -27.31 -63.79 1.53
N GLN G 125 -26.18 -64.34 1.97
CA GLN G 125 -25.12 -64.68 1.01
C GLN G 125 -25.58 -65.82 0.10
N ILE G 126 -26.28 -66.81 0.64
CA ILE G 126 -26.81 -67.90 -0.19
C ILE G 126 -27.78 -67.34 -1.23
N ILE G 127 -28.73 -66.50 -0.78
CA ILE G 127 -29.71 -65.96 -1.71
C ILE G 127 -29.02 -65.03 -2.71
N ALA G 128 -27.95 -64.35 -2.31
CA ALA G 128 -27.23 -63.49 -3.24
C ALA G 128 -26.53 -64.30 -4.32
N ALA G 129 -25.93 -65.42 -3.94
CA ALA G 129 -25.32 -66.29 -4.95
C ALA G 129 -26.38 -66.84 -5.91
N ILE G 130 -27.52 -67.28 -5.37
CA ILE G 130 -28.58 -67.79 -6.23
C ILE G 130 -29.09 -66.68 -7.13
N GLY G 131 -29.17 -65.46 -6.61
CA GLY G 131 -29.63 -64.34 -7.43
C GLY G 131 -28.66 -63.98 -8.53
N ALA G 132 -27.36 -64.05 -8.24
CA ALA G 132 -26.37 -63.81 -9.28
C ALA G 132 -26.49 -64.85 -10.38
N LEU G 133 -26.64 -66.12 -9.99
CA LEU G 133 -26.82 -67.17 -10.99
C LEU G 133 -28.07 -66.95 -11.81
N GLU G 134 -29.18 -66.57 -11.16
CA GLU G 134 -30.43 -66.38 -11.88
C GLU G 134 -30.37 -65.17 -12.79
N VAL G 135 -29.74 -64.08 -12.35
CA VAL G 135 -29.57 -62.91 -13.20
C VAL G 135 -28.77 -63.26 -14.44
N PHE G 136 -27.64 -63.96 -14.24
CA PHE G 136 -26.80 -64.33 -15.38
C PHE G 136 -27.54 -65.24 -16.35
N TRP G 137 -28.24 -66.25 -15.82
CA TRP G 137 -28.91 -67.22 -16.68
C TRP G 137 -30.12 -66.61 -17.38
N GLU G 138 -30.82 -65.68 -16.73
CA GLU G 138 -31.99 -65.09 -17.36
C GLU G 138 -31.57 -64.06 -18.40
N ASN G 139 -30.45 -63.37 -18.17
CA ASN G 139 -29.90 -62.53 -19.21
C ASN G 139 -29.44 -63.36 -20.40
N LYS G 140 -28.79 -64.50 -20.14
CA LYS G 140 -28.30 -65.35 -21.21
C LYS G 140 -29.45 -66.15 -21.85
N TYR G 141 -30.37 -66.64 -21.04
CA TYR G 141 -31.46 -67.52 -21.48
C TYR G 141 -32.77 -66.97 -20.94
N PRO G 142 -33.37 -66.00 -21.63
CA PRO G 142 -34.65 -65.44 -21.18
C PRO G 142 -35.73 -66.51 -21.08
N ALA G 143 -36.56 -66.39 -20.04
CA ALA G 143 -37.57 -67.42 -19.77
C ALA G 143 -38.62 -67.48 -20.87
N SER G 144 -39.11 -66.34 -21.32
CA SER G 144 -40.12 -66.34 -22.38
C SER G 144 -39.57 -66.91 -23.67
N GLU G 145 -38.33 -66.56 -24.01
CA GLU G 145 -37.71 -67.12 -25.21
C GLU G 145 -37.40 -68.60 -25.05
N CYS G 146 -36.83 -69.00 -23.90
CA CYS G 146 -36.47 -70.39 -23.62
C CYS G 146 -37.27 -70.85 -22.40
N ALA G 147 -38.15 -71.81 -22.61
CA ALA G 147 -39.04 -72.30 -21.55
C ALA G 147 -38.27 -73.27 -20.65
N GLY G 148 -37.38 -72.69 -19.85
CA GLY G 148 -36.59 -73.47 -18.91
C GLY G 148 -35.41 -74.21 -19.52
N ASN G 149 -35.14 -74.01 -20.81
CA ASN G 149 -34.04 -74.70 -21.49
C ASN G 149 -32.79 -73.86 -21.34
N PHE G 150 -32.05 -74.10 -20.27
CA PHE G 150 -30.79 -73.40 -20.03
C PHE G 150 -29.69 -74.11 -20.81
N GLY G 151 -28.43 -73.73 -20.56
CA GLY G 151 -27.33 -74.15 -21.41
C GLY G 151 -26.65 -75.43 -21.02
N VAL G 152 -27.25 -76.22 -20.14
CA VAL G 152 -26.62 -77.49 -19.73
C VAL G 152 -26.65 -78.43 -20.93
N PRO G 153 -25.68 -79.33 -21.08
CA PRO G 153 -25.66 -80.19 -22.26
C PRO G 153 -26.74 -81.26 -22.21
N TRP G 154 -27.06 -81.79 -23.38
CA TRP G 154 -28.16 -82.74 -23.53
C TRP G 154 -27.63 -84.17 -23.49
N VAL G 155 -28.42 -85.07 -22.91
CA VAL G 155 -28.00 -86.45 -22.73
C VAL G 155 -28.42 -87.31 -23.92
N THR G 156 -29.43 -86.91 -24.68
CA THR G 156 -29.89 -87.69 -25.82
C THR G 156 -30.42 -86.76 -26.89
N SER G 157 -30.08 -87.05 -28.15
CA SER G 157 -30.50 -86.26 -29.29
C SER G 157 -31.67 -86.86 -30.07
N ASP G 158 -32.06 -88.09 -29.79
CA ASP G 158 -33.24 -88.66 -30.45
C ASP G 158 -34.51 -87.97 -30.02
N PRO G 159 -35.29 -87.43 -30.96
CA PRO G 159 -36.49 -86.67 -30.52
C PRO G 159 -37.42 -87.45 -29.61
N ALA G 160 -37.61 -88.75 -29.87
CA ALA G 160 -38.49 -89.55 -29.03
C ALA G 160 -37.95 -89.64 -27.62
N LYS G 161 -36.66 -89.96 -27.48
CA LYS G 161 -36.04 -90.00 -26.16
C LYS G 161 -36.00 -88.61 -25.54
N MET G 162 -35.86 -87.56 -26.34
CA MET G 162 -35.86 -86.21 -25.81
C MET G 162 -37.20 -85.89 -25.14
N LYS G 163 -38.30 -86.19 -25.84
CA LYS G 163 -39.62 -85.94 -25.28
C LYS G 163 -39.89 -86.84 -24.08
N GLU G 164 -39.44 -88.09 -24.14
CA GLU G 164 -39.64 -88.99 -23.01
C GLU G 164 -38.89 -88.47 -21.78
N ILE G 165 -37.67 -87.98 -21.97
CA ILE G 165 -36.89 -87.46 -20.86
C ILE G 165 -37.53 -86.20 -20.29
N GLN G 166 -38.03 -85.32 -21.17
CA GLN G 166 -38.70 -84.11 -20.67
C GLN G 166 -39.95 -84.47 -19.87
N LEU G 167 -40.74 -85.43 -20.37
CA LEU G 167 -41.93 -85.84 -19.64
C LEU G 167 -41.57 -86.47 -18.31
N ALA G 168 -40.51 -87.28 -18.28
CA ALA G 168 -40.08 -87.87 -17.02
C ALA G 168 -39.62 -86.82 -16.04
N GLU G 169 -38.89 -85.80 -16.52
CA GLU G 169 -38.51 -84.68 -15.68
C GLU G 169 -39.74 -84.03 -15.07
N LEU G 170 -40.74 -83.74 -15.90
CA LEU G 170 -41.92 -83.03 -15.41
C LEU G 170 -42.68 -83.87 -14.40
N LYS G 171 -42.85 -85.17 -14.66
CA LYS G 171 -43.57 -86.01 -13.72
C LYS G 171 -42.83 -86.14 -12.40
N ASN G 172 -41.51 -86.35 -12.46
CA ASN G 172 -40.72 -86.43 -11.24
C ASN G 172 -40.79 -85.14 -10.46
N GLY G 173 -40.77 -84.00 -11.14
CA GLY G 173 -40.81 -82.73 -10.45
C GLY G 173 -42.17 -82.42 -9.85
N ARG G 174 -43.23 -82.82 -10.54
CA ARG G 174 -44.57 -82.72 -9.96
C ARG G 174 -44.65 -83.51 -8.66
N LEU G 175 -44.20 -84.76 -8.71
CA LEU G 175 -44.18 -85.58 -7.50
C LEU G 175 -43.28 -84.97 -6.44
N ALA G 176 -42.19 -84.33 -6.84
CA ALA G 176 -41.29 -83.70 -5.88
C ALA G 176 -41.95 -82.51 -5.19
N MET G 177 -42.71 -81.71 -5.96
CA MET G 177 -43.47 -80.61 -5.36
C MET G 177 -44.44 -81.16 -4.30
N ILE G 178 -45.23 -82.17 -4.69
CA ILE G 178 -46.19 -82.74 -3.76
C ILE G 178 -45.47 -83.31 -2.54
N GLY G 179 -44.31 -83.94 -2.76
CA GLY G 179 -43.57 -84.53 -1.65
C GLY G 179 -43.02 -83.50 -0.69
N ILE G 180 -42.46 -82.40 -1.20
CA ILE G 180 -41.88 -81.41 -0.30
C ILE G 180 -42.97 -80.73 0.51
N ILE G 181 -44.11 -80.43 -0.13
CA ILE G 181 -45.20 -79.83 0.63
C ILE G 181 -45.76 -80.81 1.65
N SER G 182 -45.82 -82.10 1.30
CA SER G 182 -46.24 -83.11 2.26
C SER G 182 -45.30 -83.18 3.44
N PHE G 183 -43.99 -83.12 3.19
CA PHE G 183 -43.01 -83.16 4.27
C PHE G 183 -43.17 -81.95 5.18
N ALA G 184 -43.37 -80.76 4.58
CA ALA G 184 -43.56 -79.55 5.38
C ALA G 184 -44.80 -79.68 6.26
N CYS G 185 -45.91 -80.14 5.69
CA CYS G 185 -47.13 -80.30 6.48
C CYS G 185 -46.97 -81.38 7.54
N ALA G 186 -46.19 -82.43 7.24
CA ALA G 186 -46.00 -83.50 8.20
C ALA G 186 -45.21 -83.02 9.42
N GLU G 187 -44.08 -82.35 9.20
CA GLU G 187 -43.28 -81.95 10.35
C GLU G 187 -43.89 -80.76 11.08
N SER G 188 -44.42 -79.77 10.34
CA SER G 188 -45.00 -78.61 10.98
C SER G 188 -46.25 -78.99 11.78
N ILE G 189 -47.17 -79.70 11.14
CA ILE G 189 -48.38 -80.22 11.77
C ILE G 189 -48.16 -81.72 11.99
N PRO G 190 -47.98 -82.20 13.23
CA PRO G 190 -47.72 -83.64 13.40
C PRO G 190 -48.86 -84.51 12.90
N GLY G 191 -48.49 -85.65 12.33
CA GLY G 191 -49.49 -86.61 11.85
C GLY G 191 -50.35 -86.10 10.72
N SER G 192 -49.74 -85.38 9.77
CA SER G 192 -50.45 -84.85 8.61
C SER G 192 -50.22 -85.65 7.33
N VAL G 193 -49.30 -86.62 7.35
CA VAL G 193 -49.01 -87.46 6.18
C VAL G 193 -48.94 -88.90 6.70
N PRO G 194 -49.38 -89.90 5.93
CA PRO G 194 -49.40 -91.28 6.49
C PRO G 194 -48.03 -91.81 6.91
N PHE G 195 -46.96 -91.55 6.17
CA PHE G 195 -45.69 -92.23 6.38
C PHE G 195 -44.59 -91.30 6.88
N TYR G 196 -44.24 -90.27 6.10
CA TYR G 196 -43.09 -89.41 6.39
C TYR G 196 -41.85 -90.23 6.74
N PRO G 197 -41.20 -90.90 5.78
CA PRO G 197 -39.96 -91.63 6.03
C PRO G 197 -38.87 -90.78 6.70
N LYS H 31 -29.44 94.30 -15.17
CA LYS H 31 -28.61 94.49 -13.98
C LYS H 31 -29.49 94.42 -12.77
N SER H 32 -28.94 93.91 -11.66
CA SER H 32 -29.73 93.73 -10.47
C SER H 32 -29.91 95.01 -9.88
N GLN H 33 -31.12 95.25 -9.46
CA GLN H 33 -31.44 96.56 -8.92
C GLN H 33 -31.06 96.68 -7.45
N ALA H 34 -31.28 95.61 -6.68
CA ALA H 34 -30.95 95.62 -5.25
C ALA H 34 -29.46 95.79 -5.04
N LEU H 35 -28.64 95.12 -5.87
CA LEU H 35 -27.19 95.18 -5.81
C LEU H 35 -26.70 95.73 -7.15
N PRO H 36 -26.62 97.06 -7.31
CA PRO H 36 -26.29 97.62 -8.62
C PRO H 36 -24.85 97.44 -9.05
N PHE H 37 -24.00 96.80 -8.26
CA PHE H 37 -22.62 96.53 -8.67
C PHE H 37 -22.46 95.23 -9.46
N LEU H 38 -23.54 94.47 -9.65
CA LEU H 38 -23.48 93.26 -10.47
C LEU H 38 -24.86 93.02 -11.07
N GLU H 39 -24.90 92.16 -12.08
CA GLU H 39 -26.13 91.86 -12.79
C GLU H 39 -26.90 90.73 -12.12
N ALA H 40 -28.20 90.70 -12.36
CA ALA H 40 -29.06 89.69 -11.77
C ALA H 40 -28.83 88.34 -12.45
N PRO H 41 -29.23 87.23 -11.81
CA PRO H 41 -29.04 85.92 -12.46
C PRO H 41 -29.93 85.74 -13.68
N ALA H 42 -29.80 84.60 -14.36
CA ALA H 42 -30.58 84.35 -15.56
C ALA H 42 -32.04 84.08 -15.26
N LYS H 43 -32.29 83.48 -14.09
CA LYS H 43 -33.64 83.06 -13.73
C LYS H 43 -34.48 84.16 -13.15
N LEU H 44 -33.89 85.21 -12.65
CA LEU H 44 -34.70 86.31 -12.18
C LEU H 44 -34.90 87.17 -13.40
N ASP H 45 -36.09 87.15 -13.99
CA ASP H 45 -36.34 87.86 -15.24
C ASP H 45 -37.58 88.75 -15.26
N GLY H 46 -38.17 89.01 -14.11
CA GLY H 46 -39.40 89.77 -14.07
C GLY H 46 -40.61 88.88 -14.15
N SER H 47 -40.46 87.69 -14.72
CA SER H 47 -41.60 86.82 -14.91
C SER H 47 -42.33 86.60 -13.62
N MET H 48 -41.62 86.63 -12.50
CA MET H 48 -42.19 86.38 -11.19
C MET H 48 -42.42 87.69 -10.44
N ALA H 49 -43.42 87.69 -9.58
CA ALA H 49 -43.76 88.89 -8.82
C ALA H 49 -42.66 89.22 -7.81
N GLY H 50 -42.52 90.52 -7.53
CA GLY H 50 -41.53 90.96 -6.56
C GLY H 50 -40.10 90.71 -6.99
N ASP H 51 -39.83 90.81 -8.29
CA ASP H 51 -38.50 90.54 -8.84
C ASP H 51 -37.71 91.84 -8.83
N LYS H 52 -36.89 92.03 -7.80
CA LYS H 52 -35.96 93.15 -7.70
C LYS H 52 -34.55 92.77 -8.14
N GLY H 53 -34.37 91.59 -8.71
CA GLY H 53 -33.04 91.14 -9.08
C GLY H 53 -32.13 90.94 -7.90
N PHE H 54 -32.64 90.34 -6.82
CA PHE H 54 -31.90 90.14 -5.57
C PHE H 54 -31.65 88.65 -5.38
N ASP H 55 -30.42 88.22 -5.66
CA ASP H 55 -30.00 86.85 -5.42
C ASP H 55 -28.47 86.79 -5.38
N PRO H 56 -27.84 87.35 -4.34
CA PRO H 56 -26.37 87.33 -4.29
C PRO H 56 -25.76 85.95 -4.26
N LEU H 57 -26.47 84.94 -3.75
CA LEU H 57 -25.93 83.60 -3.57
C LEU H 57 -26.30 82.63 -4.68
N ASN H 58 -27.10 83.04 -5.66
CA ASN H 58 -27.50 82.19 -6.79
C ASN H 58 -28.18 80.91 -6.31
N LEU H 59 -28.97 81.03 -5.23
CA LEU H 59 -29.70 79.86 -4.73
C LEU H 59 -30.81 79.46 -5.71
N ALA H 60 -31.53 80.44 -6.26
CA ALA H 60 -32.57 80.14 -7.24
C ALA H 60 -32.01 79.76 -8.59
N GLY H 61 -30.74 80.09 -8.88
CA GLY H 61 -30.06 79.52 -10.02
C GLY H 61 -29.57 78.10 -9.76
N SER H 62 -29.29 77.79 -8.49
CA SER H 62 -28.83 76.46 -8.12
C SER H 62 -29.96 75.45 -8.07
N PHE H 63 -31.15 75.88 -7.65
CA PHE H 63 -32.30 75.00 -7.51
C PHE H 63 -33.51 75.68 -8.14
N ASP H 64 -34.52 74.87 -8.49
CA ASP H 64 -35.75 75.34 -9.12
C ASP H 64 -36.34 76.54 -8.39
N ILE H 65 -36.76 77.54 -9.16
CA ILE H 65 -37.28 78.78 -8.59
C ILE H 65 -38.76 78.69 -8.22
N ASN H 66 -39.51 77.75 -8.80
CA ASN H 66 -40.91 77.62 -8.43
C ASN H 66 -41.04 77.14 -6.98
N TRP H 67 -40.19 76.19 -6.58
CA TRP H 67 -40.16 75.77 -5.18
C TRP H 67 -39.81 76.92 -4.27
N MET H 68 -38.84 77.75 -4.67
CA MET H 68 -38.48 78.92 -3.89
C MET H 68 -39.67 79.86 -3.73
N ARG H 69 -40.36 80.17 -4.82
CA ARG H 69 -41.48 81.10 -4.74
C ARG H 69 -42.61 80.53 -3.89
N GLU H 70 -42.91 79.24 -4.05
CA GLU H 70 -43.95 78.62 -3.24
C GLU H 70 -43.58 78.65 -1.76
N ALA H 71 -42.30 78.37 -1.44
CA ALA H 71 -41.86 78.43 -0.05
C ALA H 71 -41.95 79.85 0.50
N GLU H 72 -41.52 80.84 -0.29
CA GLU H 72 -41.60 82.23 0.14
C GLU H 72 -43.04 82.63 0.42
N LEU H 73 -43.95 82.27 -0.48
CA LEU H 73 -45.35 82.59 -0.30
C LEU H 73 -45.89 81.93 0.96
N LYS H 74 -45.60 80.63 1.15
CA LYS H 74 -46.11 79.91 2.30
C LYS H 74 -45.61 80.53 3.61
N HIS H 75 -44.31 80.84 3.66
CA HIS H 75 -43.75 81.49 4.85
C HIS H 75 -44.43 82.82 5.10
N GLY H 76 -44.65 83.61 4.05
CA GLY H 76 -45.29 84.90 4.22
C GLY H 76 -46.72 84.83 4.67
N ARG H 77 -47.50 83.87 4.15
CA ARG H 77 -48.88 83.75 4.59
C ARG H 77 -48.93 83.33 6.05
N ILE H 78 -48.10 82.35 6.43
CA ILE H 78 -48.06 81.92 7.82
C ILE H 78 -47.66 83.07 8.71
N CYS H 79 -46.71 83.90 8.26
CA CYS H 79 -46.27 85.02 9.09
C CYS H 79 -47.34 86.11 9.17
N MET H 80 -48.06 86.36 8.09
CA MET H 80 -49.15 87.33 8.12
C MET H 80 -50.21 86.92 9.12
N LEU H 81 -50.68 85.67 9.00
CA LEU H 81 -51.71 85.18 9.92
C LEU H 81 -51.17 85.12 11.33
N ALA H 82 -49.92 84.73 11.51
CA ALA H 82 -49.34 84.66 12.84
C ALA H 82 -49.25 86.05 13.47
N TRP H 83 -48.86 87.05 12.69
CA TRP H 83 -48.77 88.41 13.20
C TRP H 83 -50.12 88.93 13.63
N VAL H 84 -51.14 88.79 12.77
CA VAL H 84 -52.44 89.33 13.11
C VAL H 84 -53.06 88.56 14.28
N GLY H 85 -52.85 87.23 14.33
CA GLY H 85 -53.35 86.46 15.46
C GLY H 85 -52.69 86.82 16.77
N TYR H 86 -51.36 86.99 16.76
CA TYR H 86 -50.65 87.43 17.95
C TYR H 86 -51.17 88.78 18.41
N VAL H 87 -51.36 89.70 17.46
CA VAL H 87 -51.80 91.06 17.79
C VAL H 87 -53.20 91.02 18.40
N ALA H 88 -54.10 90.22 17.83
CA ALA H 88 -55.47 90.16 18.35
C ALA H 88 -55.51 89.50 19.72
N VAL H 89 -54.81 88.36 19.87
CA VAL H 89 -54.80 87.66 21.15
C VAL H 89 -54.19 88.55 22.24
N ASP H 90 -53.24 89.42 21.87
CA ASP H 90 -52.71 90.37 22.84
C ASP H 90 -53.66 91.54 23.09
N ASN H 91 -54.39 91.98 22.06
CA ASN H 91 -55.50 92.93 22.24
C ASN H 91 -56.82 92.21 22.44
N GLY H 92 -56.82 91.28 23.38
CA GLY H 92 -58.05 90.61 23.71
C GLY H 92 -58.94 90.19 22.59
N PHE H 93 -58.76 88.98 22.12
CA PHE H 93 -59.63 88.43 21.11
C PHE H 93 -59.50 86.97 21.35
N TYR H 94 -60.46 86.42 22.07
CA TYR H 94 -60.44 85.01 22.28
C TYR H 94 -61.78 84.43 21.91
N VAL H 95 -61.81 83.14 21.71
CA VAL H 95 -63.02 82.40 21.32
C VAL H 95 -63.77 82.05 22.59
N PRO H 96 -65.10 81.83 22.55
CA PRO H 96 -65.78 81.26 23.71
C PRO H 96 -65.19 79.91 24.06
N PHE H 97 -65.15 79.61 25.37
CA PHE H 97 -64.48 78.43 25.90
C PHE H 97 -63.01 78.42 25.46
N ALA H 98 -62.28 79.44 25.92
CA ALA H 98 -60.86 79.58 25.63
C ALA H 98 -60.14 80.04 26.88
N PRO H 99 -58.82 79.76 26.99
CA PRO H 99 -58.09 80.22 28.17
C PRO H 99 -57.56 81.63 27.99
N HIS H 100 -57.91 82.54 28.90
CA HIS H 100 -57.46 83.93 28.79
C HIS H 100 -55.97 84.01 29.14
N VAL H 101 -55.12 83.91 28.13
CA VAL H 101 -53.67 83.84 28.31
C VAL H 101 -53.02 84.67 27.21
N SER H 102 -51.84 85.22 27.52
CA SER H 102 -51.08 85.95 26.53
C SER H 102 -50.66 85.03 25.40
N SER H 103 -50.45 85.62 24.22
CA SER H 103 -50.09 84.84 23.05
C SER H 103 -48.76 84.12 23.20
N LEU H 104 -47.89 84.59 24.12
CA LEU H 104 -46.60 83.92 24.34
C LEU H 104 -46.81 82.50 24.86
N ALA H 105 -47.65 82.34 25.88
CA ALA H 105 -47.97 81.04 26.45
C ALA H 105 -49.23 80.41 25.84
N ALA H 106 -49.84 81.08 24.84
CA ALA H 106 -51.00 80.52 24.18
C ALA H 106 -50.68 79.18 23.53
N HIS H 107 -49.47 79.04 22.98
CA HIS H 107 -49.09 77.78 22.35
C HIS H 107 -49.13 76.64 23.36
N ASP H 108 -48.46 76.82 24.50
CA ASP H 108 -48.42 75.76 25.51
C ASP H 108 -49.82 75.47 26.05
N THR H 109 -50.60 76.50 26.34
CA THR H 109 -51.93 76.27 26.91
C THR H 109 -52.86 75.59 25.91
N ALA H 110 -52.78 75.99 24.63
CA ALA H 110 -53.58 75.33 23.61
C ALA H 110 -53.13 73.89 23.37
N VAL H 111 -51.83 73.62 23.49
CA VAL H 111 -51.35 72.24 23.38
C VAL H 111 -51.93 71.42 24.51
N LYS H 112 -51.92 71.95 25.74
CA LYS H 112 -52.48 71.22 26.87
C LYS H 112 -53.98 70.99 26.68
N SER H 113 -54.68 71.98 26.14
CA SER H 113 -56.11 71.80 25.88
C SER H 113 -56.36 70.76 24.78
N GLY H 114 -55.48 70.69 23.79
CA GLY H 114 -55.56 69.71 22.71
C GLY H 114 -55.97 70.27 21.36
N GLN H 115 -56.49 71.51 21.32
CA GLN H 115 -56.92 72.11 20.07
C GLN H 115 -55.76 72.26 19.08
N MET H 116 -54.53 72.31 19.59
CA MET H 116 -53.36 72.44 18.72
C MET H 116 -53.27 71.28 17.74
N LEU H 117 -53.53 70.06 18.23
CA LEU H 117 -53.46 68.88 17.37
C LEU H 117 -54.58 68.86 16.33
N PHE H 118 -55.77 69.35 16.69
CA PHE H 118 -56.85 69.45 15.70
C PHE H 118 -56.45 70.39 14.58
N LEU H 119 -55.88 71.55 14.92
CA LEU H 119 -55.41 72.42 13.85
C LEU H 119 -54.25 71.80 13.08
N LEU H 120 -53.42 70.99 13.75
CA LEU H 120 -52.34 70.30 13.05
C LEU H 120 -52.89 69.36 11.99
N GLY H 121 -53.94 68.61 12.32
CA GLY H 121 -54.57 67.77 11.32
C GLY H 121 -55.21 68.58 10.20
N ALA H 122 -55.85 69.68 10.56
CA ALA H 122 -56.50 70.53 9.56
C ALA H 122 -55.49 71.07 8.55
N VAL H 123 -54.34 71.53 9.03
CA VAL H 123 -53.31 72.01 8.12
C VAL H 123 -52.60 70.85 7.42
N GLY H 124 -52.54 69.68 8.05
CA GLY H 124 -51.87 68.55 7.43
C GLY H 124 -52.61 68.05 6.20
N VAL H 125 -53.95 68.12 6.22
CA VAL H 125 -54.72 67.78 5.02
C VAL H 125 -54.31 68.66 3.85
N VAL H 126 -54.29 69.97 4.08
CA VAL H 126 -53.92 70.92 3.03
C VAL H 126 -52.47 70.72 2.64
N GLU H 127 -51.60 70.36 3.58
CA GLU H 127 -50.19 70.19 3.27
C GLU H 127 -49.93 68.93 2.44
N ALA H 128 -50.68 67.86 2.67
CA ALA H 128 -50.54 66.69 1.81
C ALA H 128 -51.09 66.96 0.42
N LEU H 129 -52.21 67.68 0.34
CA LEU H 129 -52.66 68.15 -0.98
C LEU H 129 -51.60 69.06 -1.61
N SER H 130 -50.83 69.78 -0.79
CA SER H 130 -49.75 70.60 -1.31
C SER H 130 -48.56 69.76 -1.78
N TYR H 131 -48.32 68.61 -1.15
CA TYR H 131 -47.36 67.65 -1.70
C TYR H 131 -47.76 67.28 -3.12
N ASN H 132 -49.02 66.91 -3.31
CA ASN H 132 -49.50 66.57 -4.65
C ASN H 132 -49.37 67.76 -5.60
N ALA H 133 -49.76 68.95 -5.13
CA ALA H 133 -49.75 70.14 -5.99
C ALA H 133 -48.34 70.51 -6.39
N ILE H 134 -47.38 70.44 -5.46
CA ILE H 134 -46.00 70.77 -5.77
C ILE H 134 -45.42 69.76 -6.75
N ASN H 135 -45.75 68.48 -6.56
CA ASN H 135 -45.29 67.47 -7.51
C ASN H 135 -45.80 67.77 -8.91
N GLU H 136 -47.10 68.07 -9.03
CA GLU H 136 -47.65 68.39 -10.34
C GLU H 136 -47.03 69.65 -10.93
N MET H 137 -46.82 70.67 -10.10
CA MET H 137 -46.22 71.91 -10.57
C MET H 137 -44.83 71.68 -11.12
N MET H 138 -43.97 70.99 -10.36
CA MET H 138 -42.60 70.80 -10.78
C MET H 138 -42.52 69.85 -11.98
N SER H 139 -43.35 68.81 -12.01
CA SER H 139 -43.33 67.87 -13.12
C SER H 139 -43.97 68.45 -14.38
N GLY H 140 -44.75 69.53 -14.27
CA GLY H 140 -45.39 70.11 -15.43
C GLY H 140 -46.69 69.44 -15.83
N GLN H 141 -47.24 68.55 -15.00
CA GLN H 141 -48.51 67.91 -15.33
C GLN H 141 -49.64 68.93 -15.38
N THR H 142 -49.53 70.03 -14.62
CA THR H 142 -50.51 71.09 -14.63
C THR H 142 -49.79 72.43 -14.69
N ASP H 143 -50.50 73.45 -15.15
CA ASP H 143 -49.99 74.82 -15.21
C ASP H 143 -50.22 75.56 -13.90
N ARG H 144 -49.81 74.94 -12.79
CA ARG H 144 -50.04 75.53 -11.47
C ARG H 144 -48.95 76.55 -11.17
N ARG H 145 -49.36 77.71 -10.70
CA ARG H 145 -48.44 78.71 -10.21
C ARG H 145 -47.98 78.33 -8.79
N PRO H 146 -46.75 78.66 -8.39
CA PRO H 146 -46.37 78.42 -7.00
C PRO H 146 -47.22 79.23 -6.03
N GLY H 147 -47.57 78.61 -4.91
CA GLY H 147 -48.42 79.25 -3.93
C GLY H 147 -49.86 79.44 -4.35
N ASP H 148 -50.32 78.67 -5.33
CA ASP H 148 -51.67 78.80 -5.87
C ASP H 148 -52.49 77.58 -5.48
N PHE H 149 -53.59 77.81 -4.77
CA PHE H 149 -54.59 76.79 -4.48
C PHE H 149 -55.95 77.11 -5.11
N SER H 150 -56.00 78.08 -6.02
CA SER H 150 -57.24 78.45 -6.70
C SER H 150 -58.31 78.89 -5.70
N MET H 151 -57.99 79.95 -4.97
CA MET H 151 -58.90 80.60 -4.01
C MET H 151 -59.26 81.97 -4.58
N ASP H 152 -60.26 82.11 -5.41
CA ASP H 152 -60.55 83.42 -5.92
C ASP H 152 -62.02 83.61 -5.88
N PRO H 153 -62.57 83.61 -4.68
CA PRO H 153 -64.02 83.71 -4.70
C PRO H 153 -64.43 84.90 -5.52
N PHE H 154 -63.82 86.05 -5.29
CA PHE H 154 -64.25 87.27 -5.98
C PHE H 154 -63.51 87.57 -7.27
N LYS H 155 -62.99 86.54 -7.95
CA LYS H 155 -62.30 86.73 -9.21
C LYS H 155 -61.42 87.96 -9.13
N MET H 156 -60.63 88.06 -8.07
CA MET H 156 -59.82 89.24 -7.87
C MET H 156 -58.66 89.32 -8.84
N VAL H 157 -58.37 88.21 -9.51
CA VAL H 157 -57.27 88.17 -10.46
C VAL H 157 -57.61 87.34 -11.69
N ASP H 158 -58.84 87.42 -12.17
CA ASP H 158 -59.25 86.62 -13.33
C ASP H 158 -58.58 87.05 -14.63
N THR H 159 -57.94 88.22 -14.68
CA THR H 159 -57.28 88.72 -15.87
C THR H 159 -55.79 88.91 -15.60
N PRO H 160 -54.94 88.98 -16.65
CA PRO H 160 -53.49 88.99 -16.42
C PRO H 160 -52.97 90.20 -15.64
N GLU H 161 -53.42 91.40 -16.01
CA GLU H 161 -52.90 92.60 -15.34
C GLU H 161 -53.33 92.65 -13.88
N LYS H 162 -54.58 92.27 -13.58
CA LYS H 162 -54.99 92.16 -12.19
C LYS H 162 -54.13 91.13 -11.45
N ALA H 163 -53.82 90.02 -12.11
CA ALA H 163 -53.00 89.00 -11.47
C ALA H 163 -51.61 89.54 -11.15
N LYS H 164 -51.00 90.25 -12.10
CA LYS H 164 -49.68 90.82 -11.86
C LYS H 164 -49.71 91.80 -10.71
N SER H 165 -50.67 92.73 -10.72
CA SER H 165 -50.73 93.74 -9.67
C SER H 165 -50.95 93.11 -8.30
N MET H 166 -51.98 92.27 -8.19
CA MET H 166 -52.30 91.67 -6.91
C MET H 166 -51.21 90.72 -6.43
N LEU H 167 -50.50 90.05 -7.35
CA LEU H 167 -49.41 89.18 -6.92
C LEU H 167 -48.22 89.99 -6.41
N GLU H 168 -47.91 91.11 -7.06
CA GLU H 168 -46.84 91.96 -6.55
C GLU H 168 -47.19 92.50 -5.17
N LYS H 169 -48.42 92.95 -4.99
CA LYS H 169 -48.88 93.43 -3.69
C LYS H 169 -48.85 92.31 -2.66
N GLU H 170 -49.19 91.10 -3.00
CA GLU H 170 -49.11 90.08 -2.00
C GLU H 170 -47.70 89.84 -1.65
N ILE H 171 -46.87 89.52 -2.62
CA ILE H 171 -45.52 89.12 -2.24
C ILE H 171 -44.86 90.23 -1.42
N SER H 172 -45.18 91.49 -1.70
CA SER H 172 -44.70 92.57 -0.84
C SER H 172 -45.20 92.41 0.58
N HIS H 173 -46.50 92.13 0.73
CA HIS H 173 -47.05 91.90 2.07
C HIS H 173 -46.43 90.69 2.72
N CYS H 174 -46.21 89.62 1.95
CA CYS H 174 -45.55 88.42 2.46
C CYS H 174 -44.19 88.75 3.08
N ARG H 175 -43.34 89.43 2.31
CA ARG H 175 -42.01 89.75 2.81
C ARG H 175 -42.06 90.66 4.02
N LEU H 176 -42.88 91.71 3.95
CA LEU H 176 -42.96 92.67 5.04
C LEU H 176 -43.48 92.01 6.31
N ALA H 177 -44.53 91.20 6.20
CA ALA H 177 -45.09 90.55 7.37
C ALA H 177 -44.15 89.48 7.92
N MET H 178 -43.38 88.83 7.06
CA MET H 178 -42.37 87.88 7.53
C MET H 178 -41.39 88.59 8.45
N MET H 179 -40.82 89.71 7.98
CA MET H 179 -39.88 90.44 8.81
C MET H 179 -40.56 91.01 10.06
N ALA H 180 -41.78 91.52 9.90
CA ALA H 180 -42.50 92.13 11.02
C ALA H 180 -42.79 91.11 12.10
N PHE H 181 -43.22 89.90 11.71
CA PHE H 181 -43.52 88.89 12.73
C PHE H 181 -42.26 88.36 13.38
N SER H 182 -41.17 88.25 12.62
CA SER H 182 -39.90 87.89 13.26
C SER H 182 -39.56 88.89 14.36
N GLY H 183 -39.70 90.18 14.05
CA GLY H 183 -39.47 91.20 15.07
C GLY H 183 -40.43 91.09 16.24
N VAL H 184 -41.71 90.88 15.96
CA VAL H 184 -42.72 90.85 17.02
C VAL H 184 -42.44 89.68 17.97
N VAL H 185 -42.55 88.48 17.46
CA VAL H 185 -42.39 87.33 18.34
C VAL H 185 -41.13 87.46 19.13
N THR H 186 -40.05 87.92 18.51
CA THR H 186 -38.79 87.96 19.24
C THR H 186 -38.94 88.98 20.35
N GLN H 187 -39.27 90.22 20.05
CA GLN H 187 -39.49 91.18 21.12
C GLN H 187 -40.33 90.56 22.25
N SER H 188 -41.37 89.82 21.89
CA SER H 188 -42.26 89.24 22.90
C SER H 188 -41.51 88.21 23.75
N ALA H 189 -40.71 87.36 23.11
CA ALA H 189 -39.93 86.38 23.86
C ALA H 189 -38.78 87.01 24.62
N LEU H 190 -38.30 88.18 24.19
CA LEU H 190 -37.17 88.83 24.85
C LEU H 190 -37.63 89.59 26.09
N THR H 191 -38.49 90.59 25.91
CA THR H 191 -38.90 91.44 27.02
C THR H 191 -40.33 91.93 26.80
N GLY H 192 -41.01 92.22 27.90
CA GLY H 192 -42.32 92.83 27.83
C GLY H 192 -43.39 91.89 27.29
N HIS H 193 -44.50 92.51 26.92
CA HIS H 193 -45.66 91.82 26.36
C HIS H 193 -46.55 92.88 25.73
N GLY H 194 -47.76 92.48 25.34
CA GLY H 194 -48.73 93.40 24.78
C GLY H 194 -48.61 93.54 23.28
N PHE H 195 -49.66 94.11 22.70
CA PHE H 195 -49.68 94.35 21.26
C PHE H 195 -48.51 95.19 20.75
N PRO H 196 -48.09 96.27 21.42
CA PRO H 196 -46.95 97.05 20.88
C PRO H 196 -45.69 96.23 20.67
N TYR H 197 -45.38 95.33 21.60
CA TYR H 197 -44.14 94.56 21.57
C TYR H 197 -44.46 93.06 21.63
N ASP I 35 -47.26 -50.40 -28.05
CA ASP I 35 -48.49 -50.62 -27.24
C ASP I 35 -48.42 -49.84 -25.93
N MET I 36 -47.69 -50.39 -24.96
CA MET I 36 -47.51 -49.74 -23.66
C MET I 36 -46.05 -49.96 -23.24
N VAL I 37 -45.76 -49.70 -21.97
CA VAL I 37 -44.39 -49.66 -21.46
C VAL I 37 -44.10 -50.75 -20.44
N GLY I 38 -45.10 -51.50 -19.97
CA GLY I 38 -44.92 -52.34 -18.80
C GLY I 38 -44.04 -53.55 -19.01
N ALA I 39 -43.86 -53.99 -20.25
CA ALA I 39 -43.10 -55.22 -20.50
C ALA I 39 -41.65 -55.05 -20.06
N CYS I 40 -41.13 -56.07 -19.38
CA CYS I 40 -39.80 -56.03 -18.79
C CYS I 40 -39.10 -57.37 -19.00
N LYS I 41 -37.78 -57.35 -18.80
CA LYS I 41 -36.96 -58.52 -19.06
C LYS I 41 -37.32 -59.75 -18.23
N PRO I 42 -37.47 -59.69 -16.89
CA PRO I 42 -37.60 -60.93 -16.12
C PRO I 42 -38.80 -61.78 -16.49
N LEU I 43 -39.92 -61.14 -16.82
CA LEU I 43 -41.17 -61.83 -17.13
C LEU I 43 -41.68 -61.57 -18.54
N GLY I 44 -41.07 -60.66 -19.29
CA GLY I 44 -41.60 -60.34 -20.60
C GLY I 44 -42.96 -59.67 -20.49
N PHE I 45 -43.78 -59.88 -21.52
CA PHE I 45 -45.15 -59.40 -21.50
C PHE I 45 -45.96 -60.36 -20.64
N PHE I 46 -46.02 -60.06 -19.35
CA PHE I 46 -46.69 -60.93 -18.37
C PHE I 46 -48.19 -60.72 -18.47
N ASP I 47 -48.89 -61.69 -19.04
CA ASP I 47 -50.35 -61.64 -19.10
C ASP I 47 -50.93 -63.03 -19.29
N PRO I 48 -50.81 -63.93 -18.31
CA PRO I 48 -51.35 -65.29 -18.48
C PRO I 48 -52.85 -65.34 -18.74
N LEU I 49 -53.64 -64.47 -18.12
CA LEU I 49 -55.10 -64.60 -18.07
C LEU I 49 -55.80 -63.65 -19.02
N GLY I 50 -55.26 -63.43 -20.22
CA GLY I 50 -55.95 -62.63 -21.20
C GLY I 50 -56.00 -61.16 -20.85
N PHE I 51 -57.17 -60.66 -20.47
CA PHE I 51 -57.37 -59.27 -20.06
C PHE I 51 -57.02 -58.27 -21.16
N SER I 52 -55.75 -58.23 -21.59
CA SER I 52 -55.32 -57.25 -22.59
C SER I 52 -56.13 -57.39 -23.87
N LYS I 53 -56.23 -58.61 -24.40
CA LYS I 53 -57.07 -58.86 -25.57
C LYS I 53 -58.52 -59.05 -25.13
N ASP I 54 -59.44 -58.76 -26.04
CA ASP I 54 -60.88 -58.76 -25.81
C ASP I 54 -61.32 -57.67 -24.85
N ALA I 55 -60.48 -56.65 -24.63
CA ALA I 55 -60.80 -55.50 -23.79
C ALA I 55 -60.67 -54.23 -24.61
N SER I 56 -61.55 -53.26 -24.31
CA SER I 56 -61.59 -52.03 -25.07
C SER I 56 -60.33 -51.20 -24.81
N PRO I 57 -59.98 -50.27 -25.71
CA PRO I 57 -58.89 -49.35 -25.39
C PRO I 57 -59.17 -48.54 -24.14
N ALA I 58 -60.44 -48.21 -23.89
CA ALA I 58 -60.78 -47.55 -22.63
C ALA I 58 -60.50 -48.46 -21.44
N SER I 59 -60.79 -49.76 -21.58
CA SER I 59 -60.48 -50.70 -20.50
C SER I 59 -58.98 -50.81 -20.26
N MET I 60 -58.20 -50.84 -21.34
CA MET I 60 -56.74 -50.87 -21.19
C MET I 60 -56.22 -49.61 -20.51
N ALA I 61 -56.76 -48.44 -20.90
CA ALA I 61 -56.34 -47.20 -20.26
C ALA I 61 -56.73 -47.19 -18.78
N LYS I 62 -57.91 -47.71 -18.46
CA LYS I 62 -58.31 -47.81 -17.06
C LYS I 62 -57.39 -48.74 -16.28
N PHE I 63 -57.00 -49.86 -16.89
CA PHE I 63 -56.10 -50.80 -16.22
C PHE I 63 -54.75 -50.14 -15.94
N ARG I 64 -54.19 -49.43 -16.92
CA ARG I 64 -52.89 -48.81 -16.70
C ARG I 64 -52.98 -47.65 -15.70
N GLU I 65 -54.08 -46.89 -15.75
CA GLU I 65 -54.26 -45.83 -14.76
C GLU I 65 -54.32 -46.41 -13.36
N ALA I 66 -55.07 -47.50 -13.19
CA ALA I 66 -55.15 -48.15 -11.89
C ALA I 66 -53.81 -48.72 -11.47
N GLU I 67 -53.07 -49.29 -12.41
CA GLU I 67 -51.74 -49.83 -12.10
C GLU I 67 -50.82 -48.73 -11.59
N LEU I 68 -50.77 -47.61 -12.29
CA LEU I 68 -49.89 -46.52 -11.89
C LEU I 68 -50.33 -45.92 -10.57
N LYS I 69 -51.65 -45.78 -10.36
CA LYS I 69 -52.15 -45.25 -9.09
C LYS I 69 -51.78 -46.17 -7.94
N HIS I 70 -51.95 -47.48 -8.14
CA HIS I 70 -51.57 -48.45 -7.11
C HIS I 70 -50.08 -48.37 -6.82
N GLY I 71 -49.26 -48.32 -7.85
CA GLY I 71 -47.82 -48.28 -7.64
C GLY I 71 -47.39 -47.02 -6.90
N ARG I 72 -47.94 -45.88 -7.29
CA ARG I 72 -47.57 -44.62 -6.65
C ARG I 72 -48.03 -44.59 -5.20
N VAL I 73 -49.27 -45.00 -4.93
CA VAL I 73 -49.76 -45.01 -3.56
C VAL I 73 -48.98 -46.01 -2.71
N ALA I 74 -48.60 -47.14 -3.30
CA ALA I 74 -47.85 -48.14 -2.57
C ALA I 74 -46.44 -47.64 -2.25
N MET I 75 -45.81 -46.95 -3.20
CA MET I 75 -44.50 -46.34 -2.93
C MET I 75 -44.60 -45.33 -1.79
N LEU I 76 -45.65 -44.50 -1.82
CA LEU I 76 -45.83 -43.54 -0.74
C LEU I 76 -46.03 -44.25 0.60
N ALA I 77 -46.81 -45.32 0.60
CA ALA I 77 -47.05 -46.05 1.84
C ALA I 77 -45.78 -46.69 2.38
N CYS I 78 -44.98 -47.29 1.49
CA CYS I 78 -43.74 -47.93 1.91
C CYS I 78 -42.78 -46.89 2.49
N ALA I 79 -42.60 -45.77 1.80
CA ALA I 79 -41.73 -44.72 2.31
C ALA I 79 -42.24 -44.19 3.64
N GLY I 80 -43.56 -44.01 3.76
CA GLY I 80 -44.10 -43.48 5.01
C GLY I 80 -43.88 -44.42 6.17
N MET I 81 -44.14 -45.72 5.96
CA MET I 81 -43.92 -46.68 7.05
C MET I 81 -42.45 -46.75 7.43
N ILE I 82 -41.56 -46.79 6.43
CA ILE I 82 -40.13 -46.92 6.71
C ILE I 82 -39.63 -45.71 7.49
N THR I 83 -40.06 -44.50 7.10
CA THR I 83 -39.58 -43.31 7.79
C THR I 83 -40.23 -43.15 9.16
N ALA I 84 -41.52 -43.46 9.27
CA ALA I 84 -42.24 -43.24 10.51
C ALA I 84 -41.96 -44.31 11.56
N ASP I 85 -41.33 -45.43 11.17
CA ASP I 85 -40.94 -46.40 12.19
C ASP I 85 -39.94 -45.81 13.18
N LYS I 86 -38.92 -45.11 12.67
CA LYS I 86 -37.81 -44.64 13.48
C LYS I 86 -37.68 -43.12 13.52
N PHE I 87 -38.53 -42.39 12.82
CA PHE I 87 -38.44 -40.94 12.80
C PHE I 87 -39.86 -40.39 12.62
N HIS I 88 -40.52 -40.08 13.74
CA HIS I 88 -41.87 -39.53 13.74
C HIS I 88 -41.91 -38.34 14.69
N PRO I 89 -41.39 -37.18 14.26
CA PRO I 89 -41.40 -36.02 15.16
C PRO I 89 -42.76 -35.39 15.35
N LEU I 90 -43.70 -35.57 14.42
CA LEU I 90 -44.99 -34.91 14.52
C LEU I 90 -45.80 -35.48 15.68
N TYR I 91 -46.77 -34.69 16.12
CA TYR I 91 -47.66 -35.06 17.23
C TYR I 91 -46.88 -35.35 18.50
N ASP I 92 -45.85 -34.53 18.75
CA ASP I 92 -45.02 -34.63 19.94
C ASP I 92 -44.32 -35.98 20.06
N GLY I 93 -44.16 -36.70 18.95
CA GLY I 93 -43.51 -37.99 18.98
C GLY I 93 -44.24 -39.04 19.79
N LYS I 94 -45.55 -38.89 19.99
CA LYS I 94 -46.32 -39.80 20.83
C LYS I 94 -47.07 -40.86 20.03
N LEU I 95 -47.32 -40.63 18.74
CA LEU I 95 -48.03 -41.62 17.94
C LEU I 95 -47.17 -42.86 17.76
N SER I 96 -47.80 -44.03 17.83
CA SER I 96 -47.08 -45.29 17.83
C SER I 96 -46.42 -45.53 16.47
N SER I 97 -45.37 -46.35 16.50
CA SER I 97 -44.70 -46.76 15.27
C SER I 97 -45.48 -47.81 14.50
N ASN I 98 -46.46 -48.45 15.12
CA ASN I 98 -47.29 -49.41 14.41
C ASN I 98 -48.08 -48.67 13.34
N PRO I 99 -47.97 -49.04 12.06
CA PRO I 99 -48.79 -48.33 11.05
C PRO I 99 -50.28 -48.47 11.25
N LEU I 100 -50.74 -49.63 11.70
CA LEU I 100 -52.18 -49.88 11.83
C LEU I 100 -52.80 -49.25 13.06
N LEU I 101 -51.99 -48.70 13.97
CA LEU I 101 -52.48 -47.99 15.14
C LEU I 101 -52.14 -46.50 15.13
N ALA I 102 -51.10 -46.10 14.39
CA ALA I 102 -50.79 -44.69 14.26
C ALA I 102 -51.93 -43.94 13.58
N ILE I 103 -52.50 -44.53 12.53
CA ILE I 103 -53.62 -43.90 11.84
C ILE I 103 -54.84 -43.85 12.75
N ALA I 104 -55.01 -44.86 13.60
CA ALA I 104 -56.10 -44.80 14.58
C ALA I 104 -55.90 -43.66 15.57
N GLN I 105 -54.66 -43.44 16.02
CA GLN I 105 -54.38 -42.37 16.96
C GLN I 105 -54.38 -40.98 16.31
N VAL I 106 -54.23 -40.88 15.00
CA VAL I 106 -54.21 -39.56 14.36
C VAL I 106 -55.57 -38.88 14.58
N PRO I 107 -55.63 -37.58 14.84
CA PRO I 107 -56.93 -36.93 15.07
C PRO I 107 -57.81 -36.96 13.83
N LYS I 108 -59.10 -36.73 14.06
CA LYS I 108 -60.08 -36.78 12.99
C LYS I 108 -59.85 -35.69 11.94
N LEU I 109 -59.46 -34.49 12.39
CA LEU I 109 -59.29 -33.38 11.45
C LEU I 109 -58.16 -33.67 10.47
N GLY I 110 -57.07 -34.29 10.95
CA GLY I 110 -55.99 -34.65 10.04
C GLY I 110 -56.44 -35.65 8.99
N LEU I 111 -57.22 -36.65 9.39
CA LEU I 111 -57.74 -37.62 8.43
C LEU I 111 -58.65 -36.94 7.42
N LEU I 112 -59.50 -36.02 7.90
CA LEU I 112 -60.40 -35.33 6.98
C LEU I 112 -59.61 -34.49 5.98
N GLN I 113 -58.54 -33.83 6.43
CA GLN I 113 -57.73 -33.03 5.52
C GLN I 113 -56.99 -33.90 4.51
N ILE I 114 -56.48 -35.06 4.95
CA ILE I 114 -55.82 -35.98 4.03
C ILE I 114 -56.83 -36.47 2.98
N LEU I 115 -58.04 -36.80 3.43
CA LEU I 115 -59.07 -37.24 2.49
C LEU I 115 -59.43 -36.15 1.51
N LEU I 116 -59.52 -34.90 1.99
CA LEU I 116 -59.82 -33.79 1.09
C LEU I 116 -58.73 -33.60 0.06
N PHE I 117 -57.46 -33.68 0.47
CA PHE I 117 -56.35 -33.56 -0.46
C PHE I 117 -56.38 -34.66 -1.51
N ILE I 118 -56.60 -35.90 -1.07
CA ILE I 118 -56.64 -37.02 -2.01
C ILE I 118 -57.82 -36.88 -2.95
N GLY I 119 -58.97 -36.42 -2.44
CA GLY I 119 -60.12 -36.21 -3.31
C GLY I 119 -59.88 -35.13 -4.34
N PHE I 120 -59.17 -34.07 -3.97
CA PHE I 120 -58.83 -33.03 -4.93
C PHE I 120 -57.92 -33.60 -6.03
N MET I 121 -56.90 -34.37 -5.63
CA MET I 121 -56.05 -35.02 -6.61
C MET I 121 -56.85 -35.93 -7.53
N GLU I 122 -57.86 -36.62 -6.96
CA GLU I 122 -58.62 -37.57 -7.75
C GLU I 122 -59.62 -36.89 -8.68
N VAL I 123 -60.18 -35.73 -8.31
CA VAL I 123 -61.03 -35.03 -9.27
C VAL I 123 -60.18 -34.46 -10.39
N PHE I 124 -58.93 -34.07 -10.09
CA PHE I 124 -58.03 -33.70 -11.20
C PHE I 124 -57.78 -34.90 -12.09
N GLY I 125 -57.60 -36.08 -11.51
CA GLY I 125 -57.45 -37.28 -12.33
C GLY I 125 -58.68 -37.55 -13.17
N ILE I 126 -59.87 -37.31 -12.62
CA ILE I 126 -61.10 -37.53 -13.38
C ILE I 126 -61.20 -36.56 -14.54
N LEU I 127 -60.84 -35.29 -14.33
CA LEU I 127 -60.85 -34.33 -15.42
C LEU I 127 -59.81 -34.70 -16.48
N ASN I 128 -58.65 -35.19 -16.05
CA ASN I 128 -57.65 -35.68 -16.99
C ASN I 128 -58.20 -36.84 -17.80
N SER I 129 -58.96 -37.73 -17.16
CA SER I 129 -59.62 -38.82 -17.88
C SER I 129 -60.59 -38.27 -18.92
N ARG I 130 -61.37 -37.26 -18.53
CA ARG I 130 -62.33 -36.67 -19.46
C ARG I 130 -61.66 -35.94 -20.62
N ARG I 131 -60.40 -35.54 -20.48
CA ARG I 131 -59.70 -34.85 -21.57
C ARG I 131 -59.61 -35.76 -22.80
N PRO I 132 -59.49 -35.17 -24.01
CA PRO I 132 -59.55 -35.98 -25.23
C PRO I 132 -58.22 -36.60 -25.62
N ASP I 133 -57.13 -36.05 -25.05
CA ASP I 133 -55.78 -36.59 -25.20
C ASP I 133 -55.22 -37.19 -23.90
N TYR I 134 -55.89 -38.16 -23.32
CA TYR I 134 -55.51 -38.69 -22.06
C TYR I 134 -54.48 -39.71 -22.34
N LYS I 135 -53.52 -39.86 -21.45
CA LYS I 135 -52.54 -40.87 -21.58
C LYS I 135 -52.49 -41.40 -20.22
N PRO I 136 -53.17 -42.49 -19.99
CA PRO I 136 -53.22 -43.12 -18.70
C PRO I 136 -52.14 -42.79 -17.74
N GLY I 137 -52.36 -41.91 -16.79
CA GLY I 137 -51.42 -41.71 -15.73
C GLY I 137 -50.53 -40.58 -15.93
N ASP I 138 -50.61 -39.95 -17.06
CA ASP I 138 -49.74 -38.90 -17.42
C ASP I 138 -50.31 -37.57 -17.20
N PHE I 139 -50.23 -37.08 -16.01
CA PHE I 139 -50.56 -35.72 -15.63
C PHE I 139 -49.58 -34.70 -16.20
N LEU I 140 -48.42 -35.14 -16.68
CA LEU I 140 -47.40 -34.25 -17.21
C LEU I 140 -47.66 -33.84 -18.65
N GLY I 141 -48.62 -34.47 -19.33
CA GLY I 141 -48.76 -34.31 -20.76
C GLY I 141 -47.96 -35.37 -21.49
N SER I 142 -46.74 -35.03 -21.91
CA SER I 142 -45.75 -35.97 -22.41
C SER I 142 -46.04 -36.53 -23.81
N SER I 143 -47.24 -36.26 -24.34
CA SER I 143 -47.52 -36.50 -25.75
C SER I 143 -47.28 -35.26 -26.60
N GLN I 144 -46.89 -34.15 -25.97
CA GLN I 144 -46.63 -32.88 -26.65
C GLN I 144 -45.15 -32.52 -26.63
N TRP I 145 -44.27 -33.50 -26.43
CA TRP I 145 -42.83 -33.29 -26.43
C TRP I 145 -42.19 -34.43 -27.21
N ASP I 146 -41.01 -34.16 -27.74
CA ASP I 146 -40.30 -35.14 -28.58
C ASP I 146 -39.62 -36.18 -27.69
N THR I 147 -40.45 -37.08 -27.16
CA THR I 147 -39.95 -38.14 -26.30
C THR I 147 -39.24 -39.22 -27.11
N THR I 148 -38.33 -39.94 -26.44
CA THR I 148 -37.56 -41.00 -27.06
C THR I 148 -37.59 -42.25 -26.18
N GLU I 149 -36.75 -43.24 -26.50
CA GLU I 149 -36.77 -44.50 -25.78
C GLU I 149 -36.35 -44.35 -24.32
N VAL I 150 -35.59 -43.30 -24.00
CA VAL I 150 -35.21 -43.08 -22.61
C VAL I 150 -36.44 -42.75 -21.77
N TRP I 151 -37.41 -42.05 -22.36
CA TRP I 151 -38.66 -41.78 -21.66
C TRP I 151 -39.40 -43.07 -21.34
N ASP I 152 -39.46 -43.99 -22.30
CA ASP I 152 -40.10 -45.28 -22.04
C ASP I 152 -39.34 -46.07 -20.99
N ASN I 153 -38.01 -46.01 -21.01
CA ASN I 153 -37.23 -46.71 -20.01
C ASN I 153 -37.50 -46.17 -18.61
N TYR I 154 -37.58 -44.85 -18.48
CA TYR I 154 -37.87 -44.25 -17.18
C TYR I 154 -39.29 -44.55 -16.73
N GLN I 155 -40.24 -44.59 -17.66
CA GLN I 155 -41.59 -45.00 -17.33
C GLN I 155 -41.61 -46.43 -16.81
N LEU I 156 -40.84 -47.32 -17.44
CA LEU I 156 -40.75 -48.69 -16.97
C LEU I 156 -40.11 -48.75 -15.59
N ARG I 157 -39.13 -47.87 -15.32
CA ARG I 157 -38.54 -47.82 -13.99
C ARG I 157 -39.59 -47.46 -12.95
N GLU I 158 -40.43 -46.46 -13.25
CA GLU I 158 -41.54 -46.13 -12.36
C GLU I 158 -42.45 -47.32 -12.16
N LEU I 159 -42.80 -48.01 -13.25
CA LEU I 159 -43.76 -49.10 -13.16
C LEU I 159 -43.21 -50.23 -12.30
N ASN I 160 -41.95 -50.61 -12.51
CA ASN I 160 -41.40 -51.72 -11.76
C ASN I 160 -41.22 -51.37 -10.29
N ASN I 161 -40.79 -50.14 -10.00
CA ASN I 161 -40.72 -49.72 -8.60
C ASN I 161 -42.11 -49.72 -7.97
N GLY I 162 -43.13 -49.33 -8.74
CA GLY I 162 -44.49 -49.37 -8.23
C GLY I 162 -44.96 -50.78 -7.95
N ARG I 163 -44.61 -51.73 -8.81
CA ARG I 163 -44.96 -53.13 -8.58
C ARG I 163 -44.31 -53.66 -7.31
N LEU I 164 -43.00 -53.39 -7.15
CA LEU I 164 -42.29 -53.82 -5.97
C LEU I 164 -42.91 -53.21 -4.71
N ALA I 165 -43.24 -51.92 -4.77
CA ALA I 165 -43.89 -51.28 -3.64
C ALA I 165 -45.28 -51.84 -3.40
N MET I 166 -45.99 -52.23 -4.47
CA MET I 166 -47.32 -52.82 -4.31
C MET I 166 -47.24 -54.08 -3.48
N PHE I 167 -46.27 -54.94 -3.77
CA PHE I 167 -46.10 -56.14 -2.95
C PHE I 167 -45.63 -55.77 -1.54
N ALA I 168 -44.65 -54.87 -1.46
CA ALA I 168 -44.01 -54.58 -0.18
C ALA I 168 -44.98 -53.95 0.81
N SER I 169 -45.81 -53.02 0.36
CA SER I 169 -46.71 -52.31 1.27
C SER I 169 -47.73 -53.26 1.87
N ILE I 170 -48.30 -54.16 1.07
CA ILE I 170 -49.22 -55.15 1.59
C ILE I 170 -48.51 -56.06 2.57
N GLY I 171 -47.26 -56.42 2.26
CA GLY I 171 -46.48 -57.19 3.21
C GLY I 171 -46.28 -56.46 4.53
N MET I 172 -45.98 -55.16 4.45
CA MET I 172 -45.78 -54.35 5.66
C MET I 172 -47.04 -54.32 6.51
N LEU I 173 -48.19 -54.11 5.86
CA LEU I 173 -49.45 -54.04 6.60
C LEU I 173 -49.77 -55.38 7.25
N THR I 174 -49.54 -56.49 6.53
CA THR I 174 -49.81 -57.80 7.10
C THR I 174 -48.88 -58.08 8.28
N HIS I 175 -47.60 -57.70 8.17
CA HIS I 175 -46.67 -57.89 9.27
C HIS I 175 -47.09 -57.05 10.48
N ALA I 176 -47.53 -55.82 10.24
CA ALA I 176 -47.99 -54.98 11.34
C ALA I 176 -49.21 -55.58 12.02
N TYR I 177 -50.12 -56.16 11.25
CA TYR I 177 -51.28 -56.79 11.85
C TYR I 177 -50.88 -58.03 12.66
N ILE I 178 -49.92 -58.80 12.14
CA ILE I 178 -49.57 -60.07 12.78
C ILE I 178 -48.78 -59.84 14.05
N THR I 179 -47.62 -59.19 13.94
CA THR I 179 -46.74 -59.00 15.08
C THR I 179 -47.09 -57.78 15.92
N GLY I 180 -47.68 -56.76 15.33
CA GLY I 180 -47.86 -55.48 15.98
C GLY I 180 -46.70 -54.54 15.84
N LYS I 181 -45.58 -54.99 15.27
CA LYS I 181 -44.41 -54.15 15.05
C LYS I 181 -44.44 -53.61 13.62
N GLY I 182 -43.78 -52.47 13.43
CA GLY I 182 -43.62 -51.92 12.11
C GLY I 182 -42.51 -52.63 11.36
N PRO I 183 -42.23 -52.13 10.15
CA PRO I 183 -41.19 -52.78 9.32
C PRO I 183 -39.80 -52.80 9.96
N LEU I 184 -39.26 -51.64 10.31
CA LEU I 184 -37.91 -51.59 10.86
C LEU I 184 -37.86 -52.19 12.26
N GLU I 185 -38.92 -52.01 13.05
CA GLU I 185 -38.97 -52.65 14.36
C GLU I 185 -38.95 -54.17 14.22
N LEU I 186 -39.67 -54.70 13.22
CA LEU I 186 -39.61 -56.13 12.95
C LEU I 186 -38.22 -56.55 12.53
N LEU I 187 -37.57 -55.74 11.69
CA LEU I 187 -36.21 -56.05 11.28
C LEU I 187 -35.24 -56.04 12.44
N ASP I 188 -35.52 -55.26 13.48
CA ASP I 188 -34.68 -55.25 14.68
C ASP I 188 -34.85 -56.62 15.33
N ALA J 30 10.41 93.29 -17.62
CA ALA J 30 11.90 93.40 -17.60
C ALA J 30 12.44 93.29 -16.18
N LYS J 31 12.29 94.36 -15.40
CA LYS J 31 12.73 94.39 -14.01
C LYS J 31 11.68 95.11 -13.18
N SER J 32 11.61 94.74 -11.90
CA SER J 32 10.66 95.34 -10.99
C SER J 32 11.02 96.80 -10.72
N GLN J 33 10.01 97.67 -10.72
CA GLN J 33 10.26 99.08 -10.44
C GLN J 33 10.76 99.27 -9.02
N ALA J 34 10.15 98.59 -8.05
CA ALA J 34 10.60 98.70 -6.67
C ALA J 34 11.87 97.92 -6.40
N LEU J 35 12.12 96.85 -7.17
CA LEU J 35 13.25 95.96 -6.98
C LEU J 35 13.94 95.77 -8.33
N PRO J 36 14.66 96.78 -8.82
CA PRO J 36 15.27 96.67 -10.16
C PRO J 36 16.25 95.53 -10.29
N PHE J 37 16.96 95.18 -9.22
CA PHE J 37 17.82 94.01 -9.24
C PHE J 37 17.04 92.71 -9.41
N LEU J 38 15.75 92.70 -9.11
CA LEU J 38 14.92 91.51 -9.19
C LEU J 38 14.06 91.54 -10.45
N GLU J 39 13.84 90.42 -11.07
CA GLU J 39 13.09 90.40 -12.29
C GLU J 39 11.69 90.69 -11.93
N LYS J 40 10.93 91.23 -12.84
CA LYS J 40 9.57 91.64 -12.57
C LYS J 40 8.64 90.43 -12.44
N PRO J 41 7.60 90.51 -11.60
CA PRO J 41 6.60 89.43 -11.59
C PRO J 41 5.86 89.36 -12.91
N ALA J 42 5.44 88.14 -13.27
CA ALA J 42 4.75 87.93 -14.53
C ALA J 42 3.34 88.49 -14.49
N SER J 43 2.61 88.24 -13.40
CA SER J 43 1.21 88.63 -13.33
C SER J 43 1.06 90.15 -13.27
N LEU J 44 1.90 90.82 -12.48
CA LEU J 44 1.82 92.27 -12.35
C LEU J 44 2.31 92.92 -13.63
N ASP J 45 1.45 93.74 -14.26
CA ASP J 45 1.77 94.37 -15.52
C ASP J 45 1.28 95.82 -15.61
N GLY J 46 1.04 96.48 -14.47
CA GLY J 46 0.60 97.85 -14.45
C GLY J 46 -0.89 98.04 -14.62
N SER J 47 -1.65 96.97 -14.84
CA SER J 47 -3.10 97.12 -15.04
C SER J 47 -3.76 97.65 -13.77
N MET J 48 -3.47 97.04 -12.63
CA MET J 48 -4.10 97.47 -11.39
C MET J 48 -3.51 98.81 -10.94
N PRO J 49 -4.28 99.63 -10.23
CA PRO J 49 -3.69 100.85 -9.65
C PRO J 49 -2.69 100.51 -8.56
N GLY J 50 -1.72 101.40 -8.39
CA GLY J 50 -0.71 101.19 -7.37
C GLY J 50 0.23 100.04 -7.65
N ASP J 51 0.39 99.67 -8.91
CA ASP J 51 1.25 98.55 -9.27
C ASP J 51 2.69 99.06 -9.37
N VAL J 52 3.59 98.44 -8.62
CA VAL J 52 5.02 98.71 -8.68
C VAL J 52 5.84 97.46 -8.98
N GLY J 53 5.18 96.33 -9.22
CA GLY J 53 5.93 95.10 -9.47
C GLY J 53 6.56 94.52 -8.23
N PHE J 54 6.00 94.79 -7.05
CA PHE J 54 6.59 94.38 -5.78
C PHE J 54 5.98 93.05 -5.37
N ASP J 55 6.70 91.96 -5.64
CA ASP J 55 6.26 90.64 -5.23
C ASP J 55 7.43 89.66 -5.25
N PRO J 56 8.34 89.72 -4.27
CA PRO J 56 9.43 88.73 -4.22
C PRO J 56 8.94 87.29 -4.12
N LEU J 57 7.88 87.03 -3.36
CA LEU J 57 7.42 85.67 -3.17
C LEU J 57 6.58 85.15 -4.33
N GLY J 58 6.09 86.02 -5.19
CA GLY J 58 5.34 85.59 -6.36
C GLY J 58 4.05 84.87 -6.03
N LEU J 59 3.31 85.35 -5.03
CA LEU J 59 2.03 84.75 -4.69
C LEU J 59 0.93 85.13 -5.67
N SER J 60 1.11 86.23 -6.40
CA SER J 60 0.18 86.57 -7.48
C SER J 60 0.21 85.53 -8.59
N SER J 61 1.39 85.04 -8.94
CA SER J 61 1.49 83.96 -9.92
C SER J 61 0.83 82.68 -9.43
N TYR J 62 0.71 82.51 -8.11
CA TYR J 62 0.13 81.29 -7.54
C TYR J 62 -1.39 81.37 -7.49
N PHE J 63 -1.92 82.38 -6.82
CA PHE J 63 -3.34 82.60 -6.59
C PHE J 63 -3.80 83.82 -7.38
N PRO J 64 -5.09 83.91 -7.74
CA PRO J 64 -5.51 84.96 -8.67
C PRO J 64 -5.29 86.37 -8.13
N LEU J 65 -4.95 87.29 -9.04
CA LEU J 65 -4.62 88.66 -8.66
C LEU J 65 -5.86 89.46 -8.28
N ASP J 66 -7.02 89.17 -8.89
CA ASP J 66 -8.23 89.88 -8.52
C ASP J 66 -8.60 89.61 -7.07
N TRP J 67 -8.48 88.35 -6.64
CA TRP J 67 -8.71 88.01 -5.24
C TRP J 67 -7.73 88.75 -4.34
N MET J 68 -6.46 88.83 -4.74
CA MET J 68 -5.46 89.50 -3.93
C MET J 68 -5.76 90.99 -3.78
N ARG J 69 -6.12 91.66 -4.88
CA ARG J 69 -6.42 93.08 -4.79
C ARG J 69 -7.70 93.33 -3.99
N GLU J 70 -8.69 92.45 -4.13
CA GLU J 70 -9.90 92.57 -3.32
C GLU J 70 -9.56 92.44 -1.84
N ALA J 71 -8.70 91.48 -1.49
CA ALA J 71 -8.28 91.33 -0.10
C ALA J 71 -7.50 92.54 0.37
N GLU J 72 -6.64 93.10 -0.49
CA GLU J 72 -5.86 94.28 -0.13
C GLU J 72 -6.77 95.46 0.19
N ILE J 73 -7.76 95.71 -0.67
CA ILE J 73 -8.66 96.83 -0.45
C ILE J 73 -9.51 96.57 0.80
N LYS J 74 -9.95 95.34 1.01
CA LYS J 74 -10.75 95.04 2.20
C LYS J 74 -9.94 95.27 3.47
N HIS J 75 -8.69 94.79 3.49
CA HIS J 75 -7.83 95.00 4.64
C HIS J 75 -7.61 96.49 4.88
N GLY J 76 -7.33 97.23 3.81
CA GLY J 76 -7.10 98.65 3.97
C GLY J 76 -8.31 99.39 4.48
N ARG J 77 -9.49 99.06 3.96
CA ARG J 77 -10.72 99.71 4.44
C ARG J 77 -10.94 99.40 5.91
N VAL J 78 -10.77 98.13 6.29
CA VAL J 78 -10.98 97.73 7.68
C VAL J 78 -9.99 98.45 8.58
N CYS J 79 -8.71 98.47 8.21
CA CYS J 79 -7.68 99.06 9.06
C CYS J 79 -7.82 100.58 9.13
N MET J 80 -8.19 101.22 8.03
CA MET J 80 -8.27 102.67 8.02
C MET J 80 -9.56 103.18 8.66
N LEU J 81 -10.59 102.35 8.75
CA LEU J 81 -11.69 102.67 9.66
C LEU J 81 -11.30 102.37 11.10
N ALA J 82 -10.53 101.31 11.31
CA ALA J 82 -10.14 100.90 12.65
C ALA J 82 -9.29 101.97 13.32
N ILE J 83 -8.38 102.59 12.57
CA ILE J 83 -7.55 103.65 13.12
C ILE J 83 -8.43 104.80 13.61
N VAL J 84 -9.39 105.21 12.78
CA VAL J 84 -10.26 106.33 13.15
C VAL J 84 -11.08 105.97 14.39
N GLY J 85 -11.63 104.76 14.42
CA GLY J 85 -12.42 104.35 15.58
C GLY J 85 -11.59 104.27 16.84
N TYR J 86 -10.39 103.70 16.75
CA TYR J 86 -9.48 103.61 17.88
C TYR J 86 -9.16 105.00 18.43
N ILE J 87 -8.74 105.92 17.56
CA ILE J 87 -8.34 107.24 18.06
C ILE J 87 -9.55 107.99 18.60
N ALA J 88 -10.71 107.84 17.98
CA ALA J 88 -11.90 108.54 18.45
C ALA J 88 -12.30 108.07 19.85
N VAL J 89 -12.42 106.75 20.02
CA VAL J 89 -12.86 106.24 21.31
C VAL J 89 -11.76 106.31 22.36
N ASP J 90 -10.49 106.47 21.97
CA ASP J 90 -9.45 106.78 22.94
C ASP J 90 -9.50 108.24 23.37
N ILE J 91 -9.79 109.15 22.43
CA ILE J 91 -9.95 110.56 22.78
C ILE J 91 -11.11 110.74 23.73
N GLY J 92 -12.22 110.07 23.45
CA GLY J 92 -13.38 110.10 24.34
C GLY J 92 -14.72 110.23 23.63
N ILE J 93 -14.72 110.21 22.30
CA ILE J 93 -15.98 110.22 21.57
C ILE J 93 -16.69 108.90 21.84
N ARG J 94 -17.91 108.97 22.36
CA ARG J 94 -18.70 107.80 22.71
C ARG J 94 -19.97 107.78 21.85
N ALA J 95 -20.34 106.59 21.41
CA ALA J 95 -21.57 106.45 20.64
C ALA J 95 -22.77 106.66 21.56
N PRO J 96 -23.93 107.02 21.01
CA PRO J 96 -25.11 107.23 21.85
C PRO J 96 -25.54 105.97 22.59
N GLY J 97 -25.51 106.02 23.92
CA GLY J 97 -25.82 104.87 24.75
C GLY J 97 -24.65 103.95 25.02
N ALA J 98 -23.53 104.13 24.30
CA ALA J 98 -22.35 103.32 24.55
C ALA J 98 -21.63 103.70 25.84
N GLU J 99 -21.87 104.91 26.36
CA GLU J 99 -21.26 105.31 27.62
C GLU J 99 -21.68 104.41 28.78
N LYS J 100 -22.83 103.74 28.67
CA LYS J 100 -23.28 102.84 29.73
C LYS J 100 -22.32 101.66 29.93
N LEU J 101 -21.52 101.32 28.93
CA LEU J 101 -20.62 100.18 29.08
C LEU J 101 -19.59 100.41 30.18
N GLY J 102 -19.22 101.66 30.44
CA GLY J 102 -18.35 102.01 31.57
C GLY J 102 -17.13 102.81 31.18
N SER J 103 -16.11 102.80 32.03
CA SER J 103 -14.87 103.52 31.77
C SER J 103 -14.01 102.67 30.84
N LEU J 104 -14.40 102.68 29.56
CA LEU J 104 -13.83 101.81 28.54
C LEU J 104 -12.96 102.64 27.61
N THR J 105 -11.69 102.30 27.53
CA THR J 105 -10.83 102.82 26.48
C THR J 105 -10.92 101.92 25.25
N SER J 106 -10.30 102.38 24.16
CA SER J 106 -10.23 101.55 22.95
C SER J 106 -9.51 100.24 23.21
N PHE J 107 -8.56 100.23 24.16
CA PHE J 107 -7.78 99.02 24.41
C PHE J 107 -8.67 97.89 24.93
N THR J 108 -9.57 98.21 25.86
CA THR J 108 -10.37 97.21 26.55
C THR J 108 -11.83 97.18 26.09
N ALA J 109 -12.16 97.86 25.00
CA ALA J 109 -13.55 97.91 24.57
C ALA J 109 -14.01 96.61 23.92
N HIS J 110 -13.09 95.85 23.33
CA HIS J 110 -13.49 94.65 22.60
C HIS J 110 -14.11 93.62 23.53
N ASN J 111 -13.45 93.32 24.65
CA ASN J 111 -13.95 92.31 25.57
C ASN J 111 -15.30 92.70 26.15
N ALA J 112 -15.43 93.96 26.57
CA ALA J 112 -16.69 94.42 27.12
C ALA J 112 -17.79 94.39 26.07
N ALA J 113 -17.47 94.75 24.83
CA ALA J 113 -18.49 94.73 23.78
C ALA J 113 -18.96 93.32 23.49
N VAL J 114 -18.05 92.35 23.41
CA VAL J 114 -18.48 90.98 23.12
C VAL J 114 -19.28 90.42 24.29
N THR J 115 -18.89 90.75 25.53
CA THR J 115 -19.68 90.30 26.67
C THR J 115 -21.06 90.92 26.67
N SER J 116 -21.15 92.21 26.36
CA SER J 116 -22.45 92.90 26.38
C SER J 116 -23.33 92.48 25.21
N GLY J 117 -22.75 92.01 24.11
CA GLY J 117 -23.51 91.50 22.99
C GLY J 117 -23.69 92.44 21.82
N HIS J 118 -23.23 93.70 21.93
CA HIS J 118 -23.34 94.61 20.79
C HIS J 118 -22.38 94.21 19.68
N MET J 119 -21.23 93.65 20.04
CA MET J 119 -20.31 93.16 19.02
C MET J 119 -20.91 92.02 18.20
N TRP J 120 -21.85 91.26 18.76
CA TRP J 120 -22.56 90.27 17.96
C TRP J 120 -23.44 90.94 16.90
N ALA J 121 -24.08 92.06 17.26
CA ALA J 121 -24.82 92.83 16.26
C ALA J 121 -23.88 93.38 15.18
N LEU J 122 -22.68 93.79 15.59
CA LEU J 122 -21.69 94.22 14.61
C LEU J 122 -21.32 93.08 13.68
N LEU J 123 -21.15 91.87 14.22
CA LEU J 123 -20.89 90.71 13.38
C LEU J 123 -22.04 90.46 12.41
N GLY J 124 -23.28 90.62 12.88
CA GLY J 124 -24.41 90.44 11.99
C GLY J 124 -24.42 91.43 10.84
N VAL J 125 -24.16 92.70 11.13
CA VAL J 125 -24.12 93.71 10.07
C VAL J 125 -22.96 93.43 9.13
N ALA J 126 -21.81 93.00 9.67
CA ALA J 126 -20.67 92.67 8.84
C ALA J 126 -20.99 91.51 7.91
N GLY J 127 -21.73 90.51 8.41
CA GLY J 127 -22.14 89.41 7.55
C GLY J 127 -23.12 89.85 6.49
N ILE J 128 -24.02 90.77 6.83
CA ILE J 128 -24.96 91.29 5.84
C ILE J 128 -24.21 91.97 4.70
N ALA J 129 -23.20 92.78 5.04
CA ALA J 129 -22.37 93.38 4.00
C ALA J 129 -21.54 92.34 3.25
N GLU J 130 -21.05 91.33 3.97
CA GLU J 130 -20.17 90.36 3.35
C GLU J 130 -20.92 89.41 2.42
N ILE J 131 -22.24 89.28 2.55
CA ILE J 131 -22.99 88.53 1.55
C ILE J 131 -22.83 89.18 0.18
N ALA J 132 -23.04 90.50 0.12
CA ALA J 132 -22.76 91.25 -1.10
C ALA J 132 -21.29 91.19 -1.47
N GLY J 133 -20.42 91.09 -0.46
CA GLY J 133 -18.99 90.91 -0.77
C GLY J 133 -18.71 89.63 -1.52
N MET J 134 -19.29 88.51 -1.05
CA MET J 134 -19.16 87.24 -1.78
C MET J 134 -19.73 87.36 -3.17
N ALA J 135 -20.90 88.00 -3.30
CA ALA J 135 -21.51 88.16 -4.62
C ALA J 135 -20.59 88.93 -5.55
N GLY J 136 -20.00 90.02 -5.06
CA GLY J 136 -19.12 90.81 -5.91
C GLY J 136 -17.86 90.08 -6.33
N ILE J 137 -17.20 89.42 -5.37
CA ILE J 137 -15.96 88.72 -5.72
C ILE J 137 -16.25 87.57 -6.67
N ALA J 138 -17.34 86.85 -6.44
CA ALA J 138 -17.71 85.77 -7.37
C ALA J 138 -18.01 86.34 -8.75
N ALA J 139 -18.68 87.49 -8.82
CA ALA J 139 -18.99 88.08 -10.12
C ALA J 139 -17.71 88.46 -10.86
N THR J 140 -16.78 89.14 -10.19
CA THR J 140 -15.58 89.59 -10.90
C THR J 140 -14.67 88.42 -11.25
N LEU J 141 -14.69 87.34 -10.46
CA LEU J 141 -13.93 86.16 -10.84
C LEU J 141 -14.59 85.40 -12.00
N ASN J 142 -15.92 85.39 -12.05
CA ASN J 142 -16.61 84.69 -13.12
C ASN J 142 -16.54 85.44 -14.44
N GLY J 143 -16.42 86.78 -14.39
CA GLY J 143 -16.22 87.57 -15.58
C GLY J 143 -17.25 88.67 -15.76
N SER J 144 -17.90 89.09 -14.68
CA SER J 144 -18.86 90.18 -14.77
C SER J 144 -18.21 91.51 -15.16
N GLY J 145 -16.90 91.63 -14.97
CA GLY J 145 -16.19 92.87 -15.27
C GLY J 145 -16.15 93.86 -14.12
N ARG J 146 -16.76 93.54 -12.98
CA ARG J 146 -16.68 94.41 -11.82
C ARG J 146 -15.24 94.55 -11.37
N ALA J 147 -14.80 95.79 -11.16
CA ALA J 147 -13.45 96.02 -10.69
C ALA J 147 -13.31 95.52 -9.25
N PRO J 148 -12.12 95.10 -8.83
CA PRO J 148 -11.94 94.75 -7.41
C PRO J 148 -12.18 95.95 -6.51
N GLY J 149 -13.11 95.80 -5.58
CA GLY J 149 -13.49 96.87 -4.67
C GLY J 149 -14.59 97.77 -5.18
N ASP J 150 -15.02 97.63 -6.43
CA ASP J 150 -16.12 98.42 -6.97
C ASP J 150 -17.42 97.85 -6.43
N PHE J 151 -17.98 98.52 -5.42
CA PHE J 151 -19.25 98.12 -4.83
C PHE J 151 -20.40 99.04 -5.26
N ALA J 152 -20.17 99.94 -6.21
CA ALA J 152 -21.20 100.85 -6.72
C ALA J 152 -21.75 101.77 -5.64
N PHE J 153 -21.01 101.95 -4.54
CA PHE J 153 -21.43 102.79 -3.43
C PHE J 153 -20.81 104.19 -3.52
N ASP J 154 -20.30 104.57 -4.69
CA ASP J 154 -19.60 105.83 -4.84
C ASP J 154 -20.52 107.02 -4.57
N GLY J 155 -19.94 108.10 -4.05
CA GLY J 155 -20.68 109.31 -3.78
C GLY J 155 -20.69 110.27 -4.96
N GLY J 156 -21.08 109.77 -6.13
CA GLY J 156 -21.12 110.61 -7.31
C GLY J 156 -19.78 111.01 -7.85
N PHE J 157 -18.73 110.23 -7.58
CA PHE J 157 -17.38 110.50 -8.06
C PHE J 157 -16.96 109.55 -9.18
N ALA J 158 -17.93 108.96 -9.90
CA ALA J 158 -17.68 108.20 -11.10
C ALA J 158 -18.04 108.98 -12.37
N LYS J 159 -18.11 110.30 -12.27
CA LYS J 159 -18.43 111.12 -13.45
C LYS J 159 -17.33 111.01 -14.50
N ASP J 160 -16.08 110.97 -14.07
CA ASP J 160 -14.92 110.95 -14.97
C ASP J 160 -14.05 109.74 -14.68
N ALA J 161 -13.69 109.00 -15.73
CA ALA J 161 -12.88 107.80 -15.55
C ALA J 161 -11.49 108.12 -15.04
N ALA J 162 -10.89 109.21 -15.53
CA ALA J 162 -9.56 109.59 -15.05
C ALA J 162 -9.60 109.98 -13.58
N LYS J 163 -10.62 110.72 -13.18
CA LYS J 163 -10.81 111.04 -11.77
C LYS J 163 -10.97 109.78 -10.94
N LEU J 164 -11.73 108.81 -11.45
CA LEU J 164 -11.92 107.56 -10.72
C LEU J 164 -10.61 106.81 -10.59
N GLU J 165 -9.79 106.80 -11.64
CA GLU J 165 -8.50 106.10 -11.59
C GLU J 165 -7.58 106.77 -10.56
N ARG J 166 -7.53 108.10 -10.56
CA ARG J 166 -6.72 108.80 -9.57
C ARG J 166 -7.21 108.50 -8.16
N PHE J 167 -8.52 108.49 -7.96
CA PHE J 167 -9.07 108.20 -6.64
C PHE J 167 -8.76 106.76 -6.23
N LYS J 168 -8.78 105.84 -7.17
CA LYS J 168 -8.44 104.45 -6.85
C LYS J 168 -6.97 104.33 -6.45
N LEU J 169 -6.09 105.04 -7.14
CA LEU J 169 -4.68 105.01 -6.77
C LEU J 169 -4.48 105.59 -5.37
N SER J 170 -5.14 106.70 -5.07
CA SER J 170 -5.05 107.27 -3.73
C SER J 170 -5.62 106.31 -2.69
N GLU J 171 -6.72 105.64 -3.02
CA GLU J 171 -7.33 104.68 -2.10
C GLU J 171 -6.35 103.57 -1.78
N ILE J 172 -5.70 103.01 -2.80
CA ILE J 172 -4.82 101.88 -2.55
C ILE J 172 -3.58 102.34 -1.78
N LYS J 173 -3.07 103.53 -2.07
CA LYS J 173 -1.95 104.03 -1.29
C LYS J 173 -2.33 104.22 0.17
N HIS J 174 -3.52 104.77 0.41
CA HIS J 174 -4.00 104.93 1.78
C HIS J 174 -4.22 103.59 2.46
N CYS J 175 -4.69 102.59 1.72
CA CYS J 175 -4.84 101.25 2.26
C CYS J 175 -3.50 100.69 2.72
N ARG J 176 -2.49 100.83 1.87
CA ARG J 176 -1.16 100.31 2.18
C ARG J 176 -0.58 101.03 3.39
N LEU J 177 -0.78 102.34 3.47
CA LEU J 177 -0.34 103.09 4.65
C LEU J 177 -1.11 102.65 5.89
N ALA J 178 -2.42 102.45 5.76
CA ALA J 178 -3.29 102.28 6.92
C ALA J 178 -3.13 100.92 7.56
N MET J 179 -2.85 99.88 6.78
CA MET J 179 -2.59 98.58 7.38
C MET J 179 -1.39 98.65 8.33
N MET J 180 -0.29 99.24 7.87
CA MET J 180 0.89 99.38 8.70
C MET J 180 0.63 100.34 9.86
N ALA J 181 -0.15 101.40 9.61
CA ALA J 181 -0.45 102.35 10.67
C ALA J 181 -1.22 101.70 11.80
N PHE J 182 -2.23 100.89 11.48
CA PHE J 182 -2.97 100.21 12.52
C PHE J 182 -2.14 99.16 13.21
N SER J 183 -1.27 98.47 12.47
CA SER J 183 -0.35 97.52 13.09
C SER J 183 0.48 98.20 14.16
N GLY J 184 1.13 99.31 13.80
CA GLY J 184 1.93 100.02 14.78
C GLY J 184 1.10 100.58 15.92
N LEU J 185 -0.08 101.09 15.61
CA LEU J 185 -0.94 101.67 16.63
C LEU J 185 -1.33 100.64 17.68
N VAL J 186 -1.86 99.50 17.24
CA VAL J 186 -2.31 98.49 18.19
C VAL J 186 -1.14 97.85 18.91
N THR J 187 -0.02 97.57 18.31
CA THR J 187 1.05 97.08 19.09
C THR J 187 1.39 98.16 20.08
N GLN J 188 1.76 99.34 19.68
CA GLN J 188 2.19 100.31 20.67
C GLN J 188 1.23 100.37 21.84
N ASP J 189 -0.07 100.33 21.56
CA ASP J 189 -1.05 100.34 22.65
C ASP J 189 -0.92 99.11 23.52
N ALA J 190 -0.70 97.94 22.91
CA ALA J 190 -0.53 96.73 23.70
C ALA J 190 0.72 96.79 24.55
N MET J 191 1.82 97.30 23.99
CA MET J 191 3.05 97.42 24.76
C MET J 191 2.89 98.38 25.93
N ALA J 192 2.19 99.50 25.71
CA ALA J 192 1.96 100.48 26.76
C ALA J 192 0.79 100.12 27.68
N ASN J 193 0.09 99.02 27.41
CA ASN J 193 -1.10 98.62 28.18
C ASN J 193 -2.16 99.69 27.96
N GLY J 194 -2.97 100.03 28.96
CA GLY J 194 -3.94 101.10 28.80
C GLY J 194 -3.25 102.44 28.63
N MET J 195 -3.29 102.99 27.41
CA MET J 195 -2.61 104.24 27.09
C MET J 195 -3.51 105.05 26.17
N GLY J 196 -3.35 106.37 26.23
CA GLY J 196 -4.23 107.29 25.53
C GLY J 196 -3.79 107.55 24.11
N PHE J 197 -4.18 108.72 23.61
CA PHE J 197 -3.99 109.06 22.20
C PHE J 197 -2.54 109.07 21.72
N PRO J 198 -1.55 109.66 22.42
CA PRO J 198 -0.24 109.85 21.78
C PRO J 198 0.52 108.58 21.45
N TYR J 199 0.73 107.72 22.45
CA TYR J 199 1.61 106.54 22.35
C TYR J 199 3.08 106.92 22.13
N PHE J 200 3.44 108.18 22.27
CA PHE J 200 4.82 108.60 22.00
C PHE J 200 5.71 108.34 23.21
N GLU K 36 -3.79 -86.78 -30.91
CA GLU K 36 -3.49 -85.33 -30.78
C GLU K 36 -4.35 -84.66 -29.71
N LEU K 37 -4.96 -85.52 -28.87
CA LEU K 37 -5.75 -85.07 -27.74
C LEU K 37 -5.00 -85.46 -26.56
N GLY K 38 -4.58 -84.52 -25.77
CA GLY K 38 -3.74 -84.81 -24.66
C GLY K 38 -2.64 -83.91 -24.86
N ALA K 39 -2.32 -83.65 -26.10
CA ALA K 39 -1.16 -82.90 -26.41
C ALA K 39 -1.35 -81.46 -26.60
N THR K 40 -1.33 -80.68 -25.54
CA THR K 40 -1.37 -79.25 -25.70
C THR K 40 -1.09 -78.68 -24.37
N GLY K 41 -0.52 -77.50 -24.32
CA GLY K 41 -0.36 -76.93 -23.03
C GLY K 41 0.96 -76.36 -22.85
N PRO K 42 1.48 -76.47 -21.65
CA PRO K 42 2.81 -75.98 -21.52
C PRO K 42 3.65 -76.83 -22.41
N LEU K 43 3.51 -78.14 -22.31
CA LEU K 43 4.31 -79.05 -23.07
C LEU K 43 3.43 -79.67 -24.09
N GLY K 44 3.81 -79.63 -25.35
CA GLY K 44 3.04 -80.31 -26.38
C GLY K 44 3.07 -81.82 -26.26
N TYR K 45 3.53 -82.53 -27.27
CA TYR K 45 3.66 -83.97 -27.13
C TYR K 45 4.63 -84.07 -26.06
N TRP K 46 4.54 -85.02 -25.18
CA TRP K 46 5.55 -85.19 -24.19
C TRP K 46 5.77 -86.62 -23.91
N ASP K 47 6.64 -87.26 -24.69
CA ASP K 47 6.91 -88.66 -24.50
C ASP K 47 8.40 -88.74 -24.27
N PRO K 48 8.84 -88.41 -23.05
CA PRO K 48 10.28 -88.36 -22.77
C PRO K 48 11.03 -89.69 -22.85
N LEU K 49 10.34 -90.78 -23.14
CA LEU K 49 10.97 -92.09 -23.27
C LEU K 49 10.54 -92.67 -24.59
N GLY K 50 9.69 -91.97 -25.30
CA GLY K 50 9.29 -92.36 -26.64
C GLY K 50 8.48 -93.65 -26.73
N PHE K 51 7.56 -93.87 -25.80
CA PHE K 51 6.74 -95.08 -25.84
C PHE K 51 5.90 -95.13 -27.11
N SER K 52 5.00 -94.17 -27.28
CA SER K 52 4.14 -94.14 -28.45
C SER K 52 4.94 -93.87 -29.73
N THR K 53 6.04 -93.14 -29.61
CA THR K 53 6.89 -92.92 -30.78
C THR K 53 7.47 -94.23 -31.29
N LYS K 54 7.92 -95.09 -30.37
CA LYS K 54 8.44 -96.40 -30.78
C LYS K 54 7.32 -97.32 -31.24
N GLN K 55 6.17 -97.27 -30.57
CA GLN K 55 5.05 -98.17 -30.85
C GLN K 55 3.77 -97.34 -31.01
N PRO K 56 3.62 -96.64 -32.14
CA PRO K 56 2.41 -95.83 -32.33
C PRO K 56 1.12 -96.64 -32.39
N GLU K 57 1.19 -97.94 -32.70
CA GLU K 57 0.00 -98.76 -32.70
C GLU K 57 -0.64 -98.86 -31.31
N ARG K 58 0.16 -98.73 -30.26
CA ARG K 58 -0.31 -98.85 -28.89
C ARG K 58 -0.76 -97.53 -28.29
N PHE K 59 -0.81 -96.45 -29.08
CA PHE K 59 -1.25 -95.17 -28.54
C PHE K 59 -2.71 -95.24 -28.09
N ALA K 60 -3.55 -95.97 -28.82
CA ALA K 60 -4.94 -96.11 -28.42
C ALA K 60 -5.05 -96.83 -27.07
N ARG K 61 -4.28 -97.90 -26.89
CA ARG K 61 -4.29 -98.62 -25.61
C ARG K 61 -3.79 -97.72 -24.49
N TYR K 62 -2.72 -96.96 -24.74
CA TYR K 62 -2.20 -96.08 -23.70
C TYR K 62 -3.19 -94.98 -23.36
N ARG K 63 -3.90 -94.47 -24.37
CA ARG K 63 -4.93 -93.46 -24.11
C ARG K 63 -6.06 -94.05 -23.27
N ALA K 64 -6.47 -95.28 -23.58
CA ALA K 64 -7.50 -95.93 -22.79
C ALA K 64 -7.07 -96.09 -21.34
N VAL K 65 -5.83 -96.53 -21.12
CA VAL K 65 -5.33 -96.72 -19.76
C VAL K 65 -5.25 -95.36 -19.04
N GLU K 66 -4.76 -94.33 -19.74
CA GLU K 66 -4.67 -93.01 -19.14
C GLU K 66 -6.03 -92.49 -18.73
N LEU K 67 -7.03 -92.63 -19.61
CA LEU K 67 -8.35 -92.15 -19.28
C LEU K 67 -8.95 -92.92 -18.12
N LYS K 68 -8.76 -94.25 -18.08
CA LYS K 68 -9.27 -95.04 -16.98
C LYS K 68 -8.64 -94.61 -15.66
N HIS K 69 -7.32 -94.46 -15.64
CA HIS K 69 -6.63 -94.03 -14.43
C HIS K 69 -7.07 -92.64 -14.01
N GLY K 70 -7.22 -91.74 -14.97
CA GLY K 70 -7.67 -90.39 -14.64
C GLY K 70 -9.07 -90.38 -14.06
N ARG K 71 -9.97 -91.20 -14.61
CA ARG K 71 -11.33 -91.25 -14.09
C ARG K 71 -11.36 -91.78 -12.66
N ILE K 72 -10.68 -92.89 -12.40
CA ILE K 72 -10.64 -93.41 -11.04
C ILE K 72 -9.96 -92.41 -10.12
N ALA K 73 -8.97 -91.67 -10.63
CA ALA K 73 -8.26 -90.70 -9.82
C ALA K 73 -9.15 -89.53 -9.44
N MET K 74 -9.93 -89.02 -10.40
CA MET K 74 -10.87 -87.95 -10.09
C MET K 74 -11.88 -88.42 -9.05
N ALA K 75 -12.39 -89.65 -9.21
CA ALA K 75 -13.33 -90.17 -8.22
C ALA K 75 -12.69 -90.26 -6.84
N ALA K 76 -11.45 -90.77 -6.76
CA ALA K 76 -10.79 -90.94 -5.47
C ALA K 76 -10.47 -89.58 -4.83
N CYS K 77 -10.03 -88.62 -5.63
CA CYS K 77 -9.73 -87.30 -5.08
C CYS K 77 -10.98 -86.62 -4.56
N THR K 78 -12.08 -86.71 -5.31
CA THR K 78 -13.33 -86.15 -4.83
C THR K 78 -13.79 -86.87 -3.56
N GLY K 79 -13.56 -88.18 -3.50
CA GLY K 79 -13.88 -88.92 -2.28
C GLY K 79 -13.09 -88.43 -1.09
N TYR K 80 -11.80 -88.16 -1.28
CA TYR K 80 -10.99 -87.63 -0.18
C TYR K 80 -11.49 -86.25 0.25
N PHE K 81 -11.70 -85.35 -0.71
CA PHE K 81 -12.15 -84.00 -0.36
C PHE K 81 -13.49 -84.03 0.36
N VAL K 82 -14.43 -84.85 -0.12
CA VAL K 82 -15.77 -84.85 0.44
C VAL K 82 -15.84 -85.62 1.75
N GLN K 83 -14.98 -86.64 1.94
CA GLN K 83 -14.92 -87.33 3.21
C GLN K 83 -14.22 -86.51 4.27
N SER K 84 -13.36 -85.56 3.87
CA SER K 84 -12.75 -84.67 4.85
C SER K 84 -13.77 -83.82 5.58
N VAL K 85 -14.95 -83.59 5.00
CA VAL K 85 -15.94 -82.65 5.52
C VAL K 85 -17.26 -83.32 5.88
N LEU K 86 -17.73 -84.25 5.05
CA LEU K 86 -19.07 -84.82 5.16
C LEU K 86 -18.96 -86.32 5.39
N ARG K 87 -19.70 -86.82 6.37
CA ARG K 87 -19.75 -88.24 6.69
C ARG K 87 -21.22 -88.67 6.76
N TRP K 88 -21.50 -89.84 6.19
CA TRP K 88 -22.88 -90.32 6.15
C TRP K 88 -23.36 -90.63 7.57
N PRO K 89 -24.64 -90.30 7.91
CA PRO K 89 -25.20 -90.81 9.18
C PRO K 89 -25.90 -92.15 9.01
N GLY K 90 -25.56 -93.11 9.85
CA GLY K 90 -26.18 -94.43 9.82
C GLY K 90 -25.17 -95.51 10.14
N TYR K 91 -25.68 -96.70 10.43
CA TYR K 91 -24.83 -97.84 10.71
C TYR K 91 -24.27 -98.39 9.41
N LEU K 92 -22.94 -98.59 9.38
CA LEU K 92 -22.35 -99.26 8.22
C LEU K 92 -22.77 -100.73 8.16
N SER K 93 -22.97 -101.35 9.31
CA SER K 93 -23.42 -102.74 9.38
C SER K 93 -24.07 -102.98 10.73
N THR K 94 -25.31 -103.47 10.73
CA THR K 94 -25.98 -103.80 11.99
C THR K 94 -25.28 -104.91 12.73
N SER K 95 -24.77 -105.92 12.01
CA SER K 95 -24.06 -107.02 12.66
C SER K 95 -22.83 -106.51 13.38
N ALA K 96 -22.07 -105.62 12.76
CA ALA K 96 -20.90 -105.02 13.37
C ALA K 96 -21.30 -103.80 14.21
N GLY K 97 -20.35 -103.30 14.99
CA GLY K 97 -20.52 -102.12 15.80
C GLY K 97 -19.96 -100.84 15.19
N VAL K 98 -19.76 -100.80 13.87
CA VAL K 98 -19.06 -99.71 13.20
C VAL K 98 -20.06 -98.83 12.47
N LYS K 99 -19.98 -97.52 12.71
CA LYS K 99 -20.76 -96.52 12.02
C LYS K 99 -19.94 -95.90 10.89
N PHE K 100 -20.62 -95.12 10.05
CA PHE K 100 -19.92 -94.35 9.03
C PHE K 100 -19.07 -93.24 9.63
N SER K 101 -19.37 -92.81 10.86
CA SER K 101 -18.63 -91.72 11.50
C SER K 101 -17.32 -92.19 12.13
N ASP K 102 -17.21 -93.47 12.48
CA ASP K 102 -16.00 -93.93 13.16
C ASP K 102 -14.85 -94.14 12.18
N LEU K 103 -15.15 -94.41 10.92
CA LEU K 103 -14.10 -94.60 9.93
C LEU K 103 -13.32 -93.29 9.76
N PRO K 104 -11.97 -93.33 9.75
CA PRO K 104 -11.23 -92.17 9.24
C PRO K 104 -11.34 -92.06 7.73
N ASN K 105 -10.60 -91.13 7.14
CA ASN K 105 -10.61 -90.89 5.70
C ASN K 105 -9.23 -91.29 5.18
N GLY K 106 -9.08 -92.58 4.85
CA GLY K 106 -7.82 -93.07 4.36
C GLY K 106 -7.78 -94.59 4.40
N ILE K 107 -6.55 -95.11 4.45
CA ILE K 107 -6.37 -96.56 4.50
C ILE K 107 -7.02 -97.15 5.74
N ALA K 108 -6.95 -96.45 6.87
CA ALA K 108 -7.63 -96.92 8.07
C ALA K 108 -9.14 -96.97 7.87
N GLY K 109 -9.69 -95.95 7.22
CA GLY K 109 -11.12 -95.95 6.96
C GLY K 109 -11.55 -97.10 6.06
N PHE K 110 -10.76 -97.38 5.03
CA PHE K 110 -11.07 -98.54 4.19
C PHE K 110 -10.89 -99.85 4.94
N ALA K 111 -9.90 -99.91 5.83
CA ALA K 111 -9.66 -101.12 6.61
C ALA K 111 -10.84 -101.42 7.51
N LYS K 112 -11.40 -100.41 8.16
CA LYS K 112 -12.51 -100.60 9.09
C LYS K 112 -13.84 -100.70 8.34
N ILE K 113 -13.94 -101.74 7.52
CA ILE K 113 -15.19 -102.12 6.84
C ILE K 113 -15.34 -103.62 6.93
N PRO K 114 -16.59 -104.12 7.05
CA PRO K 114 -16.76 -105.58 7.13
C PRO K 114 -16.32 -106.25 5.85
N PRO K 115 -15.85 -107.50 5.91
CA PRO K 115 -15.44 -108.19 4.68
C PRO K 115 -16.58 -108.36 3.69
N LEU K 116 -17.81 -108.53 4.17
CA LEU K 116 -18.95 -108.60 3.26
C LEU K 116 -19.14 -107.29 2.53
N GLY K 117 -19.00 -106.16 3.22
CA GLY K 117 -19.08 -104.87 2.55
C GLY K 117 -17.96 -104.66 1.55
N LEU K 118 -16.75 -105.09 1.90
CA LEU K 118 -15.64 -104.98 0.96
C LEU K 118 -15.89 -105.84 -0.28
N ALA K 119 -16.42 -107.05 -0.09
CA ALA K 119 -16.75 -107.90 -1.23
C ALA K 119 -17.84 -107.28 -2.08
N GLN K 120 -18.83 -106.63 -1.44
CA GLN K 120 -19.88 -105.97 -2.20
C GLN K 120 -19.31 -104.82 -3.03
N ILE K 121 -18.39 -104.05 -2.45
CA ILE K 121 -17.72 -102.98 -3.20
C ILE K 121 -16.98 -103.57 -4.40
N PHE K 122 -16.24 -104.66 -4.15
CA PHE K 122 -15.44 -105.26 -5.22
C PHE K 122 -16.32 -105.78 -6.35
N LEU K 123 -17.43 -106.45 -6.01
CA LEU K 123 -18.28 -106.99 -7.08
C LEU K 123 -19.02 -105.88 -7.79
N PHE K 124 -19.39 -104.81 -7.09
CA PHE K 124 -20.01 -103.67 -7.76
C PHE K 124 -19.06 -103.07 -8.79
N ILE K 125 -17.80 -102.88 -8.40
CA ILE K 125 -16.80 -102.36 -9.34
C ILE K 125 -16.63 -103.34 -10.49
N GLY K 126 -16.63 -104.64 -10.18
CA GLY K 126 -16.48 -105.64 -11.23
C GLY K 126 -17.59 -105.60 -12.25
N LEU K 127 -18.84 -105.52 -11.79
CA LEU K 127 -19.94 -105.43 -12.74
C LEU K 127 -19.86 -104.14 -13.55
N MET K 128 -19.62 -103.01 -12.88
CA MET K 128 -19.61 -101.74 -13.58
C MET K 128 -18.49 -101.66 -14.61
N GLU K 129 -17.40 -102.40 -14.39
CA GLU K 129 -16.27 -102.36 -15.29
C GLU K 129 -16.30 -103.46 -16.34
N ALA K 130 -17.02 -104.56 -16.10
CA ALA K 130 -17.08 -105.69 -17.03
C ALA K 130 -18.26 -105.62 -17.98
N PHE K 131 -19.45 -105.22 -17.51
CA PHE K 131 -20.65 -105.20 -18.33
C PHE K 131 -21.19 -103.82 -18.62
N THR K 132 -20.91 -102.83 -17.78
CA THR K 132 -21.43 -101.48 -18.01
C THR K 132 -20.46 -100.62 -18.81
N TRP K 133 -19.19 -100.57 -18.39
CA TRP K 133 -18.17 -99.74 -19.04
C TRP K 133 -16.92 -100.57 -19.29
N PRO K 134 -16.96 -101.48 -20.28
CA PRO K 134 -15.74 -102.21 -20.66
C PRO K 134 -14.92 -101.41 -21.65
N PHE K 135 -13.70 -101.04 -21.25
CA PHE K 135 -12.84 -100.26 -22.14
C PHE K 135 -12.43 -101.06 -23.36
N TYR K 136 -12.12 -102.35 -23.17
CA TYR K 136 -11.76 -103.24 -24.27
C TYR K 136 -12.99 -104.02 -24.70
N GLN K 137 -13.28 -104.00 -26.00
CA GLN K 137 -14.36 -104.85 -26.52
C GLN K 137 -14.07 -106.32 -26.25
N GLY K 138 -12.85 -106.76 -26.60
CA GLY K 138 -12.42 -108.12 -26.38
C GLY K 138 -11.27 -108.22 -25.39
N GLY K 139 -10.08 -108.57 -25.89
CA GLY K 139 -8.92 -108.77 -25.05
C GLY K 139 -8.11 -107.51 -24.85
N LEU K 140 -6.98 -107.69 -24.16
CA LEU K 140 -6.04 -106.59 -23.93
C LEU K 140 -5.54 -106.02 -25.25
N GLY K 141 -5.40 -104.70 -25.30
CA GLY K 141 -4.94 -104.04 -26.50
C GLY K 141 -5.89 -104.15 -27.67
N LYS K 142 -7.20 -104.23 -27.39
CA LYS K 142 -8.22 -104.38 -28.40
C LYS K 142 -9.34 -103.36 -28.19
N VAL K 143 -8.97 -102.10 -28.00
CA VAL K 143 -9.94 -101.04 -27.77
C VAL K 143 -10.78 -100.86 -29.03
N PRO K 144 -11.98 -100.30 -28.96
CA PRO K 144 -12.81 -100.15 -30.16
C PRO K 144 -12.16 -99.21 -31.18
N GLU K 145 -12.06 -99.69 -32.42
CA GLU K 145 -11.54 -98.85 -33.50
C GLU K 145 -12.56 -97.81 -33.93
N GLY K 146 -13.84 -98.21 -34.00
CA GLY K 146 -14.87 -97.25 -34.38
C GLY K 146 -15.10 -96.18 -33.33
N LYS K 147 -15.06 -96.57 -32.06
CA LYS K 147 -15.28 -95.66 -30.95
C LYS K 147 -13.94 -95.12 -30.43
N LEU K 148 -14.02 -94.08 -29.62
CA LEU K 148 -12.82 -93.53 -29.02
C LEU K 148 -12.29 -94.49 -27.97
N PRO K 149 -11.02 -94.34 -27.56
CA PRO K 149 -10.45 -95.28 -26.57
C PRO K 149 -11.23 -95.33 -25.26
N GLY K 150 -11.73 -94.19 -24.79
CA GLY K 150 -12.46 -94.13 -23.55
C GLY K 150 -13.95 -93.92 -23.75
N ASP K 151 -14.50 -94.46 -24.84
CA ASP K 151 -15.91 -94.33 -25.17
C ASP K 151 -16.58 -95.61 -24.65
N VAL K 152 -16.98 -95.55 -23.37
CA VAL K 152 -17.62 -96.69 -22.72
C VAL K 152 -19.07 -96.41 -22.33
N ALA K 153 -19.49 -95.15 -22.31
CA ALA K 153 -20.87 -94.82 -22.01
C ALA K 153 -21.79 -95.33 -23.11
N GLY K 154 -23.04 -95.60 -22.74
CA GLY K 154 -24.04 -96.06 -23.67
C GLY K 154 -24.67 -94.92 -24.43
N ASP K 155 -25.87 -95.20 -24.97
CA ASP K 155 -26.60 -94.16 -25.70
C ASP K 155 -26.96 -92.99 -24.79
N LEU K 156 -27.37 -93.28 -23.57
CA LEU K 156 -27.82 -92.24 -22.63
C LEU K 156 -26.60 -91.61 -21.98
N TRP K 157 -26.06 -90.58 -22.62
CA TRP K 157 -24.92 -89.85 -22.08
C TRP K 157 -24.88 -88.47 -22.71
N VAL K 158 -24.19 -87.55 -22.04
CA VAL K 158 -24.05 -86.19 -22.55
C VAL K 158 -23.07 -86.19 -23.71
N ARG K 159 -23.50 -85.65 -24.85
CA ARG K 159 -22.72 -85.62 -26.07
C ARG K 159 -22.72 -84.21 -26.64
N TYR K 160 -21.54 -83.74 -27.05
CA TYR K 160 -21.39 -82.42 -27.64
C TYR K 160 -21.25 -82.59 -29.15
N SER K 161 -22.26 -82.14 -29.90
CA SER K 161 -22.27 -82.26 -31.35
C SER K 161 -21.59 -81.04 -31.99
N ASP K 162 -20.32 -80.87 -31.66
CA ASP K 162 -19.51 -79.79 -32.20
C ASP K 162 -18.08 -80.30 -32.09
N PRO K 163 -17.30 -80.35 -33.19
CA PRO K 163 -15.93 -80.90 -33.07
C PRO K 163 -15.04 -80.09 -32.15
N GLU K 164 -15.07 -78.77 -32.24
CA GLU K 164 -14.21 -77.94 -31.41
C GLU K 164 -14.53 -78.10 -29.93
N VAL K 165 -15.81 -78.03 -29.58
CA VAL K 165 -16.21 -78.15 -28.18
C VAL K 165 -15.92 -79.55 -27.67
N LYS K 166 -16.18 -80.57 -28.48
CA LYS K 166 -15.88 -81.94 -28.08
C LYS K 166 -14.39 -82.12 -27.83
N LYS K 167 -13.55 -81.57 -28.71
CA LYS K 167 -12.11 -81.68 -28.53
C LYS K 167 -11.66 -80.96 -27.26
N HIS K 168 -12.18 -79.76 -27.02
CA HIS K 168 -11.78 -79.02 -25.82
C HIS K 168 -12.22 -79.74 -24.56
N LYS K 169 -13.45 -80.27 -24.55
CA LYS K 169 -13.95 -80.96 -23.37
C LYS K 169 -13.16 -82.25 -23.11
N LEU K 170 -12.79 -82.97 -24.17
CA LEU K 170 -11.97 -84.16 -23.97
C LEU K 170 -10.57 -83.81 -23.51
N ASN K 171 -10.02 -82.69 -23.99
CA ASN K 171 -8.70 -82.25 -23.53
C ASN K 171 -8.72 -81.92 -22.05
N VAL K 172 -9.75 -81.20 -21.60
CA VAL K 172 -9.82 -80.90 -20.18
C VAL K 172 -10.11 -82.17 -19.38
N GLU K 173 -10.86 -83.12 -19.95
CA GLU K 173 -11.06 -84.40 -19.28
C GLU K 173 -9.74 -85.08 -19.00
N ILE K 174 -8.93 -85.28 -20.04
CA ILE K 174 -7.69 -86.03 -19.85
C ILE K 174 -6.73 -85.25 -18.96
N ASN K 175 -6.66 -83.92 -19.12
CA ASN K 175 -5.75 -83.13 -18.30
C ASN K 175 -6.15 -83.16 -16.83
N ASN K 176 -7.45 -83.04 -16.53
CA ASN K 176 -7.91 -83.19 -15.17
C ASN K 176 -7.63 -84.59 -14.65
N GLY K 177 -7.69 -85.60 -15.52
CA GLY K 177 -7.32 -86.93 -15.11
C GLY K 177 -5.87 -87.02 -14.68
N ARG K 178 -4.97 -86.42 -15.46
CA ARG K 178 -3.55 -86.44 -15.10
C ARG K 178 -3.32 -85.75 -13.76
N ALA K 179 -3.85 -84.53 -13.62
CA ALA K 179 -3.68 -83.80 -12.38
C ALA K 179 -4.28 -84.55 -11.20
N ALA K 180 -5.46 -85.14 -11.41
CA ALA K 180 -6.12 -85.87 -10.36
C ALA K 180 -5.33 -87.09 -9.92
N MET K 181 -4.72 -87.82 -10.87
CA MET K 181 -3.99 -89.02 -10.47
C MET K 181 -2.66 -88.68 -9.81
N MET K 182 -2.00 -87.61 -10.25
CA MET K 182 -0.81 -87.16 -9.52
C MET K 182 -1.19 -86.76 -8.09
N GLY K 183 -2.25 -85.96 -7.96
CA GLY K 183 -2.70 -85.56 -6.64
C GLY K 183 -3.16 -86.72 -5.79
N SER K 184 -3.77 -87.73 -6.42
CA SER K 184 -4.25 -88.88 -5.67
C SER K 184 -3.10 -89.74 -5.18
N LEU K 185 -2.04 -89.87 -5.98
CA LEU K 185 -0.83 -90.50 -5.47
C LEU K 185 -0.28 -89.71 -4.29
N GLY K 186 -0.30 -88.38 -4.39
CA GLY K 186 0.14 -87.56 -3.27
C GLY K 186 -0.68 -87.81 -2.02
N MET K 187 -2.00 -87.83 -2.15
CA MET K 187 -2.87 -88.09 -1.02
C MET K 187 -2.61 -89.47 -0.42
N LEU K 188 -2.47 -90.48 -1.29
CA LEU K 188 -2.26 -91.84 -0.79
C LEU K 188 -0.94 -91.95 -0.03
N MET K 189 0.13 -91.35 -0.55
CA MET K 189 1.40 -91.40 0.14
C MET K 189 1.35 -90.63 1.45
N HIS K 190 0.71 -89.45 1.45
CA HIS K 190 0.61 -88.67 2.69
C HIS K 190 -0.17 -89.43 3.75
N ASP K 191 -1.28 -90.07 3.35
CA ASP K 191 -2.08 -90.80 4.32
C ASP K 191 -1.38 -92.07 4.78
N HIS K 192 -0.61 -92.70 3.90
CA HIS K 192 0.19 -93.86 4.30
C HIS K 192 1.23 -93.46 5.33
N ILE K 193 1.92 -92.34 5.11
CA ILE K 193 3.00 -91.94 5.99
C ILE K 193 2.45 -91.42 7.31
N LEU K 194 1.67 -90.34 7.26
CA LEU K 194 1.14 -89.70 8.45
C LEU K 194 -0.16 -90.35 8.93
N GLY K 195 -1.17 -90.36 8.06
CA GLY K 195 -2.49 -90.82 8.42
C GLY K 195 -3.58 -89.94 7.84
N THR K 196 -3.26 -88.66 7.65
CA THR K 196 -4.15 -87.70 7.03
C THR K 196 -3.62 -87.33 5.65
N TRP K 197 -4.54 -87.23 4.68
CA TRP K 197 -4.13 -86.87 3.32
C TRP K 197 -3.49 -85.50 3.29
N ILE K 198 -4.03 -84.55 4.05
CA ILE K 198 -3.40 -83.22 4.11
C ILE K 198 -2.03 -83.36 4.77
N PRO K 199 -0.96 -82.78 4.21
CA PRO K 199 0.34 -82.88 4.86
C PRO K 199 0.52 -81.79 5.92
N PRO K 200 1.60 -81.83 6.69
CA PRO K 200 1.83 -80.75 7.67
C PRO K 200 1.97 -79.40 7.00
N GLY K 201 1.46 -78.37 7.66
CA GLY K 201 1.54 -77.02 7.15
C GLY K 201 2.84 -76.33 7.52
N VAL L 32 -97.65 -49.73 -16.14
CA VAL L 32 -97.52 -50.88 -15.26
C VAL L 32 -98.15 -52.06 -15.92
N GLU L 33 -98.20 -52.07 -17.24
CA GLU L 33 -98.91 -53.13 -17.88
C GLU L 33 -97.95 -53.96 -18.64
N THR L 34 -96.82 -53.36 -18.98
CA THR L 34 -95.79 -54.10 -19.65
C THR L 34 -94.89 -54.78 -18.62
N MET L 35 -94.86 -54.28 -17.40
CA MET L 35 -93.99 -54.86 -16.39
C MET L 35 -94.36 -56.32 -16.17
N GLU L 36 -93.43 -57.15 -15.70
CA GLU L 36 -93.67 -58.59 -15.52
C GLU L 36 -94.70 -58.94 -14.49
N GLY L 37 -94.61 -58.32 -13.33
CA GLY L 37 -95.54 -58.53 -12.24
C GLY L 37 -96.96 -58.11 -12.52
N ALA L 38 -97.26 -57.62 -13.73
CA ALA L 38 -98.61 -57.16 -14.04
C ALA L 38 -99.62 -58.30 -13.95
N ALA L 39 -99.28 -59.45 -14.53
CA ALA L 39 -100.18 -60.60 -14.57
C ALA L 39 -99.81 -61.56 -13.43
N GLY L 40 -100.83 -61.97 -12.66
CA GLY L 40 -100.64 -62.95 -11.62
C GLY L 40 -101.93 -63.71 -11.33
N PRO L 41 -101.86 -65.00 -11.00
CA PRO L 41 -103.10 -65.72 -10.68
C PRO L 41 -103.82 -65.19 -9.46
N GLU L 42 -103.09 -64.70 -8.47
CA GLU L 42 -103.68 -64.27 -7.21
C GLU L 42 -104.25 -62.86 -7.27
N THR L 43 -103.70 -62.00 -8.13
CA THR L 43 -104.16 -60.63 -8.28
C THR L 43 -105.26 -60.50 -9.34
N ALA L 44 -105.90 -61.60 -9.74
CA ALA L 44 -106.93 -61.60 -10.78
C ALA L 44 -106.41 -61.04 -12.10
N GLY L 45 -105.12 -61.25 -12.38
CA GLY L 45 -104.51 -60.75 -13.59
C GLY L 45 -104.49 -59.24 -13.71
N LYS L 46 -104.70 -58.51 -12.61
CA LYS L 46 -104.76 -57.06 -12.62
C LYS L 46 -103.42 -56.46 -12.25
N VAL L 47 -103.22 -55.21 -12.66
CA VAL L 47 -101.99 -54.51 -12.32
C VAL L 47 -101.88 -54.28 -10.81
N PHE L 48 -103.01 -54.18 -10.12
CA PHE L 48 -103.07 -54.05 -8.66
C PHE L 48 -102.29 -52.81 -8.22
N ASP L 49 -102.87 -51.66 -8.56
CA ASP L 49 -102.43 -50.36 -8.03
C ASP L 49 -103.65 -49.62 -7.49
N PRO L 50 -104.18 -50.05 -6.32
CA PRO L 50 -105.30 -49.32 -5.72
C PRO L 50 -105.06 -47.82 -5.53
N LEU L 51 -103.96 -47.45 -4.89
CA LEU L 51 -103.65 -46.03 -4.69
C LEU L 51 -103.22 -45.35 -5.98
N GLY L 52 -103.00 -46.10 -7.06
CA GLY L 52 -102.64 -45.50 -8.33
C GLY L 52 -101.30 -44.81 -8.31
N LEU L 53 -100.33 -45.34 -7.55
CA LEU L 53 -99.04 -44.67 -7.44
C LEU L 53 -98.20 -44.77 -8.70
N ALA L 54 -98.57 -45.63 -9.65
CA ALA L 54 -97.85 -45.68 -10.92
C ALA L 54 -97.97 -44.37 -11.70
N SER L 55 -98.99 -43.56 -11.40
CA SER L 55 -99.23 -42.31 -12.12
C SER L 55 -98.59 -41.10 -11.45
N LEU L 56 -97.77 -41.29 -10.41
CA LEU L 56 -97.06 -40.14 -9.85
C LEU L 56 -96.09 -39.51 -10.83
N GLY L 57 -95.66 -40.24 -11.85
CA GLY L 57 -94.73 -39.72 -12.83
C GLY L 57 -94.84 -40.45 -14.16
N GLY L 58 -93.81 -40.37 -14.97
CA GLY L 58 -93.78 -41.07 -16.24
C GLY L 58 -93.33 -42.50 -16.07
N GLU L 59 -92.76 -43.06 -17.14
CA GLU L 59 -92.19 -44.39 -17.05
C GLU L 59 -90.96 -44.43 -16.16
N GLU L 60 -90.30 -43.28 -15.94
CA GLU L 60 -89.07 -43.25 -15.15
C GLU L 60 -89.35 -43.59 -13.70
N THR L 61 -90.39 -42.98 -13.11
CA THR L 61 -90.68 -43.27 -11.71
C THR L 61 -91.17 -44.70 -11.54
N LEU L 62 -91.87 -45.27 -12.53
CA LEU L 62 -92.31 -46.65 -12.41
C LEU L 62 -91.13 -47.60 -12.53
N ALA L 63 -90.17 -47.28 -13.38
CA ALA L 63 -88.94 -48.06 -13.44
C ALA L 63 -88.18 -47.99 -12.12
N PHE L 64 -88.12 -46.79 -11.52
CA PHE L 64 -87.49 -46.65 -10.22
C PHE L 64 -88.21 -47.47 -9.16
N PHE L 65 -89.55 -47.45 -9.18
CA PHE L 65 -90.31 -48.23 -8.22
C PHE L 65 -90.08 -49.72 -8.39
N ARG L 66 -90.01 -50.19 -9.64
CA ARG L 66 -89.75 -51.61 -9.87
C ARG L 66 -88.34 -51.98 -9.40
N HIS L 67 -87.35 -51.12 -9.65
CA HIS L 67 -86.01 -51.40 -9.16
C HIS L 67 -85.99 -51.45 -7.64
N ALA L 68 -86.72 -50.53 -7.00
CA ALA L 68 -86.79 -50.54 -5.54
C ALA L 68 -87.45 -51.80 -5.04
N GLU L 69 -88.52 -52.24 -5.71
CA GLU L 69 -89.19 -53.47 -5.31
C GLU L 69 -88.26 -54.66 -5.43
N LEU L 70 -87.52 -54.74 -6.53
CA LEU L 70 -86.62 -55.87 -6.73
C LEU L 70 -85.50 -55.86 -5.70
N LYS L 71 -84.93 -54.69 -5.42
CA LYS L 71 -83.87 -54.62 -4.42
C LYS L 71 -84.39 -54.97 -3.03
N HIS L 72 -85.60 -54.50 -2.69
CA HIS L 72 -86.19 -54.86 -1.42
C HIS L 72 -86.42 -56.35 -1.32
N GLY L 73 -86.93 -56.96 -2.38
CA GLY L 73 -87.17 -58.40 -2.36
C GLY L 73 -85.88 -59.18 -2.22
N ARG L 74 -84.82 -58.72 -2.88
CA ARG L 74 -83.54 -59.41 -2.79
C ARG L 74 -82.95 -59.29 -1.40
N VAL L 75 -82.96 -58.08 -0.83
CA VAL L 75 -82.42 -57.89 0.51
C VAL L 75 -83.27 -58.66 1.53
N ALA L 76 -84.58 -58.73 1.31
CA ALA L 76 -85.44 -59.49 2.20
C ALA L 76 -85.20 -60.99 2.08
N MET L 77 -84.90 -61.48 0.88
CA MET L 77 -84.50 -62.88 0.73
C MET L 77 -83.24 -63.17 1.53
N ALA L 78 -82.21 -62.35 1.34
CA ALA L 78 -80.97 -62.54 2.08
C ALA L 78 -81.19 -62.39 3.58
N ALA L 79 -82.08 -61.48 3.98
CA ALA L 79 -82.41 -61.32 5.39
C ALA L 79 -83.10 -62.55 5.93
N ILE L 80 -84.00 -63.16 5.16
CA ILE L 80 -84.66 -64.38 5.61
C ILE L 80 -83.63 -65.47 5.82
N VAL L 81 -82.71 -65.62 4.88
CA VAL L 81 -81.69 -66.68 5.00
C VAL L 81 -80.80 -66.42 6.21
N GLY L 82 -80.35 -65.17 6.38
CA GLY L 82 -79.50 -64.85 7.52
C GLY L 82 -80.21 -65.02 8.84
N PHE L 83 -81.48 -64.62 8.90
CA PHE L 83 -82.27 -64.76 10.11
C PHE L 83 -82.47 -66.22 10.46
N GLN L 84 -82.72 -67.06 9.47
CA GLN L 84 -82.82 -68.49 9.73
C GLN L 84 -81.50 -69.04 10.22
N PHE L 85 -80.40 -68.65 9.57
CA PHE L 85 -79.08 -69.13 9.97
C PHE L 85 -78.72 -68.68 11.38
N HIS L 86 -79.24 -67.52 11.81
CA HIS L 86 -78.96 -67.00 13.13
C HIS L 86 -79.83 -67.64 14.21
N ILE L 87 -81.14 -67.75 13.97
CA ILE L 87 -82.01 -68.35 14.97
C ILE L 87 -81.71 -69.83 15.12
N ASN L 88 -81.27 -70.49 14.04
CA ASN L 88 -80.61 -71.78 14.18
C ASN L 88 -79.14 -71.55 14.55
N HIS L 89 -78.49 -72.60 15.04
CA HIS L 89 -77.08 -72.50 15.43
C HIS L 89 -76.23 -72.79 14.21
N VAL L 90 -75.95 -71.74 13.44
CA VAL L 90 -75.09 -71.82 12.26
C VAL L 90 -74.27 -70.53 12.26
N HIS L 91 -72.97 -70.66 12.52
CA HIS L 91 -72.08 -69.51 12.55
C HIS L 91 -70.70 -69.93 12.07
N PHE L 92 -69.92 -68.97 11.58
CA PHE L 92 -68.56 -69.26 11.19
C PHE L 92 -67.72 -69.54 12.43
N PRO L 93 -66.74 -70.47 12.37
CA PRO L 93 -65.92 -70.76 13.55
C PRO L 93 -64.71 -69.83 13.65
N GLY L 94 -64.54 -69.20 14.80
CA GLY L 94 -63.39 -68.38 15.09
C GLY L 94 -63.79 -67.06 15.70
N TYR L 95 -62.86 -66.12 15.69
CA TYR L 95 -63.04 -64.81 16.31
C TYR L 95 -63.36 -63.80 15.21
N LEU L 96 -64.50 -63.12 15.35
CA LEU L 96 -64.85 -62.07 14.40
C LEU L 96 -63.87 -60.91 14.48
N SER L 97 -63.62 -60.42 15.70
CA SER L 97 -62.72 -59.29 15.95
C SER L 97 -61.73 -59.70 17.02
N PRO L 98 -60.60 -60.29 16.65
CA PRO L 98 -59.59 -60.65 17.68
C PRO L 98 -59.12 -59.48 18.50
N SER L 99 -59.07 -58.27 17.93
CA SER L 99 -58.63 -57.11 18.71
C SER L 99 -59.59 -56.81 19.85
N ALA L 100 -60.89 -56.85 19.59
CA ALA L 100 -61.92 -56.49 20.56
C ALA L 100 -62.57 -57.69 21.23
N GLY L 101 -62.18 -58.92 20.87
CA GLY L 101 -62.71 -60.08 21.55
C GLY L 101 -64.17 -60.35 21.27
N VAL L 102 -64.69 -59.86 20.15
CA VAL L 102 -66.07 -60.14 19.74
C VAL L 102 -66.04 -61.36 18.84
N THR L 103 -66.91 -62.32 19.13
CA THR L 103 -66.86 -63.63 18.51
C THR L 103 -68.25 -63.97 17.99
N PHE L 104 -68.29 -64.79 16.93
CA PHE L 104 -69.57 -65.20 16.35
C PHE L 104 -70.43 -65.92 17.37
N GLU L 105 -69.81 -66.58 18.34
CA GLU L 105 -70.58 -67.18 19.43
C GLU L 105 -71.30 -66.13 20.25
N GLN L 106 -70.64 -65.01 20.55
CA GLN L 106 -71.31 -63.93 21.27
C GLN L 106 -72.45 -63.36 20.45
N LEU L 107 -72.24 -63.22 19.13
CA LEU L 107 -73.32 -62.70 18.30
C LEU L 107 -74.49 -63.68 18.23
N ALA L 108 -74.22 -64.98 18.27
CA ALA L 108 -75.25 -65.99 18.06
C ALA L 108 -76.07 -66.31 19.31
N GLY L 109 -75.96 -65.52 20.38
CA GLY L 109 -76.69 -65.78 21.61
C GLY L 109 -77.27 -64.53 22.23
N VAL L 110 -77.60 -63.55 21.39
CA VAL L 110 -78.16 -62.28 21.85
C VAL L 110 -79.34 -61.89 20.96
N GLY L 111 -79.91 -62.86 20.23
CA GLY L 111 -81.02 -62.59 19.36
C GLY L 111 -80.56 -62.06 18.02
N PRO L 112 -81.46 -62.06 17.01
CA PRO L 112 -81.02 -61.70 15.65
C PRO L 112 -80.48 -60.29 15.52
N PHE L 113 -81.10 -59.31 16.17
CA PHE L 113 -80.87 -57.91 15.86
C PHE L 113 -79.83 -57.25 16.76
N GLU L 114 -79.76 -57.62 18.04
CA GLU L 114 -78.73 -57.07 18.91
C GLU L 114 -77.34 -57.57 18.51
N ALA L 115 -77.27 -58.64 17.70
CA ALA L 115 -75.99 -59.05 17.14
C ALA L 115 -75.36 -57.94 16.33
N TRP L 116 -76.17 -57.26 15.50
CA TRP L 116 -75.66 -56.14 14.71
C TRP L 116 -75.08 -55.05 15.60
N ASN L 117 -75.73 -54.78 16.73
CA ASN L 117 -75.16 -53.85 17.69
C ASN L 117 -73.85 -54.37 18.24
N LEU L 118 -73.76 -55.68 18.47
CA LEU L 118 -72.55 -56.27 19.04
C LEU L 118 -71.38 -56.29 18.07
N ILE L 119 -71.62 -56.16 16.76
CA ILE L 119 -70.53 -56.11 15.79
C ILE L 119 -69.71 -54.86 16.11
N PRO L 120 -68.38 -54.88 15.94
CA PRO L 120 -67.61 -53.65 16.15
C PRO L 120 -68.01 -52.56 15.15
N LEU L 121 -67.86 -51.31 15.58
CA LEU L 121 -68.28 -50.18 14.78
C LEU L 121 -67.54 -50.13 13.45
N LEU L 122 -66.23 -50.38 13.47
CA LEU L 122 -65.47 -50.29 12.24
C LEU L 122 -65.79 -51.44 11.29
N GLY L 123 -66.12 -52.63 11.81
CA GLY L 123 -66.59 -53.70 10.95
C GLY L 123 -67.93 -53.39 10.32
N LYS L 124 -68.85 -52.82 11.11
CA LYS L 124 -70.13 -52.37 10.55
C LYS L 124 -69.90 -51.31 9.48
N MET L 125 -68.94 -50.41 9.71
CA MET L 125 -68.60 -49.41 8.70
C MET L 125 -68.04 -50.05 7.45
N GLN L 126 -67.35 -51.19 7.51
CA GLN L 126 -66.77 -51.90 6.34
C GLN L 126 -67.78 -52.70 5.66
N ILE L 127 -68.84 -53.09 6.29
CA ILE L 127 -69.98 -53.67 5.59
C ILE L 127 -70.77 -52.58 4.88
N LEU L 128 -71.03 -51.48 5.58
CA LEU L 128 -71.79 -50.38 4.99
C LEU L 128 -71.06 -49.78 3.80
N PHE L 129 -69.73 -49.65 3.89
CA PHE L 129 -68.97 -49.07 2.80
C PHE L 129 -68.95 -49.97 1.58
N THR L 130 -68.84 -51.30 1.79
CA THR L 130 -68.88 -52.21 0.65
C THR L 130 -70.26 -52.17 -0.01
N ILE L 131 -71.33 -52.17 0.78
CA ILE L 131 -72.65 -52.05 0.18
C ILE L 131 -72.79 -50.71 -0.52
N ALA L 132 -72.17 -49.65 0.02
CA ALA L 132 -72.23 -48.34 -0.60
C ALA L 132 -71.56 -48.35 -1.97
N GLY L 133 -70.36 -48.93 -2.06
CA GLY L 133 -69.68 -48.97 -3.34
C GLY L 133 -70.42 -49.84 -4.34
N LEU L 134 -71.00 -50.94 -3.88
CA LEU L 134 -71.81 -51.77 -4.78
C LEU L 134 -73.01 -50.99 -5.31
N GLU L 135 -73.68 -50.23 -4.43
CA GLU L 135 -74.82 -49.44 -4.86
C GLU L 135 -74.41 -48.36 -5.85
N HIS L 136 -73.28 -47.71 -5.58
CA HIS L 136 -72.77 -46.68 -6.48
C HIS L 136 -72.44 -47.27 -7.85
N ALA L 137 -71.82 -48.46 -7.88
CA ALA L 137 -71.54 -49.13 -9.14
C ALA L 137 -72.82 -49.48 -9.86
N SER L 138 -73.84 -49.93 -9.12
CA SER L 138 -75.13 -50.24 -9.73
C SER L 138 -75.72 -49.02 -10.40
N GLU L 139 -75.64 -47.86 -9.72
CA GLU L 139 -76.22 -46.65 -10.28
C GLU L 139 -75.42 -46.15 -11.48
N CYS L 140 -74.11 -46.32 -11.47
CA CYS L 140 -73.24 -45.69 -12.46
C CYS L 140 -72.95 -46.58 -13.67
N LEU L 141 -72.38 -47.75 -13.44
CA LEU L 141 -71.68 -48.51 -14.50
C LEU L 141 -72.61 -49.17 -15.52
N ASP L 142 -73.92 -48.93 -15.63
CA ASP L 142 -74.69 -49.62 -16.66
C ASP L 142 -74.29 -49.05 -18.03
N PRO L 143 -73.88 -49.90 -19.00
CA PRO L 143 -73.52 -49.33 -20.32
C PRO L 143 -74.69 -48.66 -21.03
N ALA L 144 -75.86 -49.30 -21.01
CA ALA L 144 -77.01 -48.73 -21.72
C ALA L 144 -77.43 -47.40 -21.12
N GLY L 145 -77.44 -47.31 -19.79
CA GLY L 145 -77.85 -46.10 -19.11
C GLY L 145 -78.55 -46.46 -17.81
N HIS L 146 -79.13 -45.45 -17.18
CA HIS L 146 -79.82 -45.65 -15.92
C HIS L 146 -81.05 -46.53 -16.15
N TYR L 147 -81.42 -47.28 -15.11
CA TYR L 147 -82.58 -48.15 -15.22
C TYR L 147 -83.85 -47.36 -15.49
N THR L 148 -83.91 -46.10 -15.04
CA THR L 148 -85.04 -45.25 -15.39
C THR L 148 -84.92 -44.70 -16.81
N LYS L 149 -83.70 -44.61 -17.35
CA LYS L 149 -83.44 -43.94 -18.63
C LYS L 149 -82.74 -44.89 -19.62
N GLY L 150 -83.22 -46.13 -19.74
CA GLY L 150 -82.73 -47.04 -20.76
C GLY L 150 -82.32 -48.42 -20.28
N GLY L 151 -81.81 -48.51 -19.06
CA GLY L 151 -81.47 -49.79 -18.49
C GLY L 151 -82.71 -50.55 -18.06
N THR L 152 -82.53 -51.84 -17.85
CA THR L 152 -83.60 -52.68 -17.34
C THR L 152 -83.64 -52.58 -15.81
N PRO L 153 -84.79 -52.30 -15.18
CA PRO L 153 -84.82 -52.28 -13.71
C PRO L 153 -84.47 -53.65 -13.14
N GLY L 154 -83.56 -53.65 -12.16
CA GLY L 154 -83.10 -54.85 -11.53
C GLY L 154 -81.90 -55.50 -12.18
N ASN L 155 -81.44 -54.97 -13.31
CA ASN L 155 -80.29 -55.54 -14.00
C ASN L 155 -79.00 -55.06 -13.34
N LEU L 156 -78.21 -56.03 -12.86
CA LEU L 156 -76.95 -55.78 -12.16
C LEU L 156 -75.77 -56.48 -12.81
N LYS L 157 -75.98 -57.27 -13.86
CA LYS L 157 -74.90 -58.09 -14.41
C LYS L 157 -73.89 -57.30 -15.23
N PHE L 158 -74.07 -56.00 -15.41
CA PHE L 158 -72.99 -55.20 -15.99
C PHE L 158 -71.77 -55.19 -15.06
N LEU L 159 -71.98 -55.41 -13.76
CA LEU L 159 -70.90 -55.77 -12.85
C LEU L 159 -70.64 -57.26 -13.06
N LYS L 160 -69.61 -57.58 -13.83
CA LYS L 160 -69.51 -58.91 -14.42
C LYS L 160 -69.25 -59.95 -13.33
N LYS L 161 -70.05 -61.00 -13.33
CA LYS L 161 -70.02 -62.09 -12.36
C LYS L 161 -70.32 -61.61 -10.93
N PHE L 162 -70.91 -60.42 -10.77
CA PHE L 162 -71.49 -60.07 -9.49
C PHE L 162 -72.67 -60.98 -9.17
N TRP L 163 -73.48 -61.22 -10.18
CA TRP L 163 -74.57 -62.13 -10.07
C TRP L 163 -74.10 -63.38 -10.75
N ASP L 164 -74.62 -64.53 -10.37
CA ASP L 164 -74.27 -65.75 -11.02
C ASP L 164 -72.78 -65.82 -11.22
N THR L 165 -72.03 -65.68 -10.14
CA THR L 165 -70.62 -65.83 -10.24
C THR L 165 -70.31 -67.23 -10.71
N PRO L 166 -70.98 -68.25 -10.15
CA PRO L 166 -70.76 -69.60 -10.60
C PRO L 166 -71.07 -69.65 -12.05
N GLY L 167 -72.07 -68.86 -12.46
CA GLY L 167 -72.49 -68.87 -13.85
C GLY L 167 -73.54 -69.92 -14.10
N PHE L 168 -74.24 -70.34 -13.07
CA PHE L 168 -75.20 -71.41 -13.23
C PHE L 168 -76.28 -71.09 -14.25
N THR L 169 -76.61 -69.82 -14.49
CA THR L 169 -77.70 -69.48 -15.39
C THR L 169 -77.31 -69.43 -16.86
N ASP L 170 -76.04 -69.58 -17.19
CA ASP L 170 -75.56 -69.54 -18.57
C ASP L 170 -76.24 -70.58 -19.44
N LYS L 171 -76.61 -71.73 -18.87
CA LYS L 171 -77.21 -72.80 -19.67
C LYS L 171 -78.57 -72.38 -20.23
N LEU L 172 -79.36 -71.64 -19.47
CA LEU L 172 -80.73 -71.35 -19.85
C LEU L 172 -80.77 -70.29 -20.96
N THR L 173 -81.96 -70.12 -21.53
CA THR L 173 -82.26 -69.12 -22.55
C THR L 173 -83.19 -68.07 -21.97
N GLU L 174 -83.62 -67.14 -22.81
CA GLU L 174 -84.40 -65.99 -22.32
C GLU L 174 -85.76 -66.42 -21.80
N GLU L 175 -86.37 -67.41 -22.44
CA GLU L 175 -87.74 -67.80 -22.06
C GLU L 175 -87.77 -68.36 -20.64
N GLN L 176 -86.78 -69.17 -20.27
CA GLN L 176 -86.70 -69.63 -18.88
C GLN L 176 -86.44 -68.47 -17.93
N LYS L 177 -85.57 -67.54 -18.34
CA LYS L 177 -85.26 -66.40 -17.49
C LYS L 177 -86.49 -65.54 -17.23
N ALA L 178 -87.43 -65.47 -18.17
CA ALA L 178 -88.64 -64.70 -17.93
C ALA L 178 -89.43 -65.25 -16.75
N THR L 179 -89.71 -66.56 -16.78
CA THR L 179 -90.43 -67.17 -15.67
C THR L 179 -89.63 -67.11 -14.39
N LYS L 180 -88.30 -67.23 -14.48
CA LYS L 180 -87.49 -67.19 -13.28
C LYS L 180 -87.49 -65.79 -12.65
N ARG L 181 -87.53 -64.74 -13.48
CA ARG L 181 -87.66 -63.39 -12.94
C ARG L 181 -89.05 -63.14 -12.36
N VAL L 182 -90.07 -63.75 -12.97
CA VAL L 182 -91.41 -63.65 -12.38
C VAL L 182 -91.40 -64.29 -10.99
N SER L 183 -90.79 -65.47 -10.87
CA SER L 183 -90.69 -66.11 -9.56
C SER L 183 -89.84 -65.30 -8.60
N GLU L 184 -88.80 -64.62 -9.12
CA GLU L 184 -88.02 -63.72 -8.28
C GLU L 184 -88.90 -62.63 -7.68
N LEU L 185 -89.73 -62.00 -8.51
CA LEU L 185 -90.61 -60.95 -8.00
C LEU L 185 -91.58 -61.49 -6.95
N LYS L 186 -92.18 -62.66 -7.22
CA LYS L 186 -93.16 -63.20 -6.29
C LYS L 186 -92.52 -63.60 -4.96
N ASN L 187 -91.41 -64.35 -5.02
CA ASN L 187 -90.71 -64.73 -3.81
C ASN L 187 -90.18 -63.51 -3.07
N GLY L 188 -89.77 -62.47 -3.80
CA GLY L 188 -89.31 -61.27 -3.14
C GLY L 188 -90.40 -60.59 -2.36
N ARG L 189 -91.59 -60.48 -2.95
CA ARG L 189 -92.73 -59.92 -2.23
C ARG L 189 -93.03 -60.73 -0.97
N LEU L 190 -93.02 -62.06 -1.10
CA LEU L 190 -93.27 -62.90 0.06
C LEU L 190 -92.19 -62.74 1.12
N ALA L 191 -90.93 -62.54 0.70
CA ALA L 191 -89.84 -62.37 1.65
C ALA L 191 -89.95 -61.04 2.38
N MET L 192 -90.34 -59.97 1.68
CA MET L 192 -90.62 -58.71 2.36
C MET L 192 -91.72 -58.90 3.39
N ILE L 193 -92.78 -59.63 3.03
CA ILE L 193 -93.87 -59.88 3.97
C ILE L 193 -93.34 -60.59 5.20
N GLY L 194 -92.53 -61.62 5.00
CA GLY L 194 -91.99 -62.37 6.12
C GLY L 194 -91.09 -61.54 7.02
N MET L 195 -90.19 -60.75 6.43
CA MET L 195 -89.28 -59.96 7.25
C MET L 195 -90.02 -58.85 7.98
N ALA L 196 -91.03 -58.26 7.34
CA ALA L 196 -91.84 -57.27 8.05
C ALA L 196 -92.59 -57.92 9.20
N SER L 197 -92.84 -59.22 9.06
CA SER L 197 -93.47 -59.92 10.14
C SER L 197 -92.57 -59.97 11.29
N ILE L 198 -91.35 -60.48 11.06
CA ILE L 198 -90.37 -60.66 12.15
C ILE L 198 -89.89 -59.37 12.70
N ILE L 199 -90.04 -58.28 11.99
CA ILE L 199 -89.50 -57.02 12.45
C ILE L 199 -90.51 -56.34 13.30
N SER L 200 -91.76 -56.74 13.22
CA SER L 200 -92.81 -56.16 14.05
C SER L 200 -93.05 -57.00 15.27
N ALA L 201 -93.10 -58.29 15.10
CA ALA L 201 -93.30 -59.18 16.21
C ALA L 201 -92.30 -58.88 17.24
N MET L 202 -91.23 -58.21 16.88
CA MET L 202 -90.30 -57.83 17.84
C MET L 202 -90.83 -56.59 18.39
N SER L 203 -91.22 -55.68 17.55
CA SER L 203 -91.63 -54.39 18.04
C SER L 203 -93.08 -54.30 18.56
N ILE L 204 -94.07 -54.70 17.77
CA ILE L 204 -95.45 -54.76 18.26
C ILE L 204 -95.64 -56.17 18.81
N PRO L 205 -95.78 -56.29 20.14
CA PRO L 205 -95.91 -57.63 20.71
C PRO L 205 -96.96 -58.44 19.97
N GLY L 206 -96.66 -59.70 19.70
CA GLY L 206 -97.60 -60.56 19.02
C GLY L 206 -98.15 -59.91 17.78
N SER L 207 -97.27 -59.25 17.02
CA SER L 207 -97.70 -58.59 15.81
C SER L 207 -98.34 -59.60 14.92
N VAL L 208 -97.75 -60.77 14.82
CA VAL L 208 -98.26 -61.79 13.93
C VAL L 208 -98.64 -63.02 14.72
N PRO L 209 -99.90 -63.42 14.64
CA PRO L 209 -100.27 -64.63 15.31
C PRO L 209 -99.45 -65.72 14.70
N LEU L 210 -98.81 -66.56 15.50
CA LEU L 210 -98.05 -67.70 14.98
C LEU L 210 -96.63 -67.28 14.83
N LEU L 211 -96.36 -66.04 15.14
CA LEU L 211 -94.99 -65.57 15.14
C LEU L 211 -94.92 -64.84 16.45
N ASN L 212 -95.69 -65.29 17.43
CA ASN L 212 -95.69 -64.67 18.77
C ASN L 212 -94.85 -65.37 19.84
N GLY L 213 -94.69 -66.69 19.76
CA GLY L 213 -93.97 -67.39 20.82
C GLY L 213 -92.61 -66.82 21.09
N ALA L 214 -91.89 -66.46 20.05
CA ALA L 214 -90.60 -65.84 20.20
C ALA L 214 -89.58 -66.73 20.87
N PRO L 215 -89.69 -68.04 20.66
CA PRO L 215 -88.62 -68.84 21.24
C PRO L 215 -87.28 -68.33 20.75
N ALA L 216 -87.28 -67.59 19.66
CA ALA L 216 -86.06 -67.05 19.14
C ALA L 216 -86.11 -65.58 18.92
N LEU L 217 -87.29 -65.07 18.64
CA LEU L 217 -87.40 -63.69 18.28
C LEU L 217 -87.31 -62.85 19.49
N THR L 218 -86.12 -62.35 19.78
CA THR L 218 -85.92 -61.59 21.02
C THR L 218 -85.22 -60.28 20.70
N GLY L 219 -85.39 -59.32 21.61
CA GLY L 219 -84.64 -58.08 21.53
C GLY L 219 -85.25 -57.04 20.61
N THR L 220 -84.41 -56.11 20.20
CA THR L 220 -84.83 -55.02 19.33
C THR L 220 -85.28 -55.56 17.98
N GLY L 221 -86.25 -54.87 17.38
CA GLY L 221 -86.78 -55.26 16.08
C GLY L 221 -86.18 -54.49 14.92
N PHE L 222 -85.65 -53.31 15.19
CA PHE L 222 -85.10 -52.44 14.15
C PHE L 222 -83.86 -51.76 14.71
N VAL L 223 -82.69 -52.12 14.17
CA VAL L 223 -81.43 -51.59 14.69
C VAL L 223 -81.11 -50.26 14.01
N LEU L 224 -80.34 -49.43 14.72
CA LEU L 224 -79.82 -48.22 14.11
C LEU L 224 -78.54 -48.53 13.33
N PRO L 225 -78.20 -47.71 12.33
CA PRO L 225 -76.92 -47.92 11.65
C PRO L 225 -75.79 -47.35 12.49
N PHE L 226 -74.65 -48.03 12.45
CA PHE L 226 -73.50 -47.68 13.28
C PHE L 226 -73.85 -47.71 14.77
N GLY L 227 -74.80 -48.56 15.15
CA GLY L 227 -75.12 -48.76 16.55
C GLY L 227 -75.93 -47.65 17.16
N ASP L 228 -75.31 -46.48 17.37
CA ASP L 228 -75.93 -45.34 18.03
C ASP L 228 -75.95 -44.09 17.15
N PHE L 229 -75.62 -44.20 15.87
CA PHE L 229 -75.63 -43.04 14.99
C PHE L 229 -75.69 -43.44 13.52
N ALA M 25 55.62 -57.31 -22.63
CA ALA M 25 54.21 -56.85 -22.80
C ALA M 25 53.28 -58.01 -23.16
N PHE M 26 53.36 -58.46 -24.40
CA PHE M 26 52.53 -59.57 -24.87
C PHE M 26 53.22 -60.88 -24.48
N VAL M 27 52.42 -61.84 -24.00
CA VAL M 27 52.93 -62.95 -23.19
C VAL M 27 54.06 -63.69 -23.88
N ASP M 28 53.93 -63.98 -25.16
CA ASP M 28 54.99 -64.71 -25.86
C ASP M 28 56.27 -63.90 -25.99
N SER M 29 56.20 -62.57 -25.88
CA SER M 29 57.35 -61.71 -26.06
C SER M 29 58.10 -61.43 -24.76
N ILE M 30 57.64 -61.93 -23.63
CA ILE M 30 58.20 -61.57 -22.32
C ILE M 30 59.22 -62.63 -21.94
N GLU M 31 60.26 -62.19 -21.21
CA GLU M 31 61.27 -63.08 -20.66
C GLU M 31 60.80 -63.64 -19.31
N GLY M 32 59.71 -64.40 -19.37
CA GLY M 32 59.13 -65.03 -18.19
C GLY M 32 59.26 -66.53 -18.20
N VAL M 33 59.20 -67.13 -19.39
CA VAL M 33 59.32 -68.58 -19.51
C VAL M 33 60.70 -69.02 -19.07
N GLY M 34 60.75 -70.10 -18.31
CA GLY M 34 62.00 -70.65 -17.79
C GLY M 34 62.03 -72.15 -17.88
N GLU M 35 63.10 -72.76 -17.35
CA GLU M 35 63.27 -74.20 -17.40
C GLU M 35 62.54 -74.91 -16.26
N GLU M 36 61.82 -74.17 -15.42
CA GLU M 36 61.09 -74.78 -14.32
C GLU M 36 59.83 -75.48 -14.81
N THR M 37 59.21 -74.97 -15.87
CA THR M 37 57.92 -75.44 -16.35
C THR M 37 58.01 -75.94 -17.79
N GLY M 38 59.15 -76.52 -18.16
CA GLY M 38 59.30 -77.09 -19.47
C GLY M 38 59.50 -76.10 -20.59
N ASN M 39 60.09 -74.94 -20.30
CA ASN M 39 60.33 -73.91 -21.32
C ASN M 39 59.04 -73.47 -21.99
N LYS M 40 57.97 -73.38 -21.21
CA LYS M 40 56.65 -73.02 -21.70
C LYS M 40 56.01 -72.07 -20.71
N ILE M 41 55.14 -71.19 -21.22
CA ILE M 41 54.42 -70.26 -20.37
C ILE M 41 53.60 -71.04 -19.36
N TRP M 42 53.67 -70.61 -18.10
CA TRP M 42 52.99 -71.25 -16.98
C TRP M 42 51.80 -70.37 -16.58
N ASP M 43 50.66 -70.62 -17.20
CA ASP M 43 49.39 -69.98 -16.84
C ASP M 43 48.34 -71.08 -16.72
N PRO M 44 48.33 -71.82 -15.60
CA PRO M 44 47.30 -72.85 -15.42
C PRO M 44 45.89 -72.32 -15.54
N LEU M 45 45.64 -71.13 -15.01
CA LEU M 45 44.37 -70.45 -15.23
C LEU M 45 44.39 -69.77 -16.59
N GLY M 46 43.21 -69.37 -17.06
CA GLY M 46 43.10 -68.74 -18.35
C GLY M 46 43.26 -67.23 -18.30
N ILE M 47 44.13 -66.74 -17.42
CA ILE M 47 44.23 -65.29 -17.21
C ILE M 47 44.83 -64.61 -18.43
N SER M 48 46.05 -64.99 -18.74
CA SER M 48 46.76 -64.31 -19.79
C SER M 48 46.11 -64.40 -21.09
N ASP M 49 45.20 -65.33 -21.22
CA ASP M 49 44.53 -65.51 -22.46
C ASP M 49 43.16 -64.91 -22.40
N ALA M 50 42.81 -64.37 -21.26
CA ALA M 50 41.51 -63.78 -21.09
C ALA M 50 41.64 -62.32 -21.00
N VAL M 51 42.79 -61.87 -20.57
CA VAL M 51 43.01 -60.48 -20.46
C VAL M 51 43.56 -59.94 -21.73
N SER M 52 43.38 -58.67 -21.91
CA SER M 52 43.87 -58.00 -23.10
C SER M 52 45.39 -57.81 -23.01
N ASP M 53 45.95 -57.02 -23.92
CA ASP M 53 47.40 -56.88 -24.00
C ASP M 53 47.96 -56.05 -22.85
N GLU M 54 47.33 -54.92 -22.52
CA GLU M 54 47.88 -54.02 -21.52
C GLU M 54 47.72 -54.55 -20.10
N ALA M 55 46.73 -55.41 -19.87
CA ALA M 55 46.63 -56.08 -18.57
C ALA M 55 47.87 -56.94 -18.30
N VAL M 56 48.44 -57.55 -19.34
CA VAL M 56 49.65 -58.34 -19.15
C VAL M 56 50.83 -57.44 -18.80
N MET M 57 50.90 -56.25 -19.40
CA MET M 57 51.97 -55.33 -19.04
C MET M 57 51.83 -54.91 -17.58
N TRP M 58 50.59 -54.64 -17.15
CA TRP M 58 50.35 -54.30 -15.75
C TRP M 58 50.77 -55.46 -14.84
N PHE M 59 50.39 -56.68 -15.21
CA PHE M 59 50.73 -57.85 -14.39
C PHE M 59 52.24 -58.05 -14.31
N ARG M 60 52.95 -57.84 -15.43
CA ARG M 60 54.39 -58.04 -15.42
C ARG M 60 55.09 -56.99 -14.57
N HIS M 61 54.68 -55.73 -14.68
CA HIS M 61 55.25 -54.71 -13.81
C HIS M 61 54.97 -55.02 -12.35
N SER M 62 53.75 -55.48 -12.06
CA SER M 62 53.40 -55.83 -10.68
C SER M 62 54.21 -57.02 -10.20
N GLU M 63 54.45 -58.01 -11.06
CA GLU M 63 55.27 -59.16 -10.69
C GLU M 63 56.67 -58.71 -10.34
N LEU M 64 57.25 -57.84 -11.15
CA LEU M 64 58.61 -57.37 -10.87
C LEU M 64 58.65 -56.59 -9.58
N LYS M 65 57.64 -55.72 -9.35
CA LYS M 65 57.62 -54.95 -8.11
C LYS M 65 57.48 -55.84 -6.89
N HIS M 66 56.58 -56.82 -6.94
CA HIS M 66 56.42 -57.76 -5.84
C HIS M 66 57.70 -58.55 -5.61
N GLY M 67 58.30 -59.04 -6.69
CA GLY M 67 59.51 -59.83 -6.55
C GLY M 67 60.63 -59.04 -5.91
N ARG M 68 60.82 -57.79 -6.34
CA ARG M 68 61.92 -56.99 -5.81
C ARG M 68 61.65 -56.57 -4.38
N VAL M 69 60.40 -56.19 -4.06
CA VAL M 69 60.06 -55.82 -2.69
C VAL M 69 60.31 -57.01 -1.76
N ALA M 70 59.85 -58.19 -2.14
CA ALA M 70 60.06 -59.37 -1.32
C ALA M 70 61.52 -59.78 -1.29
N MET M 71 62.26 -59.50 -2.37
CA MET M 71 63.68 -59.85 -2.43
C MET M 71 64.49 -59.01 -1.45
N LEU M 72 64.10 -57.75 -1.26
CA LEU M 72 64.71 -56.96 -0.19
C LEU M 72 64.17 -57.37 1.19
N ALA M 73 62.87 -57.64 1.27
CA ALA M 73 62.24 -57.90 2.56
C ALA M 73 62.72 -59.20 3.18
N THR M 74 62.95 -60.23 2.36
CA THR M 74 63.41 -61.51 2.90
C THR M 74 64.80 -61.37 3.48
N VAL M 75 65.69 -60.63 2.82
CA VAL M 75 67.02 -60.39 3.36
C VAL M 75 66.92 -59.57 4.64
N GLY M 76 66.07 -58.54 4.65
CA GLY M 76 65.91 -57.75 5.86
C GLY M 76 65.38 -58.55 7.03
N TYR M 77 64.40 -59.41 6.77
CA TYR M 77 63.85 -60.28 7.81
C TYR M 77 64.90 -61.26 8.31
N MET M 78 65.70 -61.83 7.40
CA MET M 78 66.76 -62.73 7.83
C MET M 78 67.76 -62.02 8.72
N ILE M 79 68.15 -60.80 8.35
CA ILE M 79 69.10 -60.04 9.16
C ILE M 79 68.49 -59.72 10.53
N GLY M 80 67.21 -59.33 10.54
CA GLY M 80 66.56 -59.04 11.82
C GLY M 80 66.49 -60.26 12.72
N ALA M 81 66.17 -61.42 12.14
CA ALA M 81 66.13 -62.65 12.93
C ALA M 81 67.52 -63.01 13.45
N ALA M 82 68.55 -62.87 12.60
CA ALA M 82 69.91 -63.13 13.03
C ALA M 82 70.37 -62.15 14.11
N GLY M 83 69.78 -60.96 14.16
CA GLY M 83 70.14 -59.98 15.16
C GLY M 83 71.29 -59.09 14.79
N ILE M 84 71.76 -59.12 13.55
CA ILE M 84 72.83 -58.23 13.11
C ILE M 84 72.24 -56.85 12.91
N THR M 85 72.69 -55.90 13.73
CA THR M 85 72.10 -54.57 13.78
C THR M 85 73.21 -53.53 13.81
N PHE M 86 72.90 -52.32 13.33
CA PHE M 86 73.92 -51.29 13.21
C PHE M 86 74.39 -50.85 14.60
N PRO M 87 75.70 -50.53 14.77
CA PRO M 87 76.17 -50.00 16.05
C PRO M 87 75.93 -48.49 16.13
N GLY M 88 75.01 -48.08 16.98
CA GLY M 88 74.71 -46.68 17.13
C GLY M 88 73.33 -46.49 17.75
N GLU M 89 72.77 -45.30 17.50
CA GLU M 89 71.45 -44.93 17.99
C GLU M 89 70.60 -44.46 16.81
N ILE M 90 69.39 -45.02 16.70
CA ILE M 90 68.48 -44.59 15.64
C ILE M 90 67.91 -43.22 15.96
N ALA M 91 67.72 -42.90 17.24
CA ALA M 91 67.25 -41.60 17.68
C ALA M 91 67.95 -41.25 18.98
N LYS M 92 67.84 -39.98 19.37
CA LYS M 92 68.49 -39.49 20.59
C LYS M 92 67.71 -40.02 21.79
N GLY M 93 67.93 -41.30 22.09
CA GLY M 93 67.24 -41.98 23.17
C GLY M 93 66.77 -43.38 22.83
N VAL M 94 66.95 -43.80 21.57
CA VAL M 94 66.53 -45.12 21.09
C VAL M 94 67.71 -45.74 20.35
N THR M 95 67.90 -47.04 20.54
CA THR M 95 68.97 -47.78 19.90
C THR M 95 68.40 -48.83 18.93
N PHE M 96 69.18 -49.10 17.89
CA PHE M 96 68.81 -50.15 16.94
C PHE M 96 68.67 -51.49 17.66
N ALA M 97 69.53 -51.74 18.65
CA ALA M 97 69.37 -52.93 19.48
C ALA M 97 68.06 -52.91 20.24
N SER M 98 67.66 -51.73 20.75
CA SER M 98 66.40 -51.63 21.47
C SER M 98 65.22 -51.98 20.58
N VAL M 99 65.20 -51.44 19.35
CA VAL M 99 64.07 -51.72 18.48
C VAL M 99 64.12 -53.14 17.92
N GLY M 100 65.31 -53.75 17.83
CA GLY M 100 65.43 -55.12 17.38
C GLY M 100 65.27 -56.17 18.46
N ALA M 101 65.23 -55.76 19.74
CA ALA M 101 65.09 -56.72 20.83
C ALA M 101 63.81 -57.54 20.73
N SER M 102 62.75 -56.97 20.15
CA SER M 102 61.45 -57.63 20.06
C SER M 102 61.32 -58.52 18.82
N GLY M 103 62.43 -58.94 18.23
CA GLY M 103 62.40 -59.81 17.08
C GLY M 103 62.28 -59.04 15.78
N PRO M 104 62.45 -59.75 14.66
CA PRO M 104 62.43 -59.05 13.35
C PRO M 104 61.11 -58.39 13.01
N TYR M 105 59.97 -58.97 13.40
CA TYR M 105 58.69 -58.45 12.95
C TYR M 105 58.25 -57.23 13.74
N ALA M 106 58.41 -57.27 15.07
CA ALA M 106 58.00 -56.15 15.92
C ALA M 106 58.93 -54.95 15.80
N ALA M 107 60.06 -55.08 15.10
CA ALA M 107 60.94 -53.94 14.91
C ALA M 107 60.25 -52.80 14.16
N TRP M 108 59.32 -53.13 13.27
CA TRP M 108 58.61 -52.09 12.53
C TRP M 108 57.74 -51.25 13.45
N ASP M 109 57.10 -51.89 14.45
CA ASP M 109 56.35 -51.13 15.43
C ASP M 109 57.27 -50.42 16.41
N ALA M 110 58.45 -50.99 16.68
CA ALA M 110 59.37 -50.39 17.65
C ALA M 110 60.04 -49.14 17.10
N THR M 111 60.32 -49.11 15.80
CA THR M 111 61.02 -47.96 15.23
C THR M 111 60.15 -46.71 15.36
N PRO M 112 60.74 -45.52 15.50
CA PRO M 112 59.91 -44.32 15.66
C PRO M 112 59.01 -44.04 14.47
N THR M 113 57.79 -43.63 14.79
CA THR M 113 56.82 -43.25 13.76
C THR M 113 57.36 -42.13 12.88
N ALA M 114 58.12 -41.20 13.47
CA ALA M 114 58.69 -40.10 12.69
C ALA M 114 59.82 -40.56 11.77
N GLY M 115 60.31 -41.78 11.91
CA GLY M 115 61.32 -42.33 11.02
C GLY M 115 60.70 -43.16 9.91
N LYS M 116 59.76 -44.04 10.28
CA LYS M 116 59.04 -44.75 9.23
C LYS M 116 58.17 -43.80 8.41
N LEU M 117 57.83 -42.62 8.95
CA LEU M 117 57.20 -41.58 8.15
C LEU M 117 58.13 -41.14 7.01
N GLN M 118 59.41 -40.94 7.31
CA GLN M 118 60.35 -40.53 6.25
C GLN M 118 60.55 -41.66 5.25
N ILE M 119 60.59 -42.91 5.74
CA ILE M 119 60.73 -44.04 4.83
C ILE M 119 59.54 -44.10 3.87
N LEU M 120 58.32 -43.98 4.39
CA LEU M 120 57.15 -44.01 3.53
C LEU M 120 57.08 -42.77 2.65
N THR M 121 57.61 -41.65 3.11
CA THR M 121 57.65 -40.45 2.28
C THR M 121 58.54 -40.64 1.06
N ILE M 122 59.73 -41.19 1.26
CA ILE M 122 60.61 -41.39 0.11
C ILE M 122 60.05 -42.49 -0.80
N ILE M 123 59.38 -43.50 -0.23
CA ILE M 123 58.76 -44.51 -1.08
C ILE M 123 57.63 -43.91 -1.90
N LEU M 124 56.85 -43.01 -1.29
CA LEU M 124 55.81 -42.28 -2.01
C LEU M 124 56.41 -41.49 -3.16
N ALA M 125 57.50 -40.78 -2.90
CA ALA M 125 58.17 -40.01 -3.96
C ALA M 125 58.62 -40.92 -5.09
N LEU M 126 59.26 -42.04 -4.75
CA LEU M 126 59.78 -42.94 -5.79
C LEU M 126 58.64 -43.53 -6.62
N GLU M 127 57.56 -43.97 -5.96
CA GLU M 127 56.45 -44.57 -6.70
C GLU M 127 55.78 -43.55 -7.62
N TRP M 128 55.51 -42.35 -7.10
CA TRP M 128 54.88 -41.33 -7.92
C TRP M 128 55.77 -40.93 -9.09
N ALA M 129 57.07 -40.76 -8.84
CA ALA M 129 57.98 -40.39 -9.93
C ALA M 129 58.05 -41.49 -10.98
N ALA M 130 58.09 -42.75 -10.56
CA ALA M 130 58.13 -43.85 -11.53
C ALA M 130 56.84 -43.90 -12.34
N GLU M 131 55.70 -43.60 -11.70
CA GLU M 131 54.43 -43.64 -12.41
C GLU M 131 54.29 -42.47 -13.38
N THR M 132 54.93 -41.33 -13.10
CA THR M 132 54.75 -40.15 -13.93
C THR M 132 55.52 -40.17 -15.24
N LYS M 133 56.48 -41.08 -15.41
CA LYS M 133 57.27 -41.09 -16.64
C LYS M 133 56.39 -41.44 -17.84
N LYS M 134 56.55 -40.69 -18.92
CA LYS M 134 55.63 -40.79 -20.06
C LYS M 134 55.32 -42.10 -20.79
N PRO M 135 56.32 -42.73 -21.41
CA PRO M 135 55.95 -43.91 -22.20
C PRO M 135 54.97 -44.80 -21.45
N HIS M 136 55.11 -44.91 -20.14
CA HIS M 136 54.24 -45.74 -19.30
C HIS M 136 54.27 -47.20 -19.67
N TYR M 137 54.40 -48.05 -18.68
CA TYR M 137 54.57 -49.49 -18.89
C TYR M 137 53.33 -50.14 -19.50
N MET M 138 52.16 -49.50 -19.40
CA MET M 138 50.94 -49.96 -20.04
C MET M 138 50.65 -49.24 -21.36
N ARG M 139 51.32 -48.12 -21.65
CA ARG M 139 51.05 -47.29 -22.81
C ARG M 139 52.25 -47.23 -23.75
N GLY M 140 53.02 -48.31 -23.84
CA GLY M 140 54.17 -48.37 -24.73
C GLY M 140 55.49 -48.23 -24.02
N GLY M 141 55.56 -48.74 -22.79
CA GLY M 141 56.79 -48.77 -22.02
C GLY M 141 57.13 -50.17 -21.59
N VAL M 142 58.41 -50.43 -21.30
CA VAL M 142 58.85 -51.76 -20.94
C VAL M 142 58.30 -52.09 -19.55
N PRO M 143 57.48 -53.13 -19.37
CA PRO M 143 57.01 -53.44 -18.01
C PRO M 143 58.13 -53.97 -17.14
N GLY M 144 58.15 -53.50 -15.89
CA GLY M 144 59.20 -53.89 -14.96
C GLY M 144 60.47 -53.08 -15.07
N LYS M 145 60.56 -52.15 -16.03
CA LYS M 145 61.74 -51.30 -16.19
C LYS M 145 61.44 -49.97 -15.50
N ILE M 146 61.77 -49.90 -14.21
CA ILE M 146 61.64 -48.64 -13.48
C ILE M 146 62.67 -47.67 -14.00
N ASP M 147 62.21 -46.47 -14.38
CA ASP M 147 63.08 -45.50 -15.05
C ASP M 147 64.16 -45.02 -14.10
N GLN M 148 65.40 -45.04 -14.59
CA GLN M 148 66.52 -44.54 -13.79
C GLN M 148 66.45 -43.02 -13.67
N LEU M 149 66.93 -42.51 -12.54
CA LEU M 149 66.88 -41.08 -12.23
C LEU M 149 65.41 -40.64 -12.24
N PRO M 150 64.60 -41.16 -11.33
CA PRO M 150 63.16 -40.83 -11.35
C PRO M 150 62.86 -39.36 -11.10
N PHE M 151 63.75 -38.64 -10.43
CA PHE M 151 63.51 -37.26 -10.02
C PHE M 151 64.13 -36.25 -10.99
N GLU M 152 64.18 -36.57 -12.28
CA GLU M 152 64.69 -35.68 -13.32
C GLU M 152 63.57 -35.30 -14.27
N GLY M 153 63.68 -34.10 -14.83
CA GLY M 153 62.64 -33.56 -15.70
C GLY M 153 61.43 -33.01 -14.98
N ILE M 154 61.49 -32.88 -13.66
CA ILE M 154 60.36 -32.44 -12.85
C ILE M 154 60.51 -30.94 -12.61
N PRO M 155 59.58 -30.10 -13.08
CA PRO M 155 59.66 -28.68 -12.72
C PRO M 155 59.52 -28.46 -11.22
N GLY M 156 60.23 -27.46 -10.71
CA GLY M 156 60.18 -27.15 -9.29
C GLY M 156 60.73 -28.27 -8.42
N LEU M 157 61.74 -28.98 -8.89
CA LEU M 157 62.32 -30.09 -8.14
C LEU M 157 63.73 -30.34 -8.67
N TRP M 158 64.69 -30.48 -7.76
CA TRP M 158 66.05 -30.86 -8.09
C TRP M 158 66.47 -32.04 -7.24
N ALA M 159 67.26 -32.94 -7.82
CA ALA M 159 67.83 -34.05 -7.09
C ALA M 159 69.12 -34.44 -7.81
N PRO M 160 70.16 -34.87 -7.08
CA PRO M 160 71.40 -35.25 -7.77
C PRO M 160 71.17 -36.45 -8.67
N LYS M 161 71.93 -36.50 -9.76
CA LYS M 161 71.76 -37.55 -10.77
C LYS M 161 72.37 -38.87 -10.28
N ILE M 162 71.77 -39.41 -9.23
CA ILE M 162 72.10 -40.73 -8.70
C ILE M 162 71.03 -41.67 -9.22
N LYS M 163 71.43 -42.62 -10.06
CA LYS M 163 70.48 -43.54 -10.66
C LYS M 163 69.80 -44.38 -9.59
N PHE M 164 68.51 -44.64 -9.76
CA PHE M 164 67.81 -45.50 -8.82
C PHE M 164 68.34 -46.93 -8.90
N TRP M 165 68.40 -47.48 -10.10
CA TRP M 165 69.10 -48.73 -10.36
C TRP M 165 70.55 -48.44 -10.70
N ASP M 166 71.43 -49.41 -10.41
CA ASP M 166 72.88 -49.39 -10.62
C ASP M 166 73.53 -48.00 -10.52
N PRO M 167 73.51 -47.39 -9.34
CA PRO M 167 74.14 -46.07 -9.20
C PRO M 167 75.61 -46.05 -9.54
N LEU M 168 76.31 -47.18 -9.35
CA LEU M 168 77.70 -47.31 -9.74
C LEU M 168 77.86 -47.78 -11.19
N ASN M 169 76.77 -47.97 -11.92
CA ASN M 169 76.81 -48.36 -13.33
C ASN M 169 77.49 -49.73 -13.49
N PHE M 170 76.92 -50.73 -12.82
CA PHE M 170 77.37 -52.11 -13.01
C PHE M 170 76.87 -52.68 -14.33
N MET M 171 75.71 -52.23 -14.82
CA MET M 171 75.17 -52.74 -16.07
C MET M 171 76.01 -52.35 -17.28
N GLY M 172 76.89 -51.36 -17.14
CA GLY M 172 77.69 -50.92 -18.27
C GLY M 172 78.61 -52.01 -18.79
N ALA M 173 79.12 -52.86 -17.91
CA ALA M 173 80.03 -53.94 -18.28
C ALA M 173 79.32 -55.23 -18.62
N LEU M 174 78.07 -55.16 -19.09
CA LEU M 174 77.27 -56.33 -19.45
C LEU M 174 76.76 -56.20 -20.87
N THR M 175 76.66 -57.35 -21.54
CA THR M 175 76.13 -57.43 -22.89
C THR M 175 74.63 -57.71 -22.86
N GLU M 176 73.98 -57.50 -24.00
CA GLU M 176 72.52 -57.60 -24.07
C GLU M 176 72.05 -59.02 -23.75
N GLU M 177 72.72 -60.03 -24.30
CA GLU M 177 72.33 -61.41 -23.99
C GLU M 177 72.61 -61.73 -22.52
N GLN M 178 73.73 -61.25 -21.99
CA GLN M 178 74.00 -61.43 -20.56
C GLN M 178 72.97 -60.71 -19.73
N LYS M 179 72.56 -59.50 -20.16
CA LYS M 179 71.53 -58.78 -19.44
C LYS M 179 70.19 -59.50 -19.48
N ALA M 180 69.87 -60.17 -20.59
CA ALA M 180 68.65 -60.96 -20.65
C ALA M 180 68.72 -62.15 -19.70
N ARG M 181 69.88 -62.83 -19.66
CA ARG M 181 70.08 -63.90 -18.70
C ARG M 181 69.88 -63.40 -17.28
N LYS M 182 70.42 -62.22 -16.98
CA LYS M 182 70.28 -61.67 -15.63
C LYS M 182 68.86 -61.21 -15.35
N ARG M 183 68.10 -60.78 -16.37
CA ARG M 183 66.69 -60.48 -16.17
C ARG M 183 65.92 -61.75 -15.79
N LYS M 184 66.20 -62.85 -16.49
CA LYS M 184 65.58 -64.13 -16.13
C LYS M 184 65.95 -64.52 -14.71
N SER M 185 67.22 -64.35 -14.35
CA SER M 185 67.66 -64.65 -12.99
C SER M 185 66.94 -63.77 -11.98
N GLU M 186 66.76 -62.49 -12.29
CA GLU M 186 66.02 -61.57 -11.42
C GLU M 186 64.62 -62.11 -11.16
N LEU M 187 63.93 -62.50 -12.22
CA LEU M 187 62.55 -62.97 -12.07
C LEU M 187 62.49 -64.24 -11.23
N LYS M 188 63.38 -65.19 -11.53
CA LYS M 188 63.31 -66.48 -10.83
C LYS M 188 63.76 -66.35 -9.39
N ASN M 189 64.61 -65.37 -9.08
CA ASN M 189 64.96 -65.10 -7.69
C ASN M 189 63.84 -64.35 -6.97
N GLY M 190 63.18 -63.41 -7.65
CA GLY M 190 62.14 -62.64 -7.01
C GLY M 190 60.93 -63.46 -6.66
N ARG M 191 60.55 -64.40 -7.54
CA ARG M 191 59.41 -65.26 -7.24
C ARG M 191 59.67 -66.11 -6.01
N LEU M 192 60.85 -66.71 -5.94
CA LEU M 192 61.24 -67.45 -4.74
C LEU M 192 61.28 -66.54 -3.53
N ALA M 193 61.66 -65.28 -3.71
CA ALA M 193 61.70 -64.35 -2.60
C ALA M 193 60.32 -64.08 -2.04
N MET M 194 59.31 -63.93 -2.91
CA MET M 194 57.96 -63.69 -2.39
C MET M 194 57.42 -64.94 -1.72
N ILE M 195 57.75 -66.11 -2.27
CA ILE M 195 57.42 -67.36 -1.56
C ILE M 195 58.03 -67.35 -0.18
N GLY M 196 59.30 -66.94 -0.08
CA GLY M 196 59.98 -66.95 1.21
C GLY M 196 59.41 -65.95 2.20
N ILE M 197 59.08 -64.74 1.74
CA ILE M 197 58.61 -63.73 2.67
C ILE M 197 57.21 -64.08 3.17
N ILE M 198 56.36 -64.63 2.29
CA ILE M 198 55.07 -65.10 2.79
C ILE M 198 55.27 -66.28 3.72
N SER M 199 56.29 -67.11 3.48
CA SER M 199 56.60 -68.19 4.41
C SER M 199 56.95 -67.63 5.78
N PHE M 200 57.77 -66.58 5.82
CA PHE M 200 58.15 -65.98 7.11
C PHE M 200 56.93 -65.41 7.83
N LEU M 201 56.09 -64.67 7.11
CA LEU M 201 54.93 -64.05 7.74
C LEU M 201 53.96 -65.12 8.26
N THR M 202 53.69 -66.15 7.47
CA THR M 202 52.79 -67.20 7.92
C THR M 202 53.41 -68.01 9.05
N GLY M 203 54.73 -68.19 9.05
CA GLY M 203 55.37 -68.88 10.16
C GLY M 203 55.24 -68.11 11.45
N HIS M 204 55.31 -66.78 11.39
CA HIS M 204 55.11 -65.98 12.59
C HIS M 204 53.64 -66.04 13.03
N ASN M 205 52.70 -65.90 12.09
CA ASN M 205 51.29 -65.83 12.48
C ASN M 205 50.77 -67.17 12.94
N ILE M 206 50.76 -68.17 12.05
CA ILE M 206 50.33 -69.52 12.38
C ILE M 206 51.56 -70.31 12.81
N PRO M 207 51.65 -70.78 14.06
CA PRO M 207 52.89 -71.45 14.48
C PRO M 207 52.99 -72.86 13.93
N GLY M 208 54.17 -73.19 13.43
CA GLY M 208 54.41 -74.50 12.85
C GLY M 208 53.92 -74.67 11.43
N SER M 209 53.29 -73.64 10.83
CA SER M 209 52.87 -73.74 9.45
C SER M 209 54.06 -73.92 8.52
N VAL M 210 55.11 -73.14 8.73
CA VAL M 210 56.34 -73.19 7.93
C VAL M 210 57.44 -73.71 8.85
N PRO M 211 57.90 -74.96 8.71
CA PRO M 211 59.07 -75.37 9.49
C PRO M 211 60.33 -74.64 9.01
N ALA M 212 61.44 -74.89 9.68
CA ALA M 212 62.73 -74.22 9.46
C ALA M 212 62.74 -72.79 9.97
N LEU M 213 61.75 -72.41 10.77
CA LEU M 213 61.65 -71.07 11.37
C LEU M 213 61.68 -71.26 12.89
N ASP M 214 62.85 -71.08 13.48
CA ASP M 214 63.02 -71.30 14.90
C ASP M 214 62.40 -70.14 15.68
N SER M 215 62.60 -70.12 17.00
CA SER M 215 61.97 -69.11 17.85
C SER M 215 62.45 -67.70 17.52
N HIS M 216 63.60 -67.55 16.87
CA HIS M 216 64.08 -66.22 16.54
C HIS M 216 63.14 -65.49 15.57
N PHE M 217 62.45 -66.24 14.71
CA PHE M 217 61.49 -65.63 13.80
C PHE M 217 60.20 -65.26 14.52
N SER N 31 67.30 32.03 -15.14
CA SER N 31 65.91 32.35 -14.69
C SER N 31 65.47 33.69 -15.26
N ALA N 32 64.27 34.12 -14.89
CA ALA N 32 63.87 35.49 -15.14
C ALA N 32 64.67 36.49 -14.31
N ALA N 33 65.30 36.03 -13.23
CA ALA N 33 66.07 36.90 -12.33
C ALA N 33 67.56 36.81 -12.66
N ASP N 34 67.91 37.43 -13.79
CA ASP N 34 69.31 37.67 -14.15
C ASP N 34 69.61 39.16 -14.25
N GLY N 35 68.82 39.91 -15.03
CA GLY N 35 69.02 41.35 -15.14
C GLY N 35 68.68 42.10 -13.87
N MET N 36 67.88 41.51 -12.99
CA MET N 36 67.56 42.15 -11.71
C MET N 36 68.81 42.31 -10.87
N GLU N 37 68.79 43.33 -10.01
CA GLU N 37 69.99 43.84 -9.35
C GLU N 37 70.05 43.38 -7.89
N GLY N 38 70.18 42.06 -7.69
CA GLY N 38 70.17 41.50 -6.36
C GLY N 38 71.15 40.37 -6.14
N ILE N 39 72.06 40.17 -7.09
CA ILE N 39 73.02 39.07 -6.98
C ILE N 39 74.07 39.45 -5.95
N SER N 40 74.27 38.60 -4.96
CA SER N 40 75.14 38.86 -3.83
C SER N 40 76.54 38.32 -4.07
N HIS N 41 77.47 38.71 -3.20
CA HIS N 41 78.82 38.18 -3.19
C HIS N 41 79.00 37.06 -2.16
N GLU N 42 78.00 36.78 -1.33
CA GLU N 42 78.11 35.79 -0.27
C GLU N 42 77.71 34.39 -0.72
N THR N 43 76.65 34.29 -1.52
CA THR N 43 76.26 33.02 -2.11
C THR N 43 76.99 32.72 -3.42
N GLY N 44 77.92 33.58 -3.83
CA GLY N 44 78.47 33.54 -5.16
C GLY N 44 77.69 34.45 -6.11
N MET N 45 78.20 34.55 -7.34
CA MET N 45 77.62 35.46 -8.31
C MET N 45 76.49 34.82 -9.10
N LYS N 46 75.90 33.74 -8.58
CA LYS N 46 74.74 33.08 -9.19
C LYS N 46 73.49 33.41 -8.38
N THR N 47 72.39 33.62 -9.09
CA THR N 47 71.14 34.01 -8.44
C THR N 47 70.65 32.89 -7.55
N TRP N 48 70.57 33.17 -6.24
CA TRP N 48 70.14 32.17 -5.26
C TRP N 48 68.62 32.06 -5.33
N ASP N 49 68.15 31.14 -6.15
CA ASP N 49 66.73 30.80 -6.27
C ASP N 49 66.61 29.29 -6.24
N PRO N 50 66.92 28.66 -5.10
CA PRO N 50 66.97 27.19 -5.06
C PRO N 50 65.65 26.52 -5.40
N LEU N 51 64.53 27.13 -5.04
CA LEU N 51 63.22 26.58 -5.34
C LEU N 51 62.64 27.11 -6.65
N GLY N 52 63.35 27.99 -7.35
CA GLY N 52 62.91 28.42 -8.67
C GLY N 52 61.60 29.17 -8.68
N LEU N 53 61.38 30.04 -7.70
CA LEU N 53 60.16 30.84 -7.69
C LEU N 53 60.18 31.95 -8.73
N ALA N 54 61.36 32.35 -9.20
CA ALA N 54 61.45 33.38 -10.23
C ALA N 54 60.91 32.86 -11.56
N ASP N 55 61.18 31.60 -11.88
CA ASP N 55 60.71 31.04 -13.14
C ASP N 55 59.19 30.91 -13.15
N LEU N 56 58.60 30.56 -12.02
CA LEU N 56 57.16 30.37 -11.92
C LEU N 56 56.51 31.74 -11.86
N GLY N 57 55.86 32.13 -12.95
CA GLY N 57 55.16 33.38 -13.06
C GLY N 57 55.66 34.21 -14.22
N SER N 58 55.08 35.38 -14.35
CA SER N 58 55.36 36.33 -15.41
C SER N 58 56.44 37.32 -14.97
N PRO N 59 57.01 38.09 -15.90
CA PRO N 59 57.84 39.22 -15.48
C PRO N 59 57.08 40.19 -14.57
N ALA N 60 55.77 40.34 -14.77
CA ALA N 60 54.97 41.12 -13.84
C ALA N 60 54.98 40.50 -12.44
N THR N 61 54.88 39.17 -12.37
CA THR N 61 54.95 38.49 -11.08
C THR N 61 56.31 38.72 -10.43
N LEU N 62 57.39 38.64 -11.19
CA LEU N 62 58.71 38.84 -10.61
C LEU N 62 58.91 40.30 -10.20
N ALA N 63 58.31 41.24 -10.93
CA ALA N 63 58.36 42.64 -10.51
C ALA N 63 57.61 42.83 -9.20
N PHE N 64 56.47 42.15 -9.04
CA PHE N 64 55.78 42.19 -7.76
C PHE N 64 56.67 41.62 -6.65
N PHE N 65 57.37 40.53 -6.94
CA PHE N 65 58.28 39.96 -5.95
C PHE N 65 59.38 40.95 -5.57
N ARG N 66 59.95 41.64 -6.56
CA ARG N 66 61.01 42.60 -6.25
C ARG N 66 60.47 43.77 -5.44
N HIS N 67 59.29 44.27 -5.80
CA HIS N 67 58.71 45.38 -5.03
C HIS N 67 58.41 44.95 -3.60
N ALA N 68 57.89 43.73 -3.44
CA ALA N 68 57.64 43.20 -2.10
C ALA N 68 58.93 43.02 -1.31
N GLU N 69 59.99 42.54 -1.98
CA GLU N 69 61.27 42.39 -1.30
C GLU N 69 61.79 43.72 -0.83
N LEU N 70 61.72 44.74 -1.69
CA LEU N 70 62.25 46.04 -1.29
C LEU N 70 61.40 46.67 -0.20
N LYS N 71 60.08 46.47 -0.24
CA LYS N 71 59.24 46.98 0.82
C LYS N 71 59.53 46.29 2.15
N HIS N 72 59.69 44.97 2.12
CA HIS N 72 60.04 44.25 3.34
C HIS N 72 61.41 44.68 3.84
N CYS N 73 62.36 44.88 2.94
CA CYS N 73 63.68 45.36 3.32
C CYS N 73 63.59 46.69 4.04
N ARG N 74 62.90 47.66 3.43
CA ARG N 74 62.82 49.00 4.00
C ARG N 74 62.09 49.00 5.33
N VAL N 75 60.96 48.27 5.40
CA VAL N 75 60.20 48.20 6.64
C VAL N 75 61.02 47.51 7.71
N ALA N 76 61.84 46.54 7.34
CA ALA N 76 62.64 45.81 8.33
C ALA N 76 63.78 46.66 8.86
N MET N 77 64.43 47.44 7.99
CA MET N 77 65.43 48.39 8.49
C MET N 77 64.81 49.37 9.47
N ALA N 78 63.68 49.98 9.07
CA ALA N 78 63.01 50.93 9.96
C ALA N 78 62.57 50.23 11.25
N ALA N 79 62.10 48.99 11.15
CA ALA N 79 61.63 48.26 12.31
C ALA N 79 62.78 47.92 13.25
N PHE N 80 63.92 47.51 12.73
CA PHE N 80 65.03 47.19 13.61
C PHE N 80 65.55 48.44 14.31
N VAL N 81 65.59 49.57 13.59
CA VAL N 81 65.97 50.82 14.26
C VAL N 81 64.95 51.17 15.34
N GLY N 82 63.66 51.00 15.05
CA GLY N 82 62.65 51.29 16.05
C GLY N 82 62.73 50.36 17.26
N TRP N 83 63.03 49.08 17.02
CA TRP N 83 63.19 48.14 18.11
C TRP N 83 64.40 48.48 18.97
N LEU N 84 65.51 48.89 18.34
CA LEU N 84 66.65 49.34 19.11
C LEU N 84 66.30 50.58 19.93
N VAL N 85 65.55 51.51 19.35
CA VAL N 85 65.13 52.70 20.09
C VAL N 85 64.27 52.31 21.28
N ALA N 86 63.32 51.38 21.08
CA ALA N 86 62.44 50.98 22.17
C ALA N 86 63.21 50.28 23.28
N VAL N 87 64.16 49.42 22.92
CA VAL N 87 64.96 48.74 23.94
C VAL N 87 65.83 49.74 24.68
N SER N 88 66.40 50.72 23.98
CA SER N 88 67.23 51.72 24.64
C SER N 88 66.39 52.57 25.58
N GLY N 89 65.16 52.90 25.20
CA GLY N 89 64.27 53.69 26.01
C GLY N 89 64.21 55.17 25.64
N VAL N 90 65.02 55.62 24.69
CA VAL N 90 64.94 57.01 24.26
C VAL N 90 63.59 57.25 23.62
N HIS N 91 62.98 58.40 23.96
CA HIS N 91 61.63 58.69 23.54
C HIS N 91 61.48 60.19 23.35
N PHE N 92 60.44 60.56 22.61
CA PHE N 92 60.20 61.97 22.34
C PHE N 92 59.83 62.69 23.63
N PRO N 93 60.30 63.92 23.85
CA PRO N 93 59.76 64.72 24.96
C PRO N 93 58.38 65.25 24.62
N GLY N 94 57.38 64.83 25.38
CA GLY N 94 56.02 65.29 25.18
C GLY N 94 55.05 64.22 25.59
N LEU N 95 53.80 64.40 25.16
CA LEU N 95 52.72 63.45 25.41
C LEU N 95 52.06 63.09 24.09
N CYS N 96 51.65 61.83 23.97
CA CYS N 96 51.02 61.37 22.74
C CYS N 96 49.66 62.02 22.54
N SER N 97 48.84 62.06 23.58
CA SER N 97 47.51 62.66 23.55
C SER N 97 47.34 63.55 24.77
N PHE N 98 46.92 64.79 24.55
CA PHE N 98 46.60 65.67 25.66
C PHE N 98 45.34 65.20 26.41
N SER N 99 44.48 64.44 25.75
CA SER N 99 43.27 63.94 26.39
C SER N 99 43.57 62.72 27.27
N GLU N 100 44.07 61.65 26.66
CA GLU N 100 44.41 60.44 27.39
C GLU N 100 45.76 60.60 28.09
N GLY N 101 45.85 60.06 29.30
CA GLY N 101 47.08 60.11 30.06
C GLY N 101 48.12 59.12 29.55
N VAL N 102 48.66 59.37 28.36
CA VAL N 102 49.62 58.48 27.71
C VAL N 102 50.83 59.33 27.34
N SER N 103 51.84 59.33 28.20
CA SER N 103 53.11 59.97 27.90
C SER N 103 54.04 58.99 27.19
N PHE N 104 54.96 59.53 26.41
CA PHE N 104 56.01 58.70 25.83
C PHE N 104 56.87 58.08 26.93
N GLU N 105 57.09 58.82 28.02
CA GLU N 105 57.79 58.25 29.17
C GLU N 105 57.02 57.06 29.72
N ASP N 106 55.70 57.18 29.81
CA ASP N 106 54.88 56.07 30.29
C ASP N 106 54.95 54.88 29.34
N ILE N 107 54.89 55.13 28.04
CA ILE N 107 54.84 54.04 27.07
C ILE N 107 56.19 53.34 26.94
N SER N 108 57.29 54.05 27.21
CA SER N 108 58.62 53.46 27.03
C SER N 108 58.91 52.31 28.01
N LYS N 109 58.12 52.16 29.08
CA LYS N 109 58.40 51.13 30.06
C LYS N 109 57.93 49.74 29.64
N LEU N 110 57.08 49.65 28.63
CA LEU N 110 56.59 48.37 28.14
C LEU N 110 57.58 47.79 27.14
N THR N 111 57.38 46.51 26.80
CA THR N 111 58.20 45.87 25.79
C THR N 111 57.83 46.41 24.41
N PRO N 112 58.70 46.22 23.41
CA PRO N 112 58.56 46.98 22.14
C PRO N 112 57.21 46.85 21.45
N LEU N 113 56.59 45.66 21.47
CA LEU N 113 55.30 45.51 20.79
C LEU N 113 54.13 45.99 21.65
N GLU N 114 54.21 45.81 22.97
CA GLU N 114 53.23 46.48 23.83
C GLU N 114 53.32 48.00 23.75
N GLN N 115 54.44 48.57 23.28
CA GLN N 115 54.43 50.01 23.01
C GLN N 115 53.37 50.36 21.98
N TRP N 116 53.38 49.68 20.83
CA TRP N 116 52.35 49.90 19.81
C TRP N 116 50.97 49.53 20.34
N ALA N 117 50.88 48.46 21.14
CA ALA N 117 49.61 48.11 21.74
C ALA N 117 49.07 49.23 22.62
N ALA N 118 49.96 49.98 23.26
CA ALA N 118 49.59 51.07 24.15
C ALA N 118 49.45 52.41 23.43
N VAL N 119 49.83 52.52 22.16
CA VAL N 119 49.59 53.75 21.41
C VAL N 119 48.09 53.98 21.36
N PRO N 120 47.58 55.21 21.34
CA PRO N 120 46.13 55.42 21.23
C PRO N 120 45.56 54.88 19.92
N ALA N 121 44.29 54.49 19.98
CA ALA N 121 43.62 53.93 18.81
C ALA N 121 43.56 54.94 17.68
N LEU N 122 43.24 56.20 17.99
CA LEU N 122 43.16 57.22 16.94
C LEU N 122 44.54 57.52 16.37
N GLY N 123 45.58 57.52 17.22
CA GLY N 123 46.93 57.70 16.72
C GLY N 123 47.33 56.60 15.76
N LYS N 124 47.04 55.35 16.14
CA LYS N 124 47.32 54.23 15.24
C LYS N 124 46.52 54.36 13.96
N ALA N 125 45.26 54.80 14.06
CA ALA N 125 44.42 54.94 12.88
C ALA N 125 44.99 55.95 11.91
N GLN N 126 45.44 57.10 12.40
CA GLN N 126 45.98 58.12 11.49
C GLN N 126 47.39 57.78 11.00
N ILE N 127 48.19 57.07 11.79
CA ILE N 127 49.46 56.56 11.28
C ILE N 127 49.20 55.62 10.11
N LEU N 128 48.28 54.68 10.28
CA LEU N 128 47.93 53.78 9.20
C LEU N 128 47.30 54.54 8.03
N LEU N 129 46.55 55.61 8.31
CA LEU N 129 45.99 56.41 7.23
C LEU N 129 47.10 57.02 6.38
N ALA N 130 48.12 57.58 7.02
CA ALA N 130 49.25 58.14 6.28
C ALA N 130 49.96 57.07 5.46
N ILE N 131 50.21 55.91 6.08
CA ILE N 131 50.89 54.83 5.37
C ILE N 131 50.07 54.36 4.17
N GLY N 132 48.77 54.20 4.36
CA GLY N 132 47.92 53.76 3.26
C GLY N 132 47.82 54.78 2.16
N ILE N 133 47.79 56.06 2.51
CA ILE N 133 47.79 57.11 1.48
C ILE N 133 49.08 57.04 0.68
N ILE N 134 50.22 56.84 1.36
CA ILE N 134 51.50 56.73 0.67
C ILE N 134 51.47 55.52 -0.28
N GLU N 135 50.96 54.39 0.19
CA GLU N 135 50.94 53.19 -0.64
C GLU N 135 50.03 53.35 -1.84
N HIS N 136 48.83 53.90 -1.63
CA HIS N 136 47.90 54.13 -2.73
C HIS N 136 48.50 55.07 -3.76
N ASN N 137 49.14 56.16 -3.31
CA ASN N 137 49.74 57.08 -4.26
C ASN N 137 50.96 56.48 -4.95
N SER N 138 51.69 55.59 -4.26
CA SER N 138 52.81 54.90 -4.91
C SER N 138 52.30 54.02 -6.04
N GLU N 139 51.17 53.36 -5.83
CA GLU N 139 50.59 52.53 -6.87
C GLU N 139 49.89 53.35 -7.96
N TRP N 140 49.42 54.55 -7.63
CA TRP N 140 48.62 55.38 -8.53
C TRP N 140 49.48 56.31 -9.38
N LYS N 141 50.21 57.21 -8.74
CA LYS N 141 50.87 58.31 -9.44
C LYS N 141 52.12 57.84 -10.19
N ILE N 142 52.70 56.72 -9.82
CA ILE N 142 53.82 56.15 -10.58
C ILE N 142 53.20 55.36 -11.72
N LYS N 143 52.86 56.06 -12.80
CA LYS N 143 52.02 55.47 -13.83
C LYS N 143 52.65 54.25 -14.49
N PRO N 144 53.92 54.25 -14.91
CA PRO N 144 54.48 52.99 -15.41
C PRO N 144 54.63 52.02 -14.24
N HIS N 145 53.69 51.08 -14.17
CA HIS N 145 53.54 50.28 -12.96
C HIS N 145 54.63 49.22 -12.90
N TYR N 146 54.91 48.76 -11.67
CA TYR N 146 55.92 47.72 -11.53
C TYR N 146 55.47 46.43 -12.21
N MET N 147 54.19 46.09 -12.14
CA MET N 147 53.62 45.01 -12.94
C MET N 147 53.16 45.53 -14.30
N ALA N 148 54.13 46.00 -15.08
CA ALA N 148 53.84 46.54 -16.41
C ALA N 148 55.17 46.75 -17.13
N ALA N 149 55.06 47.10 -18.42
CA ALA N 149 56.24 47.43 -19.19
C ALA N 149 56.92 48.67 -18.62
N GLY N 150 58.24 48.68 -18.65
CA GLY N 150 58.99 49.73 -18.00
C GLY N 150 58.72 49.69 -16.50
N GLY N 151 58.92 48.52 -15.91
CA GLY N 151 58.52 48.25 -14.54
C GLY N 151 59.04 49.23 -13.51
N LYS N 152 60.35 49.25 -13.30
CA LYS N 152 60.95 50.00 -12.20
C LYS N 152 60.32 49.50 -10.90
N PRO N 153 60.63 48.27 -10.46
CA PRO N 153 59.88 47.66 -9.35
C PRO N 153 59.88 48.45 -8.04
N GLY N 154 61.06 48.70 -7.47
CA GLY N 154 61.15 49.41 -6.21
C GLY N 154 61.13 50.92 -6.34
N ASP N 155 60.92 51.44 -7.55
CA ASP N 155 60.98 52.87 -7.82
C ASP N 155 59.80 53.56 -7.14
N LEU N 156 60.07 54.28 -6.05
CA LEU N 156 59.12 55.19 -5.44
C LEU N 156 59.49 56.66 -5.63
N LYS N 157 60.68 56.96 -6.15
CA LYS N 157 60.95 58.31 -6.60
C LYS N 157 60.09 58.60 -7.82
N GLY N 158 59.43 59.74 -7.80
CA GLY N 158 58.28 60.00 -8.65
C GLY N 158 57.18 60.53 -7.77
N LEU N 159 57.11 59.99 -6.56
CA LEU N 159 56.44 60.67 -5.45
C LEU N 159 57.37 61.77 -4.98
N LYS N 160 57.15 62.99 -5.43
CA LYS N 160 58.13 64.05 -5.27
C LYS N 160 58.30 64.43 -3.80
N SER N 161 59.55 64.63 -3.39
CA SER N 161 59.94 65.01 -2.04
C SER N 161 59.70 63.92 -1.02
N PHE N 162 59.39 62.69 -1.44
CA PHE N 162 59.16 61.60 -0.51
C PHE N 162 60.47 60.87 -0.19
N TRP N 163 61.10 60.28 -1.21
CA TRP N 163 62.38 59.61 -1.05
C TRP N 163 63.51 60.61 -1.29
N ASP N 164 64.42 60.69 -0.33
CA ASP N 164 65.59 61.57 -0.39
C ASP N 164 65.15 62.99 -0.70
N PRO N 165 64.39 63.63 0.19
CA PRO N 165 64.01 65.02 -0.08
C PRO N 165 65.19 65.96 -0.16
N ALA N 166 66.29 65.67 0.55
CA ALA N 166 67.45 66.54 0.60
C ALA N 166 68.46 66.29 -0.51
N GLY N 167 68.21 65.31 -1.39
CA GLY N 167 69.10 65.10 -2.52
C GLY N 167 70.44 64.49 -2.19
N LEU N 168 70.52 63.71 -1.09
CA LEU N 168 71.80 63.16 -0.66
C LEU N 168 72.41 62.26 -1.73
N THR N 169 71.60 61.41 -2.36
CA THR N 169 72.09 60.53 -3.41
C THR N 169 72.41 61.28 -4.71
N SER N 170 72.02 62.54 -4.83
CA SER N 170 72.23 63.28 -6.07
C SER N 170 73.70 63.41 -6.45
N LYS N 171 74.61 63.27 -5.50
CA LYS N 171 76.04 63.35 -5.77
C LYS N 171 76.60 62.08 -6.40
N MET N 172 75.81 61.02 -6.52
CA MET N 172 76.30 59.69 -6.85
C MET N 172 76.14 59.39 -8.33
N SER N 173 77.13 58.69 -8.88
CA SER N 173 77.15 58.29 -10.28
C SER N 173 76.43 56.96 -10.45
N ALA N 174 76.48 56.38 -11.65
CA ALA N 174 75.74 55.17 -11.93
C ALA N 174 76.28 53.98 -11.16
N ALA N 175 77.61 53.79 -11.18
CA ALA N 175 78.20 52.66 -10.48
C ALA N 175 77.99 52.78 -8.97
N LYS N 176 78.13 54.00 -8.44
CA LYS N 176 77.90 54.19 -7.01
C LYS N 176 76.44 53.95 -6.66
N LEU N 177 75.52 54.37 -7.52
CA LEU N 177 74.10 54.09 -7.28
C LEU N 177 73.83 52.60 -7.29
N GLU N 178 74.45 51.86 -8.22
CA GLU N 178 74.25 50.42 -8.27
C GLU N 178 74.79 49.77 -7.00
N ARG N 179 75.96 50.21 -6.54
CA ARG N 179 76.51 49.68 -5.30
C ARG N 179 75.60 49.99 -4.12
N GLN N 180 75.06 51.22 -4.06
CA GLN N 180 74.18 51.58 -2.96
C GLN N 180 72.89 50.78 -2.99
N ARG N 181 72.35 50.50 -4.18
CA ARG N 181 71.16 49.66 -4.27
C ARG N 181 71.44 48.24 -3.80
N LEU N 182 72.60 47.69 -4.19
CA LEU N 182 72.96 46.36 -3.72
C LEU N 182 73.11 46.34 -2.20
N SER N 183 73.73 47.39 -1.64
CA SER N 183 73.85 47.48 -0.19
C SER N 183 72.48 47.62 0.47
N GLU N 184 71.57 48.35 -0.16
CA GLU N 184 70.20 48.43 0.34
C GLU N 184 69.60 47.05 0.47
N LEU N 185 69.65 46.28 -0.60
CA LEU N 185 69.05 44.95 -0.56
C LEU N 185 69.72 44.07 0.47
N LYS N 186 71.05 44.11 0.54
CA LYS N 186 71.76 43.26 1.52
C LYS N 186 71.38 43.65 2.95
N ASN N 187 71.45 44.94 3.27
CA ASN N 187 71.14 45.40 4.62
C ASN N 187 69.69 45.10 4.99
N GLY N 188 68.77 45.31 4.05
CA GLY N 188 67.37 45.05 4.35
C GLY N 188 67.07 43.57 4.51
N ARG N 189 67.72 42.73 3.72
CA ARG N 189 67.56 41.29 3.89
C ARG N 189 68.05 40.87 5.28
N ALA N 190 69.23 41.35 5.68
CA ALA N 190 69.73 41.07 7.01
C ALA N 190 68.80 41.63 8.08
N ALA N 191 68.22 42.81 7.82
CA ALA N 191 67.35 43.45 8.80
C ALA N 191 66.07 42.67 9.00
N MET N 192 65.49 42.15 7.91
CA MET N 192 64.26 41.39 8.05
C MET N 192 64.51 40.01 8.65
N ILE N 193 65.72 39.47 8.50
CA ILE N 193 66.08 38.31 9.30
C ILE N 193 66.17 38.70 10.78
N GLY N 194 66.86 39.80 11.07
CA GLY N 194 67.16 40.15 12.44
C GLY N 194 65.93 40.55 13.25
N ILE N 195 64.99 41.26 12.61
CA ILE N 195 63.80 41.70 13.33
C ILE N 195 62.97 40.50 13.76
N ILE N 196 62.79 39.52 12.87
CA ILE N 196 62.07 38.31 13.25
C ILE N 196 62.85 37.57 14.32
N SER N 197 64.18 37.54 14.21
CA SER N 197 65.00 36.84 15.19
C SER N 197 64.79 37.41 16.59
N VAL N 198 64.89 38.74 16.72
CA VAL N 198 64.73 39.34 18.04
C VAL N 198 63.29 39.16 18.52
N LEU N 199 62.31 39.20 17.61
CA LEU N 199 60.93 39.06 18.04
C LEU N 199 60.63 37.66 18.55
N ILE N 200 61.22 36.62 17.97
CA ILE N 200 60.91 35.25 18.37
C ILE N 200 61.88 34.67 19.42
N ALA N 201 63.05 35.28 19.61
CA ALA N 201 64.09 34.64 20.42
C ALA N 201 63.64 34.42 21.85
N HIS N 202 63.03 35.44 22.47
CA HIS N 202 62.56 35.27 23.83
C HIS N 202 61.30 34.41 23.87
N ASN N 203 60.40 34.59 22.91
CA ASN N 203 59.12 33.91 22.96
C ASN N 203 59.29 32.40 22.85
N VAL N 204 60.19 31.95 21.99
CA VAL N 204 60.58 30.53 21.92
C VAL N 204 62.05 30.46 22.33
N PRO N 205 62.37 30.04 23.56
CA PRO N 205 63.78 30.05 23.98
C PRO N 205 64.59 28.99 23.26
N GLY N 206 65.87 29.31 23.03
CA GLY N 206 66.80 28.39 22.41
C GLY N 206 66.98 28.57 20.92
N SER N 207 66.18 29.41 20.27
CA SER N 207 66.36 29.64 18.84
C SER N 207 67.71 30.26 18.54
N ILE N 208 67.93 31.47 19.04
CA ILE N 208 69.22 32.14 18.87
C ILE N 208 70.20 31.59 19.89
N PRO N 209 71.38 31.09 19.49
CA PRO N 209 72.28 30.47 20.48
C PRO N 209 72.79 31.42 21.53
N LEU N 210 72.77 32.73 21.27
CA LEU N 210 73.32 33.69 22.21
C LEU N 210 72.49 33.68 23.50
N PRO N 211 73.12 33.86 24.66
CA PRO N 211 72.36 33.88 25.92
C PRO N 211 71.85 35.25 26.34
N ILE N 212 71.93 36.28 25.49
CA ILE N 212 71.43 37.59 25.85
C ILE N 212 69.93 37.53 26.10
N ASN N 213 69.50 38.16 27.19
CA ASN N 213 68.11 38.09 27.65
C ASN N 213 67.28 39.09 26.86
N PHE N 214 66.70 38.63 25.74
CA PHE N 214 65.91 39.49 24.88
C PHE N 214 64.67 39.98 25.62
N PRO N 215 64.09 41.11 25.21
CA PRO N 215 62.89 41.59 25.90
C PRO N 215 61.73 40.64 25.72
N ALA N 216 60.87 40.60 26.74
CA ALA N 216 59.68 39.75 26.69
C ALA N 216 58.63 40.39 25.81
N GLY N 217 57.44 39.79 25.76
CA GLY N 217 56.32 40.34 25.04
C GLY N 217 55.92 39.50 23.84
N PRO N 218 54.90 39.94 23.11
CA PRO N 218 54.41 39.15 21.97
C PRO N 218 55.43 39.11 20.84
N SER N 219 55.22 38.13 19.94
CA SER N 219 55.87 38.09 18.65
C SER N 219 54.97 38.59 17.53
N LEU N 220 53.71 38.93 17.81
CA LEU N 220 52.77 39.35 16.78
C LEU N 220 51.67 40.15 17.47
N ILE N 221 51.32 41.29 16.87
CA ILE N 221 50.31 42.20 17.40
C ILE N 221 49.27 42.44 16.32
N LEU N 222 48.00 42.37 16.69
CA LEU N 222 46.95 42.78 15.77
C LEU N 222 46.93 44.31 15.66
N PRO N 223 46.58 44.86 14.49
CA PRO N 223 46.80 46.29 14.26
C PRO N 223 45.92 47.22 15.07
N PHE N 224 44.78 46.73 15.58
CA PHE N 224 43.82 47.58 16.29
C PHE N 224 43.26 46.82 17.47
N VAL O 31 90.99 -51.73 -15.57
CA VAL O 31 92.09 -51.42 -14.61
C VAL O 31 93.47 -51.57 -15.27
N ALA O 32 93.50 -51.59 -16.60
CA ALA O 32 94.77 -51.78 -17.29
C ALA O 32 95.69 -50.57 -17.13
N ASP O 33 95.12 -49.36 -17.13
CA ASP O 33 95.89 -48.12 -17.07
C ASP O 33 95.31 -47.14 -16.05
N MET O 34 94.69 -47.64 -14.99
CA MET O 34 94.10 -46.75 -13.99
C MET O 34 95.13 -46.13 -13.06
N GLU O 35 96.39 -46.57 -13.13
CA GLU O 35 97.55 -46.16 -12.33
C GLU O 35 97.42 -46.74 -10.93
N GLY O 36 98.51 -46.71 -10.17
CA GLY O 36 98.57 -47.35 -8.88
C GLY O 36 99.10 -48.77 -8.90
N VAL O 37 99.33 -49.34 -10.08
CA VAL O 37 99.92 -50.67 -10.20
C VAL O 37 101.44 -50.53 -10.11
N GLY O 38 102.07 -51.37 -9.28
CA GLY O 38 103.49 -51.30 -9.05
C GLY O 38 104.16 -52.67 -9.03
N PRO O 39 105.49 -52.69 -8.86
CA PRO O 39 106.20 -53.98 -8.86
C PRO O 39 105.82 -54.91 -7.72
N GLU O 40 105.21 -54.39 -6.65
CA GLU O 40 104.91 -55.24 -5.49
C GLU O 40 103.95 -56.36 -5.86
N THR O 41 102.92 -56.05 -6.65
CA THR O 41 102.02 -57.08 -7.13
C THR O 41 102.70 -57.98 -8.15
N GLY O 42 103.64 -57.43 -8.91
CA GLY O 42 104.28 -58.15 -10.01
C GLY O 42 104.00 -57.50 -11.34
N ASN O 43 103.87 -56.17 -11.33
CA ASN O 43 103.51 -55.40 -12.53
C ASN O 43 102.18 -55.88 -13.10
N LYS O 44 101.24 -56.20 -12.22
CA LYS O 44 99.91 -56.60 -12.62
C LYS O 44 98.92 -56.07 -11.60
N VAL O 45 97.65 -55.97 -12.02
CA VAL O 45 96.62 -55.45 -11.14
C VAL O 45 96.35 -56.44 -10.01
N PHE O 46 96.27 -55.92 -8.79
CA PHE O 46 95.95 -56.73 -7.62
C PHE O 46 94.44 -56.82 -7.49
N ASP O 47 93.88 -57.98 -7.80
CA ASP O 47 92.44 -58.16 -7.73
C ASP O 47 92.10 -59.64 -7.63
N PRO O 48 92.46 -60.30 -6.53
CA PRO O 48 92.11 -61.73 -6.40
C PRO O 48 90.63 -62.02 -6.43
N LEU O 49 89.81 -61.12 -5.88
CA LEU O 49 88.36 -61.31 -5.90
C LEU O 49 87.72 -60.95 -7.24
N GLY O 50 88.47 -60.36 -8.16
CA GLY O 50 87.94 -60.03 -9.46
C GLY O 50 86.85 -58.98 -9.44
N LEU O 51 86.96 -57.98 -8.56
CA LEU O 51 85.98 -56.91 -8.51
C LEU O 51 86.17 -55.90 -9.64
N ALA O 52 87.34 -55.86 -10.27
CA ALA O 52 87.52 -55.08 -11.49
C ALA O 52 86.79 -55.68 -12.67
N LYS O 53 86.48 -56.99 -12.61
CA LYS O 53 85.79 -57.64 -13.71
C LYS O 53 84.40 -57.04 -13.94
N ILE O 54 83.68 -56.76 -12.86
CA ILE O 54 82.29 -56.33 -12.93
C ILE O 54 82.16 -54.80 -12.90
N ALA O 55 83.25 -54.09 -13.17
CA ALA O 55 83.29 -52.63 -13.04
C ALA O 55 83.34 -51.98 -14.41
N SER O 56 82.42 -51.06 -14.65
CA SER O 56 82.42 -50.24 -15.86
C SER O 56 83.39 -49.08 -15.67
N PRO O 57 83.60 -48.27 -16.71
CA PRO O 57 84.45 -47.08 -16.53
C PRO O 57 83.96 -46.14 -15.44
N GLU O 58 82.64 -45.95 -15.33
CA GLU O 58 82.11 -45.14 -14.25
C GLU O 58 82.31 -45.82 -12.90
N THR O 59 82.15 -47.15 -12.86
CA THR O 59 82.39 -47.88 -11.62
C THR O 59 83.85 -47.78 -11.19
N LEU O 60 84.78 -47.88 -12.15
CA LEU O 60 86.19 -47.74 -11.81
C LEU O 60 86.51 -46.32 -11.38
N ALA O 61 85.87 -45.33 -11.99
CA ALA O 61 86.04 -43.95 -11.53
C ALA O 61 85.57 -43.79 -10.10
N TRP O 62 84.43 -44.39 -9.76
CA TRP O 62 83.93 -44.34 -8.39
C TRP O 62 84.88 -45.04 -7.43
N TYR O 63 85.39 -46.20 -7.81
CA TYR O 63 86.30 -46.94 -6.95
C TYR O 63 87.58 -46.15 -6.72
N ARG O 64 88.13 -45.53 -7.76
CA ARG O 64 89.35 -44.75 -7.57
C ARG O 64 89.09 -43.50 -6.75
N ALA O 65 87.93 -42.86 -6.94
CA ALA O 65 87.60 -41.71 -6.11
C ALA O 65 87.50 -42.10 -4.64
N ALA O 66 86.83 -43.23 -4.37
CA ALA O 66 86.73 -43.70 -2.99
C ALA O 66 88.10 -44.05 -2.42
N GLU O 67 88.94 -44.71 -3.23
CA GLU O 67 90.28 -45.07 -2.77
C GLU O 67 91.10 -43.84 -2.44
N LEU O 68 91.05 -42.83 -3.30
CA LEU O 68 91.82 -41.60 -3.05
C LEU O 68 91.30 -40.89 -1.82
N LYS O 69 89.98 -40.83 -1.64
CA LYS O 69 89.43 -40.16 -0.47
C LYS O 69 89.85 -40.86 0.81
N HIS O 70 89.74 -42.19 0.84
CA HIS O 70 90.16 -42.93 2.02
C HIS O 70 91.66 -42.80 2.23
N SER O 71 92.45 -42.83 1.16
CA SER O 71 93.90 -42.71 1.29
C SER O 71 94.28 -41.37 1.91
N ARG O 72 93.69 -40.30 1.42
CA ARG O 72 94.00 -38.97 1.94
C ARG O 72 93.55 -38.83 3.39
N VAL O 73 92.33 -39.28 3.69
CA VAL O 73 91.81 -39.19 5.05
C VAL O 73 92.68 -40.02 5.98
N ALA O 74 93.13 -41.19 5.53
CA ALA O 74 93.94 -42.05 6.36
C ALA O 74 95.32 -41.47 6.60
N MET O 75 95.95 -40.88 5.57
CA MET O 75 97.25 -40.26 5.77
C MET O 75 97.14 -39.13 6.79
N ALA O 76 96.15 -38.26 6.62
CA ALA O 76 95.94 -37.19 7.58
C ALA O 76 95.67 -37.75 8.97
N ALA O 77 94.86 -38.80 9.06
CA ALA O 77 94.53 -39.39 10.35
C ALA O 77 95.76 -39.95 11.04
N VAL O 78 96.62 -40.64 10.30
CA VAL O 78 97.80 -41.25 10.90
C VAL O 78 98.73 -40.16 11.39
N THR O 79 98.97 -39.12 10.58
CA THR O 79 99.87 -38.05 11.03
C THR O 79 99.30 -37.33 12.25
N GLY O 80 97.99 -37.04 12.24
CA GLY O 80 97.40 -36.36 13.37
C GLY O 80 97.43 -37.19 14.64
N TRP O 81 97.08 -38.47 14.54
CA TRP O 81 97.11 -39.34 15.71
C TRP O 81 98.52 -39.50 16.25
N ALA O 82 99.51 -39.67 15.36
CA ALA O 82 100.88 -39.80 15.83
C ALA O 82 101.34 -38.52 16.52
N TRP O 83 101.02 -37.36 15.95
CA TRP O 83 101.43 -36.10 16.55
C TRP O 83 100.78 -35.92 17.92
N VAL O 84 99.49 -36.19 18.03
CA VAL O 84 98.79 -35.96 19.28
C VAL O 84 99.25 -36.94 20.36
N SER O 85 99.40 -38.21 20.01
CA SER O 85 99.72 -39.23 21.00
C SER O 85 101.20 -39.33 21.31
N SER O 86 102.08 -38.75 20.49
CA SER O 86 103.52 -38.80 20.73
C SER O 86 104.03 -37.57 21.48
N GLY O 87 103.73 -36.38 20.98
CA GLY O 87 104.20 -35.16 21.60
C GLY O 87 103.92 -33.93 20.76
N GLY O 88 104.93 -33.09 20.58
CA GLY O 88 104.84 -31.95 19.69
C GLY O 88 104.12 -30.78 20.33
N PRO O 89 104.25 -29.58 19.74
CA PRO O 89 103.63 -28.40 20.34
C PRO O 89 102.12 -28.35 20.11
N LEU O 90 101.36 -28.95 21.01
CA LEU O 90 99.90 -28.85 20.96
C LEU O 90 99.47 -27.39 20.91
N PHE O 91 98.27 -27.16 20.41
CA PHE O 91 97.81 -25.80 20.11
C PHE O 91 97.75 -24.98 21.39
N PRO O 92 98.45 -23.84 21.49
CA PRO O 92 98.30 -23.00 22.69
C PRO O 92 96.93 -22.36 22.76
N GLY O 93 96.55 -22.01 23.99
CA GLY O 93 95.30 -21.32 24.23
C GLY O 93 94.16 -22.27 24.55
N TYR O 94 92.97 -21.68 24.57
CA TYR O 94 91.75 -22.40 24.92
C TYR O 94 91.12 -23.00 23.66
N LEU O 95 90.11 -23.84 23.88
CA LEU O 95 89.23 -24.34 22.83
C LEU O 95 87.83 -23.77 22.92
N SER O 96 87.25 -23.74 24.12
CA SER O 96 85.95 -23.12 24.38
C SER O 96 86.12 -22.27 25.64
N ILE O 97 86.38 -20.98 25.46
CA ILE O 97 86.54 -20.08 26.60
C ILE O 97 85.27 -20.08 27.43
N ASP O 98 84.11 -20.11 26.78
CA ASP O 98 82.84 -20.19 27.50
C ASP O 98 82.74 -21.48 28.30
N GLN O 99 83.08 -22.61 27.68
CA GLN O 99 82.97 -23.91 28.32
C GLN O 99 84.25 -24.35 29.03
N GLY O 100 85.35 -23.61 28.90
CA GLY O 100 86.55 -23.94 29.62
C GLY O 100 87.33 -25.14 29.12
N ILE O 101 87.09 -25.55 27.87
CA ILE O 101 87.82 -26.68 27.29
C ILE O 101 89.15 -26.19 26.73
N THR O 102 90.19 -27.00 26.86
CA THR O 102 91.54 -26.65 26.46
C THR O 102 92.17 -27.78 25.67
N PHE O 103 93.05 -27.40 24.73
CA PHE O 103 93.79 -28.37 23.94
C PHE O 103 94.63 -29.27 24.84
N GLU O 104 95.28 -28.68 25.84
CA GLU O 104 96.10 -29.47 26.76
C GLU O 104 95.24 -30.26 27.73
N SER O 105 94.01 -29.81 28.01
CA SER O 105 93.11 -30.56 28.86
C SER O 105 92.51 -31.76 28.15
N LEU O 106 92.41 -31.71 26.81
CA LEU O 106 91.74 -32.80 26.09
C LEU O 106 92.48 -34.13 26.20
N GLY O 107 93.77 -34.12 26.51
CA GLY O 107 94.53 -35.35 26.61
C GLY O 107 95.07 -35.80 25.26
N ARG O 108 95.95 -36.80 25.33
CA ARG O 108 96.71 -37.23 24.16
C ARG O 108 96.18 -38.51 23.52
N ASP O 109 95.29 -39.24 24.18
CA ASP O 109 94.62 -40.37 23.52
C ASP O 109 93.67 -39.82 22.47
N GLY O 110 93.77 -40.33 21.25
CA GLY O 110 92.94 -39.84 20.20
C GLY O 110 91.49 -40.00 20.51
N TYR O 111 90.99 -41.21 20.60
CA TYR O 111 89.58 -41.35 20.74
C TYR O 111 89.14 -40.64 21.91
N ALA O 112 90.02 -40.41 22.87
CA ALA O 112 89.62 -39.78 24.11
C ALA O 112 89.33 -38.40 23.76
N ALA O 113 90.29 -37.77 23.22
CA ALA O 113 90.20 -36.38 22.78
C ALA O 113 88.96 -36.16 21.92
N TRP O 114 88.67 -37.10 21.02
CA TRP O 114 87.48 -36.97 20.19
C TRP O 114 86.20 -37.12 20.99
N ALA O 115 86.24 -37.83 22.12
CA ALA O 115 85.08 -37.91 23.00
C ALA O 115 84.92 -36.64 23.82
N ALA O 116 86.03 -36.00 24.23
CA ALA O 116 85.99 -34.85 25.11
C ALA O 116 85.84 -33.51 24.37
N VAL O 117 86.15 -33.47 23.07
CA VAL O 117 86.01 -32.24 22.29
C VAL O 117 84.52 -31.87 22.27
N PRO O 118 84.15 -30.58 22.28
CA PRO O 118 82.72 -30.26 22.36
C PRO O 118 81.93 -30.77 21.16
N GLU O 119 80.66 -31.10 21.42
CA GLU O 119 79.78 -31.54 20.35
C GLU O 119 79.58 -30.46 19.31
N ALA O 120 79.58 -29.20 19.72
CA ALA O 120 79.51 -28.11 18.75
C ALA O 120 80.72 -28.09 17.83
N GLY O 121 81.91 -28.31 18.39
CA GLY O 121 83.10 -28.38 17.56
C GLY O 121 83.09 -29.57 16.61
N LYS O 122 82.61 -30.72 17.11
CA LYS O 122 82.49 -31.89 16.23
C LYS O 122 81.52 -31.61 15.09
N PHE O 123 80.40 -30.96 15.40
CA PHE O 123 79.43 -30.61 14.36
C PHE O 123 80.03 -29.62 13.38
N GLN O 124 80.84 -28.67 13.85
CA GLN O 124 81.47 -27.71 12.95
C GLN O 124 82.41 -28.40 11.99
N ILE O 125 83.24 -29.31 12.50
CA ILE O 125 84.17 -30.06 11.65
C ILE O 125 83.40 -30.87 10.62
N LEU O 126 82.37 -31.59 11.08
CA LEU O 126 81.61 -32.45 10.18
C LEU O 126 80.85 -31.63 9.15
N GLY O 127 80.30 -30.49 9.55
CA GLY O 127 79.57 -29.65 8.61
C GLY O 127 80.47 -29.01 7.57
N THR O 128 81.66 -28.59 7.98
CA THR O 128 82.60 -28.06 6.99
C THR O 128 83.03 -29.14 6.01
N ILE O 129 83.31 -30.35 6.51
CA ILE O 129 83.65 -31.45 5.62
C ILE O 129 82.48 -31.77 4.69
N GLY O 130 81.26 -31.66 5.22
CA GLY O 130 80.08 -31.92 4.39
C GLY O 130 79.91 -30.89 3.30
N ILE O 131 80.11 -29.62 3.61
CA ILE O 131 80.02 -28.58 2.59
C ILE O 131 81.10 -28.78 1.54
N LEU O 132 82.31 -29.16 1.98
CA LEU O 132 83.38 -29.41 1.01
C LEU O 132 83.04 -30.59 0.12
N GLU O 133 82.43 -31.64 0.68
CA GLU O 133 82.07 -32.81 -0.13
C GLU O 133 80.94 -32.47 -1.11
N LEU O 134 79.96 -31.69 -0.65
CA LEU O 134 78.89 -31.26 -1.56
C LEU O 134 79.46 -30.40 -2.68
N LEU O 135 80.42 -29.54 -2.37
CA LEU O 135 81.07 -28.74 -3.40
C LEU O 135 81.87 -29.62 -4.35
N GLN O 136 82.49 -30.68 -3.83
CA GLN O 136 83.19 -31.62 -4.70
C GLN O 136 82.21 -32.26 -5.68
N GLU O 137 81.03 -32.63 -5.20
CA GLU O 137 80.05 -33.28 -6.06
C GLU O 137 79.47 -32.32 -7.09
N GLY O 138 79.07 -31.12 -6.66
CA GLY O 138 78.32 -30.22 -7.50
C GLY O 138 79.15 -29.18 -8.24
N SER O 139 80.07 -28.53 -7.53
CA SER O 139 80.89 -27.49 -8.14
C SER O 139 81.74 -28.05 -9.27
N VAL O 140 82.34 -29.22 -9.07
CA VAL O 140 83.15 -29.82 -10.13
C VAL O 140 82.18 -30.29 -11.20
N LYS O 141 82.05 -29.53 -12.28
CA LYS O 141 81.01 -29.90 -13.22
C LYS O 141 81.36 -31.12 -14.01
N PRO O 142 82.55 -31.19 -14.60
CA PRO O 142 82.82 -32.51 -15.18
C PRO O 142 82.99 -33.55 -14.09
N HIS O 143 81.85 -34.12 -13.65
CA HIS O 143 81.85 -35.06 -12.53
C HIS O 143 82.74 -36.26 -12.85
N TYR O 144 83.47 -36.72 -11.82
CA TYR O 144 84.43 -37.80 -12.01
C TYR O 144 83.78 -39.09 -12.52
N MET O 145 82.50 -39.29 -12.26
CA MET O 145 81.75 -40.41 -12.81
C MET O 145 81.05 -40.08 -14.13
N ALA O 146 81.22 -38.85 -14.63
CA ALA O 146 80.61 -38.41 -15.89
C ALA O 146 81.63 -37.91 -16.89
N GLY O 147 82.91 -38.22 -16.70
CA GLY O 147 83.96 -37.85 -17.65
C GLY O 147 85.11 -37.08 -17.05
N GLY O 148 85.05 -36.79 -15.75
CA GLY O 148 86.07 -35.99 -15.09
C GLY O 148 87.23 -36.82 -14.57
N THR O 149 87.94 -36.25 -13.60
CA THR O 149 89.10 -36.86 -12.98
C THR O 149 88.75 -37.30 -11.56
N PRO O 150 88.94 -38.57 -11.17
CA PRO O 150 88.65 -38.93 -9.77
C PRO O 150 89.67 -38.30 -8.83
N GLY O 151 89.17 -37.62 -7.80
CA GLY O 151 90.04 -36.96 -6.85
C GLY O 151 90.70 -35.73 -7.44
N LYS O 152 89.89 -34.74 -7.80
CA LYS O 152 90.35 -33.50 -8.43
C LYS O 152 89.67 -32.31 -7.76
N VAL O 153 89.76 -32.26 -6.43
CA VAL O 153 89.19 -31.14 -5.69
C VAL O 153 89.95 -29.88 -6.12
N PRO O 154 89.26 -28.90 -6.70
CA PRO O 154 90.04 -27.78 -7.24
C PRO O 154 90.61 -26.88 -6.18
N LEU O 155 89.79 -26.37 -5.27
CA LEU O 155 90.36 -25.60 -4.19
C LEU O 155 90.97 -26.65 -3.38
N LEU O 156 91.78 -26.29 -2.40
CA LEU O 156 92.41 -27.25 -1.50
C LEU O 156 93.78 -27.71 -1.94
N TRP O 157 93.96 -28.14 -3.17
CA TRP O 157 95.26 -28.60 -3.52
C TRP O 157 96.16 -27.47 -3.82
N ASP O 158 97.40 -27.51 -3.35
CA ASP O 158 98.37 -26.51 -3.73
C ASP O 158 97.74 -25.16 -3.75
N PRO O 159 97.36 -24.69 -2.59
CA PRO O 159 96.86 -23.34 -2.63
C PRO O 159 97.99 -22.45 -3.09
N LEU O 160 99.24 -22.82 -2.85
CA LEU O 160 100.38 -21.93 -3.14
C LEU O 160 101.26 -22.43 -4.26
N GLY O 161 100.67 -23.03 -5.26
CA GLY O 161 101.43 -23.52 -6.38
C GLY O 161 102.77 -24.14 -6.12
N PHE O 162 102.85 -25.13 -5.22
CA PHE O 162 104.09 -25.81 -4.99
C PHE O 162 104.28 -26.91 -6.01
N THR O 163 103.46 -26.93 -7.04
CA THR O 163 103.54 -27.97 -8.05
C THR O 163 103.30 -27.48 -9.48
N THR O 164 102.76 -26.29 -9.65
CA THR O 164 102.46 -25.72 -10.95
C THR O 164 103.62 -25.88 -11.93
N LYS O 165 104.85 -25.93 -11.45
CA LYS O 165 106.01 -26.07 -12.31
C LYS O 165 106.21 -27.49 -12.81
N LEU O 166 105.86 -28.49 -12.01
CA LEU O 166 106.03 -29.88 -12.43
C LEU O 166 105.03 -30.22 -13.53
N SER O 167 105.37 -31.24 -14.31
CA SER O 167 104.51 -31.65 -15.43
C SER O 167 104.79 -33.11 -15.79
N ALA O 168 103.75 -33.75 -16.34
CA ALA O 168 103.85 -35.07 -16.96
C ALA O 168 104.35 -36.14 -15.98
N ASP O 169 105.51 -36.75 -16.24
CA ASP O 169 105.94 -37.91 -15.45
C ASP O 169 106.25 -37.52 -14.02
N THR O 170 106.77 -36.32 -13.80
CA THR O 170 107.09 -35.87 -12.45
C THR O 170 105.86 -35.82 -11.56
N LEU O 171 104.68 -35.59 -12.14
CA LEU O 171 103.42 -35.63 -11.40
C LEU O 171 102.76 -37.00 -11.43
N ALA O 172 102.92 -37.77 -12.51
CA ALA O 172 102.35 -39.12 -12.55
C ALA O 172 102.99 -40.02 -11.51
N THR O 173 104.32 -39.98 -11.41
CA THR O 173 104.99 -40.78 -10.38
C THR O 173 104.60 -40.33 -8.99
N LYS O 174 104.40 -39.02 -8.79
CA LYS O 174 103.99 -38.53 -7.48
C LYS O 174 102.57 -38.99 -7.15
N ARG O 175 101.69 -39.06 -8.15
CA ARG O 175 100.35 -39.61 -7.91
C ARG O 175 100.43 -41.09 -7.54
N THR O 176 101.29 -41.84 -8.22
CA THR O 176 101.47 -43.25 -7.86
C THR O 176 101.98 -43.39 -6.43
N SER O 177 102.94 -42.55 -6.05
CA SER O 177 103.44 -42.56 -4.68
C SER O 177 102.36 -42.15 -3.69
N GLU O 178 101.48 -41.22 -4.08
CA GLU O 178 100.34 -40.87 -3.23
C GLU O 178 99.47 -42.09 -2.97
N LEU O 179 99.14 -42.82 -4.03
CA LEU O 179 98.30 -44.00 -3.87
C LEU O 179 98.97 -45.03 -2.98
N LYS O 180 100.27 -45.26 -3.19
CA LYS O 180 100.97 -46.26 -2.39
C LYS O 180 101.09 -45.84 -0.92
N ASN O 181 101.38 -44.57 -0.67
CA ASN O 181 101.49 -44.09 0.70
C ASN O 181 100.15 -44.13 1.41
N GLY O 182 99.07 -43.76 0.71
CA GLY O 182 97.76 -43.87 1.30
C GLY O 182 97.34 -45.31 1.56
N ARG O 183 97.74 -46.21 0.66
CA ARG O 183 97.53 -47.63 0.90
C ARG O 183 98.23 -48.08 2.18
N LEU O 184 99.47 -47.64 2.37
CA LEU O 184 100.22 -47.98 3.58
C LEU O 184 99.65 -47.29 4.81
N ALA O 185 98.97 -46.15 4.64
CA ALA O 185 98.47 -45.37 5.78
C ALA O 185 97.10 -45.83 6.24
N MET O 186 96.24 -46.30 5.34
CA MET O 186 94.91 -46.74 5.73
C MET O 186 94.90 -48.08 6.42
N ILE O 187 95.97 -48.86 6.30
CA ILE O 187 96.13 -50.04 7.17
C ILE O 187 96.71 -49.60 8.51
N GLY O 188 97.58 -48.58 8.52
CA GLY O 188 98.13 -48.10 9.79
C GLY O 188 97.07 -47.49 10.69
N VAL O 189 96.16 -46.71 10.12
CA VAL O 189 95.11 -46.10 10.93
C VAL O 189 94.20 -47.18 11.51
N MET O 190 93.92 -48.23 10.74
CA MET O 190 93.13 -49.32 11.28
C MET O 190 93.89 -50.09 12.34
N SER O 191 95.22 -50.17 12.21
CA SER O 191 96.02 -50.73 13.29
C SER O 191 95.88 -49.90 14.56
N LEU O 192 95.88 -48.57 14.42
CA LEU O 192 95.72 -47.69 15.58
C LEU O 192 94.37 -47.92 16.26
N VAL O 193 93.28 -47.91 15.49
CA VAL O 193 91.97 -48.06 16.10
C VAL O 193 91.79 -49.47 16.65
N SER O 194 92.36 -50.48 16.00
CA SER O 194 92.30 -51.84 16.54
C SER O 194 93.05 -51.93 17.86
N ALA O 195 94.22 -51.29 17.94
CA ALA O 195 94.95 -51.28 19.19
C ALA O 195 94.15 -50.60 20.30
N HIS O 196 93.46 -49.50 19.95
CA HIS O 196 92.66 -48.82 20.96
C HIS O 196 91.49 -49.68 21.43
N PHE O 197 90.78 -50.29 20.50
CA PHE O 197 89.54 -51.01 20.86
C PHE O 197 89.85 -52.41 21.40
N ILE O 198 90.44 -53.26 20.57
CA ILE O 198 90.77 -54.63 20.96
C ILE O 198 92.23 -54.61 21.42
N PRO O 199 92.53 -54.66 22.72
CA PRO O 199 93.94 -54.61 23.12
C PRO O 199 94.71 -55.84 22.66
N GLY O 200 96.01 -55.64 22.42
CA GLY O 200 96.85 -56.69 21.89
C GLY O 200 96.66 -56.98 20.42
N SER O 201 95.99 -56.11 19.68
CA SER O 201 95.72 -56.36 18.27
C SER O 201 97.01 -56.36 17.46
N VAL O 202 97.87 -55.37 17.68
CA VAL O 202 99.08 -55.18 16.89
C VAL O 202 100.24 -54.90 17.84
N PRO O 203 101.41 -55.52 17.69
CA PRO O 203 102.55 -55.18 18.56
C PRO O 203 103.20 -53.88 18.09
N LEU O 204 104.28 -53.50 18.79
CA LEU O 204 104.96 -52.23 18.57
C LEU O 204 104.01 -51.04 18.74
N LEU O 205 103.03 -51.20 19.62
CA LEU O 205 101.99 -50.18 19.81
C LEU O 205 101.03 -50.63 20.91
N ALA P 25 22.40 -97.83 -27.24
CA ALA P 25 22.48 -97.38 -28.65
C ALA P 25 21.21 -97.77 -29.41
N PHE P 26 20.82 -99.02 -29.27
CA PHE P 26 19.62 -99.55 -29.92
C PHE P 26 19.23 -100.83 -29.20
N VAL P 27 18.24 -101.55 -29.74
CA VAL P 27 17.80 -102.79 -29.12
C VAL P 27 18.89 -103.86 -29.21
N ASP P 28 19.61 -103.89 -30.33
CA ASP P 28 20.66 -104.87 -30.57
C ASP P 28 22.02 -104.23 -30.86
N SER P 29 22.12 -102.90 -30.83
CA SER P 29 23.38 -102.20 -31.06
C SER P 29 24.21 -102.03 -29.80
N ILE P 30 23.94 -102.82 -28.75
CA ILE P 30 24.66 -102.76 -27.49
C ILE P 30 24.96 -104.17 -27.02
N GLU P 31 26.19 -104.42 -26.59
CA GLU P 31 26.56 -105.71 -26.04
C GLU P 31 25.82 -105.96 -24.72
N GLY P 32 26.09 -107.11 -24.12
CA GLY P 32 25.50 -107.51 -22.87
C GLY P 32 24.55 -108.69 -22.93
N VAL P 33 24.52 -109.44 -24.03
CA VAL P 33 23.76 -110.67 -24.16
C VAL P 33 24.72 -111.84 -23.96
N GLY P 34 24.35 -112.75 -23.06
CA GLY P 34 25.20 -113.85 -22.69
C GLY P 34 24.56 -115.21 -22.97
N GLU P 35 25.36 -116.24 -22.75
CA GLU P 35 24.90 -117.62 -22.94
C GLU P 35 24.08 -118.11 -21.76
N GLU P 36 24.07 -117.39 -20.64
CA GLU P 36 23.23 -117.77 -19.52
C GLU P 36 21.75 -117.66 -19.87
N THR P 37 21.37 -116.59 -20.59
CA THR P 37 20.01 -116.39 -21.08
C THR P 37 19.85 -116.86 -22.52
N GLY P 38 20.68 -117.80 -22.95
CA GLY P 38 20.59 -118.33 -24.30
C GLY P 38 20.87 -117.33 -25.40
N ASN P 39 21.73 -116.34 -25.13
CA ASN P 39 22.06 -115.29 -26.09
C ASN P 39 20.82 -114.56 -26.57
N LYS P 40 19.91 -114.27 -25.63
CA LYS P 40 18.71 -113.50 -25.91
C LYS P 40 18.62 -112.34 -24.94
N ILE P 41 17.93 -111.29 -25.38
CA ILE P 41 17.73 -110.10 -24.54
C ILE P 41 16.72 -110.47 -23.46
N TRP P 42 17.18 -110.50 -22.21
CA TRP P 42 16.33 -110.89 -21.09
C TRP P 42 15.55 -109.67 -20.64
N ASP P 43 14.38 -109.47 -21.26
CA ASP P 43 13.50 -108.34 -20.98
C ASP P 43 12.08 -108.88 -20.82
N PRO P 44 11.76 -109.50 -19.68
CA PRO P 44 10.39 -109.98 -19.47
C PRO P 44 9.35 -108.87 -19.53
N LEU P 45 9.67 -107.69 -19.03
CA LEU P 45 8.74 -106.57 -19.07
C LEU P 45 8.66 -105.92 -20.44
N GLY P 46 9.67 -106.11 -21.28
CA GLY P 46 9.65 -105.50 -22.59
C GLY P 46 9.95 -104.02 -22.60
N ILE P 47 10.68 -103.56 -21.59
CA ILE P 47 10.95 -102.14 -21.48
C ILE P 47 11.79 -101.73 -22.65
N SER P 48 12.85 -102.47 -22.90
CA SER P 48 13.76 -102.14 -23.99
C SER P 48 13.02 -102.09 -25.30
N ASP P 49 12.04 -102.98 -25.46
CA ASP P 49 11.27 -103.03 -26.70
C ASP P 49 10.37 -101.82 -26.82
N ALA P 50 9.81 -101.38 -25.71
CA ALA P 50 8.89 -100.26 -25.73
C ALA P 50 9.55 -98.92 -25.84
N VAL P 51 10.45 -98.58 -24.93
CA VAL P 51 10.97 -97.22 -24.97
C VAL P 51 11.89 -97.04 -26.18
N SER P 52 12.24 -95.79 -26.46
CA SER P 52 13.02 -95.45 -27.63
C SER P 52 14.51 -95.69 -27.39
N ASP P 53 15.29 -95.58 -28.47
CA ASP P 53 16.72 -95.85 -28.39
C ASP P 53 17.42 -94.88 -27.44
N GLU P 54 16.95 -93.64 -27.34
CA GLU P 54 17.55 -92.69 -26.40
C GLU P 54 17.41 -93.18 -24.96
N ALA P 55 16.21 -93.66 -24.61
CA ALA P 55 16.01 -94.25 -23.30
C ALA P 55 16.83 -95.51 -23.13
N VAL P 56 17.05 -96.27 -24.21
CA VAL P 56 17.89 -97.46 -24.11
C VAL P 56 19.34 -97.08 -23.79
N MET P 57 19.83 -96.02 -24.41
CA MET P 57 21.18 -95.53 -24.09
C MET P 57 21.26 -95.05 -22.65
N TRP P 58 20.23 -94.34 -22.18
CA TRP P 58 20.19 -93.95 -20.77
C TRP P 58 20.22 -95.18 -19.87
N PHE P 59 19.45 -96.21 -20.21
CA PHE P 59 19.39 -97.42 -19.39
C PHE P 59 20.71 -98.15 -19.37
N ARG P 60 21.40 -98.24 -20.52
CA ARG P 60 22.71 -98.87 -20.55
C ARG P 60 23.71 -98.10 -19.71
N HIS P 61 23.71 -96.78 -19.82
CA HIS P 61 24.64 -95.99 -19.01
C HIS P 61 24.38 -96.18 -17.53
N SER P 62 23.10 -96.18 -17.13
CA SER P 62 22.77 -96.42 -15.72
C SER P 62 23.16 -97.82 -15.29
N GLU P 63 22.97 -98.81 -16.18
CA GLU P 63 23.35 -100.19 -15.86
C GLU P 63 24.83 -100.27 -15.56
N LEU P 64 25.66 -99.71 -16.44
CA LEU P 64 27.10 -99.79 -16.23
C LEU P 64 27.52 -99.01 -15.00
N LYS P 65 26.91 -97.84 -14.77
CA LYS P 65 27.25 -97.08 -13.56
C LYS P 65 26.91 -97.86 -12.30
N HIS P 66 25.73 -98.49 -12.28
CA HIS P 66 25.36 -99.30 -11.13
C HIS P 66 26.30 -100.48 -10.96
N GLY P 67 26.65 -101.15 -12.05
CA GLY P 67 27.55 -102.29 -11.97
C GLY P 67 28.92 -101.92 -11.45
N ARG P 68 29.44 -100.77 -11.89
CA ARG P 68 30.76 -100.34 -11.44
C ARG P 68 30.74 -99.92 -9.97
N VAL P 69 29.72 -99.12 -9.59
CA VAL P 69 29.58 -98.75 -8.18
C VAL P 69 29.44 -99.99 -7.32
N ALA P 70 28.72 -101.00 -7.81
CA ALA P 70 28.50 -102.21 -7.04
C ALA P 70 29.76 -103.06 -6.96
N MET P 71 30.56 -103.12 -8.03
CA MET P 71 31.81 -103.86 -7.94
C MET P 71 32.74 -103.21 -6.94
N LEU P 72 32.71 -101.89 -6.85
CA LEU P 72 33.47 -101.21 -5.82
C LEU P 72 32.91 -101.53 -4.43
N ALA P 73 31.59 -101.42 -4.29
CA ALA P 73 30.95 -101.53 -2.98
C ALA P 73 31.07 -102.93 -2.41
N THR P 74 30.96 -103.95 -3.26
CA THR P 74 30.99 -105.33 -2.76
C THR P 74 32.37 -105.68 -2.20
N VAL P 75 33.43 -105.25 -2.88
CA VAL P 75 34.79 -105.53 -2.43
C VAL P 75 35.17 -104.59 -1.35
N GLY P 76 34.35 -103.60 -1.11
CA GLY P 76 34.63 -102.65 -0.06
C GLY P 76 33.89 -102.93 1.16
N TYR P 77 33.13 -103.99 1.17
CA TYR P 77 32.45 -104.42 2.35
C TYR P 77 33.26 -105.59 2.71
N MET P 78 33.47 -106.49 1.79
CA MET P 78 34.25 -107.64 2.03
C MET P 78 35.49 -107.25 2.79
N ILE P 79 36.13 -106.17 2.45
CA ILE P 79 37.29 -105.74 3.23
C ILE P 79 36.85 -105.25 4.60
N GLY P 80 35.71 -104.57 4.67
CA GLY P 80 35.21 -104.13 5.96
C GLY P 80 34.86 -105.29 6.88
N ALA P 81 34.22 -106.32 6.32
CA ALA P 81 33.91 -107.51 7.11
C ALA P 81 35.19 -108.22 7.55
N ALA P 82 36.17 -108.32 6.65
CA ALA P 82 37.46 -108.89 7.02
C ALA P 82 38.17 -108.06 8.09
N GLY P 83 37.86 -106.77 8.19
CA GLY P 83 38.46 -105.93 9.20
C GLY P 83 39.85 -105.41 8.87
N ILE P 84 40.18 -105.33 7.58
CA ILE P 84 41.48 -104.83 7.16
C ILE P 84 41.39 -103.32 6.97
N THR P 85 42.34 -102.60 7.55
CA THR P 85 42.40 -101.15 7.49
C THR P 85 43.83 -100.73 7.20
N PHE P 86 43.98 -99.57 6.57
CA PHE P 86 45.32 -99.04 6.32
C PHE P 86 45.98 -98.72 7.66
N PRO P 87 47.24 -99.11 7.88
CA PRO P 87 47.90 -98.69 9.13
C PRO P 87 48.03 -97.18 9.20
N GLY P 88 47.89 -96.65 10.41
CA GLY P 88 47.98 -95.22 10.66
C GLY P 88 46.67 -94.65 11.17
N GLU P 89 46.47 -93.36 10.92
CA GLU P 89 45.31 -92.63 11.39
C GLU P 89 44.68 -91.88 10.22
N ILE P 90 43.34 -91.89 10.17
CA ILE P 90 42.64 -91.16 9.13
C ILE P 90 42.65 -89.66 9.43
N ALA P 91 42.72 -89.29 10.71
CA ALA P 91 42.84 -87.89 11.11
C ALA P 91 43.55 -87.85 12.45
N LYS P 92 43.86 -86.63 12.90
CA LYS P 92 44.57 -86.49 14.17
C LYS P 92 43.72 -86.97 15.33
N GLY P 93 42.42 -86.67 15.31
CA GLY P 93 41.51 -87.01 16.39
C GLY P 93 40.79 -88.33 16.25
N VAL P 94 41.11 -89.16 15.26
CA VAL P 94 40.44 -90.44 15.08
C VAL P 94 41.29 -91.30 14.16
N THR P 95 41.27 -92.61 14.40
CA THR P 95 42.13 -93.57 13.71
C THR P 95 41.34 -94.37 12.69
N PHE P 96 42.10 -94.93 11.73
CA PHE P 96 41.51 -95.82 10.74
C PHE P 96 40.86 -97.03 11.39
N ALA P 97 41.43 -97.52 12.49
CA ALA P 97 40.79 -98.62 13.22
C ALA P 97 39.58 -98.12 14.00
N SER P 98 39.63 -96.89 14.50
CA SER P 98 38.50 -96.36 15.25
C SER P 98 37.27 -96.21 14.37
N VAL P 99 37.48 -95.86 13.12
CA VAL P 99 36.35 -95.62 12.25
C VAL P 99 35.65 -96.88 11.79
N GLY P 100 36.27 -98.03 11.99
CA GLY P 100 35.69 -99.24 11.47
C GLY P 100 35.49 -100.21 12.58
N ALA P 101 35.30 -99.69 13.78
CA ALA P 101 35.16 -100.55 14.94
C ALA P 101 33.77 -101.05 15.03
N SER P 102 32.88 -100.50 14.23
CA SER P 102 31.48 -100.85 14.31
C SER P 102 31.02 -101.73 13.17
N GLY P 103 31.93 -102.50 12.59
CA GLY P 103 31.59 -103.39 11.52
C GLY P 103 31.50 -102.62 10.24
N PRO P 104 31.16 -103.29 9.16
CA PRO P 104 31.19 -102.55 7.91
C PRO P 104 30.22 -101.46 7.88
N TYR P 105 28.98 -101.77 8.07
CA TYR P 105 27.94 -100.81 7.90
C TYR P 105 28.13 -99.54 8.63
N ALA P 106 28.26 -99.60 9.94
CA ALA P 106 28.38 -98.38 10.74
C ALA P 106 29.81 -97.85 10.69
N ALA P 107 30.22 -97.48 9.48
CA ALA P 107 31.54 -96.92 9.20
C ALA P 107 31.49 -95.56 8.55
N TRP P 108 30.56 -95.35 7.61
CA TRP P 108 30.45 -94.05 6.96
C TRP P 108 30.08 -92.96 7.97
N ASP P 109 29.16 -93.27 8.90
CA ASP P 109 28.85 -92.33 9.97
C ASP P 109 30.10 -92.05 10.81
N ALA P 110 30.89 -93.08 11.10
CA ALA P 110 32.06 -92.92 11.93
C ALA P 110 33.17 -92.14 11.25
N THR P 111 33.18 -92.09 9.92
CA THR P 111 34.26 -91.41 9.23
C THR P 111 34.19 -89.90 9.50
N PRO P 112 35.31 -89.18 9.41
CA PRO P 112 35.25 -87.73 9.65
C PRO P 112 34.37 -87.00 8.64
N THR P 113 33.65 -86.00 9.13
CA THR P 113 32.75 -85.23 8.29
C THR P 113 33.48 -84.56 7.15
N ALA P 114 34.64 -83.96 7.44
CA ALA P 114 35.44 -83.35 6.39
C ALA P 114 35.89 -84.38 5.36
N GLY P 115 36.22 -85.58 5.82
CA GLY P 115 36.66 -86.62 4.90
C GLY P 115 35.56 -87.03 3.92
N LYS P 116 34.38 -87.33 4.45
CA LYS P 116 33.30 -87.71 3.52
C LYS P 116 32.85 -86.52 2.70
N LEU P 117 32.97 -85.30 3.22
CA LEU P 117 32.67 -84.12 2.41
C LEU P 117 33.63 -84.02 1.23
N GLN P 118 34.92 -84.28 1.46
CA GLN P 118 35.89 -84.25 0.37
C GLN P 118 35.60 -85.33 -0.65
N ILE P 119 35.25 -86.53 -0.18
CA ILE P 119 34.95 -87.63 -1.10
C ILE P 119 33.76 -87.28 -1.98
N LEU P 120 32.69 -86.76 -1.36
CA LEU P 120 31.51 -86.40 -2.14
C LEU P 120 31.80 -85.22 -3.05
N THR P 121 32.69 -84.30 -2.65
CA THR P 121 33.04 -83.18 -3.51
C THR P 121 33.75 -83.65 -4.78
N ILE P 122 34.72 -84.55 -4.63
CA ILE P 122 35.43 -85.03 -5.81
C ILE P 122 34.51 -85.87 -6.68
N ILE P 123 33.61 -86.65 -6.06
CA ILE P 123 32.65 -87.41 -6.86
C ILE P 123 31.72 -86.47 -7.61
N LEU P 124 31.32 -85.37 -6.98
CA LEU P 124 30.49 -84.37 -7.67
C LEU P 124 31.24 -83.77 -8.84
N ALA P 125 32.52 -83.46 -8.65
CA ALA P 125 33.31 -82.91 -9.74
C ALA P 125 33.39 -83.89 -10.91
N LEU P 126 33.63 -85.17 -10.62
CA LEU P 126 33.71 -86.17 -11.67
C LEU P 126 32.38 -86.31 -12.40
N GLU P 127 31.27 -86.36 -11.66
CA GLU P 127 29.96 -86.52 -12.29
C GLU P 127 29.62 -85.33 -13.16
N TRP P 128 29.84 -84.12 -12.66
CA TRP P 128 29.51 -82.92 -13.43
C TRP P 128 30.39 -82.83 -14.67
N ALA P 129 31.68 -83.16 -14.55
CA ALA P 129 32.55 -83.15 -15.73
C ALA P 129 32.07 -84.15 -16.77
N ALA P 130 31.76 -85.37 -16.33
CA ALA P 130 31.32 -86.41 -17.27
C ALA P 130 30.03 -86.01 -17.96
N GLU P 131 29.14 -85.32 -17.24
CA GLU P 131 27.90 -84.85 -17.87
C GLU P 131 28.15 -83.68 -18.82
N THR P 132 29.13 -82.83 -18.52
CA THR P 132 29.37 -81.64 -19.33
C THR P 132 30.25 -81.92 -20.55
N LYS P 133 30.87 -83.09 -20.65
CA LYS P 133 31.55 -83.44 -21.90
C LYS P 133 30.55 -83.43 -23.04
N LYS P 134 30.92 -82.75 -24.13
CA LYS P 134 29.94 -82.40 -25.16
C LYS P 134 29.29 -83.59 -25.85
N PRO P 135 30.02 -84.61 -26.33
CA PRO P 135 29.32 -85.73 -26.98
C PRO P 135 28.57 -86.57 -25.96
N HIS P 136 27.39 -86.09 -25.58
CA HIS P 136 26.62 -86.73 -24.52
C HIS P 136 26.22 -88.14 -24.92
N TYR P 137 26.16 -89.02 -23.92
CA TYR P 137 25.86 -90.43 -24.18
C TYR P 137 24.48 -90.60 -24.81
N MET P 138 23.49 -89.85 -24.33
CA MET P 138 22.17 -89.85 -24.98
C MET P 138 22.24 -89.17 -26.34
N ARG P 139 22.63 -87.90 -26.36
CA ARG P 139 22.56 -87.08 -27.57
C ARG P 139 23.81 -87.31 -28.43
N GLY P 140 23.90 -88.53 -28.96
CA GLY P 140 24.96 -88.87 -29.88
C GLY P 140 26.29 -89.14 -29.22
N GLY P 141 26.36 -90.18 -28.39
CA GLY P 141 27.59 -90.55 -27.74
C GLY P 141 27.53 -91.99 -27.28
N VAL P 142 28.70 -92.51 -26.92
CA VAL P 142 28.82 -93.90 -26.50
C VAL P 142 28.23 -94.03 -25.10
N PRO P 143 27.24 -94.90 -24.86
CA PRO P 143 26.76 -95.06 -23.48
C PRO P 143 27.72 -95.91 -22.66
N GLY P 144 28.01 -95.46 -21.44
CA GLY P 144 28.93 -96.12 -20.56
C GLY P 144 30.36 -95.64 -20.66
N LYS P 145 30.70 -94.89 -21.71
CA LYS P 145 32.07 -94.38 -21.91
C LYS P 145 32.12 -92.94 -21.41
N ILE P 146 32.22 -92.80 -20.08
CA ILE P 146 32.53 -91.48 -19.53
C ILE P 146 33.96 -91.13 -19.89
N ASP P 147 34.20 -89.85 -20.14
CA ASP P 147 35.50 -89.42 -20.67
C ASP P 147 36.62 -89.77 -19.71
N GLN P 148 37.70 -90.30 -20.26
CA GLN P 148 38.81 -90.82 -19.47
C GLN P 148 39.67 -89.72 -18.86
N LEU P 149 39.54 -88.47 -19.33
CA LEU P 149 40.29 -87.33 -18.80
C LEU P 149 39.30 -86.22 -18.47
N PRO P 150 38.56 -86.35 -17.38
CA PRO P 150 37.72 -85.24 -16.93
C PRO P 150 38.58 -84.11 -16.39
N PHE P 151 37.97 -82.92 -16.32
CA PHE P 151 38.56 -81.67 -15.85
C PHE P 151 39.52 -81.04 -16.86
N GLU P 152 39.70 -81.63 -18.04
CA GLU P 152 40.51 -81.03 -19.08
C GLU P 152 39.62 -80.15 -19.96
N GLY P 153 40.14 -78.99 -20.34
CA GLY P 153 39.42 -78.07 -21.19
C GLY P 153 38.45 -77.14 -20.47
N ILE P 154 38.29 -77.29 -19.16
CA ILE P 154 37.42 -76.39 -18.40
C ILE P 154 38.15 -75.06 -18.35
N PRO P 155 37.57 -73.94 -18.80
CA PRO P 155 38.25 -72.65 -18.64
C PRO P 155 38.44 -72.29 -17.19
N GLY P 156 39.56 -71.64 -16.90
CA GLY P 156 39.86 -71.22 -15.53
C GLY P 156 39.99 -72.37 -14.56
N LEU P 157 40.53 -73.49 -15.02
CA LEU P 157 40.76 -74.65 -14.16
C LEU P 157 41.91 -75.45 -14.73
N TRP P 158 42.76 -75.96 -13.85
CA TRP P 158 43.87 -76.82 -14.22
C TRP P 158 43.89 -78.03 -13.30
N ALA P 159 44.12 -79.20 -13.89
CA ALA P 159 44.29 -80.43 -13.16
C ALA P 159 45.34 -81.27 -13.87
N PRO P 160 46.07 -82.13 -13.15
CA PRO P 160 47.01 -83.01 -13.84
C PRO P 160 46.28 -83.92 -14.81
N LYS P 161 46.98 -84.31 -15.88
CA LYS P 161 46.41 -85.21 -16.88
C LYS P 161 46.54 -86.66 -16.43
N ILE P 162 45.94 -86.94 -15.28
CA ILE P 162 45.84 -88.31 -14.77
C ILE P 162 44.59 -88.91 -15.39
N LYS P 163 44.76 -89.90 -16.27
CA LYS P 163 43.63 -90.51 -16.92
C LYS P 163 42.75 -91.21 -15.89
N PHE P 164 41.48 -90.82 -15.84
CA PHE P 164 40.57 -91.36 -14.85
C PHE P 164 40.44 -92.87 -14.98
N TRP P 165 40.25 -93.35 -16.20
CA TRP P 165 40.28 -94.76 -16.51
C TRP P 165 41.67 -95.12 -17.05
N ASP P 166 42.15 -96.31 -16.69
CA ASP P 166 43.45 -96.90 -17.00
C ASP P 166 44.56 -95.85 -17.09
N PRO P 167 44.89 -95.17 -15.97
CA PRO P 167 46.03 -94.24 -16.00
C PRO P 167 47.35 -94.89 -16.39
N LEU P 168 47.56 -96.14 -16.01
CA LEU P 168 48.73 -96.88 -16.48
C LEU P 168 48.59 -97.29 -17.94
N ASN P 169 47.41 -97.13 -18.55
CA ASN P 169 47.18 -97.42 -19.96
C ASN P 169 47.40 -98.90 -20.27
N PHE P 170 46.60 -99.74 -19.63
CA PHE P 170 46.56 -101.16 -19.97
C PHE P 170 45.82 -101.43 -21.28
N MET P 171 45.10 -100.45 -21.82
CA MET P 171 44.29 -100.66 -23.02
C MET P 171 45.13 -100.71 -24.30
N GLY P 172 46.36 -100.16 -24.28
CA GLY P 172 47.16 -100.13 -25.49
C GLY P 172 47.59 -101.50 -25.97
N ALA P 173 47.61 -102.50 -25.09
CA ALA P 173 48.01 -103.86 -25.44
C ALA P 173 46.83 -104.72 -25.87
N LEU P 174 45.61 -104.20 -25.89
CA LEU P 174 44.41 -104.96 -26.22
C LEU P 174 43.84 -104.50 -27.55
N THR P 175 43.35 -105.46 -28.33
CA THR P 175 42.68 -105.19 -29.59
C THR P 175 41.18 -105.04 -29.38
N GLU P 176 40.49 -104.52 -30.39
CA GLU P 176 39.06 -104.24 -30.27
C GLU P 176 38.26 -105.52 -30.02
N GLU P 177 38.64 -106.61 -30.69
CA GLU P 177 37.96 -107.88 -30.45
C GLU P 177 38.12 -108.34 -29.02
N GLN P 178 39.27 -108.05 -28.39
CA GLN P 178 39.45 -108.34 -26.97
C GLN P 178 38.69 -107.34 -26.10
N LYS P 179 38.61 -106.08 -26.52
CA LYS P 179 37.86 -105.09 -25.76
C LYS P 179 36.39 -105.42 -25.69
N ALA P 180 35.83 -105.99 -26.77
CA ALA P 180 34.43 -106.40 -26.74
C ALA P 180 34.19 -107.49 -25.70
N ARG P 181 35.08 -108.49 -25.67
CA ARG P 181 34.97 -109.56 -24.67
C ARG P 181 35.08 -108.99 -23.27
N LYS P 182 36.03 -108.06 -23.08
CA LYS P 182 36.21 -107.50 -21.74
C LYS P 182 35.02 -106.64 -21.34
N ARG P 183 34.38 -105.95 -22.29
CA ARG P 183 33.16 -105.20 -21.96
C ARG P 183 32.04 -106.15 -21.56
N LYS P 184 31.91 -107.28 -22.26
CA LYS P 184 30.92 -108.28 -21.87
C LYS P 184 31.18 -108.79 -20.46
N SER P 185 32.45 -109.09 -20.15
CA SER P 185 32.79 -109.53 -18.80
C SER P 185 32.52 -108.43 -17.78
N GLU P 186 32.78 -107.18 -18.15
CA GLU P 186 32.48 -106.06 -17.27
C GLU P 186 31.00 -106.04 -16.91
N LEU P 187 30.13 -106.16 -17.93
CA LEU P 187 28.71 -106.11 -17.67
C LEU P 187 28.27 -107.29 -16.79
N LYS P 188 28.78 -108.48 -17.07
CA LYS P 188 28.37 -109.65 -16.30
C LYS P 188 28.82 -109.54 -14.84
N ASN P 189 30.10 -109.20 -14.62
CA ASN P 189 30.60 -109.03 -13.26
C ASN P 189 29.87 -107.88 -12.56
N GLY P 190 29.56 -106.81 -13.29
CA GLY P 190 28.85 -105.69 -12.69
C GLY P 190 27.47 -106.08 -12.22
N ARG P 191 26.73 -106.83 -13.04
CA ARG P 191 25.41 -107.31 -12.65
C ARG P 191 25.49 -108.21 -11.42
N LEU P 192 26.42 -109.17 -11.45
CA LEU P 192 26.64 -110.02 -10.29
C LEU P 192 26.99 -109.20 -9.05
N ALA P 193 27.70 -108.10 -9.24
CA ALA P 193 28.11 -107.27 -8.11
C ALA P 193 26.92 -106.51 -7.53
N MET P 194 26.02 -106.01 -8.38
CA MET P 194 24.86 -105.32 -7.80
C MET P 194 23.92 -106.30 -7.12
N ILE P 195 23.86 -107.55 -7.58
CA ILE P 195 23.16 -108.57 -6.80
C ILE P 195 23.86 -108.77 -5.45
N GLY P 196 25.19 -108.89 -5.47
CA GLY P 196 25.92 -109.25 -4.27
C GLY P 196 25.90 -108.18 -3.20
N ILE P 197 26.02 -106.91 -3.59
CA ILE P 197 26.06 -105.83 -2.60
C ILE P 197 24.72 -105.72 -1.89
N ILE P 198 23.62 -105.84 -2.64
CA ILE P 198 22.31 -105.84 -2.00
C ILE P 198 22.16 -107.06 -1.13
N SER P 199 22.73 -108.19 -1.55
CA SER P 199 22.69 -109.39 -0.70
C SER P 199 23.40 -109.15 0.63
N PHE P 200 24.58 -108.52 0.58
CA PHE P 200 25.33 -108.28 1.81
C PHE P 200 24.60 -107.29 2.72
N LEU P 201 24.06 -106.21 2.16
CA LEU P 201 23.32 -105.26 2.98
C LEU P 201 22.06 -105.89 3.57
N THR P 202 21.37 -106.71 2.78
CA THR P 202 20.18 -107.39 3.27
C THR P 202 20.53 -108.44 4.32
N GLY P 203 21.68 -109.08 4.20
CA GLY P 203 22.13 -109.98 5.24
C GLY P 203 22.47 -109.25 6.53
N HIS P 204 23.07 -108.07 6.40
CA HIS P 204 23.34 -107.25 7.58
C HIS P 204 22.04 -106.84 8.27
N ASN P 205 21.04 -106.43 7.49
CA ASN P 205 19.79 -105.94 8.09
C ASN P 205 18.94 -107.10 8.58
N ILE P 206 18.49 -107.96 7.68
CA ILE P 206 17.76 -109.18 8.01
C ILE P 206 18.79 -110.28 8.28
N PRO P 207 18.77 -110.97 9.43
CA PRO P 207 19.86 -111.91 9.73
C PRO P 207 19.86 -113.15 8.84
N GLY P 208 18.70 -113.76 8.67
CA GLY P 208 18.56 -115.00 7.95
C GLY P 208 18.16 -114.89 6.49
N SER P 209 18.25 -113.69 5.90
CA SER P 209 17.80 -113.50 4.53
C SER P 209 18.63 -114.32 3.55
N VAL P 210 19.93 -114.04 3.48
CA VAL P 210 20.85 -114.68 2.55
C VAL P 210 21.73 -115.66 3.34
N PRO P 211 21.80 -116.95 2.98
CA PRO P 211 22.72 -117.84 3.68
C PRO P 211 24.16 -117.60 3.26
N ALA P 212 25.07 -118.36 3.88
CA ALA P 212 26.50 -118.31 3.63
C ALA P 212 27.13 -116.97 4.00
N LEU P 213 26.45 -116.17 4.81
CA LEU P 213 26.97 -114.88 5.28
C LEU P 213 27.20 -114.95 6.77
N ASP P 214 28.40 -114.56 7.21
CA ASP P 214 28.75 -114.61 8.62
C ASP P 214 28.16 -113.41 9.35
N SER P 215 28.37 -113.35 10.66
CA SER P 215 27.84 -112.27 11.49
C SER P 215 28.51 -110.94 11.23
N HIS P 216 29.64 -110.91 10.51
CA HIS P 216 30.31 -109.65 10.24
C HIS P 216 29.43 -108.73 9.39
N PHE P 217 28.75 -109.28 8.40
CA PHE P 217 27.84 -108.49 7.57
C PHE P 217 26.68 -107.98 8.40
N GLY Q 31 31.41 82.20 -15.01
CA GLY Q 31 32.52 83.11 -15.42
C GLY Q 31 33.87 82.45 -15.30
N ASN Q 32 34.93 83.23 -15.53
CA ASN Q 32 36.31 82.76 -15.45
C ASN Q 32 37.08 83.68 -14.52
N VAL Q 33 37.82 83.08 -13.58
CA VAL Q 33 38.53 83.88 -12.58
C VAL Q 33 39.63 84.72 -13.21
N ASN Q 34 40.20 84.25 -14.32
CA ASN Q 34 41.28 84.99 -14.96
C ASN Q 34 40.83 86.34 -15.50
N ASN Q 35 39.55 86.48 -15.84
CA ASN Q 35 39.00 87.73 -16.37
C ASN Q 35 38.43 88.64 -15.28
N MET Q 36 38.46 88.21 -14.02
CA MET Q 36 37.85 88.97 -12.94
C MET Q 36 38.85 89.97 -12.35
N ILE Q 37 38.32 90.92 -11.60
CA ILE Q 37 39.10 91.90 -10.85
C ILE Q 37 39.41 91.32 -9.48
N GLY Q 38 40.63 91.58 -8.99
CA GLY Q 38 41.05 91.17 -7.66
C GLY Q 38 42.27 90.27 -7.64
N LYS Q 39 43.04 90.29 -8.72
CA LYS Q 39 44.29 89.54 -8.74
C LYS Q 39 45.29 90.17 -7.77
N TYR Q 40 46.47 89.55 -7.66
CA TYR Q 40 47.54 90.16 -6.90
C TYR Q 40 47.88 91.52 -7.50
N SER Q 41 48.00 92.53 -6.63
CA SER Q 41 48.13 93.90 -7.09
C SER Q 41 49.47 94.14 -7.79
N VAL Q 42 50.58 93.95 -7.08
CA VAL Q 42 51.88 94.35 -7.58
C VAL Q 42 52.50 93.33 -8.51
N LYS Q 43 52.17 92.05 -8.38
CA LYS Q 43 52.72 90.99 -9.21
C LYS Q 43 51.77 90.54 -10.32
N GLY Q 44 50.46 90.70 -10.15
CA GLY Q 44 49.51 90.48 -11.22
C GLY Q 44 49.09 89.05 -11.47
N THR Q 45 49.54 88.11 -10.64
CA THR Q 45 49.19 86.71 -10.80
C THR Q 45 47.95 86.36 -10.00
N VAL Q 46 47.21 85.38 -10.50
CA VAL Q 46 46.04 84.88 -9.79
C VAL Q 46 46.52 84.04 -8.62
N TYR Q 47 45.86 84.20 -7.47
CA TYR Q 47 46.20 83.46 -6.26
C TYR Q 47 45.21 82.32 -6.10
N ASP Q 48 45.45 81.23 -6.82
CA ASP Q 48 44.69 79.99 -6.70
C ASP Q 48 45.67 78.82 -6.62
N PRO Q 49 46.47 78.75 -5.54
CA PRO Q 49 47.42 77.63 -5.42
C PRO Q 49 46.77 76.27 -5.38
N LEU Q 50 45.59 76.16 -4.76
CA LEU Q 50 44.89 74.88 -4.66
C LEU Q 50 44.00 74.60 -5.87
N ASN Q 51 43.93 75.52 -6.83
CA ASN Q 51 43.17 75.31 -8.06
C ASN Q 51 41.70 75.05 -7.77
N LEU Q 52 41.15 75.78 -6.80
CA LEU Q 52 39.74 75.66 -6.45
C LEU Q 52 38.82 76.49 -7.34
N ALA Q 53 39.37 77.30 -8.24
CA ALA Q 53 38.53 78.07 -9.14
C ALA Q 53 37.75 77.16 -10.09
N SER Q 54 38.40 76.10 -10.59
CA SER Q 54 37.75 75.20 -11.50
C SER Q 54 36.75 74.27 -10.82
N THR Q 55 36.82 74.14 -9.49
CA THR Q 55 35.92 73.22 -8.79
C THR Q 55 34.49 73.76 -8.76
N TYR Q 56 34.33 75.07 -8.64
CA TYR Q 56 33.03 75.70 -8.44
C TYR Q 56 32.85 76.83 -9.45
N ASP Q 57 31.60 77.29 -9.56
CA ASP Q 57 31.28 78.41 -10.44
C ASP Q 57 31.99 79.67 -9.97
N ASN Q 58 32.81 80.26 -10.85
CA ASN Q 58 33.65 81.37 -10.44
C ASN Q 58 32.83 82.59 -10.05
N ASN Q 59 31.70 82.82 -10.73
CA ASN Q 59 30.84 83.93 -10.36
C ASN Q 59 30.31 83.76 -8.95
N TRP Q 60 29.96 82.53 -8.57
CA TRP Q 60 29.57 82.26 -7.20
C TRP Q 60 30.70 82.54 -6.23
N LEU Q 61 31.93 82.20 -6.60
CA LEU Q 61 33.08 82.52 -5.76
C LEU Q 61 33.20 84.01 -5.56
N ARG Q 62 33.07 84.79 -6.64
CA ARG Q 62 33.16 86.25 -6.51
C ARG Q 62 32.06 86.80 -5.62
N GLU Q 63 30.82 86.32 -5.81
CA GLU Q 63 29.71 86.83 -5.02
C GLU Q 63 29.89 86.50 -3.55
N ALA Q 64 30.31 85.27 -3.25
CA ALA Q 64 30.54 84.87 -1.88
C ALA Q 64 31.70 85.63 -1.27
N GLU Q 65 32.76 85.86 -2.04
CA GLU Q 65 33.89 86.63 -1.53
C GLU Q 65 33.49 88.04 -1.18
N LEU Q 66 32.73 88.69 -2.06
CA LEU Q 66 32.29 90.05 -1.78
C LEU Q 66 31.36 90.09 -0.58
N LYS Q 67 30.44 89.14 -0.49
CA LYS Q 67 29.53 89.14 0.66
C LYS Q 67 30.28 88.89 1.96
N HIS Q 68 31.21 87.94 1.96
CA HIS Q 68 32.00 87.67 3.15
C HIS Q 68 32.82 88.89 3.55
N GLY Q 69 33.47 89.52 2.58
CA GLY Q 69 34.26 90.69 2.88
C GLY Q 69 33.42 91.82 3.45
N ARG Q 70 32.27 92.09 2.83
CA ARG Q 70 31.41 93.18 3.28
C ARG Q 70 30.85 92.90 4.67
N LEU Q 71 30.36 91.68 4.88
CA LEU Q 71 29.85 91.30 6.20
C LEU Q 71 30.95 91.42 7.25
N CYS Q 72 32.19 91.10 6.88
CA CYS Q 72 33.28 91.18 7.83
C CYS Q 72 33.75 92.60 8.09
N MET Q 73 33.64 93.50 7.11
CA MET Q 73 33.90 94.90 7.42
C MET Q 73 32.88 95.41 8.41
N LEU Q 74 31.60 95.09 8.18
CA LEU Q 74 30.57 95.49 9.13
C LEU Q 74 30.82 94.88 10.51
N ALA Q 75 31.23 93.61 10.55
CA ALA Q 75 31.47 92.94 11.82
C ALA Q 75 32.67 93.53 12.55
N PHE Q 76 33.74 93.84 11.82
CA PHE Q 76 34.91 94.48 12.41
C PHE Q 76 34.56 95.83 13.02
N ALA Q 77 33.89 96.68 12.23
CA ALA Q 77 33.51 97.99 12.72
C ALA Q 77 32.57 97.88 13.91
N GLY Q 78 31.64 96.92 13.86
CA GLY Q 78 30.70 96.77 14.96
C GLY Q 78 31.35 96.27 16.23
N PHE Q 79 32.29 95.33 16.11
CA PHE Q 79 33.05 94.87 17.26
C PHE Q 79 33.76 96.05 17.92
N ILE Q 80 34.45 96.85 17.11
CA ILE Q 80 35.21 97.96 17.67
C ILE Q 80 34.28 99.00 18.28
N ALA Q 81 33.17 99.32 17.60
CA ALA Q 81 32.25 100.33 18.11
C ALA Q 81 31.59 99.89 19.40
N ASN Q 82 31.16 98.63 19.47
CA ASN Q 82 30.53 98.13 20.69
C ASN Q 82 31.51 98.11 21.85
N ASP Q 83 32.76 97.70 21.60
CA ASP Q 83 33.75 97.74 22.67
C ASP Q 83 34.07 99.16 23.08
N ALA Q 84 34.05 100.10 22.13
CA ALA Q 84 34.28 101.50 22.46
C ALA Q 84 33.17 102.04 23.35
N GLY Q 85 31.92 101.65 23.06
CA GLY Q 85 30.78 102.09 23.84
C GLY Q 85 30.05 103.25 23.18
N TRP Q 86 29.93 103.19 21.86
CA TRP Q 86 29.15 104.20 21.14
C TRP Q 86 27.70 104.16 21.59
N GLY Q 87 27.14 102.96 21.75
CA GLY Q 87 25.74 102.80 22.05
C GLY Q 87 24.88 103.02 20.82
N LEU Q 88 23.60 102.71 20.97
CA LEU Q 88 22.59 102.88 19.92
C LEU Q 88 21.40 103.65 20.49
N PRO Q 89 20.80 104.38 19.57
CA PRO Q 89 19.64 105.07 20.02
C PRO Q 89 18.69 104.06 20.56
N GLY Q 90 18.57 103.97 21.87
CA GLY Q 90 17.57 103.13 22.42
C GLY Q 90 17.90 101.82 23.03
N LEU Q 91 19.15 101.52 23.25
CA LEU Q 91 19.46 100.30 23.95
C LEU Q 91 20.04 100.83 25.19
N ASP Q 92 19.67 100.22 26.28
CA ASP Q 92 20.25 100.61 27.50
C ASP Q 92 21.32 99.62 27.78
N ILE Q 93 21.19 98.40 27.28
CA ILE Q 93 22.14 97.39 27.64
C ILE Q 93 23.54 97.78 27.21
N LYS Q 94 24.47 97.86 28.14
CA LYS Q 94 25.88 98.08 27.85
C LYS Q 94 26.64 96.81 28.19
N CYS Q 95 27.26 96.20 27.18
CA CYS Q 95 27.96 94.94 27.35
C CYS Q 95 29.13 94.89 26.39
N SER Q 96 30.13 94.08 26.72
CA SER Q 96 31.26 93.86 25.83
C SER Q 96 30.82 93.03 24.64
N SER Q 97 31.51 93.23 23.51
CA SER Q 97 31.14 92.53 22.29
C SER Q 97 31.39 91.03 22.37
N VAL Q 98 32.25 90.58 23.29
CA VAL Q 98 32.53 89.15 23.39
C VAL Q 98 31.33 88.40 23.93
N GLU Q 99 30.51 89.05 24.76
CA GLU Q 99 29.32 88.45 25.35
C GLU Q 99 28.03 89.17 24.93
N ALA Q 100 28.11 90.12 23.99
CA ALA Q 100 26.92 90.84 23.59
C ALA Q 100 25.91 89.95 22.86
N HIS Q 101 26.39 88.86 22.24
CA HIS Q 101 25.49 87.99 21.49
C HIS Q 101 24.40 87.40 22.36
N ASP Q 102 24.79 86.78 23.48
CA ASP Q 102 23.82 86.14 24.36
C ASP Q 102 22.87 87.17 24.97
N LYS Q 103 23.41 88.30 25.41
CA LYS Q 103 22.56 89.31 26.05
C LYS Q 103 21.56 89.89 25.06
N MET Q 104 21.99 90.14 23.82
CA MET Q 104 21.11 90.75 22.85
C MET Q 104 20.10 89.77 22.28
N VAL Q 105 20.47 88.49 22.12
CA VAL Q 105 19.46 87.52 21.69
C VAL Q 105 18.46 87.28 22.80
N GLU Q 106 18.89 87.33 24.07
CA GLU Q 106 17.94 87.27 25.16
C GLU Q 106 17.00 88.47 25.15
N SER Q 107 17.55 89.66 24.89
CA SER Q 107 16.74 90.87 24.90
C SER Q 107 15.73 90.86 23.76
N GLY Q 108 16.18 90.55 22.54
CA GLY Q 108 15.31 90.43 21.39
C GLY Q 108 15.72 91.26 20.18
N HIS Q 109 16.75 92.11 20.33
CA HIS Q 109 17.18 92.93 19.21
C HIS Q 109 17.73 92.07 18.08
N MET Q 110 18.44 90.99 18.43
CA MET Q 110 19.01 90.12 17.42
C MET Q 110 17.92 89.46 16.57
N TRP Q 111 16.72 89.28 17.13
CA TRP Q 111 15.63 88.73 16.33
C TRP Q 111 15.20 89.71 15.24
N ALA Q 112 15.08 91.00 15.58
CA ALA Q 112 14.75 91.99 14.56
C ALA Q 112 15.86 92.10 13.51
N LEU Q 113 17.11 92.06 13.96
CA LEU Q 113 18.21 92.11 13.01
C LEU Q 113 18.19 90.88 12.10
N LEU Q 114 17.88 89.71 12.65
CA LEU Q 114 17.75 88.51 11.84
C LEU Q 114 16.60 88.62 10.85
N ALA Q 115 15.49 89.25 11.25
CA ALA Q 115 14.39 89.45 10.31
C ALA Q 115 14.82 90.31 9.13
N PHE Q 116 15.52 91.42 9.42
CA PHE Q 116 16.01 92.29 8.36
C PHE Q 116 16.97 91.56 7.43
N VAL Q 117 17.94 90.85 8.02
CA VAL Q 117 18.91 90.12 7.22
C VAL Q 117 18.23 89.02 6.43
N SER Q 118 17.20 88.40 7.00
CA SER Q 118 16.48 87.34 6.31
C SER Q 118 15.74 87.88 5.10
N VAL Q 119 15.13 89.05 5.22
CA VAL Q 119 14.46 89.65 4.07
C VAL Q 119 15.48 89.95 2.96
N CYS Q 120 16.57 90.61 3.33
CA CYS Q 120 17.57 90.99 2.32
C CYS Q 120 18.19 89.76 1.66
N GLU Q 121 18.54 88.76 2.45
CA GLU Q 121 19.16 87.56 1.92
C GLU Q 121 18.16 86.64 1.23
N ALA Q 122 16.87 86.78 1.49
CA ALA Q 122 15.87 86.07 0.70
C ALA Q 122 15.72 86.71 -0.67
N LEU Q 123 15.83 88.03 -0.74
CA LEU Q 123 15.91 88.65 -2.06
C LEU Q 123 17.16 88.19 -2.81
N HIS Q 124 18.29 88.12 -2.12
CA HIS Q 124 19.52 87.65 -2.76
C HIS Q 124 19.42 86.17 -3.17
N PHE Q 125 18.79 85.36 -2.32
CA PHE Q 125 18.42 84.00 -2.68
C PHE Q 125 17.70 83.99 -4.02
N SER Q 126 16.58 84.72 -4.09
CA SER Q 126 15.76 84.73 -5.29
C SER Q 126 16.54 85.18 -6.51
N VAL Q 127 17.51 86.09 -6.35
CA VAL Q 127 18.18 86.64 -7.52
C VAL Q 127 19.36 85.79 -7.97
N ILE Q 128 20.12 85.17 -7.07
CA ILE Q 128 21.34 84.46 -7.45
C ILE Q 128 21.11 82.95 -7.59
N ILE Q 129 20.33 82.32 -6.72
CA ILE Q 129 20.26 80.86 -6.71
C ILE Q 129 19.63 80.31 -7.99
N PRO Q 130 18.73 81.04 -8.67
CA PRO Q 130 18.31 80.58 -10.00
C PRO Q 130 19.41 80.60 -11.06
N LYS Q 131 20.61 81.10 -10.76
CA LYS Q 131 21.72 81.16 -11.69
C LYS Q 131 23.01 80.67 -11.04
N LEU Q 132 22.94 79.51 -10.38
CA LEU Q 132 24.12 79.01 -9.67
C LEU Q 132 25.15 78.44 -10.63
N ASP Q 133 24.77 77.41 -11.39
CA ASP Q 133 25.67 76.71 -12.30
C ASP Q 133 25.19 76.87 -13.75
N GLY Q 134 24.70 78.08 -14.06
CA GLY Q 134 24.21 78.38 -15.39
C GLY Q 134 24.58 79.79 -15.81
N ASP Q 135 23.94 80.30 -16.85
CA ASP Q 135 24.21 81.66 -17.29
C ASP Q 135 23.74 82.65 -16.24
N TRP Q 136 24.63 83.56 -15.86
CA TRP Q 136 24.31 84.57 -14.87
C TRP Q 136 23.62 85.79 -15.46
N GLY Q 137 23.47 85.86 -16.78
CA GLY Q 137 22.79 86.99 -17.37
C GLY Q 137 23.58 88.28 -17.22
N ASP Q 138 22.85 89.38 -17.05
CA ASP Q 138 23.49 90.68 -16.91
C ASP Q 138 23.90 90.98 -15.47
N TYR Q 139 23.59 90.10 -14.52
CA TYR Q 139 23.91 90.35 -13.12
C TYR Q 139 25.39 90.08 -12.87
N GLU Q 140 26.18 91.15 -12.76
CA GLU Q 140 27.56 91.01 -12.34
C GLU Q 140 27.59 90.60 -10.86
N PRO Q 141 28.54 89.71 -10.45
CA PRO Q 141 28.57 89.34 -9.03
C PRO Q 141 28.83 90.51 -8.11
N GLY Q 142 27.92 90.73 -7.16
CA GLY Q 142 28.04 91.79 -6.19
C GLY Q 142 27.45 93.12 -6.62
N ASN Q 143 26.97 93.24 -7.85
CA ASN Q 143 26.37 94.48 -8.36
C ASN Q 143 24.90 94.49 -7.96
N TYR Q 144 24.62 94.97 -6.75
CA TYR Q 144 23.24 95.09 -6.29
C TYR Q 144 22.55 96.33 -6.83
N GLY Q 145 23.29 97.29 -7.39
CA GLY Q 145 22.71 98.53 -7.86
C GLY Q 145 22.56 99.61 -6.81
N LEU Q 146 23.07 99.41 -5.60
CA LEU Q 146 23.02 100.43 -4.56
C LEU Q 146 24.15 101.45 -4.81
N ASP Q 147 23.95 102.25 -5.86
CA ASP Q 147 24.88 103.30 -6.24
C ASP Q 147 24.09 104.57 -6.53
N PRO Q 148 23.46 105.16 -5.51
CA PRO Q 148 22.69 106.38 -5.75
C PRO Q 148 23.59 107.60 -5.89
N PHE Q 149 24.73 107.60 -5.20
CA PHE Q 149 25.67 108.69 -5.26
C PHE Q 149 26.60 108.64 -6.48
N LYS Q 150 26.53 107.57 -7.28
CA LYS Q 150 27.39 107.38 -8.45
C LYS Q 150 28.87 107.43 -8.06
N LEU Q 151 29.24 106.47 -7.22
CA LEU Q 151 30.61 106.33 -6.71
C LEU Q 151 31.32 105.11 -7.27
N ASP Q 152 30.80 104.49 -8.31
CA ASP Q 152 31.41 103.28 -8.84
C ASP Q 152 32.68 103.62 -9.62
N THR Q 153 33.73 102.83 -9.39
CA THR Q 153 34.99 102.97 -10.10
C THR Q 153 35.70 101.62 -10.04
N PRO Q 154 36.43 101.21 -11.07
CA PRO Q 154 37.18 99.94 -10.95
C PRO Q 154 38.20 99.95 -9.83
N ALA Q 155 38.85 101.09 -9.60
CA ALA Q 155 39.77 101.20 -8.48
C ALA Q 155 39.04 101.02 -7.16
N ARG Q 156 37.82 101.56 -7.07
CA ARG Q 156 37.04 101.40 -5.84
C ARG Q 156 36.55 99.96 -5.68
N ARG Q 157 36.26 99.25 -6.77
CA ARG Q 157 35.93 97.84 -6.65
C ARG Q 157 37.12 97.04 -6.15
N GLU Q 158 38.32 97.32 -6.68
CA GLU Q 158 39.52 96.67 -6.18
C GLU Q 158 39.72 96.98 -4.71
N ALA Q 159 39.52 98.25 -4.32
CA ALA Q 159 39.66 98.61 -2.91
C ALA Q 159 38.64 97.88 -2.06
N GLU Q 160 37.43 97.69 -2.58
CA GLU Q 160 36.41 96.94 -1.86
C GLU Q 160 36.86 95.52 -1.61
N LEU Q 161 37.38 94.85 -2.64
CA LEU Q 161 37.82 93.46 -2.47
C LEU Q 161 38.98 93.36 -1.48
N LYS Q 162 39.97 94.25 -1.61
CA LYS Q 162 41.13 94.18 -0.73
C LYS Q 162 40.74 94.47 0.71
N ASN Q 163 39.87 95.47 0.92
CA ASN Q 163 39.42 95.79 2.26
C ASN Q 163 38.59 94.65 2.83
N GLY Q 164 37.78 93.98 2.00
CA GLY Q 164 37.02 92.84 2.49
C GLY Q 164 37.90 91.69 2.92
N ARG Q 165 38.95 91.41 2.15
CA ARG Q 165 39.89 90.35 2.53
C ARG Q 165 40.62 90.69 3.82
N ALA Q 166 41.14 91.92 3.91
CA ALA Q 166 41.80 92.36 5.12
C ALA Q 166 40.85 92.32 6.30
N CYS Q 167 39.57 92.62 6.08
CA CYS Q 167 38.60 92.59 7.16
C CYS Q 167 38.27 91.18 7.59
N MET Q 168 38.21 90.25 6.63
CA MET Q 168 38.02 88.85 6.99
C MET Q 168 39.11 88.40 7.94
N LEU Q 169 40.37 88.62 7.56
CA LEU Q 169 41.47 88.19 8.42
C LEU Q 169 41.49 88.96 9.74
N ALA Q 170 41.26 90.27 9.67
CA ALA Q 170 41.32 91.10 10.88
C ALA Q 170 40.23 90.74 11.87
N PHE Q 171 39.02 90.47 11.37
CA PHE Q 171 37.93 90.10 12.25
C PHE Q 171 38.11 88.70 12.82
N SER Q 172 38.66 87.78 12.02
CA SER Q 172 39.04 86.49 12.57
C SER Q 172 39.97 86.67 13.76
N GLY Q 173 41.01 87.48 13.58
CA GLY Q 173 41.93 87.74 14.66
C GLY Q 173 41.27 88.42 15.85
N ILE Q 174 40.40 89.38 15.58
CA ILE Q 174 39.82 90.18 16.66
C ILE Q 174 38.89 89.32 17.51
N VAL Q 175 38.10 88.45 16.89
CA VAL Q 175 37.23 87.57 17.67
C VAL Q 175 38.06 86.54 18.42
N THR Q 176 39.10 85.93 17.87
CA THR Q 176 39.76 84.89 18.60
C THR Q 176 40.64 85.46 19.56
N GLN Q 177 40.96 86.71 19.49
CA GLN Q 177 41.72 87.35 20.56
C GLN Q 177 40.81 87.83 21.69
N ALA Q 178 39.67 88.42 21.37
CA ALA Q 178 38.76 88.88 22.42
C ALA Q 178 38.17 87.70 23.17
N ALA Q 179 37.87 86.61 22.48
CA ALA Q 179 37.27 85.45 23.13
C ALA Q 179 38.20 84.82 24.14
N LEU Q 180 39.51 84.98 23.97
CA LEU Q 180 40.49 84.49 24.94
C LEU Q 180 40.63 85.40 26.15
N GLY Q 181 39.87 86.50 26.22
CA GLY Q 181 39.87 87.38 27.37
C GLY Q 181 40.72 88.61 27.24
N HIS Q 182 41.28 88.88 26.06
CA HIS Q 182 42.11 90.07 25.89
C HIS Q 182 41.22 91.29 25.73
N PRO Q 183 41.55 92.37 26.43
CA PRO Q 183 40.72 93.56 26.38
C PRO Q 183 40.49 94.14 25.01
N ALA Q 184 40.02 95.37 24.95
CA ALA Q 184 39.64 95.98 23.68
C ALA Q 184 40.67 96.22 22.60
N PRO Q 185 41.90 96.56 22.95
CA PRO Q 185 42.81 96.74 21.82
C PRO Q 185 42.96 95.40 21.18
N TYR Q 186 42.67 94.34 21.91
CA TYR Q 186 42.72 92.97 21.41
C TYR Q 186 44.09 92.27 21.52
N TRP Q 187 45.06 92.81 22.24
CA TRP Q 187 46.38 92.22 22.31
C TRP Q 187 46.86 92.16 23.76
N VAL R 31 59.23 -104.43 -24.50
CA VAL R 31 59.87 -104.75 -23.19
C VAL R 31 61.30 -105.22 -23.40
N ALA R 32 61.54 -105.94 -24.49
CA ALA R 32 62.90 -106.40 -24.79
C ALA R 32 63.83 -105.23 -25.05
N ASP R 33 63.31 -104.16 -25.67
CA ASP R 33 64.14 -102.99 -25.95
C ASP R 33 64.61 -102.31 -24.66
N MET R 34 63.82 -102.40 -23.59
CA MET R 34 64.20 -101.78 -22.33
C MET R 34 65.40 -102.48 -21.72
N GLU R 35 66.19 -101.71 -20.96
CA GLU R 35 67.37 -102.25 -20.31
C GLU R 35 67.01 -102.90 -18.98
N GLY R 36 68.03 -103.37 -18.26
CA GLY R 36 67.84 -104.04 -16.99
C GLY R 36 67.87 -105.56 -17.04
N VAL R 37 68.20 -106.14 -18.18
CA VAL R 37 68.28 -107.59 -18.36
C VAL R 37 69.74 -107.98 -18.50
N GLY R 38 70.13 -109.06 -17.82
CA GLY R 38 71.50 -109.53 -17.85
C GLY R 38 71.61 -111.05 -17.76
N PRO R 39 72.83 -111.57 -17.84
CA PRO R 39 72.99 -113.04 -17.81
C PRO R 39 72.52 -113.70 -16.52
N GLU R 40 72.37 -112.93 -15.46
CA GLU R 40 71.88 -113.47 -14.21
C GLU R 40 70.68 -114.32 -14.44
N THR R 41 69.75 -113.79 -15.18
CA THR R 41 68.46 -114.44 -15.45
C THR R 41 68.36 -114.81 -16.93
N GLY R 42 69.42 -115.44 -17.44
CA GLY R 42 69.44 -115.81 -18.85
C GLY R 42 69.51 -114.59 -19.74
N ASN R 43 68.77 -114.64 -20.84
CA ASN R 43 68.70 -113.56 -21.81
C ASN R 43 67.25 -113.30 -22.22
N LYS R 44 66.38 -113.22 -21.21
CA LYS R 44 64.95 -113.01 -21.44
C LYS R 44 64.38 -112.21 -20.28
N VAL R 45 63.17 -111.71 -20.48
CA VAL R 45 62.53 -110.85 -19.49
C VAL R 45 61.97 -111.70 -18.36
N PHE R 46 62.33 -111.36 -17.13
CA PHE R 46 61.89 -112.10 -15.94
C PHE R 46 60.56 -111.52 -15.47
N ASP R 47 59.48 -111.98 -16.10
CA ASP R 47 58.11 -111.57 -15.77
C ASP R 47 57.24 -112.82 -15.67
N PRO R 48 57.34 -113.57 -14.57
CA PRO R 48 56.52 -114.80 -14.46
C PRO R 48 55.02 -114.57 -14.56
N LEU R 49 54.51 -113.47 -13.99
CA LEU R 49 53.07 -113.22 -13.96
C LEU R 49 52.58 -112.40 -15.15
N GLY R 50 53.46 -112.06 -16.09
CA GLY R 50 53.03 -111.44 -17.33
C GLY R 50 52.43 -110.05 -17.21
N LEU R 51 53.02 -109.19 -16.38
CA LEU R 51 52.55 -107.81 -16.32
C LEU R 51 53.00 -107.02 -17.53
N ALA R 52 54.21 -107.30 -18.04
CA ALA R 52 54.68 -106.63 -19.25
C ALA R 52 53.80 -106.96 -20.44
N LYS R 53 53.21 -108.15 -20.47
CA LYS R 53 52.30 -108.51 -21.54
C LYS R 53 51.07 -107.60 -21.54
N ILE R 54 50.53 -107.33 -20.35
CA ILE R 54 49.43 -106.38 -20.24
C ILE R 54 49.90 -104.99 -20.61
N ALA R 55 51.13 -104.65 -20.24
CA ALA R 55 51.62 -103.28 -20.32
C ALA R 55 51.70 -102.80 -21.76
N SER R 56 51.15 -101.61 -22.00
CA SER R 56 51.41 -100.86 -23.21
C SER R 56 52.82 -100.27 -23.14
N PRO R 57 53.31 -99.66 -24.23
CA PRO R 57 54.61 -98.98 -24.13
C PRO R 57 54.68 -97.92 -23.04
N GLU R 58 53.62 -97.12 -22.86
CA GLU R 58 53.64 -96.13 -21.80
C GLU R 58 53.42 -96.76 -20.43
N THR R 59 52.70 -97.88 -20.36
CA THR R 59 52.65 -98.64 -19.12
C THR R 59 54.03 -99.17 -18.75
N LEU R 60 54.79 -99.63 -19.76
CA LEU R 60 56.17 -100.05 -19.50
C LEU R 60 57.01 -98.88 -19.04
N ALA R 61 56.78 -97.69 -19.61
CA ALA R 61 57.48 -96.50 -19.15
C ALA R 61 57.15 -96.21 -17.68
N TRP R 62 55.88 -96.34 -17.30
CA TRP R 62 55.51 -96.15 -15.91
C TRP R 62 56.18 -97.17 -15.01
N TYR R 63 56.19 -98.44 -15.42
CA TYR R 63 56.81 -99.47 -14.60
C TYR R 63 58.30 -99.21 -14.44
N ARG R 64 58.98 -98.81 -15.51
CA ARG R 64 60.40 -98.52 -15.40
C ARG R 64 60.65 -97.29 -14.52
N ALA R 65 59.80 -96.26 -14.63
CA ALA R 65 59.96 -95.09 -13.78
C ALA R 65 59.80 -95.45 -12.32
N ALA R 66 58.77 -96.24 -12.00
CA ALA R 66 58.55 -96.65 -10.61
C ALA R 66 59.67 -97.55 -10.12
N GLU R 67 60.12 -98.47 -10.97
CA GLU R 67 61.24 -99.33 -10.62
C GLU R 67 62.46 -98.51 -10.30
N LEU R 68 62.77 -97.53 -11.15
CA LEU R 68 63.95 -96.70 -10.94
C LEU R 68 63.82 -95.91 -9.64
N LYS R 69 62.65 -95.30 -9.40
CA LYS R 69 62.48 -94.51 -8.19
C LYS R 69 62.65 -95.37 -6.93
N HIS R 70 62.06 -96.56 -6.94
CA HIS R 70 62.24 -97.47 -5.82
C HIS R 70 63.70 -97.86 -5.66
N SER R 71 64.36 -98.13 -6.78
CA SER R 71 65.75 -98.57 -6.74
C SER R 71 66.64 -97.50 -6.12
N ARG R 72 66.45 -96.25 -6.57
CA ARG R 72 67.29 -95.16 -6.08
C ARG R 72 67.00 -94.85 -4.61
N VAL R 73 65.72 -94.79 -4.25
CA VAL R 73 65.34 -94.50 -2.87
C VAL R 73 65.86 -95.58 -1.94
N ALA R 74 65.72 -96.85 -2.33
CA ALA R 74 66.19 -97.93 -1.48
C ALA R 74 67.70 -97.99 -1.42
N MET R 75 68.39 -97.60 -2.51
CA MET R 75 69.84 -97.54 -2.48
C MET R 75 70.32 -96.50 -1.46
N ALA R 76 69.72 -95.30 -1.51
CA ALA R 76 70.05 -94.29 -0.51
C ALA R 76 69.70 -94.76 0.89
N ALA R 77 68.55 -95.43 1.04
CA ALA R 77 68.10 -95.87 2.35
C ALA R 77 69.06 -96.90 2.95
N VAL R 78 69.43 -97.91 2.16
CA VAL R 78 70.30 -98.96 2.70
C VAL R 78 71.70 -98.41 2.95
N THR R 79 72.18 -97.51 2.09
CA THR R 79 73.48 -96.90 2.32
C THR R 79 73.48 -96.12 3.64
N GLY R 80 72.45 -95.31 3.87
CA GLY R 80 72.36 -94.57 5.12
C GLY R 80 72.22 -95.49 6.33
N TRP R 81 71.43 -96.54 6.19
CA TRP R 81 71.24 -97.48 7.31
C TRP R 81 72.56 -98.13 7.69
N ALA R 82 73.29 -98.64 6.70
CA ALA R 82 74.58 -99.27 6.99
C ALA R 82 75.56 -98.27 7.57
N TRP R 83 75.61 -97.06 7.01
CA TRP R 83 76.57 -96.06 7.47
C TRP R 83 76.28 -95.66 8.92
N VAL R 84 75.02 -95.46 9.26
CA VAL R 84 74.67 -95.03 10.60
C VAL R 84 74.87 -96.17 11.60
N SER R 85 74.43 -97.39 11.25
CA SER R 85 74.42 -98.49 12.19
C SER R 85 75.69 -99.32 12.20
N SER R 86 76.69 -98.97 11.39
CA SER R 86 77.95 -99.72 11.33
C SER R 86 79.11 -98.86 11.80
N GLY R 87 78.91 -98.10 12.88
CA GLY R 87 79.97 -97.37 13.51
C GLY R 87 80.42 -96.12 12.77
N GLY R 88 79.65 -95.65 11.80
CA GLY R 88 80.04 -94.50 11.02
C GLY R 88 79.93 -93.21 11.83
N PRO R 89 80.71 -92.18 11.48
CA PRO R 89 80.63 -90.92 12.23
C PRO R 89 79.32 -90.16 12.01
N LEU R 90 78.54 -90.00 13.07
CA LEU R 90 77.35 -89.17 13.00
C LEU R 90 77.74 -87.71 12.85
N PHE R 91 76.82 -86.91 12.29
CA PHE R 91 77.12 -85.51 12.05
C PHE R 91 77.26 -84.78 13.38
N PRO R 92 78.06 -83.71 13.43
CA PRO R 92 78.22 -82.96 14.68
C PRO R 92 77.15 -81.89 14.85
N GLY R 93 77.09 -81.35 16.06
CA GLY R 93 76.19 -80.27 16.37
C GLY R 93 74.80 -80.74 16.75
N TYR R 94 73.94 -79.76 17.04
CA TYR R 94 72.58 -79.99 17.48
C TYR R 94 71.64 -79.95 16.29
N LEU R 95 70.82 -80.99 16.13
CA LEU R 95 69.80 -80.98 15.08
C LEU R 95 68.80 -79.87 15.33
N SER R 96 68.35 -79.72 16.58
CA SER R 96 67.39 -78.67 16.97
C SER R 96 67.92 -78.04 18.26
N ILE R 97 68.54 -76.86 18.12
CA ILE R 97 69.07 -76.18 19.30
C ILE R 97 67.93 -75.79 20.25
N ASP R 98 66.77 -75.43 19.70
CA ASP R 98 65.65 -75.04 20.55
C ASP R 98 65.15 -76.20 21.40
N GLN R 99 65.03 -77.38 20.81
CA GLN R 99 64.53 -78.56 21.52
C GLN R 99 65.63 -79.41 22.14
N GLY R 100 66.90 -79.17 21.80
CA GLY R 100 67.99 -79.90 22.39
C GLY R 100 68.30 -81.24 21.75
N ILE R 101 67.56 -81.65 20.72
CA ILE R 101 67.83 -82.92 20.06
C ILE R 101 69.15 -82.81 19.31
N THR R 102 69.98 -83.84 19.42
CA THR R 102 71.33 -83.85 18.88
C THR R 102 71.53 -85.16 18.14
N PHE R 103 72.49 -85.17 17.20
CA PHE R 103 72.71 -86.34 16.36
C PHE R 103 73.03 -87.59 17.17
N GLU R 104 74.01 -87.50 18.08
CA GLU R 104 74.30 -88.65 18.91
C GLU R 104 73.17 -88.94 19.90
N SER R 105 72.36 -87.93 20.22
CA SER R 105 71.15 -88.18 21.01
C SER R 105 70.21 -89.11 20.25
N LEU R 106 70.05 -88.89 18.95
CA LEU R 106 69.34 -89.84 18.11
C LEU R 106 70.09 -91.15 18.12
N GLY R 107 69.49 -92.19 18.71
CA GLY R 107 70.18 -93.46 18.80
C GLY R 107 70.48 -94.03 17.43
N ARG R 108 71.66 -94.63 17.30
CA ARG R 108 72.10 -95.23 16.04
C ARG R 108 71.33 -96.53 15.83
N ASP R 109 70.04 -96.39 15.53
CA ASP R 109 69.16 -97.53 15.37
C ASP R 109 68.04 -97.19 14.39
N GLY R 110 67.79 -98.14 13.48
CA GLY R 110 66.75 -97.95 12.49
C GLY R 110 65.39 -97.79 13.15
N TYR R 111 64.64 -96.79 12.69
CA TYR R 111 63.32 -96.37 13.16
C TYR R 111 63.37 -95.67 14.51
N ALA R 112 64.45 -95.81 15.28
CA ALA R 112 64.58 -95.05 16.51
C ALA R 112 65.10 -93.65 16.20
N ALA R 113 66.06 -93.57 15.27
CA ALA R 113 66.46 -92.26 14.78
C ALA R 113 65.27 -91.50 14.20
N TRP R 114 64.45 -92.20 13.40
CA TRP R 114 63.31 -91.53 12.79
C TRP R 114 62.25 -91.16 13.81
N ALA R 115 62.03 -92.01 14.82
CA ALA R 115 61.07 -91.67 15.87
C ALA R 115 61.53 -90.47 16.67
N ALA R 116 62.83 -90.37 16.96
CA ALA R 116 63.35 -89.27 17.75
C ALA R 116 63.60 -88.00 16.94
N VAL R 117 63.56 -88.07 15.62
CA VAL R 117 63.71 -86.86 14.81
C VAL R 117 62.51 -85.94 15.06
N PRO R 118 62.67 -84.61 15.10
CA PRO R 118 61.50 -83.75 15.28
C PRO R 118 60.50 -83.88 14.14
N GLU R 119 59.23 -83.77 14.50
CA GLU R 119 58.16 -83.84 13.49
C GLU R 119 58.31 -82.73 12.46
N ALA R 120 58.80 -81.57 12.88
CA ALA R 120 59.07 -80.50 11.92
C ALA R 120 60.13 -80.92 10.91
N GLY R 121 61.20 -81.57 11.38
CA GLY R 121 62.21 -82.05 10.45
C GLY R 121 61.69 -83.12 9.51
N LYS R 122 60.83 -84.01 10.02
CA LYS R 122 60.18 -84.99 9.16
C LYS R 122 59.37 -84.29 8.07
N PHE R 123 58.60 -83.28 8.45
CA PHE R 123 57.81 -82.54 7.47
C PHE R 123 58.71 -81.84 6.46
N GLN R 124 59.86 -81.32 6.91
CA GLN R 124 60.78 -80.67 5.98
C GLN R 124 61.28 -81.65 4.94
N ILE R 125 61.69 -82.85 5.39
CA ILE R 125 62.20 -83.85 4.45
C ILE R 125 61.11 -84.25 3.47
N LEU R 126 59.92 -84.56 3.98
CA LEU R 126 58.84 -85.00 3.11
C LEU R 126 58.43 -83.91 2.13
N GLY R 127 58.40 -82.65 2.58
CA GLY R 127 58.06 -81.56 1.68
C GLY R 127 59.11 -81.34 0.61
N THR R 128 60.39 -81.47 0.96
CA THR R 128 61.43 -81.32 -0.05
C THR R 128 61.34 -82.41 -1.10
N ILE R 129 61.14 -83.66 -0.68
CA ILE R 129 60.96 -84.74 -1.65
C ILE R 129 59.71 -84.50 -2.49
N GLY R 130 58.65 -83.98 -1.87
CA GLY R 130 57.43 -83.72 -2.61
C GLY R 130 57.60 -82.64 -3.66
N ILE R 131 58.31 -81.57 -3.32
CA ILE R 131 58.60 -80.53 -4.29
C ILE R 131 59.45 -81.08 -5.42
N LEU R 132 60.45 -81.91 -5.09
CA LEU R 132 61.30 -82.48 -6.12
C LEU R 132 60.51 -83.36 -7.09
N GLU R 133 59.59 -84.17 -6.56
CA GLU R 133 58.82 -85.05 -7.44
C GLU R 133 57.72 -84.32 -8.19
N LEU R 134 57.14 -83.27 -7.60
CA LEU R 134 56.24 -82.41 -8.37
C LEU R 134 56.98 -81.75 -9.52
N LEU R 135 58.22 -81.33 -9.28
CA LEU R 135 59.03 -80.79 -10.37
C LEU R 135 59.33 -81.86 -11.42
N GLN R 136 59.62 -83.08 -10.99
CA GLN R 136 59.83 -84.17 -11.94
C GLN R 136 58.60 -84.39 -12.80
N GLU R 137 57.42 -84.25 -12.21
CA GLU R 137 56.18 -84.43 -12.97
C GLU R 137 55.95 -83.28 -13.94
N GLY R 138 55.80 -82.06 -13.41
CA GLY R 138 55.34 -80.94 -14.19
C GLY R 138 56.38 -80.01 -14.76
N SER R 139 57.67 -80.36 -14.65
CA SER R 139 58.75 -79.52 -15.19
C SER R 139 59.28 -80.07 -16.51
N VAL R 140 59.73 -81.32 -16.53
CA VAL R 140 60.20 -81.93 -17.77
C VAL R 140 59.01 -82.07 -18.72
N LYS R 141 59.16 -81.52 -19.92
CA LYS R 141 58.06 -81.49 -20.87
C LYS R 141 57.84 -82.87 -21.49
N PRO R 142 58.88 -83.56 -22.00
CA PRO R 142 58.58 -84.93 -22.48
C PRO R 142 58.41 -85.88 -21.30
N HIS R 143 57.19 -85.90 -20.76
CA HIS R 143 56.85 -86.78 -19.66
C HIS R 143 57.07 -88.23 -20.05
N TYR R 144 57.54 -89.03 -19.08
CA TYR R 144 57.83 -90.44 -19.37
C TYR R 144 56.59 -91.18 -19.85
N MET R 145 55.40 -90.74 -19.44
CA MET R 145 54.17 -91.33 -19.97
C MET R 145 53.98 -90.97 -21.44
N ALA R 146 54.13 -89.70 -21.77
CA ALA R 146 53.98 -89.21 -23.15
C ALA R 146 55.37 -89.08 -23.75
N GLY R 147 55.88 -90.18 -24.30
CA GLY R 147 57.24 -90.16 -24.81
C GLY R 147 58.24 -90.03 -23.68
N GLY R 148 59.31 -89.27 -23.92
CA GLY R 148 60.29 -89.01 -22.90
C GLY R 148 61.10 -90.26 -22.54
N THR R 149 61.78 -90.15 -21.41
CA THR R 149 62.61 -91.23 -20.87
C THR R 149 62.29 -91.38 -19.37
N PRO R 150 62.03 -92.60 -18.88
CA PRO R 150 61.81 -92.75 -17.44
C PRO R 150 63.06 -92.40 -16.63
N GLY R 151 62.84 -91.78 -15.48
CA GLY R 151 63.88 -91.63 -14.49
C GLY R 151 64.87 -90.51 -14.71
N LYS R 152 64.64 -89.65 -15.70
CA LYS R 152 65.56 -88.55 -16.01
C LYS R 152 65.18 -87.35 -15.15
N VAL R 153 66.09 -86.95 -14.27
CA VAL R 153 65.91 -85.79 -13.40
C VAL R 153 67.12 -84.87 -13.59
N PRO R 154 67.08 -83.91 -14.52
CA PRO R 154 68.29 -83.13 -14.81
C PRO R 154 68.80 -82.30 -13.65
N LEU R 155 67.94 -81.95 -12.69
CA LEU R 155 68.38 -81.10 -11.59
C LEU R 155 69.40 -81.83 -10.71
N LEU R 156 69.08 -83.06 -10.30
CA LEU R 156 69.80 -83.72 -9.22
C LEU R 156 71.06 -84.46 -9.67
N TRP R 157 71.13 -84.88 -10.93
CA TRP R 157 72.21 -85.75 -11.38
C TRP R 157 73.40 -84.92 -11.86
N ASP R 158 74.60 -85.42 -11.50
CA ASP R 158 75.89 -84.81 -11.87
C ASP R 158 75.93 -83.32 -11.83
N PRO R 159 75.76 -82.76 -10.65
CA PRO R 159 75.88 -81.30 -10.59
C PRO R 159 77.25 -80.80 -11.01
N LEU R 160 78.31 -81.54 -10.70
CA LEU R 160 79.67 -81.17 -11.07
C LEU R 160 80.12 -81.81 -12.38
N GLY R 161 79.19 -82.34 -13.17
CA GLY R 161 79.53 -82.88 -14.48
C GLY R 161 80.44 -84.09 -14.44
N PHE R 162 80.13 -85.05 -13.58
CA PHE R 162 80.96 -86.24 -13.47
C PHE R 162 80.89 -87.10 -14.74
N THR R 163 79.73 -87.14 -15.40
CA THR R 163 79.47 -88.07 -16.50
C THR R 163 78.95 -87.33 -17.72
N THR R 164 79.63 -86.26 -18.12
CA THR R 164 79.33 -85.52 -19.33
C THR R 164 80.21 -85.91 -20.51
N LYS R 165 81.11 -86.88 -20.34
CA LYS R 165 82.11 -87.23 -21.34
C LYS R 165 82.24 -88.75 -21.43
N LEU R 166 81.11 -89.45 -21.47
CA LEU R 166 81.05 -90.90 -21.56
C LEU R 166 80.30 -91.33 -22.81
N SER R 167 80.73 -92.46 -23.37
CA SER R 167 80.08 -93.00 -24.57
C SER R 167 78.66 -93.47 -24.24
N ALA R 168 77.82 -93.47 -25.29
CA ALA R 168 76.41 -93.82 -25.10
C ALA R 168 76.25 -95.26 -24.62
N ASP R 169 76.95 -96.20 -25.25
CA ASP R 169 76.85 -97.60 -24.85
C ASP R 169 77.43 -97.82 -23.45
N THR R 170 78.48 -97.07 -23.11
CA THR R 170 79.02 -97.15 -21.75
C THR R 170 77.98 -96.68 -20.74
N LEU R 171 77.23 -95.63 -21.06
CA LEU R 171 76.17 -95.19 -20.16
C LEU R 171 75.02 -96.20 -20.12
N ALA R 172 74.76 -96.90 -21.22
CA ALA R 172 73.76 -97.97 -21.17
C ALA R 172 74.21 -99.08 -20.22
N THR R 173 75.49 -99.47 -20.30
CA THR R 173 76.02 -100.45 -19.37
C THR R 173 75.94 -99.94 -17.94
N LYS R 174 76.22 -98.66 -17.74
CA LYS R 174 76.14 -98.08 -16.40
C LYS R 174 74.71 -98.11 -15.88
N ARG R 175 73.73 -97.84 -16.74
CA ARG R 175 72.34 -97.90 -16.30
C ARG R 175 71.93 -99.33 -15.96
N THR R 176 72.41 -100.30 -16.73
CA THR R 176 72.16 -101.70 -16.39
C THR R 176 72.76 -102.03 -15.03
N SER R 177 73.97 -101.55 -14.76
CA SER R 177 74.58 -101.77 -13.46
C SER R 177 73.80 -101.07 -12.35
N GLU R 178 73.27 -99.88 -12.64
CA GLU R 178 72.43 -99.18 -11.68
C GLU R 178 71.24 -100.03 -11.27
N LEU R 179 70.49 -100.52 -12.26
CA LEU R 179 69.34 -101.36 -11.99
C LEU R 179 69.74 -102.58 -11.18
N LYS R 180 70.80 -103.27 -11.64
CA LYS R 180 71.22 -104.51 -10.99
C LYS R 180 71.62 -104.29 -9.54
N ASN R 181 72.40 -103.24 -9.27
CA ASN R 181 72.84 -102.97 -7.91
C ASN R 181 71.67 -102.56 -7.03
N GLY R 182 70.74 -101.76 -7.58
CA GLY R 182 69.62 -101.32 -6.77
C GLY R 182 68.62 -102.41 -6.47
N ARG R 183 68.58 -103.46 -7.28
CA ARG R 183 67.78 -104.63 -6.90
C ARG R 183 68.28 -105.23 -5.60
N LEU R 184 69.60 -105.43 -5.50
CA LEU R 184 70.19 -105.92 -4.27
C LEU R 184 69.94 -104.94 -3.14
N ALA R 185 70.01 -103.64 -3.45
CA ALA R 185 69.78 -102.63 -2.41
C ALA R 185 68.36 -102.71 -1.84
N MET R 186 67.36 -102.93 -2.69
CA MET R 186 65.98 -102.90 -2.21
C MET R 186 65.60 -104.20 -1.51
N ILE R 187 66.09 -105.36 -1.97
CA ILE R 187 65.96 -106.54 -1.11
C ILE R 187 66.72 -106.34 0.20
N GLY R 188 67.84 -105.62 0.18
CA GLY R 188 68.56 -105.37 1.42
C GLY R 188 67.78 -104.52 2.41
N VAL R 189 67.16 -103.44 1.93
CA VAL R 189 66.42 -102.57 2.84
C VAL R 189 65.16 -103.28 3.35
N MET R 190 64.50 -104.07 2.50
CA MET R 190 63.37 -104.85 3.01
C MET R 190 63.83 -105.90 4.02
N SER R 191 65.01 -106.48 3.80
CA SER R 191 65.58 -107.38 4.80
C SER R 191 65.81 -106.66 6.11
N LEU R 192 66.29 -105.41 6.04
CA LEU R 192 66.56 -104.66 7.26
C LEU R 192 65.29 -104.36 8.05
N VAL R 193 64.24 -103.90 7.36
CA VAL R 193 62.99 -103.61 8.08
C VAL R 193 62.39 -104.90 8.63
N SER R 194 62.51 -106.00 7.88
CA SER R 194 62.04 -107.29 8.39
C SER R 194 62.79 -107.70 9.64
N ALA R 195 64.12 -107.55 9.63
CA ALA R 195 64.91 -107.90 10.81
C ALA R 195 64.55 -107.02 11.99
N HIS R 196 64.25 -105.74 11.73
CA HIS R 196 63.85 -104.85 12.81
C HIS R 196 62.55 -105.29 13.44
N PHE R 197 61.52 -105.51 12.62
CA PHE R 197 60.19 -105.76 13.17
C PHE R 197 60.00 -107.22 13.56
N ILE R 198 60.11 -108.14 12.61
CA ILE R 198 59.93 -109.56 12.85
C ILE R 198 61.30 -110.15 13.19
N PRO R 199 61.56 -110.58 14.42
CA PRO R 199 62.90 -111.10 14.74
C PRO R 199 63.16 -112.43 14.05
N GLY R 200 64.44 -112.69 13.78
CA GLY R 200 64.84 -113.93 13.16
C GLY R 200 64.42 -114.08 11.71
N SER R 201 64.04 -112.97 11.06
CA SER R 201 63.58 -113.03 9.68
C SER R 201 64.72 -113.19 8.68
N VAL R 202 65.92 -112.76 9.03
CA VAL R 202 67.07 -112.72 8.11
C VAL R 202 68.25 -113.42 8.76
N PRO R 203 69.16 -114.06 8.02
CA PRO R 203 70.40 -114.55 8.63
C PRO R 203 71.46 -113.46 8.71
N LEU R 204 72.59 -113.82 9.30
CA LEU R 204 73.72 -112.90 9.49
C LEU R 204 73.29 -111.66 10.27
N LEU R 205 72.37 -111.85 11.22
CA LEU R 205 71.89 -110.78 12.08
C LEU R 205 71.98 -111.20 13.55
N LEU S 31 78.94 82.34 -10.56
CA LEU S 31 79.88 81.38 -11.17
C LEU S 31 79.64 79.97 -10.63
N THR S 32 80.29 78.99 -11.24
CA THR S 32 80.03 77.59 -10.91
C THR S 32 80.51 77.27 -9.48
N LYS S 33 80.10 76.09 -9.00
CA LYS S 33 80.44 75.69 -7.64
C LYS S 33 81.95 75.55 -7.49
N GLU S 34 82.59 74.89 -8.45
CA GLU S 34 84.04 74.66 -8.36
C GLU S 34 84.79 75.98 -8.42
N LYS S 35 84.39 76.89 -9.30
CA LYS S 35 85.08 78.17 -9.40
C LYS S 35 84.88 79.00 -8.13
N LEU S 36 83.67 79.01 -7.59
CA LEU S 36 83.43 79.74 -6.34
C LEU S 36 84.26 79.17 -5.20
N ALA S 37 84.22 77.89 -4.98
CA ALA S 37 84.94 77.34 -3.90
C ALA S 37 86.37 77.41 -4.20
N GLU S 38 86.78 77.90 -5.32
CA GLU S 38 88.17 78.00 -5.52
C GLU S 38 88.56 79.39 -5.46
N LYS S 39 87.66 80.31 -5.38
CA LYS S 39 88.03 81.66 -5.18
C LYS S 39 87.89 81.90 -3.76
N LEU S 40 87.16 81.04 -3.07
CA LEU S 40 87.05 81.20 -1.62
C LEU S 40 88.25 80.59 -0.89
N ASN S 41 88.72 79.42 -1.33
CA ASN S 41 89.83 78.73 -0.69
C ASN S 41 90.47 77.79 -1.70
N PRO S 42 91.58 78.20 -2.33
CA PRO S 42 92.25 77.28 -3.28
C PRO S 42 92.68 75.96 -2.65
N ALA S 43 93.14 75.98 -1.40
CA ALA S 43 93.65 74.76 -0.79
C ALA S 43 92.54 73.74 -0.58
N ILE S 44 91.44 74.17 0.05
CA ILE S 44 90.33 73.24 0.31
C ILE S 44 89.61 72.88 -0.98
N GLY S 45 89.34 73.87 -1.82
CA GLY S 45 88.59 73.59 -3.02
C GLY S 45 87.14 73.26 -2.68
N TYR S 46 86.44 72.73 -3.67
CA TYR S 46 85.05 72.32 -3.46
C TYR S 46 85.00 71.20 -2.42
N TYR S 47 84.05 71.33 -1.50
CA TYR S 47 83.96 70.40 -0.37
C TYR S 47 82.50 70.31 0.04
N ASP S 48 81.88 69.16 -0.20
CA ASP S 48 80.45 68.98 0.05
C ASP S 48 80.19 67.51 0.34
N PRO S 49 80.51 67.05 1.55
CA PRO S 49 80.26 65.64 1.88
C PRO S 49 78.80 65.24 1.77
N LEU S 50 77.87 66.13 2.16
CA LEU S 50 76.45 65.82 2.05
C LEU S 50 75.95 65.86 0.62
N GLY S 51 76.66 66.53 -0.29
CA GLY S 51 76.21 66.63 -1.66
C GLY S 51 74.93 67.41 -1.83
N LEU S 52 74.75 68.48 -1.05
CA LEU S 52 73.55 69.30 -1.16
C LEU S 52 73.57 70.22 -2.37
N ALA S 53 74.75 70.50 -2.93
CA ALA S 53 74.83 71.38 -4.09
C ALA S 53 74.11 70.79 -5.29
N THR S 54 74.14 69.46 -5.43
CA THR S 54 73.45 68.76 -6.50
C THR S 54 72.03 68.34 -6.11
N ALA S 55 71.55 68.77 -4.95
CA ALA S 55 70.26 68.31 -4.45
C ALA S 55 69.12 68.93 -5.25
N ASP S 56 67.92 68.40 -5.03
CA ASP S 56 66.68 68.89 -5.62
C ASP S 56 65.65 69.08 -4.51
N PHE S 57 65.72 70.23 -3.84
CA PHE S 57 64.74 70.56 -2.82
C PHE S 57 63.40 70.93 -3.47
N TRP S 58 62.33 70.32 -2.97
CA TRP S 58 60.96 70.62 -3.39
C TRP S 58 60.72 70.36 -4.87
N SER S 59 61.56 69.54 -5.51
CA SER S 59 61.43 69.22 -6.93
C SER S 59 61.46 70.48 -7.80
N GLN S 60 62.24 71.47 -7.40
CA GLN S 60 62.28 72.76 -8.10
C GLN S 60 63.34 72.79 -9.19
N GLY S 61 64.44 72.05 -9.03
CA GLY S 61 65.53 72.07 -9.97
C GLY S 61 66.85 72.38 -9.30
N ASN S 62 67.93 71.80 -9.81
CA ASN S 62 69.22 71.98 -9.17
C ASN S 62 69.66 73.44 -9.17
N ASP S 63 69.32 74.19 -10.22
CA ASP S 63 69.73 75.59 -10.29
C ASP S 63 69.05 76.41 -9.21
N ALA S 64 67.72 76.27 -9.09
CA ALA S 64 66.99 76.99 -8.06
C ALA S 64 67.44 76.58 -6.67
N THR S 65 67.70 75.29 -6.48
CA THR S 65 68.06 74.82 -5.14
C THR S 65 69.47 75.24 -4.76
N TRP S 66 70.37 75.29 -5.74
CA TRP S 66 71.70 75.83 -5.51
C TRP S 66 71.63 77.31 -5.17
N GLY S 67 70.76 78.05 -5.85
CA GLY S 67 70.54 79.44 -5.48
C GLY S 67 70.01 79.59 -4.07
N PHE S 68 69.08 78.72 -3.68
CA PHE S 68 68.57 78.75 -2.31
C PHE S 68 69.66 78.48 -1.31
N LEU S 69 70.51 77.49 -1.58
CA LEU S 69 71.60 77.17 -0.66
C LEU S 69 72.58 78.32 -0.55
N ARG S 70 72.94 78.94 -1.68
CA ARG S 70 73.88 80.07 -1.63
C ARG S 70 73.29 81.24 -0.87
N HIS S 71 72.02 81.56 -1.11
CA HIS S 71 71.41 82.68 -0.39
C HIS S 71 71.29 82.38 1.09
N SER S 72 71.07 81.14 1.50
CA SER S 72 71.07 80.85 2.95
C SER S 72 72.41 81.02 3.62
N GLU S 73 73.49 80.53 3.05
CA GLU S 73 74.80 80.74 3.59
C GLU S 73 75.09 82.18 3.75
N ILE S 74 74.63 83.00 2.81
CA ILE S 74 74.95 84.42 2.86
C ILE S 74 74.09 85.04 3.89
N LYS S 75 72.87 84.57 4.04
CA LYS S 75 72.04 85.06 5.12
C LYS S 75 72.57 84.64 6.48
N HIS S 76 72.98 83.37 6.60
CA HIS S 76 73.55 82.90 7.85
C HIS S 76 74.83 83.64 8.18
N GLY S 77 75.69 83.86 7.20
CA GLY S 77 76.93 84.58 7.44
C GLY S 77 76.68 86.02 7.88
N ARG S 78 75.76 86.70 7.21
CA ARG S 78 75.45 88.08 7.56
C ARG S 78 74.87 88.17 8.97
N VAL S 79 73.87 87.34 9.26
CA VAL S 79 73.25 87.35 10.58
C VAL S 79 74.27 86.98 11.64
N ALA S 80 75.19 86.06 11.33
CA ALA S 80 76.17 85.62 12.30
C ALA S 80 77.21 86.70 12.58
N MET S 81 77.65 87.41 11.56
CA MET S 81 78.57 88.53 11.77
C MET S 81 77.91 89.61 12.63
N ALA S 82 76.66 89.94 12.30
CA ALA S 82 75.93 90.90 13.13
C ALA S 82 75.79 90.41 14.55
N ALA S 83 75.51 89.12 14.74
CA ALA S 83 75.37 88.57 16.08
C ALA S 83 76.67 88.65 16.85
N PHE S 84 77.80 88.39 16.19
CA PHE S 84 79.08 88.47 16.88
C PHE S 84 79.36 89.89 17.33
N VAL S 85 79.19 90.87 16.43
CA VAL S 85 79.51 92.23 16.82
C VAL S 85 78.53 92.73 17.88
N GLY S 86 77.26 92.33 17.80
CA GLY S 86 76.32 92.72 18.82
C GLY S 86 76.63 92.11 20.18
N PHE S 87 77.00 90.83 20.20
CA PHE S 87 77.42 90.17 21.43
C PHE S 87 78.61 90.90 22.03
N CYS S 88 79.59 91.26 21.20
CA CYS S 88 80.76 91.96 21.69
C CYS S 88 80.40 93.33 22.25
N VAL S 89 79.53 94.07 21.57
CA VAL S 89 79.23 95.43 21.99
C VAL S 89 78.39 95.43 23.27
N GLN S 90 77.36 94.59 23.33
CA GLN S 90 76.43 94.64 24.45
C GLN S 90 76.87 93.83 25.66
N SER S 91 77.74 92.83 25.48
CA SER S 91 78.25 92.10 26.63
C SER S 91 79.28 92.91 27.40
N ASN S 92 80.04 93.76 26.71
CA ASN S 92 81.03 94.58 27.39
C ASN S 92 80.37 95.57 28.36
N GLY S 93 79.26 96.16 27.94
CA GLY S 93 78.52 97.09 28.80
C GLY S 93 77.83 98.22 28.05
N ILE S 94 78.10 98.38 26.76
CA ILE S 94 77.47 99.45 26.00
C ILE S 94 75.97 99.22 25.92
N HIS S 95 75.21 100.28 26.15
CA HIS S 95 73.76 100.17 26.28
C HIS S 95 73.12 101.50 25.91
N PHE S 96 71.98 101.42 25.23
CA PHE S 96 71.34 102.62 24.69
C PHE S 96 70.66 103.41 25.81
N PRO S 97 70.55 104.76 25.66
CA PRO S 97 69.93 105.55 26.73
C PRO S 97 68.45 105.85 26.52
N PHE S 98 67.90 105.56 25.34
CA PHE S 98 66.56 106.03 25.00
C PHE S 98 65.47 105.08 25.50
N ASP S 99 65.79 104.21 26.46
CA ASP S 99 64.78 103.42 27.18
C ASP S 99 64.03 102.45 26.26
N PHE S 100 63.37 101.42 26.83
CA PHE S 100 62.55 100.49 26.04
C PHE S 100 61.16 100.24 26.62
N GLN S 101 61.03 100.09 27.94
CA GLN S 101 59.76 99.65 28.49
C GLN S 101 58.71 100.75 28.38
N GLY S 102 59.13 102.00 28.58
CA GLY S 102 58.22 103.13 28.52
C GLY S 102 57.42 103.26 29.80
N GLY S 103 56.83 104.44 29.96
CA GLY S 103 56.02 104.72 31.13
C GLY S 103 56.82 104.89 32.41
N GLY S 104 58.11 105.20 32.31
CA GLY S 104 58.92 105.40 33.51
C GLY S 104 59.06 104.16 34.36
N VAL S 105 59.34 103.02 33.74
CA VAL S 105 59.43 101.73 34.42
C VAL S 105 60.88 101.29 34.42
N SER S 106 61.26 100.53 35.45
CA SER S 106 62.60 100.01 35.54
C SER S 106 62.90 99.05 34.39
N GLN S 107 64.18 98.96 34.03
CA GLN S 107 64.64 98.18 32.88
C GLN S 107 65.32 96.90 33.32
N ALA S 108 64.78 95.77 32.87
CA ALA S 108 65.35 94.47 33.23
C ALA S 108 66.63 94.17 32.45
N GLN S 109 66.67 94.51 31.16
CA GLN S 109 67.86 94.17 30.37
C GLN S 109 69.07 95.02 30.79
N TYR S 110 68.85 96.27 31.19
CA TYR S 110 69.90 97.10 31.74
C TYR S 110 70.00 96.78 33.23
N ALA S 111 70.72 95.71 33.55
CA ALA S 111 70.84 95.27 34.94
C ALA S 111 72.16 94.51 35.09
N ALA S 112 73.17 95.19 35.64
CA ALA S 112 74.45 94.57 35.93
C ALA S 112 75.09 94.01 34.66
N GLY S 113 76.06 93.11 34.82
CA GLY S 113 76.69 92.46 33.68
C GLY S 113 75.95 91.24 33.20
N LEU S 114 74.66 91.40 32.94
CA LEU S 114 73.84 90.28 32.49
C LEU S 114 74.27 89.83 31.10
N SER S 115 74.27 88.52 30.88
CA SER S 115 74.75 87.99 29.61
C SER S 115 73.71 88.26 28.52
N PRO S 116 74.13 88.39 27.25
CA PRO S 116 73.22 88.91 26.20
C PRO S 116 71.99 88.07 25.98
N PRO S 117 72.07 86.72 26.00
CA PRO S 117 70.82 85.94 25.93
C PRO S 117 69.85 86.24 27.06
N GLU S 118 70.38 86.51 28.26
CA GLU S 118 69.49 86.84 29.37
C GLU S 118 68.97 88.27 29.24
N GLN S 119 69.72 89.16 28.60
CA GLN S 119 69.16 90.47 28.28
C GLN S 119 68.00 90.34 27.30
N TRP S 120 68.16 89.48 26.30
CA TRP S 120 67.06 89.22 25.36
C TRP S 120 65.85 88.65 26.09
N ASP S 121 66.07 87.71 27.01
CA ASP S 121 64.97 87.17 27.80
C ASP S 121 64.32 88.25 28.65
N ALA S 122 65.13 89.11 29.26
CA ALA S 122 64.64 90.15 30.15
C ALA S 122 63.89 91.25 29.40
N LEU S 123 64.11 91.39 28.11
CA LEU S 123 63.32 92.33 27.33
C LEU S 123 61.84 91.95 27.39
N PRO S 124 60.92 92.91 27.25
CA PRO S 124 59.50 92.56 27.28
C PRO S 124 59.09 91.81 26.03
N PHE S 125 57.97 91.08 26.16
CA PHE S 125 57.50 90.25 25.06
C PHE S 125 57.14 91.10 23.84
N ALA S 126 56.56 92.27 24.05
CA ALA S 126 56.17 93.12 22.93
C ALA S 126 57.39 93.55 22.13
N ALA S 127 58.49 93.90 22.82
CA ALA S 127 59.70 94.31 22.12
C ALA S 127 60.25 93.19 21.27
N LYS S 128 60.31 91.97 21.82
CA LYS S 128 60.83 90.84 21.07
C LYS S 128 59.94 90.52 19.88
N ALA S 129 58.62 90.53 20.09
CA ALA S 129 57.71 90.24 19.00
C ALA S 129 57.82 91.28 17.89
N GLN S 130 57.97 92.53 18.21
CA GLN S 130 58.04 93.54 17.19
C GLN S 130 59.37 93.51 16.53
N ILE S 131 60.46 93.21 17.20
CA ILE S 131 61.74 93.03 16.51
C ILE S 131 61.66 91.89 15.52
N ILE S 132 61.08 90.76 15.93
CA ILE S 132 60.99 89.61 15.04
C ILE S 132 60.07 89.93 13.87
N LEU S 133 59.02 90.70 14.10
CA LEU S 133 58.12 91.07 13.00
C LEU S 133 58.78 92.05 12.04
N PHE S 134 59.62 92.97 12.55
CA PHE S 134 60.36 93.86 11.67
C PHE S 134 61.32 93.07 10.78
N ILE S 135 62.05 92.13 11.39
CA ILE S 135 62.92 91.27 10.59
C ILE S 135 62.07 90.44 9.63
N GLY S 136 60.85 90.09 10.02
CA GLY S 136 59.96 89.39 9.11
C GLY S 136 59.58 90.22 7.91
N PHE S 137 59.31 91.50 8.12
CA PHE S 137 59.03 92.39 7.00
C PHE S 137 60.24 92.49 6.08
N LEU S 138 61.44 92.60 6.67
CA LEU S 138 62.64 92.66 5.85
C LEU S 138 62.79 91.39 5.01
N GLU S 139 62.55 90.23 5.63
CA GLU S 139 62.66 88.96 4.91
C GLU S 139 61.61 88.86 3.82
N TRP S 140 60.38 89.28 4.11
CA TRP S 140 59.32 89.28 3.12
C TRP S 140 59.67 90.18 1.94
N TRP S 141 60.18 91.37 2.22
CA TRP S 141 60.57 92.27 1.13
C TRP S 141 61.73 91.70 0.33
N SER S 142 62.66 91.01 0.99
CA SER S 142 63.75 90.39 0.25
C SER S 142 63.22 89.33 -0.70
N GLU S 143 62.26 88.53 -0.24
CA GLU S 143 61.67 87.54 -1.12
C GLU S 143 60.85 88.19 -2.23
N PHE S 144 60.26 89.34 -1.95
CA PHE S 144 59.29 89.96 -2.86
C PHE S 144 59.95 90.79 -3.95
N GLY S 145 60.71 91.82 -3.57
CA GLY S 145 61.26 92.72 -4.56
C GLY S 145 62.36 92.07 -5.37
N GLY S 146 62.51 92.54 -6.59
CA GLY S 146 63.60 92.10 -7.45
C GLY S 146 63.40 90.67 -7.93
N GLN S 147 64.31 90.24 -8.80
CA GLN S 147 64.30 88.87 -9.27
C GLN S 147 64.73 87.94 -8.14
N HIS S 148 64.01 86.84 -7.98
CA HIS S 148 64.24 85.97 -6.85
C HIS S 148 65.57 85.24 -6.99
N TYR S 149 66.22 85.01 -5.84
CA TYR S 149 67.50 84.32 -5.82
C TYR S 149 67.38 82.91 -6.38
N MET S 150 66.27 82.23 -6.13
CA MET S 150 66.07 80.90 -6.71
C MET S 150 65.93 80.99 -8.23
N ARG S 151 65.06 81.88 -8.71
CA ARG S 151 64.72 81.96 -10.13
C ARG S 151 65.58 83.00 -10.82
N GLY S 152 66.85 82.65 -10.99
CA GLY S 152 67.76 83.49 -11.75
C GLY S 152 68.03 84.85 -11.16
N GLY S 153 68.24 84.92 -9.85
CA GLY S 153 68.60 86.15 -9.18
C GLY S 153 69.88 85.98 -8.39
N GLN S 154 70.58 87.08 -8.13
CA GLN S 154 71.84 86.99 -7.42
C GLN S 154 71.58 86.60 -5.97
N PRO S 155 72.16 85.50 -5.46
CA PRO S 155 71.96 85.20 -4.04
C PRO S 155 72.61 86.25 -3.15
N GLY S 156 71.80 86.82 -2.25
CA GLY S 156 72.29 87.77 -1.28
C GLY S 156 71.97 89.22 -1.58
N LYS S 157 71.47 89.54 -2.78
CA LYS S 157 71.11 90.91 -3.09
C LYS S 157 69.81 91.26 -2.38
N TYR S 158 69.82 92.38 -1.65
CA TYR S 158 68.61 92.89 -1.02
C TYR S 158 67.95 93.89 -1.96
N PRO S 159 66.69 93.71 -2.36
CA PRO S 159 66.07 94.67 -3.27
C PRO S 159 65.92 96.04 -2.62
N GLU S 160 65.58 97.01 -3.46
CA GLU S 160 65.46 98.40 -3.03
C GLU S 160 64.02 98.69 -2.63
N PHE S 161 63.87 99.48 -1.58
CA PHE S 161 62.54 99.84 -1.09
C PHE S 161 61.88 100.83 -2.04
N LYS S 162 61.18 100.32 -3.06
CA LYS S 162 60.55 101.13 -4.08
C LYS S 162 59.12 100.67 -4.28
N ASN S 163 58.27 101.61 -4.72
CA ASN S 163 56.86 101.40 -5.03
C ASN S 163 56.01 101.04 -3.81
N ILE S 164 56.56 101.16 -2.60
CA ILE S 164 55.75 100.95 -1.40
C ILE S 164 54.94 102.22 -1.15
N PRO S 165 53.61 102.14 -0.99
CA PRO S 165 52.83 103.37 -0.90
C PRO S 165 53.04 104.08 0.43
N LEU S 166 53.27 105.39 0.35
CA LEU S 166 53.37 106.26 1.52
C LEU S 166 54.53 105.85 2.45
N HIS S 167 55.55 105.19 1.91
CA HIS S 167 56.75 104.84 2.68
C HIS S 167 57.96 104.99 1.78
N LYS S 168 58.79 106.00 2.07
CA LYS S 168 60.08 106.17 1.43
C LYS S 168 61.16 106.07 2.50
N MET S 169 62.08 105.12 2.30
CA MET S 169 63.09 104.79 3.31
C MET S 169 64.40 104.54 2.60
N PRO S 170 65.53 104.71 3.30
CA PRO S 170 66.82 104.34 2.69
C PRO S 170 66.90 102.84 2.44
N ASN S 171 67.68 102.47 1.43
CA ASN S 171 67.89 101.07 1.11
C ASN S 171 68.62 100.38 2.27
N LEU S 172 68.27 99.11 2.49
CA LEU S 172 68.93 98.35 3.55
C LEU S 172 70.41 98.17 3.27
N PHE S 173 70.75 97.75 2.06
CA PHE S 173 72.15 97.69 1.64
C PHE S 173 72.59 99.06 1.18
N ASP S 174 73.57 99.63 1.89
CA ASP S 174 74.13 100.92 1.51
C ASP S 174 73.07 102.02 1.53
N PRO S 175 72.49 102.33 2.70
CA PRO S 175 71.53 103.46 2.72
C PRO S 175 72.16 104.77 2.32
N LEU S 176 73.45 104.97 2.60
CA LEU S 176 74.17 106.16 2.16
C LEU S 176 74.77 106.02 0.77
N GLY S 177 74.86 104.79 0.24
CA GLY S 177 75.35 104.60 -1.11
C GLY S 177 76.79 105.04 -1.32
N LEU S 178 77.67 104.73 -0.36
CA LEU S 178 79.07 105.14 -0.42
C LEU S 178 79.96 103.98 -0.87
N SER S 179 79.39 103.02 -1.59
CA SER S 179 80.11 101.84 -2.08
C SER S 179 79.83 101.65 -3.57
N LYS S 180 79.88 102.74 -4.33
CA LYS S 180 79.72 102.73 -5.77
C LYS S 180 81.07 103.02 -6.40
N GLY S 181 81.50 102.15 -7.32
CA GLY S 181 82.77 102.31 -8.02
C GLY S 181 83.59 101.04 -8.09
N LEU S 182 83.08 99.93 -7.56
CA LEU S 182 83.83 98.69 -7.60
C LEU S 182 83.92 98.11 -9.00
N SER S 183 83.00 98.48 -9.89
CA SER S 183 83.05 98.15 -11.32
C SER S 183 82.98 96.65 -11.59
N ALA S 184 82.43 95.88 -10.66
CA ALA S 184 82.26 94.43 -10.80
C ALA S 184 83.59 93.70 -10.99
N GLU S 185 84.70 94.31 -10.57
CA GLU S 185 86.01 93.69 -10.57
C GLU S 185 86.45 93.30 -9.17
N GLN S 186 86.20 94.17 -8.19
CA GLN S 186 86.44 93.88 -6.79
C GLN S 186 85.19 93.40 -6.07
N ARG S 187 84.01 93.55 -6.66
CA ARG S 187 82.78 93.21 -5.97
C ARG S 187 82.66 91.71 -5.72
N GLU S 188 83.06 90.89 -6.70
CA GLU S 188 82.95 89.44 -6.50
C GLU S 188 83.93 88.97 -5.43
N THR S 189 85.14 89.52 -5.42
CA THR S 189 86.10 89.16 -4.38
C THR S 189 85.63 89.62 -3.02
N LYS S 190 85.00 90.79 -2.95
CA LYS S 190 84.42 91.24 -1.69
C LYS S 190 83.31 90.30 -1.23
N LEU S 191 82.51 89.79 -2.17
CA LEU S 191 81.46 88.83 -1.81
C LEU S 191 82.08 87.54 -1.29
N CYS S 192 83.18 87.09 -1.90
CA CYS S 192 83.88 85.91 -1.41
C CYS S 192 84.38 86.14 0.01
N ALA S 193 84.94 87.32 0.26
CA ALA S 193 85.36 87.67 1.61
C ALA S 193 84.18 87.67 2.57
N GLU S 194 83.02 88.14 2.11
CA GLU S 194 81.82 88.11 2.93
C GLU S 194 81.47 86.68 3.30
N ILE S 195 81.53 85.76 2.34
CA ILE S 195 81.15 84.38 2.62
C ILE S 195 82.12 83.76 3.64
N ASN S 196 83.35 84.00 3.45
CA ASN S 196 84.22 83.53 4.40
C ASN S 196 83.91 84.11 5.69
N ASN S 197 84.12 85.34 5.87
CA ASN S 197 83.94 85.99 7.17
C ASN S 197 82.64 85.55 7.81
N GLY S 198 81.61 85.33 7.01
CA GLY S 198 80.34 84.87 7.55
C GLY S 198 80.45 83.50 8.17
N ARG S 199 81.10 82.57 7.46
CA ARG S 199 81.30 81.23 7.99
C ARG S 199 82.08 81.27 9.31
N LEU S 200 83.17 82.05 9.32
CA LEU S 200 83.95 82.17 10.55
C LEU S 200 83.12 82.80 11.66
N ALA S 201 82.20 83.70 11.32
CA ALA S 201 81.36 84.32 12.34
C ALA S 201 80.35 83.33 12.91
N MET S 202 79.78 82.48 12.05
CA MET S 202 78.92 81.40 12.54
C MET S 202 79.68 80.56 13.57
N LEU S 203 80.89 80.14 13.19
CA LEU S 203 81.69 79.32 14.11
C LEU S 203 81.98 80.07 15.40
N GLY S 204 82.31 81.36 15.31
CA GLY S 204 82.64 82.12 16.51
C GLY S 204 81.48 82.27 17.46
N VAL S 205 80.30 82.64 16.93
CA VAL S 205 79.16 82.87 17.82
C VAL S 205 78.66 81.55 18.40
N PHE S 206 78.67 80.48 17.61
CA PHE S 206 78.27 79.21 18.20
C PHE S 206 79.33 78.70 19.17
N GLY S 207 80.58 79.10 18.99
CA GLY S 207 81.57 78.84 20.03
C GLY S 207 81.26 79.57 21.31
N PHE S 208 80.82 80.83 21.20
CA PHE S 208 80.38 81.56 22.38
C PHE S 208 79.25 80.82 23.09
N TYR S 209 78.22 80.44 22.33
CA TYR S 209 77.06 79.78 22.94
C TYR S 209 77.44 78.43 23.54
N CYS S 210 78.30 77.67 22.85
CA CYS S 210 78.67 76.35 23.32
C CYS S 210 79.58 76.42 24.54
N ALA S 211 80.50 77.37 24.58
CA ALA S 211 81.25 77.60 25.81
C ALA S 211 80.33 78.07 26.92
N GLU S 212 79.26 78.77 26.58
CA GLU S 212 78.42 79.33 27.62
C GLU S 212 77.54 78.25 28.26
N LYS S 213 76.95 77.38 27.44
CA LYS S 213 76.02 76.35 27.91
C LYS S 213 76.62 74.96 28.00
N ILE S 214 77.91 74.79 27.71
CA ILE S 214 78.60 73.52 27.86
C ILE S 214 79.99 73.86 28.39
N PRO S 215 80.29 73.67 29.68
CA PRO S 215 81.62 74.02 30.18
C PRO S 215 82.72 73.22 29.49
N GLY S 216 83.82 73.92 29.17
CA GLY S 216 84.95 73.29 28.52
C GLY S 216 84.77 73.05 27.03
N SER S 217 83.73 73.58 26.41
CA SER S 217 83.53 73.36 24.98
C SER S 217 84.66 74.00 24.17
N VAL S 218 85.13 75.17 24.60
CA VAL S 218 86.25 75.87 23.97
C VAL S 218 87.34 76.04 25.03
N PRO S 219 88.63 75.97 24.68
CA PRO S 219 89.66 76.27 25.70
C PRO S 219 89.54 77.69 26.24
N LEU S 220 89.44 78.67 25.35
CA LEU S 220 89.11 80.03 25.76
C LEU S 220 87.60 80.12 25.99
N LEU S 221 87.08 81.33 26.14
CA LEU S 221 85.66 81.63 26.35
C LEU S 221 85.15 81.10 27.70
N SER S 222 86.05 80.64 28.59
CA SER S 222 85.60 80.20 29.91
C SER S 222 85.09 81.36 30.75
N PHE S 223 85.57 82.57 30.50
CA PHE S 223 85.06 83.75 31.18
C PHE S 223 83.57 83.97 30.96
N ILE S 224 82.99 83.41 29.88
CA ILE S 224 81.57 83.61 29.61
C ILE S 224 80.77 82.94 30.72
N LYS S 225 79.62 83.53 31.05
CA LYS S 225 78.82 83.06 32.17
C LYS S 225 78.28 81.65 31.89
N PRO S 226 77.95 80.88 32.93
CA PRO S 226 77.60 79.47 32.73
C PRO S 226 76.25 79.22 32.07
N TYR S 227 75.43 80.25 31.86
CA TYR S 227 74.07 80.05 31.39
C TYR S 227 73.63 81.20 30.50
N ALA S 228 72.68 80.90 29.62
CA ALA S 228 72.06 81.83 28.70
C ALA S 228 70.55 81.78 28.75
N GLY S 229 69.98 80.59 28.92
CA GLY S 229 68.59 80.33 28.58
C GLY S 229 68.51 79.35 27.41
N GLU S 230 67.30 79.15 26.93
CA GLU S 230 67.12 78.22 25.84
C GLU S 230 67.71 78.73 24.53
N ILE S 231 67.88 80.05 24.37
CA ILE S 231 68.43 80.74 23.20
C ILE S 231 67.64 80.43 21.92
N MET S 232 67.40 79.15 21.60
CA MET S 232 66.54 78.74 20.51
C MET S 232 65.05 78.95 20.80
N GLY S 233 64.68 79.55 21.93
CA GLY S 233 63.32 79.96 22.18
C GLY S 233 63.25 81.48 22.34
N PRO S 234 62.61 82.20 21.39
CA PRO S 234 62.63 83.66 21.50
C PRO S 234 61.78 84.17 22.66
N PHE S 235 60.54 83.70 22.72
CA PHE S 235 59.58 84.21 23.69
C PHE S 235 59.60 83.38 24.97
N VAL T 31 99.00 11.27 -9.05
CA VAL T 31 99.35 11.43 -7.61
C VAL T 31 100.58 12.31 -7.48
N ALA T 32 101.61 12.02 -8.30
CA ALA T 32 102.83 12.80 -8.24
C ALA T 32 102.61 14.25 -8.63
N ASP T 33 101.59 14.52 -9.45
CA ASP T 33 101.27 15.91 -9.80
C ASP T 33 100.90 16.73 -8.57
N MET T 34 100.30 16.10 -7.56
CA MET T 34 99.89 16.82 -6.37
C MET T 34 101.11 17.22 -5.53
N GLU T 35 100.88 18.16 -4.62
CA GLU T 35 101.92 18.66 -3.75
C GLU T 35 102.07 17.77 -2.52
N GLY T 36 102.95 18.16 -1.60
CA GLY T 36 103.21 17.46 -0.37
C GLY T 36 104.42 16.57 -0.43
N VAL T 37 104.75 16.01 -1.59
CA VAL T 37 105.93 15.18 -1.73
C VAL T 37 107.17 16.04 -1.57
N GLY T 38 108.17 15.49 -0.86
CA GLY T 38 109.40 16.21 -0.60
C GLY T 38 110.58 15.28 -0.46
N PRO T 39 111.79 15.86 -0.39
CA PRO T 39 113.00 15.02 -0.40
C PRO T 39 113.16 14.15 0.83
N GLU T 40 112.40 14.40 1.90
CA GLU T 40 112.54 13.60 3.11
C GLU T 40 112.22 12.13 2.85
N THR T 41 111.06 11.86 2.25
CA THR T 41 110.62 10.49 1.99
C THR T 41 111.05 10.00 0.63
N GLY T 42 112.34 10.11 0.33
CA GLY T 42 112.88 9.65 -0.94
C GLY T 42 112.44 10.45 -2.14
N ASN T 43 111.83 11.61 -1.95
CA ASN T 43 111.35 12.44 -3.06
C ASN T 43 110.35 11.69 -3.92
N LYS T 44 109.50 10.88 -3.28
CA LYS T 44 108.47 10.12 -3.98
C LYS T 44 107.27 9.99 -3.06
N VAL T 45 106.17 9.50 -3.62
CA VAL T 45 104.91 9.39 -2.90
C VAL T 45 105.06 8.40 -1.76
N PHE T 46 104.60 8.80 -0.57
CA PHE T 46 104.64 7.95 0.63
C PHE T 46 103.29 7.25 0.75
N ASP T 47 103.21 6.05 0.17
CA ASP T 47 102.00 5.25 0.17
C ASP T 47 102.35 3.80 0.53
N PRO T 48 102.74 3.55 1.78
CA PRO T 48 103.05 2.17 2.17
C PRO T 48 101.89 1.21 2.01
N LEU T 49 100.66 1.67 2.25
CA LEU T 49 99.47 0.83 2.12
C LEU T 49 98.80 0.93 0.75
N GLY T 50 99.33 1.75 -0.15
CA GLY T 50 98.77 1.83 -1.49
C GLY T 50 97.38 2.41 -1.57
N LEU T 51 97.07 3.41 -0.74
CA LEU T 51 95.73 3.99 -0.75
C LEU T 51 95.52 4.92 -1.95
N ALA T 52 96.59 5.50 -2.49
CA ALA T 52 96.45 6.38 -3.64
C ALA T 52 96.18 5.60 -4.93
N LYS T 53 96.51 4.31 -4.97
CA LYS T 53 96.31 3.53 -6.19
C LYS T 53 94.85 3.22 -6.47
N ILE T 54 94.00 3.25 -5.45
CA ILE T 54 92.56 3.01 -5.62
C ILE T 54 91.79 4.34 -5.64
N ALA T 55 92.45 5.44 -5.98
CA ALA T 55 91.80 6.74 -5.94
C ALA T 55 91.62 7.42 -7.27
N SER T 56 90.41 7.84 -7.56
CA SER T 56 90.16 8.58 -8.77
C SER T 56 90.71 9.95 -8.58
N PRO T 57 90.75 10.75 -9.64
CA PRO T 57 91.15 12.13 -9.43
C PRO T 57 90.42 12.79 -8.28
N GLU T 58 89.10 12.63 -8.21
CA GLU T 58 88.30 13.25 -7.17
C GLU T 58 88.61 12.70 -5.80
N THR T 59 88.80 11.40 -5.70
CA THR T 59 89.20 10.84 -4.41
C THR T 59 90.51 11.46 -3.93
N LEU T 60 91.44 11.71 -4.84
CA LEU T 60 92.68 12.37 -4.46
C LEU T 60 92.41 13.80 -3.98
N ALA T 61 91.47 14.49 -4.63
CA ALA T 61 91.09 15.82 -4.19
C ALA T 61 90.50 15.78 -2.78
N TRP T 62 89.63 14.79 -2.52
CA TRP T 62 89.07 14.66 -1.18
C TRP T 62 90.16 14.38 -0.15
N TYR T 63 91.10 13.50 -0.48
CA TYR T 63 92.20 13.21 0.45
C TYR T 63 93.02 14.47 0.72
N ARG T 64 93.33 15.23 -0.32
CA ARG T 64 94.14 16.44 -0.14
C ARG T 64 93.40 17.48 0.69
N ALA T 65 92.10 17.66 0.44
CA ALA T 65 91.33 18.61 1.22
C ALA T 65 91.27 18.19 2.69
N ALA T 66 91.05 16.91 2.95
CA ALA T 66 91.03 16.42 4.32
C ALA T 66 92.40 16.60 4.98
N GLU T 67 93.48 16.33 4.24
CA GLU T 67 94.81 16.51 4.79
C GLU T 67 95.06 17.96 5.15
N LEU T 68 94.68 18.89 4.26
CA LEU T 68 94.90 20.30 4.53
C LEU T 68 94.12 20.75 5.75
N LYS T 69 92.84 20.37 5.82
CA LYS T 69 92.01 20.78 6.94
C LYS T 69 92.53 20.21 8.25
N HIS T 70 92.88 18.91 8.25
CA HIS T 70 93.44 18.30 9.45
C HIS T 70 94.73 18.97 9.86
N SER T 71 95.61 19.26 8.89
CA SER T 71 96.89 19.86 9.21
C SER T 71 96.73 21.23 9.86
N ARG T 72 95.88 22.08 9.28
CA ARG T 72 95.74 23.41 9.84
C ARG T 72 94.99 23.38 11.17
N VAL T 73 94.01 22.48 11.32
CA VAL T 73 93.35 22.32 12.62
C VAL T 73 94.35 21.87 13.67
N ALA T 74 95.22 20.92 13.32
CA ALA T 74 96.22 20.43 14.25
C ALA T 74 97.22 21.53 14.60
N MET T 75 97.60 22.35 13.62
CA MET T 75 98.53 23.44 13.91
C MET T 75 97.93 24.44 14.88
N ALA T 76 96.67 24.82 14.64
CA ALA T 76 96.00 25.72 15.57
C ALA T 76 95.87 25.09 16.95
N ALA T 77 95.51 23.81 17.00
CA ALA T 77 95.31 23.14 18.28
C ALA T 77 96.61 23.05 19.06
N VAL T 78 97.69 22.64 18.41
CA VAL T 78 98.95 22.46 19.12
C VAL T 78 99.50 23.81 19.56
N THR T 79 99.37 24.85 18.73
CA THR T 79 99.84 26.16 19.15
C THR T 79 99.03 26.69 20.33
N GLY T 80 97.71 26.52 20.31
CA GLY T 80 96.91 26.95 21.45
C GLY T 80 97.26 26.18 22.71
N TRP T 81 97.43 24.87 22.59
CA TRP T 81 97.77 24.05 23.75
C TRP T 81 99.12 24.45 24.33
N ALA T 82 100.12 24.62 23.47
CA ALA T 82 101.44 25.02 23.95
C ALA T 82 101.40 26.41 24.57
N TRP T 83 100.67 27.33 23.95
CA TRP T 83 100.57 28.69 24.49
C TRP T 83 99.92 28.69 25.86
N VAL T 84 98.85 27.91 26.04
CA VAL T 84 98.18 27.86 27.33
C VAL T 84 99.08 27.19 28.37
N SER T 85 99.65 26.04 28.02
CA SER T 85 100.38 25.25 29.01
C SER T 85 101.74 25.85 29.36
N SER T 86 102.32 26.66 28.49
CA SER T 86 103.66 27.22 28.69
C SER T 86 103.60 28.63 29.24
N GLY T 87 102.61 28.94 30.08
CA GLY T 87 102.50 30.27 30.62
C GLY T 87 102.17 31.29 29.55
N GLY T 88 102.71 32.49 29.72
CA GLY T 88 102.52 33.55 28.77
C GLY T 88 101.21 34.30 28.99
N PRO T 89 100.92 35.28 28.14
CA PRO T 89 99.69 36.06 28.30
C PRO T 89 98.44 35.21 28.15
N LEU T 90 97.39 35.62 28.85
CA LEU T 90 96.08 34.99 28.77
C LEU T 90 95.03 36.08 28.57
N PHE T 91 93.81 35.66 28.27
CA PHE T 91 92.75 36.63 28.02
C PHE T 91 92.45 37.41 29.30
N PRO T 92 92.21 38.73 29.21
CA PRO T 92 92.21 39.56 30.42
C PRO T 92 90.95 39.41 31.28
N GLY T 93 89.79 39.40 30.65
CA GLY T 93 88.52 39.57 31.34
C GLY T 93 87.84 38.29 31.72
N TYR T 94 86.51 38.35 31.75
CA TYR T 94 85.65 37.23 32.11
C TYR T 94 85.24 36.45 30.88
N LEU T 95 84.91 35.18 31.09
CA LEU T 95 84.29 34.34 30.07
C LEU T 95 82.77 34.29 30.21
N SER T 96 82.24 34.61 31.39
CA SER T 96 80.79 34.63 31.59
C SER T 96 80.50 35.47 32.83
N ILE T 97 79.76 36.57 32.66
CA ILE T 97 79.42 37.41 33.81
C ILE T 97 78.40 36.69 34.69
N ASP T 98 77.41 36.04 34.06
CA ASP T 98 76.36 35.39 34.85
C ASP T 98 76.93 34.26 35.71
N GLN T 99 77.83 33.45 35.16
CA GLN T 99 78.48 32.38 35.91
C GLN T 99 79.79 32.83 36.56
N GLY T 100 80.34 33.97 36.16
CA GLY T 100 81.54 34.50 36.78
C GLY T 100 82.78 33.63 36.65
N ILE T 101 83.04 33.13 35.45
CA ILE T 101 84.18 32.26 35.18
C ILE T 101 85.28 33.08 34.54
N THR T 102 86.44 33.14 35.18
CA THR T 102 87.60 33.83 34.64
C THR T 102 88.44 32.88 33.79
N PHE T 103 89.09 33.46 32.77
CA PHE T 103 90.03 32.69 31.98
C PHE T 103 91.16 32.15 32.85
N GLU T 104 91.53 32.87 33.90
CA GLU T 104 92.52 32.34 34.85
C GLU T 104 91.97 31.14 35.58
N SER T 105 90.70 31.19 35.99
CA SER T 105 90.09 30.09 36.73
C SER T 105 89.65 28.93 35.84
N LEU T 106 89.77 29.05 34.52
CA LEU T 106 89.45 27.92 33.65
C LEU T 106 90.32 26.71 33.96
N GLY T 107 91.61 26.93 34.17
CA GLY T 107 92.51 25.86 34.60
C GLY T 107 93.90 25.89 33.98
N ARG T 108 94.00 26.48 32.79
CA ARG T 108 95.28 26.57 32.07
C ARG T 108 95.82 25.19 31.73
N ASP T 109 94.93 24.25 31.44
CA ASP T 109 95.30 22.97 30.84
C ASP T 109 94.17 22.52 29.93
N GLY T 110 94.53 21.81 28.86
CA GLY T 110 93.63 21.59 27.75
C GLY T 110 92.28 20.98 28.06
N TYR T 111 92.28 19.71 28.48
CA TYR T 111 91.02 18.98 28.61
C TYR T 111 90.16 19.56 29.72
N ALA T 112 90.75 19.85 30.87
CA ALA T 112 89.95 20.35 32.00
C ALA T 112 89.44 21.76 31.72
N ALA T 113 90.24 22.60 31.07
CA ALA T 113 89.76 23.94 30.71
C ALA T 113 88.63 23.85 29.70
N TRP T 114 88.74 22.96 28.72
CA TRP T 114 87.66 22.79 27.74
C TRP T 114 86.39 22.30 28.41
N ALA T 115 86.52 21.40 29.39
CA ALA T 115 85.36 20.96 30.16
C ALA T 115 84.77 22.10 30.96
N ALA T 116 85.62 22.93 31.56
CA ALA T 116 85.15 24.04 32.39
C ALA T 116 84.56 25.17 31.58
N VAL T 117 84.82 25.22 30.27
CA VAL T 117 84.16 26.23 29.44
C VAL T 117 82.65 25.98 29.47
N PRO T 118 81.79 26.99 29.52
CA PRO T 118 80.35 26.72 29.55
C PRO T 118 79.88 25.97 28.31
N GLU T 119 78.88 25.11 28.52
CA GLU T 119 78.34 24.32 27.42
C GLU T 119 77.74 25.20 26.33
N ALA T 120 77.15 26.33 26.71
CA ALA T 120 76.65 27.27 25.71
C ALA T 120 77.79 27.82 24.87
N GLY T 121 78.91 28.16 25.52
CA GLY T 121 80.07 28.64 24.78
C GLY T 121 80.60 27.59 23.82
N LYS T 122 80.70 26.34 24.28
CA LYS T 122 81.11 25.26 23.40
C LYS T 122 80.15 25.11 22.23
N PHE T 123 78.86 25.17 22.51
CA PHE T 123 77.85 24.97 21.46
C PHE T 123 77.94 26.06 20.41
N GLN T 124 78.13 27.32 20.83
CA GLN T 124 78.20 28.38 19.82
C GLN T 124 79.54 28.41 19.11
N ILE T 125 80.64 27.95 19.75
CA ILE T 125 81.89 27.77 19.01
C ILE T 125 81.68 26.73 17.91
N LEU T 126 81.07 25.60 18.26
CA LEU T 126 80.85 24.56 17.26
C LEU T 126 79.85 25.01 16.20
N GLY T 127 78.88 25.84 16.57
CA GLY T 127 77.96 26.38 15.58
C GLY T 127 78.64 27.34 14.62
N THR T 128 79.56 28.16 15.13
CA THR T 128 80.34 29.02 14.25
C THR T 128 81.17 28.19 13.28
N ILE T 129 81.83 27.14 13.78
CA ILE T 129 82.62 26.29 12.90
C ILE T 129 81.72 25.60 11.88
N GLY T 130 80.52 25.19 12.31
CA GLY T 130 79.62 24.51 11.41
C GLY T 130 79.10 25.41 10.30
N ILE T 131 78.71 26.64 10.65
CA ILE T 131 78.26 27.57 9.62
C ILE T 131 79.43 27.93 8.70
N LEU T 132 80.64 28.02 9.25
CA LEU T 132 81.81 28.27 8.42
C LEU T 132 82.01 27.15 7.42
N GLU T 133 81.84 25.89 7.86
CA GLU T 133 82.10 24.77 6.95
C GLU T 133 80.96 24.61 5.94
N LEU T 134 79.73 24.88 6.35
CA LEU T 134 78.63 24.88 5.39
C LEU T 134 78.83 25.95 4.33
N LEU T 135 79.29 27.14 4.74
CA LEU T 135 79.62 28.16 3.76
C LEU T 135 80.78 27.73 2.88
N GLN T 136 81.78 27.07 3.46
CA GLN T 136 82.91 26.57 2.68
C GLN T 136 82.45 25.56 1.63
N GLU T 137 81.43 24.78 1.95
CA GLU T 137 80.96 23.76 1.01
C GLU T 137 80.03 24.37 -0.05
N GLY T 138 79.11 25.23 0.36
CA GLY T 138 78.06 25.73 -0.51
C GLY T 138 78.26 27.10 -1.11
N SER T 139 79.36 27.78 -0.80
CA SER T 139 79.66 29.11 -1.31
C SER T 139 80.74 29.11 -2.37
N VAL T 140 81.81 28.33 -2.18
CA VAL T 140 82.80 28.17 -3.24
C VAL T 140 82.16 27.37 -4.36
N LYS T 141 82.06 27.98 -5.53
CA LYS T 141 81.27 27.38 -6.60
C LYS T 141 82.01 26.21 -7.24
N PRO T 142 83.28 26.35 -7.65
CA PRO T 142 84.01 25.15 -8.06
C PRO T 142 84.37 24.31 -6.84
N HIS T 143 83.63 23.24 -6.60
CA HIS T 143 83.88 22.41 -5.44
C HIS T 143 85.18 21.64 -5.64
N TYR T 144 85.94 21.49 -4.54
CA TYR T 144 87.21 20.78 -4.62
C TYR T 144 87.03 19.35 -5.11
N MET T 145 85.91 18.72 -4.78
CA MET T 145 85.60 17.41 -5.36
C MET T 145 85.17 17.53 -6.81
N ALA T 146 84.42 18.58 -7.13
CA ALA T 146 83.82 18.76 -8.45
C ALA T 146 84.61 19.70 -9.34
N GLY T 147 85.94 19.67 -9.24
CA GLY T 147 86.78 20.46 -10.10
C GLY T 147 87.16 21.82 -9.52
N GLY T 148 87.72 21.81 -8.32
CA GLY T 148 88.20 23.02 -7.69
C GLY T 148 89.47 22.75 -6.90
N THR T 149 90.10 23.82 -6.46
CA THR T 149 91.33 23.69 -5.69
C THR T 149 91.02 23.03 -4.34
N PRO T 150 91.83 22.06 -3.90
CA PRO T 150 91.53 21.41 -2.61
C PRO T 150 91.99 22.28 -1.44
N GLY T 151 91.09 22.51 -0.50
CA GLY T 151 91.42 23.24 0.71
C GLY T 151 91.77 24.69 0.52
N LYS T 152 91.00 25.41 -0.30
CA LYS T 152 91.11 26.85 -0.44
C LYS T 152 89.84 27.50 0.12
N VAL T 153 90.01 28.63 0.78
CA VAL T 153 88.91 29.35 1.44
C VAL T 153 88.92 30.79 0.96
N PRO T 154 88.41 31.09 -0.24
CA PRO T 154 88.37 32.50 -0.67
C PRO T 154 87.49 33.37 0.21
N LEU T 155 86.54 32.77 0.93
CA LEU T 155 85.76 33.51 1.91
C LEU T 155 86.65 34.05 3.02
N LEU T 156 87.68 33.30 3.41
CA LEU T 156 88.48 33.63 4.58
C LEU T 156 89.92 33.17 4.35
N TRP T 157 90.73 34.06 3.78
CA TRP T 157 92.18 33.91 3.80
C TRP T 157 92.79 35.27 3.48
N ASP T 158 93.33 35.95 4.49
CA ASP T 158 93.94 37.26 4.33
C ASP T 158 92.98 38.21 3.61
N PRO T 159 91.89 38.64 4.26
CA PRO T 159 90.91 39.50 3.57
C PRO T 159 91.50 40.82 3.11
N LEU T 160 92.54 41.33 3.77
CA LEU T 160 93.18 42.59 3.37
C LEU T 160 94.37 42.40 2.44
N GLY T 161 94.86 41.17 2.27
CA GLY T 161 95.92 40.90 1.32
C GLY T 161 97.32 40.96 1.92
N PHE T 162 97.52 40.31 3.06
CA PHE T 162 98.86 40.21 3.64
C PHE T 162 99.85 39.49 2.72
N THR T 163 99.40 38.44 2.04
CA THR T 163 100.27 37.70 1.11
C THR T 163 99.47 37.41 -0.15
N THR T 164 99.45 38.37 -1.07
CA THR T 164 98.65 38.26 -2.29
C THR T 164 99.48 38.50 -3.55
N LYS T 165 100.52 39.33 -3.46
CA LYS T 165 101.32 39.71 -4.63
C LYS T 165 102.51 38.80 -4.88
N LEU T 166 102.73 37.78 -4.04
CA LEU T 166 103.93 36.97 -4.17
C LEU T 166 103.86 36.08 -5.41
N SER T 167 105.04 35.63 -5.84
CA SER T 167 105.14 34.83 -7.06
C SER T 167 104.47 33.47 -6.88
N ALA T 168 104.30 32.78 -8.00
CA ALA T 168 103.65 31.47 -7.96
C ALA T 168 104.58 30.40 -7.41
N ASP T 169 105.88 30.49 -7.72
CA ASP T 169 106.83 29.48 -7.24
C ASP T 169 106.96 29.55 -5.72
N THR T 170 107.10 30.76 -5.18
CA THR T 170 107.16 30.91 -3.73
C THR T 170 105.85 30.49 -3.07
N LEU T 171 104.72 30.76 -3.73
CA LEU T 171 103.45 30.31 -3.17
C LEU T 171 103.37 28.79 -3.12
N ALA T 172 103.83 28.12 -4.18
CA ALA T 172 103.78 26.65 -4.22
C ALA T 172 104.71 26.05 -3.18
N THR T 173 105.94 26.54 -3.08
CA THR T 173 106.85 25.97 -2.09
C THR T 173 106.38 26.30 -0.66
N LYS T 174 105.69 27.43 -0.48
CA LYS T 174 105.08 27.69 0.82
C LYS T 174 103.94 26.74 1.11
N ARG T 175 103.17 26.34 0.08
CA ARG T 175 102.18 25.29 0.29
C ARG T 175 102.84 23.99 0.71
N THR T 176 103.98 23.66 0.10
CA THR T 176 104.72 22.48 0.52
C THR T 176 105.15 22.58 1.98
N SER T 177 105.63 23.75 2.39
CA SER T 177 105.99 23.96 3.79
C SER T 177 104.77 23.79 4.69
N GLU T 178 103.62 24.32 4.26
CA GLU T 178 102.38 24.17 5.00
C GLU T 178 102.09 22.70 5.26
N LEU T 179 102.12 21.89 4.19
CA LEU T 179 101.81 20.48 4.34
C LEU T 179 102.80 19.79 5.26
N LYS T 180 104.09 20.09 5.12
CA LYS T 180 105.11 19.43 5.92
C LYS T 180 104.92 19.72 7.41
N ASN T 181 105.01 20.99 7.80
CA ASN T 181 104.91 21.29 9.22
C ASN T 181 103.49 21.08 9.75
N GLY T 182 102.47 21.04 8.88
CA GLY T 182 101.14 20.69 9.34
C GLY T 182 101.02 19.22 9.68
N ARG T 183 101.67 18.37 8.90
CA ARG T 183 101.74 16.96 9.28
C ARG T 183 102.53 16.79 10.58
N LEU T 184 103.62 17.54 10.71
CA LEU T 184 104.35 17.49 11.98
C LEU T 184 103.47 17.97 13.13
N ALA T 185 102.58 18.93 12.86
CA ALA T 185 101.65 19.39 13.88
C ALA T 185 100.59 18.34 14.19
N MET T 186 100.17 17.55 13.20
CA MET T 186 99.32 16.41 13.48
C MET T 186 99.98 15.49 14.50
N ILE T 187 101.25 15.17 14.26
CA ILE T 187 101.99 14.32 15.19
C ILE T 187 102.06 15.00 16.56
N GLY T 188 102.30 16.31 16.59
CA GLY T 188 102.42 17.01 17.86
C GLY T 188 101.14 17.00 18.67
N VAL T 189 100.01 17.29 18.02
CA VAL T 189 98.74 17.36 18.75
C VAL T 189 98.32 15.98 19.21
N MET T 190 98.52 14.95 18.37
CA MET T 190 98.21 13.61 18.83
C MET T 190 99.14 13.17 19.95
N SER T 191 100.40 13.63 19.93
CA SER T 191 101.30 13.35 21.04
C SER T 191 100.82 14.01 22.32
N LEU T 192 100.30 15.23 22.22
CA LEU T 192 99.76 15.89 23.41
C LEU T 192 98.55 15.15 23.95
N VAL T 193 97.66 14.69 23.06
CA VAL T 193 96.49 13.94 23.51
C VAL T 193 96.91 12.62 24.15
N SER T 194 97.87 11.93 23.53
CA SER T 194 98.36 10.67 24.10
C SER T 194 99.17 10.88 25.37
N ALA T 195 99.71 12.07 25.58
CA ALA T 195 100.33 12.40 26.86
C ALA T 195 99.28 12.63 27.92
N HIS T 196 98.18 13.30 27.56
CA HIS T 196 97.11 13.53 28.52
C HIS T 196 96.49 12.20 28.95
N PHE T 197 96.25 11.30 28.01
CA PHE T 197 95.55 10.05 28.32
C PHE T 197 96.48 8.92 28.74
N ILE T 198 97.70 8.89 28.21
CA ILE T 198 98.71 7.87 28.50
C ILE T 198 100.01 8.61 28.78
N PRO T 199 100.18 9.23 29.95
CA PRO T 199 101.38 10.07 30.16
C PRO T 199 102.69 9.32 30.10
N GLY T 200 102.70 8.00 30.28
CA GLY T 200 103.93 7.24 30.19
C GLY T 200 104.38 6.94 28.78
N SER T 201 103.64 7.39 27.76
CA SER T 201 103.97 7.04 26.38
C SER T 201 105.06 7.93 25.83
N VAL T 202 104.79 9.23 25.73
CA VAL T 202 105.67 10.16 25.02
C VAL T 202 106.93 10.43 25.85
N PRO T 203 108.02 10.89 25.25
CA PRO T 203 109.10 11.47 26.05
C PRO T 203 108.76 12.89 26.48
N LEU T 204 109.41 13.33 27.54
CA LEU T 204 109.17 14.65 28.11
C LEU T 204 107.70 14.79 28.52
N LEU T 205 107.22 16.02 28.67
CA LEU T 205 105.82 16.29 29.01
C LEU T 205 105.42 15.61 30.32
N LEU U 44 -96.94 -10.88 -14.20
CA LEU U 44 -97.36 -11.19 -12.86
C LEU U 44 -98.75 -11.78 -12.92
N GLN U 45 -99.34 -11.82 -14.10
CA GLN U 45 -100.71 -12.28 -14.19
C GLN U 45 -100.85 -13.79 -14.39
N GLY U 46 -99.75 -14.49 -14.71
CA GLY U 46 -99.78 -15.94 -14.84
C GLY U 46 -98.66 -16.61 -14.07
N MET U 47 -99.04 -17.39 -13.05
CA MET U 47 -98.08 -18.07 -12.18
C MET U 47 -98.82 -19.20 -11.48
N VAL U 48 -98.05 -19.99 -10.73
CA VAL U 48 -98.64 -21.12 -10.00
C VAL U 48 -99.48 -20.58 -8.86
N GLY U 49 -100.76 -20.97 -8.84
CA GLY U 49 -101.68 -20.53 -7.81
C GLY U 49 -101.82 -19.03 -7.75
N ASN U 50 -101.92 -18.39 -8.91
CA ASN U 50 -101.88 -16.94 -9.00
C ASN U 50 -103.29 -16.36 -8.93
N VAL U 51 -103.48 -15.43 -7.99
CA VAL U 51 -104.66 -14.58 -7.93
C VAL U 51 -104.18 -13.17 -7.64
N ASP U 52 -105.12 -12.22 -7.65
CA ASP U 52 -104.78 -10.80 -7.44
C ASP U 52 -104.80 -10.47 -5.94
N PHE U 53 -104.01 -11.24 -5.18
CA PHE U 53 -103.83 -11.01 -3.75
C PHE U 53 -102.51 -10.27 -3.52
N ASP U 54 -102.56 -8.95 -3.75
CA ASP U 54 -101.41 -8.07 -3.55
C ASP U 54 -101.80 -6.75 -2.89
N PRO U 55 -102.31 -6.78 -1.64
CA PRO U 55 -102.42 -5.53 -0.88
C PRO U 55 -101.04 -5.01 -0.47
N LEU U 56 -100.92 -3.67 -0.43
CA LEU U 56 -99.64 -3.01 -0.17
C LEU U 56 -98.56 -3.56 -1.10
N GLY U 57 -98.79 -3.39 -2.40
CA GLY U 57 -98.09 -4.21 -3.38
C GLY U 57 -96.61 -3.86 -3.47
N LEU U 58 -95.82 -4.90 -3.75
CA LEU U 58 -94.39 -4.73 -3.88
C LEU U 58 -93.82 -5.44 -5.08
N SER U 59 -94.48 -6.50 -5.53
CA SER U 59 -93.96 -7.32 -6.63
C SER U 59 -93.92 -6.71 -8.03
N THR U 60 -92.74 -6.60 -8.60
CA THR U 60 -92.57 -6.00 -9.89
C THR U 60 -91.87 -6.89 -10.86
N PRO U 61 -92.07 -6.62 -12.15
CA PRO U 61 -91.45 -7.55 -13.12
C PRO U 61 -90.01 -7.88 -12.78
N GLU U 62 -89.27 -6.96 -12.17
CA GLU U 62 -87.87 -7.24 -11.83
C GLU U 62 -87.76 -8.26 -10.70
N ASN U 63 -88.53 -8.07 -9.63
CA ASN U 63 -88.37 -8.83 -8.40
C ASN U 63 -89.35 -9.97 -8.22
N ILE U 64 -90.19 -10.26 -9.22
CA ILE U 64 -91.25 -11.26 -9.02
C ILE U 64 -90.61 -12.65 -8.88
N LYS U 65 -89.56 -12.92 -9.65
CA LYS U 65 -88.92 -14.23 -9.58
C LYS U 65 -88.23 -14.43 -8.24
N TRP U 66 -87.50 -13.42 -7.76
CA TRP U 66 -86.89 -13.48 -6.44
C TRP U 66 -87.95 -13.67 -5.36
N MET U 67 -89.07 -12.94 -5.48
CA MET U 67 -90.11 -13.03 -4.46
C MET U 67 -90.75 -14.41 -4.45
N ARG U 68 -90.98 -15.00 -5.63
CA ARG U 68 -91.55 -16.34 -5.67
C ARG U 68 -90.57 -17.37 -5.15
N GLU U 69 -89.27 -17.20 -5.42
CA GLU U 69 -88.28 -18.08 -4.83
C GLU U 69 -88.33 -17.99 -3.31
N ALA U 70 -88.41 -16.77 -2.78
CA ALA U 70 -88.50 -16.61 -1.33
C ALA U 70 -89.77 -17.25 -0.79
N GLU U 71 -90.88 -17.09 -1.50
CA GLU U 71 -92.14 -17.68 -1.06
C GLU U 71 -92.04 -19.20 -1.01
N LEU U 72 -91.49 -19.81 -2.05
CA LEU U 72 -91.39 -21.27 -2.08
C LEU U 72 -90.42 -21.78 -1.03
N LYS U 73 -89.30 -21.09 -0.84
CA LYS U 73 -88.32 -21.50 0.17
C LYS U 73 -88.93 -21.41 1.57
N HIS U 74 -89.57 -20.28 1.88
CA HIS U 74 -90.22 -20.13 3.17
C HIS U 74 -91.32 -21.16 3.35
N GLY U 75 -92.09 -21.43 2.30
CA GLY U 75 -93.14 -22.43 2.39
C GLY U 75 -92.60 -23.81 2.71
N ARG U 76 -91.57 -24.25 1.99
CA ARG U 76 -90.99 -25.57 2.24
C ARG U 76 -90.40 -25.65 3.65
N MET U 77 -89.66 -24.62 4.06
CA MET U 77 -89.13 -24.60 5.41
C MET U 77 -90.24 -24.64 6.44
N ALA U 78 -91.39 -24.03 6.12
CA ALA U 78 -92.53 -24.07 7.01
C ALA U 78 -93.16 -25.47 7.08
N GLN U 79 -93.25 -26.19 5.96
CA GLN U 79 -93.79 -27.54 6.05
C GLN U 79 -92.88 -28.41 6.90
N LEU U 80 -91.57 -28.30 6.69
CA LEU U 80 -90.65 -29.09 7.50
C LEU U 80 -90.70 -28.68 8.96
N ALA U 81 -90.82 -27.38 9.24
CA ALA U 81 -90.89 -26.92 10.62
C ALA U 81 -92.15 -27.40 11.31
N TRP U 82 -93.29 -27.32 10.63
CA TRP U 82 -94.55 -27.81 11.19
C TRP U 82 -94.49 -29.31 11.44
N ALA U 83 -93.97 -30.07 10.48
CA ALA U 83 -93.84 -31.52 10.67
C ALA U 83 -92.92 -31.84 11.83
N GLY U 84 -91.79 -31.14 11.92
CA GLY U 84 -90.86 -31.40 13.01
C GLY U 84 -91.46 -31.05 14.36
N TYR U 85 -92.12 -29.91 14.47
CA TYR U 85 -92.70 -29.50 15.74
C TYR U 85 -93.81 -30.46 16.16
N VAL U 86 -94.70 -30.83 15.24
CA VAL U 86 -95.80 -31.70 15.63
C VAL U 86 -95.28 -33.10 15.98
N ALA U 87 -94.27 -33.59 15.26
CA ALA U 87 -93.68 -34.88 15.61
C ALA U 87 -93.02 -34.85 16.97
N VAL U 88 -92.19 -33.82 17.21
CA VAL U 88 -91.45 -33.71 18.46
C VAL U 88 -92.41 -33.55 19.63
N ASP U 89 -93.55 -32.88 19.40
CA ASP U 89 -94.54 -32.76 20.46
C ASP U 89 -95.30 -34.07 20.67
N LEU U 90 -95.64 -34.77 19.57
CA LEU U 90 -96.41 -36.01 19.69
C LEU U 90 -95.63 -37.07 20.45
N GLY U 91 -94.35 -37.25 20.11
CA GLY U 91 -93.52 -38.22 20.81
C GLY U 91 -92.50 -38.94 19.95
N LEU U 92 -92.57 -38.76 18.63
CA LEU U 92 -91.54 -39.33 17.76
C LEU U 92 -90.22 -38.68 18.12
N ARG U 93 -89.26 -39.48 18.60
CA ARG U 93 -88.05 -38.97 19.22
C ARG U 93 -86.88 -39.85 18.79
N PHE U 94 -85.70 -39.23 18.71
CA PHE U 94 -84.50 -39.99 18.39
C PHE U 94 -84.15 -40.92 19.57
N PRO U 95 -83.54 -42.08 19.32
CA PRO U 95 -83.04 -42.88 20.45
C PRO U 95 -81.85 -42.20 21.10
N GLY U 96 -81.97 -41.88 22.38
CA GLY U 96 -80.88 -41.27 23.11
C GLY U 96 -81.30 -40.56 24.38
N GLU U 97 -80.45 -40.60 25.39
CA GLU U 97 -80.76 -39.91 26.64
C GLU U 97 -80.69 -38.39 26.46
N LYS U 98 -79.80 -37.92 25.58
CA LYS U 98 -79.72 -36.49 25.32
C LYS U 98 -81.01 -35.97 24.69
N TYR U 99 -81.68 -36.80 23.90
CA TYR U 99 -82.92 -36.40 23.24
C TYR U 99 -84.17 -36.68 24.07
N ALA U 100 -84.12 -37.69 24.95
CA ALA U 100 -85.33 -38.13 25.64
C ALA U 100 -85.91 -37.02 26.52
N GLY U 101 -85.05 -36.30 27.24
CA GLY U 101 -85.50 -35.24 28.12
C GLY U 101 -85.80 -33.92 27.44
N LEU U 102 -85.60 -33.83 26.12
CA LEU U 102 -85.78 -32.57 25.41
C LEU U 102 -87.21 -32.44 24.89
N THR U 103 -87.64 -31.20 24.73
CA THR U 103 -88.89 -30.84 24.07
C THR U 103 -88.60 -29.79 23.01
N SER U 104 -89.58 -29.58 22.12
CA SER U 104 -89.36 -28.74 20.95
C SER U 104 -88.97 -27.32 21.32
N LEU U 105 -89.49 -26.80 22.44
CA LEU U 105 -89.09 -25.46 22.87
C LEU U 105 -87.66 -25.45 23.39
N SER U 106 -87.27 -26.46 24.16
CA SER U 106 -85.96 -26.54 24.77
C SER U 106 -84.94 -27.34 23.95
N ALA U 107 -85.35 -27.88 22.80
CA ALA U 107 -84.43 -28.73 22.03
C ALA U 107 -83.31 -27.90 21.41
N HIS U 108 -83.61 -26.67 21.01
CA HIS U 108 -82.64 -25.86 20.27
C HIS U 108 -81.41 -25.56 21.12
N ASP U 109 -81.63 -25.11 22.36
CA ASP U 109 -80.51 -24.74 23.22
C ASP U 109 -79.63 -25.94 23.53
N ALA U 110 -80.23 -27.11 23.74
CA ALA U 110 -79.45 -28.31 24.04
C ALA U 110 -78.70 -28.79 22.81
N THR U 111 -79.31 -28.71 21.63
CA THR U 111 -78.73 -29.25 20.41
C THR U 111 -77.89 -28.25 19.63
N VAL U 112 -77.72 -27.03 20.14
CA VAL U 112 -76.96 -26.01 19.43
C VAL U 112 -75.50 -26.41 19.27
N GLY U 113 -74.97 -27.19 20.22
CA GLY U 113 -73.55 -27.48 20.21
C GLY U 113 -73.12 -28.32 19.03
N TYR U 114 -73.80 -29.45 18.81
CA TYR U 114 -73.40 -30.44 17.82
C TYR U 114 -74.44 -30.65 16.72
N GLU U 115 -75.68 -30.97 17.10
CA GLU U 115 -76.64 -31.45 16.11
C GLU U 115 -77.11 -30.31 15.20
N LEU U 116 -77.57 -29.22 15.79
CA LEU U 116 -77.99 -28.07 15.00
C LEU U 116 -76.81 -27.44 14.26
N PHE U 117 -75.59 -27.59 14.78
CA PHE U 117 -74.43 -27.08 14.04
C PHE U 117 -74.17 -27.90 12.79
N LEU U 118 -74.28 -29.24 12.89
CA LEU U 118 -74.16 -30.06 11.69
C LEU U 118 -75.25 -29.74 10.68
N LEU U 119 -76.48 -29.54 11.18
CA LEU U 119 -77.58 -29.16 10.29
C LEU U 119 -77.30 -27.81 9.65
N LEU U 120 -76.71 -26.87 10.41
CA LEU U 120 -76.36 -25.57 9.86
C LEU U 120 -75.32 -25.71 8.75
N LEU U 121 -74.33 -26.58 8.95
CA LEU U 121 -73.31 -26.81 7.92
C LEU U 121 -73.94 -27.33 6.64
N LEU U 122 -74.79 -28.35 6.77
CA LEU U 122 -75.42 -28.94 5.58
C LEU U 122 -76.32 -27.93 4.87
N VAL U 123 -77.14 -27.22 5.64
CA VAL U 123 -78.04 -26.23 5.06
C VAL U 123 -77.25 -25.12 4.41
N GLY U 124 -76.12 -24.72 5.00
CA GLY U 124 -75.29 -23.70 4.39
C GLY U 124 -74.70 -24.14 3.07
N THR U 125 -74.26 -25.39 2.98
CA THR U 125 -73.75 -25.90 1.70
C THR U 125 -74.84 -25.86 0.63
N PHE U 126 -76.01 -26.42 0.94
CA PHE U 126 -77.08 -26.47 -0.04
C PHE U 126 -77.51 -25.06 -0.43
N GLU U 127 -77.58 -24.16 0.55
CA GLU U 127 -77.97 -22.79 0.27
C GLU U 127 -76.90 -22.04 -0.48
N THR U 128 -75.63 -22.44 -0.37
CA THR U 128 -74.60 -21.81 -1.18
C THR U 128 -74.77 -22.17 -2.65
N ILE U 129 -75.08 -23.44 -2.92
CA ILE U 129 -75.34 -23.81 -4.32
C ILE U 129 -76.58 -23.08 -4.85
N GLY U 130 -77.66 -23.08 -4.05
CA GLY U 130 -78.85 -22.34 -4.45
C GLY U 130 -78.59 -20.86 -4.60
N GLY U 131 -77.70 -20.30 -3.79
CA GLY U 131 -77.36 -18.90 -3.89
C GLY U 131 -76.53 -18.59 -5.11
N LYS U 132 -75.66 -19.52 -5.51
CA LYS U 132 -74.99 -19.39 -6.80
C LYS U 132 -76.02 -19.19 -7.89
N GLN U 133 -77.00 -20.10 -7.94
CA GLN U 133 -77.99 -20.04 -9.02
C GLN U 133 -78.81 -18.76 -8.94
N ILE U 134 -79.22 -18.36 -7.73
CA ILE U 134 -80.11 -17.21 -7.61
C ILE U 134 -79.36 -15.91 -7.88
N TYR U 135 -78.12 -15.78 -7.39
CA TYR U 135 -77.36 -14.57 -7.64
C TYR U 135 -77.09 -14.41 -9.14
N ASP U 136 -76.72 -15.52 -9.79
CA ASP U 136 -76.50 -15.45 -11.24
C ASP U 136 -77.80 -15.12 -11.97
N MET U 137 -78.93 -15.63 -11.49
CA MET U 137 -80.19 -15.39 -12.18
C MET U 137 -80.61 -13.93 -12.06
N GLN U 138 -80.57 -13.37 -10.85
CA GLN U 138 -81.14 -12.05 -10.63
C GLN U 138 -80.15 -10.95 -11.00
N MET U 139 -78.96 -11.04 -10.43
CA MET U 139 -77.97 -10.01 -10.62
C MET U 139 -77.06 -10.31 -11.77
N SER U 140 -77.50 -11.18 -12.67
CA SER U 140 -76.71 -11.53 -13.85
C SER U 140 -77.58 -12.16 -14.90
N GLY U 141 -77.04 -13.13 -15.63
CA GLY U 141 -77.80 -13.70 -16.73
C GLY U 141 -78.22 -15.12 -16.51
N ALA U 142 -79.49 -15.40 -16.77
CA ALA U 142 -79.96 -16.72 -16.52
C ALA U 142 -81.38 -16.93 -16.96
N ASN U 143 -81.63 -18.08 -17.53
CA ASN U 143 -82.99 -18.48 -17.90
C ASN U 143 -83.39 -19.64 -17.01
N ARG U 144 -84.13 -19.35 -15.93
CA ARG U 144 -84.59 -20.41 -15.05
C ARG U 144 -85.84 -19.92 -14.34
N GLU U 145 -86.69 -20.85 -13.93
CA GLU U 145 -87.91 -20.52 -13.21
C GLU U 145 -87.58 -20.29 -11.74
N ALA U 146 -88.61 -20.11 -10.91
CA ALA U 146 -88.47 -19.85 -9.50
C ALA U 146 -88.66 -21.15 -8.71
N GLY U 147 -87.74 -21.40 -7.78
CA GLY U 147 -87.81 -22.60 -6.96
C GLY U 147 -87.37 -23.87 -7.65
N ASP U 148 -86.83 -23.80 -8.86
CA ASP U 148 -86.42 -24.97 -9.63
C ASP U 148 -84.91 -25.15 -9.47
N PHE U 149 -84.53 -25.88 -8.43
CA PHE U 149 -83.13 -26.19 -8.17
C PHE U 149 -82.66 -27.47 -8.87
N GLY U 150 -83.50 -28.08 -9.70
CA GLY U 150 -83.15 -29.33 -10.35
C GLY U 150 -83.31 -30.55 -9.48
N PHE U 151 -84.01 -30.44 -8.36
CA PHE U 151 -84.25 -31.57 -7.46
C PHE U 151 -85.47 -32.36 -7.94
N ASP U 152 -85.36 -32.91 -9.15
CA ASP U 152 -86.36 -33.81 -9.72
C ASP U 152 -85.64 -35.01 -10.32
N PRO U 153 -85.12 -35.92 -9.46
CA PRO U 153 -84.46 -37.12 -9.98
C PRO U 153 -85.42 -38.27 -10.22
N LEU U 154 -86.53 -38.31 -9.49
CA LEU U 154 -87.53 -39.34 -9.71
C LEU U 154 -88.38 -39.09 -10.95
N MET U 155 -88.34 -37.87 -11.51
CA MET U 155 -89.09 -37.53 -12.70
C MET U 155 -90.59 -37.56 -12.42
N LEU U 156 -90.97 -37.08 -11.23
CA LEU U 156 -92.37 -36.92 -10.87
C LEU U 156 -93.03 -35.77 -11.63
N LEU U 157 -92.22 -34.85 -12.16
CA LEU U 157 -92.75 -33.75 -12.97
C LEU U 157 -93.11 -34.19 -14.38
N LYS U 158 -92.74 -35.40 -14.79
CA LYS U 158 -93.20 -35.92 -16.08
C LYS U 158 -94.62 -36.44 -16.02
N SER U 159 -95.27 -36.40 -14.85
CA SER U 159 -96.61 -36.94 -14.68
C SER U 159 -97.58 -36.13 -15.53
N PRO U 160 -98.75 -36.66 -15.87
CA PRO U 160 -99.74 -35.83 -16.55
C PRO U 160 -100.23 -34.66 -15.71
N ASN U 161 -100.03 -34.71 -14.39
CA ASN U 161 -100.45 -33.66 -13.46
C ASN U 161 -99.26 -33.14 -12.66
N ALA U 162 -98.50 -32.23 -13.29
CA ALA U 162 -97.35 -31.58 -12.66
C ALA U 162 -97.65 -30.16 -12.21
N GLU U 163 -98.49 -29.43 -12.95
CA GLU U 163 -99.04 -28.18 -12.43
C GLU U 163 -99.77 -28.42 -11.12
N LYS U 164 -100.44 -29.57 -11.00
CA LYS U 164 -101.04 -29.97 -9.74
C LYS U 164 -100.00 -30.05 -8.63
N TYR U 165 -98.84 -30.65 -8.90
CA TYR U 165 -97.82 -30.75 -7.87
C TYR U 165 -97.29 -29.38 -7.50
N LYS U 166 -97.07 -28.51 -8.48
CA LYS U 166 -96.58 -27.16 -8.18
C LYS U 166 -97.57 -26.41 -7.30
N LEU U 167 -98.86 -26.46 -7.67
CA LEU U 167 -99.88 -25.80 -6.86
C LEU U 167 -99.97 -26.40 -5.47
N ALA U 168 -99.89 -27.74 -5.37
CA ALA U 168 -99.97 -28.39 -4.07
C ALA U 168 -98.81 -27.95 -3.19
N GLU U 169 -97.61 -27.86 -3.76
CA GLU U 169 -96.46 -27.36 -3.02
C GLU U 169 -96.74 -25.95 -2.50
N LEU U 170 -97.28 -25.08 -3.36
CA LEU U 170 -97.50 -23.69 -2.94
C LEU U 170 -98.51 -23.60 -1.80
N THR U 171 -99.69 -24.20 -1.96
CA THR U 171 -100.71 -24.07 -0.92
C THR U 171 -100.31 -24.81 0.35
N HIS U 172 -99.67 -25.97 0.24
CA HIS U 172 -99.23 -26.65 1.46
C HIS U 172 -98.17 -25.84 2.19
N GLY U 173 -97.26 -25.20 1.44
CA GLY U 173 -96.30 -24.32 2.09
C GLY U 173 -96.98 -23.18 2.82
N ARG U 174 -97.95 -22.53 2.16
CA ARG U 174 -98.65 -21.42 2.80
C ARG U 174 -99.40 -21.86 4.05
N ALA U 175 -100.11 -23.00 3.96
CA ALA U 175 -100.88 -23.47 5.10
C ALA U 175 -99.97 -23.86 6.26
N ALA U 176 -98.80 -24.39 5.94
CA ALA U 176 -97.84 -24.75 6.99
C ALA U 176 -97.18 -23.52 7.55
N MET U 177 -96.99 -22.49 6.73
CA MET U 177 -96.34 -21.26 7.18
C MET U 177 -97.23 -20.48 8.12
N ILE U 178 -98.53 -20.74 8.05
CA ILE U 178 -99.47 -20.08 8.95
C ILE U 178 -99.72 -20.96 10.16
N ALA U 179 -99.78 -22.28 10.01
CA ALA U 179 -99.87 -23.12 11.18
C ALA U 179 -98.66 -22.97 12.10
N PHE U 180 -97.46 -22.87 11.51
CA PHE U 180 -96.26 -22.68 12.32
C PHE U 180 -96.29 -21.34 13.03
N SER U 181 -96.80 -20.30 12.36
CA SER U 181 -96.96 -19.01 12.99
C SER U 181 -97.85 -19.12 14.23
N GLY U 182 -98.86 -19.98 14.17
CA GLY U 182 -99.70 -20.19 15.34
C GLY U 182 -98.98 -20.93 16.45
N VAL U 183 -98.30 -22.03 16.12
CA VAL U 183 -97.82 -22.93 17.17
C VAL U 183 -96.54 -22.39 17.81
N VAL U 184 -95.60 -21.85 17.01
CA VAL U 184 -94.35 -21.36 17.59
C VAL U 184 -94.61 -20.15 18.48
N THR U 185 -95.60 -19.34 18.12
CA THR U 185 -96.03 -18.20 18.93
C THR U 185 -97.32 -18.55 19.66
N MET V 58 49.64 3.23 21.42
CA MET V 58 49.42 2.02 20.59
C MET V 58 50.73 1.30 20.35
N THR V 59 50.65 -0.04 20.29
CA THR V 59 51.84 -0.87 20.08
C THR V 59 52.06 -0.99 18.58
N ILE V 60 52.89 -0.09 18.05
CA ILE V 60 53.23 -0.11 16.63
C ILE V 60 54.09 -1.34 16.38
N PRO V 61 53.61 -2.36 15.64
CA PRO V 61 54.44 -3.57 15.51
C PRO V 61 55.67 -3.32 14.66
N GLY V 62 56.84 -3.39 15.28
CA GLY V 62 58.11 -3.24 14.60
C GLY V 62 59.04 -2.26 15.28
N VAL V 63 58.50 -1.19 15.85
CA VAL V 63 59.29 -0.10 16.42
C VAL V 63 59.21 -0.09 17.94
N ASN V 64 58.00 -0.12 18.51
CA ASN V 64 57.79 -0.19 19.95
C ASN V 64 57.15 -1.52 20.37
N ALA V 65 57.26 -2.54 19.53
CA ALA V 65 56.70 -3.86 19.83
C ALA V 65 57.26 -4.84 18.82
N PRO V 66 57.26 -6.14 19.13
CA PRO V 66 57.73 -7.12 18.14
C PRO V 66 56.82 -7.13 16.92
N GLY V 67 57.43 -7.43 15.77
CA GLY V 67 56.67 -7.48 14.53
C GLY V 67 55.59 -8.54 14.54
N LEU V 68 55.96 -9.75 14.96
CA LEU V 68 55.03 -10.87 15.03
C LEU V 68 55.33 -11.67 16.29
N VAL V 69 54.31 -11.84 17.13
CA VAL V 69 54.45 -12.57 18.38
C VAL V 69 54.16 -14.05 18.10
N PRO V 70 54.89 -15.01 18.68
CA PRO V 70 54.50 -16.41 18.50
C PRO V 70 53.13 -16.69 19.11
N ALA V 71 52.38 -17.56 18.45
CA ALA V 71 51.04 -17.91 18.90
C ALA V 71 51.11 -18.93 20.03
N THR V 72 50.07 -18.93 20.86
CA THR V 72 50.00 -19.85 21.98
C THR V 72 49.82 -21.29 21.50
N LYS V 73 50.84 -22.12 21.70
CA LYS V 73 50.74 -23.53 21.36
C LYS V 73 49.94 -24.24 22.45
N LYS V 74 48.75 -24.70 22.09
CA LYS V 74 47.78 -25.24 23.04
C LYS V 74 48.05 -26.73 23.34
N SER V 75 49.03 -27.34 22.68
CA SER V 75 49.42 -28.72 22.94
C SER V 75 48.37 -29.70 22.44
N VAL V 76 48.81 -30.87 21.97
CA VAL V 76 47.91 -31.88 21.43
C VAL V 76 47.27 -32.62 22.59
N GLY V 77 45.95 -32.78 22.54
CA GLY V 77 45.21 -33.34 23.64
C GLY V 77 43.92 -34.01 23.18
N PRO V 78 43.02 -34.31 24.12
CA PRO V 78 41.78 -34.99 23.74
C PRO V 78 40.87 -34.12 22.90
N LYS V 79 40.05 -34.78 22.09
CA LYS V 79 39.15 -34.07 21.20
C LYS V 79 38.00 -33.44 22.01
N PRO V 80 37.30 -32.46 21.45
CA PRO V 80 36.06 -31.97 22.08
C PRO V 80 34.89 -32.85 21.65
N GLU V 81 33.72 -32.52 22.18
CA GLU V 81 32.48 -33.23 21.87
C GLU V 81 31.67 -32.44 20.84
N TRP V 82 30.99 -33.19 19.98
CA TRP V 82 30.18 -32.57 18.92
C TRP V 82 29.10 -31.69 19.53
N ASP V 83 28.44 -32.16 20.58
CA ASP V 83 27.49 -31.29 21.27
C ASP V 83 28.20 -30.08 21.86
N SER V 84 29.43 -30.27 22.34
CA SER V 84 30.15 -29.18 22.99
C SER V 84 30.38 -28.02 22.04
N PHE V 85 30.81 -28.31 20.80
CA PHE V 85 31.02 -27.24 19.82
C PHE V 85 29.84 -27.06 18.86
N ARG V 86 28.71 -27.72 19.11
CA ARG V 86 27.46 -27.44 18.39
C ARG V 86 26.52 -26.53 19.17
N ASP V 87 26.49 -26.63 20.51
CA ASP V 87 25.70 -25.71 21.30
C ASP V 87 26.41 -24.37 21.55
N THR V 88 27.48 -24.08 20.82
CA THR V 88 28.11 -22.75 20.81
C THR V 88 28.29 -22.21 19.40
N SER V 89 27.81 -22.91 18.37
CA SER V 89 28.00 -22.47 17.00
C SER V 89 27.07 -21.31 16.68
N HIS V 90 27.46 -20.52 15.68
CA HIS V 90 26.71 -19.33 15.31
C HIS V 90 25.43 -19.64 14.53
N PHE V 91 25.23 -20.89 14.11
CA PHE V 91 24.09 -21.27 13.28
C PHE V 91 23.27 -22.43 13.82
N TRP V 92 23.77 -23.16 14.83
CA TRP V 92 23.06 -24.28 15.43
C TRP V 92 23.00 -24.14 16.95
N SER V 93 22.94 -22.91 17.44
CA SER V 93 22.77 -22.63 18.87
C SER V 93 21.86 -21.43 19.01
N SER V 94 20.92 -21.51 19.95
CA SER V 94 19.96 -20.43 20.13
C SER V 94 20.64 -19.13 20.54
N GLU V 95 21.61 -19.20 21.46
CA GLU V 95 22.35 -18.00 21.87
C GLU V 95 23.45 -17.65 20.88
N GLY V 96 24.01 -18.65 20.19
CA GLY V 96 24.98 -18.37 19.15
C GLY V 96 24.39 -17.56 18.01
N ILE V 97 23.12 -17.80 17.69
CA ILE V 97 22.46 -17.02 16.65
C ILE V 97 22.32 -15.57 17.09
N MET V 98 21.92 -15.33 18.33
CA MET V 98 21.77 -13.98 18.86
C MET V 98 23.11 -13.27 19.01
N ASN V 99 24.20 -14.00 19.24
CA ASN V 99 25.53 -13.42 19.30
C ASN V 99 26.13 -13.19 17.91
N SER V 100 25.37 -13.53 16.85
CA SER V 100 25.82 -13.35 15.47
C SER V 100 25.17 -12.15 14.79
N VAL V 101 24.35 -11.40 15.50
CA VAL V 101 23.73 -10.18 14.98
C VAL V 101 24.77 -9.06 15.07
N PRO V 102 24.88 -8.17 14.06
CA PRO V 102 25.83 -7.06 14.19
C PRO V 102 25.50 -6.15 15.36
N LYS V 103 26.48 -5.91 16.23
CA LYS V 103 26.25 -5.06 17.40
C LYS V 103 25.89 -3.65 16.97
N VAL V 104 26.82 -2.96 16.31
CA VAL V 104 26.64 -1.60 15.78
C VAL V 104 25.86 -0.64 16.69
N ALA W 25 68.36 -8.59 -16.22
CA ALA W 25 67.16 -9.02 -16.93
C ALA W 25 67.17 -10.42 -17.46
N PHE W 26 67.27 -10.64 -18.76
CA PHE W 26 67.28 -12.01 -19.21
C PHE W 26 68.25 -12.77 -18.35
N VAL W 27 67.88 -13.98 -17.94
CA VAL W 27 68.67 -14.68 -16.94
C VAL W 27 70.01 -14.93 -17.40
N ASP W 28 70.23 -14.72 -18.67
CA ASP W 28 71.50 -15.03 -19.20
C ASP W 28 72.43 -13.88 -19.01
N SER W 29 72.18 -12.78 -19.70
CA SER W 29 73.11 -11.68 -19.64
C SER W 29 73.66 -11.39 -18.24
N ILE W 30 72.81 -11.38 -17.22
CA ILE W 30 73.23 -11.09 -15.87
C ILE W 30 74.58 -11.81 -15.58
N GLU W 31 75.41 -11.36 -14.65
CA GLU W 31 76.79 -11.80 -14.47
C GLU W 31 76.97 -12.82 -13.35
N GLY W 32 75.94 -13.07 -12.54
CA GLY W 32 76.09 -13.83 -11.31
C GLY W 32 76.63 -15.25 -11.38
N VAL W 33 76.90 -15.78 -12.58
CA VAL W 33 77.47 -17.11 -12.70
C VAL W 33 78.86 -17.13 -12.07
N GLY W 34 79.16 -18.22 -11.36
CA GLY W 34 80.44 -18.34 -10.68
C GLY W 34 80.94 -19.77 -10.71
N GLU W 35 82.14 -19.95 -10.19
CA GLU W 35 82.80 -21.26 -10.20
C GLU W 35 82.23 -22.21 -9.16
N GLU W 36 81.58 -21.71 -8.12
CA GLU W 36 81.11 -22.57 -7.04
C GLU W 36 80.00 -23.50 -7.49
N THR W 37 79.21 -23.09 -8.49
CA THR W 37 78.13 -23.89 -9.05
C THR W 37 78.46 -24.37 -10.46
N GLY W 38 79.73 -24.37 -10.83
CA GLY W 38 80.11 -24.52 -12.22
C GLY W 38 79.75 -23.28 -13.01
N ASN W 39 80.40 -23.11 -14.16
CA ASN W 39 80.21 -21.91 -14.98
C ASN W 39 78.91 -22.02 -15.78
N LYS W 40 77.80 -22.10 -15.04
CA LYS W 40 76.46 -22.19 -15.60
C LYS W 40 75.50 -21.40 -14.73
N ILE W 41 74.28 -21.24 -15.24
CA ILE W 41 73.24 -20.58 -14.47
C ILE W 41 72.76 -21.56 -13.41
N TRP W 42 72.76 -21.12 -12.15
CA TRP W 42 72.32 -21.94 -11.03
C TRP W 42 70.84 -21.68 -10.80
N ASP W 43 70.00 -22.48 -11.44
CA ASP W 43 68.55 -22.45 -11.26
C ASP W 43 68.07 -23.88 -11.09
N PRO W 44 68.34 -24.49 -9.92
CA PRO W 44 67.93 -25.90 -9.72
C PRO W 44 66.45 -26.15 -9.91
N LEU W 45 65.59 -25.26 -9.42
CA LEU W 45 64.15 -25.45 -9.46
C LEU W 45 63.48 -24.78 -10.65
N GLY W 46 64.25 -24.21 -11.58
CA GLY W 46 63.67 -23.64 -12.78
C GLY W 46 62.75 -22.48 -12.52
N ILE W 47 63.08 -21.65 -11.53
CA ILE W 47 62.28 -20.45 -11.29
C ILE W 47 62.42 -19.49 -12.46
N SER W 48 63.60 -19.43 -13.06
CA SER W 48 63.85 -18.50 -14.15
C SER W 48 63.19 -18.92 -15.46
N ASP W 49 62.71 -20.15 -15.57
CA ASP W 49 62.12 -20.63 -16.81
C ASP W 49 60.65 -20.47 -16.84
N ALA W 50 60.07 -20.11 -15.72
CA ALA W 50 58.63 -19.88 -15.63
C ALA W 50 58.30 -18.39 -15.45
N VAL W 51 59.22 -17.50 -15.81
CA VAL W 51 59.01 -16.06 -15.75
C VAL W 51 59.22 -15.49 -17.14
N SER W 52 58.60 -14.33 -17.37
CA SER W 52 58.52 -13.72 -18.69
C SER W 52 59.70 -12.78 -18.98
N ASP W 53 60.80 -12.89 -18.22
CA ASP W 53 62.01 -12.08 -18.34
C ASP W 53 61.80 -10.64 -17.82
N GLU W 54 60.56 -10.25 -17.54
CA GLU W 54 60.30 -8.99 -16.87
C GLU W 54 60.56 -9.11 -15.37
N ALA W 55 60.28 -10.29 -14.81
CA ALA W 55 60.47 -10.53 -13.39
C ALA W 55 61.90 -10.89 -13.02
N VAL W 56 62.73 -11.28 -14.00
CA VAL W 56 64.13 -11.53 -13.69
C VAL W 56 64.83 -10.23 -13.33
N MET W 57 64.41 -9.12 -13.92
CA MET W 57 64.94 -7.81 -13.52
C MET W 57 64.63 -7.55 -12.04
N TRP W 58 63.39 -7.80 -11.64
CA TRP W 58 63.00 -7.63 -10.25
C TRP W 58 63.78 -8.57 -9.35
N PHE W 59 64.09 -9.77 -9.77
CA PHE W 59 64.86 -10.68 -8.95
C PHE W 59 66.33 -10.30 -8.79
N ARG W 60 66.98 -9.70 -9.77
CA ARG W 60 68.35 -9.24 -9.61
C ARG W 60 68.41 -7.94 -8.88
N HIS W 61 67.35 -7.17 -8.87
CA HIS W 61 67.37 -5.96 -8.10
C HIS W 61 67.19 -6.37 -6.69
N SER W 62 66.31 -7.30 -6.45
CA SER W 62 66.05 -7.72 -5.08
C SER W 62 67.19 -8.55 -4.53
N GLU W 63 67.85 -9.37 -5.36
CA GLU W 63 68.99 -10.14 -4.91
C GLU W 63 70.11 -9.22 -4.45
N LEU W 64 70.43 -8.22 -5.26
CA LEU W 64 71.51 -7.32 -4.88
C LEU W 64 71.13 -6.50 -3.65
N LYS W 65 69.88 -6.03 -3.58
CA LYS W 65 69.44 -5.31 -2.40
C LYS W 65 69.55 -6.17 -1.15
N HIS W 66 69.10 -7.43 -1.25
CA HIS W 66 69.20 -8.36 -0.14
C HIS W 66 70.64 -8.58 0.27
N GLY W 67 71.53 -8.81 -0.70
CA GLY W 67 72.91 -9.07 -0.38
C GLY W 67 73.57 -7.90 0.30
N ARG W 68 73.31 -6.68 -0.19
CA ARG W 68 73.92 -5.50 0.37
C ARG W 68 73.41 -5.22 1.78
N VAL W 69 72.09 -5.26 1.97
CA VAL W 69 71.52 -5.09 3.30
C VAL W 69 72.02 -6.17 4.23
N ALA W 70 72.19 -7.39 3.71
CA ALA W 70 72.62 -8.50 4.54
C ALA W 70 74.06 -8.34 5.00
N MET W 71 74.95 -7.85 4.13
CA MET W 71 76.33 -7.68 4.59
C MET W 71 76.46 -6.50 5.53
N LEU W 72 75.71 -5.43 5.30
CA LEU W 72 75.68 -4.36 6.30
C LEU W 72 75.19 -4.90 7.64
N ALA W 73 74.11 -5.67 7.63
CA ALA W 73 73.58 -6.24 8.86
C ALA W 73 74.57 -7.19 9.49
N THR W 74 75.30 -7.95 8.69
CA THR W 74 76.24 -8.92 9.23
C THR W 74 77.38 -8.23 9.96
N VAL W 75 77.98 -7.22 9.34
CA VAL W 75 79.07 -6.52 10.03
C VAL W 75 78.55 -5.78 11.24
N GLY W 76 77.33 -5.22 11.16
CA GLY W 76 76.76 -4.57 12.33
C GLY W 76 76.48 -5.53 13.46
N TYR W 77 75.98 -6.72 13.15
CA TYR W 77 75.70 -7.73 14.16
C TYR W 77 77.00 -8.23 14.78
N MET W 78 78.05 -8.42 13.99
CA MET W 78 79.33 -8.83 14.54
C MET W 78 79.88 -7.75 15.45
N ILE W 79 79.73 -6.48 15.06
CA ILE W 79 80.16 -5.38 15.92
C ILE W 79 79.40 -5.40 17.24
N GLY W 80 78.09 -5.61 17.17
CA GLY W 80 77.30 -5.66 18.39
C GLY W 80 77.67 -6.82 19.29
N ALA W 81 77.87 -8.00 18.70
CA ALA W 81 78.28 -9.16 19.49
C ALA W 81 79.63 -8.95 20.14
N ALA W 82 80.57 -8.34 19.41
CA ALA W 82 81.87 -8.00 19.98
C ALA W 82 81.76 -6.97 21.10
N GLY W 83 80.66 -6.22 21.16
CA GLY W 83 80.42 -5.26 22.21
C GLY W 83 80.86 -3.85 21.92
N ILE W 84 81.45 -3.59 20.74
CA ILE W 84 81.88 -2.25 20.41
C ILE W 84 80.66 -1.37 20.20
N THR W 85 80.65 -0.20 20.84
CA THR W 85 79.58 0.77 20.70
C THR W 85 80.17 2.17 20.68
N PHE W 86 79.37 3.13 20.25
CA PHE W 86 79.82 4.50 20.19
C PHE W 86 80.05 5.04 21.60
N PRO W 87 80.74 6.18 21.74
CA PRO W 87 81.11 6.66 23.08
C PRO W 87 79.95 6.83 24.05
N GLY W 88 78.80 7.34 23.60
CA GLY W 88 77.65 7.42 24.47
C GLY W 88 76.63 8.43 23.99
N GLU W 89 75.51 8.45 24.72
CA GLU W 89 74.40 9.38 24.51
C GLU W 89 73.84 9.27 23.09
N ILE W 90 73.22 8.12 22.84
CA ILE W 90 72.36 7.99 21.66
C ILE W 90 71.21 8.98 21.75
N ALA W 91 70.66 9.15 22.91
CA ALA W 91 69.55 10.05 23.10
C ALA W 91 69.98 10.96 24.15
N LYS W 92 69.06 11.41 25.00
CA LYS W 92 69.40 12.37 26.03
C LYS W 92 69.90 11.69 27.26
N GLY W 93 69.13 10.75 27.77
CA GLY W 93 69.55 10.03 28.94
C GLY W 93 70.13 8.68 28.62
N VAL W 94 69.77 8.11 27.49
CA VAL W 94 70.21 6.78 27.20
C VAL W 94 71.58 6.76 26.64
N THR W 95 72.32 5.78 27.07
CA THR W 95 73.68 5.63 26.55
C THR W 95 73.72 4.48 25.55
N PHE W 96 74.71 4.53 24.66
CA PHE W 96 74.87 3.48 23.67
C PHE W 96 75.16 2.13 24.32
N ALA W 97 76.03 2.11 25.33
CA ALA W 97 76.31 0.86 26.02
C ALA W 97 75.07 0.32 26.72
N SER W 98 74.31 1.19 27.37
CA SER W 98 73.11 0.74 28.07
C SER W 98 72.07 0.21 27.09
N VAL W 99 71.90 0.87 25.94
CA VAL W 99 70.88 0.44 24.99
C VAL W 99 71.34 -0.74 24.16
N GLY W 100 72.64 -1.07 24.18
CA GLY W 100 73.15 -2.30 23.60
C GLY W 100 73.63 -3.30 24.64
N ALA W 101 73.14 -3.17 25.87
CA ALA W 101 73.60 -4.04 26.95
C ALA W 101 73.28 -5.51 26.65
N SER W 102 72.05 -5.80 26.25
CA SER W 102 71.59 -7.18 26.09
C SER W 102 71.83 -7.68 24.67
N GLY W 103 73.08 -7.55 24.23
CA GLY W 103 73.48 -8.07 22.94
C GLY W 103 72.88 -7.29 21.80
N PRO W 104 73.17 -7.72 20.56
CA PRO W 104 72.62 -7.01 19.39
C PRO W 104 71.18 -7.34 19.08
N TYR W 105 70.70 -8.52 19.49
CA TYR W 105 69.34 -8.92 19.13
C TYR W 105 68.30 -7.98 19.73
N ALA W 106 68.41 -7.70 21.03
CA ALA W 106 67.48 -6.78 21.70
C ALA W 106 67.87 -5.33 21.53
N ALA W 107 68.99 -5.02 20.87
CA ALA W 107 69.42 -3.65 20.71
C ALA W 107 68.41 -2.83 19.91
N TRP W 108 67.85 -3.42 18.86
CA TRP W 108 66.88 -2.72 18.04
C TRP W 108 65.65 -2.35 18.86
N ASP W 109 65.13 -3.29 19.63
CA ASP W 109 63.99 -2.99 20.49
C ASP W 109 64.37 -1.93 21.53
N ALA W 110 65.61 -1.95 22.00
CA ALA W 110 66.03 -1.00 23.01
C ALA W 110 66.22 0.41 22.47
N THR W 111 66.49 0.57 21.18
CA THR W 111 66.78 1.88 20.62
C THR W 111 65.56 2.79 20.74
N PRO W 112 65.75 4.12 20.86
CA PRO W 112 64.60 5.01 21.03
C PRO W 112 63.71 5.01 19.79
N THR W 113 62.40 5.11 20.04
CA THR W 113 61.43 5.05 18.94
C THR W 113 61.58 6.25 18.00
N ALA W 114 61.95 7.41 18.54
CA ALA W 114 62.13 8.57 17.68
C ALA W 114 63.25 8.36 16.67
N GLY W 115 64.44 7.97 17.15
CA GLY W 115 65.54 7.70 16.25
C GLY W 115 65.26 6.55 15.31
N LYS W 116 64.50 5.55 15.79
CA LYS W 116 64.04 4.49 14.91
C LYS W 116 63.23 5.04 13.75
N LEU W 117 62.31 5.96 14.05
CA LEU W 117 61.51 6.56 13.01
C LEU W 117 62.36 7.40 12.06
N GLN W 118 63.40 8.06 12.56
CA GLN W 118 64.25 8.83 11.65
C GLN W 118 65.03 7.91 10.72
N ILE W 119 65.51 6.78 11.23
CA ILE W 119 66.16 5.79 10.36
C ILE W 119 65.17 5.30 9.31
N LEU W 120 63.95 5.00 9.73
CA LEU W 120 62.96 4.47 8.81
C LEU W 120 62.58 5.49 7.75
N THR W 121 62.46 6.77 8.12
CA THR W 121 62.05 7.77 7.14
C THR W 121 63.19 8.16 6.19
N ILE W 122 64.44 8.15 6.66
CA ILE W 122 65.52 8.39 5.70
C ILE W 122 65.63 7.21 4.73
N ILE W 123 65.41 5.98 5.21
CA ILE W 123 65.40 4.85 4.30
C ILE W 123 64.22 4.96 3.35
N LEU W 124 63.08 5.46 3.83
CA LEU W 124 61.93 5.66 2.96
C LEU W 124 62.24 6.65 1.85
N ALA W 125 62.88 7.76 2.20
CA ALA W 125 63.25 8.74 1.18
C ALA W 125 64.20 8.12 0.16
N LEU W 126 65.20 7.36 0.64
CA LEU W 126 66.16 6.75 -0.28
C LEU W 126 65.48 5.78 -1.23
N GLU W 127 64.64 4.89 -0.70
CA GLU W 127 64.02 3.85 -1.51
C GLU W 127 62.84 4.34 -2.32
N TRP W 128 62.31 5.54 -2.04
CA TRP W 128 61.35 6.19 -2.91
C TRP W 128 62.04 6.92 -4.05
N ALA W 129 63.13 7.63 -3.73
CA ALA W 129 63.89 8.30 -4.77
C ALA W 129 64.48 7.30 -5.76
N ALA W 130 64.98 6.16 -5.27
CA ALA W 130 65.53 5.15 -6.16
C ALA W 130 64.47 4.62 -7.11
N GLU W 131 63.25 4.42 -6.62
CA GLU W 131 62.17 3.93 -7.46
C GLU W 131 61.70 4.97 -8.48
N THR W 132 61.71 6.25 -8.13
CA THR W 132 61.15 7.28 -8.98
C THR W 132 61.96 7.57 -10.24
N LYS W 133 63.18 7.04 -10.36
CA LYS W 133 64.01 7.37 -11.51
C LYS W 133 63.43 6.78 -12.79
N LYS W 134 63.55 7.55 -13.88
CA LYS W 134 62.72 7.31 -15.06
C LYS W 134 62.98 5.95 -15.72
N PRO W 135 64.22 5.55 -16.03
CA PRO W 135 64.40 4.24 -16.68
C PRO W 135 63.98 3.07 -15.81
N HIS W 136 63.90 3.25 -14.49
CA HIS W 136 63.56 2.17 -13.57
C HIS W 136 64.62 1.08 -13.69
N TYR W 137 64.29 -0.15 -13.27
CA TYR W 137 65.13 -1.31 -13.50
C TYR W 137 64.32 -2.39 -14.23
N MET W 138 63.03 -2.50 -13.87
CA MET W 138 62.15 -3.42 -14.55
C MET W 138 61.79 -2.97 -15.97
N ARG W 139 61.71 -1.67 -16.20
CA ARG W 139 61.24 -1.11 -17.47
C ARG W 139 62.39 -0.71 -18.38
N GLY W 140 63.48 -1.49 -18.37
CA GLY W 140 64.56 -1.32 -19.32
C GLY W 140 65.83 -0.71 -18.77
N GLY W 141 65.95 -0.60 -17.46
CA GLY W 141 67.15 -0.11 -16.81
C GLY W 141 67.96 -1.25 -16.21
N VAL W 142 69.12 -0.90 -15.70
CA VAL W 142 70.04 -1.88 -15.11
C VAL W 142 69.44 -2.35 -13.78
N PRO W 143 69.16 -3.65 -13.57
CA PRO W 143 68.72 -4.11 -12.24
C PRO W 143 69.91 -4.24 -11.31
N GLY W 144 69.95 -3.40 -10.28
CA GLY W 144 71.04 -3.33 -9.32
C GLY W 144 71.70 -1.98 -9.25
N LYS W 145 71.64 -1.21 -10.32
CA LYS W 145 72.30 0.10 -10.40
C LYS W 145 71.42 1.13 -9.73
N ILE W 146 71.56 1.26 -8.41
CA ILE W 146 70.90 2.34 -7.70
C ILE W 146 71.48 3.66 -8.17
N ASP W 147 70.61 4.64 -8.40
CA ASP W 147 71.06 5.94 -8.89
C ASP W 147 72.01 6.57 -7.89
N GLN W 148 73.13 7.08 -8.39
CA GLN W 148 74.17 7.60 -7.50
C GLN W 148 73.70 8.84 -6.76
N LEU W 149 72.81 9.63 -7.35
CA LEU W 149 72.36 10.91 -6.80
C LEU W 149 70.84 10.88 -6.70
N PRO W 150 70.29 10.22 -5.67
CA PRO W 150 68.82 10.01 -5.67
C PRO W 150 68.02 11.29 -5.56
N PHE W 151 68.50 12.28 -4.82
CA PHE W 151 67.69 13.43 -4.45
C PHE W 151 67.82 14.63 -5.39
N GLU W 152 68.57 14.49 -6.48
CA GLU W 152 68.71 15.57 -7.45
C GLU W 152 67.74 15.37 -8.61
N GLY W 153 67.46 16.46 -9.32
CA GLY W 153 66.47 16.46 -10.36
C GLY W 153 65.04 16.55 -9.89
N ILE W 154 64.82 16.81 -8.60
CA ILE W 154 63.49 16.87 -8.01
C ILE W 154 63.12 18.35 -7.87
N PRO W 155 62.12 18.85 -8.62
CA PRO W 155 61.74 20.26 -8.44
C PRO W 155 61.23 20.52 -7.03
N GLY W 156 61.59 21.69 -6.50
CA GLY W 156 61.16 22.09 -5.18
C GLY W 156 61.90 21.44 -4.03
N LEU W 157 62.90 20.61 -4.31
CA LEU W 157 63.69 19.93 -3.29
C LEU W 157 65.17 20.23 -3.52
N TRP W 158 65.94 20.23 -2.44
CA TRP W 158 67.36 20.52 -2.50
C TRP W 158 68.10 19.56 -1.58
N ALA W 159 69.24 19.07 -2.06
CA ALA W 159 70.15 18.24 -1.29
C ALA W 159 71.56 18.60 -1.69
N PRO W 160 72.56 18.34 -0.84
CA PRO W 160 73.91 18.83 -1.14
C PRO W 160 74.73 17.92 -2.05
N LYS W 161 74.09 17.37 -3.09
CA LYS W 161 74.74 16.65 -4.18
C LYS W 161 75.81 15.64 -3.73
N ILE W 162 75.59 15.01 -2.58
CA ILE W 162 76.45 13.95 -2.10
C ILE W 162 75.91 12.65 -2.68
N LYS W 163 76.62 12.06 -3.63
CA LYS W 163 76.09 10.89 -4.30
C LYS W 163 76.04 9.71 -3.33
N PHE W 164 74.93 8.97 -3.39
CA PHE W 164 74.60 7.95 -2.39
C PHE W 164 75.68 6.87 -2.33
N TRP W 165 76.04 6.31 -3.47
CA TRP W 165 77.03 5.24 -3.55
C TRP W 165 78.35 5.79 -4.07
N ASP W 166 79.43 5.48 -3.39
CA ASP W 166 80.77 5.92 -3.77
C ASP W 166 80.84 7.44 -3.75
N PRO W 167 80.68 7.99 -2.55
CA PRO W 167 80.67 9.43 -2.53
C PRO W 167 82.03 9.96 -2.89
N LEU W 168 83.10 9.28 -2.52
CA LEU W 168 84.43 9.80 -2.77
C LEU W 168 84.93 9.41 -4.13
N ASN W 169 84.15 8.66 -4.89
CA ASN W 169 84.50 8.22 -6.27
C ASN W 169 85.67 7.29 -6.32
N PHE W 170 85.65 6.27 -5.48
CA PHE W 170 86.68 5.24 -5.51
C PHE W 170 86.69 4.51 -6.86
N MET W 171 85.56 4.46 -7.55
CA MET W 171 85.42 3.65 -8.74
C MET W 171 86.03 4.29 -9.98
N GLY W 172 86.49 5.54 -9.90
CA GLY W 172 87.10 6.17 -11.06
C GLY W 172 88.36 5.48 -11.51
N ALA W 173 89.14 4.95 -10.56
CA ALA W 173 90.37 4.25 -10.91
C ALA W 173 90.11 2.90 -11.55
N LEU W 174 88.89 2.38 -11.47
CA LEU W 174 88.57 1.06 -11.98
C LEU W 174 88.18 1.12 -13.46
N THR W 175 88.67 0.16 -14.23
CA THR W 175 88.29 0.00 -15.62
C THR W 175 87.06 -0.90 -15.71
N GLU W 176 86.59 -1.14 -16.93
CA GLU W 176 85.37 -1.90 -17.13
C GLU W 176 85.51 -3.34 -16.63
N GLU W 177 86.61 -4.00 -17.00
CA GLU W 177 86.80 -5.40 -16.60
C GLU W 177 86.96 -5.52 -15.09
N GLN W 178 87.70 -4.59 -14.47
CA GLN W 178 87.89 -4.63 -13.04
C GLN W 178 86.57 -4.48 -12.30
N LYS W 179 85.72 -3.56 -12.74
CA LYS W 179 84.44 -3.37 -12.05
C LYS W 179 83.48 -4.50 -12.36
N ALA W 180 83.61 -5.17 -13.50
CA ALA W 180 82.83 -6.39 -13.73
C ALA W 180 83.24 -7.48 -12.73
N ARG W 181 84.55 -7.69 -12.57
CA ARG W 181 85.04 -8.65 -11.59
C ARG W 181 84.58 -8.29 -10.18
N LYS W 182 84.57 -7.01 -9.86
CA LYS W 182 84.15 -6.58 -8.54
C LYS W 182 82.63 -6.69 -8.36
N ARG W 183 81.86 -6.57 -9.44
CA ARG W 183 80.43 -6.86 -9.34
C ARG W 183 80.19 -8.34 -9.07
N LYS W 184 80.97 -9.20 -9.71
CA LYS W 184 80.91 -10.63 -9.40
C LYS W 184 81.21 -10.87 -7.93
N SER W 185 82.27 -10.25 -7.41
CA SER W 185 82.62 -10.38 -6.01
C SER W 185 81.52 -9.83 -5.11
N GLU W 186 80.89 -8.74 -5.51
CA GLU W 186 79.76 -8.18 -4.76
C GLU W 186 78.65 -9.20 -4.63
N LEU W 187 78.29 -9.85 -5.73
CA LEU W 187 77.21 -10.83 -5.68
C LEU W 187 77.58 -12.00 -4.78
N LYS W 188 78.81 -12.50 -4.89
CA LYS W 188 79.22 -13.63 -4.07
C LYS W 188 79.20 -13.27 -2.59
N ASN W 189 79.78 -12.13 -2.23
CA ASN W 189 79.81 -11.71 -0.83
C ASN W 189 78.42 -11.40 -0.31
N GLY W 190 77.55 -10.84 -1.14
CA GLY W 190 76.19 -10.58 -0.68
C GLY W 190 75.42 -11.84 -0.40
N ARG W 191 75.57 -12.85 -1.26
CA ARG W 191 74.93 -14.14 -1.02
C ARG W 191 75.45 -14.77 0.27
N LEU W 192 76.78 -14.74 0.45
CA LEU W 192 77.37 -15.28 1.66
C LEU W 192 76.88 -14.51 2.89
N ALA W 193 76.71 -13.20 2.76
CA ALA W 193 76.24 -12.39 3.88
C ALA W 193 74.79 -12.70 4.21
N MET W 194 73.96 -12.97 3.20
CA MET W 194 72.60 -13.41 3.45
C MET W 194 72.59 -14.67 4.29
N ILE W 195 73.40 -15.66 3.88
CA ILE W 195 73.49 -16.89 4.65
C ILE W 195 73.98 -16.60 6.07
N GLY W 196 74.96 -15.70 6.21
CA GLY W 196 75.51 -15.42 7.52
C GLY W 196 74.53 -14.74 8.46
N ILE W 197 73.80 -13.74 7.96
CA ILE W 197 72.88 -13.02 8.83
C ILE W 197 71.70 -13.91 9.24
N ILE W 198 71.22 -14.74 8.30
CA ILE W 198 70.16 -15.66 8.68
C ILE W 198 70.70 -16.68 9.68
N SER W 199 71.96 -17.09 9.53
CA SER W 199 72.56 -17.97 10.52
C SER W 199 72.59 -17.32 11.89
N PHE W 200 72.94 -16.03 11.95
CA PHE W 200 73.00 -15.34 13.24
C PHE W 200 71.63 -15.30 13.90
N LEU W 201 70.61 -14.86 13.15
CA LEU W 201 69.28 -14.75 13.75
C LEU W 201 68.72 -16.11 14.13
N THR W 202 68.89 -17.11 13.27
CA THR W 202 68.39 -18.46 13.59
C THR W 202 69.14 -19.05 14.78
N GLY W 203 70.44 -18.80 14.87
CA GLY W 203 71.20 -19.32 15.99
C GLY W 203 70.76 -18.70 17.30
N HIS W 204 70.43 -17.40 17.28
CA HIS W 204 69.87 -16.80 18.49
C HIS W 204 68.52 -17.41 18.84
N ASN W 205 67.63 -17.54 17.86
CA ASN W 205 66.28 -17.99 18.15
C ASN W 205 66.23 -19.46 18.55
N ILE W 206 67.13 -20.27 18.01
CA ILE W 206 67.18 -21.72 18.26
C ILE W 206 68.59 -22.05 18.73
N PRO W 207 68.84 -22.20 20.03
CA PRO W 207 70.22 -22.44 20.47
C PRO W 207 70.78 -23.75 19.93
N GLY W 208 72.05 -23.72 19.54
CA GLY W 208 72.72 -24.89 19.00
C GLY W 208 72.50 -25.13 17.52
N SER W 209 71.67 -24.33 16.86
CA SER W 209 71.44 -24.53 15.42
C SER W 209 72.66 -24.13 14.60
N VAL W 210 73.40 -23.12 15.05
CA VAL W 210 74.62 -22.67 14.41
C VAL W 210 75.76 -22.84 15.40
N PRO W 211 76.49 -23.97 15.35
CA PRO W 211 77.42 -24.29 16.45
C PRO W 211 78.60 -23.33 16.56
N ALA W 212 78.86 -22.50 15.55
CA ALA W 212 79.99 -21.59 15.57
C ALA W 212 79.67 -20.25 16.22
N LEU W 213 78.65 -20.19 17.08
CA LEU W 213 78.24 -18.98 17.76
C LEU W 213 78.35 -19.19 19.26
N ASP W 214 78.95 -18.22 19.94
CA ASP W 214 79.19 -18.29 21.38
C ASP W 214 78.05 -17.59 22.13
N SER W 215 78.21 -17.46 23.45
CA SER W 215 77.18 -16.85 24.27
C SER W 215 76.98 -15.37 23.97
N HIS W 216 77.97 -14.71 23.35
CA HIS W 216 77.80 -13.31 22.97
C HIS W 216 76.65 -13.15 21.99
N PHE W 217 76.43 -14.13 21.12
CA PHE W 217 75.34 -14.07 20.15
C PHE W 217 75.12 -15.44 19.53
N LYS X 12 -0.53 -39.15 -27.01
CA LYS X 12 0.50 -39.42 -25.97
C LYS X 12 0.76 -38.18 -25.13
N VAL X 13 0.82 -38.36 -23.82
CA VAL X 13 1.19 -37.29 -22.90
C VAL X 13 2.71 -37.24 -22.82
N ARG X 14 3.28 -36.09 -23.17
CA ARG X 14 4.72 -35.95 -23.25
C ARG X 14 5.11 -34.51 -23.00
N VAL X 15 6.41 -34.29 -22.77
CA VAL X 15 6.97 -32.97 -22.53
C VAL X 15 7.53 -32.45 -23.85
N ILE X 16 7.02 -31.30 -24.28
CA ILE X 16 7.53 -30.58 -25.45
C ILE X 16 7.60 -29.11 -25.11
N VAL X 17 8.76 -28.51 -25.31
CA VAL X 17 9.01 -27.12 -24.94
C VAL X 17 9.75 -26.42 -26.08
N ASP X 18 9.70 -25.10 -26.05
CA ASP X 18 10.47 -24.26 -26.95
C ASP X 18 11.69 -23.73 -26.21
N LYS X 19 12.85 -23.80 -26.86
CA LYS X 19 14.11 -23.42 -26.25
C LYS X 19 14.41 -21.96 -26.58
N ASP X 20 14.63 -21.15 -25.53
CA ASP X 20 14.94 -19.73 -25.68
C ASP X 20 13.89 -18.98 -26.47
N PRO X 21 12.66 -18.95 -25.96
CA PRO X 21 11.58 -18.23 -26.64
C PRO X 21 11.64 -16.71 -26.47
N VAL X 22 12.28 -16.21 -25.42
CA VAL X 22 12.35 -14.79 -25.12
C VAL X 22 13.77 -14.46 -24.69
N ALA X 23 14.25 -13.28 -25.09
CA ALA X 23 15.57 -12.80 -24.71
C ALA X 23 15.47 -12.02 -23.40
N THR X 24 16.53 -12.11 -22.60
CA THR X 24 16.61 -11.42 -21.31
C THR X 24 17.24 -10.06 -21.51
N SER X 25 16.43 -9.00 -21.44
CA SER X 25 16.91 -7.65 -21.71
C SER X 25 16.05 -6.64 -20.96
N PHE X 26 16.64 -5.48 -20.69
CA PHE X 26 15.99 -4.37 -20.01
C PHE X 26 15.37 -3.35 -20.95
N GLU X 27 15.43 -3.56 -22.26
CA GLU X 27 14.88 -2.58 -23.19
C GLU X 27 13.38 -2.42 -22.97
N LYS X 28 12.68 -3.51 -22.73
CA LYS X 28 11.25 -3.45 -22.45
C LYS X 28 10.93 -3.16 -20.99
N TRP X 29 11.93 -3.21 -20.10
CA TRP X 29 11.77 -2.53 -18.81
C TRP X 29 11.71 -1.04 -19.02
N ALA X 30 12.62 -0.51 -19.84
CA ALA X 30 12.63 0.92 -20.13
C ALA X 30 11.35 1.35 -20.85
N GLN X 31 10.90 0.56 -21.82
CA GLN X 31 9.65 0.82 -22.53
C GLN X 31 8.47 0.37 -21.66
N PRO X 32 7.72 1.29 -21.00
CA PRO X 32 6.73 0.81 -20.02
C PRO X 32 5.55 0.07 -20.63
N GLY X 33 4.90 0.66 -21.63
CA GLY X 33 3.69 0.09 -22.20
C GLY X 33 3.94 -0.82 -23.38
N HIS X 34 5.01 -1.60 -23.32
CA HIS X 34 5.37 -2.47 -24.43
C HIS X 34 4.30 -3.54 -24.69
N PHE X 35 3.64 -4.01 -23.64
CA PHE X 35 2.74 -5.16 -23.78
C PHE X 35 1.49 -4.82 -24.58
N SER X 36 1.00 -3.58 -24.47
CA SER X 36 -0.27 -3.19 -25.09
C SER X 36 -0.02 -2.42 -26.38
N ARG X 37 -0.80 -2.74 -27.41
CA ARG X 37 -0.65 -2.09 -28.70
C ARG X 37 -0.95 -0.59 -28.59
N THR X 38 -2.01 -0.24 -27.85
CA THR X 38 -2.39 1.17 -27.73
C THR X 38 -1.40 1.94 -26.87
N LEU X 39 -0.98 1.35 -25.74
CA LEU X 39 -0.08 2.04 -24.83
C LEU X 39 1.36 2.06 -25.31
N ALA X 40 1.73 1.23 -26.29
CA ALA X 40 3.10 1.22 -26.78
C ALA X 40 3.48 2.54 -27.45
N LYS X 41 2.51 3.29 -27.97
CA LYS X 41 2.82 4.56 -28.63
C LYS X 41 3.46 5.54 -27.66
N GLY X 42 2.82 5.73 -26.50
CA GLY X 42 3.31 6.64 -25.49
C GLY X 42 2.19 7.39 -24.81
N PRO X 43 2.51 8.15 -23.76
CA PRO X 43 1.48 8.87 -23.03
C PRO X 43 1.13 10.19 -23.69
N LYS X 44 -0.18 10.46 -23.76
CA LYS X 44 -0.71 11.77 -24.11
C LYS X 44 -1.56 12.37 -23.00
N THR X 45 -2.09 11.54 -22.10
CA THR X 45 -2.86 11.99 -20.95
C THR X 45 -2.52 11.10 -19.77
N THR X 46 -2.93 11.52 -18.58
CA THR X 46 -2.69 10.72 -17.39
C THR X 46 -3.50 9.43 -17.37
N THR X 47 -4.53 9.31 -18.21
CA THR X 47 -5.27 8.05 -18.29
C THR X 47 -4.40 6.92 -18.81
N TRP X 48 -3.34 7.25 -19.58
CA TRP X 48 -2.40 6.24 -20.04
C TRP X 48 -1.75 5.54 -18.86
N ILE X 49 -1.38 6.30 -17.83
CA ILE X 49 -0.73 5.73 -16.65
C ILE X 49 -1.65 4.73 -15.97
N TRP X 50 -2.93 5.09 -15.81
CA TRP X 50 -3.88 4.17 -15.18
C TRP X 50 -4.12 2.94 -16.05
N ASN X 51 -4.24 3.14 -17.36
CA ASN X 51 -4.48 2.02 -18.26
C ASN X 51 -3.33 1.03 -18.24
N LEU X 52 -2.11 1.53 -18.04
CA LEU X 52 -0.94 0.65 -17.93
C LEU X 52 -1.16 -0.39 -16.82
N HIS X 53 -1.51 0.08 -15.63
CA HIS X 53 -1.69 -0.84 -14.50
C HIS X 53 -2.95 -1.67 -14.67
N ALA X 54 -4.00 -1.09 -15.26
CA ALA X 54 -5.24 -1.84 -15.46
C ALA X 54 -5.03 -3.02 -16.40
N ASP X 55 -4.27 -2.82 -17.48
CA ASP X 55 -4.03 -3.84 -18.48
C ASP X 55 -2.70 -4.54 -18.32
N ALA X 56 -2.04 -4.38 -17.17
CA ALA X 56 -0.74 -5.02 -16.94
C ALA X 56 -0.81 -6.53 -17.11
N HIS X 57 -1.74 -7.19 -16.41
CA HIS X 57 -1.81 -8.64 -16.36
C HIS X 57 -2.96 -9.21 -17.19
N ASP X 58 -3.50 -8.43 -18.13
CA ASP X 58 -4.55 -8.92 -19.03
C ASP X 58 -3.86 -9.51 -20.26
N PHE X 59 -3.32 -10.72 -20.09
CA PHE X 59 -2.56 -11.36 -21.16
C PHE X 59 -3.45 -11.66 -22.36
N ASP X 60 -4.71 -12.05 -22.09
CA ASP X 60 -5.62 -12.39 -23.18
C ASP X 60 -5.89 -11.19 -24.07
N SER X 61 -5.96 -9.98 -23.50
CA SER X 61 -6.09 -8.78 -24.30
C SER X 61 -4.75 -8.38 -24.93
N GLN X 62 -3.64 -8.64 -24.23
CA GLN X 62 -2.33 -8.24 -24.75
C GLN X 62 -1.98 -8.99 -26.02
N THR X 63 -2.21 -10.30 -26.03
CA THR X 63 -1.86 -11.17 -27.16
C THR X 63 -3.08 -11.94 -27.62
N SER X 64 -2.84 -12.85 -28.57
CA SER X 64 -3.89 -13.70 -29.12
C SER X 64 -3.52 -15.19 -29.11
N SER X 65 -2.32 -15.54 -28.65
CA SER X 65 -1.85 -16.92 -28.66
C SER X 65 -2.08 -17.53 -27.29
N LEU X 66 -2.89 -18.59 -27.24
CA LEU X 66 -3.13 -19.29 -25.98
C LEU X 66 -1.85 -19.90 -25.44
N GLU X 67 -0.92 -20.28 -26.32
CA GLU X 67 0.38 -20.78 -25.87
C GLU X 67 1.14 -19.71 -25.10
N ASP X 68 1.23 -18.50 -25.65
CA ASP X 68 1.93 -17.43 -24.97
C ASP X 68 1.23 -17.04 -23.68
N ILE X 69 -0.10 -17.02 -23.69
CA ILE X 69 -0.85 -16.70 -22.47
C ILE X 69 -0.55 -17.73 -21.39
N SER X 70 -0.53 -19.02 -21.77
CA SER X 70 -0.27 -20.07 -20.79
C SER X 70 1.14 -19.98 -20.24
N ARG X 71 2.13 -19.68 -21.09
CA ARG X 71 3.49 -19.52 -20.62
C ARG X 71 3.61 -18.37 -19.63
N LYS X 72 2.98 -17.24 -19.97
CA LYS X 72 3.00 -16.09 -19.06
C LYS X 72 2.36 -16.43 -17.74
N ILE X 73 1.24 -17.14 -17.77
CA ILE X 73 0.54 -17.50 -16.54
C ILE X 73 1.40 -18.43 -15.70
N PHE X 74 2.05 -19.40 -16.34
CA PHE X 74 2.87 -20.36 -15.61
C PHE X 74 4.02 -19.66 -14.87
N SER X 75 4.73 -18.78 -15.57
CA SER X 75 5.84 -18.10 -14.91
C SER X 75 5.36 -17.07 -13.89
N ALA X 76 4.19 -16.47 -14.11
CA ALA X 76 3.60 -15.60 -13.09
C ALA X 76 3.27 -16.38 -11.84
N HIS X 77 2.78 -17.61 -12.00
CA HIS X 77 2.55 -18.47 -10.84
C HIS X 77 3.85 -18.74 -10.10
N PHE X 78 4.94 -18.93 -10.84
CA PHE X 78 6.23 -19.12 -10.17
C PHE X 78 6.61 -17.89 -9.35
N GLY X 79 6.39 -16.70 -9.90
CA GLY X 79 6.66 -15.49 -9.15
C GLY X 79 5.81 -15.39 -7.89
N GLN X 80 4.52 -15.73 -7.99
CA GLN X 80 3.66 -15.73 -6.82
C GLN X 80 4.15 -16.71 -5.76
N LEU X 81 4.59 -17.89 -6.20
CA LEU X 81 5.13 -18.87 -5.25
C LEU X 81 6.38 -18.33 -4.56
N ALA X 82 7.22 -17.60 -5.30
CA ALA X 82 8.39 -16.99 -4.68
C ALA X 82 7.98 -16.00 -3.60
N ILE X 83 6.96 -15.17 -3.87
CA ILE X 83 6.49 -14.22 -2.87
C ILE X 83 5.94 -14.95 -1.65
N ILE X 84 5.18 -16.02 -1.87
CA ILE X 84 4.61 -16.76 -0.75
C ILE X 84 5.71 -17.39 0.10
N PHE X 85 6.76 -17.90 -0.55
CA PHE X 85 7.87 -18.48 0.21
C PHE X 85 8.58 -17.41 1.01
N LEU X 86 8.75 -16.21 0.46
CA LEU X 86 9.32 -15.11 1.22
C LEU X 86 8.46 -14.77 2.43
N TRP X 87 7.13 -14.84 2.26
CA TRP X 87 6.22 -14.57 3.37
C TRP X 87 6.34 -15.62 4.49
N VAL X 88 6.39 -16.90 4.12
CA VAL X 88 6.59 -17.94 5.11
C VAL X 88 7.94 -17.75 5.79
N SER X 89 8.96 -17.33 5.03
CA SER X 89 10.26 -17.05 5.60
C SER X 89 10.19 -15.92 6.61
N GLN X 90 9.42 -14.87 6.31
CA GLN X 90 9.30 -13.77 7.27
C GLN X 90 8.68 -14.25 8.56
N ALA X 91 7.65 -15.09 8.46
CA ALA X 91 7.00 -15.60 9.67
C ALA X 91 8.00 -16.39 10.52
N TYR X 92 8.68 -17.36 9.90
CA TYR X 92 9.61 -18.20 10.66
C TYR X 92 10.78 -17.42 11.20
N PHE X 93 11.35 -16.50 10.40
CA PHE X 93 12.50 -15.74 10.85
C PHE X 93 12.15 -14.79 11.97
N HIS X 94 11.01 -14.10 11.89
CA HIS X 94 10.62 -13.21 12.96
C HIS X 94 10.33 -13.99 14.24
N GLY X 95 9.74 -15.17 14.11
CA GLY X 95 9.63 -16.05 15.27
C GLY X 95 10.98 -16.40 15.85
N ALA X 96 11.96 -16.69 14.99
CA ALA X 96 13.28 -17.07 15.46
C ALA X 96 13.97 -15.92 16.20
N ARG X 97 13.89 -14.71 15.65
CA ARG X 97 14.76 -13.61 16.07
C ARG X 97 14.07 -12.61 16.99
N PHE X 98 12.87 -12.15 16.64
CA PHE X 98 12.22 -11.02 17.32
C PHE X 98 10.96 -11.46 18.05
N SER X 99 11.02 -12.58 18.76
CA SER X 99 9.84 -13.15 19.37
C SER X 99 10.20 -13.78 20.71
N ASN X 100 9.17 -13.98 21.54
CA ASN X 100 9.28 -14.64 22.84
C ASN X 100 8.79 -16.08 22.77
N TYR X 101 9.11 -16.77 21.68
CA TYR X 101 8.58 -18.11 21.48
C TYR X 101 9.10 -19.08 22.53
N SER X 102 10.34 -18.92 22.97
CA SER X 102 10.88 -19.79 24.01
C SER X 102 10.11 -19.63 25.31
N ALA X 103 9.87 -18.38 25.72
CA ALA X 103 9.11 -18.12 26.94
C ALA X 103 7.68 -18.64 26.80
N TRP X 104 7.06 -18.43 25.65
CA TRP X 104 5.70 -18.93 25.45
C TRP X 104 5.67 -20.45 25.48
N LEU X 105 6.67 -21.10 24.90
CA LEU X 105 6.74 -22.55 24.92
C LEU X 105 6.89 -23.06 26.35
N GLN X 106 7.67 -22.37 27.16
CA GLN X 106 7.78 -22.73 28.58
C GLN X 106 6.48 -22.51 29.32
N ASN X 107 5.73 -21.45 28.98
CA ASN X 107 4.52 -21.08 29.71
C ASN X 107 3.51 -20.50 28.73
N PRO X 108 2.75 -21.35 28.05
CA PRO X 108 1.89 -20.82 26.97
C PRO X 108 0.67 -20.06 27.49
N THR X 109 0.09 -20.48 28.62
CA THR X 109 -1.14 -19.85 29.08
C THR X 109 -0.89 -18.41 29.54
N ALA X 110 0.22 -18.17 30.23
CA ALA X 110 0.49 -16.87 30.81
C ALA X 110 1.13 -15.90 29.83
N ILE X 111 2.01 -16.39 28.97
CA ILE X 111 2.76 -15.53 28.06
C ILE X 111 1.89 -15.20 26.85
N LYS X 112 1.88 -13.92 26.47
CA LYS X 112 1.16 -13.48 25.28
C LYS X 112 2.07 -13.63 24.07
N PRO X 113 1.66 -14.33 23.00
CA PRO X 113 2.56 -14.47 21.85
C PRO X 113 2.84 -13.13 21.19
N SER X 114 4.10 -12.93 20.80
CA SER X 114 4.53 -11.68 20.19
C SER X 114 5.79 -11.96 19.38
N ALA X 115 5.82 -11.46 18.14
CA ALA X 115 6.95 -11.69 17.25
C ALA X 115 7.31 -10.45 16.43
N GLN X 116 6.89 -9.25 16.87
CA GLN X 116 7.23 -8.01 16.20
C GLN X 116 7.65 -6.98 17.24
N VAL X 117 8.74 -6.27 16.93
CA VAL X 117 9.28 -5.23 17.78
C VAL X 117 9.44 -3.97 16.95
N VAL X 118 8.98 -2.85 17.49
CA VAL X 118 9.07 -1.55 16.82
C VAL X 118 10.30 -0.82 17.36
N TRP X 119 10.95 -0.07 16.50
CA TRP X 119 12.08 0.73 16.92
C TRP X 119 11.62 1.98 17.67
N PRO X 120 12.47 2.57 18.53
CA PRO X 120 12.12 3.83 19.18
C PRO X 120 12.55 5.01 18.33
N ILE X 121 11.59 5.67 17.66
CA ILE X 121 11.89 6.81 16.80
C ILE X 121 11.06 8.03 17.21
N VAL X 122 9.74 7.91 17.25
CA VAL X 122 8.85 9.05 17.50
C VAL X 122 7.97 8.76 18.71
N GLY X 123 8.48 8.01 19.67
CA GLY X 123 7.66 7.57 20.78
C GLY X 123 6.77 6.40 20.48
N GLN X 124 6.95 5.75 19.33
CA GLN X 124 6.19 4.53 19.02
C GLN X 124 6.66 3.32 19.82
N GLU X 125 7.73 3.45 20.60
CA GLU X 125 8.18 2.36 21.45
C GLU X 125 7.15 1.98 22.51
N ILE X 126 6.16 2.84 22.77
CA ILE X 126 5.05 2.47 23.64
C ILE X 126 4.31 1.26 23.10
N LEU X 127 4.32 1.07 21.77
CA LEU X 127 3.66 -0.09 21.18
C LEU X 127 4.31 -1.40 21.58
N ASN X 128 5.58 -1.36 22.02
CA ASN X 128 6.25 -2.54 22.56
C ASN X 128 5.71 -2.76 23.97
N GLY X 129 4.50 -3.32 24.04
CA GLY X 129 3.85 -3.54 25.31
C GLY X 129 4.41 -4.73 26.06
N ASP X 130 3.91 -4.90 27.28
CA ASP X 130 4.35 -5.98 28.15
C ASP X 130 3.62 -7.25 27.75
N VAL X 131 4.33 -8.18 27.12
CA VAL X 131 3.77 -9.45 26.65
C VAL X 131 4.23 -10.63 27.50
N GLY X 132 4.99 -10.39 28.55
CA GLY X 132 5.44 -11.46 29.43
C GLY X 132 6.75 -12.09 28.95
N GLY X 133 7.40 -12.77 29.88
CA GLY X 133 8.66 -13.43 29.57
C GLY X 133 9.83 -12.49 29.41
N GLY X 134 9.77 -11.30 30.02
CA GLY X 134 10.84 -10.34 29.88
C GLY X 134 11.04 -9.86 28.46
N PHE X 135 9.96 -9.76 27.69
CA PHE X 135 9.99 -9.37 26.29
C PHE X 135 8.97 -8.28 26.04
N SER X 136 9.35 -7.29 25.24
CA SER X 136 8.49 -6.16 24.89
C SER X 136 8.32 -6.15 23.38
N GLY X 137 7.07 -6.19 22.93
CA GLY X 137 6.81 -6.17 21.51
C GLY X 137 5.32 -6.05 21.23
N VAL X 138 4.97 -6.20 19.96
CA VAL X 138 3.58 -6.13 19.52
C VAL X 138 3.00 -7.54 19.53
N GLN X 139 1.88 -7.70 20.23
CA GLN X 139 1.24 -9.01 20.31
C GLN X 139 0.73 -9.42 18.94
N ILE X 140 0.99 -10.67 18.57
CA ILE X 140 0.56 -11.22 17.30
C ILE X 140 -0.71 -12.04 17.51
N THR X 141 -1.46 -12.24 16.43
CA THR X 141 -2.72 -12.98 16.48
C THR X 141 -2.86 -13.91 15.28
N SER X 142 -1.74 -14.39 14.74
CA SER X 142 -1.75 -15.27 13.58
C SER X 142 -1.73 -16.75 13.94
N GLY X 143 -1.52 -17.10 15.20
CA GLY X 143 -1.50 -18.49 15.59
C GLY X 143 -0.26 -19.26 15.19
N VAL X 144 0.77 -18.58 14.71
CA VAL X 144 1.96 -19.28 14.24
C VAL X 144 2.69 -19.95 15.39
N PHE X 145 2.61 -19.39 16.60
CA PHE X 145 3.23 -20.02 17.76
C PHE X 145 2.62 -21.39 18.03
N GLN X 146 1.28 -21.45 18.05
CA GLN X 146 0.61 -22.73 18.24
C GLN X 146 0.86 -23.66 17.07
N MET X 147 0.96 -23.11 15.86
CA MET X 147 1.32 -23.92 14.69
C MET X 147 2.67 -24.60 14.87
N TRP X 148 3.67 -23.84 15.31
CA TRP X 148 5.00 -24.41 15.49
C TRP X 148 5.03 -25.39 16.66
N ARG X 149 4.27 -25.12 17.71
CA ARG X 149 4.18 -26.07 18.81
C ARG X 149 3.59 -27.40 18.33
N ALA X 150 2.56 -27.33 17.49
CA ALA X 150 2.02 -28.56 16.90
C ALA X 150 3.05 -29.24 16.03
N SER X 151 3.80 -28.47 15.24
CA SER X 151 4.81 -29.04 14.35
C SER X 151 5.97 -29.66 15.12
N GLY X 152 6.17 -29.27 16.38
CA GLY X 152 7.21 -29.82 17.21
C GLY X 152 8.46 -28.96 17.33
N ILE X 153 8.44 -27.73 16.84
CA ILE X 153 9.60 -26.86 16.95
C ILE X 153 9.73 -26.40 18.40
N THR X 154 10.85 -26.64 19.03
CA THR X 154 11.04 -26.27 20.40
C THR X 154 12.19 -25.30 20.62
N ASN X 155 12.95 -24.98 19.60
CA ASN X 155 14.04 -24.05 19.72
C ASN X 155 14.08 -23.10 18.57
N GLU X 156 14.88 -22.09 18.65
CA GLU X 156 15.00 -21.08 17.65
C GLU X 156 15.91 -21.39 16.54
N THR X 157 16.89 -22.23 16.72
CA THR X 157 17.72 -22.67 15.59
C THR X 157 16.87 -23.34 14.52
N GLU X 158 15.85 -24.10 14.91
CA GLU X 158 14.98 -24.73 13.94
C GLU X 158 14.23 -23.68 13.12
N LEU X 159 13.70 -22.65 13.81
CA LEU X 159 13.01 -21.57 13.11
C LEU X 159 13.95 -20.84 12.17
N TYR X 160 15.17 -20.57 12.62
CA TYR X 160 16.15 -19.90 11.77
C TYR X 160 16.46 -20.71 10.52
N TRP X 161 16.64 -22.02 10.68
CA TRP X 161 17.05 -22.84 9.54
C TRP X 161 15.90 -23.04 8.56
N THR X 162 14.67 -23.20 9.06
CA THR X 162 13.55 -23.27 8.13
C THR X 162 13.31 -21.93 7.44
N ALA X 163 13.61 -20.81 8.11
CA ALA X 163 13.54 -19.52 7.42
C ALA X 163 14.56 -19.43 6.30
N MET X 164 15.79 -19.88 6.55
CA MET X 164 16.80 -19.88 5.50
C MET X 164 16.39 -20.80 4.36
N GLY X 165 15.83 -21.96 4.68
CA GLY X 165 15.33 -22.86 3.65
C GLY X 165 14.22 -22.22 2.83
N GLY X 166 13.33 -21.47 3.49
CA GLY X 166 12.30 -20.76 2.76
C GLY X 166 12.88 -19.72 1.82
N LEU X 167 13.93 -19.02 2.26
CA LEU X 167 14.60 -18.07 1.37
C LEU X 167 15.19 -18.78 0.16
N VAL X 168 15.82 -19.93 0.38
CA VAL X 168 16.37 -20.70 -0.73
C VAL X 168 15.26 -21.13 -1.69
N MET X 169 14.12 -21.55 -1.14
CA MET X 169 12.99 -21.94 -1.98
C MET X 169 12.44 -20.76 -2.78
N SER X 170 12.38 -19.58 -2.17
CA SER X 170 11.93 -18.40 -2.89
C SER X 170 12.87 -18.07 -4.05
N ALA X 171 14.17 -18.14 -3.80
CA ALA X 171 15.13 -17.93 -4.89
C ALA X 171 14.97 -18.98 -5.98
N LEU X 172 14.73 -20.23 -5.58
CA LEU X 172 14.50 -21.29 -6.56
C LEU X 172 13.25 -21.02 -7.39
N MET X 173 12.20 -20.50 -6.75
CA MET X 173 10.98 -20.20 -7.49
C MET X 173 11.19 -19.05 -8.47
N VAL X 174 11.94 -18.03 -8.07
CA VAL X 174 12.24 -16.95 -9.01
C VAL X 174 13.05 -17.49 -10.19
N PHE X 175 14.03 -18.35 -9.91
CA PHE X 175 14.81 -18.95 -10.98
C PHE X 175 13.93 -19.79 -11.90
N ALA X 176 13.01 -20.57 -11.33
CA ALA X 176 12.15 -21.41 -12.14
C ALA X 176 11.23 -20.56 -13.01
N GLY X 177 10.71 -19.47 -12.47
CA GLY X 177 9.88 -18.59 -13.25
C GLY X 177 10.64 -17.95 -14.40
N TRP X 178 11.88 -17.55 -14.16
CA TRP X 178 12.70 -17.06 -15.25
C TRP X 178 12.96 -18.14 -16.29
N PHE X 179 13.30 -19.34 -15.83
CA PHE X 179 13.71 -20.41 -16.72
C PHE X 179 12.56 -20.86 -17.61
N HIS X 180 11.36 -20.94 -17.07
CA HIS X 180 10.23 -21.49 -17.79
C HIS X 180 9.53 -20.47 -18.69
N TYR X 181 10.06 -19.26 -18.80
CA TYR X 181 9.61 -18.28 -19.78
C TYR X 181 10.70 -17.85 -20.74
N HIS X 182 11.95 -17.76 -20.28
CA HIS X 182 13.04 -17.21 -21.07
C HIS X 182 13.96 -18.28 -21.66
N LYS X 183 13.99 -19.48 -21.09
CA LYS X 183 14.91 -20.53 -21.53
C LYS X 183 14.18 -21.75 -22.09
N ALA X 184 13.20 -22.28 -21.36
CA ALA X 184 12.50 -23.49 -21.81
C ALA X 184 11.02 -23.33 -21.43
N ALA X 185 10.25 -22.77 -22.36
CA ALA X 185 8.84 -22.54 -22.15
C ALA X 185 8.00 -23.70 -22.69
N PRO X 186 7.02 -24.26 -21.97
CA PRO X 186 6.25 -25.37 -22.55
C PRO X 186 5.35 -24.94 -23.69
N LYS X 187 4.66 -25.91 -24.29
CA LYS X 187 3.74 -25.69 -25.40
C LYS X 187 2.30 -25.80 -24.91
N LEU X 188 1.39 -25.32 -25.76
CA LEU X 188 -0.03 -25.43 -25.45
C LEU X 188 -0.46 -26.89 -25.33
N GLU X 189 0.15 -27.77 -26.13
CA GLU X 189 -0.13 -29.20 -26.01
C GLU X 189 0.26 -29.72 -24.63
N TRP X 190 1.41 -29.25 -24.12
CA TRP X 190 1.79 -29.60 -22.75
C TRP X 190 0.79 -29.06 -21.74
N PHE X 191 0.34 -27.82 -21.94
CA PHE X 191 -0.54 -27.20 -20.96
C PHE X 191 -1.91 -27.89 -20.92
N GLN X 192 -2.40 -28.33 -22.07
CA GLN X 192 -3.76 -28.87 -22.16
C GLN X 192 -3.88 -30.32 -21.72
N ASN X 193 -2.84 -30.90 -21.10
CA ASN X 193 -2.92 -32.27 -20.58
C ASN X 193 -3.57 -32.23 -19.20
N VAL X 194 -4.87 -31.96 -19.20
CA VAL X 194 -5.59 -31.80 -17.94
C VAL X 194 -5.69 -33.11 -17.17
N GLU X 195 -5.81 -34.23 -17.87
CA GLU X 195 -5.91 -35.52 -17.18
C GLU X 195 -4.64 -35.83 -16.41
N SER X 196 -3.48 -35.65 -17.05
CA SER X 196 -2.21 -35.86 -16.36
C SER X 196 -2.03 -34.87 -15.21
N MET X 197 -2.45 -33.62 -15.43
CA MET X 197 -2.36 -32.62 -14.37
C MET X 197 -3.19 -33.02 -13.16
N MET X 198 -4.41 -33.49 -13.38
CA MET X 198 -5.25 -33.92 -12.27
C MET X 198 -4.66 -35.14 -11.58
N ASN X 199 -4.11 -36.07 -12.35
CA ASN X 199 -3.49 -37.25 -11.74
C ASN X 199 -2.33 -36.85 -10.84
N HIS X 200 -1.49 -35.94 -11.31
CA HIS X 200 -0.32 -35.54 -10.52
C HIS X 200 -0.71 -34.68 -9.33
N HIS X 201 -1.74 -33.86 -9.45
CA HIS X 201 -2.15 -33.02 -8.33
C HIS X 201 -2.90 -33.80 -7.27
N LEU X 202 -3.67 -34.81 -7.67
CA LEU X 202 -4.33 -35.66 -6.69
C LEU X 202 -3.33 -36.59 -6.03
N ALA X 203 -2.70 -37.46 -6.81
CA ALA X 203 -1.81 -38.46 -6.23
C ALA X 203 -0.47 -37.86 -5.83
N GLY X 204 0.05 -36.92 -6.62
CA GLY X 204 1.40 -36.44 -6.42
C GLY X 204 1.51 -35.27 -5.47
N LEU X 205 0.67 -34.25 -5.65
CA LEU X 205 0.74 -33.10 -4.76
C LEU X 205 0.01 -33.35 -3.45
N LEU X 206 -1.30 -33.56 -3.52
CA LEU X 206 -2.09 -33.71 -2.30
C LEU X 206 -1.79 -35.03 -1.61
N GLY X 207 -1.72 -36.12 -2.36
CA GLY X 207 -1.52 -37.42 -1.75
C GLY X 207 -0.18 -37.54 -1.05
N LEU X 208 0.89 -37.20 -1.74
CA LEU X 208 2.21 -37.29 -1.12
C LEU X 208 2.42 -36.19 -0.09
N GLY X 209 1.78 -35.03 -0.27
CA GLY X 209 1.85 -34.02 0.77
C GLY X 209 1.25 -34.51 2.07
N CYS X 210 0.07 -35.13 2.00
CA CYS X 210 -0.55 -35.68 3.20
C CYS X 210 0.27 -36.83 3.76
N LEU X 211 0.82 -37.67 2.89
CA LEU X 211 1.64 -38.79 3.37
C LEU X 211 2.87 -38.30 4.10
N SER X 212 3.57 -37.31 3.53
CA SER X 212 4.76 -36.77 4.16
C SER X 212 4.42 -36.05 5.46
N TRP X 213 3.32 -35.31 5.49
CA TRP X 213 2.95 -34.65 6.74
C TRP X 213 2.57 -35.67 7.81
N SER X 214 1.90 -36.76 7.41
CA SER X 214 1.58 -37.81 8.36
C SER X 214 2.85 -38.45 8.91
N GLY X 215 3.84 -38.68 8.05
CA GLY X 215 5.11 -39.22 8.53
C GLY X 215 5.80 -38.28 9.49
N HIS X 216 5.83 -36.99 9.16
CA HIS X 216 6.41 -36.00 10.06
C HIS X 216 5.70 -36.01 11.40
N GLN X 217 4.37 -36.04 11.37
CA GLN X 217 3.63 -36.05 12.63
C GLN X 217 3.96 -37.28 13.45
N ILE X 218 3.83 -38.45 12.85
CA ILE X 218 4.03 -39.71 13.55
C ILE X 218 5.42 -39.80 14.14
N HIS X 219 6.42 -39.21 13.49
CA HIS X 219 7.80 -39.37 13.92
C HIS X 219 8.33 -38.24 14.80
N ILE X 220 7.84 -37.01 14.64
CA ILE X 220 8.43 -35.84 15.32
C ILE X 220 7.41 -35.10 16.17
N SER X 221 6.14 -35.10 15.78
CA SER X 221 5.16 -34.25 16.48
C SER X 221 4.50 -34.98 17.64
N LEU X 222 4.13 -36.24 17.47
CA LEU X 222 3.55 -36.99 18.59
C LEU X 222 4.52 -37.11 19.76
N PRO X 223 5.78 -37.51 19.58
CA PRO X 223 6.66 -37.62 20.76
C PRO X 223 6.91 -36.30 21.47
N ILE X 224 7.26 -35.25 20.71
CA ILE X 224 7.58 -33.97 21.32
C ILE X 224 6.36 -33.40 22.04
N ASN X 225 5.19 -33.46 21.40
CA ASN X 225 3.99 -32.91 22.02
C ASN X 225 3.57 -33.72 23.24
N LYS X 226 3.70 -35.05 23.17
CA LYS X 226 3.34 -35.87 24.33
C LYS X 226 4.26 -35.58 25.50
N LEU X 227 5.57 -35.43 25.24
CA LEU X 227 6.49 -35.10 26.32
C LEU X 227 6.20 -33.71 26.89
N LEU X 228 5.90 -32.74 26.03
CA LEU X 228 5.59 -31.40 26.49
C LEU X 228 4.33 -31.39 27.35
N ASP X 229 3.31 -32.14 26.94
CA ASP X 229 2.09 -32.25 27.74
C ASP X 229 2.36 -32.98 29.05
N ALA X 230 3.24 -33.98 29.05
CA ALA X 230 3.58 -34.66 30.28
C ALA X 230 4.24 -33.70 31.26
N GLY X 231 5.14 -32.85 30.78
CA GLY X 231 5.75 -31.83 31.60
C GLY X 231 7.23 -31.59 31.34
N VAL X 232 7.83 -32.35 30.42
CA VAL X 232 9.23 -32.17 30.11
C VAL X 232 9.43 -30.81 29.47
N ALA X 233 10.34 -30.01 30.04
CA ALA X 233 10.62 -28.71 29.49
C ALA X 233 11.32 -28.87 28.15
N PRO X 234 11.28 -27.83 27.28
CA PRO X 234 11.83 -28.01 25.92
C PRO X 234 13.32 -28.33 25.89
N GLN X 235 14.07 -27.99 26.94
CA GLN X 235 15.52 -28.21 26.89
C GLN X 235 15.86 -29.69 26.95
N GLU X 236 15.11 -30.46 27.73
CA GLU X 236 15.35 -31.90 27.90
C GLU X 236 14.62 -32.75 26.87
N ILE X 237 13.87 -32.15 25.95
CA ILE X 237 13.20 -32.93 24.91
C ILE X 237 14.25 -33.54 23.98
N PRO X 238 14.19 -34.84 23.65
CA PRO X 238 15.13 -35.37 22.66
C PRO X 238 14.92 -34.72 21.31
N LEU X 239 16.01 -34.52 20.58
CA LEU X 239 15.93 -33.79 19.33
C LEU X 239 15.25 -34.63 18.26
N PRO X 240 14.67 -33.98 17.23
CA PRO X 240 13.94 -34.77 16.22
C PRO X 240 14.80 -35.76 15.48
N HIS X 241 16.07 -35.45 15.22
CA HIS X 241 16.93 -36.41 14.55
C HIS X 241 17.20 -37.63 15.41
N GLU X 242 17.24 -37.44 16.74
CA GLU X 242 17.33 -38.58 17.64
C GLU X 242 16.05 -39.39 17.61
N LEU X 243 14.90 -38.72 17.70
CA LEU X 243 13.62 -39.43 17.75
C LEU X 243 13.34 -40.17 16.44
N LEU X 244 13.87 -39.68 15.32
CA LEU X 244 13.53 -40.24 14.02
C LEU X 244 13.96 -41.70 13.91
N PHE X 245 15.19 -42.00 14.33
CA PHE X 245 15.74 -43.34 14.20
C PHE X 245 15.81 -44.11 15.51
N ASN X 246 15.76 -43.43 16.66
CA ASN X 246 15.76 -44.16 17.92
C ASN X 246 14.42 -44.84 18.11
N GLN X 247 14.31 -46.10 17.67
CA GLN X 247 13.07 -46.84 17.85
C GLN X 247 12.84 -47.23 19.30
N ASP X 248 13.89 -47.33 20.10
CA ASP X 248 13.72 -47.66 21.52
C ASP X 248 12.95 -46.57 22.26
N LEU X 249 13.30 -45.30 22.01
CA LEU X 249 12.58 -44.21 22.66
C LEU X 249 11.14 -44.12 22.16
N MET X 250 10.95 -44.32 20.86
CA MET X 250 9.60 -44.32 20.30
C MET X 250 8.77 -45.47 20.86
N ALA X 251 9.41 -46.60 21.20
CA ALA X 251 8.69 -47.70 21.82
C ALA X 251 8.40 -47.41 23.28
N GLN X 252 9.31 -46.72 23.97
CA GLN X 252 9.03 -46.29 25.34
C GLN X 252 7.84 -45.37 25.38
N LEU X 253 7.71 -44.49 24.40
CA LEU X 253 6.58 -43.55 24.38
C LEU X 253 5.31 -44.23 23.88
N TYR X 254 5.32 -44.72 22.65
CA TYR X 254 4.21 -45.47 22.06
C TYR X 254 4.62 -46.93 21.91
N PRO X 255 4.09 -47.87 22.71
CA PRO X 255 4.62 -49.25 22.66
C PRO X 255 4.47 -49.94 21.32
N SER X 256 3.53 -49.52 20.47
CA SER X 256 3.35 -50.21 19.19
C SER X 256 4.54 -50.02 18.25
N PHE X 257 5.38 -49.02 18.48
CA PHE X 257 6.52 -48.80 17.59
C PHE X 257 7.55 -49.92 17.67
N LYS X 258 7.56 -50.70 18.74
CA LYS X 258 8.50 -51.81 18.84
C LYS X 258 8.18 -52.93 17.85
N LYS X 259 6.96 -52.97 17.32
CA LYS X 259 6.58 -54.01 16.36
C LYS X 259 7.07 -53.72 14.95
N GLY X 260 7.54 -52.51 14.66
CA GLY X 260 8.08 -52.22 13.36
C GLY X 260 7.01 -51.99 12.31
N LEU X 261 7.40 -52.19 11.05
CA LEU X 261 6.52 -52.02 9.90
C LEU X 261 5.87 -53.32 9.45
N LEU X 262 6.20 -54.45 10.07
CA LEU X 262 5.50 -55.70 9.74
C LEU X 262 4.00 -55.63 10.01
N PRO X 263 3.52 -55.04 11.11
CA PRO X 263 2.06 -54.90 11.26
C PRO X 263 1.43 -54.00 10.20
N PHE X 264 2.21 -53.19 9.49
CA PHE X 264 1.68 -52.46 8.34
C PHE X 264 1.66 -53.33 7.10
N PHE X 265 2.77 -54.01 6.81
CA PHE X 265 2.86 -54.77 5.56
C PHE X 265 1.92 -55.96 5.58
N THR X 266 1.94 -56.75 6.66
CA THR X 266 0.80 -57.57 6.97
C THR X 266 -0.33 -56.66 7.45
N LEU X 267 -1.57 -57.07 7.23
CA LEU X 267 -2.69 -56.18 7.51
C LEU X 267 -3.17 -56.28 8.96
N ASN X 268 -2.23 -56.27 9.90
CA ASN X 268 -2.52 -56.10 11.31
C ASN X 268 -2.40 -54.62 11.69
N TRP X 269 -3.19 -53.80 11.01
CA TRP X 269 -3.14 -52.36 11.24
C TRP X 269 -3.62 -51.97 12.63
N SER X 270 -4.37 -52.85 13.30
CA SER X 270 -4.86 -52.52 14.65
C SER X 270 -3.73 -52.39 15.66
N GLU X 271 -2.55 -52.96 15.37
CA GLU X 271 -1.44 -52.88 16.31
C GLU X 271 -0.97 -51.45 16.53
N TYR X 272 -1.19 -50.55 15.57
CA TYR X 272 -0.79 -49.16 15.69
C TYR X 272 -1.87 -48.29 16.35
N SER X 273 -2.78 -48.90 17.11
CA SER X 273 -3.91 -48.16 17.65
C SER X 273 -3.47 -47.07 18.61
N ASP X 274 -2.32 -47.22 19.27
CA ASP X 274 -1.91 -46.25 20.27
C ASP X 274 -1.63 -44.88 19.67
N PHE X 275 -0.82 -44.82 18.60
CA PHE X 275 -0.47 -43.55 17.97
C PHE X 275 -1.31 -43.25 16.73
N LEU X 276 -2.22 -44.14 16.33
CA LEU X 276 -3.19 -43.89 15.27
C LEU X 276 -4.56 -44.15 15.89
N THR X 277 -5.20 -43.10 16.38
CA THR X 277 -6.41 -43.19 17.17
C THR X 277 -7.59 -42.58 16.44
N PHE X 278 -8.77 -42.74 17.04
CA PHE X 278 -10.02 -42.15 16.58
C PHE X 278 -10.76 -41.54 17.74
N LYS X 279 -10.00 -40.92 18.67
CA LYS X 279 -10.58 -40.47 19.93
C LYS X 279 -11.62 -39.39 19.73
N GLY X 280 -11.34 -38.43 18.86
CA GLY X 280 -12.23 -37.29 18.70
C GLY X 280 -12.15 -36.36 19.88
N GLY X 281 -13.02 -35.35 19.87
CA GLY X 281 -13.01 -34.39 20.95
C GLY X 281 -11.73 -33.56 20.94
N LEU X 282 -11.40 -33.04 22.12
CA LEU X 282 -10.23 -32.21 22.33
C LEU X 282 -9.36 -32.79 23.44
N ASN X 283 -8.05 -32.65 23.28
CA ASN X 283 -7.13 -33.07 24.32
C ASN X 283 -7.36 -32.22 25.56
N PRO X 284 -7.60 -32.82 26.74
CA PRO X 284 -7.84 -31.97 27.93
C PRO X 284 -6.68 -31.06 28.29
N ILE X 285 -5.44 -31.48 28.04
CA ILE X 285 -4.29 -30.68 28.44
C ILE X 285 -4.21 -29.41 27.61
N THR X 286 -4.06 -29.56 26.30
CA THR X 286 -3.90 -28.43 25.40
C THR X 286 -5.21 -27.82 24.94
N GLY X 287 -6.33 -28.50 25.15
CA GLY X 287 -7.60 -28.00 24.65
C GLY X 287 -7.65 -27.89 23.14
N SER X 288 -7.11 -28.89 22.45
CA SER X 288 -7.07 -28.90 21.00
C SER X 288 -7.24 -30.34 20.52
N LEU X 289 -7.28 -30.51 19.20
CA LEU X 289 -7.46 -31.83 18.63
C LEU X 289 -6.27 -32.73 18.96
N TRP X 290 -6.54 -34.03 19.09
CA TRP X 290 -5.48 -34.99 19.32
C TRP X 290 -4.57 -35.07 18.11
N LEU X 291 -3.26 -35.00 18.34
CA LEU X 291 -2.33 -35.08 17.21
C LEU X 291 -2.25 -36.50 16.65
N SER X 292 -2.53 -37.51 17.46
CA SER X 292 -2.67 -38.87 16.92
C SER X 292 -3.85 -38.95 15.96
N ASP X 293 -4.97 -38.32 16.33
CA ASP X 293 -6.10 -38.24 15.41
C ASP X 293 -5.73 -37.49 14.15
N THR X 294 -4.98 -36.40 14.27
CA THR X 294 -4.56 -35.65 13.09
C THR X 294 -3.67 -36.49 12.19
N ALA X 295 -2.75 -37.26 12.78
CA ALA X 295 -1.87 -38.12 11.98
C ALA X 295 -2.68 -39.19 11.24
N HIS X 296 -3.61 -39.84 11.95
CA HIS X 296 -4.47 -40.82 11.30
C HIS X 296 -5.29 -40.18 10.18
N HIS X 297 -5.78 -38.97 10.44
CA HIS X 297 -6.55 -38.23 9.45
C HIS X 297 -5.75 -38.00 8.18
N HIS X 298 -4.53 -37.48 8.34
CA HIS X 298 -3.72 -37.16 7.17
C HIS X 298 -3.30 -38.43 6.44
N LEU X 299 -3.03 -39.51 7.17
CA LEU X 299 -2.67 -40.76 6.50
C LEU X 299 -3.84 -41.30 5.68
N ALA X 300 -5.05 -41.27 6.25
CA ALA X 300 -6.22 -41.72 5.52
C ALA X 300 -6.47 -40.85 4.30
N LEU X 301 -6.26 -39.54 4.43
CA LEU X 301 -6.41 -38.66 3.27
C LEU X 301 -5.36 -38.93 2.21
N ALA X 302 -4.12 -39.24 2.63
CA ALA X 302 -3.09 -39.57 1.66
C ALA X 302 -3.50 -40.79 0.86
N VAL X 303 -4.03 -41.81 1.54
CA VAL X 303 -4.51 -42.99 0.83
C VAL X 303 -5.65 -42.62 -0.11
N LEU X 304 -6.58 -41.79 0.36
CA LEU X 304 -7.71 -41.40 -0.47
C LEU X 304 -7.27 -40.65 -1.72
N PHE X 305 -6.33 -39.73 -1.58
CA PHE X 305 -5.92 -38.92 -2.72
C PHE X 305 -5.05 -39.71 -3.69
N ILE X 306 -4.19 -40.59 -3.18
CA ILE X 306 -3.41 -41.43 -4.09
C ILE X 306 -4.33 -42.37 -4.85
N PHE X 307 -5.38 -42.87 -4.19
CA PHE X 307 -6.37 -43.67 -4.89
C PHE X 307 -7.12 -42.84 -5.92
N ALA X 308 -7.46 -41.59 -5.58
CA ALA X 308 -8.22 -40.74 -6.48
C ALA X 308 -7.43 -40.39 -7.73
N GLY X 309 -6.13 -40.19 -7.59
CA GLY X 309 -5.32 -39.68 -8.67
C GLY X 309 -5.00 -40.64 -9.79
N HIS X 310 -5.50 -41.88 -9.73
CA HIS X 310 -5.31 -42.87 -10.79
C HIS X 310 -6.55 -43.00 -11.66
N MET X 311 -7.39 -41.98 -11.71
CA MET X 311 -8.66 -42.08 -12.41
C MET X 311 -8.53 -41.74 -13.90
N TYR X 312 -7.76 -40.72 -14.23
CA TYR X 312 -7.78 -40.12 -15.56
C TYR X 312 -6.70 -40.72 -16.45
N ARG X 313 -6.98 -40.71 -17.75
CA ARG X 313 -6.15 -41.42 -18.72
C ARG X 313 -4.85 -40.68 -18.98
N THR X 314 -3.83 -41.46 -19.32
CA THR X 314 -2.49 -40.98 -19.61
C THR X 314 -1.90 -41.91 -20.68
N ASN X 315 -0.58 -41.92 -20.84
CA ASN X 315 0.08 -42.69 -21.89
C ASN X 315 -0.32 -44.16 -21.94
N TRP X 316 -0.81 -44.74 -20.86
CA TRP X 316 -1.24 -46.13 -20.81
C TRP X 316 -2.75 -46.22 -20.97
N GLY X 317 -3.22 -47.41 -21.31
CA GLY X 317 -4.60 -47.61 -21.70
C GLY X 317 -5.62 -47.31 -20.60
N ILE X 318 -5.36 -47.78 -19.39
CA ILE X 318 -6.23 -47.58 -18.25
C ILE X 318 -6.49 -46.11 -18.02
N GLY X 319 -7.70 -45.78 -17.57
CA GLY X 319 -8.04 -44.42 -17.17
C GLY X 319 -9.33 -43.90 -17.76
N HIS X 320 -9.85 -42.84 -17.15
CA HIS X 320 -11.04 -42.15 -17.62
C HIS X 320 -10.65 -41.00 -18.54
N SER X 321 -11.65 -40.47 -19.24
CA SER X 321 -11.51 -39.24 -20.01
C SER X 321 -12.65 -38.31 -19.64
N MET X 322 -12.29 -37.09 -19.25
CA MET X 322 -13.30 -36.14 -18.80
C MET X 322 -14.25 -35.75 -19.94
N LYS X 323 -13.76 -35.78 -21.18
CA LYS X 323 -14.61 -35.47 -22.32
C LYS X 323 -15.77 -36.46 -22.41
N GLU X 324 -15.47 -37.75 -22.40
CA GLU X 324 -16.54 -38.75 -22.45
C GLU X 324 -17.39 -38.75 -21.19
N ILE X 325 -16.78 -38.52 -20.02
CA ILE X 325 -17.56 -38.47 -18.79
C ILE X 325 -18.60 -37.35 -18.87
N LEU X 326 -18.20 -36.18 -19.36
CA LEU X 326 -19.15 -35.08 -19.49
C LEU X 326 -20.19 -35.38 -20.56
N GLU X 327 -19.74 -35.84 -21.72
CA GLU X 327 -20.67 -36.06 -22.83
C GLU X 327 -21.68 -37.15 -22.53
N ALA X 328 -21.40 -38.06 -21.60
CA ALA X 328 -22.35 -39.09 -21.25
C ALA X 328 -23.46 -38.61 -20.32
N HIS X 329 -23.32 -37.42 -19.72
CA HIS X 329 -24.28 -36.90 -18.74
C HIS X 329 -25.18 -35.89 -19.43
N LYS X 330 -26.34 -36.37 -19.89
CA LYS X 330 -27.32 -35.52 -20.54
C LYS X 330 -28.71 -36.10 -20.28
N GLY X 331 -29.68 -35.22 -20.04
CA GLY X 331 -31.01 -35.63 -19.67
C GLY X 331 -32.09 -35.00 -20.52
N PRO X 332 -33.35 -35.42 -20.33
CA PRO X 332 -34.43 -34.86 -21.15
C PRO X 332 -34.61 -33.36 -21.00
N LEU X 333 -34.42 -32.83 -19.79
CA LEU X 333 -34.62 -31.41 -19.53
C LEU X 333 -33.36 -30.59 -19.73
N THR X 334 -32.31 -31.16 -20.34
CA THR X 334 -31.05 -30.47 -20.55
C THR X 334 -30.51 -30.58 -21.96
N GLY X 335 -31.21 -31.26 -22.87
CA GLY X 335 -30.74 -31.37 -24.23
C GLY X 335 -29.44 -32.12 -24.36
N GLU X 336 -28.42 -31.45 -24.91
CA GLU X 336 -27.12 -32.08 -25.11
C GLU X 336 -26.33 -32.23 -23.83
N GLY X 337 -26.79 -31.65 -22.72
CA GLY X 337 -26.09 -31.85 -21.46
C GLY X 337 -24.75 -31.14 -21.43
N HIS X 338 -23.75 -31.81 -20.88
CA HIS X 338 -22.44 -31.22 -20.65
C HIS X 338 -21.53 -31.27 -21.87
N LYS X 339 -22.07 -31.43 -23.07
CA LYS X 339 -21.25 -31.41 -24.26
C LYS X 339 -20.63 -30.03 -24.46
N GLY X 340 -19.33 -30.01 -24.78
CA GLY X 340 -18.62 -28.79 -25.04
C GLY X 340 -17.93 -28.17 -23.85
N LEU X 341 -18.29 -28.57 -22.63
CA LEU X 341 -17.67 -27.99 -21.45
C LEU X 341 -16.21 -28.39 -21.33
N TYR X 342 -15.85 -29.59 -21.78
CA TYR X 342 -14.45 -29.98 -21.79
C TYR X 342 -13.64 -29.07 -22.69
N GLU X 343 -14.15 -28.77 -23.89
CA GLU X 343 -13.47 -27.85 -24.78
C GLU X 343 -13.40 -26.45 -24.18
N ILE X 344 -14.48 -26.01 -23.54
CA ILE X 344 -14.51 -24.68 -22.93
C ILE X 344 -13.43 -24.57 -21.85
N LEU X 345 -13.35 -25.58 -20.98
CA LEU X 345 -12.43 -25.53 -19.86
C LEU X 345 -11.00 -25.88 -20.26
N THR X 346 -10.79 -26.47 -21.44
CA THR X 346 -9.45 -26.68 -21.95
C THR X 346 -8.94 -25.48 -22.74
N THR X 347 -9.83 -24.70 -23.34
CA THR X 347 -9.41 -23.55 -24.15
C THR X 347 -9.36 -22.25 -23.37
N SER X 348 -10.27 -22.05 -22.42
CA SER X 348 -10.39 -20.79 -21.70
C SER X 348 -9.77 -20.91 -20.31
N TRP X 349 -8.85 -19.99 -20.00
CA TRP X 349 -8.32 -19.90 -18.65
C TRP X 349 -9.29 -19.24 -17.68
N HIS X 350 -10.16 -18.36 -18.18
CA HIS X 350 -11.05 -17.62 -17.30
C HIS X 350 -12.10 -18.51 -16.67
N ALA X 351 -12.60 -19.50 -17.41
CA ALA X 351 -13.56 -20.44 -16.83
C ALA X 351 -12.92 -21.25 -15.70
N GLN X 352 -11.70 -21.72 -15.92
CA GLN X 352 -10.97 -22.43 -14.88
C GLN X 352 -10.74 -21.54 -13.67
N LEU X 353 -10.35 -20.28 -13.92
CA LEU X 353 -10.13 -19.34 -12.82
C LEU X 353 -11.42 -19.14 -12.04
N ALA X 354 -12.55 -19.04 -12.73
CA ALA X 354 -13.83 -18.85 -12.05
C ALA X 354 -14.15 -20.03 -11.13
N ILE X 355 -14.07 -21.25 -11.67
CA ILE X 355 -14.42 -22.42 -10.86
C ILE X 355 -13.47 -22.54 -9.68
N ASN X 356 -12.17 -22.36 -9.93
CA ASN X 356 -11.17 -22.54 -8.88
C ASN X 356 -11.29 -21.47 -7.82
N LEU X 357 -11.59 -20.22 -8.21
CA LEU X 357 -11.78 -19.17 -7.21
C LEU X 357 -13.02 -19.41 -6.37
N ALA X 358 -14.10 -19.88 -6.99
CA ALA X 358 -15.30 -20.17 -6.21
C ALA X 358 -15.02 -21.24 -5.18
N MET X 359 -14.36 -22.32 -5.60
CA MET X 359 -14.06 -23.39 -4.66
C MET X 359 -13.07 -22.95 -3.60
N MET X 360 -12.07 -22.15 -3.98
CA MET X 360 -11.09 -21.67 -3.00
C MET X 360 -11.76 -20.81 -1.94
N GLY X 361 -12.65 -19.91 -2.35
CA GLY X 361 -13.31 -19.07 -1.39
C GLY X 361 -14.25 -19.83 -0.47
N SER X 362 -15.05 -20.73 -1.04
CA SER X 362 -15.93 -21.54 -0.21
C SER X 362 -15.13 -22.41 0.75
N LEU X 363 -13.97 -22.88 0.30
CA LEU X 363 -13.11 -23.70 1.15
C LEU X 363 -12.50 -22.89 2.27
N SER X 364 -12.15 -21.63 1.99
CA SER X 364 -11.66 -20.75 3.05
C SER X 364 -12.73 -20.52 4.11
N ILE X 365 -13.98 -20.32 3.66
CA ILE X 365 -15.07 -20.16 4.62
C ILE X 365 -15.27 -21.42 5.45
N ILE X 366 -15.17 -22.59 4.80
CA ILE X 366 -15.29 -23.85 5.54
C ILE X 366 -14.16 -23.99 6.55
N VAL X 367 -12.96 -23.56 6.17
CA VAL X 367 -11.82 -23.59 7.09
C VAL X 367 -12.11 -22.72 8.30
N ALA X 368 -12.66 -21.53 8.07
CA ALA X 368 -13.02 -20.65 9.18
C ALA X 368 -14.04 -21.31 10.10
N HIS X 369 -15.06 -21.94 9.52
CA HIS X 369 -16.11 -22.54 10.34
C HIS X 369 -15.60 -23.75 11.11
N HIS X 370 -14.62 -24.47 10.57
CA HIS X 370 -14.13 -25.68 11.23
C HIS X 370 -13.07 -25.39 12.29
N MET X 371 -12.20 -24.42 12.05
CA MET X 371 -11.08 -24.20 12.96
C MET X 371 -11.55 -23.69 14.32
N TYR X 372 -12.56 -22.82 14.35
CA TYR X 372 -13.05 -22.34 15.63
C TYR X 372 -13.74 -23.46 16.41
N ALA X 373 -14.48 -24.31 15.72
CA ALA X 373 -15.28 -25.34 16.39
C ALA X 373 -14.43 -26.49 16.87
N MET X 374 -13.35 -26.80 16.15
CA MET X 374 -12.43 -27.89 16.49
C MET X 374 -11.02 -27.31 16.50
N PRO X 375 -10.60 -26.69 17.61
CA PRO X 375 -9.27 -26.06 17.65
C PRO X 375 -8.18 -27.08 17.36
N PRO X 376 -7.43 -26.94 16.24
CA PRO X 376 -6.50 -28.00 15.87
C PRO X 376 -5.13 -27.90 16.52
N TYR X 377 -4.70 -26.66 16.87
CA TYR X 377 -3.37 -26.44 17.40
C TYR X 377 -3.41 -26.30 18.92
N PRO X 378 -2.35 -26.69 19.64
CA PRO X 378 -2.42 -26.65 21.11
C PRO X 378 -2.45 -25.21 21.63
N TYR X 379 -3.30 -25.00 22.64
CA TYR X 379 -3.41 -23.71 23.32
C TYR X 379 -3.85 -22.59 22.39
N ILE X 380 -4.62 -22.93 21.35
CA ILE X 380 -5.13 -21.95 20.41
C ILE X 380 -6.56 -21.58 20.80
N GLY X 381 -7.28 -22.52 21.41
CA GLY X 381 -8.62 -22.22 21.88
C GLY X 381 -8.63 -21.16 22.96
N VAL X 382 -7.75 -21.28 23.95
CA VAL X 382 -7.66 -20.27 25.00
C VAL X 382 -7.12 -18.96 24.45
N ASP X 383 -6.35 -18.99 23.37
CA ASP X 383 -5.84 -17.77 22.73
C ASP X 383 -6.98 -17.17 21.91
N TYR X 384 -7.85 -16.44 22.63
CA TYR X 384 -9.03 -15.87 21.98
C TYR X 384 -8.72 -14.92 20.83
N PRO X 385 -7.69 -14.05 20.89
CA PRO X 385 -7.38 -13.24 19.71
C PRO X 385 -7.09 -14.05 18.47
N THR X 386 -6.40 -15.18 18.61
CA THR X 386 -6.05 -15.99 17.45
C THR X 386 -7.30 -16.56 16.78
N GLN X 387 -8.24 -17.09 17.58
CA GLN X 387 -9.44 -17.71 17.01
C GLN X 387 -10.25 -16.69 16.24
N LEU X 388 -10.54 -15.55 16.86
CA LEU X 388 -11.32 -14.50 16.20
C LEU X 388 -10.61 -14.01 14.94
N SER X 389 -9.30 -13.78 15.04
CA SER X 389 -8.55 -13.26 13.91
C SER X 389 -8.58 -14.23 12.73
N LEU X 390 -8.31 -15.51 13.00
CA LEU X 390 -8.26 -16.49 11.92
C LEU X 390 -9.64 -16.67 11.27
N PHE X 391 -10.69 -16.78 12.11
CA PHE X 391 -12.04 -16.92 11.57
C PHE X 391 -12.39 -15.75 10.66
N THR X 392 -12.22 -14.53 11.17
CA THR X 392 -12.61 -13.35 10.41
C THR X 392 -11.77 -13.21 9.13
N HIS X 393 -10.46 -13.44 9.24
CA HIS X 393 -9.59 -13.36 8.08
C HIS X 393 -10.05 -14.30 6.98
N HIS X 394 -10.27 -15.56 7.33
CA HIS X 394 -10.60 -16.54 6.30
C HIS X 394 -11.98 -16.30 5.73
N MET X 395 -12.91 -15.78 6.53
CA MET X 395 -14.22 -15.42 5.98
C MET X 395 -14.08 -14.30 4.94
N TRP X 396 -13.28 -13.28 5.23
CA TRP X 396 -13.09 -12.20 4.28
C TRP X 396 -12.43 -12.69 3.00
N ILE X 397 -11.39 -13.52 3.12
CA ILE X 397 -10.71 -14.06 1.96
C ILE X 397 -11.69 -14.88 1.13
N GLY X 398 -12.57 -15.63 1.79
CA GLY X 398 -13.53 -16.43 1.06
C GLY X 398 -14.51 -15.59 0.26
N GLY X 399 -15.04 -14.54 0.87
CA GLY X 399 -15.94 -13.67 0.14
C GLY X 399 -15.28 -13.03 -1.06
N PHE X 400 -14.04 -12.54 -0.88
CA PHE X 400 -13.32 -11.94 -1.98
C PHE X 400 -13.11 -12.93 -3.12
N CYS X 401 -12.74 -14.16 -2.78
CA CYS X 401 -12.50 -15.17 -3.81
C CYS X 401 -13.79 -15.52 -4.55
N ILE X 402 -14.92 -15.57 -3.84
CA ILE X 402 -16.18 -15.88 -4.51
C ILE X 402 -16.53 -14.78 -5.51
N CYS X 403 -16.35 -13.52 -5.13
CA CYS X 403 -16.63 -12.46 -6.10
C CYS X 403 -15.66 -12.46 -7.26
N GLY X 404 -14.40 -12.83 -7.02
CA GLY X 404 -13.50 -13.03 -8.14
C GLY X 404 -13.98 -14.12 -9.08
N ALA X 405 -14.55 -15.19 -8.52
CA ALA X 405 -15.11 -16.25 -9.33
C ALA X 405 -16.21 -15.73 -10.22
N ALA X 406 -17.11 -14.93 -9.66
CA ALA X 406 -18.18 -14.34 -10.46
C ALA X 406 -17.61 -13.44 -11.55
N ALA X 407 -16.61 -12.62 -11.20
CA ALA X 407 -16.05 -11.68 -12.17
C ALA X 407 -15.42 -12.41 -13.35
N HIS X 408 -14.67 -13.48 -13.08
CA HIS X 408 -14.00 -14.17 -14.16
C HIS X 408 -14.96 -15.06 -14.95
N GLY X 409 -16.04 -15.53 -14.32
CA GLY X 409 -17.11 -16.13 -15.10
C GLY X 409 -17.71 -15.15 -16.10
N ALA X 410 -17.94 -13.91 -15.64
CA ALA X 410 -18.45 -12.88 -16.54
C ALA X 410 -17.44 -12.59 -17.66
N ILE X 411 -16.15 -12.55 -17.32
CA ILE X 411 -15.13 -12.29 -18.34
C ILE X 411 -15.14 -13.40 -19.39
N PHE X 412 -15.26 -14.65 -18.95
CA PHE X 412 -15.37 -15.76 -19.89
C PHE X 412 -16.58 -15.58 -20.78
N MET X 413 -17.72 -15.22 -20.19
CA MET X 413 -18.94 -15.03 -20.99
C MET X 413 -18.75 -13.96 -22.04
N VAL X 414 -18.09 -12.86 -21.67
CA VAL X 414 -17.90 -11.76 -22.62
C VAL X 414 -16.95 -12.18 -23.74
N ARG X 415 -15.81 -12.78 -23.39
CA ARG X 415 -14.72 -12.97 -24.34
C ARG X 415 -14.72 -14.35 -24.99
N ASP X 416 -14.63 -15.41 -24.19
CA ASP X 416 -14.38 -16.75 -24.71
C ASP X 416 -15.64 -17.54 -25.03
N TYR X 417 -16.82 -16.99 -24.76
CA TYR X 417 -18.06 -17.69 -25.11
C TYR X 417 -18.26 -17.70 -26.62
N SER X 418 -18.82 -18.80 -27.13
CA SER X 418 -19.17 -18.87 -28.54
C SER X 418 -20.27 -19.89 -28.77
N PRO X 419 -21.37 -19.54 -29.45
CA PRO X 419 -22.46 -20.52 -29.63
C PRO X 419 -22.08 -21.72 -30.47
N VAL X 420 -21.09 -21.65 -31.29
CA VAL X 420 -20.80 -22.76 -32.10
C VAL X 420 -20.46 -23.92 -31.23
N GLN X 421 -19.75 -23.70 -30.15
CA GLN X 421 -19.33 -24.82 -29.33
C GLN X 421 -20.39 -25.14 -28.32
N SER X 422 -21.22 -24.18 -28.02
CA SER X 422 -22.24 -24.38 -27.04
C SER X 422 -23.58 -24.19 -27.62
N TYR X 423 -23.94 -25.00 -28.56
CA TYR X 423 -25.25 -24.94 -29.10
C TYR X 423 -26.04 -25.90 -28.38
N ASN X 424 -26.91 -25.42 -27.54
CA ASN X 424 -27.89 -26.32 -26.92
C ASN X 424 -27.32 -27.12 -25.76
N ASN X 425 -26.18 -26.71 -25.21
CA ASN X 425 -25.63 -27.34 -24.01
C ASN X 425 -26.19 -26.62 -22.79
N LEU X 426 -25.65 -26.92 -21.60
CA LEU X 426 -26.18 -26.35 -20.38
C LEU X 426 -25.99 -24.84 -20.33
N LEU X 427 -24.87 -24.34 -20.84
CA LEU X 427 -24.64 -22.90 -20.85
C LEU X 427 -25.69 -22.19 -21.71
N ASP X 428 -25.95 -22.73 -22.91
CA ASP X 428 -26.96 -22.14 -23.78
C ASP X 428 -28.34 -22.21 -23.13
N ARG X 429 -28.68 -23.35 -22.52
CA ARG X 429 -29.99 -23.50 -21.91
C ARG X 429 -30.16 -22.57 -20.71
N VAL X 430 -29.07 -22.30 -19.98
CA VAL X 430 -29.12 -21.36 -18.86
C VAL X 430 -29.31 -19.94 -19.37
N LEU X 431 -28.60 -19.57 -20.43
CA LEU X 431 -28.79 -18.24 -20.99
C LEU X 431 -30.20 -18.06 -21.52
N ARG X 432 -30.83 -19.13 -22.00
CA ARG X 432 -32.15 -19.01 -22.61
C ARG X 432 -33.29 -18.84 -21.62
N HIS X 433 -33.03 -18.96 -20.30
CA HIS X 433 -34.04 -18.62 -19.30
C HIS X 433 -33.44 -17.90 -18.09
N ARG X 434 -32.30 -17.22 -18.28
CA ARG X 434 -31.79 -16.26 -17.32
C ARG X 434 -32.84 -15.33 -16.74
N ASP X 435 -33.84 -14.93 -17.54
CA ASP X 435 -34.89 -14.06 -17.02
C ASP X 435 -35.67 -14.75 -15.91
N ALA X 436 -36.07 -16.00 -16.13
CA ALA X 436 -36.77 -16.74 -15.09
C ALA X 436 -35.89 -16.95 -13.87
N ILE X 437 -34.62 -17.29 -14.10
CA ILE X 437 -33.70 -17.52 -12.99
C ILE X 437 -33.61 -16.27 -12.11
N ILE X 438 -33.36 -15.12 -12.74
CA ILE X 438 -33.12 -13.90 -12.00
C ILE X 438 -34.40 -13.41 -11.34
N SER X 439 -35.54 -13.55 -12.01
CA SER X 439 -36.80 -13.12 -11.40
C SER X 439 -37.12 -13.96 -10.17
N HIS X 440 -36.93 -15.27 -10.24
CA HIS X 440 -37.22 -16.11 -9.08
C HIS X 440 -36.25 -15.81 -7.93
N LEU X 441 -34.96 -15.60 -8.25
CA LEU X 441 -34.04 -15.23 -7.18
C LEU X 441 -34.37 -13.87 -6.60
N ASN X 442 -34.89 -12.96 -7.43
CA ASN X 442 -35.33 -11.66 -6.95
C ASN X 442 -36.46 -11.81 -5.95
N TRP X 443 -37.44 -12.65 -6.27
CA TRP X 443 -38.53 -12.90 -5.33
C TRP X 443 -38.01 -13.52 -4.05
N VAL X 444 -37.08 -14.47 -4.16
CA VAL X 444 -36.50 -15.09 -2.97
C VAL X 444 -35.84 -14.04 -2.10
N CYS X 445 -35.07 -13.15 -2.73
CA CYS X 445 -34.38 -12.11 -1.97
C CYS X 445 -35.37 -11.19 -1.27
N ILE X 446 -36.42 -10.76 -1.95
CA ILE X 446 -37.38 -9.85 -1.33
C ILE X 446 -38.07 -10.55 -0.17
N PHE X 447 -38.54 -11.77 -0.39
CA PHE X 447 -39.25 -12.51 0.67
C PHE X 447 -38.35 -12.71 1.88
N LEU X 448 -37.13 -13.20 1.65
CA LEU X 448 -36.22 -13.53 2.73
C LEU X 448 -35.82 -12.28 3.50
N GLY X 449 -35.44 -11.22 2.79
CA GLY X 449 -35.06 -9.99 3.47
C GLY X 449 -36.20 -9.36 4.22
N THR X 450 -37.39 -9.31 3.61
CA THR X 450 -38.56 -8.76 4.28
C THR X 450 -38.80 -9.48 5.59
N HIS X 451 -38.89 -10.81 5.55
CA HIS X 451 -39.22 -11.53 6.77
C HIS X 451 -38.11 -11.43 7.81
N SER X 452 -36.86 -11.67 7.39
CA SER X 452 -35.76 -11.72 8.35
C SER X 452 -35.53 -10.37 9.01
N PHE X 453 -35.47 -9.29 8.23
CA PHE X 453 -35.24 -7.98 8.82
C PHE X 453 -36.51 -7.42 9.46
N GLY X 454 -37.69 -7.85 9.01
CA GLY X 454 -38.90 -7.41 9.64
C GLY X 454 -39.11 -8.01 11.00
N PHE X 455 -38.54 -9.19 11.25
CA PHE X 455 -38.49 -9.68 12.62
C PHE X 455 -37.77 -8.68 13.52
N TYR X 456 -36.60 -8.22 13.09
CA TYR X 456 -35.84 -7.26 13.90
C TYR X 456 -36.58 -5.95 14.06
N ILE X 457 -37.18 -5.45 12.98
CA ILE X 457 -37.87 -4.17 13.05
C ILE X 457 -39.13 -4.29 13.90
N HIS X 458 -39.84 -5.40 13.79
CA HIS X 458 -41.00 -5.64 14.66
C HIS X 458 -40.58 -5.69 16.11
N ASN X 459 -39.47 -6.36 16.42
CA ASN X 459 -39.00 -6.42 17.79
C ASN X 459 -38.62 -5.05 18.31
N ASP X 460 -37.93 -4.24 17.49
CA ASP X 460 -37.58 -2.89 17.89
C ASP X 460 -38.82 -2.05 18.16
N THR X 461 -39.82 -2.15 17.27
CA THR X 461 -41.04 -1.37 17.43
C THR X 461 -41.78 -1.77 18.70
N MET X 462 -41.88 -3.08 18.97
CA MET X 462 -42.58 -3.54 20.16
C MET X 462 -41.83 -3.12 21.43
N ARG X 463 -40.51 -3.22 21.43
CA ARG X 463 -39.74 -2.79 22.60
C ARG X 463 -39.91 -1.30 22.83
N ALA X 464 -39.85 -0.50 21.78
CA ALA X 464 -40.02 0.95 21.93
C ALA X 464 -41.43 1.29 22.38
N LEU X 465 -42.43 0.52 21.96
CA LEU X 465 -43.80 0.71 22.41
C LEU X 465 -44.09 0.07 23.76
N GLY X 466 -43.11 -0.61 24.36
CA GLY X 466 -43.34 -1.21 25.66
C GLY X 466 -44.29 -2.38 25.58
N ARG X 467 -44.06 -3.26 24.61
CA ARG X 467 -44.83 -4.49 24.44
C ARG X 467 -43.88 -5.66 24.24
N PRO X 468 -43.11 -6.04 25.27
CA PRO X 468 -42.22 -7.19 25.12
C PRO X 468 -42.96 -8.50 24.87
N GLN X 469 -44.23 -8.60 25.29
CA GLN X 469 -45.00 -9.82 25.07
C GLN X 469 -45.32 -10.05 23.60
N ASP X 470 -45.17 -9.05 22.74
CA ASP X 470 -45.47 -9.14 21.32
C ASP X 470 -44.23 -9.33 20.47
N MET X 471 -43.08 -9.61 21.09
CA MET X 471 -41.82 -9.70 20.37
C MET X 471 -41.63 -11.09 19.78
N PHE X 472 -40.70 -11.18 18.82
CA PHE X 472 -40.18 -12.45 18.33
C PHE X 472 -38.98 -12.89 19.18
N SER X 473 -39.23 -13.08 20.47
CA SER X 473 -38.21 -13.42 21.44
C SER X 473 -38.34 -14.90 21.82
N ASP X 474 -37.43 -15.35 22.69
CA ASP X 474 -37.46 -16.72 23.18
C ASP X 474 -38.59 -16.98 24.17
N LYS X 475 -39.31 -15.94 24.60
CA LYS X 475 -40.36 -16.07 25.60
C LYS X 475 -41.65 -15.35 25.24
N ALA X 476 -41.73 -14.72 24.07
CA ALA X 476 -42.96 -14.06 23.61
C ALA X 476 -43.55 -14.74 22.38
N ILE X 477 -42.81 -14.80 21.29
CA ILE X 477 -43.18 -15.58 20.11
C ILE X 477 -41.92 -16.29 19.63
N GLN X 478 -41.77 -17.56 20.01
CA GLN X 478 -40.53 -18.27 19.76
C GLN X 478 -40.43 -18.67 18.29
N LEU X 479 -39.26 -18.43 17.69
CA LEU X 479 -38.88 -18.97 16.39
C LEU X 479 -37.70 -19.89 16.64
N GLN X 480 -37.99 -21.12 17.03
CA GLN X 480 -36.90 -22.02 17.42
C GLN X 480 -36.31 -22.70 16.19
N PRO X 481 -34.98 -22.90 16.14
CA PRO X 481 -34.42 -23.71 15.05
C PRO X 481 -34.48 -25.21 15.35
N ILE X 482 -35.64 -25.79 15.06
CA ILE X 482 -35.88 -27.19 15.41
C ILE X 482 -34.92 -28.11 14.65
N PHE X 483 -34.66 -27.80 13.38
CA PHE X 483 -33.79 -28.65 12.58
C PHE X 483 -32.34 -28.56 13.03
N ALA X 484 -31.87 -27.35 13.35
CA ALA X 484 -30.52 -27.20 13.86
C ALA X 484 -30.36 -27.92 15.20
N LYS X 485 -31.36 -27.81 16.07
CA LYS X 485 -31.30 -28.52 17.34
C LYS X 485 -31.31 -30.03 17.14
N TRP X 486 -32.10 -30.51 16.19
CA TRP X 486 -32.14 -31.93 15.89
C TRP X 486 -30.79 -32.43 15.39
N VAL X 487 -30.16 -31.67 14.50
CA VAL X 487 -28.85 -32.05 13.97
C VAL X 487 -27.81 -32.04 15.09
N GLN X 488 -27.89 -31.06 15.99
CA GLN X 488 -26.98 -31.02 17.12
C GLN X 488 -27.17 -32.24 18.02
N SER X 489 -28.42 -32.63 18.26
CA SER X 489 -28.68 -33.80 19.08
C SER X 489 -28.12 -35.06 18.43
N LEU X 490 -28.29 -35.19 17.12
CA LEU X 490 -27.75 -36.35 16.41
C LEU X 490 -26.24 -36.38 16.50
N HIS X 491 -25.58 -35.22 16.35
CA HIS X 491 -24.12 -35.21 16.42
C HIS X 491 -23.63 -35.48 17.84
N THR X 492 -24.41 -35.12 18.85
CA THR X 492 -24.01 -35.43 20.22
C THR X 492 -24.17 -36.91 20.52
N LEU X 493 -25.22 -37.54 19.99
CA LEU X 493 -25.42 -38.97 20.18
C LEU X 493 -24.60 -39.83 19.21
N ALA X 494 -23.95 -39.22 18.22
CA ALA X 494 -23.18 -39.99 17.24
C ALA X 494 -22.10 -40.90 17.83
N PRO X 495 -21.28 -40.48 18.80
CA PRO X 495 -20.15 -41.33 19.22
C PRO X 495 -20.54 -42.69 19.76
N GLY X 496 -21.77 -42.86 20.24
CA GLY X 496 -22.23 -44.15 20.72
C GLY X 496 -22.91 -44.97 19.65
N SER X 497 -23.80 -44.35 18.88
CA SER X 497 -24.69 -45.09 17.98
C SER X 497 -24.13 -45.19 16.57
N THR X 498 -23.93 -44.06 15.90
CA THR X 498 -23.60 -44.03 14.48
C THR X 498 -22.11 -43.91 14.21
N ALA X 499 -21.29 -43.66 15.23
CA ALA X 499 -19.83 -43.66 15.10
C ALA X 499 -19.26 -44.44 16.28
N PRO X 500 -19.46 -45.76 16.33
CA PRO X 500 -19.11 -46.52 17.54
C PRO X 500 -17.63 -46.45 17.90
N ASN X 501 -16.74 -46.44 16.90
CA ASN X 501 -15.31 -46.41 17.19
C ASN X 501 -14.82 -45.03 17.62
N ALA X 502 -15.62 -43.98 17.46
CA ALA X 502 -15.27 -42.66 17.96
C ALA X 502 -15.68 -42.56 19.43
N LEU X 503 -14.75 -42.10 20.27
CA LEU X 503 -15.01 -42.05 21.70
C LEU X 503 -15.76 -40.79 22.10
N ALA X 504 -15.49 -39.65 21.44
CA ALA X 504 -16.10 -38.37 21.76
C ALA X 504 -16.67 -37.75 20.50
N THR X 505 -17.39 -36.66 20.68
CA THR X 505 -17.98 -35.96 19.55
C THR X 505 -16.90 -35.34 18.67
N SER X 506 -17.26 -35.08 17.41
CA SER X 506 -16.33 -34.39 16.52
C SER X 506 -16.04 -32.99 17.03
N SER X 507 -17.07 -32.28 17.51
CA SER X 507 -16.91 -30.96 18.10
C SER X 507 -17.78 -30.87 19.34
N TYR X 508 -17.30 -30.12 20.32
CA TYR X 508 -18.07 -29.87 21.54
C TYR X 508 -19.08 -28.76 21.37
N ALA X 509 -19.11 -28.08 20.21
CA ALA X 509 -20.12 -27.07 19.97
C ALA X 509 -21.52 -27.69 19.95
N PHE X 510 -21.64 -28.90 19.40
CA PHE X 510 -22.94 -29.56 19.37
C PHE X 510 -23.43 -29.90 20.77
N GLY X 511 -22.54 -30.36 21.62
CA GLY X 511 -22.90 -30.67 22.99
C GLY X 511 -21.76 -31.38 23.70
N GLY X 512 -22.07 -31.85 24.91
CA GLY X 512 -21.10 -32.57 25.71
C GLY X 512 -20.50 -31.72 26.81
N ASP X 513 -19.27 -32.03 27.19
CA ASP X 513 -18.62 -31.36 28.31
C ASP X 513 -18.11 -29.98 27.88
N VAL X 514 -17.68 -29.20 28.87
CA VAL X 514 -17.12 -27.88 28.66
C VAL X 514 -15.61 -28.01 28.80
N VAL X 515 -14.90 -28.07 27.66
CA VAL X 515 -13.45 -28.17 27.69
C VAL X 515 -12.86 -26.85 28.16
N ALA X 516 -11.97 -26.92 29.15
CA ALA X 516 -11.33 -25.74 29.70
C ALA X 516 -9.88 -26.06 30.04
N VAL X 517 -9.00 -25.12 29.74
CA VAL X 517 -7.58 -25.21 30.08
C VAL X 517 -7.28 -24.06 31.04
N ASN X 518 -6.76 -24.39 32.22
CA ASN X 518 -6.57 -23.43 33.31
C ASN X 518 -7.96 -22.85 33.61
N GLY X 519 -8.13 -21.53 33.63
CA GLY X 519 -9.44 -20.94 33.87
C GLY X 519 -10.25 -20.76 32.61
N LYS X 520 -9.59 -20.36 31.53
CA LYS X 520 -10.28 -20.03 30.30
C LYS X 520 -10.91 -21.26 29.68
N ILE X 521 -11.99 -21.04 28.92
CA ILE X 521 -12.75 -22.10 28.28
C ILE X 521 -12.27 -22.21 26.83
N ALA X 522 -11.83 -23.40 26.44
CA ALA X 522 -11.40 -23.62 25.06
C ALA X 522 -12.60 -23.81 24.13
N MET X 523 -13.53 -24.69 24.51
CA MET X 523 -14.73 -24.94 23.75
C MET X 523 -15.89 -25.23 24.70
N MET X 524 -17.10 -24.94 24.25
CA MET X 524 -18.31 -25.08 25.04
C MET X 524 -19.46 -25.29 24.08
N PRO X 525 -20.50 -26.05 24.45
CA PRO X 525 -21.66 -26.17 23.57
C PRO X 525 -22.29 -24.82 23.25
N ILE X 526 -22.66 -24.66 21.98
CA ILE X 526 -23.28 -23.43 21.48
C ILE X 526 -24.77 -23.75 21.32
N THR X 527 -25.60 -23.09 22.13
CA THR X 527 -27.03 -23.28 22.09
C THR X 527 -27.66 -22.32 21.10
N LEU X 528 -28.64 -22.81 20.35
CA LEU X 528 -29.32 -22.04 19.32
C LEU X 528 -30.75 -21.72 19.76
N GLY X 529 -31.19 -20.51 19.47
CA GLY X 529 -32.53 -20.07 19.81
C GLY X 529 -33.11 -19.11 18.81
N THR X 530 -34.00 -18.22 19.28
CA THR X 530 -34.67 -17.29 18.38
C THR X 530 -33.69 -16.34 17.72
N ALA X 531 -32.74 -15.81 18.49
CA ALA X 531 -31.77 -14.89 17.92
C ALA X 531 -30.92 -15.57 16.86
N ASP X 532 -30.53 -16.83 17.11
CA ASP X 532 -29.77 -17.57 16.11
C ASP X 532 -30.61 -17.82 14.85
N PHE X 533 -31.90 -18.13 15.03
CA PHE X 533 -32.79 -18.24 13.87
C PHE X 533 -32.80 -16.97 13.05
N MET X 534 -32.96 -15.82 13.72
CA MET X 534 -33.05 -14.55 13.01
C MET X 534 -31.75 -14.25 12.28
N VAL X 535 -30.62 -14.40 12.96
CA VAL X 535 -29.35 -14.02 12.35
C VAL X 535 -28.97 -14.99 11.23
N HIS X 536 -29.34 -16.27 11.35
CA HIS X 536 -29.09 -17.20 10.27
C HIS X 536 -29.91 -16.85 9.04
N HIS X 537 -31.17 -16.47 9.23
CA HIS X 537 -31.96 -16.08 8.07
C HIS X 537 -31.47 -14.77 7.47
N ILE X 538 -30.89 -13.89 8.31
CA ILE X 538 -30.23 -12.70 7.78
C ILE X 538 -29.03 -13.09 6.92
N HIS X 539 -28.26 -14.08 7.39
CA HIS X 539 -27.14 -14.59 6.59
C HIS X 539 -27.62 -15.12 5.25
N ALA X 540 -28.71 -15.89 5.28
CA ALA X 540 -29.26 -16.45 4.05
C ALA X 540 -29.69 -15.35 3.10
N PHE X 541 -30.37 -14.32 3.61
CA PHE X 541 -30.80 -13.21 2.78
C PHE X 541 -29.61 -12.49 2.15
N THR X 542 -28.56 -12.25 2.93
CA THR X 542 -27.40 -11.55 2.40
C THR X 542 -26.71 -12.37 1.32
N ILE X 543 -26.55 -13.66 1.55
CA ILE X 543 -25.94 -14.53 0.55
C ILE X 543 -26.78 -14.55 -0.71
N HIS X 544 -28.10 -14.60 -0.56
CA HIS X 544 -28.97 -14.67 -1.72
C HIS X 544 -28.92 -13.39 -2.55
N VAL X 545 -28.83 -12.22 -1.89
CA VAL X 545 -28.75 -10.99 -2.67
C VAL X 545 -27.40 -10.89 -3.37
N THR X 546 -26.33 -11.30 -2.69
CA THR X 546 -25.03 -11.30 -3.36
C THR X 546 -25.04 -12.22 -4.58
N VAL X 547 -25.65 -13.40 -4.43
CA VAL X 547 -25.76 -14.31 -5.57
C VAL X 547 -26.62 -13.70 -6.66
N LEU X 548 -27.68 -12.97 -6.29
CA LEU X 548 -28.52 -12.31 -7.29
C LEU X 548 -27.70 -11.34 -8.11
N ILE X 549 -26.94 -10.46 -7.46
CA ILE X 549 -26.17 -9.45 -8.18
C ILE X 549 -25.13 -10.13 -9.07
N LEU X 550 -24.37 -11.06 -8.51
CA LEU X 550 -23.29 -11.68 -9.27
C LEU X 550 -23.82 -12.53 -10.42
N LEU X 551 -24.88 -13.32 -10.16
CA LEU X 551 -25.44 -14.17 -11.19
C LEU X 551 -26.08 -13.35 -12.30
N LYS X 552 -26.74 -12.25 -11.95
CA LYS X 552 -27.27 -11.37 -12.98
C LYS X 552 -26.15 -10.78 -13.82
N GLY X 553 -25.06 -10.37 -13.18
CA GLY X 553 -23.93 -9.86 -13.94
C GLY X 553 -23.35 -10.88 -14.89
N VAL X 554 -23.26 -12.14 -14.44
CA VAL X 554 -22.71 -13.19 -15.31
C VAL X 554 -23.67 -13.51 -16.44
N LEU X 555 -24.96 -13.65 -16.14
CA LEU X 555 -25.92 -14.08 -17.16
C LEU X 555 -26.16 -13.00 -18.19
N PHE X 556 -26.31 -11.75 -17.76
CA PHE X 556 -26.55 -10.63 -18.66
C PHE X 556 -25.26 -10.00 -19.17
N ALA X 557 -24.14 -10.71 -19.10
CA ALA X 557 -22.89 -10.18 -19.63
C ALA X 557 -22.95 -10.07 -21.15
N ARG X 558 -23.52 -11.06 -21.83
CA ARG X 558 -23.59 -11.02 -23.28
C ARG X 558 -24.48 -9.88 -23.75
N SER X 559 -25.68 -9.79 -23.21
CA SER X 559 -26.68 -8.83 -23.69
C SER X 559 -27.81 -8.79 -22.67
N SER X 560 -28.83 -7.99 -22.99
CA SER X 560 -30.00 -7.85 -22.14
C SER X 560 -31.10 -7.22 -22.98
N ARG X 561 -32.30 -7.11 -22.39
CA ARG X 561 -33.39 -6.43 -23.07
C ARG X 561 -33.10 -4.95 -23.28
N LEU X 562 -32.22 -4.36 -22.48
CA LEU X 562 -31.87 -2.95 -22.60
C LEU X 562 -30.79 -2.71 -23.66
N ILE X 563 -29.79 -3.57 -23.72
CA ILE X 563 -28.68 -3.45 -24.67
C ILE X 563 -28.51 -4.79 -25.38
N PRO X 564 -29.05 -4.99 -26.58
CA PRO X 564 -28.87 -6.30 -27.25
C PRO X 564 -27.43 -6.63 -27.59
N ASP X 565 -26.54 -5.65 -27.69
CA ASP X 565 -25.16 -5.84 -28.12
C ASP X 565 -24.18 -5.48 -27.01
N LYS X 566 -24.50 -5.89 -25.78
CA LYS X 566 -23.64 -5.56 -24.65
C LYS X 566 -22.26 -6.20 -24.77
N ALA X 567 -22.18 -7.37 -25.44
CA ALA X 567 -20.89 -8.04 -25.57
C ALA X 567 -19.92 -7.25 -26.44
N ASN X 568 -20.44 -6.50 -27.41
CA ASN X 568 -19.57 -5.73 -28.30
C ASN X 568 -18.82 -4.65 -27.53
N LEU X 569 -19.48 -4.02 -26.56
CA LEU X 569 -18.84 -2.92 -25.82
C LEU X 569 -17.63 -3.42 -25.04
N GLY X 570 -17.74 -4.60 -24.43
CA GLY X 570 -16.64 -5.23 -23.73
C GLY X 570 -17.11 -5.78 -22.40
N PHE X 571 -16.14 -6.12 -21.56
CA PHE X 571 -16.45 -6.61 -20.22
C PHE X 571 -16.70 -5.44 -19.26
N ARG X 572 -15.71 -4.57 -19.09
CA ARG X 572 -15.86 -3.36 -18.31
C ARG X 572 -15.92 -2.18 -19.26
N PHE X 573 -17.05 -1.47 -19.25
CA PHE X 573 -17.24 -0.24 -19.99
C PHE X 573 -18.14 0.63 -19.14
N PRO X 574 -18.04 1.96 -19.26
CA PRO X 574 -18.78 2.81 -18.30
C PRO X 574 -20.28 2.70 -18.43
N CYS X 575 -20.80 2.78 -19.65
CA CYS X 575 -22.24 2.84 -19.90
C CYS X 575 -22.45 2.67 -21.40
N ASP X 576 -23.68 2.88 -21.84
CA ASP X 576 -24.01 3.07 -23.25
C ASP X 576 -24.84 4.32 -23.44
N GLY X 577 -24.45 5.41 -22.77
CA GLY X 577 -25.06 6.70 -22.95
C GLY X 577 -26.31 6.88 -22.12
N PRO X 578 -26.87 8.09 -22.11
CA PRO X 578 -28.11 8.35 -21.38
C PRO X 578 -29.37 7.91 -22.10
N GLY X 579 -29.25 7.24 -23.23
CA GLY X 579 -30.43 6.77 -23.93
C GLY X 579 -31.12 5.66 -23.18
N ARG X 580 -32.35 5.37 -23.60
CA ARG X 580 -33.19 4.36 -22.97
C ARG X 580 -33.44 4.69 -21.50
N GLY X 581 -33.45 5.97 -21.17
CA GLY X 581 -33.61 6.42 -19.80
C GLY X 581 -32.33 6.46 -18.99
N GLY X 582 -31.25 5.85 -19.48
CA GLY X 582 -30.01 5.74 -18.73
C GLY X 582 -29.56 4.29 -18.63
N THR X 583 -28.35 4.01 -19.13
CA THR X 583 -27.80 2.66 -19.14
C THR X 583 -26.57 2.60 -18.26
N CYS X 584 -26.68 3.17 -17.06
CA CYS X 584 -25.57 3.26 -16.13
C CYS X 584 -25.29 1.90 -15.51
N GLN X 585 -24.01 1.54 -15.43
CA GLN X 585 -23.59 0.33 -14.72
C GLN X 585 -24.25 -0.92 -15.29
N VAL X 586 -24.42 -0.95 -16.61
CA VAL X 586 -24.96 -2.14 -17.27
C VAL X 586 -23.94 -3.25 -17.42
N SER X 587 -22.68 -2.98 -17.14
CA SER X 587 -21.62 -3.94 -17.42
C SER X 587 -21.55 -5.00 -16.33
N ALA X 588 -21.06 -6.19 -16.71
CA ALA X 588 -20.80 -7.22 -15.73
C ALA X 588 -19.74 -6.77 -14.72
N TRP X 589 -18.79 -5.95 -15.15
CA TRP X 589 -17.84 -5.36 -14.21
C TRP X 589 -18.56 -4.55 -13.15
N ASP X 590 -19.54 -3.74 -13.56
CA ASP X 590 -20.28 -2.94 -12.60
C ASP X 590 -21.15 -3.82 -11.70
N HIS X 591 -21.63 -4.96 -12.22
CA HIS X 591 -22.33 -5.90 -11.37
C HIS X 591 -21.40 -6.47 -10.29
N ILE X 592 -20.16 -6.76 -10.65
CA ILE X 592 -19.19 -7.20 -9.63
C ILE X 592 -18.93 -6.09 -8.64
N PHE X 593 -18.82 -4.86 -9.13
CA PHE X 593 -18.59 -3.70 -8.26
C PHE X 593 -19.72 -3.57 -7.24
N LEU X 594 -20.95 -3.81 -7.67
CA LEU X 594 -22.08 -3.75 -6.74
C LEU X 594 -22.12 -4.96 -5.81
N GLY X 595 -21.73 -6.14 -6.29
CA GLY X 595 -21.75 -7.33 -5.46
C GLY X 595 -20.65 -7.36 -4.41
N LEU X 596 -19.57 -6.60 -4.63
CA LEU X 596 -18.52 -6.53 -3.60
C LEU X 596 -19.02 -5.81 -2.36
N PHE X 597 -19.85 -4.77 -2.53
CA PHE X 597 -20.50 -4.17 -1.37
C PHE X 597 -21.34 -5.18 -0.62
N TRP X 598 -22.03 -6.05 -1.35
CA TRP X 598 -22.97 -6.95 -0.71
C TRP X 598 -22.26 -8.11 0.00
N MET X 599 -21.17 -8.62 -0.57
CA MET X 599 -20.42 -9.61 0.19
C MET X 599 -19.73 -8.96 1.38
N TYR X 600 -19.36 -7.70 1.28
CA TYR X 600 -18.81 -7.00 2.42
C TYR X 600 -19.84 -6.93 3.54
N ASN X 601 -21.08 -6.59 3.19
CA ASN X 601 -22.16 -6.58 4.18
C ASN X 601 -22.39 -7.97 4.76
N CYS X 602 -22.39 -9.00 3.90
CA CYS X 602 -22.63 -10.37 4.36
C CYS X 602 -21.56 -10.82 5.35
N ILE X 603 -20.29 -10.67 4.97
CA ILE X 603 -19.21 -11.15 5.82
C ILE X 603 -19.12 -10.31 7.09
N SER X 604 -19.41 -9.00 7.01
CA SER X 604 -19.40 -8.18 8.21
C SER X 604 -20.46 -8.66 9.20
N VAL X 605 -21.65 -8.97 8.70
CA VAL X 605 -22.70 -9.46 9.60
C VAL X 605 -22.32 -10.82 10.17
N VAL X 606 -21.67 -11.67 9.35
CA VAL X 606 -21.29 -13.00 9.82
C VAL X 606 -20.25 -12.89 10.93
N ILE X 607 -19.23 -12.06 10.74
CA ILE X 607 -18.20 -11.93 11.76
C ILE X 607 -18.74 -11.26 13.01
N PHE X 608 -19.66 -10.30 12.87
CA PHE X 608 -20.28 -9.72 14.06
C PHE X 608 -21.06 -10.77 14.83
N HIS X 609 -21.82 -11.60 14.13
CA HIS X 609 -22.56 -12.69 14.78
C HIS X 609 -21.61 -13.62 15.51
N PHE X 610 -20.51 -14.02 14.83
CA PHE X 610 -19.53 -14.90 15.45
C PHE X 610 -18.95 -14.27 16.71
N SER X 611 -18.53 -13.01 16.61
CA SER X 611 -17.88 -12.35 17.74
C SER X 611 -18.81 -12.25 18.94
N TRP X 612 -20.04 -11.77 18.72
CA TRP X 612 -20.94 -11.61 19.85
C TRP X 612 -21.36 -12.95 20.44
N LYS X 613 -21.66 -13.93 19.58
CA LYS X 613 -22.10 -15.23 20.08
C LYS X 613 -20.99 -15.91 20.88
N MET X 614 -19.75 -15.86 20.40
CA MET X 614 -18.67 -16.50 21.15
C MET X 614 -18.34 -15.74 22.41
N GLN X 615 -18.51 -14.46 22.56
CA GLN X 615 -18.14 -13.77 23.78
C GLN X 615 -19.17 -13.84 24.80
N SER X 616 -20.37 -14.12 24.43
CA SER X 616 -21.45 -14.22 25.29
C SER X 616 -21.68 -15.59 25.68
N ASP X 617 -21.50 -16.53 24.79
CA ASP X 617 -21.84 -17.90 25.11
C ASP X 617 -20.81 -18.97 25.10
N VAL X 618 -19.61 -18.78 24.59
CA VAL X 618 -18.57 -19.76 24.71
C VAL X 618 -17.41 -19.23 25.44
N TRP X 619 -16.85 -18.15 25.03
CA TRP X 619 -15.62 -17.70 25.66
C TRP X 619 -15.88 -17.15 27.05
N GLY X 620 -14.90 -17.28 27.90
CA GLY X 620 -14.98 -16.83 29.28
C GLY X 620 -14.02 -17.61 30.15
N THR X 621 -14.36 -17.71 31.43
CA THR X 621 -13.60 -18.45 32.41
C THR X 621 -14.54 -19.32 33.23
N ILE X 622 -14.04 -20.47 33.67
CA ILE X 622 -14.78 -21.40 34.51
C ILE X 622 -14.01 -21.57 35.82
N SER X 623 -14.74 -21.46 36.94
CA SER X 623 -14.13 -21.54 38.25
C SER X 623 -14.05 -22.99 38.71
N SER X 624 -13.45 -23.21 39.88
CA SER X 624 -13.34 -24.56 40.43
C SER X 624 -14.71 -25.14 40.76
N SER X 625 -15.60 -24.30 41.31
CA SER X 625 -16.93 -24.76 41.66
C SER X 625 -17.81 -25.08 40.46
N GLY X 626 -17.39 -24.70 39.25
CA GLY X 626 -18.17 -24.92 38.05
C GLY X 626 -18.93 -23.71 37.55
N LYS X 627 -18.80 -22.56 38.21
CA LYS X 627 -19.44 -21.34 37.73
C LYS X 627 -18.81 -20.92 36.42
N ILE X 628 -19.65 -20.64 35.43
CA ILE X 628 -19.22 -20.22 34.10
C ILE X 628 -19.54 -18.73 33.97
N SER X 629 -18.51 -17.93 33.73
CA SER X 629 -18.63 -16.49 33.55
C SER X 629 -18.10 -16.13 32.17
N HIS X 630 -18.96 -15.54 31.36
CA HIS X 630 -18.63 -15.20 29.97
C HIS X 630 -18.18 -13.75 29.87
N VAL X 631 -17.60 -13.42 28.71
CA VAL X 631 -17.00 -12.10 28.53
C VAL X 631 -18.05 -11.01 28.62
N THR X 632 -19.14 -11.15 27.86
CA THR X 632 -20.24 -10.19 27.90
C THR X 632 -21.38 -10.62 28.81
N GLY X 633 -21.42 -11.89 29.22
CA GLY X 633 -22.39 -12.35 30.21
C GLY X 633 -23.66 -12.90 29.62
N GLY X 634 -23.55 -13.58 28.47
CA GLY X 634 -24.71 -14.21 27.87
C GLY X 634 -25.81 -13.25 27.47
N ASN X 635 -25.46 -12.03 27.06
CA ASN X 635 -26.45 -11.05 26.65
C ASN X 635 -26.91 -11.21 25.21
N PHE X 636 -26.29 -12.12 24.44
CA PHE X 636 -26.69 -12.30 23.05
C PHE X 636 -28.13 -12.79 22.94
N ALA X 637 -28.51 -13.75 23.79
CA ALA X 637 -29.80 -14.41 23.64
C ALA X 637 -30.97 -13.45 23.80
N ASN X 638 -30.78 -12.35 24.53
CA ASN X 638 -31.85 -11.39 24.81
C ASN X 638 -31.66 -10.03 24.15
N SER X 639 -30.42 -9.66 23.81
CA SER X 639 -30.13 -8.37 23.19
C SER X 639 -29.93 -8.46 21.69
N ALA X 640 -29.70 -9.65 21.14
CA ALA X 640 -29.55 -9.81 19.69
C ALA X 640 -30.88 -9.86 18.97
N LEU X 641 -31.99 -9.59 19.65
CA LEU X 641 -33.31 -9.62 19.05
C LEU X 641 -33.72 -8.32 18.40
N THR X 642 -32.94 -7.24 18.58
CA THR X 642 -33.29 -5.92 18.08
C THR X 642 -32.06 -5.24 17.53
N ILE X 643 -32.28 -4.37 16.54
CA ILE X 643 -31.16 -3.59 15.99
C ILE X 643 -30.65 -2.63 17.04
N ASN X 644 -31.52 -2.14 17.92
CA ASN X 644 -31.06 -1.32 19.03
C ASN X 644 -30.12 -2.08 19.94
N GLY X 645 -30.45 -3.34 20.23
CA GLY X 645 -29.57 -4.16 21.04
C GLY X 645 -28.26 -4.45 20.34
N TRP X 646 -28.30 -4.66 19.03
CA TRP X 646 -27.06 -4.83 18.27
C TRP X 646 -26.21 -3.57 18.32
N LEU X 647 -26.84 -2.40 18.26
CA LEU X 647 -26.10 -1.15 18.27
C LEU X 647 -25.53 -0.85 19.65
N ARG X 648 -26.27 -1.17 20.70
CA ARG X 648 -25.91 -0.80 22.06
C ARG X 648 -24.97 -1.81 22.70
N ASP X 649 -25.40 -3.07 22.75
CA ASP X 649 -24.69 -4.09 23.53
C ASP X 649 -23.51 -4.71 22.79
N PHE X 650 -23.36 -4.46 21.49
CA PHE X 650 -22.22 -4.97 20.73
C PHE X 650 -21.31 -3.85 20.23
N LEU X 651 -21.82 -2.88 19.49
CA LEU X 651 -20.96 -1.84 18.94
C LEU X 651 -20.57 -0.83 20.02
N TRP X 652 -21.55 -0.18 20.63
CA TRP X 652 -21.26 0.82 21.65
C TRP X 652 -20.54 0.20 22.84
N SER X 653 -20.99 -0.97 23.29
CA SER X 653 -20.42 -1.59 24.47
C SER X 653 -18.97 -2.00 24.24
N GLN X 654 -18.68 -2.62 23.10
CA GLN X 654 -17.35 -3.17 22.84
C GLN X 654 -16.41 -2.19 22.15
N ALA X 655 -16.88 -1.01 21.75
CA ALA X 655 -15.99 0.03 21.25
C ALA X 655 -15.22 0.73 22.36
N SER X 656 -15.55 0.46 23.63
CA SER X 656 -14.83 1.08 24.73
C SER X 656 -13.36 0.73 24.71
N GLN X 657 -13.04 -0.56 24.50
CA GLN X 657 -11.66 -1.00 24.49
C GLN X 657 -10.85 -0.40 23.35
N VAL X 658 -11.52 0.07 22.30
CA VAL X 658 -10.83 0.72 21.18
C VAL X 658 -10.64 2.20 21.44
N ILE X 659 -11.71 2.88 21.82
CA ILE X 659 -11.62 4.33 22.01
C ILE X 659 -10.77 4.69 23.22
N GLN X 660 -10.73 3.82 24.24
CA GLN X 660 -9.94 4.08 25.45
C GLN X 660 -8.53 3.54 25.35
N SER X 661 -8.01 3.34 24.14
CA SER X 661 -6.72 2.69 23.94
C SER X 661 -5.55 3.66 23.89
N TYR X 662 -5.80 4.96 23.83
CA TYR X 662 -4.71 5.92 23.69
C TYR X 662 -3.85 5.94 24.95
N GLY X 663 -2.53 6.02 24.73
CA GLY X 663 -1.58 5.96 25.82
C GLY X 663 -1.22 4.56 26.28
N SER X 664 -1.55 3.53 25.50
CA SER X 664 -1.30 2.15 25.85
C SER X 664 -0.78 1.42 24.62
N ALA X 665 -0.57 0.11 24.76
CA ALA X 665 -0.06 -0.68 23.64
C ALA X 665 -1.04 -0.76 22.48
N LEU X 666 -2.34 -0.64 22.76
CA LEU X 666 -3.37 -0.68 21.73
C LEU X 666 -3.64 0.69 21.11
N SER X 667 -2.82 1.69 21.42
CA SER X 667 -2.96 2.99 20.78
C SER X 667 -2.83 2.90 19.27
N ALA X 668 -2.04 1.94 18.78
CA ALA X 668 -1.98 1.71 17.35
C ALA X 668 -3.33 1.25 16.82
N TYR X 669 -4.02 0.39 17.57
CA TYR X 669 -5.35 -0.03 17.15
C TYR X 669 -6.33 1.14 17.15
N GLY X 670 -6.24 2.02 18.14
CA GLY X 670 -7.09 3.21 18.11
C GLY X 670 -6.82 4.10 16.92
N LEU X 671 -5.54 4.33 16.61
CA LEU X 671 -5.18 5.15 15.46
C LEU X 671 -5.66 4.52 14.17
N ILE X 672 -5.53 3.19 14.04
CA ILE X 672 -5.98 2.52 12.82
C ILE X 672 -7.50 2.55 12.75
N PHE X 673 -8.19 2.47 13.89
CA PHE X 673 -9.64 2.64 13.92
C PHE X 673 -10.05 3.96 13.30
N LEU X 674 -9.45 5.05 13.78
CA LEU X 674 -9.77 6.37 13.23
C LEU X 674 -9.39 6.48 11.75
N GLY X 675 -8.23 5.96 11.38
CA GLY X 675 -7.80 6.06 9.99
C GLY X 675 -8.68 5.26 9.06
N ALA X 676 -9.14 4.10 9.51
CA ALA X 676 -10.05 3.29 8.70
C ALA X 676 -11.39 3.99 8.53
N HIS X 677 -11.88 4.63 9.60
CA HIS X 677 -13.08 5.46 9.46
C HIS X 677 -12.87 6.56 8.43
N PHE X 678 -11.71 7.21 8.48
CA PHE X 678 -11.39 8.27 7.55
C PHE X 678 -11.39 7.77 6.11
N ILE X 679 -10.78 6.60 5.87
CA ILE X 679 -10.70 6.08 4.51
C ILE X 679 -12.07 5.66 4.01
N TRP X 680 -12.88 5.06 4.89
CA TRP X 680 -14.24 4.70 4.51
C TRP X 680 -15.03 5.94 4.10
N ALA X 681 -14.91 7.02 4.86
CA ALA X 681 -15.59 8.25 4.50
C ALA X 681 -15.04 8.84 3.20
N PHE X 682 -13.71 8.78 3.02
CA PHE X 682 -13.08 9.29 1.82
C PHE X 682 -13.59 8.58 0.57
N SER X 683 -13.87 7.28 0.69
CA SER X 683 -14.34 6.51 -0.46
C SER X 683 -15.66 7.02 -0.99
N LEU X 684 -16.50 7.59 -0.12
CA LEU X 684 -17.82 8.03 -0.56
C LEU X 684 -17.72 9.16 -1.57
N MET X 685 -16.64 9.93 -1.55
CA MET X 685 -16.42 10.95 -2.57
C MET X 685 -16.42 10.34 -3.96
N PHE X 686 -15.60 9.30 -4.15
CA PHE X 686 -15.54 8.62 -5.43
C PHE X 686 -16.84 7.91 -5.74
N LEU X 687 -17.47 7.33 -4.72
CA LEU X 687 -18.66 6.52 -4.98
C LEU X 687 -19.85 7.38 -5.42
N PHE X 688 -19.97 8.60 -4.87
CA PHE X 688 -21.11 9.45 -5.18
C PHE X 688 -20.84 10.42 -6.33
N SER X 689 -19.61 10.90 -6.47
CA SER X 689 -19.34 11.97 -7.43
C SER X 689 -19.21 11.41 -8.85
N GLY X 690 -19.02 12.33 -9.80
CA GLY X 690 -18.93 11.97 -11.20
C GLY X 690 -17.78 12.67 -11.88
N ARG X 691 -17.38 12.11 -13.02
CA ARG X 691 -16.16 12.53 -13.70
C ARG X 691 -16.27 13.94 -14.29
N GLY X 692 -17.46 14.36 -14.72
CA GLY X 692 -17.56 15.64 -15.40
C GLY X 692 -17.20 16.81 -14.51
N TYR X 693 -17.69 16.79 -13.26
CA TYR X 693 -17.34 17.83 -12.30
C TYR X 693 -15.83 17.91 -12.12
N TRP X 694 -15.19 16.76 -11.91
CA TRP X 694 -13.76 16.77 -11.64
C TRP X 694 -12.96 17.16 -12.87
N GLN X 695 -13.44 16.84 -14.06
CA GLN X 695 -12.75 17.28 -15.26
C GLN X 695 -12.83 18.80 -15.40
N GLU X 696 -13.99 19.40 -15.11
CA GLU X 696 -14.08 20.85 -15.16
C GLU X 696 -13.19 21.51 -14.11
N LEU X 697 -13.16 20.95 -12.90
CA LEU X 697 -12.30 21.49 -11.86
C LEU X 697 -10.83 21.37 -12.27
N ILE X 698 -10.45 20.25 -12.87
CA ILE X 698 -9.09 20.08 -13.37
C ILE X 698 -8.80 21.06 -14.48
N GLU X 699 -9.81 21.42 -15.30
CA GLU X 699 -9.59 22.44 -16.31
C GLU X 699 -9.25 23.78 -15.68
N SER X 700 -9.96 24.15 -14.61
CA SER X 700 -9.64 25.39 -13.92
C SER X 700 -8.21 25.35 -13.34
N ILE X 701 -7.85 24.22 -12.72
CA ILE X 701 -6.51 24.11 -12.15
C ILE X 701 -5.44 24.12 -13.24
N VAL X 702 -5.73 23.52 -14.39
CA VAL X 702 -4.80 23.54 -15.51
C VAL X 702 -4.62 24.95 -16.02
N TRP X 703 -5.70 25.74 -16.02
CA TRP X 703 -5.54 27.16 -16.37
C TRP X 703 -4.61 27.84 -15.39
N ALA X 704 -4.78 27.56 -14.09
CA ALA X 704 -3.91 28.17 -13.09
C ALA X 704 -2.45 27.81 -13.31
N HIS X 705 -2.18 26.57 -13.70
CA HIS X 705 -0.81 26.16 -13.96
C HIS X 705 -0.27 26.76 -15.25
N ASN X 706 -1.09 26.81 -16.30
CA ASN X 706 -0.68 27.40 -17.56
C ASN X 706 -0.35 28.88 -17.39
N LYS X 707 -1.03 29.55 -16.46
CA LYS X 707 -0.73 30.96 -16.19
C LYS X 707 0.71 31.14 -15.74
N LEU X 708 1.27 30.16 -15.03
CA LEU X 708 2.65 30.18 -14.58
C LEU X 708 3.56 29.33 -15.47
N LYS X 709 3.05 28.80 -16.59
CA LYS X 709 3.87 28.13 -17.59
C LYS X 709 4.47 26.84 -17.04
N LEU X 710 3.65 26.05 -16.35
CA LEU X 710 4.08 24.75 -15.85
C LEU X 710 3.01 23.68 -16.05
N ALA X 711 2.11 23.86 -17.01
CA ALA X 711 1.17 22.82 -17.33
C ALA X 711 1.91 21.65 -17.95
N PRO X 712 1.69 20.41 -17.50
CA PRO X 712 2.52 19.31 -17.98
C PRO X 712 2.20 18.92 -19.42
N ALA X 713 3.19 18.32 -20.08
CA ALA X 713 2.96 17.79 -21.42
C ALA X 713 1.96 16.64 -21.38
N ILE X 714 2.06 15.77 -20.38
CA ILE X 714 1.05 14.74 -20.14
C ILE X 714 -0.13 15.44 -19.49
N GLN X 715 -1.16 15.72 -20.28
CA GLN X 715 -2.27 16.55 -19.81
C GLN X 715 -3.01 15.81 -18.69
N PRO X 716 -3.33 16.46 -17.58
CA PRO X 716 -4.05 15.76 -16.52
C PRO X 716 -5.54 15.63 -16.84
N ARG X 717 -6.09 14.48 -16.45
CA ARG X 717 -7.48 14.16 -16.69
C ARG X 717 -8.09 13.60 -15.43
N ALA X 718 -9.40 13.79 -15.29
CA ALA X 718 -10.14 13.08 -14.25
C ALA X 718 -10.11 11.59 -14.53
N LEU X 719 -10.21 10.80 -13.47
CA LEU X 719 -10.18 9.35 -13.63
C LEU X 719 -11.38 8.90 -14.45
N SER X 720 -11.21 7.79 -15.17
CA SER X 720 -12.31 7.22 -15.93
C SER X 720 -13.44 6.84 -14.99
N ILE X 721 -14.62 6.56 -15.56
CA ILE X 721 -15.78 6.25 -14.75
C ILE X 721 -15.58 4.92 -14.04
N THR X 722 -15.11 3.92 -14.78
CA THR X 722 -14.82 2.63 -14.19
C THR X 722 -13.74 2.75 -13.12
N GLN X 723 -12.74 3.59 -13.36
CA GLN X 723 -11.68 3.75 -12.37
C GLN X 723 -12.19 4.46 -11.12
N GLY X 724 -13.06 5.47 -11.29
CA GLY X 724 -13.64 6.11 -10.13
C GLY X 724 -14.44 5.14 -9.28
N ARG X 725 -15.24 4.29 -9.94
CA ARG X 725 -15.96 3.26 -9.21
C ARG X 725 -15.01 2.31 -8.51
N ALA X 726 -13.93 1.89 -9.19
CA ALA X 726 -12.98 0.97 -8.58
C ALA X 726 -12.27 1.59 -7.38
N VAL X 727 -11.88 2.86 -7.50
CA VAL X 727 -11.19 3.54 -6.41
C VAL X 727 -12.12 3.70 -5.22
N GLY X 728 -13.37 4.10 -5.48
CA GLY X 728 -14.33 4.20 -4.39
C GLY X 728 -14.57 2.87 -3.71
N LEU X 729 -14.72 1.80 -4.50
CA LEU X 729 -14.93 0.49 -3.90
C LEU X 729 -13.74 0.03 -3.09
N ALA X 730 -12.53 0.24 -3.62
CA ALA X 730 -11.32 -0.18 -2.92
C ALA X 730 -11.17 0.56 -1.60
N HIS X 731 -11.38 1.88 -1.61
CA HIS X 731 -11.28 2.65 -0.38
C HIS X 731 -12.37 2.27 0.60
N TYR X 732 -13.59 2.03 0.10
CA TYR X 732 -14.69 1.60 0.96
C TYR X 732 -14.36 0.30 1.68
N LEU X 733 -13.90 -0.70 0.90
CA LEU X 733 -13.58 -2.00 1.49
C LEU X 733 -12.41 -1.89 2.45
N LEU X 734 -11.36 -1.14 2.08
CA LEU X 734 -10.22 -0.98 2.97
C LEU X 734 -10.63 -0.33 4.28
N GLY X 735 -11.42 0.74 4.20
CA GLY X 735 -11.85 1.41 5.41
C GLY X 735 -12.69 0.53 6.30
N GLY X 736 -13.67 -0.17 5.70
CA GLY X 736 -14.52 -1.03 6.51
C GLY X 736 -13.75 -2.17 7.15
N ILE X 737 -12.92 -2.86 6.36
CA ILE X 737 -12.19 -4.00 6.88
C ILE X 737 -11.18 -3.55 7.92
N GLY X 738 -10.56 -2.39 7.72
CA GLY X 738 -9.63 -1.88 8.71
C GLY X 738 -10.31 -1.48 10.01
N THR X 739 -11.49 -0.88 9.91
CA THR X 739 -12.25 -0.54 11.10
C THR X 739 -12.57 -1.79 11.91
N THR X 740 -13.11 -2.81 11.24
CA THR X 740 -13.44 -4.04 11.95
C THR X 740 -12.19 -4.73 12.48
N TRP X 741 -11.09 -4.67 11.72
CA TRP X 741 -9.84 -5.28 12.15
C TRP X 741 -9.34 -4.66 13.45
N SER X 742 -9.24 -3.34 13.47
CA SER X 742 -8.79 -2.65 14.69
C SER X 742 -9.76 -2.90 15.84
N PHE X 743 -11.06 -2.85 15.57
CA PHE X 743 -12.04 -3.01 16.64
C PHE X 743 -11.96 -4.40 17.27
N PHE X 744 -11.96 -5.44 16.44
CA PHE X 744 -11.88 -6.80 16.95
C PHE X 744 -10.57 -7.03 17.68
N LEU X 745 -9.45 -6.60 17.10
CA LEU X 745 -8.16 -6.89 17.73
C LEU X 745 -8.03 -6.17 19.07
N ALA X 746 -8.40 -4.89 19.11
CA ALA X 746 -8.31 -4.16 20.37
C ALA X 746 -9.23 -4.76 21.43
N ARG X 747 -10.48 -5.04 21.06
CA ARG X 747 -11.43 -5.59 22.02
C ARG X 747 -10.95 -6.94 22.56
N ILE X 748 -10.54 -7.84 21.67
CA ILE X 748 -10.22 -9.19 22.10
C ILE X 748 -8.90 -9.22 22.85
N ILE X 749 -7.91 -8.42 22.45
CA ILE X 749 -6.65 -8.39 23.17
C ILE X 749 -6.86 -7.78 24.56
N SER X 750 -7.75 -6.79 24.67
CA SER X 750 -7.98 -6.16 25.97
C SER X 750 -8.72 -7.10 26.92
N VAL X 751 -9.79 -7.74 26.44
CA VAL X 751 -10.65 -8.50 27.34
C VAL X 751 -10.16 -9.94 27.53
N GLY X 752 -9.70 -10.60 26.48
CA GLY X 752 -9.23 -11.97 26.58
C GLY X 752 -7.75 -12.05 26.89
N THR Y 3 -55.30 15.40 -21.88
CA THR Y 3 -55.58 15.92 -20.51
C THR Y 3 -55.08 14.97 -19.44
N LYS Y 4 -53.85 14.49 -19.61
CA LYS Y 4 -53.22 13.65 -18.60
C LYS Y 4 -52.87 14.49 -17.38
N PHE Y 5 -52.28 13.82 -16.38
CA PHE Y 5 -51.92 14.52 -15.13
C PHE Y 5 -50.97 15.68 -15.37
N PRO Y 6 -49.84 15.51 -16.08
CA PRO Y 6 -49.02 16.70 -16.36
C PRO Y 6 -49.59 17.51 -17.53
N LYS Y 7 -50.73 18.17 -17.26
CA LYS Y 7 -51.34 19.03 -18.26
C LYS Y 7 -50.40 20.16 -18.65
N PHE Y 8 -49.60 20.64 -17.71
CA PHE Y 8 -48.64 21.69 -17.98
C PHE Y 8 -47.49 21.22 -18.88
N SER Y 9 -47.32 19.92 -19.06
CA SER Y 9 -46.21 19.36 -19.84
C SER Y 9 -46.77 18.31 -20.79
N GLN Y 10 -46.93 18.69 -22.06
CA GLN Y 10 -47.45 17.76 -23.05
C GLN Y 10 -46.48 16.60 -23.28
N ALA Y 11 -45.17 16.87 -23.20
CA ALA Y 11 -44.18 15.81 -23.38
C ALA Y 11 -44.33 14.75 -22.30
N LEU Y 12 -44.44 15.17 -21.04
CA LEU Y 12 -44.65 14.21 -19.97
C LEU Y 12 -46.01 13.53 -20.09
N ALA Y 13 -47.02 14.24 -20.60
CA ALA Y 13 -48.32 13.62 -20.82
C ALA Y 13 -48.21 12.46 -21.82
N GLN Y 14 -47.50 12.68 -22.92
CA GLN Y 14 -47.29 11.62 -23.90
C GLN Y 14 -46.31 10.55 -23.42
N ASP Y 15 -45.52 10.84 -22.39
CA ASP Y 15 -44.61 9.85 -21.83
C ASP Y 15 -45.37 8.61 -21.38
N PRO Y 16 -45.02 7.39 -21.84
CA PRO Y 16 -45.82 6.22 -21.48
C PRO Y 16 -45.36 5.45 -20.25
N ALA Y 17 -44.18 5.74 -19.72
CA ALA Y 17 -43.63 4.98 -18.61
C ALA Y 17 -44.13 5.58 -17.29
N THR Y 18 -43.59 5.10 -16.17
CA THR Y 18 -43.93 5.61 -14.86
C THR Y 18 -43.17 6.89 -14.51
N ARG Y 19 -42.19 7.30 -15.31
CA ARG Y 19 -41.48 8.55 -15.04
C ARG Y 19 -42.38 9.77 -15.26
N ARG Y 20 -43.51 9.60 -15.93
CA ARG Y 20 -44.45 10.71 -16.10
C ARG Y 20 -44.88 11.27 -14.75
N ILE Y 21 -45.25 10.39 -13.82
CA ILE Y 21 -45.75 10.83 -12.52
C ILE Y 21 -44.63 11.56 -11.76
N TRP Y 22 -43.44 10.96 -11.73
CA TRP Y 22 -42.33 11.56 -11.01
C TRP Y 22 -41.99 12.94 -11.54
N TYR Y 23 -41.84 13.05 -12.87
CA TYR Y 23 -41.43 14.32 -13.45
C TYR Y 23 -42.53 15.36 -13.37
N GLY Y 24 -43.79 14.96 -13.48
CA GLY Y 24 -44.86 15.91 -13.27
C GLY Y 24 -44.88 16.46 -11.85
N ILE Y 25 -44.68 15.57 -10.86
CA ILE Y 25 -44.67 16.02 -9.47
C ILE Y 25 -43.51 16.98 -9.23
N ALA Y 26 -42.33 16.65 -9.72
CA ALA Y 26 -41.15 17.46 -9.43
C ALA Y 26 -41.02 18.69 -10.31
N THR Y 27 -41.78 18.78 -11.42
CA THR Y 27 -41.82 19.99 -12.25
C THR Y 27 -43.14 20.73 -12.11
N ALA Y 28 -43.97 20.36 -11.14
CA ALA Y 28 -45.25 21.04 -10.95
C ALA Y 28 -45.05 22.53 -10.66
N HIS Y 29 -44.03 22.87 -9.86
CA HIS Y 29 -43.81 24.24 -9.42
C HIS Y 29 -42.77 24.97 -10.26
N ASP Y 30 -42.21 24.34 -11.29
CA ASP Y 30 -41.30 25.01 -12.22
C ASP Y 30 -42.11 25.73 -13.29
N LEU Y 31 -42.82 26.76 -12.86
CA LEU Y 31 -43.81 27.41 -13.71
C LEU Y 31 -43.19 28.06 -14.94
N GLU Y 32 -41.91 28.41 -14.87
CA GLU Y 32 -41.27 29.10 -15.99
C GLU Y 32 -41.20 28.22 -17.24
N SER Y 33 -41.06 26.92 -17.07
CA SER Y 33 -40.89 25.98 -18.17
C SER Y 33 -42.18 25.30 -18.60
N HIS Y 34 -43.32 25.76 -18.10
CA HIS Y 34 -44.59 25.11 -18.39
C HIS Y 34 -45.08 25.46 -19.79
N ASP Y 35 -45.85 24.54 -20.37
CA ASP Y 35 -46.33 24.72 -21.74
C ASP Y 35 -47.33 25.87 -21.81
N GLY Y 36 -47.17 26.70 -22.83
CA GLY Y 36 -48.08 27.81 -23.05
C GLY Y 36 -48.12 28.80 -21.91
N MET Y 37 -46.96 29.16 -21.37
CA MET Y 37 -46.86 30.05 -20.22
C MET Y 37 -46.38 31.42 -20.66
N THR Y 38 -47.01 32.46 -20.11
CA THR Y 38 -46.64 33.85 -20.34
C THR Y 38 -46.14 34.46 -19.04
N GLU Y 39 -45.42 35.58 -19.18
CA GLU Y 39 -44.82 36.22 -18.01
C GLU Y 39 -45.89 36.74 -17.06
N GLU Y 40 -46.94 37.35 -17.58
CA GLU Y 40 -47.99 37.89 -16.72
C GLU Y 40 -48.68 36.79 -15.93
N ASN Y 41 -49.01 35.68 -16.61
CA ASN Y 41 -49.64 34.55 -15.92
C ASN Y 41 -48.68 33.96 -14.90
N LEU Y 42 -47.39 33.88 -15.23
CA LEU Y 42 -46.40 33.38 -14.29
C LEU Y 42 -46.38 34.21 -13.02
N TYR Y 43 -46.34 35.54 -13.16
CA TYR Y 43 -46.30 36.41 -11.99
C TYR Y 43 -47.57 36.29 -11.17
N GLN Y 44 -48.72 36.25 -11.83
CA GLN Y 44 -49.98 36.14 -11.09
C GLN Y 44 -50.08 34.82 -10.34
N LYS Y 45 -49.66 33.72 -10.96
CA LYS Y 45 -49.68 32.43 -10.29
C LYS Y 45 -48.72 32.42 -9.12
N ILE Y 46 -47.56 33.06 -9.27
CA ILE Y 46 -46.62 33.17 -8.16
C ILE Y 46 -47.26 33.95 -7.00
N PHE Y 47 -47.98 35.01 -7.32
CA PHE Y 47 -48.66 35.81 -6.31
C PHE Y 47 -49.68 34.96 -5.52
N ALA Y 48 -50.48 34.20 -6.25
CA ALA Y 48 -51.48 33.35 -5.59
C ALA Y 48 -50.82 32.28 -4.72
N SER Y 49 -49.74 31.67 -5.22
CA SER Y 49 -49.03 30.68 -4.41
C SER Y 49 -48.43 31.29 -3.16
N HIS Y 50 -47.95 32.54 -3.26
CA HIS Y 50 -47.48 33.24 -2.08
C HIS Y 50 -48.60 33.40 -1.05
N PHE Y 51 -49.79 33.74 -1.51
CA PHE Y 51 -50.92 33.86 -0.60
C PHE Y 51 -51.20 32.54 0.11
N GLY Y 52 -51.23 31.45 -0.65
CA GLY Y 52 -51.46 30.15 -0.05
C GLY Y 52 -50.38 29.77 0.96
N HIS Y 53 -49.14 30.11 0.64
CA HIS Y 53 -48.03 29.81 1.56
C HIS Y 53 -48.15 30.59 2.86
N LEU Y 54 -48.50 31.87 2.78
CA LEU Y 54 -48.71 32.65 4.00
C LEU Y 54 -49.84 32.07 4.83
N ALA Y 55 -50.92 31.64 4.16
CA ALA Y 55 -52.01 30.98 4.88
C ALA Y 55 -51.52 29.74 5.60
N ILE Y 56 -50.65 28.96 4.96
CA ILE Y 56 -50.13 27.75 5.60
C ILE Y 56 -49.30 28.11 6.83
N ILE Y 57 -48.47 29.15 6.73
CA ILE Y 57 -47.64 29.54 7.88
C ILE Y 57 -48.53 29.92 9.06
N PHE Y 58 -49.55 30.74 8.79
CA PHE Y 58 -50.40 31.17 9.90
C PHE Y 58 -51.23 30.03 10.45
N LEU Y 59 -51.61 29.06 9.60
CA LEU Y 59 -52.29 27.87 10.11
C LEU Y 59 -51.38 27.07 11.02
N TRP Y 60 -50.10 26.94 10.66
CA TRP Y 60 -49.15 26.21 11.50
C TRP Y 60 -48.99 26.89 12.86
N THR Y 61 -48.87 28.22 12.86
CA THR Y 61 -48.75 28.95 14.11
C THR Y 61 -50.01 28.79 14.96
N SER Y 62 -51.18 28.90 14.33
CA SER Y 62 -52.43 28.76 15.08
C SER Y 62 -52.58 27.35 15.63
N GLY Y 63 -52.10 26.35 14.89
CA GLY Y 63 -52.15 25.00 15.40
C GLY Y 63 -51.27 24.80 16.61
N ASN Y 64 -50.05 25.34 16.58
CA ASN Y 64 -49.19 25.28 17.75
C ASN Y 64 -49.85 25.93 18.95
N LEU Y 65 -50.40 27.14 18.76
CA LEU Y 65 -51.03 27.85 19.86
C LEU Y 65 -52.23 27.09 20.40
N PHE Y 66 -53.08 26.57 19.51
CA PHE Y 66 -54.26 25.84 19.96
C PHE Y 66 -53.88 24.59 20.73
N HIS Y 67 -52.87 23.86 20.25
CA HIS Y 67 -52.50 22.62 20.93
C HIS Y 67 -51.91 22.89 22.29
N VAL Y 68 -51.10 23.95 22.42
CA VAL Y 68 -50.58 24.28 23.74
C VAL Y 68 -51.71 24.73 24.65
N ALA Y 69 -52.67 25.50 24.12
CA ALA Y 69 -53.78 25.96 24.94
C ALA Y 69 -54.65 24.80 25.42
N TRP Y 70 -54.92 23.84 24.54
CA TRP Y 70 -55.88 22.79 24.84
C TRP Y 70 -55.25 21.67 25.65
N GLN Y 71 -54.09 21.19 25.22
CA GLN Y 71 -53.45 20.02 25.82
C GLN Y 71 -52.20 20.35 26.61
N GLY Y 72 -51.70 21.58 26.55
CA GLY Y 72 -50.49 21.95 27.24
C GLY Y 72 -50.74 22.44 28.66
N ASN Y 73 -49.71 22.33 29.48
CA ASN Y 73 -49.73 22.82 30.86
C ASN Y 73 -49.15 24.22 30.98
N PHE Y 74 -49.65 25.15 30.17
CA PHE Y 74 -49.09 26.50 30.17
C PHE Y 74 -49.33 27.20 31.51
N GLN Y 75 -50.54 27.07 32.06
CA GLN Y 75 -50.85 27.76 33.31
C GLN Y 75 -50.00 27.23 34.46
N GLN Y 76 -49.80 25.91 34.52
CA GLN Y 76 -48.93 25.34 35.54
C GLN Y 76 -47.48 25.75 35.32
N TRP Y 77 -47.04 25.78 34.06
CA TRP Y 77 -45.67 26.16 33.75
C TRP Y 77 -45.39 27.61 34.11
N VAL Y 78 -46.40 28.48 34.02
CA VAL Y 78 -46.20 29.89 34.31
C VAL Y 78 -45.78 30.08 35.76
N LEU Y 79 -46.40 29.33 36.68
CA LEU Y 79 -46.09 29.50 38.10
C LEU Y 79 -44.65 29.11 38.41
N ASN Y 80 -44.17 28.02 37.82
CA ASN Y 80 -42.85 27.46 38.11
C ASN Y 80 -42.13 27.14 36.80
N PRO Y 81 -41.66 28.16 36.07
CA PRO Y 81 -41.05 27.89 34.76
C PRO Y 81 -39.82 27.00 34.80
N LEU Y 82 -39.02 27.07 35.86
CA LEU Y 82 -37.73 26.39 35.89
C LEU Y 82 -37.82 24.92 36.28
N LYS Y 83 -38.99 24.43 36.70
CA LYS Y 83 -39.18 23.04 37.09
C LYS Y 83 -40.19 22.30 36.24
N VAL Y 84 -41.32 22.93 35.92
CA VAL Y 84 -42.34 22.27 35.10
C VAL Y 84 -41.84 22.16 33.67
N LYS Y 85 -41.99 20.98 33.09
CA LYS Y 85 -41.58 20.75 31.70
C LYS Y 85 -42.70 21.15 30.76
N PRO Y 86 -42.49 22.01 29.76
CA PRO Y 86 -43.59 22.40 28.89
C PRO Y 86 -44.07 21.23 28.03
N ILE Y 87 -45.38 21.21 27.78
CA ILE Y 87 -46.03 20.15 27.02
C ILE Y 87 -46.34 20.67 25.64
N ALA Y 88 -45.97 19.91 24.61
CA ALA Y 88 -46.28 20.29 23.24
C ALA Y 88 -47.71 19.93 22.88
N HIS Y 89 -48.04 18.63 22.92
CA HIS Y 89 -49.39 18.18 22.62
C HIS Y 89 -49.54 16.76 23.16
N ALA Y 90 -50.79 16.33 23.23
CA ALA Y 90 -51.08 14.98 23.71
C ALA Y 90 -50.75 13.95 22.63
N ILE Y 91 -50.54 12.72 23.08
CA ILE Y 91 -50.28 11.59 22.20
C ILE Y 91 -51.54 10.74 22.13
N TRP Y 92 -51.91 10.35 20.91
CA TRP Y 92 -52.96 9.35 20.69
C TRP Y 92 -52.38 8.28 19.77
N ASP Y 93 -52.17 7.09 20.33
CA ASP Y 93 -51.51 6.01 19.63
C ASP Y 93 -52.08 4.68 20.11
N PRO Y 94 -52.86 3.95 19.29
CA PRO Y 94 -53.33 2.63 19.75
C PRO Y 94 -52.27 1.54 19.73
N HIS Y 95 -51.04 1.85 19.32
CA HIS Y 95 -49.95 0.88 19.38
C HIS Y 95 -49.19 0.93 20.69
N PHE Y 96 -49.37 1.98 21.49
CA PHE Y 96 -48.67 2.08 22.77
C PHE Y 96 -49.11 0.97 23.70
N GLY Y 97 -48.15 0.44 24.45
CA GLY Y 97 -48.45 -0.46 25.55
C GLY Y 97 -48.72 0.33 26.83
N GLN Y 98 -49.09 -0.42 27.88
CA GLN Y 98 -49.32 0.20 29.17
C GLN Y 98 -48.04 0.84 29.69
N SER Y 99 -46.90 0.16 29.49
CA SER Y 99 -45.62 0.73 29.90
C SER Y 99 -45.33 2.03 29.15
N ALA Y 100 -45.62 2.07 27.85
CA ALA Y 100 -45.41 3.29 27.09
C ALA Y 100 -46.32 4.42 27.58
N ILE Y 101 -47.58 4.11 27.86
CA ILE Y 101 -48.50 5.14 28.37
C ILE Y 101 -48.00 5.66 29.71
N LYS Y 102 -47.56 4.77 30.60
CA LYS Y 102 -47.06 5.19 31.90
C LYS Y 102 -45.81 6.05 31.75
N ALA Y 103 -44.89 5.66 30.86
CA ALA Y 103 -43.65 6.41 30.69
C ALA Y 103 -43.92 7.78 30.09
N PHE Y 104 -44.80 7.87 29.09
CA PHE Y 104 -45.08 9.14 28.44
C PHE Y 104 -46.05 10.00 29.23
N THR Y 105 -46.68 9.48 30.28
CA THR Y 105 -47.44 10.32 31.20
C THR Y 105 -46.47 11.12 32.06
N ARG Y 106 -46.37 12.41 31.81
CA ARG Y 106 -45.38 13.26 32.46
C ARG Y 106 -45.84 14.71 32.34
N GLY Y 107 -45.09 15.61 32.98
CA GLY Y 107 -45.44 17.02 32.93
C GLY Y 107 -46.60 17.41 33.79
N GLY Y 108 -46.93 16.63 34.82
CA GLY Y 108 -48.04 16.95 35.69
C GLY Y 108 -49.39 16.87 35.02
N VAL Y 109 -49.60 15.91 34.13
CA VAL Y 109 -50.88 15.66 33.50
C VAL Y 109 -51.17 14.17 33.55
N SER Y 110 -52.43 13.81 33.33
CA SER Y 110 -52.91 12.45 33.51
C SER Y 110 -52.90 11.63 32.22
N TYR Y 111 -52.36 12.16 31.13
CA TYR Y 111 -52.35 11.51 29.83
C TYR Y 111 -50.95 11.59 29.23
N PRO Y 112 -50.63 10.70 28.28
CA PRO Y 112 -49.35 10.82 27.58
C PRO Y 112 -49.23 12.14 26.83
N VAL Y 113 -48.01 12.68 26.78
CA VAL Y 113 -47.75 13.99 26.19
C VAL Y 113 -46.34 13.98 25.61
N ASN Y 114 -46.04 15.04 24.86
CA ASN Y 114 -44.70 15.32 24.34
C ASN Y 114 -44.18 16.60 24.98
N ILE Y 115 -42.91 16.58 25.39
CA ILE Y 115 -42.30 17.73 26.05
C ILE Y 115 -41.77 18.67 24.98
N ALA Y 116 -42.32 19.88 24.94
CA ALA Y 116 -41.95 20.85 23.91
C ALA Y 116 -40.48 21.23 24.02
N THR Y 117 -39.82 21.32 22.86
CA THR Y 117 -38.42 21.71 22.76
C THR Y 117 -38.24 22.85 21.76
N SER Y 118 -39.27 23.70 21.62
CA SER Y 118 -39.24 24.82 20.68
C SER Y 118 -39.16 26.17 21.35
N GLY Y 119 -39.32 26.24 22.67
CA GLY Y 119 -39.27 27.52 23.35
C GLY Y 119 -40.49 28.39 23.18
N VAL Y 120 -41.58 27.85 22.62
CA VAL Y 120 -42.78 28.65 22.42
C VAL Y 120 -43.37 29.08 23.76
N TYR Y 121 -43.26 28.23 24.78
CA TYR Y 121 -43.72 28.60 26.10
C TYR Y 121 -42.98 29.83 26.61
N HIS Y 122 -41.65 29.81 26.47
CA HIS Y 122 -40.84 30.94 26.93
C HIS Y 122 -41.17 32.20 26.15
N TRP Y 123 -41.31 32.07 24.84
CA TRP Y 123 -41.63 33.22 24.00
C TRP Y 123 -42.96 33.84 24.39
N TRP Y 124 -44.00 33.01 24.54
CA TRP Y 124 -45.32 33.53 24.86
C TRP Y 124 -45.36 34.12 26.27
N TYR Y 125 -44.67 33.49 27.21
CA TYR Y 125 -44.59 34.04 28.56
C TYR Y 125 -43.89 35.40 28.55
N THR Y 126 -42.82 35.53 27.76
CA THR Y 126 -42.10 36.80 27.72
C THR Y 126 -42.94 37.90 27.10
N ILE Y 127 -43.60 37.61 25.96
CA ILE Y 127 -44.41 38.64 25.32
C ILE Y 127 -45.70 38.92 26.06
N GLY Y 128 -46.08 38.07 27.01
CA GLY Y 128 -47.10 38.43 27.98
C GLY Y 128 -48.36 37.58 27.98
N MET Y 129 -48.24 36.33 27.56
CA MET Y 129 -49.34 35.37 27.63
C MET Y 129 -49.28 34.67 28.98
N ARG Y 130 -50.42 34.67 29.69
CA ARG Y 130 -50.49 34.15 31.05
C ARG Y 130 -51.51 33.04 31.26
N THR Y 131 -52.46 32.86 30.34
CA THR Y 131 -53.51 31.87 30.50
C THR Y 131 -53.80 31.21 29.17
N ASN Y 132 -54.45 30.05 29.23
CA ASN Y 132 -54.79 29.32 28.02
C ASN Y 132 -55.78 30.08 27.15
N GLU Y 133 -56.59 30.95 27.77
CA GLU Y 133 -57.56 31.73 27.00
C GLU Y 133 -56.87 32.66 26.01
N ASP Y 134 -55.77 33.29 26.44
CA ASP Y 134 -55.04 34.18 25.55
C ASP Y 134 -54.48 33.40 24.36
N LEU Y 135 -53.92 32.22 24.61
CA LEU Y 135 -53.41 31.39 23.52
C LEU Y 135 -54.54 30.98 22.57
N TYR Y 136 -55.70 30.62 23.13
CA TYR Y 136 -56.81 30.21 22.28
C TYR Y 136 -57.29 31.36 21.41
N PHE Y 137 -57.38 32.56 21.97
CA PHE Y 137 -57.82 33.71 21.17
C PHE Y 137 -56.78 34.07 20.12
N GLY Y 138 -55.50 33.93 20.44
CA GLY Y 138 -54.48 34.12 19.41
C GLY Y 138 -54.60 33.11 18.29
N ALA Y 139 -54.89 31.85 18.63
CA ALA Y 139 -55.10 30.84 17.61
C ALA Y 139 -56.30 31.17 16.73
N LEU Y 140 -57.39 31.65 17.33
CA LEU Y 140 -58.54 32.06 16.55
C LEU Y 140 -58.20 33.22 15.61
N GLY Y 141 -57.47 34.20 16.11
CA GLY Y 141 -57.06 35.31 15.26
C GLY Y 141 -56.21 34.86 14.09
N LEU Y 142 -55.28 33.95 14.35
CA LEU Y 142 -54.44 33.44 13.27
C LEU Y 142 -55.25 32.62 12.27
N LEU Y 143 -56.24 31.88 12.75
CA LEU Y 143 -57.12 31.15 11.84
C LEU Y 143 -57.89 32.11 10.94
N ILE Y 144 -58.42 33.19 11.50
CA ILE Y 144 -59.14 34.17 10.70
C ILE Y 144 -58.20 34.83 9.69
N LEU Y 145 -56.95 35.09 10.11
CA LEU Y 145 -55.97 35.67 9.20
C LEU Y 145 -55.68 34.73 8.03
N SER Y 146 -55.53 33.43 8.33
CA SER Y 146 -55.31 32.46 7.26
C SER Y 146 -56.51 32.39 6.32
N THR Y 147 -57.73 32.47 6.87
CA THR Y 147 -58.92 32.49 6.04
C THR Y 147 -58.90 33.69 5.09
N ALA Y 148 -58.55 34.87 5.63
CA ALA Y 148 -58.49 36.07 4.81
C ALA Y 148 -57.42 35.94 3.72
N LEU Y 149 -56.27 35.36 4.07
CA LEU Y 149 -55.20 35.21 3.08
C LEU Y 149 -55.59 34.24 1.97
N LEU Y 150 -56.27 33.14 2.32
CA LEU Y 150 -56.75 32.22 1.30
C LEU Y 150 -57.77 32.90 0.39
N PHE Y 151 -58.66 33.72 0.97
CA PHE Y 151 -59.61 34.44 0.13
C PHE Y 151 -58.89 35.40 -0.79
N ALA Y 152 -57.85 36.08 -0.29
CA ALA Y 152 -57.09 37.00 -1.12
C ALA Y 152 -56.41 36.26 -2.28
N GLY Y 153 -55.83 35.10 -1.98
CA GLY Y 153 -55.21 34.32 -3.03
C GLY Y 153 -56.20 33.89 -4.10
N TRP Y 154 -57.40 33.49 -3.67
CA TRP Y 154 -58.44 33.17 -4.65
C TRP Y 154 -58.84 34.41 -5.45
N LEU Y 155 -58.99 35.54 -4.76
CA LEU Y 155 -59.51 36.75 -5.39
C LEU Y 155 -58.55 37.27 -6.46
N HIS Y 156 -57.26 37.27 -6.18
CA HIS Y 156 -56.31 37.90 -7.08
C HIS Y 156 -56.03 37.07 -8.34
N LEU Y 157 -56.61 35.87 -8.46
CA LEU Y 157 -56.62 35.13 -9.70
C LEU Y 157 -57.86 35.42 -10.55
N GLN Y 158 -58.79 36.23 -10.06
CA GLN Y 158 -59.98 36.55 -10.81
C GLN Y 158 -59.63 37.50 -11.96
N PRO Y 159 -60.47 37.57 -13.00
CA PRO Y 159 -60.13 38.44 -14.15
C PRO Y 159 -60.00 39.91 -13.78
N LYS Y 160 -60.99 40.49 -13.12
CA LYS Y 160 -60.96 41.92 -12.80
C LYS Y 160 -59.96 42.26 -11.69
N PHE Y 161 -59.40 41.26 -11.01
CA PHE Y 161 -58.50 41.48 -9.88
C PHE Y 161 -57.11 40.89 -10.14
N ARG Y 162 -56.74 40.69 -11.40
CA ARG Y 162 -55.44 40.11 -11.73
C ARG Y 162 -54.45 41.25 -11.94
N PRO Y 163 -53.44 41.41 -11.08
CA PRO Y 163 -52.48 42.51 -11.29
C PRO Y 163 -51.65 42.31 -12.56
N GLY Y 164 -51.19 43.45 -13.09
CA GLY Y 164 -50.45 43.45 -14.33
C GLY Y 164 -48.94 43.34 -14.14
N ILE Y 165 -48.26 43.11 -15.26
CA ILE Y 165 -46.82 42.88 -15.23
C ILE Y 165 -46.09 44.16 -14.82
N ALA Y 166 -46.56 45.32 -15.26
CA ALA Y 166 -45.94 46.57 -14.85
C ALA Y 166 -46.06 46.78 -13.35
N TRP Y 167 -47.23 46.49 -12.80
CA TRP Y 167 -47.43 46.59 -11.36
C TRP Y 167 -46.49 45.63 -10.63
N PHE Y 168 -46.34 44.41 -11.14
CA PHE Y 168 -45.42 43.46 -10.51
C PHE Y 168 -43.99 43.96 -10.56
N LYS Y 169 -43.58 44.54 -11.68
CA LYS Y 169 -42.21 45.00 -11.87
C LYS Y 169 -41.98 46.41 -11.34
N ASN Y 170 -42.96 47.00 -10.67
CA ASN Y 170 -42.74 48.29 -10.00
C ASN Y 170 -41.85 48.08 -8.78
N ASN Y 171 -40.54 48.20 -8.96
CA ASN Y 171 -39.61 47.91 -7.87
C ASN Y 171 -39.61 49.00 -6.81
N GLU Y 172 -39.67 50.26 -7.23
CA GLU Y 172 -39.49 51.37 -6.30
C GLU Y 172 -40.62 51.40 -5.26
N SER Y 173 -41.86 51.28 -5.71
CA SER Y 173 -42.99 51.31 -4.79
C SER Y 173 -42.97 50.11 -3.84
N ARG Y 174 -42.65 48.93 -4.36
CA ARG Y 174 -42.57 47.74 -3.53
C ARG Y 174 -41.51 47.90 -2.45
N LEU Y 175 -40.32 48.38 -2.83
CA LEU Y 175 -39.25 48.50 -1.87
C LEU Y 175 -39.55 49.58 -0.84
N ASN Y 176 -40.14 50.69 -1.28
CA ASN Y 176 -40.56 51.73 -0.34
C ASN Y 176 -41.53 51.17 0.68
N HIS Y 177 -42.57 50.50 0.33
CA HIS Y 177 -43.51 49.93 1.23
C HIS Y 177 -43.08 48.77 1.98
N HIS Y 178 -42.30 47.92 1.46
CA HIS Y 178 -41.80 46.85 2.21
C HIS Y 178 -40.68 47.21 3.06
N LEU Y 179 -40.35 48.43 3.29
CA LEU Y 179 -39.34 48.82 4.19
C LEU Y 179 -39.89 49.80 5.10
N SER Y 180 -40.86 50.56 4.76
CA SER Y 180 -41.32 51.54 5.63
C SER Y 180 -42.46 51.06 6.32
N GLY Y 181 -43.28 50.25 5.77
CA GLY Y 181 -44.42 49.64 6.43
C GLY Y 181 -44.19 48.23 6.93
N LEU Y 182 -43.74 47.34 6.05
CA LEU Y 182 -43.59 45.94 6.43
C LEU Y 182 -42.52 45.75 7.49
N PHE Y 183 -41.40 46.46 7.36
CA PHE Y 183 -40.35 46.42 8.37
C PHE Y 183 -40.55 47.50 9.43
N GLY Y 184 -40.59 48.76 9.00
CA GLY Y 184 -40.65 49.88 9.92
C GLY Y 184 -41.90 49.96 10.76
N VAL Y 185 -43.07 50.03 10.14
CA VAL Y 185 -44.30 50.17 10.90
C VAL Y 185 -44.58 48.92 11.70
N SER Y 186 -44.23 47.74 11.16
CA SER Y 186 -44.43 46.52 11.93
C SER Y 186 -43.54 46.48 13.17
N SER Y 187 -42.29 46.91 13.03
CA SER Y 187 -41.41 46.97 14.20
C SER Y 187 -41.89 48.02 15.20
N LEU Y 188 -42.43 49.13 14.70
CA LEU Y 188 -43.04 50.13 15.59
C LEU Y 188 -44.23 49.53 16.33
N ALA Y 189 -45.03 48.73 15.63
CA ALA Y 189 -46.16 48.07 16.27
C ALA Y 189 -45.69 47.10 17.34
N TRP Y 190 -44.59 46.39 17.08
CA TRP Y 190 -44.08 45.48 18.10
C TRP Y 190 -43.56 46.24 19.31
N ALA Y 191 -42.90 47.38 19.09
CA ALA Y 191 -42.48 48.21 20.21
C ALA Y 191 -43.67 48.70 21.00
N GLY Y 192 -44.75 49.09 20.31
CA GLY Y 192 -45.96 49.47 21.00
C GLY Y 192 -46.56 48.34 21.80
N HIS Y 193 -46.56 47.12 21.24
CA HIS Y 193 -47.06 45.98 21.97
C HIS Y 193 -46.25 45.73 23.22
N LEU Y 194 -44.92 45.79 23.12
CA LEU Y 194 -44.08 45.61 24.29
C LEU Y 194 -44.44 46.64 25.35
N ILE Y 195 -44.40 47.92 24.98
CA ILE Y 195 -44.59 48.98 25.96
C ILE Y 195 -45.98 48.96 26.55
N HIS Y 196 -46.97 48.43 25.83
CA HIS Y 196 -48.34 48.44 26.32
C HIS Y 196 -48.74 47.18 27.08
N VAL Y 197 -48.17 46.01 26.74
CA VAL Y 197 -48.68 44.74 27.25
C VAL Y 197 -47.60 43.90 27.92
N ALA Y 198 -46.35 44.00 27.47
CA ALA Y 198 -45.34 43.05 27.90
C ALA Y 198 -44.61 43.55 29.14
N ILE Y 199 -44.15 44.80 29.11
CA ILE Y 199 -43.53 45.38 30.30
C ILE Y 199 -44.51 45.45 31.46
N PRO Y 200 -45.76 45.90 31.29
CA PRO Y 200 -46.71 45.81 32.41
C PRO Y 200 -46.95 44.40 32.91
N GLU Y 201 -46.99 43.41 32.03
CA GLU Y 201 -47.19 42.04 32.49
C GLU Y 201 -45.97 41.52 33.25
N SER Y 202 -44.77 41.85 32.77
CA SER Y 202 -43.57 41.47 33.51
C SER Y 202 -43.48 42.19 34.84
N ARG Y 203 -44.08 43.38 34.95
CA ARG Y 203 -44.11 44.15 36.18
C ARG Y 203 -45.39 43.92 37.00
N GLY Y 204 -46.23 42.97 36.60
CA GLY Y 204 -47.38 42.60 37.39
C GLY Y 204 -48.61 43.43 37.13
N GLN Y 205 -48.97 43.59 35.86
CA GLN Y 205 -50.18 44.30 35.46
C GLN Y 205 -50.85 43.51 34.34
N HIS Y 206 -52.15 43.27 34.49
CA HIS Y 206 -52.92 42.50 33.51
C HIS Y 206 -53.54 43.47 32.52
N ILE Y 207 -52.81 43.74 31.44
CA ILE Y 207 -53.26 44.62 30.36
C ILE Y 207 -53.76 43.75 29.22
N ARG Y 208 -55.05 43.86 28.92
CA ARG Y 208 -55.68 43.13 27.84
C ARG Y 208 -56.56 44.10 27.05
N TRP Y 209 -57.24 43.56 26.02
CA TRP Y 209 -58.01 44.40 25.12
C TRP Y 209 -59.11 45.19 25.82
N ASN Y 210 -59.59 44.70 26.96
CA ASN Y 210 -60.70 45.37 27.64
C ASN Y 210 -60.25 46.57 28.47
N ASN Y 211 -58.95 46.73 28.74
CA ASN Y 211 -58.47 47.83 29.57
C ASN Y 211 -57.17 48.46 29.08
N PHE Y 212 -56.63 48.05 27.93
CA PHE Y 212 -55.43 48.70 27.41
C PHE Y 212 -55.70 50.14 27.01
N THR Y 213 -56.94 50.47 26.66
CA THR Y 213 -57.29 51.85 26.38
C THR Y 213 -57.20 52.70 27.64
N SER Y 214 -57.66 52.16 28.77
CA SER Y 214 -57.71 52.93 30.00
C SER Y 214 -56.36 53.01 30.69
N THR Y 215 -55.60 51.92 30.69
CA THR Y 215 -54.33 51.89 31.40
C THR Y 215 -53.25 52.62 30.62
N LEU Y 216 -52.56 53.54 31.29
CA LEU Y 216 -51.49 54.32 30.66
C LEU Y 216 -50.18 53.53 30.69
N PRO Y 217 -49.43 53.43 29.59
CA PRO Y 217 -48.14 52.71 29.66
C PRO Y 217 -47.15 53.34 30.61
N HIS Y 218 -47.16 54.67 30.75
CA HIS Y 218 -46.28 55.42 31.62
C HIS Y 218 -47.13 56.35 32.48
N PRO Y 219 -46.72 56.62 33.74
CA PRO Y 219 -47.52 57.56 34.53
C PRO Y 219 -47.58 58.95 33.94
N GLU Y 220 -46.54 59.37 33.23
CA GLU Y 220 -46.51 60.70 32.62
C GLU Y 220 -47.37 60.77 31.37
N GLY Y 221 -47.59 59.64 30.69
CA GLY Y 221 -48.31 59.66 29.44
C GLY Y 221 -47.41 60.08 28.29
N LEU Y 222 -48.00 60.70 27.28
CA LEU Y 222 -47.27 61.23 26.14
C LEU Y 222 -46.80 62.67 26.33
N THR Y 223 -47.05 63.25 27.50
CA THR Y 223 -46.56 64.61 27.75
C THR Y 223 -45.05 64.71 27.64
N PRO Y 224 -44.25 63.80 28.21
CA PRO Y 224 -42.81 63.85 27.94
C PRO Y 224 -42.47 63.75 26.46
N PHE Y 225 -43.20 62.90 25.73
CA PHE Y 225 -42.92 62.71 24.30
C PHE Y 225 -43.14 64.00 23.53
N PHE Y 226 -44.25 64.68 23.80
CA PHE Y 226 -44.56 65.91 23.06
C PHE Y 226 -43.75 67.10 23.56
N THR Y 227 -43.34 67.10 24.84
CA THR Y 227 -42.52 68.19 25.34
C THR Y 227 -41.05 68.02 24.97
N GLY Y 228 -40.62 66.82 24.59
CA GLY Y 228 -39.24 66.57 24.28
C GLY Y 228 -38.40 66.10 25.44
N ASN Y 229 -38.97 65.98 26.64
CA ASN Y 229 -38.25 65.45 27.80
C ASN Y 229 -38.31 63.93 27.79
N TRP Y 230 -37.65 63.36 26.78
CA TRP Y 230 -37.77 61.93 26.52
C TRP Y 230 -37.00 61.08 27.52
N GLY Y 231 -36.10 61.69 28.30
CA GLY Y 231 -35.40 60.95 29.34
C GLY Y 231 -36.29 60.51 30.49
N LEU Y 232 -37.48 61.07 30.61
CA LEU Y 232 -38.41 60.63 31.65
C LEU Y 232 -38.82 59.18 31.43
N TYR Y 233 -38.85 58.72 30.18
CA TYR Y 233 -39.19 57.34 29.90
C TYR Y 233 -38.05 56.38 30.22
N ALA Y 234 -36.81 56.87 30.27
CA ALA Y 234 -35.68 56.05 30.72
C ALA Y 234 -35.47 56.13 32.22
N GLU Y 235 -35.94 57.19 32.87
CA GLU Y 235 -35.78 57.32 34.31
C GLU Y 235 -36.49 56.19 35.05
N ASN Y 236 -35.91 55.80 36.18
CA ASN Y 236 -36.44 54.74 37.03
C ASN Y 236 -36.49 53.40 36.30
N PRO Y 237 -35.35 52.80 35.98
CA PRO Y 237 -35.37 51.48 35.34
C PRO Y 237 -35.70 50.39 36.35
N ASP Y 238 -35.83 49.16 35.84
CA ASP Y 238 -36.01 48.01 36.70
C ASP Y 238 -34.77 47.77 37.54
N THR Y 239 -34.99 47.36 38.79
CA THR Y 239 -33.89 47.11 39.71
C THR Y 239 -33.32 45.71 39.49
N ALA Y 240 -32.11 45.49 40.02
CA ALA Y 240 -31.48 44.19 39.95
C ALA Y 240 -32.15 43.15 40.83
N GLN Y 241 -33.02 43.57 41.77
CA GLN Y 241 -33.76 42.66 42.62
C GLN Y 241 -35.14 42.34 42.07
N HIS Y 242 -35.44 42.75 40.83
CA HIS Y 242 -36.75 42.49 40.24
C HIS Y 242 -36.95 41.00 40.02
N ILE Y 243 -38.20 40.56 40.22
CA ILE Y 243 -38.63 39.21 39.90
C ILE Y 243 -39.64 39.30 38.76
N PHE Y 244 -39.40 38.54 37.71
CA PHE Y 244 -40.21 38.64 36.49
C PHE Y 244 -41.66 38.27 36.79
N GLY Y 245 -42.57 39.12 36.31
CA GLY Y 245 -43.99 38.88 36.47
C GLY Y 245 -44.60 39.39 37.76
N THR Y 246 -43.81 39.99 38.65
CA THR Y 246 -44.27 40.48 39.94
C THR Y 246 -43.92 41.95 40.09
N SER Y 247 -44.76 42.68 40.84
CA SER Y 247 -44.58 44.12 40.99
C SER Y 247 -43.43 44.48 41.92
N GLU Y 248 -42.97 43.54 42.74
CA GLU Y 248 -41.87 43.84 43.65
C GLU Y 248 -40.59 44.09 42.87
N GLY Y 249 -39.89 45.17 43.21
CA GLY Y 249 -38.68 45.53 42.50
C GLY Y 249 -38.90 46.01 41.08
N ALA Y 250 -40.11 46.44 40.74
CA ALA Y 250 -40.44 46.86 39.38
C ALA Y 250 -40.31 48.36 39.24
N GLY Y 251 -39.82 48.78 38.06
CA GLY Y 251 -39.66 50.18 37.75
C GLY Y 251 -40.81 50.72 36.93
N THR Y 252 -40.61 51.94 36.42
CA THR Y 252 -41.58 52.62 35.56
C THR Y 252 -41.04 52.97 34.19
N ALA Y 253 -39.74 52.76 33.94
CA ALA Y 253 -39.18 53.08 32.63
C ALA Y 253 -39.76 52.17 31.56
N ILE Y 254 -40.00 52.73 30.38
CA ILE Y 254 -40.48 51.98 29.24
C ILE Y 254 -39.45 51.87 28.12
N LEU Y 255 -38.51 52.81 28.04
CA LEU Y 255 -37.47 52.82 27.02
C LEU Y 255 -36.14 53.10 27.70
N THR Y 256 -35.26 52.10 27.72
CA THR Y 256 -33.98 52.20 28.40
C THR Y 256 -32.89 51.60 27.51
N PHE Y 257 -31.65 51.80 27.93
CA PHE Y 257 -30.48 51.24 27.27
C PHE Y 257 -29.52 50.67 28.31
N LEU Y 258 -30.07 49.95 29.29
CA LEU Y 258 -29.26 49.40 30.37
C LEU Y 258 -28.22 48.43 29.83
N GLY Y 259 -28.61 47.60 28.87
CA GLY Y 259 -27.71 46.58 28.38
C GLY Y 259 -27.61 45.43 29.36
N GLY Y 260 -26.71 44.51 29.05
CA GLY Y 260 -26.55 43.35 29.90
C GLY Y 260 -27.78 42.46 29.87
N PHE Y 261 -28.07 41.86 31.03
CA PHE Y 261 -29.13 40.87 31.16
C PHE Y 261 -29.90 41.09 32.44
N HIS Y 262 -31.20 40.79 32.38
CA HIS Y 262 -32.01 40.78 33.58
C HIS Y 262 -31.49 39.69 34.52
N PRO Y 263 -31.23 39.99 35.80
CA PRO Y 263 -30.50 39.00 36.62
C PRO Y 263 -31.31 37.74 36.92
N GLN Y 264 -32.60 37.87 37.24
CA GLN Y 264 -33.38 36.69 37.58
C GLN Y 264 -33.56 35.78 36.37
N THR Y 265 -33.99 36.33 35.25
CA THR Y 265 -34.28 35.53 34.06
C THR Y 265 -33.06 35.28 33.20
N GLN Y 266 -31.96 36.03 33.40
CA GLN Y 266 -30.78 35.96 32.55
C GLN Y 266 -31.16 36.17 31.08
N SER Y 267 -32.04 37.16 30.85
CA SER Y 267 -32.48 37.54 29.52
C SER Y 267 -32.47 39.06 29.43
N MET Y 268 -32.48 39.56 28.20
CA MET Y 268 -32.36 40.99 27.99
C MET Y 268 -33.60 41.72 28.49
N TRP Y 269 -33.41 42.99 28.84
CA TRP Y 269 -34.50 43.78 29.39
C TRP Y 269 -35.54 44.08 28.33
N LEU Y 270 -36.81 43.94 28.71
CA LEU Y 270 -37.89 44.24 27.78
C LEU Y 270 -37.91 45.72 27.42
N THR Y 271 -37.50 46.60 28.34
CA THR Y 271 -37.39 48.00 28.00
C THR Y 271 -36.33 48.22 26.93
N ASP Y 272 -35.20 47.53 27.05
CA ASP Y 272 -34.18 47.60 26.01
C ASP Y 272 -34.70 47.09 24.68
N ILE Y 273 -35.46 46.00 24.70
CA ILE Y 273 -35.98 45.44 23.45
C ILE Y 273 -36.99 46.39 22.82
N ALA Y 274 -37.85 47.02 23.62
CA ALA Y 274 -38.80 47.97 23.10
C ALA Y 274 -38.10 49.18 22.49
N HIS Y 275 -37.07 49.70 23.17
CA HIS Y 275 -36.31 50.82 22.63
C HIS Y 275 -35.61 50.42 21.34
N HIS Y 276 -35.07 49.20 21.28
CA HIS Y 276 -34.47 48.70 20.07
C HIS Y 276 -35.44 48.74 18.90
N HIS Y 277 -36.62 48.16 19.11
CA HIS Y 277 -37.58 48.07 18.01
C HIS Y 277 -38.10 49.44 17.60
N LEU Y 278 -38.29 50.34 18.56
CA LEU Y 278 -38.71 51.69 18.24
C LEU Y 278 -37.66 52.41 17.39
N ALA Y 279 -36.40 52.35 17.80
CA ALA Y 279 -35.34 53.03 17.07
C ALA Y 279 -35.19 52.45 15.66
N ILE Y 280 -35.21 51.12 15.55
CA ILE Y 280 -35.00 50.51 14.24
C ILE Y 280 -36.22 50.74 13.35
N ALA Y 281 -37.42 50.85 13.93
CA ALA Y 281 -38.59 51.21 13.16
C ALA Y 281 -38.44 52.62 12.59
N VAL Y 282 -37.93 53.55 13.40
CA VAL Y 282 -37.70 54.90 12.90
C VAL Y 282 -36.70 54.88 11.75
N VAL Y 283 -35.62 54.11 11.90
CA VAL Y 283 -34.60 54.04 10.84
C VAL Y 283 -35.20 53.44 9.57
N PHE Y 284 -36.01 52.38 9.71
CA PHE Y 284 -36.61 51.76 8.54
C PHE Y 284 -37.60 52.69 7.85
N ILE Y 285 -38.39 53.43 8.63
CA ILE Y 285 -39.35 54.36 8.03
C ILE Y 285 -38.61 55.46 7.27
N PHE Y 286 -37.49 55.93 7.82
CA PHE Y 286 -36.68 56.89 7.09
C PHE Y 286 -36.11 56.28 5.82
N ALA Y 287 -35.65 55.02 5.91
CA ALA Y 287 -35.07 54.35 4.75
C ALA Y 287 -36.08 54.16 3.63
N GLY Y 288 -37.33 53.93 3.99
CA GLY Y 288 -38.36 53.61 3.01
C GLY Y 288 -38.87 54.77 2.18
N HIS Y 289 -38.35 55.99 2.38
CA HIS Y 289 -38.67 57.13 1.55
C HIS Y 289 -37.58 57.43 0.52
N MET Y 290 -36.71 56.45 0.25
CA MET Y 290 -35.58 56.68 -0.64
C MET Y 290 -35.99 56.77 -2.09
N TYR Y 291 -36.88 55.89 -2.53
CA TYR Y 291 -37.10 55.65 -3.95
C TYR Y 291 -38.30 56.41 -4.47
N ARG Y 292 -38.24 56.74 -5.77
CA ARG Y 292 -39.21 57.63 -6.40
C ARG Y 292 -40.47 56.86 -6.75
N THR Y 293 -41.62 57.34 -6.24
CA THR Y 293 -42.91 56.69 -6.47
C THR Y 293 -43.95 57.79 -6.65
N ASN Y 294 -44.32 58.13 -7.84
CA ASN Y 294 -45.43 59.05 -8.06
C ASN Y 294 -45.31 60.47 -7.72
N TRP Y 295 -44.41 60.87 -6.87
CA TRP Y 295 -44.21 62.26 -6.59
C TRP Y 295 -42.89 62.41 -7.19
N GLY Y 296 -42.16 63.46 -6.93
CA GLY Y 296 -40.94 63.63 -7.67
C GLY Y 296 -39.75 63.27 -6.93
N ILE Y 297 -39.80 63.51 -5.66
CA ILE Y 297 -38.74 63.16 -4.81
C ILE Y 297 -38.44 61.72 -4.78
N GLY Y 298 -37.20 61.37 -4.74
CA GLY Y 298 -36.80 60.00 -4.56
C GLY Y 298 -35.58 59.69 -5.38
N HIS Y 299 -35.42 58.40 -5.69
CA HIS Y 299 -34.28 57.89 -6.43
C HIS Y 299 -34.78 56.94 -7.51
N SER Y 300 -33.96 56.77 -8.55
CA SER Y 300 -34.19 55.80 -9.61
C SER Y 300 -33.08 54.76 -9.55
N MET Y 301 -33.45 53.52 -9.26
CA MET Y 301 -32.45 52.47 -9.11
C MET Y 301 -31.72 52.21 -10.42
N LYS Y 302 -32.42 52.33 -11.55
CA LYS Y 302 -31.77 52.18 -12.84
C LYS Y 302 -30.68 53.23 -13.02
N GLU Y 303 -30.99 54.48 -12.70
CA GLU Y 303 -30.00 55.55 -12.84
C GLU Y 303 -28.82 55.32 -11.91
N ILE Y 304 -29.10 54.91 -10.66
CA ILE Y 304 -28.03 54.69 -9.69
C ILE Y 304 -27.08 53.60 -10.19
N LEU Y 305 -27.65 52.46 -10.60
CA LEU Y 305 -26.83 51.35 -11.08
C LEU Y 305 -26.07 51.74 -12.35
N ASP Y 306 -26.74 52.43 -13.27
CA ASP Y 306 -26.09 52.76 -14.53
C ASP Y 306 -24.89 53.67 -14.32
N ALA Y 307 -25.05 54.70 -13.48
CA ALA Y 307 -23.95 55.65 -13.31
C ALA Y 307 -22.96 55.27 -12.23
N HIS Y 308 -23.17 54.16 -11.52
CA HIS Y 308 -22.12 53.65 -10.63
C HIS Y 308 -21.15 52.80 -11.43
N VAL Y 309 -20.11 53.46 -11.94
CA VAL Y 309 -19.03 52.80 -12.68
C VAL Y 309 -17.72 53.49 -12.29
N PRO Y 310 -16.70 52.80 -11.79
CA PRO Y 310 -15.50 53.50 -11.33
C PRO Y 310 -14.67 54.02 -12.50
N PRO Y 311 -13.72 54.91 -12.25
CA PRO Y 311 -12.99 55.53 -13.36
C PRO Y 311 -12.05 54.55 -14.05
N LYS Y 312 -11.75 54.86 -15.32
CA LYS Y 312 -10.80 54.10 -16.14
C LYS Y 312 -11.21 52.65 -16.32
N GLY Y 313 -12.49 52.34 -16.19
CA GLY Y 313 -12.96 50.98 -16.41
C GLY Y 313 -12.35 49.96 -15.48
N ARG Y 314 -12.23 50.30 -14.19
CA ARG Y 314 -11.71 49.34 -13.23
C ARG Y 314 -12.62 48.12 -13.13
N LEU Y 315 -13.91 48.34 -12.88
CA LEU Y 315 -14.91 47.28 -12.89
C LEU Y 315 -15.62 47.21 -14.24
N GLY Y 316 -14.85 47.19 -15.32
CA GLY Y 316 -15.45 47.15 -16.65
C GLY Y 316 -16.34 48.34 -16.90
N SER Y 317 -17.55 48.07 -17.38
CA SER Y 317 -18.56 49.09 -17.58
C SER Y 317 -19.34 49.42 -16.31
N GLY Y 318 -19.01 48.79 -15.18
CA GLY Y 318 -19.70 49.07 -13.94
C GLY Y 318 -20.91 48.19 -13.75
N HIS Y 319 -22.00 48.77 -13.25
CA HIS Y 319 -23.24 48.05 -12.97
C HIS Y 319 -24.30 48.33 -14.04
N ARG Y 320 -23.89 48.56 -15.28
CA ARG Y 320 -24.84 48.82 -16.36
C ARG Y 320 -25.52 47.52 -16.78
N GLY Y 321 -26.85 47.55 -16.88
CA GLY Y 321 -27.62 46.38 -17.24
C GLY Y 321 -28.03 45.50 -16.09
N LEU Y 322 -27.45 45.71 -14.90
CA LEU Y 322 -27.82 44.88 -13.76
C LEU Y 322 -29.26 45.11 -13.36
N PHE Y 323 -29.74 46.36 -13.46
CA PHE Y 323 -31.15 46.63 -13.19
C PHE Y 323 -32.04 45.83 -14.12
N GLU Y 324 -31.72 45.82 -15.41
CA GLU Y 324 -32.53 45.08 -16.37
C GLU Y 324 -32.52 43.60 -16.07
N THR Y 325 -31.34 43.03 -15.82
CA THR Y 325 -31.27 41.59 -15.56
C THR Y 325 -31.99 41.21 -14.29
N ILE Y 326 -31.86 42.04 -13.24
CA ILE Y 326 -32.49 41.71 -11.96
C ILE Y 326 -34.00 41.84 -12.06
N THR Y 327 -34.49 42.92 -12.67
CA THR Y 327 -35.93 43.11 -12.76
C THR Y 327 -36.59 42.21 -13.80
N ASP Y 328 -35.82 41.60 -14.70
CA ASP Y 328 -36.36 40.65 -15.67
C ASP Y 328 -36.31 39.22 -15.17
N SER Y 329 -35.24 38.83 -14.50
CA SER Y 329 -35.03 37.46 -14.05
C SER Y 329 -35.50 37.30 -12.61
N LEU Y 330 -36.45 36.39 -12.40
CA LEU Y 330 -36.90 36.08 -11.05
C LEU Y 330 -35.91 35.20 -10.30
N HIS Y 331 -35.06 34.45 -11.01
CA HIS Y 331 -34.12 33.57 -10.33
C HIS Y 331 -33.03 34.36 -9.62
N MET Y 332 -32.57 35.46 -10.21
CA MET Y 332 -31.59 36.30 -9.54
C MET Y 332 -32.17 36.91 -8.27
N GLN Y 333 -33.42 37.40 -8.35
CA GLN Y 333 -34.08 37.94 -7.17
C GLN Y 333 -34.25 36.88 -6.10
N LEU Y 334 -34.65 35.68 -6.50
CA LEU Y 334 -34.79 34.58 -5.56
C LEU Y 334 -33.46 34.24 -4.91
N GLY Y 335 -32.39 34.22 -5.69
CA GLY Y 335 -31.08 33.92 -5.13
C GLY Y 335 -30.61 34.97 -4.14
N LEU Y 336 -30.81 36.25 -4.47
CA LEU Y 336 -30.43 37.31 -3.55
C LEU Y 336 -31.24 37.21 -2.26
N ALA Y 337 -32.55 36.98 -2.38
CA ALA Y 337 -33.39 36.84 -1.19
C ALA Y 337 -32.97 35.66 -0.34
N LEU Y 338 -32.67 34.53 -0.98
CA LEU Y 338 -32.26 33.33 -0.25
C LEU Y 338 -30.92 33.54 0.45
N ALA Y 339 -29.98 34.22 -0.21
CA ALA Y 339 -28.69 34.49 0.41
C ALA Y 339 -28.86 35.39 1.62
N SER Y 340 -29.65 36.46 1.47
CA SER Y 340 -29.87 37.37 2.58
C SER Y 340 -30.56 36.67 3.74
N LEU Y 341 -31.55 35.83 3.43
CA LEU Y 341 -32.28 35.13 4.49
C LEU Y 341 -31.43 34.06 5.15
N GLY Y 342 -30.54 33.40 4.41
CA GLY Y 342 -29.63 32.46 5.02
C GLY Y 342 -28.65 33.14 5.95
N VAL Y 343 -28.12 34.30 5.54
CA VAL Y 343 -27.25 35.06 6.42
C VAL Y 343 -28.01 35.48 7.67
N ALA Y 344 -29.26 35.92 7.51
CA ALA Y 344 -30.06 36.32 8.66
C ALA Y 344 -30.34 35.14 9.59
N THR Y 345 -30.59 33.96 9.02
CA THR Y 345 -30.85 32.78 9.83
C THR Y 345 -29.59 32.38 10.61
N SER Y 346 -28.43 32.44 9.98
CA SER Y 346 -27.19 32.21 10.70
C SER Y 346 -27.02 33.23 11.81
N LEU Y 347 -27.39 34.48 11.55
CA LEU Y 347 -27.25 35.52 12.55
C LEU Y 347 -28.15 35.28 13.76
N VAL Y 348 -29.41 34.91 13.52
CA VAL Y 348 -30.30 34.65 14.66
C VAL Y 348 -29.83 33.42 15.42
N ALA Y 349 -29.34 32.40 14.72
CA ALA Y 349 -28.80 31.23 15.41
C ALA Y 349 -27.62 31.62 16.29
N GLN Y 350 -26.74 32.48 15.79
CA GLN Y 350 -25.57 32.87 16.56
C GLN Y 350 -25.92 33.83 17.70
N HIS Y 351 -27.02 34.57 17.59
CA HIS Y 351 -27.35 35.61 18.57
C HIS Y 351 -28.32 35.15 19.65
N MET Y 352 -29.21 34.20 19.37
CA MET Y 352 -30.15 33.77 20.39
C MET Y 352 -29.44 33.16 21.59
N TYR Y 353 -28.43 32.33 21.35
CA TYR Y 353 -27.73 31.72 22.47
C TYR Y 353 -26.81 32.70 23.20
N ALA Y 354 -26.22 33.64 22.46
CA ALA Y 354 -25.29 34.58 23.08
C ALA Y 354 -26.02 35.64 23.89
N LEU Y 355 -27.18 36.08 23.40
CA LEU Y 355 -27.97 37.14 24.03
C LEU Y 355 -29.41 36.66 24.11
N PRO Y 356 -29.74 35.76 25.04
CA PRO Y 356 -31.12 35.26 25.13
C PRO Y 356 -32.08 36.39 25.46
N SER Y 357 -33.22 36.39 24.75
CA SER Y 357 -34.23 37.43 24.90
C SER Y 357 -35.47 36.98 25.66
N TYR Y 358 -35.69 35.67 25.77
CA TYR Y 358 -36.89 35.13 26.39
C TYR Y 358 -36.57 34.65 27.81
N ALA Y 359 -37.53 34.84 28.71
CA ALA Y 359 -37.30 34.57 30.12
C ALA Y 359 -37.08 33.08 30.36
N PHE Y 360 -36.06 32.77 31.15
CA PHE Y 360 -35.75 31.41 31.61
C PHE Y 360 -35.35 30.47 30.48
N MET Y 361 -35.03 30.99 29.29
CA MET Y 361 -34.58 30.13 28.20
C MET Y 361 -33.13 29.71 28.40
N ALA Y 362 -32.33 30.52 29.10
CA ALA Y 362 -30.92 30.18 29.28
C ALA Y 362 -30.75 28.88 30.05
N LYS Y 363 -31.60 28.66 31.07
CA LYS Y 363 -31.53 27.43 31.85
C LYS Y 363 -32.22 26.26 31.17
N ASP Y 364 -33.03 26.51 30.14
CA ASP Y 364 -33.66 25.45 29.36
C ASP Y 364 -32.67 25.01 28.29
N TYR Y 365 -31.85 24.01 28.63
CA TYR Y 365 -30.75 23.62 27.76
C TYR Y 365 -31.22 22.92 26.50
N VAL Y 366 -32.29 22.12 26.59
CA VAL Y 366 -32.77 21.38 25.42
C VAL Y 366 -33.27 22.35 24.35
N THR Y 367 -34.05 23.36 24.76
CA THR Y 367 -34.61 24.30 23.80
C THR Y 367 -33.52 25.09 23.09
N GLN Y 368 -32.48 25.49 23.83
CA GLN Y 368 -31.40 26.26 23.23
C GLN Y 368 -30.70 25.46 22.13
N ALA Y 369 -30.33 24.21 22.43
CA ALA Y 369 -29.65 23.38 21.45
C ALA Y 369 -30.56 23.09 20.25
N ALA Y 370 -31.83 22.79 20.52
CA ALA Y 370 -32.77 22.53 19.43
C ALA Y 370 -32.89 23.74 18.51
N LEU Y 371 -33.05 24.93 19.09
CA LEU Y 371 -33.20 26.13 18.27
C LEU Y 371 -31.93 26.43 17.48
N TYR Y 372 -30.76 26.29 18.10
CA TYR Y 372 -29.52 26.57 17.40
C TYR Y 372 -29.34 25.63 16.22
N THR Y 373 -29.51 24.32 16.46
CA THR Y 373 -29.36 23.34 15.39
C THR Y 373 -30.38 23.59 14.28
N HIS Y 374 -31.61 23.88 14.66
CA HIS Y 374 -32.67 24.13 13.69
C HIS Y 374 -32.31 25.29 12.78
N HIS Y 375 -31.95 26.43 13.37
CA HIS Y 375 -31.73 27.61 12.55
C HIS Y 375 -30.43 27.52 11.76
N GLN Y 376 -29.41 26.84 12.29
CA GLN Y 376 -28.19 26.65 11.52
C GLN Y 376 -28.45 25.75 10.30
N TYR Y 377 -29.22 24.69 10.48
CA TYR Y 377 -29.55 23.83 9.33
C TYR Y 377 -30.34 24.60 8.28
N ILE Y 378 -31.34 25.39 8.71
CA ILE Y 378 -32.11 26.15 7.73
C ILE Y 378 -31.23 27.20 7.05
N ALA Y 379 -30.28 27.80 7.77
CA ALA Y 379 -29.35 28.73 7.14
C ALA Y 379 -28.55 28.04 6.05
N GLY Y 380 -28.05 26.84 6.32
CA GLY Y 380 -27.33 26.10 5.30
C GLY Y 380 -28.19 25.80 4.09
N PHE Y 381 -29.43 25.38 4.33
CA PHE Y 381 -30.35 25.09 3.22
C PHE Y 381 -30.58 26.34 2.38
N LEU Y 382 -30.81 27.48 3.02
CA LEU Y 382 -31.08 28.71 2.29
C LEU Y 382 -29.86 29.18 1.50
N MET Y 383 -28.67 29.00 2.05
CA MET Y 383 -27.46 29.37 1.31
C MET Y 383 -27.28 28.51 0.07
N VAL Y 384 -27.47 27.20 0.23
CA VAL Y 384 -27.36 26.30 -0.94
C VAL Y 384 -28.40 26.66 -1.97
N GLY Y 385 -29.62 27.01 -1.53
CA GLY Y 385 -30.65 27.41 -2.47
C GLY Y 385 -30.33 28.69 -3.19
N ALA Y 386 -29.75 29.66 -2.48
CA ALA Y 386 -29.35 30.90 -3.11
C ALA Y 386 -28.34 30.64 -4.21
N PHE Y 387 -27.34 29.82 -3.94
CA PHE Y 387 -26.34 29.52 -4.96
C PHE Y 387 -26.95 28.75 -6.13
N ALA Y 388 -27.86 27.80 -5.83
CA ALA Y 388 -28.49 27.03 -6.89
C ALA Y 388 -29.31 27.92 -7.80
N HIS Y 389 -30.04 28.88 -7.23
CA HIS Y 389 -30.85 29.76 -8.08
C HIS Y 389 -29.99 30.79 -8.80
N GLY Y 390 -28.84 31.15 -8.25
CA GLY Y 390 -27.87 31.91 -9.03
C GLY Y 390 -27.39 31.14 -10.25
N ALA Y 391 -27.11 29.84 -10.07
CA ALA Y 391 -26.72 29.00 -11.20
C ALA Y 391 -27.85 28.90 -12.23
N ILE Y 392 -29.09 28.77 -11.76
CA ILE Y 392 -30.22 28.69 -12.67
C ILE Y 392 -30.37 30.00 -13.44
N PHE Y 393 -30.15 31.13 -12.77
CA PHE Y 393 -30.17 32.42 -13.45
C PHE Y 393 -29.11 32.49 -14.53
N PHE Y 394 -27.89 32.02 -14.21
CA PHE Y 394 -26.82 32.06 -15.20
C PHE Y 394 -27.15 31.20 -16.41
N VAL Y 395 -27.70 30.00 -16.18
CA VAL Y 395 -27.95 29.08 -17.29
C VAL Y 395 -29.25 29.36 -18.03
N ARG Y 396 -30.12 30.21 -17.48
CA ARG Y 396 -31.47 30.42 -18.03
C ARG Y 396 -31.77 31.87 -18.36
N ASP Y 397 -31.31 32.82 -17.56
CA ASP Y 397 -31.75 34.21 -17.64
C ASP Y 397 -30.63 35.21 -17.90
N TYR Y 398 -29.39 34.77 -18.09
CA TYR Y 398 -28.27 35.67 -18.28
C TYR Y 398 -28.13 36.03 -19.75
N ASP Y 399 -28.06 37.34 -20.03
CA ASP Y 399 -27.95 37.87 -21.38
C ASP Y 399 -26.60 38.57 -21.55
N PRO Y 400 -25.60 37.96 -22.22
CA PRO Y 400 -24.33 38.67 -22.38
C PRO Y 400 -24.44 39.96 -23.19
N GLU Y 401 -25.40 40.04 -24.12
CA GLU Y 401 -25.59 41.28 -24.86
C GLU Y 401 -25.95 42.43 -23.93
N VAL Y 402 -26.86 42.18 -22.99
CA VAL Y 402 -27.17 43.21 -21.99
C VAL Y 402 -25.98 43.44 -21.07
N ASN Y 403 -25.35 42.37 -20.59
CA ASN Y 403 -24.18 42.47 -19.72
C ASN Y 403 -22.89 42.45 -20.53
N LYS Y 404 -22.82 43.29 -21.55
CA LYS Y 404 -21.61 43.49 -22.34
C LYS Y 404 -20.59 44.19 -21.46
N ASP Y 405 -19.59 43.44 -20.98
CA ASP Y 405 -18.52 43.99 -20.15
C ASP Y 405 -19.08 44.57 -18.85
N ASN Y 406 -19.88 43.77 -18.17
CA ASN Y 406 -20.50 44.17 -16.92
C ASN Y 406 -19.69 43.67 -15.73
N VAL Y 407 -20.03 44.18 -14.55
CA VAL Y 407 -19.46 43.66 -13.32
C VAL Y 407 -19.82 42.19 -13.15
N LEU Y 408 -20.99 41.79 -13.65
CA LEU Y 408 -21.40 40.38 -13.62
C LEU Y 408 -20.69 39.56 -14.69
N ALA Y 409 -20.43 40.15 -15.86
CA ALA Y 409 -19.77 39.42 -16.92
C ALA Y 409 -18.29 39.19 -16.62
N ARG Y 410 -17.65 40.12 -15.91
CA ARG Y 410 -16.26 39.91 -15.55
C ARG Y 410 -16.07 38.75 -14.58
N MET Y 411 -17.10 38.42 -13.81
CA MET Y 411 -17.07 37.20 -13.01
C MET Y 411 -16.87 35.98 -13.90
N LEU Y 412 -17.65 35.88 -14.97
CA LEU Y 412 -17.44 34.80 -15.93
C LEU Y 412 -16.10 34.94 -16.61
N GLN Y 413 -15.59 36.17 -16.77
CA GLN Y 413 -14.31 36.38 -17.43
C GLN Y 413 -13.17 35.74 -16.64
N HIS Y 414 -13.12 35.96 -15.32
CA HIS Y 414 -12.06 35.43 -14.46
C HIS Y 414 -12.57 34.33 -13.53
N LYS Y 415 -13.59 33.59 -13.96
CA LYS Y 415 -14.06 32.43 -13.22
C LYS Y 415 -12.97 31.40 -13.00
N GLU Y 416 -12.05 31.23 -13.96
CA GLU Y 416 -10.98 30.26 -13.78
C GLU Y 416 -10.10 30.65 -12.60
N ALA Y 417 -9.75 31.93 -12.50
CA ALA Y 417 -8.96 32.39 -11.35
C ALA Y 417 -9.73 32.22 -10.06
N ILE Y 418 -11.03 32.56 -10.06
CA ILE Y 418 -11.83 32.42 -8.84
C ILE Y 418 -11.87 30.97 -8.38
N ILE Y 419 -12.12 30.05 -9.31
CA ILE Y 419 -12.23 28.65 -8.95
C ILE Y 419 -10.89 28.11 -8.49
N SER Y 420 -9.81 28.49 -9.16
CA SER Y 420 -8.49 28.00 -8.76
C SER Y 420 -8.11 28.50 -7.37
N HIS Y 421 -8.46 29.74 -7.03
CA HIS Y 421 -8.10 30.25 -5.72
C HIS Y 421 -8.98 29.67 -4.61
N LEU Y 422 -10.27 29.45 -4.91
CA LEU Y 422 -11.11 28.71 -3.97
C LEU Y 422 -10.55 27.31 -3.74
N SER Y 423 -10.10 26.65 -4.81
CA SER Y 423 -9.48 25.34 -4.66
C SER Y 423 -8.22 25.41 -3.81
N TRP Y 424 -7.41 26.45 -4.01
CA TRP Y 424 -6.18 26.58 -3.24
C TRP Y 424 -6.48 26.75 -1.75
N VAL Y 425 -7.40 27.66 -1.42
CA VAL Y 425 -7.67 27.91 0.01
C VAL Y 425 -8.30 26.68 0.65
N SER Y 426 -9.20 26.01 -0.08
CA SER Y 426 -9.78 24.78 0.45
C SER Y 426 -8.72 23.73 0.70
N LEU Y 427 -7.82 23.53 -0.26
CA LEU Y 427 -6.77 22.52 -0.11
C LEU Y 427 -5.84 22.86 1.05
N PHE Y 428 -5.45 24.13 1.16
CA PHE Y 428 -4.55 24.54 2.24
C PHE Y 428 -5.20 24.29 3.60
N LEU Y 429 -6.43 24.78 3.77
CA LEU Y 429 -7.11 24.62 5.05
C LEU Y 429 -7.28 23.16 5.39
N GLY Y 430 -7.73 22.35 4.43
CA GLY Y 430 -7.95 20.94 4.71
C GLY Y 430 -6.67 20.21 5.06
N PHE Y 431 -5.62 20.43 4.26
CA PHE Y 431 -4.34 19.77 4.50
C PHE Y 431 -3.84 20.08 5.90
N HIS Y 432 -3.79 21.37 6.25
CA HIS Y 432 -3.13 21.72 7.50
C HIS Y 432 -4.02 21.45 8.71
N THR Y 433 -5.33 21.64 8.60
CA THR Y 433 -6.21 21.30 9.70
C THR Y 433 -6.18 19.80 9.98
N LEU Y 434 -6.32 18.98 8.93
CA LEU Y 434 -6.28 17.54 9.13
C LEU Y 434 -4.90 17.10 9.63
N GLY Y 435 -3.84 17.74 9.12
CA GLY Y 435 -2.51 17.38 9.58
C GLY Y 435 -2.28 17.69 11.04
N LEU Y 436 -2.71 18.86 11.50
CA LEU Y 436 -2.58 19.20 12.91
C LEU Y 436 -3.42 18.27 13.77
N TYR Y 437 -4.65 17.96 13.31
CA TYR Y 437 -5.49 17.05 14.07
C TYR Y 437 -4.86 15.67 14.20
N ILE Y 438 -4.33 15.14 13.09
CA ILE Y 438 -3.71 13.82 13.12
C ILE Y 438 -2.43 13.84 13.95
N HIS Y 439 -1.69 14.95 13.89
CA HIS Y 439 -0.49 15.09 14.71
C HIS Y 439 -0.85 15.01 16.19
N ASN Y 440 -1.89 15.74 16.59
CA ASN Y 440 -2.35 15.71 17.98
C ASN Y 440 -2.84 14.31 18.34
N ASP Y 441 -3.57 13.67 17.44
CA ASP Y 441 -4.04 12.30 17.67
C ASP Y 441 -2.88 11.36 17.95
N VAL Y 442 -1.85 11.39 17.10
CA VAL Y 442 -0.73 10.46 17.27
C VAL Y 442 0.05 10.81 18.53
N CYS Y 443 0.19 12.10 18.83
CA CYS Y 443 0.95 12.50 20.02
C CYS Y 443 0.24 12.03 21.29
N VAL Y 444 -1.08 12.19 21.36
CA VAL Y 444 -1.81 11.67 22.53
C VAL Y 444 -1.81 10.15 22.53
N ALA Y 445 -1.87 9.53 21.34
CA ALA Y 445 -1.92 8.07 21.26
C ALA Y 445 -0.64 7.45 21.78
N PHE Y 446 0.50 8.08 21.50
CA PHE Y 446 1.78 7.61 22.02
C PHE Y 446 2.07 8.15 23.44
N GLY Y 447 1.04 8.57 24.17
CA GLY Y 447 1.21 8.90 25.57
C GLY Y 447 2.07 10.11 25.83
N THR Y 448 2.14 11.04 24.89
CA THR Y 448 2.95 12.25 25.03
C THR Y 448 2.15 13.45 24.53
N PRO Y 449 1.12 13.88 25.27
CA PRO Y 449 0.33 15.04 24.83
C PRO Y 449 1.11 16.34 24.77
N GLU Y 450 2.27 16.41 25.43
CA GLU Y 450 3.05 17.65 25.45
C GLU Y 450 3.51 18.07 24.06
N LYS Y 451 3.55 17.15 23.09
CA LYS Y 451 4.03 17.43 21.75
C LYS Y 451 2.95 17.99 20.83
N GLN Y 452 1.74 18.20 21.32
CA GLN Y 452 0.66 18.69 20.48
C GLN Y 452 0.96 20.10 19.97
N ILE Y 453 0.52 20.37 18.75
CA ILE Y 453 0.63 21.70 18.16
C ILE Y 453 -0.67 22.42 18.50
N LEU Y 454 -0.66 23.17 19.60
CA LEU Y 454 -1.83 23.86 20.13
C LEU Y 454 -1.66 25.35 19.89
N PHE Y 455 -2.45 25.90 18.97
CA PHE Y 455 -2.39 27.32 18.63
C PHE Y 455 -3.51 28.06 19.35
N GLU Y 456 -3.13 29.08 20.10
CA GLU Y 456 -4.12 29.88 20.81
C GLU Y 456 -4.84 30.81 19.83
N PRO Y 457 -6.19 30.89 19.85
CA PRO Y 457 -6.86 31.83 18.94
C PRO Y 457 -6.68 33.27 19.40
N VAL Y 458 -5.48 33.79 19.17
CA VAL Y 458 -5.10 35.09 19.74
C VAL Y 458 -5.98 36.20 19.18
N PHE Y 459 -6.35 36.12 17.90
CA PHE Y 459 -7.11 37.21 17.30
C PHE Y 459 -8.54 37.24 17.83
N ALA Y 460 -9.17 36.07 17.95
CA ALA Y 460 -10.51 36.02 18.53
C ALA Y 460 -10.49 36.44 19.99
N GLN Y 461 -9.45 36.03 20.73
CA GLN Y 461 -9.33 36.48 22.12
C GLN Y 461 -9.14 37.99 22.20
N PHE Y 462 -8.40 38.56 21.25
CA PHE Y 462 -8.24 40.01 21.18
C PHE Y 462 -9.58 40.69 20.92
N ILE Y 463 -10.40 40.11 20.06
CA ILE Y 463 -11.72 40.69 19.80
C ILE Y 463 -12.61 40.60 21.04
N GLN Y 464 -12.52 39.49 21.77
CA GLN Y 464 -13.28 39.38 23.01
C GLN Y 464 -12.82 40.44 24.01
N ALA Y 465 -11.51 40.66 24.11
CA ALA Y 465 -11.01 41.69 25.01
C ALA Y 465 -11.48 43.07 24.58
N ALA Y 466 -11.47 43.34 23.27
CA ALA Y 466 -11.97 44.61 22.77
C ALA Y 466 -13.45 44.78 23.06
N SER Y 467 -14.21 43.69 23.07
CA SER Y 467 -15.63 43.78 23.40
C SER Y 467 -15.83 43.97 24.90
N GLY Y 468 -14.89 43.53 25.72
CA GLY Y 468 -14.95 43.77 27.16
C GLY Y 468 -14.45 42.63 28.03
N LYS Y 469 -14.04 41.51 27.43
CA LYS Y 469 -13.48 40.43 28.21
C LYS Y 469 -12.19 40.86 28.87
N ALA Y 470 -11.92 40.30 30.07
CA ALA Y 470 -10.77 40.69 30.87
C ALA Y 470 -9.91 39.52 31.33
N LEU Y 471 -10.35 38.27 31.15
CA LEU Y 471 -9.57 37.15 31.67
C LEU Y 471 -8.31 36.92 30.84
N TYR Y 472 -8.30 37.34 29.57
CA TYR Y 472 -7.11 37.14 28.74
C TYR Y 472 -6.00 38.11 29.11
N GLY Y 473 -6.34 39.26 29.66
CA GLY Y 473 -5.33 40.23 30.05
C GLY Y 473 -4.77 41.05 28.92
N PHE Y 474 -5.44 41.08 27.77
CA PHE Y 474 -4.96 41.92 26.67
C PHE Y 474 -5.03 43.39 27.02
N ASP Y 475 -6.09 43.81 27.70
CA ASP Y 475 -6.26 45.20 28.15
C ASP Y 475 -6.26 46.15 26.96
N VAL Y 476 -7.24 45.98 26.08
CA VAL Y 476 -7.39 46.75 24.86
C VAL Y 476 -8.82 47.24 24.75
N LEU Y 477 -8.97 48.53 24.43
CA LEU Y 477 -10.27 49.16 24.16
C LEU Y 477 -11.14 49.02 25.40
N LEU Y 478 -12.30 48.35 25.34
CA LEU Y 478 -13.21 48.33 26.48
C LEU Y 478 -12.63 47.58 27.67
N SER Y 479 -11.70 46.66 27.44
CA SER Y 479 -11.01 46.02 28.56
C SER Y 479 -10.09 46.97 29.29
N SER Y 480 -9.59 48.00 28.61
CA SER Y 480 -8.77 49.01 29.26
C SER Y 480 -9.66 50.05 29.94
N PRO Y 481 -9.57 50.24 31.27
CA PRO Y 481 -10.40 51.28 31.89
C PRO Y 481 -10.12 52.68 31.38
N THR Y 482 -8.88 52.98 30.98
CA THR Y 482 -8.51 54.31 30.54
C THR Y 482 -8.96 54.62 29.11
N SER Y 483 -9.42 53.61 28.37
CA SER Y 483 -9.67 53.80 26.94
C SER Y 483 -10.78 54.80 26.69
N VAL Y 484 -10.61 55.57 25.60
CA VAL Y 484 -11.59 56.59 25.24
C VAL Y 484 -12.93 55.94 24.93
N ALA Y 485 -12.91 54.74 24.35
CA ALA Y 485 -14.16 54.03 24.06
C ALA Y 485 -14.91 53.70 25.34
N THR Y 486 -14.19 53.19 26.35
CA THR Y 486 -14.82 52.91 27.63
C THR Y 486 -15.36 54.17 28.27
N VAL Y 487 -14.59 55.26 28.20
CA VAL Y 487 -15.04 56.53 28.79
C VAL Y 487 -16.31 57.01 28.10
N ALA Y 488 -16.37 56.91 26.77
CA ALA Y 488 -17.53 57.37 26.03
C ALA Y 488 -18.76 56.53 26.33
N GLY Y 489 -18.60 55.21 26.38
CA GLY Y 489 -19.74 54.33 26.65
C GLY Y 489 -20.08 54.10 28.09
N SER Y 490 -19.33 54.71 29.04
CA SER Y 490 -19.43 54.35 30.45
C SER Y 490 -20.80 54.62 31.07
N LYS Y 491 -21.63 55.47 30.47
CA LYS Y 491 -22.84 55.94 31.12
C LYS Y 491 -24.14 55.40 30.53
N ILE Y 492 -24.08 54.62 29.43
CA ILE Y 492 -25.29 54.18 28.75
C ILE Y 492 -25.49 52.68 28.94
N TRP Y 493 -24.58 51.87 28.39
CA TRP Y 493 -24.75 50.43 28.34
C TRP Y 493 -23.57 49.64 28.89
N LEU Y 494 -22.37 50.22 28.94
CA LEU Y 494 -21.21 49.48 29.42
C LEU Y 494 -21.33 49.00 30.86
N PRO Y 495 -21.90 49.76 31.80
CA PRO Y 495 -22.03 49.22 33.17
C PRO Y 495 -22.76 47.90 33.27
N GLY Y 496 -23.71 47.63 32.37
CA GLY Y 496 -24.35 46.34 32.32
C GLY Y 496 -23.62 45.35 31.45
N TRP Y 497 -23.11 45.83 30.30
CA TRP Y 497 -22.47 44.94 29.34
C TRP Y 497 -21.19 44.33 29.92
N VAL Y 498 -20.41 45.11 30.66
CA VAL Y 498 -19.14 44.62 31.20
C VAL Y 498 -19.40 43.50 32.20
N GLU Y 499 -20.35 43.71 33.11
CA GLU Y 499 -20.66 42.64 34.07
C GLU Y 499 -21.25 41.43 33.37
N ALA Y 500 -22.07 41.65 32.34
CA ALA Y 500 -22.64 40.53 31.61
C ALA Y 500 -21.57 39.69 30.92
N ILE Y 501 -20.64 40.35 30.23
CA ILE Y 501 -19.63 39.61 29.48
C ILE Y 501 -18.63 38.95 30.42
N ASN Y 502 -18.25 39.64 31.51
CA ASN Y 502 -17.25 39.08 32.42
C ASN Y 502 -17.83 38.02 33.35
N SER Y 503 -19.15 38.00 33.54
CA SER Y 503 -19.76 36.94 34.33
C SER Y 503 -19.58 35.60 33.63
N GLY Y 504 -19.08 34.62 34.37
CA GLY Y 504 -18.77 33.33 33.78
C GLY Y 504 -19.92 32.37 33.64
N LYS Y 505 -21.11 32.71 34.13
CA LYS Y 505 -22.25 31.82 34.10
C LYS Y 505 -23.06 31.94 32.81
N ASN Y 506 -22.52 32.60 31.78
CA ASN Y 506 -23.28 32.99 30.60
C ASN Y 506 -22.55 32.54 29.33
N SER Y 507 -23.33 32.39 28.27
CA SER Y 507 -22.81 32.01 26.96
C SER Y 507 -22.34 33.20 26.14
N LEU Y 508 -22.35 34.40 26.70
CA LEU Y 508 -21.94 35.59 25.97
C LEU Y 508 -20.42 35.63 25.89
N PHE Y 509 -19.89 35.45 24.67
CA PHE Y 509 -18.45 35.46 24.42
C PHE Y 509 -17.75 34.40 25.25
N LEU Y 510 -18.03 33.15 24.91
CA LEU Y 510 -17.45 32.01 25.58
C LEU Y 510 -15.92 32.03 25.48
N THR Y 511 -15.27 31.54 26.53
CA THR Y 511 -13.82 31.38 26.49
C THR Y 511 -13.43 30.38 25.41
N ILE Y 512 -12.29 30.63 24.76
CA ILE Y 512 -11.85 29.85 23.61
C ILE Y 512 -10.40 29.43 23.82
N GLY Y 513 -10.00 28.41 23.06
CA GLY Y 513 -8.69 27.83 23.20
C GLY Y 513 -8.23 27.12 21.93
N PRO Y 514 -7.21 26.25 22.04
CA PRO Y 514 -6.73 25.54 20.84
C PRO Y 514 -7.79 24.70 20.15
N GLY Y 515 -8.69 24.07 20.91
CA GLY Y 515 -9.78 23.36 20.27
C GLY Y 515 -10.66 24.28 19.45
N ASP Y 516 -10.92 25.47 19.97
CA ASP Y 516 -11.70 26.45 19.23
C ASP Y 516 -10.96 26.89 17.96
N PHE Y 517 -9.65 27.10 18.08
CA PHE Y 517 -8.84 27.42 16.89
C PHE Y 517 -9.00 26.36 15.82
N LEU Y 518 -8.78 25.10 16.20
CA LEU Y 518 -8.78 24.02 15.21
C LEU Y 518 -10.16 23.83 14.60
N ILE Y 519 -11.21 23.84 15.42
CA ILE Y 519 -12.54 23.63 14.88
C ILE Y 519 -12.98 24.81 14.02
N HIS Y 520 -12.56 26.02 14.37
CA HIS Y 520 -12.89 27.16 13.52
C HIS Y 520 -12.21 27.06 12.16
N HIS Y 521 -10.96 26.58 12.14
CA HIS Y 521 -10.31 26.39 10.84
C HIS Y 521 -10.96 25.26 10.06
N ALA Y 522 -11.46 24.24 10.74
CA ALA Y 522 -12.23 23.21 10.05
C ALA Y 522 -13.51 23.77 9.46
N ILE Y 523 -14.19 24.66 10.19
CA ILE Y 523 -15.39 25.31 9.69
C ILE Y 523 -15.05 26.17 8.47
N ALA Y 524 -13.93 26.86 8.51
CA ALA Y 524 -13.49 27.65 7.38
C ALA Y 524 -13.23 26.76 6.17
N LEU Y 525 -12.59 25.61 6.39
CA LEU Y 525 -12.40 24.63 5.32
C LEU Y 525 -13.73 24.24 4.70
N ALA Y 526 -14.70 23.90 5.53
CA ALA Y 526 -15.97 23.40 5.02
C ALA Y 526 -16.73 24.48 4.27
N LEU Y 527 -16.74 25.71 4.79
CA LEU Y 527 -17.40 26.81 4.10
C LEU Y 527 -16.74 27.09 2.76
N HIS Y 528 -15.41 27.12 2.74
CA HIS Y 528 -14.71 27.41 1.48
C HIS Y 528 -14.94 26.30 0.46
N THR Y 529 -14.99 25.04 0.90
CA THR Y 529 -15.22 23.97 -0.06
C THR Y 529 -16.65 23.98 -0.59
N THR Y 530 -17.63 24.24 0.28
CA THR Y 530 -19.01 24.36 -0.20
C THR Y 530 -19.14 25.51 -1.19
N THR Y 531 -18.52 26.64 -0.88
CA THR Y 531 -18.55 27.78 -1.80
C THR Y 531 -17.82 27.44 -3.10
N LEU Y 532 -16.74 26.66 -3.02
CA LEU Y 532 -16.04 26.24 -4.23
C LEU Y 532 -16.96 25.45 -5.14
N ILE Y 533 -17.65 24.45 -4.58
CA ILE Y 533 -18.51 23.60 -5.39
C ILE Y 533 -19.64 24.43 -6.00
N LEU Y 534 -20.27 25.28 -5.18
CA LEU Y 534 -21.42 26.04 -5.65
C LEU Y 534 -21.00 27.09 -6.68
N VAL Y 535 -19.89 27.78 -6.44
CA VAL Y 535 -19.42 28.80 -7.36
C VAL Y 535 -19.02 28.16 -8.69
N LYS Y 536 -18.33 27.02 -8.63
CA LYS Y 536 -17.95 26.34 -9.87
C LYS Y 536 -19.19 25.92 -10.64
N GLY Y 537 -20.21 25.39 -9.95
CA GLY Y 537 -21.44 25.04 -10.63
C GLY Y 537 -22.09 26.23 -11.29
N ALA Y 538 -22.19 27.35 -10.56
CA ALA Y 538 -22.84 28.54 -11.10
C ALA Y 538 -22.08 29.09 -12.30
N LEU Y 539 -20.75 29.12 -12.23
CA LEU Y 539 -19.97 29.76 -13.29
C LEU Y 539 -19.79 28.85 -14.49
N ASP Y 540 -19.74 27.53 -14.30
CA ASP Y 540 -19.64 26.58 -15.39
C ASP Y 540 -21.01 26.09 -15.87
N ALA Y 541 -22.10 26.63 -15.34
CA ALA Y 541 -23.42 26.23 -15.80
C ALA Y 541 -23.61 26.56 -17.28
N ARG Y 542 -23.13 27.72 -17.71
CA ARG Y 542 -23.29 28.10 -19.11
C ARG Y 542 -22.49 27.19 -20.03
N GLY Y 543 -21.28 26.84 -19.65
CA GLY Y 543 -20.46 25.97 -20.49
C GLY Y 543 -19.12 25.70 -19.83
N SER Y 544 -18.35 24.83 -20.48
CA SER Y 544 -17.05 24.43 -20.01
C SER Y 544 -16.23 23.93 -21.19
N LYS Y 545 -14.95 23.66 -20.94
CA LYS Y 545 -14.09 23.14 -22.00
C LYS Y 545 -14.51 21.74 -22.42
N LEU Y 546 -15.06 20.96 -21.48
CA LEU Y 546 -15.60 19.65 -21.80
C LEU Y 546 -16.99 19.72 -22.41
N MET Y 547 -17.66 20.87 -22.30
CA MET Y 547 -19.03 21.02 -22.81
C MET Y 547 -19.38 22.49 -23.00
N PRO Y 548 -18.87 23.15 -24.05
CA PRO Y 548 -19.15 24.58 -24.21
C PRO Y 548 -20.62 24.92 -24.42
N ASP Y 549 -21.45 23.97 -24.87
CA ASP Y 549 -22.85 24.21 -25.17
C ASP Y 549 -23.77 23.69 -24.07
N LYS Y 550 -23.34 23.79 -22.81
CA LYS Y 550 -24.15 23.29 -21.70
C LYS Y 550 -25.45 24.09 -21.54
N LYS Y 551 -25.43 25.37 -21.89
CA LYS Y 551 -26.63 26.20 -21.76
C LYS Y 551 -27.75 25.70 -22.65
N ASP Y 552 -27.41 25.11 -23.80
CA ASP Y 552 -28.44 24.54 -24.66
C ASP Y 552 -29.13 23.36 -23.98
N PHE Y 553 -28.37 22.52 -23.28
CA PHE Y 553 -28.95 21.39 -22.58
C PHE Y 553 -29.76 21.84 -21.37
N GLY Y 554 -29.29 22.89 -20.68
CA GLY Y 554 -30.04 23.49 -19.59
C GLY Y 554 -29.42 23.31 -18.22
N TYR Y 555 -30.24 23.28 -17.19
CA TYR Y 555 -29.76 23.27 -15.82
C TYR Y 555 -29.56 21.86 -15.28
N SER Y 556 -30.56 20.99 -15.43
CA SER Y 556 -30.53 19.63 -14.89
C SER Y 556 -30.77 18.66 -16.05
N PHE Y 557 -29.68 18.08 -16.55
CA PHE Y 557 -29.70 17.01 -17.52
C PHE Y 557 -28.79 15.90 -17.00
N PRO Y 558 -29.00 14.65 -17.41
CA PRO Y 558 -28.18 13.57 -16.84
C PRO Y 558 -26.70 13.70 -17.16
N CYS Y 559 -26.33 13.78 -18.43
CA CYS Y 559 -24.93 13.74 -18.84
C CYS Y 559 -24.84 14.14 -20.30
N ASP Y 560 -23.65 13.97 -20.87
CA ASP Y 560 -23.42 14.05 -22.31
C ASP Y 560 -22.98 12.72 -22.92
N GLY Y 561 -22.99 11.63 -22.15
CA GLY Y 561 -22.59 10.34 -22.63
C GLY Y 561 -21.17 10.00 -22.24
N PRO Y 562 -20.73 8.77 -22.54
CA PRO Y 562 -19.36 8.37 -22.22
C PRO Y 562 -18.30 8.93 -23.15
N GLY Y 563 -18.68 9.63 -24.21
CA GLY Y 563 -17.71 10.23 -25.09
C GLY Y 563 -16.90 11.31 -24.38
N ARG Y 564 -15.71 11.56 -24.91
CA ARG Y 564 -14.79 12.52 -24.34
C ARG Y 564 -14.37 12.13 -22.93
N GLY Y 565 -14.29 10.83 -22.65
CA GLY Y 565 -13.79 10.32 -21.40
C GLY Y 565 -14.84 10.10 -20.32
N GLY Y 566 -16.07 10.55 -20.52
CA GLY Y 566 -17.13 10.45 -19.54
C GLY Y 566 -17.54 11.84 -19.07
N THR Y 567 -18.84 12.04 -18.91
CA THR Y 567 -19.43 13.33 -18.58
C THR Y 567 -20.46 13.18 -17.47
N CYS Y 568 -20.10 12.45 -16.42
CA CYS Y 568 -20.98 12.32 -15.28
C CYS Y 568 -20.97 13.59 -14.44
N ASP Y 569 -22.14 13.99 -13.97
CA ASP Y 569 -22.31 15.09 -13.03
C ASP Y 569 -21.67 16.38 -13.56
N ILE Y 570 -22.18 16.83 -14.70
CA ILE Y 570 -21.65 17.98 -15.42
C ILE Y 570 -22.66 19.11 -15.54
N SER Y 571 -23.90 18.93 -15.06
CA SER Y 571 -24.99 19.80 -15.44
C SER Y 571 -25.11 21.06 -14.59
N ALA Y 572 -24.41 21.15 -13.47
CA ALA Y 572 -24.45 22.23 -12.49
C ALA Y 572 -25.71 22.18 -11.62
N TRP Y 573 -26.67 21.29 -11.92
CA TRP Y 573 -27.55 20.78 -10.88
C TRP Y 573 -26.82 19.75 -10.03
N ASP Y 574 -25.94 18.98 -10.67
CA ASP Y 574 -25.12 18.03 -9.94
C ASP Y 574 -24.11 18.75 -9.05
N ALA Y 575 -23.91 20.03 -9.22
CA ALA Y 575 -23.10 20.81 -8.29
C ALA Y 575 -23.91 21.31 -7.13
N PHE Y 576 -25.20 21.19 -7.15
CA PHE Y 576 -26.03 21.45 -6.01
C PHE Y 576 -25.95 20.17 -5.28
N TYR Y 577 -26.30 19.08 -5.92
CA TYR Y 577 -26.25 17.80 -5.32
C TYR Y 577 -24.99 17.51 -4.58
N LEU Y 578 -23.85 17.91 -5.09
CA LEU Y 578 -22.60 17.58 -4.49
C LEU Y 578 -22.24 18.51 -3.40
N ALA Y 579 -22.81 19.69 -3.38
CA ALA Y 579 -22.57 20.67 -2.38
C ALA Y 579 -23.53 20.57 -1.29
N MET Y 580 -24.64 19.90 -1.48
CA MET Y 580 -25.52 19.58 -0.36
C MET Y 580 -24.82 18.69 0.66
N PHE Y 581 -24.00 17.76 0.19
CA PHE Y 581 -23.22 16.94 1.10
C PHE Y 581 -22.32 17.79 1.97
N TRP Y 582 -21.68 18.81 1.38
CA TRP Y 582 -20.81 19.66 2.15
C TRP Y 582 -21.58 20.62 3.05
N MET Y 583 -22.78 21.02 2.65
CA MET Y 583 -23.64 21.77 3.56
C MET Y 583 -23.96 20.95 4.80
N LEU Y 584 -24.37 19.70 4.61
CA LEU Y 584 -24.64 18.85 5.76
C LEU Y 584 -23.39 18.66 6.60
N ASN Y 585 -22.24 18.48 5.95
CA ASN Y 585 -20.99 18.30 6.67
C ASN Y 585 -20.65 19.51 7.53
N THR Y 586 -20.70 20.71 6.94
CA THR Y 586 -20.28 21.90 7.67
C THR Y 586 -21.26 22.23 8.79
N ILE Y 587 -22.56 22.11 8.55
CA ILE Y 587 -23.50 22.40 9.63
C ILE Y 587 -23.39 21.32 10.71
N GLY Y 588 -23.09 20.08 10.33
CA GLY Y 588 -22.87 19.05 11.34
C GLY Y 588 -21.67 19.35 12.21
N TRP Y 589 -20.57 19.79 11.61
CA TRP Y 589 -19.41 20.18 12.39
C TRP Y 589 -19.73 21.34 13.32
N VAL Y 590 -20.45 22.33 12.80
CA VAL Y 590 -20.79 23.51 13.60
C VAL Y 590 -21.65 23.12 14.79
N THR Y 591 -22.65 22.28 14.55
CA THR Y 591 -23.57 21.89 15.62
C THR Y 591 -22.90 20.96 16.61
N PHE Y 592 -22.01 20.07 16.15
CA PHE Y 592 -21.22 19.26 17.06
C PHE Y 592 -20.41 20.14 18.00
N TYR Y 593 -19.73 21.14 17.42
CA TYR Y 593 -18.92 22.07 18.20
C TYR Y 593 -19.76 22.79 19.24
N TRP Y 594 -20.87 23.38 18.81
CA TRP Y 594 -21.74 24.11 19.72
C TRP Y 594 -22.23 23.20 20.84
N HIS Y 595 -22.75 22.03 20.47
CA HIS Y 595 -23.36 21.15 21.44
C HIS Y 595 -22.36 20.66 22.46
N TRP Y 596 -21.16 20.29 22.04
CA TRP Y 596 -20.18 19.78 22.99
C TRP Y 596 -19.66 20.90 23.89
N LYS Y 597 -19.31 22.05 23.30
CA LYS Y 597 -18.78 23.13 24.11
C LYS Y 597 -19.82 23.66 25.09
N HIS Y 598 -21.10 23.54 24.77
CA HIS Y 598 -22.14 23.95 25.70
C HIS Y 598 -22.48 22.86 26.70
N MET Y 599 -22.41 21.59 26.32
CA MET Y 599 -22.67 20.51 27.27
C MET Y 599 -21.63 20.52 28.38
N THR Y 600 -20.35 20.68 28.02
CA THR Y 600 -19.32 20.70 29.05
C THR Y 600 -19.51 21.88 30.00
N ILE Y 601 -19.84 23.06 29.46
CA ILE Y 601 -19.99 24.24 30.29
C ILE Y 601 -21.23 24.12 31.17
N TRP Y 602 -22.31 23.54 30.64
CA TRP Y 602 -23.49 23.29 31.47
C TRP Y 602 -23.17 22.33 32.59
N GLY Y 603 -22.35 21.32 32.32
CA GLY Y 603 -21.89 20.43 33.36
C GLY Y 603 -20.79 20.97 34.24
N GLY Y 604 -20.29 22.17 33.95
CA GLY Y 604 -19.20 22.72 34.74
C GLY Y 604 -17.93 21.92 34.58
N ASN Y 605 -17.68 21.43 33.37
CA ASN Y 605 -16.57 20.53 33.08
C ASN Y 605 -15.91 20.97 31.78
N ALA Y 606 -15.69 22.29 31.66
CA ALA Y 606 -15.10 22.84 30.45
C ALA Y 606 -13.68 22.35 30.22
N ALA Y 607 -13.00 21.89 31.27
CA ALA Y 607 -11.67 21.33 31.10
C ALA Y 607 -11.69 20.10 30.19
N ALA Y 608 -12.80 19.34 30.21
CA ALA Y 608 -12.90 18.18 29.33
C ALA Y 608 -12.86 18.59 27.86
N PHE Y 609 -13.62 19.64 27.51
CA PHE Y 609 -13.55 20.14 26.14
C PHE Y 609 -12.18 20.73 25.84
N ASN Y 610 -11.63 21.52 26.78
CA ASN Y 610 -10.34 22.16 26.53
C ASN Y 610 -9.21 21.16 26.37
N GLU Y 611 -9.34 19.96 26.95
CA GLU Y 611 -8.31 18.94 26.88
C GLU Y 611 -8.52 17.94 25.75
N SER Y 612 -9.76 17.51 25.52
CA SER Y 612 -10.04 16.43 24.58
C SER Y 612 -10.45 16.92 23.19
N SER Y 613 -10.86 18.18 23.05
CA SER Y 613 -11.30 18.68 21.75
C SER Y 613 -10.15 18.88 20.77
N THR Y 614 -8.90 18.77 21.22
CA THR Y 614 -7.76 18.98 20.35
C THR Y 614 -7.40 17.76 19.51
N TYR Y 615 -8.17 16.67 19.59
CA TYR Y 615 -7.87 15.50 18.78
C TYR Y 615 -9.15 14.72 18.50
N ILE Y 616 -9.16 14.06 17.34
CA ILE Y 616 -10.38 13.47 16.82
C ILE Y 616 -10.82 12.28 17.67
N MET Y 617 -9.87 11.56 18.27
CA MET Y 617 -10.26 10.48 19.17
C MET Y 617 -11.02 11.04 20.36
N GLY Y 618 -10.60 12.20 20.86
CA GLY Y 618 -11.32 12.84 21.95
C GLY Y 618 -12.70 13.28 21.52
N TRP Y 619 -12.81 13.78 20.28
CA TRP Y 619 -14.13 14.14 19.76
C TRP Y 619 -15.03 12.91 19.67
N LEU Y 620 -14.50 11.79 19.19
CA LEU Y 620 -15.33 10.59 19.01
C LEU Y 620 -15.68 9.96 20.35
N ARG Y 621 -14.79 10.02 21.34
CA ARG Y 621 -14.98 9.35 22.62
C ARG Y 621 -15.81 10.19 23.58
N ASP Y 622 -15.42 11.44 23.82
CA ASP Y 622 -16.00 12.22 24.90
C ASP Y 622 -17.28 12.95 24.52
N TYR Y 623 -17.62 13.01 23.23
CA TYR Y 623 -18.85 13.66 22.78
C TYR Y 623 -19.87 12.67 22.25
N LEU Y 624 -19.51 11.86 21.25
CA LEU Y 624 -20.49 10.94 20.67
C LEU Y 624 -20.70 9.72 21.56
N TRP Y 625 -19.62 8.98 21.83
CA TRP Y 625 -19.74 7.75 22.61
C TRP Y 625 -20.25 8.02 24.02
N LEU Y 626 -19.75 9.09 24.64
CA LEU Y 626 -20.14 9.37 26.02
C LEU Y 626 -21.60 9.78 26.12
N ASN Y 627 -22.05 10.70 25.25
CA ASN Y 627 -23.39 11.24 25.32
C ASN Y 627 -24.42 10.41 24.57
N SER Y 628 -24.02 9.32 23.92
CA SER Y 628 -24.98 8.47 23.24
C SER Y 628 -25.65 7.46 24.16
N SER Y 629 -25.17 7.28 25.38
CA SER Y 629 -25.76 6.29 26.29
C SER Y 629 -27.22 6.57 26.63
N PRO Y 630 -27.63 7.76 27.06
CA PRO Y 630 -29.05 7.95 27.42
C PRO Y 630 -29.99 7.80 26.25
N LEU Y 631 -29.50 8.00 25.03
CA LEU Y 631 -30.34 7.82 23.85
C LEU Y 631 -30.54 6.34 23.54
N ILE Y 632 -29.44 5.60 23.37
CA ILE Y 632 -29.55 4.19 23.03
C ILE Y 632 -30.22 3.40 24.15
N ASN Y 633 -30.11 3.86 25.39
CA ASN Y 633 -30.80 3.22 26.50
C ASN Y 633 -32.24 3.73 26.67
N GLY Y 634 -32.81 4.35 25.63
CA GLY Y 634 -34.21 4.73 25.69
C GLY Y 634 -35.12 3.54 25.87
N TYR Y 635 -34.82 2.44 25.16
CA TYR Y 635 -35.47 1.16 25.39
C TYR Y 635 -34.43 0.06 25.27
N ASN Y 636 -34.48 -0.89 26.21
CA ASN Y 636 -33.55 -2.00 26.24
C ASN Y 636 -34.34 -3.24 26.66
N ALA Y 637 -33.63 -4.34 26.94
CA ALA Y 637 -34.30 -5.58 27.29
C ALA Y 637 -35.08 -5.49 28.59
N PHE Y 638 -34.66 -4.61 29.51
CA PHE Y 638 -35.26 -4.55 30.84
C PHE Y 638 -36.44 -3.59 30.93
N GLY Y 639 -36.63 -2.71 29.96
CA GLY Y 639 -37.73 -1.78 30.00
C GLY Y 639 -37.54 -0.68 28.99
N MET Y 640 -38.29 0.41 29.19
CA MET Y 640 -38.27 1.55 28.30
C MET Y 640 -38.58 2.82 29.07
N ASN Y 641 -38.02 3.93 28.60
CA ASN Y 641 -38.20 5.25 29.20
C ASN Y 641 -38.90 6.17 28.19
N ALA Y 642 -39.07 7.44 28.59
CA ALA Y 642 -39.69 8.41 27.71
C ALA Y 642 -38.85 8.71 26.48
N GLN Y 643 -37.56 8.37 26.49
CA GLN Y 643 -36.68 8.58 25.35
C GLN Y 643 -36.69 7.42 24.37
N ALA Y 644 -37.62 6.46 24.54
CA ALA Y 644 -37.73 5.36 23.58
C ALA Y 644 -38.08 5.88 22.20
N VAL Y 645 -38.91 6.92 22.13
CA VAL Y 645 -39.24 7.51 20.84
C VAL Y 645 -37.99 8.10 20.20
N TRP Y 646 -37.13 8.73 21.00
CA TRP Y 646 -35.91 9.30 20.46
C TRP Y 646 -34.95 8.22 19.99
N ALA Y 647 -34.85 7.11 20.72
CA ALA Y 647 -34.01 6.00 20.27
C ALA Y 647 -34.52 5.40 18.97
N TRP Y 648 -35.81 5.21 18.88
CA TRP Y 648 -36.34 4.67 17.67
C TRP Y 648 -35.98 5.58 16.56
N MET Y 649 -36.03 6.87 16.74
CA MET Y 649 -35.78 7.76 15.67
C MET Y 649 -34.35 7.83 15.30
N PHE Y 650 -33.44 7.64 16.19
CA PHE Y 650 -32.04 7.60 15.90
C PHE Y 650 -31.71 6.48 14.99
N LEU Y 651 -32.35 5.35 15.15
CA LEU Y 651 -32.11 4.20 14.36
C LEU Y 651 -32.89 4.29 13.07
N PHE Y 652 -33.96 5.03 13.06
CA PHE Y 652 -34.71 5.27 11.86
C PHE Y 652 -33.95 6.23 11.01
N GLY Y 653 -33.44 7.32 11.52
CA GLY Y 653 -32.60 8.20 10.73
C GLY Y 653 -31.36 7.51 10.22
N HIS Y 654 -30.78 6.62 11.05
CA HIS Y 654 -29.67 5.79 10.57
C HIS Y 654 -30.10 4.97 9.35
N LEU Y 655 -31.30 4.39 9.41
CA LEU Y 655 -31.77 3.56 8.30
C LEU Y 655 -32.00 4.39 7.04
N ILE Y 656 -32.60 5.58 7.17
CA ILE Y 656 -32.85 6.41 6.00
C ILE Y 656 -31.52 6.87 5.38
N TRP Y 657 -30.58 7.27 6.23
CA TRP Y 657 -29.26 7.67 5.75
C TRP Y 657 -28.58 6.53 5.01
N ALA Y 658 -28.66 5.31 5.54
CA ALA Y 658 -28.06 4.18 4.86
C ALA Y 658 -28.78 3.83 3.57
N THR Y 659 -30.10 4.03 3.53
CA THR Y 659 -30.85 3.72 2.31
C THR Y 659 -30.52 4.70 1.21
N GLY Y 660 -30.17 5.94 1.56
CA GLY Y 660 -29.74 6.88 0.53
C GLY Y 660 -28.52 6.42 -0.23
N PHE Y 661 -27.62 5.70 0.45
CA PHE Y 661 -26.42 5.20 -0.20
C PHE Y 661 -26.74 4.29 -1.37
N MET Y 662 -27.85 3.56 -1.33
CA MET Y 662 -28.22 2.68 -2.42
C MET Y 662 -28.43 3.48 -3.70
N PHE Y 663 -29.27 4.51 -3.63
CA PHE Y 663 -29.50 5.36 -4.80
C PHE Y 663 -28.23 6.09 -5.21
N LEU Y 664 -27.40 6.49 -4.24
CA LEU Y 664 -26.22 7.26 -4.59
C LEU Y 664 -25.13 6.42 -5.23
N ILE Y 665 -25.05 5.13 -4.91
CA ILE Y 665 -23.98 4.25 -5.40
C ILE Y 665 -24.46 3.49 -6.62
N SER Y 666 -25.51 2.68 -6.48
CA SER Y 666 -26.02 1.89 -7.59
C SER Y 666 -26.80 2.79 -8.54
N TRP Y 667 -26.52 2.66 -9.84
CA TRP Y 667 -27.10 3.54 -10.86
C TRP Y 667 -28.04 2.72 -11.76
N ARG Y 668 -28.54 3.37 -12.82
CA ARG Y 668 -29.85 3.02 -13.38
C ARG Y 668 -29.87 1.71 -14.17
N GLY Y 669 -28.79 1.34 -14.85
CA GLY Y 669 -28.87 0.21 -15.77
C GLY Y 669 -29.16 -1.11 -15.08
N TYR Y 670 -28.53 -1.33 -13.92
CA TYR Y 670 -28.80 -2.53 -13.13
C TYR Y 670 -30.28 -2.64 -12.80
N TRP Y 671 -30.87 -1.55 -12.33
CA TRP Y 671 -32.26 -1.58 -11.91
C TRP Y 671 -33.20 -1.68 -13.10
N GLN Y 672 -32.81 -1.10 -14.24
CA GLN Y 672 -33.64 -1.25 -15.44
C GLN Y 672 -33.69 -2.70 -15.90
N GLU Y 673 -32.54 -3.37 -15.90
CA GLU Y 673 -32.54 -4.79 -16.27
C GLU Y 673 -33.32 -5.62 -15.26
N LEU Y 674 -33.18 -5.32 -13.96
CA LEU Y 674 -33.92 -6.04 -12.95
C LEU Y 674 -35.43 -5.84 -13.12
N ILE Y 675 -35.85 -4.62 -13.42
CA ILE Y 675 -37.26 -4.34 -13.63
C ILE Y 675 -37.76 -5.04 -14.90
N GLU Y 676 -36.90 -5.17 -15.92
CA GLU Y 676 -37.29 -5.94 -17.10
C GLU Y 676 -37.56 -7.40 -16.73
N THR Y 677 -36.70 -7.98 -15.89
CA THR Y 677 -36.95 -9.35 -15.44
C THR Y 677 -38.25 -9.45 -14.65
N LEU Y 678 -38.51 -8.49 -13.77
CA LEU Y 678 -39.75 -8.50 -12.99
C LEU Y 678 -40.97 -8.33 -13.90
N VAL Y 679 -40.83 -7.53 -14.94
CA VAL Y 679 -41.92 -7.36 -15.91
C VAL Y 679 -42.20 -8.68 -16.61
N TRP Y 680 -41.14 -9.38 -17.02
CA TRP Y 680 -41.32 -10.70 -17.62
C TRP Y 680 -42.07 -11.62 -16.68
N ALA Y 681 -41.64 -11.66 -15.41
CA ALA Y 681 -42.25 -12.56 -14.45
C ALA Y 681 -43.73 -12.25 -14.24
N HIS Y 682 -44.06 -10.96 -14.09
CA HIS Y 682 -45.45 -10.59 -13.89
C HIS Y 682 -46.30 -10.92 -15.11
N GLU Y 683 -45.77 -10.66 -16.30
CA GLU Y 683 -46.55 -10.92 -17.51
C GLU Y 683 -46.74 -12.40 -17.75
N ARG Y 684 -45.78 -13.23 -17.32
CA ARG Y 684 -45.83 -14.65 -17.61
C ARG Y 684 -46.51 -15.48 -16.53
N THR Y 685 -46.58 -14.99 -15.29
CA THR Y 685 -47.30 -15.74 -14.27
C THR Y 685 -48.79 -15.77 -14.60
N PRO Y 686 -49.50 -16.83 -14.23
CA PRO Y 686 -50.95 -16.83 -14.39
C PRO Y 686 -51.64 -16.17 -13.20
N ILE Y 687 -52.94 -15.92 -13.38
CA ILE Y 687 -53.79 -15.21 -12.42
C ILE Y 687 -53.35 -13.75 -12.32
N ALA Y 688 -52.12 -13.53 -11.80
CA ALA Y 688 -51.64 -12.17 -11.62
C ALA Y 688 -51.52 -11.42 -12.95
N ASN Y 689 -51.36 -12.12 -14.06
CA ASN Y 689 -51.24 -11.42 -15.34
C ASN Y 689 -52.56 -10.77 -15.77
N LEU Y 690 -53.69 -11.16 -15.18
CA LEU Y 690 -54.93 -10.45 -15.45
C LEU Y 690 -54.88 -9.01 -14.96
N VAL Y 691 -54.22 -8.78 -13.83
CA VAL Y 691 -53.99 -7.44 -13.31
C VAL Y 691 -52.74 -6.88 -14.02
N LYS Y 692 -52.93 -5.84 -14.81
CA LYS Y 692 -51.88 -5.31 -15.66
C LYS Y 692 -51.77 -3.80 -15.50
N TRP Y 693 -50.53 -3.32 -15.42
CA TRP Y 693 -50.27 -1.90 -15.25
C TRP Y 693 -50.78 -1.10 -16.43
N ARG Y 694 -50.85 0.21 -16.23
CA ARG Y 694 -51.15 1.17 -17.30
C ARG Y 694 -49.93 1.93 -17.75
N ASP Y 695 -49.08 2.36 -16.81
CA ASP Y 695 -47.79 2.96 -17.13
C ASP Y 695 -46.72 1.88 -17.06
N LYS Y 696 -45.93 1.79 -18.12
CA LYS Y 696 -44.88 0.78 -18.18
C LYS Y 696 -43.87 1.02 -17.06
N PRO Y 697 -43.61 0.06 -16.17
CA PRO Y 697 -42.64 0.31 -15.11
C PRO Y 697 -41.23 0.43 -15.66
N VAL Y 698 -40.51 1.43 -15.17
CA VAL Y 698 -39.13 1.68 -15.58
C VAL Y 698 -38.33 2.10 -14.35
N ALA Y 699 -37.03 1.89 -14.43
CA ALA Y 699 -36.15 2.37 -13.36
C ALA Y 699 -36.17 3.88 -13.30
N LEU Y 700 -35.85 4.42 -12.13
CA LEU Y 700 -35.84 5.86 -11.94
C LEU Y 700 -34.76 6.50 -12.81
N SER Y 701 -35.04 7.70 -13.31
CA SER Y 701 -34.08 8.40 -14.13
C SER Y 701 -32.83 8.74 -13.32
N ILE Y 702 -31.79 9.18 -14.02
CA ILE Y 702 -30.51 9.46 -13.37
C ILE Y 702 -30.67 10.62 -12.39
N VAL Y 703 -31.24 11.73 -12.85
CA VAL Y 703 -31.43 12.88 -11.98
C VAL Y 703 -32.45 12.57 -10.90
N GLN Y 704 -33.49 11.81 -11.24
CA GLN Y 704 -34.49 11.42 -10.26
C GLN Y 704 -33.86 10.65 -9.11
N ALA Y 705 -32.97 9.71 -9.43
CA ALA Y 705 -32.38 8.89 -8.39
C ALA Y 705 -31.32 9.65 -7.62
N ARG Y 706 -30.61 10.57 -8.27
CA ARG Y 706 -29.73 11.46 -7.53
C ARG Y 706 -30.53 12.26 -6.52
N LEU Y 707 -31.69 12.78 -6.93
CA LEU Y 707 -32.55 13.54 -6.03
C LEU Y 707 -33.03 12.67 -4.88
N VAL Y 708 -33.46 11.44 -5.17
CA VAL Y 708 -34.00 10.57 -4.13
C VAL Y 708 -32.90 10.17 -3.15
N GLY Y 709 -31.72 9.83 -3.65
CA GLY Y 709 -30.63 9.49 -2.76
C GLY Y 709 -30.19 10.65 -1.89
N LEU Y 710 -30.14 11.85 -2.47
CA LEU Y 710 -29.80 13.03 -1.70
C LEU Y 710 -30.84 13.32 -0.63
N ALA Y 711 -32.12 13.15 -0.97
CA ALA Y 711 -33.17 13.36 0.02
C ALA Y 711 -33.08 12.35 1.16
N HIS Y 712 -32.81 11.08 0.83
CA HIS Y 712 -32.62 10.07 1.87
C HIS Y 712 -31.43 10.42 2.75
N PHE Y 713 -30.32 10.81 2.13
CA PHE Y 713 -29.14 11.21 2.88
C PHE Y 713 -29.46 12.34 3.85
N THR Y 714 -30.08 13.41 3.34
CA THR Y 714 -30.37 14.58 4.16
C THR Y 714 -31.36 14.27 5.28
N ILE Y 715 -32.43 13.53 4.96
CA ILE Y 715 -33.45 13.26 5.95
C ILE Y 715 -32.91 12.33 7.03
N GLY Y 716 -32.12 11.32 6.64
CA GLY Y 716 -31.48 10.49 7.65
C GLY Y 716 -30.53 11.28 8.51
N TYR Y 717 -29.80 12.22 7.90
CA TYR Y 717 -28.91 13.11 8.64
C TYR Y 717 -29.67 13.85 9.75
N ILE Y 718 -30.75 14.53 9.37
CA ILE Y 718 -31.44 15.36 10.35
C ILE Y 718 -32.19 14.49 11.36
N PHE Y 719 -32.81 13.40 10.92
CA PHE Y 719 -33.59 12.57 11.82
C PHE Y 719 -32.75 11.68 12.71
N THR Y 720 -31.46 11.54 12.44
CA THR Y 720 -30.56 10.85 13.36
C THR Y 720 -29.74 11.79 14.21
N TYR Y 721 -29.58 13.06 13.82
CA TYR Y 721 -28.94 14.01 14.73
C TYR Y 721 -29.89 14.66 15.71
N ALA Y 722 -31.12 14.99 15.29
CA ALA Y 722 -32.08 15.60 16.20
C ALA Y 722 -32.37 14.75 17.43
N PRO Y 723 -32.67 13.44 17.32
CA PRO Y 723 -32.81 12.64 18.55
C PRO Y 723 -31.59 12.67 19.43
N PHE Y 724 -30.39 12.67 18.86
CA PHE Y 724 -29.19 12.74 19.69
C PHE Y 724 -29.13 14.04 20.46
N VAL Y 725 -29.24 15.17 19.76
CA VAL Y 725 -29.03 16.46 20.40
C VAL Y 725 -30.12 16.75 21.42
N ILE Y 726 -31.33 16.21 21.21
CA ILE Y 726 -32.39 16.42 22.19
C ILE Y 726 -32.37 15.40 23.32
N ALA Y 727 -32.29 14.10 23.02
CA ALA Y 727 -32.30 13.06 24.04
C ALA Y 727 -31.09 13.11 24.96
N SER Y 728 -29.88 13.31 24.43
CA SER Y 728 -28.71 13.37 25.30
C SER Y 728 -28.80 14.57 26.24
N THR Y 729 -29.20 15.73 25.69
CA THR Y 729 -29.33 16.92 26.52
C THR Y 729 -30.42 16.75 27.57
N THR Y 730 -31.53 16.09 27.21
CA THR Y 730 -32.59 15.86 28.19
C THR Y 730 -32.14 14.89 29.27
N GLY Y 731 -31.47 13.80 28.89
CA GLY Y 731 -31.05 12.81 29.86
C GLY Y 731 -30.02 13.35 30.82
N LYS Y 732 -29.03 14.10 30.31
CA LYS Y 732 -28.02 14.67 31.17
C LYS Y 732 -28.53 15.87 31.94
N PHE Y 733 -29.49 16.62 31.39
CA PHE Y 733 -29.98 17.87 31.95
C PHE Y 733 -28.81 18.81 32.25
N SER Y 734 -27.89 18.90 31.29
CA SER Y 734 -26.69 19.71 31.41
C SER Y 734 -25.86 19.62 30.15
N SER Z 2 -39.63 12.62 -28.58
CA SER Z 2 -38.39 12.03 -29.15
C SER Z 2 -37.22 13.02 -29.08
N HIS Z 3 -36.00 12.50 -29.18
CA HIS Z 3 -34.82 13.35 -29.12
C HIS Z 3 -34.61 14.07 -30.45
N SER Z 4 -33.88 15.17 -30.40
CA SER Z 4 -33.59 16.00 -31.56
C SER Z 4 -32.13 15.81 -31.95
N VAL Z 5 -31.91 15.28 -33.16
CA VAL Z 5 -30.58 15.08 -33.70
C VAL Z 5 -30.31 16.16 -34.73
N ARG Z 6 -29.18 16.84 -34.61
CA ARG Z 6 -28.79 17.93 -35.50
C ARG Z 6 -27.38 17.71 -35.99
N VAL Z 7 -27.10 18.21 -37.19
CA VAL Z 7 -25.78 18.14 -37.79
C VAL Z 7 -25.40 19.54 -38.24
N TYR Z 8 -24.24 20.01 -37.79
CA TYR Z 8 -23.72 21.33 -38.11
C TYR Z 8 -22.72 21.23 -39.25
N ASP Z 9 -22.46 22.37 -39.89
CA ASP Z 9 -21.65 22.40 -41.11
C ASP Z 9 -20.15 22.23 -40.85
N THR Z 10 -19.74 21.93 -39.63
CA THR Z 10 -18.35 21.54 -39.38
C THR Z 10 -18.07 20.10 -39.76
N CYS Z 11 -19.08 19.37 -40.25
CA CYS Z 11 -18.89 17.98 -40.68
C CYS Z 11 -17.83 17.87 -41.76
N ILE Z 12 -17.21 16.69 -41.78
CA ILE Z 12 -16.17 16.39 -42.69
C ILE Z 12 -16.42 15.07 -43.38
N GLY Z 13 -17.65 14.61 -43.44
CA GLY Z 13 -18.02 13.38 -44.09
C GLY Z 13 -17.21 12.19 -43.80
N CYS Z 14 -17.11 11.83 -42.54
CA CYS Z 14 -16.32 10.71 -42.16
C CYS Z 14 -17.19 9.50 -42.04
N THR Z 15 -18.47 9.66 -42.15
CA THR Z 15 -19.41 8.57 -42.09
C THR Z 15 -19.18 7.71 -40.92
N GLN Z 16 -18.60 8.14 -39.83
CA GLN Z 16 -18.44 7.26 -38.68
C GLN Z 16 -19.63 7.35 -37.72
N CYS Z 17 -20.35 8.46 -37.71
CA CYS Z 17 -21.57 8.55 -36.90
C CYS Z 17 -22.60 7.54 -37.37
N VAL Z 18 -22.77 7.41 -38.68
CA VAL Z 18 -23.75 6.46 -39.21
C VAL Z 18 -23.35 5.04 -38.86
N ARG Z 19 -22.05 4.74 -38.88
CA ARG Z 19 -21.59 3.41 -38.48
C ARG Z 19 -21.84 3.16 -37.01
N ALA Z 20 -21.58 4.15 -36.15
CA ALA Z 20 -21.84 4.00 -34.73
C ALA Z 20 -23.33 3.94 -34.41
N CYS Z 21 -24.18 4.44 -35.30
CA CYS Z 21 -25.62 4.48 -35.07
C CYS Z 21 -26.19 3.07 -34.94
N PRO Z 22 -26.83 2.70 -33.83
CA PRO Z 22 -27.46 1.37 -33.73
C PRO Z 22 -28.94 1.33 -34.07
N CYS Z 23 -29.51 2.41 -34.61
CA CYS Z 23 -30.94 2.47 -34.92
C CYS Z 23 -31.23 3.02 -36.32
N ASP Z 24 -30.22 3.22 -37.16
CA ASP Z 24 -30.43 3.69 -38.53
C ASP Z 24 -31.08 5.07 -38.55
N VAL Z 25 -30.73 5.90 -37.57
CA VAL Z 25 -31.27 7.25 -37.53
C VAL Z 25 -30.55 8.18 -38.50
N LEU Z 26 -29.27 7.91 -38.78
CA LEU Z 26 -28.42 8.82 -39.53
C LEU Z 26 -28.07 8.24 -40.89
N GLU Z 27 -27.87 9.13 -41.86
CA GLU Z 27 -27.45 8.72 -43.20
C GLU Z 27 -26.67 9.86 -43.85
N MET Z 28 -25.82 9.50 -44.80
CA MET Z 28 -25.05 10.48 -45.56
C MET Z 28 -25.87 10.98 -46.74
N VAL Z 29 -25.84 12.29 -46.96
CA VAL Z 29 -26.53 12.92 -48.08
C VAL Z 29 -25.54 13.84 -48.80
N PRO Z 30 -25.69 14.11 -50.09
CA PRO Z 30 -24.69 14.92 -50.78
C PRO Z 30 -24.63 16.35 -50.23
N TRP Z 31 -23.45 16.95 -50.32
CA TRP Z 31 -23.23 18.28 -49.79
C TRP Z 31 -22.10 18.95 -50.57
N ASP Z 32 -22.09 20.28 -50.51
CA ASP Z 32 -21.11 21.10 -51.23
C ASP Z 32 -19.97 21.54 -50.32
N GLY Z 33 -20.26 21.83 -49.05
CA GLY Z 33 -19.26 22.45 -48.20
C GLY Z 33 -18.04 21.57 -47.96
N CYS Z 34 -18.26 20.29 -47.71
CA CYS Z 34 -17.17 19.37 -47.39
C CYS Z 34 -16.51 18.88 -48.67
N LYS Z 35 -15.22 18.53 -48.55
CA LYS Z 35 -14.51 18.01 -49.71
C LYS Z 35 -14.95 16.60 -50.07
N ALA Z 36 -15.34 15.80 -49.07
CA ALA Z 36 -15.85 14.46 -49.34
C ALA Z 36 -17.18 14.47 -50.07
N GLY Z 37 -17.86 15.62 -50.13
CA GLY Z 37 -19.10 15.71 -50.87
C GLY Z 37 -20.30 15.10 -50.19
N GLN Z 38 -20.25 14.91 -48.87
CA GLN Z 38 -21.34 14.31 -48.13
C GLN Z 38 -21.42 14.93 -46.74
N ILE Z 39 -22.61 14.87 -46.16
CA ILE Z 39 -22.87 15.37 -44.82
C ILE Z 39 -23.86 14.44 -44.14
N ALA Z 40 -23.68 14.23 -42.85
CA ALA Z 40 -24.61 13.43 -42.08
C ALA Z 40 -25.93 14.17 -41.91
N SER Z 41 -27.01 13.39 -41.88
CA SER Z 41 -28.35 13.93 -41.69
C SER Z 41 -29.17 12.90 -40.94
N ALA Z 42 -30.23 13.37 -40.28
CA ALA Z 42 -31.02 12.57 -39.35
C ALA Z 42 -32.48 12.61 -39.79
N PRO Z 43 -32.84 11.86 -40.83
CA PRO Z 43 -34.25 11.83 -41.28
C PRO Z 43 -35.16 10.98 -40.41
N ARG Z 44 -34.62 10.18 -39.49
CA ARG Z 44 -35.38 9.25 -38.67
C ARG Z 44 -35.09 9.50 -37.20
N ALA Z 45 -35.18 10.76 -36.79
CA ALA Z 45 -34.92 11.11 -35.39
C ALA Z 45 -35.91 10.46 -34.44
N GLU Z 46 -37.09 10.08 -34.92
CA GLU Z 46 -38.08 9.44 -34.05
C GLU Z 46 -37.58 8.10 -33.52
N ASP Z 47 -36.70 7.43 -34.26
CA ASP Z 47 -36.11 6.17 -33.83
C ASP Z 47 -34.92 6.36 -32.88
N CYS Z 48 -34.49 7.59 -32.65
CA CYS Z 48 -33.36 7.85 -31.77
C CYS Z 48 -33.64 7.40 -30.36
N ILE Z 49 -32.63 6.80 -29.72
CA ILE Z 49 -32.72 6.38 -28.34
C ILE Z 49 -31.88 7.25 -27.41
N GLY Z 50 -30.81 7.87 -27.91
CA GLY Z 50 -30.03 8.81 -27.13
C GLY Z 50 -28.78 8.27 -26.49
N CYS Z 51 -28.19 7.20 -27.02
CA CYS Z 51 -26.96 6.68 -26.45
C CYS Z 51 -25.73 7.49 -26.87
N LYS Z 52 -25.87 8.35 -27.89
CA LYS Z 52 -24.81 9.30 -28.27
C LYS Z 52 -23.54 8.59 -28.73
N ARG Z 53 -23.67 7.39 -29.30
CA ARG Z 53 -22.53 6.76 -29.94
C ARG Z 53 -22.06 7.58 -31.14
N CYS Z 54 -22.98 8.28 -31.80
CA CYS Z 54 -22.58 9.20 -32.86
C CYS Z 54 -21.66 10.28 -32.32
N GLU Z 55 -22.04 10.87 -31.18
CA GLU Z 55 -21.21 11.90 -30.58
C GLU Z 55 -19.87 11.34 -30.13
N THR Z 56 -19.86 10.11 -29.61
CA THR Z 56 -18.60 9.49 -29.22
C THR Z 56 -17.69 9.28 -30.43
N ALA Z 57 -18.26 8.84 -31.55
CA ALA Z 57 -17.47 8.54 -32.74
C ALA Z 57 -17.09 9.78 -33.55
N CYS Z 58 -17.74 10.92 -33.30
CA CYS Z 58 -17.45 12.13 -34.06
C CYS Z 58 -16.04 12.62 -33.77
N PRO Z 59 -15.17 12.83 -34.78
CA PRO Z 59 -13.80 13.26 -34.51
C PRO Z 59 -13.56 14.77 -34.55
N THR Z 60 -14.57 15.58 -34.82
CA THR Z 60 -14.39 17.02 -34.84
C THR Z 60 -14.02 17.51 -33.44
N ASP Z 61 -13.38 18.69 -33.39
CA ASP Z 61 -12.97 19.26 -32.11
C ASP Z 61 -14.14 19.42 -31.15
N PHE Z 62 -15.28 19.87 -31.67
CA PHE Z 62 -16.55 19.69 -30.99
C PHE Z 62 -17.57 19.17 -32.00
N LEU Z 63 -18.62 18.56 -31.46
CA LEU Z 63 -19.39 17.58 -32.20
C LEU Z 63 -20.17 18.24 -33.32
N SER Z 64 -19.86 17.85 -34.56
CA SER Z 64 -20.71 18.23 -35.69
C SER Z 64 -22.11 17.62 -35.55
N VAL Z 65 -22.19 16.36 -35.14
CA VAL Z 65 -23.47 15.71 -34.84
C VAL Z 65 -23.74 15.86 -33.36
N ARG Z 66 -24.94 16.33 -33.02
CA ARG Z 66 -25.31 16.60 -31.63
C ARG Z 66 -26.73 16.13 -31.39
N VAL Z 67 -26.94 15.53 -30.22
CA VAL Z 67 -28.23 14.95 -29.83
C VAL Z 67 -28.71 15.66 -28.57
N TYR Z 68 -29.93 16.19 -28.63
CA TYR Z 68 -30.58 16.85 -27.50
C TYR Z 68 -31.72 15.95 -27.03
N LEU Z 69 -31.63 15.50 -25.78
CA LEU Z 69 -32.66 14.65 -25.22
C LEU Z 69 -33.93 15.45 -24.96
N GLY Z 70 -35.08 14.82 -25.19
CA GLY Z 70 -36.36 15.51 -25.08
C GLY Z 70 -37.49 14.60 -24.65
N SER Z 71 -38.62 14.70 -25.34
CA SER Z 71 -39.80 13.91 -25.00
C SER Z 71 -39.50 12.43 -25.12
N GLU Z 72 -39.91 11.68 -24.10
CA GLU Z 72 -39.68 10.24 -24.06
C GLU Z 72 -40.86 9.50 -24.68
N THR Z 73 -40.57 8.41 -25.36
CA THR Z 73 -41.56 7.55 -25.98
C THR Z 73 -41.16 6.11 -25.72
N THR Z 74 -41.97 5.16 -26.22
CA THR Z 74 -41.62 3.76 -26.08
C THR Z 74 -40.34 3.45 -26.86
N ARG Z 75 -40.23 3.97 -28.09
CA ARG Z 75 -39.03 3.74 -28.88
C ARG Z 75 -37.81 4.39 -28.25
N SER Z 76 -37.95 5.65 -27.80
CA SER Z 76 -36.82 6.35 -27.21
C SER Z 76 -36.36 5.68 -25.92
N LEU Z 77 -37.32 5.24 -25.09
CA LEU Z 77 -36.96 4.48 -23.89
C LEU Z 77 -36.42 3.10 -24.23
N GLY Z 78 -36.70 2.59 -25.44
CA GLY Z 78 -36.21 1.28 -25.80
C GLY Z 78 -36.78 0.16 -24.95
N LEU Z 79 -38.07 0.24 -24.65
CA LEU Z 79 -38.74 -0.77 -23.85
C LEU Z 79 -39.22 -1.89 -24.77
N SER Z 80 -38.79 -3.12 -24.48
CA SER Z 80 -39.33 -4.28 -25.17
C SER Z 80 -40.74 -4.64 -24.74
N TYR Z 81 -41.26 -3.99 -23.70
CA TYR Z 81 -42.59 -4.26 -23.18
C TYR Z 81 -43.45 -3.00 -23.26
N LEU AA 5 -44.99 -6.85 -49.85
CA LEU AA 5 -44.03 -6.28 -48.87
C LEU AA 5 -43.21 -7.37 -48.20
N LEU AA 6 -43.88 -8.20 -47.39
CA LEU AA 6 -43.22 -9.27 -46.66
C LEU AA 6 -44.08 -10.52 -46.77
N ASN AA 7 -43.43 -11.67 -46.94
CA ASN AA 7 -44.15 -12.90 -47.28
C ASN AA 7 -44.91 -13.46 -46.09
N LEU AA 8 -44.35 -13.34 -44.88
CA LEU AA 8 -44.91 -13.89 -43.65
C LEU AA 8 -45.04 -15.42 -43.67
N GLN AA 9 -44.34 -16.10 -44.59
CA GLN AA 9 -44.31 -17.55 -44.63
C GLN AA 9 -42.89 -18.06 -44.93
N ILE AA 10 -41.88 -17.21 -44.74
CA ILE AA 10 -40.49 -17.63 -44.91
C ILE AA 10 -40.12 -18.59 -43.78
N PRO AA 11 -39.33 -19.64 -44.02
CA PRO AA 11 -38.88 -20.46 -42.88
C PRO AA 11 -37.99 -19.66 -41.95
N SER AA 12 -38.19 -19.86 -40.66
CA SER AA 12 -37.44 -19.15 -39.63
C SER AA 12 -36.24 -19.97 -39.18
N PRO AA 13 -35.27 -19.35 -38.50
CA PRO AA 13 -34.14 -20.12 -37.98
C PRO AA 13 -34.57 -21.16 -36.96
N THR AA 14 -33.84 -22.25 -36.89
CA THR AA 14 -34.09 -23.27 -35.87
C THR AA 14 -33.62 -22.75 -34.52
N PHE AA 15 -34.54 -22.66 -33.57
CA PHE AA 15 -34.25 -22.11 -32.25
C PHE AA 15 -35.13 -22.82 -31.23
N GLY AA 16 -34.53 -23.15 -30.09
CA GLY AA 16 -35.21 -23.90 -29.05
C GLY AA 16 -36.06 -23.08 -28.11
N GLY AA 17 -36.19 -21.78 -28.33
CA GLY AA 17 -37.00 -20.93 -27.50
C GLY AA 17 -36.19 -20.24 -26.42
N SER AA 18 -36.69 -19.09 -25.98
CA SER AA 18 -36.02 -18.28 -24.97
C SER AA 18 -37.05 -17.41 -24.28
N THR AA 19 -36.65 -16.87 -23.13
CA THR AA 19 -37.47 -15.93 -22.37
C THR AA 19 -37.17 -14.48 -22.71
N GLY AA 20 -36.24 -14.21 -23.62
CA GLY AA 20 -35.92 -12.86 -24.03
C GLY AA 20 -36.79 -12.31 -25.15
N GLY AA 21 -37.80 -13.04 -25.58
CA GLY AA 21 -38.65 -12.63 -26.67
C GLY AA 21 -39.69 -11.61 -26.25
N TRP AA 22 -40.52 -11.23 -27.23
CA TRP AA 22 -41.53 -10.21 -26.99
C TRP AA 22 -42.56 -10.69 -25.96
N LEU AA 23 -43.06 -9.74 -25.17
CA LEU AA 23 -43.95 -10.00 -24.03
C LEU AA 23 -45.12 -9.02 -24.07
N ARG AA 24 -46.22 -9.38 -24.73
CA ARG AA 24 -47.52 -8.73 -24.62
C ARG AA 24 -47.54 -7.30 -25.18
N ALA AA 25 -46.40 -6.74 -25.59
CA ALA AA 25 -46.35 -5.40 -26.16
C ALA AA 25 -46.07 -5.41 -27.65
N ALA AA 26 -45.35 -6.41 -28.15
CA ALA AA 26 -45.13 -6.50 -29.59
C ALA AA 26 -46.42 -6.83 -30.33
N GLU AA 27 -47.32 -7.59 -29.69
CA GLU AA 27 -48.57 -7.98 -30.34
C GLU AA 27 -49.67 -6.94 -30.21
N ILE AA 28 -49.42 -5.82 -29.52
CA ILE AA 28 -50.44 -4.81 -29.31
C ILE AA 28 -49.96 -3.41 -29.71
N GLU AA 29 -48.65 -3.15 -29.71
CA GLU AA 29 -48.11 -1.85 -30.14
C GLU AA 29 -47.36 -1.96 -31.46
N GLU AA 30 -46.31 -2.76 -31.52
CA GLU AA 30 -45.59 -3.00 -32.78
C GLU AA 30 -44.55 -4.08 -32.56
N LYS AA 31 -44.43 -4.96 -33.54
CA LYS AA 31 -43.39 -5.98 -33.62
C LYS AA 31 -42.41 -5.57 -34.70
N TYR AA 32 -41.28 -6.29 -34.78
CA TYR AA 32 -40.31 -6.08 -35.83
C TYR AA 32 -39.94 -7.42 -36.43
N ALA AA 33 -39.59 -7.41 -37.71
CA ALA AA 33 -39.15 -8.58 -38.43
C ALA AA 33 -37.88 -8.25 -39.17
N ILE AA 34 -37.03 -9.25 -39.34
CA ILE AA 34 -35.80 -9.12 -40.11
C ILE AA 34 -35.65 -10.36 -40.98
N THR AA 35 -35.47 -10.15 -42.28
CA THR AA 35 -35.36 -11.23 -43.24
C THR AA 35 -34.04 -11.11 -43.98
N TRP AA 36 -33.34 -12.24 -44.14
CA TRP AA 36 -32.06 -12.26 -44.83
C TRP AA 36 -31.93 -13.57 -45.58
N THR AA 37 -30.79 -13.73 -46.26
CA THR AA 37 -30.46 -14.95 -46.99
C THR AA 37 -29.07 -15.41 -46.60
N SER AA 38 -28.93 -16.70 -46.38
CA SER AA 38 -27.66 -17.33 -45.99
C SER AA 38 -27.29 -18.38 -47.01
N LYS AA 39 -25.99 -18.48 -47.29
CA LYS AA 39 -25.49 -19.43 -48.26
C LYS AA 39 -25.37 -20.84 -47.68
N LYS AA 40 -25.10 -20.95 -46.38
CA LYS AA 40 -25.01 -22.23 -45.69
C LYS AA 40 -25.83 -22.16 -44.40
N GLU AA 41 -26.39 -23.31 -44.02
CA GLU AA 41 -27.01 -23.42 -42.71
C GLU AA 41 -25.92 -23.28 -41.65
N GLN AA 42 -26.13 -22.39 -40.68
CA GLN AA 42 -25.06 -22.15 -39.72
C GLN AA 42 -25.60 -21.53 -38.44
N ILE AA 43 -24.82 -21.65 -37.38
CA ILE AA 43 -25.22 -21.24 -36.04
C ILE AA 43 -24.80 -19.80 -35.81
N PHE AA 44 -25.73 -19.00 -35.29
CA PHE AA 44 -25.47 -17.61 -34.93
C PHE AA 44 -26.09 -17.34 -33.55
N GLU AA 45 -25.74 -16.18 -33.00
CA GLU AA 45 -26.17 -15.76 -31.68
C GLU AA 45 -27.33 -14.78 -31.82
N MET AA 46 -28.45 -15.09 -31.17
CA MET AA 46 -29.60 -14.20 -31.21
C MET AA 46 -29.31 -12.92 -30.41
N PRO AA 47 -29.95 -11.79 -30.76
CA PRO AA 47 -29.89 -10.64 -29.84
C PRO AA 47 -30.44 -10.96 -28.47
N THR AA 48 -31.54 -11.72 -28.43
CA THR AA 48 -31.95 -12.36 -27.18
C THR AA 48 -30.98 -13.48 -26.85
N SER AA 49 -30.94 -13.85 -25.58
CA SER AA 49 -30.01 -14.89 -25.16
C SER AA 49 -30.34 -16.21 -25.83
N GLY AA 50 -29.29 -16.86 -26.35
CA GLY AA 50 -29.43 -18.16 -26.98
C GLY AA 50 -28.68 -18.26 -28.29
N ALA AA 51 -28.63 -19.47 -28.85
CA ALA AA 51 -28.00 -19.73 -30.14
C ALA AA 51 -29.04 -20.35 -31.06
N ALA AA 52 -29.18 -19.79 -32.26
CA ALA AA 52 -30.08 -20.28 -33.27
C ALA AA 52 -29.29 -20.74 -34.48
N ILE AA 53 -29.95 -21.48 -35.37
CA ILE AA 53 -29.35 -21.92 -36.62
C ILE AA 53 -30.13 -21.26 -37.75
N MET AA 54 -29.48 -20.34 -38.45
CA MET AA 54 -30.05 -19.79 -39.66
C MET AA 54 -30.02 -20.85 -40.75
N GLN AA 55 -31.12 -20.98 -41.47
CA GLN AA 55 -31.32 -22.03 -42.46
C GLN AA 55 -30.62 -21.66 -43.76
N LYS AA 56 -30.43 -22.66 -44.61
CA LYS AA 56 -29.92 -22.41 -45.95
C LYS AA 56 -30.99 -21.68 -46.76
N GLY AA 57 -30.59 -20.65 -47.48
CA GLY AA 57 -31.53 -19.86 -48.25
C GLY AA 57 -32.12 -18.76 -47.40
N GLU AA 58 -33.43 -18.56 -47.53
CA GLU AA 58 -34.10 -17.44 -46.90
C GLU AA 58 -34.38 -17.74 -45.42
N ASN AA 59 -34.29 -16.70 -44.59
CA ASN AA 59 -34.54 -16.79 -43.16
C ASN AA 59 -35.31 -15.55 -42.71
N LEU AA 60 -36.24 -15.74 -41.78
CA LEU AA 60 -37.07 -14.68 -41.22
C LEU AA 60 -37.10 -14.82 -39.71
N LEU AA 61 -36.94 -13.69 -39.02
CA LEU AA 61 -36.88 -13.66 -37.57
C LEU AA 61 -37.74 -12.54 -37.04
N TYR AA 62 -38.33 -12.74 -35.86
CA TYR AA 62 -39.16 -11.75 -35.19
C TYR AA 62 -38.44 -11.20 -33.97
N LEU AA 63 -38.66 -9.92 -33.69
CA LEU AA 63 -38.00 -9.25 -32.57
C LEU AA 63 -38.92 -8.13 -32.07
N ALA AA 64 -38.52 -7.53 -30.95
CA ALA AA 64 -39.31 -6.51 -30.27
C ALA AA 64 -38.75 -5.10 -30.39
N LYS AA 65 -37.58 -4.92 -31.00
CA LYS AA 65 -36.92 -3.63 -31.01
C LYS AA 65 -36.13 -3.43 -32.29
N LYS AA 66 -36.23 -2.21 -32.84
CA LYS AA 66 -35.37 -1.82 -33.96
C LYS AA 66 -33.91 -1.92 -33.57
N GLU AA 67 -33.58 -1.65 -32.30
CA GLU AA 67 -32.21 -1.81 -31.84
C GLU AA 67 -31.77 -3.27 -31.92
N GLN AA 68 -32.64 -4.20 -31.52
CA GLN AA 68 -32.32 -5.61 -31.64
C GLN AA 68 -32.14 -6.02 -33.10
N CYS AA 69 -33.01 -5.53 -33.99
CA CYS AA 69 -32.90 -5.85 -35.40
C CYS AA 69 -31.58 -5.32 -35.98
N LEU AA 70 -31.22 -4.09 -35.64
CA LEU AA 70 -29.98 -3.51 -36.14
C LEU AA 70 -28.77 -4.25 -35.58
N ALA AA 71 -28.84 -4.65 -34.32
CA ALA AA 71 -27.74 -5.42 -33.74
C ALA AA 71 -27.55 -6.75 -34.46
N LEU AA 72 -28.66 -7.44 -34.75
CA LEU AA 72 -28.56 -8.69 -35.51
C LEU AA 72 -28.02 -8.45 -36.90
N GLY AA 73 -28.45 -7.35 -37.54
CA GLY AA 73 -27.93 -7.02 -38.86
C GLY AA 73 -26.43 -6.77 -38.83
N THR AA 74 -25.95 -6.05 -37.82
CA THR AA 74 -24.52 -5.83 -37.69
C THR AA 74 -23.78 -7.14 -37.45
N GLN AA 75 -24.35 -8.02 -36.63
CA GLN AA 75 -23.73 -9.33 -36.41
C GLN AA 75 -23.62 -10.09 -37.72
N LEU AA 76 -24.71 -10.14 -38.49
CA LEU AA 76 -24.70 -10.84 -39.77
C LEU AA 76 -23.70 -10.23 -40.72
N ARG AA 77 -23.55 -8.90 -40.69
CA ARG AA 77 -22.67 -8.23 -41.64
C ARG AA 77 -21.20 -8.48 -41.32
N THR AA 78 -20.81 -8.34 -40.06
CA THR AA 78 -19.40 -8.46 -39.66
C THR AA 78 -18.99 -9.84 -39.18
N LEU AA 79 -19.87 -10.84 -39.23
CA LEU AA 79 -19.46 -12.24 -39.01
C LEU AA 79 -19.69 -13.09 -40.25
N PHE AA 80 -20.93 -13.15 -40.77
CA PHE AA 80 -21.25 -13.99 -41.91
C PHE AA 80 -21.28 -13.24 -43.24
N LYS AA 81 -21.02 -11.93 -43.24
CA LYS AA 81 -20.97 -11.14 -44.46
C LYS AA 81 -22.29 -11.16 -45.23
N ILE AA 82 -23.39 -11.27 -44.52
CA ILE AA 82 -24.69 -11.24 -45.13
C ILE AA 82 -25.18 -9.81 -45.10
N SER AA 83 -25.21 -9.16 -46.25
CA SER AA 83 -25.71 -7.80 -46.32
C SER AA 83 -27.02 -7.65 -47.05
N ASP AA 84 -27.85 -8.67 -47.02
CA ASP AA 84 -29.11 -8.64 -47.71
C ASP AA 84 -30.20 -8.57 -46.73
N TYR AA 85 -29.86 -8.18 -45.53
CA TYR AA 85 -30.84 -8.14 -44.51
C TYR AA 85 -31.73 -6.99 -44.72
N LYS AA 86 -33.00 -7.19 -44.54
CA LYS AA 86 -33.96 -6.10 -44.57
C LYS AA 86 -34.91 -6.22 -43.38
N ILE AA 87 -35.28 -5.07 -42.83
CA ILE AA 87 -36.02 -5.00 -41.57
C ILE AA 87 -37.36 -4.32 -41.81
N TYR AA 88 -38.39 -4.83 -41.14
CA TYR AA 88 -39.75 -4.35 -41.25
C TYR AA 88 -40.34 -4.14 -39.86
N ARG AA 89 -41.28 -3.20 -39.77
CA ARG AA 89 -42.08 -2.97 -38.57
C ARG AA 89 -43.50 -3.42 -38.86
N ILE AA 90 -44.02 -4.30 -38.01
CA ILE AA 90 -45.33 -4.92 -38.20
C ILE AA 90 -46.26 -4.39 -37.12
N PHE AA 91 -47.32 -3.73 -37.53
CA PHE AA 91 -48.28 -3.18 -36.59
C PHE AA 91 -49.36 -4.20 -36.27
N PRO AA 92 -50.14 -3.99 -35.20
CA PRO AA 92 -51.22 -4.95 -34.91
C PRO AA 92 -52.28 -5.01 -36.01
N ASN AA 93 -52.38 -4.00 -36.86
CA ASN AA 93 -53.28 -4.06 -38.00
C ASN AA 93 -52.69 -4.88 -39.15
N SER AA 94 -51.49 -5.42 -38.99
CA SER AA 94 -50.75 -6.16 -40.00
C SER AA 94 -50.18 -5.26 -41.09
N GLU AA 95 -50.18 -3.94 -40.89
CA GLU AA 95 -49.42 -3.08 -41.78
C GLU AA 95 -47.93 -3.34 -41.57
N VAL AA 96 -47.21 -3.40 -42.68
CA VAL AA 96 -45.77 -3.69 -42.69
C VAL AA 96 -45.06 -2.48 -43.28
N GLN AA 97 -44.08 -1.95 -42.55
CA GLN AA 97 -43.32 -0.78 -42.96
C GLN AA 97 -41.86 -1.18 -43.08
N TYR AA 98 -41.33 -1.14 -44.30
CA TYR AA 98 -39.95 -1.52 -44.56
C TYR AA 98 -39.03 -0.35 -44.19
N LEU AA 99 -38.08 -0.58 -43.27
CA LEU AA 99 -37.43 0.50 -42.54
C LEU AA 99 -35.96 0.68 -42.86
N HIS AA 100 -35.11 -0.33 -42.61
CA HIS AA 100 -33.68 -0.03 -42.45
C HIS AA 100 -33.00 0.31 -43.76
N PRO AA 101 -32.94 -0.58 -44.77
CA PRO AA 101 -32.31 -0.16 -46.04
C PRO AA 101 -33.32 0.56 -46.93
N LYS AA 102 -33.70 1.77 -46.49
CA LYS AA 102 -34.85 2.45 -47.07
C LYS AA 102 -34.64 2.77 -48.56
N ASP AA 103 -33.44 3.22 -48.92
CA ASP AA 103 -33.11 3.53 -50.30
C ASP AA 103 -32.59 2.33 -51.07
N GLY AA 104 -32.54 1.15 -50.45
CA GLY AA 104 -31.95 -0.02 -51.04
C GLY AA 104 -30.47 -0.19 -50.77
N VAL AA 105 -29.83 0.80 -50.15
CA VAL AA 105 -28.43 0.72 -49.75
C VAL AA 105 -28.31 1.26 -48.33
N PHE AA 106 -27.24 0.86 -47.65
CA PHE AA 106 -27.07 1.21 -46.26
C PHE AA 106 -26.83 2.71 -46.11
N PRO AA 107 -27.05 3.26 -44.91
CA PRO AA 107 -26.85 4.70 -44.73
C PRO AA 107 -25.43 5.17 -45.00
N GLU AA 108 -24.43 4.31 -44.80
CA GLU AA 108 -23.05 4.75 -44.98
C GLU AA 108 -22.76 5.12 -46.42
N LYS AA 109 -23.26 4.35 -47.38
CA LYS AA 109 -23.07 4.68 -48.78
C LYS AA 109 -23.88 5.92 -49.14
N LEU AA 110 -23.28 6.78 -49.96
CA LEU AA 110 -23.91 8.02 -50.38
C LEU AA 110 -24.85 7.77 -51.55
N ASN AA 111 -26.04 8.36 -51.49
CA ASN AA 111 -27.01 8.34 -52.58
C ASN AA 111 -27.54 9.74 -52.81
N GLU AA 112 -27.86 10.05 -54.07
CA GLU AA 112 -28.32 11.39 -54.44
C GLU AA 112 -29.77 11.65 -54.08
N GLY AA 113 -30.56 10.62 -53.80
CA GLY AA 113 -31.96 10.78 -53.50
C GLY AA 113 -32.29 11.14 -52.07
N ARG AA 114 -31.29 11.36 -51.23
CA ARG AA 114 -31.50 11.67 -49.82
C ARG AA 114 -31.44 13.17 -49.61
N VAL AA 115 -32.42 13.70 -48.89
CA VAL AA 115 -32.54 15.12 -48.59
C VAL AA 115 -32.12 15.35 -47.13
N GLY AA 116 -31.35 16.42 -46.91
CA GLY AA 116 -30.89 16.74 -45.57
C GLY AA 116 -32.00 17.08 -44.61
N VAL AA 117 -32.03 16.39 -43.47
CA VAL AA 117 -32.96 16.65 -42.38
C VAL AA 117 -32.16 16.99 -41.14
N GLY AA 118 -32.55 18.05 -40.45
CA GLY AA 118 -31.85 18.46 -39.25
C GLY AA 118 -30.43 18.92 -39.48
N ASN AA 119 -30.20 19.69 -40.55
CA ASN AA 119 -28.89 20.24 -40.87
C ASN AA 119 -28.89 21.73 -40.57
N ILE AA 120 -27.90 22.19 -39.82
CA ILE AA 120 -27.78 23.57 -39.38
C ILE AA 120 -26.69 24.25 -40.19
N GLY AA 121 -26.91 25.52 -40.53
CA GLY AA 121 -26.03 26.28 -41.39
C GLY AA 121 -24.93 27.05 -40.73
N TYR AA 122 -24.69 26.83 -39.43
CA TYR AA 122 -23.63 27.51 -38.70
C TYR AA 122 -22.98 26.52 -37.75
N SER AA 123 -21.84 26.92 -37.17
CA SER AA 123 -21.12 26.07 -36.26
C SER AA 123 -21.96 25.81 -35.01
N ILE AA 124 -21.51 24.83 -34.21
CA ILE AA 124 -22.31 24.38 -33.08
C ILE AA 124 -22.45 25.49 -32.04
N GLY AA 125 -21.36 26.21 -31.76
CA GLY AA 125 -21.40 27.25 -30.74
C GLY AA 125 -21.82 28.61 -31.25
N LYS AA 126 -22.89 28.64 -32.05
CA LYS AA 126 -23.51 29.90 -32.47
C LYS AA 126 -25.02 29.86 -32.28
N ASN AA 127 -25.52 28.97 -31.42
CA ASN AA 127 -26.95 28.90 -31.18
C ASN AA 127 -27.40 30.08 -30.31
N PRO AA 128 -28.68 30.45 -30.37
CA PRO AA 128 -29.15 31.52 -29.49
C PRO AA 128 -29.15 31.08 -28.03
N ASN AA 129 -29.06 32.07 -27.14
CA ASN AA 129 -29.07 31.80 -25.72
C ASN AA 129 -30.48 31.41 -25.27
N PRO AA 130 -30.61 30.72 -24.12
CA PRO AA 130 -31.97 30.42 -23.63
C PRO AA 130 -32.80 31.66 -23.32
N VAL AA 131 -32.16 32.76 -22.91
CA VAL AA 131 -32.91 33.96 -22.59
C VAL AA 131 -33.60 34.52 -23.82
N ASN AA 132 -32.98 34.35 -24.99
CA ASN AA 132 -33.61 34.83 -26.22
C ASN AA 132 -34.90 34.08 -26.52
N VAL AA 133 -34.90 32.76 -26.31
CA VAL AA 133 -36.06 31.93 -26.62
C VAL AA 133 -36.94 31.72 -25.38
N LYS AA 134 -36.69 32.48 -24.32
CA LYS AA 134 -37.52 32.38 -23.13
C LYS AA 134 -38.95 32.79 -23.45
N PHE AA 135 -39.91 32.09 -22.83
CA PHE AA 135 -41.34 32.30 -23.06
C PHE AA 135 -41.68 32.17 -24.54
N THR AA 136 -41.11 31.15 -25.19
CA THR AA 136 -41.41 30.86 -26.59
C THR AA 136 -41.31 29.35 -26.77
N GLY AA 137 -42.08 28.83 -27.73
CA GLY AA 137 -42.15 27.41 -27.96
C GLY AA 137 -40.98 26.80 -28.71
N LYS AA 138 -40.03 27.60 -29.16
CA LYS AA 138 -38.89 27.09 -29.91
C LYS AA 138 -37.75 26.74 -28.95
N ASN AA 139 -36.67 26.18 -29.49
CA ASN AA 139 -35.52 25.76 -28.70
C ASN AA 139 -34.26 26.27 -29.36
N THR AA 140 -33.14 26.14 -28.67
CA THR AA 140 -31.87 26.71 -29.13
C THR AA 140 -31.12 25.74 -30.05
N PHE AA 141 -31.80 25.26 -31.09
CA PHE AA 141 -31.17 24.45 -32.12
C PHE AA 141 -32.15 24.20 -33.26
N ILE BA 37 -3.71 30.14 -42.29
CA ILE BA 37 -3.00 31.29 -42.90
C ILE BA 37 -2.13 30.79 -44.06
N SER BA 38 -1.13 29.97 -43.73
CA SER BA 38 -0.25 29.39 -44.74
C SER BA 38 0.31 28.08 -44.22
N ARG BA 39 0.73 27.23 -45.16
CA ARG BA 39 1.29 25.93 -44.80
C ARG BA 39 2.59 26.12 -44.04
N GLY BA 40 2.78 25.32 -43.00
CA GLY BA 40 3.98 25.38 -42.19
C GLY BA 40 4.01 26.47 -41.16
N SER BA 41 2.98 27.31 -41.10
CA SER BA 41 2.94 28.42 -40.16
C SER BA 41 2.33 27.98 -38.83
N VAL BA 42 2.49 28.84 -37.82
CA VAL BA 42 1.91 28.65 -36.50
C VAL BA 42 0.82 29.70 -36.33
N VAL BA 43 -0.39 29.25 -35.99
CA VAL BA 43 -1.57 30.11 -35.93
C VAL BA 43 -2.29 29.86 -34.62
N ARG BA 44 -2.80 30.94 -34.02
CA ARG BA 44 -3.55 30.85 -32.78
C ARG BA 44 -5.04 30.71 -33.09
N ILE BA 45 -5.68 29.73 -32.45
CA ILE BA 45 -7.09 29.47 -32.68
C ILE BA 45 -7.93 30.53 -31.97
N MET BA 46 -9.01 30.94 -32.62
CA MET BA 46 -9.94 31.91 -32.06
C MET BA 46 -11.39 31.41 -32.03
N ARG BA 47 -11.63 30.17 -32.41
CA ARG BA 47 -12.97 29.61 -32.32
C ARG BA 47 -13.33 29.45 -30.85
N PRO BA 48 -14.43 30.06 -30.34
CA PRO BA 48 -14.70 29.97 -28.90
C PRO BA 48 -14.93 28.56 -28.39
N GLU BA 49 -15.52 27.68 -29.19
CA GLU BA 49 -15.93 26.36 -28.72
C GLU BA 49 -14.81 25.32 -28.87
N SER BA 50 -13.67 25.70 -29.43
CA SER BA 50 -12.58 24.76 -29.65
C SER BA 50 -11.86 24.43 -28.35
N TYR BA 51 -11.40 23.18 -28.24
CA TYR BA 51 -10.56 22.80 -27.12
C TYR BA 51 -9.27 23.59 -27.10
N TRP BA 52 -8.74 23.94 -28.27
CA TRP BA 52 -7.49 24.68 -28.40
C TRP BA 52 -7.71 26.18 -28.58
N PHE BA 53 -8.82 26.71 -28.08
CA PHE BA 53 -9.10 28.13 -28.17
C PHE BA 53 -7.97 28.93 -27.55
N GLN BA 54 -7.49 29.93 -28.28
CA GLN BA 54 -6.37 30.77 -27.83
C GLN BA 54 -5.11 29.95 -27.57
N GLU BA 55 -4.91 28.89 -28.36
CA GLU BA 55 -3.66 28.13 -28.39
C GLU BA 55 -3.12 28.06 -29.80
N CYS BA 56 -1.80 27.94 -29.89
CA CYS BA 56 -1.11 27.84 -31.16
C CYS BA 56 -1.24 26.45 -31.75
N GLY BA 57 -1.13 26.38 -33.08
CA GLY BA 57 -1.14 25.12 -33.78
C GLY BA 57 -0.48 25.28 -35.13
N SER BA 58 0.11 24.19 -35.61
CA SER BA 58 0.82 24.18 -36.87
C SER BA 58 -0.14 23.87 -38.02
N VAL BA 59 -0.17 24.74 -39.02
CA VAL BA 59 -1.03 24.54 -40.17
C VAL BA 59 -0.44 23.46 -41.06
N ALA BA 60 -1.26 22.47 -41.42
CA ALA BA 60 -0.81 21.31 -42.19
C ALA BA 60 -1.34 21.28 -43.60
N THR BA 61 -2.46 21.96 -43.90
CA THR BA 61 -3.04 21.91 -45.22
C THR BA 61 -4.13 22.96 -45.31
N ILE BA 62 -4.23 23.60 -46.48
CA ILE BA 62 -5.30 24.54 -46.80
C ILE BA 62 -5.98 24.05 -48.06
N ALA BA 63 -7.27 23.75 -47.97
CA ALA BA 63 -8.03 23.23 -49.09
C ALA BA 63 -8.61 24.39 -49.90
N LYS BA 64 -8.55 24.27 -51.23
CA LYS BA 64 -8.98 25.32 -52.13
C LYS BA 64 -10.33 24.96 -52.75
N GLY BA 65 -11.14 25.98 -53.04
CA GLY BA 65 -12.44 25.79 -53.65
C GLY BA 65 -13.58 25.77 -52.65
N GLY BA 66 -14.07 24.58 -52.30
CA GLY BA 66 -15.11 24.45 -51.31
C GLY BA 66 -14.53 24.55 -49.92
N ASP BA 67 -14.88 23.63 -49.02
CA ASP BA 67 -14.25 23.51 -47.71
C ASP BA 67 -14.43 24.81 -46.91
N ARG BA 68 -15.67 25.00 -46.44
CA ARG BA 68 -16.03 26.11 -45.55
C ARG BA 68 -15.00 26.37 -44.47
N TYR BA 69 -14.39 25.31 -43.93
CA TYR BA 69 -13.26 25.38 -43.00
C TYR BA 69 -12.05 24.77 -43.70
N PRO BA 70 -11.34 25.54 -44.53
CA PRO BA 70 -10.31 24.90 -45.36
C PRO BA 70 -9.01 24.63 -44.63
N VAL BA 71 -8.60 25.47 -43.67
CA VAL BA 71 -7.32 25.24 -43.03
C VAL BA 71 -7.42 23.99 -42.16
N VAL BA 72 -6.32 23.23 -42.10
CA VAL BA 72 -6.24 22.02 -41.28
C VAL BA 72 -5.10 22.23 -40.31
N VAL BA 73 -5.43 22.57 -39.06
CA VAL BA 73 -4.45 22.88 -38.03
C VAL BA 73 -4.21 21.63 -37.20
N ARG BA 74 -2.95 21.27 -37.03
CA ARG BA 74 -2.52 20.11 -36.27
C ARG BA 74 -1.87 20.58 -34.98
N PHE BA 75 -2.25 19.98 -33.86
CA PHE BA 75 -1.72 20.31 -32.55
C PHE BA 75 -0.96 19.12 -31.97
N GLU BA 76 -0.17 19.39 -30.95
CA GLU BA 76 0.47 18.35 -30.14
C GLU BA 76 -0.26 18.08 -28.83
N LYS BA 77 -1.32 18.83 -28.55
CA LYS BA 77 -2.10 18.70 -27.32
C LYS BA 77 -3.42 18.03 -27.68
N VAL BA 78 -3.60 16.78 -27.27
CA VAL BA 78 -4.81 16.05 -27.63
C VAL BA 78 -5.99 16.59 -26.84
N ASN BA 79 -7.17 16.60 -27.47
CA ASN BA 79 -8.40 17.00 -26.81
C ASN BA 79 -8.93 15.81 -26.01
N TYR BA 80 -10.15 15.94 -25.49
CA TYR BA 80 -10.73 14.87 -24.69
C TYR BA 80 -11.04 13.63 -25.53
N ALA BA 81 -11.50 13.83 -26.76
CA ALA BA 81 -11.73 12.70 -27.63
C ALA BA 81 -10.42 11.99 -27.99
N GLY BA 82 -9.33 12.74 -28.04
CA GLY BA 82 -8.01 12.22 -28.36
C GLY BA 82 -7.45 12.69 -29.68
N VAL BA 83 -8.25 13.34 -30.53
CA VAL BA 83 -7.73 13.80 -31.81
C VAL BA 83 -6.81 15.00 -31.58
N ALA BA 84 -5.80 15.14 -32.45
CA ALA BA 84 -4.80 16.19 -32.35
C ALA BA 84 -4.79 17.09 -33.58
N THR BA 85 -5.89 17.14 -34.32
CA THR BA 85 -5.98 17.97 -35.51
C THR BA 85 -7.43 18.35 -35.74
N ASN BA 86 -7.65 19.46 -36.41
CA ASN BA 86 -9.02 19.88 -36.71
C ASN BA 86 -9.00 20.93 -37.82
N ASN BA 87 -10.14 21.05 -38.49
CA ASN BA 87 -10.31 22.03 -39.56
C ASN BA 87 -10.83 23.34 -39.01
N PHE BA 88 -10.35 24.44 -39.59
CA PHE BA 88 -10.69 25.79 -39.15
C PHE BA 88 -10.84 26.70 -40.37
N ALA BA 89 -11.59 27.78 -40.16
CA ALA BA 89 -11.80 28.81 -41.17
C ALA BA 89 -10.64 29.80 -41.15
N MET BA 90 -10.63 30.69 -42.15
CA MET BA 90 -9.57 31.70 -42.24
C MET BA 90 -9.66 32.68 -41.08
N ASP BA 91 -10.87 33.22 -40.82
CA ASP BA 91 -11.02 34.23 -39.78
C ASP BA 91 -10.86 33.66 -38.37
N GLU BA 92 -10.99 32.35 -38.21
CA GLU BA 92 -10.83 31.74 -36.89
C GLU BA 92 -9.37 31.61 -36.47
N LEU BA 93 -8.42 31.91 -37.35
CA LEU BA 93 -7.00 31.76 -37.07
C LEU BA 93 -6.33 33.12 -37.09
N VAL BA 94 -5.31 33.27 -36.24
CA VAL BA 94 -4.52 34.49 -36.13
C VAL BA 94 -3.06 34.12 -36.36
N GLU BA 95 -2.41 34.83 -37.28
CA GLU BA 95 -1.02 34.55 -37.60
C GLU BA 95 -0.12 35.04 -36.47
N VAL BA 96 0.76 34.16 -36.01
CA VAL BA 96 1.73 34.51 -34.96
C VAL BA 96 3.18 34.23 -35.36
N GLU BA 97 3.45 33.28 -36.24
CA GLU BA 97 4.82 32.99 -36.66
C GLU BA 97 4.77 32.42 -38.07
N ALA BA 98 5.43 33.09 -39.01
CA ALA BA 98 5.42 32.64 -40.39
C ALA BA 98 6.21 31.34 -40.53
N PRO BA 99 6.03 30.59 -41.62
CA PRO BA 99 6.76 29.33 -41.78
C PRO BA 99 8.25 29.56 -41.87
N PRO BA 100 9.08 28.50 -41.78
CA PRO BA 100 10.53 28.70 -41.85
C PRO BA 100 11.01 29.18 -43.20
N ALA BA 101 12.30 29.29 -43.37
CA ALA BA 101 12.77 29.66 -44.66
C ALA BA 101 13.77 28.61 -45.12
N ASP CA 24 2.43 34.98 29.50
CA ASP CA 24 1.73 36.23 29.94
C ASP CA 24 0.59 36.59 29.00
N VAL CA 25 0.78 36.31 27.71
CA VAL CA 25 -0.24 36.64 26.72
C VAL CA 25 -1.42 35.67 26.87
N SER CA 26 -2.63 36.22 26.86
CA SER CA 26 -3.85 35.43 26.93
C SER CA 26 -3.95 34.63 28.22
N GLY CA 27 -3.35 35.13 29.30
CA GLY CA 27 -3.43 34.47 30.58
C GLY CA 27 -2.56 33.24 30.74
N LEU CA 28 -1.76 32.90 29.73
CA LEU CA 28 -0.86 31.76 29.84
C LEU CA 28 0.36 32.14 30.68
N THR CA 29 1.09 31.11 31.10
CA THR CA 29 2.29 31.25 31.91
C THR CA 29 3.39 30.38 31.32
N PRO CA 30 4.66 30.66 31.62
CA PRO CA 30 5.73 29.80 31.13
C PRO CA 30 5.64 28.40 31.72
N CYS CA 31 6.15 27.43 30.97
CA CYS CA 31 6.10 26.05 31.42
C CYS CA 31 7.12 25.75 32.52
N LYS CA 32 8.08 26.63 32.77
CA LYS CA 32 8.99 26.43 33.89
C LYS CA 32 8.23 26.45 35.21
N ASP CA 33 7.46 27.51 35.44
CA ASP CA 33 6.63 27.63 36.65
C ASP CA 33 5.20 27.24 36.32
N SER CA 34 5.03 25.95 36.01
CA SER CA 34 3.73 25.38 35.66
C SER CA 34 3.55 24.10 36.48
N ALA CA 35 2.72 24.18 37.52
CA ALA CA 35 2.51 23.04 38.39
C ALA CA 35 1.89 21.88 37.62
N VAL CA 36 0.99 22.17 36.68
CA VAL CA 36 0.36 21.10 35.92
C VAL CA 36 1.38 20.46 34.98
N PHE CA 37 2.28 21.25 34.41
CA PHE CA 37 3.35 20.71 33.58
C PHE CA 37 4.26 19.78 34.39
N LYS CA 38 4.64 20.21 35.59
CA LYS CA 38 5.47 19.38 36.45
C LYS CA 38 4.73 18.09 36.83
N ARG CA 39 3.43 18.21 37.12
CA ARG CA 39 2.64 17.02 37.46
C ARG CA 39 2.57 16.06 36.28
N ARG CA 40 2.45 16.59 35.06
CA ARG CA 40 2.45 15.73 33.87
C ARG CA 40 3.79 15.00 33.74
N LEU CA 41 4.89 15.72 33.97
CA LEU CA 41 6.21 15.09 33.90
C LEU CA 41 6.33 13.96 34.91
N ASP CA 42 5.92 14.22 36.15
CA ASP CA 42 5.99 13.18 37.17
C ASP CA 42 5.07 12.01 36.85
N GLY CA 43 3.90 12.28 36.29
CA GLY CA 43 3.00 11.19 35.93
C GLY CA 43 3.58 10.30 34.84
N SER CA 44 4.18 10.91 33.81
CA SER CA 44 4.80 10.11 32.77
C SER CA 44 5.95 9.29 33.32
N VAL CA 45 6.78 9.91 34.17
CA VAL CA 45 7.91 9.19 34.75
C VAL CA 45 7.42 8.04 35.61
N LYS CA 46 6.37 8.26 36.40
CA LYS CA 46 5.86 7.22 37.28
C LYS CA 46 5.23 6.08 36.48
N LYS CA 47 4.57 6.42 35.36
CA LYS CA 47 4.02 5.37 34.51
C LYS CA 47 5.12 4.50 33.92
N LEU CA 48 6.21 5.05 33.46
CA LEU CA 48 7.24 4.19 32.89
C LEU CA 48 7.88 3.36 33.97
N ASN CA 49 8.20 3.98 35.09
CA ASN CA 49 8.88 3.27 36.15
C ASN CA 49 8.04 2.14 36.68
N SER CA 50 6.74 2.23 36.50
CA SER CA 50 5.87 1.15 36.91
C SER CA 50 5.98 0.04 35.93
N ARG CA 51 5.89 0.40 34.66
CA ARG CA 51 5.93 -0.62 33.64
C ARG CA 51 7.26 -1.26 33.79
N LEU CA 52 8.20 -0.54 34.39
CA LEU CA 52 9.56 -1.07 34.50
C LEU CA 52 9.64 -2.31 35.38
N ALA CA 53 8.66 -2.53 36.26
CA ALA CA 53 8.78 -3.61 37.24
C ALA CA 53 8.81 -4.99 36.61
N ASN CA 54 8.24 -5.14 35.41
CA ASN CA 54 8.16 -6.46 34.80
C ASN CA 54 9.54 -7.02 34.45
N TYR CA 55 10.48 -6.15 34.07
CA TYR CA 55 11.76 -6.58 33.54
C TYR CA 55 12.85 -6.45 34.60
N THR CA 56 13.89 -7.25 34.46
CA THR CA 56 14.99 -7.30 35.42
C THR CA 56 16.08 -6.32 35.03
N GLU CA 57 17.05 -6.16 35.93
CA GLU CA 57 18.14 -5.21 35.69
C GLU CA 57 19.05 -5.71 34.57
N GLY CA 58 19.51 -4.78 33.74
CA GLY CA 58 20.54 -5.07 32.75
C GLY CA 58 20.03 -5.67 31.44
N THR CA 59 18.74 -5.95 31.33
CA THR CA 59 18.23 -6.55 30.10
C THR CA 59 18.05 -5.49 29.02
N PRO CA 60 17.94 -5.92 27.75
CA PRO CA 60 17.69 -4.94 26.67
C PRO CA 60 16.43 -4.12 26.90
N ALA CA 61 15.36 -4.77 27.37
CA ALA CA 61 14.12 -4.03 27.63
C ALA CA 61 14.30 -3.03 28.78
N TYR CA 62 15.03 -3.44 29.83
CA TYR CA 62 15.26 -2.54 30.95
C TYR CA 62 16.06 -1.32 30.52
N ILE CA 63 17.15 -1.51 29.78
CA ILE CA 63 17.94 -0.37 29.35
C ILE CA 63 17.15 0.48 28.37
N ALA CA 64 16.33 -0.14 27.52
CA ALA CA 64 15.51 0.63 26.59
C ALA CA 64 14.51 1.51 27.34
N LEU CA 65 13.89 0.98 28.38
CA LEU CA 65 12.98 1.78 29.18
C LEU CA 65 13.72 2.89 29.92
N GLU CA 66 14.98 2.64 30.31
CA GLU CA 66 15.77 3.71 30.92
C GLU CA 66 16.03 4.83 29.90
N GLN CA 67 16.35 4.48 28.66
CA GLN CA 67 16.41 5.49 27.60
C GLN CA 67 15.09 6.22 27.45
N GLN CA 68 13.96 5.51 27.53
CA GLN CA 68 12.67 6.15 27.40
C GLN CA 68 12.47 7.21 28.50
N ILE CA 69 12.80 6.85 29.73
CA ILE CA 69 12.65 7.79 30.85
C ILE CA 69 13.55 8.99 30.66
N GLU CA 70 14.81 8.75 30.25
CA GLU CA 70 15.74 9.86 30.04
C GLU CA 70 15.24 10.79 28.94
N GLN CA 71 14.74 10.23 27.84
CA GLN CA 71 14.24 11.07 26.76
C GLN CA 71 13.01 11.86 27.20
N THR CA 72 12.13 11.25 28.00
CA THR CA 72 10.97 11.99 28.50
C THR CA 72 11.40 13.17 29.35
N LYS CA 73 12.33 12.93 30.28
CA LYS CA 73 12.81 14.02 31.14
C LYS CA 73 13.50 15.09 30.33
N ALA CA 74 14.30 14.69 29.33
CA ALA CA 74 14.98 15.65 28.48
C ALA CA 74 13.98 16.48 27.69
N ARG CA 75 12.92 15.86 27.17
CA ARG CA 75 11.92 16.60 26.41
C ARG CA 75 11.25 17.63 27.30
N PHE CA 76 10.88 17.24 28.53
CA PHE CA 76 10.21 18.18 29.42
C PHE CA 76 11.14 19.32 29.82
N ALA CA 77 12.41 19.01 30.10
CA ALA CA 77 13.37 20.05 30.45
C ALA CA 77 13.58 21.01 29.28
N LYS CA 78 13.67 20.47 28.05
CA LYS CA 78 13.86 21.32 26.88
C LYS CA 78 12.65 22.21 26.66
N TYR CA 79 11.45 21.67 26.84
CA TYR CA 79 10.23 22.47 26.67
C TYR CA 79 10.18 23.59 27.71
N GLY CA 80 10.59 23.29 28.95
CA GLY CA 80 10.67 24.34 29.96
C GLY CA 80 11.68 25.41 29.59
N GLU CA 81 12.86 25.00 29.14
CA GLU CA 81 13.93 25.96 28.84
C GLU CA 81 13.60 26.82 27.63
N LYS CA 82 12.89 26.25 26.65
CA LYS CA 82 12.62 26.97 25.40
C LYS CA 82 11.69 28.17 25.58
N GLY CA 83 11.01 28.29 26.71
CA GLY CA 83 10.14 29.42 26.96
C GLY CA 83 8.72 29.27 26.46
N LEU CA 84 8.28 28.05 26.17
CA LEU CA 84 6.91 27.84 25.73
C LEU CA 84 5.93 28.20 26.83
N LEU CA 85 4.75 28.66 26.44
CA LEU CA 85 3.69 29.02 27.37
C LEU CA 85 2.78 27.82 27.58
N CYS CA 86 2.52 27.50 28.85
CA CYS CA 86 1.69 26.37 29.24
C CYS CA 86 0.36 26.88 29.79
N GLY CA 87 -0.73 26.34 29.28
CA GLY CA 87 -2.06 26.75 29.68
C GLY CA 87 -2.51 26.04 30.94
N ALA CA 88 -3.80 26.21 31.25
CA ALA CA 88 -4.37 25.57 32.42
C ALA CA 88 -4.34 24.05 32.31
N ASP CA 89 -4.46 23.52 31.09
CA ASP CA 89 -4.35 22.08 30.89
C ASP CA 89 -2.93 21.55 31.06
N GLY CA 90 -1.94 22.44 31.17
CA GLY CA 90 -0.58 22.01 31.38
C GLY CA 90 0.11 21.45 30.15
N LEU CA 91 -0.17 22.00 28.98
CA LEU CA 91 0.46 21.63 27.73
C LEU CA 91 0.93 22.89 27.03
N PRO CA 92 2.00 22.80 26.21
CA PRO CA 92 2.48 24.01 25.53
C PRO CA 92 1.44 24.57 24.57
N HIS CA 93 1.34 25.90 24.53
CA HIS CA 93 0.49 26.62 23.60
C HIS CA 93 1.36 27.51 22.74
N LEU CA 94 1.15 27.45 21.43
CA LEU CA 94 1.93 28.22 20.46
C LEU CA 94 1.17 29.50 20.12
N ILE CA 95 1.88 30.62 20.15
CA ILE CA 95 1.32 31.92 19.80
C ILE CA 95 1.78 32.26 18.39
N ALA CA 96 0.83 32.38 17.47
CA ALA CA 96 1.10 32.72 16.07
C ALA CA 96 0.29 33.96 15.72
N ASP CA 97 0.86 35.13 16.04
CA ASP CA 97 0.30 36.42 15.66
C ASP CA 97 1.31 37.36 15.03
N GLY CA 98 2.60 37.11 15.20
CA GLY CA 98 3.65 37.97 14.69
C GLY CA 98 4.65 38.43 15.74
N ARG CA 99 4.34 38.27 17.03
CA ARG CA 99 5.26 38.71 18.07
C ARG CA 99 6.57 37.95 17.97
N LEU CA 100 7.68 38.68 18.06
CA LEU CA 100 9.00 38.08 17.94
C LEU CA 100 9.44 37.40 19.23
N ASP CA 101 8.75 37.62 20.34
CA ASP CA 101 9.03 36.85 21.55
C ASP CA 101 8.79 35.36 21.32
N HIS CA 102 7.87 35.02 20.42
CA HIS CA 102 7.55 33.65 20.04
C HIS CA 102 7.78 33.44 18.55
N ALA CA 103 8.89 33.96 18.03
CA ALA CA 103 9.19 33.82 16.60
C ALA CA 103 9.43 32.37 16.23
N GLY CA 104 10.14 31.63 17.09
CA GLY CA 104 10.49 30.25 16.76
C GLY CA 104 9.31 29.33 16.59
N GLU CA 105 8.14 29.71 17.10
CA GLU CA 105 6.96 28.86 16.97
C GLU CA 105 6.50 28.77 15.52
N PHE CA 106 6.35 29.93 14.84
CA PHE CA 106 5.78 29.95 13.49
C PHE CA 106 6.62 30.72 12.48
N ILE CA 107 7.23 31.84 12.86
CA ILE CA 107 7.82 32.74 11.87
C ILE CA 107 9.05 32.11 11.24
N ILE CA 108 9.92 31.53 12.05
CA ILE CA 108 11.18 30.97 11.56
C ILE CA 108 10.90 29.65 10.84
N PRO CA 109 10.16 28.71 11.44
CA PRO CA 109 9.72 27.54 10.65
C PRO CA 109 8.91 27.92 9.43
N GLY CA 110 8.13 29.00 9.49
CA GLY CA 110 7.37 29.42 8.32
C GLY CA 110 8.26 29.81 7.16
N PHE CA 111 9.28 30.62 7.44
CA PHE CA 111 10.21 31.02 6.38
C PHE CA 111 11.01 29.82 5.88
N GLY CA 112 11.39 28.92 6.78
CA GLY CA 112 12.08 27.71 6.35
C GLY CA 112 11.25 26.88 5.38
N PHE CA 113 9.98 26.66 5.73
CA PHE CA 113 9.11 25.91 4.82
C PHE CA 113 8.90 26.65 3.52
N LEU CA 114 8.73 27.97 3.58
CA LEU CA 114 8.50 28.71 2.34
C LEU CA 114 9.71 28.58 1.41
N TYR CA 115 10.91 28.65 1.97
CA TYR CA 115 12.11 28.47 1.15
C TYR CA 115 12.15 27.07 0.55
N ILE CA 116 11.87 26.04 1.36
CA ILE CA 116 11.96 24.67 0.84
C ILE CA 116 10.89 24.43 -0.22
N ALA CA 117 9.67 24.91 0.02
CA ALA CA 117 8.59 24.69 -0.92
C ALA CA 117 8.84 25.43 -2.23
N GLY CA 118 9.35 26.65 -2.15
CA GLY CA 118 9.71 27.36 -3.36
C GLY CA 118 10.86 26.68 -4.10
N TRP CA 119 11.80 26.09 -3.36
CA TRP CA 119 12.84 25.28 -3.99
C TRP CA 119 12.23 24.15 -4.80
N ILE CA 120 11.29 23.42 -4.19
CA ILE CA 120 10.67 22.27 -4.87
C ILE CA 120 9.91 22.74 -6.11
N GLY CA 121 9.10 23.79 -5.94
CA GLY CA 121 8.33 24.28 -7.07
C GLY CA 121 9.20 24.82 -8.19
N TRP CA 122 10.31 25.47 -7.84
CA TRP CA 122 11.19 26.02 -8.86
C TRP CA 122 11.91 24.91 -9.61
N ALA CA 123 12.35 23.86 -8.89
CA ALA CA 123 12.96 22.73 -9.57
C ALA CA 123 11.99 22.09 -10.54
N GLY CA 124 10.74 21.89 -10.10
CA GLY CA 124 9.74 21.32 -10.99
C GLY CA 124 9.47 22.19 -12.20
N ARG CA 125 9.30 23.49 -11.98
CA ARG CA 125 9.01 24.40 -13.09
C ARG CA 125 10.15 24.44 -14.09
N SER CA 126 11.39 24.53 -13.61
CA SER CA 126 12.53 24.62 -14.51
C SER CA 126 12.72 23.33 -15.29
N TYR CA 127 12.50 22.18 -14.64
CA TYR CA 127 12.55 20.93 -15.37
C TYR CA 127 11.47 20.85 -16.42
N LEU CA 128 10.27 21.35 -16.12
CA LEU CA 128 9.21 21.37 -17.13
C LEU CA 128 9.59 22.26 -18.31
N GLN CA 129 10.18 23.42 -18.02
CA GLN CA 129 10.62 24.31 -19.10
C GLN CA 129 11.64 23.62 -19.99
N PHE CA 130 12.58 22.88 -19.40
CA PHE CA 130 13.53 22.13 -20.20
C PHE CA 130 12.83 21.05 -21.01
N SER CA 131 12.05 20.21 -20.37
CA SER CA 131 11.45 19.07 -21.00
C SER CA 131 10.50 19.28 -22.06
N LYS CA 132 10.16 20.50 -22.31
CA LYS CA 132 9.18 20.76 -23.28
C LYS CA 132 9.92 21.04 -24.51
N LYS CA 133 11.04 21.72 -24.39
CA LYS CA 133 11.85 21.99 -25.52
C LYS CA 133 12.38 20.70 -26.14
N THR CA 134 12.32 19.58 -25.42
CA THR CA 134 12.89 18.34 -25.93
C THR CA 134 12.04 17.77 -27.05
N ASP CA 135 12.64 16.87 -27.83
CA ASP CA 135 11.94 16.28 -28.97
C ASP CA 135 10.75 15.43 -28.54
N LYS CA 136 10.82 14.82 -27.36
CA LYS CA 136 9.80 13.90 -26.86
C LYS CA 136 9.41 14.30 -25.44
N PRO CA 137 8.69 15.41 -25.29
CA PRO CA 137 8.33 15.86 -23.93
C PRO CA 137 7.45 14.88 -23.18
N ASN CA 138 6.57 14.15 -23.89
CA ASN CA 138 5.68 13.21 -23.21
C ASN CA 138 6.45 12.09 -22.56
N GLU CA 139 7.48 11.57 -23.24
CA GLU CA 139 8.31 10.52 -22.65
C GLU CA 139 9.30 11.10 -21.65
N ASN CA 140 9.73 12.34 -21.81
CA ASN CA 140 10.56 12.98 -20.80
C ASN CA 140 9.80 13.19 -19.50
N GLU CA 141 8.51 13.13 -19.44
CA GLU CA 141 7.87 13.35 -18.16
C GLU CA 141 7.75 12.17 -17.34
N ILE CA 142 7.63 11.02 -17.93
CA ILE CA 142 7.54 9.78 -17.25
C ILE CA 142 8.86 9.07 -17.17
N ILE CA 143 9.91 9.49 -17.86
CA ILE CA 143 11.23 8.89 -17.73
C ILE CA 143 12.06 10.11 -17.57
N ILE CA 144 12.50 10.38 -16.36
CA ILE CA 144 13.14 11.63 -16.01
C ILE CA 144 14.59 11.59 -16.49
N ASN CA 145 15.02 12.66 -17.17
CA ASN CA 145 16.42 12.84 -17.48
C ASN CA 145 17.14 13.23 -16.20
N VAL CA 146 17.58 12.25 -15.43
CA VAL CA 146 18.14 12.53 -14.10
C VAL CA 146 19.38 13.41 -14.15
N PRO CA 147 20.31 13.25 -15.10
CA PRO CA 147 21.50 14.13 -15.10
C PRO CA 147 21.19 15.62 -15.13
N VAL CA 148 20.17 16.04 -15.87
CA VAL CA 148 19.78 17.44 -15.88
C VAL CA 148 18.76 17.75 -14.78
N ALA CA 149 17.97 16.75 -14.37
CA ALA CA 149 17.01 16.97 -13.30
C ALA CA 149 17.71 17.32 -12.00
N LEU CA 150 18.79 16.60 -11.67
CA LEU CA 150 19.59 16.96 -10.50
C LEU CA 150 20.17 18.36 -10.64
N GLY CA 151 20.52 18.75 -11.85
CA GLY CA 151 20.98 20.12 -12.07
C GLY CA 151 19.91 21.14 -11.73
N MET CA 152 18.67 20.86 -12.12
CA MET CA 152 17.59 21.80 -11.79
C MET CA 152 17.33 21.83 -10.30
N MET CA 153 17.37 20.66 -9.65
CA MET CA 153 17.20 20.62 -8.19
C MET CA 153 18.28 21.45 -7.49
N ALA CA 154 19.52 21.36 -7.96
CA ALA CA 154 20.58 22.17 -7.38
C ALA CA 154 20.36 23.65 -7.68
N GLY CA 155 20.09 23.99 -8.94
CA GLY CA 155 19.96 25.39 -9.32
C GLY CA 155 18.76 26.08 -8.72
N ALA CA 156 17.79 25.32 -8.21
CA ALA CA 156 16.62 25.94 -7.58
C ALA CA 156 16.92 26.48 -6.18
N PHE CA 157 18.15 26.38 -5.69
CA PHE CA 157 18.47 26.93 -4.37
C PHE CA 157 18.34 28.45 -4.34
N ILE CA 158 18.50 29.11 -5.48
CA ILE CA 158 18.51 30.57 -5.56
C ILE CA 158 17.20 31.04 -6.20
N TRP CA 159 16.13 30.27 -5.99
CA TRP CA 159 14.87 30.55 -6.64
C TRP CA 159 14.29 31.94 -6.37
N PRO CA 160 14.39 32.56 -5.17
CA PRO CA 160 13.75 33.87 -5.01
C PRO CA 160 14.33 34.94 -5.93
N LEU CA 161 15.64 34.91 -6.18
CA LEU CA 161 16.23 35.83 -7.14
C LEU CA 161 15.91 35.42 -8.58
N ALA CA 162 15.94 34.12 -8.86
CA ALA CA 162 15.61 33.65 -10.20
C ALA CA 162 14.16 33.95 -10.55
N ALA CA 163 13.25 33.75 -9.59
CA ALA CA 163 11.84 34.04 -9.83
C ALA CA 163 11.63 35.53 -10.07
N TRP CA 164 12.30 36.38 -9.28
CA TRP CA 164 12.18 37.82 -9.49
C TRP CA 164 12.72 38.21 -10.86
N LYS CA 165 13.85 37.65 -11.25
CA LYS CA 165 14.43 37.99 -12.54
C LYS CA 165 13.51 37.57 -13.68
N GLU CA 166 12.93 36.37 -13.59
CA GLU CA 166 12.03 35.91 -14.64
C GLU CA 166 10.76 36.75 -14.68
N LEU CA 167 10.25 37.14 -13.51
CA LEU CA 167 9.09 38.02 -13.47
C LEU CA 167 9.39 39.35 -14.15
N ILE CA 168 10.55 39.93 -13.86
CA ILE CA 168 10.90 41.21 -14.46
C ILE CA 168 11.09 41.07 -15.96
N ASP CA 169 11.55 39.92 -16.40
CA ASP CA 169 11.78 39.70 -17.81
C ASP CA 169 10.57 39.17 -18.52
N GLY CA 170 9.47 39.03 -17.82
CA GLY CA 170 8.23 38.59 -18.42
C GLY CA 170 8.21 37.16 -18.83
N LYS CA 171 8.95 36.33 -18.14
CA LYS CA 171 9.01 34.93 -18.46
C LYS CA 171 8.46 34.04 -17.38
N LEU CA 172 7.80 34.59 -16.37
CA LEU CA 172 7.21 33.77 -15.33
C LEU CA 172 5.80 33.57 -15.66
N LEU CA 173 5.12 34.59 -16.17
CA LEU CA 173 3.70 34.49 -16.43
C LEU CA 173 3.44 34.40 -17.90
N VAL CA 174 2.52 33.56 -18.33
CA VAL CA 174 2.14 33.48 -19.72
C VAL CA 174 1.08 34.49 -19.83
N PRO CA 175 0.98 35.17 -20.96
CA PRO CA 175 0.02 36.24 -21.06
C PRO CA 175 -1.33 35.65 -20.97
N GLY CA 176 -2.34 36.45 -20.88
CA GLY CA 176 -3.64 35.95 -20.63
C GLY CA 176 -4.45 35.37 -21.71
N ASP CA 177 -4.17 35.74 -22.93
CA ASP CA 177 -4.91 35.25 -24.06
C ASP CA 177 -4.05 34.33 -24.83
N GLU CA 178 -3.31 33.49 -24.15
CA GLU CA 178 -2.54 32.50 -24.79
C GLU CA 178 -2.75 31.28 -24.04
N ILE CA 179 -3.81 31.23 -23.25
CA ILE CA 179 -4.06 30.15 -22.39
C ILE CA 179 -5.49 29.91 -22.66
N THR CA 180 -5.90 28.67 -22.78
CA THR CA 180 -7.25 28.41 -23.15
C THR CA 180 -8.14 28.82 -22.06
N VAL CA 181 -9.37 29.07 -22.37
CA VAL CA 181 -10.26 29.53 -21.43
C VAL CA 181 -11.49 29.04 -22.04
N SER CA 182 -12.49 28.70 -21.29
CA SER CA 182 -13.66 28.11 -21.84
C SER CA 182 -14.61 29.15 -22.25
N PRO CA 183 -15.71 28.73 -22.84
CA PRO CA 183 -16.63 29.71 -23.36
C PRO CA 183 -17.24 30.32 -22.17
N ARG CA 184 -17.27 31.63 -22.08
CA ARG CA 184 -17.72 32.28 -20.84
C ARG CA 184 -19.21 32.17 -20.71
N SER DA 4 -60.30 14.48 26.06
CA SER DA 4 -61.59 14.48 25.31
C SER DA 4 -61.65 13.28 24.36
N PHE DA 5 -62.77 13.19 23.63
CA PHE DA 5 -62.95 12.13 22.63
C PHE DA 5 -62.60 12.59 21.23
N LEU DA 6 -62.35 13.88 21.05
CA LEU DA 6 -61.93 14.38 19.74
C LEU DA 6 -60.67 13.72 19.21
N PRO DA 7 -59.64 13.44 20.00
CA PRO DA 7 -58.50 12.67 19.46
C PRO DA 7 -58.89 11.35 18.84
N SER DA 8 -59.70 10.55 19.55
CA SER DA 8 -60.12 9.26 19.02
C SER DA 8 -60.98 9.44 17.77
N ILE DA 9 -61.83 10.46 17.75
CA ILE DA 9 -62.71 10.65 16.59
C ILE DA 9 -61.90 11.11 15.38
N LEU DA 10 -60.93 11.99 15.57
CA LEU DA 10 -60.31 12.73 14.47
C LEU DA 10 -59.01 12.13 13.97
N THR DA 11 -58.14 11.62 14.86
CA THR DA 11 -56.85 11.10 14.41
C THR DA 11 -56.99 9.97 13.39
N PRO DA 12 -57.77 8.92 13.63
CA PRO DA 12 -57.94 7.93 12.55
C PRO DA 12 -58.64 8.50 11.34
N LEU DA 13 -59.63 9.37 11.53
CA LEU DA 13 -60.36 9.94 10.40
C LEU DA 13 -59.44 10.70 9.47
N VAL DA 14 -58.50 11.46 10.04
CA VAL DA 14 -57.64 12.34 9.24
C VAL DA 14 -56.34 11.67 8.83
N THR DA 15 -55.97 10.55 9.45
CA THR DA 15 -54.70 9.89 9.16
C THR DA 15 -54.83 8.54 8.43
N LEU DA 16 -56.03 7.94 8.40
CA LEU DA 16 -56.27 6.70 7.67
C LEU DA 16 -57.31 6.88 6.57
N VAL DA 17 -58.50 7.37 6.92
CA VAL DA 17 -59.58 7.46 5.94
C VAL DA 17 -59.28 8.56 4.92
N PHE DA 18 -58.96 9.76 5.40
CA PHE DA 18 -58.72 10.87 4.46
C PHE DA 18 -57.50 10.64 3.59
N PRO DA 19 -56.33 10.25 4.12
CA PRO DA 19 -55.19 9.99 3.22
C PRO DA 19 -55.41 8.82 2.27
N GLY DA 20 -56.14 7.79 2.70
CA GLY DA 20 -56.44 6.70 1.78
C GLY DA 20 -57.32 7.15 0.63
N LEU DA 21 -58.36 7.93 0.94
CA LEU DA 21 -59.20 8.49 -0.12
C LEU DA 21 -58.41 9.42 -1.01
N CYS DA 22 -57.48 10.19 -0.44
CA CYS DA 22 -56.66 11.09 -1.24
C CYS DA 22 -55.76 10.30 -2.18
N PHE DA 23 -55.14 9.22 -1.70
CA PHE DA 23 -54.32 8.39 -2.56
C PHE DA 23 -55.14 7.76 -3.67
N ALA DA 24 -56.34 7.27 -3.34
CA ALA DA 24 -57.22 6.68 -4.34
C ALA DA 24 -57.59 7.71 -5.40
N LEU DA 25 -57.98 8.91 -4.96
CA LEU DA 25 -58.37 9.96 -5.90
C LEU DA 25 -57.20 10.36 -6.79
N PHE DA 26 -56.02 10.53 -6.21
CA PHE DA 26 -54.86 10.91 -7.00
C PHE DA 26 -54.50 9.84 -8.01
N PHE DA 27 -54.55 8.56 -7.60
CA PHE DA 27 -54.24 7.48 -8.53
C PHE DA 27 -55.22 7.46 -9.69
N VAL DA 28 -56.51 7.56 -9.39
CA VAL DA 28 -57.51 7.54 -10.45
C VAL DA 28 -57.33 8.73 -11.38
N LEU DA 29 -57.08 9.92 -10.80
CA LEU DA 29 -56.93 11.12 -11.61
C LEU DA 29 -55.71 11.03 -12.52
N ILE DA 30 -54.58 10.53 -12.01
CA ILE DA 30 -53.40 10.43 -12.87
C ILE DA 30 -53.61 9.37 -13.94
N GLU DA 31 -54.43 8.35 -13.67
CA GLU DA 31 -54.71 7.34 -14.67
C GLU DA 31 -55.85 7.71 -15.63
N GLN DA 32 -56.55 8.82 -15.40
CA GLN DA 32 -57.52 9.29 -16.39
C GLN DA 32 -56.82 9.58 -17.71
N ASP DA 33 -57.41 9.09 -18.79
CA ASP DA 33 -56.85 9.25 -20.13
C ASP DA 33 -57.30 10.57 -20.74
N GLU DA 34 -56.68 10.90 -21.88
CA GLU DA 34 -57.05 12.11 -22.60
C GLU DA 34 -58.48 11.99 -23.12
N ILE DA 35 -59.15 13.14 -23.22
CA ILE DA 35 -60.56 13.19 -23.61
C ILE DA 35 -60.61 12.97 -25.11
N ALA DA 36 -60.96 11.74 -25.52
CA ALA DA 36 -61.07 11.39 -26.93
C ALA DA 36 -59.76 11.63 -27.69
N MET EA 1 24.08 -0.01 -14.63
CA MET EA 1 24.36 -1.27 -15.36
C MET EA 1 24.47 -1.06 -16.87
N SER EA 2 23.35 -0.91 -17.57
CA SER EA 2 23.31 -0.53 -18.97
C SER EA 2 22.47 0.72 -19.14
N ASN EA 3 22.46 1.24 -20.36
CA ASN EA 3 21.57 2.36 -20.65
C ASN EA 3 20.12 1.97 -20.43
N ASP EA 4 19.77 0.72 -20.74
CA ASP EA 4 18.39 0.27 -20.57
C ASP EA 4 17.99 0.22 -19.10
N LEU EA 5 18.83 -0.38 -18.25
CA LEU EA 5 18.50 -0.45 -16.83
C LEU EA 5 18.55 0.93 -16.19
N LEU EA 6 19.48 1.78 -16.63
CA LEU EA 6 19.52 3.14 -16.11
C LEU EA 6 18.25 3.90 -16.49
N LYS EA 7 17.75 3.69 -17.71
CA LYS EA 7 16.48 4.30 -18.09
C LYS EA 7 15.33 3.76 -17.23
N TYR EA 8 15.32 2.45 -16.98
CA TYR EA 8 14.27 1.88 -16.14
C TYR EA 8 14.32 2.45 -14.73
N LEU EA 9 15.51 2.56 -14.16
CA LEU EA 9 15.63 3.17 -12.84
C LEU EA 9 15.25 4.65 -12.87
N SER EA 10 15.43 5.30 -14.02
CA SER EA 10 15.01 6.68 -14.21
C SER EA 10 13.53 6.82 -14.47
N THR EA 11 12.80 5.72 -14.65
CA THR EA 11 11.35 5.79 -14.79
C THR EA 11 10.73 6.46 -13.56
N ALA EA 12 9.50 6.96 -13.74
CA ALA EA 12 8.87 7.79 -12.72
C ALA EA 12 8.63 7.08 -11.39
N PRO EA 13 8.00 5.91 -11.34
CA PRO EA 13 7.73 5.31 -10.02
C PRO EA 13 8.98 4.89 -9.26
N VAL EA 14 9.98 4.36 -9.95
CA VAL EA 14 11.22 3.98 -9.26
C VAL EA 14 11.89 5.20 -8.65
N LEU EA 15 11.92 6.30 -9.42
CA LEU EA 15 12.55 7.51 -8.92
C LEU EA 15 11.76 8.10 -7.77
N LEU EA 16 10.42 8.08 -7.85
CA LEU EA 16 9.63 8.59 -6.74
C LEU EA 16 9.84 7.75 -5.49
N THR EA 17 9.87 6.42 -5.63
CA THR EA 17 10.07 5.57 -4.48
C THR EA 17 11.43 5.81 -3.85
N ALA EA 18 12.48 5.90 -4.68
CA ALA EA 18 13.82 6.15 -4.15
C ALA EA 18 13.90 7.51 -3.46
N TRP EA 19 13.35 8.54 -4.10
CA TRP EA 19 13.44 9.88 -3.54
C TRP EA 19 12.65 10.01 -2.24
N MET EA 20 11.47 9.40 -2.19
CA MET EA 20 10.67 9.48 -0.97
C MET EA 20 11.25 8.61 0.13
N SER EA 21 11.90 7.49 -0.21
CA SER EA 21 12.62 6.73 0.81
C SER EA 21 13.78 7.54 1.36
N ILE EA 22 14.50 8.26 0.49
CA ILE EA 22 15.58 9.13 0.96
C ILE EA 22 15.04 10.23 1.86
N THR EA 23 13.93 10.85 1.47
CA THR EA 23 13.33 11.90 2.28
C THR EA 23 12.87 11.37 3.64
N ALA EA 24 12.22 10.20 3.64
CA ALA EA 24 11.78 9.60 4.90
C ALA EA 24 12.97 9.25 5.77
N GLY EA 25 14.04 8.75 5.18
CA GLY EA 25 15.24 8.48 5.95
C GLY EA 25 15.84 9.73 6.55
N ILE EA 26 15.87 10.81 5.78
CA ILE EA 26 16.40 12.08 6.29
C ILE EA 26 15.55 12.56 7.46
N ILE EA 27 14.22 12.50 7.31
CA ILE EA 27 13.34 12.96 8.38
C ILE EA 27 13.50 12.09 9.62
N ILE EA 28 13.57 10.77 9.43
CA ILE EA 28 13.68 9.85 10.56
C ILE EA 28 15.01 10.07 11.29
N GLU EA 29 16.10 10.23 10.55
CA GLU EA 29 17.39 10.42 11.22
C GLU EA 29 17.48 11.78 11.89
N ILE EA 30 16.87 12.80 11.29
CA ILE EA 30 16.79 14.10 11.94
C ILE EA 30 15.99 13.98 13.23
N GLN EA 31 14.91 13.20 13.23
CA GLN EA 31 14.15 12.98 14.45
C GLN EA 31 14.99 12.25 15.49
N ARG EA 32 15.80 11.28 15.04
CA ARG EA 32 16.65 10.55 15.98
C ARG EA 32 17.66 11.48 16.65
N PHE EA 33 18.28 12.37 15.88
CA PHE EA 33 19.36 13.19 16.40
C PHE EA 33 18.90 14.48 17.06
N PHE EA 34 17.71 14.97 16.73
CA PHE EA 34 17.14 16.18 17.34
C PHE EA 34 15.70 15.87 17.72
N PRO EA 35 15.48 14.94 18.65
CA PRO EA 35 14.11 14.49 18.90
C PRO EA 35 13.28 15.54 19.60
N ASP EA 36 11.98 15.50 19.31
CA ASP EA 36 10.96 16.16 20.12
C ASP EA 36 11.09 17.69 20.06
N SER EA 37 11.32 18.20 18.86
CA SER EA 37 11.57 19.64 18.66
C SER EA 37 10.25 20.30 18.29
N LEU EA 38 9.57 20.84 19.32
CA LEU EA 38 8.28 21.49 19.09
C LEU EA 38 8.43 22.88 18.49
N SER EA 39 9.56 23.55 18.70
CA SER EA 39 9.75 24.90 18.17
C SER EA 39 11.24 25.17 17.98
N PHE EA 40 11.54 26.19 17.20
CA PHE EA 40 12.91 26.58 16.93
C PHE EA 40 13.49 27.38 18.09
N ALA FA 23 3.04 -60.92 4.32
CA ALA FA 23 1.85 -61.77 4.60
C ALA FA 23 2.18 -62.84 5.62
N TYR FA 24 1.21 -63.12 6.50
CA TYR FA 24 1.40 -64.06 7.62
C TYR FA 24 0.48 -65.26 7.55
N SER FA 25 -0.83 -65.05 7.39
CA SER FA 25 -1.82 -66.10 7.57
C SER FA 25 -2.24 -66.68 6.22
N ILE FA 26 -2.44 -68.01 6.20
CA ILE FA 26 -2.96 -68.66 5.00
C ILE FA 26 -4.36 -68.14 4.64
N PRO FA 27 -5.28 -67.92 5.59
CA PRO FA 27 -6.54 -67.25 5.21
C PRO FA 27 -6.32 -65.88 4.57
N LYS FA 28 -5.38 -65.09 5.08
CA LYS FA 28 -5.12 -63.79 4.47
C LYS FA 28 -4.59 -63.93 3.05
N ALA FA 29 -3.67 -64.88 2.85
CA ALA FA 29 -3.14 -65.11 1.51
C ALA FA 29 -4.24 -65.58 0.57
N PHE FA 30 -5.11 -66.48 1.04
CA PHE FA 30 -6.20 -66.98 0.19
C PHE FA 30 -7.14 -65.85 -0.17
N ILE FA 31 -7.48 -64.99 0.79
CA ILE FA 31 -8.41 -63.90 0.52
C ILE FA 31 -7.79 -62.93 -0.47
N MET FA 32 -6.51 -62.59 -0.29
CA MET FA 32 -5.85 -61.66 -1.21
C MET FA 32 -5.78 -62.23 -2.62
N MET FA 33 -5.42 -63.52 -2.73
CA MET FA 33 -5.34 -64.15 -4.05
C MET FA 33 -6.70 -64.19 -4.72
N PHE FA 34 -7.74 -64.54 -3.97
CA PHE FA 34 -9.08 -64.58 -4.54
C PHE FA 34 -9.53 -63.20 -4.98
N CYS FA 35 -9.26 -62.18 -4.18
CA CYS FA 35 -9.66 -60.82 -4.56
C CYS FA 35 -8.92 -60.37 -5.81
N ASN FA 36 -7.62 -60.66 -5.89
CA ASN FA 36 -6.87 -60.28 -7.08
C ASN FA 36 -7.40 -60.98 -8.32
N VAL FA 37 -7.67 -62.29 -8.22
CA VAL FA 37 -8.17 -63.02 -9.38
C VAL FA 37 -9.55 -62.51 -9.77
N LEU FA 38 -10.41 -62.23 -8.79
CA LEU FA 38 -11.74 -61.71 -9.08
C LEU FA 38 -11.66 -60.36 -9.78
N VAL FA 39 -10.79 -59.48 -9.30
CA VAL FA 39 -10.65 -58.16 -9.93
C VAL FA 39 -10.12 -58.31 -11.34
N ILE FA 40 -9.12 -59.16 -11.54
CA ILE FA 40 -8.56 -59.33 -12.88
C ILE FA 40 -9.59 -59.93 -13.83
N SER FA 41 -10.45 -60.82 -13.32
CA SER FA 41 -11.45 -61.44 -14.18
C SER FA 41 -12.57 -60.47 -14.53
N THR FA 42 -13.07 -59.73 -13.54
CA THR FA 42 -14.25 -58.91 -13.71
C THR FA 42 -13.96 -57.47 -14.12
N MET FA 43 -12.69 -57.06 -14.18
CA MET FA 43 -12.38 -55.70 -14.58
C MET FA 43 -12.64 -55.51 -16.07
N THR FA 44 -12.71 -54.25 -16.48
CA THR FA 44 -12.90 -53.88 -17.88
C THR FA 44 -12.14 -52.61 -18.15
N ILE FA 45 -11.28 -52.61 -19.16
CA ILE FA 45 -10.57 -51.41 -19.60
C ILE FA 45 -11.01 -51.11 -21.04
N GLN FA 46 -11.58 -49.93 -21.23
CA GLN FA 46 -12.03 -49.47 -22.54
C GLN FA 46 -12.99 -50.48 -23.18
N GLY FA 47 -13.84 -51.11 -22.37
CA GLY FA 47 -14.83 -52.05 -22.86
C GLY FA 47 -14.32 -53.46 -23.08
N LYS FA 48 -13.05 -53.73 -22.80
CA LYS FA 48 -12.46 -55.06 -22.97
C LYS FA 48 -12.21 -55.67 -21.60
N GLY FA 49 -12.63 -56.93 -21.43
CA GLY FA 49 -12.39 -57.63 -20.19
C GLY FA 49 -12.64 -59.11 -20.37
N LEU FA 50 -12.06 -59.89 -19.46
CA LEU FA 50 -12.25 -61.34 -19.51
C LEU FA 50 -13.70 -61.70 -19.23
N ALA FA 51 -14.34 -61.02 -18.29
CA ALA FA 51 -15.75 -61.29 -18.00
C ALA FA 51 -16.63 -60.93 -19.19
N LYS FA 52 -16.22 -59.95 -20.00
CA LYS FA 52 -16.96 -59.55 -21.18
C LYS FA 52 -16.55 -60.34 -22.43
N GLY FA 53 -15.96 -61.52 -22.25
CA GLY FA 53 -15.65 -62.38 -23.37
C GLY FA 53 -14.58 -61.88 -24.31
N THR FA 54 -13.56 -61.21 -23.76
CA THR FA 54 -12.36 -60.86 -24.52
C THR FA 54 -11.27 -61.86 -24.19
N PRO FA 55 -10.60 -62.49 -25.16
CA PRO FA 55 -9.65 -63.56 -24.81
C PRO FA 55 -8.40 -63.02 -24.11
N HIS FA 56 -7.76 -63.91 -23.37
CA HIS FA 56 -6.57 -63.56 -22.61
C HIS FA 56 -5.46 -63.03 -23.51
N ASP FA 57 -5.24 -63.68 -24.65
CA ASP FA 57 -4.23 -63.23 -25.59
C ASP FA 57 -4.52 -61.86 -26.18
N GLU FA 58 -5.78 -61.54 -26.46
CA GLU FA 58 -6.12 -60.22 -26.97
C GLU FA 58 -5.93 -59.15 -25.89
N MET FA 59 -6.32 -59.45 -24.64
CA MET FA 59 -6.08 -58.49 -23.56
C MET FA 59 -4.59 -58.24 -23.38
N VAL FA 60 -3.78 -59.31 -23.42
CA VAL FA 60 -2.34 -59.18 -23.28
C VAL FA 60 -1.72 -58.31 -24.35
N GLU FA 61 -2.13 -58.48 -25.61
CA GLU FA 61 -1.61 -57.66 -26.71
C GLU FA 61 -2.11 -56.22 -26.65
N SER FA 62 -3.38 -56.02 -26.29
CA SER FA 62 -3.94 -54.67 -26.31
C SER FA 62 -3.36 -53.81 -25.19
N PHE FA 63 -3.32 -54.35 -23.96
CA PHE FA 63 -2.97 -53.55 -22.78
C PHE FA 63 -1.60 -53.87 -22.21
N GLY FA 64 -1.09 -55.07 -22.42
CA GLY FA 64 0.22 -55.42 -21.89
C GLY FA 64 0.18 -55.65 -20.40
N ILE FA 65 1.26 -55.29 -19.71
CA ILE FA 65 1.37 -55.54 -18.27
C ILE FA 65 0.62 -54.48 -17.48
N THR FA 66 0.11 -53.45 -18.14
CA THR FA 66 -0.81 -52.52 -17.51
C THR FA 66 -2.10 -53.20 -17.07
N TRP FA 67 -2.51 -54.27 -17.76
CA TRP FA 67 -3.64 -55.08 -17.35
C TRP FA 67 -3.41 -55.77 -16.01
N LEU FA 68 -2.21 -56.32 -15.77
CA LEU FA 68 -1.88 -56.90 -14.49
C LEU FA 68 -1.60 -55.87 -13.41
N LEU FA 69 -0.91 -54.78 -13.73
CA LEU FA 69 -0.54 -53.82 -12.70
C LEU FA 69 -1.76 -53.16 -12.08
N ALA FA 70 -2.66 -52.60 -12.91
CA ALA FA 70 -3.88 -52.01 -12.38
C ALA FA 70 -4.78 -53.04 -11.73
N GLY FA 71 -4.93 -54.20 -12.35
CA GLY FA 71 -5.72 -55.27 -11.78
C GLY FA 71 -5.28 -55.70 -10.41
N THR FA 72 -3.98 -55.93 -10.21
CA THR FA 72 -3.44 -56.30 -8.92
C THR FA 72 -3.40 -55.14 -7.94
N ALA FA 73 -3.27 -53.90 -8.40
CA ALA FA 73 -3.35 -52.77 -7.49
C ALA FA 73 -4.74 -52.65 -6.88
N LEU FA 74 -5.78 -52.69 -7.72
CA LEU FA 74 -7.13 -52.66 -7.17
C LEU FA 74 -7.45 -53.95 -6.44
N GLY FA 75 -6.87 -55.08 -6.86
CA GLY FA 75 -7.02 -56.31 -6.10
C GLY FA 75 -6.46 -56.17 -4.70
N HIS FA 76 -5.33 -55.51 -4.56
CA HIS FA 76 -4.76 -55.27 -3.23
C HIS FA 76 -5.61 -54.31 -2.44
N ILE FA 77 -6.19 -53.30 -3.08
CA ILE FA 77 -7.06 -52.38 -2.36
C ILE FA 77 -8.29 -53.11 -1.82
N VAL FA 78 -8.98 -53.86 -2.66
CA VAL FA 78 -10.17 -54.58 -2.20
C VAL FA 78 -9.79 -55.69 -1.23
N GLY FA 79 -8.64 -56.34 -1.43
CA GLY FA 79 -8.17 -57.33 -0.49
C GLY FA 79 -7.90 -56.74 0.87
N ALA FA 80 -7.27 -55.57 0.91
CA ALA FA 80 -7.06 -54.89 2.19
C ALA FA 80 -8.39 -54.54 2.83
N GLY FA 81 -9.34 -54.04 2.04
CA GLY FA 81 -10.63 -53.70 2.61
C GLY FA 81 -11.32 -54.89 3.23
N THR FA 82 -11.39 -56.00 2.49
CA THR FA 82 -12.09 -57.18 3.01
C THR FA 82 -11.33 -57.81 4.17
N ILE FA 83 -9.99 -57.84 4.11
CA ILE FA 83 -9.23 -58.44 5.21
C ILE FA 83 -9.40 -57.62 6.47
N LEU FA 84 -9.33 -56.29 6.37
CA LEU FA 84 -9.51 -55.45 7.54
C LEU FA 84 -10.93 -55.54 8.08
N GLY FA 85 -11.92 -55.62 7.19
CA GLY FA 85 -13.29 -55.80 7.65
C GLY FA 85 -13.50 -57.11 8.37
N CYS FA 86 -12.94 -58.20 7.82
CA CYS FA 86 -13.08 -59.51 8.45
C CYS FA 86 -12.34 -59.55 9.79
N SER FA 87 -11.17 -58.90 9.86
CA SER FA 87 -10.46 -58.84 11.13
C SER FA 87 -11.24 -58.07 12.17
N THR FA 88 -11.88 -56.96 11.75
CA THR FA 88 -12.72 -56.20 12.68
C THR FA 88 -13.91 -57.03 13.14
N ALA FA 89 -14.52 -57.78 12.23
CA ALA FA 89 -15.69 -58.58 12.55
C ALA FA 89 -15.36 -59.88 13.26
N GLY FA 90 -14.09 -60.28 13.32
CA GLY FA 90 -13.71 -61.53 13.94
C GLY FA 90 -13.89 -62.76 13.08
N ILE FA 91 -14.31 -62.60 11.82
CA ILE FA 91 -14.50 -63.76 10.95
C ILE FA 91 -13.17 -64.46 10.70
N LEU FA 92 -12.11 -63.70 10.46
CA LEU FA 92 -10.80 -64.26 10.16
C LEU FA 92 -10.24 -65.01 11.36
N SER GA 2 -34.34 -36.53 -25.74
CA SER GA 2 -35.80 -36.40 -25.47
C SER GA 2 -36.12 -35.05 -24.87
N GLU GA 3 -36.35 -34.05 -25.72
CA GLU GA 3 -36.61 -32.69 -25.23
C GLU GA 3 -37.89 -32.65 -24.44
N PHE GA 4 -37.88 -31.88 -23.35
CA PHE GA 4 -39.05 -31.60 -22.54
C PHE GA 4 -39.35 -30.11 -22.40
N VAL GA 5 -38.49 -29.23 -22.91
CA VAL GA 5 -38.72 -27.80 -22.95
C VAL GA 5 -38.67 -27.39 -24.42
N LYS GA 6 -39.79 -26.89 -24.93
CA LYS GA 6 -39.96 -26.53 -26.33
C LYS GA 6 -40.53 -25.13 -26.43
N PRO GA 7 -40.56 -24.55 -27.63
CA PRO GA 7 -41.15 -23.21 -27.77
C PRO GA 7 -42.61 -23.17 -27.37
N PHE GA 8 -43.03 -22.00 -26.87
CA PHE GA 8 -44.39 -21.78 -26.43
C PHE GA 8 -45.29 -21.58 -27.64
N ASN GA 9 -46.24 -22.51 -27.84
CA ASN GA 9 -47.14 -22.48 -29.00
C ASN GA 9 -46.36 -22.52 -30.32
N ASN GA 10 -45.28 -23.28 -30.36
CA ASN GA 10 -44.46 -23.45 -31.56
C ASN GA 10 -43.96 -22.11 -32.08
N ASP GA 11 -43.58 -21.22 -31.17
CA ASP GA 11 -43.09 -19.89 -31.49
C ASP GA 11 -41.77 -19.68 -30.76
N PRO GA 12 -40.63 -19.95 -31.40
CA PRO GA 12 -39.35 -19.78 -30.69
C PRO GA 12 -39.05 -18.36 -30.24
N PHE GA 13 -39.69 -17.36 -30.84
CA PHE GA 13 -39.34 -15.96 -30.61
C PHE GA 13 -40.28 -15.25 -29.65
N VAL GA 14 -41.21 -15.98 -29.03
CA VAL GA 14 -41.99 -15.44 -27.92
C VAL GA 14 -41.22 -15.66 -26.63
N GLY GA 15 -41.28 -14.69 -25.72
CA GLY GA 15 -40.52 -14.77 -24.50
C GLY GA 15 -41.13 -15.73 -23.48
N ASN GA 16 -41.15 -17.01 -23.80
CA ASN GA 16 -41.68 -18.02 -22.90
C ASN GA 16 -41.15 -19.38 -23.34
N LEU GA 17 -41.32 -20.37 -22.47
CA LEU GA 17 -40.95 -21.74 -22.75
C LEU GA 17 -42.07 -22.67 -22.31
N SER GA 18 -42.26 -23.75 -23.07
CA SER GA 18 -43.29 -24.74 -22.76
C SER GA 18 -42.70 -25.83 -21.88
N THR GA 19 -42.41 -25.45 -20.64
CA THR GA 19 -41.88 -26.37 -19.65
C THR GA 19 -42.96 -27.26 -19.11
N PRO GA 20 -42.60 -28.33 -18.37
CA PRO GA 20 -43.64 -29.09 -17.66
C PRO GA 20 -44.45 -28.24 -16.68
N VAL GA 21 -43.81 -27.28 -16.01
CA VAL GA 21 -44.53 -26.45 -15.05
C VAL GA 21 -45.55 -25.59 -15.76
N THR GA 22 -45.17 -25.01 -16.90
CA THR GA 22 -46.04 -24.04 -17.58
C THR GA 22 -47.21 -24.72 -18.27
N THR GA 23 -46.96 -25.87 -18.89
CA THR GA 23 -47.83 -26.38 -19.95
C THR GA 23 -48.43 -27.75 -19.65
N SER GA 24 -47.97 -28.44 -18.60
CA SER GA 24 -48.43 -29.81 -18.33
C SER GA 24 -49.93 -29.85 -18.10
N THR GA 25 -50.48 -31.06 -18.25
CA THR GA 25 -51.93 -31.25 -18.14
C THR GA 25 -52.43 -30.87 -16.76
N ALA GA 26 -51.65 -31.16 -15.71
CA ALA GA 26 -52.05 -30.78 -14.36
C ALA GA 26 -52.17 -29.27 -14.22
N THR GA 27 -51.17 -28.53 -14.72
CA THR GA 27 -51.22 -27.08 -14.67
C THR GA 27 -52.41 -26.54 -15.45
N LYS GA 28 -52.61 -27.05 -16.67
CA LYS GA 28 -53.73 -26.60 -17.49
C LYS GA 28 -55.05 -26.85 -16.79
N LEU GA 29 -55.22 -28.06 -16.24
CA LEU GA 29 -56.47 -28.40 -15.58
C LEU GA 29 -56.73 -27.49 -14.38
N TYR GA 30 -55.74 -27.36 -13.50
CA TYR GA 30 -55.93 -26.57 -12.28
C TYR GA 30 -56.21 -25.11 -12.61
N LEU GA 31 -55.39 -24.52 -13.48
CA LEU GA 31 -55.58 -23.12 -13.83
C LEU GA 31 -56.91 -22.89 -14.52
N GLY GA 32 -57.20 -23.67 -15.57
CA GLY GA 32 -58.44 -23.49 -16.30
C GLY GA 32 -59.69 -23.76 -15.48
N ASN GA 33 -59.57 -24.56 -14.41
CA ASN GA 33 -60.70 -24.83 -13.55
C ASN GA 33 -60.75 -23.91 -12.33
N LEU GA 34 -59.74 -23.08 -12.11
CA LEU GA 34 -59.88 -22.05 -11.08
C LEU GA 34 -60.98 -21.06 -11.50
N PRO GA 35 -61.60 -20.38 -10.53
CA PRO GA 35 -62.76 -19.53 -10.88
C PRO GA 35 -62.43 -18.42 -11.87
N ILE GA 36 -61.26 -17.82 -11.77
CA ILE GA 36 -60.92 -16.70 -12.63
C ILE GA 36 -60.82 -17.12 -14.09
N TYR GA 37 -60.54 -18.40 -14.36
CA TYR GA 37 -60.42 -18.92 -15.71
C TYR GA 37 -61.49 -19.95 -16.07
N ARG GA 38 -62.38 -20.30 -15.15
CA ARG GA 38 -63.37 -21.33 -15.43
C ARG GA 38 -64.33 -20.87 -16.53
N LYS GA 39 -64.79 -21.83 -17.32
CA LYS GA 39 -65.63 -21.55 -18.48
C LYS GA 39 -67.09 -21.48 -18.05
N GLY GA 40 -67.78 -20.46 -18.54
CA GLY GA 40 -69.20 -20.29 -18.29
C GLY GA 40 -69.56 -19.51 -17.06
N LEU GA 41 -68.61 -19.32 -16.13
CA LEU GA 41 -68.89 -18.54 -14.94
C LEU GA 41 -69.02 -17.06 -15.30
N SER GA 42 -70.07 -16.43 -14.78
CA SER GA 42 -70.23 -15.00 -14.97
C SER GA 42 -69.23 -14.26 -14.08
N PRO GA 43 -68.94 -12.98 -14.39
CA PRO GA 43 -68.02 -12.23 -13.54
C PRO GA 43 -68.46 -12.15 -12.09
N LEU GA 44 -69.77 -12.08 -11.84
CA LEU GA 44 -70.26 -12.11 -10.47
C LEU GA 44 -69.88 -13.41 -9.79
N MET GA 45 -70.04 -14.54 -10.49
CA MET GA 45 -69.73 -15.83 -9.88
C MET GA 45 -68.24 -15.97 -9.62
N ARG GA 46 -67.41 -15.52 -10.57
CA ARG GA 46 -65.96 -15.52 -10.35
C ARG GA 46 -65.60 -14.72 -9.12
N GLY GA 47 -66.10 -13.48 -9.04
CA GLY GA 47 -65.82 -12.65 -7.89
C GLY GA 47 -66.32 -13.26 -6.61
N LEU GA 48 -67.49 -13.87 -6.63
CA LEU GA 48 -68.05 -14.48 -5.42
C LEU GA 48 -67.15 -15.60 -4.92
N GLU GA 49 -66.74 -16.50 -5.82
CA GLU GA 49 -65.90 -17.62 -5.39
C GLU GA 49 -64.58 -17.13 -4.83
N VAL GA 50 -63.94 -16.19 -5.55
CA VAL GA 50 -62.67 -15.62 -5.08
C VAL GA 50 -62.87 -14.96 -3.73
N GLY GA 51 -63.99 -14.27 -3.55
CA GLY GA 51 -64.24 -13.56 -2.32
C GLY GA 51 -64.35 -14.47 -1.13
N MET GA 52 -65.19 -15.51 -1.22
CA MET GA 52 -65.31 -16.41 -0.08
C MET GA 52 -64.00 -17.13 0.19
N ALA GA 53 -63.29 -17.52 -0.88
CA ALA GA 53 -62.02 -18.21 -0.68
C ALA GA 53 -61.02 -17.35 0.09
N HIS GA 54 -60.95 -16.06 -0.22
CA HIS GA 54 -59.98 -15.20 0.46
C HIS GA 54 -60.46 -14.77 1.85
N GLY GA 55 -61.75 -14.47 1.98
CA GLY GA 55 -62.26 -14.01 3.27
C GLY GA 55 -62.29 -15.12 4.30
N TYR GA 56 -62.37 -16.38 3.87
CA TYR GA 56 -62.34 -17.48 4.82
C TYR GA 56 -61.01 -17.54 5.55
N PHE GA 57 -59.90 -17.35 4.82
CA PHE GA 57 -58.57 -17.48 5.40
C PHE GA 57 -58.01 -16.15 5.91
N LEU GA 58 -58.57 -15.01 5.53
CA LEU GA 58 -57.99 -13.75 5.98
C LEU GA 58 -58.14 -13.55 7.49
N ILE GA 59 -59.16 -14.14 8.11
CA ILE GA 59 -59.39 -13.91 9.54
C ILE GA 59 -58.28 -14.52 10.38
N GLY GA 60 -57.73 -15.65 9.96
CA GLY GA 60 -56.86 -16.46 10.80
C GLY GA 60 -55.60 -15.76 11.30
N PRO GA 61 -54.84 -15.10 10.41
CA PRO GA 61 -53.67 -14.35 10.89
C PRO GA 61 -54.00 -13.32 11.96
N PHE GA 62 -55.04 -12.53 11.75
CA PHE GA 62 -55.42 -11.53 12.74
C PHE GA 62 -55.88 -12.17 14.04
N TYR GA 63 -56.63 -13.27 13.93
CA TYR GA 63 -57.15 -13.93 15.12
C TYR GA 63 -56.02 -14.49 15.98
N ILE GA 64 -55.07 -15.20 15.36
CA ILE GA 64 -54.05 -15.90 16.14
C ILE GA 64 -52.94 -14.96 16.55
N LEU GA 65 -52.41 -14.17 15.62
CA LEU GA 65 -51.23 -13.36 15.85
C LEU GA 65 -51.52 -11.89 16.09
N GLY GA 66 -52.78 -11.52 16.34
CA GLY GA 66 -53.12 -10.13 16.56
C GLY GA 66 -52.66 -9.63 17.91
N PRO GA 67 -52.75 -8.32 18.14
CA PRO GA 67 -52.39 -7.79 19.47
C PRO GA 67 -53.27 -8.33 20.58
N LEU GA 68 -54.55 -8.58 20.28
CA LEU GA 68 -55.51 -9.10 21.26
C LEU GA 68 -55.73 -10.59 21.07
N ARG GA 69 -54.69 -11.32 20.70
CA ARG GA 69 -54.78 -12.77 20.62
C ARG GA 69 -55.04 -13.38 21.99
N ASN GA 70 -54.36 -12.87 23.02
CA ASN GA 70 -54.55 -13.34 24.39
C ASN GA 70 -55.58 -12.46 25.11
N SER GA 71 -56.77 -12.39 24.53
CA SER GA 71 -57.86 -11.58 25.04
C SER GA 71 -59.17 -12.31 24.78
N PRO GA 72 -60.22 -12.08 25.57
CA PRO GA 72 -61.50 -12.74 25.26
C PRO GA 72 -62.12 -12.30 23.95
N ASN GA 73 -61.75 -11.14 23.41
CA ASN GA 73 -62.29 -10.62 22.16
C ASN GA 73 -61.34 -10.84 20.99
N ALA GA 74 -60.53 -11.90 21.05
CA ALA GA 74 -59.55 -12.16 20.00
C ALA GA 74 -60.23 -12.42 18.66
N LEU GA 75 -61.25 -13.27 18.65
CA LEU GA 75 -61.89 -13.63 17.39
C LEU GA 75 -62.69 -12.47 16.82
N LEU GA 76 -63.37 -11.72 17.69
CA LEU GA 76 -64.11 -10.55 17.21
C LEU GA 76 -63.16 -9.51 16.62
N VAL GA 77 -62.02 -9.28 17.28
CA VAL GA 77 -61.05 -8.33 16.75
C VAL GA 77 -60.48 -8.84 15.43
N GLY GA 78 -60.24 -10.14 15.33
CA GLY GA 78 -59.77 -10.70 14.07
C GLY GA 78 -60.77 -10.53 12.95
N LEU GA 79 -62.05 -10.72 13.25
CA LEU GA 79 -63.07 -10.53 12.23
C LEU GA 79 -63.16 -9.08 11.80
N PHE GA 80 -63.08 -8.14 12.74
CA PHE GA 80 -63.10 -6.73 12.37
C PHE GA 80 -61.88 -6.37 11.53
N SER GA 81 -60.72 -6.93 11.86
CA SER GA 81 -59.53 -6.69 11.05
C SER GA 81 -59.72 -7.25 9.64
N ALA GA 82 -60.30 -8.44 9.53
CA ALA GA 82 -60.56 -9.01 8.22
C ALA GA 82 -61.54 -8.14 7.43
N TYR GA 83 -62.57 -7.63 8.09
CA TYR GA 83 -63.52 -6.74 7.43
C TYR GA 83 -62.84 -5.47 6.93
N GLY GA 84 -61.96 -4.89 7.74
CA GLY GA 84 -61.25 -3.70 7.30
C GLY GA 84 -60.34 -3.98 6.12
N LEU GA 85 -59.62 -5.11 6.17
CA LEU GA 85 -58.75 -5.46 5.05
C LEU GA 85 -59.57 -5.73 3.79
N ILE GA 86 -60.75 -6.32 3.94
CA ILE GA 86 -61.61 -6.58 2.79
C ILE GA 86 -62.14 -5.27 2.22
N ILE GA 87 -62.46 -4.32 3.09
CA ILE GA 87 -62.88 -2.99 2.64
C ILE GA 87 -61.78 -2.34 1.81
N ILE GA 88 -60.53 -2.42 2.30
CA ILE GA 88 -59.42 -1.86 1.55
C ILE GA 88 -59.25 -2.59 0.23
N LEU GA 89 -59.40 -3.91 0.23
CA LEU GA 89 -59.22 -4.70 -0.98
C LEU GA 89 -60.25 -4.32 -2.05
N THR GA 90 -61.52 -4.21 -1.64
CA THR GA 90 -62.54 -3.88 -2.64
C THR GA 90 -62.47 -2.42 -3.06
N LEU GA 91 -61.98 -1.53 -2.20
CA LEU GA 91 -61.68 -0.17 -2.66
C LEU GA 91 -60.59 -0.19 -3.71
N ALA GA 92 -59.56 -1.02 -3.50
CA ALA GA 92 -58.50 -1.17 -4.49
C ALA GA 92 -59.07 -1.71 -5.81
N LEU GA 93 -59.97 -2.68 -5.71
CA LEU GA 93 -60.60 -3.23 -6.91
C LEU GA 93 -61.38 -2.17 -7.66
N THR GA 94 -62.16 -1.35 -6.93
CA THR GA 94 -62.98 -0.34 -7.60
C THR GA 94 -62.11 0.71 -8.27
N ILE GA 95 -61.07 1.19 -7.59
CA ILE GA 95 -60.22 2.21 -8.22
C ILE GA 95 -59.45 1.60 -9.39
N TYR GA 96 -59.06 0.33 -9.29
CA TYR GA 96 -58.41 -0.32 -10.43
C TYR GA 96 -59.34 -0.39 -11.63
N GLY GA 97 -60.60 -0.75 -11.41
CA GLY GA 97 -61.56 -0.74 -12.51
C GLY GA 97 -61.74 0.63 -13.10
N LEU GA 98 -61.83 1.66 -12.23
CA LEU GA 98 -61.99 3.03 -12.71
C LEU GA 98 -60.80 3.45 -13.55
N ALA GA 99 -59.58 3.09 -13.12
CA ALA GA 99 -58.39 3.53 -13.84
C ALA GA 99 -58.21 2.77 -15.15
N SER GA 100 -58.49 1.46 -15.14
CA SER GA 100 -58.21 0.63 -16.31
C SER GA 100 -59.33 0.72 -17.34
N PHE GA 101 -60.55 0.40 -16.93
CA PHE GA 101 -61.67 0.27 -17.85
C PHE GA 101 -62.46 1.58 -17.90
N GLN GA 102 -61.78 2.61 -18.40
CA GLN GA 102 -62.35 3.96 -18.41
C GLN GA 102 -63.58 4.03 -19.32
N ASP GA 103 -63.40 3.76 -20.60
CA ASP GA 103 -64.48 3.72 -21.58
C ASP GA 103 -64.74 2.27 -21.97
N ASN GA 104 -66.00 1.84 -21.83
CA ASN GA 104 -66.41 0.47 -22.10
C ASN GA 104 -67.92 0.42 -22.17
N SER GA 105 -68.43 -0.43 -23.07
CA SER GA 105 -69.87 -0.66 -23.19
C SER GA 105 -70.22 -2.12 -23.42
N THR GA 106 -69.24 -3.03 -23.36
CA THR GA 106 -69.51 -4.43 -23.69
C THR GA 106 -70.23 -5.15 -22.54
N GLY GA 107 -69.60 -5.23 -21.38
CA GLY GA 107 -70.15 -5.96 -20.26
C GLY GA 107 -69.97 -7.46 -20.41
N SER GA 108 -70.24 -8.17 -19.31
CA SER GA 108 -70.12 -9.62 -19.26
C SER GA 108 -68.70 -10.09 -19.56
N ASN GA 109 -67.71 -9.28 -19.21
CA ASN GA 109 -66.31 -9.60 -19.45
C ASN GA 109 -65.48 -8.89 -18.41
N LEU GA 110 -64.52 -9.60 -17.81
CA LEU GA 110 -63.73 -9.02 -16.73
C LEU GA 110 -62.95 -7.80 -17.18
N GLU GA 111 -62.60 -7.72 -18.46
CA GLU GA 111 -61.87 -6.59 -19.01
C GLU GA 111 -62.79 -5.47 -19.49
N SER GA 112 -63.99 -5.36 -18.92
CA SER GA 112 -64.92 -4.27 -19.19
C SER GA 112 -65.36 -3.67 -17.87
N SER GA 113 -65.90 -2.45 -17.94
CA SER GA 113 -66.27 -1.73 -16.72
C SER GA 113 -67.38 -2.46 -15.97
N LYS GA 114 -68.45 -2.84 -16.67
CA LYS GA 114 -69.57 -3.52 -16.01
C LYS GA 114 -69.14 -4.87 -15.46
N GLY GA 115 -68.37 -5.63 -16.23
CA GLY GA 115 -67.93 -6.93 -15.75
C GLY GA 115 -67.02 -6.84 -14.54
N TRP GA 116 -66.10 -5.87 -14.54
CA TRP GA 116 -65.23 -5.70 -13.39
C TRP GA 116 -66.01 -5.20 -12.18
N ARG GA 117 -67.01 -4.34 -12.38
CA ARG GA 117 -67.84 -3.92 -11.26
C ARG GA 117 -68.59 -5.10 -10.67
N SER GA 118 -69.13 -5.98 -11.52
CA SER GA 118 -69.81 -7.18 -11.03
C SER GA 118 -68.83 -8.08 -10.29
N PHE GA 119 -67.61 -8.22 -10.81
CA PHE GA 119 -66.60 -9.03 -10.14
C PHE GA 119 -66.26 -8.47 -8.77
N THR GA 120 -66.10 -7.14 -8.67
CA THR GA 120 -65.79 -6.52 -7.39
C THR GA 120 -66.94 -6.70 -6.41
N SER GA 121 -68.18 -6.57 -6.87
CA SER GA 121 -69.34 -6.76 -6.00
C SER GA 121 -69.37 -8.19 -5.46
N GLY GA 122 -69.16 -9.17 -6.35
CA GLY GA 122 -69.09 -10.54 -5.92
C GLY GA 122 -67.98 -10.78 -4.92
N PHE GA 123 -66.82 -10.18 -5.16
CA PHE GA 123 -65.70 -10.33 -4.22
C PHE GA 123 -66.04 -9.78 -2.86
N THR GA 124 -66.65 -8.59 -2.81
CA THR GA 124 -66.99 -7.98 -1.53
C THR GA 124 -67.96 -8.85 -0.75
N VAL GA 125 -69.06 -9.25 -1.40
CA VAL GA 125 -70.06 -10.05 -0.71
C VAL GA 125 -69.47 -11.40 -0.27
N GLY GA 126 -68.73 -12.05 -1.16
CA GLY GA 126 -68.15 -13.33 -0.83
C GLY GA 126 -67.15 -13.25 0.30
N ALA GA 127 -66.32 -12.21 0.31
CA ALA GA 127 -65.33 -12.06 1.37
C ALA GA 127 -65.98 -11.80 2.72
N LEU GA 128 -66.99 -10.93 2.75
CA LEU GA 128 -67.70 -10.71 4.01
C LEU GA 128 -68.35 -11.99 4.51
N GLY GA 129 -69.00 -12.74 3.61
CA GLY GA 129 -69.62 -13.99 4.02
C GLY GA 129 -68.60 -15.02 4.47
N GLY GA 130 -67.47 -15.12 3.79
CA GLY GA 130 -66.46 -16.09 4.17
C GLY GA 130 -65.84 -15.77 5.51
N ALA GA 131 -65.57 -14.49 5.77
CA ALA GA 131 -65.04 -14.11 7.07
C ALA GA 131 -66.05 -14.41 8.18
N SER GA 132 -67.33 -14.12 7.93
CA SER GA 132 -68.34 -14.43 8.93
C SER GA 132 -68.43 -15.94 9.19
N VAL GA 133 -68.38 -16.74 8.12
CA VAL GA 133 -68.46 -18.19 8.27
C VAL GA 133 -67.25 -18.72 9.03
N ALA GA 134 -66.07 -18.16 8.76
CA ALA GA 134 -64.88 -18.57 9.50
C ALA GA 134 -65.00 -18.19 10.97
N TYR GA 135 -65.58 -17.03 11.26
CA TYR GA 135 -65.86 -16.65 12.65
C TYR GA 135 -66.76 -17.68 13.32
N VAL GA 136 -67.83 -18.09 12.63
CA VAL GA 136 -68.75 -19.06 13.22
C VAL GA 136 -68.04 -20.38 13.48
N LEU GA 137 -67.25 -20.84 12.50
CA LEU GA 137 -66.53 -22.10 12.67
C LEU GA 137 -65.55 -22.04 13.84
N LEU GA 138 -64.82 -20.93 13.96
CA LEU GA 138 -63.85 -20.82 15.03
C LEU GA 138 -64.52 -20.67 16.39
N ASN GA 139 -65.70 -20.05 16.43
CA ASN GA 139 -66.48 -20.05 17.68
C ASN GA 139 -66.88 -21.46 18.05
N ASN GA 140 -67.35 -22.25 17.08
CA ASN GA 140 -67.79 -23.62 17.32
C ASN GA 140 -66.72 -24.63 16.97
N VAL GA 141 -65.46 -24.29 17.23
CA VAL GA 141 -64.34 -25.19 16.95
C VAL GA 141 -64.46 -26.51 17.72
N SER GA 142 -65.19 -26.51 18.84
CA SER GA 142 -65.34 -27.74 19.63
C SER GA 142 -66.03 -28.85 18.85
N PHE GA 143 -66.77 -28.51 17.78
CA PHE GA 143 -67.37 -29.54 16.94
C PHE GA 143 -66.32 -30.45 16.32
N PHE GA 144 -65.21 -29.87 15.85
CA PHE GA 144 -64.20 -30.63 15.12
C PHE GA 144 -63.19 -31.21 16.10
N MET HA 1 -58.75 26.59 31.01
CA MET HA 1 -59.37 25.35 30.46
C MET HA 1 -60.20 25.70 29.23
N ILE HA 2 -59.77 25.21 28.06
CA ILE HA 2 -60.50 25.43 26.83
C ILE HA 2 -61.75 24.57 26.82
N THR HA 3 -62.87 25.17 26.44
CA THR HA 3 -64.16 24.50 26.49
C THR HA 3 -64.47 23.78 25.19
N ASP HA 4 -65.39 22.82 25.27
CA ASP HA 4 -65.80 22.08 24.09
C ASP HA 4 -66.42 23.00 23.05
N GLY HA 5 -67.23 23.97 23.48
CA GLY HA 5 -67.77 24.93 22.54
C GLY HA 5 -66.70 25.75 21.87
N GLN HA 6 -65.66 26.12 22.62
CA GLN HA 6 -64.54 26.86 22.03
C GLN HA 6 -63.85 26.03 20.97
N ILE HA 7 -63.59 24.76 21.27
CA ILE HA 7 -62.98 23.88 20.28
C ILE HA 7 -63.88 23.74 19.05
N PHE HA 8 -65.19 23.72 19.26
CA PHE HA 8 -66.11 23.53 18.14
C PHE HA 8 -66.14 24.76 17.24
N VAL HA 9 -66.16 25.98 17.81
CA VAL HA 9 -66.15 27.15 16.95
C VAL HA 9 -64.82 27.28 16.22
N ALA HA 10 -63.72 26.89 16.88
CA ALA HA 10 -62.43 26.88 16.20
C ALA HA 10 -62.44 25.87 15.05
N LEU HA 11 -63.06 24.71 15.26
CA LEU HA 11 -63.18 23.72 14.19
C LEU HA 11 -64.01 24.24 13.04
N CYS HA 12 -65.08 24.99 13.33
CA CYS HA 12 -65.90 25.56 12.28
C CYS HA 12 -65.10 26.56 11.44
N ILE HA 13 -64.30 27.40 12.11
CA ILE HA 13 -63.45 28.33 11.37
C ILE HA 13 -62.44 27.56 10.53
N ALA HA 14 -61.91 26.46 11.07
CA ALA HA 14 -60.98 25.64 10.31
C ALA HA 14 -61.63 25.05 9.08
N LEU HA 15 -62.90 24.62 9.19
CA LEU HA 15 -63.61 24.09 8.03
C LEU HA 15 -63.84 25.17 6.98
N THR HA 16 -64.14 26.39 7.42
CA THR HA 16 -64.23 27.50 6.47
C THR HA 16 -62.91 27.71 5.75
N ALA HA 17 -61.80 27.65 6.49
CA ALA HA 17 -60.49 27.76 5.87
C ALA HA 17 -60.25 26.63 4.89
N ALA HA 18 -60.75 25.43 5.20
CA ALA HA 18 -60.60 24.29 4.29
C ALA HA 18 -61.33 24.55 2.98
N ILE HA 19 -62.56 25.06 3.06
CA ILE HA 19 -63.33 25.35 1.85
C ILE HA 19 -62.61 26.41 1.01
N LEU HA 20 -62.11 27.46 1.67
CA LEU HA 20 -61.39 28.49 0.92
C LEU HA 20 -60.11 27.94 0.31
N ALA HA 21 -59.42 27.04 1.01
CA ALA HA 21 -58.22 26.44 0.46
C ALA HA 21 -58.53 25.60 -0.76
N ILE HA 22 -59.65 24.86 -0.73
CA ILE HA 22 -60.06 24.08 -1.89
C ILE HA 22 -60.34 25.00 -3.07
N GLY HA 23 -61.05 26.11 -2.81
CA GLY HA 23 -61.31 27.06 -3.89
C GLY HA 23 -60.05 27.66 -4.47
N LEU HA 24 -59.10 28.03 -3.59
CA LEU HA 24 -57.83 28.57 -4.05
C LEU HA 24 -57.06 27.55 -4.88
N GLY HA 25 -57.05 26.29 -4.44
CA GLY HA 25 -56.39 25.27 -5.21
C GLY HA 25 -57.00 25.06 -6.57
N ARG HA 26 -58.34 25.08 -6.64
CA ARG HA 26 -59.01 24.96 -7.94
C ARG HA 26 -58.63 26.13 -8.86
N GLN HA 27 -58.65 27.34 -8.31
CA GLN HA 27 -58.33 28.50 -9.14
C GLN HA 27 -56.87 28.49 -9.56
N LEU HA 28 -55.97 27.95 -8.74
CA LEU HA 28 -54.58 27.81 -9.14
C LEU HA 28 -54.42 26.76 -10.23
N TYR HA 29 -55.19 25.67 -10.14
CA TYR HA 29 -55.13 24.63 -11.16
C TYR HA 29 -55.59 25.17 -12.51
N VAL HA 30 -56.70 25.88 -12.55
CA VAL HA 30 -57.18 26.44 -13.81
C VAL HA 30 -56.30 27.64 -14.17
N LEU IA 43 -41.87 53.17 -10.89
CA LEU IA 43 -41.00 53.80 -11.93
C LEU IA 43 -40.68 52.79 -13.03
N ASP IA 44 -40.94 53.20 -14.27
CA ASP IA 44 -40.72 52.33 -15.42
C ASP IA 44 -39.27 52.43 -15.89
N ARG IA 45 -38.86 51.41 -16.65
CA ARG IA 45 -37.50 51.39 -17.19
C ARG IA 45 -37.25 52.55 -18.14
N SER IA 46 -38.26 52.98 -18.88
CA SER IA 46 -38.09 54.08 -19.82
C SER IA 46 -37.87 55.40 -19.10
N GLU IA 47 -38.52 55.60 -17.95
CA GLU IA 47 -38.42 56.86 -17.20
C GLU IA 47 -37.13 56.87 -16.40
N ALA IA 48 -36.02 57.06 -17.13
CA ALA IA 48 -34.70 57.08 -16.50
C ALA IA 48 -33.72 57.71 -17.46
N ALA IA 49 -33.00 58.73 -17.01
CA ALA IA 49 -32.01 59.40 -17.84
C ALA IA 49 -30.78 58.52 -18.01
N ASP IA 50 -30.08 58.74 -19.12
CA ASP IA 50 -28.84 58.01 -19.40
C ASP IA 50 -27.72 58.66 -18.62
N THR IA 51 -27.30 57.98 -17.54
CA THR IA 51 -26.29 58.50 -16.63
C THR IA 51 -24.95 57.79 -16.74
N TRP IA 52 -24.87 56.69 -17.49
CA TRP IA 52 -23.62 55.95 -17.63
C TRP IA 52 -22.52 56.83 -18.20
N TRP IA 53 -21.33 56.75 -17.59
CA TRP IA 53 -20.22 57.62 -17.93
C TRP IA 53 -18.89 56.86 -17.94
N GLY IA 54 -18.92 55.57 -18.28
CA GLY IA 54 -17.70 54.78 -18.23
C GLY IA 54 -16.63 55.28 -19.20
N ASP IA 55 -17.05 55.67 -20.40
CA ASP IA 55 -16.09 56.20 -21.37
C ASP IA 55 -15.49 57.52 -20.87
N LYS IA 56 -16.32 58.41 -20.32
CA LYS IA 56 -15.85 59.72 -19.92
C LYS IA 56 -14.96 59.63 -18.68
N ASP IA 57 -14.21 60.71 -18.45
CA ASP IA 57 -13.33 60.80 -17.28
C ASP IA 57 -14.07 61.22 -16.01
N TYR IA 58 -15.21 61.89 -16.13
CA TYR IA 58 -15.99 62.36 -14.99
C TYR IA 58 -17.46 62.13 -15.28
N PRO IA 59 -18.30 62.06 -14.25
CA PRO IA 59 -19.73 61.87 -14.48
C PRO IA 59 -20.43 63.17 -14.85
N SER IA 60 -21.55 63.02 -15.53
CA SER IA 60 -22.36 64.18 -15.87
C SER IA 60 -23.05 64.72 -14.63
N SER IA 61 -23.43 66.00 -14.69
CA SER IA 61 -24.11 66.64 -13.57
C SER IA 61 -25.52 66.11 -13.35
N VAL IA 62 -26.07 65.34 -14.29
CA VAL IA 62 -27.39 64.74 -14.12
C VAL IA 62 -27.41 63.78 -12.93
N VAL IA 63 -26.27 63.18 -12.59
CA VAL IA 63 -26.23 62.26 -11.46
C VAL IA 63 -26.49 62.94 -10.13
N LEU IA 64 -26.27 64.26 -10.04
CA LEU IA 64 -26.54 64.98 -8.82
C LEU IA 64 -28.03 65.19 -8.56
N GLY IA 65 -28.89 64.89 -9.53
CA GLY IA 65 -30.31 65.07 -9.32
C GLY IA 65 -30.67 66.53 -9.20
N ILE IA 66 -31.32 66.89 -8.08
CA ILE IA 66 -31.74 68.28 -7.89
C ILE IA 66 -30.54 69.21 -7.79
N GLY IA 67 -29.39 68.71 -7.34
CA GLY IA 67 -28.20 69.52 -7.20
C GLY IA 67 -27.36 69.65 -8.44
N LYS IA 68 -27.91 69.31 -9.61
CA LYS IA 68 -27.13 69.37 -10.85
C LYS IA 68 -26.68 70.79 -11.17
N ASP IA 69 -27.48 71.80 -10.83
CA ASP IA 69 -27.20 73.18 -11.17
C ASP IA 69 -26.43 73.92 -10.07
N VAL IA 70 -26.05 73.26 -8.99
CA VAL IA 70 -25.42 73.95 -7.87
C VAL IA 70 -23.95 74.21 -8.21
N PRO IA 71 -23.44 75.44 -8.07
CA PRO IA 71 -22.03 75.68 -8.38
C PRO IA 71 -21.07 74.94 -7.46
N SER IA 72 -19.88 74.66 -8.02
CA SER IA 72 -18.87 73.89 -7.29
C SER IA 72 -18.36 74.64 -6.07
N SER IA 73 -18.21 75.96 -6.18
CA SER IA 73 -17.75 76.74 -5.03
C SER IA 73 -18.72 76.66 -3.87
N ILE IA 74 -20.02 76.78 -4.16
CA ILE IA 74 -21.03 76.64 -3.12
C ILE IA 74 -20.99 75.24 -2.53
N TYR IA 75 -20.86 74.23 -3.40
CA TYR IA 75 -20.77 72.85 -2.90
C TYR IA 75 -19.59 72.69 -1.94
N GLY IA 76 -18.42 73.20 -2.33
CA GLY IA 76 -17.24 73.02 -1.50
C GLY IA 76 -17.32 73.75 -0.17
N VAL IA 77 -17.77 75.01 -0.20
CA VAL IA 77 -17.84 75.76 1.04
C VAL IA 77 -18.89 75.17 1.98
N THR IA 78 -20.05 74.76 1.43
CA THR IA 78 -21.05 74.11 2.26
C THR IA 78 -20.55 72.78 2.79
N SER IA 79 -19.74 72.07 2.01
CA SER IA 79 -19.16 70.82 2.49
C SER IA 79 -18.25 71.07 3.69
N ALA IA 80 -17.40 72.10 3.59
CA ALA IA 80 -16.50 72.41 4.70
C ALA IA 80 -17.29 72.79 5.95
N ILE IA 81 -18.31 73.65 5.78
CA ILE IA 81 -19.11 74.07 6.92
C ILE IA 81 -19.81 72.87 7.53
N ALA IA 82 -20.37 72.00 6.69
CA ALA IA 82 -21.10 70.83 7.18
C ALA IA 82 -20.18 69.90 7.95
N PHE IA 83 -18.98 69.63 7.41
CA PHE IA 83 -18.06 68.74 8.11
C PHE IA 83 -17.63 69.32 9.44
N SER IA 84 -17.32 70.61 9.48
CA SER IA 84 -16.93 71.24 10.74
C SER IA 84 -18.05 71.16 11.76
N VAL IA 85 -19.27 71.50 11.35
CA VAL IA 85 -20.40 71.50 12.28
C VAL IA 85 -20.69 70.09 12.77
N GLY IA 86 -20.65 69.10 11.89
CA GLY IA 86 -20.93 67.74 12.31
C GLY IA 86 -19.88 67.18 13.24
N ALA IA 87 -18.60 67.47 12.97
CA ALA IA 87 -17.54 67.05 13.87
C ALA IA 87 -17.69 67.71 15.24
N TYR IA 88 -18.03 69.00 15.25
CA TYR IA 88 -18.27 69.70 16.50
C TYR IA 88 -19.40 69.06 17.28
N CYS IA 89 -20.51 68.75 16.58
CA CYS IA 89 -21.67 68.17 17.25
C CYS IA 89 -21.34 66.80 17.83
N ILE IA 90 -20.63 65.96 17.08
CA ILE IA 90 -20.29 64.63 17.58
C ILE IA 90 -19.35 64.76 18.78
N ALA IA 91 -18.37 65.67 18.69
CA ALA IA 91 -17.43 65.84 19.78
C ALA IA 91 -18.13 66.31 21.05
N GLN IA 92 -19.06 67.26 20.92
CA GLN IA 92 -19.79 67.74 22.09
C GLN IA 92 -20.81 66.73 22.59
N SER IA 93 -21.26 65.81 21.75
CA SER IA 93 -22.22 64.81 22.20
C SER IA 93 -21.53 63.66 22.94
N ASN IA 94 -20.42 63.18 22.41
CA ASN IA 94 -19.81 61.93 22.85
C ASN IA 94 -18.46 62.10 23.53
N ILE IA 95 -17.59 62.97 23.02
CA ILE IA 95 -16.20 63.02 23.47
C ILE IA 95 -16.05 64.05 24.58
N ILE IA 96 -16.41 65.30 24.30
CA ILE IA 96 -16.20 66.37 25.27
C ILE IA 96 -17.09 66.15 26.48
N ASN IA 97 -18.35 65.83 26.25
CA ASN IA 97 -19.25 65.30 27.27
C ASN IA 97 -19.54 63.85 26.94
N ILE IA 98 -19.29 62.97 27.90
CA ILE IA 98 -19.64 61.56 27.70
C ILE IA 98 -21.15 61.43 27.66
N LEU IA 99 -21.64 60.74 26.62
CA LEU IA 99 -23.07 60.72 26.35
C LEU IA 99 -23.82 60.01 27.46
N SER IA 100 -24.68 60.76 28.15
CA SER IA 100 -25.51 60.25 29.22
C SER IA 100 -26.93 60.03 28.71
N GLY IA 101 -27.51 58.88 29.05
CA GLY IA 101 -28.84 58.56 28.57
C GLY IA 101 -29.89 59.53 29.06
N SER IA 102 -29.74 60.03 30.28
CA SER IA 102 -30.74 60.93 30.84
C SER IA 102 -30.79 62.24 30.06
N THR IA 103 -29.63 62.76 29.67
CA THR IA 103 -29.52 64.07 29.03
C THR IA 103 -28.72 63.92 27.73
N VAL IA 104 -29.43 63.97 26.60
CA VAL IA 104 -28.81 64.11 25.29
C VAL IA 104 -29.47 65.30 24.60
N ASN IA 105 -28.66 66.10 23.91
CA ASN IA 105 -29.13 67.42 23.48
C ASN IA 105 -30.16 67.26 22.37
N GLY IA 106 -29.89 66.41 21.39
CA GLY IA 106 -30.71 66.29 20.20
C GLY IA 106 -30.27 67.15 19.02
N PHE IA 107 -29.97 68.42 19.27
CA PHE IA 107 -29.40 69.25 18.21
C PHE IA 107 -27.97 68.86 17.89
N TYR IA 108 -27.32 68.08 18.75
CA TYR IA 108 -26.04 67.47 18.43
C TYR IA 108 -26.20 66.14 17.71
N VAL IA 109 -27.25 65.38 18.01
CA VAL IA 109 -27.56 64.19 17.22
C VAL IA 109 -27.84 64.60 15.78
N ALA IA 110 -28.72 65.58 15.60
CA ALA IA 110 -28.76 66.28 14.33
C ALA IA 110 -27.45 67.03 14.14
N GLY IA 111 -27.01 67.14 12.89
CA GLY IA 111 -25.71 67.70 12.58
C GLY IA 111 -24.64 66.63 12.50
N ALA IA 112 -24.72 65.61 13.35
CA ALA IA 112 -23.84 64.46 13.18
C ALA IA 112 -24.10 63.76 11.86
N LEU IA 113 -25.33 63.85 11.34
CA LEU IA 113 -25.63 63.34 10.01
C LEU IA 113 -25.02 64.18 8.90
N LEU IA 114 -24.56 65.40 9.20
CA LEU IA 114 -23.97 66.24 8.16
C LEU IA 114 -22.59 65.76 7.72
N VAL IA 115 -21.97 64.84 8.45
CA VAL IA 115 -20.66 64.32 8.05
C VAL IA 115 -20.82 63.49 6.77
N PRO IA 116 -21.77 62.53 6.71
CA PRO IA 116 -22.10 61.95 5.39
C PRO IA 116 -22.55 62.98 4.39
N TYR IA 117 -23.33 63.97 4.83
CA TYR IA 117 -23.73 65.03 3.93
C TYR IA 117 -22.53 65.82 3.42
N SER IA 118 -21.55 66.05 4.30
CA SER IA 118 -20.33 66.72 3.87
C SER IA 118 -19.55 65.88 2.86
N TRP IA 119 -19.51 64.56 3.06
CA TRP IA 119 -18.88 63.68 2.09
C TRP IA 119 -19.55 63.80 0.73
N GLY IA 120 -20.88 63.70 0.72
CA GLY IA 120 -21.60 63.85 -0.54
C GLY IA 120 -21.38 65.20 -1.17
N LEU IA 121 -21.34 66.26 -0.35
CA LEU IA 121 -21.17 67.60 -0.88
C LEU IA 121 -19.79 67.78 -1.49
N HIS IA 122 -18.74 67.20 -0.91
CA HIS IA 122 -17.43 67.39 -1.50
C HIS IA 122 -17.25 66.51 -2.75
N VAL IA 123 -17.89 65.34 -2.79
CA VAL IA 123 -17.91 64.56 -4.02
C VAL IA 123 -18.60 65.35 -5.13
N ALA IA 124 -19.75 65.97 -4.79
CA ALA IA 124 -20.45 66.77 -5.79
C ALA IA 124 -19.66 68.02 -6.18
N ALA IA 125 -18.90 68.58 -5.24
CA ALA IA 125 -18.03 69.70 -5.56
C ALA IA 125 -17.00 69.29 -6.61
N TRP IA 126 -16.37 68.13 -6.41
CA TRP IA 126 -15.43 67.63 -7.40
C TRP IA 126 -16.12 67.37 -8.74
N ILE IA 127 -17.31 66.79 -8.70
CA ILE IA 127 -18.03 66.48 -9.95
C ILE IA 127 -18.33 67.76 -10.71
N GLN IA 128 -18.79 68.79 -10.01
CA GLN IA 128 -19.11 70.05 -10.68
C GLN IA 128 -17.85 70.74 -11.17
N LYS IA 129 -16.74 70.62 -10.43
CA LYS IA 129 -15.49 71.22 -10.87
C LYS IA 129 -15.03 70.57 -12.18
N GLN IA 130 -15.12 69.24 -12.27
CA GLN IA 130 -14.73 68.58 -13.52
C GLN IA 130 -15.74 68.81 -14.63
N ASN IA 131 -17.01 69.03 -14.30
CA ASN IA 131 -18.00 69.37 -15.30
C ASN IA 131 -17.94 70.83 -15.73
N GLY IA 132 -17.18 71.67 -15.02
CA GLY IA 132 -17.11 73.07 -15.36
C GLY IA 132 -18.43 73.77 -15.19
N LYS IA 133 -19.09 73.49 -14.06
CA LYS IA 133 -20.44 74.00 -13.80
C LYS IA 133 -20.58 74.37 -12.34
MG CLA JA . 45.40 1.40 -10.44
CHA CLA JA . 47.17 4.15 -11.43
CHB CLA JA . 47.03 -0.42 -12.68
CHC CLA JA . 43.32 -1.21 -9.70
CHD CLA JA . 43.12 3.54 -8.76
NA CLA JA . 46.84 1.80 -11.68
C1A CLA JA . 47.57 2.96 -11.92
C2A CLA JA . 48.80 2.76 -12.75
C3A CLA JA . 48.54 1.38 -13.36
C4A CLA JA . 47.40 0.87 -12.53
CMA CLA JA . 48.23 1.40 -14.85
CAA CLA JA . 50.00 2.79 -11.80
CBA CLA JA . 51.38 2.54 -12.43
CGA CLA JA . 51.65 3.35 -13.65
O1A CLA JA . 52.17 2.94 -14.66
O2A CLA JA . 51.22 4.62 -13.51
NB CLA JA . 45.21 -0.44 -11.06
C1B CLA JA . 46.02 -1.10 -12.04
C2B CLA JA . 45.63 -2.45 -12.17
C3B CLA JA . 44.58 -2.65 -11.30
C4B CLA JA . 44.31 -1.45 -10.63
CMB CLA JA . 46.26 -3.47 -13.07
CAB CLA JA . 43.84 -3.90 -11.08
CBB CLA JA . 43.76 -4.60 -9.98
NC CLA JA . 43.70 1.21 -9.45
C1C CLA JA . 43.03 0.03 -9.18
C2C CLA JA . 41.88 0.23 -8.33
C3C CLA JA . 41.79 1.57 -8.06
C4C CLA JA . 42.90 2.20 -8.75
CMC CLA JA . 40.93 -0.83 -7.84
CAC CLA JA . 40.75 2.25 -7.20
CBC CLA JA . 39.48 2.52 -7.96
ND CLA JA . 45.15 3.30 -10.14
C1D CLA JA . 44.19 4.12 -9.40
C2D CLA JA . 44.55 5.48 -9.50
C3D CLA JA . 45.72 5.56 -10.27
C4D CLA JA . 46.03 4.25 -10.62
CMD CLA JA . 43.81 6.63 -8.87
CAD CLA JA . 46.73 6.42 -10.86
OBD CLA JA . 46.80 7.63 -10.83
CBD CLA JA . 47.75 5.58 -11.56
CGD CLA JA . 47.91 6.05 -13.00
O1D CLA JA . 48.95 6.37 -13.51
O2D CLA JA . 46.73 6.06 -13.64
CED CLA JA . 46.77 6.47 -15.01
MG CLA KA . 52.92 12.43 -6.54
CHA CLA KA . 52.83 15.58 -7.86
CHB CLA KA . 54.44 11.34 -9.28
CHC CLA KA . 52.61 9.26 -5.29
CHD CLA KA . 50.64 13.48 -4.02
NA CLA KA . 53.55 13.32 -8.15
C1A CLA KA . 53.52 14.65 -8.54
C2A CLA KA . 54.34 14.95 -9.77
C3A CLA KA . 54.70 13.57 -10.28
C4A CLA KA . 54.20 12.67 -9.17
CMA CLA KA . 54.07 13.24 -11.62
CAA CLA KA . 55.55 15.81 -9.40
CBA CLA KA . 56.53 15.26 -8.36
CGA CLA KA . 57.40 16.30 -7.74
O1A CLA KA . 58.02 17.14 -8.34
O2A CLA KA . 57.44 16.17 -6.40
NB CLA KA . 53.40 10.65 -7.16
C1B CLA KA . 54.08 10.34 -8.39
C2B CLA KA . 54.32 8.95 -8.48
C3B CLA KA . 53.81 8.37 -7.31
C4B CLA KA . 53.25 9.40 -6.52
CMB CLA KA . 55.01 8.24 -9.60
CAB CLA KA . 53.83 6.95 -6.94
CBB CLA KA . 53.32 5.95 -7.58
NC CLA KA . 51.93 11.60 -5.03
C1C CLA KA . 52.01 10.27 -4.63
C2C CLA KA . 51.25 10.04 -3.39
C3C CLA KA . 50.67 11.24 -3.04
C4C CLA KA . 51.07 12.20 -4.04
CMC CLA KA . 51.14 8.75 -2.62
CAC CLA KA . 49.82 11.53 -1.84
CBC CLA KA . 50.57 12.29 -0.78
ND CLA KA . 51.94 14.04 -6.04
C1D CLA KA . 51.01 14.41 -4.97
C2D CLA KA . 50.66 15.77 -5.08
C3D CLA KA . 51.35 16.29 -6.20
C4D CLA KA . 52.09 15.23 -6.72
CMD CLA KA . 49.73 16.51 -4.18
CAD CLA KA . 51.60 17.44 -7.05
OBD CLA KA . 51.09 18.54 -6.99
CBD CLA KA . 52.63 17.09 -8.06
CGD CLA KA . 52.17 17.48 -9.47
O1D CLA KA . 51.44 16.82 -10.16
O2D CLA KA . 52.71 18.64 -9.84
CED CLA KA . 52.35 19.11 -11.16
C1 CLA KA . 58.45 16.93 -5.68
C2 CLA KA . 58.84 16.14 -4.47
C3 CLA KA . 58.36 16.25 -3.24
C4 CLA KA . 58.81 15.37 -2.10
C5 CLA KA . 57.35 17.30 -2.85
C6 CLA KA . 57.98 18.62 -2.44
C7 CLA KA . 57.53 19.10 -1.06
C8 CLA KA . 56.11 19.69 -1.05
C9 CLA KA . 56.14 21.18 -1.39
C10 CLA KA . 55.37 19.42 0.26
C11 CLA KA . 55.79 20.16 1.51
C12 CLA KA . 54.94 19.78 2.72
C13 CLA KA . 55.30 20.42 4.07
C14 CLA KA . 54.46 19.84 5.20
C15 CLA KA . 55.17 21.94 4.00
MG CLA LA . 51.95 20.34 -1.19
CHA CLA LA . 53.46 20.60 -4.26
CHB CLA LA . 51.99 23.65 -0.93
CHC CLA LA . 51.04 20.00 2.10
CHD CLA LA . 52.75 16.89 -1.19
NA CLA LA . 52.51 21.77 -2.39
C1A CLA LA . 53.06 21.75 -3.68
C2A CLA LA . 53.21 23.10 -4.31
C3A CLA LA . 52.92 24.04 -3.16
C4A CLA LA . 52.45 23.11 -2.07
CMA CLA LA . 54.15 24.79 -2.70
CAA CLA LA . 52.21 23.22 -5.49
CBA CLA LA . 52.85 23.65 -6.81
CGA CLA LA . 53.62 24.93 -6.76
O1A CLA LA . 53.15 26.01 -6.98
O2A CLA LA . 54.91 24.71 -6.48
NB CLA LA . 51.54 21.57 0.27
C1B CLA LA . 51.56 23.01 0.20
C2B CLA LA . 51.17 23.55 1.44
C3B CLA LA . 50.92 22.49 2.30
C4B CLA LA . 51.14 21.29 1.60
CMB CLA LA . 51.06 25.02 1.76
CAB CLA LA . 50.54 22.57 3.72
CBB CLA LA . 49.60 23.25 4.28
NC CLA LA . 51.84 18.83 0.09
C1C CLA LA . 51.40 18.88 1.42
C2C CLA LA . 51.48 17.57 2.07
C3C CLA LA . 51.94 16.68 1.13
C4C CLA LA . 52.18 17.44 -0.08
CMC CLA LA . 51.21 17.24 3.51
CAC CLA LA . 52.17 15.20 1.28
CBC CLA LA . 53.63 14.86 1.48
ND CLA LA . 52.84 19.05 -2.35
C1D CLA LA . 53.11 17.62 -2.28
C2D CLA LA . 53.74 17.21 -3.47
C3D CLA LA . 53.92 18.34 -4.28
C4D CLA LA . 53.35 19.39 -3.58
CMD CLA LA . 54.17 15.81 -3.79
CAD CLA LA . 54.51 18.88 -5.48
OBD CLA LA . 55.28 18.36 -6.26
CBD CLA LA . 54.10 20.29 -5.63
CGD CLA LA . 55.36 21.08 -5.96
O1D CLA LA . 55.59 21.58 -7.02
O2D CLA LA . 56.17 21.12 -4.91
CED CLA LA . 57.43 21.79 -5.12
C1 CLA LA . 55.88 25.73 -6.87
C2 CLA LA . 57.04 25.69 -5.92
C3 CLA LA . 57.18 26.43 -4.82
C4 CLA LA . 56.16 27.43 -4.34
C5 CLA LA . 58.43 26.34 -3.99
C6 CLA LA . 58.75 24.94 -3.45
C7 CLA LA . 58.04 24.57 -2.15
C8 CLA LA . 58.71 24.91 -0.82
C9 CLA LA . 59.99 24.10 -0.59
C10 CLA LA . 57.71 24.73 0.34
C11 CLA LA . 58.22 24.85 1.78
C12 CLA LA . 58.59 23.52 2.43
C13 CLA LA . 58.98 23.59 3.90
C14 CLA LA . 60.27 24.38 4.12
C15 CLA LA . 59.06 22.19 4.54
C16 CLA LA . 60.12 21.24 3.99
C17 CLA LA . 60.17 19.91 4.74
MG CLA MA . 44.95 28.92 -7.19
CHA CLA MA . 43.65 30.14 -10.11
CHB CLA MA . 47.28 27.32 -8.94
CHC CLA MA . 45.90 27.36 -4.30
CHD CLA MA . 42.04 30.04 -5.50
NA CLA MA . 45.39 28.86 -9.08
C1A CLA MA . 44.84 29.51 -10.17
C2A CLA MA . 45.65 29.41 -11.44
C3A CLA MA . 46.59 28.25 -11.10
C4A CLA MA . 46.42 28.11 -9.61
CMA CLA MA . 46.22 26.95 -11.81
CAA CLA MA . 46.26 30.80 -11.73
CBA CLA MA . 47.71 31.10 -11.34
CGA CLA MA . 48.01 30.88 -9.90
O1A CLA MA . 47.20 30.96 -9.02
O2A CLA MA . 49.28 30.56 -9.70
NB CLA MA . 46.31 27.62 -6.70
C1B CLA MA . 47.30 27.06 -7.58
C2B CLA MA . 48.20 26.24 -6.86
C3B CLA MA . 47.79 26.26 -5.53
C4B CLA MA . 46.64 27.08 -5.43
CMB CLA MA . 49.37 25.50 -7.42
CAB CLA MA . 48.42 25.59 -4.40
CBB CLA MA . 48.54 24.31 -4.18
NC CLA MA . 44.18 28.76 -5.36
C1C CLA MA . 44.75 28.11 -4.28
C2C CLA MA . 43.95 28.29 -3.06
C3C CLA MA . 42.87 29.06 -3.39
C4C CLA MA . 42.98 29.34 -4.81
CMC CLA MA . 44.21 27.78 -1.67
CAC CLA MA . 41.79 29.58 -2.49
CBC CLA MA . 42.13 30.92 -1.90
ND CLA MA . 43.27 29.79 -7.61
C1D CLA MA . 42.10 30.23 -6.87
C2D CLA MA . 41.20 30.90 -7.72
C3D CLA MA . 41.76 30.91 -9.00
C4D CLA MA . 42.97 30.23 -8.89
CMD CLA MA . 39.87 31.45 -7.31
CAD CLA MA . 41.63 31.33 -10.39
OBD CLA MA . 40.75 32.00 -10.90
CBD CLA MA . 42.80 30.84 -11.17
CGD CLA MA . 42.34 29.88 -12.27
O1D CLA MA . 42.16 30.18 -13.41
O2D CLA MA . 42.18 28.65 -11.79
CED CLA MA . 41.81 27.64 -12.76
C1 CLA MA . 49.63 30.18 -8.33
C2 CLA MA . 51.10 29.94 -8.27
C3 CLA MA . 51.83 29.66 -7.21
C4 CLA MA . 53.32 29.45 -7.28
C5 CLA MA . 51.25 29.56 -5.81
C6 CLA MA . 51.40 28.18 -5.19
C7 CLA MA . 51.06 28.13 -3.71
C8 CLA MA . 51.85 29.00 -2.72
C9 CLA MA . 53.34 29.04 -3.03
C10 CLA MA . 51.61 28.45 -1.31
C11 CLA MA . 51.89 29.37 -0.13
C12 CLA MA . 51.99 28.59 1.18
C13 CLA MA . 51.82 29.40 2.47
C14 CLA MA . 53.05 29.28 3.36
C15 CLA MA . 50.55 28.96 3.21
C16 CLA MA . 50.19 29.76 4.46
C17 CLA MA . 48.69 29.84 4.73
C18 CLA MA . 47.96 31.06 4.16
C19 CLA MA . 47.70 30.94 2.67
C20 CLA MA . 46.68 31.34 4.90
MG CLA NA . 27.95 27.90 -3.02
CHA CLA NA . 28.72 25.61 -5.42
CHB CLA NA . 26.39 29.72 -5.32
CHC CLA NA . 27.52 30.31 -0.64
CHD CLA NA . 30.34 26.36 -0.88
NA CLA NA . 27.57 27.63 -4.90
C1A CLA NA . 27.84 26.57 -5.74
C2A CLA NA . 27.03 26.59 -7.01
C3A CLA NA . 26.72 28.06 -7.12
C4A CLA NA . 26.90 28.52 -5.69
CMA CLA NA . 27.63 28.82 -8.08
CAA CLA NA . 25.81 25.67 -6.82
CBA CLA NA . 25.05 25.74 -5.49
CGA CLA NA . 23.87 24.82 -5.43
O1A CLA NA . 23.29 24.38 -6.39
O2A CLA NA . 23.56 24.53 -4.16
NB CLA NA . 27.11 29.66 -2.98
C1B CLA NA . 26.43 30.31 -4.07
C2B CLA NA . 25.87 31.52 -3.64
C3B CLA NA . 26.18 31.66 -2.29
C4B CLA NA . 26.94 30.55 -1.88
CMB CLA NA . 25.08 32.48 -4.48
CAB CLA NA . 25.76 32.74 -1.39
CBB CLA NA . 24.72 32.75 -0.60
NC CLA NA . 28.70 28.24 -1.23
C1C CLA NA . 28.36 29.28 -0.36
C2C CLA NA . 29.05 29.16 0.92
C3C CLA NA . 29.85 28.04 0.85
C4C CLA NA . 29.67 27.48 -0.46
CMC CLA NA . 28.96 30.10 2.09
CAC CLA NA . 30.72 27.47 1.94
CBC CLA NA . 32.19 27.73 1.72
ND CLA NA . 29.22 26.43 -3.08
C1D CLA NA . 30.17 25.83 -2.14
C2D CLA NA . 30.76 24.70 -2.73
C3D CLA NA . 30.24 24.56 -4.03
C4D CLA NA . 29.33 25.60 -4.17
CMD CLA NA . 31.77 23.79 -2.07
CAD CLA NA . 30.25 23.81 -5.27
OBD CLA NA . 30.96 22.88 -5.60
CBD CLA NA . 29.20 24.37 -6.18
CGD CLA NA . 29.80 24.62 -7.56
O1D CLA NA . 30.57 25.50 -7.82
O2D CLA NA . 29.36 23.72 -8.43
CED CLA NA . 30.08 23.66 -9.69
C1 CLA NA . 22.30 23.82 -3.89
C2 CLA NA . 22.55 22.40 -3.57
C3 CLA NA . 22.94 21.95 -2.39
C4 CLA NA . 23.24 22.84 -1.21
C5 CLA NA . 23.08 20.48 -2.12
C6 CLA NA . 24.52 20.02 -1.95
C7 CLA NA . 24.61 18.71 -1.15
C8 CLA NA . 26.02 18.15 -0.96
C9 CLA NA . 26.29 17.01 -1.94
C10 CLA NA . 26.26 17.71 0.49
C11 CLA NA . 26.37 18.83 1.52
C12 CLA NA . 25.91 18.44 2.92
C13 CLA NA . 26.98 17.93 3.91
C14 CLA NA . 27.80 19.08 4.47
C15 CLA NA . 27.88 16.84 3.30
C16 CLA NA . 27.16 15.58 2.83
MG CLA OA . 29.85 19.03 -1.44
CHA CLA OA . 28.12 20.17 -4.16
CHB CLA OA . 30.05 16.04 -2.84
CHC CLA OA . 31.22 17.88 1.48
CHD CLA OA . 28.97 22.00 0.30
NA CLA OA . 29.30 18.33 -3.17
C1A CLA OA . 28.67 18.92 -4.25
C2A CLA OA . 28.65 18.10 -5.50
C3A CLA OA . 29.10 16.73 -4.99
C4A CLA OA . 29.50 17.03 -3.57
CMA CLA OA . 28.01 15.67 -5.10
CAA CLA OA . 29.60 18.73 -6.54
CBA CLA OA . 28.96 18.99 -7.90
CGA CLA OA . 28.40 17.76 -8.54
O1A CLA OA . 28.68 16.64 -8.23
O2A CLA OA . 27.48 18.08 -9.46
NB CLA OA . 30.48 17.31 -0.79
C1B CLA OA . 30.48 16.07 -1.52
C2B CLA OA . 30.98 15.03 -0.73
C3B CLA OA . 31.31 15.58 0.50
C4B CLA OA . 31.01 16.95 0.47
CMB CLA OA . 31.11 13.60 -1.13
CAB CLA OA . 31.84 14.87 1.67
CBB CLA OA . 32.71 13.92 1.68
NC CLA OA . 30.09 19.77 0.38
C1C CLA OA . 30.77 19.17 1.44
C2C CLA OA . 30.87 20.06 2.60
C3C CLA OA . 30.21 21.21 2.27
C4C CLA OA . 29.72 21.06 0.93
CMC CLA OA . 31.57 19.78 3.89
CAC CLA OA . 29.99 22.42 3.14
CBC CLA OA . 30.98 23.54 2.84
ND CLA OA . 28.81 20.64 -1.74
C1D CLA OA . 28.47 21.83 -0.98
C2D CLA OA . 27.68 22.69 -1.76
C3D CLA OA . 27.51 22.08 -3.02
C4D CLA OA . 28.21 20.89 -2.96
CMD CLA OA . 27.12 24.01 -1.31
CAD CLA OA . 26.90 22.18 -4.33
OBD CLA OA . 26.12 23.02 -4.75
CBD CLA OA . 27.38 21.05 -5.17
CGD CLA OA . 26.19 20.41 -5.88
O1D CLA OA . 25.66 19.39 -5.54
O2D CLA OA . 25.86 21.12 -6.96
CED CLA OA . 25.02 20.45 -7.93
C1 CLA OA . 26.55 17.01 -9.82
C2 CLA OA . 25.68 16.77 -8.63
C3 CLA OA . 24.42 17.13 -8.47
C4 CLA OA . 23.59 17.82 -9.53
C5 CLA OA . 23.75 16.93 -7.13
C6 CLA OA . 23.26 15.50 -6.92
C7 CLA OA . 22.90 15.20 -5.46
C8 CLA OA . 21.47 15.40 -4.96
C9 CLA OA . 20.79 16.64 -5.54
C10 CLA OA . 21.47 15.40 -3.44
C11 CLA OA . 20.13 15.45 -2.70
C12 CLA OA . 20.24 15.48 -1.19
C13 CLA OA . 21.04 16.65 -0.59
C14 CLA OA . 22.42 16.20 -0.12
C15 CLA OA . 20.26 17.40 0.50
C16 CLA OA . 19.98 16.67 1.81
C17 CLA OA . 20.32 17.50 3.04
C18 CLA OA . 21.80 17.70 3.35
C19 CLA OA . 22.46 16.41 3.83
C20 CLA OA . 22.02 18.82 4.35
MG CLA PA . 37.38 13.77 -8.56
CHA CLA PA . 38.10 13.10 -11.83
CHB CLA PA . 34.93 15.77 -9.58
CHC CLA PA . 37.07 14.84 -5.33
CHD CLA PA . 40.42 12.19 -7.62
NA CLA PA . 36.62 14.16 -10.29
C1A CLA PA . 36.92 13.68 -11.55
C2A CLA PA . 35.83 13.93 -12.56
C3A CLA PA . 35.19 15.15 -11.95
C4A CLA PA . 35.59 15.04 -10.51
CMA CLA PA . 35.67 16.45 -12.58
CAA CLA PA . 34.90 12.72 -12.69
CBA CLA PA . 34.23 12.15 -11.44
CGA CLA PA . 32.93 12.81 -11.07
O1A CLA PA . 31.91 12.71 -11.70
O2A CLA PA . 33.04 13.50 -9.93
NB CLA PA . 36.22 15.02 -7.63
C1B CLA PA . 35.16 15.79 -8.22
C2B CLA PA . 34.47 16.52 -7.22
C3B CLA PA . 35.09 16.22 -6.01
C4B CLA PA . 36.15 15.34 -6.25
CMB CLA PA . 33.30 17.42 -7.43
CAB CLA PA . 34.68 16.70 -4.68
CBB CLA PA . 33.49 16.75 -4.19
NC CLA PA . 38.43 13.53 -6.90
C1C CLA PA . 38.11 14.02 -5.64
C2C CLA PA . 39.09 13.59 -4.63
C3C CLA PA . 40.04 12.84 -5.28
C4C CLA PA . 39.66 12.80 -6.67
CMC CLA PA . 39.07 13.89 -3.16
CAC CLA PA . 41.23 12.16 -4.67
CBC CLA PA . 40.98 10.71 -4.37
ND CLA PA . 38.89 12.91 -9.42
C1D CLA PA . 40.12 12.26 -8.97
C2D CLA PA . 40.81 11.72 -10.07
C3D CLA PA . 40.07 12.04 -11.24
C4D CLA PA . 38.97 12.74 -10.78
CMD CLA PA . 42.10 10.96 -10.01
CAD CLA PA . 39.98 11.94 -12.68
OBD CLA PA . 40.73 11.38 -13.46
CBD CLA PA . 38.76 12.66 -13.14
CGD CLA PA . 39.20 13.86 -13.97
O1D CLA PA . 39.92 14.74 -13.58
O2D CLA PA . 38.68 13.82 -15.19
CED CLA PA . 38.95 14.96 -16.04
C1 CLA PA . 31.83 14.10 -9.36
C2 CLA PA . 31.22 13.11 -8.44
C3 CLA PA . 31.69 12.85 -7.22
C4 CLA PA . 32.88 13.54 -6.62
C5 CLA PA . 31.09 11.76 -6.37
C6 CLA PA . 30.06 12.26 -5.37
C7 CLA PA . 30.15 11.57 -4.02
C8 CLA PA . 30.05 10.04 -4.00
C9 CLA PA . 28.73 9.54 -4.58
C10 CLA PA . 30.28 9.50 -2.58
C11 CLA PA . 31.71 9.57 -2.09
C12 CLA PA . 31.94 8.83 -0.78
C13 CLA PA . 33.41 8.55 -0.43
C14 CLA PA . 34.26 9.81 -0.46
C15 CLA PA . 33.99 7.45 -1.32
MG CLA QA . 42.72 8.56 8.64
CHA CLA QA . 43.03 7.35 11.83
CHB CLA QA . 45.99 9.14 8.56
CHC CLA QA . 42.26 10.17 5.65
CHD CLA QA . 39.19 8.61 9.07
NA CLA QA . 44.16 8.24 9.91
C1A CLA QA . 44.16 7.65 11.17
C2A CLA QA . 45.54 7.38 11.71
C3A CLA QA . 46.43 8.12 10.75
C4A CLA QA . 45.48 8.54 9.67
CMA CLA QA . 47.18 9.29 11.40
CAA CLA QA . 45.78 5.86 11.70
CBA CLA QA . 45.45 5.12 10.40
CGA CLA QA . 45.98 3.72 10.42
O1A CLA QA . 46.37 3.16 11.41
O2A CLA QA . 45.99 3.17 9.20
NB CLA QA . 43.88 9.48 7.36
C1B CLA QA . 45.31 9.60 7.46
C2B CLA QA . 45.82 10.25 6.31
C3B CLA QA . 44.73 10.55 5.49
C4B CLA QA . 43.56 10.08 6.12
CMB CLA QA . 47.26 10.54 6.02
CAB CLA QA . 44.77 11.22 4.19
CBB CLA QA . 45.45 12.27 3.84
NC CLA QA . 41.14 9.19 7.61
C1C CLA QA . 41.16 9.78 6.35
C2C CLA QA . 39.80 10.04 5.85
C3C CLA QA . 38.94 9.64 6.84
C4C CLA QA . 39.74 9.12 7.92
CMC CLA QA . 39.45 10.55 4.49
CAC CLA QA . 37.44 9.77 6.87
CBC CLA QA . 36.73 8.46 6.61
ND CLA QA . 41.41 8.15 10.02
C1D CLA QA . 39.96 8.15 10.11
C2D CLA QA . 39.55 7.61 11.34
C3D CLA QA . 40.72 7.28 12.06
C4D CLA QA . 41.78 7.61 11.24
CMD CLA QA . 38.14 7.41 11.79
CAD CLA QA . 41.27 6.75 13.30
OBD CLA QA . 40.69 6.38 14.30
CBD CLA QA . 42.76 6.73 13.20
CGD CLA QA . 43.35 7.50 14.38
O1D CLA QA . 43.06 8.63 14.67
O2D CLA QA . 44.23 6.77 15.03
CED CLA QA . 44.86 7.39 16.18
C1 CLA QA . 46.49 1.80 9.18
C2 CLA QA . 46.36 1.18 7.83
C3 CLA QA . 47.22 0.35 7.24
C4 CLA QA . 48.56 -0.03 7.80
C5 CLA QA . 46.82 -0.33 5.96
C6 CLA QA . 46.89 0.56 4.73
C7 CLA QA . 48.27 0.61 4.06
C8 CLA QA . 48.22 0.66 2.53
C9 CLA QA . 49.62 0.64 1.93
C10 CLA QA . 47.41 1.86 2.04
MG CLA RA . 41.04 30.12 10.96
CHA CLA RA . 40.64 30.83 14.28
CHB CLA RA . 37.82 29.31 10.79
CHC CLA RA . 41.62 28.86 7.82
CHD CLA RA . 44.56 30.33 11.39
NA CLA RA . 39.57 30.19 12.23
C1A CLA RA . 39.53 30.61 13.56
C2A CLA RA . 38.13 30.75 14.10
C3A CLA RA . 37.31 30.01 13.09
C4A CLA RA . 38.28 29.81 11.96
CMA CLA RA . 36.72 28.70 13.61
CAA CLA RA . 37.75 32.25 14.20
CBA CLA RA . 38.03 33.12 12.97
CGA CLA RA . 39.40 33.74 12.95
O1A CLA RA . 39.89 34.35 13.87
O2A CLA RA . 40.02 33.50 11.79
NB CLA RA . 39.95 29.27 9.58
C1B CLA RA . 38.52 29.04 9.64
C2B CLA RA . 38.06 28.51 8.42
C3B CLA RA . 39.17 28.39 7.58
C4B CLA RA . 40.31 28.83 8.28
CMB CLA RA . 36.63 28.20 8.09
CAB CLA RA . 39.17 27.91 6.19
CBB CLA RA . 38.56 26.88 5.69
NC CLA RA . 42.65 29.75 9.88
C1C CLA RA . 42.69 29.27 8.57
C2C CLA RA . 44.06 29.21 8.05
C3C CLA RA . 44.90 29.63 9.05
C4C CLA RA . 44.06 29.96 10.18
CMC CLA RA . 44.49 28.73 6.68
CAC CLA RA . 46.39 29.78 9.02
CBC CLA RA . 47.11 28.64 9.69
ND CLA RA . 42.31 30.46 12.38
C1D CLA RA . 43.76 30.58 12.49
C2D CLA RA . 44.12 30.97 13.78
C3D CLA RA . 42.93 31.10 14.54
C4D CLA RA . 41.90 30.77 13.67
CMD CLA RA . 45.52 31.21 14.28
CAD CLA RA . 42.33 31.47 15.80
OBD CLA RA . 42.86 31.94 16.79
CBD CLA RA . 40.88 31.20 15.74
CGD CLA RA . 40.64 30.00 16.65
O1D CLA RA . 41.44 29.14 16.88
O2D CLA RA . 39.40 30.02 17.13
CED CLA RA . 38.98 28.80 17.78
C1 CLA RA . 41.40 33.96 11.72
C2 CLA RA . 41.85 33.86 10.30
C3 CLA RA . 43.14 33.95 9.97
C4 CLA RA . 44.23 34.15 10.99
C5 CLA RA . 43.61 33.89 8.53
C6 CLA RA . 42.74 33.04 7.61
C7 CLA RA . 43.40 32.81 6.27
C8 CLA RA . 42.48 32.96 5.06
C9 CLA RA . 41.38 31.90 5.05
C10 CLA RA . 43.27 32.95 3.74
C11 CLA RA . 42.54 33.54 2.55
C12 CLA RA . 43.13 34.84 2.03
C13 CLA RA . 44.17 34.74 0.91
C14 CLA RA . 45.29 33.77 1.27
C15 CLA RA . 44.71 36.12 0.56
C16 CLA RA . 44.92 36.39 -0.92
C17 CLA RA . 45.88 37.54 -1.19
C18 CLA RA . 45.87 38.09 -2.61
C19 CLA RA . 44.81 39.15 -2.79
C20 CLA RA . 47.24 38.61 -3.00
NB KC2 SA . 33.55 43.29 10.61
ND KC2 SA . 34.55 40.00 12.47
C1A KC2 SA . 33.63 42.16 14.67
C1B KC2 SA . 33.07 44.54 11.12
C1C KC2 SA . 34.46 41.30 8.59
C1D KC2 SA . 35.06 38.78 12.07
C2A KC2 SA . 33.22 43.18 15.59
C2B KC2 SA . 32.89 45.50 10.01
C2C KC2 SA . 34.89 40.33 7.64
C2D KC2 SA . 35.29 37.98 13.20
C3A KC2 SA . 32.89 44.28 14.84
C3B KC2 SA . 33.24 44.87 8.86
C3C KC2 SA . 35.22 39.20 8.32
C3D KC2 SA . 34.90 38.75 14.34
C4A KC2 SA . 33.09 43.95 13.47
C4B KC2 SA . 33.65 43.51 9.19
C4C KC2 SA . 35.01 39.43 9.73
C4D KC2 SA . 34.45 40.02 13.83
CAA KC2 SA . 33.20 43.07 17.03
CAB KC2 SA . 33.24 45.43 7.50
CAC KC2 SA . 35.68 37.94 7.72
CAD KC2 SA . 34.80 38.73 15.79
CBA KC2 SA . 32.18 43.31 17.84
CBB KC2 SA . 32.48 45.10 6.50
CBC KC2 SA . 36.67 37.79 6.87
CBD KC2 SA . 34.24 40.07 16.20
CED KC2 SA . 32.00 39.04 18.96
CGA KC2 SA . 32.19 43.19 19.31
CGD KC2 SA . 32.93 39.83 16.95
CHA KC2 SA . 34.06 40.86 14.89
CHB KC2 SA . 32.85 44.86 12.42
CHC KC2 SA . 34.07 42.60 8.25
CHD KC2 SA . 35.27 38.51 10.71
CMA KC2 SA . 32.38 45.60 15.35
CMB KC2 SA . 32.39 46.91 10.17
CMC KC2 SA . 34.94 40.54 6.15
CMD KC2 SA . 35.84 36.59 13.22
NA KC2 SA . 33.55 42.65 13.39
NC KC2 SA . 34.51 40.76 9.86
O1A KC2 SA . 33.24 43.23 19.94
O1D KC2 SA . 31.85 40.14 16.56
O2A KC2 SA . 31.03 43.05 19.89
O2D KC2 SA . 33.16 39.26 18.13
OBD KC2 SA . 35.11 37.81 16.56
MG KC2 SA . 33.98 41.58 11.67
MG CLA TA . 30.71 10.74 9.45
CHA CLA TA . 31.52 9.27 12.41
CHB CLA TA . 32.09 8.17 7.86
CHC CLA TA . 30.25 12.44 6.51
CHD CLA TA . 30.02 13.76 11.18
NA CLA TA . 31.52 9.10 10.04
C1A CLA TA . 31.66 8.54 11.29
C2A CLA TA . 32.01 7.09 11.25
C3A CLA TA . 32.78 7.04 9.95
C4A CLA TA . 32.11 8.16 9.21
CMA CLA TA . 34.28 7.24 10.09
CAA CLA TA . 30.68 6.32 11.21
CBA CLA TA . 30.68 5.02 12.02
CGA CLA TA . 29.34 4.33 12.06
O1A CLA TA . 29.13 3.21 11.67
O2A CLA TA . 28.40 5.14 12.56
NB CLA TA . 31.04 10.36 7.57
C1B CLA TA . 31.53 9.11 7.03
C2B CLA TA . 31.41 9.11 5.63
C3B CLA TA . 30.90 10.36 5.25
C4B CLA TA . 30.70 11.12 6.42
CMB CLA TA . 31.73 7.96 4.72
CAB CLA TA . 30.62 10.83 3.90
CBB CLA TA . 29.88 10.26 2.99
NC CLA TA . 30.25 12.60 8.97
C1C CLA TA . 30.05 13.11 7.68
C2C CLA TA . 29.64 14.51 7.71
C3C CLA TA . 29.59 14.89 9.03
C4C CLA TA . 29.96 13.74 9.82
CMC CLA TA . 29.30 15.38 6.53
CAC CLA TA . 29.20 16.23 9.57
CBC CLA TA . 27.75 16.31 9.96
ND CLA TA . 30.78 11.42 11.26
C1D CLA TA . 30.44 12.67 11.92
C2D CLA TA . 30.55 12.53 13.32
C3D CLA TA . 30.98 11.21 13.57
C4D CLA TA . 31.10 10.61 12.33
CMD CLA TA . 30.23 13.58 14.34
CAD CLA TA . 31.32 10.22 14.59
OBD CLA TA . 31.32 10.33 15.79
CBD CLA TA . 31.69 8.94 13.91
CGD CLA TA . 33.12 8.57 14.30
O1D CLA TA . 34.06 8.56 13.55
O2D CLA TA . 33.19 8.26 15.59
CED CLA TA . 34.49 7.89 16.09
C DD6 UA . 47.41 26.80 1.79
C1 DD6 UA . 47.55 26.20 0.41
C10 DD6 UA . 47.74 17.47 4.53
C11 DD6 UA . 47.95 16.17 4.85
C12 DD6 UA . 48.28 15.12 3.84
C13 DD6 UA . 47.83 15.77 6.24
C14 DD6 UA . 47.73 14.56 6.77
C15 DD6 UA . 47.60 14.23 8.23
C16 DD6 UA . 48.80 13.76 8.96
C17 DD6 UA . 48.52 13.74 10.49
C18 DD6 UA . 47.13 13.37 10.97
C19 DD6 UA . 46.27 12.79 9.87
C2 DD6 UA . 47.57 24.86 0.20
C20 DD6 UA . 46.28 13.68 8.64
C21 DD6 UA . 45.08 13.60 7.72
C22 DD6 UA . 49.26 12.37 8.51
C23 DD6 UA . 49.97 14.72 8.71
C24 DD6 UA . 47.65 27.11 -0.71
C25 DD6 UA . 47.41 28.43 -0.73
C26 DD6 UA . 47.54 29.24 -1.90
C27 DD6 UA . 47.30 30.57 -1.99
C28 DD6 UA . 46.85 31.43 -0.84
C29 DD6 UA . 47.47 31.24 -3.24
C3 DD6 UA . 47.46 23.82 1.17
C30 DD6 UA . 47.57 31.97 -4.17
C31 DD6 UA . 47.68 32.95 -5.20
C32 DD6 UA . 48.56 34.16 -4.89
C33 DD6 UA . 48.20 35.26 -5.89
C34 DD6 UA . 48.33 34.82 -7.33
C35 DD6 UA . 47.61 33.50 -7.62
C36 DD6 UA . 47.05 32.86 -6.38
C37 DD6 UA . 45.75 32.13 -6.58
C4 DD6 UA . 47.60 22.50 0.90
C40 DD6 UA . 48.26 34.71 -3.48
C41 DD6 UA . 50.05 33.78 -4.96
C5 DD6 UA . 47.49 21.52 1.95
C6 DD6 UA . 47.57 20.18 1.84
C7 DD6 UA . 47.74 19.46 0.55
C8 DD6 UA . 47.55 19.40 3.08
C9 DD6 UA . 47.78 18.09 3.24
O1 DD6 UA . 46.69 15.03 8.98
O2 DD6 UA . 47.25 12.40 12.02
O4 DD6 UA . 47.81 35.83 -8.19
C DD6 VA . 39.17 39.07 9.95
C1 DD6 VA . 39.08 37.90 10.90
C10 DD6 VA . 37.37 31.65 3.62
C11 DD6 VA . 37.03 30.55 2.90
C12 DD6 VA . 36.84 29.19 3.51
C13 DD6 VA . 36.87 30.68 1.46
C14 DD6 VA . 36.21 29.96 0.58
C15 DD6 VA . 36.14 30.21 -0.92
C16 DD6 VA . 34.83 30.64 -1.50
C17 DD6 VA . 34.70 30.09 -2.94
C18 DD6 VA . 35.93 30.28 -3.80
C19 DD6 VA . 37.07 29.41 -3.26
C2 DD6 VA . 38.93 36.61 10.47
C20 DD6 VA . 37.25 29.57 -1.77
C21 DD6 VA . 38.39 28.74 -1.22
C22 DD6 VA . 33.64 30.12 -0.69
C23 DD6 VA . 34.72 32.16 -1.54
C24 DD6 VA . 39.09 38.15 12.33
C25 DD6 VA . 38.86 39.32 12.95
C26 DD6 VA . 38.90 39.46 14.37
C27 DD6 VA . 38.64 40.58 15.09
C28 DD6 VA . 38.25 41.91 14.50
C29 DD6 VA . 38.75 40.51 16.51
C3 DD6 VA . 38.79 36.15 9.13
C30 DD6 VA . 38.84 40.54 17.71
C31 DD6 VA . 38.91 40.68 19.12
C32 DD6 VA . 37.64 41.13 19.84
C33 DD6 VA . 38.01 41.61 21.27
C34 DD6 VA . 39.05 40.75 21.97
C35 DD6 VA . 40.31 40.78 21.16
C36 DD6 VA . 40.08 40.38 19.73
C37 DD6 VA . 41.23 39.66 19.07
C4 DD6 VA . 38.59 34.85 8.82
C40 DD6 VA . 36.99 42.30 19.12
C41 DD6 VA . 36.63 39.98 19.93
C5 DD6 VA . 38.44 34.39 7.46
C6 DD6 VA . 38.28 33.11 7.04
C7 DD6 VA . 38.29 31.93 7.95
C8 DD6 VA . 38.00 32.88 5.62
C9 DD6 VA . 37.61 31.74 5.03
O1 DD6 VA . 37.26 30.97 -1.36
O2 DD6 VA . 35.64 29.88 -5.14
O4 DD6 VA . 39.28 41.27 23.28
C DD6 WA . 34.30 21.43 1.59
C1 DD6 WA . 34.84 20.55 2.68
C10 DD6 WA . 35.36 12.45 -2.83
C11 DD6 WA . 35.95 11.37 -3.42
C12 DD6 WA . 37.16 10.68 -2.85
C13 DD6 WA . 35.33 10.81 -4.62
C14 DD6 WA . 35.74 9.81 -5.39
C15 DD6 WA . 35.03 9.28 -6.62
C16 DD6 WA . 34.40 7.92 -6.51
C17 DD6 WA . 34.46 7.22 -7.88
C18 DD6 WA . 34.09 8.10 -9.06
C19 DD6 WA . 35.15 9.17 -9.24
C2 DD6 WA . 35.06 19.21 2.54
C20 DD6 WA . 35.44 9.90 -7.94
C21 DD6 WA . 36.46 11.00 -8.05
C22 DD6 WA . 32.94 8.05 -6.07
C23 DD6 WA . 35.10 7.02 -5.48
C24 DD6 WA . 35.20 21.18 3.94
C25 DD6 WA . 35.01 22.45 4.33
C26 DD6 WA . 35.42 22.94 5.60
C27 DD6 WA . 35.21 24.16 6.15
C28 DD6 WA . 34.44 25.26 5.49
C29 DD6 WA . 35.76 24.39 7.44
C3 DD6 WA . 34.85 18.39 1.38
C30 DD6 WA . 36.23 24.48 8.55
C31 DD6 WA . 36.68 24.53 9.90
C32 DD6 WA . 35.65 24.23 10.99
C33 DD6 WA . 36.12 24.87 12.31
C34 DD6 WA . 37.59 24.68 12.61
C35 DD6 WA . 38.39 25.33 11.50
C36 DD6 WA . 37.97 24.81 10.14
C37 DD6 WA . 39.09 24.66 9.15
C4 DD6 WA . 35.29 17.12 1.33
C40 DD6 WA . 34.29 24.84 10.63
C41 DD6 WA . 35.50 22.72 11.18
C5 DD6 WA . 35.10 16.26 0.18
C6 DD6 WA . 35.53 14.97 0.05
C7 DD6 WA . 36.29 14.24 1.11
C8 DD6 WA . 35.22 14.26 -1.19
C9 DD6 WA . 35.73 13.09 -1.61
O1 DD6 WA . 34.22 10.28 -7.25
O2 DD6 WA . 34.01 7.29 -10.24
O4 DD6 WA . 37.92 25.28 13.86
C DD6 XA . 34.69 16.88 5.43
C1 DD6 XA . 33.83 15.88 6.16
C10 DD6 XA . 37.57 8.50 1.02
C11 DD6 XA . 37.85 7.27 0.50
C12 DD6 XA . 37.18 6.00 0.96
C13 DD6 XA . 38.83 7.17 -0.58
C14 DD6 XA . 39.33 6.10 -1.18
C15 DD6 XA . 40.34 6.11 -2.30
C16 DD6 XA . 39.84 6.02 -3.69
C17 DD6 XA . 40.98 6.37 -4.67
C18 DD6 XA . 42.41 5.94 -4.35
C19 DD6 XA . 42.47 4.98 -3.17
C2 DD6 XA . 33.80 14.57 5.83
C20 DD6 XA . 41.67 5.49 -1.99
C21 DD6 XA . 42.06 4.99 -0.62
C22 DD6 XA . 39.29 4.62 -4.00
C23 DD6 XA . 38.70 7.01 -3.91
C24 DD6 XA . 33.08 16.34 7.31
C25 DD6 XA . 33.29 17.45 8.03
C26 DD6 XA . 32.50 17.81 9.17
C27 DD6 XA . 32.61 18.93 9.92
C28 DD6 XA . 33.58 20.05 9.67
C29 DD6 XA . 31.74 19.06 11.05
C3 DD6 XA . 34.60 13.89 4.85
C30 DD6 XA . 31.06 19.25 12.03
C31 DD6 XA . 30.28 19.58 13.16
C32 DD6 XA . 30.03 21.06 13.49
C33 DD6 XA . 30.12 21.25 15.01
C34 DD6 XA . 29.33 20.25 15.83
C35 DD6 XA . 29.72 18.82 15.46
C36 DD6 XA . 29.77 18.63 13.96
C37 DD6 XA . 29.21 17.32 13.48
C4 DD6 XA . 34.59 12.55 4.69
C40 DD6 XA . 31.07 21.96 12.82
C41 DD6 XA . 28.63 21.47 13.00
C5 DD6 XA . 35.41 11.88 3.70
C6 DD6 XA . 35.38 10.58 3.34
C7 DD6 XA . 34.42 9.59 3.93
C8 DD6 XA . 36.33 10.10 2.35
C9 DD6 XA . 36.63 8.83 2.04
O1 DD6 XA . 41.48 6.93 -2.09
O2 DD6 XA . 42.98 5.30 -5.49
O4 DD6 XA . 29.58 20.46 17.22
O1 LHG YA . 34.29 41.61 -13.52
C1 LHG YA . 33.67 40.83 -12.48
C2 LHG YA . 32.90 41.78 -11.58
O2 LHG YA . 32.09 42.65 -12.35
C3 LHG YA . 33.78 42.66 -10.74
O3 LHG YA . 32.97 42.82 -9.60
P LHG YA . 31.75 43.88 -9.56
O4 LHG YA . 32.28 45.18 -10.05
O5 LHG YA . 30.56 43.07 -9.94
O6 LHG YA . 31.75 44.09 -7.90
C4 LHG YA . 30.66 43.69 -7.13
C5 LHG YA . 30.70 44.63 -5.91
C6 LHG YA . 29.34 44.75 -5.22
O7 LHG YA . 31.61 44.06 -4.99
C7 LHG YA . 32.79 44.71 -4.90
O9 LHG YA . 33.80 44.30 -5.44
C8 LHG YA . 32.72 45.81 -3.91
C9 LHG YA . 32.88 45.24 -2.51
C10 LHG YA . 32.15 46.07 -1.45
O8 LHG YA . 29.47 43.92 -4.05
C23 LHG YA . 28.33 43.69 -3.32
O10 LHG YA . 27.24 43.87 -3.83
C24 LHG YA . 28.42 43.33 -1.84
C11 LHG YA . 33.12 47.19 -1.12
C12 LHG YA . 34.01 46.78 0.03
C13 LHG YA . 34.93 47.94 0.33
C14 LHG YA . 35.94 47.61 1.41
C15 LHG YA . 35.32 48.04 2.75
C16 LHG YA . 35.57 49.51 3.02
C17 LHG YA . 35.35 49.87 4.49
C18 LHG YA . 33.85 49.85 4.72
C19 LHG YA . 33.44 50.39 6.07
C25 LHG YA . 28.77 44.46 -0.91
C26 LHG YA . 28.65 44.17 0.59
C27 LHG YA . 29.57 45.17 1.28
C28 LHG YA . 29.31 46.64 1.03
C29 LHG YA . 30.18 47.44 2.00
C30 LHG YA . 29.67 47.57 3.41
C31 LHG YA . 30.32 48.68 4.23
C32 LHG YA . 30.12 48.57 5.73
C1 LMG ZA . 37.75 39.31 -11.72
O1 LMG ZA . 37.25 40.03 -10.62
C2 LMG ZA . 36.58 39.02 -12.66
O2 LMG ZA . 35.58 38.25 -12.00
C3 LMG ZA . 37.09 38.24 -13.85
O3 LMG ZA . 35.99 38.03 -14.74
C4 LMG ZA . 38.20 39.04 -14.50
O4 LMG ZA . 37.68 40.30 -14.96
C5 LMG ZA . 39.28 39.30 -13.46
O5 LMG ZA . 41.63 39.83 -13.27
C6 LMG ZA . 40.47 40.04 -14.07
O6 LMG ZA . 38.73 40.07 -12.41
C7 LMG ZA . 37.76 39.59 -9.37
C8 LMG ZA . 37.30 38.18 -8.98
C9 LMG ZA . 37.95 37.88 -7.64
O7 LMG ZA . 35.88 38.02 -8.82
C10 LMG ZA . 34.97 39.16 -8.79
O9 LMG ZA . 34.95 39.95 -9.70
C11 LMG ZA . 33.99 39.36 -7.67
C12 LMG ZA . 34.68 39.27 -6.32
C13 LMG ZA . 33.92 40.12 -5.33
C14 LMG ZA . 34.62 40.13 -3.98
C15 LMG ZA . 33.93 41.10 -3.04
C16 LMG ZA . 34.77 41.33 -1.80
O8 LMG ZA . 37.34 36.82 -6.93
C28 LMG ZA . 36.94 35.57 -7.53
O10 LMG ZA . 36.73 35.50 -8.72
C29 LMG ZA . 36.83 34.37 -6.66
C30 LMG ZA . 37.98 34.43 -5.67
C31 LMG ZA . 37.90 33.24 -4.75
C32 LMG ZA . 39.19 33.14 -3.96
C33 LMG ZA . 38.91 33.11 -2.48
C34 LMG ZA . 39.21 34.44 -1.86
C35 LMG ZA . 38.70 34.49 -0.44
C36 LMG ZA . 39.75 34.08 0.57
C37 LMG ZA . 39.84 32.56 0.66
C1 LMG AB . 45.04 45.62 -11.76
O1 LMG AB . 45.10 45.52 -10.33
C2 LMG AB . 44.71 44.20 -12.23
O2 LMG AB . 45.74 43.42 -11.71
C3 LMG AB . 44.82 44.18 -13.77
O3 LMG AB . 43.90 43.22 -14.19
C4 LMG AB . 44.47 45.57 -14.39
O4 LMG AB . 43.80 45.36 -15.59
C5 LMG AB . 43.50 46.39 -13.44
O5 LMG AB . 41.38 46.42 -12.43
C6 LMG AB . 42.08 45.75 -13.43
O6 LMG AB . 43.96 46.49 -12.08
C7 LMG AB . 43.92 45.75 -9.55
C8 LMG AB . 43.94 44.63 -8.47
C9 LMG AB . 42.95 45.01 -7.33
O7 LMG AB . 43.41 43.48 -9.11
C10 LMG AB . 43.22 42.33 -8.43
O9 LMG AB . 43.91 42.08 -7.44
C11 LMG AB . 42.11 41.50 -9.01
C12 LMG AB . 41.66 40.41 -8.05
C13 LMG AB . 41.09 40.98 -6.76
C14 LMG AB . 40.41 39.85 -6.02
C15 LMG AB . 40.13 40.32 -4.61
C16 LMG AB . 39.02 39.47 -3.94
C17 LMG AB . 39.57 38.09 -3.53
C18 LMG AB . 40.39 38.21 -2.22
C19 LMG AB . 39.46 38.40 -1.04
C20 LMG AB . 40.22 37.93 0.16
O8 LMG AB . 43.52 44.58 -6.10
C28 LMG AB . 42.91 45.02 -4.96
O10 LMG AB . 41.97 45.80 -5.04
C29 LMG AB . 43.46 44.48 -3.68
C30 LMG AB . 43.22 42.99 -3.58
C31 LMG AB . 42.65 42.66 -2.20
C32 LMG AB . 43.74 42.87 -1.16
C33 LMG AB . 43.20 42.35 0.15
C34 LMG AB . 43.99 42.99 1.27
C35 LMG AB . 43.64 42.23 2.55
C36 LMG AB . 44.52 42.80 3.63
C37 LMG AB . 43.74 42.72 4.94
MG CLA BB . -88.25 4.40 1.73
CHA CLA BB . -88.14 2.76 -1.26
CHB CLA BB . -90.67 6.32 0.51
CHC CLA BB . -88.05 6.26 4.58
CHD CLA BB . -85.13 2.95 2.60
NA CLA BB . -89.25 4.39 0.08
C1A CLA BB . -89.20 3.55 -1.01
C2A CLA BB . -90.42 3.64 -1.89
C3A CLA BB . -90.85 5.05 -1.61
C4A CLA BB . -90.23 5.30 -0.25
CMA CLA BB . -90.43 6.07 -2.65
NB CLA BB . -89.17 5.97 2.42
C1B CLA BB . -90.24 6.70 1.76
C2B CLA BB . -90.67 7.76 2.58
C3B CLA BB . -89.90 7.74 3.75
C4B CLA BB . -89.00 6.66 3.66
CMB CLA BB . -91.78 8.73 2.26
CAB CLA BB . -89.98 8.67 4.88
CBB CLA BB . -90.25 8.39 6.12
NC CLA BB . -86.96 4.52 3.23
C1C CLA BB . -87.09 5.32 4.36
C2C CLA BB . -86.01 5.07 5.32
C3C CLA BB . -85.16 4.15 4.76
C4C CLA BB . -85.73 3.81 3.46
CMC CLA BB . -85.84 5.70 6.67
CAC CLA BB . -83.90 3.61 5.36
CBC CLA BB . -84.14 2.43 6.27
ND CLA BB . -86.93 3.22 0.94
C1D CLA BB . -85.65 2.66 1.35
C2D CLA BB . -85.14 1.81 0.33
C3D CLA BB . -86.09 1.81 -0.72
C4D CLA BB . -87.11 2.66 -0.31
CMD CLA BB . -83.85 1.06 0.37
CAD CLA BB . -86.44 1.30 -2.04
OBD CLA BB . -85.81 0.53 -2.75
CBD CLA BB . -87.77 1.86 -2.45
CGD CLA BB . -87.68 2.64 -3.75
O1D CLA BB . -88.06 3.77 -3.91
O2D CLA BB . -87.11 1.90 -4.71
CED CLA BB . -86.96 2.54 -6.00
MG CLA CB . -75.85 2.73 5.57
CHA CLA CB . -78.52 1.11 4.18
CHB CLA CB . -77.51 3.00 8.42
CHC CLA CB . -73.19 4.47 6.85
CHD CLA CB . -74.58 3.37 2.33
NA CLA CB . -77.61 2.18 6.14
C1A CLA CB . -78.62 1.44 5.49
C2A CLA CB . -79.79 1.11 6.38
C3A CLA CB . -79.60 2.12 7.49
C4A CLA CB . -78.15 2.48 7.35
CMA CLA CB . -80.49 3.34 7.34
CAA CLA CB . -79.76 -0.36 6.86
CBA CLA CB . -78.44 -0.99 7.30
CGA CLA CB . -77.91 -0.46 8.60
O1A CLA CB . -78.48 -0.50 9.66
O2A CLA CB . -76.69 0.07 8.44
NB CLA CB . -75.41 3.51 7.30
C1B CLA CB . -76.19 3.40 8.50
C2B CLA CB . -75.45 3.87 9.61
C3B CLA CB . -74.23 4.33 9.12
C4B CLA CB . -74.19 4.12 7.73
CMB CLA CB . -75.88 3.79 11.04
CAB CLA CB . -73.14 4.94 9.89
CBB CLA CB . -72.48 4.45 10.89
NC CLA CB . -74.28 3.68 4.80
C1C CLA CB . -73.25 4.28 5.49
C2C CLA CB . -72.20 4.78 4.60
C3C CLA CB . -72.61 4.50 3.32
C4C CLA CB . -73.89 3.83 3.41
CMC CLA CB . -70.92 5.44 4.99
CAC CLA CB . -71.89 4.81 2.04
CBC CLA CB . -71.10 3.64 1.52
ND CLA CB . -76.35 2.41 3.72
C1D CLA CB . -75.78 2.69 2.42
C2D CLA CB . -76.57 2.13 1.41
C3D CLA CB . -77.65 1.46 2.05
C4D CLA CB . -77.47 1.66 3.41
CMD CLA CB . -76.33 2.23 -0.06
CAD CLA CB . -78.85 0.68 1.88
OBD CLA CB . -79.41 0.34 0.84
CBD CLA CB . -79.38 0.29 3.22
CGD CLA CB . -80.88 0.56 3.27
O1D CLA CB . -81.44 1.44 2.68
O2D CLA CB . -81.49 -0.33 4.05
CED CLA CB . -82.94 -0.28 4.09
MG CLA DB . -72.60 12.26 3.86
CHA CLA DB . -72.83 11.18 0.62
CHB CLA DB . -73.24 9.18 4.91
CHC CLA DB . -72.55 13.48 7.05
CHD CLA DB . -72.97 15.60 2.72
NA CLA DB . -72.88 10.57 2.95
C1A CLA DB . -72.84 10.24 1.59
C2A CLA DB . -72.81 8.75 1.34
C3A CLA DB . -73.34 8.21 2.65
C4A CLA DB . -73.14 9.38 3.58
CMA CLA DB . -74.79 7.76 2.61
CAA CLA DB . -71.35 8.37 1.00
CBA CLA DB . -70.31 8.51 2.11
CGA CLA DB . -68.91 8.27 1.63
O1A CLA DB . -68.26 9.07 1.01
O2A CLA DB . -68.49 7.06 1.96
NB CLA DB . -72.83 11.49 5.63
C1B CLA DB . -73.08 10.10 5.94
C2B CLA DB . -73.09 9.90 7.33
C3B CLA DB . -72.86 11.15 7.92
C4B CLA DB . -72.71 12.10 6.90
CMB CLA DB . -73.31 8.60 8.04
CAB CLA DB . -72.70 11.44 9.35
CBB CLA DB . -73.44 11.04 10.34
NC CLA DB . -72.71 14.06 4.66
C1C CLA DB . -72.58 14.36 6.02
C2C CLA DB . -72.62 15.81 6.26
C3C CLA DB . -72.80 16.42 5.04
C4C CLA DB . -72.85 15.37 4.05
CMC CLA DB . -72.44 16.51 7.57
CAC CLA DB . -72.92 17.88 4.75
CBC CLA DB . -71.62 18.51 4.32
ND CLA DB . -72.85 13.20 2.18
C1D CLA DB . -72.99 14.59 1.77
C2D CLA DB . -73.08 14.68 0.37
C3D CLA DB . -72.99 13.36 -0.14
C4D CLA DB . -72.86 12.54 0.97
CMD CLA DB . -73.25 15.94 -0.43
CAD CLA DB . -72.92 12.53 -1.32
OBD CLA DB . -72.96 12.87 -2.50
CBD CLA DB . -72.80 11.10 -0.91
CGD CLA DB . -73.90 10.28 -1.56
O1D CLA DB . -74.88 9.85 -0.99
O2D CLA DB . -73.65 10.09 -2.85
CED CLA DB . -74.54 9.21 -3.56
MG CLA EB . -80.52 20.72 -1.13
CHA CLA EB . -81.58 22.26 -3.98
CHB CLA EB . -78.66 18.68 -3.00
CHC CLA EB . -79.52 19.21 1.76
CHD CLA EB . -83.31 22.03 0.59
NA CLA EB . -80.14 20.62 -3.02
C1A CLA EB . -80.52 21.44 -4.07
C2A CLA EB . -79.59 21.26 -5.23
C3A CLA EB . -79.38 19.77 -5.12
C4A CLA EB . -79.38 19.64 -3.62
CMA CLA EB . -80.41 18.90 -5.82
CAA CLA EB . -78.36 22.12 -4.89
CBA CLA EB . -77.82 22.95 -6.04
CGA CLA EB . -76.79 23.95 -5.61
O1A CLA EB . -77.02 25.07 -5.24
O2A CLA EB . -75.56 23.44 -5.66
NB CLA EB . -79.33 19.24 -0.70
C1B CLA EB . -78.55 18.46 -1.63
C2B CLA EB . -77.73 17.53 -0.95
C3B CLA EB . -77.97 17.71 0.43
C4B CLA EB . -78.94 18.74 0.57
CMB CLA EB . -76.78 16.56 -1.57
CAB CLA EB . -77.33 17.04 1.56
CBB CLA EB . -77.17 15.76 1.77
NC CLA EB . -81.22 20.66 0.70
C1C CLA EB . -80.59 20.05 1.79
C2C CLA EB . -81.33 20.33 3.03
C3C CLA EB . -82.43 21.08 2.69
C4C CLA EB . -82.39 21.29 1.27
CMC CLA EB . -80.97 19.91 4.43
CAC CLA EB . -83.50 21.59 3.62
CBC CLA EB . -83.25 23.01 4.08
ND CLA EB . -82.07 21.80 -1.52
C1D CLA EB . -83.22 22.28 -0.76
C2D CLA EB . -84.06 23.05 -1.60
C3D CLA EB . -83.46 23.08 -2.88
C4D CLA EB . -82.29 22.35 -2.76
CMD CLA EB . -85.36 23.70 -1.18
CAD CLA EB . -83.57 23.54 -4.26
OBD CLA EB . -84.51 24.06 -4.82
CBD CLA EB . -82.28 23.23 -4.96
CGD CLA EB . -82.54 22.73 -6.37
O1D CLA EB . -83.12 21.71 -6.65
O2D CLA EB . -82.04 23.57 -7.27
CED CLA EB . -82.19 23.19 -8.66
C1 CLA EB . -74.49 24.32 -5.23
MG CLA FB . -74.95 -8.94 15.60
CHA CLA FB . -74.99 -7.59 18.74
CHB CLA FB . -78.21 -8.29 15.36
CHC CLA FB . -74.95 -10.54 12.58
CHD CLA FB . -71.99 -10.69 16.43
NA CLA FB . -76.20 -8.02 16.73
C1A CLA FB . -76.04 -7.35 17.94
C2A CLA FB . -77.18 -6.44 18.25
C3A CLA FB . -78.30 -7.26 17.62
C4A CLA FB . -77.56 -7.91 16.48
CMA CLA FB . -78.95 -8.27 18.57
CAA CLA FB . -76.92 -5.10 17.56
CBA CLA FB . -77.76 -3.94 18.05
CGA CLA FB . -79.12 -3.85 17.39
O1A CLA FB . -80.14 -4.25 17.87
O2A CLA FB . -79.03 -3.28 16.18
NB CLA FB . -76.29 -9.29 14.21
C1B CLA FB . -77.67 -8.89 14.24
C2B CLA FB . -78.30 -9.24 13.02
C3B CLA FB . -77.33 -9.87 12.23
C4B CLA FB . -76.13 -9.92 12.94
CMB CLA FB . -79.73 -8.97 12.66
CAB CLA FB . -77.50 -10.39 10.87
CBB CLA FB . -76.89 -10.01 9.78
NC CLA FB . -73.76 -10.24 14.72
C1C CLA FB . -73.89 -10.74 13.42
C2C CLA FB . -72.78 -11.64 13.07
C3C CLA FB . -71.98 -11.72 14.18
C4C CLA FB . -72.56 -10.87 15.21
CMC CLA FB . -72.55 -12.33 11.76
CAC CLA FB . -70.71 -12.52 14.36
CBC CLA FB . -69.48 -11.66 14.28
ND CLA FB . -73.75 -9.12 17.11
C1D CLA FB . -72.51 -9.84 17.37
C2D CLA FB . -72.03 -9.52 18.66
C3D CLA FB . -72.95 -8.60 19.24
C4D CLA FB . -73.94 -8.43 18.29
CMD CLA FB . -70.79 -10.06 19.31
CAD CLA FB . -73.26 -7.74 20.37
OBD CLA FB . -72.58 -7.49 21.35
CBD CLA FB . -74.61 -7.14 20.15
CGD CLA FB . -75.56 -7.71 21.21
O1D CLA FB . -75.98 -7.10 22.15
O2D CLA FB . -75.85 -8.98 20.94
CED CLA FB . -76.63 -9.68 21.93
MG CLA GB . -73.50 9.42 17.99
CHA CLA GB . -73.60 8.27 21.22
CHB CLA GB . -76.14 11.32 18.62
CHC CLA GB . -73.46 10.34 14.70
CHD CLA GB . -71.32 6.75 17.17
NA CLA GB . -74.52 9.78 19.59
C1A CLA GB . -74.37 9.35 20.91
C2A CLA GB . -75.13 10.19 21.89
C3A CLA GB . -76.28 10.64 20.99
C4A CLA GB . -75.63 10.59 19.63
CMA CLA GB . -77.51 9.75 21.09
CAA CLA GB . -74.23 11.32 22.44
CBA CLA GB . -73.68 12.39 21.48
CGA CLA GB . -72.50 11.94 20.68
O1A CLA GB . -71.52 11.41 21.12
O2A CLA GB . -72.66 12.21 19.38
NB CLA GB . -74.56 10.61 16.87
C1B CLA GB . -75.67 11.42 17.32
C2B CLA GB . -76.09 12.28 16.28
C3B CLA GB . -75.26 12.03 15.18
C4B CLA GB . -74.37 11.00 15.52
CMB CLA GB . -77.20 13.28 16.35
CAB CLA GB . -75.21 12.78 13.92
CBB CLA GB . -75.35 14.07 13.76
NC CLA GB . -72.62 8.73 16.37
C1C CLA GB . -72.69 9.28 15.09
C2C CLA GB . -71.84 8.56 14.15
C3C CLA GB . -71.22 7.56 14.85
C4C CLA GB . -71.70 7.62 16.19
CMC CLA GB . -71.66 8.85 12.68
CAC CLA GB . -70.16 6.61 14.34
CBC CLA GB . -70.69 5.22 14.12
ND CLA GB . -72.70 7.88 18.86
C1D CLA GB . -71.79 6.81 18.47
C2D CLA GB . -71.49 5.99 19.56
C3D CLA GB . -72.19 6.52 20.68
C4D CLA GB . -72.87 7.63 20.21
CMD CLA GB . -70.59 4.79 19.56
CAD CLA GB . -72.52 6.35 22.08
OBD CLA GB . -72.27 5.42 22.82
CBD CLA GB . -73.30 7.54 22.54
CGD CLA GB . -74.49 7.05 23.35
O1D CLA GB . -74.42 6.58 24.45
O2D CLA GB . -75.63 7.21 22.67
CED CLA GB . -76.84 6.99 23.42
C DD6 HB . -79.25 22.56 6.40
C1 DD6 HB . -78.20 22.23 5.37
C10 DD6 HB . -76.88 13.27 9.03
C11 DD6 HB . -77.07 11.93 9.08
C12 DD6 HB . -77.33 11.10 7.85
C13 DD6 HB . -76.93 11.24 10.36
C14 DD6 HB . -77.11 9.97 10.66
C15 DD6 HB . -76.91 9.29 12.00
C16 DD6 HB . -76.50 7.87 12.00
C17 DD6 HB . -75.87 7.53 13.36
C18 DD6 HB . -76.61 7.92 14.63
C19 DD6 HB . -77.80 8.83 14.38
C2 DD6 HB . -77.52 21.06 5.36
C20 DD6 HB . -77.61 9.81 13.23
C21 DD6 HB . -78.50 11.03 13.26
C22 DD6 HB . -77.67 6.92 11.72
C23 DD6 HB . -75.45 7.61 10.91
C24 DD6 HB . -77.85 23.25 4.38
C25 DD6 HB . -78.36 24.48 4.25
C26 DD6 HB . -77.94 25.40 3.24
C27 DD6 HB . -78.43 26.63 2.97
C28 DD6 HB . -79.58 27.27 3.71
C29 DD6 HB . -77.79 27.40 1.95
C3 DD6 HB . -77.62 19.96 6.29
C30 DD6 HB . -77.18 28.07 1.17
C31 DD6 HB . -76.53 28.94 0.24
C32 DD6 HB . -76.46 28.48 -1.21
C33 DD6 HB . -75.65 29.51 -2.04
C34 DD6 HB . -74.52 30.19 -1.27
C35 DD6 HB . -75.14 30.95 -0.11
C36 DD6 HB . -76.05 30.10 0.73
C37 DD6 HB . -76.35 30.65 2.10
C4 DD6 HB . -77.03 18.77 6.07
C40 DD6 HB . -75.78 27.11 -1.31
C41 DD6 HB . -77.86 28.38 -1.82
C5 DD6 HB . -77.10 17.67 7.00
C6 DD6 HB . -76.69 16.39 6.83
C7 DD6 HB . -76.09 15.89 5.53
C8 DD6 HB . -76.80 15.46 7.93
C9 DD6 HB . -76.79 14.11 7.87
O1 DD6 HB . -76.21 10.09 12.96
O2 DD6 HB . -77.08 6.74 15.27
O4 DD6 HB . -73.61 29.21 -0.77
O1 LHG IB . -75.72 -0.66 -6.22
C1 LHG IB . -74.63 -1.57 -6.37
C2 LHG IB . -73.85 -1.18 -7.60
O2 LHG IB . -74.65 -1.42 -8.77
C3 LHG IB . -72.58 -2.01 -7.67
O3 LHG IB . -71.52 -1.34 -7.01
P LHG IB . -71.18 0.18 -7.38
O4 LHG IB . -71.51 0.29 -8.84
O5 LHG IB . -71.81 1.11 -6.39
O6 LHG IB . -69.58 0.28 -7.25
C4 LHG IB . -68.82 1.19 -8.02
C5 LHG IB . -68.71 2.54 -7.33
C6 LHG IB . -68.62 2.36 -5.81
O7 LHG IB . -67.54 3.20 -7.81
C7 LHG IB . -67.73 4.61 -8.05
O9 LHG IB . -68.59 4.97 -8.83
C8 LHG IB . -66.85 5.62 -7.36
C9 LHG IB . -66.68 5.23 -5.89
C10 LHG IB . -65.41 5.82 -5.31
O8 LHG IB . -68.89 3.59 -5.16
C23 LHG IB . -69.18 3.58 -3.75
O10 LHG IB . -70.23 3.09 -3.38
C24 LHG IB . -68.19 4.11 -2.75
C11 LHG IB . -64.68 4.76 -4.49
C12 LHG IB . -63.21 5.13 -4.30
C25 LHG IB . -68.44 5.54 -2.36
C26 LHG IB . -68.01 5.75 -0.92
C27 LHG IB . -66.52 5.49 -0.75
C28 LHG IB . -66.16 5.48 0.72
C29 LHG IB . -65.28 4.30 1.07
C30 LHG IB . -65.29 4.07 2.58
MG CLA JB . -63.68 5.40 15.90
CHA CLA JB . -64.72 5.86 19.14
CHB CLA JB . -60.95 3.87 16.99
CHC CLA JB . -62.56 5.32 12.66
CHD CLA JB . -66.17 7.71 14.83
NA CLA JB . -63.04 4.94 17.68
C1A CLA JB . -63.59 5.15 18.96
C2A CLA JB . -62.81 4.50 20.07
C3A CLA JB . -61.58 3.94 19.36
C4A CLA JB . -61.85 4.26 17.92
CMA CLA JB . -60.27 4.54 19.87
CAA CLA JB . -63.63 3.39 20.77
CBA CLA JB . -64.22 2.27 19.92
CGA CLA JB . -63.56 0.94 20.08
O1A CLA JB . -62.44 0.76 20.48
O2A CLA JB . -64.36 -0.05 19.68
NB CLA JB . -62.09 4.73 15.00
C1B CLA JB . -60.99 4.04 15.62
C2B CLA JB . -60.07 3.60 14.65
C3B CLA JB . -60.55 4.01 13.41
C4B CLA JB . -61.76 4.71 13.61
CMB CLA JB . -58.80 2.84 14.91
CAB CLA JB . -59.95 3.77 12.10
CBB CLA JB . -60.43 3.08 11.11
NC CLA JB . -64.24 6.26 14.20
C1C CLA JB . -63.68 6.04 12.93
C2C CLA JB . -64.42 6.75 11.88
C3C CLA JB . -65.46 7.40 12.49
C4C CLA JB . -65.35 7.14 13.90
CMC CLA JB . -64.12 6.76 10.41
CAC CLA JB . -66.57 8.17 11.83
CBC CLA JB . -66.35 9.66 11.89
ND CLA JB . -65.06 6.52 16.69
C1D CLA JB . -66.07 7.46 16.18
C2D CLA JB . -66.85 7.95 17.24
C3D CLA JB . -66.37 7.34 18.43
C4D CLA JB . -65.33 6.51 18.04
CMD CLA JB . -67.98 8.92 17.12
CAD CLA JB . -66.49 7.27 19.87
OBD CLA JB . -67.20 7.92 20.62
CBD CLA JB . -65.56 6.19 20.37
CGD CLA JB . -64.79 6.66 21.60
O1D CLA JB . -64.81 6.12 22.67
O2D CLA JB . -64.11 7.77 21.36
CED CLA JB . -63.41 8.33 22.49
C1 CLA JB . -63.73 -1.32 19.32
C2 CLA JB . -63.11 -1.21 17.97
C3 CLA JB . -63.74 -0.74 16.89
C4 CLA JB . -65.16 -0.27 16.89
C5 CLA JB . -63.03 -0.65 15.55
C6 CLA JB . -63.15 0.70 14.86
C7 CLA JB . -63.99 0.65 13.58
C8 CLA JB . -64.39 1.98 12.94
C9 CLA JB . -65.40 2.74 13.78
C10 CLA JB . -64.89 1.76 11.52
MG CLA KB . -63.17 71.61 -2.02
CHA CLA KB . -66.03 70.79 -3.73
CHB CLA KB . -62.89 74.36 -3.86
CHC CLA KB . -60.20 72.19 -0.47
CHD CLA KB . -63.00 68.26 -0.83
NA CLA KB . -64.30 72.42 -3.38
C1A CLA KB . -65.52 72.03 -3.93
C2A CLA KB . -66.18 73.09 -4.77
C3A CLA KB . -65.06 74.09 -4.98
C4A CLA KB . -64.00 73.60 -4.03
CMA CLA KB . -64.56 74.16 -6.41
CAA CLA KB . -67.38 73.66 -4.00
CBA CLA KB . -67.11 74.32 -2.64
CGA CLA KB . -68.04 73.84 -1.56
O1A CLA KB . -69.04 74.40 -1.22
O2A CLA KB . -67.60 72.70 -1.03
NB CLA KB . -61.79 72.97 -2.16
C1B CLA KB . -61.79 74.11 -3.05
C2B CLA KB . -60.61 74.85 -2.89
C3B CLA KB . -59.84 74.20 -1.91
C4B CLA KB . -60.56 73.08 -1.47
CMB CLA KB . -60.24 76.11 -3.64
CAB CLA KB . -58.49 74.54 -1.44
CBB CLA KB . -57.90 75.69 -1.37
NC CLA KB . -61.95 70.53 -0.90
C1C CLA KB . -60.81 70.99 -0.27
C2C CLA KB . -60.19 69.96 0.57
C3C CLA KB . -60.94 68.82 0.43
C4C CLA KB . -62.03 69.14 -0.47
CMC CLA KB . -59.00 70.15 1.46
CAC CLA KB . -60.66 67.48 1.07
CBC CLA KB . -61.14 67.41 2.51
ND CLA KB . -64.17 69.95 -2.18
C1D CLA KB . -64.05 68.60 -1.66
C2D CLA KB . -65.12 67.80 -2.11
C3D CLA KB . -65.96 68.62 -2.91
C4D CLA KB . -65.34 69.87 -2.92
CMD CLA KB . -65.34 66.35 -1.79
CAD CLA KB . -67.15 68.71 -3.73
OBD CLA KB . -67.96 67.83 -4.00
CBD CLA KB . -67.30 70.10 -4.25
CGD CLA KB . -67.42 70.07 -5.77
O1D CLA KB . -66.59 69.64 -6.51
O2D CLA KB . -68.57 70.59 -6.16
CED CLA KB . -68.81 70.62 -7.59
MG CLA LB . -75.58 70.81 -0.34
CHA CLA LB . -77.64 68.84 -2.22
CHB CLA LB . -75.48 72.98 -2.86
CHC CLA LB . -73.30 72.60 1.47
CHD CLA LB . -74.95 68.04 1.79
NA CLA LB . -76.49 70.92 -2.03
C1A CLA LB . -77.45 70.11 -2.61
C2A CLA LB . -78.18 70.79 -3.74
C3A CLA LB . -77.08 71.69 -4.24
C4A CLA LB . -76.28 71.91 -2.97
CMA CLA LB . -76.24 71.11 -5.38
CAA CLA LB . -79.35 71.58 -3.12
NB CLA LB . -74.60 72.47 -0.62
C1B CLA LB . -74.69 73.33 -1.76
C2B CLA LB . -73.90 74.48 -1.58
C3B CLA LB . -73.29 74.36 -0.33
C4B CLA LB . -73.70 73.15 0.25
CMB CLA LB . -73.73 75.63 -2.54
CAB CLA LB . -72.38 75.32 0.32
CBB CLA LB . -71.39 75.98 -0.22
NC CLA LB . -74.45 70.43 1.25
C1C CLA LB . -73.62 71.34 1.89
C2C CLA LB . -73.02 70.75 3.09
C3C CLA LB . -73.46 69.46 3.19
C4C CLA LB . -74.33 69.23 2.06
CMC CLA LB . -72.09 71.46 4.04
CAC CLA LB . -73.14 68.48 4.28
CBC CLA LB . -73.92 68.74 5.56
ND CLA LB . -76.08 68.93 -0.21
C1D CLA LB . -75.77 67.84 0.71
C2D CLA LB . -76.47 66.68 0.30
C3D CLA LB . -77.23 67.01 -0.83
C4D CLA LB . -76.96 68.35 -1.09
CMD CLA LB . -76.40 65.34 0.99
CAD CLA LB . -78.19 66.56 -1.83
OBD CLA LB . -78.69 65.45 -1.97
CBD CLA LB . -78.51 67.69 -2.76
CGD CLA LB . -78.15 67.31 -4.19
O1D CLA LB . -78.93 67.29 -5.11
O2D CLA LB . -76.87 66.97 -4.28
CED CLA LB . -76.44 66.48 -5.58
NB KC2 MB . -81.75 62.16 6.43
ND KC2 MB . -80.52 64.95 3.99
C1A KC2 MB . -82.66 63.11 2.43
C1B KC2 MB . -82.67 61.10 6.24
C1C KC2 MB . -79.71 63.83 7.83
C1D KC2 MB . -79.59 65.96 4.06
C2A KC2 MB . -83.59 62.23 1.80
C2B KC2 MB . -82.84 60.32 7.49
C2C KC2 MB . -78.71 64.62 8.47
C2D KC2 MB . -79.57 66.67 2.85
C3A KC2 MB . -83.94 61.27 2.71
C3B KC2 MB . -82.04 60.91 8.43
C3C KC2 MB . -78.29 65.56 7.58
C3D KC2 MB . -80.53 66.04 1.98
C4A KC2 MB . -83.22 61.55 3.92
C4B KC2 MB . -81.33 62.02 7.82
C4C KC2 MB . -79.01 65.38 6.35
C4D KC2 MB . -81.11 64.97 2.74
CAA KC2 MB . -84.10 62.37 0.45
CAB KC2 MB . -81.94 60.52 9.85
CAC KC2 MB . -77.26 66.58 7.85
CAD KC2 MB . -81.11 66.07 0.65
CBA KC2 MB . -85.38 62.52 0.11
CBB KC2 MB . -80.90 60.17 10.55
CBC KC2 MB . -77.39 67.87 7.78
CBD KC2 MB . -82.18 65.02 0.62
CED KC2 MB . -85.38 66.56 1.69
CGA KC2 MB . -85.94 62.67 -1.25
CGD KC2 MB . -83.54 65.69 0.49
CHA KC2 MB . -82.04 64.26 1.97
CHB KC2 MB . -83.37 60.80 5.09
CHC KC2 MB . -80.39 62.77 8.46
CHD KC2 MB . -78.86 66.16 5.23
CMA KC2 MB . -84.89 60.14 2.52
CMB KC2 MB . -83.73 59.13 7.66
CMC KC2 MB . -78.23 64.44 9.89
CMD KC2 MB . -78.74 67.86 2.50
NA KC2 MB . -82.44 62.69 3.72
NC KC2 MB . -79.91 64.28 6.53
O1A KC2 MB . -86.15 63.77 -1.74
O1D KC2 MB . -84.03 66.06 -0.54
O2A KC2 MB . -86.17 61.55 -1.89
O2D KC2 MB . -84.12 65.85 1.69
OBD KC2 MB . -80.81 66.81 -0.31
MG KC2 MB . -81.20 63.61 5.09
MG CLA NB . -82.02 52.55 -1.38
CHA CLA NB . -82.50 50.95 -4.35
CHB CLA NB . -82.50 55.42 -2.97
CHC CLA NB . -81.22 54.12 1.52
CHD CLA NB . -80.62 49.56 -0.05
NA CLA NB . -82.58 52.99 -3.16
C1A CLA NB . -82.96 52.20 -4.22
C2A CLA NB . -83.80 52.94 -5.22
C3A CLA NB . -83.13 54.32 -5.09
C4A CLA NB . -82.69 54.28 -3.65
CMA CLA NB . -81.94 54.54 -6.04
CAA CLA NB . -85.27 52.82 -4.79
CBA CLA NB . -85.82 53.76 -3.71
CGA CLA NB . -87.28 53.52 -3.43
NB CLA NB . -81.88 54.39 -0.82
C1B CLA NB . -82.12 55.56 -1.65
C2B CLA NB . -81.92 56.73 -0.90
C3B CLA NB . -81.55 56.35 0.39
C4B CLA NB . -81.54 54.94 0.44
CMB CLA NB . -82.08 58.14 -1.41
CAB CLA NB . -81.24 57.24 1.50
CBB CLA NB . -82.06 57.73 2.37
NC CLA NB . -81.18 51.98 0.31
C1C CLA NB . -81.01 52.77 1.44
C2C CLA NB . -80.45 51.99 2.56
C3C CLA NB . -80.28 50.70 2.11
C4C CLA NB . -80.71 50.67 0.73
CMC CLA NB . -80.11 52.46 3.94
CAC CLA NB . -79.80 49.52 2.89
CBC CLA NB . -80.92 48.61 3.33
ND CLA NB . -81.61 50.75 -1.98
C1D CLA NB . -81.01 49.55 -1.38
C2D CLA NB . -80.99 48.51 -2.32
C3D CLA NB . -81.55 48.99 -3.53
C4D CLA NB . -81.89 50.31 -3.26
CMD CLA NB . -80.45 47.12 -2.08
CAD CLA NB . -81.93 48.71 -4.90
OBD CLA NB . -81.79 47.68 -5.53
CBD CLA NB . -82.55 49.93 -5.51
CGD CLA NB . -81.70 50.42 -6.68
O1D CLA NB . -80.79 51.20 -6.60
O2D CLA NB . -82.09 49.85 -7.82
CED CLA NB . -81.31 50.18 -8.99
MG CLA OB . -68.82 40.74 3.76
CHA CLA OB . -67.88 42.86 1.27
CHB CLA OB . -68.97 38.30 1.50
CHC CLA OB . -69.90 38.71 6.26
CHD CLA OB . -69.79 43.53 5.72
NA CLA OB . -68.35 40.63 1.90
C1A CLA OB . -67.78 41.54 1.05
C2A CLA OB . -67.12 40.86 -0.12
C3A CLA OB . -68.17 39.78 -0.33
C4A CLA OB . -68.54 39.52 1.11
CMA CLA OB . -69.37 40.18 -1.18
CAA CLA OB . -65.74 40.31 0.29
CBA CLA OB . -65.08 40.97 1.51
CGA CLA OB . -63.67 40.53 1.76
O1A CLA OB . -62.89 40.21 0.92
O2A CLA OB . -63.39 40.60 3.08
NB CLA OB . -69.33 38.88 3.87
C1B CLA OB . -69.32 37.91 2.79
C2B CLA OB . -69.71 36.64 3.26
C3B CLA OB . -69.95 36.77 4.63
C4B CLA OB . -69.74 38.12 5.00
CMB CLA OB . -69.81 35.39 2.45
CAB CLA OB . -70.35 35.72 5.58
CBB CLA OB . -69.59 35.14 6.46
NC CLA OB . -69.60 41.04 5.55
C1C CLA OB . -69.87 40.06 6.48
C2C CLA OB . -70.27 40.63 7.77
C3C CLA OB . -70.27 42.00 7.61
C4C CLA OB . -69.88 42.27 6.24
CMC CLA OB . -70.59 39.88 9.01
CAC CLA OB . -70.59 43.04 8.66
CBC CLA OB . -72.03 43.47 8.65
ND CLA OB . -68.86 42.68 3.61
C1D CLA OB . -69.28 43.78 4.46
C2D CLA OB . -69.07 45.00 3.80
C3D CLA OB . -68.51 44.72 2.54
C4D CLA OB . -68.41 43.33 2.49
CMD CLA OB . -69.35 46.36 4.35
CAD CLA OB . -68.00 45.24 1.27
OBD CLA OB . -67.96 46.39 0.89
CBD CLA OB . -67.49 44.10 0.45
CGD CLA OB . -68.17 44.08 -0.92
O1D CLA OB . -69.18 43.50 -1.18
O2D CLA OB . -67.45 44.77 -1.81
CED CLA OB . -67.81 44.57 -3.19
C1 CLA OB . -62.01 40.35 3.46
C2 CLA OB . -61.95 40.27 4.95
C3 CLA OB . -61.51 41.20 5.80
C4 CLA OB . -61.52 40.99 7.29
C5 CLA OB . -60.94 42.51 5.32
C6 CLA OB . -60.86 43.62 6.37
C7 CLA OB . -60.38 44.96 5.82
C8 CLA OB . -60.91 46.23 6.49
C9 CLA OB . -60.52 47.47 5.69
C10 CLA OB . -60.45 46.34 7.95
C11 CLA OB . -61.03 47.49 8.75
C12 CLA OB . -60.09 48.68 8.91
C13 CLA OB . -60.65 49.90 9.63
C14 CLA OB . -59.70 51.08 9.58
C15 CLA OB . -61.04 49.55 11.08
MG CLA PB . -64.52 48.77 5.73
CHA CLA PB . -63.74 46.70 3.09
CHB CLA PB . -62.42 51.00 4.53
CHC CLA PB . -64.97 50.53 8.61
CHD CLA PB . -66.17 46.03 7.29
NA CLA PB . -63.48 48.86 4.08
C1A CLA PB . -63.35 47.99 3.01
C2A CLA PB . -62.73 48.62 1.79
C3A CLA PB . -62.10 49.86 2.36
C4A CLA PB . -62.69 49.92 3.76
CMA CLA PB . -60.57 49.81 2.37
CAA CLA PB . -63.89 48.92 0.83
CBA CLA PB . -63.47 49.41 -0.55
CGA CLA PB . -62.70 48.40 -1.34
O1A CLA PB . -63.17 47.40 -1.81
O2A CLA PB . -61.42 48.76 -1.48
NB CLA PB . -63.81 50.42 6.46
C1B CLA PB . -62.85 51.27 5.81
C2B CLA PB . -62.49 52.33 6.67
C3B CLA PB . -63.22 52.17 7.85
C4B CLA PB . -64.04 51.03 7.71
CMB CLA PB . -61.51 53.43 6.36
CAB CLA PB . -63.10 52.97 9.07
CBB CLA PB . -64.00 53.59 9.76
NC CLA PB . -65.43 48.41 7.45
C1C CLA PB . -65.58 49.31 8.49
C2C CLA PB . -66.42 48.76 9.56
C3C CLA PB . -66.77 47.49 9.18
C4C CLA PB . -66.15 47.24 7.90
CMC CLA PB . -66.82 49.44 10.85
CAC CLA PB . -67.66 46.53 9.92
CBC CLA PB . -66.89 45.49 10.70
ND CLA PB . -64.86 46.89 5.39
C1D CLA PB . -65.53 45.80 6.10
C2D CLA PB . -65.42 44.61 5.35
C3D CLA PB . -64.69 44.91 4.18
C4D CLA PB . -64.41 46.27 4.26
CMD CLA PB . -65.99 43.27 5.74
CAD CLA PB . -63.97 44.39 3.04
OBD CLA PB . -63.61 43.25 2.82
CBD CLA PB . -63.64 45.51 2.14
CGD CLA PB . -62.28 45.26 1.51
O1D CLA PB . -62.09 44.93 0.37
O2D CLA PB . -61.30 45.46 2.41
CED CLA PB . -59.96 45.21 1.93
C1 CLA PB . -60.56 47.94 -2.32
C2 CLA PB . -59.25 47.82 -1.64
C3 CLA PB . -58.11 48.40 -2.01
C4 CLA PB . -57.97 49.32 -3.20
C5 CLA PB . -56.84 48.17 -1.22
C6 CLA PB . -56.53 46.69 -1.01
C7 CLA PB . -56.83 46.14 0.39
C8 CLA PB . -55.70 45.36 1.06
C9 CLA PB . -56.22 44.60 2.28
C10 CLA PB . -54.53 46.27 1.42
C11 CLA PB . -53.15 45.66 1.46
C12 CLA PB . -52.76 45.00 2.77
C13 CLA PB . -51.25 44.89 2.98
C14 CLA PB . -50.63 43.98 1.94
C15 CLA PB . -50.87 44.49 4.41
C16 CLA PB . -50.73 43.02 4.78
C17 CLA PB . -52.03 42.22 4.70
C18 CLA PB . -52.16 41.06 5.67
C19 CLA PB . -52.41 41.53 7.10
C20 CLA PB . -53.25 40.10 5.23
MG CLA QB . -65.18 57.87 -1.94
CHA CLA QB . -65.15 59.02 -5.16
CHB CLA QB . -64.93 54.78 -3.11
CHC CLA QB . -65.85 56.73 1.24
CHD CLA QB . -66.15 61.10 -0.85
NA CLA QB . -64.94 57.13 -3.72
C1A CLA QB . -64.79 57.73 -4.96
C2A CLA QB . -64.25 56.83 -6.04
C3A CLA QB . -64.70 55.47 -5.47
C4A CLA QB . -64.87 55.79 -4.01
CMA CLA QB . -65.98 54.93 -6.08
CAA CLA QB . -62.76 57.17 -6.15
CBA CLA QB . -61.70 56.07 -5.95
CGA CLA QB . -61.58 55.66 -4.52
O1A CLA QB . -61.99 56.30 -3.59
O2A CLA QB . -61.03 54.45 -4.40
NB CLA QB . -65.30 56.12 -1.08
C1B CLA QB . -65.09 54.86 -1.74
C2B CLA QB . -65.15 53.81 -0.80
C3B CLA QB . -65.43 54.38 0.44
C4B CLA QB . -65.53 55.77 0.27
CMB CLA QB . -64.96 52.35 -1.09
CAB CLA QB . -65.60 53.67 1.71
CBB CLA QB . -64.67 53.36 2.58
NC CLA QB . -65.79 58.70 -0.25
C1C CLA QB . -65.97 58.06 0.97
C2C CLA QB . -66.31 59.03 2.03
C3C CLA QB . -66.30 60.28 1.46
C4C CLA QB . -66.03 60.09 0.06
CMC CLA QB . -66.70 58.76 3.46
CAC CLA QB . -66.36 61.60 2.18
CBC CLA QB . -67.73 62.23 2.16
ND CLA QB . -65.61 59.59 -2.72
C1D CLA QB . -66.00 60.90 -2.21
C2D CLA QB . -66.10 61.82 -3.26
C3D CLA QB . -65.79 61.14 -4.46
C4D CLA QB . -65.51 59.83 -4.07
CMD CLA QB . -66.47 63.27 -3.14
CAD CLA QB . -65.64 61.22 -5.91
OBD CLA QB . -65.81 62.17 -6.65
CBD CLA QB . -65.21 59.88 -6.43
CGD CLA QB . -66.22 59.33 -7.44
O1D CLA QB . -67.38 59.16 -7.21
O2D CLA QB . -65.62 59.04 -8.59
CED CLA QB . -66.47 58.45 -9.60
C1 CLA QB . -61.55 53.52 -3.40
C2 CLA QB . -61.40 54.02 -2.00
C3 CLA QB . -60.46 53.68 -1.12
C4 CLA QB . -59.41 52.64 -1.39
C5 CLA QB . -60.37 54.38 0.21
C6 CLA QB . -60.48 53.45 1.41
C7 CLA QB . -60.40 54.20 2.75
C8 CLA QB . -59.18 55.09 3.00
C9 CLA QB . -57.88 54.34 2.74
C10 CLA QB . -59.24 55.65 4.42
C11 CLA QB . -58.25 56.78 4.70
C12 CLA QB . -58.92 58.04 5.26
C13 CLA QB . -59.28 57.99 6.74
C14 CLA QB . -60.32 59.04 7.10
C15 CLA QB . -58.03 58.15 7.61
MG CLA RB . -66.48 65.28 16.32
CHA CLA RB . -66.33 66.46 19.50
CHB CLA RB . -69.24 67.01 15.86
CHC CLA RB . -66.77 63.72 13.33
CHD CLA RB . -63.97 62.91 17.17
NA CLA RB . -67.39 66.60 17.39
C1A CLA RB . -67.16 67.08 18.65
C2A CLA RB . -68.00 68.26 19.04
C3A CLA RB . -69.07 68.23 18.00
C4A CLA RB . -68.55 67.23 17.00
CMA CLA RB . -70.41 67.79 18.57
CAA CLA RB . -67.09 69.50 18.95
CBA CLA RB . -66.13 69.60 17.77
CGA CLA RB . -66.61 70.53 16.70
O1A CLA RB . -66.20 71.64 16.51
O2A CLA RB . -67.60 69.98 15.98
NB CLA RB . -67.76 65.32 14.89
C1B CLA RB . -68.93 66.15 14.82
C2B CLA RB . -69.62 65.94 13.61
C3B CLA RB . -68.88 64.99 12.89
C4B CLA RB . -67.77 64.62 13.67
CMB CLA RB . -70.88 66.62 13.18
CAB CLA RB . -69.19 64.46 11.56
CBB CLA RB . -69.67 65.10 10.54
NC CLA RB . -65.55 63.78 15.46
C1C CLA RB . -65.77 63.35 14.17
C2C CLA RB . -64.85 62.29 13.80
C3C CLA RB . -64.06 62.04 14.88
C4C CLA RB . -64.49 62.94 15.92
CMC CLA RB . -64.81 61.60 12.47
CAC CLA RB . -62.95 61.05 14.98
CBC CLA RB . -61.71 61.50 14.24
ND CLA RB . -65.44 64.75 17.87
C1D CLA RB . -64.41 63.76 18.16
C2D CLA RB . -64.00 63.87 19.51
C3D CLA RB . -64.74 64.92 20.10
C4D CLA RB . -65.56 65.39 19.08
CMD CLA RB . -63.00 62.98 20.20
CAD CLA RB . -65.00 65.72 21.28
OBD CLA RB . -64.43 65.69 22.36
CBD CLA RB . -66.07 66.69 20.98
CGD CLA RB . -67.34 66.29 21.69
O1D CLA RB . -68.32 65.82 21.15
O2D CLA RB . -67.25 66.47 23.01
CED CLA RB . -68.29 65.87 23.81
MG CLA SB . -81.03 48.33 15.74
CHA CLA SB . -81.88 47.83 19.02
CHB CLA SB . -78.14 46.79 16.26
CHC CLA SB . -80.12 49.21 12.55
CHD CLA SB . -83.69 50.69 15.47
NA CLA SB . -80.29 47.41 17.27
C1A CLA SB . -80.79 47.18 18.55
C2A CLA SB . -80.01 46.16 19.33
C3A CLA SB . -78.73 46.04 18.54
C4A CLA SB . -79.05 46.79 17.27
CMA CLA SB . -77.51 46.60 19.26
CAA CLA SB . -80.81 44.85 19.41
CBA CLA SB . -81.51 44.38 18.13
CGA CLA SB . -82.94 44.84 18.04
NB CLA SB . -79.43 48.09 14.64
C1B CLA SB . -78.23 47.40 15.03
C2B CLA SB . -77.30 47.40 13.97
C3B CLA SB . -77.90 48.09 12.91
C4B CLA SB . -79.18 48.51 13.30
CMB CLA SB . -75.94 46.77 13.99
CAB CLA SB . -77.33 48.33 11.57
CBB CLA SB . -76.23 48.95 11.26
NC CLA SB . -81.75 49.56 14.36
C1C CLA SB . -81.27 49.73 13.06
C2C CLA SB . -82.12 50.63 12.28
C3C CLA SB . -83.14 51.03 13.10
C4C CLA SB . -82.91 50.42 14.38
CMC CLA SB . -81.93 51.03 10.84
CAC CLA SB . -84.31 51.90 12.73
CBC CLA SB . -84.12 53.34 13.15
ND CLA SB . -82.41 49.11 16.87
C1D CLA SB . -83.49 50.09 16.70
C2D CLA SB . -84.20 50.24 17.90
C3D CLA SB . -83.60 49.38 18.86
C4D CLA SB . -82.58 48.73 18.19
CMD CLA SB . -85.36 51.17 18.12
CAD CLA SB . -83.61 48.90 20.23
OBD CLA SB . -84.28 49.28 21.17
CBD CLA SB . -82.60 47.79 20.37
CGD CLA SB . -81.68 48.04 21.56
O1D CLA SB . -80.98 49.00 21.71
O2D CLA SB . -81.72 47.01 22.40
CED CLA SB . -80.79 47.05 23.51
C DD6 TB . -69.45 50.27 7.58
C1 DD6 TB . -69.40 51.31 8.66
C10 DD6 TB . -63.15 57.19 3.87
C11 DD6 TB . -62.70 58.36 3.36
C12 DD6 TB . -63.03 59.71 3.94
C13 DD6 TB . -61.80 58.32 2.21
C14 DD6 TB . -61.39 59.30 1.43
C15 DD6 TB . -60.43 59.19 0.28
C16 DD6 TB . -59.02 59.67 0.55
C17 DD6 TB . -58.37 60.14 -0.76
C18 DD6 TB . -58.67 59.27 -1.98
C19 DD6 TB . -60.15 59.37 -2.32
C2 DD6 TB . -68.61 52.42 8.59
C20 DD6 TB . -61.01 59.06 -1.12
C21 DD6 TB . -62.50 59.05 -1.40
C22 DD6 TB . -59.01 60.85 1.53
C23 DD6 TB . -58.16 58.55 1.16
C24 DD6 TB . -70.19 51.11 9.86
C25 DD6 TB . -70.88 50.01 10.23
C26 DD6 TB . -71.62 49.95 11.46
C27 DD6 TB . -72.40 48.93 11.91
C28 DD6 TB . -72.66 47.65 11.17
C29 DD6 TB . -73.02 49.08 13.19
C3 DD6 TB . -67.72 52.80 7.53
C30 DD6 TB . -73.46 49.19 14.29
C31 DD6 TB . -73.88 49.28 15.65
C32 DD6 TB . -72.92 48.85 16.75
C33 DD6 TB . -73.34 49.56 18.06
C34 DD6 TB . -74.78 49.37 18.48
C35 DD6 TB . -75.73 49.24 17.29
C36 DD6 TB . -75.10 49.71 16.01
C37 DD6 TB . -75.94 50.66 15.20
C4 DD6 TB . -67.02 53.96 7.56
C40 DD6 TB . -72.96 47.32 16.94
C41 DD6 TB . -71.48 49.27 16.42
C5 DD6 TB . -66.10 54.40 6.55
C6 DD6 TB . -65.36 55.53 6.53
C7 DD6 TB . -65.39 56.55 7.62
C8 DD6 TB . -64.52 55.81 5.36
C9 DD6 TB . -63.97 56.99 5.04
O1 DD6 TB . -60.52 57.92 -0.38
O2 DD6 TB . -57.89 59.71 -3.09
O4 DD6 TB . -74.88 48.19 19.29
C A86 UB . -61.93 64.98 12.36
O A86 UB . -67.65 66.55 2.11
C1 A86 UB . -62.95 65.77 13.13
C10 A86 UB . -68.15 66.93 5.02
C11 A86 UB . -68.74 67.54 3.96
C12 A86 UB . -69.36 68.90 3.98
C13 A86 UB . -68.72 66.80 2.66
C14 A86 UB . -70.02 66.33 2.06
C15 A86 UB . -70.06 66.18 0.53
C16 A86 UB . -69.89 67.48 -0.34
C17 A86 UB . -70.75 67.34 -1.62
C18 A86 UB . -70.54 66.05 -2.38
C19 A86 UB . -71.01 64.88 -1.54
C2 A86 UB . -64.08 66.28 12.56
C20 A86 UB . -70.52 64.92 -0.11
C21 A86 UB . -71.01 63.71 0.64
C22 A86 UB . -70.35 68.74 0.42
C23 A86 UB . -68.43 67.71 -0.74
C24 A86 UB . -62.74 65.94 14.56
C25 A86 UB . -61.85 65.31 15.34
C26 A86 UB . -61.74 65.54 16.76
C27 A86 UB . -60.92 64.91 17.65
C28 A86 UB . -59.97 63.82 17.25
C29 A86 UB . -61.00 65.32 19.02
C3 A86 UB . -64.53 66.10 11.21
C30 A86 UB . -59.99 65.20 19.86
C31 A86 UB . -58.96 65.07 20.65
C32 A86 UB . -57.82 66.00 20.55
C33 A86 UB . -56.54 65.34 21.12
C34 A86 UB . -56.63 64.78 22.52
C35 A86 UB . -58.07 64.45 22.88
C36 A86 UB . -58.91 63.97 21.68
C37 A86 UB . -58.39 62.66 21.12
C38 A86 UB . -54.56 63.37 22.73
C39 A86 UB . -53.84 64.68 22.80
C4 A86 UB . -65.59 66.76 10.69
C40 A86 UB . -57.50 66.31 19.08
C41 A86 UB . -58.15 67.32 21.26
C5 A86 UB . -66.02 66.55 9.33
C6 A86 UB . -66.99 67.20 8.65
C7 A86 UB . -67.80 68.33 9.24
C8 A86 UB . -67.25 66.80 7.28
C9 A86 UB . -67.96 67.46 6.34
O1 A86 UB . -69.08 65.20 0.06
O2 A86 UB . -71.29 66.09 -3.60
O3 A86 UB . -60.23 63.78 22.19
O4 A86 UB . -55.92 63.49 22.58
O5 A86 UB . -54.03 62.29 22.79
C A86 VB . -81.70 55.29 7.62
O A86 VB . -75.65 63.90 12.83
C1 A86 VB . -81.68 56.23 6.45
C10 A86 VB . -75.20 62.23 10.53
C11 A86 VB . -74.54 63.38 10.81
C12 A86 VB . -73.82 64.24 9.82
C13 A86 VB . -74.59 63.87 12.22
C14 A86 VB . -73.30 64.34 12.84
C15 A86 VB . -73.16 64.23 14.38
C16 A86 VB . -74.00 65.21 15.27
C17 A86 VB . -73.10 65.74 16.40
C18 A86 VB . -72.45 64.65 17.23
C19 A86 VB . -71.52 63.80 16.38
C2 A86 VB . -80.90 57.34 6.39
C20 A86 VB . -72.04 63.48 14.99
C21 A86 VB . -70.95 62.76 14.23
C22 A86 VB . -74.53 66.41 14.48
C23 A86 VB . -75.22 64.51 15.89
C24 A86 VB . -82.53 55.93 5.30
C25 A86 VB . -82.97 54.74 4.89
C26 A86 VB . -83.78 54.57 3.71
C27 A86 VB . -84.11 53.42 3.08
C28 A86 VB . -83.69 52.05 3.55
C29 A86 VB . -84.88 53.53 1.87
C3 A86 VB . -79.98 57.83 7.38
C30 A86 VB . -85.55 52.54 1.32
C31 A86 VB . -86.26 51.58 0.78
C32 A86 VB . -85.67 50.46 -0.02
C33 A86 VB . -86.57 49.22 0.12
C34 A86 VB . -87.22 49.16 1.48
C35 A86 VB . -88.23 50.29 1.63
C36 A86 VB . -87.77 51.61 0.98
C37 A86 VB . -88.52 51.86 -0.33
C38 A86 VB . -88.34 47.48 2.81
C39 A86 VB . -89.08 46.19 2.72
C4 A86 VB . -79.10 58.82 7.13
C40 A86 VB . -85.49 50.87 -1.48
C41 A86 VB . -84.30 50.05 0.55
C5 A86 VB . -78.19 59.33 8.12
C6 A86 VB . -77.24 60.29 7.96
C7 A86 VB . -76.97 60.98 6.66
C8 A86 VB . -76.53 60.74 9.15
C9 A86 VB . -75.84 61.88 9.31
O1 A86 VB . -73.37 62.87 14.88
O2 A86 VB . -71.69 65.26 18.28
O3 A86 VB . -88.09 52.64 1.91
O4 A86 VB . -87.96 47.90 1.58
O5 A86 VB . -88.10 48.09 3.81
C DD6 WB . 44.17 7.56 3.17
C1 DD6 WB . 43.01 7.75 2.23
C10 DD6 WB . 37.06 4.37 9.12
C11 DD6 WB . 36.02 3.82 9.80
C12 DD6 WB . 34.70 3.48 9.15
C13 DD6 WB . 36.19 3.55 11.22
C14 DD6 WB . 35.34 3.02 12.09
C15 DD6 WB . 35.60 2.77 13.55
C16 DD6 WB . 36.29 1.52 13.94
C17 DD6 WB . 36.61 1.57 15.45
C18 DD6 WB . 35.47 1.89 16.41
C19 DD6 WB . 34.24 2.46 15.72
C2 DD6 WB . 41.73 7.49 2.59
C20 DD6 WB . 34.51 3.24 14.47
C21 DD6 WB . 33.38 4.14 14.01
C22 DD6 WB . 35.46 0.27 13.63
C23 DD6 WB . 37.62 1.38 13.20
C24 DD6 WB . 43.30 8.23 0.89
C25 DD6 WB . 44.50 8.49 0.35
C26 DD6 WB . 44.66 8.98 -0.99
C27 DD6 WB . 45.83 9.22 -1.63
C28 DD6 WB . 47.19 8.97 -1.06
C29 DD6 WB . 45.76 9.82 -2.93
C3 DD6 WB . 41.24 7.06 3.86
C30 DD6 WB . 45.68 10.42 -3.97
C31 DD6 WB . 45.50 11.18 -5.15
C32 DD6 WB . 46.05 12.60 -5.17
C33 DD6 WB . 45.67 13.26 -6.50
C34 DD6 WB . 45.79 12.33 -7.69
C35 DD6 WB . 44.77 11.21 -7.53
C36 DD6 WB . 44.83 10.58 -6.16
C37 DD6 WB . 44.10 9.27 -6.04
C4 DD6 WB . 40.00 6.58 4.09
C40 DD6 WB . 45.47 13.42 -4.02
C41 DD6 WB . 47.58 12.59 -5.04
C5 DD6 WB . 39.59 6.14 5.38
C6 DD6 WB . 38.43 5.54 5.74
C7 DD6 WB . 37.32 5.24 4.76
C8 DD6 WB . 38.24 5.16 7.14
C9 DD6 WB . 37.12 4.72 7.72
O1 DD6 WB . 35.83 3.88 14.42
O2 DD6 WB . 35.10 0.69 17.10
O4 DD6 WB . 45.51 13.06 -8.89
C1 LMG XB . 28.32 2.12 -16.41
O1 LMG XB . 27.87 1.79 -15.13
C2 LMG XB . 28.62 0.87 -17.19
O2 LMG XB . 29.51 0.04 -16.47
C3 LMG XB . 29.27 1.32 -18.46
O3 LMG XB . 29.59 0.19 -19.23
C4 LMG XB . 28.29 2.21 -19.19
O4 LMG XB . 27.18 1.40 -19.56
C5 LMG XB . 27.82 3.34 -18.30
O5 LMG XB . 26.54 3.78 -20.30
C6 LMG XB . 26.72 4.17 -18.93
O6 LMG XB . 27.29 2.80 -17.10
C7 LMG XB . 26.85 2.71 -14.77
C8 LMG XB . 26.81 2.82 -13.26
C9 LMG XB . 28.15 2.48 -12.71
O7 LMG XB . 26.53 4.16 -12.94
C10 LMG XB . 25.77 4.27 -11.70
O9 LMG XB . 25.32 3.26 -11.21
C11 LMG XB . 25.57 5.60 -11.06
C12 LMG XB . 24.94 5.38 -9.69
C13 LMG XB . 25.99 5.37 -8.58
C14 LMG XB . 25.47 6.09 -7.35
O8 LMG XB . 27.94 2.15 -11.35
C28 LMG XB . 27.31 0.90 -11.03
O10 LMG XB . 27.08 0.10 -11.91
C29 LMG XB . 26.92 0.60 -9.60
C30 LMG XB . 27.19 -0.86 -9.29
C31 LMG XB . 26.60 -1.24 -7.95
C32 LMG XB . 27.44 -2.27 -7.21
C33 LMG XB . 27.05 -2.31 -5.73
C1 LMG YB . 51.49 -3.00 -15.47
O1 LMG YB . 50.81 -3.09 -14.23
C2 LMG YB . 51.33 -4.26 -16.28
O2 LMG YB . 52.38 -5.18 -15.99
C3 LMG YB . 51.44 -3.92 -17.77
O3 LMG YB . 50.17 -3.57 -18.30
C4 LMG YB . 52.40 -2.76 -17.93
O4 LMG YB . 52.61 -2.54 -19.33
C5 LMG YB . 51.85 -1.52 -17.24
O5 LMG YB . 52.08 0.04 -19.06
C6 LMG YB . 51.13 -0.59 -18.20
O6 LMG YB . 50.96 -1.93 -16.22
C7 LMG YB . 51.09 -1.91 -13.50
C8 LMG YB . 51.33 -2.26 -12.04
C9 LMG YB . 52.21 -1.13 -11.45
O7 LMG YB . 50.02 -2.48 -11.48
C10 LMG YB . 49.57 -1.89 -10.23
O9 LMG YB . 49.74 -0.73 -9.97
C11 LMG YB . 48.78 -2.67 -9.24
C12 LMG YB . 48.09 -1.64 -8.36
C13 LMG YB . 47.05 -2.35 -7.51
C14 LMG YB . 45.94 -1.41 -7.09
C15 LMG YB . 44.83 -2.23 -6.46
C16 LMG YB . 44.09 -1.40 -5.44
O8 LMG YB . 52.93 -1.68 -10.37
C28 LMG YB . 53.06 -1.04 -9.07
O10 LMG YB . 52.74 -1.67 -8.07
C29 LMG YB . 53.56 0.36 -8.96
C30 LMG YB . 53.50 0.78 -7.50
C31 LMG YB . 53.41 2.27 -7.37
C32 LMG YB . 52.16 2.61 -6.58
C33 LMG YB . 52.40 2.37 -5.10
C34 LMG YB . 52.83 3.67 -4.44
C35 LMG YB . 51.71 4.26 -3.60
C36 LMG YB . 51.62 3.56 -2.25
C37 LMG YB . 51.64 4.58 -1.12
MG CLA ZB . 37.48 -39.48 -13.96
CHA CLA ZB . 39.94 -37.33 -14.95
CHB CLA ZB . 38.34 -41.53 -16.42
CHC CLA ZB . 34.74 -41.37 -13.19
CHD CLA ZB . 36.10 -36.88 -11.95
NA CLA ZB . 38.92 -39.46 -15.25
C1A CLA ZB . 39.96 -38.56 -15.46
C2A CLA ZB . 41.05 -39.11 -16.33
C3A CLA ZB . 40.39 -40.31 -17.00
C4A CLA ZB . 39.14 -40.47 -16.18
CMA CLA ZB . 40.10 -40.19 -18.49
CAA CLA ZB . 42.22 -39.48 -15.41
CBA CLA ZB . 41.98 -40.58 -14.36
CGA CLA ZB . 42.83 -40.40 -13.13
O1A CLA ZB . 42.64 -39.58 -12.28
O2A CLA ZB . 43.84 -41.29 -13.10
NB CLA ZB . 36.68 -41.09 -14.68
C1B CLA ZB . 37.18 -41.89 -15.77
C2B CLA ZB . 36.36 -43.02 -15.97
C3B CLA ZB . 35.34 -42.97 -15.01
C4B CLA ZB . 35.53 -41.82 -14.24
CMB CLA ZB . 36.55 -44.09 -17.01
CAB CLA ZB . 34.28 -43.93 -14.80
CBB CLA ZB . 34.31 -44.99 -14.04
NC CLA ZB . 35.87 -39.21 -12.84
C1C CLA ZB . 34.88 -40.15 -12.59
C2C CLA ZB . 33.88 -39.65 -11.65
C3C CLA ZB . 34.23 -38.37 -11.32
C4C CLA ZB . 35.45 -38.07 -12.04
CMC CLA ZB . 32.69 -40.40 -11.13
CAC CLA ZB . 33.47 -37.43 -10.42
CBC CLA ZB . 33.76 -37.65 -8.97
ND CLA ZB . 37.85 -37.61 -13.53
C1D CLA ZB . 37.25 -36.60 -12.68
C2D CLA ZB . 38.01 -35.41 -12.73
C3D CLA ZB . 39.10 -35.64 -13.60
C4D CLA ZB . 38.95 -36.94 -14.04
CMD CLA ZB . 37.71 -34.14 -11.99
CAD CLA ZB . 40.28 -35.10 -14.23
OBD CLA ZB . 40.77 -33.98 -14.11
CBD CLA ZB . 40.89 -36.14 -15.12
CGD CLA ZB . 40.94 -35.66 -16.56
O1D CLA ZB . 39.97 -35.47 -17.24
O2D CLA ZB . 42.19 -35.51 -16.98
CED CLA ZB . 42.34 -35.11 -18.36
C1 CLA ZB . 44.71 -41.25 -11.94
C2 CLA ZB . 44.10 -42.02 -10.82
C3 CLA ZB . 44.59 -41.98 -9.59
C4 CLA ZB . 45.79 -41.15 -9.20
C5 CLA ZB . 44.00 -42.82 -8.48
C6 CLA ZB . 42.50 -42.59 -8.28
C7 CLA ZB . 42.04 -43.05 -6.90
C8 CLA ZB . 40.54 -43.12 -6.63
C9 CLA ZB . 40.12 -42.15 -5.52
C10 CLA ZB . 40.13 -44.56 -6.32
C11 CLA ZB . 38.64 -44.84 -6.15
C12 CLA ZB . 38.34 -46.30 -5.83
C13 CLA ZB . 38.03 -46.60 -4.36
C14 CLA ZB . 39.20 -46.24 -3.45
C15 CLA ZB . 37.62 -48.06 -4.18
MG CLA AC . 48.98 -32.61 -10.54
CHA CLA AC . 49.70 -29.56 -11.91
CHB CLA AC . 49.66 -34.04 -13.45
CHC CLA AC . 47.67 -35.53 -9.28
CHD CLA AC . 47.75 -30.96 -7.64
NA CLA AC . 49.63 -31.93 -12.23
C1A CLA AC . 49.97 -30.66 -12.65
C2A CLA AC . 50.70 -30.60 -13.95
C3A CLA AC . 50.41 -31.97 -14.53
C4A CLA AC . 49.86 -32.71 -13.34
CMA CLA AC . 49.43 -31.95 -15.70
CAA CLA AC . 52.19 -30.33 -13.68
CBA CLA AC . 52.74 -30.85 -12.36
CGA CLA AC . 54.24 -30.87 -12.30
O1A CLA AC . 54.97 -30.82 -13.25
O2A CLA AC . 54.67 -30.96 -11.03
NB CLA AC . 48.73 -34.42 -11.21
C1B CLA AC . 49.17 -34.91 -12.49
C2B CLA AC . 48.95 -36.30 -12.59
C3B CLA AC . 48.37 -36.71 -11.39
C4B CLA AC . 48.22 -35.58 -10.56
CMB CLA AC . 49.29 -37.18 -13.76
CAB CLA AC . 47.98 -38.07 -11.01
CBB CLA AC . 47.40 -38.97 -11.75
NC CLA AC . 48.01 -33.12 -8.89
C1C CLA AC . 47.58 -34.40 -8.53
C2C CLA AC . 46.97 -34.41 -7.20
C3C CLA AC . 47.01 -33.14 -6.71
C4C CLA AC . 47.62 -32.31 -7.74
CMC CLA AC . 46.43 -35.61 -6.47
CAC CLA AC . 46.56 -32.67 -5.35
CBC CLA AC . 47.57 -32.95 -4.29
ND CLA AC . 48.72 -30.79 -9.90
C1D CLA AC . 48.23 -30.18 -8.68
C2D CLA AC . 48.39 -28.78 -8.74
C3D CLA AC . 48.96 -28.47 -10.00
C4D CLA AC . 49.13 -29.69 -10.63
CMD CLA AC . 48.01 -27.80 -7.67
CAD CLA AC . 49.43 -27.44 -10.91
OBD CLA AC . 49.45 -26.23 -10.73
CBD CLA AC . 49.94 -28.08 -12.16
CGD CLA AC . 49.19 -27.57 -13.39
O1D CLA AC . 48.00 -27.61 -13.53
O2D CLA AC . 50.03 -27.10 -14.30
CED CLA AC . 49.44 -26.71 -15.56
C1 CLA AC . 56.10 -31.12 -10.85
C2 CLA AC . 56.37 -31.19 -9.38
C3 CLA AC . 56.05 -30.19 -8.56
C4 CLA AC . 55.43 -28.90 -9.04
C5 CLA AC . 56.25 -30.31 -7.07
C6 CLA AC . 55.66 -31.59 -6.49
C7 CLA AC . 55.52 -31.60 -4.95
C8 CLA AC . 56.73 -31.85 -4.02
C9 CLA AC . 57.97 -32.37 -4.77
C10 CLA AC . 56.39 -32.77 -2.83
C11 CLA AC . 55.93 -32.10 -1.55
C12 CLA AC . 54.55 -31.46 -1.63
C13 CLA AC . 54.06 -30.81 -0.34
MG CLA BC . 51.58 -25.14 -4.91
CHA CLA BC . 52.63 -25.07 -8.17
CHB CLA BC . 52.67 -22.03 -4.53
CHC CLA BC . 51.05 -25.44 -1.52
CHD CLA BC . 51.36 -28.66 -5.12
NA CLA BC . 52.40 -23.86 -6.12
C1A CLA BC . 52.71 -23.92 -7.48
C2A CLA BC . 53.16 -22.61 -8.07
C3A CLA BC . 53.47 -21.80 -6.83
C4A CLA BC . 52.80 -22.60 -5.74
CMA CLA BC . 54.96 -21.64 -6.55
CAA CLA BC . 52.02 -22.05 -8.93
CBA CLA BC . 52.39 -21.87 -10.39
CGA CLA BC . 53.55 -20.96 -10.63
O1A CLA BC . 53.60 -19.80 -10.29
O2A CLA BC . 54.57 -21.62 -11.17
NB CLA BC . 51.73 -23.95 -3.35
C1B CLA BC . 52.14 -22.58 -3.38
C2B CLA BC . 52.05 -22.02 -2.10
C3B CLA BC . 51.62 -23.01 -1.24
C4B CLA BC . 51.43 -24.18 -1.99
CMB CLA BC . 52.34 -20.59 -1.73
CAB CLA BC . 51.50 -22.88 0.22
CBB CLA BC . 50.54 -23.26 1.02
NC CLA BC . 51.24 -26.63 -3.67
C1C CLA BC . 51.02 -26.56 -2.29
C2C CLA BC . 50.85 -27.87 -1.70
C3C CLA BC . 50.99 -28.79 -2.70
C4C CLA BC . 51.21 -28.06 -3.91
CMC CLA BC . 50.59 -28.20 -0.25
CAC CLA BC . 51.01 -30.28 -2.58
CBC CLA BC . 49.68 -30.91 -2.85
ND CLA BC . 51.87 -26.54 -6.23
C1D CLA BC . 51.71 -27.98 -6.26
C2D CLA BC . 51.96 -28.46 -7.56
C3D CLA BC . 52.31 -27.36 -8.37
C4D CLA BC . 52.25 -26.26 -7.53
CMD CLA BC . 51.86 -29.90 -8.00
CAD CLA BC . 52.72 -26.90 -9.68
OBD CLA BC . 52.91 -27.54 -10.69
CBD CLA BC . 52.91 -25.44 -9.64
CGD CLA BC . 54.33 -25.14 -10.11
O1D CLA BC . 54.62 -24.69 -11.18
O2D CLA BC . 55.22 -25.49 -9.18
CED CLA BC . 56.61 -25.29 -9.53
C1 CLA BC . 55.89 -21.27 -10.67
C2 CLA BC . 56.38 -20.01 -11.30
C3 CLA BC . 57.51 -19.40 -10.95
C4 CLA BC . 57.99 -18.12 -11.60
C5 CLA BC . 58.40 -19.94 -9.87
C6 CLA BC . 58.02 -19.49 -8.46
C7 CLA BC . 58.51 -18.08 -8.14
C8 CLA BC . 58.26 -17.56 -6.73
C9 CLA BC . 58.60 -16.08 -6.62
C10 CLA BC . 59.04 -18.37 -5.69
C11 CLA BC . 58.21 -19.13 -4.66
C12 CLA BC . 57.58 -18.22 -3.61
C13 CLA BC . 56.98 -18.90 -2.38
C14 CLA BC . 58.05 -19.41 -1.42
C15 CLA BC . 56.02 -20.02 -2.77
MG CLA CC . 47.10 -14.66 -9.60
CHA CLA CC . 46.33 -12.80 -12.37
CHB CLA CC . 48.58 -16.86 -11.58
CHC CLA CC . 47.26 -16.79 -6.93
CHD CLA CC . 44.99 -12.57 -7.68
NA CLA CC . 47.47 -14.69 -11.49
C1A CLA CC . 47.25 -13.77 -12.49
C2A CLA CC . 48.08 -14.02 -13.72
C3A CLA CC . 48.28 -15.50 -13.61
C4A CLA CC . 48.10 -15.72 -12.14
CMA CLA CC . 47.27 -16.35 -14.38
CAA CLA CC . 49.38 -13.19 -13.66
CBA CLA CC . 50.25 -13.26 -12.40
CGA CLA CC . 51.10 -14.49 -12.29
O1A CLA CC . 51.64 -15.04 -13.21
O2A CLA CC . 51.21 -14.89 -11.02
NB CLA CC . 47.81 -16.44 -9.29
C1B CLA CC . 48.49 -17.26 -10.26
C2B CLA CC . 48.92 -18.46 -9.67
C3B CLA CC . 48.50 -18.45 -8.36
C4B CLA CC . 47.85 -17.23 -8.11
CMB CLA CC . 49.69 -19.55 -10.36
CAB CLA CC . 48.65 -19.54 -7.38
CBB CLA CC . 49.47 -19.62 -6.39
NC CLA CC . 46.37 -14.66 -7.77
C1C CLA CC . 46.58 -15.62 -6.78
C2C CLA CC . 45.95 -15.22 -5.51
C3C CLA CC . 45.34 -14.01 -5.72
C4C CLA CC . 45.57 -13.66 -7.10
CMC CLA CC . 45.90 -15.97 -4.20
CAC CLA CC . 44.63 -13.17 -4.71
CBC CLA CC . 45.48 -12.04 -4.19
ND CLA CC . 45.90 -13.15 -9.89
C1D CLA CC . 45.06 -12.32 -9.04
C2D CLA CC . 44.48 -11.29 -9.80
C3D CLA CC . 44.92 -11.44 -11.13
C4D CLA CC . 45.75 -12.55 -11.12
CMD CLA CC . 43.56 -10.23 -9.27
CAD CLA CC . 44.87 -10.94 -12.50
OBD CLA CC . 44.24 -10.00 -12.95
CBD CLA CC . 45.77 -11.77 -13.36
CGD CLA CC . 44.98 -12.45 -14.46
O1D CLA CC . 44.15 -13.31 -14.29
O2D CLA CC . 45.35 -12.01 -15.65
CED CLA CC . 44.76 -12.70 -16.80
C1 CLA CC . 52.20 -15.92 -10.77
C2 CLA CC . 52.08 -16.38 -9.36
C3 CLA CC . 53.02 -16.94 -8.61
C4 CLA CC . 54.43 -17.20 -9.08
C5 CLA CC . 52.69 -17.39 -7.20
C6 CLA CC . 53.88 -17.72 -6.30
C7 CLA CC . 53.49 -17.96 -4.84
C8 CLA CC . 53.08 -16.79 -3.93
C9 CLA CC . 53.74 -15.49 -4.36
C10 CLA CC . 53.32 -17.13 -2.45
C11 CLA CC . 53.20 -16.14 -1.27
C12 CLA CC . 51.83 -16.09 -0.61
C13 CLA CC . 51.76 -15.34 0.73
C14 CLA CC . 50.40 -15.48 1.39
C15 CLA CC . 52.13 -13.86 0.54
C16 CLA CC . 51.84 -12.95 1.72
MG CLA DC . 31.11 -10.71 -3.01
CHA CLA DC . 30.64 -12.87 -5.61
CHB CLA DC . 29.56 -8.35 -4.75
CHC CLA DC . 31.90 -8.50 -0.51
CHD CLA DC . 33.57 -12.90 -1.70
NA CLA DC . 30.21 -10.69 -4.72
C1A CLA DC . 29.95 -11.70 -5.63
C2A CLA DC . 28.89 -11.34 -6.63
C3A CLA DC . 29.12 -9.85 -6.67
C4A CLA DC . 29.67 -9.58 -5.30
CMA CLA DC . 30.09 -9.42 -7.76
CAA CLA DC . 27.48 -11.75 -6.14
CBA CLA DC . 27.15 -11.64 -4.65
CGA CLA DC . 25.79 -12.18 -4.31
O1A CLA DC . 24.88 -12.29 -5.10
O2A CLA DC . 25.73 -12.54 -3.02
NB CLA DC . 30.76 -8.82 -2.67
C1B CLA DC . 30.01 -7.93 -3.51
C2B CLA DC . 29.86 -6.68 -2.89
C3B CLA DC . 30.52 -6.74 -1.67
C4B CLA DC . 31.08 -8.02 -1.54
CMB CLA DC . 29.11 -5.50 -3.45
CAB CLA DC . 30.61 -5.68 -0.65
CBB CLA DC . 30.27 -5.74 0.61
NC CLA DC . 32.39 -10.72 -1.49
C1C CLA DC . 32.52 -9.72 -0.52
C2C CLA DC . 33.49 -10.11 0.51
C3C CLA DC . 33.97 -11.34 0.17
C4C CLA DC . 33.32 -11.74 -1.05
CMC CLA DC . 33.91 -9.30 1.71
CAC CLA DC . 34.94 -12.20 0.94
CBC CLA DC . 36.34 -12.18 0.36
ND CLA DC . 31.95 -12.40 -3.46
C1D CLA DC . 32.94 -13.28 -2.86
C2D CLA DC . 33.07 -14.45 -3.62
C3D CLA DC . 32.19 -14.34 -4.73
C4D CLA DC . 31.55 -13.13 -4.57
CMD CLA DC . 33.99 -15.60 -3.31
CAD CLA DC . 31.69 -14.96 -5.94
OBD CLA DC . 32.01 -16.01 -6.46
CBD CLA DC . 30.64 -14.08 -6.54
CGD CLA DC . 31.00 -13.76 -7.98
O1D CLA DC . 31.89 -13.01 -8.31
O2D CLA DC . 30.20 -14.40 -8.82
CED CLA DC . 30.53 -14.28 -10.23
C1 CLA DC . 24.45 -13.00 -2.47
C2 CLA DC . 24.43 -14.49 -2.38
C3 CLA DC . 24.92 -15.21 -1.36
C4 CLA DC . 25.60 -14.61 -0.16
C5 CLA DC . 24.74 -16.71 -1.32
C6 CLA DC . 26.05 -17.49 -1.23
C7 CLA DC . 26.17 -18.32 0.04
C8 CLA DC . 27.32 -19.32 0.09
C9 CLA DC . 26.99 -20.60 -0.67
C10 CLA DC . 27.74 -19.62 1.53
MG CLA EC . 30.29 -19.81 -2.44
CHA CLA EC . 28.44 -17.99 -4.66
CHB CLA EC . 29.21 -22.59 -3.87
CHC CLA EC . 31.82 -21.56 0.08
CHD CLA EC . 30.77 -16.87 -0.52
NA CLA EC . 29.18 -20.16 -3.99
C1A CLA EC . 28.56 -19.31 -4.89
C2A CLA EC . 28.01 -20.01 -6.11
C3A CLA EC . 27.98 -21.44 -5.65
C4A CLA EC . 28.84 -21.42 -4.42
CMA CLA EC . 26.57 -21.95 -5.34
CAA CLA EC . 29.00 -19.76 -7.25
CBA CLA EC . 28.56 -20.28 -8.62
CGA CLA EC . 27.27 -19.71 -9.11
O1A CLA EC . 26.20 -20.26 -9.00
O2A CLA EC . 27.44 -18.51 -9.67
NB CLA EC . 30.49 -21.69 -1.98
C1B CLA EC . 29.98 -22.81 -2.74
C2B CLA EC . 30.38 -24.01 -2.16
C3B CLA EC . 31.11 -23.71 -1.02
C4B CLA EC . 31.18 -22.30 -0.91
CMB CLA EC . 30.07 -25.39 -2.67
CAB CLA EC . 31.71 -24.65 -0.07
CBB CLA EC . 31.17 -25.74 0.40
NC CLA EC . 31.12 -19.33 -0.71
C1C CLA EC . 31.77 -20.20 0.17
C2C CLA EC . 32.36 -19.47 1.30
C3C CLA EC . 32.05 -18.15 1.13
C4C CLA EC . 31.29 -18.04 -0.09
CMC CLA EC . 33.17 -20.06 2.43
CAC CLA EC . 32.41 -17.00 2.03
CBC CLA EC . 33.52 -16.14 1.45
ND CLA EC . 29.76 -17.94 -2.49
C1D CLA EC . 30.00 -16.76 -1.66
C2D CLA EC . 29.39 -15.64 -2.24
C3D CLA EC . 28.76 -16.07 -3.43
C4D CLA EC . 29.01 -17.42 -3.52
CMD CLA EC . 29.40 -14.25 -1.68
CAD CLA EC . 27.95 -15.69 -4.56
OBD CLA EC . 27.45 -14.61 -4.83
CBD CLA EC . 27.75 -16.87 -5.44
CGD CLA EC . 26.25 -17.09 -5.65
O1D CLA EC . 25.58 -17.82 -4.98
O2D CLA EC . 25.80 -16.37 -6.66
CED CLA EC . 24.38 -16.49 -6.94
MG CLA FC . 34.67 -25.95 -10.93
CHA CLA FC . 34.83 -26.37 -14.33
CHB CLA FC . 32.96 -23.16 -11.43
CHC CLA FC . 35.09 -25.22 -7.61
CHD CLA FC . 37.01 -28.57 -10.54
NA CLA FC . 33.92 -25.13 -12.51
C1A CLA FC . 33.91 -25.51 -13.83
C2A CLA FC . 32.84 -24.84 -14.65
C3A CLA FC . 32.73 -23.53 -13.86
C4A CLA FC . 33.22 -23.95 -12.50
CMA CLA FC . 33.57 -22.39 -14.43
CAA CLA FC . 31.66 -25.83 -14.64
CBA CLA FC . 30.29 -25.41 -14.08
CGA CLA FC . 30.23 -25.41 -12.58
O1A CLA FC . 30.56 -26.34 -11.88
O2A CLA FC . 29.77 -24.25 -12.11
NB CLA FC . 34.11 -24.51 -9.73
C1B CLA FC . 33.32 -23.37 -10.11
C2B CLA FC . 33.05 -22.57 -8.98
C3B CLA FC . 33.65 -23.19 -7.90
C4B CLA FC . 34.30 -24.34 -8.35
CMB CLA FC . 32.27 -21.29 -8.98
CAB CLA FC . 33.63 -22.74 -6.50
CBB CLA FC . 32.70 -22.95 -5.61
NC CLA FC . 35.72 -26.72 -9.45
C1C CLA FC . 35.75 -26.30 -8.12
C2C CLA FC . 36.62 -27.14 -7.30
C3C CLA FC . 37.14 -28.10 -8.13
C4C CLA FC . 36.62 -27.86 -9.46
CMC CLA FC . 36.90 -27.02 -5.83
CAC CLA FC . 38.11 -29.19 -7.77
CBC CLA FC . 37.44 -30.54 -7.63
ND CLA FC . 35.71 -27.13 -12.06
C1D CLA FC . 36.68 -28.21 -11.84
C2D CLA FC . 37.04 -28.78 -13.05
C3D CLA FC . 36.36 -28.09 -14.09
C4D CLA FC . 35.60 -27.13 -13.44
CMD CLA FC . 38.01 -29.92 -13.23
CAD CLA FC . 36.10 -27.98 -15.51
OBD CLA FC . 36.53 -28.66 -16.43
CBD CLA FC . 35.16 -26.83 -15.75
CGD CLA FC . 35.87 -25.74 -16.54
O1D CLA FC . 36.81 -25.11 -16.13
O2D CLA FC . 35.32 -25.57 -17.72
CED CLA FC . 35.88 -24.51 -18.53
C1 CLA FC . 29.94 -24.00 -10.68
C2 CLA FC . 28.71 -24.36 -9.92
C3 CLA FC . 28.68 -24.41 -8.60
C4 CLA FC . 29.86 -24.11 -7.72
C5 CLA FC . 27.41 -24.76 -7.87
C6 CLA FC . 27.48 -26.11 -7.16
C7 CLA FC . 26.48 -26.21 -6.00
C8 CLA FC . 26.46 -27.52 -5.21
C9 CLA FC . 25.31 -27.54 -4.21
C10 CLA FC . 27.82 -27.76 -4.55
C11 CLA FC . 27.92 -28.87 -3.50
C12 CLA FC . 29.37 -29.16 -3.12
C13 CLA FC . 29.56 -30.21 -2.03
C14 CLA FC . 30.03 -29.55 -0.73
C15 CLA FC . 30.52 -31.32 -2.47
C16 CLA FC . 29.99 -32.30 -3.51
C17 CLA FC . 28.94 -33.26 -2.96
C18 CLA FC . 28.54 -34.40 -3.88
C19 CLA FC . 27.59 -35.35 -3.18
C20 CLA FC . 27.92 -33.90 -5.18
MG CLA GC . 40.16 -34.25 5.36
CHA CLA GC . 40.26 -36.14 8.21
CHB CLA GC . 43.42 -34.71 4.98
CHC CLA GC . 40.03 -32.10 2.71
CHD CLA GC . 36.91 -33.15 6.27
NA CLA GC . 41.48 -35.29 6.33
C1A CLA GC . 41.37 -36.11 7.45
C2A CLA GC . 42.59 -36.95 7.71
C3A CLA GC . 43.64 -36.25 6.88
C4A CLA GC . 42.82 -35.34 6.00
CMA CLA GC . 44.69 -35.51 7.71
CAA CLA GC . 42.28 -38.35 7.18
CBA CLA GC . 43.32 -39.41 7.50
CGA CLA GC . 43.19 -40.64 6.65
O1A CLA GC . 42.95 -41.74 7.05
O2A CLA GC . 43.38 -40.34 5.36
NB CLA GC . 41.46 -33.53 4.10
C1B CLA GC . 42.86 -33.85 4.05
C2B CLA GC . 43.47 -33.22 2.94
C3B CLA GC . 42.48 -32.48 2.29
C4B CLA GC . 41.27 -32.65 2.99
CMB CLA GC . 44.91 -33.33 2.53
CAB CLA GC . 42.61 -31.65 1.09
CBB CLA GC . 43.45 -30.68 0.87
NC CLA GC . 38.82 -32.98 4.66
C1C CLA GC . 38.91 -32.25 3.48
C2C CLA GC . 37.66 -31.57 3.16
C3C CLA GC . 36.77 -31.85 4.17
C4C CLA GC . 37.48 -32.70 5.11
CMC CLA GC . 37.36 -30.73 1.95
CAC CLA GC . 35.33 -31.47 4.27
CBC CLA GC . 35.09 -30.31 5.21
ND CLA GC . 38.90 -34.50 6.82
C1D CLA GC . 37.56 -34.01 7.13
C2D CLA GC . 37.11 -34.57 8.34
C3D CLA GC . 38.12 -35.44 8.81
C4D CLA GC . 39.15 -35.35 7.87
CMD CLA GC . 35.79 -34.31 9.00
CAD CLA GC . 38.53 -36.41 9.81
OBD CLA GC . 37.92 -36.80 10.79
CBD CLA GC . 39.90 -36.90 9.49
CGD CLA GC . 40.84 -36.60 10.64
O1D CLA GC . 41.56 -37.40 11.17
O2D CLA GC . 40.81 -35.32 10.95
CED CLA GC . 41.80 -34.86 11.90
C1 CLA GC . 43.28 -41.44 4.41
C2 CLA GC . 44.57 -42.18 4.40
C3 CLA GC . 44.84 -43.10 3.49
C4 CLA GC . 43.89 -43.47 2.37
C5 CLA GC . 46.11 -43.91 3.54
C6 CLA GC . 45.96 -45.16 4.38
C7 CLA GC . 47.02 -46.24 4.12
C8 CLA GC . 46.64 -47.62 4.66
C9 CLA GC . 46.16 -47.53 6.11
C10 CLA GC . 47.78 -48.63 4.50
C11 CLA GC . 47.43 -50.09 4.75
C12 CLA GC . 47.40 -50.97 3.51
C13 CLA GC . 48.62 -51.89 3.33
C14 CLA GC . 49.84 -51.11 2.84
C15 CLA GC . 48.29 -53.07 2.42
C16 CLA GC . 48.06 -52.74 0.94
C17 CLA GC . 47.07 -53.67 0.28
C18 CLA GC . 47.03 -53.60 -1.23
C19 CLA GC . 46.21 -54.71 -1.82
C20 CLA GC . 46.56 -52.25 -1.73
MG CLA HC . 48.07 -45.43 8.15
CHA CLA HC . 45.77 -44.94 10.64
CHB CLA HC . 48.57 -48.51 9.29
CHC CLA HC . 50.62 -45.72 5.89
CHD CLA HC . 48.13 -41.93 7.58
NA CLA HC . 47.23 -46.48 9.55
C1A CLA HC . 46.18 -46.21 10.42
C2A CLA HC . 45.63 -47.42 11.12
C3A CLA HC . 46.79 -48.38 11.00
C4A CLA HC . 47.60 -47.77 9.88
CMA CLA HC . 47.60 -48.53 12.28
CAA CLA HC . 44.34 -47.91 10.43
CBA CLA HC . 44.42 -48.22 8.93
CGA CLA HC . 43.27 -49.04 8.42
O1A CLA HC . 42.31 -49.34 9.07
O2A CLA HC . 43.49 -49.45 7.17
NB CLA HC . 49.35 -46.82 7.68
C1B CLA HC . 49.43 -48.14 8.26
C2B CLA HC . 50.44 -48.88 7.64
C3B CLA HC . 51.03 -48.06 6.67
C4B CLA HC . 50.37 -46.82 6.69
CMB CLA HC . 50.82 -50.30 7.95
CAB CLA HC . 52.14 -48.40 5.78
CBB CLA HC . 52.36 -49.52 5.15
NC CLA HC . 49.07 -44.17 7.00
C1C CLA HC . 50.05 -44.49 6.06
C2C CLA HC . 50.48 -43.32 5.29
C3C CLA HC . 49.78 -42.25 5.77
C4C CLA HC . 48.93 -42.73 6.83
CMC CLA HC . 51.52 -43.29 4.20
CAC CLA HC . 49.86 -40.83 5.28
CBC CLA HC . 50.82 -39.98 6.09
ND CLA HC . 47.24 -43.82 8.86
C1D CLA HC . 47.29 -42.40 8.56
C2D CLA HC . 46.41 -41.70 9.41
C3D CLA HC . 45.76 -42.66 10.23
C4D CLA HC . 46.29 -43.88 9.87
CMD CLA HC . 46.20 -40.22 9.42
CAD CLA HC . 44.74 -42.89 11.24
OBD CLA HC . 43.97 -42.09 11.77
CBD CLA HC . 44.74 -44.34 11.61
CGD CLA HC . 45.08 -44.48 13.08
O1D CLA HC . 44.40 -44.05 13.98
O2D CLA HC . 46.21 -45.13 13.26
CED CLA HC . 46.60 -45.36 14.64
C1 CLA HC . 43.10 -50.82 6.84
C2 CLA HC . 42.08 -50.92 5.75
C3 CLA HC . 42.27 -50.96 4.44
C4 CLA HC . 41.13 -51.11 3.46
C5 CLA HC . 43.66 -50.89 3.83
C6 CLA HC . 43.77 -50.38 2.39
C7 CLA HC . 43.40 -48.90 2.20
C8 CLA HC . 43.79 -48.26 0.86
C9 CLA HC . 45.29 -48.21 0.64
C10 CLA HC . 43.18 -46.86 0.74
MG CLA IC . 44.79 -12.65 8.18
CHA CLA IC . 44.93 -11.78 11.49
CHB CLA IC . 41.49 -12.48 8.31
CHC CLA IC . 44.73 -13.92 5.01
CHD CLA IC . 48.25 -13.43 8.31
NA CLA IC . 43.53 -12.17 9.58
C1A CLA IC . 43.73 -11.73 10.88
C2A CLA IC . 42.49 -11.18 11.52
C3A CLA IC . 41.41 -11.65 10.61
C4A CLA IC . 42.18 -12.14 9.42
CMA CLA IC . 40.48 -12.70 11.21
CAA CLA IC . 42.61 -9.65 11.57
CBA CLA IC . 43.03 -8.92 10.28
CGA CLA IC . 44.51 -8.74 10.12
O1A CLA IC . 45.21 -8.07 10.83
O2A CLA IC . 44.96 -9.42 9.06
NB CLA IC . 43.39 -13.14 6.91
C1B CLA IC . 41.97 -12.95 7.09
C2B CLA IC . 41.29 -13.28 5.92
C3B CLA IC . 42.23 -13.70 4.98
C4B CLA IC . 43.50 -13.61 5.58
CMB CLA IC . 39.80 -13.15 5.70
CAB CLA IC . 41.98 -14.12 3.61
CBB CLA IC . 41.18 -15.06 3.18
NC CLA IC . 46.14 -13.44 6.97
C1C CLA IC . 45.93 -13.84 5.66
C2C CLA IC . 47.19 -14.25 5.01
C3C CLA IC . 48.17 -14.13 5.95
C4C CLA IC . 47.55 -13.64 7.16
CMC CLA IC . 47.38 -14.69 3.59
CAC CLA IC . 49.63 -14.43 5.80
CBC CLA IC . 50.47 -13.19 5.65
ND CLA IC . 46.23 -12.67 9.49
C1D CLA IC . 47.66 -12.99 9.48
C2D CLA IC . 48.23 -12.71 10.73
C3D CLA IC . 47.20 -12.22 11.56
C4D CLA IC . 46.06 -12.23 10.78
CMD CLA IC . 49.68 -12.88 11.09
CAD CLA IC . 46.86 -11.69 12.87
OBD CLA IC . 47.57 -11.49 13.83
CBD CLA IC . 45.40 -11.37 12.89
CGD CLA IC . 44.73 -12.14 14.04
O1D CLA IC . 43.71 -11.82 14.57
O2D CLA IC . 45.45 -13.20 14.37
CED CLA IC . 44.95 -13.97 15.50
C1 CLA IC . 46.38 -9.26 8.75
C2 CLA IC . 46.59 -9.76 7.36
C3 CLA IC . 47.72 -9.59 6.68
C4 CLA IC . 48.93 -8.89 7.23
C5 CLA IC . 47.85 -10.12 5.28
C6 CLA IC . 47.78 -9.03 4.22
C7 CLA IC . 48.01 -9.55 2.80
C8 CLA IC . 46.78 -9.98 1.99
C9 CLA IC . 46.48 -11.47 2.17
C10 CLA IC . 46.92 -9.60 0.52
C11 CLA IC . 48.11 -10.20 -0.24
C12 CLA IC . 48.12 -9.85 -1.72
C13 CLA IC . 48.33 -8.38 -2.06
MG CLA JC . 42.76 0.38 8.72
CHA CLA JC . 42.20 -0.55 11.89
CHB CLA JC . 42.07 3.52 9.49
CHC CLA JC . 43.05 1.18 5.44
CHD CLA JC . 42.63 -2.99 7.74
NA CLA JC . 42.24 1.27 10.36
C1A CLA JC . 42.04 0.77 11.63
C2A CLA JC . 41.63 1.80 12.64
C3A CLA JC . 41.57 3.04 11.83
C4A CLA JC . 41.98 2.58 10.47
CMA CLA JC . 40.15 3.61 11.79
CAA CLA JC . 42.66 1.96 13.76
CBA CLA JC . 44.11 2.00 13.33
CGA CLA JC . 45.03 2.41 14.45
O1A CLA JC . 44.66 2.69 15.55
O2A CLA JC . 46.30 2.44 14.05
NB CLA JC . 42.61 2.03 7.68
C1B CLA JC . 42.43 3.33 8.19
C2B CLA JC . 42.63 4.28 7.17
C3B CLA JC . 42.91 3.58 6.02
C4B CLA JC . 42.88 2.22 6.32
CMB CLA JC . 42.58 5.76 7.33
CAB CLA JC . 43.20 4.10 4.69
CBB CLA JC . 44.32 4.09 4.08
NC CLA JC . 42.80 -0.63 7.03
C1C CLA JC . 43.00 -0.12 5.79
C2C CLA JC . 43.10 -1.14 4.79
C3C CLA JC . 42.92 -2.33 5.43
C4C CLA JC . 42.74 -2.03 6.81
CMC CLA JC . 43.39 -0.91 3.34
CAC CLA JC . 42.94 -3.71 4.83
CBC CLA JC . 41.70 -4.01 4.06
ND CLA JC . 42.44 -1.34 9.52
C1D CLA JC . 42.48 -2.70 9.07
C2D CLA JC . 42.40 -3.57 10.17
C3D CLA JC . 42.32 -2.76 11.33
C4D CLA JC . 42.33 -1.47 10.87
CMD CLA JC . 42.44 -5.06 10.12
CAD CLA JC . 42.29 -2.71 12.75
OBD CLA JC . 42.34 -3.63 13.55
CBD CLA JC . 42.16 -1.35 13.19
CGD CLA JC . 40.80 -1.32 13.86
O1D CLA JC . 39.76 -1.29 13.27
O2D CLA JC . 40.92 -1.31 15.18
CED CLA JC . 39.83 -0.70 15.89
C1 CLA JC . 47.29 2.74 15.07
C2 CLA JC . 48.50 1.93 14.80
C3 CLA JC . 49.36 2.18 13.82
C4 CLA JC . 50.58 1.36 13.56
C5 CLA JC . 49.16 3.35 12.87
C6 CLA JC . 49.62 3.06 11.46
C7 CLA JC . 49.56 4.28 10.55
MG CLA KC . 31.36 -12.85 8.58
CHA CLA KC . 29.41 -11.35 10.96
CHB CLA KC . 29.94 -15.76 9.32
CHC CLA KC . 33.65 -14.38 6.54
CHD CLA KC . 33.33 -9.90 8.40
NA CLA KC . 29.94 -13.37 9.79
C1A CLA KC . 29.12 -12.62 10.62
C2A CLA KC . 27.91 -13.38 11.11
C3A CLA KC . 28.43 -14.80 11.02
C4A CLA KC . 29.52 -14.66 9.98
CMA CLA KC . 28.94 -15.36 12.34
CAA CLA KC . 26.70 -13.08 10.20
CBA CLA KC . 26.84 -13.17 8.68
CGA CLA KC . 26.92 -14.55 8.10
O1A CLA KC . 27.61 -14.87 7.17
O2A CLA KC . 26.11 -15.40 8.73
NB CLA KC . 31.71 -14.69 8.01
C1B CLA KC . 30.92 -15.84 8.35
C2B CLA KC . 31.36 -16.96 7.61
C3B CLA KC . 32.44 -16.55 6.84
C4B CLA KC . 32.66 -15.18 7.09
CMB CLA KC . 30.73 -18.33 7.61
CAB CLA KC . 33.22 -17.40 5.93
CBB CLA KC . 34.51 -17.56 5.88
NC CLA KC . 33.04 -12.29 7.69
C1C CLA KC . 33.83 -13.06 6.84
C2C CLA KC . 34.95 -12.29 6.30
C3C CLA KC . 34.88 -11.03 6.83
C4C CLA KC . 33.72 -11.00 7.69
CMC CLA KC . 35.98 -12.77 5.32
CAC CLA KC . 35.81 -9.88 6.57
CBC CLA KC . 35.39 -9.05 5.38
ND CLA KC . 31.44 -11.11 9.44
C1D CLA KC . 32.26 -9.91 9.28
C2D CLA KC . 31.75 -8.87 10.09
C3D CLA KC . 30.62 -9.38 10.78
C4D CLA KC . 30.50 -10.69 10.36
CMD CLA KC . 32.29 -7.47 10.18
CAD CLA KC . 29.55 -9.11 11.73
OBD CLA KC . 29.29 -8.08 12.31
CBD CLA KC . 28.72 -10.36 11.90
CGD CLA KC . 28.74 -10.79 13.36
O1D CLA KC . 29.13 -11.86 13.76
O2D CLA KC . 28.27 -9.83 14.15
CED CLA KC . 28.29 -10.11 15.57
C DD6 LC . 47.58 -25.08 -2.69
C1 DD6 LC . 47.46 -24.48 -1.32
C10 DD6 LC . 49.60 -15.46 -4.38
C11 DD6 LC . 49.67 -14.10 -4.50
C12 DD6 LC . 49.27 -13.16 -3.40
C13 DD6 LC . 50.23 -13.55 -5.73
C14 DD6 LC . 50.28 -12.30 -6.15
C15 DD6 LC . 50.90 -11.85 -7.46
C16 DD6 LC . 52.23 -11.14 -7.35
C17 DD6 LC . 52.68 -10.55 -8.71
C18 DD6 LC . 51.95 -11.00 -9.96
C19 DD6 LC . 50.45 -10.84 -9.78
C2 DD6 LC . 47.64 -23.15 -1.07
C20 DD6 LC . 49.97 -11.67 -8.62
C21 DD6 LC . 48.48 -11.90 -8.52
C22 DD6 LC . 52.15 -9.99 -6.33
C23 DD6 LC . 53.33 -12.10 -6.85
C24 DD6 LC . 47.23 -25.37 -0.19
C25 DD6 LC . 47.26 -26.72 -0.17
C26 DD6 LC . 47.01 -27.48 1.01
C27 DD6 LC . 46.95 -28.83 1.14
C28 DD6 LC . 47.12 -29.81 0.02
C29 DD6 LC . 46.71 -29.37 2.43
C3 DD6 LC . 48.02 -22.13 -1.98
C30 DD6 LC . 46.45 -29.90 3.48
C31 DD6 LC . 46.26 -30.51 4.75
C32 DD6 LC . 47.51 -31.03 5.46
C33 DD6 LC . 47.09 -32.02 6.55
C34 DD6 LC . 45.92 -31.53 7.38
C35 DD6 LC . 44.72 -31.40 6.47
C36 DD6 LC . 45.01 -30.59 5.24
C37 DD6 LC . 43.81 -29.91 4.65
C4 DD6 LC . 48.21 -20.85 -1.60
C40 DD6 LC . 48.41 -31.80 4.48
C41 DD6 LC . 48.32 -29.88 6.07
C5 DD6 LC . 48.59 -19.80 -2.48
C6 DD6 LC . 48.79 -18.49 -2.19
C7 DD6 LC . 48.61 -17.93 -0.81
C8 DD6 LC . 49.18 -17.58 -3.26
C9 DD6 LC . 49.19 -16.24 -3.25
O1 DD6 LC . 50.79 -12.85 -8.45
O2 DD6 LC . 52.38 -10.20 -11.06
O4 DD6 LC . 45.65 -32.48 8.42
C DD6 MC . 34.90 -26.36 -1.15
C1 DD6 MC . 34.47 -25.32 -2.15
C10 DD6 MC . 37.62 -18.20 3.53
C11 DD6 MC . 37.64 -17.08 4.30
C12 DD6 MC . 36.97 -15.79 3.90
C13 DD6 MC . 38.21 -17.18 5.64
C14 DD6 MC . 38.42 -16.30 6.60
C15 DD6 MC . 39.01 -16.60 7.95
C16 DD6 MC . 38.13 -16.32 9.14
C17 DD6 MC . 39.02 -16.05 10.38
C18 DD6 MC . 40.23 -16.95 10.53
C19 DD6 MC . 41.20 -16.70 9.40
C2 DD6 MC . 34.68 -24.00 -1.98
C20 DD6 MC . 40.53 -16.80 8.06
C21 DD6 MC . 41.49 -16.72 6.88
C22 DD6 MC . 37.27 -17.56 9.43
C23 DD6 MC . 37.18 -15.14 8.95
C24 DD6 MC . 33.84 -25.78 -3.38
C25 DD6 MC . 33.75 -27.03 -3.85
C26 DD6 MC . 33.10 -27.36 -5.09
C27 DD6 MC . 32.98 -28.59 -5.65
C28 DD6 MC . 33.51 -29.87 -5.04
C29 DD6 MC . 32.34 -28.72 -6.92
C3 DD6 MC . 35.34 -23.34 -0.89
C30 DD6 MC . 31.77 -28.96 -7.94
C31 DD6 MC . 31.07 -29.38 -9.11
C32 DD6 MC . 29.84 -30.26 -8.90
C33 DD6 MC . 29.26 -30.68 -10.26
C34 DD6 MC . 29.34 -29.61 -11.33
C35 DD6 MC . 30.83 -29.39 -11.58
C36 DD6 MC . 31.53 -28.98 -10.31
C37 DD6 MC . 32.75 -28.13 -10.51
C4 DD6 MC . 35.48 -22.00 -0.83
C40 DD6 MC . 30.20 -31.52 -8.11
C41 DD6 MC . 28.75 -29.50 -8.14
C5 DD6 MC . 36.15 -21.37 0.27
C6 DD6 MC . 36.32 -20.03 0.48
C7 DD6 MC . 35.84 -18.97 -0.47
C8 DD6 MC . 36.97 -19.62 1.71
C9 DD6 MC . 36.95 -18.41 2.30
O1 DD6 MC . 39.59 -17.92 7.98
O2 DD6 MC . 40.87 -16.67 11.78
O4 DD6 MC . 28.72 -30.06 -12.54
C DD6 NC . 31.97 -30.94 2.42
C1 DD6 NC . 32.91 -30.17 1.55
C10 DD6 NC . 33.47 -22.46 7.55
C11 DD6 NC . 33.97 -21.33 8.13
C12 DD6 NC . 34.98 -20.44 7.46
C13 DD6 NC . 33.56 -20.99 9.49
C14 DD6 NC . 34.15 -20.19 10.35
C15 DD6 NC . 33.70 -19.84 11.75
C16 DD6 NC . 32.94 -18.59 11.94
C17 DD6 NC . 32.42 -18.52 13.39
C18 DD6 NC . 33.38 -18.86 14.52
C19 DD6 NC . 34.75 -19.28 14.02
C2 DD6 NC . 33.34 -28.91 1.83
C20 DD6 NC . 34.69 -20.18 12.80
C21 DD6 NC . 35.92 -21.04 12.55
C22 DD6 NC . 31.72 -18.62 11.01
C23 DD6 NC . 33.72 -17.32 11.60
C24 DD6 NC . 33.45 -30.83 0.37
C25 DD6 NC . 33.22 -32.10 -0.04
C26 DD6 NC . 33.84 -32.65 -1.21
C27 DD6 NC . 33.67 -33.88 -1.73
C28 DD6 NC . 32.73 -34.93 -1.18
C29 DD6 NC . 34.47 -34.25 -2.85
C3 DD6 NC . 33.05 -28.12 2.99
C30 DD6 NC . 35.08 -34.57 -3.82
C31 DD6 NC . 35.73 -34.92 -5.04
C32 DD6 NC . 35.12 -34.36 -6.33
C33 DD6 NC . 36.01 -34.79 -7.50
C34 DD6 NC . 37.49 -34.66 -7.19
C35 DD6 NC . 37.87 -35.61 -6.07
C36 DD6 NC . 36.81 -35.73 -5.01
C37 DD6 NC . 37.06 -36.77 -3.96
C4 DD6 NC . 33.51 -26.86 3.13
C40 DD6 NC . 33.69 -34.87 -6.50
C41 DD6 NC . 35.10 -32.83 -6.28
C5 DD6 NC . 33.24 -26.04 4.28
C6 DD6 NC . 33.58 -24.75 4.48
C7 DD6 NC . 34.29 -23.92 3.44
C8 DD6 NC . 33.29 -24.13 5.77
C9 DD6 NC . 33.81 -22.99 6.25
O1 DD6 NC . 33.43 -20.89 12.68
O2 DD6 NC . 33.53 -17.73 15.38
O4 DD6 NC . 38.25 -34.97 -8.36
C DD6 OC . 34.23 -35.01 2.26
C1 DD6 OC . 35.46 -35.35 3.06
C10 DD6 OC . 41.11 -33.05 -4.51
C11 DD6 OC . 41.99 -33.27 -5.52
C12 DD6 OC . 43.09 -34.30 -5.43
C13 DD6 OC . 41.89 -32.46 -6.74
C14 DD6 OC . 42.69 -32.37 -7.79
C15 DD6 OC . 42.52 -31.48 -9.00
C16 DD6 OC . 43.00 -30.06 -8.90
C17 DD6 OC . 42.12 -29.16 -9.79
C18 DD6 OC . 41.87 -29.70 -11.18
C19 DD6 OC . 41.02 -30.96 -11.09
C2 DD6 OC . 36.71 -35.16 2.60
C20 DD6 OC . 41.54 -31.94 -10.06
C21 DD6 OC . 40.71 -33.21 -9.94
C22 DD6 OC . 42.96 -29.51 -7.46
C23 DD6 OC . 44.46 -29.95 -9.36
C24 DD6 OC . 35.28 -35.87 4.42
C25 DD6 OC . 34.12 -36.04 5.08
C26 DD6 OC . 34.01 -36.57 6.41
C27 DD6 OC . 32.86 -36.86 7.06
C28 DD6 OC . 31.49 -36.68 6.47
C29 DD6 OC . 32.88 -37.35 8.40
C3 DD6 OC . 37.11 -34.62 1.32
C30 DD6 OC . 32.67 -37.76 9.52
C31 DD6 OC . 32.28 -38.24 10.79
C32 DD6 OC . 32.04 -39.74 10.98
C33 DD6 OC . 30.71 -39.95 11.76
C34 DD6 OC . 30.35 -38.92 12.82
C35 DD6 OC . 31.45 -37.92 13.10
C36 DD6 OC . 32.09 -37.41 11.83
C37 DD6 OC . 32.47 -35.95 11.84
C4 DD6 OC . 38.38 -34.60 0.86
C40 DD6 OC . 31.87 -40.46 9.64
C41 DD6 OC . 33.21 -40.38 11.73
C5 DD6 OC . 38.74 -34.06 -0.41
C6 DD6 OC . 39.97 -34.03 -0.98
C7 DD6 OC . 41.19 -34.59 -0.32
C8 DD6 OC . 40.10 -33.45 -2.31
C9 DD6 OC . 41.06 -33.69 -3.22
O1 DD6 OC . 42.97 -32.16 -10.17
O2 DD6 OC . 41.17 -28.72 -11.95
O4 DD6 OC . 29.18 -38.22 12.41
O1 LHG PC . 31.36 1.00 10.66
C1 LHG PC . 32.10 0.38 11.72
C2 LHG PC . 31.12 -0.14 12.76
O2 LHG PC . 30.81 0.87 13.70
C3 LHG PC . 31.64 -1.31 13.58
O3 LHG PC . 30.48 -2.12 13.56
P LHG PC . 30.55 -3.73 13.78
O4 LHG PC . 31.96 -4.15 13.60
O5 LHG PC . 29.54 -3.99 14.83
O6 LHG PC . 29.86 -4.09 12.29
C4 LHG PC . 29.94 -3.20 11.22
C5 LHG PC . 29.62 -4.03 9.97
C6 LHG PC . 28.75 -5.26 10.26
O7 LHG PC . 28.88 -3.17 9.11
C7 LHG PC . 29.30 -3.19 7.82
O9 LHG PC . 28.81 -3.91 6.98
C8 LHG PC . 30.22 -2.05 7.55
C9 LHG PC . 29.88 -1.43 6.21
C10 LHG PC . 30.84 -1.93 5.15
O8 LHG PC . 28.38 -5.75 8.98
C23 LHG PC . 28.11 -7.08 8.88
O10 LHG PC . 27.73 -7.68 9.85
C24 LHG PC . 28.27 -7.82 7.58
C11 LHG PC . 30.13 -1.54 3.87
C12 LHG PC . 31.12 -1.54 2.74
C13 LHG PC . 30.39 -1.18 1.46
C14 LHG PC . 31.12 -0.11 0.67
C15 LHG PC . 30.09 0.50 -0.25
C16 LHG PC . 30.78 1.42 -1.23
C17 LHG PC . 29.96 2.70 -1.51
C18 LHG PC . 28.79 2.31 -2.42
C19 LHG PC . 29.16 2.03 -3.87
C20 LHG PC . 27.84 2.24 -4.59
C21 LHG PC . 27.92 1.63 -5.96
C25 LHG PC . 28.76 -9.24 7.65
C26 LHG PC . 28.43 -10.11 6.44
C27 LHG PC . 29.54 -11.13 6.36
C28 LHG PC . 29.27 -12.29 5.43
C29 LHG PC . 30.58 -13.00 5.21
C30 LHG PC . 31.52 -12.43 4.17
C31 LHG PC . 31.06 -12.55 2.75
C32 LHG PC . 30.38 -11.29 2.20
C33 LHG PC . 29.55 -11.72 1.02
C34 LHG PC . 29.02 -10.60 0.16
C35 LHG PC . 27.68 -10.96 -0.42
C36 LHG PC . 27.34 -10.02 -1.57
C37 LHG PC . 27.01 -8.66 -1.01
C38 LHG PC . 26.24 -7.79 -1.97
C1 LMG QC . 19.40 -29.55 -19.86
O1 LMG QC . 20.23 -29.76 -18.75
C2 LMG QC . 19.12 -28.03 -19.82
O2 LMG QC . 18.22 -27.86 -18.76
C3 LMG QC . 18.37 -27.68 -21.12
O3 LMG QC . 18.22 -26.29 -21.11
C4 LMG QC . 19.24 -28.10 -22.33
O4 LMG QC . 20.44 -27.39 -22.28
C5 LMG QC . 19.57 -29.61 -22.17
O5 LMG QC . 21.66 -30.51 -22.71
C6 LMG QC . 20.49 -30.04 -23.32
O6 LMG QC . 20.24 -29.86 -20.95
C7 LMG QC . 19.98 -30.96 -18.05
C8 LMG QC . 21.20 -31.08 -17.10
C9 LMG QC . 21.33 -29.79 -16.27
O7 LMG QC . 20.96 -32.13 -16.16
C10 LMG QC . 22.00 -32.96 -15.85
O9 LMG QC . 22.64 -33.45 -16.76
C11 LMG QC . 22.02 -33.45 -14.43
C12 LMG QC . 21.32 -32.53 -13.40
C13 LMG QC . 20.05 -33.14 -12.86
C14 LMG QC . 19.70 -32.49 -11.53
C15 LMG QC . 20.25 -33.34 -10.40
C16 LMG QC . 20.14 -32.51 -9.11
C17 LMG QC . 20.21 -33.43 -7.87
C18 LMG QC . 21.63 -33.45 -7.31
C19 LMG QC . 21.53 -33.29 -5.80
C20 LMG QC . 20.98 -34.58 -5.25
O8 LMG QC . 20.05 -29.51 -15.71
C28 LMG QC . 19.97 -28.39 -14.96
O10 LMG QC . 20.38 -27.33 -15.41
C29 LMG QC . 19.60 -28.63 -13.52
C30 LMG QC . 20.55 -27.89 -12.59
C31 LMG QC . 20.79 -28.78 -11.40
C32 LMG QC . 21.55 -28.00 -10.32
C33 LMG QC . 21.21 -28.56 -8.93
C34 LMG QC . 22.50 -28.91 -8.23
C35 LMG QC . 22.14 -29.67 -6.95
C36 LMG QC . 23.44 -30.11 -6.33
C37 LMG QC . 23.20 -30.29 -4.86
C A86 RC . 38.90 -50.32 0.02
O A86 RC . 38.33 -39.71 7.77
C1 A86 RC . 39.83 -49.50 -0.84
C10 A86 RC . 38.96 -41.98 5.19
C11 A86 RC . 39.17 -40.83 5.86
C12 A86 RC . 39.78 -39.60 5.26
C13 A86 RC . 38.79 -40.76 7.32
C14 A86 RC . 38.97 -41.98 8.17
C15 A86 RC . 38.58 -41.85 9.65
C16 A86 RC . 37.09 -42.13 10.03
C17 A86 RC . 36.71 -41.27 11.25
C18 A86 RC . 37.71 -41.28 12.39
C19 A86 RC . 39.02 -40.67 11.92
C2 A86 RC . 40.16 -48.21 -0.56
C20 A86 RC . 39.53 -41.29 10.64
C21 A86 RC . 40.91 -40.79 10.26
C22 A86 RC . 36.13 -41.78 8.88
C23 A86 RC . 36.87 -43.61 10.36
C24 A86 RC . 40.43 -50.15 -2.01
C25 A86 RC . 40.39 -51.45 -2.33
C26 A86 RC . 41.01 -52.00 -3.50
C27 A86 RC . 40.97 -53.28 -3.94
C28 A86 RC . 40.21 -54.37 -3.22
C29 A86 RC . 41.70 -53.60 -5.12
C3 A86 RC . 39.75 -47.43 0.56
C30 A86 RC . 42.06 -54.82 -5.44
C31 A86 RC . 42.35 -56.06 -5.71
C32 A86 RC . 41.58 -56.81 -6.74
C33 A86 RC . 41.24 -58.21 -6.22
C34 A86 RC . 42.46 -58.98 -5.72
C35 A86 RC . 43.09 -58.17 -4.61
C36 A86 RC . 43.51 -56.75 -5.02
C37 A86 RC . 43.98 -55.99 -3.79
C38 A86 RC . 41.79 -61.39 -5.71
C39 A86 RC . 42.10 -61.35 -7.17
C4 A86 RC . 39.98 -46.11 0.70
C40 A86 RC . 40.20 -56.16 -6.99
C41 A86 RC . 42.33 -56.85 -8.08
C5 A86 RC . 39.56 -45.37 1.84
C6 A86 RC . 39.70 -44.05 2.07
C7 A86 RC . 40.38 -43.10 1.12
C8 A86 RC . 39.20 -43.51 3.34
C9 A86 RC . 39.52 -42.36 3.93
O1 A86 RC . 39.36 -42.74 10.52
O2 A86 RC . 37.19 -40.51 13.48
O3 A86 RC . 44.61 -56.86 -5.92
O4 A86 RC . 42.01 -60.20 -5.07
O5 A86 RC . 41.39 -62.37 -5.13
C A86 SC . 39.31 -54.34 0.32
O A86 SC . 30.07 -48.28 -3.90
C1 A86 SC . 38.83 -54.10 1.72
C10 A86 SC . 30.70 -50.32 -2.00
C11 A86 SC . 29.47 -49.84 -2.22
C12 A86 SC . 28.30 -49.97 -1.28
C13 A86 SC . 29.24 -49.10 -3.51
C14 A86 SC . 27.98 -49.38 -4.28
C15 A86 SC . 28.02 -49.01 -5.78
C16 A86 SC . 27.39 -47.67 -6.22
C17 A86 SC . 27.99 -47.26 -7.59
C18 A86 SC . 27.99 -48.32 -8.70
C19 A86 SC . 27.72 -49.73 -8.18
C2 A86 SC . 37.62 -53.52 2.00
C20 A86 SC . 28.28 -50.03 -6.82
C21 A86 SC . 28.52 -51.50 -6.54
C22 A86 SC . 25.87 -47.76 -6.32
C23 A86 SC . 27.72 -46.55 -5.22
C24 A86 SC . 39.72 -54.46 2.81
C25 A86 SC . 41.06 -54.54 2.76
C26 A86 SC . 41.90 -54.96 3.84
C27 A86 SC . 43.25 -55.05 3.85
C28 A86 SC . 44.12 -54.58 2.72
C29 A86 SC . 43.86 -55.77 4.91
C3 A86 SC . 36.64 -53.07 1.06
C30 A86 SC . 44.48 -55.27 5.95
C31 A86 SC . 45.07 -54.84 7.03
C32 A86 SC . 46.49 -54.35 7.04
C33 A86 SC . 47.27 -54.96 8.23
C34 A86 SC . 46.54 -54.87 9.55
C35 A86 SC . 45.19 -55.53 9.41
C36 A86 SC . 44.32 -54.84 8.36
C37 A86 SC . 42.95 -55.53 8.26
C38 A86 SC . 47.30 -55.50 11.86
C39 A86 SC . 46.41 -54.38 12.30
C4 A86 SC . 35.45 -52.52 1.37
C40 A86 SC . 47.24 -54.84 5.80
C41 A86 SC . 46.54 -52.82 7.08
C5 A86 SC . 34.52 -52.09 0.37
C6 A86 SC . 33.32 -51.48 0.54
C7 A86 SC . 32.73 -51.17 1.89
C8 A86 SC . 32.58 -51.09 -0.65
C9 A86 SC . 31.30 -50.68 -0.74
O1 A86 SC . 29.35 -49.14 -6.37
O2 A86 SC . 27.00 -47.98 -9.67
O3 A86 SC . 44.13 -53.49 8.79
O4 A86 SC . 47.34 -55.65 10.50
O5 A86 SC . 47.92 -56.20 12.59
C1B LMU TC . 25.90 -14.87 -22.84
C2B LMU TC . 27.01 -15.87 -22.58
C3B LMU TC . 28.01 -15.30 -21.59
C4B LMU TC . 28.50 -13.94 -22.05
C5B LMU TC . 27.34 -13.04 -22.44
C6B LMU TC . 27.89 -11.75 -23.05
O1B LMU TC . 25.22 -14.62 -21.61
O2B LMU TC . 26.44 -17.07 -22.05
O3B LMU TC . 29.13 -16.17 -21.46
O4' LMU TC . 29.18 -13.32 -20.97
O5B LMU TC . 26.50 -13.69 -23.37
O6B LMU TC . 28.75 -12.05 -24.14
C1' LMU TC . 21.22 -14.23 -20.47
C2' LMU TC . 21.50 -15.26 -21.54
C3' LMU TC . 22.98 -15.59 -21.67
C4' LMU TC . 23.84 -14.33 -21.73
C5' LMU TC . 23.46 -13.45 -20.57
C6' LMU TC . 24.30 -12.18 -20.61
O1' LMU TC . 21.48 -14.81 -19.21
O2' LMU TC . 20.78 -16.43 -21.17
O3' LMU TC . 23.19 -16.36 -22.86
O5' LMU TC . 22.08 -13.12 -20.66
O6' LMU TC . 25.33 -12.32 -19.64
C1 LMU TC . 20.45 -14.47 -18.30
C2 LMU TC . 20.73 -15.18 -17.00
C3 LMU TC . 20.13 -14.42 -15.84
C4 LMU TC . 19.40 -15.33 -14.89
C5 LMU TC . 18.35 -14.50 -14.19
C6 LMU TC . 17.84 -15.25 -12.98
C7 LMU TC . 16.61 -14.53 -12.48
C8 LMU TC . 17.00 -13.54 -11.41
C9 LMU TC . 16.85 -14.11 -10.00
C10 LMU TC . 17.33 -15.55 -9.84
C11 LMU TC . 16.95 -16.13 -8.48
C12 LMU TC . 17.17 -15.15 -7.36
C1 LMG UC . 22.51 -7.68 -22.30
O1 LMG UC . 22.87 -8.94 -21.77
C2 LMG UC . 22.60 -7.75 -23.81
O2 LMG UC . 23.93 -7.42 -24.16
C3 LMG UC . 21.57 -6.79 -24.39
O3 LMG UC . 20.32 -7.44 -24.49
C4 LMG UC . 21.46 -5.55 -23.52
O4 LMG UC . 20.45 -4.71 -24.09
C5 LMG UC . 21.09 -5.90 -22.08
O5 LMG UC . 19.64 -4.04 -21.78
C6 LMG UC . 19.71 -5.45 -21.70
O6 LMG UC . 21.18 -7.31 -21.95
C7 LMG UC . 23.51 -8.76 -20.52
C8 LMG UC . 22.49 -8.69 -19.41
C9 LMG UC . 21.22 -9.49 -19.75
O7 LMG UC . 23.11 -9.24 -18.27
C10 LMG UC . 23.95 -8.25 -17.64
O9 LMG UC . 24.71 -7.63 -18.33
C11 LMG UC . 23.89 -7.97 -16.17
C12 LMG UC . 24.87 -8.83 -15.40
C13 LMG UC . 24.83 -8.44 -13.94
C14 LMG UC . 26.07 -8.95 -13.24
C15 LMG UC . 26.29 -8.23 -11.93
C16 LMG UC . 25.35 -8.69 -10.83
C17 LMG UC . 25.85 -8.14 -9.50
C18 LMG UC . 24.93 -8.44 -8.33
C19 LMG UC . 25.34 -7.55 -7.16
C20 LMG UC . 24.64 -7.93 -5.87
O8 LMG UC . 20.25 -9.25 -18.74
C28 LMG UC . 20.40 -9.93 -17.48
O10 LMG UC . 21.09 -10.94 -17.45
C29 LMG UC . 19.81 -9.42 -16.21
C30 LMG UC . 20.52 -10.12 -15.06
C31 LMG UC . 19.88 -9.73 -13.73
C32 LMG UC . 20.81 -10.04 -12.58
O1 LHG VC . 45.47 -32.03 -17.87
C1 LHG VC . 45.03 -32.96 -16.89
C2 LHG VC . 46.05 -34.10 -16.81
O2 LHG VC . 46.69 -34.29 -18.05
C3 LHG VC . 45.45 -35.44 -16.44
O3 LHG VC . 44.56 -35.07 -15.40
P LHG VC . 45.06 -34.72 -13.90
O4 LHG VC . 46.41 -35.32 -13.76
O5 LHG VC . 44.52 -33.37 -13.65
O6 LHG VC . 44.07 -35.84 -13.13
C4 LHG VC . 44.53 -36.61 -12.04
C5 LHG VC . 43.46 -36.41 -10.96
C6 LHG VC . 42.05 -36.48 -11.54
O7 LHG VC . 43.62 -37.49 -10.05
C7 LHG VC . 43.60 -37.16 -8.73
O9 LHG VC . 43.07 -36.15 -8.32
C8 LHG VC . 43.87 -38.37 -7.92
C9 LHG VC . 43.30 -38.20 -6.52
C10 LHG VC . 41.80 -38.45 -6.53
O8 LHG VC . 41.21 -36.76 -10.38
C23 LHG VC . 40.31 -37.79 -10.44
O10 LHG VC . 40.34 -38.59 -11.34
C24 LHG VC . 39.13 -37.80 -9.48
C11 LHG VC . 41.23 -37.85 -5.24
C12 LHG VC . 41.46 -38.73 -4.03
C13 LHG VC . 42.72 -38.36 -3.22
C14 LHG VC . 42.73 -36.96 -2.66
C15 LHG VC . 43.83 -36.91 -1.60
C16 LHG VC . 44.61 -35.62 -1.75
C17 LHG VC . 45.47 -35.45 -0.50
C18 LHG VC . 46.78 -34.80 -0.93
C19 LHG VC . 47.81 -34.82 0.18
C20 LHG VC . 48.64 -33.58 -0.04
C21 LHG VC . 49.83 -33.64 0.87
C22 LHG VC . 50.52 -32.30 0.88
C25 LHG VC . 38.34 -39.08 -9.42
C26 LHG VC . 37.61 -39.37 -8.11
C27 LHG VC . 36.99 -40.75 -8.28
C28 LHG VC . 35.58 -40.90 -7.77
C29 LHG VC . 35.58 -41.01 -6.24
C30 LHG VC . 34.80 -42.18 -5.69
C31 LHG VC . 35.44 -43.54 -5.89
C32 LHG VC . 34.47 -44.72 -5.98
C33 LHG VC . 34.06 -45.11 -4.57
C34 LHG VC . 32.80 -45.92 -4.45
C35 LHG VC . 33.03 -47.18 -3.62
C1 LMG WC . 44.11 -43.60 -21.28
O1 LMG WC . 44.59 -43.72 -19.91
C2 LMG WC . 42.56 -43.49 -21.37
O2 LMG WC . 42.07 -44.59 -20.66
C3 LMG WC . 42.19 -43.66 -22.85
O3 LMG WC . 40.99 -42.95 -23.01
C4 LMG WC . 43.30 -43.05 -23.79
O4 LMG WC . 42.68 -42.45 -24.88
C5 LMG WC . 44.14 -41.93 -23.00
O5 LMG WC . 43.93 -39.65 -23.54
C6 LMG WC . 43.30 -40.65 -22.78
O6 LMG WC . 44.65 -42.37 -21.73
C7 LMG WC . 43.93 -43.13 -18.75
C8 LMG WC . 43.92 -44.31 -17.72
C9 LMG WC . 44.17 -43.75 -16.31
O7 LMG WC . 42.63 -44.96 -17.75
C10 LMG WC . 41.54 -44.44 -17.12
O9 LMG WC . 40.94 -43.53 -17.67
C11 LMG WC . 40.92 -45.46 -16.23
C12 LMG WC . 39.77 -44.88 -15.40
C13 LMG WC . 40.23 -44.34 -14.06
C14 LMG WC . 39.20 -43.37 -13.54
C15 LMG WC . 39.33 -43.23 -12.04
C16 LMG WC . 38.55 -44.36 -11.34
C17 LMG WC . 37.14 -43.89 -11.02
C18 LMG WC . 36.57 -44.90 -10.01
C19 LMG WC . 35.07 -45.07 -10.19
C20 LMG WC . 34.41 -44.11 -9.25
O8 LMG WC . 43.92 -44.80 -15.38
C28 LMG WC . 44.26 -44.58 -14.08
O10 LMG WC . 44.95 -43.60 -13.80
C29 LMG WC . 44.09 -45.78 -13.20
C30 LMG WC . 42.91 -45.60 -12.26
C31 LMG WC . 43.35 -45.69 -10.80
C32 LMG WC . 43.02 -47.09 -10.24
C33 LMG WC . 41.66 -47.02 -9.55
C34 LMG WC . 41.38 -48.32 -8.82
C35 LMG WC . 40.19 -48.98 -9.52
C36 LMG WC . 40.15 -50.42 -9.10
C37 LMG WC . 39.84 -50.50 -7.63
MG CLA XC . 12.63 -72.72 -19.13
CHA CLA XC . 15.85 -71.98 -19.99
CHB CLA XC . 12.60 -75.15 -21.40
CHC CLA XC . 9.24 -73.02 -18.63
CHD CLA XC . 12.52 -69.75 -17.18
NA CLA XC . 13.97 -73.41 -20.37
C1A CLA XC . 15.29 -73.06 -20.59
C2A CLA XC . 16.02 -73.93 -21.57
C3A CLA XC . 14.95 -74.88 -22.04
C4A CLA XC . 13.75 -74.46 -21.23
CMA CLA XC . 14.72 -74.80 -23.55
CAA CLA XC . 17.17 -74.67 -20.84
CBA CLA XC . 16.88 -75.17 -19.42
CGA CLA XC . 17.85 -76.19 -18.97
O1A CLA XC . 18.97 -76.33 -19.39
O2A CLA XC . 17.34 -76.96 -18.00
NB CLA XC . 11.21 -73.86 -19.84
C1B CLA XC . 11.37 -74.94 -20.79
C2B CLA XC . 10.15 -75.61 -20.98
C3B CLA XC . 9.20 -74.97 -20.20
C4B CLA XC . 9.83 -73.92 -19.51
CMB CLA XC . 9.95 -76.82 -21.84
CAB CLA XC . 7.77 -75.32 -20.06
CBB CLA XC . 6.88 -75.35 -21.01
NC CLA XC . 11.25 -71.68 -18.14
C1C CLA XC . 9.90 -71.99 -18.03
C2C CLA XC . 9.20 -71.03 -17.19
C3C CLA XC . 10.10 -70.09 -16.76
C4C CLA XC . 11.38 -70.47 -17.34
CMC CLA XC . 7.74 -71.05 -16.83
CAC CLA XC . 9.82 -68.91 -15.86
CBC CLA XC . 9.52 -69.32 -14.45
ND CLA XC . 13.79 -71.23 -18.70
C1D CLA XC . 13.70 -70.03 -17.86
C2D CLA XC . 14.93 -69.36 -17.83
C3D CLA XC . 15.82 -70.08 -18.65
C4D CLA XC . 15.10 -71.17 -19.14
CMD CLA XC . 15.24 -68.11 -17.07
CAD CLA XC . 17.16 -70.18 -19.19
OBD CLA XC . 18.12 -69.45 -19.00
CBD CLA XC . 17.26 -71.38 -20.07
CGD CLA XC . 17.64 -70.94 -21.48
O1D CLA XC . 16.87 -70.87 -22.41
O2D CLA XC . 18.93 -70.64 -21.56
CED CLA XC . 19.40 -70.18 -22.84
MG CLA YC . 26.78 -72.19 -16.41
CHA CLA YC . 28.74 -69.67 -17.56
CHB CLA YC . 26.78 -73.50 -19.47
CHC CLA YC . 24.53 -74.51 -15.29
CHD CLA YC . 26.05 -70.26 -13.51
NA CLA YC . 27.68 -71.74 -18.04
C1A CLA YC . 28.60 -70.76 -18.33
C2A CLA YC . 29.37 -71.04 -19.60
C3A CLA YC . 28.30 -71.76 -20.38
C4A CLA YC . 27.52 -72.39 -19.24
CMA CLA YC . 27.44 -70.86 -21.26
CAA CLA YC . 30.58 -71.93 -19.28
CBA CLA YC . 31.57 -71.36 -18.27
CGA CLA YC . 32.69 -72.29 -17.94
O1A CLA YC . 33.23 -73.03 -18.71
O2A CLA YC . 33.03 -72.18 -16.65
NB CLA YC . 25.86 -73.72 -17.20
C1B CLA YC . 26.01 -74.20 -18.55
C2B CLA YC . 25.24 -75.36 -18.76
C3B CLA YC . 24.60 -75.64 -17.55
C4B CLA YC . 24.96 -74.65 -16.61
CMB CLA YC . 25.17 -76.16 -20.02
CAB CLA YC . 23.67 -76.74 -17.28
CBB CLA YC . 23.72 -77.62 -16.32
NC CLA YC . 25.62 -72.36 -14.81
C1C CLA YC . 24.82 -73.45 -14.49
C2C CLA YC . 24.20 -73.28 -13.17
C3C CLA YC . 24.60 -72.07 -12.68
C4C CLA YC . 25.48 -71.49 -13.68
CMC CLA YC . 23.31 -74.27 -12.46
CAC CLA YC . 24.23 -71.44 -11.37
CBC CLA YC . 25.31 -71.59 -10.34
ND CLA YC . 27.20 -70.45 -15.69
C1D CLA YC . 26.90 -69.72 -14.47
C2D CLA YC . 27.57 -68.48 -14.46
C3D CLA YC . 28.33 -68.41 -15.65
C4D CLA YC . 28.07 -69.59 -16.33
CMD CLA YC . 27.50 -67.45 -13.38
CAD CLA YC . 29.25 -67.63 -16.46
OBD CLA YC . 29.73 -66.54 -16.22
CBD CLA YC . 29.59 -68.39 -17.70
CGD CLA YC . 29.25 -67.57 -18.94
O1D CLA YC . 28.14 -67.20 -19.22
O2D CLA YC . 30.33 -67.34 -19.67
CED CLA YC . 30.12 -66.59 -20.88
C1 CLA YC . 34.23 -72.91 -16.25
C2 CLA YC . 34.61 -72.51 -14.86
C3 CLA YC . 34.30 -73.17 -13.75
C4 CLA YC . 33.51 -74.44 -13.71
C5 CLA YC . 34.80 -72.68 -12.40
C6 CLA YC . 33.68 -72.28 -11.44
C7 CLA YC . 34.20 -71.88 -10.07
C8 CLA YC . 34.35 -70.40 -9.75
C9 CLA YC . 35.13 -69.65 -10.84
C10 CLA YC . 35.00 -70.22 -8.38
C11 CLA YC . 34.88 -68.85 -7.73
C12 CLA YC . 35.46 -68.80 -6.32
C13 CLA YC . 34.45 -68.92 -5.17
C14 CLA YC . 35.11 -68.63 -3.83
C15 CLA YC . 33.76 -70.28 -5.17
MG CLA ZC . 32.30 -66.78 -10.54
CHA CLA ZC . 33.36 -67.13 -13.79
CHB CLA ZC . 34.68 -64.51 -10.04
CHC CLA ZC . 31.60 -66.91 -7.18
CHD CLA ZC . 30.35 -69.73 -10.93
NA CLA ZC . 33.66 -65.98 -11.69
C1A CLA ZC . 33.97 -66.17 -13.05
C2A CLA ZC . 35.02 -65.25 -13.58
C3A CLA ZC . 35.48 -64.51 -12.35
C4A CLA ZC . 34.57 -65.03 -11.27
CMA CLA ZC . 36.96 -64.76 -12.04
CAA CLA ZC . 34.42 -64.28 -14.62
CBA CLA ZC . 35.42 -63.35 -15.30
CGA CLA ZC . 36.58 -64.05 -15.95
O1A CLA ZC . 36.48 -64.83 -16.85
O2A CLA ZC . 37.74 -63.68 -15.41
NB CLA ZC . 32.95 -65.87 -8.94
C1B CLA ZC . 33.98 -64.85 -8.89
C2B CLA ZC . 34.15 -64.38 -7.58
C3B CLA ZC . 33.26 -65.08 -6.77
C4B CLA ZC . 32.54 -65.98 -7.59
CMB CLA ZC . 35.13 -63.33 -7.13
CAB CLA ZC . 33.08 -64.96 -5.33
CBB CLA ZC . 33.06 -63.88 -4.59
NC CLA ZC . 31.21 -67.95 -9.38
C1C CLA ZC . 31.01 -67.84 -8.00
C2C CLA ZC . 30.12 -68.88 -7.47
C3C CLA ZC . 29.74 -69.65 -8.55
C4C CLA ZC . 30.41 -69.12 -9.71
CMC CLA ZC . 29.78 -69.14 -6.04
CAC CLA ZC . 28.79 -70.82 -8.55
CBC CLA ZC . 29.51 -72.14 -8.54
ND CLA ZC . 31.92 -68.10 -11.91
C1D CLA ZC . 31.08 -69.29 -12.01
C2D CLA ZC . 31.15 -69.82 -13.30
C3D CLA ZC . 32.04 -69.01 -14.06
C4D CLA ZC . 32.45 -68.01 -13.18
CMD CLA ZC . 30.41 -71.04 -13.80
CAD CLA ZC . 32.71 -68.81 -15.31
OBD CLA ZC . 32.71 -69.51 -16.30
CBD CLA ZC . 33.50 -67.57 -15.25
CGD CLA ZC . 34.92 -67.90 -15.69
O1D CLA ZC . 35.38 -67.66 -16.77
O2D CLA ZC . 35.58 -68.52 -14.71
CED CLA ZC . 36.91 -68.99 -15.06
C1 CLA ZC . 38.95 -64.15 -16.07
C2 CLA ZC . 39.25 -65.54 -15.65
C3 CLA ZC . 40.03 -65.87 -14.63
C4 CLA ZC . 40.73 -64.88 -13.73
C5 CLA ZC . 40.31 -67.33 -14.31
C6 CLA ZC . 39.49 -67.88 -13.15
C7 CLA ZC . 40.05 -67.53 -11.78
C8 CLA ZC . 39.52 -68.31 -10.58
C9 CLA ZC . 39.86 -69.79 -10.64
C10 CLA ZC . 38.01 -68.10 -10.43
MG CLA AD . 32.89 -55.15 -14.10
CHA CLA AD . 32.90 -52.95 -16.73
CHB CLA AD . 33.32 -57.63 -16.23
CHC CLA AD . 32.04 -57.27 -11.56
CHD CLA AD . 32.16 -52.46 -11.95
NA CLA AD . 33.22 -55.20 -16.01
C1A CLA AD . 33.35 -54.21 -16.95
C2A CLA AD . 34.01 -54.67 -18.21
C3A CLA AD . 33.73 -56.15 -18.17
C4A CLA AD . 33.40 -56.36 -16.71
CMA CLA AD . 32.58 -56.59 -19.07
CAA CLA AD . 35.49 -54.30 -18.16
CBA CLA AD . 36.32 -54.65 -16.91
CGA CLA AD . 36.72 -56.09 -16.85
O1A CLA AD . 37.07 -56.75 -17.78
O2A CLA AD . 36.66 -56.54 -15.59
NB CLA AD . 32.73 -57.07 -13.92
C1B CLA AD . 33.01 -58.03 -14.94
C2B CLA AD . 32.86 -59.34 -14.43
C3B CLA AD . 32.46 -59.22 -13.11
C4B CLA AD . 32.38 -57.85 -12.79
CMB CLA AD . 33.13 -60.61 -15.19
CAB CLA AD . 32.10 -60.32 -12.20
CBB CLA AD . 32.89 -61.12 -11.56
NC CLA AD . 32.34 -54.92 -12.23
C1C CLA AD . 32.07 -55.93 -11.32
C2C CLA AD . 31.87 -55.38 -9.97
C3C CLA AD . 32.06 -54.02 -10.07
C4C CLA AD . 32.26 -53.72 -11.45
CMC CLA AD . 31.45 -56.10 -8.73
CAC CLA AD . 32.26 -53.04 -8.94
CBC CLA AD . 31.00 -52.39 -8.48
ND CLA AD . 32.52 -53.24 -14.24
C1D CLA AD . 32.22 -52.18 -13.30
C2D CLA AD . 32.08 -50.96 -13.98
C3D CLA AD . 32.29 -51.21 -15.35
C4D CLA AD . 32.55 -52.56 -15.44
CMD CLA AD . 31.78 -49.63 -13.34
CAD CLA AD . 32.32 -50.66 -16.71
OBD CLA AD . 32.03 -49.54 -17.08
CBD CLA AD . 32.77 -51.73 -17.65
CGD CLA AD . 31.76 -52.02 -18.76
O1D CLA AD . 30.61 -52.29 -18.58
O2D CLA AD . 32.35 -51.97 -19.95
CED CLA AD . 31.63 -52.58 -21.05
C1 CLA AD . 37.02 -57.94 -15.45
C2 CLA AD . 36.86 -58.40 -14.04
C3 CLA AD . 37.35 -59.52 -13.52
C4 CLA AD . 38.19 -60.50 -14.29
C5 CLA AD . 37.04 -59.86 -12.08
C6 CLA AD . 37.82 -61.06 -11.51
C7 CLA AD . 37.59 -61.27 -10.02
C8 CLA AD . 37.97 -60.15 -9.05
C9 CLA AD . 39.27 -59.46 -9.43
C10 CLA AD . 38.02 -60.71 -7.63
C11 CLA AD . 38.09 -59.73 -6.48
C12 CLA AD . 36.91 -59.85 -5.52
C13 CLA AD . 36.89 -58.91 -4.31
C14 CLA AD . 36.78 -57.44 -4.73
C15 CLA AD . 38.09 -59.14 -3.40
MG CLA BD . 20.61 -44.77 -6.04
CHA CLA BD . 19.39 -45.99 -8.99
CHB CLA BD . 20.80 -41.74 -7.39
CHC CLA BD . 22.09 -43.68 -3.15
CHD CLA BD . 21.39 -48.08 -5.04
NA CLA BD . 20.16 -44.06 -7.79
C1A CLA BD . 19.59 -44.66 -8.92
C2A CLA BD . 19.25 -43.70 -10.03
C3A CLA BD . 20.03 -42.47 -9.61
C4A CLA BD . 20.36 -42.76 -8.17
CMA CLA BD . 21.27 -42.27 -10.45
CAA CLA BD . 17.72 -43.53 -10.13
CBA CLA BD . 17.06 -42.70 -9.04
CGA CLA BD . 15.62 -43.06 -8.79
O1A CLA BD . 15.07 -44.03 -9.21
O2A CLA BD . 15.06 -42.20 -7.93
NB CLA BD . 21.25 -43.05 -5.37
C1B CLA BD . 21.18 -41.80 -6.06
C2B CLA BD . 21.63 -40.75 -5.23
C3B CLA BD . 22.01 -41.32 -4.02
C4B CLA BD . 21.79 -42.72 -4.11
CMB CLA BD . 21.69 -39.29 -5.58
CAB CLA BD . 22.56 -40.66 -2.84
CBB CLA BD . 21.99 -39.74 -2.10
NC CLA BD . 21.51 -45.65 -4.50
C1C CLA BD . 22.01 -45.02 -3.37
C2C CLA BD . 22.56 -45.98 -2.42
C3C CLA BD . 22.44 -47.23 -2.98
C4C CLA BD . 21.78 -47.04 -4.25
CMC CLA BD . 23.10 -45.68 -1.05
CAC CLA BD . 22.93 -48.54 -2.42
CBC CLA BD . 21.96 -49.14 -1.46
ND CLA BD . 20.46 -46.57 -6.75
C1D CLA BD . 20.75 -47.91 -6.26
C2D CLA BD . 20.30 -48.87 -7.18
C3D CLA BD . 19.72 -48.17 -8.27
C4D CLA BD . 19.86 -46.83 -7.96
CMD CLA BD . 20.36 -50.36 -7.01
CAD CLA BD . 19.07 -48.26 -9.56
OBD CLA BD . 18.78 -49.26 -10.20
CBD CLA BD . 18.77 -46.90 -10.07
CGD CLA BD . 19.35 -46.76 -11.47
O1D CLA BD . 20.49 -46.51 -11.72
O2D CLA BD . 18.41 -46.99 -12.39
CED CLA BD . 18.87 -47.07 -13.75
C1 CLA BD . 14.52 -42.79 -6.72
C2 CLA BD . 13.28 -43.57 -6.99
C3 CLA BD . 12.75 -44.54 -6.26
C4 CLA BD . 11.49 -45.25 -6.65
C5 CLA BD . 13.37 -45.03 -4.96
C6 CLA BD . 13.78 -46.50 -5.00
C7 CLA BD . 12.98 -47.35 -4.02
C8 CLA BD . 13.39 -47.19 -2.56
C9 CLA BD . 14.61 -48.06 -2.21
C10 CLA BD . 12.23 -47.45 -1.61
MG CLA CD . 15.72 -52.37 -6.26
CHA CLA CD . 15.31 -49.70 -8.33
CHB CLA CD . 13.60 -54.11 -8.13
CHC CLA CD . 15.90 -54.85 -3.93
CHD CLA CD . 17.36 -50.24 -3.93
NA CLA CD . 14.75 -51.97 -7.91
C1A CLA CD . 14.73 -50.84 -8.72
C2A CLA CD . 14.00 -51.02 -10.04
C3A CLA CD . 13.31 -52.37 -9.83
C4A CLA CD . 13.91 -52.87 -8.54
CMA CLA CD . 11.80 -52.27 -9.78
CAA CLA CD . 15.01 -51.00 -11.20
CBA CLA CD . 14.55 -50.19 -12.42
CGA CLA CD . 13.22 -50.59 -12.98
O1A CLA CD . 13.00 -51.64 -13.52
O2A CLA CD . 12.32 -49.63 -12.77
NB CLA CD . 14.92 -54.12 -6.06
C1B CLA CD . 14.03 -54.77 -6.99
C2B CLA CD . 13.72 -56.07 -6.55
C3B CLA CD . 14.39 -56.26 -5.35
C4B CLA CD . 15.11 -55.10 -5.05
CMB CLA CD . 12.85 -57.06 -7.26
CAB CLA CD . 14.37 -57.47 -4.52
CBB CLA CD . 13.34 -58.20 -4.21
NC CLA CD . 16.46 -52.52 -4.43
C1C CLA CD . 16.49 -53.67 -3.65
C2C CLA CD . 17.17 -53.44 -2.38
C3C CLA CD . 17.56 -52.12 -2.34
C4C CLA CD . 17.14 -51.54 -3.60
CMC CLA CD . 17.44 -54.46 -1.31
CAC CLA CD . 18.26 -51.40 -1.23
CBC CLA CD . 19.75 -51.65 -1.23
ND CLA CD . 16.19 -50.49 -6.07
C1D CLA CD . 16.88 -49.67 -5.08
C2D CLA CD . 17.01 -48.35 -5.55
C3D CLA CD . 16.40 -48.30 -6.82
C4D CLA CD . 15.94 -49.58 -7.08
CMD CLA CD . 17.69 -47.22 -4.84
CAD CLA CD . 16.02 -47.46 -7.95
OBD CLA CD . 16.13 -46.26 -8.06
CBD CLA CD . 15.45 -48.33 -9.00
CGD CLA CD . 14.13 -47.73 -9.47
O1D CLA CD . 13.11 -47.73 -8.82
O2D CLA CD . 14.26 -47.19 -10.67
CED CLA CD . 13.14 -46.40 -11.11
C1 CLA CD . 10.91 -49.93 -13.05
C2 CLA CD . 10.14 -49.16 -12.04
C3 CLA CD . 9.18 -49.62 -11.23
C4 CLA CD . 8.60 -51.00 -11.31
C5 CLA CD . 8.65 -48.76 -10.11
C6 CLA CD . 9.74 -48.23 -9.19
C7 CLA CD . 9.40 -48.38 -7.70
C8 CLA CD . 9.71 -49.75 -7.11
C9 CLA CD . 8.59 -50.21 -6.17
C10 CLA CD . 11.07 -49.73 -6.41
C11 CLA CD . 11.56 -51.05 -5.83
C12 CLA CD . 11.37 -51.17 -4.33
C13 CLA CD . 12.07 -52.37 -3.66
C14 CLA CD . 11.45 -53.68 -4.12
C15 CLA CD . 12.08 -52.25 -2.13
C16 CLA CD . 12.98 -51.18 -1.52
C17 CLA CD . 13.03 -51.18 0.00
C18 CLA CD . 13.56 -52.42 0.69
C19 CLA CD . 13.78 -52.16 2.17
C20 CLA CD . 14.85 -52.93 0.06
MG CLA DD . 16.64 -59.50 -15.67
CHA CLA DD . 16.61 -59.81 -19.08
CHB CLA DD . 16.48 -56.21 -16.04
CHC CLA DD . 17.21 -59.20 -12.31
CHD CLA DD . 17.54 -62.90 -15.41
NA CLA DD . 16.43 -58.33 -17.22
C1A CLA DD . 16.30 -58.61 -18.56
C2A CLA DD . 15.83 -57.43 -19.38
C3A CLA DD . 16.32 -56.30 -18.51
C4A CLA DD . 16.41 -56.97 -17.16
CMA CLA DD . 17.65 -55.71 -18.96
CAA CLA DD . 14.31 -57.48 -19.59
CBA CLA DD . 13.37 -57.59 -18.39
CGA CLA DD . 13.10 -56.29 -17.69
O1A CLA DD . 13.03 -55.23 -18.25
O2A CLA DD . 13.03 -56.44 -16.37
NB CLA DD . 16.74 -58.02 -14.41
C1B CLA DD . 16.57 -56.63 -14.72
C2B CLA DD . 16.53 -55.86 -13.55
C3B CLA DD . 16.70 -56.74 -12.49
C4B CLA DD . 16.87 -58.04 -13.00
CMB CLA DD . 16.37 -54.38 -13.45
CAB CLA DD . 16.64 -56.43 -11.05
CBB CLA DD . 17.43 -55.67 -10.38
NC CLA DD . 17.21 -60.73 -14.23
C1C CLA DD . 17.38 -60.42 -12.89
C2C CLA DD . 17.79 -61.59 -12.11
C3C CLA DD . 17.86 -62.64 -12.98
C4C CLA DD . 17.52 -62.14 -14.29
CMC CLA DD . 18.09 -61.65 -10.64
CAC CLA DD . 18.26 -64.05 -12.67
CBC CLA DD . 17.06 -64.95 -12.47
ND CLA DD . 17.04 -60.98 -16.85
C1D CLA DD . 17.38 -62.38 -16.67
C2D CLA DD . 17.41 -63.04 -17.92
C3D CLA DD . 17.13 -62.07 -18.92
C4D CLA DD . 16.93 -60.88 -18.22
CMD CLA DD . 17.68 -64.49 -18.14
CAD CLA DD . 16.95 -61.79 -20.32
OBD CLA DD . 16.99 -62.56 -21.27
CBD CLA DD . 16.67 -60.34 -20.51
CGD CLA DD . 17.80 -59.70 -21.31
O1D CLA DD . 18.96 -59.96 -21.19
O2D CLA DD . 17.33 -58.80 -22.17
CED CLA DD . 18.32 -58.09 -22.95
C1 CLA DD . 13.41 -55.30 -15.55
C2 CLA DD . 12.23 -54.50 -15.12
C3 CLA DD . 11.54 -54.63 -13.99
C4 CLA DD . 10.37 -53.76 -13.64
C5 CLA DD . 11.90 -55.69 -12.95
C6 CLA DD . 10.79 -56.02 -11.95
C7 CLA DD . 11.15 -57.21 -11.07
C8 CLA DD . 10.02 -57.79 -10.20
C9 CLA DD . 9.34 -56.71 -9.37
C10 CLA DD . 10.56 -58.92 -9.31
C11 CLA DD . 9.64 -60.11 -9.09
C12 CLA DD . 10.32 -61.25 -8.36
C13 CLA DD . 10.86 -60.93 -6.97
MG CLA ED . 17.00 -70.64 -0.27
CHA CLA ED . 16.24 -72.28 2.64
CHB CLA ED . 19.60 -72.63 -0.71
CHC CLA ED . 17.97 -68.61 -2.85
CHD CLA ED . 14.60 -68.16 0.60
NA CLA ED . 17.68 -72.17 0.72
C1A CLA ED . 17.23 -72.81 1.88
C2A CLA ED . 17.95 -74.07 2.22
C3A CLA ED . 19.02 -74.15 1.16
C4A CLA ED . 18.77 -72.91 0.33
CMA CLA ED . 20.43 -74.21 1.75
CAA CLA ED . 16.98 -75.27 2.16
CBA CLA ED . 15.91 -75.23 1.08
CGA CLA ED . 15.24 -76.56 0.86
O1A CLA ED . 14.73 -76.91 -0.16
O2A CLA ED . 15.29 -77.31 1.97
NB CLA ED . 18.50 -70.59 -1.51
C1B CLA ED . 19.57 -71.56 -1.58
C2B CLA ED . 20.46 -71.22 -2.62
C3B CLA ED . 19.98 -70.06 -3.22
C4B CLA ED . 18.80 -69.68 -2.55
CMB CLA ED . 21.69 -71.98 -3.00
CAB CLA ED . 20.58 -69.32 -4.32
CBB CLA ED . 20.90 -69.77 -5.50
NC CLA ED . 16.40 -68.88 -0.98
C1C CLA ED . 16.89 -68.23 -2.11
C2C CLA ED . 16.13 -67.02 -2.41
C3C CLA ED . 15.16 -66.91 -1.44
C4C CLA ED . 15.33 -68.01 -0.54
CMC CLA ED . 16.34 -66.07 -3.55
CAC CLA ED . 14.06 -65.88 -1.37
CBC CLA ED . 14.33 -64.79 -0.38
ND CLA ED . 15.76 -70.25 1.19
C1D CLA ED . 14.79 -69.20 1.48
C2D CLA ED . 14.12 -69.48 2.68
C3D CLA ED . 14.65 -70.70 3.18
C4D CLA ED . 15.60 -71.09 2.27
CMD CLA ED . 13.06 -68.64 3.32
CAD CLA ED . 14.58 -71.70 4.22
OBD CLA ED . 13.84 -71.75 5.20
CBD CLA ED . 15.60 -72.75 3.95
CGD CLA ED . 16.59 -72.79 5.12
O1D CLA ED . 17.21 -73.76 5.46
O2D CLA ED . 16.68 -71.59 5.69
CED CLA ED . 17.62 -71.49 6.79
MG CLA FD . 24.01 -81.30 -2.95
CHA CLA FD . 21.64 -78.83 -2.92
CHB CLA FD . 21.59 -83.53 -2.52
CHC CLA FD . 26.44 -83.66 -2.49
CHD CLA FD . 26.52 -78.82 -2.49
NA CLA FD . 22.08 -81.17 -2.90
C1A CLA FD . 21.22 -80.10 -3.07
C2A CLA FD . 19.81 -80.53 -3.34
C3A CLA FD . 19.78 -81.85 -2.62
C4A CLA FD . 21.25 -82.24 -2.67
CMA CLA FD . 19.25 -81.77 -1.19
CAA CLA FD . 19.65 -80.67 -4.87
CBA CLA FD . 19.52 -79.35 -5.61
CGA CLA FD . 19.11 -79.52 -7.05
O1A CLA FD . 19.05 -80.58 -7.63
O2A CLA FD . 18.82 -78.35 -7.61
NB CLA FD . 24.03 -83.22 -2.63
C1B CLA FD . 22.87 -84.07 -2.52
C2B CLA FD . 23.27 -85.41 -2.35
C3B CLA FD . 24.66 -85.42 -2.33
C4B CLA FD . 25.12 -84.11 -2.49
CMB CLA FD . 22.35 -86.59 -2.22
CAB CLA FD . 25.52 -86.60 -2.16
CBB CLA FD . 25.44 -87.76 -2.75
NC CLA FD . 25.97 -81.25 -2.64
C1C CLA FD . 26.81 -82.35 -2.54
C2C CLA FD . 28.21 -81.95 -2.41
C3C CLA FD . 28.25 -80.58 -2.42
C4C CLA FD . 26.88 -80.13 -2.54
CMC CLA FD . 29.38 -82.87 -2.26
CAC CLA FD . 29.48 -79.70 -2.37
CBC CLA FD . 29.89 -79.38 -0.96
ND CLA FD . 24.12 -79.36 -2.74
C1D CLA FD . 25.20 -78.39 -2.57
C2D CLA FD . 24.67 -77.09 -2.53
C3D CLA FD . 23.27 -77.20 -2.65
C4D CLA FD . 23.02 -78.55 -2.78
CMD CLA FD . 25.47 -75.82 -2.36
CAD CLA FD . 22.00 -76.49 -2.72
OBD CLA FD . 21.78 -75.30 -2.66
CBD CLA FD . 20.89 -77.50 -2.88
CGD CLA FD . 19.92 -77.43 -1.70
O1D CLA FD . 20.26 -77.35 -0.55
O2D CLA FD . 18.66 -77.54 -2.11
CED CLA FD . 17.67 -77.69 -1.08
MG CLA GD . 32.07 -54.08 4.12
CHA CLA GD . 32.77 -53.93 7.46
CHB CLA GD . 29.02 -52.92 4.72
CHC CLA GD . 31.34 -54.56 0.80
CHD CLA GD . 34.96 -56.08 3.66
NA CLA GD . 31.17 -53.50 5.72
C1A CLA GD . 31.60 -53.39 7.04
C2A CLA GD . 30.65 -52.64 7.93
C3A CLA GD . 29.38 -52.69 7.15
C4A CLA GD . 29.87 -53.06 5.77
CMA CLA GD . 28.36 -53.68 7.69
CAA CLA GD . 31.21 -51.22 8.13
CBA CLA GD . 31.36 -50.33 6.91
CGA CLA GD . 32.14 -49.09 7.23
O1A CLA GD . 32.47 -48.78 8.34
O2A CLA GD . 32.44 -48.39 6.14
NB CLA GD . 30.50 -53.80 2.98
C1B CLA GD . 29.26 -53.20 3.40
C2B CLA GD . 28.42 -53.02 2.28
C3B CLA GD . 29.09 -53.51 1.16
C4B CLA GD . 30.35 -53.98 1.58
CMB CLA GD . 27.06 -52.36 2.30
CAB CLA GD . 28.64 -53.52 -0.23
CBB CLA GD . 27.54 -54.03 -0.71
NC CLA GD . 32.93 -55.04 2.62
C1C CLA GD . 32.52 -55.06 1.29
C2C CLA GD . 33.47 -55.78 0.44
C3C CLA GD . 34.49 -56.21 1.24
C4C CLA GD . 34.17 -55.79 2.59
CMC CLA GD . 33.37 -55.96 -1.05
CAC CLA GD . 35.73 -56.96 0.84
CBC CLA GD . 35.65 -58.44 1.14
ND CLA GD . 33.50 -54.84 5.20
C1D CLA GD . 34.69 -55.63 4.94
C2D CLA GD . 35.41 -55.81 6.12
C3D CLA GD . 34.72 -55.15 7.16
C4D CLA GD . 33.60 -54.60 6.55
CMD CLA GD . 36.71 -56.56 6.25
CAD CLA GD . 34.68 -54.78 8.55
OBD CLA GD . 35.49 -55.03 9.43
CBD CLA GD . 33.45 -53.98 8.83
CGD CLA GD . 32.61 -54.65 9.91
O1D CLA GD . 32.42 -55.83 9.99
O2D CLA GD . 32.10 -53.76 10.75
CED CLA GD . 31.26 -54.28 11.80
C1 CLA GD . 33.33 -47.25 6.31
C2 CLA GD . 33.97 -46.95 5.00
C3 CLA GD . 35.09 -46.23 4.89
C4 CLA GD . 35.79 -45.60 6.07
C5 CLA GD . 35.75 -45.99 3.55
C6 CLA GD . 35.74 -47.19 2.61
C7 CLA GD . 34.74 -47.07 1.47
C8 CLA GD . 35.26 -46.51 0.13
C9 CLA GD . 36.10 -47.54 -0.61
C10 CLA GD . 36.00 -45.18 0.32
C11 CLA GD . 36.45 -44.44 -0.94
C12 CLA GD . 37.00 -43.05 -0.62
C13 CLA GD . 37.69 -42.31 -1.77
C14 CLA GD . 38.27 -40.98 -1.31
C15 CLA GD . 36.74 -42.12 -2.94
NB KC2 HD . 39.65 -46.79 8.60
ND KC2 HD . 36.50 -48.24 10.41
C1A KC2 HD . 38.15 -46.45 12.53
C1B KC2 HD . 40.69 -45.95 9.07
C1C KC2 HD . 38.14 -48.49 6.67
C1D KC2 HD . 35.49 -49.08 10.04
C2A KC2 HD . 38.95 -45.64 13.40
C2B KC2 HD . 41.70 -45.73 8.02
C2C KC2 HD . 37.39 -49.29 5.75
C2D KC2 HD . 34.65 -49.31 11.13
C3A KC2 HD . 40.02 -45.18 12.68
C3B KC2 HD . 41.30 -46.43 6.93
C3C KC2 HD . 36.31 -49.78 6.43
C3D KC2 HD . 35.20 -48.56 12.23
C4A KC2 HD . 39.88 -45.70 11.36
C4B KC2 HD . 40.04 -47.10 7.24
C4C KC2 HD . 36.35 -49.29 7.77
C4D KC2 HD . 36.36 -47.91 11.73
CAA KC2 HD . 38.67 -45.40 14.81
CAB KC2 HD . 42.01 -46.58 5.65
CAC KC2 HD . 35.31 -50.67 5.85
CAD KC2 HD . 34.98 -48.23 13.62
CBA KC2 HD . 38.35 -44.23 15.35
CBB KC2 HD . 41.68 -46.12 4.50
CBC KC2 HD . 35.50 -51.85 5.33
CBD KC2 HD . 36.13 -47.35 14.04
CED KC2 HD . 34.57 -43.99 14.26
CGA KC2 HD . 38.07 -44.00 16.78
CGD KC2 HD . 35.55 -46.09 14.68
CHA KC2 HD . 36.98 -47.16 12.76
CHB KC2 HD . 40.81 -45.43 10.33
CHC KC2 HD . 39.35 -47.87 6.34
CHD KC2 HD . 35.42 -49.58 8.74
CMA KC2 HD . 41.12 -44.28 13.15
CMB KC2 HD . 42.92 -44.87 8.16
CMC KC2 HD . 37.74 -49.50 4.31
CMD KC2 HD . 33.42 -50.17 11.18
NA KC2 HD . 38.73 -46.47 11.27
NC KC2 HD . 37.51 -48.46 7.90
O1A KC2 HD . 38.54 -44.73 17.64
O1D KC2 HD . 35.45 -45.91 15.86
O2A KC2 HD . 37.30 -42.98 17.05
O2D KC2 HD . 35.14 -45.22 13.75
OBD KC2 HD . 34.05 -48.59 14.34
MG KC2 HD . 37.99 -47.44 9.62
MG CLA ID . 20.58 -48.18 5.88
CHA CLA ID . 19.96 -46.64 8.88
CHB CLA ID . 17.85 -50.01 6.28
CHC CLA ID . 21.60 -50.07 3.20
CHD CLA ID . 23.71 -46.52 5.74
NA CLA ID . 19.20 -48.20 7.23
C1A CLA ID . 19.00 -47.44 8.37
C2A CLA ID . 17.64 -47.57 8.98
C3A CLA ID . 17.10 -48.81 8.30
C4A CLA ID . 18.10 -49.05 7.19
CMA CLA ID . 16.97 -50.01 9.23
CAA CLA ID . 16.83 -46.31 8.66
CBA CLA ID . 16.95 -45.77 7.22
CGA CLA ID . 15.75 -44.99 6.77
O1A CLA ID . 14.64 -45.14 7.18
O2A CLA ID . 16.08 -44.14 5.79
NB CLA ID . 19.88 -49.74 4.93
C1B CLA ID . 18.62 -50.39 5.20
C2B CLA ID . 18.39 -51.41 4.24
C3B CLA ID . 19.48 -51.42 3.38
C4B CLA ID . 20.39 -50.42 3.79
CMB CLA ID . 17.16 -52.26 4.14
CAB CLA ID . 19.65 -52.32 2.24
CBB CLA ID . 20.70 -52.98 1.84
NC CLA ID . 22.20 -48.24 4.75
C1C CLA ID . 22.42 -49.07 3.65
C2C CLA ID . 23.68 -48.75 2.97
C3C CLA ID . 24.23 -47.69 3.64
C4C CLA ID . 23.38 -47.40 4.76
CMC CLA ID . 24.28 -49.43 1.78
CAC CLA ID . 25.44 -46.90 3.24
CBC CLA ID . 26.68 -47.25 4.01
ND CLA ID . 21.64 -46.97 6.99
C1D CLA ID . 22.93 -46.30 6.86
C2D CLA ID . 23.14 -45.46 7.96
C3D CLA ID . 22.02 -45.56 8.81
C4D CLA ID . 21.17 -46.47 8.18
CMD CLA ID . 24.34 -44.57 8.17
CAD CLA ID . 21.39 -45.15 10.05
OBD CLA ID . 21.82 -44.41 10.92
CBD CLA ID . 20.03 -45.79 10.14
CGD CLA ID . 19.88 -46.61 11.43
O1D CLA ID . 19.90 -47.80 11.48
O2D CLA ID . 19.74 -45.81 12.48
CED CLA ID . 19.58 -46.48 13.75
C1 CLA ID . 14.96 -43.60 5.01
C2 CLA ID . 14.27 -42.52 5.76
C3 CLA ID . 14.81 -41.32 5.99
C4 CLA ID . 14.11 -40.23 6.75
C5 CLA ID . 16.20 -40.99 5.51
MG CLA JD . 11.97 -60.33 3.83
CHA CLA JD . 13.30 -59.30 6.81
CHB CLA JD . 11.78 -63.42 5.03
CHC CLA JD . 11.08 -61.36 0.69
CHD CLA JD . 12.93 -57.22 2.39
NA CLA JD . 12.34 -61.10 5.57
C1A CLA JD . 12.77 -60.54 6.76
C2A CLA JD . 12.63 -61.44 7.95
C3A CLA JD . 12.48 -62.79 7.30
C4A CLA JD . 12.18 -62.44 5.87
CMA CLA JD . 13.72 -63.68 7.40
CAA CLA JD . 11.39 -60.92 8.70
CBA CLA JD . 11.66 -60.29 10.08
CGA CLA JD . 10.95 -58.99 10.30
O1A CLA JD . 10.66 -58.20 9.45
O2A CLA JD . 10.70 -58.79 11.59
NB CLA JD . 11.53 -62.04 3.02
C1B CLA JD . 11.46 -63.31 3.69
C2B CLA JD . 11.06 -64.32 2.79
C3B CLA JD . 10.88 -63.71 1.54
C4B CLA JD . 11.16 -62.33 1.68
CMB CLA JD . 10.85 -65.77 3.12
CAB CLA JD . 10.47 -64.36 0.29
CBB CLA JD . 9.27 -64.73 -0.06
NC CLA JD . 11.96 -59.49 2.03
C1C CLA JD . 11.48 -60.06 0.87
C2C CLA JD . 11.50 -59.11 -0.25
C3C CLA JD . 12.02 -57.94 0.23
C4C CLA JD . 12.33 -58.16 1.62
CMC CLA JD . 11.01 -59.37 -1.64
CAC CLA JD . 12.20 -56.65 -0.52
CBC CLA JD . 13.63 -56.44 -0.98
ND CLA JD . 12.87 -58.69 4.37
C1D CLA JD . 13.21 -57.42 3.73
C2D CLA JD . 13.81 -56.56 4.67
C3D CLA JD . 13.87 -57.24 5.91
C4D CLA JD . 13.30 -58.48 5.66
CMD CLA JD . 14.29 -55.16 4.40
CAD CLA JD . 14.21 -57.17 7.31
OBD CLA JD . 14.67 -56.23 7.94
CBD CLA JD . 13.92 -58.49 7.95
CGD CLA JD . 15.22 -59.11 8.47
O1D CLA JD . 15.85 -59.95 7.91
O2D CLA JD . 15.57 -58.56 9.64
CED CLA JD . 16.79 -59.07 10.22
C1 CLA JD . 10.09 -57.52 11.93
C DD6 KD . 28.40 -64.99 -8.04
C1 DD6 KD . 28.71 -64.62 -6.61
C10 DD6 KD . 35.01 -57.60 -9.13
C11 DD6 KD . 35.61 -56.39 -9.20
C12 DD6 KD . 35.59 -55.39 -8.07
C13 DD6 KD . 36.32 -56.03 -10.41
C14 DD6 KD . 36.94 -54.91 -10.76
C15 DD6 KD . 37.66 -54.68 -12.06
C16 DD6 KD . 39.14 -54.55 -12.02
C17 DD6 KD . 39.71 -54.59 -13.47
C18 DD6 KD . 38.90 -53.98 -14.59
C19 DD6 KD . 37.75 -53.13 -14.09
C2 DD6 KD . 29.60 -63.65 -6.27
C20 DD6 KD . 36.91 -53.87 -13.08
C21 DD6 KD . 35.48 -53.44 -12.90
C22 DD6 KD . 39.58 -53.25 -11.34
C23 DD6 KD . 39.76 -55.71 -11.24
C24 DD6 KD . 28.12 -65.42 -5.54
C25 DD6 KD . 27.45 -66.57 -5.65
C26 DD6 KD . 26.91 -67.26 -4.52
C27 DD6 KD . 26.27 -68.45 -4.50
C28 DD6 KD . 25.97 -69.28 -5.71
C29 DD6 KD . 25.84 -68.96 -3.23
C3 DD6 KD . 30.40 -62.84 -7.13
C30 DD6 KD . 25.39 -69.41 -2.22
C31 DD6 KD . 24.76 -69.97 -1.07
C32 DD6 KD . 25.53 -71.05 -0.31
C33 DD6 KD . 24.56 -71.81 0.59
C34 DD6 KD . 23.60 -70.91 1.35
C35 DD6 KD . 22.73 -70.19 0.34
C36 DD6 KD . 23.55 -69.50 -0.73
C37 DD6 KD . 22.88 -68.31 -1.36
C4 DD6 KD . 31.19 -61.85 -6.66
C40 DD6 KD . 26.65 -70.43 0.54
C41 DD6 KD . 26.16 -72.05 -1.29
C5 DD6 KD . 32.03 -61.04 -7.50
C6 DD6 KD . 32.82 -60.01 -7.13
C7 DD6 KD . 32.94 -59.53 -5.71
C8 DD6 KD . 33.60 -59.33 -8.15
C9 DD6 KD . 34.28 -58.18 -8.04
O1 DD6 KD . 37.10 -55.31 -13.21
O2 DD6 KD . 39.76 -53.17 -15.40
O4 DD6 KD . 22.78 -71.70 2.21
C DD6 LD . 20.45 -54.26 -4.39
C1 DD6 LD . 20.31 -55.49 -3.53
C10 DD6 LD . 14.47 -59.98 -9.93
C11 DD6 LD . 13.89 -60.95 -10.70
C12 DD6 LD . 13.91 -62.40 -10.33
C13 DD6 LD . 13.20 -60.54 -11.91
C14 DD6 LD . 12.52 -61.28 -12.78
C15 DD6 LD . 11.83 -60.77 -14.02
C16 DD6 LD . 10.38 -61.08 -14.18
C17 DD6 LD . 9.79 -60.25 -15.34
C18 DD6 LD . 10.67 -59.92 -16.54
C19 DD6 LD . 11.93 -60.77 -16.57
C2 DD6 LD . 19.50 -56.54 -3.83
C20 DD6 LD . 12.66 -60.71 -15.25
C21 DD6 LD . 14.14 -61.01 -15.28
C22 DD6 LD . 9.64 -60.71 -12.90
C23 DD6 LD . 10.11 -62.57 -14.44
C24 DD6 LD . 21.13 -55.57 -2.32
C25 DD6 LD . 21.89 -54.61 -1.76
C26 DD6 LD . 22.66 -54.83 -0.58
C27 DD6 LD . 23.42 -53.94 0.10
C28 DD6 LD . 23.61 -52.50 -0.27
C29 DD6 LD . 24.07 -54.41 1.28
C3 DD6 LD . 18.70 -56.71 -5.00
C30 DD6 LD . 24.53 -54.80 2.33
C31 DD6 LD . 24.96 -55.20 3.62
C32 DD6 LD . 24.07 -54.80 4.80
C33 DD6 LD . 24.78 -55.10 6.13
C34 DD6 LD . 25.65 -56.34 6.14
C35 DD6 LD . 26.72 -56.18 5.07
C36 DD6 LD . 26.12 -55.90 3.72
C37 DD6 LD . 26.88 -56.44 2.55
C4 DD6 LD . 18.08 -57.88 -5.30
C40 DD6 LD . 22.74 -55.54 4.74
C41 DD6 LD . 23.81 -53.28 4.79
C5 DD6 LD . 17.28 -58.06 -6.47
C6 DD6 LD . 16.69 -59.20 -6.92
C7 DD6 LD . 16.83 -60.52 -6.21
C8 DD6 LD . 15.91 -59.15 -8.15
C9 DD6 LD . 15.18 -60.14 -8.70
O1 DD6 LD . 12.28 -59.52 -14.52
O2 DD6 LD . 9.92 -60.15 -17.73
O4 DD6 LD . 26.28 -56.49 7.42
C DD6 MD . 11.85 -63.28 -2.98
C1 DD6 MD . 13.01 -62.92 -3.84
C10 DD6 MD . 17.29 -57.38 3.01
C11 DD6 MD . 18.12 -56.51 3.64
C12 DD6 MD . 19.13 -55.67 2.91
C13 DD6 MD . 18.06 -56.42 5.09
C14 DD6 MD . 18.93 -55.88 5.93
C15 DD6 MD . 18.82 -55.81 7.43
C16 DD6 MD . 18.87 -54.50 8.09
C17 DD6 MD . 18.44 -54.63 9.56
C18 DD6 MD . 18.97 -55.81 10.37
C19 DD6 MD . 19.92 -56.69 9.57
C2 DD6 MD . 14.01 -62.08 -3.44
C20 DD6 MD . 19.42 -56.95 8.17
C21 DD6 MD . 19.96 -58.19 7.49
C22 DD6 MD . 17.89 -53.56 7.38
C23 DD6 MD . 20.25 -53.81 8.01
C24 DD6 MD . 13.13 -63.54 -5.14
C25 DD6 MD . 12.36 -64.52 -5.66
C26 DD6 MD . 12.59 -65.07 -6.95
C27 DD6 MD . 11.92 -66.08 -7.56
C28 DD6 MD . 10.71 -66.77 -6.97
C29 DD6 MD . 12.40 -66.55 -8.81
C3 DD6 MD . 14.17 -61.45 -2.16
C30 DD6 MD . 12.85 -67.04 -9.81
C31 DD6 MD . 13.32 -67.71 -10.96
C32 DD6 MD . 13.20 -67.01 -12.32
C33 DD6 MD . 14.37 -67.45 -13.23
C34 DD6 MD . 14.70 -68.92 -13.21
C35 DD6 MD . 14.96 -69.37 -11.79
C36 DD6 MD . 13.86 -68.94 -10.86
C37 DD6 MD . 13.43 -69.97 -9.84
C4 DD6 MD . 15.16 -60.55 -1.92
C40 DD6 MD . 11.84 -67.33 -12.96
C41 DD6 MD . 13.31 -65.49 -12.15
C5 DD6 MD . 15.36 -59.93 -0.65
C6 DD6 MD . 16.24 -58.96 -0.33
C7 DD6 MD . 17.17 -58.32 -1.34
C8 DD6 MD . 16.37 -58.55 1.07
C9 DD6 MD . 17.25 -57.70 1.60
O1 DD6 MD . 17.99 -56.78 8.06
O2 DD6 MD . 19.65 -55.31 11.52
O4 DD6 MD . 13.61 -69.67 -13.77
C DD6 ND . 17.34 -70.99 -6.10
C1 DD6 ND . 16.65 -69.84 -6.76
C10 DD6 ND . 10.05 -69.26 0.40
C11 DD6 ND . 8.91 -69.04 1.11
C12 DD6 ND . 7.79 -68.17 0.61
C13 DD6 ND . 8.78 -69.63 2.43
C14 DD6 ND . 7.95 -69.33 3.41
C15 DD6 ND . 7.86 -70.00 4.76
C16 DD6 ND . 8.95 -69.78 5.75
C17 DD6 ND . 8.49 -70.24 7.15
C18 DD6 ND . 7.64 -71.50 7.27
C19 DD6 ND . 7.50 -72.24 5.96
C2 DD6 ND . 15.56 -69.21 -6.24
C20 DD6 ND . 7.15 -71.32 4.82
C21 DD6 ND . 6.46 -71.93 3.61
C22 DD6 ND . 10.24 -70.54 5.36
C23 DD6 ND . 9.31 -68.29 5.83
C24 DD6 ND . 17.19 -69.36 -8.03
C25 DD6 ND . 18.32 -69.75 -8.65
C26 DD6 ND . 18.75 -69.21 -9.91
C27 DD6 ND . 19.78 -69.61 -10.67
C28 DD6 ND . 20.69 -70.77 -10.32
C29 DD6 ND . 20.06 -68.92 -11.89
C3 DD6 ND . 14.90 -69.50 -5.00
C30 DD6 ND . 20.37 -68.43 -12.94
C31 DD6 ND . 20.83 -67.92 -14.18
C32 DD6 ND . 22.32 -67.61 -14.34
C33 DD6 ND . 22.47 -66.37 -15.23
C34 DD6 ND . 21.65 -66.41 -16.51
C35 DD6 ND . 20.17 -66.60 -16.17
C36 DD6 ND . 19.96 -67.72 -15.20
C37 DD6 ND . 18.75 -68.57 -15.44
C4 DD6 ND . 13.77 -68.87 -4.59
C40 DD6 ND . 22.96 -67.29 -12.99
C41 DD6 ND . 23.05 -68.80 -14.98
C5 DD6 ND . 13.13 -69.16 -3.35
C6 DD6 ND . 12.03 -68.57 -2.80
C7 DD6 ND . 11.29 -67.46 -3.48
C8 DD6 ND . 11.56 -69.04 -1.51
C9 DD6 ND . 10.40 -68.74 -0.89
O1 DD6 ND . 6.55 -70.09 5.31
O2 DD6 ND . 8.24 -72.37 8.24
O4 DD6 ND . 21.82 -65.20 -17.23
C1 LMG OD . 21.40 -73.13 -18.86
O1 LMG OD . 21.14 -73.64 -17.56
C2 LMG OD . 22.46 -72.06 -18.89
O2 LMG OD . 21.92 -70.78 -18.54
C3 LMG OD . 23.02 -71.99 -20.29
O3 LMG OD . 24.09 -72.91 -20.48
C4 LMG OD . 21.97 -72.38 -21.30
O4 LMG OD . 22.49 -72.22 -22.62
C5 LMG OD . 21.56 -73.81 -21.05
O5 LMG OD . 21.38 -74.99 -23.12
C6 LMG OD . 22.23 -74.79 -21.99
O6 LMG OD . 21.89 -74.14 -19.71
C7 LMG OD . 20.52 -72.67 -16.73
C8 LMG OD . 19.36 -73.28 -15.96
C9 LMG OD . 19.86 -74.13 -14.81
O7 LMG OD . 18.56 -72.25 -15.41
C10 LMG OD . 17.19 -72.37 -15.83
O9 LMG OD . 16.94 -72.22 -17.01
C11 LMG OD . 16.08 -72.65 -14.85
C12 LMG OD . 14.76 -72.40 -15.56
C13 LMG OD . 13.57 -72.76 -14.69
C14 LMG OD . 12.76 -73.88 -15.33
C15 LMG OD . 11.32 -73.85 -14.86
C16 LMG OD . 11.20 -73.35 -13.42
O8 LMG OD . 19.74 -73.35 -13.63
C28 LMG OD . 19.12 -73.91 -12.44
O10 LMG OD . 19.71 -74.76 -11.81
C29 LMG OD . 17.75 -73.44 -12.00
C30 LMG OD . 17.54 -73.75 -10.53
C31 LMG OD . 16.18 -73.26 -10.08
C32 LMG OD . 15.07 -74.15 -10.63
O1 LHG PD . 10.53 -40.42 -20.85
C1 LHG PD . 9.41 -40.58 -21.72
C2 LHG PD . 9.72 -41.65 -22.76
O2 LHG PD . 8.59 -41.80 -23.63
C3 LHG PD . 10.00 -42.97 -22.07
O3 LHG PD . 9.54 -44.03 -22.91
P LHG PD . 8.30 -44.96 -22.49
O4 LHG PD . 7.05 -44.21 -22.83
O5 LHG PD . 8.54 -46.33 -23.07
O6 LHG PD . 8.42 -45.04 -20.88
C4 LHG PD . 7.60 -44.18 -20.08
C5 LHG PD . 8.26 -43.86 -18.74
C6 LHG PD . 7.25 -43.11 -17.88
O7 LHG PD . 8.66 -45.07 -18.11
C7 LHG PD . 10.05 -45.09 -17.72
O9 LHG PD . 10.89 -44.91 -18.57
C8 LHG PD . 10.44 -45.35 -16.29
C9 LHG PD . 11.90 -45.00 -16.07
C10 LHG PD . 12.10 -44.65 -14.61
O8 LHG PD . 7.91 -42.49 -16.80
C23 LHG PD . 7.30 -42.28 -15.50
O10 LHG PD . 7.51 -41.23 -14.95
C24 LHG PD . 6.42 -43.32 -14.87
C11 LHG PD . 11.72 -43.22 -14.33
C12 LHG PD . 12.24 -42.76 -12.98
C13 LHG PD . 11.64 -43.54 -11.82
C14 LHG PD . 10.19 -43.19 -11.52
C15 LHG PD . 9.85 -43.76 -10.14
C16 LHG PD . 8.40 -43.54 -9.78
C17 LHG PD . 8.20 -43.96 -8.34
C18 LHG PD . 6.80 -43.66 -7.81
C19 LHG PD . 5.99 -44.93 -7.63
C20 LHG PD . 6.23 -45.50 -6.25
C21 LHG PD . 5.67 -46.89 -6.20
C22 LHG PD . 5.82 -47.51 -4.83
C25 LHG PD . 7.20 -44.60 -14.68
C26 LHG PD . 6.26 -45.76 -14.37
C27 LHG PD . 5.59 -45.60 -13.02
C28 LHG PD . 4.87 -46.88 -12.64
C29 LHG PD . 4.67 -46.88 -11.14
C30 LHG PD . 4.57 -48.28 -10.60
C31 LHG PD . 4.93 -48.15 -9.14
C32 LHG PD . 4.69 -49.42 -8.36
C33 LHG PD . 5.15 -50.66 -9.10
C34 LHG PD . 5.12 -51.84 -8.15
C35 LHG PD . 5.47 -53.13 -8.87
C1 LMG QD . 13.04 -33.70 -21.16
O1 LMG QD . 13.16 -34.86 -20.37
C2 LMG QD . 14.28 -33.54 -22.02
O2 LMG QD . 15.12 -32.52 -21.47
C3 LMG QD . 13.86 -33.15 -23.42
O3 LMG QD . 15.02 -32.88 -24.20
C4 LMG QD . 13.05 -34.28 -24.03
O4 LMG QD . 13.92 -35.36 -24.38
C5 LMG QD . 11.96 -34.76 -23.06
O5 LMG QD . 11.36 -36.48 -21.45
C6 LMG QD . 12.22 -36.18 -22.56
O6 LMG QD . 11.87 -33.84 -21.96
C7 LMG QD . 12.32 -34.78 -19.24
C8 LMG QD . 13.23 -34.64 -18.02
C9 LMG QD . 13.85 -35.99 -17.69
O7 LMG QD . 14.23 -33.68 -18.34
C10 LMG QD . 14.87 -32.96 -17.23
O9 LMG QD . 16.07 -32.80 -17.31
C11 LMG QD . 14.11 -32.37 -16.05
C12 LMG QD . 15.04 -31.99 -14.91
C13 LMG QD . 14.44 -31.03 -13.88
C14 LMG QD . 12.95 -31.23 -13.69
C15 LMG QD . 12.41 -30.48 -12.47
C16 LMG QD . 10.92 -30.81 -12.37
C17 LMG QD . 10.32 -30.45 -11.03
C18 LMG QD . 8.84 -30.78 -11.10
C19 LMG QD . 8.24 -31.00 -9.73
C20 LMG QD . 7.01 -30.12 -9.55
O8 LMG QD . 13.01 -37.10 -18.00
C28 LMG QD . 13.13 -38.39 -17.33
O10 LMG QD . 12.36 -39.29 -17.64
C29 LMG QD . 14.17 -38.59 -16.27
C30 LMG QD . 14.26 -39.93 -15.57
C31 LMG QD . 15.56 -39.99 -14.78
C32 LMG QD . 15.33 -39.51 -13.36
C33 LMG QD . 16.64 -39.22 -12.64
C34 LMG QD . 16.67 -39.74 -11.22
C35 LMG QD . 16.66 -38.64 -10.18
C36 LMG QD . 16.72 -39.28 -8.80
C37 LMG QD . 16.50 -38.28 -7.67
MG CLA RD . 32.36 50.36 -1.75
CHA CLA RD . 29.92 49.38 -3.95
CHB CLA RD . 30.02 51.82 0.10
CHC CLA RD . 34.87 51.68 0.15
CHD CLA RD . 34.81 49.51 -4.18
NA CLA RD . 30.43 50.41 -1.84
C1A CLA RD . 29.53 49.82 -2.72
C2A CLA RD . 28.12 49.78 -2.22
C3A CLA RD . 28.14 50.93 -1.23
C4A CLA RD . 29.63 51.08 -0.95
CMA CLA RD . 27.50 52.22 -1.75
NB CLA RD . 32.44 51.52 -0.19
C1B CLA RD . 31.31 52.08 0.52
C2B CLA RD . 31.76 52.84 1.62
C3B CLA RD . 33.16 52.80 1.62
C4B CLA RD . 33.57 52.00 0.53
CMB CLA RD . 30.88 53.57 2.59
CAB CLA RD . 34.07 53.45 2.55
CBB CLA RD . 34.10 53.33 3.86
NC CLA RD . 34.32 50.51 -1.94
C1C CLA RD . 35.20 51.04 -1.00
C2C CLA RD . 36.60 50.90 -1.43
C3C CLA RD . 36.58 50.27 -2.64
C4C CLA RD . 35.20 50.04 -3.00
CMC CLA RD . 37.81 51.35 -0.67
CAC CLA RD . 37.77 49.84 -3.47
CBC CLA RD . 38.06 50.81 -4.59
ND CLA RD . 32.43 49.67 -3.57
C1D CLA RD . 33.48 49.32 -4.52
C2D CLA RD . 32.92 48.78 -5.70
C3D CLA RD . 31.51 48.80 -5.54
C4D CLA RD . 31.29 49.32 -4.27
CMD CLA RD . 33.67 48.26 -6.88
CAD CLA RD . 30.21 48.50 -6.13
OBD CLA RD . 29.96 48.06 -7.23
CBD CLA RD . 29.13 48.83 -5.14
CGD CLA RD . 28.15 49.86 -5.71
O1D CLA RD . 27.94 50.94 -5.24
O2D CLA RD . 27.57 49.39 -6.80
CED CLA RD . 26.58 50.25 -7.42
NB KC2 SD . 29.61 62.19 -2.32
ND KC2 SD . 26.41 64.31 -1.61
C1A KC2 SD . 27.76 65.42 -4.33
C1B KC2 SD . 30.54 62.25 -3.39
C1C KC2 SD . 28.42 61.27 0.25
C1D KC2 SD . 25.48 64.34 -0.61
C2A KC2 SD . 28.46 65.86 -5.50
C2B KC2 SD . 31.58 61.20 -3.23
C2C KC2 SD . 27.85 60.86 1.49
C2D KC2 SD . 24.53 65.32 -0.88
C3A KC2 SD . 29.57 65.08 -5.64
C3B KC2 SD . 31.30 60.54 -2.08
C3C KC2 SD . 26.75 61.66 1.71
C3D KC2 SD . 24.91 65.94 -2.12
C4A KC2 SD . 29.57 64.15 -4.56
C4B KC2 SD . 30.11 61.11 -1.48
C4C KC2 SD . 26.61 62.55 0.62
C4D KC2 SD . 26.10 65.27 -2.53
CAA KC2 SD . 28.01 66.89 -6.42
CAB KC2 SD . 32.05 59.41 -1.50
CAC KC2 SD . 25.91 61.59 2.92
CAD KC2 SD . 24.55 66.98 -3.06
CBA KC2 SD . 28.59 68.07 -6.67
CBB KC2 SD . 33.29 59.41 -1.10
CBC KC2 SD . 26.30 61.76 4.15
CBD KC2 SD . 25.59 66.94 -4.15
CED KC2 SD . 24.48 67.45 -7.65
CGA KC2 SD . 28.10 69.10 -7.60
CGD KC2 SD . 24.88 66.65 -5.48
CHA KC2 SD . 26.58 65.85 -3.74
CHB KC2 SD . 30.54 63.14 -4.43
CHC KC2 SD . 29.58 60.70 -0.29
CHD KC2 SD . 25.59 63.47 0.48
CMA KC2 SD . 30.62 65.19 -6.70
CMB KC2 SD . 32.71 60.96 -4.19
CMC KC2 SD . 28.37 59.77 2.37
CMD KC2 SD . 23.33 65.69 -0.05
NA KC2 SD . 28.47 64.37 -3.76
NC KC2 SD . 27.68 62.31 -0.30
O1A KC2 SD . 27.96 68.86 -8.79
O1D KC2 SD . 24.35 65.61 -5.75
O2A KC2 SD . 27.81 70.26 -7.08
O2D KC2 SD . 24.96 67.68 -6.30
OBD KC2 SD . 23.58 67.75 -3.00
MG KC2 SD . 27.93 63.34 -2.06
MG CLA TD . 22.68 69.39 3.17
CHA CLA TD . 23.86 70.42 0.12
CHB CLA TD . 20.64 72.01 3.24
CHC CLA TD . 22.09 68.72 6.48
CHD CLA TD . 25.34 67.04 3.32
NA CLA TD . 22.29 70.82 1.89
C1A CLA TD . 22.81 71.10 0.63
C2A CLA TD . 22.10 72.23 -0.09
C3A CLA TD . 21.11 72.72 0.95
C4A CLA TD . 21.36 71.81 2.12
CMA CLA TD . 21.29 74.20 1.29
CAA CLA TD . 21.45 71.71 -1.39
CBA CLA TD . 21.90 72.43 -2.65
CGA CLA TD . 21.61 73.90 -2.65
O1A CLA TD . 20.57 74.39 -2.98
O2A CLA TD . 22.67 74.61 -2.26
NB CLA TD . 21.58 70.18 4.57
C1B CLA TD . 20.72 71.32 4.43
C2B CLA TD . 20.05 71.60 5.64
C3B CLA TD . 20.47 70.65 6.56
C4B CLA TD . 21.39 69.79 5.93
CMB CLA TD . 19.10 72.72 5.90
CAB CLA TD . 20.04 70.52 7.96
CBB CLA TD . 18.83 70.67 8.43
NC CLA TD . 23.45 68.15 4.51
C1C CLA TD . 23.04 67.99 5.84
C2C CLA TD . 23.82 66.96 6.54
C3C CLA TD . 24.72 66.45 5.63
C4C CLA TD . 24.53 67.19 4.40
CMC CLA TD . 23.70 66.58 7.98
CAC CLA TD . 25.71 65.35 5.84
CBC CLA TD . 27.09 65.86 6.16
ND CLA TD . 24.19 68.83 2.09
C1D CLA TD . 25.24 67.82 2.20
C2D CLA TD . 26.04 67.82 1.04
C3D CLA TD . 25.53 68.81 0.17
C4D CLA TD . 24.46 69.38 0.85
CMD CLA TD . 27.23 66.94 0.78
CAD CLA TD . 25.63 69.46 -1.11
OBD CLA TD . 26.39 69.21 -2.04
CBD CLA TD . 24.64 70.55 -1.19
CGD CLA TD . 25.41 71.86 -1.33
O1D CLA TD . 25.95 72.42 -0.43
O2D CLA TD . 25.45 72.27 -2.60
CED CLA TD . 26.26 73.43 -2.86
C1 CLA TD . 22.49 76.05 -2.23
C2 CLA TD . 23.82 76.71 -2.08
C3 CLA TD . 24.72 76.56 -1.12
C4 CLA TD . 26.03 77.30 -1.12
C5 CLA TD . 24.53 75.59 0.04
C6 CLA TD . 24.75 76.22 1.42
C7 CLA TD . 26.09 75.96 2.08
C8 CLA TD . 26.09 75.80 3.60
C9 CLA TD . 25.41 76.98 4.30
C10 CLA TD . 27.51 75.53 4.12
C11 CLA TD . 28.23 76.57 4.98
C12 CLA TD . 29.73 76.30 5.11
C13 CLA TD . 30.44 76.68 6.41
C14 CLA TD . 30.13 78.10 6.88
C15 CLA TD . 31.95 76.46 6.25
C16 CLA TD . 32.85 76.78 7.44
C17 CLA TD . 34.31 76.41 7.22
MG CLA UD . 12.38 72.01 -2.82
CHA CLA UD . 10.63 72.50 -5.71
CHB CLA UD . 15.19 71.99 -4.55
CHC CLA UD . 13.94 70.80 -0.03
CHD CLA UD . 9.32 71.65 -1.10
NA CLA UD . 12.77 72.33 -4.68
C1A CLA UD . 11.96 72.67 -5.75
C2A CLA UD . 12.72 73.18 -6.94
C3A CLA UD . 14.11 72.65 -6.67
C4A CLA UD . 14.04 72.29 -5.21
CMA CLA UD . 14.48 71.44 -7.53
CAA CLA UD . 12.61 74.72 -6.95
CBA CLA UD . 12.97 75.52 -5.70
CGA CLA UD . 14.43 75.73 -5.50
O1A CLA UD . 15.19 76.10 -6.36
O2A CLA UD . 14.81 75.45 -4.26
NB CLA UD . 14.19 71.50 -2.36
C1B CLA UD . 15.33 71.61 -3.22
C2B CLA UD . 16.51 71.24 -2.54
C3B CLA UD . 16.13 70.88 -1.26
C4B CLA UD . 14.74 71.04 -1.15
CMB CLA UD . 17.90 71.24 -3.10
CAB CLA UD . 17.00 70.38 -0.18
CBB CLA UD . 17.65 71.07 0.71
NC CLA UD . 11.79 71.43 -1.03
C1C CLA UD . 12.60 71.00 0.01
C2C CLA UD . 11.83 70.86 1.26
C3C CLA UD . 10.56 71.25 0.97
C4C CLA UD . 10.49 71.52 -0.43
CMC CLA UD . 12.29 70.32 2.58
CAC CLA UD . 9.49 71.60 1.97
CBC CLA UD . 8.52 70.51 2.21
ND CLA UD . 10.48 71.97 -3.23
C1D CLA UD . 9.26 71.80 -2.47
C2D CLA UD . 8.14 71.90 -3.31
C3D CLA UD . 8.61 72.16 -4.63
C4D CLA UD . 10.00 72.19 -4.50
CMD CLA UD . 6.71 71.78 -2.89
CAD CLA UD . 8.29 72.38 -6.02
OBD CLA UD . 7.20 72.35 -6.56
CBD CLA UD . 9.55 72.67 -6.78
CGD CLA UD . 9.77 71.70 -7.94
O1D CLA UD . 10.17 70.58 -7.83
O2D CLA UD . 9.47 72.29 -9.10
CED CLA UD . 9.67 71.48 -10.29
C1 CLA UD . 16.17 75.82 -3.92
C2 CLA UD . 16.51 75.30 -2.57
C3 CLA UD . 17.66 75.62 -2.00
C4 CLA UD . 18.67 76.54 -2.63
C5 CLA UD . 18.06 75.03 -0.67
C6 CLA UD . 17.91 75.99 0.50
C7 CLA UD . 16.69 75.70 1.36
C8 CLA UD . 16.52 76.51 2.65
C9 CLA UD . 16.45 78.01 2.36
C10 CLA UD . 17.63 76.17 3.64
MG CLA VD . -1.42 61.43 2.40
CHA CLA VD . 0.23 60.12 -0.29
CHB CLA VD . -3.92 62.25 0.39
CHC CLA VD . -2.91 62.93 5.07
CHD CLA VD . 1.67 61.63 4.13
NA CLA VD . -1.78 61.12 0.53
C1A CLA VD . -1.07 60.42 -0.45
C2A CLA VD . -1.91 60.11 -1.65
C3A CLA VD . -2.84 61.30 -1.62
C4A CLA VD . -2.88 61.59 -0.14
CMA CLA VD . -2.40 62.48 -2.45
CAA CLA VD . -2.64 58.77 -1.40
CBA CLA VD . -1.72 57.57 -1.28
CGA CLA VD . -2.45 56.26 -1.12
O1A CLA VD . -3.24 55.82 -1.91
O2A CLA VD . -2.10 55.65 0.01
NB CLA VD . -3.11 62.36 2.69
C1B CLA VD . -4.13 62.58 1.72
C2B CLA VD . -5.26 63.19 2.32
C3B CLA VD . -4.96 63.33 3.67
C4B CLA VD . -3.66 62.86 3.90
CMB CLA VD . -6.52 63.61 1.62
CAB CLA VD . -5.87 63.87 4.70
CBB CLA VD . -6.18 63.36 5.86
NC CLA VD . -0.79 62.08 4.15
C1C CLA VD . -1.59 62.62 5.16
C2C CLA VD . -0.80 62.92 6.36
C3C CLA VD . 0.50 62.59 6.08
C4C CLA VD . 0.54 62.07 4.73
CMC CLA VD . -1.31 63.49 7.65
CAC CLA VD . 1.69 62.72 6.99
ND CLA VD . 0.46 61.01 2.09
C1D CLA VD . 1.69 61.10 2.86
C2D CLA VD . 2.76 60.57 2.11
C3D CLA VD . 2.24 60.14 0.87
C4D CLA VD . 0.89 60.43 0.91
CMD CLA VD . 4.19 60.50 2.55
CAD CLA VD . 2.53 59.52 -0.41
OBD CLA VD . 3.58 59.10 -0.85
CBD CLA VD . 1.26 59.42 -1.20
CGD CLA VD . 1.51 60.08 -2.56
O1D CLA VD . 1.26 61.22 -2.82
O2D CLA VD . 2.05 59.21 -3.41
CED CLA VD . 2.49 59.74 -4.68
C1 CLA VD . -2.60 54.30 0.19
C2 CLA VD . -2.03 53.75 1.44
C3 CLA VD . -2.32 52.52 1.87
C4 CLA VD . -3.23 51.58 1.14
C5 CLA VD . -1.74 51.99 3.16
MG CLA WD . 5.85 55.26 2.69
CHA CLA WD . 3.78 54.76 0.00
CHB CLA WD . 7.81 52.83 1.59
CHC CLA WD . 7.70 55.66 5.52
CHD CLA WD . 3.21 57.00 4.31
NA CLA WD . 5.83 54.15 1.10
C1A CLA WD . 4.96 54.11 0.02
C2A CLA WD . 5.45 53.26 -1.12
C3A CLA WD . 6.53 52.46 -0.47
C4A CLA WD . 6.76 53.17 0.83
CMA CLA WD . 6.16 51.00 -0.24
CAA CLA WD . 5.97 54.19 -2.23
CBA CLA WD . 6.41 53.49 -3.52
CGA CLA WD . 5.31 52.71 -4.18
O1A CLA WD . 4.61 53.13 -5.06
O2A CLA WD . 5.22 51.47 -3.67
NB CLA WD . 7.43 54.42 3.42
C1B CLA WD . 8.19 53.35 2.82
C2B CLA WD . 9.27 52.99 3.65
C3B CLA WD . 9.21 53.80 4.77
C4B CLA WD . 8.12 54.67 4.64
CMB CLA WD . 10.27 51.91 3.38
CAB CLA WD . 10.09 53.77 5.95
CBB CLA WD . 11.38 53.58 5.99
NC CLA WD . 5.55 56.14 4.43
C1C CLA WD . 6.49 56.28 5.44
C2C CLA WD . 5.97 57.09 6.56
C3C CLA WD . 4.68 57.40 6.25
C4C CLA WD . 4.40 56.84 4.95
CMC CLA WD . 6.71 57.53 7.79
CAC CLA WD . 3.69 58.15 7.10
CBC CLA WD . 3.52 59.59 6.66
ND CLA WD . 4.00 55.77 2.33
C1D CLA WD . 2.96 56.50 3.04
C2D CLA WD . 1.81 56.60 2.25
C3D CLA WD . 2.09 55.96 1.02
C4D CLA WD . 3.39 55.49 1.13
CMD CLA WD . 0.53 57.28 2.63
CAD CLA WD . 1.59 55.58 -0.29
OBD CLA WD . 0.50 55.76 -0.78
CBD CLA WD . 2.66 54.87 -1.04
CGD CLA WD . 2.05 53.56 -1.51
O1D CLA WD . 1.74 52.65 -0.80
O2D CLA WD . 1.87 53.56 -2.83
CED CLA WD . 1.21 52.41 -3.39
C1 CLA WD . 4.18 50.57 -4.17
C2 CLA WD . 4.81 49.56 -5.06
C3 CLA WD . 5.33 48.39 -4.73
C4 CLA WD . 5.92 47.45 -5.74
C5 CLA WD . 5.37 47.91 -3.29
C6 CLA WD . 6.44 46.87 -2.98
C7 CLA WD . 6.65 46.63 -1.48
C8 CLA WD . 5.92 45.44 -0.86
C9 CLA WD . 4.41 45.51 -1.08
C10 CLA WD . 6.25 45.32 0.62
MG CLA XD . 14.96 55.58 -4.47
CHA CLA XD . 16.06 55.77 -7.71
CHB CLA XD . 11.83 55.86 -5.54
CHC CLA XD . 14.00 55.92 -1.20
CHD CLA XD . 18.33 55.91 -3.39
NA CLA XD . 14.17 55.66 -6.24
C1A CLA XD . 14.72 55.62 -7.51
C2A CLA XD . 13.72 55.43 -8.61
C3A CLA XD . 12.43 55.79 -7.92
C4A CLA XD . 12.82 55.78 -6.48
CMA CLA XD . 11.88 57.15 -8.36
CAA CLA XD . 13.79 53.98 -9.13
CBA CLA XD . 13.70 52.82 -8.14
CGA CLA XD . 12.29 52.43 -7.79
O1A CLA XD . 11.50 51.93 -8.54
O2A CLA XD . 12.03 52.68 -6.51
NB CLA XD . 13.26 55.83 -3.55
C1B CLA XD . 11.97 55.87 -4.16
C2B CLA XD . 10.96 55.96 -3.18
C3B CLA XD . 11.60 56.00 -1.94
C4B CLA XD . 12.98 55.92 -2.16
CMB CLA XD . 9.48 55.98 -3.43
CAB CLA XD . 10.96 56.11 -0.62
CBB CLA XD . 10.28 55.19 0.00
NC CLA XD . 15.91 55.82 -2.75
C1C CLA XD . 15.34 55.88 -1.48
C2C CLA XD . 16.36 55.88 -0.43
C3C CLA XD . 17.58 55.80 -1.05
C4C CLA XD . 17.33 55.82 -2.47
CMC CLA XD . 16.19 55.96 1.06
CAC CLA XD . 18.91 55.58 -0.41
CBC CLA XD . 19.67 56.84 -0.15
ND CLA XD . 16.72 55.82 -5.26
C1D CLA XD . 18.09 55.92 -4.75
C2D CLA XD . 19.00 56.00 -5.82
C3D CLA XD . 18.25 55.96 -7.02
C4D CLA XD . 16.93 55.85 -6.62
CMD CLA XD . 20.49 56.11 -5.69
CAD CLA XD . 18.29 56.01 -8.46
OBD CLA XD . 19.24 56.15 -9.21
CBD CLA XD . 16.89 55.85 -8.99
CGD CLA XD . 16.49 57.03 -9.86
O1D CLA XD . 15.84 57.96 -9.49
O2D CLA XD . 16.95 56.88 -11.11
CED CLA XD . 16.52 57.89 -12.05
C1 CLA XD . 10.72 52.27 -6.00
C2 CLA XD . 10.80 52.30 -4.52
C3 CLA XD . 10.08 51.54 -3.71
C4 CLA XD . 9.01 50.58 -4.16
C5 CLA XD . 10.36 51.53 -2.23
C6 CLA XD . 10.40 50.13 -1.62
C7 CLA XD . 11.17 50.06 -0.31
C8 CLA XD . 11.40 48.63 0.21
C9 CLA XD . 10.11 48.03 0.75
C10 CLA XD . 12.54 48.56 1.23
C11 CLA XD . 12.39 49.38 2.51
C12 CLA XD . 13.47 49.06 3.54
C13 CLA XD . 13.32 49.75 4.90
C14 CLA XD . 13.75 51.22 4.84
C15 CLA XD . 14.08 48.98 5.98
MG CLA YD . 21.75 50.34 11.73
CHA CLA YD . 21.16 47.83 14.00
CHB CLA YD . 24.92 50.39 12.69
CHC CLA YD . 22.10 53.25 9.97
CHD CLA YD . 18.26 50.56 11.14
NA CLA YD . 22.78 49.22 12.93
C1A CLA YD . 22.44 48.12 13.68
C2A CLA YD . 23.62 47.32 14.16
C3A CLA YD . 24.74 48.34 14.06
C4A CLA YD . 24.13 49.40 13.17
CMA CLA YD . 25.19 48.90 15.41
CAA CLA YD . 23.79 46.17 13.16
CBA CLA YD . 24.61 44.99 13.67
CGA CLA YD . 23.86 44.11 14.64
O1A CLA YD . 22.96 44.48 15.35
O2A CLA YD . 24.31 42.86 14.60
NB CLA YD . 23.21 51.58 11.39
C1B CLA YD . 24.57 51.44 11.87
C2B CLA YD . 25.36 52.50 11.38
C3B CLA YD . 24.52 53.33 10.61
C4B CLA YD . 23.24 52.78 10.62
CMB CLA YD . 26.83 52.68 11.61
CAB CLA YD . 24.89 54.56 9.92
CBB CLA YD . 25.69 54.70 8.89
NC CLA YD . 20.52 51.54 10.76
C1C CLA YD . 20.86 52.67 10.03
C2C CLA YD . 19.73 53.21 9.30
C3C CLA YD . 18.65 52.40 9.57
C4C CLA YD . 19.11 51.40 10.51
CMC CLA YD . 19.69 54.43 8.41
CAC CLA YD . 17.30 52.42 8.92
CBC CLA YD . 16.30 53.24 9.68
ND CLA YD . 20.11 49.51 12.39
C1D CLA YD . 18.69 49.64 12.09
C2D CLA YD . 17.94 48.72 12.85
C3D CLA YD . 18.86 47.98 13.64
C4D CLA YD . 20.12 48.50 13.32
CMD CLA YD . 16.45 48.55 12.82
CAD CLA YD . 19.06 46.91 14.60
OBD CLA YD . 18.22 46.17 15.08
CBD CLA YD . 20.52 46.80 14.92
CGD CLA YD . 20.77 47.13 16.40
O1D CLA YD . 21.65 47.82 16.80
O2D CLA YD . 19.86 46.54 17.17
CED CLA YD . 19.96 46.84 18.59
C1 CLA YD . 23.64 41.92 15.48
MG CLA ZD . 7.80 71.69 14.54
CHA CLA ZD . 6.97 72.45 17.76
CHB CLA ZD . 5.49 69.32 14.54
CHC CLA ZD . 8.97 70.73 11.48
CHD CLA ZD . 10.66 73.76 14.86
NA CLA ZD . 6.46 71.16 15.82
C1A CLA ZD . 6.13 71.65 17.06
C2A CLA ZD . 4.80 71.19 17.58
C3A CLA ZD . 4.55 69.96 16.72
C4A CLA ZD . 5.56 70.14 15.62
CMA CLA ZD . 4.74 68.64 17.46
CAA CLA ZD . 3.76 72.30 17.37
CBA CLA ZD . 3.70 73.00 16.02
CGA CLA ZD . 4.58 74.20 15.91
O1A CLA ZD . 4.50 75.17 16.61
O2A CLA ZD . 5.47 74.07 14.93
NB CLA ZD . 7.36 70.27 13.27
C1B CLA ZD . 6.31 69.31 13.41
C2B CLA ZD . 6.24 68.50 12.28
C3B CLA ZD . 7.24 68.92 11.41
C4B CLA ZD . 7.92 69.98 12.01
CMB CLA ZD . 5.23 67.40 12.05
CAB CLA ZD . 7.54 68.39 10.07
CBB CLA ZD . 7.79 67.17 9.70
NC CLA ZD . 9.38 72.16 13.44
C1C CLA ZD . 9.63 71.72 12.14
C2C CLA ZD . 10.79 72.39 11.57
C3C CLA ZD . 11.31 73.23 12.54
C4C CLA ZD . 10.46 73.09 13.69
CMC CLA ZD . 11.28 72.26 10.17
CAC CLA ZD . 12.51 74.12 12.42
CBC CLA ZD . 12.15 75.53 11.99
ND CLA ZD . 8.67 72.79 15.90
C1D CLA ZD . 9.85 73.63 15.95
C2D CLA ZD . 9.94 74.24 17.22
C3D CLA ZD . 8.83 73.81 17.98
C4D CLA ZD . 8.12 72.95 17.15
CMD CLA ZD . 11.01 75.20 17.65
CAD CLA ZD . 8.10 73.92 19.23
OBD CLA ZD . 8.33 74.62 20.20
CBD CLA ZD . 6.91 73.00 19.19
CGD CLA ZD . 7.05 71.90 20.24
O1D CLA ZD . 7.89 71.04 20.21
O2D CLA ZD . 6.14 72.03 21.20
CED CLA ZD . 6.17 71.02 22.23
C1 CLA ZD . 6.32 75.22 14.70
C2 CLA ZD . 7.02 75.05 13.40
C3 CLA ZD . 7.69 76.02 12.78
C4 CLA ZD . 7.83 77.41 13.34
C5 CLA ZD . 8.36 75.79 11.46
C6 CLA ZD . 7.47 75.09 10.43
C7 CLA ZD . 8.05 75.14 9.03
C8 CLA ZD . 7.20 74.51 7.92
C9 CLA ZD . 7.09 73.00 8.08
C10 CLA ZD . 7.75 74.88 6.54
NB KC2 AE . -4.20 79.93 11.68
ND KC2 AE . -2.00 77.90 14.21
C1A KC2 AE . -3.62 80.14 15.85
C1B KC2 AE . -5.09 81.02 11.89
C1C KC2 AE . -2.64 77.89 10.17
C1D KC2 AE . -1.09 76.89 14.09
C2A KC2 AE . -4.34 81.18 16.52
C2B KC2 AE . -5.69 81.44 10.60
C2C KC2 AE . -1.88 76.91 9.46
C2D KC2 AE . -0.57 76.58 15.35
C3A KC2 AE . -5.08 81.84 15.57
C3B KC2 AE . -5.16 80.64 9.63
C3C KC2 AE . -1.13 76.24 10.38
C3D KC2 AE . -1.21 77.45 16.30
C4A KC2 AE . -4.82 81.23 14.31
C4B KC2 AE . -4.25 79.71 10.25
C4C KC2 AE . -1.39 76.77 11.69
C4D KC2 AE . -2.10 78.26 15.52
CAA KC2 AE . -4.26 81.49 17.93
CAB KC2 AE . -5.44 80.67 8.19
CAC KC2 AE . -0.24 75.10 10.08
CAD KC2 AE . -1.28 77.81 17.70
CBA KC2 AE . -5.27 81.51 18.80
CBB KC2 AE . -6.52 80.25 7.57
CBC KC2 AE . 0.78 75.07 9.30
CBD KC2 AE . -2.33 78.89 17.80
CED KC2 AE . -4.15 77.91 20.87
CGA KC2 AE . -5.15 81.83 20.24
CGD KC2 AE . -3.47 78.39 18.67
CHA KC2 AE . -2.76 79.18 16.36
CHB KC2 AE . -5.38 81.63 13.08
CHC KC2 AE . -3.52 78.78 9.56
CHD KC2 AE . -0.80 76.34 12.84
CMA KC2 AE . -6.00 83.00 15.82
CMB KC2 AE . -6.69 82.55 10.42
CMC KC2 AE . -1.93 76.69 7.97
CMD KC2 AE . 0.46 75.54 15.69
NA KC2 AE . -3.91 80.18 14.51
NC KC2 AE . -2.35 77.82 11.53
O1A KC2 AE . -5.58 82.89 20.69
O1D KC2 AE . -4.56 78.11 18.26
O2A KC2 AE . -4.58 80.94 20.99
O2D KC2 AE . -3.12 78.32 19.95
OBD KC2 AE . -0.63 77.34 18.64
MG KC2 AE . -3.14 78.89 13.11
MG CLA BE . 0.68 61.11 15.22
CHA CLA BE . -0.19 59.95 18.32
CHB CLA BE . 2.04 58.15 14.55
CHC CLA BE . 1.98 62.49 12.36
CHD CLA BE . -0.12 64.40 16.28
NA CLA BE . 0.76 59.43 16.19
C1A CLA BE . 0.25 59.05 17.42
C2A CLA BE . 0.29 57.57 17.67
C3A CLA BE . 1.28 57.10 16.63
C4A CLA BE . 1.39 58.29 15.72
CMA CLA BE . 2.63 56.68 17.21
CAA CLA BE . -1.12 56.98 17.46
CBA CLA BE . -1.84 57.38 16.17
CGA CLA BE . -3.05 56.52 15.91
O1A CLA BE . -3.64 55.88 16.73
O2A CLA BE . -3.40 56.56 14.61
NB CLA BE . 1.78 60.46 13.74
C1B CLA BE . 2.26 59.11 13.57
C2B CLA BE . 2.95 58.99 12.35
C3B CLA BE . 2.92 60.25 11.73
C4B CLA BE . 2.23 61.13 12.57
CMB CLA BE . 3.57 57.74 11.80
CAB CLA BE . 3.50 60.61 10.43
CBB CLA BE . 4.62 60.22 9.90
NC CLA BE . 0.84 62.95 14.50
C1C CLA BE . 1.38 63.31 13.26
C2C CLA BE . 1.25 64.75 13.01
C3C CLA BE . 0.63 65.29 14.11
C4C CLA BE . 0.40 64.21 15.04
CMC CLA BE . 1.71 65.51 11.81
CAC CLA BE . 0.21 66.72 14.30
CBC CLA BE . 1.18 67.52 15.13
ND CLA BE . 0.05 62.00 16.83
C1D CLA BE . -0.30 63.38 17.21
C2D CLA BE . -0.80 63.41 18.52
C3D CLA BE . -0.79 62.08 19.01
C4D CLA BE . -0.27 61.30 17.98
CMD CLA BE . -1.25 64.62 19.26
CAD CLA BE . -1.09 61.20 20.11
OBD CLA BE . -1.58 61.47 21.20
CBD CLA BE . -0.71 59.80 19.75
CGD CLA BE . 0.35 59.28 20.72
O1D CLA BE . 1.50 59.64 20.73
O2D CLA BE . -0.16 58.39 21.56
CED CLA BE . 0.76 57.84 22.53
C A86 CE . 14.99 72.32 5.64
O A86 CE . 22.54 62.29 10.51
C1 A86 CE . 15.53 71.78 4.34
C10 A86 CE . 20.57 64.65 8.70
C11 A86 CE . 21.61 63.80 8.97
C12 A86 CE . 22.59 63.33 7.93
C13 A86 CE . 21.85 63.28 10.36
C14 A86 CE . 21.27 64.01 11.56
C15 A86 CE . 21.79 63.52 12.91
C16 A86 CE . 23.05 64.19 13.52
C17 A86 CE . 23.13 63.84 15.02
C18 A86 CE . 23.02 62.36 15.41
C19 A86 CE . 22.43 61.50 14.30
C2 A86 CE . 16.32 70.69 4.27
C20 A86 CE . 21.41 62.20 13.43
C21 A86 CE . 20.49 61.26 12.67
C22 A86 CE . 24.33 63.73 12.80
C23 A86 CE . 23.00 65.72 13.41
C24 A86 CE . 15.14 72.44 3.11
C25 A86 CE . 14.20 73.39 2.93
C26 A86 CE . 13.93 73.93 1.64
C27 A86 CE . 12.94 74.79 1.28
C28 A86 CE . 11.93 75.33 2.24
C29 A86 CE . 12.89 75.17 -0.10
C3 A86 CE . 16.79 69.85 5.33
C30 A86 CE . 12.13 76.11 -0.60
C31 A86 CE . 11.32 76.99 -1.11
C32 A86 CE . 10.02 76.56 -1.70
C33 A86 CE . 8.90 77.63 -1.58
C34 A86 CE . 9.31 79.09 -1.56
C35 A86 CE . 10.75 79.22 -2.01
C36 A86 CE . 11.70 78.46 -1.10
C37 A86 CE . 13.15 78.67 -1.54
C38 A86 CE . 7.25 80.28 -2.37
C39 A86 CE . 6.71 79.95 -1.01
C4 A86 CE . 17.60 68.80 5.13
C40 A86 CE . 10.22 76.10 -3.15
C41 A86 CE . 9.43 75.39 -0.92
C5 A86 CE . 18.08 67.95 6.18
C6 A86 CE . 18.88 66.87 6.07
C7 A86 CE . 19.43 66.36 4.76
C8 A86 CE . 19.28 66.18 7.30
C9 A86 CE . 20.27 65.27 7.44
O1 A86 CE . 20.75 63.40 13.94
O2 A86 CE . 24.33 61.87 15.72
O3 A86 CE . 11.53 78.98 0.21
O4 A86 CE . 8.52 79.83 -2.56
O5 A86 CE . 6.65 80.88 -3.20
C A86 DE . 2.61 78.45 12.23
O A86 DE . 3.69 67.41 4.91
C1 A86 DE . 3.02 77.47 13.28
C10 A86 DE . 4.22 70.17 6.89
C11 A86 DE . 4.65 69.04 6.30
C12 A86 DE . 5.73 68.15 6.87
C13 A86 DE . 4.02 68.58 5.02
C14 A86 DE . 3.82 69.58 3.90
C15 A86 DE . 3.66 68.99 2.50
C16 A86 DE . 4.93 68.82 1.63
C17 A86 DE . 4.67 67.75 0.54
C18 A86 DE . 3.29 67.67 -0.10
C19 A86 DE . 2.40 68.83 0.29
C2 A86 DE . 3.37 76.19 13.00
C20 A86 DE . 2.36 69.02 1.80
C21 A86 DE . 1.08 69.62 2.35
C22 A86 DE . 5.34 70.15 0.98
C23 A86 DE . 6.11 68.34 2.48
C24 A86 DE . 3.04 77.89 14.67
C25 A86 DE . 2.46 78.98 15.22
C26 A86 DE . 2.56 79.25 16.63
C27 A86 DE . 2.02 80.27 17.33
C28 A86 DE . 1.19 81.37 16.72
C29 A86 DE . 2.25 80.27 18.77
C3 A86 DE . 3.41 75.53 11.72
C30 A86 DE . 1.83 81.16 19.64
C31 A86 DE . 1.45 82.00 20.55
C32 A86 DE . 0.33 81.71 21.50
C33 A86 DE . -0.57 82.93 21.73
C34 A86 DE . 0.20 84.20 22.01
C35 A86 DE . 1.19 84.45 20.89
C36 A86 DE . 2.21 83.31 20.77
C37 A86 DE . 3.20 83.60 19.65
C38 A86 DE . -1.45 85.52 23.16
C39 A86 DE . -2.37 86.69 23.00
C4 A86 DE . 3.77 74.23 11.59
C40 A86 DE . -0.61 80.65 20.91
C41 A86 DE . 0.87 81.18 22.83
C5 A86 DE . 3.81 73.55 10.33
C6 A86 DE . 4.05 72.23 10.11
C7 A86 DE . 4.35 71.25 11.20
C8 A86 DE . 3.97 71.74 8.73
C9 A86 DE . 4.36 70.54 8.26
O1 A86 DE . 2.80 67.80 2.47
O2 A86 DE . 3.45 67.65 -1.52
O3 A86 DE . 2.90 83.25 22.02
O4 A86 DE . -0.74 85.31 22.03
O5 A86 DE . -1.34 84.85 24.15
C DD6 EE . 8.08 60.36 5.32
C1 DD6 EE . 9.09 60.05 6.40
C10 DD6 EE . 13.99 53.31 1.18
C11 DD6 EE . 14.88 52.34 0.82
C12 DD6 EE . 15.96 51.82 1.74
C13 DD6 EE . 14.84 51.80 -0.53
C14 DD6 EE . 15.70 51.01 -1.14
C15 DD6 EE . 15.64 50.48 -2.55
C16 DD6 EE . 15.42 51.43 -3.68
C17 DD6 EE . 15.91 50.76 -4.99
C18 DD6 EE . 15.49 49.33 -5.27
C19 DD6 EE . 14.67 48.72 -4.14
C2 DD6 EE . 10.09 59.14 6.24
C20 DD6 EE . 15.20 49.07 -2.78
C21 DD6 EE . 14.86 48.10 -1.66
C22 DD6 EE . 13.94 51.84 -3.83
C23 DD6 EE . 16.22 52.72 -3.48
C24 DD6 EE . 8.98 60.75 7.66
C25 DD6 EE . 8.00 61.58 8.08
C26 DD6 EE . 8.02 62.20 9.38
C27 DD6 EE . 7.12 63.09 9.87
C28 DD6 EE . 5.91 63.59 9.12
C29 DD6 EE . 7.32 63.58 11.20
C3 DD6 EE . 10.38 58.31 5.11
C30 DD6 EE . 7.37 64.02 12.32
C31 DD6 EE . 7.31 64.54 13.64
C32 DD6 EE . 8.54 65.22 14.23
C33 DD6 EE . 8.09 66.34 15.15
C34 DD6 EE . 7.07 65.96 16.21
C35 DD6 EE . 6.28 64.71 15.89
C36 DD6 EE . 6.20 64.44 14.40
C37 DD6 EE . 4.85 64.04 13.88
C4 DD6 EE . 11.45 57.49 5.08
C40 DD6 EE . 9.39 65.87 13.13
C41 DD6 EE . 9.41 64.22 14.98
C5 DD6 EE . 11.80 56.64 3.97
C6 DD6 EE . 12.89 55.82 3.85
C7 DD6 EE . 13.94 55.71 4.92
C8 DD6 EE . 13.03 55.03 2.65
C9 DD6 EE . 13.91 54.03 2.43
O1 DD6 EE . 16.60 49.47 -2.82
O2 DD6 EE . 14.71 49.30 -6.48
O4 DD6 EE . 7.75 65.77 17.45
C DD6 FE . 2.06 52.85 3.16
C1 DD6 FE . 3.05 51.70 3.12
C10 DD6 FE . 7.58 54.87 11.17
C11 DD6 FE . 8.40 54.98 12.25
C12 DD6 FE . 9.45 53.96 12.58
C13 DD6 FE . 8.29 56.14 13.14
C14 DD6 FE . 7.51 57.21 13.12
C15 DD6 FE . 7.51 58.34 14.13
C16 DD6 FE . 6.73 58.19 15.36
C17 DD6 FE . 7.08 59.34 16.34
C18 DD6 FE . 6.96 60.76 15.81
C19 DD6 FE . 6.91 60.85 14.29
C2 DD6 FE . 4.04 51.54 4.04
C20 DD6 FE . 7.61 59.74 13.56
C21 DD6 FE . 7.92 60.06 12.11
C22 DD6 FE . 5.21 58.17 15.11
C23 DD6 FE . 7.07 56.86 16.07
C24 DD6 FE . 2.91 50.72 2.06
C25 DD6 FE . 1.84 50.52 1.25
C26 DD6 FE . 1.80 49.53 0.22
C27 DD6 FE . 0.77 49.27 -0.63
C28 DD6 FE . -0.55 50.00 -0.61
C29 DD6 FE . 0.93 48.28 -1.63
C3 DD6 FE . 4.33 52.38 5.17
C30 DD6 FE . 0.98 47.51 -2.55
C31 DD6 FE . 0.93 46.66 -3.70
C32 DD6 FE . 0.40 47.24 -5.01
C33 DD6 FE . 0.19 46.07 -6.00
C34 DD6 FE . 1.40 45.17 -6.17
C35 DD6 FE . 2.05 44.79 -4.86
C36 DD6 FE . 1.35 45.39 -3.66
C37 DD6 FE . 1.16 44.45 -2.50
C4 DD6 FE . 5.34 52.13 6.02
C40 DD6 FE . 1.39 48.25 -5.59
C41 DD6 FE . -0.95 47.93 -4.78
C5 DD6 FE . 5.62 52.97 7.16
C6 DD6 FE . 6.62 52.84 8.07
C7 DD6 FE . 7.64 51.75 8.02
C8 DD6 FE . 6.73 53.83 9.14
C9 DD6 FE . 7.57 53.84 10.18
O1 DD6 FE . 8.71 59.11 14.27
O2 DD6 FE . 5.77 61.34 16.35
O4 DD6 FE . 0.98 43.98 -6.86
C DD6 GE . 17.71 48.27 6.68
C1 DD6 GE . 18.64 48.28 7.86
C10 DD6 GE . 23.20 55.31 3.28
C11 DD6 GE . 23.89 56.40 2.85
C12 DD6 GE . 25.07 56.98 3.58
C13 DD6 GE . 23.42 57.06 1.64
C14 DD6 GE . 23.90 57.99 0.85
C15 DD6 GE . 23.15 58.47 -0.38
C16 DD6 GE . 23.31 57.73 -1.66
C17 DD6 GE . 22.12 58.03 -2.59
C18 DD6 GE . 21.50 59.41 -2.55
C19 DD6 GE . 22.37 60.42 -1.83
C2 DD6 GE . 19.72 49.09 7.94
C20 DD6 GE . 22.77 59.91 -0.46
C21 DD6 GE . 23.11 60.94 0.59
C22 DD6 GE . 24.62 58.16 -2.33
C23 DD6 GE . 23.40 56.21 -1.46
C24 DD6 GE . 18.31 47.42 8.98
C25 DD6 GE . 17.07 47.04 9.34
C26 DD6 GE . 16.76 46.18 10.44
C27 DD6 GE . 15.52 45.91 10.91
C28 DD6 GE . 14.26 46.58 10.42
C29 DD6 GE . 15.32 44.85 11.84
C3 DD6 GE . 20.12 50.07 6.98
C30 DD6 GE . 14.89 43.92 12.47
C31 DD6 GE . 14.26 42.83 13.13
C32 DD6 GE . 12.91 42.38 12.61
C33 DD6 GE . 12.77 40.84 12.79
C34 DD6 GE . 14.05 40.09 13.13
C35 DD6 GE . 14.72 40.72 14.34
C36 DD6 GE . 14.82 42.22 14.20
C37 DD6 GE . 15.56 42.92 15.30
C4 DD6 GE . 21.23 50.85 7.04
C40 DD6 GE . 12.76 42.69 11.10
C41 DD6 GE . 11.79 43.10 13.36
C5 DD6 GE . 21.51 51.78 6.01
C6 DD6 GE . 22.55 52.64 5.89
C7 DD6 GE . 23.69 52.71 6.88
C8 DD6 GE . 22.57 53.53 4.74
C9 DD6 GE . 23.39 54.55 4.47
O1 DD6 GE . 21.84 58.88 -0.04
O2 DD6 GE . 21.28 59.85 -3.89
O4 DD6 GE . 13.72 38.73 13.43
C A86 HE . 29.39 69.45 6.03
O A86 HE . 22.93 71.32 17.08
C1 A86 HE . 28.05 69.81 5.46
C10 A86 HE . 24.35 69.96 14.43
C11 A86 HE . 23.59 69.70 15.51
C12 A86 HE . 22.51 68.66 15.58
C13 A86 HE . 23.80 70.55 16.72
C14 A86 HE . 25.10 70.41 17.47
C15 A86 HE . 25.02 69.63 18.79
C16 A86 HE . 24.77 70.43 20.12
C17 A86 HE . 25.24 69.60 21.32
C18 A86 HE . 24.88 68.12 21.29
C19 A86 HE . 25.64 67.48 20.15
C2 A86 HE . 26.96 70.04 6.23
C20 A86 HE . 25.38 68.19 18.84
C21 A86 HE . 25.91 67.41 17.66
C22 A86 HE . 25.53 71.75 20.15
C23 A86 HE . 23.28 70.76 20.29
C24 A86 HE . 27.96 70.02 4.02
C25 A86 HE . 28.97 70.23 3.15
C26 A86 HE . 28.77 70.42 1.75
C27 A86 HE . 29.72 70.70 0.81
C28 A86 HE . 31.17 70.87 1.14
C29 A86 HE . 29.29 70.83 -0.55
C3 A86 HE . 26.88 70.01 7.66
C30 A86 HE . 30.04 70.48 -1.56
C31 A86 HE . 30.85 70.13 -2.53
C32 A86 HE . 31.28 71.07 -3.58
C33 A86 HE . 32.65 70.64 -4.12
C34 A86 HE . 33.50 70.01 -3.05
C35 A86 HE . 32.90 68.71 -2.57
C36 A86 HE . 31.36 68.70 -2.57
C37 A86 HE . 30.81 67.91 -3.75
C38 A86 HE . 35.69 70.64 -3.84
C39 A86 HE . 36.95 70.10 -4.44
C4 A86 HE . 25.72 70.09 8.36
C40 A86 HE . 30.25 71.13 -4.72
C41 A86 HE . 31.42 72.50 -3.00
C5 A86 HE . 25.70 70.08 9.79
C6 A86 HE . 24.63 70.04 10.62
C7 A86 HE . 23.21 69.95 10.12
C8 A86 HE . 24.85 70.11 12.06
C9 A86 HE . 24.00 69.81 13.05
O1 A86 HE . 23.98 68.59 18.71
O2 A86 HE . 25.25 67.50 22.52
O3 A86 HE . 30.97 68.04 -1.36
O4 A86 HE . 34.80 69.66 -3.64
O5 A86 HE . 35.48 71.79 -3.57
O1 LHG IE . -4.49 44.95 -13.69
C1 LHG IE . -4.56 43.79 -14.52
C2 LHG IE . -3.32 43.72 -15.36
O2 LHG IE . -3.29 44.78 -16.28
C3 LHG IE . -3.22 42.46 -16.18
O3 LHG IE . -2.84 41.57 -15.14
P LHG IE . -1.71 40.42 -15.31
O4 LHG IE . -2.40 39.10 -15.31
O5 LHG IE . -0.70 41.01 -16.22
O6 LHG IE . -1.15 40.55 -13.75
C4 LHG IE . -1.69 39.76 -12.74
C5 LHG IE . -1.43 40.54 -11.43
C6 LHG IE . -1.81 39.68 -10.23
O7 LHG IE . -0.02 40.81 -11.38
C7 LHG IE . 0.31 42.03 -10.85
O9 LHG IE . -0.40 43.02 -10.96
C8 LHG IE . 1.36 41.87 -9.83
C9 LHG IE . 2.71 41.75 -10.50
C10 LHG IE . 3.83 42.30 -9.63
O8 LHG IE . -1.08 40.18 -9.14
C23 LHG IE . -1.79 40.53 -8.05
O10 LHG IE . -2.66 41.37 -8.17
C24 LHG IE . -1.20 40.28 -6.68
C11 LHG IE . 3.77 41.49 -8.34
C12 LHG IE . 5.12 41.46 -7.67
C13 LHG IE . 5.36 42.79 -6.97
C14 LHG IE . 4.97 42.74 -5.51
C15 LHG IE . 6.14 42.13 -4.77
C16 LHG IE . 5.80 42.08 -3.31
C17 LHG IE . 6.98 41.55 -2.52
C18 LHG IE . 6.44 41.44 -1.12
C25 LHG IE . -1.90 40.94 -5.52
C26 LHG IE . -1.68 40.36 -4.12
C27 LHG IE . -0.18 40.34 -3.92
C28 LHG IE . 0.27 40.41 -2.49
C29 LHG IE . 1.79 40.38 -2.48
C30 LHG IE . 2.42 40.03 -1.15
C31 LHG IE . 2.33 41.11 -0.08
C32 LHG IE . 1.89 40.64 1.30
C33 LHG IE . 2.94 39.66 1.80
C34 LHG IE . 2.90 39.38 3.29
C1 LMG JE . -5.85 84.57 21.63
O1 LMG JE . -4.74 85.41 21.32
C2 LMG JE . -5.32 83.19 21.97
O2 LMG JE . -5.21 82.36 20.79
C3 LMG JE . -6.26 82.51 22.95
O3 LMG JE . -5.83 82.80 24.29
C4 LMG JE . -7.67 83.04 22.78
O4 LMG JE . -8.53 82.35 23.69
C5 LMG JE . -7.73 84.53 23.05
O5 LMG JE . -9.45 84.51 24.78
C6 LMG JE . -8.08 84.82 24.51
O6 LMG JE . -6.48 85.12 22.78
C7 LMG JE . -5.03 86.33 20.29
C8 LMG JE . -4.47 85.79 19.00
C9 LMG JE . -3.18 85.05 19.32
O7 LMG JE . -5.40 84.86 18.46
C10 LMG JE . -6.61 85.52 17.96
O9 LMG JE . -6.72 86.73 18.01
C11 LMG JE . -7.72 84.71 17.34
C12 LMG JE . -8.84 85.67 16.95
C13 LMG JE . -8.94 85.83 15.44
C14 LMG JE . -7.60 85.58 14.76
C15 LMG JE . -7.43 86.39 13.49
C16 LMG JE . -6.14 87.20 13.56
C17 LMG JE . -4.99 86.40 12.98
C18 LMG JE . -4.86 86.64 11.48
C19 LMG JE . -3.66 85.92 10.88
C20 LMG JE . -3.87 85.63 9.40
O8 LMG JE . -2.17 85.39 18.38
C28 LMG JE . -2.06 84.62 17.17
O10 LMG JE . -3.06 84.35 16.56
C29 LMG JE . -0.72 84.16 16.68
C30 LMG JE . -0.73 84.17 15.16
C31 LMG JE . -1.47 82.96 14.60
C32 LMG JE . -0.77 82.45 13.35
C33 LMG JE . -1.64 82.71 12.14
C34 LMG JE . -1.24 81.78 11.00
C35 LMG JE . 0.14 81.21 11.24
C36 LMG JE . 0.74 80.67 9.96
C37 LMG JE . -0.11 81.03 8.75
C1 LMG KE . -6.28 49.62 -12.45
O1 LMG KE . -5.28 50.11 -11.58
C2 LMG KE . -6.77 50.70 -13.38
O2 LMG KE . -7.33 51.79 -12.66
C3 LMG KE . -7.87 50.11 -14.21
O3 LMG KE . -8.33 51.11 -15.12
C4 LMG KE . -7.34 48.92 -14.96
O4 LMG KE . -6.33 49.36 -15.86
C5 LMG KE . -6.72 47.93 -14.02
O5 LMG KE . -6.94 46.22 -15.71
C6 LMG KE . -6.03 46.81 -14.77
O6 LMG KE . -5.74 48.58 -13.23
C7 LMG KE . -5.04 49.17 -10.55
C8 LMG KE . -5.22 49.81 -9.18
C9 LMG KE . -4.62 48.90 -8.13
O7 LMG KE . -4.54 51.05 -9.18
C10 LMG KE . -5.10 51.96 -8.20
O9 LMG KE . -5.85 52.82 -8.59
C11 LMG KE . -4.72 51.84 -6.77
C12 LMG KE . -4.74 53.21 -6.15
C13 LMG KE . -3.89 53.21 -4.90
C14 LMG KE . -4.42 52.22 -3.87
C15 LMG KE . -3.38 51.14 -3.64
C16 LMG KE . -3.66 50.42 -2.33
C17 LMG KE . -4.75 49.39 -2.52
C18 LMG KE . -4.48 48.17 -1.65
O8 LMG KE . -5.55 47.89 -7.78
C28 LMG KE . -6.39 48.04 -6.63
O10 LMG KE . -6.24 48.98 -5.89
C29 LMG KE . -7.43 47.03 -6.30
C30 LMG KE . -7.68 47.08 -4.80
C31 LMG KE . -8.42 45.83 -4.37
C32 LMG KE . -8.68 45.87 -2.87
O1 LHG LE . -8.24 65.88 -10.52
C1 LHG LE . -8.16 65.55 -11.90
C2 LHG LE . -8.43 64.08 -12.05
O2 LHG LE . -7.88 63.35 -10.98
C3 LHG LE . -7.83 63.48 -13.30
O3 LHG LE . -8.13 62.12 -13.06
P LHG LE . -9.30 61.35 -13.87
O4 LHG LE . -10.47 62.27 -13.95
O5 LHG LE . -8.56 60.57 -14.90
O6 LHG LE . -9.70 60.32 -12.62
C4 LHG LE . -10.66 60.64 -11.65
C5 LHG LE . -10.04 60.16 -10.34
C6 LHG LE . -9.58 58.71 -10.41
O7 LHG LE . -8.90 60.96 -10.14
C7 LHG LE . -8.75 61.41 -8.85
O9 LHG LE . -9.66 61.90 -8.22
C8 LHG LE . -7.32 61.45 -8.49
C9 LHG LE . -7.21 61.21 -7.02
C10 LHG LE . -5.76 61.24 -6.55
O8 LHG LE . -10.06 58.12 -9.18
C23 LHG LE . -9.12 57.68 -8.30
O10 LHG LE . -8.10 58.31 -8.15
C24 LHG LE . -9.19 56.24 -7.77
C11 LHG LE . -5.20 59.83 -6.77
C12 LHG LE . -5.64 58.80 -5.77
C13 LHG LE . -4.99 59.05 -4.43
C14 LHG LE . -5.91 58.63 -3.30
C15 LHG LE . -6.00 57.10 -3.32
C16 LHG LE . -6.45 56.62 -1.96
C17 LHG LE . -6.36 55.09 -1.90
C18 LHG LE . -6.55 54.79 -0.44
C19 LHG LE . -6.59 53.31 -0.12
C25 LHG LE . -8.25 55.92 -6.63
C26 LHG LE . -8.71 54.87 -5.61
C27 LHG LE . -8.31 53.54 -6.22
C28 LHG LE . -9.03 52.33 -5.69
C29 LHG LE . -8.86 52.30 -4.18
C30 LHG LE . -9.02 50.95 -3.52
C31 LHG LE . -8.62 50.86 -2.07
C32 LHG LE . -9.35 51.83 -1.14
MG CLA ME . -11.36 62.87 -0.18
CHA CLA ME . -10.74 65.59 -2.17
CHB CLA ME . -13.12 61.56 -2.67
CHC CLA ME . -12.17 60.30 1.92
CHD CLA ME . -10.45 64.77 2.68
NA CLA ME . -11.64 63.40 -2.02
C1A CLA ME . -11.17 64.46 -2.77
C2A CLA ME . -11.33 64.26 -4.26
C3A CLA ME . -12.57 63.38 -4.24
C4A CLA ME . -12.45 62.71 -2.90
CMA CLA ME . -13.91 64.11 -4.41
CAA CLA ME . -10.17 63.49 -4.91
CBA CLA ME . -8.75 64.03 -4.71
CGA CLA ME . -7.92 63.33 -3.68
O1A CLA ME . -6.71 63.34 -3.65
O2A CLA ME . -8.67 62.76 -2.73
NB CLA ME . -12.41 61.25 -0.33
C1B CLA ME . -13.11 60.80 -1.51
C2B CLA ME . -13.72 59.56 -1.26
C3B CLA ME . -13.43 59.21 0.05
C4B CLA ME . -12.65 60.22 0.62
CMB CLA ME . -14.54 58.77 -2.24
CAB CLA ME . -13.85 57.98 0.76
CBB CLA ME . -13.74 56.76 0.35
NC CLA ME . -11.30 62.60 1.79
C1C CLA ME . -11.59 61.42 2.45
C2C CLA ME . -11.30 61.51 3.88
C3C CLA ME . -10.84 62.79 4.11
C4C CLA ME . -10.85 63.47 2.84
CMC CLA ME . -11.43 60.44 4.91
CAC CLA ME . -10.40 63.38 5.42
CBC CLA ME . -11.49 64.19 6.09
ND CLA ME . -10.75 64.66 0.23
C1D CLA ME . -10.37 65.39 1.43
C2D CLA ME . -9.97 66.69 1.10
C3D CLA ME . -10.09 66.83 -0.30
C4D CLA ME . -10.57 65.60 -0.75
CMD CLA ME . -9.51 67.74 2.07
CAD CLA ME . -9.91 67.69 -1.45
OBD CLA ME . -9.44 68.82 -1.49
CBD CLA ME . -10.36 66.97 -2.69
CGD CLA ME . -11.54 67.69 -3.32
O1D CLA ME . -11.63 67.98 -4.48
O2D CLA ME . -12.48 67.96 -2.42
CED CLA ME . -13.63 68.70 -2.90
C1 CLA ME . -8.10 62.73 -1.40
C2 CLA ME . -7.36 61.48 -1.05
C3 CLA ME . -7.89 60.43 -0.44
C4 CLA ME . -9.36 60.26 -0.20
C5 CLA ME . -7.02 59.40 0.24
C6 CLA ME . -6.83 59.69 1.73
C7 CLA ME . -6.52 58.45 2.58
C8 CLA ME . -5.11 57.88 2.49
C9 CLA ME . -5.10 56.42 2.91
C10 CLA ME . -4.11 58.74 3.27
C11 CLA ME . -3.50 58.18 4.55
C12 CLA ME . -2.63 59.18 5.31
C13 CLA ME . -1.67 58.57 6.33
C14 CLA ME . -2.39 57.63 7.30
C15 CLA ME . -0.90 59.66 7.07
MG CLA NE . -46.18 -94.11 -14.10
CHA CLA NE . -43.69 -93.08 -16.21
CHB CLA NE . -47.58 -95.72 -16.64
CHC CLA NE . -48.89 -94.65 -12.09
CHD CLA NE . -44.95 -91.85 -11.65
NA CLA NE . -45.62 -94.46 -15.92
C1A CLA NE . -44.48 -94.10 -16.61
C2A CLA NE . -44.24 -94.90 -17.85
C3A CLA NE . -45.63 -95.45 -18.13
C4A CLA NE . -46.34 -95.20 -16.82
CMA CLA NE . -46.34 -94.79 -19.32
CAA CLA NE . -43.20 -95.99 -17.55
CBA CLA NE . -43.49 -96.94 -16.38
CGA CLA NE . -42.45 -98.01 -16.25
O1A CLA NE . -41.77 -98.20 -15.27
O2A CLA NE . -42.36 -98.75 -17.36
NB CLA NE . -47.91 -94.98 -14.32
C1B CLA NE . -48.39 -95.62 -15.52
C2B CLA NE . -49.69 -96.12 -15.30
C3B CLA NE . -50.04 -95.81 -13.99
C4B CLA NE . -48.97 -95.12 -13.39
CMB CLA NE . -50.52 -96.85 -16.31
CAB CLA NE . -51.31 -96.12 -13.30
CBB CLA NE . -51.49 -96.92 -12.29
NC CLA NE . -46.73 -93.48 -12.31
C1C CLA NE . -47.87 -93.89 -11.61
C2C CLA NE . -47.87 -93.35 -10.26
C3C CLA NE . -46.74 -92.59 -10.11
C4C CLA NE . -46.05 -92.62 -11.38
CMC CLA NE . -48.92 -93.56 -9.20
CAC CLA NE . -46.24 -91.93 -8.86
CBC CLA NE . -46.61 -90.48 -8.78
ND CLA NE . -44.77 -92.78 -13.92
C1D CLA NE . -44.32 -91.87 -12.87
C2D CLA NE . -43.19 -91.15 -13.31
C3D CLA NE . -42.91 -91.58 -14.64
C4D CLA NE . -43.86 -92.53 -14.94
CMD CLA NE . -42.44 -90.12 -12.52
CAD CLA NE . -42.03 -91.44 -15.78
OBD CLA NE . -41.05 -90.72 -15.94
CBD CLA NE . -42.49 -92.39 -16.86
CGD CLA NE . -42.85 -91.63 -18.14
O1D CLA NE . -42.09 -90.98 -18.79
O2D CLA NE . -44.13 -91.82 -18.46
CED CLA NE . -44.55 -91.31 -19.75
NB KC2 OE . -36.39 -91.04 -8.80
ND KC2 OE . -39.14 -92.72 -11.02
C1A KC2 OE . -36.66 -91.92 -12.92
C1B KC2 OE . -35.09 -90.57 -9.14
C1C KC2 OE . -38.77 -91.62 -7.10
C1D KC2 OE . -40.39 -93.24 -10.78
C2A KC2 OE . -35.53 -91.53 -13.69
C2B KC2 OE . -34.38 -90.10 -7.91
C2C KC2 OE . -39.93 -91.89 -6.29
C2D KC2 OE . -40.91 -93.76 -11.97
C3A KC2 OE . -34.63 -90.96 -12.84
C3B KC2 OE . -35.24 -90.25 -6.86
C3C KC2 OE . -40.85 -92.49 -7.10
C3D KC2 OE . -39.94 -93.54 -12.99
C4A KC2 OE . -35.19 -90.99 -11.53
C4B KC2 OE . -36.49 -90.82 -7.37
C4C KC2 OE . -40.31 -92.59 -8.43
C4D KC2 OE . -38.84 -92.88 -12.34
CAA KC2 OE . -35.38 -91.70 -15.12
CAB KC2 OE . -34.99 -90.00 -5.44
CAC KC2 OE . -42.16 -92.98 -6.67
CAD KC2 OE . -39.67 -93.72 -14.40
CBA KC2 OE . -35.95 -90.96 -16.06
CBB KC2 OE . -34.33 -89.02 -4.87
CBC KC2 OE . -42.61 -94.20 -6.73
CBD KC2 OE . -38.29 -93.13 -14.65
CED KC2 OE . -37.08 -96.58 -15.20
CGA KC2 OE . -35.77 -91.16 -17.52
CGD KC2 OE . -37.45 -94.25 -15.23
CHA KC2 OE . -37.82 -92.59 -13.29
CHB KC2 OE . -34.53 -90.53 -10.38
CHC KC2 OE . -37.59 -91.06 -6.59
CHD KC2 OE . -40.96 -93.16 -9.50
CMA KC2 OE . -33.27 -90.41 -13.17
CMB KC2 OE . -32.97 -89.60 -7.88
CMC KC2 OE . -40.05 -91.57 -4.84
CMD KC2 OE . -42.23 -94.46 -12.14
NA KC2 OE . -36.44 -91.58 -11.59
NC KC2 OE . -39.00 -92.03 -8.40
O1A KC2 OE . -34.66 -91.35 -18.01
O1D KC2 OE . -36.69 -94.13 -16.15
O2A KC2 OE . -36.86 -91.14 -18.24
O2D KC2 OE . -37.69 -95.41 -14.62
OBD KC2 OE . -40.39 -94.25 -15.25
MG KC2 OE . -37.76 -91.93 -10.05
MG CLA PE . -32.67 -81.54 -15.48
CHA CLA PE . -32.36 -79.69 -18.36
CHB CLA PE . -34.12 -83.93 -17.25
CHC CLA PE . -33.49 -83.06 -12.54
CHD CLA PE . -31.67 -78.69 -13.63
NA CLA PE . -33.00 -81.77 -17.37
C1A CLA PE . -32.69 -80.99 -18.47
C2A CLA PE . -32.77 -81.71 -19.78
C3A CLA PE . -33.76 -82.81 -19.41
C4A CLA PE . -33.63 -82.86 -17.91
CMA CLA PE . -35.19 -82.52 -19.84
CAA CLA PE . -31.29 -82.08 -20.04
CBA CLA PE . -30.93 -83.50 -20.50
CGA CLA PE . -30.62 -84.43 -19.37
O1A CLA PE . -29.56 -84.52 -18.83
O2A CLA PE . -31.66 -85.24 -19.10
NB CLA PE . -33.59 -83.18 -14.98
C1B CLA PE . -34.12 -84.17 -15.88
C2B CLA PE . -34.65 -85.25 -15.17
C3B CLA PE . -34.49 -84.97 -13.82
C4B CLA PE . -33.84 -83.72 -13.69
CMB CLA PE . -35.28 -86.47 -15.76
CAB CLA PE . -34.89 -85.81 -12.69
CBB CLA PE . -34.24 -86.81 -12.18
NC CLA PE . -32.56 -81.03 -13.57
C1C CLA PE . -32.93 -81.81 -12.49
C2C CLA PE . -32.63 -81.14 -11.22
C3C CLA PE . -32.07 -79.93 -11.53
C4C CLA PE . -32.04 -79.83 -12.96
CMC CLA PE . -32.90 -81.64 -9.83
CAC CLA PE . -31.48 -78.93 -10.56
CBC CLA PE . -30.01 -79.19 -10.30
ND CLA PE . -32.20 -79.67 -15.82
C1D CLA PE . -31.78 -78.54 -15.00
C2D CLA PE . -31.49 -77.44 -15.81
C3D CLA PE . -31.71 -77.83 -17.15
C4D CLA PE . -32.13 -79.14 -17.08
CMD CLA PE . -31.01 -76.11 -15.33
CAD CLA PE . -31.71 -77.43 -18.55
OBD CLA PE . -31.44 -76.34 -19.03
CBD CLA PE . -32.09 -78.60 -19.40
CGD CLA PE . -33.30 -78.28 -20.26
O1D CLA PE . -33.26 -77.99 -21.42
O2D CLA PE . -34.43 -78.38 -19.56
CED CLA PE . -35.66 -78.11 -20.29
C1 CLA PE . -31.34 -86.54 -18.55
C2 CLA PE . -31.31 -86.54 -17.06
C3 CLA PE . -31.22 -87.65 -16.33
C4 CLA PE . -31.08 -89.02 -16.92
C5 CLA PE . -31.27 -87.59 -14.82
C6 CLA PE . -30.12 -88.32 -14.12
C7 CLA PE . -30.12 -88.11 -12.61
C8 CLA PE . -29.28 -89.11 -11.81
C9 CLA PE . -29.54 -88.98 -10.31
C10 CLA PE . -27.81 -88.96 -12.14
MG CLA QE . -36.38 -66.61 -7.84
CHA CLA QE . -38.55 -67.35 -10.37
CHB CLA QE . -35.16 -64.10 -9.65
CHC CLA QE . -34.06 -66.12 -5.38
CHD CLA QE . -36.96 -69.85 -6.48
NA CLA QE . -36.83 -65.89 -9.57
C1A CLA QE . -37.81 -66.23 -10.50
C2A CLA QE . -37.97 -65.23 -11.61
C3A CLA QE . -36.70 -64.43 -11.51
C4A CLA QE . -36.18 -64.82 -10.16
CMA CLA QE . -35.72 -64.74 -12.64
CAA CLA QE . -39.25 -64.43 -11.33
CBA CLA QE . -39.31 -63.59 -10.05
CGA CLA QE . -40.73 -63.31 -9.68
O1A CLA QE . -41.61 -63.11 -10.47
O2A CLA QE . -40.91 -63.36 -8.35
NB CLA QE . -34.92 -65.35 -7.54
C1B CLA QE . -34.52 -64.28 -8.43
C2B CLA QE . -33.47 -63.53 -7.84
C3B CLA QE . -33.21 -64.10 -6.60
C4B CLA QE . -34.06 -65.21 -6.42
CMB CLA QE . -32.79 -62.35 -8.45
CAB CLA QE . -32.25 -63.65 -5.58
CBB CLA QE . -32.19 -62.48 -5.00
NC CLA QE . -35.70 -67.69 -6.32
C1C CLA QE . -34.76 -67.28 -5.37
C2C CLA QE . -34.53 -68.31 -4.36
C3C CLA QE . -35.35 -69.37 -4.68
C4C CLA QE . -36.05 -69.02 -5.88
CMC CLA QE . -33.58 -68.25 -3.20
CAC CLA QE . -35.49 -70.66 -3.93
CBC CLA QE . -34.77 -71.80 -4.59
ND CLA QE . -37.43 -68.20 -8.24
C1D CLA QE . -37.66 -69.49 -7.61
C2D CLA QE . -38.62 -70.21 -8.33
C3D CLA QE . -39.03 -69.41 -9.42
C4D CLA QE . -38.29 -68.25 -9.31
CMD CLA QE . -39.13 -71.59 -7.99
CAD CLA QE . -39.85 -69.30 -10.61
OBD CLA QE . -40.58 -70.14 -11.11
CBD CLA QE . -39.69 -67.95 -11.20
CGD CLA QE . -39.41 -68.09 -12.69
O1D CLA QE . -38.33 -68.30 -13.17
O2D CLA QE . -40.53 -67.97 -13.39
CED CLA QE . -40.40 -68.10 -14.82
C1 CLA QE . -42.28 -63.21 -7.89
C2 CLA QE . -42.40 -63.73 -6.50
C3 CLA QE . -43.59 -63.83 -5.88
C4 CLA QE . -44.89 -63.43 -6.51
C5 CLA QE . -43.68 -64.35 -4.48
C6 CLA QE . -43.64 -65.87 -4.38
C7 CLA QE . -43.88 -66.38 -2.96
C8 CLA QE . -44.55 -67.75 -2.81
C9 CLA QE . -46.01 -67.71 -3.21
C10 CLA QE . -44.35 -68.28 -1.40
MG CLA RE . -44.53 -70.74 -6.22
CHA CLA RE . -44.48 -68.29 -8.64
CHB CLA RE . -47.65 -71.48 -7.04
CHC CLA RE . -44.63 -72.80 -3.49
CHD CLA RE . -41.51 -69.41 -4.90
NA CLA RE . -45.77 -70.01 -7.55
C1A CLA RE . -45.64 -68.97 -8.50
C2A CLA RE . -46.91 -68.72 -9.28
C3A CLA RE . -47.76 -69.91 -8.94
C4A CLA RE . -47.04 -70.51 -7.76
CMA CLA RE . -49.20 -69.48 -8.67
CAA CLA RE . -46.74 -68.60 -10.80
CBA CLA RE . -45.83 -69.56 -11.53
CGA CLA RE . -45.79 -69.24 -13.00
O1A CLA RE . -45.50 -68.16 -13.45
O2A CLA RE . -46.11 -70.29 -13.75
NB CLA RE . -45.87 -71.90 -5.41
C1B CLA RE . -47.20 -72.14 -5.91
C2B CLA RE . -47.86 -73.07 -5.09
C3B CLA RE . -46.98 -73.44 -4.08
C4B CLA RE . -45.78 -72.73 -4.27
CMB CLA RE . -49.27 -73.56 -5.29
CAB CLA RE . -47.23 -74.39 -2.99
CBB CLA RE . -47.21 -74.15 -1.71
NC CLA RE . -43.37 -71.05 -4.64
C1C CLA RE . -43.55 -72.00 -3.64
C2C CLA RE . -42.47 -71.99 -2.66
C3C CLA RE . -41.61 -71.00 -3.03
C4C CLA RE . -42.14 -70.42 -4.25
CMC CLA RE . -42.30 -72.90 -1.48
CAC CLA RE . -40.38 -70.52 -2.30
CBC CLA RE . -39.11 -71.12 -2.86
ND CLA RE . -43.29 -69.28 -6.60
C1D CLA RE . -42.03 -68.81 -6.03
C2D CLA RE . -41.52 -67.76 -6.81
C3D CLA RE . -42.42 -67.54 -7.87
C4D CLA RE . -43.45 -68.45 -7.70
CMD CLA RE . -40.25 -67.01 -6.53
CAD CLA RE . -42.70 -66.78 -9.07
OBD CLA RE . -42.02 -65.93 -9.61
CBD CLA RE . -44.01 -67.19 -9.61
CGD CLA RE . -44.89 -65.94 -9.67
O1D CLA RE . -45.78 -65.69 -8.90
O2D CLA RE . -44.56 -65.18 -10.71
CED CLA RE . -45.40 -64.02 -10.95
MG CLA SE . -49.10 -77.89 -13.93
CHA CLA SE . -50.13 -78.53 -17.15
CHB CLA SE . -47.84 -75.04 -14.95
CHC CLA SE . -47.59 -77.61 -10.86
CHD CLA SE . -50.03 -81.18 -13.07
NA CLA SE . -49.15 -76.97 -15.62
C1A CLA SE . -49.76 -77.27 -16.83
C2A CLA SE . -49.94 -76.06 -17.69
C3A CLA SE . -48.73 -75.25 -17.25
C4A CLA SE . -48.54 -75.77 -15.84
CMA CLA SE . -47.50 -75.44 -18.11
CAA CLA SE . -51.33 -75.56 -17.27
CBA CLA SE . -51.66 -74.09 -17.48
CGA CLA SE . -51.87 -73.36 -16.19
O1A CLA SE . -52.81 -73.50 -15.47
O2A CLA SE . -50.88 -72.49 -15.95
NB CLA SE . -47.98 -76.58 -13.06
C1B CLA SE . -47.56 -75.33 -13.63
C2B CLA SE . -46.83 -74.57 -12.68
C3B CLA SE . -46.77 -75.33 -11.52
C4B CLA SE . -47.45 -76.54 -11.74
CMB CLA SE . -46.24 -73.22 -12.91
CAB CLA SE . -46.12 -74.94 -10.26
CBB CLA SE . -46.69 -74.51 -9.18
NC CLA SE . -48.92 -79.06 -12.35
C1C CLA SE . -48.27 -78.76 -11.15
C2C CLA SE . -48.38 -79.87 -10.19
C3C CLA SE . -49.10 -80.85 -10.82
C4C CLA SE . -49.43 -80.39 -12.14
CMC CLA SE . -47.82 -79.98 -8.81
CAC CLA SE . -49.51 -82.18 -10.25
CBC CLA SE . -50.94 -82.19 -9.77
ND CLA SE . -49.75 -79.50 -14.82
C1D CLA SE . -50.09 -80.85 -14.41
C2D CLA SE . -50.58 -81.59 -15.49
C3D CLA SE . -50.57 -80.74 -16.62
C4D CLA SE . -50.11 -79.51 -16.15
CMD CLA SE . -51.01 -83.02 -15.46
CAD CLA SE . -50.76 -80.62 -18.05
OBD CLA SE . -50.90 -81.50 -18.87
CBD CLA SE . -50.72 -79.16 -18.42
CGD CLA SE . -49.91 -78.93 -19.69
O1D CLA SE . -50.18 -78.11 -20.52
O2D CLA SE . -48.88 -79.76 -19.77
CED CLA SE . -48.15 -79.75 -21.02
C1 CLA SE . -51.15 -71.47 -14.95
C2 CLA SE . -51.06 -72.03 -13.57
C3 CLA SE . -50.19 -71.70 -12.61
C4 CLA SE . -49.11 -70.68 -12.76
C5 CLA SE . -50.27 -72.38 -11.26
C6 CLA SE . -51.50 -71.98 -10.46
C7 CLA SE . -51.65 -72.74 -9.15
C8 CLA SE . -52.91 -72.41 -8.34
C9 CLA SE . -52.76 -71.09 -7.60
C10 CLA SE . -53.31 -73.56 -7.41
C11 CLA SE . -52.39 -73.81 -6.22
MG CLA TE . -53.25 -85.52 4.20
CHA CLA TE . -54.65 -84.71 7.23
CHB CLA TE . -54.05 -88.70 4.79
CHC CLA TE . -51.53 -86.33 1.38
CHD CLA TE . -51.62 -82.37 4.17
NA CLA TE . -54.26 -86.41 5.60
C1A CLA TE . -54.93 -85.92 6.69
C2A CLA TE . -55.92 -86.90 7.26
C3A CLA TE . -55.20 -88.18 6.93
C4A CLA TE . -54.45 -87.76 5.68
CMA CLA TE . -54.27 -88.69 8.03
NB CLA TE . -52.89 -87.17 3.25
C1B CLA TE . -53.36 -88.49 3.60
C2B CLA TE . -52.97 -89.43 2.62
C3B CLA TE . -52.24 -88.73 1.65
C4B CLA TE . -52.18 -87.37 2.02
CMB CLA TE . -53.30 -90.89 2.63
CAB CLA TE . -51.63 -89.27 0.44
CBB CLA TE . -50.71 -90.20 0.34
NC CLA TE . -51.96 -84.58 3.05
C1C CLA TE . -51.40 -85.07 1.86
C2C CLA TE . -50.57 -84.05 1.21
C3C CLA TE . -50.56 -82.95 2.02
C4C CLA TE . -51.40 -83.24 3.16
CMC CLA TE . -49.85 -84.19 -0.10
CAC CLA TE . -49.85 -81.64 1.81
CBC CLA TE . -50.77 -80.54 1.34
ND CLA TE . -53.11 -83.94 5.35
C1D CLA TE . -52.42 -82.66 5.27
C2D CLA TE . -52.72 -81.88 6.40
C3D CLA TE . -53.61 -82.62 7.20
C4D CLA TE . -53.80 -83.83 6.53
CMD CLA TE . -52.22 -80.49 6.67
CAD CLA TE . -54.42 -82.67 8.42
OBD CLA TE . -54.56 -81.81 9.27
CBD CLA TE . -55.11 -84.00 8.51
CGD CLA TE . -54.67 -84.74 9.77
O1D CLA TE . -54.11 -85.79 9.79
O2D CLA TE . -54.99 -84.04 10.86
CED CLA TE . -54.58 -84.62 12.12
MG CLA UE . -28.46 -78.18 2.10
CHA CLA UE . -26.86 -77.90 5.12
CHB CLA UE . -30.31 -75.54 2.89
CHC CLA UE . -30.36 -78.85 -0.66
CHD CLA UE . -26.94 -81.36 1.67
NA CLA UE . -28.45 -76.95 3.60
C1A CLA UE . -27.65 -76.88 4.73
C2A CLA UE . -27.76 -75.58 5.48
C3A CLA UE . -29.05 -75.01 4.94
C4A CLA UE . -29.31 -75.88 3.73
CMA CLA UE . -30.21 -75.04 5.94
CAA CLA UE . -26.52 -74.71 5.17
CBA CLA UE . -26.16 -74.48 3.71
CGA CLA UE . -25.28 -75.53 3.10
O1A CLA UE . -24.19 -75.83 3.51
O2A CLA UE . -25.86 -76.10 2.04
NB CLA UE . -30.03 -77.37 1.27
C1B CLA UE . -30.72 -76.19 1.73
C2B CLA UE . -31.78 -75.88 0.87
C3B CLA UE . -31.79 -76.84 -0.14
C4B CLA UE . -30.73 -77.75 0.10
CMB CLA UE . -32.71 -74.70 0.99
CAB CLA UE . -32.74 -76.93 -1.25
CBB CLA UE . -32.49 -76.96 -2.53
NC CLA UE . -28.57 -79.68 0.81
C1C CLA UE . -29.38 -79.72 -0.33
C2C CLA UE . -29.10 -80.92 -1.13
C3C CLA UE . -28.14 -81.64 -0.46
C4C CLA UE . -27.82 -80.91 0.73
CMC CLA UE . -29.71 -81.29 -2.45
CAC CLA UE . -27.51 -82.94 -0.87
CBC CLA UE . -26.11 -82.77 -1.43
ND CLA UE . -27.26 -79.37 3.08
C1D CLA UE . -26.67 -80.69 2.85
C2D CLA UE . -25.82 -81.03 3.91
C3D CLA UE . -25.84 -79.96 4.84
C4D CLA UE . -26.72 -79.02 4.30
CMD CLA UE . -25.02 -82.30 4.03
CAD CLA UE . -25.33 -79.41 6.08
OBD CLA UE . -24.49 -79.89 6.84
CBD CLA UE . -25.98 -78.09 6.35
CGD CLA UE . -26.78 -78.13 7.65
O1D CLA UE . -26.35 -77.86 8.73
O2D CLA UE . -28.04 -78.48 7.40
CED CLA UE . -28.92 -78.48 8.55
C1 CLA UE . -25.11 -77.12 1.31
C2 CLA UE . -25.53 -77.04 -0.11
C3 CLA UE . -25.21 -77.94 -1.03
C4 CLA UE . -24.41 -79.19 -0.75
C5 CLA UE . -25.60 -77.73 -2.48
C6 CLA UE . -27.05 -78.05 -2.77
C7 CLA UE . -27.45 -77.74 -4.22
C8 CLA UE . -26.79 -78.62 -5.27
C9 CLA UE . -25.66 -77.88 -5.97
NB KC2 VE . -18.07 -66.67 1.26
ND KC2 VE . -20.98 -68.18 3.40
C1A KC2 VE . -19.06 -66.47 5.36
C1B KC2 VE . -16.95 -65.87 1.64
C1C KC2 VE . -19.85 -68.24 -0.54
C1D KC2 VE . -22.05 -68.99 3.12
C2A KC2 VE . -18.18 -65.66 6.14
C2B KC2 VE . -16.09 -65.61 0.47
C2C KC2 VE . -20.71 -68.99 -1.39
C2D KC2 VE . -22.73 -69.29 4.31
C3A KC2 VE . -17.22 -65.17 5.30
C3B KC2 VE . -16.64 -66.24 -0.60
C3C KC2 VE . -21.71 -69.49 -0.62
C3D KC2 VE . -22.03 -68.62 5.36
C4A KC2 VE . -17.50 -65.67 4.00
C4B KC2 VE . -17.87 -66.89 -0.15
C4C KC2 VE . -21.49 -69.07 0.75
C4D KC2 VE . -20.94 -67.93 4.74
CAA KC2 VE . -18.30 -65.40 7.57
CAB KC2 VE . -16.14 -66.28 -1.97
CAC KC2 VE . -22.80 -70.33 -1.10
CAD KC2 VE . -22.02 -68.40 6.79
CBA KC2 VE . -18.15 -66.28 8.56
CBB KC2 VE . -15.25 -67.11 -2.46
CBC KC2 VE . -23.92 -69.95 -1.65
CBD KC2 VE . -20.85 -67.48 7.07
CED KC2 VE . -22.35 -65.35 9.72
CGA KC2 VE . -18.28 -65.99 10.01
CGD KC2 VE . -21.41 -66.22 7.74
CHA KC2 VE . -20.19 -67.23 5.71
CHB KC2 VE . -16.67 -65.40 2.89
CHC KC2 VE . -18.69 -67.60 -0.99
CHD KC2 VE . -22.29 -69.42 1.81
CMA KC2 VE . -16.10 -64.24 5.67
CMB KC2 VE . -14.82 -64.80 0.50
CMC KC2 VE . -20.53 -69.16 -2.88
CMD KC2 VE . -23.94 -70.15 4.48
NA KC2 VE . -18.65 -66.44 4.05
NC KC2 VE . -20.32 -68.27 0.76
O1A KC2 VE . -17.35 -66.20 10.78
O1D KC2 VE . -21.49 -65.15 7.21
O2A KC2 VE . -19.41 -65.51 10.40
O2D KC2 VE . -21.78 -66.48 8.99
OBD KC2 VE . -22.80 -68.85 7.65
MG KC2 VE . -19.61 -67.33 2.46
C A86 WE . -39.24 -87.68 -7.07
O A86 WE . -27.43 -85.24 -12.26
C1 A86 WE . -38.45 -87.26 -5.86
C10 A86 WE . -30.37 -84.77 -10.85
C11 A86 WE . -29.21 -84.15 -11.16
C12 A86 WE . -28.58 -83.07 -10.33
C13 A86 WE . -28.47 -84.59 -12.37
C14 A86 WE . -29.04 -84.23 -13.72
C15 A86 WE . -28.03 -83.65 -14.73
C16 A86 WE . -28.26 -82.21 -15.26
C17 A86 WE . -26.96 -81.71 -15.91
C18 A86 WE . -26.34 -82.59 -16.99
C19 A86 WE . -26.78 -84.05 -16.91
C2 A86 WE . -37.15 -86.85 -5.91
C20 A86 WE . -27.16 -84.54 -15.52
C21 A86 WE . -27.18 -86.04 -15.40
C22 A86 WE . -28.62 -81.25 -14.12
C23 A86 WE . -29.41 -82.16 -16.28
C24 A86 WE . -39.13 -87.25 -4.56
C25 A86 WE . -40.39 -87.59 -4.28
C26 A86 WE . -40.94 -87.52 -2.94
C27 A86 WE . -42.13 -87.98 -2.49
C28 A86 WE . -43.11 -88.74 -3.36
C29 A86 WE . -42.49 -87.70 -1.13
C3 A86 WE . -36.32 -86.70 -7.07
C30 A86 WE . -43.43 -88.35 -0.51
C31 A86 WE . -44.38 -89.07 0.04
C32 A86 WE . -44.08 -90.26 0.90
C33 A86 WE . -44.73 -91.49 0.24
C34 A86 WE . -46.18 -91.31 -0.12
C35 A86 WE . -46.37 -90.07 -0.98
C36 A86 WE . -45.85 -88.81 -0.28
C37 A86 WE . -46.05 -87.59 -1.17
C38 A86 WE . -46.23 -92.91 -1.98
C39 A86 WE . -46.94 -94.12 -2.47
C4 A86 WE . -35.03 -86.29 -6.97
C40 A86 WE . -42.57 -90.54 0.93
C41 A86 WE . -44.54 -90.02 2.35
C5 A86 WE . -34.15 -86.09 -8.09
C6 A86 WE . -32.93 -85.49 -8.09
C7 A86 WE . -32.30 -84.88 -6.87
C8 A86 WE . -32.20 -85.41 -9.35
C9 A86 WE . -31.01 -84.81 -9.57
O1 A86 WE . -26.64 -83.82 -14.36
O2 A86 WE . -26.72 -82.09 -18.27
O3 A86 WE . -46.62 -88.64 0.90
O4 A86 WE . -46.72 -92.50 -0.80
O5 A86 WE . -45.33 -92.37 -2.56
C A86 XE . -21.13 -73.66 0.28
O A86 XE . -31.89 -75.17 -6.99
C1 A86 XE . -22.06 -73.32 1.41
C10 A86 XE . -29.66 -74.05 -4.62
C11 A86 XE . -30.91 -74.04 -5.14
C12 A86 XE . -32.15 -73.80 -4.36
C13 A86 XE . -31.09 -74.31 -6.60
C14 A86 XE . -30.29 -73.49 -7.59
C15 A86 XE . -30.87 -73.40 -9.00
C16 A86 XE . -31.85 -72.24 -9.34
C17 A86 XE . -32.93 -72.75 -10.31
C18 A86 XE . -32.38 -73.49 -11.53
C19 A86 XE . -31.69 -74.76 -11.08
C2 A86 XE . -23.41 -73.24 1.25
C20 A86 XE . -30.72 -74.54 -9.94
C21 A86 XE . -30.05 -75.84 -9.53
C22 A86 XE . -31.12 -71.06 -9.98
C23 A86 XE . -32.56 -71.71 -8.07
C24 A86 XE . -21.49 -73.05 2.72
C25 A86 XE . -20.21 -72.79 3.01
C26 A86 XE . -19.72 -72.53 4.34
C27 A86 XE . -18.46 -72.18 4.72
C28 A86 XE . -17.33 -71.99 3.74
C29 A86 XE . -18.20 -72.04 6.13
C3 A86 XE . -24.16 -73.42 0.04
C30 A86 XE . -17.06 -71.63 6.64
C31 A86 XE . -15.91 -71.19 7.06
C32 A86 XE . -15.72 -69.76 7.41
C33 A86 XE . -14.25 -69.38 7.19
C34 A86 XE . -13.24 -70.19 7.97
C35 A86 XE . -13.74 -71.59 8.23
C36 A86 XE . -14.72 -72.12 7.18
C37 A86 XE . -14.02 -72.34 5.83
C38 A86 XE . -10.84 -70.45 7.79
C39 A86 XE . -9.72 -70.50 6.82
C4 A86 XE . -25.51 -73.42 -0.03
C40 A86 XE . -16.52 -68.86 6.46
C41 A86 XE . -16.20 -69.49 8.85
C5 A86 XE . -26.21 -73.59 -1.27
C6 A86 XE . -27.54 -73.77 -1.47
C7 A86 XE . -28.54 -73.83 -0.34
C8 A86 XE . -28.03 -73.91 -2.83
C9 A86 XE . -29.31 -73.90 -3.25
O1 A86 XE . -29.82 -73.40 -10.02
O2 A86 XE . -33.47 -73.81 -12.41
O3 A86 XE . -15.19 -73.38 7.67
O4 A86 XE . -12.02 -70.28 7.16
O5 A86 XE . -10.74 -70.54 8.98
C DD6 YE . -40.67 -74.80 -4.87
C1 DD6 YE . -41.15 -75.68 -3.75
C10 DD6 YE . -50.01 -77.08 -7.74
C11 DD6 YE . -51.21 -77.65 -8.07
C12 DD6 YE . -51.82 -78.80 -7.31
C13 DD6 YE . -51.94 -77.13 -9.21
C14 DD6 YE . -52.97 -77.65 -9.87
C15 DD6 YE . -53.71 -77.08 -11.04
C16 DD6 YE . -52.98 -76.72 -12.29
C17 DD6 YE . -53.98 -76.68 -13.48
C18 DD6 YE . -55.32 -76.00 -13.26
C19 DD6 YE . -55.49 -75.43 -11.87
C2 DD6 YE . -42.39 -76.24 -3.73
C20 DD6 YE . -55.00 -76.37 -10.79
C21 DD6 YE . -55.61 -76.20 -9.41
C22 DD6 YE . -52.24 -75.38 -12.19
C23 DD6 YE . -51.92 -77.78 -12.60
C24 DD6 YE . -40.28 -75.91 -2.62
C25 DD6 YE . -39.14 -75.26 -2.30
C26 DD6 YE . -38.36 -75.58 -1.14
C27 DD6 YE . -37.23 -74.95 -0.71
C28 DD6 YE . -36.56 -73.81 -1.42
C29 DD6 YE . -36.65 -75.40 0.51
C3 DD6 YE . -43.44 -76.10 -4.69
C30 DD6 YE . -36.20 -75.68 1.59
C31 DD6 YE . -35.77 -75.97 2.91
C32 DD6 YE . -36.03 -77.35 3.50
C33 DD6 YE . -34.80 -77.81 4.34
C34 DD6 YE . -33.58 -76.89 4.30
C35 DD6 YE . -34.00 -75.46 4.56
C36 DD6 YE . -35.14 -75.05 3.66
C37 DD6 YE . -35.48 -73.58 3.69
C4 DD6 YE . -44.63 -76.72 -4.56
C40 DD6 YE . -37.26 -77.31 4.42
C41 DD6 YE . -36.28 -78.40 2.40
C5 DD6 YE . -45.72 -76.59 -5.49
C6 DD6 YE . -46.91 -77.26 -5.49
C7 DD6 YE . -47.27 -78.28 -4.46
C8 DD6 YE . -47.88 -76.96 -6.54
C9 DD6 YE . -49.14 -77.42 -6.65
O1 DD6 YE . -54.96 -77.74 -11.26
O2 DD6 YE . -55.48 -74.96 -14.23
O4 DD6 YE . -32.65 -77.31 5.31
MG CLA ZE . -29.48 98.07 -1.79
CHA CLA ZE . -32.76 98.59 -2.55
CHB CLA ZE . -28.69 100.58 -3.83
CHC CLA ZE . -26.23 97.42 -1.09
CHD CLA ZE . -30.30 94.82 -0.61
NA CLA ZE . -30.52 99.35 -2.78
C1A CLA ZE . -31.88 99.56 -2.85
C2A CLA ZE . -32.21 100.94 -3.33
C3A CLA ZE . -31.09 101.08 -4.34
C4A CLA ZE . -30.01 100.29 -3.62
CMA CLA ZE . -31.41 100.55 -5.73
CAA CLA ZE . -32.14 101.97 -2.20
CBA CLA ZE . -32.67 101.55 -0.83
CGA CLA ZE . -31.63 100.93 0.06
O1A CLA ZE . -30.47 101.28 0.13
O2A CLA ZE . -32.13 99.94 0.80
NB CLA ZE . -27.79 98.84 -2.34
C1B CLA ZE . -27.60 99.96 -3.23
C2B CLA ZE . -26.23 100.28 -3.34
C3B CLA ZE . -25.54 99.37 -2.53
C4B CLA ZE . -26.47 98.50 -1.93
CMB CLA ZE . -25.64 101.40 -4.14
CAB CLA ZE . -24.10 99.30 -2.30
CBB CLA ZE . -23.31 98.28 -2.43
NC CLA ZE . -28.52 96.52 -1.03
C1C CLA ZE . -27.16 96.49 -0.74
C2C CLA ZE . -26.79 95.25 -0.07
C3C CLA ZE . -27.92 94.48 0.05
C4C CLA ZE . -29.00 95.25 -0.55
CMC CLA ZE . -25.42 94.90 0.44
CAC CLA ZE . -28.03 93.11 0.67
CBC CLA ZE . -28.18 93.17 2.17
ND CLA ZE . -31.05 96.94 -1.64
C1D CLA ZE . -31.32 95.59 -1.14
C2D CLA ZE . -32.69 95.30 -1.26
C3D CLA ZE . -33.32 96.44 -1.82
C4D CLA ZE . -32.30 97.37 -2.01
CMD CLA ZE . -33.36 94.02 -0.87
CAD CLA ZE . -34.56 97.05 -2.26
OBD CLA ZE . -35.68 96.57 -2.31
CBD CLA ZE . -34.28 98.47 -2.69
CGD CLA ZE . -34.78 98.72 -4.11
O1D CLA ZE . -35.26 99.75 -4.49
O2D CLA ZE . -34.57 97.66 -4.88
CED CLA ZE . -34.91 97.80 -6.28
MG CLA AF . -43.85 100.88 -0.61
CHA CLA AF . -46.18 99.01 -2.26
CHB CLA AF . -43.25 102.43 -3.48
CHC CLA AF . -41.16 102.33 0.92
CHD CLA AF . -44.08 98.64 2.14
NA CLA AF . -44.73 100.88 -2.32
C1A CLA AF . -45.83 100.20 -2.79
C2A CLA AF . -46.45 100.85 -3.99
C3A CLA AF . -45.22 101.47 -4.61
C4A CLA AF . -44.32 101.62 -3.41
CMA CLA AF . -44.59 100.64 -5.73
CAA CLA AF . -47.45 101.88 -3.47
NB CLA AF . -42.47 102.12 -1.16
C1B CLA AF . -42.32 102.71 -2.48
C2B CLA AF . -41.17 103.52 -2.52
C3B CLA AF . -40.59 103.49 -1.25
C4B CLA AF . -41.37 102.64 -0.42
CMB CLA AF . -40.69 104.29 -3.71
CAB CLA AF . -39.38 104.17 -0.80
CBB CLA AF . -39.26 105.11 0.08
NC CLA AF . -42.93 100.61 1.11
C1C CLA AF . -41.87 101.37 1.60
C2C CLA AF . -41.50 100.97 2.96
C3C CLA AF . -42.31 99.92 3.30
C4C CLA AF . -43.19 99.67 2.18
CMC CLA AF . -40.45 101.59 3.84
CAC CLA AF . -42.32 99.14 4.60
CBC CLA AF . -43.44 99.57 5.53
ND CLA AF . -44.80 99.25 -0.13
C1D CLA AF . -44.86 98.37 1.03
C2D CLA AF . -45.79 97.34 0.81
C3D CLA AF . -46.32 97.52 -0.49
C4D CLA AF . -45.70 98.66 -0.99
CMD CLA AF . -46.14 96.24 1.77
CAD CLA AF . -47.28 97.05 -1.49
OBD CLA AF . -48.08 96.14 -1.42
CBD CLA AF . -47.12 97.89 -2.73
CGD CLA AF . -46.41 97.08 -3.80
O1D CLA AF . -46.77 96.02 -4.23
O2D CLA AF . -45.28 97.69 -4.18
CED CLA AF . -44.30 96.87 -4.87
NB KC2 BF . -52.55 95.70 4.94
ND KC2 BF . -50.82 97.93 2.23
C1A KC2 BF . -53.26 96.35 0.85
C1B KC2 BF . -53.64 94.80 4.83
C1C KC2 BF . -50.24 97.13 6.20
C1D KC2 BF . -49.70 98.75 2.21
C2A KC2 BF . -54.30 95.56 0.28
C2B KC2 BF . -53.95 94.22 6.16
C2C KC2 BF . -49.11 97.78 6.77
C2D KC2 BF . -49.55 99.28 0.93
C3A KC2 BF . -54.80 94.78 1.28
C3B KC2 BF . -53.08 94.76 7.06
C3C KC2 BF . -48.50 98.51 5.78
C3D KC2 BF . -50.62 98.77 0.12
C4A KC2 BF . -54.08 95.07 2.46
C4B KC2 BF . -52.18 95.66 6.34
C4C KC2 BF . -49.25 98.34 4.57
C4D KC2 BF . -51.39 97.94 0.99
CAA KC2 BF . -54.74 95.62 -1.10
CAB KC2 BF . -53.11 94.55 8.50
CAC KC2 BF . -47.29 99.31 5.94
CAD KC2 BF . -51.19 98.78 -1.21
CBA KC2 BF . -55.89 96.15 -1.54
CBB KC2 BF . -52.18 94.16 9.32
CBC KC2 BF . -47.16 100.60 5.75
CBD KC2 BF . -52.46 97.94 -1.13
CED KC2 BF . -55.36 100.12 -0.35
CGA KC2 BF . -56.35 96.20 -2.95
CGD KC2 BF . -53.66 98.83 -1.38
CHA KC2 BF . -52.45 97.34 0.28
CHB KC2 BF . -54.34 94.48 3.71
CHC KC2 BF . -51.11 96.29 6.92
CHD KC2 BF . -48.94 98.93 3.36
CMA KC2 BF . -55.91 93.76 1.16
CMB KC2 BF . -55.03 93.20 6.42
CMC KC2 BF . -48.68 97.66 8.21
CMD KC2 BF . -48.46 100.21 0.44
NA KC2 BF . -53.12 96.04 2.18
NC KC2 BF . -50.35 97.45 4.86
O1A KC2 BF . -57.40 96.74 -3.24
O1D KC2 BF . -54.04 99.19 -2.47
O2A KC2 BF . -55.56 95.65 -3.84
O2D KC2 BF . -54.24 99.20 -0.24
OBD KC2 BF . -50.77 99.34 -2.23
MG KC2 BF . -51.74 96.89 3.46
MG CLA CF . -54.21 85.75 -1.23
CHA CLA CF . -55.00 84.15 -4.15
CHB CLA CF . -53.58 88.48 -3.02
CHC CLA CF . -53.09 87.21 1.64
CHD CLA CF . -53.95 82.61 0.37
NA CLA CF . -54.42 86.20 -3.10
C1A CLA CF . -54.96 85.50 -4.15
C2A CLA CF . -55.38 86.39 -5.29
C3A CLA CF . -54.25 87.42 -5.16
C4A CLA CF . -54.05 87.39 -3.66
CMA CLA CF . -52.98 87.07 -5.92
CAA CLA CF . -56.80 86.97 -5.13
CBA CLA CF . -57.57 86.78 -3.81
CGA CLA CF . -57.09 87.66 -2.69
O1A CLA CF . -57.02 88.86 -2.74
O2A CLA CF . -56.75 86.94 -1.62
NB CLA CF . -53.51 87.50 -0.77
C1B CLA CF . -53.33 88.63 -1.66
C2B CLA CF . -52.85 89.74 -0.95
C3B CLA CF . -52.70 89.36 0.39
C4B CLA CF . -53.09 88.00 0.50
CMB CLA CF . -52.55 91.09 -1.53
CAB CLA CF . -52.22 90.17 1.49
CBB CLA CF . -52.71 91.30 1.92
NC CLA CF . -53.72 85.08 0.57
C1C CLA CF . -53.36 85.87 1.66
C2C CLA CF . -53.23 85.05 2.86
C3C CLA CF . -53.53 83.75 2.54
C4C CLA CF . -53.78 83.74 1.11
CMC CLA CF . -52.82 85.52 4.22
CAC CLA CF . -53.68 82.59 3.49
CBC CLA CF . -54.81 82.80 4.47
ND CLA CF . -54.36 83.88 -1.69
C1D CLA CF . -54.22 82.62 -0.98
C2D CLA CF . -54.43 81.54 -1.86
C3D CLA CF . -54.74 82.08 -3.14
C4D CLA CF . -54.70 83.46 -2.97
CMD CLA CF . -54.33 80.08 -1.51
CAD CLA CF . -55.07 81.81 -4.52
OBD CLA CF . -55.12 80.75 -5.10
CBD CLA CF . -55.36 83.11 -5.22
CGD CLA CF . -54.54 83.23 -6.51
O1D CLA CF . -53.52 83.84 -6.61
O2D CLA CF . -55.14 82.59 -7.51
CED CLA CF . -54.56 82.75 -8.82
MG CLA DF . -45.00 71.66 6.29
CHA CLA DF . -43.23 73.05 3.72
CHB CLA DF . -45.70 69.08 4.34
CHC CLA DF . -46.87 70.40 8.84
CHD CLA DF . -45.29 74.87 7.78
NA CLA DF . -44.47 71.17 4.49
C1A CLA DF . -43.61 71.76 3.59
C2A CLA DF . -43.20 70.85 2.47
C3A CLA DF . -44.40 69.96 2.42
C4A CLA DF . -44.90 70.05 3.84
CMA CLA DF . -45.47 70.33 1.40
CAA CLA DF . -41.87 70.15 2.80
CBA CLA DF . -41.79 69.36 4.12
CGA CLA DF . -40.47 68.67 4.31
O1A CLA DF . -39.40 69.18 4.14
O2A CLA DF . -40.64 67.41 4.68
NB CLA DF . -46.06 70.05 6.55
C1B CLA DF . -46.24 68.99 5.61
C2B CLA DF . -47.00 67.95 6.19
C3B CLA DF . -47.32 68.34 7.48
C4B CLA DF . -46.76 69.62 7.71
CMB CLA DF . -47.40 66.67 5.51
CAB CLA DF . -48.09 67.58 8.47
CBB CLA DF . -49.13 67.97 9.16
NC CLA DF . -45.83 72.43 7.91
C1C CLA DF . -46.49 71.72 8.89
C2C CLA DF . -46.88 72.57 10.01
C3C CLA DF . -46.49 73.85 9.69
C4C CLA DF . -45.85 73.79 8.39
CMC CLA DF . -47.57 72.13 11.27
CAC CLA DF . -46.68 75.10 10.51
CBC CLA DF . -47.95 75.83 10.15
ND CLA DF . -44.43 73.48 5.94
C1D CLA DF . -44.53 74.77 6.62
C2D CLA DF . -43.84 75.76 5.89
C3D CLA DF . -43.29 75.14 4.74
C4D CLA DF . -43.66 73.80 4.84
CMD CLA DF . -43.67 77.20 6.28
CAD CLA DF . -42.53 75.29 3.52
OBD CLA DF . -42.08 76.31 3.03
CBD CLA DF . -42.35 73.97 2.87
CGD CLA DF . -42.77 74.12 1.42
O1D CLA DF . -43.90 74.27 1.03
O2D CLA DF . -41.70 74.13 0.62
CED CLA DF . -41.90 74.70 -0.69
MG CLA EF . -38.09 77.79 6.95
CHA CLA EF . -37.76 75.48 4.43
CHB CLA EF . -35.40 79.35 5.80
CHC CLA EF . -38.13 79.67 9.81
CHD CLA EF . -40.49 75.66 8.48
NA CLA EF . -36.98 77.54 5.37
C1A CLA EF . -37.03 76.62 4.34
C2A CLA EF . -36.17 76.95 3.16
C3A CLA EF . -35.27 78.02 3.72
C4A CLA EF . -35.91 78.34 5.06
CMA CLA EF . -33.82 77.59 3.85
CAA CLA EF . -37.08 77.46 2.04
CBA CLA EF . -36.39 77.69 0.69
CGA CLA EF . -35.68 76.47 0.17
O1A CLA EF . -36.22 75.42 -0.09
O2A CLA EF . -34.37 76.69 0.05
NB CLA EF . -36.99 79.22 7.67
C1B CLA EF . -35.82 79.79 7.04
C2B CLA EF . -35.25 80.76 7.88
C3B CLA EF . -36.03 80.84 9.03
C4B CLA EF . -37.09 79.91 8.91
CMB CLA EF . -34.01 81.56 7.59
CAB CLA EF . -35.80 81.66 10.22
CBB CLA EF . -35.66 82.94 10.32
NC CLA EF . -39.10 77.73 8.65
C1C CLA EF . -39.02 78.64 9.69
C2C CLA EF . -39.97 78.34 10.77
C3C CLA EF . -40.65 77.21 10.38
C4C CLA EF . -40.13 76.81 9.10
CMC CLA EF . -40.11 79.05 12.08
CAC CLA EF . -41.76 76.52 11.13
CBC CLA EF . -41.28 75.33 11.92
ND CLA EF . -38.92 76.05 6.63
C1D CLA EF . -39.92 75.22 7.31
C2D CLA EF . -40.16 74.06 6.57
C3D CLA EF . -39.33 74.10 5.42
C4D CLA EF . -38.62 75.29 5.51
CMD CLA EF . -41.12 72.96 6.94
CAD CLA EF . -38.89 73.42 4.22
OBD CLA EF . -39.24 72.33 3.78
CBD CLA EF . -37.88 74.27 3.51
CGD CLA EF . -36.58 73.47 3.39
O1D CLA EF . -35.65 73.56 4.15
O2D CLA EF . -36.63 72.64 2.35
CED CLA EF . -35.53 71.71 2.24
C1 CLA EF . -33.52 75.52 -0.12
C2 CLA EF . -33.25 74.93 1.22
C3 CLA EF . -32.14 75.09 1.93
C4 CLA EF . -30.96 75.90 1.49
C5 CLA EF . -32.00 74.44 3.29
MG CLA FF . -36.76 86.30 -1.06
CHA CLA FF . -36.56 87.10 -4.39
CHB CLA FF . -37.38 83.17 -1.89
CHC CLA FF . -37.52 85.73 2.23
CHD CLA FF . -36.67 89.77 -0.30
NA CLA FF . -36.79 85.37 -2.75
C1A CLA FF . -36.56 85.80 -4.05
C2A CLA FF . -36.35 84.68 -5.05
C3A CLA FF . -36.96 83.52 -4.30
C4A CLA FF . -37.05 84.03 -2.88
CMA CLA FF . -38.32 83.11 -4.87
CAA CLA FF . -34.87 84.50 -5.42
CBA CLA FF . -33.75 84.69 -4.37
CGA CLA FF . -33.34 83.44 -3.65
O1A CLA FF . -32.24 82.97 -3.68
O2A CLA FF . -34.30 83.00 -2.85
NB CLA FF . -37.33 84.77 -0.02
C1B CLA FF . -37.52 83.43 -0.54
C2B CLA FF . -37.85 82.55 0.52
C3B CLA FF . -37.88 83.30 1.69
C4B CLA FF . -37.57 84.63 1.37
CMB CLA FF . -38.09 81.07 0.38
CAB CLA FF . -38.15 82.80 3.04
CBB CLA FF . -37.57 81.81 3.65
NC CLA FF . -36.98 87.44 0.55
C1C CLA FF . -37.26 87.01 1.83
C2C CLA FF . -37.24 88.13 2.79
C3C CLA FF . -36.92 89.26 2.08
C4C CLA FF . -36.81 88.87 0.71
CMC CLA FF . -37.53 88.09 4.27
CAC CLA FF . -36.62 90.62 2.64
CBC CLA FF . -37.81 91.54 2.65
ND CLA FF . -36.70 88.00 -2.01
C1D CLA FF . -36.65 89.41 -1.64
C2D CLA FF . -36.56 90.21 -2.78
C3D CLA FF . -36.52 89.37 -3.91
C4D CLA FF . -36.61 88.08 -3.39
CMD CLA FF . -36.48 91.72 -2.80
CAD CLA FF . -36.46 89.25 -5.36
OBD CLA FF . -36.43 90.15 -6.19
CBD CLA FF . -36.43 87.80 -5.74
CGD CLA FF . -37.57 87.45 -6.70
O1D CLA FF . -38.70 87.81 -6.57
O2D CLA FF . -37.13 86.68 -7.69
CED CLA FF . -38.15 86.14 -8.57
C1 CLA FF . -33.90 82.78 -1.46
C2 CLA FF . -33.36 81.42 -1.20
C3 CLA FF . -33.32 80.79 -0.02
C4 CLA FF . -32.74 79.42 0.14
C5 CLA FF . -33.90 81.41 1.26
C6 CLA FF . -33.10 81.14 2.53
C7 CLA FF . -31.73 81.81 2.54
C8 CLA FF . -30.85 81.63 3.78
C9 CLA FF . -30.30 80.21 3.89
C10 CLA FF . -31.61 82.03 5.06
C11 CLA FF . -30.75 82.52 6.22
C12 CLA FF . -30.29 83.97 6.07
C13 CLA FF . -30.73 84.96 7.16
C14 CLA FF . -30.09 84.62 8.51
C15 CLA FF . -32.26 85.03 7.27
MG CLA GF . -36.98 95.09 16.22
CHA CLA GF . -36.18 95.90 19.45
CHB CLA GF . -39.22 97.54 16.27
CHC CLA GF . -37.89 94.11 13.11
CHD CLA GF . -35.41 91.93 16.67
NA CLA GF . -37.38 96.49 17.48
C1A CLA GF . -36.81 96.82 18.69
C2A CLA GF . -37.08 98.26 19.03
C3A CLA GF . -38.49 98.35 18.51
C4A CLA GF . -38.39 97.42 17.33
CMA CLA GF . -39.56 97.94 19.51
CAA CLA GF . -36.09 99.11 18.22
NB CLA GF . -38.30 95.69 14.94
C1B CLA GF . -39.24 96.78 15.11
C2B CLA GF . -40.05 96.90 13.96
C3B CLA GF . -39.64 95.92 13.06
C4B CLA GF . -38.58 95.19 13.65
CMB CLA GF . -41.15 97.90 13.77
CAB CLA GF . -40.18 95.65 11.72
CBB CLA GF . -40.55 96.51 10.81
NC CLA GF . -36.69 93.45 15.15
C1C CLA GF . -37.08 93.28 13.83
C2C CLA GF . -36.64 91.99 13.32
C3C CLA GF . -36.00 91.32 14.33
C4C CLA GF . -36.01 92.22 15.48
CMC CLA GF . -36.78 91.48 11.91
CAC CLA GF . -35.46 89.92 14.31
CBC CLA GF . -34.13 89.82 13.62
ND CLA GF . -36.06 94.12 17.63
C1D CLA GF . -35.44 92.80 17.75
C2D CLA GF . -34.89 92.64 19.03
C3D CLA GF . -35.14 93.84 19.75
C4D CLA GF . -35.84 94.66 18.88
CMD CLA GF . -34.18 91.43 19.55
CAD CLA GF . -34.92 94.60 20.98
OBD CLA GF . -34.27 94.28 21.96
CBD CLA GF . -35.67 95.89 20.89
CGD CLA GF . -36.79 95.87 21.93
O1D CLA GF . -37.16 94.89 22.52
O2D CLA GF . -37.32 97.08 22.08
CED CLA GF . -38.41 97.18 23.02
MG CLA HF . -55.08 81.66 16.32
CHA CLA HF . -56.36 80.84 19.38
CHB CLA HF . -52.50 79.66 16.94
CHC CLA HF . -53.77 82.67 13.34
CHD CLA HF . -57.27 84.46 16.21
NA CLA HF . -54.66 80.44 17.75
C1A CLA HF . -55.39 80.06 18.87
C2A CLA HF . -54.93 78.75 19.44
C3A CLA HF . -53.45 78.84 19.08
C4A CLA HF . -53.51 79.71 17.84
CMA CLA HF . -52.55 79.41 20.17
CAA CLA HF . -55.69 77.60 18.79
CBA CLA HF . -55.67 77.48 17.25
CGA CLA HF . -56.35 76.25 16.75
O1A CLA HF . -57.43 76.21 16.21
O2A CLA HF . -55.60 75.17 16.95
NB CLA HF . -53.44 81.28 15.35
C1B CLA HF . -52.41 80.36 15.74
C2B CLA HF . -51.40 80.30 14.75
C3B CLA HF . -51.78 81.16 13.73
C4B CLA HF . -53.01 81.76 14.08
CMB CLA HF . -50.19 79.41 14.78
CAB CLA HF . -51.01 81.44 12.51
CBB CLA HF . -51.34 81.19 11.27
NC CLA HF . -55.45 83.15 15.08
C1C CLA HF . -54.86 83.32 13.83
C2C CLA HF . -55.49 84.43 13.11
C3C CLA HF . -56.42 85.00 13.95
C4C CLA HF . -56.42 84.22 15.16
CMC CLA HF . -55.23 84.81 11.68
CAC CLA HF . -57.26 86.22 13.70
CBC CLA HF . -58.66 85.88 13.25
ND CLA HF . -56.43 82.50 17.45
C1D CLA HF . -57.31 83.66 17.33
C2D CLA HF . -58.13 83.75 18.46
C3D CLA HF . -57.80 82.67 19.33
C4D CLA HF . -56.79 81.98 18.66
CMD CLA HF . -59.17 84.80 18.71
CAD CLA HF . -58.05 81.99 20.58
OBD CLA HF . -58.84 82.29 21.47
CBD CLA HF . -57.18 80.77 20.68
CGD CLA HF . -56.33 80.82 21.94
O1D CLA HF . -56.00 79.86 22.58
O2D CLA HF . -56.04 82.08 22.27
CED CLA HF . -55.30 82.26 23.50
MG CLA IF . -34.54 82.82 19.35
CHA CLA IF . -36.23 81.48 22.02
CHB CLA IF . -33.87 85.50 21.20
CHC CLA IF . -33.18 84.24 16.57
CHD CLA IF . -36.07 80.41 17.23
NA CLA IF . -34.84 83.25 21.22
C1A CLA IF . -35.44 82.54 22.25
C2A CLA IF . -35.15 83.09 23.62
C3A CLA IF . -34.72 84.52 23.30
C4A CLA IF . -34.45 84.44 21.81
CMA CLA IF . -35.75 85.59 23.64
CAA CLA IF . -34.02 82.20 24.20
CBA CLA IF . -33.40 82.67 25.52
CGA CLA IF . -34.40 83.16 26.53
O1A CLA IF . -35.47 82.67 26.73
O2A CLA IF . -33.93 84.23 27.17
NB CLA IF . -33.73 84.54 18.95
C1B CLA IF . -33.53 85.63 19.86
C2B CLA IF . -32.93 86.72 19.21
C3B CLA IF . -32.73 86.34 17.87
C4B CLA IF . -33.20 85.02 17.71
CMB CLA IF . -32.58 88.04 19.81
CAB CLA IF . -32.13 87.13 16.79
CBB CLA IF . -30.94 87.65 16.75
NC CLA IF . -34.57 82.40 17.43
C1C CLA IF . -33.86 83.07 16.43
C2C CLA IF . -34.00 82.40 15.12
C3C CLA IF . -34.83 81.33 15.32
C4C CLA IF . -35.21 81.32 16.71
CMC CLA IF . -33.35 82.81 13.83
CAC CLA IF . -35.25 80.32 14.29
CBC CLA IF . -36.64 80.57 13.75
ND CLA IF . -35.80 81.35 19.50
C1D CLA IF . -36.41 80.38 18.58
C2D CLA IF . -37.27 79.52 19.27
C3D CLA IF . -37.23 79.90 20.64
C4D CLA IF . -36.36 80.97 20.71
CMD CLA IF . -38.07 78.40 18.67
CAD CLA IF . -37.73 79.63 21.97
OBD CLA IF . -38.54 78.79 22.34
CBD CLA IF . -37.08 80.59 22.94
CGD CLA IF . -38.15 81.35 23.71
O1D CLA IF . -38.86 82.19 23.24
O2D CLA IF . -38.20 80.95 24.97
CED CLA IF . -39.18 81.61 25.82
C1 CLA IF . -34.83 84.79 28.18
C DD6 JF . -42.19 80.47 9.37
C1 DD6 JF . -42.02 81.67 10.27
C10 DD6 JF . -34.72 85.41 4.89
C11 DD6 JF . -33.78 86.25 4.35
C12 DD6 JF . -33.49 87.61 4.93
C13 DD6 JF . -33.06 85.83 3.16
C14 DD6 JF . -32.24 86.51 2.38
C15 DD6 JF . -31.54 85.96 1.15
C16 DD6 JF . -30.06 85.97 1.08
C17 DD6 JF . -29.58 85.01 -0.02
C18 DD6 JF . -30.36 84.94 -1.33
C19 DD6 JF . -31.47 85.98 -1.41
C2 DD6 JF . -41.09 82.64 10.05
C20 DD6 JF . -32.28 86.04 -0.14
C21 DD6 JF . -33.69 86.59 -0.25
C22 DD6 JF . -29.48 87.37 0.81
C23 DD6 JF . -29.46 85.50 2.41
C24 DD6 JF . -42.87 81.77 11.45
C25 DD6 JF . -43.89 80.98 11.82
C26 DD6 JF . -44.64 81.20 13.03
C27 DD6 JF . -45.70 80.50 13.49
C28 DD6 JF . -46.30 79.29 12.82
C29 DD6 JF . -46.32 80.93 14.71
C3 DD6 JF . -40.12 82.72 8.99
C30 DD6 JF . -46.92 81.21 15.72
C31 DD6 JF . -47.65 81.42 16.93
C32 DD6 JF . -47.43 80.47 18.10
C33 DD6 JF . -47.65 81.27 19.40
C34 DD6 JF . -48.98 81.99 19.53
C35 DD6 JF . -49.60 82.30 18.17
C36 DD6 JF . -48.56 82.39 17.09
C37 DD6 JF . -48.64 83.63 16.23
C4 DD6 JF . -39.24 83.75 8.87
C40 DD6 JF . -48.36 79.24 18.00
C41 DD6 JF . -45.97 79.97 18.15
C5 DD6 JF . -38.26 83.84 7.83
C6 DD6 JF . -37.35 84.83 7.62
C7 DD6 JF . -37.24 86.05 8.49
C8 DD6 JF . -36.45 84.72 6.48
C9 DD6 JF . -35.57 85.63 6.03
O1 DD6 JF . -32.17 84.80 0.62
O2 DD6 JF . -29.46 85.14 -2.42
O4 DD6 JF . -49.88 81.17 20.29
C DD6 KF . -39.59 83.45 13.05
C1 DD6 KF . -38.63 83.48 14.20
C10 DD6 KF . -32.80 89.47 9.23
C11 DD6 KF . -31.87 90.41 8.91
C12 DD6 KF . -30.64 90.66 9.74
C13 DD6 KF . -32.08 91.22 7.71
C14 DD6 KF . -31.43 92.29 7.25
C15 DD6 KF . -31.75 93.07 6.00
C16 DD6 KF . -32.45 94.39 6.17
C17 DD6 KF . -33.47 94.59 5.01
C18 DD6 KF . -32.89 94.33 3.63
C19 DD6 KF . -32.56 92.85 3.48
C2 DD6 KF . -37.46 84.17 14.17
C20 DD6 KF . -31.81 92.29 4.68
C21 DD6 KF . -31.52 90.81 4.56
C22 DD6 KF . -33.23 94.49 7.49
C23 DD6 KF . -31.46 95.56 6.15
C24 DD6 KF . -39.02 82.82 15.45
C25 DD6 KF . -40.26 82.41 15.79
C26 DD6 KF . -40.57 81.77 17.04
C27 DD6 KF . -41.78 81.37 17.50
C28 DD6 KF . -43.09 81.50 16.76
C29 DD6 KF . -41.86 80.80 18.81
C3 DD6 KF . -36.97 85.00 13.11
C30 DD6 KF . -42.03 80.37 19.92
C31 DD6 KF . -42.34 79.90 21.22
C32 DD6 KF . -42.60 78.41 21.42
C33 DD6 KF . -42.23 78.06 22.88
C34 DD6 KF . -42.94 78.88 23.94
C35 DD6 KF . -43.22 80.31 23.49
C36 DD6 KF . -42.41 80.72 22.29
C37 DD6 KF . -41.75 82.05 22.39
C4 DD6 KF . -35.73 85.54 13.09
C40 DD6 KF . -44.07 78.07 21.18
C41 DD6 KF . -41.73 77.57 20.47
C5 DD6 KF . -35.28 86.39 12.01
C6 DD6 KF . -34.03 86.85 11.75
C7 DD6 KF . -32.83 86.50 12.58
C8 DD6 KF . -33.86 87.79 10.65
C9 DD6 KF . -32.81 88.57 10.36
O1 DD6 KF . -30.66 93.10 5.07
O2 DD6 KF . -33.86 94.69 2.65
O4 DD6 KF . -44.17 78.24 24.28
C DD6 LF . -31.30 92.28 12.81
C1 DD6 LF . -32.22 93.03 13.74
C10 DD6 LF . -37.79 95.57 6.14
C11 DD6 LF . -38.40 96.35 5.22
C12 DD6 LF . -38.80 97.78 5.49
C13 DD6 LF . -38.70 95.80 3.91
C14 DD6 LF . -39.34 96.32 2.87
C15 DD6 LF . -39.60 95.69 1.53
C16 DD6 LF . -40.93 95.07 1.31
C17 DD6 LF . -41.17 94.86 -0.21
C18 DD6 LF . -40.00 94.44 -1.10
C19 DD6 LF . -38.76 94.09 -0.30
C2 DD6 LF . -33.35 93.65 13.31
C20 DD6 LF . -38.44 95.12 0.76
C21 DD6 LF . -36.99 95.21 1.20
C22 DD6 LF . -41.07 93.73 2.04
C23 DD6 LF . -42.05 95.98 1.83
C24 DD6 LF . -31.95 92.99 15.17
C25 DD6 LF . -31.02 92.25 15.81
C26 DD6 LF . -30.82 92.27 17.23
C27 DD6 LF . -29.87 91.60 17.94
C28 DD6 LF . -28.82 90.72 17.32
C29 DD6 LF . -29.86 91.70 19.36
C3 DD6 LF . -33.88 93.68 11.97
C30 DD6 LF . -29.72 91.68 20.55
C31 DD6 LF . -29.47 91.59 21.95
C32 DD6 LF . -28.57 92.64 22.61
C33 DD6 LF . -27.58 91.90 23.53
C34 DD6 LF . -28.21 90.90 24.49
C35 DD6 LF . -29.07 89.92 23.72
C36 DD6 LF . -29.95 90.59 22.71
C37 DD6 LF . -31.36 90.08 22.64
C4 DD6 LF . -34.91 94.47 11.58
C40 DD6 LF . -27.76 93.43 21.57
C41 DD6 LF . -29.41 93.62 23.43
C5 DD6 LF . -35.43 94.46 10.24
C6 DD6 LF . -36.36 95.29 9.70
C7 DD6 LF . -36.98 96.44 10.46
C8 DD6 LF . -36.77 95.07 8.32
C9 DD6 LF . -37.43 95.91 7.50
O1 DD6 LF . -39.05 96.40 0.41
O2 DD6 LF . -40.39 93.30 -1.87
O4 DD6 LF . -27.18 90.20 25.20
C A86 MF . -53.70 88.72 7.24
O A86 MF . -47.12 96.71 12.37
C1 A86 MF . -53.36 89.52 6.01
C10 A86 MF . -46.44 94.82 10.33
C11 A86 MF . -45.76 95.94 10.60
C12 A86 MF . -44.88 96.67 9.62
C13 A86 MF . -45.98 96.59 11.93
C14 A86 MF . -44.78 97.08 12.71
C15 A86 MF . -44.63 96.56 14.15
C16 A86 MF . -45.31 97.35 15.33
C17 A86 MF . -44.45 97.20 16.61
C18 A86 MF . -44.01 95.78 16.92
C19 A86 MF . -43.10 95.28 15.82
C2 A86 MF . -52.35 90.42 5.95
C20 A86 MF . -43.72 95.43 14.43
C21 A86 MF . -42.88 94.63 13.45
C22 A86 MF . -45.43 98.85 15.03
C23 A86 MF . -46.72 96.83 15.63
C24 A86 MF . -54.15 89.31 4.80
C25 A86 MF . -55.07 88.36 4.56
C26 A86 MF . -55.78 88.26 3.32
C27 A86 MF . -56.69 87.33 2.94
C28 A86 MF . -57.09 86.17 3.81
C29 A86 MF . -57.28 87.48 1.63
C3 A86 MF . -51.45 90.82 7.01
C30 A86 MF . -58.06 86.61 1.04
C31 A86 MF . -58.87 85.79 0.44
C32 A86 MF . -60.26 86.21 0.06
C33 A86 MF . -61.30 85.13 0.45
C34 A86 MF . -60.89 83.74 0.00
C35 A86 MF . -59.53 83.41 0.57
C36 A86 MF . -58.44 84.37 0.09
C37 A86 MF . -57.10 84.00 0.68
C38 A86 MF . -61.94 81.58 -0.03
C39 A86 MF . -62.98 80.74 0.63
C4 A86 MF . -50.40 91.64 6.80
C40 A86 MF . -60.69 87.46 0.82
C41 A86 MF . -60.34 86.51 -1.45
C5 A86 MF . -49.50 92.06 7.83
C6 A86 MF . -48.42 92.86 7.72
C7 A86 MF . -47.94 93.40 6.41
C8 A86 MF . -47.77 93.33 8.94
C9 A86 MF . -47.02 94.43 9.09
O1 A86 MF . -45.15 95.20 14.32
O2 A86 MF . -43.31 95.76 18.17
O3 A86 MF . -58.38 84.23 -1.33
O4 A86 MF . -61.87 82.80 0.53
O5 A86 MF . -61.23 81.23 -0.94
O6 SQD NF . -37.77 67.85 -11.10
C44 SQD NF . -38.96 67.72 -10.31
C45 SQD NF . -38.75 66.85 -9.07
C46 SQD NF . -37.81 67.50 -8.05
O47 SQD NF . -40.04 66.60 -8.49
C7 SQD NF . -40.62 67.76 -7.84
O49 SQD NF . -40.04 68.82 -7.90
C8 SQD NF . -41.92 67.70 -7.10
C9 SQD NF . -41.73 67.05 -5.74
C10 SQD NF . -41.93 68.02 -4.60
C11 SQD NF . -43.08 67.58 -3.70
C12 SQD NF . -42.82 66.18 -3.18
C13 SQD NF . -42.04 66.23 -1.88
C14 SQD NF . -41.94 67.66 -1.38
C15 SQD NF . -40.54 67.94 -0.90
C16 SQD NF . -40.03 66.83 0.00
C17 SQD NF . -39.46 67.42 1.28
C18 SQD NF . -38.01 67.83 1.11
C19 SQD NF . -37.24 67.58 2.41
C20 SQD NF . -36.83 68.87 3.09
O48 SQD NF . -38.21 67.19 -6.71
C23 SQD NF . -38.24 68.18 -5.64
O10 SQD NF . -39.16 68.97 -5.55
C24 SQD NF . -37.16 68.24 -4.59
C25 SQD NF . -37.65 69.16 -3.49
C26 SQD NF . -36.51 70.01 -2.95
C27 SQD NF . -35.69 69.23 -1.92
C28 SQD NF . -34.98 70.17 -0.97
C29 SQD NF . -34.63 71.49 -1.65
C1 SQD NF . -37.47 66.70 -11.88
C2 SQD NF . -38.21 66.74 -13.19
O2 SQD NF . -39.62 66.64 -12.95
C3 SQD NF . -37.74 65.57 -14.04
O3 SQD NF . -36.96 66.07 -15.13
C4 SQD NF . -36.89 64.59 -13.25
O4 SQD NF . -37.65 63.93 -12.24
C5 SQD NF . -35.70 65.30 -12.60
C6 SQD NF . -34.53 65.30 -13.57
O5 SQD NF . -36.07 66.63 -12.21
S SQD NF . -33.86 63.78 -13.62
O7 SQD NF . -34.78 62.84 -14.15
O8 SQD NF . -32.53 63.78 -14.56
O9 SQD NF . -33.47 63.38 -12.29
MG CLA OF . -34.95 -56.00 -12.22
CHA CLA OF . -35.30 -52.77 -13.33
CHB CLA OF . -33.57 -56.82 -15.13
CHC CLA OF . -35.05 -59.28 -11.22
CHD CLA OF . -37.06 -55.23 -9.47
NA CLA OF . -34.47 -54.98 -13.80
C1A CLA OF . -34.57 -53.62 -14.09
C2A CLA OF . -33.81 -53.20 -15.31
C3A CLA OF . -33.53 -54.51 -15.99
C4A CLA OF . -33.87 -55.52 -14.92
CMA CLA OF . -34.35 -54.73 -17.26
CAA CLA OF . -32.53 -52.44 -14.88
CBA CLA OF . -31.52 -53.15 -13.98
CGA CLA OF . -30.53 -52.20 -13.38
O1A CLA OF . -30.39 -51.06 -13.71
O2A CLA OF . -29.81 -52.79 -12.41
NB CLA OF . -34.43 -57.70 -13.01
C1B CLA OF . -33.79 -57.90 -14.29
C2B CLA OF . -33.49 -59.26 -14.49
C3B CLA OF . -33.92 -59.95 -13.36
C4B CLA OF . -34.48 -59.02 -12.47
CMB CLA OF . -32.82 -59.84 -15.70
CAB CLA OF . -33.81 -61.38 -13.10
CBB CLA OF . -33.10 -61.98 -12.20
NC CLA OF . -35.80 -56.99 -10.72
C1C CLA OF . -35.66 -58.34 -10.44
C2C CLA OF . -36.32 -58.70 -9.18
C3C CLA OF . -36.90 -57.56 -8.70
C4C CLA OF . -36.60 -56.50 -9.63
CMC CLA OF . -36.33 -60.05 -8.52
CAC CLA OF . -37.68 -57.40 -7.42
CBC CLA OF . -36.85 -56.79 -6.31
ND CLA OF . -35.96 -54.49 -11.54
C1D CLA OF . -36.78 -54.21 -10.37
C2D CLA OF . -37.17 -52.87 -10.35
C3D CLA OF . -36.61 -52.24 -11.49
C4D CLA OF . -35.91 -53.24 -12.14
CMD CLA OF . -38.02 -52.22 -9.30
CAD CLA OF . -36.43 -51.01 -12.23
OBD CLA OF . -36.86 -49.89 -11.98
CBD CLA OF . -35.61 -51.28 -13.46
CGD CLA OF . -36.37 -50.94 -14.74
O1D CLA OF . -37.52 -51.20 -14.94
O2D CLA OF . -35.56 -50.35 -15.61
CED CLA OF . -36.13 -50.09 -16.92
C1 CLA OF . -28.73 -52.01 -11.80
C2 CLA OF . -29.25 -51.23 -10.64
C3 CLA OF . -29.53 -51.71 -9.43
C4 CLA OF . -29.36 -53.16 -9.04
C5 CLA OF . -30.04 -50.80 -8.34
C6 CLA OF . -29.68 -51.23 -6.92
C7 CLA OF . -29.96 -50.15 -5.87
C8 CLA OF . -31.42 -49.70 -5.75
C9 CLA OF . -31.66 -48.38 -6.48
C10 CLA OF . -31.88 -49.62 -4.29
C11 CLA OF . -31.32 -48.47 -3.46
C12 CLA OF . -31.48 -48.66 -1.94
C13 CLA OF . -32.81 -48.31 -1.27
C14 CLA OF . -33.05 -46.81 -1.23
C15 CLA OF . -32.81 -48.94 0.14
C16 CLA OF . -33.90 -48.63 1.17
C17 CLA OF . -35.00 -49.69 1.27
C18 CLA OF . -34.81 -50.79 2.32
C19 CLA OF . -33.49 -51.52 2.20
C20 CLA OF . -35.02 -50.27 3.72
MG CLA PF . -35.64 -48.91 -6.02
CHA CLA PF . -34.29 -48.23 -9.09
CHB CLA PF . -35.83 -45.64 -5.42
CHC CLA PF . -36.30 -49.61 -2.73
CHD CLA PF . -34.61 -52.29 -6.40
NA CLA PF . -35.22 -47.33 -7.07
C1A CLA PF . -34.72 -47.18 -8.36
C2A CLA PF . -34.66 -45.76 -8.85
C3A CLA PF . -35.00 -44.96 -7.60
C4A CLA PF . -35.37 -46.04 -6.61
CMA CLA PF . -33.83 -44.12 -7.10
CAA CLA PF . -35.63 -45.57 -10.02
CBA CLA PF . -35.00 -45.01 -11.30
CGA CLA PF . -34.21 -43.76 -11.11
O1A CLA PF . -34.66 -42.66 -11.10
O2A CLA PF . -32.92 -44.03 -10.90
NB CLA PF . -36.07 -47.86 -4.41
C1B CLA PF . -36.18 -46.42 -4.34
C2B CLA PF . -36.58 -46.03 -3.05
C3B CLA PF . -36.72 -47.18 -2.29
C4B CLA PF . -36.38 -48.29 -3.11
CMB CLA PF . -36.78 -44.62 -2.60
CAB CLA PF . -37.11 -47.28 -0.88
CBB CLA PF . -38.16 -46.78 -0.31
NC CLA PF . -35.55 -50.54 -4.88
C1C CLA PF . -35.89 -50.64 -3.53
C2C CLA PF . -35.69 -51.99 -3.02
C3C CLA PF . -35.24 -52.75 -4.07
C4C CLA PF . -35.13 -51.88 -5.21
CMC CLA PF . -35.88 -52.44 -1.60
CAC CLA PF . -34.91 -54.22 -4.06
CBC CLA PF . -33.42 -54.48 -3.94
ND CLA PF . -34.73 -50.02 -7.33
C1D CLA PF . -34.38 -51.43 -7.45
C2D CLA PF . -33.82 -51.69 -8.70
C3D CLA PF . -33.78 -50.47 -9.41
C4D CLA PF . -34.31 -49.53 -8.54
CMD CLA PF . -33.33 -53.02 -9.20
CAD CLA PF . -33.41 -49.79 -10.64
OBD CLA PF . -32.94 -50.26 -11.65
CBD CLA PF . -33.68 -48.34 -10.49
CGD CLA PF . -32.36 -47.60 -10.63
O1D CLA PF . -31.77 -47.05 -9.75
O2D CLA PF . -31.90 -47.70 -11.89
CED CLA PF . -30.59 -47.15 -12.12
C1 CLA PF . -32.10 -42.93 -10.45
C2 CLA PF . -30.73 -43.36 -10.02
C3 CLA PF . -29.94 -42.64 -9.23
C4 CLA PF . -30.32 -41.31 -8.63
C5 CLA PF . -28.52 -43.09 -8.96
C6 CLA PF . -28.11 -43.09 -7.49
C7 CLA PF . -28.83 -44.13 -6.63
C8 CLA PF . -30.17 -43.78 -5.97
C9 CLA PF . -30.05 -42.57 -5.03
C10 CLA PF . -30.74 -44.98 -5.24
MG CLA QF . -43.42 -40.49 -10.56
CHA CLA QF . -44.81 -38.93 -13.27
CHB CLA QF . -41.10 -41.72 -12.58
CHC CLA QF . -42.26 -42.27 -7.90
CHD CLA QF . -46.39 -39.85 -8.75
NA CLA QF . -42.99 -40.21 -12.42
C1A CLA QF . -43.53 -39.38 -13.37
C2A CLA QF . -42.59 -39.13 -14.52
C3A CLA QF . -41.96 -40.49 -14.56
C4A CLA QF . -42.00 -40.86 -13.10
CMA CLA QF . -42.68 -41.49 -15.46
CAA CLA QF . -41.57 -38.04 -14.16
CBA CLA QF . -42.12 -36.67 -13.84
CGA CLA QF . -41.01 -35.71 -13.51
O1A CLA QF . -39.85 -35.88 -13.77
O2A CLA QF . -41.49 -34.62 -12.89
NB CLA QF . -41.97 -41.74 -10.28
C1B CLA QF . -41.00 -42.16 -11.26
C2B CLA QF . -40.06 -43.04 -10.69
C3B CLA QF . -40.41 -43.19 -9.35
C4B CLA QF . -41.56 -42.42 -9.10
CMB CLA QF . -38.91 -43.69 -11.39
CAB CLA QF . -39.73 -44.03 -8.35
CBB CLA QF . -38.63 -43.76 -7.71
NC CLA QF . -44.12 -40.91 -8.77
C1C CLA QF . -43.44 -41.60 -7.77
C2C CLA QF . -44.20 -41.59 -6.51
C3C CLA QF . -45.38 -40.90 -6.75
C4C CLA QF . -45.36 -40.50 -8.14
CMC CLA QF . -43.75 -42.16 -5.21
CAC CLA QF . -46.46 -40.59 -5.76
CBC CLA QF . -46.21 -39.30 -5.02
ND CLA QF . -45.16 -39.70 -10.87
C1D CLA QF . -46.37 -39.48 -10.07
C2D CLA QF . -47.34 -38.83 -10.85
C3D CLA QF . -46.80 -38.60 -12.13
C4D CLA QF . -45.51 -39.12 -12.07
CMD CLA QF . -48.71 -38.44 -10.38
CAD CLA QF . -47.02 -38.11 -13.47
OBD CLA QF . -48.05 -37.71 -13.99
CBD CLA QF . -45.73 -38.17 -14.22
CGD CLA QF . -45.94 -38.88 -15.55
O1D CLA QF . -46.02 -38.33 -16.62
O2D CLA QF . -46.03 -40.19 -15.38
CED CLA QF . -46.19 -40.99 -16.58
C1 CLA QF . -40.60 -33.48 -12.74
C2 CLA QF . -41.48 -32.29 -12.94
C3 CLA QF . -42.16 -31.64 -12.00
C4 CLA QF . -43.03 -30.47 -12.31
C5 CLA QF . -42.07 -32.04 -10.53
C6 CLA QF . -42.99 -31.28 -9.59
C7 CLA QF . -42.79 -31.65 -8.12
C8 CLA QF . -43.91 -32.41 -7.41
C9 CLA QF . -45.16 -31.55 -7.24
C10 CLA QF . -43.42 -32.97 -6.07
MG CLA RF . -59.71 -43.30 -5.13
CHA CLA RF . -59.22 -45.04 -8.02
CHB CLA RF . -61.67 -41.19 -6.78
CHC CLA RF . -60.05 -41.55 -2.23
CHD CLA RF . -56.73 -44.70 -3.81
NA CLA RF . -60.33 -43.22 -6.96
C1A CLA RF . -60.15 -44.07 -8.04
C2A CLA RF . -61.06 -43.76 -9.20
C3A CLA RF . -61.33 -42.31 -8.96
C4A CLA RF . -61.10 -42.20 -7.47
CMA CLA RF . -60.47 -41.36 -9.77
CAA CLA RF . -62.36 -44.57 -9.12
CBA CLA RF . -62.23 -46.08 -8.97
CGA CLA RF . -63.55 -46.78 -8.88
O1A CLA RF . -64.34 -46.91 -9.78
O2A CLA RF . -63.76 -47.24 -7.64
NB CLA RF . -60.70 -41.72 -4.59
C1B CLA RF . -61.57 -40.92 -5.43
C2B CLA RF . -62.18 -39.90 -4.67
C3B CLA RF . -61.71 -40.02 -3.36
C4B CLA RF . -60.80 -41.10 -3.31
CMB CLA RF . -63.15 -38.88 -5.18
CAB CLA RF . -62.07 -39.21 -2.20
CBB CLA RF . -61.29 -38.58 -1.36
NC CLA RF . -58.67 -43.18 -3.45
C1C CLA RF . -59.04 -42.45 -2.33
C2C CLA RF . -58.10 -42.67 -1.22
C3C CLA RF . -57.14 -43.54 -1.67
C4C CLA RF . -57.47 -43.85 -3.04
CMC CLA RF . -58.18 -42.06 0.15
CAC CLA RF . -55.97 -44.08 -0.90
CBC CLA RF . -54.68 -43.32 -1.17
ND CLA RF . -58.32 -44.54 -5.67
C1D CLA RF . -57.12 -45.09 -5.07
C2D CLA RF . -56.51 -45.99 -5.97
C3D CLA RF . -57.31 -46.04 -7.14
C4D CLA RF . -58.36 -45.17 -6.90
CMD CLA RF . -55.24 -46.75 -5.72
CAD CLA RF . -57.50 -46.60 -8.46
OBD CLA RF . -56.76 -47.35 -9.08
CBD CLA RF . -58.77 -46.10 -9.03
CGD CLA RF . -58.47 -45.61 -10.44
O1D CLA RF . -57.95 -44.55 -10.69
O2D CLA RF . -58.83 -46.50 -11.35
CED CLA RF . -58.52 -46.17 -12.72
MG CLA SF . -56.88 -52.33 -5.56
CHA CLA SF . -59.10 -51.41 -8.02
CHB CLA SF . -56.72 -55.35 -6.93
CHC CLA SF . -54.92 -53.27 -2.94
CHD CLA SF . -57.93 -49.54 -3.63
NA CLA SF . -57.62 -53.10 -7.17
C1A CLA SF . -58.41 -52.56 -8.18
C2A CLA SF . -58.44 -53.40 -9.42
C3A CLA SF . -58.22 -54.75 -8.80
C4A CLA SF . -57.46 -54.40 -7.55
CMA CLA SF . -59.49 -55.50 -8.42
CAA CLA SF . -57.30 -52.91 -10.32
CBA CLA SF . -57.71 -52.19 -11.60
CGA CLA SF . -58.66 -52.96 -12.48
O1A CLA SF . -58.35 -53.89 -13.17
O2A CLA SF . -59.90 -52.51 -12.35
NB CLA SF . -55.97 -53.97 -5.05
C1B CLA SF . -55.98 -55.22 -5.77
C2B CLA SF . -55.20 -56.17 -5.10
C3B CLA SF . -54.71 -55.56 -3.94
C4B CLA SF . -55.16 -54.23 -3.93
CMB CLA SF . -54.98 -57.60 -5.53
CAB CLA SF . -53.89 -56.17 -2.89
CBB CLA SF . -52.92 -57.04 -3.00
NC CLA SF . -56.49 -51.58 -3.78
C1C CLA SF . -55.58 -52.08 -2.86
C2C CLA SF . -55.50 -51.25 -1.67
C3C CLA SF . -56.38 -50.22 -1.83
C4C CLA SF . -57.00 -50.40 -3.13
CMC CLA SF . -54.61 -51.46 -0.48
CAC CLA SF . -56.72 -49.14 -0.84
CBC CLA SF . -55.87 -47.91 -1.01
ND CLA SF . -58.15 -50.87 -5.70
C1D CLA SF . -58.54 -49.74 -4.87
C2D CLA SF . -59.52 -48.96 -5.52
C3D CLA SF . -59.77 -49.58 -6.77
C4D CLA SF . -58.93 -50.68 -6.82
CMD CLA SF . -60.16 -47.72 -4.98
CAD CLA SF . -60.55 -49.56 -7.99
OBD CLA SF . -61.48 -48.84 -8.29
CBD CLA SF . -60.09 -50.64 -8.90
CGD CLA SF . -61.32 -51.43 -9.34
O1D CLA SF . -61.67 -51.56 -10.48
O2D CLA SF . -61.97 -51.94 -8.30
CED CLA SF . -63.16 -52.70 -8.60
C1 CLA SF . -60.96 -53.37 -12.87
C2 CLA SF . -61.09 -54.55 -11.97
C3 CLA SF . -61.00 -55.83 -12.31
C4 CLA SF . -60.69 -56.30 -13.72
C5 CLA SF . -61.17 -56.93 -11.29
C6 CLA SF . -62.41 -56.79 -10.40
C7 CLA SF . -62.51 -57.91 -9.37
C8 CLA SF . -63.72 -57.85 -8.43
C9 CLA SF . -63.65 -56.66 -7.48
C10 CLA SF . -63.87 -59.16 -7.65
C11 CLA SF . -62.73 -59.50 -6.70
MG CLA TF . -49.64 -55.75 -14.06
CHA CLA TF . -48.80 -55.75 -17.39
CHB CLA TF . -52.32 -53.93 -14.78
CHC CLA TF . -50.06 -55.22 -10.69
CHD CLA TF . -46.49 -57.16 -13.33
NA CLA TF . -50.41 -55.10 -15.72
C1A CLA TF . -50.02 -55.27 -17.05
C2A CLA TF . -51.06 -54.86 -18.05
C3A CLA TF . -51.97 -53.98 -17.22
C4A CLA TF . -51.56 -54.35 -15.81
CMA CLA TF . -51.80 -52.49 -17.48
CAA CLA TF . -51.75 -56.11 -18.65
CBA CLA TF . -52.33 -57.17 -17.71
CGA CLA TF . -53.70 -56.87 -17.19
O1A CLA TF . -54.62 -56.48 -17.86
O2A CLA TF . -53.78 -57.08 -15.88
NB CLA TF . -50.95 -54.82 -12.95
C1B CLA TF . -52.13 -54.14 -13.43
C2B CLA TF . -52.90 -53.69 -12.34
C3B CLA TF . -52.23 -54.06 -11.18
C4B CLA TF . -51.05 -54.73 -11.54
CMB CLA TF . -54.21 -52.95 -12.43
CAB CLA TF . -52.66 -53.80 -9.80
CBB CLA TF . -53.65 -54.35 -9.15
NC CLA TF . -48.57 -56.13 -12.44
C1C CLA TF . -48.92 -55.83 -11.11
C2C CLA TF . -47.88 -56.28 -10.17
C3C CLA TF . -46.89 -56.86 -10.93
C4C CLA TF . -47.30 -56.77 -12.31
CMC CLA TF . -47.83 -56.08 -8.68
CAC CLA TF . -45.64 -57.54 -10.44
CBC CLA TF . -45.72 -59.04 -10.49
ND CLA TF . -48.03 -56.27 -15.02
C1D CLA TF . -46.75 -56.86 -14.65
C2D CLA TF . -45.98 -57.11 -15.80
C3D CLA TF . -46.73 -56.67 -16.91
C4D CLA TF . -47.93 -56.20 -16.39
CMD CLA TF . -44.61 -57.72 -15.83
CAD CLA TF . -46.77 -56.48 -18.35
OBD CLA TF . -45.88 -56.67 -19.17
CBD CLA TF . -48.12 -55.98 -18.74
CGD CLA TF . -47.98 -54.71 -19.57
O1D CLA TF . -48.05 -53.60 -19.15
O2D CLA TF . -47.81 -55.01 -20.86
CED CLA TF . -47.83 -53.89 -21.77
C1 CLA TF . -55.10 -56.90 -15.27
C2 CLA TF . -54.94 -56.91 -13.80
C3 CLA TF . -55.95 -56.85 -12.96
C4 CLA TF . -57.39 -56.79 -13.39
C5 CLA TF . -55.73 -56.83 -11.46
C6 CLA TF . -56.47 -57.92 -10.69
C7 CLA TF . -56.02 -59.33 -11.03
C8 CLA TF . -56.68 -60.48 -10.25
C9 CLA TF . -58.16 -60.60 -10.60
C10 CLA TF . -56.49 -60.36 -8.74
C11 CLA TF . -55.08 -60.12 -8.19
C12 CLA TF . -54.11 -61.27 -8.45
C13 CLA TF . -53.57 -62.00 -7.21
C14 CLA TF . -54.70 -62.67 -6.42
C15 CLA TF . -52.67 -61.08 -6.36
C16 CLA TF . -52.99 -60.82 -4.88
C17 CLA TF . -52.57 -61.96 -3.96
C18 CLA TF . -51.42 -61.69 -3.01
C19 CLA TF . -50.13 -61.28 -3.72
C20 CLA TF . -51.78 -60.67 -1.94
MG CLA UF . -43.77 -61.50 3.71
CHA CLA UF . -43.36 -63.02 6.75
CHB CLA UF . -40.73 -60.20 4.04
CHC CLA UF . -44.40 -59.65 0.90
CHD CLA UF . -47.24 -62.24 3.87
NA CLA UF . -42.36 -61.71 5.02
C1A CLA UF . -42.27 -62.51 6.15
C2A CLA UF . -40.86 -62.67 6.64
C3A CLA UF . -40.29 -61.35 6.19
C4A CLA UF . -41.17 -61.04 4.99
CMA CLA UF . -40.33 -60.24 7.24
CAA CLA UF . -40.30 -63.89 5.90
CBA CLA UF . -39.94 -65.06 6.82
CGA CLA UF . -39.82 -66.37 6.08
O1A CLA UF . -39.52 -66.48 4.93
O2A CLA UF . -40.10 -67.39 6.89
NB CLA UF . -42.77 -60.21 2.66
C1B CLA UF . -41.40 -59.80 2.89
C2B CLA UF . -40.95 -58.97 1.83
C3B CLA UF . -42.02 -58.82 0.95
C4B CLA UF . -43.11 -59.56 1.44
CMB CLA UF . -39.58 -58.38 1.71
CAB CLA UF . -42.03 -58.07 -0.32
CBB CLA UF . -41.49 -56.92 -0.57
NC CLA UF . -45.39 -61.09 2.64
C1C CLA UF . -45.43 -60.34 1.48
C2C CLA UF . -46.78 -60.33 0.89
C3C CLA UF . -47.57 -61.09 1.72
C4C CLA UF . -46.74 -61.53 2.81
CMC CLA UF . -47.23 -59.64 -0.36
CAC CLA UF . -49.02 -61.44 1.51
CBC CLA UF . -49.95 -60.64 2.39
ND CLA UF . -45.02 -62.35 4.93
C1D CLA UF . -46.45 -62.64 4.93
C2D CLA UF . -46.80 -63.36 6.09
C3D CLA UF . -45.62 -63.56 6.84
C4D CLA UF . -44.61 -62.93 6.11
CMD CLA UF . -48.18 -63.84 6.44
CAD CLA UF . -45.02 -64.17 8.01
OBD CLA UF . -45.52 -64.88 8.85
CBD CLA UF . -43.57 -63.79 8.06
CGD CLA UF . -43.38 -62.90 9.27
O1D CLA UF . -42.32 -62.57 9.74
O2D CLA UF . -44.55 -62.50 9.75
CED CLA UF . -44.52 -61.52 10.80
MG CLA VF . -47.02 -40.31 7.04
CHA CLA VF . -46.89 -39.77 10.42
CHB CLA VF . -50.00 -41.67 7.44
CHC CLA VF . -46.92 -41.14 3.73
CHD CLA VF . -43.55 -39.54 6.85
NA CLA VF . -48.19 -40.50 8.56
C1A CLA VF . -48.07 -40.06 9.86
C2A CLA VF . -49.40 -39.97 10.55
C3A CLA VF . -50.07 -41.16 9.88
C4A CLA VF . -49.41 -41.13 8.53
CMA CLA VF . -49.86 -42.48 10.62
CAA CLA VF . -50.08 -38.61 10.24
CBA CLA VF . -49.21 -37.43 9.80
CGA CLA VF . -48.87 -37.43 8.34
O1A CLA VF . -49.52 -38.01 7.51
O2A CLA VF . -47.74 -36.76 8.08
NB CLA VF . -48.21 -41.22 5.82
C1B CLA VF . -49.53 -41.72 6.14
C2B CLA VF . -50.16 -42.22 4.98
C3B CLA VF . -49.26 -42.06 3.92
C4B CLA VF . -48.08 -41.47 4.43
CMB CLA VF . -51.56 -42.76 4.89
CAB CLA VF . -49.45 -42.39 2.50
CBB CLA VF . -49.97 -43.46 1.97
NC CLA VF . -45.61 -40.31 5.65
C1C CLA VF . -45.79 -40.63 4.31
C2C CLA VF . -44.57 -40.41 3.54
C3C CLA VF . -43.60 -39.99 4.42
C4C CLA VF . -44.22 -39.92 5.73
CMC CLA VF . -44.40 -40.56 2.06
CAC CLA VF . -42.17 -39.66 4.12
CBC CLA VF . -41.92 -38.18 3.93
ND CLA VF . -45.56 -39.84 8.25
C1D CLA VF . -44.15 -39.51 8.10
C2D CLA VF . -43.60 -39.13 9.34
C3D CLA VF . -44.64 -39.21 10.30
C4D CLA VF . -45.75 -39.64 9.59
CMD CLA VF . -42.19 -38.72 9.58
CAD CLA VF . -45.06 -38.96 11.67
OBD CLA VF . -44.43 -38.46 12.58
CBD CLA VF . -46.48 -39.40 11.85
CGD CLA VF . -46.59 -40.57 12.82
O1D CLA VF . -47.50 -40.76 13.57
O2D CLA VF . -45.52 -41.37 12.72
CED CLA VF . -45.54 -42.54 13.57
C1 CLA VF . -47.16 -36.98 6.76
C2 CLA VF . -46.15 -35.94 6.39
C3 CLA VF . -45.58 -35.82 5.19
C4 CLA VF . -44.56 -34.76 4.88
C5 CLA VF . -45.91 -36.77 4.05
C6 CLA VF . -45.86 -36.12 2.67
C7 CLA VF . -46.67 -36.91 1.64
C8 CLA VF . -46.45 -36.59 0.16
C9 CLA VF . -46.05 -35.13 -0.06
C10 CLA VF . -47.69 -36.96 -0.66
NB KC2 WF . -53.06 -27.47 6.92
ND KC2 WF . -52.95 -31.04 8.50
C1A KC2 WF . -53.35 -28.89 10.88
C1B KC2 WF . -53.23 -26.19 7.52
C1C KC2 WF . -52.60 -29.45 4.75
C1D KC2 WF . -52.77 -32.31 8.01
C2A KC2 WF . -53.52 -27.87 11.87
C2B KC2 WF . -53.19 -25.13 6.49
C2C KC2 WF . -52.38 -30.42 3.73
C2D KC2 WF . -52.82 -33.23 9.07
C3A KC2 WF . -53.54 -26.68 11.22
C3B KC2 WF . -52.99 -25.74 5.30
C3C KC2 WF . -52.36 -31.65 4.32
C3D KC2 WF . -53.02 -32.47 10.28
C4A KC2 WF . -53.39 -26.94 9.83
C4B KC2 WF . -52.89 -27.17 5.52
C4C KC2 WF . -52.55 -31.49 5.73
C4D KC2 WF . -53.10 -31.10 9.87
CAA KC2 WF . -53.67 -28.08 13.30
CAB KC2 WF . -52.88 -25.10 3.97
CAC KC2 WF . -52.16 -32.90 3.59
CAD KC2 WF . -53.15 -32.59 11.72
CBA KC2 WF . -54.67 -27.63 14.05
CBB KC2 WF . -53.80 -25.00 3.06
CBC KC2 WF . -53.07 -33.67 3.09
CBD KC2 WF . -53.37 -31.18 12.24
CED KC2 WF . -55.93 -31.86 14.82
CGA KC2 WF . -54.84 -27.83 15.51
CGD KC2 WF . -54.72 -31.13 12.93
CHA KC2 WF . -53.28 -30.27 11.00
CHB KC2 WF . -53.39 -25.92 8.86
CHC KC2 WF . -52.69 -28.08 4.52
CHD KC2 WF . -52.58 -32.51 6.64
CMA KC2 WF . -53.69 -25.31 11.84
CMB KC2 WF . -53.35 -23.66 6.77
CMC KC2 WF . -52.25 -30.11 2.26
CMD KC2 WF . -52.71 -34.73 8.99
NA KC2 WF . -53.27 -28.30 9.63
NC KC2 WF . -52.71 -30.09 5.98
O1A KC2 WF . -55.75 -28.50 15.95
O1D KC2 WF . -55.69 -30.56 12.51
O2A KC2 WF . -53.96 -27.25 16.27
O2D KC2 WF . -54.69 -31.82 14.06
OBD KC2 WF . -53.09 -33.60 12.41
MG KC2 WF . -53.07 -29.30 7.85
C DD6 XF . -41.37 -42.49 -2.51
C1 DD6 XF . -40.63 -42.90 -3.75
C10 DD6 XF . -40.03 -51.77 -0.17
C11 DD6 XF . -39.63 -53.02 0.19
C12 DD6 XF . -38.96 -53.99 -0.75
C13 DD6 XF . -39.76 -53.41 1.59
C14 DD6 XF . -39.42 -54.52 2.22
C15 DD6 XF . -39.61 -54.77 3.69
C16 DD6 XF . -38.40 -54.60 4.55
C17 DD6 XF . -38.52 -55.51 5.79
C18 DD6 XF . -39.87 -55.47 6.48
C19 DD6 XF . -40.92 -56.09 5.57
C2 DD6 XF . -40.30 -44.19 -4.02
C20 DD6 XF . -40.87 -55.50 4.17
C21 DD6 XF . -41.94 -56.05 3.24
C22 DD6 XF . -37.12 -54.98 3.80
C23 DD6 XF . -38.23 -53.14 5.01
C24 DD6 XF . -40.13 -41.85 -4.62
C25 DD6 XF . -39.98 -40.55 -4.32
C26 DD6 XF . -39.48 -39.55 -5.22
C27 DD6 XF . -39.33 -38.23 -4.95
C28 DD6 XF . -39.72 -37.58 -3.65
C29 DD6 XF . -38.74 -37.36 -5.92
C3 DD6 XF . -40.51 -45.33 -3.18
C30 DD6 XF . -38.26 -36.47 -6.57
C31 DD6 XF . -37.69 -35.34 -7.21
C32 DD6 XF . -36.22 -35.02 -6.94
C33 DD6 XF . -35.91 -33.63 -7.51
C34 DD6 XF . -36.34 -33.45 -8.96
C35 DD6 XF . -37.79 -33.87 -9.20
C36 DD6 XF . -38.42 -34.52 -8.00
C37 DD6 XF . -39.85 -34.17 -7.76
C4 DD6 XF . -40.25 -46.61 -3.53
C40 DD6 XF . -35.93 -34.99 -5.44
C41 DD6 XF . -35.32 -36.07 -7.59
C5 DD6 XF . -40.46 -47.68 -2.60
C6 DD6 XF . -40.23 -49.00 -2.77
C7 DD6 XF . -39.76 -49.61 -4.07
C8 DD6 XF . -40.33 -49.86 -1.61
C9 DD6 XF . -39.86 -51.10 -1.43
O1 DD6 XF . -40.76 -54.05 4.18
O2 DD6 XF . -39.81 -56.22 7.70
O4 DD6 XF . -36.21 -32.07 -9.32
C DD6 YF . -50.66 -38.68 3.94
C1 DD6 YF . -50.54 -37.46 3.06
C10 DD6 YF . -49.17 -32.06 10.96
C11 DD6 YF . -49.31 -31.06 11.86
C12 DD6 YF . -49.48 -29.61 11.46
C13 DD6 YF . -49.26 -31.38 13.28
C14 DD6 YF . -49.25 -30.59 14.35
C15 DD6 YF . -49.21 -31.07 15.77
C16 DD6 YF . -50.42 -30.88 16.64
C17 DD6 YF . -49.99 -30.56 18.08
C18 DD6 YF . -48.89 -31.46 18.62
C19 DD6 YF . -47.60 -31.22 17.86
C2 DD6 YF . -50.29 -36.22 3.53
C20 DD6 YF . -47.81 -31.22 16.35
C21 DD6 YF . -46.56 -30.97 15.55
C22 DD6 YF . -51.27 -32.16 16.64
C23 DD6 YF . -51.33 -29.75 16.14
C24 DD6 YF . -50.77 -37.63 1.63
C25 DD6 YF . -51.18 -38.75 0.99
C26 DD6 YF . -51.38 -38.82 -0.42
C27 DD6 YF . -51.71 -39.92 -1.15
C28 DD6 YF . -51.88 -41.29 -0.58
C29 DD6 YF . -51.94 -39.76 -2.55
C3 DD6 YF . -50.15 -35.82 4.91
C30 DD6 YF . -52.19 -39.73 -3.73
C31 DD6 YF . -52.45 -39.80 -5.12
C32 DD6 YF . -51.39 -39.25 -6.07
C33 DD6 YF . -52.06 -38.89 -7.41
C34 DD6 YF . -53.02 -39.93 -7.93
C35 DD6 YF . -54.13 -40.13 -6.91
C36 DD6 YF . -53.60 -40.39 -5.53
C37 DD6 YF . -54.43 -41.31 -4.69
C4 DD6 YF . -49.67 -34.63 5.33
C40 DD6 YF . -50.28 -40.28 -6.30
C41 DD6 YF . -50.77 -37.97 -5.50
C5 DD6 YF . -49.58 -34.32 6.72
C6 DD6 YF . -49.17 -33.15 7.30
C7 DD6 YF . -48.75 -31.95 6.51
C8 DD6 YF . -49.17 -33.07 8.75
C9 DD6 YF . -49.18 -31.97 9.52
O1 DD6 YF . -48.60 -32.35 15.90
O2 DD6 YF . -48.67 -31.16 20.01
O4 DD6 YF . -53.58 -39.50 -9.18
C DD6 ZF . -52.30 -49.47 -3.15
C1 DD6 ZF . -51.58 -50.37 -2.21
C10 DD6 ZF . -51.29 -57.82 -8.60
C11 DD6 ZF . -50.78 -58.84 -9.33
C12 DD6 ZF . -49.57 -59.64 -8.91
C13 DD6 ZF . -51.46 -59.23 -10.57
C14 DD6 ZF . -51.10 -60.09 -11.50
C15 DD6 ZF . -51.88 -60.45 -12.74
C16 DD6 ZF . -52.52 -61.80 -12.80
C17 DD6 ZF . -52.48 -62.32 -14.25
C18 DD6 ZF . -52.89 -61.32 -15.31
C19 DD6 ZF . -51.87 -60.19 -15.36
C2 DD6 ZF . -51.22 -51.65 -2.53
C20 DD6 ZF . -51.52 -59.65 -13.99
C21 DD6 ZF . -50.48 -58.56 -14.00
C22 DD6 ZF . -51.82 -62.82 -11.90
C23 DD6 ZF . -53.99 -61.73 -12.33
C24 DD6 ZF . -51.27 -49.88 -0.87
C25 DD6 ZF . -51.82 -48.82 -0.24
C26 DD6 ZF . -51.45 -48.42 1.09
C27 DD6 ZF . -51.93 -47.36 1.79
C28 DD6 ZF . -52.94 -46.37 1.28
C29 DD6 ZF . -51.45 -47.15 3.13
C3 DD6 ZF . -51.51 -52.36 -3.75
C30 DD6 ZF . -51.19 -46.88 4.26
C31 DD6 ZF . -50.98 -46.50 5.62
C32 DD6 ZF . -52.12 -46.77 6.59
C33 DD6 ZF . -51.80 -46.13 7.94
C34 DD6 ZF . -50.35 -46.30 8.36
C35 DD6 ZF . -49.49 -45.56 7.37
C36 DD6 ZF . -49.80 -45.92 5.94
C37 DD6 ZF . -48.72 -45.58 4.96
C4 DD6 ZF . -51.07 -53.62 -3.96
C40 DD6 ZF . -52.32 -48.28 6.80
C41 DD6 ZF . -53.43 -46.17 6.07
C5 DD6 ZF . -51.33 -54.37 -5.15
C6 DD6 ZF . -50.92 -55.63 -5.46
C7 DD6 ZF . -50.07 -56.46 -4.54
C8 DD6 ZF . -51.31 -56.20 -6.74
C9 DD6 ZF . -50.83 -57.32 -7.32
O1 DD6 ZF . -52.71 -59.36 -13.19
O2 DD6 ZF . -52.96 -61.96 -16.58
O4 DD6 ZF . -50.15 -45.79 9.68
C DD6 AG . -49.05 -65.93 -0.53
C1 DD6 AG . -48.14 -65.51 0.58
C10 DD6 AG . -42.85 -60.05 -5.54
C11 DD6 AG . -41.88 -59.29 -6.11
C12 DD6 AG . -40.64 -58.88 -5.38
C13 DD6 AG . -42.02 -58.92 -7.51
C14 DD6 AG . -41.10 -58.50 -8.36
C15 DD6 AG . -41.30 -58.11 -9.80
C16 DD6 AG . -40.77 -59.02 -10.84
C17 DD6 AG . -41.22 -58.51 -12.22
C18 DD6 AG . -40.91 -57.06 -12.58
C19 DD6 AG . -40.55 -56.22 -11.37
C2 DD6 AG . -47.10 -64.64 0.40
C20 DD6 AG . -41.18 -56.65 -10.07
C21 DD6 AG . -41.17 -55.60 -8.98
C22 DD6 AG . -41.36 -60.41 -10.62
C23 DD6 AG . -39.24 -59.17 -10.82
C24 DD6 AG . -48.39 -66.03 1.92
C25 DD6 AG . -49.22 -67.02 2.28
C26 DD6 AG . -49.41 -67.43 3.64
C27 DD6 AG . -50.15 -68.49 4.08
C28 DD6 AG . -50.88 -69.46 3.18
C29 DD6 AG . -50.30 -68.68 5.49
C3 DD6 AG . -46.73 -63.95 -0.79
C30 DD6 AG . -50.57 -68.87 6.64
C31 DD6 AG . -51.01 -69.11 7.97
C32 DD6 AG . -50.08 -68.78 9.15
C33 DD6 AG . -50.93 -68.17 10.28
C34 DD6 AG . -52.24 -68.88 10.60
C35 DD6 AG . -53.07 -69.09 9.35
C36 DD6 AG . -52.23 -69.62 8.21
C37 DD6 AG . -52.87 -70.71 7.39
C4 DD6 AG . -45.59 -63.23 -0.91
C40 DD6 AG . -49.03 -67.73 8.74
C41 DD6 AG . -49.36 -70.04 9.62
C5 DD6 AG . -45.23 -62.53 -2.12
C6 DD6 AG . -44.09 -61.86 -2.39
C7 DD6 AG . -42.95 -61.73 -1.41
C8 DD6 AG . -43.93 -61.26 -3.71
C9 DD6 AG . -42.87 -60.60 -4.21
O1 DD6 AG . -42.44 -57.37 -10.19
O2 DD6 AG . -39.81 -57.04 -13.49
O4 DD6 AG . -51.96 -70.14 11.22
O1 LHG BG . -30.54 -45.41 -20.47
C1 LHG BG . -29.80 -44.78 -21.51
C2 LHG BG . -28.54 -44.18 -20.92
O2 LHG BG . -28.13 -43.04 -21.64
C3 LHG BG . -27.35 -45.11 -20.92
O3 LHG BG . -27.16 -45.25 -19.53
P LHG BG . -27.80 -46.49 -18.73
O4 LHG BG . -29.11 -46.81 -19.35
O5 LHG BG . -26.63 -47.34 -18.36
O6 LHG BG . -28.25 -45.60 -17.39
C4 LHG BG . -28.29 -46.20 -16.14
C5 LHG BG . -28.67 -45.06 -15.20
C6 LHG BG . -30.13 -44.66 -15.38
O7 LHG BG . -28.53 -45.55 -13.88
C7 LHG BG . -27.28 -45.39 -13.36
O9 LHG BG . -26.32 -45.97 -13.82
C8 LHG BG . -27.36 -44.81 -12.02
C9 LHG BG . -26.13 -43.96 -11.78
C10 LHG BG . -24.97 -44.83 -11.29
O8 LHG BG . -30.15 -43.25 -15.15
C23 LHG BG . -31.20 -42.56 -15.66
O10 LHG BG . -31.54 -42.76 -16.82
C24 LHG BG . -32.20 -41.91 -14.73
C11 LHG BG . -23.85 -43.85 -11.00
C12 LHG BG . -23.99 -43.29 -9.62
C13 LHG BG . -22.70 -42.59 -9.20
C14 LHG BG . -22.66 -42.32 -7.71
C15 LHG BG . -23.55 -41.10 -7.45
C16 LHG BG . -23.74 -40.93 -5.96
C17 LHG BG . -25.17 -40.46 -5.59
C18 LHG BG . -25.13 -38.96 -5.75
C19 LHG BG . -26.51 -38.32 -5.93
C20 LHG BG . -26.29 -36.81 -5.83
C21 LHG BG . -25.81 -36.25 -7.13
C22 LHG BG . -25.35 -34.83 -6.88
C25 LHG BG . -31.68 -40.85 -13.79
C26 LHG BG . -32.76 -40.15 -12.97
C27 LHG BG . -32.03 -39.41 -11.85
C28 LHG BG . -32.86 -38.64 -10.82
C29 LHG BG . -33.91 -39.60 -10.30
C30 LHG BG . -34.56 -39.35 -8.96
C31 LHG BG . -35.57 -40.41 -8.57
C32 LHG BG . -36.32 -40.17 -7.26
C33 LHG BG . -35.53 -40.81 -6.13
C34 LHG BG . -36.18 -40.70 -4.77
C35 LHG BG . -35.18 -40.93 -3.65
C1B LMU CG . -31.02 -53.56 -19.49
C2B LMU CG . -32.12 -53.71 -20.53
C3B LMU CG . -32.99 -52.48 -20.59
C4B LMU CG . -32.71 -51.62 -19.39
C5B LMU CG . -31.25 -51.19 -19.40
C6B LMU CG . -30.87 -50.60 -18.07
O1B LMU CG . -30.06 -54.59 -19.67
O2B LMU CG . -31.54 -53.93 -21.82
O3B LMU CG . -34.38 -52.83 -20.60
O4' LMU CG . -33.58 -50.50 -19.43
O5B LMU CG . -30.40 -52.30 -19.66
O6B LMU CG . -31.70 -49.47 -17.84
C1' LMU CG . -28.51 -56.24 -16.09
C2' LMU CG . -28.22 -54.78 -16.45
C3' LMU CG . -29.25 -54.15 -17.36
C4' LMU CG . -29.39 -55.12 -18.52
C5' LMU CG . -30.10 -56.30 -17.92
C6' LMU CG . -30.59 -57.26 -18.97
O1' LMU CG . -29.36 -56.27 -14.97
O2' LMU CG . -28.18 -54.04 -15.24
O3' LMU CG . -28.80 -52.87 -17.78
O5' LMU CG . -29.17 -56.99 -17.12
O6' LMU CG . -31.63 -56.66 -19.72
C1 LMU CG . -29.02 -57.38 -14.14
C2 LMU CG . -30.20 -57.69 -13.25
C3 LMU CG . -30.43 -56.57 -12.27
C4 LMU CG . -31.72 -56.83 -11.53
C5 LMU CG . -31.59 -56.53 -10.07
C6 LMU CG . -32.64 -57.33 -9.33
C7 LMU CG . -32.67 -56.93 -7.88
C8 LMU CG . -32.55 -58.19 -7.03
C9 LMU CG . -32.70 -57.86 -5.56
C10 LMU CG . -33.08 -59.11 -4.80
C11 LMU CG . -33.61 -58.76 -3.41
C12 LMU CG . -34.97 -59.37 -3.19
NB KC2 DG . -69.70 -39.93 -4.82
ND KC2 DG . -72.17 -39.46 -7.81
C1A KC2 DG . -69.20 -39.66 -9.00
C1B KC2 DG . -68.28 -40.02 -4.81
C1C KC2 DG . -72.48 -39.79 -3.75
C1D KC2 DG . -73.53 -39.24 -7.92
C2A KC2 DG . -67.84 -39.72 -9.45
C2B KC2 DG . -67.79 -40.13 -3.42
C2C KC2 DG . -73.81 -39.69 -3.25
C2D KC2 DG . -73.88 -39.03 -9.25
C3A KC2 DG . -67.04 -39.82 -8.35
C3B KC2 DG . -68.88 -40.10 -2.60
C3C KC2 DG . -74.62 -39.48 -4.32
C3D KC2 DG . -72.66 -39.14 -10.02
C4A KC2 DG . -67.90 -39.85 -7.20
C4B KC2 DG . -70.07 -39.98 -3.43
C4C KC2 DG . -73.83 -39.46 -5.51
C4D KC2 DG . -71.62 -39.39 -9.07
CAA KC2 DG . -67.42 -39.76 -10.84
CAB KC2 DG . -68.90 -40.17 -1.13
CAC KC2 DG . -76.07 -39.26 -4.27
CAD KC2 DG . -72.12 -39.05 -11.35
CBA KC2 DG . -67.26 -38.72 -11.66
CBB KC2 DG . -68.48 -39.26 -0.29
CBC KC2 DG . -76.71 -38.45 -3.50
CBD KC2 DG . -70.64 -39.30 -11.22
CED KC2 DG . -69.85 -41.25 -14.27
CGA KC2 DG . -66.81 -38.86 -13.07
CGD KC2 DG . -70.29 -40.52 -12.07
CHA KC2 DG . -70.38 -39.48 -9.72
CHB KC2 DG . -67.44 -39.99 -5.89
CHC KC2 DG . -71.34 -39.91 -2.92
CHD KC2 DG . -74.33 -39.26 -6.78
CMA KC2 DG . -65.55 -39.85 -8.32
CMB KC2 DG . -66.35 -40.27 -3.00
CMC KC2 DG . -74.21 -39.83 -1.81
CMD KC2 DG . -75.24 -38.75 -9.81
NA KC2 DG . -69.22 -39.75 -7.63
NC KC2 DG . -72.47 -39.66 -5.12
O1A KC2 DG . -67.37 -38.23 -13.96
O1D KC2 DG . -70.11 -41.63 -11.65
O2A KC2 DG . -65.82 -39.66 -13.28
O2D KC2 DG . -70.21 -40.20 -13.36
OBD KC2 DG . -72.72 -38.84 -12.41
MG KC2 DG . -70.92 -39.77 -6.48
MG CLA EG . -32.41 -37.38 -14.41
CHA CLA EG . -35.69 -37.54 -15.36
CHB CLA EG . -33.26 -35.20 -12.06
CHC CLA EG . -29.06 -36.83 -13.87
CHD CLA EG . -31.53 -39.16 -17.35
NA CLA EG . -34.10 -36.65 -13.82
C1A CLA EG . -35.41 -36.89 -14.21
C2A CLA EG . -36.46 -36.33 -13.29
C3A CLA EG . -35.66 -35.27 -12.56
C4A CLA EG . -34.24 -35.71 -12.82
CMA CLA EG . -35.98 -33.86 -13.05
CAA CLA EG . -36.96 -37.46 -12.40
CBA CLA EG . -37.92 -37.03 -11.29
CGA CLA EG . -38.88 -38.10 -10.85
O1A CLA EG . -38.66 -39.27 -10.93
O2A CLA EG . -40.00 -37.57 -10.35
NB CLA EG . -31.36 -36.29 -13.18
C1B CLA EG . -31.89 -35.45 -12.13
C2B CLA EG . -30.84 -34.94 -11.34
C3B CLA EG . -29.65 -35.42 -11.88
C4B CLA EG . -29.96 -36.22 -13.00
CMB CLA EG . -30.99 -34.07 -10.12
CAB CLA EG . -28.29 -35.16 -11.40
CBB CLA EG . -27.85 -35.20 -10.17
NC CLA EG . -30.74 -37.87 -15.35
C1C CLA EG . -29.44 -37.58 -14.94
C2C CLA EG . -28.45 -38.16 -15.87
C3C CLA EG . -29.14 -38.80 -16.86
C4C CLA EG . -30.55 -38.64 -16.57
CMC CLA EG . -26.95 -38.08 -15.77
CAC CLA EG . -28.58 -39.53 -18.04
CBC CLA EG . -28.49 -41.02 -17.83
ND CLA EG . -33.30 -38.14 -15.96
C1D CLA EG . -32.88 -38.93 -17.12
C2D CLA EG . -34.00 -39.37 -17.84
C3D CLA EG . -35.14 -38.84 -17.20
C4D CLA EG . -34.66 -38.12 -16.11
CMD CLA EG . -33.98 -40.24 -19.06
CAD CLA EG . -36.59 -38.73 -17.20
OBD CLA EG . -37.39 -39.21 -17.98
CBD CLA EG . -37.01 -37.87 -16.05
CGD CLA EG . -37.74 -36.62 -16.55
O1D CLA EG . -37.20 -35.68 -17.06
O2D CLA EG . -39.05 -36.72 -16.36
CED CLA EG . -39.84 -35.61 -16.83
C1 CLA EG . -41.01 -38.52 -9.92
C2 CLA EG . -42.33 -37.84 -9.86
C3 CLA EG . -42.87 -37.31 -8.76
C4 CLA EG . -42.21 -37.34 -7.41
C5 CLA EG . -44.24 -36.65 -8.78
C6 CLA EG . -44.60 -35.93 -10.08
C7 CLA EG . -45.89 -35.14 -9.98
C8 CLA EG . -46.53 -34.72 -11.30
C9 CLA EG . -45.53 -34.03 -12.22
C10 CLA EG . -47.76 -33.85 -11.09
C11 CLA EG . -48.92 -34.47 -10.31
C12 CLA EG . -50.18 -33.62 -10.34
C13 CLA EG . -51.31 -34.04 -9.40
C14 CLA EG . -51.72 -35.50 -9.60
C15 CLA EG . -52.51 -33.10 -9.54
C16 CLA EG . -52.46 -31.77 -8.78
C17 CLA EG . -52.15 -30.58 -9.67
C18 CLA EG . -52.01 -29.23 -8.96
C19 CLA EG . -51.67 -28.15 -9.97
C20 CLA EG . -53.23 -28.84 -8.15
O1 LHG FG . -69.32 -27.93 -5.76
C1 LHG FG . -67.95 -28.07 -5.38
C2 LHG FG . -67.89 -28.14 -3.86
O2 LHG FG . -68.98 -27.41 -3.32
C3 LHG FG . -66.58 -27.56 -3.38
O3 LHG FG . -65.56 -28.49 -3.73
P LHG FG . -64.28 -27.95 -4.51
O4 LHG FG . -63.35 -29.08 -4.87
O5 LHG FG . -64.83 -27.13 -5.63
O6 LHG FG . -63.67 -27.04 -3.36
C4 LHG FG . -62.29 -27.06 -2.99
C5 LHG FG . -62.18 -27.00 -1.48
C6 LHG FG . -60.81 -26.51 -1.08
O7 LHG FG . -63.15 -26.11 -0.94
C7 LHG FG . -63.72 -26.51 0.34
O9 LHG FG . -64.92 -26.40 0.48
C8 LHG FG . -62.88 -27.07 1.46
C9 LHG FG . -62.02 -25.98 2.07
C10 LHG FG . -61.37 -26.42 3.38
O8 LHG FG . -59.82 -27.04 -1.94
C23 LHG FG . -58.93 -27.99 -1.32
O10 LHG FG . -59.36 -29.09 -1.07
C24 LHG FG . -57.52 -27.59 -0.96
C11 LHG FG . -62.00 -25.65 4.50
C25 LHG FG . -56.59 -28.79 -1.03
C26 LHG FG . -56.82 -29.71 0.16
C27 LHG FG . -55.73 -29.58 1.19
C28 LHG FG . -56.37 -29.53 2.56
C29 LHG FG . -56.80 -28.12 2.88
C30 LHG FG . -56.93 -27.96 4.37
C31 LHG FG . -57.24 -26.52 4.69
C32 LHG FG . -56.76 -26.19 6.08
C33 LHG FG . -57.62 -26.87 7.13
C34 LHG FG . -57.19 -26.36 8.48
C35 LHG FG . -58.02 -26.93 9.60
C36 LHG FG . -57.13 -27.04 10.84
C37 LHG FG . -57.96 -27.12 12.11
MG CLA GG . 13.54 99.53 -2.98
CHA CLA GG . 11.14 101.65 -4.15
CHB CLA GG . 15.65 100.65 -5.28
CHC CLA GG . 15.78 97.19 -1.89
CHD CLA GG . 11.02 97.72 -1.24
NA CLA GG . 13.42 100.92 -4.32
C1A CLA GG . 12.39 101.80 -4.65
C2A CLA GG . 12.81 102.90 -5.59
C3A CLA GG . 14.16 102.43 -6.08
C4A CLA GG . 14.45 101.26 -5.18
CMA CLA GG . 14.20 102.06 -7.56
CAA CLA GG . 12.87 104.23 -4.80
CBA CLA GG . 13.68 104.24 -3.51
CGA CLA GG . 12.87 103.95 -2.28
O1A CLA GG . 13.05 103.02 -1.54
O2A CLA GG . 11.92 104.88 -2.09
NB CLA GG . 15.34 99.00 -3.51
C1B CLA GG . 16.13 99.57 -4.56
C2B CLA GG . 17.38 98.92 -4.66
C3B CLA GG . 17.39 97.92 -3.67
C4B CLA GG . 16.17 97.97 -2.97
CMB CLA GG . 18.47 99.22 -5.63
CAB CLA GG . 18.47 96.96 -3.39
CBB CLA GG . 19.14 96.24 -4.24
NC CLA GG . 13.43 97.91 -1.83
C1C CLA GG . 14.51 97.14 -1.40
C2C CLA GG . 14.10 96.14 -0.42
C3C CLA GG . 12.75 96.28 -0.24
C4C CLA GG . 12.32 97.34 -1.11
CMC CLA GG . 15.00 95.17 0.29
CAC CLA GG . 11.88 95.49 0.70
CBC CLA GG . 11.31 94.25 0.08
ND CLA GG . 11.62 99.59 -2.72
C1D CLA GG . 10.62 98.80 -1.99
C2D CLA GG . 9.34 99.34 -2.20
C3D CLA GG . 9.48 100.48 -3.03
C4D CLA GG . 10.84 100.58 -3.30
CMD CLA GG . 8.06 98.80 -1.64
CAD CLA GG . 8.81 101.55 -3.73
OBD CLA GG . 7.61 101.75 -3.85
CBD CLA GG . 9.84 102.45 -4.33
CGD CLA GG . 9.47 102.79 -5.78
O1D CLA GG . 9.37 101.99 -6.66
O2D CLA GG . 9.28 104.10 -5.91
CED CLA GG . 8.98 104.56 -7.26
MG CLA HG . 3.15 110.27 -1.48
CHA CLA HG . 0.10 110.44 -3.03
CHB CLA HG . 4.59 111.38 -4.26
CHC CLA HG . 6.19 109.67 -0.02
CHD CLA HG . 1.67 108.32 1.11
NA CLA HG . 2.46 110.88 -3.18
C1A CLA HG . 1.16 110.99 -3.66
C2A CLA HG . 1.04 111.77 -4.94
C3A CLA HG . 2.47 111.78 -5.44
C4A CLA HG . 3.24 111.32 -4.22
CMA CLA HG . 2.71 110.90 -6.66
CAA CLA HG . 0.49 113.18 -4.65
CBA CLA HG . 1.19 113.98 -3.56
CGA CLA HG . 0.75 115.41 -3.53
O1A CLA HG . -0.34 115.80 -3.85
O2A CLA HG . 1.72 116.21 -3.10
NB CLA HG . 5.01 110.48 -2.01
C1B CLA HG . 5.49 111.01 -3.28
C2B CLA HG . 6.89 111.07 -3.29
C3B CLA HG . 7.34 110.58 -2.06
C4B CLA HG . 6.21 110.23 -1.30
CMB CLA HG . 7.74 111.56 -4.42
CAB CLA HG . 8.72 110.45 -1.60
CBB CLA HG . 9.35 109.35 -1.28
NC CLA HG . 3.77 109.29 0.14
C1C CLA HG . 5.08 109.21 0.60
C2C CLA HG . 5.15 108.47 1.86
C3C CLA HG . 3.89 108.05 2.18
C4C CLA HG . 3.02 108.55 1.13
CMC CLA HG . 6.39 108.20 2.68
CAC CLA HG . 3.48 107.23 3.36
CBC CLA HG . 3.20 108.07 4.59
ND CLA HG . 1.41 109.53 -1.03
C1D CLA HG . 0.85 108.74 0.08
C2D CLA HG . -0.52 108.58 -0.10
C3D CLA HG . -0.89 109.23 -1.31
C4D CLA HG . 0.29 109.76 -1.81
CMD CLA HG . -1.44 107.84 0.82
CAD CLA HG . -1.96 109.59 -2.22
OBD CLA HG . -3.14 109.33 -2.15
CBD CLA HG . -1.39 110.38 -3.36
CGD CLA HG . -1.71 109.69 -4.69
O1D CLA HG . -0.97 108.93 -5.26
O2D CLA HG . -2.91 110.06 -5.12
CED CLA HG . -3.34 109.44 -6.35
NB KC2 IG . -6.12 111.27 4.88
ND KC2 IG . -3.29 111.90 2.25
C1A KC2 IG . -6.14 112.25 0.78
C1B KC2 IG . -7.53 111.30 4.74
C1C KC2 IG . -3.48 110.84 6.19
C1D KC2 IG . -1.92 111.85 2.28
C2A KC2 IG . -7.44 112.34 0.19
C2B KC2 IG . -8.18 111.04 6.05
C2C KC2 IG . -2.21 110.61 6.81
C2D KC2 IG . -1.41 112.20 1.02
C3A KC2 IG . -8.34 112.11 1.18
C3B KC2 IG . -7.19 110.84 6.96
C3C KC2 IG . -1.26 110.81 5.84
C3D KC2 IG . -2.54 112.49 0.18
C4A KC2 IG . -7.62 111.84 2.38
C4B KC2 IG . -5.91 110.96 6.28
C4C KC2 IG . -1.90 111.17 4.62
C4D KC2 IG . -3.69 112.26 0.99
CAA KC2 IG . -7.73 112.58 -1.21
CAB KC2 IG . -7.39 110.66 8.41
CAC KC2 IG . 0.18 110.66 6.04
CAD KC2 IG . -2.92 112.96 -1.13
CBA KC2 IG . -8.04 111.67 -2.11
CBB KC2 IG . -6.90 109.78 9.23
CBC KC2 IG . 0.94 111.27 6.92
CBD KC2 IG . -4.43 112.86 -1.19
CED KC2 IG . -5.48 115.50 -3.56
CGA KC2 IG . -8.34 111.92 -3.53
CGD KC2 IG . -4.98 114.20 -1.67
CHA KC2 IG . -4.87 112.45 0.22
CHB KC2 IG . -8.24 111.55 3.60
CHC KC2 IG . -4.70 110.75 6.88
CHD KC2 IG . -1.24 111.48 3.45
CMA KC2 IG . -9.84 112.12 1.05
CMB KC2 IG . -9.67 111.00 6.27
CMC KC2 IG . -1.99 110.23 8.23
CMD KC2 IG . 0.03 112.30 0.61
NA KC2 IG . -6.27 111.93 2.11
NC KC2 IG . -3.31 111.18 4.86
O1A KC2 IG . -8.20 111.03 -4.36
O1D KC2 IG . -5.44 115.05 -0.95
O2A KC2 IG . -8.77 113.11 -3.83
O2D KC2 IG . -4.89 114.31 -2.98
OBD KC2 IG . -2.20 113.40 -2.03
MG KC2 IG . -4.71 111.67 3.43
MG CLA JG . -13.79 104.54 -1.03
CHA CLA JG . -15.60 103.55 -3.76
CHB CLA JG . -11.78 106.23 -3.10
CHC CLA JG . -11.82 105.27 1.66
CHD CLA JG . -15.31 101.97 0.87
NA CLA JG . -13.81 104.89 -2.93
C1A CLA JG . -14.73 104.58 -3.90
C2A CLA JG . -14.57 105.42 -5.14
C3A CLA JG . -13.06 105.56 -5.11
C4A CLA JG . -12.83 105.56 -3.62
CMA CLA JG . -12.31 104.44 -5.82
CAA CLA JG . -15.35 106.75 -5.06
CBA CLA JG . -15.35 107.58 -3.76
CGA CLA JG . -14.15 108.46 -3.55
O1A CLA JG . -13.27 108.62 -4.37
O2A CLA JG . -14.18 109.05 -2.36
NB CLA JG . -12.17 105.59 -0.76
C1B CLA JG . -11.44 106.33 -1.75
C2B CLA JG . -10.40 107.06 -1.16
C3B CLA JG . -10.43 106.79 0.20
C4B CLA JG . -11.49 105.89 0.45
CMB CLA JG . -9.41 107.93 -1.87
CAB CLA JG . -9.58 107.36 1.25
CBB CLA JG . -8.46 106.89 1.65
NC CLA JG . -13.62 103.83 0.79
C1C CLA JG . -12.79 104.32 1.80
C2C CLA JG . -13.04 103.62 3.09
C3C CLA JG . -14.02 102.69 2.85
C4C CLA JG . -14.38 102.78 1.46
CMC CLA JG . -12.40 103.86 4.42
CAC CLA JG . -14.68 101.77 3.83
CBC CLA JG . -16.07 102.22 4.20
ND CLA JG . -15.07 103.11 -1.30
C1D CLA JG . -15.67 102.09 -0.46
C2D CLA JG . -16.60 101.34 -1.21
C3D CLA JG . -16.61 101.87 -2.53
C4D CLA JG . -15.69 102.90 -2.51
CMD CLA JG . -17.44 100.21 -0.70
CAD CLA JG . -17.15 101.77 -3.87
OBD CLA JG . -17.94 100.96 -4.31
CBD CLA JG . -16.58 102.86 -4.70
CGD CLA JG . -15.89 102.29 -5.93
O1D CLA JG . -14.98 101.49 -5.90
O2D CLA JG . -16.39 102.79 -7.06
CED CLA JG . -15.70 102.44 -8.27
C1 CLA JG . -13.11 109.99 -2.09
C2 CLA JG . -13.22 110.38 -0.66
C3 CLA JG . -13.05 111.60 -0.17
C4 CLA JG . -12.69 112.79 -1.04
C5 CLA JG . -13.25 111.92 1.30
C6 CLA JG . -13.00 110.76 2.26
C7 CLA JG . -12.93 111.15 3.73
C8 CLA JG . -14.20 110.95 4.56
C9 CLA JG . -15.28 111.98 4.23
C10 CLA JG . -13.88 110.92 6.06
MG CLA KG . -14.55 88.39 6.03
CHA CLA KG . -12.57 88.28 3.25
CHB CLA KG . -16.97 86.82 4.36
CHC CLA KG . -16.52 88.74 8.79
CHD CLA KG . -12.53 91.04 7.30
NA CLA KG . -14.68 87.68 4.23
C1A CLA KG . -13.74 87.62 3.19
C2A CLA KG . -14.19 86.78 2.02
C3A CLA KG . -15.68 86.66 2.27
C4A CLA KG . -15.81 87.07 3.72
CMA CLA KG . -16.53 87.53 1.34
CAA CLA KG . -13.42 85.46 2.04
CBA CLA KG . -13.72 84.50 3.20
CGA CLA KG . -12.64 83.48 3.40
O1A CLA KG . -11.67 83.36 2.71
O2A CLA KG . -12.89 82.72 4.46
NB CLA KG . -16.37 87.86 6.51
C1B CLA KG . -17.29 87.12 5.67
C2B CLA KG . -18.46 86.83 6.39
C3B CLA KG . -18.32 87.38 7.68
C4B CLA KG . -17.06 88.01 7.73
CMB CLA KG . -19.65 86.06 5.88
CAB CLA KG . -19.27 87.31 8.78
CBB CLA KG . -19.76 88.29 9.48
NC CLA KG . -14.53 89.57 7.63
C1C CLA KG . -15.41 89.51 8.70
C2C CLA KG . -15.06 90.46 9.74
C3C CLA KG . -13.94 91.14 9.33
C4C CLA KG . -13.60 90.61 8.02
CMC CLA KG . -15.79 90.69 11.03
CAC CLA KG . -13.19 92.18 10.10
CBC CLA KG . -13.70 93.58 9.85
ND CLA KG . -12.97 89.41 5.52
C1D CLA KG . -12.16 90.46 6.10
C2D CLA KG . -11.07 90.75 5.27
C3D CLA KG . -11.14 89.88 4.15
C4D CLA KG . -12.29 89.12 4.35
CMD CLA KG . -10.01 91.79 5.53
CAD CLA KG . -10.53 89.44 2.92
OBD CLA KG . -9.48 89.81 2.41
CBD CLA KG . -11.38 88.39 2.29
CGD CLA KG . -11.74 88.81 0.87
O1D CLA KG . -12.76 89.34 0.56
O2D CLA KG . -10.76 88.50 0.03
CED CLA KG . -11.00 88.86 -1.36
C1 CLA KG . -11.79 81.89 4.92
C2 CLA KG . -12.29 80.92 5.94
C3 CLA KG . -13.00 81.26 7.01
C4 CLA KG . -13.40 82.67 7.33
C5 CLA KG . -13.43 80.22 8.01
C6 CLA KG . -12.52 80.13 9.22
C7 CLA KG . -12.94 79.04 10.20
MG CLA LG . -5.75 88.73 6.83
CHA CLA LG . -7.01 86.74 4.35
CHB CLA LG . -2.70 88.23 5.62
CHC CLA LG . -4.52 90.37 9.54
CHD CLA LG . -8.87 88.49 8.51
NA CLA LG . -5.08 87.79 5.27
C1A CLA LG . -5.71 87.09 4.26
C2A CLA LG . -4.82 86.72 3.11
C3A CLA LG . -3.46 86.88 3.73
C4A CLA LG . -3.74 87.70 4.95
CMA CLA LG . -2.79 85.57 4.13
CAA CLA LG . -5.13 87.69 1.96
CBA CLA LG . -5.52 87.02 0.65
CGA CLA LG . -4.55 85.95 0.19
O1A CLA LG . -3.43 86.17 -0.16
O2A CLA LG . -5.11 84.74 0.28
NB CLA LG . -3.97 89.24 7.44
C1B CLA LG . -2.73 88.98 6.77
C2B CLA LG . -1.66 89.53 7.50
C3B CLA LG . -2.20 90.16 8.62
C4B CLA LG . -3.59 89.98 8.59
CMB CLA LG . -0.21 89.43 7.15
CAB CLA LG . -1.47 90.87 9.68
CBB CLA LG . -0.43 91.64 9.56
NC CLA LG . -6.51 89.30 8.56
C1C CLA LG . -5.83 89.99 9.55
C2C CLA LG . -6.68 90.23 10.72
C3C CLA LG . -7.92 89.69 10.44
C4C CLA LG . -7.83 89.12 9.12
CMC CLA LG . -6.31 90.86 12.02
CAC CLA LG . -9.13 89.71 11.33
CBC CLA LG . -9.80 91.05 11.39
ND CLA LG . -7.48 87.85 6.59
C1D CLA LG . -8.73 87.80 7.32
C2D CLA LG . -9.68 87.08 6.59
C3D CLA LG . -9.07 86.64 5.39
C4D CLA LG . -7.77 87.11 5.46
CMD CLA LG . -11.10 86.80 7.01
CAD CLA LG . -9.23 85.95 4.14
OBD CLA LG . -10.23 85.44 3.67
CBD CLA LG . -7.92 85.91 3.43
CGD CLA LG . -7.49 84.46 3.28
O1D CLA LG . -7.77 83.75 2.35
O2D CLA LG . -6.77 84.07 4.33
CED CLA LG . -6.40 82.67 4.36
C1 CLA LG . -4.38 83.57 -0.22
C2 CLA LG . -4.18 82.60 0.89
C3 CLA LG . -3.05 82.44 1.58
C4 CLA LG . -1.79 83.22 1.37
C5 CLA LG . -2.97 81.38 2.66
C6 CLA LG . -1.68 80.57 2.63
C7 CLA LG . -1.74 79.30 3.47
C8 CLA LG . -0.49 78.43 3.46
C9 CLA LG . -0.37 77.64 2.15
C10 CLA LG . -0.45 77.50 4.68
MG CLA MG . 0.54 94.43 -1.08
CHA CLA MG . 1.19 94.89 -4.41
CHB CLA MG . -1.88 92.29 -1.91
CHC CLA MG . -0.47 94.47 2.19
CHD CLA MG . 2.65 97.19 -0.36
NA CLA MG . -0.06 93.69 -2.75
C1A CLA MG . 0.42 93.84 -4.03
C2A CLA MG . -0.01 92.74 -4.94
C3A CLA MG . -1.33 92.38 -4.33
C4A CLA MG . -1.10 92.80 -2.90
CMA CLA MG . -2.52 93.08 -4.97
CAA CLA MG . 1.15 91.76 -4.73
CBA CLA MG . 0.97 90.38 -5.35
CGA CLA MG . 0.34 89.37 -4.43
O1A CLA MG . -0.61 88.70 -4.71
O2A CLA MG . 0.95 89.35 -3.25
NB CLA MG . -0.86 93.53 -0.05
C1B CLA MG . -1.80 92.56 -0.56
C2B CLA MG . -2.57 92.04 0.49
C3B CLA MG . -2.16 92.67 1.66
C4B CLA MG . -1.13 93.57 1.33
CMB CLA MG . -3.65 91.00 0.36
CAB CLA MG . -2.66 92.43 3.02
CBB CLA MG . -2.38 91.45 3.81
NC CLA MG . 0.99 95.52 0.52
C1C CLA MG . 0.47 95.37 1.80
C2C CLA MG . 1.04 96.37 2.73
C3C CLA MG . 1.93 97.12 1.99
C4C CLA MG . 1.91 96.62 0.65
CMC CLA MG . 0.74 96.58 4.18
CAC CLA MG . 2.77 98.28 2.47
CBC CLA MG . 4.21 97.90 2.69
ND CLA MG . 1.59 95.75 -2.06
C1D CLA MG . 2.48 96.85 -1.70
C2D CLA MG . 3.10 97.37 -2.85
C3D CLA MG . 2.61 96.65 -3.96
C4D CLA MG . 1.74 95.71 -3.43
CMD CLA MG . 4.10 98.48 -2.89
CAD CLA MG . 2.62 96.48 -5.40
OBD CLA MG . 3.22 97.11 -6.24
CBD CLA MG . 1.72 95.33 -5.77
CGD CLA MG . 0.60 95.77 -6.71
O1D CLA MG . -0.02 96.79 -6.60
O2D CLA MG . 0.39 94.85 -7.65
CED CLA MG . -0.73 95.10 -8.53
C1 CLA MG . 0.21 88.67 -2.19
C2 CLA MG . 1.09 88.54 -1.00
C3 CLA MG . 0.65 88.19 0.20
C4 CLA MG . -0.79 87.97 0.54
C5 CLA MG . 1.62 87.91 1.32
C6 CLA MG . 1.42 88.78 2.54
C7 CLA MG . 1.08 87.98 3.78
C8 CLA MG . 2.21 87.12 4.36
C9 CLA MG . 1.66 86.02 5.28
C10 CLA MG . 3.24 87.98 5.09
MG CLA NG . 5.81 102.06 14.69
CHA CLA NG . 7.12 102.93 17.74
CHB CLA NG . 5.14 105.26 14.16
CHC CLA NG . 4.25 101.10 11.82
CHD CLA NG . 5.75 98.67 15.75
NA CLA NG . 6.23 103.67 15.65
C1A CLA NG . 6.96 103.89 16.81
C2A CLA NG . 7.45 105.31 16.90
C3A CLA NG . 6.28 106.01 16.23
C4A CLA NG . 5.84 104.93 15.27
CMA CLA NG . 5.18 106.47 17.18
CAA CLA NG . 8.77 105.47 16.12
CBA CLA NG . 9.74 104.29 16.18
CGA CLA NG . 11.11 104.64 15.69
O1A CLA NG . 12.14 104.29 16.21
O2A CLA NG . 11.05 105.40 14.59
NB CLA NG . 4.87 102.98 13.28
C1B CLA NG . 4.66 104.40 13.17
C2B CLA NG . 3.99 104.71 11.98
C3B CLA NG . 3.76 103.51 11.30
C4B CLA NG . 4.28 102.46 12.10
CMB CLA NG . 3.60 106.08 11.50
CAB CLA NG . 3.15 103.33 9.99
CBB CLA NG . 3.39 104.01 8.91
NC CLA NG . 5.19 100.33 13.97
C1C CLA NG . 4.64 100.12 12.70
C2C CLA NG . 4.43 98.70 12.43
C3C CLA NG . 4.84 98.01 13.55
C4C CLA NG . 5.30 98.99 14.51
CMC CLA NG . 3.89 98.07 11.17
CAC CLA NG . 4.88 96.52 13.74
CBC CLA NG . 3.76 96.02 14.62
ND CLA NG . 6.26 101.02 16.27
C1D CLA NG . 6.22 99.60 16.64
C2D CLA NG . 6.73 99.44 17.94
C3D CLA NG . 7.11 100.71 18.42
C4D CLA NG . 6.80 101.59 17.41
CMD CLA NG . 6.86 98.13 18.68
CAD CLA NG . 7.75 101.47 19.49
OBD CLA NG . 8.30 101.06 20.49
CBD CLA NG . 7.67 102.94 19.16
CGD CLA NG . 6.75 103.65 20.14
O1D CLA NG . 6.26 104.73 19.97
O2D CLA NG . 6.53 102.90 21.22
CED CLA NG . 5.63 103.46 22.21
MG CLA OG . -16.53 101.53 16.86
CHA CLA OG . -17.63 101.79 20.08
CHB CLA OG . -15.53 98.43 17.48
CHC CLA OG . -15.24 101.45 13.69
CHD CLA OG . -16.64 105.07 16.59
NA CLA OG . -16.69 100.37 18.41
C1A CLA OG . -17.26 100.57 19.66
C2A CLA OG . -17.37 99.33 20.50
C3A CLA OG . -16.46 98.36 19.75
C4A CLA OG . -16.20 99.09 18.46
CMA CLA OG . -15.18 98.05 20.50
CAA CLA OG . -18.83 98.87 20.64
CBA CLA OG . -19.84 99.26 19.55
CGA CLA OG . -19.52 98.72 18.19
O1A CLA OG . -18.88 97.72 17.98
O2A CLA OG . -20.05 99.47 17.23
NB CLA OG . -15.55 100.22 15.80
C1B CLA OG . -15.19 98.90 16.22
C2B CLA OG . -14.54 98.20 15.18
C3B CLA OG . -14.49 99.06 14.09
C4B CLA OG . -15.09 100.28 14.45
CMB CLA OG . -14.01 96.80 15.25
CAB CLA OG . -13.97 98.73 12.76
CBB CLA OG . -13.26 99.44 11.96
NC CLA OG . -16.08 102.90 15.49
C1C CLA OG . -15.63 102.65 14.20
C2C CLA OG . -15.51 103.89 13.42
C3C CLA OG . -15.84 104.92 14.26
C4C CLA OG . -16.20 104.33 15.53
CMC CLA OG . -15.13 104.01 11.98
CAC CLA OG . -15.86 106.38 13.95
CBC CLA OG . -17.24 106.94 13.74
ND CLA OG . -17.01 103.06 17.96
C1D CLA OG . -17.06 104.50 17.77
C2D CLA OG . -17.56 105.11 18.93
C3D CLA OG . -17.85 104.09 19.87
C4D CLA OG . -17.48 102.91 19.24
CMD CLA OG . -17.77 106.59 19.13
CAD CLA OG . -18.39 103.75 21.17
OBD CLA OG . -18.90 104.49 21.99
CBD CLA OG . -18.24 102.28 21.40
CGD CLA OG . -17.32 102.04 22.60
O1D CLA OG . -16.22 101.61 22.54
O2D CLA OG . -17.94 102.38 23.74
CED CLA OG . -17.15 102.24 24.94
NB KC2 PG . -27.97 104.53 18.89
ND KC2 PG . -25.49 102.29 20.92
C1A KC2 PG . -28.15 102.71 22.68
C1B KC2 PG . -29.26 105.03 19.22
C1C KC2 PG . -25.48 104.17 17.30
C1D KC2 PG . -24.21 101.83 20.71
C2A KC2 PG . -29.35 102.98 23.41
C2B KC2 PG . -29.79 105.87 18.11
C2C KC2 PG . -24.28 104.00 16.54
C2D KC2 PG . -23.79 101.09 21.83
C3A KC2 PG . -30.15 103.78 22.64
C3B KC2 PG . -28.83 105.90 17.14
C3C KC2 PG . -23.44 103.20 17.30
C3D KC2 PG . -24.87 101.11 22.78
C4A KC2 PG . -29.45 104.02 21.42
C4B KC2 PG . -27.70 105.11 17.57
C4C KC2 PG . -24.10 102.88 18.52
C4D KC2 PG . -25.92 101.87 22.15
CAA KC2 PG . -29.64 102.51 24.76
CAB KC2 PG . -28.89 106.62 15.86
CAC KC2 PG . -22.12 102.73 16.88
CAD KC2 PG . -25.29 100.66 24.10
CBA KC2 PG . -30.59 101.63 25.11
CBB KC2 PG . -28.20 107.67 15.50
CBC KC2 PG . -21.86 101.72 16.11
CBD KC2 PG . -26.71 101.16 24.28
CED KC2 PG . -28.12 98.18 25.97
CGA KC2 PG . -30.87 101.15 26.48
CGD KC2 PG . -27.63 99.96 24.50
CHA KC2 PG . -27.03 101.96 23.02
CHB KC2 PG . -29.96 104.80 20.38
CHC KC2 PG . -26.55 104.94 16.84
CHD KC2 PG . -23.54 102.12 19.53
CMA KC2 PG . -31.51 104.31 22.97
CMB KC2 PG . -31.13 106.55 18.11
CMC KC2 PG . -24.00 104.57 15.18
CMD KC2 PG . -22.47 100.41 22.03
NA KC2 PG . -28.23 103.35 21.46
NC KC2 PG . -25.39 103.50 18.49
O1A KC2 PG . -29.95 100.81 27.22
O1D KC2 PG . -28.61 99.72 23.85
O2A KC2 PG . -32.11 101.12 26.84
O2D KC2 PG . -27.22 99.22 25.53
OBD KC2 PG . -24.64 100.00 24.92
MG KC2 PG . -26.77 103.29 20.01
MG CLA QG . -13.10 89.09 17.56
CHA CLA QG . -14.33 86.98 19.97
CHB CLA QG . -10.04 88.50 18.70
CHC CLA QG . -11.99 91.53 15.46
CHD CLA QG . -16.40 90.26 16.98
NA CLA QG . -12.39 87.91 18.92
C1A CLA QG . -13.00 86.98 19.74
C2A CLA QG . -12.03 86.01 20.35
C3A CLA QG . -10.79 86.86 20.39
C4A CLA QG . -11.07 87.83 19.27
CMA CLA QG . -10.54 87.54 21.73
CAA CLA QG . -11.90 84.81 19.41
CBA CLA QG . -11.14 83.62 19.99
CGA CLA QG . -11.86 82.94 21.12
O1A CLA QG . -11.58 83.06 22.28
O2A CLA QG . -12.87 82.18 20.67
NB CLA QG . -11.36 89.85 17.14
C1B CLA QG . -10.10 89.44 17.67
C2B CLA QG . -9.04 90.14 17.05
C3B CLA QG . -9.63 91.03 16.15
C4B CLA QG . -11.02 90.85 16.19
CMB CLA QG . -7.58 89.98 17.33
CAB CLA QG . -8.95 92.03 15.32
CBB CLA QG . -7.79 91.98 14.76
NC CLA QG . -13.97 90.51 16.48
C1C CLA QG . -13.33 91.38 15.62
C2C CLA QG . -14.29 92.23 14.91
C3C CLA QG . -15.53 91.91 15.37
C4C CLA QG . -15.36 90.84 16.33
CMC CLA QG . -13.99 93.25 13.84
CAC CLA QG . -16.84 92.56 15.00
CBC CLA QG . -17.67 91.70 14.09
ND CLA QG . -14.89 88.80 18.26
C1D CLA QG . -16.23 89.29 17.96
C2D CLA QG . -17.19 88.61 18.73
C3D CLA QG . -16.50 87.70 19.56
C4D CLA QG . -15.16 87.85 19.23
CMD CLA QG . -18.67 88.84 18.67
CAD CLA QG . -16.59 86.69 20.60
OBD CLA QG . -17.59 86.29 21.18
CBD CLA QG . -15.22 86.15 20.90
CGD CLA QG . -14.87 86.34 22.37
O1D CLA QG . -14.35 87.31 22.83
O2D CLA QG . -15.21 85.25 23.08
CED CLA QG . -14.84 85.27 24.48
MG CLA RG . 1.20 90.92 18.53
CHA CLA RG . -0.77 90.73 21.34
CHB CLA RG . 3.56 92.32 20.35
CHC CLA RG . 2.96 91.29 15.66
CHD CLA RG . -1.58 89.88 16.59
NA CLA RG . 1.38 91.19 20.44
C1A CLA RG . 0.55 90.93 21.52
C2A CLA RG . 1.25 90.94 22.85
C3A CLA RG . 2.48 91.81 22.51
C4A CLA RG . 2.50 91.78 21.00
CMA CLA RG . 2.41 93.23 23.05
CAA CLA RG . 1.57 89.52 23.36
CBA CLA RG . 1.26 88.29 22.48
CGA CLA RG . 2.11 88.15 21.26
O1A CLA RG . 3.27 88.45 21.20
O2A CLA RG . 1.40 87.68 20.23
NB CLA RG . 2.88 91.74 18.07
C1B CLA RG . 3.80 92.37 18.98
C2B CLA RG . 4.91 92.89 18.29
C3B CLA RG . 4.73 92.58 16.94
C4B CLA RG . 3.51 91.88 16.80
CMB CLA RG . 6.06 93.63 18.90
CAB CLA RG . 5.62 92.89 15.82
CBB CLA RG . 6.30 92.06 15.08
NC CLA RG . 0.81 90.59 16.63
C1C CLA RG . 1.72 90.73 15.59
C2C CLA RG . 1.15 90.25 14.32
C3C CLA RG . -0.14 89.88 14.56
C4C CLA RG . -0.38 90.09 15.98
CMC CLA RG . 1.88 90.09 13.02
CAC CLA RG . -1.14 89.33 13.57
CBC CLA RG . -0.94 87.87 13.30
ND CLA RG . -0.69 90.53 18.80
C1D CLA RG . -1.80 90.14 17.93
C2D CLA RG . -2.97 89.98 18.70
C3D CLA RG . -2.63 90.26 20.05
C4D CLA RG . -1.28 90.55 20.04
CMD CLA RG . -4.31 89.61 18.17
CAD CLA RG . -3.11 90.39 21.41
OBD CLA RG . -4.25 90.38 21.84
CBD CLA RG . -1.94 90.56 22.32
CGD CLA RG . -2.13 91.75 23.26
O1D CLA RG . -2.22 92.89 22.91
O2D CLA RG . -2.19 91.34 24.52
CED CLA RG . -2.29 92.39 25.52
C1 CLA RG . 1.82 88.04 18.88
C2 CLA RG . 2.16 86.84 18.06
C3 CLA RG . 3.08 86.78 17.09
C4 CLA RG . 3.97 87.93 16.70
C5 CLA RG . 3.24 85.53 16.26
C6 CLA RG . 2.04 85.21 15.38
C7 CLA RG . 2.28 85.45 13.90
C8 CLA RG . 2.80 84.27 13.09
C9 CLA RG . 4.15 83.77 13.59
C10 CLA RG . 2.84 84.62 11.61
C11 CLA RG . 1.74 83.99 10.75
C12 CLA RG . 1.73 84.50 9.32
C13 CLA RG . 1.29 85.95 9.14
C A86 SG . -11.67 106.90 7.22
O A86 SG . -1.57 108.34 12.42
C1 A86 SG . -10.91 107.06 5.92
C10 A86 SG . -2.26 106.69 10.23
C11 A86 SG . -1.02 107.07 10.52
C12 A86 SG . 0.14 107.11 9.58
C13 A86 SG . -0.79 107.56 11.91
C14 A86 SG . 0.43 107.05 12.64
C15 A86 SG . 0.35 106.98 14.17
C16 A86 SG . 0.35 108.31 14.99
C17 A86 SG . 1.30 108.16 16.20
C18 A86 SG . 1.00 106.95 17.08
C19 A86 SG . 1.16 105.67 16.29
C2 A86 SG . -9.57 107.02 5.84
C20 A86 SG . 0.59 105.70 14.88
C21 A86 SG . 0.90 104.37 14.21
C22 A86 SG . 0.83 109.50 14.15
C23 A86 SG . -1.05 108.66 15.51
C24 A86 SG . -11.68 107.27 4.70
C25 A86 SG . -13.01 107.25 4.53
C26 A86 SG . -13.60 107.47 3.24
C27 A86 SG . -14.91 107.44 2.90
C28 A86 SG . -16.02 107.20 3.89
C29 A86 SG . -15.22 107.58 1.50
C3 A86 SG . -8.61 106.84 6.89
C30 A86 SG . -16.41 107.62 0.96
C31 A86 SG . -17.59 107.61 0.39
C32 A86 SG . -18.32 106.32 0.12
C33 A86 SG . -19.77 106.38 0.67
C34 A86 SG . -20.29 107.80 0.89
C35 A86 SG . -19.74 108.74 -0.16
C36 A86 SG . -18.22 108.92 -0.02
C37 A86 SG . -17.63 109.46 -1.32
C38 A86 SG . -22.79 107.56 0.33
C39 A86 SG . -22.40 107.48 -1.11
C4 A86 SG . -7.29 106.77 6.66
C40 A86 SG . -18.28 105.99 -1.38
C41 A86 SG . -17.69 105.15 0.88
C5 A86 SG . -6.33 106.58 7.71
C6 A86 SG . -4.98 106.47 7.60
C7 A86 SG . -4.26 106.47 6.29
C8 A86 SG . -4.21 106.44 8.82
C9 A86 SG . -2.91 106.73 8.96
O1 A86 SG . -0.77 106.17 14.67
O2 A86 SG . 1.91 106.94 18.17
O3 A86 SG . -18.02 109.87 1.02
O4 A86 SG . -21.74 107.83 1.18
O5 A86 SG . -23.91 107.43 0.73
C DD6 TG . -18.58 100.41 14.51
C1 DD6 TG . -18.61 101.17 13.21
C10 DD6 TG . -21.46 109.50 17.55
C11 DD6 TG . -21.91 110.76 17.77
C12 DD6 TG . -22.29 111.71 16.67
C13 DD6 TG . -22.01 111.23 19.15
C14 DD6 TG . -22.61 112.31 19.64
C15 DD6 TG . -22.66 112.75 21.09
C16 DD6 TG . -23.52 111.99 22.06
C17 DD6 TG . -24.34 112.98 22.90
C18 DD6 TG . -23.53 114.10 23.54
C19 DD6 TG . -22.94 115.00 22.46
C2 DD6 TG . -18.99 102.47 13.12
C20 DD6 TG . -22.38 114.24 21.28
C21 DD6 TG . -21.94 115.15 20.16
C22 DD6 TG . -24.50 111.04 21.35
C23 DD6 TG . -22.68 111.13 23.02
C24 DD6 TG . -18.17 100.49 12.00
C25 DD6 TG . -17.83 99.19 11.84
C26 DD6 TG . -17.41 98.65 10.57
C27 DD6 TG . -17.01 97.37 10.32
C28 DD6 TG . -16.90 96.28 11.34
C29 DD6 TG . -16.69 97.03 8.97
C3 DD6 TG . -19.42 103.36 14.17
C30 DD6 TG . -16.46 96.65 7.85
C31 DD6 TG . -16.17 96.09 6.57
C32 DD6 TG . -16.75 94.70 6.28
C33 DD6 TG . -16.39 94.33 4.84
C34 DD6 TG . -16.58 95.48 3.87
C35 DD6 TG . -15.60 96.60 4.21
C36 DD6 TG . -15.43 96.78 5.70
C37 DD6 TG . -14.39 97.80 6.09
C4 DD6 TG . -19.85 104.62 13.97
C40 DD6 TG . -16.14 93.65 7.21
C41 DD6 TG . -18.27 94.69 6.44
C5 DD6 TG . -20.24 105.50 15.03
C6 DD6 TG . -20.70 106.78 14.93
C7 DD6 TG . -20.91 107.48 13.62
C8 DD6 TG . -20.95 107.53 16.15
C9 DD6 TG . -21.24 108.84 16.28
O1 DD6 TG . -21.41 113.21 21.63
O2 DD6 TG . -24.38 114.88 24.39
O4 DD6 TG . -16.33 95.03 2.54
C DD6 UG . -7.33 93.37 9.34
C1 DD6 UG . -6.43 94.08 10.32
C10 DD6 UG . 1.56 93.03 4.73
C11 DD6 UG . 2.79 93.21 4.18
C12 DD6 UG . 3.81 94.18 4.71
C13 DD6 UG . 3.18 92.36 3.06
C14 DD6 UG . 4.24 92.40 2.28
C15 DD6 UG . 4.56 91.44 1.15
C16 DD6 UG . 5.75 90.53 1.33
C17 DD6 UG . 6.28 90.08 -0.05
C18 DD6 UG . 5.22 89.77 -1.08
C19 DD6 UG . 4.48 91.05 -1.45
C2 DD6 UG . -5.10 94.23 10.12
C20 DD6 UG . 3.97 91.76 -0.22
C21 DD6 UG . 3.14 92.99 -0.50
C22 DD6 UG . 6.89 91.21 2.09
C23 DD6 UG . 5.36 89.27 2.13
C24 DD6 UG . -7.03 94.69 11.49
C25 DD6 UG . -8.34 94.83 11.78
C26 DD6 UG . -8.80 95.46 12.98
C27 DD6 UG . -10.08 95.73 13.34
C28 DD6 UG . -11.31 95.38 12.54
C29 DD6 UG . -10.30 96.39 14.59
C3 DD6 UG . -4.31 93.80 9.00
C30 DD6 UG . -10.55 96.90 15.64
C31 DD6 UG . -10.78 97.46 16.94
C32 DD6 UG . -10.57 96.55 18.15
C33 DD6 UG . -11.37 97.09 19.34
C34 DD6 UG . -11.25 98.60 19.52
C35 DD6 UG . -11.79 99.27 18.28
C36 DD6 UG . -11.14 98.75 17.03
C37 DD6 UG . -10.97 99.77 15.93
C4 DD6 UG . -3.01 94.15 8.84
C40 DD6 UG . -11.07 95.13 17.85
C41 DD6 UG . -9.08 96.48 18.51
C5 DD6 UG . -2.20 93.72 7.73
C6 DD6 UG . -0.96 94.14 7.40
C7 DD6 UG . -0.22 95.20 8.19
C8 DD6 UG . -0.28 93.54 6.26
C9 DD6 UG . 1.00 93.68 5.88
O1 DD6 UG . 3.36 90.81 0.69
O2 DD6 UG . 5.83 89.21 -2.25
O4 DD6 UG . -12.01 99.00 20.66
C DD6 VG . 4.50 93.08 12.41
C1 DD6 VG . 3.58 93.69 11.38
C10 DD6 VG . -4.40 93.15 17.01
C11 DD6 VG . -5.60 93.49 17.54
C12 DD6 VG . -6.62 94.31 16.81
C13 DD6 VG . -5.89 93.11 18.92
C14 DD6 VG . -6.93 93.40 19.68
C15 DD6 VG . -7.15 92.95 21.10
C16 DD6 VG . -8.10 91.83 21.36
C17 DD6 VG . -8.75 92.00 22.75
C18 DD6 VG . -7.82 92.49 23.85
C19 DD6 VG . -7.37 93.90 23.53
C2 DD6 VG . 2.25 93.83 11.55
C20 DD6 VG . -6.81 94.00 22.14
C21 DD6 VG . -6.27 95.36 21.75
C22 DD6 VG . -9.22 91.80 20.32
C23 DD6 VG . -7.39 90.48 21.32
C24 DD6 VG . 4.19 94.20 10.16
C25 DD6 VG . 5.47 94.15 9.77
C26 DD6 VG . 5.94 94.71 8.54
C27 DD6 VG . 7.23 94.75 8.10
C28 DD6 VG . 8.40 94.15 8.81
C29 DD6 VG . 7.50 95.47 6.89
C3 DD6 VG . 1.45 93.47 12.70
C30 DD6 VG . 7.83 96.12 5.94
C31 DD6 VG . 8.32 96.93 4.88
C32 DD6 VG . 8.52 96.28 3.50
C33 DD6 VG . 8.97 97.38 2.53
C34 DD6 VG . 8.19 98.67 2.62
C35 DD6 VG . 8.19 99.25 4.02
C36 DD6 VG . 8.61 98.23 5.06
C37 DD6 VG . 9.36 98.78 6.24
C4 DD6 VG . 0.12 93.64 12.74
C40 DD6 VG . 9.61 95.20 3.58
C41 DD6 VG . 7.22 95.66 3.00
C5 DD6 VG . -0.70 93.30 13.87
C6 DD6 VG . -2.04 93.43 14.00
C7 DD6 VG . -2.92 93.93 12.90
C8 DD6 VG . -2.66 93.12 15.28
C9 DD6 VG . -3.87 93.49 15.71
O1 DD6 VG . -5.92 92.88 21.83
O2 DD6 VG . -8.51 92.48 25.11
O4 DD6 VG . 8.74 99.64 1.71
C DD6 WG . 7.25 102.21 9.70
C1 DD6 WG . 7.04 100.94 8.94
C10 DD6 WG . 9.89 95.60 16.53
C11 DD6 WG . 10.40 94.64 17.34
C12 DD6 WG . 10.68 93.22 16.90
C13 DD6 WG . 10.68 94.98 18.72
C14 DD6 WG . 11.02 94.21 19.75
C15 DD6 WG . 11.30 94.69 21.15
C16 DD6 WG . 12.72 94.68 21.58
C17 DD6 WG . 12.82 95.06 23.08
C18 DD6 WG . 11.88 94.33 24.02
C19 DD6 WG . 10.43 94.60 23.64
C2 DD6 WG . 7.26 99.70 9.46
C20 DD6 WG . 10.18 94.52 22.15
C21 DD6 WG . 8.83 93.97 21.77
C22 DD6 WG . 13.36 93.30 21.34
C23 DD6 WG . 13.54 95.70 20.77
C24 DD6 WG . 6.54 101.04 7.57
C25 DD6 WG . 5.98 102.10 6.97
C26 DD6 WG . 5.51 102.07 5.63
C27 DD6 WG . 4.95 103.08 4.92
C28 DD6 WG . 4.70 104.47 5.44
C29 DD6 WG . 4.56 102.82 3.57
C3 DD6 WG . 7.67 99.38 10.78
C30 DD6 WG . 4.26 102.70 2.41
C31 DD6 WG . 3.97 102.66 1.02
C32 DD6 WG . 2.91 103.62 0.49
C33 DD6 WG . 2.23 102.98 -0.74
C34 DD6 WG . 3.20 102.37 -1.73
C35 DD6 WG . 4.02 101.29 -1.04
C36 DD6 WG . 4.64 101.79 0.24
C37 DD6 WG . 6.02 101.27 0.54
C4 DD6 WG . 7.91 98.12 11.20
C40 DD6 WG . 1.82 103.88 1.53
C41 DD6 WG . 3.55 104.96 0.09
C5 DD6 WG . 8.32 97.81 12.53
C6 DD6 WG . 8.58 96.60 13.08
C7 DD6 WG . 8.46 95.31 12.31
C8 DD6 WG . 9.00 96.54 14.47
C9 DD6 WG . 9.52 95.50 15.14
O1 DD6 WG . 10.52 95.81 21.55
O2 DD6 WG . 12.12 92.91 23.97
O4 DD6 WG . 2.46 101.78 -2.81
C1B LMU XG . 11.86 85.21 -10.87
C2B LMU XG . 12.27 84.49 -12.14
C3B LMU XG . 13.57 83.77 -11.91
C4B LMU XG . 14.59 84.77 -11.51
C5B LMU XG . 14.15 85.36 -10.20
C6B LMU XG . 15.16 86.37 -9.73
O1B LMU XG . 11.55 84.20 -9.94
O2B LMU XG . 11.27 83.54 -12.48
O3B LMU XG . 14.01 83.17 -13.11
O4' LMU XG . 15.82 84.12 -11.34
O5B LMU XG . 12.92 86.02 -10.38
O6B LMU XG . 15.02 87.53 -10.53
C1' LMU XG . 9.68 83.71 -6.37
C2' LMU XG . 8.95 83.32 -7.63
C3' LMU XG . 9.84 83.24 -8.81
C4' LMU XG . 10.53 84.54 -9.05
C5' LMU XG . 11.15 85.08 -7.80
C6' LMU XG . 10.54 86.42 -7.42
O1' LMU XG . 9.70 82.59 -5.50
O2' LMU XG . 8.46 82.02 -7.42
O3' LMU XG . 9.04 82.95 -9.94
O5' LMU XG . 10.98 84.16 -6.72
O6' LMU XG . 10.64 87.29 -8.53
C1 LMU XG . 10.76 82.57 -4.57
C2 LMU XG . 10.53 83.51 -3.43
C3 LMU XG . 11.80 83.81 -2.72
C4 LMU XG . 12.11 82.65 -1.82
C5 LMU XG . 13.04 83.09 -0.71
C6 LMU XG . 12.91 82.15 0.48
C7 LMU XG . 13.97 82.40 1.52
C8 LMU XG . 13.72 81.55 2.76
C9 LMU XG . 14.20 80.14 2.50
C10 LMU XG . 13.83 79.16 3.59
C11 LMU XG . 14.64 79.35 4.85
C12 LMU XG . 13.87 80.13 5.87
MG CLA YG . -2.56 -75.58 -17.72
CHA CLA YG . -5.55 -76.72 -18.93
CHB CLA YG . -2.02 -74.04 -20.60
CHC CLA YG . 0.57 -74.79 -16.57
CHD CLA YG . -2.83 -77.89 -15.03
NA CLA YG . -3.63 -75.34 -19.32
C1A CLA YG . -4.90 -75.77 -19.64
C2A CLA YG . -5.48 -75.08 -20.85
C3A CLA YG . -4.22 -74.59 -21.53
C4A CLA YG . -3.21 -74.65 -20.42
CMA CLA YG . -3.82 -75.40 -22.76
CAA CLA YG . -6.38 -73.95 -20.35
CBA CLA YG . -7.38 -73.44 -21.39
CGA CLA YG . -8.42 -72.52 -20.82
O1A CLA YG . -9.44 -72.22 -21.37
O2A CLA YG . -8.07 -72.07 -19.61
NB CLA YG . -1.03 -74.61 -18.43
C1B CLA YG . -0.96 -73.97 -19.72
C2B CLA YG . 0.28 -73.31 -19.87
C3B CLA YG . 1.00 -73.51 -18.69
C4B CLA YG . 0.22 -74.31 -17.82
CMB CLA YG . 0.73 -72.54 -21.07
CAB CLA YG . 2.33 -72.99 -18.35
CBB CLA YG . 2.65 -72.18 -17.38
NC CLA YG . -1.44 -76.15 -16.19
C1C CLA YG . -0.19 -75.65 -15.84
C2C CLA YG . 0.30 -76.23 -14.57
C3C CLA YG . -0.66 -77.11 -14.14
C4C CLA YG . -1.72 -77.10 -15.12
CMC CLA YG . 1.57 -75.89 -13.87
CAC CLA YG . -0.63 -77.91 -12.87
CBC CLA YG . -1.28 -77.19 -11.71
ND CLA YG . -3.77 -76.97 -17.11
C1D CLA YG . -3.83 -77.89 -15.97
C2D CLA YG . -5.02 -78.64 -16.03
C3D CLA YG . -5.72 -78.23 -17.18
C4D CLA YG . -4.95 -77.25 -17.77
CMD CLA YG . -5.46 -79.67 -15.02
CAD CLA YG . -6.89 -78.44 -18.02
OBD CLA YG . -7.76 -79.29 -17.92
CBD CLA YG . -6.90 -77.41 -19.11
CGD CLA YG . -7.07 -78.09 -20.45
O1D CLA YG . -6.52 -79.09 -20.79
O2D CLA YG . -7.92 -77.41 -21.22
CED CLA YG . -8.12 -77.93 -22.56
NB KC2 ZG . -11.85 -79.67 -11.12
ND KC2 ZG . -9.88 -77.60 -13.80
C1A KC2 ZG . -12.75 -78.34 -15.03
C1B KC2 ZG . -13.15 -80.21 -11.16
C1C KC2 ZG . -9.12 -79.06 -10.07
C1D KC2 ZG . -8.60 -77.10 -13.89
C2A KC2 ZG . -14.01 -78.81 -15.53
C2B KC2 ZG . -13.48 -80.82 -9.85
C2C KC2 ZG . -7.81 -78.78 -9.58
C2D KC2 ZG . -8.47 -76.38 -15.08
C3A KC2 ZG . -14.60 -79.56 -14.55
C3B KC2 ZG . -12.39 -80.66 -9.04
C3C KC2 ZG . -7.14 -78.11 -10.57
C3D KC2 ZG . -9.73 -76.46 -15.76
C4A KC2 ZG . -13.70 -79.58 -13.44
C4B KC2 ZG . -11.36 -79.97 -9.80
C4C KC2 ZG . -8.02 -77.93 -11.69
C4D KC2 ZG . -10.59 -77.24 -14.92
CAA KC2 ZG . -14.51 -78.56 -16.87
CAB KC2 ZG . -12.27 -81.03 -7.64
CAC KC2 ZG . -5.76 -77.64 -10.47
CAD KC2 ZG . -10.44 -76.06 -16.96
CBA KC2 ZG . -15.73 -78.12 -17.19
CBB KC2 ZG . -12.39 -82.20 -7.07
CBC KC2 ZG . -4.67 -78.37 -10.42
CBD KC2 ZG . -11.86 -76.55 -16.79
CED KC2 ZG . -13.90 -73.65 -17.86
CGA KC2 ZG . -16.20 -77.90 -18.57
CGD KC2 ZG . -12.77 -75.33 -16.66
CHA KC2 ZG . -11.84 -77.44 -15.55
CHB KC2 ZG . -14.02 -80.20 -12.22
CHC KC2 ZG . -10.10 -79.71 -9.31
CHD KC2 ZG . -7.71 -77.27 -12.84
CMA KC2 ZG . -15.94 -80.24 -14.62
CMB KC2 ZG . -14.79 -81.47 -9.51
CMC KC2 ZG . -7.29 -79.17 -8.22
CMD KC2 ZG . -7.25 -75.64 -15.58
NA KC2 ZG . -12.57 -78.86 -13.76
NC KC2 ZG . -9.27 -78.54 -11.34
O1A KC2 ZG . -17.17 -78.51 -19.00
O1D KC2 ZG . -13.12 -74.85 -15.62
O2A KC2 ZG . -15.53 -77.04 -19.28
O2D KC2 ZG . -13.09 -74.86 -17.86
OBD KC2 ZG . -10.01 -75.43 -17.94
MG KC2 ZG . -10.90 -78.57 -12.60
NB KC2 AH . -15.64 -85.98 -18.46
ND KC2 AH . -16.85 -89.56 -19.43
C1A KC2 AH . -16.88 -87.76 -22.07
C1B KC2 AH . -15.57 -84.80 -19.24
C1C KC2 AH . -15.57 -87.70 -16.03
C1D KC2 AH . -17.15 -90.70 -18.71
C2A KC2 AH . -16.93 -86.87 -23.19
C2B KC2 AH . -15.05 -83.69 -18.44
C2C KC2 AH . -15.58 -88.52 -14.86
C2D KC2 AH . -17.61 -91.68 -19.58
C3A KC2 AH . -16.59 -85.64 -22.75
C3B KC2 AH . -14.80 -84.17 -17.19
C3C KC2 AH . -16.07 -89.74 -15.24
C3D KC2 AH . -17.60 -91.13 -20.90
C4A KC2 AH . -16.30 -85.75 -21.35
C4B KC2 AH . -15.19 -85.58 -17.15
C4C KC2 AH . -16.37 -89.71 -16.63
C4D KC2 AH . -17.12 -89.78 -20.74
CAA KC2 AH . -17.27 -87.24 -24.55
CAB KC2 AH . -14.23 -83.44 -16.06
CAC KC2 AH . -16.27 -90.89 -14.36
CAD KC2 AH . -17.87 -91.40 -22.29
CBA KC2 AH . -18.38 -86.92 -25.21
CBB KC2 AH . -13.07 -83.63 -15.50
CBC KC2 AH . -16.94 -90.94 -13.24
CBD KC2 AH . -17.53 -90.14 -23.05
CED KC2 AH . -15.73 -90.32 -26.27
CGA KC2 AH . -18.69 -87.31 -26.60
CGD KC2 AH . -16.37 -90.42 -24.00
CHA KC2 AH . -17.14 -89.12 -21.98
CHB KC2 AH . -15.88 -84.67 -20.58
CHC KC2 AH . -15.17 -86.34 -16.02
CHD KC2 AH . -16.92 -90.75 -17.34
CMA KC2 AH . -16.54 -84.38 -23.54
CMB KC2 AH . -14.86 -82.28 -18.92
CMC KC2 AH . -15.17 -88.10 -13.48
CMD KC2 AH . -18.06 -93.07 -19.22
NA KC2 AH . -16.48 -87.05 -20.96
NC KC2 AH . -16.03 -88.41 -17.11
O1A KC2 AH . -18.76 -86.47 -27.48
O1D KC2 AH . -15.24 -90.64 -23.67
O2A KC2 AH . -18.86 -88.59 -26.80
O2D KC2 AH . -16.77 -90.33 -25.26
OBD KC2 AH . -18.30 -92.46 -22.79
MG KC2 AH . -16.21 -87.86 -19.09
MG CLA BH . -9.73 -103.49 -13.14
CHA CLA BH . -8.24 -102.18 -15.92
CHB CLA BH . -11.34 -105.66 -15.09
CHC CLA BH . -11.37 -104.59 -10.36
CHD CLA BH . -9.02 -100.48 -11.39
NA CLA BH . -9.66 -103.89 -15.03
C1A CLA BH . -8.88 -103.36 -16.04
C2A CLA BH . -8.86 -104.22 -17.28
C3A CLA BH . -10.22 -104.88 -17.16
C4A CLA BH . -10.44 -104.82 -15.66
CMA CLA BH . -11.33 -104.16 -17.93
CAA CLA BH . -7.67 -105.18 -17.12
CBA CLA BH . -6.75 -105.23 -18.34
CGA CLA BH . -5.50 -106.02 -18.12
O1A CLA BH . -4.53 -105.99 -18.84
O2A CLA BH . -5.57 -106.76 -17.02
NB CLA BH . -11.06 -104.87 -12.77
C1B CLA BH . -11.67 -105.76 -13.75
C2B CLA BH . -12.58 -106.63 -13.10
C3B CLA BH . -12.56 -106.31 -11.75
C4B CLA BH . -11.65 -105.25 -11.54
CMB CLA BH . -13.41 -107.69 -13.78
CAB CLA BH . -13.33 -106.95 -10.68
CBB CLA BH . -13.40 -108.22 -10.38
NC CLA BH . -10.08 -102.74 -11.34
C1C CLA BH . -10.72 -103.40 -10.29
C2C CLA BH . -10.73 -102.59 -9.08
C3C CLA BH . -10.15 -101.39 -9.39
C4C CLA BH . -9.72 -101.47 -10.77
CMC CLA BH . -11.26 -103.01 -7.74
CAC CLA BH . -10.01 -100.18 -8.50
CBC CLA BH . -8.70 -100.14 -7.76
ND CLA BH . -8.87 -101.78 -13.47
C1D CLA BH . -8.56 -100.59 -12.69
C2D CLA BH . -7.82 -99.69 -13.46
C3D CLA BH . -7.65 -100.26 -14.75
C4D CLA BH . -8.28 -101.49 -14.69
CMD CLA BH . -7.26 -98.37 -13.00
CAD CLA BH . -7.09 -100.11 -16.08
OBD CLA BH . -6.48 -99.17 -16.55
CBD CLA BH . -7.40 -101.33 -16.88
CGD CLA BH . -8.15 -100.90 -18.14
O1D CLA BH . -9.29 -101.18 -18.39
O2D CLA BH . -7.38 -100.14 -18.91
CED CLA BH . -8.04 -99.50 -20.04
NB KC2 CH . -0.31 -97.55 -12.46
ND KC2 CH . -3.01 -100.35 -12.94
C1A KC2 CH . -1.33 -100.08 -15.69
C1B KC2 CH . 0.64 -97.03 -13.36
C1C KC2 CH . -1.92 -97.77 -9.96
C1D KC2 CH . -4.01 -100.86 -12.15
C2A KC2 CH . -0.55 -99.88 -16.87
C2B KC2 CH . 1.49 -96.03 -12.68
C2C KC2 CH . -2.71 -97.85 -8.78
C2D KC2 CH . -4.67 -101.88 -12.85
C3A KC2 CH . 0.31 -98.85 -16.61
C3B KC2 CH . 1.07 -95.94 -11.39
C3C KC2 CH . -3.66 -98.82 -9.00
C3D KC2 CH . -4.05 -101.97 -14.14
C4A KC2 CH . 0.09 -98.43 -15.27
C4B KC2 CH . -0.07 -96.84 -11.23
C4C KC2 CH . -3.47 -99.35 -10.31
C4D KC2 CH . -3.01 -100.99 -14.15
CAA KC2 CH . -0.59 -100.65 -18.10
CAB KC2 CH . 1.76 -95.18 -10.33
CAC KC2 CH . -4.67 -99.23 -8.03
CAD KC2 CH . -4.11 -102.66 -15.40
CBA KC2 CH . -0.81 -100.18 -19.32
CBB KC2 CH . 1.32 -94.36 -9.44
CBC KC2 CH . -5.65 -98.53 -7.54
CBD KC2 CH . -2.99 -102.10 -16.25
CED KC2 CH . -1.48 -104.83 -18.24
CGA KC2 CH . -0.83 -100.99 -20.56
CGD KC2 CH . -2.07 -103.26 -16.58
CHA KC2 CH . -2.35 -100.99 -15.40
CHB KC2 CH . 0.84 -97.41 -14.65
CHC KC2 CH . -0.82 -96.91 -10.08
CHD KC2 CH . -4.22 -100.36 -10.86
CMA KC2 CH . 1.32 -98.24 -17.56
CMB KC2 CH . 2.59 -95.25 -13.35
CMC KC2 CH . -2.53 -97.02 -7.55
CMD KC2 CH . -5.79 -102.74 -12.36
NA KC2 CH . -0.92 -99.19 -14.72
NC KC2 CH . -2.37 -98.66 -10.91
O1A KC2 CH . -1.15 -100.48 -21.64
O1D KC2 CH . -1.24 -103.71 -15.84
O2A KC2 CH . -0.50 -102.23 -20.44
O2D KC2 CH . -2.30 -103.72 -17.82
OBD KC2 CH . -4.89 -103.55 -15.75
MG KC2 CH . -1.67 -99.07 -12.80
MG CLA DH . 0.62 -89.45 -20.06
CHA CLA DH . 0.83 -88.17 -23.23
CHB CLA DH . -0.40 -92.33 -21.31
CHC CLA DH . -0.18 -90.43 -16.88
CHD CLA DH . 1.29 -86.23 -18.78
NA CLA DH . 0.37 -90.09 -21.87
C1A CLA DH . 0.60 -89.49 -23.10
C2A CLA DH . 0.61 -90.46 -24.26
C3A CLA DH . -0.19 -91.61 -23.66
C4A CLA DH . -0.07 -91.35 -22.18
CMA CLA DH . -1.64 -91.61 -24.12
CAA CLA DH . 2.12 -90.62 -24.54
CBA CLA DH . 2.69 -92.01 -24.78
CGA CLA DH . 3.23 -92.64 -23.54
O1A CLA DH . 4.37 -92.52 -23.15
O2A CLA DH . 2.32 -93.38 -22.93
NB CLA DH . -0.08 -91.07 -19.24
C1B CLA DH . -0.37 -92.29 -19.93
C2B CLA DH . -0.67 -93.31 -19.01
C3B CLA DH . -0.58 -92.76 -17.74
C4B CLA DH . -0.26 -91.39 -17.87
CMB CLA DH . -1.00 -94.74 -19.33
CAB CLA DH . -0.76 -93.44 -16.45
CBB CLA DH . -1.75 -94.20 -16.08
NC CLA DH . 0.59 -88.58 -18.29
C1C CLA DH . 0.23 -89.15 -17.08
C2C CLA DH . 0.35 -88.20 -15.97
C3C CLA DH . 0.82 -87.03 -16.50
C4C CLA DH . 0.97 -87.23 -17.92
CMC CLA DH . 0.02 -88.41 -14.52
CAC CLA DH . 1.13 -85.77 -15.74
CBC CLA DH . 2.54 -85.75 -15.18
ND CLA DH . 0.86 -87.64 -20.74
C1D CLA DH . 1.13 -86.33 -20.15
C2D CLA DH . 1.35 -85.38 -21.15
C3D CLA DH . 1.20 -86.03 -22.40
C4D CLA DH . 0.94 -87.37 -22.09
CMD CLA DH . 1.68 -83.93 -20.95
CAD CLA DH . 1.15 -85.90 -23.84
OBD CLA DH . 1.15 -84.89 -24.52
CBD CLA DH . 1.09 -87.27 -24.46
CGD CLA DH . 0.01 -87.35 -25.54
O1D CLA DH . -1.02 -87.94 -25.43
O2D CLA DH . 0.40 -86.69 -26.63
CED CLA DH . -0.51 -86.76 -27.76
C1 CLA DH . 2.80 -94.58 -22.28
C2 CLA DH . 3.02 -94.37 -20.82
C3 CLA DH . 3.12 -95.39 -19.98
C4 CLA DH . 3.02 -96.84 -20.39
C5 CLA DH . 3.35 -95.17 -18.50
C6 CLA DH . 4.68 -95.72 -18.00
C7 CLA DH . 4.92 -95.45 -16.52
C8 CLA DH . 6.28 -95.88 -15.98
C9 CLA DH . 6.53 -97.37 -16.19
C10 CLA DH . 6.47 -95.51 -14.50
C11 CLA DH . 6.39 -94.02 -14.15
C12 CLA DH . 6.98 -93.72 -12.78
C13 CLA DH . 6.73 -92.32 -12.21
C14 CLA DH . 5.31 -92.16 -11.70
C15 CLA DH . 7.08 -91.24 -13.24
MG CLA EH . 4.37 -84.03 -1.00
CHA CLA EH . 5.84 -85.00 1.96
CHB CLA EH . 3.72 -81.05 0.30
CHC CLA EH . 2.21 -83.48 -3.61
CHD CLA EH . 4.85 -87.30 -2.27
NA CLA EH . 4.77 -83.21 0.73
C1A CLA EH . 5.38 -83.72 1.89
C2A CLA EH . 5.46 -82.70 2.99
C3A CLA EH . 5.25 -81.41 2.25
C4A CLA EH . 4.51 -81.89 1.03
CMA CLA EH . 4.56 -80.36 3.12
CAA CLA EH . 6.85 -82.69 3.65
NB CLA EH . 3.17 -82.58 -1.53
C1B CLA EH . 2.99 -81.34 -0.84
C2B CLA EH . 2.06 -80.52 -1.52
C3B CLA EH . 1.66 -81.23 -2.66
C4B CLA EH . 2.31 -82.47 -2.66
CMB CLA EH . 1.60 -79.16 -1.10
CAB CLA EH . 0.74 -80.76 -3.71
CBB CLA EH . 0.82 -79.67 -4.40
NC CLA EH . 3.75 -85.08 -2.56
C1C CLA EH . 2.86 -84.66 -3.56
C2C CLA EH . 2.70 -85.68 -4.60
C3C CLA EH . 3.47 -86.76 -4.25
C4C CLA EH . 4.10 -86.43 -2.99
CMC CLA EH . 1.84 -85.56 -5.82
CAC CLA EH . 3.62 -88.04 -5.04
CBC CLA EH . 4.55 -87.87 -6.22
ND CLA EH . 5.09 -85.72 -0.39
C1D CLA EH . 5.29 -87.04 -0.99
C2D CLA EH . 5.99 -87.88 -0.10
C3D CLA EH . 6.23 -87.13 1.09
C4D CLA EH . 5.67 -85.88 0.85
CMD CLA EH . 6.40 -89.29 -0.36
CAD CLA EH . 6.78 -87.13 2.42
OBD CLA EH . 7.36 -88.03 3.01
CBD CLA EH . 6.58 -85.79 3.04
CGD CLA EH . 5.76 -85.94 4.32
O1D CLA EH . 4.83 -86.68 4.46
O2D CLA EH . 6.23 -85.14 5.27
CED CLA EH . 5.54 -85.20 6.54
MG CLA FH . -16.73 -92.57 -0.68
CHA CLA FH . -17.33 -92.89 2.68
CHB CLA FH . -14.42 -94.95 -0.44
CHC CLA FH . -15.85 -91.88 -3.91
CHD CLA FH . -18.64 -89.58 -0.67
NA CLA FH . -16.17 -93.74 0.76
C1A CLA FH . -16.61 -93.87 2.08
C2A CLA FH . -16.18 -95.15 2.74
C3A CLA FH . -14.95 -95.50 1.90
C4A CLA FH . -15.18 -94.69 0.65
CMA CLA FH . -13.62 -95.17 2.56
CAA CLA FH . -17.29 -96.21 2.74
CBA CLA FH . -18.59 -95.94 1.97
CGA CLA FH . -18.46 -95.87 0.49
O1A CLA FH . -17.76 -96.59 -0.18
O2A CLA FH . -19.19 -94.88 -0.02
NB CLA FH . -15.41 -93.26 -1.94
C1B CLA FH . -14.47 -94.33 -1.68
C2B CLA FH . -13.69 -94.58 -2.83
C3B CLA FH . -14.12 -93.70 -3.82
C4B CLA FH . -15.14 -92.90 -3.28
CMB CLA FH . -12.61 -95.61 -2.96
CAB CLA FH . -13.61 -93.60 -5.19
CBB CLA FH . -13.38 -94.57 -6.03
NC CLA FH . -17.17 -91.13 -1.97
C1C CLA FH . -16.76 -91.06 -3.30
C2C CLA FH . -17.37 -89.92 -3.99
C3C CLA FH . -18.15 -89.25 -3.07
C4C CLA FH . -18.04 -89.98 -1.83
CMC CLA FH . -17.19 -89.57 -5.44
CAC CLA FH . -18.98 -88.01 -3.30
CBC CLA FH . -20.42 -88.31 -3.61
ND CLA FH . -17.69 -91.47 0.60
C1D CLA FH . -18.46 -90.23 0.53
C2D CLA FH . -18.99 -89.93 1.80
C3D CLA FH . -18.58 -90.95 2.69
C4D CLA FH . -17.81 -91.81 1.92
CMD CLA FH . -19.82 -88.72 2.13
CAD CLA FH . -18.64 -91.48 4.03
OBD CLA FH . -19.25 -91.04 5.00
CBD CLA FH . -17.81 -92.72 4.11
CGD CLA FH . -16.66 -92.52 5.09
O1D CLA FH . -16.76 -92.61 6.29
O2D CLA FH . -15.53 -92.23 4.45
CED CLA FH . -14.38 -91.96 5.28
C1 CLA FH . -19.05 -94.63 -1.45
C2 CLA FH . -19.90 -93.46 -1.81
C3 CLA FH . -20.05 -93.02 -3.05
C4 CLA FH . -20.92 -91.85 -3.40
C5 CLA FH . -19.33 -93.70 -4.20
C6 CLA FH . -19.52 -93.04 -5.57
C7 CLA FH . -18.77 -93.76 -6.69
C8 CLA FH . -18.97 -93.11 -8.08
C9 CLA FH . -19.44 -94.13 -9.10
C10 CLA FH . -17.71 -92.38 -8.56
C11 CLA FH . -17.97 -91.22 -9.52
C12 CLA FH . -17.78 -89.85 -8.86
C13 CLA FH . -17.88 -88.62 -9.76
C14 CLA FH . -17.29 -87.39 -9.09
C15 CLA FH . -19.32 -88.36 -10.23
C16 CLA FH . -19.70 -88.88 -11.60
C17 CLA FH . -21.14 -88.57 -11.98
C18 CLA FH . -21.83 -89.61 -12.85
C19 CLA FH . -23.30 -89.27 -13.04
C20 CLA FH . -21.14 -89.77 -14.20
NB KC2 GH . -26.95 -104.60 -0.46
ND KC2 GH . -23.61 -103.28 1.10
C1A KC2 GH . -25.21 -104.90 3.36
C1B KC2 GH . -28.02 -105.35 0.11
C1C KC2 GH . -25.46 -103.05 -2.54
C1D KC2 GH . -22.57 -102.50 0.64
C2A KC2 GH . -25.99 -105.61 4.33
C2B KC2 GH . -29.07 -105.59 -0.90
C2C KC2 GH . -24.75 -102.30 -3.53
C2D KC2 GH . -21.64 -102.31 1.68
C3A KC2 GH . -27.13 -106.01 3.72
C3B KC2 GH . -28.67 -104.98 -2.05
C3C KC2 GH . -23.59 -101.85 -2.94
C3D KC2 GH . -22.14 -103.01 2.83
C4A KC2 GH . -27.10 -105.57 2.37
C4B KC2 GH . -27.38 -104.35 -1.82
C4C KC2 GH . -23.57 -102.31 -1.57
C4D KC2 GH . -23.39 -103.60 2.40
CAA KC2 GH . -25.60 -105.86 5.70
CAB KC2 GH . -29.39 -104.94 -3.33
CAC KC2 GH . -22.56 -101.08 -3.60
CAD KC2 GH . -21.88 -103.31 4.22
CBA KC2 GH . -26.03 -105.21 6.77
CBB KC2 GH . -29.10 -105.58 -4.44
CBC KC2 GH . -21.28 -101.36 -3.72
CBD KC2 GH . -23.01 -104.21 4.67
CED KC2 GH . -21.92 -106.99 6.87
CGA KC2 GH . -25.62 -105.47 8.16
CGD KC2 GH . -22.42 -105.56 5.06
CHA KC2 GH . -23.97 -104.29 3.48
CHB KC2 GH . -28.10 -105.81 1.40
CHC KC2 GH . -26.71 -103.65 -2.78
CHD KC2 GH . -22.56 -102.04 -0.67
CMA KC2 GH . -28.25 -106.78 4.37
CMB KC2 GH . -30.35 -106.35 -0.66
CMC KC2 GH . -25.20 -102.08 -4.94
CMD KC2 GH . -20.35 -101.54 1.62
NA KC2 GH . -25.90 -104.88 2.17
NC KC2 GH . -24.76 -103.08 -1.35
O1A KC2 GH . -26.42 -105.46 9.08
O1D KC2 GH . -21.99 -106.36 4.28
O2A KC2 GH . -24.35 -105.72 8.34
O2D KC2 GH . -22.43 -105.73 6.38
OBD KC2 GH . -20.93 -102.95 4.91
MG KC2 GH . -25.19 -104.00 0.44
MG CLA HH . -1.18 -100.46 0.97
CHA CLA HH . -2.50 -101.21 4.03
CHB CLA HH . 1.87 -100.67 2.31
CHC CLA HH . 0.09 -99.42 -2.03
CHD CLA HH . -4.33 -99.17 -0.03
NA CLA HH . -0.52 -100.95 2.72
C1A CLA HH . -1.17 -101.40 3.85
C2A CLA HH . -0.25 -102.05 4.84
C3A CLA HH . 1.00 -101.24 4.56
C4A CLA HH . 0.80 -100.93 3.10
CMA CLA HH . 1.15 -99.98 5.42
CAA CLA HH . -0.12 -103.53 4.47
CBA CLA HH . -1.36 -104.36 4.75
CGA CLA HH . -1.15 -105.83 4.52
O1A CLA HH . -0.50 -106.56 5.22
O2A CLA HH . -1.78 -106.25 3.43
NB CLA HH . 0.61 -100.16 0.26
C1B CLA HH . 1.86 -100.37 0.95
C2B CLA HH . 2.95 -100.18 0.08
C3B CLA HH . 2.42 -99.84 -1.17
C4B CLA HH . 1.01 -99.81 -1.06
CMB CLA HH . 4.40 -100.33 0.41
CAB CLA HH . 3.15 -99.59 -2.41
CBB CLA HH . 4.13 -100.30 -2.91
NC CLA HH . -1.92 -99.55 -0.62
C1C CLA HH . -1.24 -99.26 -1.79
C2C CLA HH . -2.13 -98.63 -2.79
C3C CLA HH . -3.36 -98.51 -2.21
C4C CLA HH . -3.26 -99.08 -0.89
CMC CLA HH . -1.76 -98.21 -4.19
CAC CLA HH . -4.60 -97.90 -2.82
CBC CLA HH . -5.49 -98.92 -3.49
ND CLA HH . -2.95 -100.22 1.72
C1D CLA HH . -4.23 -99.71 1.25
C2D CLA HH . -5.22 -99.87 2.23
C3D CLA HH . -4.60 -100.49 3.35
C4D CLA HH . -3.27 -100.65 2.99
CMD CLA HH . -6.67 -99.50 2.10
CAD CLA HH . -4.77 -101.04 4.68
OBD CLA HH . -5.80 -101.16 5.33
CBD CLA HH . -3.44 -101.50 5.20
CGD CLA HH . -3.09 -100.73 6.47
O1D CLA HH . -3.26 -99.55 6.63
O2D CLA HH . -2.57 -101.53 7.39
CED CLA HH . -2.20 -100.91 8.64
C A86 IH . -14.50 -85.41 -10.08
O A86 IH . -2.44 -82.97 -5.11
C1 A86 IH . -13.96 -84.52 -11.17
C10 A86 IH . -5.47 -82.76 -6.59
C11 A86 IH . -4.33 -82.12 -6.25
C12 A86 IH . -3.72 -80.99 -7.03
C13 A86 IH . -3.59 -82.54 -5.02
C14 A86 IH . -4.30 -82.43 -3.70
C15 A86 IH . -3.59 -81.55 -2.65
C16 A86 IH . -2.74 -82.25 -1.55
C17 A86 IH . -1.75 -81.21 -0.96
C18 A86 IH . -2.30 -79.86 -0.56
C19 A86 IH . -3.73 -79.62 -1.04
C2 A86 IH . -12.71 -83.97 -11.14
C20 A86 IH . -4.01 -80.17 -2.42
C21 A86 IH . -5.15 -79.47 -3.15
C22 A86 IH . -3.62 -82.81 -0.44
C23 A86 IH . -1.93 -83.42 -2.13
C24 A86 IH . -14.83 -84.18 -12.29
C25 A86 IH . -16.09 -84.60 -12.52
C26 A86 IH . -16.84 -84.17 -13.67
C27 A86 IH . -18.05 -84.59 -14.09
C28 A86 IH . -18.85 -85.67 -13.40
C29 A86 IH . -18.60 -83.92 -15.24
C3 A86 IH . -11.72 -84.09 -10.10
C30 A86 IH . -19.58 -84.34 -15.99
C31 A86 IH . -20.57 -84.69 -16.78
C32 A86 IH . -20.44 -85.85 -17.69
C33 A86 IH . -21.84 -86.34 -18.07
C34 A86 IH . -22.83 -86.23 -16.92
C35 A86 IH . -23.06 -84.77 -16.59
C36 A86 IH . -21.84 -83.87 -16.79
C37 A86 IH . -21.98 -83.03 -18.06
C38 A86 IH . -24.55 -88.00 -17.39
C39 A86 IH . -23.57 -88.93 -16.75
C4 A86 IH . -10.50 -83.52 -10.21
C40 A86 IH . -19.70 -85.44 -18.97
C41 A86 IH . -19.69 -86.99 -17.02
C5 A86 IH . -9.48 -83.61 -9.20
C6 A86 IH . -8.21 -83.14 -9.24
C7 A86 IH . -7.64 -82.45 -10.46
C8 A86 IH . -7.38 -83.24 -8.05
C9 A86 IH . -6.22 -82.60 -7.79
O1 A86 IH . -2.84 -80.45 -3.25
O2 A86 IH . -2.28 -79.75 0.86
O3 A86 IH . -21.81 -82.99 -15.66
O4 A86 IH . -24.14 -86.70 -17.41
O5 A86 IH . -25.60 -88.34 -17.85
C A86 JH . -23.68 -98.54 -1.45
O A86 JH . -13.61 -95.38 -9.54
C1 A86 JH . -22.53 -98.64 -0.48
C10 A86 JH . -15.79 -96.90 -7.31
C11 A86 JH . -14.65 -96.91 -8.06
C12 A86 JH . -13.40 -97.70 -7.74
C13 A86 JH . -14.59 -96.09 -9.31
C14 A86 JH . -15.76 -96.12 -10.27
C15 A86 JH . -15.43 -96.16 -11.76
C16 A86 JH . -14.99 -97.49 -12.41
C17 A86 JH . -15.26 -97.43 -13.93
C18 A86 JH . -14.81 -96.18 -14.67
C19 A86 JH . -14.27 -95.10 -13.74
C2 A86 JH . -21.23 -98.53 -0.84
C20 A86 JH . -15.09 -94.92 -12.48
C21 A86 JH . -14.98 -93.57 -11.81
C22 A86 JH . -13.51 -97.79 -12.15
C23 A86 JH . -15.79 -98.69 -11.84
C24 A86 JH . -22.84 -98.82 0.93
C25 A86 JH . -24.04 -99.01 1.50
C26 A86 JH . -24.22 -99.17 2.91
C27 A86 JH . -25.33 -99.50 3.59
C28 A86 JH . -26.65 -99.81 2.91
C29 A86 JH . -25.27 -99.53 5.03
C3 A86 JH . -20.68 -98.26 -2.15
C30 A86 JH . -26.31 -99.63 5.82
C31 A86 JH . -27.37 -99.79 6.55
C32 A86 JH . -28.28 -98.65 6.88
C33 A86 JH . -29.76 -99.11 6.78
C34 A86 JH . -30.12 -100.48 7.30
C35 A86 JH . -28.93 -101.12 7.98
C36 A86 JH . -27.70 -101.18 7.07
C37 A86 JH . -26.52 -101.81 7.81
C38 A86 JH . -32.46 -100.13 8.14
C39 A86 JH . -32.82 -100.09 6.69
C4 A86 JH . -19.35 -98.20 -2.38
C40 A86 JH . -27.91 -98.05 8.25
C41 A86 JH . -28.17 -97.55 5.82
C5 A86 JH . -18.79 -97.92 -3.67
C6 A86 JH . -17.49 -97.75 -4.00
C7 A86 JH . -16.36 -97.88 -3.01
C8 A86 JH . -17.15 -97.37 -5.37
C9 A86 JH . -15.95 -97.31 -5.95
O1 A86 JH . -16.43 -95.48 -12.57
O2 A86 JH . -13.78 -96.53 -15.60
O3 A86 JH . -28.06 -102.01 5.96
O4 A86 JH . -31.13 -100.34 8.37
O5 A86 JH . -33.24 -99.99 9.03
C DD6 KH . -5.72 -95.02 -9.89
C1 DD6 KH . -5.06 -94.18 -8.83
C10 DD6 KH . 2.54 -91.53 -14.44
C11 DD6 KH . 3.48 -90.73 -15.00
C12 DD6 KH . 3.97 -89.46 -14.35
C13 DD6 KH . 4.07 -91.11 -16.27
C14 DD6 KH . 4.90 -90.44 -17.06
C15 DD6 KH . 5.49 -90.90 -18.36
C16 DD6 KH . 6.94 -91.31 -18.36
C17 DD6 KH . 7.61 -90.89 -19.69
C18 DD6 KH . 6.78 -91.20 -20.93
C19 DD6 KH . 5.52 -90.34 -20.93
C2 DD6 KH . -3.89 -93.53 -9.01
C20 DD6 KH . 4.78 -90.42 -19.61
C21 DD6 KH . 3.51 -89.60 -19.57
C22 DD6 KH . 7.73 -90.65 -17.21
C23 DD6 KH . 7.09 -92.82 -18.19
C24 DD6 KH . -5.72 -94.08 -7.53
C25 DD6 KH . -6.75 -94.81 -7.06
C26 DD6 KH . -7.30 -94.59 -5.75
C27 DD6 KH . -8.35 -95.22 -5.17
C28 DD6 KH . -9.18 -96.31 -5.81
C29 DD6 KH . -8.69 -94.85 -3.84
C3 DD6 KH . -3.05 -93.52 -10.18
C30 DD6 KH . -9.02 -94.62 -2.70
C31 DD6 KH . -9.47 -94.43 -1.36
C32 DD6 KH . -9.02 -95.46 -0.33
C33 DD6 KH . -9.67 -95.13 1.03
C34 DD6 KH . -9.71 -93.64 1.32
C35 DD6 KH . -10.61 -92.98 0.30
C36 DD6 KH . -10.24 -93.36 -1.12
C37 DD6 KH . -10.81 -92.46 -2.18
C4 DD6 KH . -1.92 -92.79 -10.25
C40 DD6 KH . -9.46 -96.87 -0.73
C41 DD6 KH . -7.50 -95.45 -0.16
C5 DD6 KH . -1.05 -92.73 -11.39
C6 DD6 KH . 0.01 -91.91 -11.59
C7 DD6 KH . 0.44 -90.87 -10.60
C8 DD6 KH . 0.76 -92.04 -12.84
C9 DD6 KH . 1.88 -91.37 -13.18
O1 DD6 KH . 4.64 -91.78 -19.11
O2 DD6 KH . 7.55 -90.90 -22.10
O4 DD6 KH . -10.24 -93.43 2.63
C A86 LH . 5.82 -98.56 -11.55
O A86 LH . 3.46 -94.25 0.75
C1 A86 LH . 4.34 -98.81 -11.57
C10 A86 LH . 3.22 -95.62 -2.40
C11 A86 LH . 2.70 -95.38 -1.18
C12 A86 LH . 1.24 -95.28 -0.88
C13 A86 LH . 3.63 -95.19 -0.02
C14 A86 LH . 4.77 -96.17 0.19
C15 A86 LH . 5.64 -95.89 1.42
C16 A86 LH . 5.28 -96.58 2.77
C17 A86 LH . 5.52 -95.59 3.92
C18 A86 LH . 6.89 -94.93 3.93
C19 A86 LH . 7.07 -94.09 2.67
C2 A86 LH . 3.52 -98.53 -10.51
C20 A86 LH . 6.61 -94.77 1.40
C21 A86 LH . 6.73 -93.85 0.20
C22 A86 LH . 3.81 -97.02 2.80
C23 A86 LH . 6.13 -97.84 2.99
C24 A86 LH . 3.76 -99.43 -12.76
C25 A86 LH . 4.40 -99.99 -13.80
C26 A86 LH . 3.72 -100.57 -14.92
C27 A86 LH . 4.27 -101.18 -15.99
C28 A86 LH . 5.75 -101.35 -16.18
C29 A86 LH . 3.38 -101.70 -16.99
C3 A86 LH . 3.89 -97.99 -9.23
C30 A86 LH . 3.67 -101.77 -18.26
C31 A86 LH . 3.91 -101.86 -19.54
C32 A86 LH . 3.75 -103.15 -20.26
C33 A86 LH . 3.55 -102.91 -21.76
C34 A86 LH . 4.60 -102.07 -22.46
C35 A86 LH . 5.27 -101.13 -21.48
C36 A86 LH . 4.33 -100.66 -20.37
C37 A86 LH . 5.02 -99.59 -19.52
C38 A86 LH . 5.65 -103.65 -24.12
C39 A86 LH . 4.41 -103.41 -24.92
C4 A86 LH . 2.99 -97.66 -8.29
C40 A86 LH . 4.97 -104.06 -19.98
C41 A86 LH . 2.49 -103.88 -19.78
C5 A86 LH . 3.36 -97.13 -7.00
C6 A86 LH . 2.54 -96.69 -6.01
C7 A86 LH . 1.04 -96.67 -6.13
C8 A86 LH . 3.13 -96.27 -4.76
C9 A86 LH . 2.52 -96.03 -3.59
O1 A86 LH . 7.06 -96.14 1.17
O2 A86 LH . 7.01 -94.09 5.07
O3 A86 LH . 3.18 -100.09 -21.01
O4 A86 LH . 5.68 -102.96 -22.93
O5 A86 LH . 6.54 -104.38 -24.45
C DD6 MH . 8.29 -86.45 -5.72
C1 DD6 MH . 7.80 -85.51 -4.64
C10 DD6 MH . 1.62 -82.26 -11.26
C11 DD6 MH . 0.52 -81.92 -11.98
C12 DD6 MH . -0.78 -81.48 -11.35
C13 DD6 MH . 0.62 -81.93 -13.43
C14 DD6 MH . -0.12 -81.36 -14.36
C15 DD6 MH . 0.13 -81.44 -15.85
C16 DD6 MH . 1.26 -80.69 -16.49
C17 DD6 MH . 0.67 -79.67 -17.48
C18 DD6 MH . -0.07 -80.27 -18.67
C19 DD6 MH . -0.90 -81.48 -18.27
C2 DD6 MH . 6.83 -84.58 -4.86
C20 DD6 MH . -1.04 -81.69 -16.78
C21 DD6 MH . -2.47 -81.83 -16.28
C22 DD6 MH . 2.10 -79.91 -15.47
C23 DD6 MH . 2.21 -81.64 -17.23
C24 DD6 MH . 8.46 -85.56 -3.34
C25 DD6 MH . 9.55 -86.28 -3.01
C26 DD6 MH . 10.17 -86.29 -1.71
C27 DD6 MH . 11.20 -87.07 -1.32
C28 DD6 MH . 11.85 -88.12 -2.19
C29 DD6 MH . 11.76 -86.93 -0.01
C3 DD6 MH . 6.15 -84.30 -6.10
C30 DD6 MH . 12.37 -86.96 1.02
C31 DD6 MH . 13.16 -87.10 2.20
C32 DD6 MH . 13.07 -88.43 2.94
C33 DD6 MH . 13.95 -88.38 4.19
C34 DD6 MH . 15.26 -87.64 4.00
C35 DD6 MH . 14.92 -86.19 3.70
C36 DD6 MH . 13.94 -86.06 2.55
C37 DD6 MH . 13.94 -84.72 1.88
C4 DD6 MH . 5.05 -83.53 -6.25
C40 DD6 MH . 11.62 -88.72 3.36
C41 DD6 MH . 13.56 -89.58 2.04
C5 DD6 MH . 4.48 -83.32 -7.55
C6 DD6 MH . 3.34 -82.64 -7.88
C7 DD6 MH . 2.44 -81.97 -6.87
C8 DD6 MH . 2.97 -82.59 -9.28
C9 DD6 MH . 1.79 -82.24 -9.83
O1 DD6 MH . -0.13 -82.74 -16.36
O2 DD6 MH . -0.93 -79.27 -19.23
O4 DD6 MH . 16.04 -87.72 5.19
MG CLA NH . -98.61 -69.24 -6.03
CHA CLA NH . -95.72 -69.31 -7.89
CHB CLA NH . -100.32 -70.12 -8.72
CHC CLA NH . -101.47 -68.76 -4.21
CHD CLA NH . -96.82 -67.62 -3.41
NA CLA NH . -98.08 -69.73 -7.82
C1A CLA NH . -96.84 -69.85 -8.43
C2A CLA NH . -96.87 -70.63 -9.71
C3A CLA NH . -98.32 -70.51 -10.11
C4A CLA NH . -98.97 -70.09 -8.81
CMA CLA NH . -98.58 -69.51 -11.25
CAA CLA NH . -96.43 -72.06 -9.34
CBA CLA NH . -96.54 -73.11 -10.43
CGA CLA NH . -97.69 -74.06 -10.21
O1A CLA NH . -97.87 -74.69 -9.20
O2A CLA NH . -98.49 -74.12 -11.28
NB CLA NH . -100.51 -69.38 -6.39
C1B CLA NH . -101.11 -69.78 -7.64
C2B CLA NH . -102.52 -69.79 -7.53
C3B CLA NH . -102.82 -69.39 -6.22
C4B CLA NH . -101.62 -69.15 -5.54
CMB CLA NH . -103.49 -70.17 -8.61
CAB CLA NH . -104.17 -69.25 -5.64
CBB CLA NH . -104.69 -69.95 -4.66
NC CLA NH . -99.02 -68.46 -4.25
C1C CLA NH . -100.27 -68.43 -3.64
C2C CLA NH . -100.19 -67.92 -2.27
C3C CLA NH . -98.87 -67.59 -2.03
C4C CLA NH . -98.14 -67.89 -3.24
CMC CLA NH . -101.32 -67.78 -1.29
CAC CLA NH . -98.29 -67.06 -0.75
CBC CLA NH . -97.93 -68.17 0.21
ND CLA NH . -96.82 -68.56 -5.70
C1D CLA NH . -96.15 -67.87 -4.60
C2D CLA NH . -94.80 -67.64 -4.91
C3D CLA NH . -94.57 -68.18 -6.21
C4D CLA NH . -95.79 -68.71 -6.61
CMD CLA NH . -93.78 -66.96 -4.05
CAD CLA NH . -93.63 -68.36 -7.30
OBD CLA NH . -92.50 -67.94 -7.41
CBD CLA NH . -94.26 -69.22 -8.35
CGD CLA NH . -94.04 -68.65 -9.75
O1D CLA NH . -94.09 -67.49 -10.02
O2D CLA NH . -93.74 -69.61 -10.61
CED CLA NH . -93.40 -69.17 -11.96
NB KC2 OH . -88.50 -70.35 -1.39
ND KC2 OH . -91.44 -71.04 -3.89
C1A KC2 OH . -88.70 -70.86 -5.58
C1B KC2 OH . -87.10 -70.29 -1.62
C1C KC2 OH . -91.09 -70.23 0.10
C1D KC2 OH . -92.80 -71.18 -3.76
C2A KC2 OH . -87.46 -70.71 -6.26
C2B KC2 OH . -86.39 -70.10 -0.32
C2C KC2 OH . -92.32 -70.17 0.81
C2D KC2 OH . -93.35 -71.54 -5.01
C3A KC2 OH . -86.50 -70.48 -5.31
C3B KC2 OH . -87.35 -70.01 0.65
C3C KC2 OH . -93.31 -70.41 -0.10
C3D KC2 OH . -92.26 -71.61 -5.94
C4A KC2 OH . -87.15 -70.46 -4.04
C4B KC2 OH . -88.65 -70.16 0.03
C4C KC2 OH . -92.73 -70.64 -1.39
C4D KC2 OH . -91.09 -71.26 -5.19
CAA KC2 OH . -87.27 -70.76 -7.70
CAB KC2 OH . -87.14 -69.81 2.09
CAC KC2 OH . -94.75 -70.47 0.21
CAD KC2 OH . -91.90 -71.93 -7.31
CBA KC2 OH . -86.36 -71.47 -8.36
CBB KC2 OH . -86.34 -70.46 2.88
CBC KC2 OH . -95.56 -71.50 0.10
CBD KC2 OH . -90.43 -71.63 -7.45
CED KC2 OH . -88.61 -73.82 -9.82
CGA KC2 OH . -86.18 -71.51 -9.83
CGD KC2 OH . -89.74 -72.89 -7.98
CHA KC2 OH . -89.96 -71.22 -6.05
CHB KC2 OH . -86.46 -70.33 -2.82
CHC KC2 OH . -89.83 -70.09 0.72
CHD KC2 OH . -93.42 -70.97 -2.53
CMA KC2 OH . -85.03 -70.26 -5.55
CMB KC2 OH . -84.90 -70.08 -0.10
CMC KC2 OH . -92.48 -69.87 2.27
CMD KC2 OH . -94.79 -71.80 -5.32
NA KC2 OH . -88.50 -70.67 -4.23
NC KC2 OH . -91.31 -70.50 -1.23
O1A KC2 OH . -87.03 -71.05 -10.59
O1D KC2 OH . -89.62 -73.92 -7.37
O2A KC2 OH . -85.09 -72.08 -10.26
O2D KC2 OH . -89.28 -72.69 -9.21
OBD KC2 OH . -92.63 -72.39 -8.20
MG KC2 OH . -89.97 -70.70 -2.79
NB KC2 PH . -83.20 -64.48 -8.41
ND KC2 PH . -80.74 -61.49 -9.00
C1A KC2 PH . -81.62 -62.67 -11.87
C1B KC2 PH . -83.89 -65.31 -9.33
C1C KC2 PH . -82.18 -63.55 -5.76
C1D KC2 PH . -79.99 -60.69 -8.19
C2A KC2 PH . -81.98 -63.30 -13.09
C2B KC2 PH . -84.77 -66.26 -8.60
C2C KC2 PH . -81.64 -63.12 -4.50
C2D KC2 PH . -79.28 -59.76 -8.97
C3A KC2 PH . -82.80 -64.36 -12.78
C3B KC2 PH . -84.61 -66.01 -7.28
C3C KC2 PH . -80.78 -62.09 -4.75
C3D KC2 PH . -79.62 -60.04 -10.34
C4A KC2 PH . -82.94 -64.38 -11.36
C4B KC2 PH . -83.63 -64.95 -7.12
C4C KC2 PH . -80.75 -61.85 -6.18
C4D KC2 PH . -80.54 -61.13 -10.30
CAA KC2 PH . -81.49 -62.93 -14.41
CAB KC2 PH . -85.34 -66.64 -6.17
CAC KC2 PH . -80.04 -61.38 -3.71
CAD KC2 PH . -79.36 -59.62 -11.71
CBA KC2 PH . -82.22 -62.73 -15.50
CBB KC2 PH . -86.63 -66.78 -6.04
CBC KC2 PH . -78.80 -61.04 -3.70
CBD KC2 PH . -80.22 -60.51 -12.58
CED KC2 PH . -83.45 -58.85 -13.32
CGA KC2 PH . -81.70 -62.35 -16.83
CGD KC2 PH . -81.22 -59.63 -13.32
CHA KC2 PH . -80.87 -61.53 -11.62
CHB KC2 PH . -83.78 -65.29 -10.70
CHC KC2 PH . -83.14 -64.57 -5.90
CHD KC2 PH . -80.01 -60.86 -6.80
CMA KC2 PH . -83.43 -65.33 -13.74
CMB KC2 PH . -85.65 -67.31 -9.22
CMC KC2 PH . -81.89 -63.77 -3.18
CMD KC2 PH . -78.32 -58.71 -8.50
NA KC2 PH . -82.20 -63.35 -10.82
NC KC2 PH . -81.65 -62.79 -6.78
O1A KC2 PH . -80.51 -62.49 -17.10
O1D KC2 PH . -80.95 -58.92 -14.25
O2A KC2 PH . -82.57 -61.86 -17.67
O2D KC2 PH . -82.44 -59.74 -12.80
OBD KC2 PH . -78.62 -58.74 -12.12
MG KC2 PH . -81.93 -62.91 -8.82
MG CLA QH . -71.48 -63.50 -3.53
CHA CLA QH . -73.78 -65.50 -5.09
CHB CLA QH . -73.67 -61.00 -3.53
CHC CLA QH . -69.01 -61.46 -2.30
CHD CLA QH . -68.94 -65.81 -4.45
NA CLA QH . -73.31 -63.33 -4.15
C1A CLA QH . -74.19 -64.25 -4.74
C2A CLA QH . -75.58 -63.74 -4.95
C3A CLA QH . -75.44 -62.27 -4.64
C4A CLA QH . -74.04 -62.18 -4.08
CMA CLA QH . -75.63 -61.36 -5.86
CAA CLA QH . -76.59 -64.44 -4.01
CBA CLA QH . -76.21 -64.50 -2.52
CGA CLA QH . -77.31 -65.02 -1.65
O1A CLA QH . -77.29 -65.02 -0.45
O2A CLA QH . -78.33 -65.49 -2.37
NB CLA QH . -71.36 -61.63 -2.98
C1B CLA QH . -72.45 -60.69 -2.96
C2B CLA QH . -72.04 -59.48 -2.36
C3B CLA QH . -70.70 -59.63 -2.01
C4B CLA QH . -70.29 -60.92 -2.39
CMB CLA QH . -72.90 -58.28 -2.10
CAB CLA QH . -69.84 -58.64 -1.35
CBB CLA QH . -69.25 -58.76 -0.18
NC CLA QH . -69.50 -63.62 -3.39
C1C CLA QH . -68.66 -62.68 -2.79
C2C CLA QH . -67.26 -63.11 -2.84
C3C CLA QH . -67.22 -64.32 -3.49
C4C CLA QH . -68.59 -64.65 -3.83
CMC CLA QH . -66.07 -62.39 -2.25
CAC CLA QH . -66.01 -65.14 -3.84
CBC CLA QH . -65.72 -66.22 -2.83
ND CLA QH . -71.32 -65.19 -4.49
C1D CLA QH . -70.24 -66.12 -4.79
C2D CLA QH . -70.75 -67.27 -5.42
C3D CLA QH . -72.15 -67.10 -5.52
C4D CLA QH . -72.43 -65.85 -4.97
CMD CLA QH . -69.96 -68.46 -5.87
CAD CLA QH . -73.41 -67.70 -5.91
OBD CLA QH . -73.64 -68.82 -6.34
CBD CLA QH . -74.52 -66.69 -5.71
CGD CLA QH . -75.15 -66.39 -7.07
O1D CLA QH . -74.76 -65.57 -7.84
O2D CLA QH . -76.17 -67.21 -7.30
CED CLA QH . -76.65 -67.28 -8.66
NB KC2 RH . -65.27 -60.58 -11.09
ND KC2 RH . -66.89 -57.11 -10.32
C1A KC2 RH . -65.19 -56.83 -13.05
C1B KC2 RH . -64.38 -60.98 -12.13
C1C KC2 RH . -66.87 -60.83 -8.59
C1D KC2 RH . -67.66 -56.61 -9.29
C2A KC2 RH . -64.40 -56.82 -14.25
C2B KC2 RH . -64.01 -62.39 -11.97
C2C KC2 RH . -67.63 -60.93 -7.39
C2D KC2 RH . -67.88 -55.25 -9.48
C3A KC2 RH . -63.84 -58.05 -14.39
C3B KC2 RH . -64.64 -62.86 -10.85
C3C KC2 RH . -68.14 -59.68 -7.15
C3D KC2 RH . -67.19 -54.88 -10.69
C4A KC2 RH . -64.29 -58.85 -13.31
C4B KC2 RH . -65.42 -61.78 -10.28
C4C KC2 RH . -67.75 -58.79 -8.19
C4D KC2 RH . -66.59 -56.09 -11.18
CAA KC2 RH . -64.29 -55.72 -15.19
CAB KC2 RH . -64.59 -64.22 -10.30
CAC KC2 RH . -68.97 -59.33 -5.99
CAD KC2 RH . -66.87 -53.76 -11.55
CBA KC2 RH . -63.69 -54.55 -15.00
CBB KC2 RH . -63.55 -64.87 -9.86
CBC KC2 RH . -68.59 -58.65 -4.95
CBD KC2 RH . -66.06 -54.33 -12.69
CED KC2 RH . -67.65 -54.94 -15.98
CGA KC2 RH . -63.60 -53.46 -16.00
CGD KC2 RH . -66.78 -54.01 -13.99
CHA KC2 RH . -65.89 -55.82 -12.39
CHB KC2 RH . -63.92 -60.20 -13.16
CHC KC2 RH . -66.15 -61.90 -9.13
CHD KC2 RH . -68.08 -57.45 -8.26
CMA KC2 RH . -62.89 -58.50 -15.47
CMB KC2 RH . -63.07 -63.15 -12.87
CMC KC2 RH . -67.79 -62.17 -6.57
CMD KC2 RH . -68.69 -54.32 -8.62
NA KC2 RH . -65.13 -58.10 -12.50
NC KC2 RH . -66.94 -59.54 -9.11
O1A KC2 RH . -62.99 -53.62 -17.05
O1D KC2 RH . -66.99 -52.89 -14.41
O2A KC2 RH . -64.20 -52.35 -15.70
O2D KC2 RH . -67.14 -55.12 -14.63
OBD KC2 RH . -67.18 -52.58 -11.42
MG KC2 RH . -66.15 -58.74 -10.83
NB KC2 SH . -80.63 -41.57 -7.66
ND KC2 SH . -76.98 -42.02 -8.97
C1A KC2 SH . -78.87 -41.40 -11.48
C1B KC2 SH . -81.85 -41.33 -8.37
C1C KC2 SH . -78.85 -42.13 -5.33
C1D KC2 SH . -75.78 -42.34 -8.37
C2A KC2 SH . -79.78 -41.14 -12.55
C2B KC2 SH . -82.98 -41.26 -7.42
C2C KC2 SH . -77.99 -42.41 -4.23
C2D KC2 SH . -74.78 -42.42 -9.36
C3A KC2 SH . -81.03 -41.02 -12.01
C3B KC2 SH . -82.48 -41.46 -6.17
C3C KC2 SH . -76.73 -42.61 -4.74
C3D KC2 SH . -75.41 -42.13 -10.61
C4A KC2 SH . -80.90 -41.20 -10.60
C4B KC2 SH . -81.04 -41.66 -6.28
C4C KC2 SH . -76.78 -42.43 -6.16
C4D KC2 SH . -76.79 -41.88 -10.31
CAA KC2 SH . -79.40 -41.03 -13.95
CAB KC2 SH . -83.22 -41.44 -4.91
CAC KC2 SH . -75.54 -42.92 -3.94
CAD KC2 SH . -75.17 -42.00 -12.03
CBA KC2 SH . -79.64 -40.00 -14.76
CBB KC2 SH . -83.23 -40.50 -4.00
CBC KC2 SH . -74.75 -43.95 -4.04
CBD KC2 SH . -76.48 -41.61 -12.65
CED KC2 SH . -75.03 -38.99 -14.85
CGA KC2 SH . -79.23 -39.94 -16.18
CGD KC2 SH . -76.31 -40.23 -13.30
CHA KC2 SH . -77.50 -41.60 -11.49
CHB KC2 SH . -81.98 -41.15 -9.72
CHC KC2 SH . -80.23 -41.92 -5.21
CHD KC2 SH . -75.69 -42.53 -6.99
CMA KC2 SH . -82.31 -40.74 -12.74
CMB KC2 SH . -84.42 -41.04 -7.79
CMC KC2 SH . -78.39 -42.43 -2.79
CMD KC2 SH . -73.32 -42.73 -9.16
NA KC2 SH . -79.57 -41.42 -10.30
NC KC2 SH . -78.13 -42.13 -6.51
O1A KC2 SH . -79.18 -38.86 -16.77
O1D KC2 SH . -77.00 -39.27 -13.08
O2A KC2 SH . -78.95 -41.06 -16.75
O2D KC2 SH . -75.29 -40.24 -14.16
OBD KC2 SH . -74.12 -42.18 -12.66
MG KC2 SH . -78.73 -41.71 -8.44
MG CLA TH . -79.43 -48.39 -0.13
CHA CLA TH . -82.05 -48.13 -2.31
CHB CLA TH . -77.77 -46.15 -1.93
CHC CLA TH . -76.78 -48.81 1.97
CHD CLA TH . -80.67 -51.53 0.96
NA CLA TH . -79.88 -47.35 -1.70
C1A CLA TH . -81.05 -47.23 -2.44
C2A CLA TH . -81.03 -46.06 -3.38
C3A CLA TH . -79.54 -45.97 -3.63
C4A CLA TH . -79.00 -46.52 -2.34
CMA CLA TH . -79.07 -46.75 -4.86
CAA CLA TH . -81.65 -44.81 -2.73
CBA CLA TH . -81.31 -44.50 -1.27
CGA CLA TH . -81.96 -43.23 -0.78
O1A CLA TH . -82.03 -42.21 -1.41
O2A CLA TH . -82.46 -43.39 0.44
NB CLA TH . -77.67 -47.59 0.05
C1B CLA TH . -77.12 -46.54 -0.77
C2B CLA TH . -75.92 -46.06 -0.21
C3B CLA TH . -75.68 -46.79 0.94
C4B CLA TH . -76.70 -47.75 1.08
CMB CLA TH . -75.06 -44.97 -0.78
CAB CLA TH . -74.62 -46.54 1.92
CBB CLA TH . -74.64 -46.61 3.22
NC CLA TH . -78.88 -49.79 1.15
C1C CLA TH . -77.77 -49.76 1.98
C2C CLA TH . -77.70 -50.94 2.84
C3C CLA TH . -78.79 -51.72 2.55
C4C CLA TH . -79.53 -51.04 1.51
CMC CLA TH . -76.63 -51.26 3.84
CAC CLA TH . -79.18 -53.02 3.21
CBC CLA TH . -78.70 -54.23 2.43
ND CLA TH . -80.92 -49.57 -0.51
C1D CLA TH . -81.39 -50.85 -0.01
C2D CLA TH . -82.59 -51.20 -0.64
C3D CLA TH . -82.92 -50.15 -1.55
C4D CLA TH . -81.89 -49.21 -1.42
CMD CLA TH . -83.38 -52.45 -0.42
CAD CLA TH . -83.82 -49.67 -2.57
OBD CLA TH . -84.77 -50.24 -3.08
CBD CLA TH . -83.41 -48.29 -2.99
CGD CLA TH . -83.38 -48.23 -4.51
O1D CLA TH . -82.41 -48.42 -5.18
O2D CLA TH . -84.57 -47.90 -5.01
CED CLA TH . -84.63 -47.73 -6.44
C1 CLA TH . -83.25 -42.29 0.97
C2 CLA TH . -83.88 -42.80 2.22
C3 CLA TH . -85.09 -42.47 2.65
C4 CLA TH . -86.01 -41.50 1.95
C5 CLA TH . -85.65 -43.07 3.92
C6 CLA TH . -86.30 -44.43 3.70
C7 CLA TH . -87.76 -44.33 3.26
C8 CLA TH . -88.84 -44.60 4.32
C9 CLA TH . -88.62 -43.76 5.57
C10 CLA TH . -88.93 -46.10 4.64
C11 CLA TH . -90.05 -46.55 5.58
C12 CLA TH . -91.44 -46.23 5.05
MG CLA UH . -88.04 -49.31 2.39
CHA CLA UH . -87.23 -46.91 0.10
CHB CLA UH . -91.25 -48.65 1.93
CHC CLA UH . -88.73 -51.52 4.91
CHD CLA UH . -84.65 -49.32 3.48
NA CLA UH . -88.99 -48.11 1.21
C1A CLA UH . -88.53 -47.23 0.23
C2A CLA UH . -89.63 -46.69 -0.65
C3A CLA UH . -90.86 -46.99 0.16
C4A CLA UH . -90.35 -47.98 1.17
CMA CLA UH . -91.47 -45.75 0.83
CAA CLA UH . -89.58 -47.46 -1.98
CBA CLA UH . -90.26 -46.77 -3.16
CGA CLA UH . -89.64 -45.46 -3.54
O1A CLA UH . -90.24 -44.44 -3.71
O2A CLA UH . -88.32 -45.58 -3.66
NB CLA UH . -89.66 -49.96 3.25
C1B CLA UH . -91.02 -49.59 2.90
C2B CLA UH . -91.93 -50.30 3.70
C3B CLA UH . -91.18 -51.12 4.56
C4B CLA UH . -89.82 -50.91 4.28
CMB CLA UH . -93.42 -50.21 3.64
CAB CLA UH . -91.70 -52.03 5.59
CBB CLA UH . -92.54 -51.75 6.54
NC CLA UH . -86.97 -50.22 3.80
C1C CLA UH . -87.44 -51.16 4.70
C2C CLA UH . -86.34 -51.70 5.53
C3C CLA UH . -85.20 -51.04 5.15
C4C CLA UH . -85.55 -50.13 4.09
CMC CLA UH . -86.42 -52.79 6.56
CAC CLA UH . -83.83 -51.21 5.74
CBC CLA UH . -82.93 -52.08 4.89
ND CLA UH . -86.37 -48.39 1.99
C1D CLA UH . -84.99 -48.44 2.48
C2D CLA UH . -84.19 -47.55 1.75
C3D CLA UH . -85.02 -46.93 0.79
C4D CLA UH . -86.28 -47.46 0.97
CMD CLA UH . -82.73 -47.30 1.97
CAD CLA UH . -85.10 -45.96 -0.29
OBD CLA UH . -84.23 -45.21 -0.72
CBD CLA UH . -86.48 -45.97 -0.86
CGD CLA UH . -86.99 -44.54 -0.93
O1D CLA UH . -87.68 -44.02 -0.10
O2D CLA UH . -86.59 -43.95 -2.05
CED CLA UH . -87.06 -42.59 -2.26
MG CLA VH . -95.64 -53.58 -5.28
CHA CLA VH . -96.91 -53.68 -8.45
CHB CLA VH . -93.55 -51.18 -6.26
CHC CLA VH . -94.24 -53.72 -2.17
CHD CLA VH . -97.13 -56.73 -4.63
NA CLA VH . -95.43 -52.57 -6.94
C1A CLA VH . -96.13 -52.61 -8.13
C2A CLA VH . -95.90 -51.42 -9.00
C3A CLA VH . -94.52 -51.00 -8.52
C4A CLA VH . -94.48 -51.60 -7.14
CMA CLA VH . -93.38 -51.51 -9.41
CAA CLA VH . -97.02 -50.39 -8.79
CBA CLA VH . -97.20 -49.76 -7.40
CGA CLA VH . -96.38 -48.53 -7.18
O1A CLA VH . -96.43 -47.54 -7.87
O2A CLA VH . -95.57 -48.66 -6.13
NB CLA VH . -94.19 -52.65 -4.39
C1B CLA VH . -93.37 -51.60 -4.94
C2B CLA VH . -92.47 -51.11 -3.98
C3B CLA VH . -92.71 -51.83 -2.80
C4B CLA VH . -93.73 -52.76 -3.05
CMB CLA VH . -91.45 -50.04 -4.16
CAB CLA VH . -92.08 -51.62 -1.49
CBB CLA VH . -91.11 -52.27 -0.95
NC CLA VH . -95.70 -54.86 -3.78
C1C CLA VH . -95.11 -54.70 -2.52
C2C CLA VH . -95.48 -55.80 -1.60
C3C CLA VH . -96.31 -56.64 -2.31
C4C CLA VH . -96.43 -56.10 -3.65
CMC CLA VH . -95.05 -55.99 -0.18
CAC CLA VH . -97.03 -57.85 -1.81
CBC CLA VH . -98.51 -57.60 -1.60
ND CLA VH . -96.70 -54.90 -6.22
C1D CLA VH . -97.26 -56.21 -5.91
C2D CLA VH . -97.94 -56.73 -7.02
C3D CLA VH . -97.86 -55.76 -8.05
C4D CLA VH . -97.12 -54.71 -7.52
CMD CLA VH . -98.63 -58.05 -7.09
CAD CLA VH . -98.20 -55.42 -9.42
OBD CLA VH . -98.78 -56.09 -10.25
CBD CLA VH . -97.70 -54.03 -9.72
CGD CLA VH . -96.88 -54.06 -11.01
O1D CLA VH . -95.69 -54.12 -11.07
O2D CLA VH . -97.69 -54.01 -12.06
CED CLA VH . -97.04 -53.97 -13.36
MG CLA WH . -101.38 -59.01 11.60
CHA CLA WH . -102.63 -56.99 14.07
CHB CLA WH . -103.39 -61.45 12.69
CHC CLA WH . -99.95 -61.05 9.28
CHD CLA WH . -98.64 -56.78 11.22
NA CLA WH . -102.75 -59.10 12.96
C1A CLA WH . -103.28 -58.14 13.80
C2A CLA WH . -104.60 -58.55 14.39
C3A CLA WH . -104.38 -60.04 14.47
C4A CLA WH . -103.45 -60.24 13.29
CMA CLA WH . -103.78 -60.54 15.77
NB CLA WH . -101.63 -60.87 11.07
C1B CLA WH . -102.60 -61.80 11.59
C2B CLA WH . -102.54 -63.02 10.88
C3B CLA WH . -101.53 -62.89 9.93
C4B CLA WH . -100.98 -61.59 10.04
CMB CLA WH . -103.44 -64.21 11.07
CAB CLA WH . -101.11 -63.90 8.95
CBB CLA WH . -101.62 -64.16 7.78
NC CLA WH . -99.74 -58.93 10.52
C1C CLA WH . -99.36 -59.85 9.55
C2C CLA WH . -98.14 -59.42 8.86
C3C CLA WH . -97.73 -58.24 9.42
C4C CLA WH . -98.70 -57.91 10.45
CMC CLA WH . -97.50 -60.14 7.71
CAC CLA WH . -96.52 -57.42 9.06
CBC CLA WH . -96.81 -56.42 7.97
ND CLA WH . -100.73 -57.36 12.40
C1D CLA WH . -99.59 -56.48 12.18
C2D CLA WH . -99.68 -55.36 13.04
C3D CLA WH . -100.86 -55.50 13.80
C4D CLA WH . -101.43 -56.70 13.38
CMD CLA WH . -98.70 -54.22 13.13
CAD CLA WH . -101.74 -54.91 14.80
OBD CLA WH . -101.62 -53.85 15.39
CBD CLA WH . -102.91 -55.84 15.04
CGD CLA WH . -102.98 -56.29 16.50
O1D CLA WH . -103.76 -57.10 16.92
O2D CLA WH . -102.07 -55.66 17.24
CED CLA WH . -102.09 -55.95 18.66
MG CLA XH . -89.30 -72.23 11.29
CHA CLA XH . -88.74 -72.24 14.65
CHB CLA XH . -88.46 -75.45 11.23
CHC CLA XH . -89.67 -72.13 7.90
CHD CLA XH . -88.95 -68.70 11.27
NA CLA XH . -88.88 -73.52 12.66
C1A CLA XH . -88.87 -73.43 14.03
C2A CLA XH . -88.92 -74.77 14.70
C3A CLA XH . -88.11 -75.54 13.69
C4A CLA XH . -88.50 -74.82 12.42
CMA CLA XH . -86.61 -75.54 13.95
NB CLA XH . -89.13 -73.53 9.85
C1B CLA XH . -88.78 -74.93 9.98
C2B CLA XH . -88.80 -75.55 8.72
C3B CLA XH . -89.16 -74.58 7.78
C4B CLA XH . -89.36 -73.36 8.45
CMB CLA XH . -88.51 -77.00 8.46
CAB CLA XH . -89.31 -74.75 6.33
CBB CLA XH . -88.39 -75.12 5.47
NC CLA XH . -89.35 -70.78 9.94
C1C CLA XH . -89.61 -70.95 8.59
C2C CLA XH . -89.70 -69.65 7.91
C3C CLA XH . -89.47 -68.68 8.85
C4C CLA XH . -89.24 -69.36 10.11
CMC CLA XH . -89.95 -69.42 6.45
CAC CLA XH . -89.50 -67.19 8.66
CBC CLA XH . -88.12 -66.59 8.53
ND CLA XH . -88.94 -70.81 12.55
C1D CLA XH . -88.80 -69.35 12.49
C2D CLA XH . -88.54 -68.84 13.77
C3D CLA XH . -88.52 -69.93 14.67
C4D CLA XH . -88.76 -71.05 13.90
CMD CLA XH . -88.31 -67.40 14.11
CAD CLA XH . -88.34 -70.36 16.04
OBD CLA XH . -88.08 -69.69 17.03
CBD CLA XH . -88.55 -71.85 16.12
CGD CLA XH . -87.35 -72.52 16.77
O1D CLA XH . -86.71 -73.40 16.27
O2D CLA XH . -87.10 -72.00 17.97
CED CLA XH . -85.96 -72.54 18.68
MG CLA YH . -74.98 -62.97 7.76
CHA CLA YH . -73.09 -63.78 10.48
CHB CLA YH . -75.61 -60.00 9.09
CHC CLA YH . -77.26 -62.45 5.24
CHD CLA YH . -74.77 -66.35 6.68
NA CLA YH . -74.42 -62.11 9.41
C1A CLA YH . -73.58 -62.53 10.43
C2A CLA YH . -73.28 -61.47 11.46
C3A CLA YH . -74.23 -60.36 11.08
C4A CLA YH . -74.82 -60.84 9.78
CMA CLA YH . -75.29 -60.08 12.13
CAA CLA YH . -71.80 -61.04 11.41
CBA CLA YH . -71.23 -60.61 10.05
CGA CLA YH . -70.75 -61.74 9.21
O1A CLA YH . -69.77 -62.39 9.40
O2A CLA YH . -71.58 -61.94 8.18
NB CLA YH . -76.19 -61.52 7.26
C1B CLA YH . -76.27 -60.23 7.89
C2B CLA YH . -77.12 -59.38 7.17
C3B CLA YH . -77.66 -60.12 6.12
C4B CLA YH . -77.09 -61.41 6.16
CMB CLA YH . -77.31 -57.90 7.42
CAB CLA YH . -78.68 -59.71 5.15
CBB CLA YH . -78.76 -58.61 4.47
NC CLA YH . -75.77 -64.08 6.32
C1C CLA YH . -76.64 -63.66 5.32
C2C CLA YH . -76.88 -64.72 4.33
C3C CLA YH . -76.18 -65.83 4.74
C4C CLA YH . -75.51 -65.47 5.96
CMC CLA YH . -77.69 -64.59 3.06
CAC CLA YH . -76.07 -67.16 4.05
CBC CLA YH . -74.74 -67.37 3.37
ND CLA YH . -74.21 -64.65 8.37
C1D CLA YH . -74.14 -66.02 7.87
C2D CLA YH . -73.34 -66.81 8.71
C3D CLA YH . -72.89 -65.97 9.76
C4D CLA YH . -73.43 -64.73 9.50
CMD CLA YH . -73.03 -68.27 8.54
CAD CLA YH . -72.05 -65.86 10.94
OBD CLA YH . -71.33 -66.70 11.46
CBD CLA YH . -72.15 -64.47 11.48
CGD CLA YH . -72.70 -64.49 12.90
O1D CLA YH . -72.17 -63.96 13.84
O2D CLA YH . -73.83 -65.19 12.97
CED CLA YH . -74.43 -65.29 14.29
C1 CLA YH . -71.19 -62.98 7.23
C2 CLA YH . -72.14 -62.92 6.09
C3 CLA YH . -71.93 -63.45 4.89
C4 CLA YH . -70.69 -64.19 4.50
C5 CLA YH . -73.02 -63.39 3.84
C6 CLA YH . -73.27 -61.96 3.33
C7 CLA YH . -74.46 -61.84 2.40
C8 CLA YH . -74.22 -62.07 0.91
C9 CLA YH . -75.31 -61.42 0.06
C10 CLA YH . -74.09 -63.56 0.56
C11 CLA YH . -72.72 -63.99 0.06
C12 CLA YH . -72.65 -65.48 -0.30
C13 CLA YH . -71.33 -65.97 -0.89
C14 CLA YH . -71.44 -67.40 -1.38
C15 CLA YH . -70.19 -65.81 0.11
NB KC2 ZH . -61.57 -57.32 5.96
ND KC2 ZH . -64.51 -57.17 8.53
C1A KC2 ZH . -61.74 -57.12 10.17
C1B KC2 ZH . -60.16 -57.36 6.16
C1C KC2 ZH . -64.16 -57.33 4.46
C1D KC2 ZH . -65.88 -57.19 8.44
C2A KC2 ZH . -60.46 -57.08 10.82
C2B KC2 ZH . -59.47 -57.48 4.86
C2C KC2 ZH . -65.40 -57.32 3.75
C2D KC2 ZH . -66.44 -57.23 9.71
C3A KC2 ZH . -59.50 -57.15 9.84
C3B KC2 ZH . -60.42 -57.52 3.89
C3C KC2 ZH . -66.39 -57.23 4.69
C3D KC2 ZH . -65.35 -57.25 10.65
C4A KC2 ZH . -60.18 -57.22 8.58
C4B KC2 ZH . -61.73 -57.41 4.53
C4C KC2 ZH . -65.80 -57.21 6.00
C4D KC2 ZH . -64.16 -57.20 9.86
CAA KC2 ZH . -60.25 -56.90 12.24
CAB KC2 ZH . -60.22 -57.65 2.44
CAC KC2 ZH . -67.84 -57.15 4.41
CAD KC2 ZH . -65.04 -57.33 12.05
CBA KC2 ZH . -59.75 -57.77 13.10
CBB KC2 ZH . -59.50 -56.89 1.66
CBC KC2 ZH . -68.48 -56.60 3.44
CBD KC2 ZH . -63.54 -57.23 12.15
CED KC2 ZH . -62.59 -53.74 12.93
CGA KC2 ZH . -59.58 -57.49 14.53
CGD KC2 ZH . -63.27 -55.99 12.99
CHA KC2 ZH . -63.02 -57.17 10.70
CHB KC2 ZH . -59.51 -57.30 7.36
CHC KC2 ZH . -62.91 -57.41 3.83
CHD KC2 ZH . -66.49 -57.19 7.19
CMA KC2 ZH . -58.02 -57.16 10.02
CMB KC2 ZH . -57.98 -57.57 4.69
CMC KC2 ZH . -65.54 -57.45 2.26
CMD KC2 ZH . -67.90 -57.24 10.08
NA KC2 ZH . -61.55 -57.19 8.80
NC KC2 ZH . -64.38 -57.26 5.82
O1A KC2 ZH . -58.53 -57.73 15.12
O1D KC2 ZH . -63.37 -55.92 14.19
O2A KC2 ZH . -60.61 -56.97 15.12
O2D KC2 ZH . -62.89 -54.96 12.23
OBD KC2 ZH . -65.82 -57.45 13.01
MG KC2 ZH . -63.05 -57.14 7.38
MG CLA AI . -78.75 -41.41 11.34
CHA CLA AI . -76.57 -39.39 13.07
CHB CLA AI . -80.85 -41.27 13.91
CHC CLA AI . -80.75 -43.60 9.65
CHD CLA AI . -76.09 -42.35 9.18
NA CLA AI . -78.72 -40.46 13.03
C1A CLA AI . -77.82 -39.54 13.56
C2A CLA AI . -78.38 -38.77 14.72
C3A CLA AI . -79.42 -39.76 15.24
C4A CLA AI . -79.71 -40.56 13.99
CMA CLA AI . -78.96 -40.62 16.41
CAA CLA AI . -78.99 -37.49 14.12
CBA CLA AI . -78.68 -36.22 14.92
CGA CLA AI . -77.54 -35.43 14.36
O1A CLA AI . -77.54 -34.87 13.30
O2A CLA AI . -76.50 -35.44 15.20
NB CLA AI . -80.46 -42.26 11.70
C1B CLA AI . -81.29 -42.06 12.86
C2B CLA AI . -82.51 -42.77 12.72
C3B CLA AI . -82.46 -43.44 11.49
C4B CLA AI . -81.23 -43.14 10.87
CMB CLA AI . -83.66 -42.76 13.69
CAB CLA AI . -83.50 -44.30 10.92
CBB CLA AI . -83.39 -45.54 10.54
NC CLA AI . -78.50 -42.63 9.80
C1C CLA AI . -79.49 -43.39 9.19
C2C CLA AI . -78.99 -44.08 8.00
C3C CLA AI . -77.65 -43.77 7.90
C4C CLA AI . -77.33 -42.88 8.99
CMC CLA AI . -79.77 -44.93 7.05
CAC CLA AI . -76.67 -44.27 6.87
CBC CLA AI . -76.41 -43.27 5.78
ND CLA AI . -76.85 -41.04 11.13
C1D CLA AI . -75.80 -41.46 10.20
C2D CLA AI . -74.60 -40.80 10.50
C3D CLA AI . -74.84 -39.94 11.60
C4D CLA AI . -76.19 -40.13 11.93
CMD CLA AI . -73.30 -40.98 9.78
CAD CLA AI . -74.30 -38.95 12.51
OBD CLA AI . -73.18 -38.50 12.55
CBD CLA AI . -75.38 -38.50 13.46
CGD CLA AI . -74.88 -38.64 14.90
O1D CLA AI . -75.38 -39.35 15.73
O2D CLA AI . -73.79 -37.90 15.09
CED CLA AI . -73.16 -38.04 16.38
C A86 BI . -90.25 -66.43 0.52
O A86 BI . -81.23 -70.21 -6.07
C1 A86 BI . -89.25 -66.24 1.60
C10 A86 BI . -81.97 -67.94 -4.62
C11 A86 BI . -80.80 -68.04 -5.25
C12 A86 BI . -79.58 -67.20 -5.00
C13 A86 BI . -80.64 -69.16 -6.23
C14 A86 BI . -79.78 -68.95 -7.45
C15 A86 BI . -80.12 -69.81 -8.65
C16 A86 BI . -81.12 -69.24 -9.67
C17 A86 BI . -81.97 -70.39 -10.26
C18 A86 BI . -81.13 -71.56 -10.73
C19 A86 BI . -80.48 -72.23 -9.54
C2 A86 BI . -87.91 -66.31 1.38
C20 A86 BI . -79.75 -71.24 -8.66
C21 A86 BI . -79.03 -71.93 -7.53
C22 A86 BI . -82.07 -68.22 -9.03
C23 A86 BI . -80.39 -68.53 -10.81
C24 A86 BI . -89.74 -66.01 2.94
C25 A86 BI . -91.01 -66.14 3.38
C26 A86 BI . -91.37 -65.84 4.74
C27 A86 BI . -92.61 -65.81 5.28
C28 A86 BI . -93.87 -66.09 4.51
C29 A86 BI . -92.73 -65.56 6.68
C3 A86 BI . -87.23 -66.63 0.15
C30 A86 BI . -93.84 -65.71 7.36
C31 A86 BI . -94.93 -65.93 8.03
C32 A86 BI . -95.22 -67.25 8.64
C33 A86 BI . -96.12 -67.18 9.91
C34 A86 BI . -97.13 -66.06 9.99
C35 A86 BI . -97.28 -65.40 8.64
C36 A86 BI . -95.95 -64.80 8.16
C37 A86 BI . -96.15 -64.06 6.84
C38 A86 BI . -99.11 -67.46 9.74
C39 A86 BI . -100.41 -67.78 10.40
C4 A86 BI . -85.89 -66.67 0.02
C40 A86 BI . -93.93 -67.87 9.19
C41 A86 BI . -95.82 -68.21 7.61
C5 A86 BI . -85.24 -67.00 -1.21
C6 A86 BI . -83.91 -66.99 -1.49
C7 A86 BI . -82.87 -66.59 -0.49
C8 A86 BI . -83.48 -67.44 -2.80
C9 A86 BI . -82.25 -67.44 -3.32
O1 A86 BI . -78.95 -70.26 -9.39
O2 A86 BI . -81.92 -72.54 -11.41
O3 A86 BI . -95.51 -63.89 9.15
O4 A86 BI . -98.45 -66.52 10.44
O5 A86 BI . -98.68 -67.99 8.76
C A86 CI . -67.20 -60.88 4.95
O A86 CI . -75.83 -57.04 -1.40
C1 A86 CI . -67.93 -60.73 6.25
C10 A86 CI . -75.55 -57.44 1.35
C11 A86 CI . -76.74 -57.54 0.72
C12 A86 CI . -77.96 -58.21 1.27
C13 A86 CI . -76.81 -56.99 -0.67
C14 A86 CI . -78.10 -56.36 -1.15
C15 A86 CI . -78.05 -55.77 -2.56
C16 A86 CI . -78.24 -56.70 -3.79
C17 A86 CI . -78.54 -55.82 -5.02
C18 A86 CI . -77.49 -54.77 -5.38
C19 A86 CI . -76.74 -54.26 -4.15
C2 A86 CI . -69.20 -60.25 6.34
C20 A86 CI . -77.40 -54.46 -2.80
C21 A86 CI . -76.75 -53.68 -1.68
C22 A86 CI . -79.40 -57.67 -3.60
C23 A86 CI . -76.98 -57.54 -4.06
C24 A86 CI . -67.20 -61.04 7.47
C25 A86 CI . -65.87 -61.04 7.65
C26 A86 CI . -65.23 -61.38 8.88
C27 A86 CI . -63.92 -61.24 9.20
C28 A86 CI . -62.91 -60.65 8.25
C29 A86 CI . -63.46 -61.71 10.47
C3 A86 CI . -70.03 -59.79 5.27
C30 A86 CI . -62.31 -62.31 10.66
C31 A86 CI . -61.20 -62.97 10.84
C32 A86 CI . -59.89 -62.39 10.40
C33 A86 CI . -58.65 -63.04 11.10
C34 A86 CI . -58.71 -64.51 11.46
C35 A86 CI . -60.01 -65.12 10.96
C36 A86 CI . -61.22 -64.34 11.47
C37 A86 CI . -62.51 -65.10 11.17
C38 A86 CI . -57.29 -65.32 9.64
C39 A86 CI . -56.08 -66.15 9.38
C4 A86 CI . -71.29 -59.34 5.42
C40 A86 CI . -59.78 -60.92 10.83
C41 A86 CI . -59.75 -62.46 8.87
C5 A86 CI . -72.05 -58.86 4.30
C6 A86 CI . -73.35 -58.49 4.27
C7 A86 CI . -74.26 -58.56 5.46
C8 A86 CI . -73.90 -57.99 3.03
C9 A86 CI . -75.18 -57.98 2.62
O1 A86 CI . -78.86 -54.56 -2.73
O2 A86 CI . -76.53 -55.31 -6.28
O3 A86 CI . -61.07 -64.22 12.89
O4 A86 CI . -57.56 -65.26 10.96
O5 A86 CI . -57.95 -64.78 8.80
C A86 DI . -59.24 -52.98 2.93
O A86 DI . -55.27 -52.02 15.08
C1 A86 DI . -60.51 -53.37 3.62
C10 A86 DI . -56.67 -53.50 12.66
C11 A86 DI . -56.57 -53.66 13.99
C12 A86 DI . -57.64 -54.26 14.87
C13 A86 DI . -55.34 -53.18 14.68
C14 A86 DI . -54.20 -54.16 14.81
C15 A86 DI . -53.58 -54.33 16.22
C16 A86 DI . -52.72 -53.16 16.79
C17 A86 DI . -51.52 -53.75 17.58
C18 A86 DI . -51.90 -54.78 18.61
C19 A86 DI . -52.52 -55.99 17.94
C2 A86 DI . -60.61 -53.53 4.96
C20 A86 DI . -53.55 -55.65 16.88
C21 A86 DI . -54.11 -56.94 16.29
C22 A86 DI . -52.15 -52.25 15.69
C23 A86 DI . -53.53 -52.26 17.74
C24 A86 DI . -61.70 -53.63 2.81
C25 A86 DI . -61.78 -53.71 1.47
C26 A86 DI . -63.01 -54.00 0.80
C27 A86 DI . -63.24 -54.08 -0.54
C28 A86 DI . -62.17 -53.83 -1.56
C29 A86 DI . -64.55 -54.48 -0.96
C3 A86 DI . -59.57 -53.40 5.95
C30 A86 DI . -65.20 -54.01 -1.99
C31 A86 DI . -65.91 -53.56 -2.98
C32 A86 DI . -66.42 -52.16 -3.04
C33 A86 DI . -66.05 -51.47 -4.36
C34 A86 DI . -65.71 -52.44 -5.47
C35 A86 DI . -66.58 -53.67 -5.37
C36 A86 DI . -66.28 -54.50 -4.12
C37 A86 DI . -67.45 -55.41 -3.76
C38 A86 DI . -67.04 -51.37 -7.24
C39 A86 DI . -66.91 -50.78 -8.61
C4 A86 DI . -59.82 -53.51 7.28
C40 A86 DI . -67.94 -52.14 -2.82
C41 A86 DI . -65.77 -51.30 -1.94
C5 A86 DI . -58.83 -53.41 8.31
C6 A86 DI . -59.03 -53.39 9.65
C7 A86 DI . -60.40 -53.42 10.27
C8 A86 DI . -57.87 -53.35 10.53
C9 A86 DI . -57.85 -53.58 11.86
O1 A86 DI . -54.57 -54.66 17.23
O2 A86 DI . -50.74 -55.18 19.34
O3 A86 DI . -65.13 -55.29 -4.44
O4 A86 DI . -65.84 -51.81 -6.80
O5 A86 DI . -68.04 -51.43 -6.61
C A86 EI . -79.82 -44.94 1.67
O A86 EI . -77.34 -32.76 -2.94
C1 A86 EI . -78.59 -44.71 2.51
C10 A86 EI . -77.26 -35.79 -1.23
C11 A86 EI . -76.70 -34.64 -1.65
C12 A86 EI . -75.55 -33.96 -0.97
C13 A86 EI . -77.24 -33.98 -2.88
C14 A86 EI . -77.65 -34.86 -4.03
C15 A86 EI . -77.68 -34.19 -5.41
C16 A86 EI . -76.36 -34.06 -6.21
C17 A86 EI . -76.71 -33.77 -7.68
C18 A86 EI . -77.65 -32.61 -7.98
C19 A86 EI . -78.48 -32.19 -6.76
C2 A86 EI . -77.82 -43.60 2.42
C20 A86 EI . -78.80 -33.30 -5.79
C21 A86 EI . -79.95 -33.00 -4.85
C22 A86 EI . -75.48 -32.93 -5.65
C23 A86 EI . -75.54 -35.35 -6.17
C24 A86 EI . -78.26 -45.70 3.53
C25 A86 EI . -78.96 -46.79 3.88
C26 A86 EI . -78.54 -47.69 4.93
C27 A86 EI . -79.16 -48.78 5.40
C28 A86 EI . -80.49 -49.26 4.87
C29 A86 EI . -78.54 -49.50 6.47
C3 A86 EI . -78.02 -42.45 1.56
C30 A86 EI . -79.18 -50.20 7.39
C31 A86 EI . -79.79 -50.83 8.34
C32 A86 EI . -80.68 -50.08 9.24
C33 A86 EI . -81.42 -51.04 10.14
C34 A86 EI . -81.97 -52.24 9.41
C35 A86 EI . -80.84 -53.06 8.83
C36 A86 EI . -79.53 -52.31 8.59
C37 A86 EI . -78.53 -52.54 9.71
C38 A86 EI . -83.64 -53.91 10.29
C39 A86 EI . -83.98 -54.10 8.85
C4 A86 EI . -77.27 -41.32 1.66
C40 A86 EI . -79.88 -49.14 10.14
C41 A86 EI . -81.68 -49.24 8.43
C5 A86 EI . -77.49 -40.17 0.82
C6 A86 EI . -76.88 -38.96 0.88
C7 A86 EI . -75.80 -38.64 1.87
C8 A86 EI . -77.31 -37.92 -0.04
C9 A86 EI . -76.73 -36.74 -0.30
O1 A86 EI . -78.75 -34.68 -6.28
O2 A86 EI . -76.90 -31.49 -8.42
O3 A86 EI . -78.98 -52.85 7.39
O4 A86 EI . -82.62 -53.00 10.48
O5 A86 EI . -84.19 -54.45 11.20
C DD6 FI . -93.12 -55.38 3.89
C1 DD6 FI . -92.46 -54.41 2.94
C10 DD6 FI . -83.76 -56.75 6.58
C11 DD6 FI . -82.47 -56.74 7.00
C12 DD6 FI . -81.42 -55.86 6.37
C13 DD6 FI . -82.08 -57.60 8.10
C14 DD6 FI . -80.87 -57.91 8.55
C15 DD6 FI . -80.47 -58.81 9.71
C16 DD6 FI . -81.19 -60.06 10.04
C17 DD6 FI . -80.24 -61.03 10.78
C18 DD6 FI . -79.22 -60.46 11.77
C19 DD6 FI . -79.48 -58.99 12.06
C2 DD6 FI . -91.12 -54.22 2.90
C20 DD6 FI . -79.65 -58.19 10.81
C21 DD6 FI . -79.32 -56.71 10.86
C22 DD6 FI . -82.44 -59.85 10.90
C23 DD6 FI . -81.64 -60.77 8.76
C24 DD6 FI . -93.32 -53.65 2.04
C25 DD6 FI . -94.66 -53.57 2.06
C26 DD6 FI . -95.42 -52.81 1.12
C27 DD6 FI . -96.77 -52.81 0.99
C28 DD6 FI . -97.71 -53.61 1.84
C29 DD6 FI . -97.36 -51.99 -0.03
C3 DD6 FI . -90.11 -54.86 3.71
C30 DD6 FI . -97.97 -51.39 -0.86
C31 DD6 FI . -98.80 -50.70 -1.79
C32 DD6 FI . -100.21 -50.32 -1.35
C33 DD6 FI . -101.14 -50.42 -2.57
C34 DD6 FI . -100.60 -49.70 -3.80
C35 DD6 FI . -99.26 -50.29 -4.19
C36 DD6 FI . -98.32 -50.41 -3.02
C37 DD6 FI . -96.87 -50.19 -3.33
C4 DD6 FI . -88.78 -54.72 3.52
C40 DD6 FI . -100.75 -51.31 -0.30
C41 DD6 FI . -100.24 -48.91 -0.77
C5 DD6 FI . -87.83 -55.38 4.35
C6 DD6 FI . -86.47 -55.31 4.28
C7 DD6 FI . -85.75 -54.49 3.26
C8 DD6 FI . -85.69 -56.04 5.28
C9 DD6 FI . -84.38 -55.96 5.55
O1 DD6 FI . -79.05 -58.92 9.70
O2 DD6 FI . -79.30 -61.22 12.98
O4 DD6 FI . -101.52 -49.80 -4.88
C1 LMG GI . -66.70 -43.83 -9.06
O1 LMG GI . -65.74 -43.65 -8.05
C2 LMG GI . -65.91 -43.85 -10.38
O2 LMG GI . -65.49 -42.52 -10.56
C3 LMG GI . -66.91 -44.18 -11.49
O3 LMG GI . -66.15 -44.22 -12.66
C4 LMG GI . -67.48 -45.58 -11.20
O4 LMG GI . -66.44 -46.50 -11.15
C5 LMG GI . -68.13 -45.50 -9.80
O5 LMG GI . -67.91 -47.32 -8.33
C6 LMG GI . -68.65 -46.90 -9.43
O6 LMG GI . -67.19 -45.14 -8.82
C7 LMG GI . -66.25 -43.27 -6.79
C8 LMG GI . -66.16 -44.52 -5.89
C9 LMG GI . -64.70 -44.81 -5.58
O7 LMG GI . -66.74 -44.19 -4.65
C10 LMG GI . -68.08 -44.26 -4.53
O9 LMG GI . -68.75 -43.27 -4.82
C11 LMG GI . -68.51 -45.38 -3.64
C12 LMG GI . -68.35 -44.99 -2.18
C13 LMG GI . -69.21 -43.79 -1.75
C14 LMG GI . -70.68 -44.20 -1.85
C15 LMG GI . -71.55 -43.23 -1.06
C16 LMG GI . -71.52 -43.56 0.45
C17 LMG GI . -71.70 -42.27 1.25
C18 LMG GI . -73.18 -41.91 1.22
C19 LMG GI . -73.78 -42.39 2.53
O8 LMG GI . -64.47 -44.35 -4.26
C28 LMG GI . -63.28 -44.69 -3.71
O10 LMG GI . -62.45 -45.30 -4.38
C29 LMG GI . -63.12 -44.29 -2.28
C30 LMG GI . -61.73 -44.64 -1.79
C31 LMG GI . -61.73 -46.07 -1.32
C32 LMG GI . -60.33 -46.42 -0.82
C33 LMG GI . -60.29 -46.15 0.69
C34 LMG GI . -58.95 -46.61 1.22
C35 LMG GI . -58.80 -45.96 2.59
C A86 HI . 57.24 -15.99 6.17
O A86 HI . 56.96 -25.25 -1.11
C1 A86 HI . 56.93 -17.02 7.23
C10 A86 HI . 54.90 -23.77 0.64
C11 A86 HI . 54.94 -24.98 0.08
C12 A86 HI . 54.28 -26.22 0.61
C13 A86 HI . 55.74 -25.12 -1.17
C14 A86 HI . 55.01 -25.10 -2.48
C15 A86 HI . 55.81 -25.53 -3.71
C16 A86 HI . 55.86 -27.05 -4.05
C17 A86 HI . 57.20 -27.38 -4.75
C18 A86 HI . 57.59 -26.42 -5.85
C19 A86 HI . 57.85 -25.05 -5.27
C2 A86 HI . 56.46 -18.25 6.95
C20 A86 HI . 56.70 -24.58 -4.40
C21 A86 HI . 56.91 -23.16 -3.90
C22 A86 HI . 55.76 -27.92 -2.78
C23 A86 HI . 54.69 -27.43 -4.95
C24 A86 HI . 57.20 -16.68 8.63
C25 A86 HI . 57.89 -15.63 9.10
C26 A86 HI . 58.08 -15.40 10.50
C27 A86 HI . 58.63 -14.31 11.10
C28 A86 HI . 59.13 -13.11 10.35
C29 A86 HI . 58.76 -14.33 12.53
C3 A86 HI . 56.21 -18.82 5.66
C30 A86 HI . 59.56 -13.52 13.18
C31 A86 HI . 60.36 -12.66 13.74
C32 A86 HI . 61.44 -13.12 14.67
C33 A86 HI . 62.72 -12.23 14.51
C34 A86 HI . 62.54 -10.75 14.29
C35 A86 HI . 61.07 -10.37 14.38
C36 A86 HI . 60.21 -11.19 13.42
C37 A86 HI . 58.75 -10.74 13.48
C38 A86 HI . 64.56 -9.85 15.23
C39 A86 HI . 65.10 -9.09 16.40
C4 A86 HI . 55.66 -20.03 5.48
C40 A86 HI . 60.93 -13.20 16.11
C41 A86 HI . 61.96 -14.50 14.26
C5 A86 HI . 55.44 -20.59 4.19
C6 A86 HI . 54.90 -21.80 3.88
C7 A86 HI . 54.37 -22.75 4.92
C8 A86 HI . 54.91 -22.23 2.49
C9 A86 HI . 54.85 -23.48 2.02
O1 A86 HI . 55.37 -24.86 -4.92
O2 A86 HI . 58.78 -26.90 -6.49
O3 A86 HI . 60.73 -10.95 12.11
O4 A86 HI . 63.23 -10.04 15.36
O5 A86 HI . 65.20 -10.25 14.31
NB KC2 II . 65.96 -75.27 -12.12
ND KC2 II . 66.69 -71.69 -10.71
C1A KC2 II . 68.37 -72.07 -13.44
C1B KC2 II . 66.39 -75.90 -13.32
C1C KC2 II . 64.59 -74.98 -9.50
C1D KC2 II . 66.30 -71.00 -9.59
C2A KC2 II . 69.11 -72.34 -14.63
C2B KC2 II . 65.82 -77.25 -13.44
C2C KC2 II . 63.96 -74.83 -8.23
C2D KC2 II . 66.86 -69.71 -9.62
C3A KC2 II . 68.78 -73.59 -15.05
C3B KC2 II . 65.06 -77.45 -12.32
C3C KC2 II . 64.25 -73.59 -7.76
C3D KC2 II . 67.65 -69.62 -10.81
C4A KC2 II . 67.85 -74.12 -14.12
C4B KC2 II . 65.14 -76.26 -11.49
C4C KC2 II . 65.06 -72.91 -8.74
C4D KC2 II . 67.52 -70.90 -11.46
CAA KC2 II . 70.06 -71.43 -15.25
CAB KC2 II . 64.26 -78.63 -11.99
CAC KC2 II . 63.85 -73.05 -6.46
CAD KC2 II . 68.49 -68.75 -11.59
CBA KC2 II . 69.98 -70.92 -16.47
CBB KC2 II . 63.30 -79.17 -12.67
CBC KC2 II . 64.02 -73.60 -5.29
CBD KC2 II . 68.99 -69.56 -12.77
CED KC2 II . 69.35 -67.04 -15.45
CGA KC2 II . 70.97 -70.00 -17.09
CGD KC2 II . 68.67 -68.81 -14.06
CHA KC2 II . 68.30 -70.93 -12.64
CHB KC2 II . 67.27 -75.39 -14.25
CHC KC2 II . 64.51 -76.15 -10.27
CHD KC2 II . 65.49 -71.61 -8.63
CMA KC2 II . 69.31 -74.31 -16.25
CMB KC2 II . 66.02 -78.18 -14.59
CMC KC2 II . 63.10 -75.87 -7.56
CMD KC2 II . 66.67 -68.61 -8.61
NA KC2 II . 67.61 -73.17 -13.13
NC KC2 II . 65.27 -73.82 -9.82
O1A KC2 II . 72.05 -69.78 -16.57
O1D KC2 II . 67.85 -69.15 -14.86
O2A KC2 II . 70.60 -69.43 -18.21
O2D KC2 II . 69.45 -67.74 -14.20
OBD KC2 II . 68.77 -67.56 -11.37
MG KC2 II . 66.39 -73.35 -11.49
NB KC2 JI . 70.07 -65.84 -3.81
ND KC2 JI . 70.20 -68.23 -6.90
C1A KC2 JI . 71.55 -65.43 -7.74
C1B KC2 JI . 70.66 -64.56 -3.61
C1C KC2 JI . 68.52 -68.31 -3.19
C1D KC2 JI . 69.78 -69.51 -7.16
C2A KC2 JI . 72.12 -64.15 -8.03
C2B KC2 JI . 70.40 -64.08 -2.23
C2C KC2 JI . 67.80 -69.51 -2.89
C2D KC2 JI . 70.20 -69.90 -8.44
C3A KC2 JI . 72.10 -63.42 -6.88
C3B KC2 JI . 69.62 -65.04 -1.61
C3C KC2 JI . 67.90 -70.33 -3.99
C3D KC2 JI . 70.89 -68.78 -9.01
C4A KC2 JI . 71.47 -64.22 -5.88
C4B KC2 JI . 69.42 -66.13 -2.55
C4C KC2 JI . 68.68 -69.66 -4.98
C4D KC2 JI . 70.85 -67.75 -8.01
CAA KC2 JI . 72.55 -63.72 -9.34
CAB KC2 JI . 69.09 -64.92 -0.25
CAC KC2 JI . 67.33 -71.67 -4.11
CAD KC2 JI . 71.61 -68.32 -10.18
CBA KC2 JI . 73.72 -63.22 -9.69
CBB KC2 JI . 68.99 -65.78 0.72
CBC KC2 JI . 67.97 -72.81 -4.20
CBD KC2 JI . 71.98 -66.89 -9.92
CED KC2 JI . 75.55 -67.05 -8.98
CGA KC2 JI . 74.10 -62.80 -11.06
CGD KC2 JI . 73.49 -66.75 -10.07
CHA KC2 JI . 71.47 -66.58 -8.51
CHB KC2 JI . 71.30 -63.80 -4.55
CHC KC2 JI . 68.69 -67.26 -2.27
CHD KC2 JI . 69.04 -70.20 -6.20
CMA KC2 JI . 72.64 -62.03 -6.67
CMB KC2 JI . 70.95 -62.83 -1.63
CMC KC2 JI . 67.08 -69.79 -1.61
CMD KC2 JI . 70.00 -71.23 -9.09
NA KC2 JI . 71.13 -65.44 -6.42
NC KC2 JI . 69.06 -68.39 -4.45
O1A KC2 JI . 75.24 -62.45 -11.33
O1D KC2 JI . 74.05 -66.38 -11.06
O2A KC2 JI . 73.14 -62.83 -11.95
O2D KC2 JI . 74.11 -67.10 -8.95
OBD KC2 JI . 71.91 -68.97 -11.20
MG KC2 JI . 70.18 -67.01 -5.49
NB KC2 KI . 68.12 -57.39 -10.29
ND KC2 KI . 66.44 -53.90 -10.78
C1A KC2 KI . 67.72 -54.79 -13.58
C1B KC2 KI . 68.83 -58.22 -11.21
C1C KC2 KI . 67.02 -56.47 -7.67
C1D KC2 KI . 65.84 -52.99 -9.94
C2A KC2 KI . 68.41 -55.20 -14.76
C2B KC2 KI . 69.20 -59.50 -10.57
C2C KC2 KI . 66.55 -56.02 -6.40
C2D KC2 KI . 65.42 -51.88 -10.68
C3A KC2 KI . 69.01 -56.40 -14.48
C3B KC2 KI . 68.73 -59.45 -9.29
C3C KC2 KI . 65.96 -54.79 -6.61
C3D KC2 KI . 65.78 -52.12 -12.05
C4A KC2 KI . 68.71 -56.73 -13.13
C4B KC2 KI . 68.10 -58.16 -9.08
C4C KC2 KI . 66.10 -54.45 -8.00
C4D KC2 KI . 66.42 -53.40 -12.05
CAA KC2 KI . 68.47 -54.45 -16.00
CAB KC2 KI . 68.76 -60.52 -8.29
CAC KC2 KI . 65.22 -54.10 -5.55
CAD KC2 KI . 65.72 -51.58 -13.39
CBA KC2 KI . 67.85 -54.74 -17.13
CBB KC2 KI . 69.72 -61.37 -8.03
CBC KC2 KI . 65.11 -52.83 -5.26
CBD KC2 KI . 66.42 -52.59 -14.29
CED KC2 KI . 64.17 -54.94 -16.04
CGA KC2 KI . 67.93 -53.96 -18.39
CGD KC2 KI . 65.44 -53.08 -15.34
CHA KC2 KI . 66.90 -53.70 -13.34
CHB KC2 KI . 69.14 -57.91 -12.52
CHC KC2 KI . 67.63 -57.74 -7.85
CHD KC2 KI . 65.68 -53.28 -8.59
CMA KC2 KI . 69.85 -57.23 -15.41
CMB KC2 KI . 69.96 -60.63 -11.21
CMC KC2 KI . 66.71 -56.73 -5.10
CMD KC2 KI . 64.74 -50.65 -10.17
NA KC2 KI . 67.93 -55.73 -12.58
NC KC2 KI . 66.78 -55.54 -8.64
O1A KC2 KI . 68.31 -54.48 -19.43
O1D KC2 KI . 65.00 -52.43 -16.23
O2A KC2 KI . 67.59 -52.71 -18.31
O2D KC2 KI . 65.12 -54.36 -15.11
OBD KC2 KI . 65.21 -50.52 -13.77
MG KC2 KI . 67.23 -55.58 -10.65
MG CLA LI . 70.10 -48.02 -2.92
CHA CLA LI . 71.88 -50.28 -4.79
CHB CLA LI . 67.26 -49.41 -3.97
CHC CLA LI . 68.40 -45.56 -1.25
CHD CLA LI . 72.97 -45.94 -2.80
NA CLA LI . 69.70 -49.52 -4.09
C1A CLA LI . 70.52 -50.44 -4.76
C2A CLA LI . 69.79 -51.54 -5.47
C3A CLA LI . 68.36 -51.08 -5.37
C4A CLA LI . 68.43 -49.93 -4.41
CMA CLA LI . 67.77 -50.68 -6.72
CAA CLA LI . 70.07 -52.89 -4.79
CBA CLA LI . 69.58 -53.08 -3.35
CGA CLA LI . 70.49 -53.94 -2.52
O1A CLA LI . 71.69 -53.91 -2.56
O2A CLA LI . 69.79 -54.70 -1.67
NB CLA LI . 68.22 -47.60 -2.63
C1B CLA LI . 67.08 -48.33 -3.10
C2B CLA LI . 65.88 -47.78 -2.59
C3B CLA LI . 66.23 -46.69 -1.82
C4B CLA LI . 67.63 -46.55 -1.85
CMB CLA LI . 64.50 -48.31 -2.82
CAB CLA LI . 65.33 -45.81 -1.08
CBB CLA LI . 64.46 -46.17 -0.17
NC CLA LI . 70.56 -46.23 -2.20
C1C CLA LI . 69.73 -45.39 -1.47
C2C CLA LI . 70.40 -44.16 -1.09
C3C CLA LI . 71.66 -44.21 -1.60
C4C CLA LI . 71.80 -45.49 -2.27
CMC CLA LI . 69.82 -43.07 -0.24
CAC CLA LI . 72.70 -43.12 -1.58
CBC CLA LI . 73.53 -43.15 -0.33
ND CLA LI . 71.93 -48.03 -3.55
C1D CLA LI . 73.10 -47.16 -3.42
C2D CLA LI . 74.23 -47.76 -4.01
C3D CLA LI . 73.82 -49.01 -4.53
C4D CLA LI . 72.46 -49.11 -4.24
CMD CLA LI . 75.60 -47.18 -4.07
CAD CLA LI . 74.21 -50.21 -5.23
OBD CLA LI . 75.31 -50.53 -5.65
CBD CLA LI . 73.01 -51.10 -5.40
CGD CLA LI . 72.81 -51.39 -6.88
O1D CLA LI . 72.15 -50.74 -7.63
O2D CLA LI . 73.47 -52.50 -7.24
CED CLA LI . 73.37 -52.87 -8.63
C1 CLA LI . 70.56 -55.28 -0.57
C2 CLA LI . 71.37 -56.43 -1.03
C3 CLA LI . 72.21 -57.07 -0.23
C4 CLA LI . 73.04 -58.25 -0.67
C5 CLA LI . 72.40 -56.66 1.21
MG CLA MI . 66.52 -31.70 -3.55
CHA CLA MI . 69.77 -30.88 -2.93
CHB CLA MI . 65.75 -28.47 -3.60
CHC CLA MI . 63.21 -32.60 -3.64
CHD CLA MI . 67.28 -35.07 -2.74
NA CLA MI . 67.58 -30.08 -3.46
C1A CLA MI . 68.93 -29.89 -3.32
C2A CLA MI . 69.38 -28.49 -3.61
C3A CLA MI . 68.10 -27.71 -3.58
C4A CLA MI . 67.06 -28.81 -3.54
CMA CLA MI . 68.00 -26.77 -2.39
CAA CLA MI . 70.03 -28.52 -5.01
CBA CLA MI . 70.89 -27.31 -5.34
CGA CLA MI . 71.94 -27.63 -6.36
O1A CLA MI . 71.89 -27.30 -7.52
O2A CLA MI . 72.94 -28.31 -5.81
NB CLA MI . 64.82 -30.74 -3.59
C1B CLA MI . 64.64 -29.30 -3.57
C2B CLA MI . 63.27 -28.98 -3.56
C3B CLA MI . 62.57 -30.17 -3.59
C4B CLA MI . 63.48 -31.24 -3.61
CMB CLA MI . 62.69 -27.60 -3.50
CAB CLA MI . 61.11 -30.36 -3.56
CBB CLA MI . 60.20 -29.64 -4.17
NC CLA MI . 65.52 -33.40 -3.31
C1C CLA MI . 64.15 -33.58 -3.46
C2C CLA MI . 63.76 -34.98 -3.31
C3C CLA MI . 64.91 -35.68 -3.06
C4C CLA MI . 66.00 -34.73 -3.04
CMC CLA MI . 62.38 -35.55 -3.40
CAC CLA MI . 65.05 -37.16 -2.87
CBC CLA MI . 65.11 -37.56 -1.42
ND CLA MI . 68.05 -32.74 -2.98
C1D CLA MI . 68.31 -34.15 -2.68
C2D CLA MI . 69.67 -34.33 -2.38
C3D CLA MI . 70.30 -33.08 -2.46
C4D CLA MI . 69.29 -32.19 -2.81
CMD CLA MI . 70.32 -35.64 -2.02
CAD CLA MI . 71.53 -32.33 -2.35
OBD CLA MI . 72.66 -32.73 -2.09
CBD CLA MI . 71.27 -30.88 -2.62
CGD CLA MI . 71.60 -30.03 -1.40
O1D CLA MI . 70.88 -29.83 -0.47
O2D CLA MI . 72.83 -29.51 -1.51
CED CLA MI . 73.26 -28.68 -0.41
C1 CLA MI . 74.22 -28.35 -6.52
C2 CLA MI . 75.23 -28.34 -5.43
C3 CLA MI . 76.23 -27.49 -5.29
C4 CLA MI . 76.56 -26.39 -6.27
C5 CLA MI . 77.10 -27.53 -4.06
C6 CLA MI . 76.39 -27.08 -2.79
C7 CLA MI . 76.74 -25.67 -2.37
C8 CLA MI . 76.11 -25.15 -1.08
C9 CLA MI . 76.54 -25.98 0.12
C10 CLA MI . 74.58 -25.05 -1.18
C11 CLA MI . 73.95 -24.05 -0.21
C12 CLA MI . 72.52 -24.37 0.21
C13 CLA MI . 71.37 -24.15 -0.77
C14 CLA MI . 71.47 -22.80 -1.47
C15 CLA MI . 70.02 -24.30 -0.07
C16 CLA MI . 69.72 -25.62 0.62
C17 CLA MI . 68.31 -25.69 1.18
NB KC2 NI . 47.56 -46.42 -12.12
ND KC2 NI . 49.22 -42.88 -12.21
C1A KC2 NI . 48.85 -43.90 -15.23
C1B KC2 NI . 47.28 -47.34 -13.18
C1C KC2 NI . 47.79 -45.39 -9.31
C1D KC2 NI . 49.68 -42.01 -11.26
C2A KC2 NI . 48.67 -44.43 -16.55
C2B KC2 NI . 46.67 -48.57 -12.63
C2C KC2 NI . 47.93 -44.87 -7.99
C2D KC2 NI . 50.31 -40.91 -11.87
C3A KC2 NI . 48.12 -45.67 -16.42
C3B KC2 NI . 46.60 -48.41 -11.27
C3C KC2 NI . 48.55 -43.66 -8.07
C3D KC2 NI . 50.20 -41.13 -13.29
C4A KC2 NI . 47.95 -45.92 -15.02
C4B KC2 NI . 47.15 -47.11 -10.92
C4C KC2 NI . 48.82 -43.38 -9.46
C4D KC2 NI . 49.50 -42.37 -13.45
CAA KC2 NI . 49.05 -43.74 -17.77
CAB KC2 NI . 46.03 -49.35 -10.30
CAC KC2 NI . 48.87 -42.78 -6.95
CAD KC2 NI . 50.55 -40.58 -14.59
CBA KC2 NI . 48.22 -43.20 -18.65
CBB KC2 NI . 44.89 -49.97 -10.35
CBC KC2 NI . 49.38 -43.11 -5.79
CBD KC2 NI . 49.94 -41.50 -15.62
CED KC2 NI . 48.38 -38.82 -17.65
CGA KC2 NI . 48.61 -42.50 -19.90
CGD KC2 NI . 48.85 -40.74 -16.36
CHA KC2 NI . 49.38 -42.69 -14.81
CHB KC2 NI . 47.44 -47.12 -14.52
CHC KC2 NI . 47.25 -46.65 -9.63
CHD KC2 NI . 49.47 -42.25 -9.90
CMA KC2 NI . 47.71 -46.60 -17.52
CMB KC2 NI . 46.23 -49.75 -13.43
CMC KC2 NI . 47.41 -45.53 -6.75
CMD KC2 NI . 50.98 -39.76 -11.20
NA KC2 NI . 48.40 -44.82 -14.31
NC KC2 NI . 48.32 -44.48 -10.22
O1A KC2 NI . 49.79 -42.29 -20.16
O1D KC2 NI . 47.70 -41.09 -16.44
O2A KC2 NI . 47.64 -42.15 -20.69
O2D KC2 NI . 49.33 -39.63 -16.92
OBD KC2 NI . 51.20 -39.56 -14.84
MG KC2 NI . 48.34 -44.51 -12.28
MG CLA OI . 52.73 -49.52 -3.97
CHA CLA OI . 51.92 -51.31 -6.75
CHB CLA OI . 51.68 -46.75 -5.50
CHC CLA OI . 53.79 -47.75 -1.26
CHD CLA OI . 54.81 -52.19 -2.90
NA CLA OI . 51.86 -49.19 -5.66
C1A CLA OI . 51.44 -50.05 -6.66
C2A CLA OI . 50.45 -49.44 -7.61
C3A CLA OI . 50.84 -47.96 -7.49
C4A CLA OI . 51.51 -47.94 -6.14
CMA CLA OI . 51.77 -47.47 -8.60
CAA CLA OI . 49.08 -49.89 -7.08
CBA CLA OI . 48.22 -48.95 -6.23
CGA CLA OI . 47.28 -49.66 -5.32
O1A CLA OI . 47.56 -50.04 -4.22
O2A CLA OI . 46.06 -49.77 -5.86
NB CLA OI . 52.73 -47.64 -3.47
C1B CLA OI . 52.24 -46.53 -4.26
C2B CLA OI . 52.40 -45.33 -3.55
C3B CLA OI . 52.97 -45.64 -2.31
C4B CLA OI . 53.19 -47.03 -2.27
CMB CLA OI . 52.07 -43.95 -4.04
CAB CLA OI . 53.28 -44.74 -1.20
CBB CLA OI . 52.43 -44.13 -0.41
NC CLA OI . 53.96 -49.88 -2.46
C1C CLA OI . 54.22 -49.04 -1.39
C2C CLA OI . 55.16 -49.63 -0.45
C3C CLA OI . 55.54 -50.84 -0.96
C4C CLA OI . 54.79 -51.03 -2.18
CMC CLA OI . 55.59 -49.04 0.86
CAC CLA OI . 56.61 -51.75 -0.43
CBC CLA OI . 56.12 -52.62 0.70
ND CLA OI . 53.26 -51.28 -4.59
C1D CLA OI . 54.08 -52.36 -4.07
C2D CLA OI . 53.99 -53.48 -4.92
C3D CLA OI . 53.14 -53.13 -6.00
C4D CLA OI . 52.74 -51.82 -5.74
CMD CLA OI . 54.69 -54.79 -4.73
CAD CLA OI . 52.50 -53.55 -7.23
OBD CLA OI . 52.56 -54.62 -7.79
CBD CLA OI . 51.69 -52.41 -7.78
CGD CLA OI . 52.18 -52.04 -9.17
O1D CLA OI . 53.02 -51.20 -9.40
O2D CLA OI . 51.58 -52.76 -10.10
CED CLA OI . 52.03 -52.55 -11.47
C1 CLA OI . 44.98 -50.06 -4.93
C2 CLA OI . 44.70 -48.82 -4.16
C3 CLA OI . 43.96 -47.82 -4.62
C4 CLA OI . 43.29 -47.84 -5.97
C5 CLA OI . 43.75 -46.56 -3.82
C6 CLA OI . 44.43 -45.33 -4.43
C7 CLA OI . 43.94 -44.01 -3.85
C8 CLA OI . 44.68 -43.45 -2.63
C9 CLA OI . 44.04 -43.91 -1.32
C10 CLA OI . 44.79 -41.93 -2.70
C11 CLA OI . 45.85 -41.38 -3.66
C12 CLA OI . 45.93 -39.85 -3.67
MG CLA PI . 49.78 -58.16 -3.79
CHA CLA PI . 48.41 -56.29 -6.31
CHB CLA PI . 48.34 -60.87 -5.06
CHC CLA PI . 50.85 -59.90 -1.04
CHD CLA PI . 50.56 -55.16 -2.05
NA CLA PI . 48.71 -58.48 -5.38
C1A CLA PI . 48.31 -57.63 -6.41
C2A CLA PI . 47.76 -58.35 -7.60
C3A CLA PI . 47.41 -59.71 -7.01
C4A CLA PI . 48.20 -59.70 -5.73
CMA CLA PI . 45.92 -59.92 -6.75
CAA CLA PI . 48.91 -58.38 -8.63
CBA CLA PI . 48.57 -57.69 -9.94
CGA CLA PI . 47.48 -58.39 -10.71
O1A CLA PI . 46.36 -57.96 -10.86
O2A CLA PI . 47.90 -59.55 -11.19
NB CLA PI . 49.64 -60.00 -3.18
C1B CLA PI . 49.00 -61.09 -3.87
C2B CLA PI . 49.16 -62.29 -3.16
C3B CLA PI . 49.88 -61.99 -2.01
C4B CLA PI . 50.18 -60.62 -2.02
CMB CLA PI . 48.64 -63.64 -3.57
CAB CLA PI . 50.29 -62.92 -0.96
CBB CLA PI . 49.53 -63.71 -0.24
NC CLA PI . 50.53 -57.66 -2.03
C1C CLA PI . 50.98 -58.54 -1.04
C2C CLA PI . 51.52 -57.83 0.10
C3C CLA PI . 51.40 -56.49 -0.15
C4C CLA PI . 50.80 -56.36 -1.46
CMC CLA PI . 52.13 -58.43 1.34
CAC CLA PI . 51.75 -55.35 0.77
CBC CLA PI . 53.16 -54.87 0.58
ND CLA PI . 49.55 -56.24 -4.02
C1D CLA PI . 49.92 -55.05 -3.27
C2D CLA PI . 49.59 -53.89 -4.00
C3D CLA PI . 48.98 -54.32 -5.20
C4D CLA PI . 48.99 -55.71 -5.15
CMD CLA PI . 49.87 -52.48 -3.60
CAD CLA PI . 48.29 -53.93 -6.42
OBD CLA PI . 47.90 -52.82 -6.77
CBD CLA PI . 48.04 -55.14 -7.25
CGD CLA PI . 46.59 -55.10 -7.71
O1D CLA PI . 45.71 -55.78 -7.26
O2D CLA PI . 46.42 -54.21 -8.68
CED CLA PI . 45.06 -54.05 -9.17
MG CLA QI . 53.67 -65.31 -12.12
CHA CLA QI . 54.11 -65.96 -15.46
CHB CLA QI . 52.29 -62.39 -12.88
CHC CLA QI . 53.76 -64.50 -8.78
CHD CLA QI . 55.75 -68.09 -11.37
NA CLA QI . 53.24 -64.44 -13.81
C1A CLA QI . 53.42 -64.84 -15.14
C2A CLA QI . 52.77 -63.94 -16.15
C3A CLA QI . 52.33 -62.75 -15.31
C4A CLA QI . 52.63 -63.21 -13.91
CMA CLA QI . 53.04 -61.45 -15.65
CAA CLA QI . 51.62 -64.64 -16.89
CBA CLA QI . 50.53 -65.37 -16.09
CGA CLA QI . 49.40 -64.49 -15.67
O1A CLA QI . 48.50 -64.14 -16.38
O2A CLA QI . 49.53 -64.12 -14.40
NB CLA QI . 53.12 -63.78 -11.04
C1B CLA QI . 52.49 -62.58 -11.53
C2B CLA QI . 52.20 -61.72 -10.46
C3B CLA QI . 52.64 -62.32 -9.29
C4B CLA QI . 53.20 -63.57 -9.64
CMB CLA QI . 51.51 -60.38 -10.55
CAB CLA QI . 52.57 -61.80 -7.93
CBB CLA QI . 51.52 -61.42 -7.28
NC CLA QI . 54.50 -66.10 -10.50
C1C CLA QI . 54.39 -65.65 -9.19
C2C CLA QI . 55.06 -66.54 -8.22
C3C CLA QI . 55.61 -67.56 -8.96
C4C CLA QI . 55.30 -67.30 -10.36
CMC CLA QI . 55.14 -66.41 -6.73
CAC CLA QI . 56.36 -68.76 -8.45
CBC CLA QI . 55.48 -69.96 -8.29
ND CLA QI . 54.70 -66.66 -13.08
C1D CLA QI . 55.52 -67.81 -12.71
C2D CLA QI . 55.94 -68.49 -13.85
C3D CLA QI . 55.42 -67.81 -14.97
C4D CLA QI . 54.69 -66.75 -14.45
CMD CLA QI . 56.77 -69.75 -13.88
CAD CLA QI . 55.35 -67.73 -16.42
OBD CLA QI . 55.92 -68.41 -17.25
CBD CLA QI . 54.44 -66.61 -16.81
CGD CLA QI . 55.16 -65.69 -17.78
O1D CLA QI . 55.76 -64.69 -17.46
O2D CLA QI . 55.01 -66.11 -19.04
CED CLA QI . 55.56 -65.24 -20.05
C1 CLA QI . 48.57 -63.14 -13.91
C2 CLA QI . 48.69 -63.08 -12.43
C3 CLA QI . 47.74 -62.60 -11.63
C4 CLA QI . 46.46 -61.98 -12.13
C5 CLA QI . 47.85 -62.74 -10.12
C6 CLA QI . 46.67 -63.47 -9.51
C7 CLA QI . 46.90 -63.92 -8.07
C8 CLA QI . 45.78 -64.76 -7.46
C9 CLA QI . 44.44 -64.03 -7.47
C10 CLA QI . 46.14 -65.24 -6.05
C11 CLA QI . 47.16 -66.36 -5.95
C12 CLA QI . 47.29 -66.92 -4.54
C13 CLA QI . 48.48 -67.84 -4.30
C14 CLA QI . 48.23 -69.22 -4.91
C15 CLA QI . 48.83 -67.93 -2.81
C16 CLA QI . 50.13 -68.66 -2.49
C17 CLA QI . 50.60 -68.41 -1.06
MG CLA RI . 53.49 -75.48 4.82
CHA CLA RI . 51.05 -76.41 7.03
CHB CLA RI . 55.28 -78.09 5.84
CHC CLA RI . 56.06 -74.32 2.89
CHD CLA RI . 52.00 -72.27 4.58
NA CLA RI . 53.13 -76.95 6.02
C1A CLA RI . 52.00 -77.31 6.72
C2A CLA RI . 52.03 -78.76 7.14
C3A CLA RI . 53.51 -78.88 7.39
C4A CLA RI . 54.04 -77.93 6.36
CMA CLA RI . 53.96 -78.53 8.81
CAA CLA RI . 51.55 -79.66 6.00
CBA CLA RI . 50.34 -79.18 5.20
CGA CLA RI . 49.78 -80.24 4.29
O1A CLA RI . 48.64 -80.61 4.29
O2A CLA RI . 50.72 -80.72 3.48
NB CLA RI . 55.29 -76.10 4.41
C1B CLA RI . 55.91 -77.30 4.89
C2B CLA RI . 57.16 -77.48 4.28
C3B CLA RI . 57.36 -76.41 3.41
C4B CLA RI . 56.24 -75.56 3.50
CMB CLA RI . 58.10 -78.63 4.51
CAB CLA RI . 58.50 -76.18 2.51
CBB CLA RI . 58.96 -76.98 1.59
NC CLA RI . 53.92 -73.75 3.95
C1C CLA RI . 55.01 -73.49 3.14
C2C CLA RI . 54.97 -72.12 2.60
C3C CLA RI . 53.84 -71.53 3.10
C4C CLA RI . 53.17 -72.51 3.93
CMC CLA RI . 55.95 -71.50 1.65
CAC CLA RI . 53.37 -70.12 2.87
CBC CLA RI . 52.35 -70.03 1.75
ND CLA RI . 51.97 -74.52 5.57
C1D CLA RI . 51.39 -73.20 5.40
C2D CLA RI . 50.20 -73.10 6.15
C3D CLA RI . 50.00 -74.34 6.80
C4D CLA RI . 51.09 -75.13 6.44
CMD CLA RI . 49.31 -71.90 6.22
CAD CLA RI . 49.13 -75.14 7.63
OBD CLA RI . 48.02 -74.88 8.07
CBD CLA RI . 49.80 -76.46 7.92
CGD CLA RI . 50.15 -76.55 9.40
O1D CLA RI . 50.79 -77.44 9.90
O2D CLA RI . 49.67 -75.52 10.07
CED CLA RI . 49.97 -75.48 11.48
MG CLA SI . 66.30 -53.08 7.52
CHA CLA SI . 67.00 -52.22 10.76
CHB CLA SI . 63.09 -52.45 8.07
CHC CLA SI . 65.62 -54.36 4.40
CHD CLA SI . 69.56 -54.48 7.25
NA CLA SI . 65.32 -52.40 9.05
C1A CLA SI . 65.75 -51.99 10.31
C2A CLA SI . 64.69 -51.28 11.11
C3A CLA SI . 63.41 -51.69 10.38
C4A CLA SI . 63.95 -52.22 9.07
CMA CLA SI . 62.57 -52.73 11.12
CAA CLA SI . 64.94 -49.77 11.12
CBA CLA SI . 65.06 -49.05 9.78
CGA CLA SI . 66.44 -49.08 9.19
O1A CLA SI . 67.39 -48.50 9.65
O2A CLA SI . 66.50 -49.84 8.10
NB CLA SI . 64.69 -53.33 6.43
C1B CLA SI . 63.35 -52.93 6.80
C2B CLA SI . 62.47 -53.12 5.71
C3B CLA SI . 63.22 -53.66 4.67
C4B CLA SI . 64.56 -53.80 5.10
CMB CLA SI . 61.02 -52.79 5.69
CAB CLA SI . 62.75 -53.99 3.32
CBB CLA SI . 61.62 -54.53 2.96
NC CLA SI . 67.32 -54.12 6.17
C1C CLA SI . 66.89 -54.50 4.91
C2C CLA SI . 67.94 -55.18 4.15
C3C CLA SI . 69.05 -55.23 4.95
C4C CLA SI . 68.70 -54.59 6.20
CMC CLA SI . 67.85 -55.70 2.74
CAC CLA SI . 70.40 -55.81 4.63
CBC CLA SI . 71.39 -54.75 4.17
ND CLA SI . 67.87 -53.35 8.64
C1D CLA SI . 69.20 -53.92 8.46
C2D CLA SI . 69.97 -53.74 9.62
C3D CLA SI . 69.16 -53.06 10.56
C4D CLA SI . 67.94 -52.87 9.93
CMD CLA SI . 71.39 -54.18 9.82
CAD CLA SI . 69.06 -52.48 11.89
OBD CLA SI . 69.92 -52.43 12.76
CBD CLA SI . 67.69 -51.92 12.08
CGD CLA SI . 67.02 -52.60 13.27
O1D CLA SI . 67.02 -52.16 14.40
O2D CLA SI . 66.46 -53.74 12.92
CED CLA SI . 65.89 -54.53 13.98
C1 CLA SI . 67.81 -49.96 7.48
C2 CLA SI . 67.64 -50.57 6.14
C3 CLA SI . 68.71 -50.82 5.38
C4 CLA SI . 70.11 -50.53 5.84
C5 CLA SI . 68.61 -51.42 3.99
C6 CLA SI . 67.28 -51.17 3.29
C7 CLA SI . 67.35 -51.45 1.79
C8 CLA SI . 67.91 -50.28 0.98
C9 CLA SI . 66.81 -49.29 0.63
C10 CLA SI . 68.67 -50.74 -0.27
C11 CLA SI . 69.98 -51.48 -0.01
C12 CLA SI . 71.16 -50.99 -0.86
C13 CLA SI . 72.06 -49.94 -0.20
C14 CLA SI . 72.99 -50.56 0.83
C15 CLA SI . 71.23 -48.81 0.41
NB KC2 TI . 66.94 -37.87 7.50
ND KC2 TI . 65.57 -41.08 9.25
C1A KC2 TI . 66.23 -38.89 11.52
C1B KC2 TI . 67.36 -36.61 8.04
C1C KC2 TI . 66.43 -39.94 5.42
C1D KC2 TI . 65.19 -42.33 8.82
C2A KC2 TI . 66.59 -37.88 12.47
C2B KC2 TI . 67.79 -35.71 6.96
C2C KC2 TI . 66.19 -40.95 4.44
C2D KC2 TI . 64.79 -43.10 9.92
C3A KC2 TI . 67.06 -36.81 11.77
C3B KC2 TI . 67.66 -36.38 5.79
C3C KC2 TI . 65.74 -42.06 5.10
C3D KC2 TI . 64.95 -42.27 11.09
C4A KC2 TI . 67.01 -37.15 10.39
C4B KC2 TI . 67.14 -37.71 6.07
C4C KC2 TI . 65.67 -41.77 6.50
C4D KC2 TI . 65.45 -41.02 10.61
CAA KC2 TI . 66.48 -38.01 13.91
CAB KC2 TI . 67.96 -35.90 4.44
CAC KC2 TI . 65.40 -43.34 4.47
CAD KC2 TI . 64.79 -42.25 12.52
CBA KC2 TI . 65.85 -37.18 14.73
CBB KC2 TI . 69.14 -35.67 3.92
CBC KC2 TI . 64.32 -43.63 3.80
CBD KC2 TI . 65.22 -40.87 12.97
CED KC2 TI . 62.66 -40.19 15.56
CGA KC2 TI . 65.76 -37.34 16.20
CGD KC2 TI . 64.04 -40.19 13.65
CHA KC2 TI . 65.68 -40.15 11.70
CHB KC2 TI . 67.40 -36.27 9.37
CHC KC2 TI . 66.92 -38.67 5.11
CHD KC2 TI . 65.24 -42.65 7.46
CMA KC2 TI . 67.56 -35.51 12.33
CMB KC2 TI . 68.29 -34.30 7.15
CMC KC2 TI . 66.42 -40.79 2.96
CMD KC2 TI . 64.30 -44.51 9.90
NA KC2 TI . 66.51 -38.43 10.25
NC KC2 TI . 66.11 -40.42 6.68
O1A KC2 TI . 64.68 -37.30 16.79
O1D KC2 TI . 63.41 -39.28 13.19
O2A KC2 TI . 66.88 -37.56 16.83
O2D KC2 TI . 63.79 -40.74 14.84
OBD KC2 TI . 64.38 -43.15 13.25
MG KC2 TI . 66.19 -39.48 8.51
C A86 UI . 65.47 -65.51 -3.32
O A86 UI . 72.27 -56.14 -8.61
C1 A86 UI . 65.75 -64.86 -1.99
C10 A86 UI . 71.31 -58.04 -6.19
C11 A86 UI . 72.17 -57.02 -6.41
C12 A86 UI . 72.58 -56.00 -5.38
C13 A86 UI . 72.78 -56.88 -7.76
C14 A86 UI . 74.03 -57.68 -8.04
C15 A86 UI . 74.76 -57.38 -9.38
C16 A86 UI . 74.21 -58.04 -10.69
C17 A86 UI . 75.39 -58.34 -11.64
C18 A86 UI . 76.31 -57.15 -11.87
C19 A86 UI . 77.02 -56.80 -10.57
C2 A86 UI . 66.54 -63.75 -1.86
C20 A86 UI . 76.08 -56.71 -9.38
C21 A86 UI . 76.85 -56.28 -8.15
C22 A86 UI . 73.50 -59.38 -10.41
C23 A86 UI . 73.21 -57.14 -11.41
C24 A86 UI . 65.17 -65.46 -0.80
C25 A86 UI . 64.57 -66.66 -0.69
C26 A86 UI . 64.02 -67.14 0.54
C27 A86 UI . 63.37 -68.31 0.76
C28 A86 UI . 63.14 -69.33 -0.31
C29 A86 UI . 62.86 -68.51 2.09
C3 A86 UI . 67.23 -63.04 -2.89
C30 A86 UI . 62.65 -69.68 2.64
C31 A86 UI . 62.45 -70.86 3.15
C32 A86 UI . 63.51 -71.57 3.89
C33 A86 UI . 62.89 -72.64 4.81
C34 A86 UI . 62.02 -73.66 4.12
C35 A86 UI . 61.38 -73.07 2.88
C36 A86 UI . 61.11 -71.57 3.01
C37 A86 UI . 60.31 -71.07 1.81
C38 A86 UI . 62.34 -75.99 3.57
C39 A86 UI . 63.37 -76.98 3.15
C4 A86 UI . 67.94 -61.91 -2.66
C40 A86 UI . 64.23 -70.61 4.84
C41 A86 UI . 64.54 -72.16 2.92
C5 A86 UI . 68.62 -61.20 -3.71
C6 A86 UI . 69.24 -60.00 -3.63
C7 A86 UI . 69.32 -59.18 -2.37
C8 A86 UI . 69.90 -59.48 -4.83
C9 A86 UI . 70.74 -58.44 -4.93
O1 A86 UI . 74.85 -55.94 -9.63
O2 A86 UI . 77.29 -57.52 -12.85
O3 A86 UI . 60.34 -71.39 4.20
O4 A86 UI . 62.89 -74.76 3.70
O5 A86 UI . 61.19 -76.22 3.78
C A86 VI . 68.62 -44.64 6.20
O A86 VI . 62.90 -51.19 -1.83
C1 A86 VI . 67.83 -45.29 7.30
C10 A86 VI . 62.43 -49.96 0.74
C11 A86 VI . 61.58 -50.74 0.07
C12 A86 VI . 60.44 -51.52 0.68
C13 A86 VI . 61.79 -50.88 -1.40
C14 A86 VI . 60.61 -50.64 -2.31
C15 A86 VI . 60.87 -50.12 -3.73
C16 A86 VI . 60.08 -48.85 -4.16
C17 A86 VI . 60.39 -48.52 -5.63
C18 A86 VI . 60.34 -49.69 -6.62
C19 A86 VI . 61.39 -50.72 -6.25
C2 A86 VI . 66.84 -46.19 7.06
C20 A86 VI . 61.40 -51.03 -4.76
C21 A86 VI . 61.68 -52.50 -4.48
C22 A86 VI . 58.58 -49.06 -3.97
C23 A86 VI . 60.49 -47.65 -3.31
C24 A86 VI . 68.09 -44.88 8.67
C25 A86 VI . 68.73 -43.77 9.09
C26 A86 VI . 68.94 -43.47 10.47
C27 A86 VI . 69.51 -42.35 11.00
C28 A86 VI . 70.03 -41.23 10.16
C29 A86 VI . 69.62 -42.28 12.42
C3 A86 VI . 66.35 -46.65 5.80
C30 A86 VI . 70.59 -41.66 13.05
C31 A86 VI . 71.53 -41.04 13.72
C32 A86 VI . 71.20 -39.80 14.50
C33 A86 VI . 72.32 -38.75 14.38
C34 A86 VI . 73.70 -39.34 14.61
C35 A86 VI . 73.93 -40.44 13.60
C36 A86 VI . 72.95 -41.61 13.75
C37 A86 VI . 73.18 -42.64 12.66
C38 A86 VI . 75.19 -37.38 15.16
C39 A86 VI . 74.59 -37.50 16.53
C4 A86 VI . 65.34 -47.53 5.66
C40 A86 VI . 69.99 -39.08 13.90
C41 A86 VI . 70.90 -40.14 15.96
C5 A86 VI . 64.88 -47.95 4.37
C6 A86 VI . 63.86 -48.80 4.07
C7 A86 VI . 63.04 -49.51 5.12
C8 A86 VI . 63.53 -49.03 2.68
C9 A86 VI . 62.64 -49.87 2.15
O1 A86 VI . 62.29 -50.09 -4.09
O2 A86 VI . 59.05 -50.29 -6.60
O3 A86 VI . 73.21 -42.22 15.02
O4 A86 VI . 74.71 -38.32 14.28
O5 A86 VI . 75.99 -36.56 14.84
C DD6 WI . 53.55 -65.04 -2.69
C1 DD6 WI . 53.10 -63.95 -3.63
C10 DD6 WI . 56.94 -57.71 2.64
C11 DD6 WI . 57.56 -56.69 3.28
C12 DD6 WI . 57.79 -55.34 2.66
C13 DD6 WI . 58.04 -56.91 4.64
C14 DD6 WI . 58.69 -56.12 5.47
C15 DD6 WI . 59.12 -56.46 6.88
C16 DD6 WI . 58.36 -55.87 8.00
C17 DD6 WI . 58.79 -56.53 9.32
C18 DD6 WI . 60.29 -56.71 9.59
C19 DD6 WI . 61.16 -56.29 8.42
C2 DD6 WI . 53.31 -62.63 -3.37
C20 DD6 WI . 60.59 -56.67 7.07
C21 DD6 WI . 61.58 -56.78 5.93
C22 DD6 WI . 58.54 -54.35 8.09
C23 DD6 WI . 56.86 -56.13 7.80
C24 DD6 WI . 52.42 -64.34 -4.87
C25 DD6 WI . 52.07 -65.58 -5.23
C26 DD6 WI . 51.42 -65.91 -6.46
C27 DD6 WI . 51.21 -67.14 -6.96
C28 DD6 WI . 51.65 -68.42 -6.29
C29 DD6 WI . 50.53 -67.28 -8.20
C3 DD6 WI . 53.93 -62.06 -2.21
C30 DD6 WI . 50.01 -67.53 -9.25
C31 DD6 WI . 49.49 -67.86 -10.53
C32 DD6 WI . 50.13 -67.21 -11.76
C33 DD6 WI . 49.04 -66.99 -12.81
C34 DD6 WI . 48.20 -68.23 -13.08
C35 DD6 WI . 47.50 -68.64 -11.79
C36 DD6 WI . 48.46 -68.73 -10.63
C37 DD6 WI . 48.18 -69.83 -9.65
C4 DD6 WI . 54.25 -60.76 -2.06
C40 DD6 WI . 50.75 -65.86 -11.40
C41 DD6 WI . 51.22 -68.11 -12.33
C5 DD6 WI . 54.88 -60.30 -0.85
C6 DD6 WI . 55.32 -59.06 -0.54
C7 DD6 WI . 55.21 -57.88 -1.47
C8 DD6 WI . 55.91 -58.86 0.77
C9 DD6 WI . 56.39 -57.73 1.31
O1 DD6 WI . 59.63 -57.76 7.13
O2 DD6 WI . 60.64 -55.95 10.74
O4 DD6 WI . 47.22 -67.94 -14.08
C A86 XI . 49.62 -72.15 0.16
O A86 XI . 59.03 -74.08 -8.09
C1 A86 XI . 50.29 -73.15 1.03
C10 A86 XI . 57.61 -73.47 -5.22
C11 A86 XI . 58.79 -73.69 -5.78
C12 A86 XI . 59.96 -74.34 -5.11
C13 A86 XI . 58.97 -73.26 -7.19
C14 A86 XI . 59.08 -71.79 -7.46
C15 A86 XI . 59.68 -71.39 -8.81
C16 A86 XI . 60.75 -70.30 -8.78
C17 A86 XI . 60.62 -69.42 -10.04
C18 A86 XI . 60.57 -70.22 -11.33
C19 A86 XI . 59.31 -71.07 -11.38
C2 A86 XI . 51.52 -73.64 0.75
C20 A86 XI . 59.02 -71.78 -10.07
C21 A86 XI . 57.75 -72.58 -10.15
C22 A86 XI . 60.60 -69.43 -7.54
C23 A86 XI . 62.15 -70.91 -8.74
C24 A86 XI . 49.55 -73.64 2.17
C25 A86 XI . 48.27 -73.38 2.43
C26 A86 XI . 47.55 -73.90 3.55
C27 A86 XI . 46.27 -73.66 3.89
C28 A86 XI . 45.38 -72.74 3.11
C29 A86 XI . 45.75 -74.29 5.04
C3 A86 XI . 52.31 -73.33 -0.39
C30 A86 XI . 44.54 -74.09 5.48
C31 A86 XI . 43.32 -73.83 5.86
C32 A86 XI . 42.22 -74.73 5.49
C33 A86 XI . 41.13 -74.65 6.57
C34 A86 XI . 40.57 -73.27 6.86
C35 A86 XI . 41.56 -72.20 6.45
C36 A86 XI . 43.01 -72.61 6.70
C37 A86 XI . 43.96 -71.45 6.40
C38 A86 XI . 38.19 -72.97 6.64
C39 A86 XI . 38.34 -72.99 8.13
C4 A86 XI . 53.56 -73.75 -0.58
C40 A86 XI . 41.66 -74.37 4.11
C41 A86 XI . 42.71 -76.18 5.45
C5 A86 XI . 54.29 -73.43 -1.74
C6 A86 XI . 55.55 -73.80 -2.07
C7 A86 XI . 56.42 -74.60 -1.15
C8 A86 XI . 56.05 -73.48 -3.39
C9 A86 XI . 57.21 -73.85 -3.91
O1 A86 XI . 60.18 -72.52 -9.59
O2 A86 XI . 60.58 -69.33 -12.45
O3 A86 XI . 43.12 -72.94 8.08
O4 A86 XI . 39.38 -73.12 6.03
O5 A86 XI . 37.16 -72.83 6.05
C A86 YI . 74.64 -64.72 -0.25
O A86 YI . 67.13 -69.62 9.21
C1 A86 YI . 73.91 -65.64 -1.18
C10 A86 YI . 69.00 -69.11 6.31
C11 A86 YI . 67.93 -68.89 7.11
C12 A86 YI . 66.59 -68.42 6.62
C13 A86 YI . 68.04 -69.10 8.59
C14 A86 YI . 69.31 -68.64 9.29
C15 A86 YI . 69.31 -68.70 10.82
C16 A86 YI . 69.78 -70.02 11.49
C17 A86 YI . 69.03 -70.21 12.83
C18 A86 YI . 69.00 -68.99 13.72
C19 A86 YI . 68.22 -67.88 13.03
C2 A86 YI . 73.07 -66.62 -0.75
C20 A86 YI . 68.68 -67.63 11.61
C21 A86 YI . 67.95 -66.46 10.99
C22 A86 YI . 69.49 -71.25 10.60
C23 A86 YI . 71.30 -70.01 11.76
C24 A86 YI . 74.12 -65.49 -2.62
C25 A86 YI . 75.09 -64.79 -3.22
C26 A86 YI . 75.22 -64.70 -4.65
C27 A86 YI . 76.23 -64.14 -5.37
C28 A86 YI . 77.44 -63.50 -4.73
C29 A86 YI . 76.10 -64.12 -6.80
C3 A86 YI . 72.74 -66.95 0.61
C30 A86 YI . 76.89 -63.41 -7.58
C31 A86 YI . 77.72 -62.70 -8.28
C32 A86 YI . 78.94 -63.34 -8.87
C33 A86 YI . 79.37 -62.67 -10.18
C34 A86 YI . 79.34 -61.15 -10.14
C35 A86 YI . 77.94 -60.69 -9.78
C36 A86 YI . 77.44 -61.21 -8.42
C37 A86 YI . 78.04 -60.41 -7.27
C38 A86 YI . 81.59 -60.69 -9.41
C39 A86 YI . 82.39 -60.16 -8.27
C4 A86 YI . 71.78 -67.83 0.95
C40 A86 YI . 80.06 -63.38 -7.82
C41 A86 YI . 78.64 -64.77 -9.31
C5 A86 YI . 71.46 -68.16 2.31
C6 A86 YI . 70.38 -68.82 2.77
C7 A86 YI . 69.30 -69.37 1.88
C8 A86 YI . 70.21 -68.95 4.21
C9 A86 YI . 69.06 -68.97 4.89
O1 A86 YI . 70.12 -67.63 11.41
O2 A86 YI . 68.38 -69.32 14.96
O3 A86 YI . 76.03 -61.01 -8.42
O4 A86 YI . 80.28 -60.66 -9.13
O5 A86 YI . 82.04 -61.10 -10.45
O1 LHG ZI . 56.87 -33.84 -17.16
C1 LHG ZI . 57.70 -34.98 -17.03
C2 LHG ZI . 58.05 -35.17 -15.56
O2 LHG ZI . 58.52 -36.47 -15.30
C3 LHG ZI . 56.86 -34.97 -14.64
O3 LHG ZI . 55.96 -35.87 -15.26
P LHG ZI . 54.38 -35.56 -15.36
O4 LHG ZI . 54.24 -34.15 -15.85
O5 LHG ZI . 53.78 -36.84 -15.79
O6 LHG ZI . 54.19 -35.39 -13.71
C4 LHG ZI . 53.66 -34.23 -13.15
C5 LHG ZI . 53.90 -34.42 -11.66
C6 LHG ZI . 52.78 -35.21 -10.99
O7 LHG ZI . 55.11 -35.15 -11.57
C7 LHG ZI . 55.79 -34.99 -10.40
O9 LHG ZI . 55.48 -34.16 -9.55
C8 LHG ZI . 56.57 -36.21 -10.11
C9 LHG ZI . 57.14 -36.14 -8.71
C10 LHG ZI . 56.09 -36.55 -7.72
O8 LHG ZI . 51.87 -34.23 -10.52
C23 LHG ZI . 52.06 -33.76 -9.25
O10 LHG ZI . 52.48 -32.63 -9.09
C24 LHG ZI . 51.41 -34.45 -8.07
C11 LHG ZI . 56.75 -36.25 -6.40
C12 LHG ZI . 55.93 -36.83 -5.30
C13 LHG ZI . 56.68 -36.56 -4.01
C14 LHG ZI . 55.94 -37.07 -2.79
C15 LHG ZI . 56.34 -36.25 -1.55
C16 LHG ZI . 57.66 -36.72 -0.96
C17 LHG ZI . 58.90 -36.04 -1.59
C18 LHG ZI . 59.06 -34.72 -0.86
C19 LHG ZI . 60.07 -34.78 0.27
C20 LHG ZI . 60.40 -33.31 0.51
C21 LHG ZI . 61.25 -33.16 1.73
C22 LHG ZI . 62.66 -33.65 1.43
C25 LHG ZI . 51.39 -33.64 -6.79
C26 LHG ZI . 50.95 -34.36 -5.49
C27 LHG ZI . 52.10 -35.30 -5.10
C28 LHG ZI . 52.04 -35.86 -3.71
C29 LHG ZI . 50.73 -36.65 -3.59
C30 LHG ZI . 50.76 -37.84 -2.65
C31 LHG ZI . 49.62 -37.91 -1.65
C32 LHG ZI . 49.55 -39.20 -0.81
C33 LHG ZI . 49.07 -40.35 -1.69
C34 LHG ZI . 48.56 -41.58 -0.96
C35 LHG ZI . 49.48 -41.96 0.19
C1 LMG AJ . 65.84 -34.99 18.42
O1 LMG AJ . 67.25 -34.72 18.33
C2 LMG AJ . 65.57 -36.40 17.93
O2 LMG AJ . 65.99 -36.60 16.58
C3 LMG AJ . 64.09 -36.68 18.03
O3 LMG AJ . 63.85 -38.01 17.60
C4 LMG AJ . 63.63 -36.51 19.47
O4 LMG AJ . 64.29 -37.48 20.28
C5 LMG AJ . 64.00 -35.14 20.00
O5 LMG AJ . 64.62 -34.15 22.12
C6 LMG AJ . 63.69 -35.03 21.49
O6 LMG AJ . 65.40 -34.90 19.79
C7 LMG AJ . 67.55 -33.37 18.04
C8 LMG AJ . 68.20 -33.23 16.66
C9 LMG AJ . 69.33 -34.24 16.47
O7 LMG AJ . 67.21 -33.45 15.66
C10 LMG AJ . 67.12 -32.35 14.69
O9 LMG AJ . 66.49 -31.36 14.98
C11 LMG AJ . 67.79 -32.47 13.35
C12 LMG AJ . 67.33 -31.34 12.42
C13 LMG AJ . 68.23 -31.24 11.19
C14 LMG AJ . 68.00 -29.96 10.40
C15 LMG AJ . 68.88 -29.88 9.16
C16 LMG AJ . 70.28 -29.40 9.48
C17 LMG AJ . 70.87 -28.53 8.37
C18 LMG AJ . 72.36 -28.30 8.60
C19 LMG AJ . 73.08 -27.96 7.31
C20 LMG AJ . 74.59 -28.03 7.48
O8 LMG AJ . 70.00 -33.99 15.23
C28 LMG AJ . 71.16 -34.77 14.82
O10 LMG AJ . 71.61 -35.59 15.60
C29 LMG AJ . 71.82 -34.58 13.48
C30 LMG AJ . 70.99 -35.21 12.38
C31 LMG AJ . 71.84 -35.88 11.30
C32 LMG AJ . 71.11 -37.06 10.70
C33 LMG AJ . 71.77 -37.58 9.44
C34 LMG AJ . 70.86 -38.56 8.72
C35 LMG AJ . 71.42 -39.03 7.39
C36 LMG AJ . 70.31 -39.58 6.50
C37 LMG AJ . 70.72 -40.85 5.76
NB KC2 BJ . 76.26 -39.38 -6.11
ND KC2 BJ . 75.69 -35.51 -6.23
C1A KC2 BJ . 76.10 -36.57 -9.26
C1B KC2 BJ . 76.55 -40.30 -7.14
C1C KC2 BJ . 75.76 -38.41 -3.34
C1D KC2 BJ . 75.50 -34.55 -5.27
C2A KC2 BJ . 76.29 -37.14 -10.57
C2B KC2 BJ . 76.68 -41.67 -6.59
C2C KC2 BJ . 75.49 -37.93 -2.03
C2D KC2 BJ . 75.42 -33.29 -5.88
C3A KC2 BJ . 76.51 -38.47 -10.39
C3B KC2 BJ . 76.46 -41.60 -5.24
C3C KC2 BJ . 75.31 -36.58 -2.12
C3D KC2 BJ . 75.55 -33.51 -7.30
C4A KC2 BJ . 76.45 -38.74 -9.01
C4B KC2 BJ . 76.22 -40.20 -4.91
C4C KC2 BJ . 75.46 -36.19 -3.48
C4D KC2 BJ . 75.72 -34.93 -7.46
CAA KC2 BJ . 76.18 -36.45 -11.84
CAB KC2 BJ . 76.37 -42.72 -4.30
CAC KC2 BJ . 74.93 -35.67 -1.02
CAD KC2 BJ . 75.57 -32.85 -8.56
CBA KC2 BJ . 76.89 -35.43 -12.31
CBB KC2 BJ . 77.07 -42.98 -3.23
CBC KC2 BJ . 75.42 -35.59 0.17
CBD KC2 BJ . 75.77 -33.92 -9.60
CED KC2 BJ . 73.58 -32.55 -12.26
CGA KC2 BJ . 76.68 -34.81 -13.64
CGD KC2 BJ . 74.58 -33.84 -10.56
CHA KC2 BJ . 75.88 -35.25 -8.84
CHB KC2 BJ . 76.64 -40.03 -8.48
CHC KC2 BJ . 75.99 -39.76 -3.64
CHD KC2 BJ . 75.38 -34.89 -3.94
CMA KC2 BJ . 76.79 -39.48 -11.47
CMB KC2 BJ . 76.99 -42.91 -7.39
CMC KC2 BJ . 75.37 -38.80 -0.79
CMD KC2 BJ . 75.22 -31.97 -5.21
NA KC2 BJ . 76.18 -37.57 -8.32
NC KC2 BJ . 75.73 -37.36 -4.24
O1A KC2 BJ . 76.14 -35.43 -14.53
O1D KC2 BJ . 73.72 -34.67 -10.65
O2A KC2 BJ . 77.12 -33.60 -13.78
O2D KC2 BJ . 74.62 -32.72 -11.27
OBD KC2 BJ . 75.45 -31.64 -8.80
MG KC2 BJ . 75.87 -37.37 -6.29
C A86 CJ . 79.00 -39.94 4.57
O A86 CJ . 69.86 -40.83 -2.64
C1 A86 CJ . 78.17 -39.14 5.54
C10 A86 CJ . 70.47 -39.40 -0.34
C11 A86 CJ . 69.19 -39.61 -0.73
C12 A86 CJ . 67.96 -39.29 0.09
C13 A86 CJ . 68.95 -40.23 -2.07
C14 A86 CJ . 67.59 -40.09 -2.71
C15 A86 CJ . 67.44 -40.55 -4.17
C16 A86 CJ . 67.31 -42.07 -4.49
C17 A86 CJ . 66.62 -42.23 -5.86
C18 A86 CJ . 67.08 -41.34 -7.01
C19 A86 CJ . 68.15 -40.35 -6.60
C2 A86 CJ . 76.90 -38.72 5.28
C20 A86 CJ . 67.88 -39.68 -5.28
C21 A86 CJ . 68.55 -38.34 -5.06
C22 A86 CJ . 66.44 -42.79 -3.44
C23 A86 CJ . 68.67 -42.77 -4.50
C24 A86 CJ . 78.73 -38.86 6.85
C25 A86 CJ . 79.88 -39.33 7.38
C26 A86 CJ . 80.33 -38.99 8.69
C27 A86 CJ . 81.51 -39.32 9.28
C28 A86 CJ . 82.57 -40.13 8.57
C29 A86 CJ . 81.72 -38.88 10.62
C3 A86 CJ . 76.12 -38.97 4.11
C30 A86 CJ . 82.57 -39.45 11.45
C31 A86 CJ . 83.46 -39.97 12.24
C32 A86 CJ . 84.85 -39.40 12.35
C33 A86 CJ . 85.89 -40.53 12.21
C34 A86 CJ . 85.62 -41.69 13.14
C35 A86 CJ . 84.23 -42.23 12.92
C36 A86 CJ . 83.14 -41.17 13.12
C37 A86 CJ . 81.76 -41.75 12.84
C38 A86 CJ . 86.78 -43.74 13.65
C39 A86 CJ . 87.79 -44.70 13.12
C4 A86 CJ . 74.88 -38.50 3.92
C40 A86 CJ . 85.15 -38.47 11.17
C41 A86 CJ . 85.02 -38.61 13.64
C5 A86 CJ . 74.11 -38.78 2.76
C6 A86 CJ . 72.86 -38.37 2.45
C7 A86 CJ . 72.05 -37.48 3.34
C8 A86 CJ . 72.24 -38.86 1.22
C9 A86 CJ . 70.94 -38.88 0.91
O1 A86 CJ . 66.48 -39.74 -4.90
O2 A86 CJ . 67.59 -42.17 -8.06
O3 A86 CJ . 83.21 -40.78 14.50
O4 A86 CJ . 86.57 -42.73 12.77
O5 A86 CJ . 86.22 -43.81 14.70
C1 LMG DJ . 32.03 45.43 22.59
O1 LMG DJ . 33.44 45.23 22.54
C2 LMG DJ . 31.51 45.90 21.24
O2 LMG DJ . 30.57 46.97 21.44
C3 LMG DJ . 30.84 44.81 20.42
O3 LMG DJ . 31.83 43.88 19.94
C4 LMG DJ . 29.79 44.00 21.20
O4 LMG DJ . 29.88 42.62 20.91
C5 LMG DJ . 30.01 44.21 22.70
O5 LMG DJ . 30.31 42.18 23.98
C6 LMG DJ . 29.33 43.12 23.51
O6 LMG DJ . 31.41 44.19 22.95
C7 LMG DJ . 34.15 46.41 22.15
C8 LMG DJ . 35.53 46.01 21.63
C9 LMG DJ . 35.91 46.91 20.46
O7 LMG DJ . 36.50 46.14 22.66
C10 LMG DJ . 37.79 45.59 22.24
O9 LMG DJ . 37.81 44.54 21.64
C11 LMG DJ . 39.07 46.32 22.55
C12 LMG DJ . 40.15 45.95 21.55
C13 LMG DJ . 39.77 46.32 20.12
C14 LMG DJ . 39.82 45.09 19.22
C15 LMG DJ . 40.05 45.45 17.76
C16 LMG DJ . 40.47 44.23 16.97
C17 LMG DJ . 40.86 44.58 15.53
C18 LMG DJ . 41.78 43.50 14.97
C19 LMG DJ . 41.83 43.55 13.45
C20 LMG DJ . 42.10 42.17 12.85
O8 LMG DJ . 35.00 46.66 19.38
C28 LMG DJ . 35.51 46.53 18.03
O10 LMG DJ . 35.51 47.50 17.31
C29 LMG DJ . 36.01 45.20 17.52
C30 LMG DJ . 35.63 45.04 16.06
C31 LMG DJ . 36.84 45.21 15.14
C32 LMG DJ . 36.92 44.05 14.15
C33 LMG DJ . 36.77 44.54 12.72
C34 LMG DJ . 37.92 44.03 11.86
C35 LMG DJ . 37.43 43.56 10.50
C36 LMG DJ . 38.46 42.65 9.85
C37 LMG DJ . 38.48 42.83 8.34
NB KC2 EJ . 80.18 39.24 3.08
ND KC2 EJ . 77.62 42.17 3.41
C1A KC2 EJ . 79.83 43.00 1.23
C1B KC2 EJ . 81.32 39.08 2.23
C1C KC2 EJ . 78.21 38.56 5.22
C1D KC2 EJ . 76.51 42.40 4.19
C2A KC2 EJ . 80.86 43.31 0.29
C2B KC2 EJ . 81.98 37.79 2.49
C2C KC2 EJ . 77.27 38.24 6.23
C2D KC2 EJ . 76.00 43.67 3.90
C3A KC2 EJ . 81.70 42.22 0.23
C3B KC2 EJ . 81.28 37.18 3.48
C3C KC2 EJ . 76.37 39.27 6.30
C3D KC2 EJ . 76.84 44.25 2.89
C4A KC2 EJ . 81.19 41.25 1.14
C4B KC2 EJ . 80.17 38.03 3.87
C4C KC2 EJ . 76.75 40.27 5.34
C4D KC2 EJ . 77.84 43.27 2.63
CAA KC2 EJ . 81.00 44.56 -0.43
CAB KC2 EJ . 81.55 35.87 4.10
CAC KC2 EJ . 75.21 39.27 7.20
CAD KC2 EJ . 77.04 45.42 2.08
CBA KC2 EJ . 81.14 44.71 -1.74
CBB KC2 EJ . 80.99 34.72 3.84
CBC KC2 EJ . 74.71 40.23 7.91
CBD KC2 EJ . 78.25 45.14 1.23
CED KC2 EJ . 77.14 46.70 -1.94
CGA KC2 EJ . 81.26 46.01 -2.45
CGD KC2 EJ . 77.80 45.23 -0.23
CHA KC2 EJ . 78.73 43.74 1.65
CHB KC2 EJ . 81.79 40.00 1.33
CHC KC2 EJ . 79.27 37.72 4.85
CHD KC2 EJ . 76.10 41.46 5.12
CMA KC2 EJ . 82.93 42.07 -0.62
CMB KC2 EJ . 83.20 37.28 1.78
CMC KC2 EJ . 77.27 36.98 7.06
CMD KC2 EJ . 74.79 44.32 4.51
NA KC2 EJ . 80.05 41.75 1.75
NC KC2 EJ . 77.91 39.79 4.66
O1A KC2 EJ . 82.28 46.68 -2.34
O1D KC2 EJ . 77.66 44.28 -0.95
O2A KC2 EJ . 80.25 46.36 -3.18
O2D KC2 EJ . 77.59 46.49 -0.58
OBD KC2 EJ . 76.38 46.47 2.06
MG KC2 EJ . 78.85 40.81 3.14
NB KC2 FJ . 73.76 48.92 9.18
ND KC2 FJ . 76.48 47.29 6.89
C1A KC2 FJ . 75.78 50.22 5.72
C1B KC2 FJ . 73.12 50.20 9.10
C1C KC2 FJ . 74.42 46.21 10.25
C1D KC2 FJ . 77.14 46.09 6.88
C2A KC2 FJ . 75.42 51.53 5.27
C2B KC2 FJ . 72.18 50.36 10.24
C2C KC2 FJ . 74.76 44.94 10.79
C2D KC2 FJ . 78.03 46.06 5.81
C3A KC2 FJ . 74.43 51.97 6.10
C3B KC2 FJ . 72.23 49.21 10.95
C3C KC2 FJ . 75.72 44.40 9.95
C3D KC2 FJ . 77.91 47.32 5.12
C4A KC2 FJ . 74.20 50.98 7.08
C4B KC2 FJ . 73.18 48.30 10.35
C4C KC2 FJ . 75.99 45.34 8.90
C4D KC2 FJ . 76.92 48.06 5.85
CAA KC2 FJ . 76.10 52.29 4.25
CAB KC2 FJ . 71.44 48.91 12.17
CAC KC2 FJ . 76.43 43.13 10.16
CAD KC2 FJ . 78.39 48.08 3.99
CBA KC2 FJ . 76.00 52.19 2.94
CBB KC2 FJ . 71.33 49.65 13.23
CBC KC2 FJ . 75.96 41.94 10.40
CBD KC2 FJ . 77.70 49.42 4.06
CED KC2 FJ . 79.90 52.30 3.30
CGA KC2 FJ . 76.79 53.05 2.03
CGD KC2 FJ . 78.77 50.49 4.28
CHA KC2 FJ . 76.72 49.32 5.24
CHB KC2 FJ . 73.32 51.15 8.16
CHC KC2 FJ . 73.49 47.07 10.86
CHD KC2 FJ . 76.89 45.14 7.88
CMA KC2 FJ . 73.71 53.28 5.99
CMB KC2 FJ . 71.37 51.58 10.56
CMC KC2 FJ . 74.21 44.35 12.04
CMD KC2 FJ . 78.97 44.95 5.42
NA KC2 FJ . 75.03 49.90 6.84
NC KC2 FJ . 75.15 46.48 9.11
O1A KC2 FJ . 77.64 52.58 1.29
O1D KC2 FJ . 79.37 50.65 5.31
O2A KC2 FJ . 76.53 54.33 2.08
O2D KC2 FJ . 78.94 51.23 3.20
OBD KC2 FJ . 79.20 47.74 3.13
MG KC2 FJ . 75.23 48.17 7.94
NB KC2 GJ . 68.51 52.77 0.94
ND KC2 GJ . 64.95 53.79 -0.34
C1A KC2 GJ . 67.04 54.08 -2.78
C1B KC2 GJ . 69.75 52.71 0.27
C1C KC2 GJ . 66.60 52.64 3.23
C1D KC2 GJ . 63.72 53.91 0.24
C2A KC2 GJ . 68.04 54.28 -3.79
C2B KC2 GJ . 70.82 52.25 1.19
C2C KC2 GJ . 65.66 52.62 4.32
C2D KC2 GJ . 62.79 54.34 -0.72
C3A KC2 GJ . 69.24 53.93 -3.24
C3B KC2 GJ . 70.23 52.04 2.39
C3C KC2 GJ . 64.45 52.96 3.82
C3D KC2 GJ . 63.50 54.48 -1.96
C4A KC2 GJ . 68.99 53.53 -1.90
C4B KC2 GJ . 68.82 52.36 2.29
C4C KC2 GJ . 64.58 53.24 2.42
C4D KC2 GJ . 64.86 54.13 -1.66
CAA KC2 GJ . 67.81 54.83 -5.11
CAB KC2 GJ . 70.90 51.56 3.62
CAC KC2 GJ . 63.22 52.99 4.62
CAD KC2 GJ . 63.36 54.83 -3.36
CBA KC2 GJ . 68.30 54.40 -6.26
CBB KC2 GJ . 71.00 50.34 4.03
CBC KC2 GJ . 62.51 54.00 4.92
CBD KC2 GJ . 64.74 54.72 -3.97
CED KC2 GJ . 64.91 51.46 -5.71
CGA KC2 GJ . 68.05 55.00 -7.59
CGD KC2 GJ . 64.71 53.73 -5.13
CHA KC2 GJ . 65.67 54.27 -2.82
CHB KC2 GJ . 69.99 53.06 -1.04
CHC KC2 GJ . 67.96 52.32 3.34
CHD KC2 GJ . 63.55 53.65 1.60
CMA KC2 GJ . 70.59 54.00 -3.88
CMB KC2 GJ . 72.27 52.08 0.86
CMC KC2 GJ . 65.99 52.39 5.76
CMD KC2 GJ . 61.33 54.63 -0.51
NA KC2 GJ . 67.64 53.64 -1.63
NC KC2 GJ . 65.95 53.02 2.07
O1A KC2 GJ . 67.72 56.18 -7.69
O1D KC2 GJ . 64.52 54.02 -6.27
O2A KC2 GJ . 68.20 54.22 -8.62
O2D KC2 GJ . 64.92 52.49 -4.69
OBD KC2 GJ . 62.34 55.16 -3.96
MG KC2 GJ . 66.67 53.27 0.16
MG CLA HJ . 60.73 61.30 5.99
CHA CLA HJ . 63.87 60.61 4.80
CHB CLA HJ . 59.70 58.39 4.80
CHC CLA HJ . 57.62 62.10 7.11
CHD CLA HJ . 61.56 64.75 6.09
NA CLA HJ . 61.62 59.84 5.11
C1A CLA HJ . 62.96 59.60 4.84
C2A CLA HJ . 63.22 58.15 4.57
C3A CLA HJ . 61.92 57.81 3.86
C4A CLA HJ . 61.00 58.73 4.63
CMA CLA HJ . 61.92 58.07 2.35
CAA CLA HJ . 63.37 57.48 5.94
CBA CLA HJ . 64.72 56.79 6.17
CGA CLA HJ . 64.77 56.02 7.46
O1A CLA HJ . 63.97 55.21 7.80
O2A CLA HJ . 65.85 56.35 8.17
NB CLA HJ . 59.01 60.41 5.99
C1B CLA HJ . 58.72 59.09 5.48
C2B CLA HJ . 57.39 58.73 5.78
C3B CLA HJ . 56.82 59.81 6.46
C4B CLA HJ . 57.78 60.82 6.57
CMB CLA HJ . 56.74 57.42 5.46
CAB CLA HJ . 55.46 59.89 7.01
CBB CLA HJ . 54.91 59.09 7.89
NC CLA HJ . 59.83 62.98 6.48
C1C CLA HJ . 58.54 63.10 7.02
C2C CLA HJ . 58.23 64.47 7.37
C3C CLA HJ . 59.31 65.24 7.02
C4C CLA HJ . 60.32 64.35 6.48
CMC CLA HJ . 56.98 64.98 8.02
CAC CLA HJ . 59.48 66.73 7.18
CBC CLA HJ . 60.21 67.11 8.44
ND CLA HJ . 62.24 62.44 5.58
C1D CLA HJ . 62.53 63.87 5.65
C2D CLA HJ . 63.86 64.11 5.26
C3D CLA HJ . 64.44 62.87 4.94
C4D CLA HJ . 63.45 61.92 5.14
CMD CLA HJ . 64.52 65.46 5.20
CAD CLA HJ . 65.63 62.17 4.49
OBD CLA HJ . 66.71 62.63 4.16
CBD CLA HJ . 65.36 60.69 4.47
CGD CLA HJ . 65.78 60.14 3.12
O1D CLA HJ . 65.05 59.61 2.33
O2D CLA HJ . 67.11 60.25 2.96
CED CLA HJ . 67.71 59.41 1.96
C1 CLA HJ . 66.08 55.56 9.37
C2 CLA HJ . 67.44 55.86 9.90
C3 CLA HJ . 67.73 56.63 10.94
C4 CLA HJ . 66.71 57.33 11.80
C5 CLA HJ . 69.17 56.86 11.35
NB KC2 IJ . 55.91 66.94 -0.86
ND KC2 IJ . 54.42 63.46 -1.84
C1A KC2 IJ . 53.96 65.50 -4.30
C1B KC2 IJ . 56.01 68.15 -1.59
C1C KC2 IJ . 56.23 65.07 1.44
C1D KC2 IJ . 54.27 62.25 -1.18
C2A KC2 IJ . 53.79 66.46 -5.34
C2B KC2 IJ . 56.55 69.23 -0.75
C2C KC2 IJ . 56.40 64.16 2.54
C2D KC2 IJ . 53.54 61.38 -1.99
C3A KC2 IJ . 54.38 67.63 -4.92
C3B KC2 IJ . 56.77 68.69 0.48
C3C KC2 IJ . 55.89 62.96 2.15
C3D KC2 IJ . 53.21 62.09 -3.20
C4A KC2 IJ . 54.90 67.39 -3.62
C4B KC2 IJ . 56.41 67.28 0.45
C4C KC2 IJ . 55.39 63.09 0.81
C4D KC2 IJ . 53.79 63.39 -3.05
CAA KC2 IJ . 53.06 66.25 -6.57
CAB KC2 IJ . 57.18 69.42 1.69
CAC KC2 IJ . 55.85 61.75 2.98
CAD KC2 IJ . 52.51 61.99 -4.47
CBA KC2 IJ . 53.48 66.55 -7.80
CBB KC2 IJ . 58.24 69.25 2.39
CBC KC2 IJ . 54.84 61.24 3.59
CBD KC2 IJ . 52.72 63.31 -5.17
CED KC2 IJ . 53.16 62.51 -8.76
CGA KC2 IJ . 52.71 66.33 -9.05
CGD KC2 IJ . 53.45 63.05 -6.49
CHA KC2 IJ . 53.53 64.18 -4.20
CHB KC2 IJ . 55.55 68.37 -2.86
CHC KC2 IJ . 56.58 66.43 1.51
CHD KC2 IJ . 54.76 62.09 0.10
CMA KC2 IJ . 54.46 68.92 -5.66
CMB KC2 IJ . 56.80 70.64 -1.20
CMC KC2 IJ . 57.02 64.51 3.86
CMD KC2 IJ . 53.13 59.97 -1.67
NA KC2 IJ . 54.64 66.07 -3.25
NC KC2 IJ . 55.64 64.43 0.38
O1A KC2 IJ . 51.54 65.98 -9.02
O1D KC2 IJ . 54.63 63.17 -6.66
O2A KC2 IJ . 53.36 66.52 -10.16
O2D KC2 IJ . 52.60 62.69 -7.44
OBD KC2 IJ . 51.85 61.04 -4.91
MG KC2 IJ . 55.18 65.12 -1.50
NB KC2 JJ . 41.41 52.66 -3.90
ND KC2 JJ . 41.09 56.22 -5.49
C1A KC2 JJ . 42.05 54.16 -7.78
C1B KC2 JJ . 41.77 51.41 -4.47
C1C KC2 JJ . 40.58 54.59 -1.78
C1D KC2 JJ . 40.75 57.46 -5.01
C2A KC2 JJ . 42.49 53.19 -8.73
C2B KC2 JJ . 41.75 50.35 -3.45
C2C KC2 JJ . 40.19 55.53 -0.78
C2D KC2 JJ . 40.81 58.39 -6.06
C3A KC2 JJ . 42.56 51.98 -8.09
C3B KC2 JJ . 41.37 50.93 -2.27
C3C KC2 JJ . 40.10 56.76 -1.38
C3D KC2 JJ . 41.20 57.67 -7.24
C4A KC2 JJ . 42.17 52.20 -6.75
C4B KC2 JJ . 41.15 52.34 -2.50
C4C KC2 JJ . 40.42 56.61 -2.76
C4D KC2 JJ . 41.37 56.31 -6.83
CAA KC2 JJ . 42.81 53.47 -10.13
CAB KC2 JJ . 41.17 50.24 -0.99
CAC KC2 JJ . 39.71 57.99 -0.71
CAD KC2 JJ . 41.46 57.82 -8.65
CBA KC2 JJ . 42.45 52.79 -11.20
CBB KC2 JJ . 41.67 50.48 0.19
CBC KC2 JJ . 38.60 58.24 -0.07
CBD KC2 JJ . 41.89 56.46 -9.14
CED KC2 JJ . 39.99 56.75 -12.31
CGA KC2 JJ . 42.78 53.13 -12.61
CGD KC2 JJ . 40.93 56.06 -10.26
CHA KC2 JJ . 41.80 55.52 -7.93
CHB KC2 JJ . 42.13 51.18 -5.78
CHC KC2 JJ . 40.78 53.23 -1.53
CHD KC2 JJ . 40.43 57.64 -3.67
CMA KC2 JJ . 42.95 50.66 -8.68
CMB KC2 JJ . 42.09 48.91 -3.69
CMC KC2 JJ . 39.95 55.20 0.67
CMD KC2 JJ . 40.52 59.86 -5.98
NA KC2 JJ . 41.87 53.54 -6.57
NC KC2 JJ . 40.72 55.24 -3.00
O1A KC2 JJ . 42.23 52.57 -13.54
O1D KC2 JJ . 40.27 55.06 -10.29
O2A KC2 JJ . 43.68 54.07 -12.76
O2D KC2 JJ . 40.93 56.98 -11.22
OBD KC2 JJ . 41.35 58.84 -9.34
MG KC2 JJ . 41.21 54.48 -4.85
NB KC2 KJ . 47.42 46.01 -6.70
ND KC2 KJ . 46.62 49.75 -7.46
C1A KC2 KJ . 47.70 48.38 -10.17
C1B KC2 KJ . 47.94 44.98 -7.53
C1C KC2 KJ . 46.46 47.32 -4.18
C1D KC2 KJ . 46.19 50.80 -6.71
C2A KC2 KJ . 48.22 47.71 -11.32
C2B KC2 KJ . 48.11 43.73 -6.77
C2C KC2 KJ . 46.02 47.95 -2.99
C2D KC2 KJ . 46.11 51.94 -7.51
C3A KC2 KJ . 48.45 46.41 -10.96
C3B KC2 KJ . 47.71 43.99 -5.49
C3C KC2 KJ . 45.80 49.27 -3.30
C3D KC2 KJ . 46.52 51.56 -8.83
C4A KC2 KJ . 48.12 46.27 -9.57
C4B KC2 KJ . 47.29 45.38 -5.41
C4C KC2 KJ . 46.07 49.47 -4.69
C4D KC2 KJ . 46.84 50.17 -8.74
CAA KC2 KJ . 48.47 48.34 -12.60
CAB KC2 KJ . 47.70 43.07 -4.35
CAC KC2 KJ . 45.45 50.33 -2.35
CAD KC2 KJ . 46.72 52.05 -10.18
CBA KC2 KJ . 48.10 47.90 -13.79
CBB KC2 KJ . 46.98 42.01 -4.19
CBC KC2 KJ . 44.53 50.33 -1.43
CBD KC2 KJ . 47.25 50.89 -10.96
CED KC2 KJ . 44.27 49.86 -12.89
CGA KC2 KJ . 48.40 48.60 -15.07
CGD KC2 KJ . 46.34 50.69 -12.17
CHA KC2 KJ . 47.30 49.70 -9.99
CHB KC2 KJ . 48.25 45.08 -8.86
CHC KC2 KJ . 46.84 45.97 -4.26
CHD KC2 KJ . 45.92 50.66 -5.36
CMA KC2 KJ . 48.95 45.30 -11.84
CMB KC2 KJ . 48.62 42.43 -7.30
CMC KC2 KJ . 45.79 47.28 -1.67
CMD KC2 KJ . 45.69 53.32 -7.10
NA KC2 KJ . 47.64 47.49 -9.10
NC KC2 KJ . 46.48 48.21 -5.24
O1A KC2 KJ . 49.33 48.25 -15.77
O1D KC2 KJ . 46.61 51.01 -13.29
O2A KC2 KJ . 47.62 49.60 -15.37
O2D KC2 KJ . 45.20 50.11 -11.81
OBD KC2 KJ . 46.48 53.18 -10.61
MG KC2 KJ . 46.95 47.94 -7.23
MG CLA LJ . 50.66 47.61 2.85
CHA CLA LJ . 52.06 45.73 0.40
CHB CLA LJ . 48.56 48.88 0.60
CHC CLA LJ . 49.33 49.48 5.34
CHD CLA LJ . 53.64 47.34 4.74
NA CLA LJ . 50.35 47.27 0.99
C1A CLA LJ . 50.90 46.34 0.12
C2A CLA LJ . 50.06 46.17 -1.12
C3A CLA LJ . 49.58 47.60 -1.27
C4A CLA LJ . 49.48 47.97 0.19
CMA CLA LJ . 50.49 48.54 -2.04
CAA CLA LJ . 48.90 45.19 -0.87
CBA CLA LJ . 49.29 43.81 -0.37
CGA CLA LJ . 48.13 42.89 -0.16
O1A CLA LJ . 47.15 42.85 -0.85
O2A CLA LJ . 48.35 42.08 0.88
NB CLA LJ . 49.21 48.89 2.97
C1B CLA LJ . 48.34 49.30 1.90
C2B CLA LJ . 47.29 50.10 2.39
C3B CLA LJ . 47.48 50.21 3.77
C4B CLA LJ . 48.65 49.52 4.12
CMB CLA LJ . 46.17 50.71 1.59
CAB CLA LJ . 46.56 50.85 4.72
CBB CLA LJ . 46.82 51.62 5.70
NC CLA LJ . 51.33 48.26 4.59
C1C CLA LJ . 50.59 48.97 5.51
C2C CLA LJ . 51.38 49.27 6.70
C3C CLA LJ . 52.63 48.76 6.49
C4C CLA LJ . 52.62 48.10 5.21
CMC CLA LJ . 50.91 49.96 7.95
CAC CLA LJ . 53.84 48.92 7.36
CBC CLA LJ . 54.13 47.71 8.20
ND CLA LJ . 52.39 46.76 2.71
C1D CLA LJ . 53.56 46.63 3.56
C2D CLA LJ . 54.49 45.77 2.96
C3D CLA LJ . 53.95 45.35 1.71
C4D CLA LJ . 52.72 45.98 1.62
CMD CLA LJ . 55.80 45.34 3.54
CAD CLA LJ . 54.12 44.53 0.53
OBD CLA LJ . 55.03 43.79 0.24
CBD CLA LJ . 52.93 44.73 -0.37
CGD CLA LJ . 53.42 45.25 -1.72
O1D CLA LJ . 53.34 46.39 -2.09
O2D CLA LJ . 53.95 44.26 -2.45
CED CLA LJ . 54.47 44.65 -3.74
C1 CLA LJ . 47.43 40.96 1.07
C2 CLA LJ . 48.12 39.90 1.86
C3 CLA LJ . 48.50 40.06 3.12
C4 CLA LJ . 49.19 39.00 3.93
C5 CLA LJ . 48.24 41.35 3.86
MG CLA MJ . 55.36 39.47 4.52
CHA CLA MJ . 53.66 39.78 1.57
CHB CLA MJ . 56.55 36.56 3.47
CHC CLA MJ . 56.66 39.03 7.63
CHD CLA MJ . 53.40 42.12 5.84
NA CLA MJ . 55.22 38.50 2.83
C1A CLA MJ . 54.57 38.78 1.65
C2A CLA MJ . 54.94 37.91 0.50
C3A CLA MJ . 55.63 36.78 1.19
C4A CLA MJ . 55.82 37.30 2.59
CMA CLA MJ . 54.85 35.47 1.15
CAA CLA MJ . 55.86 38.75 -0.41
CBA CLA MJ . 56.24 38.11 -1.74
CGA CLA MJ . 55.07 37.69 -2.58
O1A CLA MJ . 54.59 38.33 -3.48
O2A CLA MJ . 54.65 36.47 -2.23
NB CLA MJ . 56.39 38.08 5.38
C1B CLA MJ . 56.83 36.85 4.79
C2B CLA MJ . 57.57 36.10 5.72
C3B CLA MJ . 57.60 36.82 6.90
C4B CLA MJ . 56.89 38.02 6.71
CMB CLA MJ . 58.20 34.76 5.46
CAB CLA MJ . 58.25 36.44 8.16
CBB CLA MJ . 58.03 35.39 8.89
NC CLA MJ . 55.14 40.37 6.26
C1C CLA MJ . 55.83 40.08 7.42
C2C CLA MJ . 55.48 41.01 8.51
C3C CLA MJ . 54.51 41.85 8.02
C4C CLA MJ . 54.30 41.49 6.63
CMC CLA MJ . 56.05 41.05 9.90
CAC CLA MJ . 53.77 42.92 8.76
CBC CLA MJ . 54.30 44.30 8.48
ND CLA MJ . 53.91 40.63 3.96
C1D CLA MJ . 53.14 41.72 4.55
C2D CLA MJ . 52.24 42.24 3.61
C3D CLA MJ . 52.39 41.49 2.42
C4D CLA MJ . 53.39 40.59 2.68
CMD CLA MJ . 51.27 43.36 3.84
CAD CLA MJ . 51.91 41.24 1.08
OBD CLA MJ . 50.94 41.68 0.52
CBD CLA MJ . 52.78 40.27 0.42
CGD CLA MJ . 51.86 39.22 -0.20
O1D CLA MJ . 51.63 38.14 0.28
O2D CLA MJ . 51.34 39.65 -1.34
CED CLA MJ . 50.47 38.73 -2.05
C1 CLA MJ . 53.68 35.84 -3.12
C2 CLA MJ . 53.37 34.47 -2.59
C3 CLA MJ . 52.35 34.11 -1.84
C4 CLA MJ . 52.15 32.69 -1.38
C5 CLA MJ . 51.30 35.13 -1.42
C6 CLA MJ . 50.31 34.73 -0.32
C7 CLA MJ . 50.90 34.56 1.08
C8 CLA MJ . 49.96 33.93 2.09
C9 CLA MJ . 48.70 34.78 2.30
C10 CLA MJ . 50.68 33.68 3.42
MG CLA NJ . 64.93 37.08 -1.74
CHA CLA NJ . 66.59 36.96 -4.73
CHB CLA NJ . 62.23 38.23 -3.28
CHC CLA NJ . 63.62 37.85 1.34
CHD CLA NJ . 67.97 36.30 -0.09
NA CLA NJ . 64.51 37.43 -3.61
C1A CLA NJ . 65.26 37.28 -4.76
C2A CLA NJ . 64.51 37.50 -6.05
C3A CLA NJ . 63.18 38.05 -5.55
C4A CLA NJ . 63.30 37.91 -4.05
CMA CLA NJ . 62.94 39.49 -5.98
CAA CLA NJ . 64.38 36.22 -6.89
CBA CLA NJ . 63.90 34.91 -6.22
CGA CLA NJ . 62.41 34.78 -6.16
O1A CLA NJ . 61.70 34.58 -7.11
O2A CLA NJ . 61.97 34.93 -4.91
NB CLA NJ . 63.25 37.83 -1.09
C1B CLA NJ . 62.13 38.21 -1.91
C2B CLA NJ . 61.04 38.60 -1.09
C3B CLA NJ . 61.47 38.50 0.23
C4B CLA NJ . 62.80 38.05 0.24
CMB CLA NJ . 59.69 39.02 -1.58
CAB CLA NJ . 60.69 38.81 1.43
CBB CLA NJ . 59.55 38.30 1.80
NC CLA NJ . 65.59 37.02 0.13
C1C CLA NJ . 64.89 37.37 1.28
C2C CLA NJ . 65.68 37.10 2.49
C3C CLA NJ . 66.86 36.55 2.09
C4C CLA NJ . 66.85 36.54 0.65
CMC CLA NJ . 65.30 37.42 3.90
CAC CLA NJ . 67.91 35.94 2.98
CBC CLA NJ . 68.84 36.95 3.55
ND CLA NJ . 66.79 36.76 -2.19
C1D CLA NJ . 68.00 36.41 -1.46
C2D CLA NJ . 69.07 36.22 -2.35
C3D CLA NJ . 68.57 36.42 -3.65
C4D CLA NJ . 67.23 36.74 -3.51
CMD CLA NJ . 70.47 35.84 -1.97
CAD CLA NJ . 68.88 36.46 -5.07
OBD CLA NJ . 69.94 36.25 -5.63
CBD CLA NJ . 67.63 36.78 -5.83
CGD CLA NJ . 67.81 38.05 -6.65
O1D CLA NJ . 67.62 39.16 -6.24
O2D CLA NJ . 68.21 37.76 -7.89
CED CLA NJ . 68.39 38.89 -8.78
C1 CLA NJ . 60.53 35.03 -4.74
C2 CLA NJ . 60.28 34.93 -3.28
C3 CLA NJ . 59.10 35.11 -2.70
C4 CLA NJ . 57.84 35.41 -3.44
C5 CLA NJ . 58.97 35.04 -1.19
C6 CLA NJ . 58.15 33.86 -0.70
C7 CLA NJ . 58.89 33.04 0.35
C8 CLA NJ . 58.19 31.81 0.97
C9 CLA NJ . 56.78 31.61 0.46
C10 CLA NJ . 58.24 31.87 2.49
C11 CLA NJ . 59.62 31.77 3.13
C12 CLA NJ . 59.58 31.45 4.61
C13 CLA NJ . 60.90 31.62 5.36
C14 CLA NJ . 61.93 30.58 4.92
C15 CLA NJ . 60.68 31.58 6.87
MG CLA OJ . 68.04 28.85 14.76
CHA CLA OJ . 66.18 26.51 16.44
CHB CLA OJ . 70.81 27.50 16.00
CHC CLA OJ . 69.77 31.59 13.60
CHD CLA OJ . 65.04 30.55 13.91
NA CLA OJ . 68.38 27.31 15.88
C1A CLA OJ . 67.52 26.36 16.44
C2A CLA OJ . 68.22 25.16 17.02
C3A CLA OJ . 69.65 25.61 17.08
C4A CLA OJ . 69.63 26.89 16.27
CMA CLA OJ . 70.18 25.83 18.49
CAA CLA OJ . 68.00 24.00 16.04
NB CLA OJ . 69.91 29.42 14.78
C1B CLA OJ . 71.02 28.68 15.30
C2B CLA OJ . 72.23 29.34 15.03
C3B CLA OJ . 71.92 30.52 14.35
C4B CLA OJ . 70.51 30.58 14.21
CMB CLA OJ . 73.60 28.86 15.38
CAB CLA OJ . 72.84 31.54 13.86
CBB CLA OJ . 73.82 31.38 13.00
NC CLA OJ . 67.54 30.58 13.94
C1C CLA OJ . 68.41 31.57 13.47
C2C CLA OJ . 67.70 32.65 12.80
C3C CLA OJ . 66.36 32.33 12.83
C4C CLA OJ . 66.24 31.09 13.55
CMC CLA OJ . 68.29 33.89 12.19
CAC CLA OJ . 65.25 33.07 12.15
CBC CLA OJ . 64.66 34.15 12.99
ND CLA OJ . 66.13 28.67 15.07
C1D CLA OJ . 64.93 29.39 14.65
C2D CLA OJ . 63.78 28.71 15.09
C3D CLA OJ . 64.21 27.57 15.80
C4D CLA OJ . 65.60 27.60 15.77
CMD CLA OJ . 62.37 29.12 14.82
CAD CLA OJ . 63.82 26.37 16.52
OBD CLA OJ . 62.69 25.95 16.74
CBD CLA OJ . 65.05 25.67 17.01
CGD CLA OJ . 65.00 25.61 18.53
O1D CLA OJ . 65.69 24.90 19.22
O2D CLA OJ . 64.07 26.43 19.01
CED CLA OJ . 63.83 26.37 20.43
MG CLA PJ . 58.99 54.75 16.42
CHA CLA PJ . 57.94 55.79 19.50
CHB CLA PJ . 56.48 52.58 16.34
CHC CLA PJ . 60.42 53.37 13.63
CHD CLA PJ . 62.01 56.57 16.91
NA CLA PJ . 57.50 54.39 17.62
C1A CLA PJ . 57.11 54.98 18.81
C2A CLA PJ . 55.73 54.60 19.25
C3A CLA PJ . 55.48 53.35 18.46
C4A CLA PJ . 56.56 53.42 17.40
CMA CLA PJ . 55.56 52.06 19.28
CAA CLA PJ . 54.75 55.74 18.93
CBA CLA PJ . 54.65 56.23 17.47
CGA CLA PJ . 55.66 57.28 17.14
O1A CLA PJ . 55.90 58.25 17.81
O2A CLA PJ . 56.28 57.00 16.00
NB CLA PJ . 58.54 53.29 15.21
C1B CLA PJ . 57.35 52.48 15.28
C2B CLA PJ . 57.28 51.61 14.16
C3B CLA PJ . 58.42 51.85 13.40
C4B CLA PJ . 59.19 52.85 14.03
CMB CLA PJ . 56.17 50.66 13.83
CAB CLA PJ . 58.79 51.18 12.15
CBB CLA PJ . 58.65 49.93 11.83
NC CLA PJ . 60.73 54.94 15.49
C1C CLA PJ . 61.12 54.32 14.31
C2C CLA PJ . 62.43 54.77 13.86
C3C CLA PJ . 62.90 55.66 14.79
C4C CLA PJ . 61.87 55.78 15.81
CMC CLA PJ . 63.14 54.36 12.60
CAC CLA PJ . 64.20 56.40 14.78
CBC CLA PJ . 64.07 57.81 14.23
ND CLA PJ . 59.82 55.86 17.79
C1D CLA PJ . 61.06 56.62 17.91
C2D CLA PJ . 61.06 57.35 19.10
C3D CLA PJ . 59.84 57.08 19.77
C4D CLA PJ . 59.18 56.19 18.95
CMD CLA PJ . 62.16 58.25 19.58
CAD CLA PJ . 58.99 57.40 20.89
OBD CLA PJ . 59.11 58.26 21.74
CBD CLA PJ . 57.81 56.47 20.87
CGD CLA PJ . 57.97 55.50 22.03
O1D CLA PJ . 57.18 54.65 22.32
O2D CLA PJ . 59.12 55.70 22.66
CED CLA PJ . 59.42 54.77 23.72
C1 CLA PJ . 57.42 57.86 15.68
C2 CLA PJ . 57.88 57.60 14.29
C3 CLA PJ . 59.01 58.11 13.82
C4 CLA PJ . 59.91 59.00 14.65
C5 CLA PJ . 59.46 57.88 12.40
C6 CLA PJ . 59.19 56.48 11.88
C7 CLA PJ . 60.13 56.07 10.75
C8 CLA PJ . 60.04 56.87 9.45
C9 CLA PJ . 59.23 56.11 8.40
C10 CLA PJ . 61.42 57.24 8.92
C11 CLA PJ . 62.18 58.35 9.65
C12 CLA PJ . 61.56 59.74 9.47
C13 CLA PJ . 62.41 60.92 9.94
C14 CLA PJ . 63.60 61.17 9.03
C15 CLA PJ . 62.86 60.73 11.39
NB KC2 QJ . 47.24 65.41 13.72
ND KC2 QJ . 48.44 62.23 15.68
C1A KC2 QJ . 46.47 63.92 17.58
C1B KC2 QJ . 46.38 66.46 14.12
C1C KC2 QJ . 49.15 63.88 12.00
C1D KC2 QJ . 49.30 61.20 15.41
C2A KC2 QJ . 45.62 64.74 18.38
C2B KC2 QJ . 46.25 67.46 13.02
C2C KC2 QJ . 50.06 63.15 11.19
C2D KC2 QJ . 49.36 60.34 16.52
C3A KC2 QJ . 45.25 65.82 17.63
C3B KC2 QJ . 47.04 67.02 12.00
C3C KC2 QJ . 50.46 62.06 11.90
C3D KC2 QJ . 48.48 60.89 17.52
C4A KC2 QJ . 45.90 65.68 16.36
C4B KC2 QJ . 47.67 65.77 12.39
C4C KC2 QJ . 49.80 62.07 13.18
C4D KC2 QJ . 47.93 62.07 16.93
CAA KC2 QJ . 45.24 64.47 19.76
CAB KC2 QJ . 47.27 67.68 10.70
CAC KC2 QJ . 51.42 61.06 11.41
CAD KC2 QJ . 47.98 60.70 18.86
CBA KC2 QJ . 44.06 64.04 20.19
CBB KC2 QJ . 46.70 67.41 9.56
CBC KC2 QJ . 51.30 59.77 11.45
CBD KC2 QJ . 46.98 61.81 19.11
CED KC2 QJ . 44.25 59.90 20.71
CGA KC2 QJ . 43.69 63.77 21.60
CGD KC2 QJ . 45.60 61.20 19.29
CHA KC2 QJ . 47.06 62.70 17.86
CHB KC2 QJ . 45.74 66.60 15.33
CHC KC2 QJ . 48.54 65.08 11.59
CHD KC2 QJ . 49.96 61.14 14.18
CMA KC2 QJ . 44.35 66.96 18.03
CMB KC2 QJ . 45.41 68.70 13.07
CMC KC2 QJ . 50.49 63.53 9.80
CMD KC2 QJ . 50.17 59.09 16.66
NA KC2 QJ . 46.64 64.51 16.35
NC KC2 QJ . 48.97 63.24 13.21
O1A KC2 QJ . 44.34 64.25 22.53
O1D KC2 QJ . 44.71 61.26 18.47
O2A KC2 QJ . 42.66 63.00 21.79
O2D KC2 QJ . 45.50 60.59 20.46
OBD KC2 QJ . 48.28 59.81 19.69
MG KC2 QJ . 47.76 63.73 14.81
C A86 RJ . 71.10 45.35 8.72
O A86 RJ . 70.02 57.46 3.55
C1 A86 RJ . 70.14 45.81 9.78
C10 A86 RJ . 69.85 54.47 5.46
C11 A86 RJ . 69.39 55.53 4.72
C12 A86 RJ . 67.95 55.98 4.74
C13 A86 RJ . 70.31 56.31 3.83
C14 A86 RJ . 71.58 55.70 3.30
C15 A86 RJ . 72.48 56.60 2.45
C16 A86 RJ . 73.55 57.47 3.19
C17 A86 RJ . 73.80 58.76 2.39
C18 A86 RJ . 74.03 58.55 0.90
C19 A86 RJ . 72.74 58.03 0.27
C2 A86 RJ . 69.60 47.06 9.79
C20 A86 RJ . 72.17 56.84 1.02
C21 A86 RJ . 70.92 56.29 0.38
C22 A86 RJ . 73.07 57.86 4.59
C23 A86 RJ . 74.86 56.71 3.36
C24 A86 RJ . 69.84 44.90 10.88
C25 A86 RJ . 70.50 43.78 11.20
C26 A86 RJ . 70.14 42.93 12.30
C27 A86 RJ . 70.81 41.83 12.77
C28 A86 RJ . 72.11 41.34 12.19
C29 A86 RJ . 70.21 41.10 13.86
C3 A86 RJ . 69.86 48.13 8.88
C30 A86 RJ . 70.74 40.01 14.37
C31 A86 RJ . 71.33 38.96 14.84
C32 A86 RJ . 71.29 37.63 14.16
C33 A86 RJ . 72.73 37.11 14.00
C34 A86 RJ . 73.61 37.14 15.23
C35 A86 RJ . 73.56 38.51 15.89
C36 A86 RJ . 72.15 39.08 16.12
C37 A86 RJ . 71.48 38.47 17.34
C38 A86 RJ . 73.51 34.83 16.22
C39 A86 RJ . 74.49 34.47 15.15
C4 A86 RJ . 69.25 49.34 8.91
C40 A86 RJ . 70.80 37.78 12.71
C41 A86 RJ . 70.33 36.67 14.88
C5 A86 RJ . 69.59 50.38 7.98
C6 A86 RJ . 69.06 51.62 7.86
C7 A86 RJ . 67.94 52.12 8.73
C8 A86 RJ . 69.64 52.53 6.88
C9 A86 RJ . 69.14 53.69 6.42
O1 A86 RJ . 73.18 55.85 1.40
O2 A86 RJ . 74.37 59.80 0.29
O3 A86 RJ . 72.33 40.48 16.36
O4 A86 RJ . 73.15 36.15 16.22
O5 A86 RJ . 73.05 34.04 17.00
C A86 SJ . 54.29 61.59 13.68
O A86 SJ . 58.70 53.71 6.31
C1 A86 SJ . 53.98 60.52 14.69
C10 A86 SJ . 56.64 53.66 8.39
C11 A86 SJ . 57.33 52.64 7.90
C12 A86 SJ . 57.63 51.35 8.62
C13 A86 SJ . 57.91 52.80 6.53
C14 A86 SJ . 57.47 51.83 5.47
C15 A86 SJ . 57.01 52.45 4.13
C16 A86 SJ . 55.73 51.91 3.41
C17 A86 SJ . 56.16 51.36 2.02
C18 A86 SJ . 56.90 52.30 1.09
C19 A86 SJ . 57.58 53.45 1.83
C2 A86 SJ . 54.09 59.20 14.42
C20 A86 SJ . 57.98 53.13 3.25
C21 A86 SJ . 59.46 53.22 3.54
C22 A86 SJ . 55.06 50.76 4.16
C23 A86 SJ . 54.69 53.01 3.25
C24 A86 SJ . 53.50 60.94 15.99
C25 A86 SJ . 52.88 62.08 16.30
C26 A86 SJ . 52.44 62.42 17.62
C27 A86 SJ . 51.70 63.49 17.99
C28 A86 SJ . 51.17 64.50 17.03
C29 A86 SJ . 51.43 63.66 19.38
C3 A86 SJ . 54.47 58.59 13.18
C30 A86 SJ . 51.38 64.82 19.98
C31 A86 SJ . 51.38 65.98 20.55
C32 A86 SJ . 50.13 66.80 20.67
C33 A86 SJ . 50.15 67.71 21.92
C34 A86 SJ . 51.43 68.45 22.25
C35 A86 SJ . 52.53 68.06 21.27
C36 A86 SJ . 52.66 66.55 21.12
C37 A86 SJ . 53.88 66.19 20.27
C38 A86 SJ . 51.77 70.90 22.69
C39 A86 SJ . 52.83 70.45 23.64
C4 A86 SJ . 54.60 57.25 13.01
C40 A86 SJ . 48.93 65.88 20.95
C41 A86 SJ . 49.85 67.55 19.36
C5 A86 SJ . 54.98 56.67 11.76
C6 A86 SJ . 55.26 55.37 11.50
C7 A86 SJ . 55.23 54.29 12.56
C8 A86 SJ . 55.66 55.01 10.15
C9 A86 SJ . 56.30 53.90 9.76
O1 A86 SJ . 57.13 53.91 4.14
O2 A86 SJ . 57.89 51.55 0.39
O3 A86 SJ . 52.85 66.03 22.45
O4 A86 SJ . 51.11 69.87 22.06
O5 A86 SJ . 51.49 72.05 22.48
C A86 TJ . 47.35 45.46 3.20
O A86 TJ . 38.64 43.92 -4.58
C1 A86 TJ . 46.42 46.25 4.08
C10 A86 TJ . 39.40 46.00 -2.64
C11 A86 TJ . 38.19 45.76 -3.17
C12 A86 TJ . 36.88 46.14 -2.53
C13 A86 TJ . 38.12 45.03 -4.48
C14 A86 TJ . 37.39 45.68 -5.61
C15 A86 TJ . 38.11 45.67 -6.98
C16 A86 TJ . 38.73 47.00 -7.49
C17 A86 TJ . 39.78 46.67 -8.57
C18 A86 TJ . 39.39 45.70 -9.68
C19 A86 TJ . 38.10 44.95 -9.41
C2 A86 TJ . 45.21 46.70 3.66
C20 A86 TJ . 37.87 44.60 -7.95
C21 A86 TJ . 36.94 43.43 -7.72
C22 A86 TJ . 37.66 47.94 -8.07
C23 A86 TJ . 39.44 47.75 -6.36
C24 A86 TJ . 46.83 46.54 5.44
C25 A86 TJ . 47.95 46.13 6.08
C26 A86 TJ . 48.25 46.48 7.44
C27 A86 TJ . 49.32 46.11 8.18
C28 A86 TJ . 50.42 45.22 7.67
C29 A86 TJ . 49.40 46.63 9.52
C3 A86 TJ . 44.59 46.54 2.38
C30 A86 TJ . 50.03 46.06 10.51
C31 A86 TJ . 50.65 45.55 11.55
C32 A86 TJ . 50.41 44.15 11.97
C33 A86 TJ . 51.42 43.75 13.04
C34 A86 TJ . 52.82 44.19 12.69
C35 A86 TJ . 52.90 45.71 12.67
C36 A86 TJ . 51.59 46.43 12.35
C37 A86 TJ . 50.93 46.97 13.62
C38 A86 TJ . 54.30 42.60 13.95
C39 A86 TJ . 54.03 41.65 12.82
C4 A86 TJ . 43.30 46.85 2.13
C40 A86 TJ . 50.55 43.19 10.78
C41 A86 TJ . 49.00 44.01 12.56
C5 A86 TJ . 42.69 46.67 0.84
C6 A86 TJ . 41.38 46.86 0.51
C7 A86 TJ . 40.34 47.32 1.49
C8 A86 TJ . 40.95 46.53 -0.83
C9 A86 TJ . 39.69 46.33 -1.28
O1 A86 TJ . 39.08 44.58 -7.11
O2 A86 TJ . 39.26 46.42 -10.90
O3 A86 TJ . 51.95 47.55 11.53
O4 A86 TJ . 53.70 43.81 13.81
O5 A86 TJ . 54.98 42.33 14.90
C DD6 UJ . 58.38 43.33 7.36
C1 DD6 UJ . 58.90 42.60 8.58
C10 DD6 UJ . 62.34 34.93 3.53
C11 DD6 UJ . 63.19 33.94 3.15
C12 DD6 UJ . 64.23 33.33 4.06
C13 DD6 UJ . 63.12 33.43 1.79
C14 DD6 UJ . 64.06 32.83 1.07
C15 DD6 UJ . 63.99 32.30 -0.33
C16 DD6 UJ . 64.01 33.27 -1.49
C17 DD6 UJ . 63.27 32.66 -2.68
C18 DD6 UJ . 63.62 31.21 -2.98
C19 DD6 UJ . 63.11 30.33 -1.85
C2 DD6 UJ . 59.49 41.39 8.52
C20 DD6 UJ . 63.50 30.86 -0.49
C21 DD6 UJ . 63.02 30.03 0.68
C22 DD6 UJ . 63.37 34.62 -1.14
C23 DD6 UJ . 65.45 33.58 -1.94
C24 DD6 UJ . 58.73 43.23 9.89
C25 DD6 UJ . 58.03 44.34 10.18
C26 DD6 UJ . 57.94 44.87 11.51
C27 DD6 UJ . 57.25 45.97 11.91
C28 DD6 UJ . 56.44 46.84 11.00
C29 DD6 UJ . 57.29 46.32 13.29
C3 DD6 UJ . 59.75 40.57 7.37
C30 DD6 UJ . 57.30 46.73 14.43
C31 DD6 UJ . 57.36 47.31 15.73
C32 DD6 UJ . 58.72 47.35 16.44
C33 DD6 UJ . 58.89 48.73 17.13
C34 DD6 UJ . 57.66 49.30 17.84
C35 DD6 UJ . 56.45 48.40 17.74
C36 DD6 UJ . 56.29 47.80 16.36
C37 DD6 UJ . 54.90 47.80 15.82
C4 DD6 UJ . 60.40 39.39 7.45
C40 DD6 UJ . 58.87 46.19 17.42
C41 DD6 UJ . 59.88 47.31 15.44
C5 DD6 UJ . 60.69 38.55 6.32
C6 DD6 UJ . 61.44 37.42 6.28
C7 DD6 UJ . 62.13 36.86 7.51
C8 DD6 UJ . 61.60 36.72 5.03
C9 DD6 UJ . 62.22 35.54 4.82
O1 DD6 UJ . 64.91 31.22 -0.46
O2 DD6 UJ . 63.01 30.80 -4.21
O4 DD6 UJ . 57.99 49.49 19.23
C DD6 VJ . 63.55 29.33 9.94
C1 DD6 VJ . 64.58 28.57 10.73
C10 DD6 VJ . 71.40 34.11 6.73
C11 DD6 VJ . 72.51 34.80 6.35
C12 DD6 VJ . 73.82 34.72 7.07
C13 DD6 VJ . 72.43 35.61 5.14
C14 DD6 VJ . 73.25 36.47 4.57
C15 DD6 VJ . 72.93 37.20 3.29
C16 DD6 VJ . 73.05 36.41 2.02
C17 DD6 VJ . 73.33 37.36 0.84
C18 DD6 VJ . 72.43 38.59 0.82
C19 DD6 VJ . 72.78 39.49 2.00
C2 DD6 VJ . 65.91 28.84 10.69
C20 DD6 VJ . 72.82 38.71 3.30
C21 DD6 VJ . 73.13 39.55 4.53
C22 DD6 VJ . 74.21 35.40 2.11
C23 DD6 VJ . 71.78 35.61 1.71
C24 DD6 VJ . 64.12 27.46 11.56
C25 DD6 VJ . 62.92 26.86 11.52
C26 DD6 VJ . 62.54 25.77 12.36
C27 DD6 VJ . 61.33 25.16 12.40
C28 DD6 VJ . 60.15 25.55 11.56
C29 DD6 VJ . 61.13 24.07 13.31
C3 DD6 VJ . 66.57 29.83 9.88
C30 DD6 VJ . 60.82 23.15 14.01
C31 DD6 VJ . 60.33 22.08 14.81
C32 DD6 VJ . 59.91 22.37 16.25
C33 DD6 VJ . 59.01 21.22 16.74
C34 DD6 VJ . 58.11 20.64 15.66
C35 DD6 VJ . 58.96 20.02 14.56
C36 DD6 VJ . 60.20 20.84 14.30
C37 DD6 VJ . 61.24 20.17 13.44
C4 DD6 VJ . 67.88 30.15 9.96
C40 DD6 VJ . 61.15 22.47 17.15
C41 DD6 VJ . 59.14 23.70 16.34
C5 DD6 VJ . 68.45 31.15 9.10
C6 DD6 VJ . 69.72 31.63 9.09
C7 DD6 VJ . 70.79 31.18 10.04
C8 DD6 VJ . 70.07 32.60 8.06
C9 DD6 VJ . 71.25 33.18 7.81
O1 DD6 VJ . 71.67 37.84 3.44
O2 DD6 VJ . 72.63 39.31 -0.40
O4 DD6 VJ . 57.26 19.64 16.22
C A86 WJ . 75.09 52.03 13.87
O A86 WJ . 70.04 45.10 21.90
C1 A86 WJ . 75.27 50.89 12.91
C10 A86 WJ . 71.56 44.77 19.45
C11 A86 WJ . 70.82 43.83 20.06
C12 A86 WJ . 70.27 42.59 19.40
C13 A86 WJ . 70.50 44.04 21.50
C14 A86 WJ . 70.81 42.90 22.44
C15 A86 WJ . 70.80 43.23 23.93
C16 A86 WJ . 69.47 43.02 24.71
C17 A86 WJ . 69.42 43.97 25.92
C18 A86 WJ . 70.71 44.05 26.72
C19 A86 WJ . 71.80 44.65 25.87
C2 A86 WJ . 74.96 49.61 13.23
C20 A86 WJ . 71.94 43.94 24.54
C21 A86 WJ . 73.09 44.45 23.71
C22 A86 WJ . 68.24 43.31 23.83
C23 A86 WJ . 69.34 41.57 25.19
C24 A86 WJ . 75.80 51.17 11.59
C25 A86 WJ . 76.06 52.37 11.05
C26 A86 WJ . 76.61 52.54 9.73
C27 A86 WJ . 76.77 53.71 9.04
C28 A86 WJ . 76.33 55.04 9.57
C29 A86 WJ . 77.42 53.65 7.77
C3 A86 WJ . 74.46 49.10 14.47
C30 A86 WJ . 78.16 54.64 7.32
C31 A86 WJ . 78.86 55.66 6.92
C32 A86 WJ . 78.30 56.63 5.97
C33 A86 WJ . 79.30 57.72 5.60
C34 A86 WJ . 80.06 58.37 6.75
C35 A86 WJ . 80.39 57.38 7.85
C36 A86 WJ . 80.25 55.91 7.48
C37 A86 WJ . 81.36 55.44 6.55
C38 A86 WJ . 81.29 59.96 5.43
C39 A86 WJ . 82.67 60.34 4.97
C4 A86 WJ . 74.02 47.84 14.65
C40 A86 WJ . 77.92 55.93 4.65
C41 A86 WJ . 77.04 57.30 6.55
C5 A86 WJ . 73.53 47.37 15.91
C6 A86 WJ . 72.96 46.18 16.19
C7 A86 WJ . 72.71 45.10 15.17
C8 A86 WJ . 72.55 45.92 17.57
C9 A86 WJ . 71.89 44.86 18.08
O1 A86 WJ . 71.84 42.49 24.64
O2 A86 WJ . 70.49 44.86 27.89
O3 A86 WJ . 80.36 55.19 8.71
O4 A86 WJ . 81.32 58.87 6.21
O5 A86 WJ . 80.28 60.55 5.14
C DD6 XJ . 42.82 66.44 11.13
C1 DD6 XJ . 43.25 65.20 11.87
C10 DD6 XJ . 48.12 62.99 3.89
C11 DD6 XJ . 49.08 62.77 2.96
C12 DD6 XJ . 50.33 61.97 3.25
C13 DD6 XJ . 48.93 63.36 1.65
C14 DD6 XJ . 49.74 63.47 0.62
C15 DD6 XJ . 49.40 64.15 -0.69
C16 DD6 XJ . 48.36 63.52 -1.57
C17 DD6 XJ . 48.74 63.74 -3.06
C18 DD6 XJ . 49.11 65.18 -3.39
C19 DD6 XJ . 50.40 65.56 -2.67
C2 DD6 XJ . 44.05 64.25 11.32
C20 DD6 XJ . 50.41 65.15 -1.21
C21 DD6 XJ . 51.71 65.46 -0.50
C22 DD6 XJ . 48.24 62.01 -1.33
C23 DD6 XJ . 46.96 64.12 -1.33
C24 DD6 XJ . 42.72 65.00 13.21
C25 DD6 XJ . 41.62 65.56 13.74
C26 DD6 XJ . 41.14 65.34 15.08
C27 DD6 XJ . 40.02 65.87 15.63
C28 DD6 XJ . 39.05 66.75 14.89
C29 DD6 XJ . 39.71 65.63 17.01
C3 DD6 XJ . 44.56 64.24 9.97
C30 DD6 XJ . 39.33 65.58 18.15
C31 DD6 XJ . 38.80 65.64 19.46
C32 DD6 XJ . 37.69 64.66 19.86
C33 DD6 XJ . 36.64 65.42 20.69
C34 DD6 XJ . 37.22 66.26 21.82
C35 DD6 XJ . 38.26 67.23 21.28
C36 DD6 XJ . 39.23 66.55 20.34
C37 DD6 XJ . 40.67 66.99 20.49
C4 DD6 XJ . 45.46 63.35 9.47
C40 DD6 XJ . 36.99 64.08 18.63
C41 DD6 XJ . 38.27 63.50 20.68
C5 DD6 XJ . 45.89 63.43 8.10
C6 DD6 XJ . 46.81 62.68 7.46
C7 DD6 XJ . 47.60 61.57 8.11
C8 DD6 XJ . 47.05 62.97 6.05
C9 DD6 XJ . 48.07 62.58 5.27
O1 DD6 XJ . 49.21 65.56 -0.50
O2 DD6 XJ . 49.31 65.29 -4.80
O4 DD6 XJ . 36.17 67.00 22.45
MG CLA YJ . 108.22 -50.00 -2.61
CHA CLA YJ . 107.63 -46.87 -3.84
CHB CLA YJ . 109.59 -50.81 -5.53
CHC CLA YJ . 108.53 -53.18 -1.43
CHD CLA YJ . 105.92 -49.35 0.02
NA CLA YJ . 108.66 -48.99 -4.19
C1A CLA YJ . 108.53 -47.65 -4.48
C2A CLA YJ . 109.41 -47.20 -5.62
C3A CLA YJ . 109.43 -48.49 -6.42
C4A CLA YJ . 109.22 -49.52 -5.33
CMA CLA YJ . 108.36 -48.55 -7.51
CAA CLA YJ . 110.77 -46.72 -5.08
CBA CLA YJ . 111.77 -47.72 -4.49
CGA CLA YJ . 111.45 -48.16 -3.09
O1A CLA YJ . 111.19 -49.29 -2.77
O2A CLA YJ . 111.48 -47.14 -2.24
NB CLA YJ . 108.91 -51.66 -3.33
C1B CLA YJ . 109.49 -51.86 -4.63
C2B CLA YJ . 109.90 -53.20 -4.79
C3B CLA YJ . 109.60 -53.86 -3.60
C4B CLA YJ . 109.01 -52.95 -2.72
CMB CLA YJ . 110.55 -53.80 -6.01
CAB CLA YJ . 109.87 -55.27 -3.27
CBB CLA YJ . 111.02 -55.89 -3.32
NC CLA YJ . 107.47 -50.99 -1.08
C1C CLA YJ . 107.80 -52.28 -0.71
C2C CLA YJ . 107.16 -52.65 0.57
C3C CLA YJ . 106.40 -51.58 0.96
C4C CLA YJ . 106.57 -50.55 -0.03
CMC CLA YJ . 107.33 -53.94 1.31
CAC CLA YJ . 105.58 -51.47 2.21
CBC CLA YJ . 106.32 -50.81 3.35
ND CLA YJ . 107.04 -48.57 -2.03
C1D CLA YJ . 106.10 -48.37 -0.94
C2D CLA YJ . 105.53 -47.08 -1.03
C3D CLA YJ . 106.09 -46.44 -2.15
C4D CLA YJ . 106.98 -47.37 -2.71
CMD CLA YJ . 104.52 -46.51 -0.08
CAD CLA YJ . 106.14 -45.24 -2.98
OBD CLA YJ . 105.50 -44.21 -2.86
CBD CLA YJ . 107.16 -45.43 -4.07
CGD CLA YJ . 106.55 -45.23 -5.45
O1D CLA YJ . 106.07 -46.09 -6.13
O2D CLA YJ . 106.65 -43.96 -5.83
CED CLA YJ . 106.22 -43.67 -7.18
NB KC2 ZJ . 105.83 -40.85 4.06
ND KC2 ZJ . 107.59 -43.09 1.38
C1A KC2 ZJ . 107.14 -40.16 0.12
C1B KC2 ZJ . 105.43 -39.49 4.02
C1C KC2 ZJ . 106.17 -43.60 5.19
C1D KC2 ZJ . 107.98 -44.40 1.33
C2A KC2 ZJ . 106.89 -38.84 -0.37
C2B KC2 ZJ . 104.83 -39.09 5.30
C2C KC2 ZJ . 106.33 -44.92 5.70
C2D KC2 ZJ . 108.59 -44.67 0.10
C3A KC2 ZJ . 106.25 -38.15 0.62
C3B KC2 ZJ . 104.85 -40.18 6.13
C3C KC2 ZJ . 106.93 -45.66 4.74
C3D KC2 ZJ . 108.56 -43.44 -0.65
C4A KC2 ZJ . 106.12 -39.03 1.73
C4B KC2 ZJ . 105.45 -41.28 5.39
C4C KC2 ZJ . 107.17 -44.83 3.58
C4D KC2 ZJ . 107.91 -42.48 0.20
CAA KC2 ZJ . 107.27 -38.32 -1.67
CAB KC2 ZJ . 104.37 -40.26 7.51
CAC KC2 ZJ . 107.31 -47.07 4.86
CAD KC2 ZJ . 108.97 -42.82 -1.89
CBA KC2 ZJ . 106.73 -38.64 -2.85
CBB KC2 ZJ . 105.06 -40.50 8.58
CBC KC2 ZJ . 108.12 -47.61 5.73
CBD KC2 ZJ . 108.45 -41.39 -1.84
CED KC2 ZJ . 111.78 -39.89 -1.24
CGA KC2 ZJ . 107.16 -38.10 -4.15
CGD KC2 ZJ . 109.65 -40.48 -2.05
CHA KC2 ZJ . 107.78 -41.24 -0.47
CHB KC2 ZJ . 105.55 -38.64 2.96
CHC KC2 ZJ . 105.59 -42.55 5.91
CHD KC2 ZJ . 107.77 -45.24 2.42
CMA KC2 ZJ . 105.77 -36.73 0.57
CMB KC2 ZJ . 104.31 -37.71 5.65
CMC KC2 ZJ . 105.90 -45.36 7.06
CMD KC2 ZJ . 109.17 -45.97 -0.38
NA KC2 ZJ . 106.67 -40.26 1.40
NC KC2 ZJ . 106.67 -43.52 3.90
O1A KC2 ZJ . 107.59 -36.95 -4.25
O1D KC2 ZJ . 109.73 -39.63 -2.90
O2A KC2 ZJ . 107.04 -38.90 -5.17
O2D KC2 ZJ . 110.59 -40.72 -1.15
OBD KC2 ZJ . 109.64 -43.31 -2.81
MG KC2 ZJ . 106.80 -41.93 2.60
NB KC2 AK . 99.49 -36.07 -2.54
ND KC2 AK . 96.07 -34.33 -3.20
C1A KC2 AK . 97.67 -34.49 -5.98
C1B KC2 AK . 100.60 -36.31 -3.40
C1C KC2 AK . 97.95 -35.97 0.02
C1D KC2 AK . 95.03 -33.90 -2.40
C2A KC2 AK . 98.47 -34.57 -7.17
C2B KC2 AK . 101.69 -36.98 -2.67
C2C KC2 AK . 97.24 -35.88 1.25
C2D KC2 AK . 94.07 -33.25 -3.19
C3A KC2 AK . 99.66 -35.13 -6.83
C3B KC2 AK . 101.26 -37.14 -1.38
C3C KC2 AK . 96.08 -35.18 0.98
C3D KC2 AK . 94.55 -33.28 -4.54
C4A KC2 AK . 99.61 -35.43 -5.43
C4B KC2 AK . 99.93 -36.59 -1.27
C4C KC2 AK . 96.05 -34.86 -0.40
C4D KC2 AK . 95.81 -33.97 -4.49
CAA KC2 AK . 98.05 -34.10 -8.48
CAB KC2 AK . 102.01 -37.77 -0.29
CAC KC2 AK . 95.07 -34.81 1.98
CAD KC2 AK . 94.24 -32.89 -5.91
CBA KC2 AK . 98.40 -32.96 -9.06
CBB KC2 AK . 101.96 -39.00 0.13
CBC KC2 AK . 95.23 -34.40 3.20
CBD KC2 AK . 95.38 -33.39 -6.75
CED KC2 AK . 94.42 -34.86 -10.01
CGA KC2 AK . 97.96 -32.51 -10.40
CGD KC2 AK . 94.87 -34.44 -7.74
CHA KC2 AK . 96.39 -34.01 -5.77
CHB KC2 AK . 100.67 -36.02 -4.74
CHC KC2 AK . 99.24 -36.52 -0.09
CHD KC2 AK . 95.03 -34.18 -1.04
CMA KC2 AK . 100.83 -35.40 -7.73
CMB KC2 AK . 103.01 -37.40 -3.24
CMC KC2 AK . 97.66 -36.48 2.56
CMD KC2 AK . 92.78 -32.62 -2.73
NA KC2 AK . 98.39 -35.04 -4.93
NC KC2 AK . 97.24 -35.37 -1.00
O1A KC2 AK . 97.68 -33.32 -11.27
O1D KC2 AK . 94.59 -35.57 -7.46
O2A KC2 AK . 97.91 -31.22 -10.58
O2D KC2 AK . 94.78 -33.93 -8.97
OBD KC2 AK . 93.24 -32.28 -6.32
MG KC2 AK . 97.67 -35.23 -3.00
MG CLA BK . 94.95 -26.32 3.33
CHA CLA BK . 97.83 -27.49 1.90
CHB CLA BK . 93.54 -29.27 2.69
CHC CLA BK . 92.00 -25.01 4.45
CHD CLA BK . 96.27 -23.04 3.22
NA CLA BK . 95.61 -27.99 2.62
C1A CLA BK . 96.88 -28.39 2.23
C2A CLA BK . 97.03 -29.87 2.21
C3A CLA BK . 95.62 -30.24 1.78
C4A CLA BK . 94.85 -29.11 2.40
CMA CLA BK . 95.42 -30.35 0.28
CAA CLA BK . 97.42 -30.25 3.64
CBA CLA BK . 97.28 -31.73 4.04
CGA CLA BK . 98.01 -32.08 5.29
O1A CLA BK . 98.32 -31.30 6.16
O2A CLA BK . 98.29 -33.38 5.34
NB CLA BK . 93.13 -27.00 3.54
C1B CLA BK . 92.68 -28.34 3.27
C2B CLA BK . 91.33 -28.48 3.67
C3B CLA BK . 90.92 -27.25 4.18
C4B CLA BK . 91.99 -26.35 4.10
CMB CLA BK . 90.52 -29.74 3.58
CAB CLA BK . 89.60 -26.94 4.74
CBB CLA BK . 88.76 -26.01 4.36
NC CLA BK . 94.31 -24.50 3.74
C1C CLA BK . 93.06 -24.16 4.26
C2C CLA BK . 92.96 -22.73 4.51
C3C CLA BK . 94.15 -22.16 4.13
C4C CLA BK . 94.99 -23.23 3.66
CMC CLA BK . 91.78 -22.00 5.10
CAC CLA BK . 94.51 -20.70 4.17
CBC CLA BK . 95.23 -20.32 5.45
ND CLA BK . 96.55 -25.43 2.71
C1D CLA BK . 97.06 -24.06 2.73
C2D CLA BK . 98.37 -24.02 2.24
C3D CLA BK . 98.74 -25.35 1.87
C4D CLA BK . 97.62 -26.12 2.18
CMD CLA BK . 99.24 -22.80 2.14
CAD CLA BK . 99.76 -26.22 1.35
OBD CLA BK . 100.90 -25.94 0.99
CBD CLA BK . 99.24 -27.62 1.30
CGD CLA BK . 99.28 -28.10 -0.14
O1D CLA BK . 98.34 -28.09 -0.89
O2D CLA BK . 100.49 -28.53 -0.47
CED CLA BK . 100.69 -28.86 -1.86
MG CLA CK . 81.66 -38.49 3.00
CHA CLA CK . 82.41 -40.43 0.29
CHB CLA CK . 79.27 -36.99 1.24
CHC CLA CK . 81.19 -36.35 5.62
CHD CLA CK . 84.75 -39.42 4.45
NA CLA CK . 80.99 -38.71 1.19
C1A CLA CK . 81.37 -39.58 0.16
C2A CLA CK . 80.50 -39.51 -1.06
C3A CLA CK . 79.64 -38.30 -0.79
C4A CLA CK . 79.98 -37.98 0.64
CMA CLA CK . 79.91 -37.14 -1.73
CAA CLA CK . 79.71 -40.80 -1.32
CBA CLA CK . 79.38 -41.77 -0.17
CGA CLA CK . 78.25 -41.37 0.72
O1A CLA CK . 77.94 -40.25 1.01
O2A CLA CK . 77.62 -42.47 1.17
NB CLA CK . 80.45 -37.01 3.39
C1B CLA CK . 79.41 -36.52 2.53
C2B CLA CK . 78.60 -35.58 3.21
C3B CLA CK . 79.12 -35.46 4.49
C4B CLA CK . 80.26 -36.28 4.59
CMB CLA CK . 77.43 -34.84 2.65
CAB CLA CK . 78.53 -34.70 5.58
CBB CLA CK . 78.36 -35.04 6.81
NC CLA CK . 82.69 -38.01 4.61
C1C CLA CK . 82.31 -37.11 5.61
C2C CLA CK . 83.30 -37.05 6.68
C3C CLA CK . 84.31 -37.91 6.35
C4C CLA CK . 83.97 -38.51 5.09
CMC CLA CK . 83.25 -36.18 7.92
CAC CLA CK . 85.53 -38.25 7.16
CBC CLA CK . 86.78 -37.58 6.63
ND CLA CK . 83.19 -39.61 2.57
C1D CLA CK . 84.42 -39.99 3.25
C2D CLA CK . 85.10 -40.95 2.49
C3D CLA CK . 84.34 -41.20 1.32
C4D CLA CK . 83.24 -40.37 1.42
CMD CLA CK . 86.40 -41.60 2.86
CAD CLA CK . 84.20 -41.97 0.10
OBD CLA CK . 84.92 -42.85 -0.33
CBD CLA CK . 82.98 -41.51 -0.64
CGD CLA CK . 83.36 -41.03 -2.03
O1D CLA CK . 83.53 -39.88 -2.33
O2D CLA CK . 83.49 -42.05 -2.87
CED CLA CK . 83.86 -41.70 -4.23
C1 CLA CK . 76.27 -42.31 1.71
C2 CLA CK . 76.28 -42.38 3.19
C3 CLA CK . 75.22 -42.73 3.91
C4 CLA CK . 73.88 -43.07 3.32
C5 CLA CK . 75.30 -42.84 5.42
C6 CLA CK . 74.39 -41.87 6.15
C7 CLA CK . 74.45 -42.05 7.67
C8 CLA CK . 75.56 -41.27 8.37
C9 CLA CK . 76.35 -42.15 9.34
C10 CLA CK . 74.97 -40.05 9.06
C11 CLA CK . 75.96 -39.09 9.70
C12 CLA CK . 75.47 -37.65 9.71
C13 CLA CK . 76.42 -36.62 10.31
C14 CLA CK . 76.65 -36.87 11.79
C15 CLA CK . 75.94 -35.19 10.05
C16 CLA CK . 77.02 -34.11 10.18
C17 CLA CK . 76.70 -32.81 9.45
C18 CLA CK . 76.01 -31.72 10.24
C19 CLA CK . 74.89 -32.24 11.12
C20 CLA CK . 76.99 -30.90 11.05
MG CLA DK . 84.93 -46.88 4.00
CHA CLA DK . 82.80 -46.21 1.38
CHB CLA DK . 85.41 -49.91 2.80
CHC CLA DK . 86.76 -47.54 6.81
CHD CLA DK . 83.74 -43.95 5.64
NA CLA DK . 84.33 -47.77 2.39
C1A CLA DK . 83.53 -47.35 1.32
C2A CLA DK . 83.57 -48.28 0.14
C3A CLA DK . 84.16 -49.53 0.73
C4A CLA DK . 84.67 -49.06 2.07
CMA CLA DK . 83.18 -50.69 0.85
CAA CLA DK . 84.47 -47.62 -0.92
CBA CLA DK . 84.62 -48.37 -2.24
CGA CLA DK . 83.32 -48.58 -2.97
O1A CLA DK . 82.55 -49.48 -2.77
O2A CLA DK . 83.13 -47.63 -3.89
NB CLA DK . 85.88 -48.43 4.70
C1B CLA DK . 85.98 -49.70 4.06
C2B CLA DK . 86.71 -50.60 4.86
C3B CLA DK . 87.10 -49.90 6.00
C4B CLA DK . 86.60 -48.58 5.90
CMB CLA DK . 87.00 -52.03 4.55
CAB CLA DK . 87.85 -50.42 7.14
CBB CLA DK . 88.86 -51.23 7.13
NC CLA DK . 85.24 -45.95 5.72
C1C CLA DK . 86.11 -46.35 6.73
C2C CLA DK . 86.20 -45.36 7.79
C3C CLA DK . 85.37 -44.33 7.45
C4C CLA DK . 84.74 -44.68 6.20
CMC CLA DK . 87.02 -45.47 9.05
CAC CLA DK . 85.19 -43.03 8.19
CBC CLA DK . 84.13 -43.12 9.26
ND CLA DK . 83.62 -45.48 3.71
C1D CLA DK . 83.15 -44.31 4.44
C2D CLA DK . 82.13 -43.68 3.72
C3D CLA DK . 81.92 -44.42 2.53
C4D CLA DK . 82.86 -45.43 2.56
CMD CLA DK . 81.39 -42.44 4.14
CAD CLA DK . 81.07 -44.65 1.39
OBD CLA DK . 79.92 -44.29 1.22
CBD CLA DK . 81.84 -45.49 0.43
CGD CLA DK . 80.95 -46.35 -0.46
O1D CLA DK . 81.20 -46.67 -1.59
O2D CLA DK . 79.82 -46.68 0.17
CED CLA DK . 78.81 -47.32 -0.65
MG CLA EK . 92.75 -51.12 -3.51
CHA CLA EK . 93.64 -51.60 -6.78
CHB CLA EK . 90.06 -49.48 -4.54
CHC CLA EK . 92.28 -50.10 -0.28
CHD CLA EK . 95.91 -52.38 -2.51
NA CLA EK . 91.99 -50.79 -5.25
C1A CLA EK . 92.39 -51.17 -6.52
C2A CLA EK . 91.30 -51.04 -7.55
C3A CLA EK . 90.44 -49.96 -6.92
C4A CLA EK . 90.84 -50.07 -5.47
CMA CLA EK . 90.65 -48.56 -7.47
CAA CLA EK . 90.65 -52.43 -7.64
CBA CLA EK . 89.34 -52.50 -8.41
CGA CLA EK . 88.12 -52.83 -7.59
O1A CLA EK . 87.19 -53.48 -7.99
O2A CLA EK . 88.19 -52.31 -6.36
NB CLA EK . 91.42 -50.05 -2.59
C1B CLA EK . 90.25 -49.46 -3.17
C2B CLA EK . 89.43 -48.90 -2.17
C3B CLA EK . 90.07 -49.11 -0.95
C4B CLA EK . 91.28 -49.77 -1.20
CMB CLA EK . 88.11 -48.23 -2.39
CAB CLA EK . 89.57 -48.78 0.38
CBB CLA EK . 89.22 -47.62 0.81
NC CLA EK . 93.79 -51.26 -1.82
C1C CLA EK . 93.41 -50.79 -0.56
C2C CLA EK . 94.38 -51.19 0.46
C3C CLA EK . 95.35 -51.94 -0.16
C4C CLA EK . 95.03 -51.94 -1.57
CMC CLA EK . 94.42 -50.84 1.92
CAC CLA EK . 96.43 -52.74 0.50
CBC CLA EK . 97.69 -51.96 0.73
ND CLA EK . 94.38 -51.76 -4.34
C1D CLA EK . 95.67 -52.28 -3.87
C2D CLA EK . 96.47 -52.65 -4.96
C3D CLA EK . 95.73 -52.39 -6.14
C4D CLA EK . 94.52 -51.87 -5.72
CMD CLA EK . 97.86 -53.21 -4.88
CAD CLA EK . 95.70 -52.46 -7.59
OBD CLA EK . 96.57 -52.83 -8.36
CBD CLA EK . 94.37 -51.95 -8.08
CGD CLA EK . 94.55 -50.77 -9.01
O1D CLA EK . 94.60 -49.62 -8.66
O2D CLA EK . 94.63 -51.16 -10.28
CED CLA EK . 94.77 -50.12 -11.26
C1 CLA EK . 87.04 -52.54 -5.49
C2 CLA EK . 87.41 -52.21 -4.09
C3 CLA EK . 86.53 -52.19 -3.10
C4 CLA EK . 85.07 -52.49 -3.26
C5 CLA EK . 86.97 -51.86 -1.69
C6 CLA EK . 87.28 -53.09 -0.85
C7 CLA EK . 86.14 -53.52 0.07
C8 CLA EK . 86.17 -54.99 0.48
C9 CLA EK . 85.32 -55.85 -0.45
C10 CLA EK . 85.78 -55.18 1.94
C11 CLA EK . 86.90 -54.99 2.96
C12 CLA EK . 87.90 -56.15 3.00
C13 CLA EK . 88.74 -56.24 4.28
C14 CLA EK . 89.57 -54.99 4.51
C15 CLA EK . 89.62 -57.50 4.24
MG CLA FK . 97.71 -57.96 13.51
CHA CLA FK . 95.86 -59.94 15.60
CHB CLA FK . 100.48 -59.30 14.79
CHC CLA FK . 99.50 -55.74 11.63
CHD CLA FK . 94.85 -55.92 13.01
NA CLA FK . 98.03 -59.39 14.77
C1A CLA FK . 97.17 -60.25 15.43
C2A CLA FK . 97.85 -61.46 15.98
C3A CLA FK . 99.24 -60.89 16.23
C4A CLA FK . 99.29 -59.78 15.20
CMA CLA FK . 99.47 -60.37 17.64
CAA CLA FK . 97.78 -62.62 14.98
CBA CLA FK . 98.56 -62.53 13.65
CGA CLA FK . 97.94 -61.64 12.62
O1A CLA FK . 98.41 -60.62 12.21
O2A CLA FK . 96.77 -62.13 12.20
NB CLA FK . 99.60 -57.60 13.24
C1B CLA FK . 100.71 -58.30 13.85
C2B CLA FK . 101.94 -57.80 13.37
C3B CLA FK . 101.63 -56.78 12.46
C4B CLA FK . 100.22 -56.65 12.39
CMB CLA FK . 103.30 -58.29 13.75
CAB CLA FK . 102.58 -55.97 11.70
CBB CLA FK . 102.81 -56.00 10.41
NC CLA FK . 97.28 -56.30 12.54
C1C CLA FK . 98.15 -55.56 11.75
C2C CLA FK . 97.48 -54.43 11.11
C3C CLA FK . 96.17 -54.44 11.53
C4C CLA FK . 96.02 -55.58 12.41
CMC CLA FK . 98.08 -53.45 10.15
CAC CLA FK . 95.08 -53.45 11.19
CBC CLA FK . 94.22 -53.93 10.04
ND CLA FK . 95.85 -57.88 14.10
C1D CLA FK . 94.70 -57.01 13.85
C2D CLA FK . 93.58 -57.49 14.53
C3D CLA FK . 93.97 -58.65 15.24
C4D CLA FK . 95.31 -58.83 14.95
CMD CLA FK . 92.21 -56.87 14.51
CAD CLA FK . 93.56 -59.72 16.13
OBD CLA FK . 92.47 -59.94 16.62
CBD CLA FK . 94.75 -60.62 16.40
CGD CLA FK . 95.03 -60.67 17.90
O1D CLA FK . 95.04 -59.71 18.62
O2D CLA FK . 95.29 -61.91 18.29
CED CLA FK . 95.62 -62.07 19.69
MG CLA GK . 93.95 -32.80 14.92
CHA CLA GK . 93.89 -31.61 18.14
CHB CLA GK . 91.10 -34.39 15.49
CHC CLA GK . 94.27 -34.20 11.82
CHD CLA GK . 97.38 -31.85 14.72
NA CLA GK . 92.75 -32.88 16.45
C1A CLA GK . 92.78 -32.25 17.68
C2A CLA GK . 91.50 -32.37 18.46
C3A CLA GK . 90.84 -33.55 17.78
C4A CLA GK . 91.61 -33.62 16.48
CMA CLA GK . 90.91 -34.84 18.57
CAA CLA GK . 90.68 -31.06 18.35
CBA CLA GK . 90.41 -30.48 16.96
CGA CLA GK . 91.51 -29.61 16.44
O1A CLA GK . 91.98 -28.67 17.04
O2A CLA GK . 91.93 -30.00 15.23
NB CLA GK . 92.89 -34.03 13.85
C1B CLA GK . 91.62 -34.59 14.22
C2B CLA GK . 91.06 -35.31 13.14
C3B CLA GK . 91.96 -35.22 12.08
C4B CLA GK . 93.08 -34.48 12.51
CMB CLA GK . 89.74 -36.02 13.14
CAB CLA GK . 91.75 -35.74 10.73
CBB CLA GK . 92.54 -36.41 9.98
NC CLA GK . 95.43 -32.96 13.61
C1C CLA GK . 95.34 -33.54 12.34
C2C CLA GK . 96.60 -33.39 11.60
C3C CLA GK . 97.48 -32.73 12.41
C4C CLA GK . 96.79 -32.46 13.66
CMC CLA GK . 96.90 -33.91 10.22
CAC CLA GK . 98.88 -32.28 12.08
CBC CLA GK . 99.93 -33.24 12.59
ND CLA GK . 95.31 -31.98 16.06
C1D CLA GK . 96.71 -31.58 15.90
C2D CLA GK . 97.17 -30.94 17.07
C3D CLA GK . 96.09 -30.90 17.98
C4D CLA GK . 95.03 -31.53 17.33
CMD CLA GK . 98.54 -30.39 17.28
CAD CLA GK . 95.61 -30.47 19.27
OBD CLA GK . 96.22 -29.85 20.14
CBD CLA GK . 94.19 -30.89 19.45
CGD CLA GK . 94.09 -31.77 20.70
O1D CLA GK . 93.12 -31.85 21.40
O2D CLA GK . 95.24 -32.39 20.93
CED CLA GK . 95.29 -33.19 22.14
C1 CLA GK . 93.14 -29.38 14.74
C2 CLA GK . 93.22 -29.63 13.27
C3 CLA GK . 94.30 -29.58 12.50
C4 CLA GK . 95.69 -29.28 13.03
C5 CLA GK . 94.20 -29.75 11.01
C6 CLA GK . 93.37 -30.96 10.57
C7 CLA GK . 93.90 -31.70 9.34
C8 CLA GK . 93.54 -31.15 7.95
C9 CLA GK . 93.93 -32.15 6.86
C10 CLA GK . 94.19 -29.78 7.75
C11 CLA GK . 94.23 -29.08 6.40
C12 CLA GK . 95.33 -28.05 6.33
C13 CLA GK . 95.35 -26.94 7.39
C14 CLA GK . 94.02 -26.21 7.48
C15 CLA GK . 96.49 -25.96 7.09
C16 CLA GK . 97.00 -25.13 8.27
C17 CLA GK . 98.05 -24.10 7.85
NB KC2 HK . 84.84 -21.01 13.74
ND KC2 HK . 85.32 -24.32 15.76
C1A KC2 HK . 84.19 -22.07 17.76
C1B KC2 HK . 84.41 -19.73 14.16
C1C KC2 HK . 85.84 -23.13 11.88
C1D KC2 HK . 85.80 -25.57 15.45
C2A KC2 HK . 83.65 -21.02 18.57
C2B KC2 HK . 84.46 -18.77 13.03
C2C KC2 HK . 86.31 -24.14 11.00
C2D KC2 HK . 85.87 -26.35 16.62
C3A KC2 HK . 83.54 -19.91 17.79
C3B KC2 HK . 84.92 -19.46 11.95
C3C KC2 HK . 86.44 -25.30 11.74
C3D KC2 HK . 85.41 -25.51 17.70
C4A KC2 HK . 83.97 -20.27 16.48
C4B KC2 HK . 85.16 -20.83 12.34
C4C KC2 HK . 86.08 -25.01 13.10
C4D KC2 HK . 85.07 -24.26 17.10
CAA KC2 HK . 83.21 -21.17 19.94
CAB KC2 HK . 85.14 -18.93 10.60
CAC KC2 HK . 86.84 -26.61 11.24
CAD KC2 HK . 85.19 -25.47 19.13
CBA KC2 HK . 83.95 -21.20 21.05
CBB KC2 HK . 84.43 -19.14 9.52
CBC KC2 HK . 86.54 -27.19 10.12
CBD KC2 HK . 84.57 -24.12 19.43
CED KC2 HK . 82.01 -24.99 21.96
CGA KC2 HK . 83.38 -21.35 22.40
CGD KC2 HK . 83.19 -24.40 20.00
CHA KC2 HK . 84.57 -23.37 18.09
CHB KC2 HK . 84.01 -19.37 15.41
CHC KC2 HK . 85.61 -21.80 11.48
CHD KC2 HK . 86.15 -25.89 14.15
CMA KC2 HK . 83.03 -18.56 18.20
CMB KC2 HK . 84.09 -17.31 13.10
CMC KC2 HK . 86.63 -23.97 9.55
CMD KC2 HK . 86.33 -27.77 16.75
NA KC2 HK . 84.36 -21.60 16.48
NC KC2 HK . 85.69 -23.63 13.16
O1A KC2 HK . 82.37 -22.02 22.59
O1D KC2 HK . 82.16 -24.36 19.37
O2A KC2 HK . 83.99 -20.71 23.36
O2D KC2 HK . 83.26 -24.68 21.30
OBD KC2 HK . 85.45 -26.34 19.96
MG KC2 HK . 84.97 -22.74 14.87
C A86 IK . 102.24 -43.93 5.01
O A86 IK . 101.74 -31.78 -0.30
C1 A86 IK . 101.85 -43.18 6.27
C10 A86 IK . 101.37 -34.55 1.78
C11 A86 IK . 101.42 -33.23 1.55
C12 A86 IK . 100.84 -32.18 2.46
C13 A86 IK . 102.14 -32.74 0.33
C14 A86 IK . 103.40 -33.49 -0.05
C15 A86 IK . 104.38 -32.75 -0.97
C16 A86 IK . 104.27 -33.01 -2.50
C17 A86 IK . 104.99 -31.87 -3.24
C18 A86 IK . 106.41 -31.53 -2.82
C19 A86 IK . 106.77 -32.12 -1.46
C2 A86 IK . 101.59 -41.86 6.28
C20 A86 IK . 105.64 -32.19 -0.46
C21 A86 IK . 106.09 -32.26 0.98
C22 A86 IK . 104.87 -34.37 -2.88
C23 A86 IK . 102.80 -33.03 -2.95
C24 A86 IK . 101.79 -43.93 7.51
C25 A86 IK . 102.02 -45.24 7.73
C26 A86 IK . 101.92 -45.81 9.05
C27 A86 IK . 102.16 -47.09 9.43
C28 A86 IK . 102.62 -48.16 8.48
C29 A86 IK . 101.91 -47.41 10.82
C3 A86 IK . 101.64 -40.92 5.20
C30 A86 IK . 102.12 -48.57 11.41
C31 A86 IK . 102.31 -49.66 12.09
C32 A86 IK . 102.95 -49.64 13.46
C33 A86 IK . 104.08 -50.69 13.57
C34 A86 IK . 104.03 -51.80 12.54
C35 A86 IK . 102.58 -52.13 12.24
C36 A86 IK . 101.82 -51.00 11.56
C37 A86 IK . 101.92 -51.10 10.04
C38 A86 IK . 106.02 -51.39 11.25
C39 A86 IK . 106.50 -50.89 9.92
C4 A86 IK . 101.31 -39.62 5.36
C40 A86 IK . 103.65 -48.29 13.70
C41 A86 IK . 101.91 -49.85 14.55
C5 A86 IK . 101.36 -38.66 4.30
C6 A86 IK . 100.99 -37.35 4.33
C7 A86 IK . 100.42 -36.68 5.54
C8 A86 IK . 101.21 -36.55 3.14
C9 A86 IK . 101.14 -35.21 3.02
O1 A86 IK . 104.49 -31.32 -0.70
O2 A86 IK . 107.31 -32.02 -3.80
O3 A86 IK . 100.44 -51.16 11.93
O4 A86 IK . 104.67 -51.34 11.31
O5 A86 IK . 106.71 -51.78 12.14
C A86 JK . 90.67 -25.09 12.82
O A86 JK . 90.51 -35.45 4.70
C1 A86 JK . 90.14 -26.04 13.87
C10 A86 JK . 89.96 -33.25 7.36
C11 A86 JK . 89.81 -34.45 6.73
C12 A86 JK . 89.52 -35.74 7.43
C13 A86 JK . 89.94 -34.50 5.25
C14 A86 JK . 89.36 -33.38 4.44
C15 A86 JK . 89.07 -33.66 2.97
C16 A86 JK . 87.64 -34.15 2.58
C17 A86 JK . 87.72 -35.01 1.30
C18 A86 JK . 88.58 -34.43 0.20
C19 A86 JK . 90.02 -34.43 0.66
C2 A86 JK . 89.87 -27.34 13.62
C20 A86 JK . 90.19 -33.72 1.99
C21 A86 JK . 91.63 -33.56 2.40
C22 A86 JK . 87.03 -35.00 3.70
C23 A86 JK . 86.70 -32.96 2.35
C24 A86 JK . 89.88 -25.51 15.19
C25 A86 JK . 89.75 -24.22 15.55
C26 A86 JK . 89.50 -23.79 16.90
C27 A86 JK . 89.30 -22.53 17.34
C28 A86 JK . 89.31 -21.32 16.44
C29 A86 JK . 89.08 -22.35 18.75
C3 A86 JK . 89.99 -28.04 12.36
C30 A86 JK . 89.21 -21.19 19.37
C31 A86 JK . 89.26 -20.04 19.98
C32 A86 JK . 88.01 -19.22 20.17
C33 A86 JK . 88.26 -17.75 19.85
C34 A86 JK . 89.56 -17.23 20.41
C35 A86 JK . 90.69 -18.13 19.96
C36 A86 JK . 90.62 -19.56 20.47
C37 A86 JK . 90.69 -19.72 21.97
C38 A86 JK . 89.39 -14.73 20.23
C39 A86 JK . 88.57 -14.83 21.48
C4 A86 JK . 89.64 -29.32 12.18
C40 A86 JK . 86.92 -19.63 19.18
C41 A86 JK . 87.47 -19.41 21.60
C5 A86 JK . 89.77 -29.97 10.91
C6 A86 JK . 89.62 -31.29 10.62
C7 A86 JK . 89.27 -32.33 11.66
C8 A86 JK . 89.83 -31.73 9.25
C9 A86 JK . 89.73 -32.97 8.74
O1 A86 JK . 89.38 -32.51 2.12
O2 A86 JK . 88.46 -35.25 -0.97
O3 A86 JK . 91.43 -20.43 19.73
O4 A86 JK . 89.85 -15.94 19.78
O5 A86 JK . 89.64 -13.70 19.66
C DD6 KK . 89.36 -43.88 6.10
C1 DD6 KK . 90.09 -44.59 7.21
C10 DD6 KK . 91.09 -52.73 1.89
C11 DD6 KK . 91.71 -53.74 1.24
C12 DD6 KK . 93.01 -54.35 1.70
C13 DD6 KK . 91.11 -54.27 0.02
C14 DD6 KK . 91.53 -55.18 -0.83
C15 DD6 KK . 90.78 -55.63 -2.06
C16 DD6 KK . 90.21 -56.99 -2.06
C17 DD6 KK . 89.19 -57.09 -3.21
C18 DD6 KK . 89.74 -56.87 -4.62
C19 DD6 KK . 90.55 -55.58 -4.73
C2 DD6 KK . 90.48 -45.89 7.13
C20 DD6 KK . 91.09 -55.03 -3.41
C21 DD6 KK . 92.19 -54.02 -3.62
C22 DD6 KK . 91.33 -58.01 -2.24
C23 DD6 KK . 89.50 -57.32 -0.74
C24 DD6 KK . 90.33 -43.86 8.46
C25 DD6 KK . 89.81 -42.68 8.84
C26 DD6 KK . 90.14 -42.06 10.09
C27 DD6 KK . 89.72 -40.86 10.58
C28 DD6 KK . 88.81 -39.90 9.86
C29 DD6 KK . 90.18 -40.48 11.88
C3 DD6 KK . 90.30 -46.79 6.03
C30 DD6 KK . 90.46 -40.12 12.99
C31 DD6 KK . 90.83 -39.60 14.26
C32 DD6 KK . 89.94 -39.91 15.47
C33 DD6 KK . 90.83 -40.00 16.73
C34 DD6 KK . 91.79 -38.85 16.97
C35 DD6 KK . 92.08 -38.05 15.71
C36 DD6 KK . 91.94 -38.87 14.46
C37 DD6 KK . 93.09 -38.79 13.50
C4 DD6 KK . 90.82 -48.04 6.01
C40 DD6 KK . 88.87 -38.82 15.64
C41 DD6 KK . 89.25 -41.27 15.31
C5 DD6 KK . 90.64 -48.96 4.93
C6 DD6 KK . 91.22 -50.18 4.74
C7 DD6 KK . 92.22 -50.77 5.71
C8 DD6 KK . 90.89 -50.94 3.55
C9 DD6 KK . 91.50 -52.06 3.10
O1 DD6 KK . 89.97 -54.58 -2.60
O2 DD6 KK . 90.52 -57.99 -5.03
O4 DD6 KK . 91.26 -37.98 17.96
NB KC2 LK . 27.78 -119.13 -17.71
ND KC2 LK . 29.68 -115.89 -16.62
C1A KC2 LK . 30.91 -116.88 -19.42
C1B KC2 LK . 27.93 -119.94 -18.88
C1C KC2 LK . 26.74 -118.26 -15.05
C1D KC2 LK . 29.63 -115.06 -15.51
C2A KC2 LK . 31.43 -117.40 -20.65
C2B KC2 LK . 26.98 -121.08 -18.82
C2C KC2 LK . 26.26 -117.84 -13.78
C2D KC2 LK . 30.60 -114.06 -15.63
C3A KC2 LK . 30.72 -118.53 -20.94
C3B KC2 LK . 26.27 -120.96 -17.66
C3C KC2 LK . 26.96 -116.72 -13.43
C3D KC2 LK . 31.28 -114.28 -16.88
C4A KC2 LK . 29.76 -118.71 -19.90
C4B KC2 LK . 26.75 -119.78 -16.95
C4C KC2 LK . 27.88 -116.40 -14.48
C4D KC2 LK . 30.66 -115.45 -17.45
CAA KC2 LK . 32.53 -116.84 -21.41
CAB KC2 LK . 25.21 -121.84 -17.18
CAC KC2 LK . 26.79 -115.98 -12.17
CAD KC2 LK . 32.33 -113.78 -17.73
CBA KC2 LK . 32.45 -116.28 -22.62
CBB KC2 LK . 23.94 -121.56 -17.05
CBC KC2 LK . 26.90 -116.44 -10.96
CBD KC2 LK . 32.38 -114.72 -18.93
CED KC2 LK . 33.29 -112.31 -21.59
CGA KC2 LK . 33.58 -115.71 -23.38
CGD KC2 LK . 32.22 -113.87 -20.19
CHA KC2 LK . 31.29 -115.76 -18.68
CHB KC2 LK . 28.83 -119.77 -19.89
CHC KC2 LK . 26.27 -119.39 -15.72
CHD KC2 LK . 28.74 -115.33 -14.47
CMA KC2 LK . 30.90 -119.45 -22.12
CMB KC2 LK . 26.84 -122.13 -19.88
CMC KC2 LK . 25.19 -118.53 -12.98
CMD KC2 LK . 30.88 -112.95 -14.67
NA KC2 LK . 29.88 -117.69 -18.98
NC KC2 LK . 27.72 -117.39 -15.50
O1A KC2 LK . 34.73 -116.12 -23.22
O1D KC2 LK . 31.28 -113.92 -20.94
O2A KC2 LK . 33.29 -114.76 -24.23
O2D KC2 LK . 33.27 -113.09 -20.37
OBD KC2 LK . 33.05 -112.79 -17.57
MG KC2 LK . 28.80 -117.39 -17.26
NB KC2 MK . 35.64 -111.44 -10.16
ND KC2 MK . 34.62 -113.76 -13.13
C1A KC2 MK . 36.73 -111.59 -14.23
C1B KC2 MK . 36.62 -110.40 -10.08
C1C KC2 MK . 33.46 -113.27 -9.24
C1D KC2 MK . 33.75 -114.82 -13.29
C2A KC2 MK . 37.65 -110.57 -14.64
C2B KC2 MK . 36.68 -109.86 -8.70
C2C KC2 MK . 32.43 -114.16 -8.81
C2D KC2 MK . 33.85 -115.33 -14.59
C3A KC2 MK . 38.01 -109.86 -13.51
C3B KC2 MK . 35.74 -110.52 -7.97
C3C KC2 MK . 32.12 -114.96 -9.88
C3D KC2 MK . 34.84 -114.53 -15.26
C4A KC2 MK . 37.26 -110.39 -12.43
C4B KC2 MK . 35.08 -111.50 -8.83
C4C KC2 MK . 32.94 -114.59 -11.00
C4D KC2 MK . 35.28 -113.56 -14.31
CAA KC2 MK . 38.03 -110.28 -16.01
CAB KC2 MK . 35.41 -110.29 -6.55
CAC KC2 MK . 31.12 -116.03 -9.87
CAD KC2 MK . 35.51 -114.35 -16.52
CBA KC2 MK . 38.97 -110.87 -16.73
CBB KC2 MK . 35.48 -111.14 -5.56
CBC KC2 MK . 31.33 -117.32 -9.94
CBD KC2 MK . 36.50 -113.23 -16.32
CED KC2 MK . 39.41 -114.73 -18.04
CGA KC2 MK . 39.34 -110.56 -18.13
CGD KC2 MK . 37.87 -113.87 -16.49
CHA KC2 MK . 36.22 -112.69 -14.91
CHB KC2 MK . 37.36 -109.90 -11.12
CHC KC2 MK . 34.08 -112.33 -8.40
CHD KC2 MK . 32.92 -115.20 -12.22
CMA KC2 MK . 39.04 -108.78 -13.42
CMB KC2 MK . 37.64 -108.82 -8.19
CMC KC2 MK . 31.83 -114.20 -7.45
CMD KC2 MK . 33.11 -116.49 -15.16
NA KC2 MK . 36.48 -111.45 -12.89
NC KC2 MK . 33.79 -113.51 -10.56
O1A KC2 MK . 38.81 -111.14 -19.07
O1D KC2 MK . 38.62 -114.12 -15.58
O2A KC2 MK . 40.26 -109.65 -18.29
O2D KC2 MK . 38.12 -114.12 -17.77
OBD KC2 MK . 35.37 -114.99 -17.57
MG KC2 MK . 35.17 -112.60 -11.79
NB KC2 NK . 35.97 -102.54 -16.24
ND KC2 NK . 35.56 -98.70 -16.78
C1A KC2 NK . 36.26 -100.04 -19.62
C1B KC2 NK . 36.23 -103.59 -17.18
C1C KC2 NK . 35.55 -101.24 -13.59
C1D KC2 NK . 35.34 -97.62 -15.95
C2A KC2 NK . 36.67 -100.71 -20.81
C2B KC2 NK . 36.22 -104.91 -16.51
C2C KC2 NK . 35.38 -100.62 -12.32
C2D KC2 NK . 35.23 -96.46 -16.72
C3A KC2 NK . 36.81 -102.03 -20.53
C3B KC2 NK . 35.98 -104.66 -15.18
C3C KC2 NK . 35.22 -99.27 -12.54
C3D KC2 NK . 35.40 -96.84 -18.10
C4A KC2 NK . 36.51 -102.20 -19.15
C4B KC2 NK . 35.85 -103.23 -14.98
C4C KC2 NK . 35.34 -99.02 -13.95
C4D KC2 NK . 35.62 -98.26 -18.07
CAA KC2 NK . 36.94 -100.05 -22.08
CAB KC2 NK . 35.85 -105.66 -14.12
CAC KC2 NK . 34.88 -98.33 -11.47
CAD KC2 NK . 35.41 -96.36 -19.46
CBA KC2 NK . 36.51 -100.41 -23.28
CBB KC2 NK . 36.48 -106.77 -13.96
CBC KC2 NK . 35.22 -97.08 -11.28
CBD KC2 NK . 35.72 -97.55 -20.34
CED KC2 NK . 34.04 -98.21 -23.57
CGA KC2 NK . 36.83 -99.73 -24.55
CGD KC2 NK . 34.57 -97.78 -21.32
CHA KC2 NK . 35.88 -98.72 -19.38
CHB KC2 NK . 36.50 -103.44 -18.51
CHC KC2 NK . 35.68 -102.63 -13.76
CHD KC2 NK . 35.24 -97.79 -14.58
CMA KC2 NK . 37.24 -103.13 -21.46
CMB KC2 NK . 36.43 -106.24 -17.17
CMC KC2 NK . 35.39 -101.32 -11.00
CMD KC2 NK . 34.98 -95.07 -16.24
NA KC2 NK . 36.20 -100.97 -18.59
NC KC2 NK . 35.55 -100.29 -14.59
O1A KC2 NK . 37.10 -98.53 -24.57
O1D KC2 NK . 33.43 -97.90 -21.00
O2A KC2 NK . 36.78 -100.45 -25.63
O2D KC2 NK . 35.02 -97.83 -22.57
OBD KC2 NK . 35.23 -95.20 -19.85
MG KC2 NK . 35.76 -100.53 -16.63
MG CLA OK . 42.01 -94.46 -9.16
CHA CLA OK . 42.34 -97.22 -11.15
CHB CLA OK . 38.76 -94.37 -9.89
CHC CLA OK . 41.80 -91.63 -7.29
CHD CLA OK . 45.50 -93.93 -9.39
NA CLA OK . 40.85 -95.61 -10.18
C1A CLA OK . 41.09 -96.81 -10.83
C2A CLA OK . 39.82 -97.56 -11.13
C3A CLA OK . 38.87 -96.39 -11.30
C4A CLA OK . 39.51 -95.37 -10.40
CMA CLA OK . 38.69 -95.90 -12.74
CAA CLA OK . 39.55 -98.41 -9.88
CBA CLA OK . 39.49 -99.91 -10.14
CGA CLA OK . 39.42 -100.73 -8.88
O1A CLA OK . 40.31 -101.41 -8.46
O2A CLA OK . 38.23 -100.60 -8.29
NB CLA OK . 40.57 -93.25 -8.67
C1B CLA OK . 39.18 -93.36 -9.04
C2B CLA OK . 38.42 -92.36 -8.38
C3B CLA OK . 39.31 -91.60 -7.62
C4B CLA OK . 40.60 -92.12 -7.80
CMB CLA OK . 36.93 -92.19 -8.45
CAB CLA OK . 38.98 -90.46 -6.77
CBB CLA OK . 38.14 -90.44 -5.77
NC CLA OK . 43.31 -93.14 -8.50
C1C CLA OK . 43.03 -92.06 -7.65
C2C CLA OK . 44.24 -91.33 -7.30
C3C CLA OK . 45.27 -91.93 -7.96
C4C CLA OK . 44.74 -93.05 -8.68
CMC CLA OK . 44.34 -90.17 -6.36
CAC CLA OK . 46.72 -91.50 -8.00
CBC CLA OK . 47.59 -92.31 -7.08
ND CLA OK . 43.55 -95.29 -10.01
C1D CLA OK . 44.98 -95.04 -10.02
C2D CLA OK . 45.63 -96.06 -10.74
C3D CLA OK . 44.65 -96.97 -11.19
C4D CLA OK . 43.44 -96.45 -10.73
CMD CLA OK . 47.11 -96.17 -10.95
CAD CLA OK . 44.36 -98.19 -11.91
OBD CLA OK . 45.14 -98.96 -12.46
CBD CLA OK . 42.88 -98.44 -11.90
CGD CLA OK . 42.38 -98.60 -13.33
O1D CLA OK . 41.52 -97.94 -13.84
O2D CLA OK . 43.00 -99.61 -13.93
CED CLA OK . 42.38 -100.12 -15.14
MG CLA PK . 44.33 -78.15 -9.50
CHA CLA PK . 47.69 -78.57 -9.06
CHB CLA PK . 44.78 -74.86 -9.56
CHC CLA PK . 40.92 -77.78 -9.49
CHD CLA PK . 43.84 -81.55 -8.55
NA CLA PK . 45.90 -77.03 -9.45
C1A CLA PK . 47.25 -77.34 -9.37
C2A CLA PK . 48.17 -76.18 -9.64
C3A CLA PK . 47.23 -75.00 -9.49
C4A CLA PK . 45.87 -75.65 -9.50
CMA CLA PK . 47.46 -74.20 -8.21
CAA CLA PK . 48.69 -76.34 -11.07
CBA CLA PK . 50.01 -75.63 -11.35
CGA CLA PK . 51.20 -76.52 -11.10
O1A CLA PK . 51.60 -76.84 -10.02
O2A CLA PK . 51.74 -76.91 -12.26
NB CLA PK . 43.10 -76.63 -9.54
C1B CLA PK . 43.45 -75.24 -9.59
C2B CLA PK . 42.30 -74.44 -9.64
C3B CLA PK . 41.20 -75.30 -9.62
C4B CLA PK . 41.68 -76.63 -9.56
CMB CLA PK . 42.25 -72.94 -9.69
CAB CLA PK . 39.78 -74.93 -9.67
CBB CLA PK . 38.86 -75.17 -8.78
NC CLA PK . 42.79 -79.35 -9.15
C1C CLA PK . 41.44 -79.02 -9.25
C2C CLA PK . 40.57 -80.16 -8.96
C3C CLA PK . 41.39 -81.22 -8.65
C4C CLA PK . 42.75 -80.76 -8.77
CMC CLA PK . 39.08 -80.18 -9.02
CAC CLA PK . 40.94 -82.60 -8.23
CBC CLA PK . 40.46 -83.43 -9.39
ND CLA PK . 45.40 -79.68 -8.93
C1D CLA PK . 45.14 -81.07 -8.59
C2D CLA PK . 46.35 -81.74 -8.36
C3D CLA PK . 47.40 -80.81 -8.55
C4D CLA PK . 46.77 -79.61 -8.88
CMD CLA PK . 46.50 -83.18 -7.98
CAD CLA PK . 48.84 -80.58 -8.56
OBD CLA PK . 49.74 -81.38 -8.37
CBD CLA PK . 49.10 -79.15 -8.87
CGD CLA PK . 49.88 -78.49 -7.73
O1D CLA PK . 51.06 -78.62 -7.54
O2D CLA PK . 49.08 -77.74 -6.98
CED CLA PK . 49.72 -77.04 -5.89
C1 CLA PK . 52.93 -77.75 -12.14
C2 CLA PK . 54.07 -76.89 -11.70
C3 CLA PK . 55.19 -77.33 -11.16
C4 CLA PK . 55.51 -78.78 -10.93
C5 CLA PK . 56.26 -76.36 -10.73
C6 CLA PK . 55.96 -75.67 -9.42
C7 CLA PK . 55.47 -76.61 -8.32
C8 CLA PK . 55.54 -76.09 -6.88
C9 CLA PK . 55.02 -77.13 -5.89
C10 CLA PK . 54.84 -74.74 -6.69
C11 CLA PK . 53.32 -74.72 -6.82
C12 CLA PK . 52.75 -73.31 -6.95
C13 CLA PK . 51.29 -73.15 -6.54
C14 CLA PK . 50.56 -72.15 -7.42
C15 CLA PK . 51.17 -72.78 -5.06
NB KC2 QK . 20.43 -85.13 -17.59
ND KC2 QK . 23.35 -82.54 -17.44
C1A KC2 QK . 22.74 -83.17 -20.53
C1B KC2 QK . 19.77 -85.71 -18.70
C1C KC2 QK . 21.12 -84.64 -14.73
C1D KC2 QK . 24.04 -81.93 -16.41
C2A KC2 QK . 22.42 -83.53 -21.87
C2B KC2 QK . 18.69 -86.60 -18.23
C2C KC2 QK . 21.48 -84.40 -13.37
C2D KC2 QK . 24.99 -81.05 -16.94
C3A KC2 QK . 21.39 -84.44 -21.82
C3B KC2 QK . 18.70 -86.58 -16.87
C3C KC2 QK . 22.51 -83.52 -13.36
C3D KC2 QK . 24.88 -81.13 -18.38
C4A KC2 QK . 21.08 -84.65 -20.46
C4B KC2 QK . 19.76 -85.71 -16.44
C4C KC2 QK . 22.82 -83.17 -14.71
C4D KC2 QK . 23.83 -82.08 -18.62
CAA KC2 QK . 23.11 -83.04 -23.06
CAB KC2 QK . 17.79 -87.30 -15.96
CAC KC2 QK . 23.18 -83.02 -12.16
CAD KC2 QK . 25.41 -80.63 -19.64
CBA KC2 QK . 22.56 -82.35 -24.05
CBB KC2 QK . 16.49 -87.24 -15.94
CBC KC2 QK . 23.05 -81.85 -11.59
CBD KC2 QK . 24.63 -81.31 -20.74
CED KC2 QK . 22.46 -78.40 -21.47
CGA KC2 QK . 23.27 -81.87 -25.26
CGD KC2 QK . 23.92 -80.24 -21.56
CHA KC2 QK . 23.66 -82.26 -20.02
CHB KC2 QK . 20.06 -85.50 -20.03
CHC KC2 QK . 20.09 -85.49 -15.12
CHD KC2 QK . 23.78 -82.25 -15.08
CMA KC2 QK . 20.71 -85.09 -22.98
CMB KC2 QK . 17.76 -87.36 -19.13
CMC KC2 QK . 20.80 -85.03 -12.17
CMD KC2 QK . 25.94 -80.18 -16.18
NA KC2 QK . 21.91 -83.87 -19.66
NC KC2 QK . 21.94 -83.89 -15.56
O1A KC2 QK . 24.39 -82.28 -25.55
O1D KC2 QK . 24.06 -80.10 -22.74
O2A KC2 QK . 22.63 -80.99 -25.98
O2D KC2 QK . 23.15 -79.48 -20.79
OBD KC2 QK . 26.32 -79.81 -19.80
MG KC2 QK . 21.95 -83.74 -17.61
MG CLA RK . 24.81 -89.91 -9.35
CHA CLA RK . 23.30 -91.40 -12.02
CHB CLA RK . 24.61 -86.98 -10.92
CHC CLA RK . 26.63 -88.55 -6.80
CHD CLA RK . 25.81 -93.12 -8.20
NA CLA RK . 24.03 -89.36 -11.04
C1A CLA RK . 23.34 -90.05 -12.01
C2A CLA RK . 22.67 -89.18 -13.03
C3A CLA RK . 23.42 -87.89 -12.87
C4A CLA RK . 24.08 -88.06 -11.52
CMA CLA RK . 24.43 -87.62 -13.98
CAA CLA RK . 21.17 -89.04 -12.69
CBA CLA RK . 20.80 -88.68 -11.25
CGA CLA RK . 19.34 -88.36 -11.10
O1A CLA RK . 18.50 -88.62 -11.90
O2A CLA RK . 19.10 -87.75 -9.94
NB CLA RK . 25.48 -88.12 -8.93
C1B CLA RK . 25.25 -86.93 -9.70
C2B CLA RK . 25.76 -85.81 -9.01
C3B CLA RK . 26.33 -86.27 -7.82
C4B CLA RK . 26.17 -87.67 -7.77
CMB CLA RK . 25.70 -84.39 -9.49
CAB CLA RK . 26.94 -85.44 -6.78
CBB CLA RK . 26.78 -85.46 -5.49
NC CLA RK . 25.91 -90.64 -7.87
C1C CLA RK . 26.54 -89.91 -6.88
C2C CLA RK . 27.17 -90.78 -5.89
C3C CLA RK . 26.95 -92.08 -6.27
C4C CLA RK . 26.18 -92.02 -7.50
CMC CLA RK . 27.95 -90.37 -4.67
CAC CLA RK . 27.36 -93.33 -5.57
CBC CLA RK . 28.62 -93.92 -6.13
ND CLA RK . 24.65 -91.77 -9.90
C1D CLA RK . 25.05 -93.06 -9.36
C2D CLA RK . 24.57 -94.10 -10.17
C3D CLA RK . 23.84 -93.51 -11.23
C4D CLA RK . 23.93 -92.14 -11.02
CMD CLA RK . 24.78 -95.56 -9.94
CAD CLA RK . 23.03 -93.72 -12.41
OBD CLA RK . 22.65 -94.77 -12.90
CBD CLA RK . 22.66 -92.39 -13.00
CGD CLA RK . 23.21 -92.28 -14.41
O1D CLA RK . 24.34 -92.00 -14.69
O2D CLA RK . 22.26 -92.53 -15.32
CED CLA RK . 22.67 -92.45 -16.69
MG CLA SK . 19.34 -97.12 -8.49
CHA CLA SK . 18.57 -94.82 -10.89
CHB CLA SK . 16.88 -99.07 -9.59
CHC CLA SK . 19.95 -99.22 -5.84
CHD CLA SK . 21.20 -94.63 -6.77
NA CLA SK . 18.07 -96.97 -9.95
C1A CLA SK . 17.89 -95.99 -10.93
C2A CLA SK . 16.87 -96.33 -11.99
C3A CLA SK . 16.25 -97.59 -11.44
C4A CLA SK . 17.11 -97.91 -10.25
CMA CLA SK . 14.77 -97.43 -11.08
CAA CLA SK . 17.56 -96.59 -13.34
CBA CLA SK . 16.58 -96.61 -14.50
CGA CLA SK . 17.14 -97.20 -15.75
O1A CLA SK . 16.64 -98.10 -16.37
O2A CLA SK . 18.26 -96.59 -16.12
NB CLA SK . 18.59 -98.82 -7.86
C1B CLA SK . 17.52 -99.56 -8.47
C2B CLA SK . 17.27 -100.75 -7.75
C3B CLA SK . 18.15 -100.76 -6.68
C4B CLA SK . 18.95 -99.61 -6.73
CMB CLA SK . 16.23 -101.78 -8.08
CAB CLA SK . 18.26 -101.78 -5.62
CBB CLA SK . 18.14 -103.08 -5.73
NC CLA SK . 20.35 -96.99 -6.79
C1C CLA SK . 20.54 -98.00 -5.85
C2C CLA SK . 21.40 -97.56 -4.75
C3C CLA SK . 21.72 -96.25 -4.99
C4C CLA SK . 21.09 -95.88 -6.23
CMC CLA SK . 21.86 -98.37 -3.57
CAC CLA SK . 22.55 -95.34 -4.12
CBC CLA SK . 23.98 -95.22 -4.60
ND CLA SK . 19.79 -95.25 -8.69
C1D CLA SK . 20.58 -94.28 -7.94
C2D CLA SK . 20.60 -93.04 -8.62
C3D CLA SK . 19.84 -93.21 -9.81
C4D CLA SK . 19.40 -94.52 -9.80
CMD CLA SK . 21.28 -91.79 -8.15
CAD CLA SK . 19.32 -92.56 -11.00
OBD CLA SK . 19.40 -91.40 -11.34
CBD CLA SK . 18.60 -93.59 -11.81
CGD CLA SK . 17.22 -93.03 -12.18
O1D CLA SK . 16.24 -93.12 -11.50
O2D CLA SK . 17.26 -92.42 -13.36
CED CLA SK . 16.02 -91.81 -13.81
MG CLA TK . 19.62 -105.20 -17.05
CHA CLA TK . 19.50 -106.04 -20.38
CHB CLA TK . 19.38 -102.00 -17.89
CHC CLA TK . 20.22 -104.41 -13.77
CHD CLA TK . 20.64 -108.52 -16.31
NA CLA TK . 19.37 -104.28 -18.75
C1A CLA TK . 19.23 -104.76 -20.05
C2A CLA TK . 18.80 -103.71 -21.05
C3A CLA TK . 19.13 -102.43 -20.30
C4A CLA TK . 19.31 -102.91 -18.89
CMA CLA TK . 20.37 -101.71 -20.83
CAA CLA TK . 17.33 -103.88 -21.42
CBA CLA TK . 16.26 -103.85 -20.32
CGA CLA TK . 15.75 -102.47 -19.97
O1A CLA TK . 15.65 -101.57 -20.75
O2A CLA TK . 15.50 -102.38 -18.67
NB CLA TK . 19.75 -103.55 -16.03
C1B CLA TK . 19.56 -102.22 -16.53
C2B CLA TK . 19.64 -101.28 -15.49
C3B CLA TK . 19.89 -101.99 -14.32
C4B CLA TK . 19.96 -103.35 -14.64
CMB CLA TK . 19.48 -99.80 -15.62
CAB CLA TK . 20.08 -101.44 -12.98
CBB CLA TK . 19.21 -100.79 -12.26
NC CLA TK . 20.24 -106.20 -15.46
C1C CLA TK . 20.38 -105.70 -14.16
C2C CLA TK . 20.80 -106.77 -13.21
C3C CLA TK . 20.90 -107.93 -13.94
C4C CLA TK . 20.58 -107.60 -15.31
CMC CLA TK . 21.05 -106.66 -11.74
CAC CLA TK . 21.26 -109.30 -13.42
CBC CLA TK . 20.04 -110.16 -13.20
ND CLA TK . 20.02 -106.85 -18.01
C1D CLA TK . 20.42 -108.20 -17.64
C2D CLA TK . 20.46 -109.02 -18.78
C3D CLA TK . 20.11 -108.23 -19.89
C4D CLA TK . 19.86 -106.96 -19.38
CMD CLA TK . 20.83 -110.47 -18.81
CAD CLA TK . 19.87 -108.18 -21.32
OBD CLA TK . 19.94 -109.07 -22.13
CBD CLA TK . 19.50 -106.78 -21.71
CGD CLA TK . 20.52 -106.26 -22.71
O1D CLA TK . 21.71 -106.43 -22.64
O2D CLA TK . 19.92 -105.59 -23.70
CED CLA TK . 20.79 -105.10 -24.74
C1 CLA TK . 15.44 -101.03 -18.11
C2 CLA TK . 15.78 -101.15 -16.66
C3 CLA TK . 15.11 -100.61 -15.66
C4 CLA TK . 13.90 -99.73 -15.82
C5 CLA TK . 15.52 -100.86 -14.23
C6 CLA TK . 14.64 -101.87 -13.51
C7 CLA TK . 14.26 -101.42 -12.11
C8 CLA TK . 13.27 -102.32 -11.35
C9 CLA TK . 12.55 -101.53 -10.27
C10 CLA TK . 13.96 -103.56 -10.78
C11 CLA TK . 13.03 -104.64 -10.23
C12 CLA TK . 13.22 -104.89 -8.74
C13 CLA TK . 14.45 -105.71 -8.33
C14 CLA TK . 14.24 -107.21 -8.61
C15 CLA TK . 14.80 -105.47 -6.86
C16 CLA TK . 16.04 -106.17 -6.33
MG CLA UK . 17.19 -114.83 -0.43
CHA CLA UK . 14.95 -114.95 2.16
CHB CLA UK . 17.94 -118.02 0.17
CHC CLA UK . 19.63 -114.57 -2.80
CHD CLA UK . 17.07 -111.28 -0.31
NA CLA UK . 16.46 -116.17 0.77
C1A CLA UK . 15.41 -116.12 1.67
C2A CLA UK . 14.93 -117.48 2.07
C3A CLA UK . 16.21 -118.27 1.93
C4A CLA UK . 16.94 -117.45 0.89
CMA CLA UK . 17.01 -118.42 3.23
CAA CLA UK . 13.86 -117.90 1.04
NB CLA UK . 18.50 -116.04 -1.18
C1B CLA UK . 18.70 -117.44 -0.83
C2B CLA UK . 19.72 -118.00 -1.62
C3B CLA UK . 20.20 -116.99 -2.47
C4B CLA UK . 19.47 -115.82 -2.21
CMB CLA UK . 20.20 -119.43 -1.56
CAB CLA UK . 21.27 -117.10 -3.46
CBB CLA UK . 21.33 -117.88 -4.50
NC CLA UK . 18.08 -113.33 -1.35
C1C CLA UK . 19.02 -113.43 -2.37
C2C CLA UK . 19.41 -112.12 -2.88
C3C CLA UK . 18.73 -111.17 -2.15
C4C CLA UK . 17.90 -111.89 -1.20
CMC CLA UK . 20.34 -111.84 -4.02
CAC CLA UK . 18.82 -109.68 -2.28
CBC CLA UK . 17.80 -109.11 -3.23
ND CLA UK . 16.31 -113.44 0.61
C1D CLA UK . 16.28 -111.98 0.59
C2D CLA UK . 15.38 -111.50 1.56
C3D CLA UK . 14.83 -112.63 2.21
C4D CLA UK . 15.40 -113.74 1.61
CMD CLA UK . 15.06 -110.06 1.85
CAD CLA UK . 13.92 -113.11 3.25
OBD CLA UK . 13.23 -112.46 4.03
CBD CLA UK . 13.91 -114.62 3.25
CGD CLA UK . 14.28 -115.15 4.62
O1D CLA UK . 15.28 -115.77 4.88
O2D CLA UK . 13.34 -114.86 5.51
CED CLA UK . 13.55 -115.35 6.85
MG CLA VK . 36.75 -97.98 1.44
CHA CLA VK . 37.90 -97.34 4.61
CHB CLA VK . 34.06 -96.15 2.10
CHC CLA VK . 35.50 -98.95 -1.58
CHD CLA VK . 39.20 -100.53 1.13
NA CLA VK . 36.22 -96.90 2.97
C1A CLA VK . 36.85 -96.61 4.17
C2A CLA VK . 36.21 -95.48 4.93
C3A CLA VK . 34.82 -95.47 4.34
C4A CLA VK . 35.02 -96.22 3.05
CMA CLA VK . 33.77 -96.12 5.23
CAA CLA VK . 36.98 -94.16 4.74
CBA CLA VK . 37.44 -93.79 3.33
CGA CLA VK . 38.82 -94.27 2.97
O1A CLA VK . 39.83 -93.69 3.24
O2A CLA VK . 38.75 -95.40 2.27
NB CLA VK . 35.11 -97.63 0.45
C1B CLA VK . 34.04 -96.75 0.85
C2B CLA VK . 33.10 -96.64 -0.19
C3B CLA VK . 33.52 -97.45 -1.23
C4B CLA VK . 34.73 -98.06 -0.85
CMB CLA VK . 31.89 -95.74 -0.18
CAB CLA VK . 32.86 -97.66 -2.52
CBB CLA VK . 31.67 -98.14 -2.75
NC CLA VK . 37.23 -99.36 0.11
C1C CLA VK . 36.64 -99.54 -1.13
C2C CLA VK . 37.35 -100.54 -1.93
C3C CLA VK . 38.37 -101.03 -1.16
C4C CLA VK . 38.32 -100.32 0.10
CMC CLA VK . 37.09 -100.85 -3.37
CAC CLA VK . 39.37 -102.09 -1.53
CBC CLA VK . 40.62 -101.53 -2.16
ND CLA VK . 38.17 -98.79 2.51
C1D CLA VK . 39.16 -99.83 2.32
C2D CLA VK . 39.99 -99.93 3.44
C3D CLA VK . 39.57 -98.95 4.37
C4D CLA VK . 38.47 -98.33 3.78
CMD CLA VK . 41.14 -100.88 3.62
CAD CLA VK . 39.83 -98.27 5.63
OBD CLA VK . 40.78 -98.40 6.37
CBD CLA VK . 38.70 -97.33 5.91
CGD CLA VK . 37.88 -97.88 7.06
O1D CLA VK . 37.74 -99.05 7.30
O2D CLA VK . 37.27 -96.91 7.72
CED CLA VK . 36.02 -97.28 8.37
C1 CLA VK . 39.80 -95.63 1.29
C2 CLA VK . 39.05 -95.89 0.05
C3 CLA VK . 39.45 -96.67 -0.95
C4 CLA VK . 40.78 -97.36 -0.99
C5 CLA VK . 38.52 -96.98 -2.10
C6 CLA VK . 38.72 -96.08 -3.30
C7 CLA VK . 39.36 -96.83 -4.46
C8 CLA VK . 39.51 -96.06 -5.77
C9 CLA VK . 38.14 -95.74 -6.36
C10 CLA VK . 40.38 -96.82 -6.76
C11 CLA VK . 41.89 -96.84 -6.51
C12 CLA VK . 42.60 -97.97 -7.24
C13 CLA VK . 44.07 -98.19 -6.89
C14 CLA VK . 44.74 -99.14 -7.88
C15 CLA VK . 44.23 -98.68 -5.46
NB KC2 WK . 43.12 -84.19 0.95
ND KC2 WK . 40.77 -86.65 2.87
C1A KC2 WK . 42.37 -84.90 5.04
C1B KC2 WK . 44.06 -83.22 1.44
C1C KC2 WK . 41.62 -85.82 -1.03
C1D KC2 WK . 39.93 -87.67 2.50
C2A KC2 WK . 43.14 -84.09 5.94
C2B KC2 WK . 44.75 -82.58 0.31
C2C KC2 WK . 40.89 -86.60 -1.98
C2D KC2 WK . 39.38 -88.27 3.64
C3A KC2 WK . 43.93 -83.27 5.19
C3B KC2 WK . 44.26 -83.13 -0.84
C3C KC2 WK . 40.10 -87.46 -1.26
C3D KC2 WK . 39.92 -87.58 4.78
C4A KC2 WK . 43.67 -83.57 3.82
C4B KC2 WK . 43.26 -84.12 -0.48
C4C KC2 WK . 40.31 -87.23 0.13
C4D KC2 WK . 40.80 -86.58 4.24
CAA KC2 WK . 43.05 -84.14 7.39
CAB KC2 WK . 44.64 -82.80 -2.22
CAC KC2 WK . 39.18 -88.44 -1.85
CAD KC2 WK . 39.90 -87.52 6.22
CBA KC2 WK . 42.79 -83.11 8.20
CBB KC2 WK . 45.83 -82.89 -2.76
CBC KC2 WK . 39.47 -89.47 -2.60
CBD KC2 WK . 40.84 -86.40 6.60
CED KC2 WK . 39.60 -84.43 9.50
CGA KC2 WK . 42.71 -83.18 9.67
CGD KC2 WK . 40.03 -85.35 7.37
CHA KC2 WK . 41.42 -85.87 5.29
CHB KC2 WK . 44.32 -82.93 2.76
CHC KC2 WK . 42.57 -84.85 -1.41
CHD KC2 WK . 39.70 -87.94 1.14
CMA KC2 WK . 44.88 -82.23 5.69
CMB KC2 WK . 45.79 -81.50 0.44
CMC KC2 WK . 40.99 -86.47 -3.48
CMD KC2 WK . 38.41 -89.42 3.70
NA KC2 WK . 42.71 -84.56 3.75
NC KC2 WK . 41.26 -86.18 0.25
O1A KC2 WK . 41.98 -82.41 10.30
O1D KC2 WK . 39.24 -84.60 6.87
O2A KC2 WK . 43.45 -84.07 10.25
O2D KC2 WK . 40.31 -85.40 8.67
OBD KC2 WK . 39.25 -88.21 7.00
MG KC2 WK . 41.86 -85.39 2.06
C A86 XK . 31.39 -109.88 -9.18
O A86 XK . 39.04 -104.38 -15.03
C1 A86 XK . 31.71 -109.22 -7.86
C10 A86 XK . 39.08 -104.77 -12.22
C11 A86 XK . 39.76 -103.82 -12.87
C12 A86 XK . 40.23 -102.52 -12.30
C13 A86 XK . 39.99 -104.07 -14.33
C14 A86 XK . 41.38 -103.91 -14.88
C15 A86 XK . 41.79 -104.79 -16.08
C16 A86 XK . 43.10 -105.61 -15.92
C17 A86 XK . 43.38 -106.39 -17.22
C18 A86 XK . 43.26 -105.60 -18.52
C19 A86 XK . 41.85 -105.09 -18.69
C2 A86 XK . 32.75 -108.36 -7.72
C20 A86 XK . 41.28 -104.48 -17.42
C21 A86 XK . 40.38 -103.30 -17.70
C22 A86 XK . 44.29 -104.70 -15.59
C23 A86 XK . 42.97 -106.63 -14.78
C24 A86 XK . 30.97 -109.64 -6.69
C25 A86 XK . 30.23 -110.76 -6.55
C26 A86 XK . 29.52 -111.09 -5.34
C27 A86 XK . 28.79 -112.20 -5.09
C28 A86 XK . 28.58 -113.33 -6.07
C29 A86 XK . 28.17 -112.34 -3.80
C3 A86 XK . 33.70 -107.96 -8.71
C30 A86 XK . 27.76 -113.48 -3.32
C31 A86 XK . 27.28 -114.60 -2.84
C32 A86 XK . 27.93 -115.91 -3.09
C33 A86 XK . 27.58 -116.85 -1.91
C34 A86 XK . 26.11 -117.10 -1.68
C35 A86 XK . 25.30 -115.90 -2.10
C36 A86 XK . 26.03 -114.57 -1.97
C37 A86 XK . 25.11 -113.40 -2.31
C38 A86 XK . 24.70 -119.06 -2.39
C39 A86 XK . 23.88 -118.72 -1.19
C4 A86 XK . 34.61 -106.97 -8.56
C40 A86 XK . 27.50 -116.47 -4.45
C41 A86 XK . 29.45 -115.76 -3.07
C5 A86 XK . 35.55 -106.66 -9.58
C6 A86 XK . 36.47 -105.66 -9.60
C7 A86 XK . 36.58 -104.62 -8.53
C8 A86 XK . 37.42 -105.63 -10.71
C9 A86 XK . 38.19 -104.62 -11.11
O1 A86 XK . 40.68 -105.55 -16.64
O2 A86 XK . 44.17 -104.49 -18.52
O3 A86 XK . 26.43 -114.47 -0.59
O4 A86 XK . 25.78 -118.23 -2.56
O5 A86 XK . 24.46 -119.96 -3.14
C A86 YK . 42.16 -91.40 -0.41
O A86 YK . 33.99 -95.12 -8.25
C1 A86 YK . 41.16 -91.55 0.71
C10 A86 YK . 34.17 -94.02 -5.60
C11 A86 YK . 33.05 -94.48 -6.18
C12 A86 YK . 31.81 -94.91 -5.46
C13 A86 YK . 33.05 -94.59 -7.67
C14 A86 YK . 31.87 -94.01 -8.42
C15 A86 YK . 32.09 -93.53 -9.86
C16 A86 YK . 31.82 -92.04 -10.19
C17 A86 YK . 32.47 -91.70 -11.54
C18 A86 YK . 32.16 -92.61 -12.72
C19 A86 YK . 31.58 -93.96 -12.30
C2 A86 YK . 39.87 -91.91 0.50
C20 A86 YK . 32.09 -94.48 -10.98
C21 A86 YK . 31.92 -95.98 -10.80
C22 A86 YK . 30.32 -91.74 -10.24
C23 A86 YK . 32.44 -91.12 -9.13
C24 A86 YK . 41.59 -91.24 2.07
C25 A86 YK . 42.72 -90.63 2.45
C26 A86 YK . 43.04 -90.39 3.83
C27 A86 YK . 44.09 -89.72 4.34
C28 A86 YK . 45.15 -89.06 3.48
C29 A86 YK . 44.19 -89.63 5.76
C3 A86 YK . 39.22 -92.20 -0.74
C30 A86 YK . 45.30 -89.38 6.43
C31 A86 YK . 46.35 -89.08 7.12
C32 A86 YK . 46.49 -87.74 7.79
C33 A86 YK . 47.90 -87.17 7.54
C34 A86 YK . 49.01 -88.13 7.84
C35 A86 YK . 48.81 -89.39 7.01
C36 A86 YK . 47.48 -90.08 7.32
C37 A86 YK . 47.32 -91.34 6.47
C38 A86 YK . 51.08 -86.72 8.06
C39 A86 YK . 50.56 -86.43 9.45
C4 A86 YK . 37.94 -92.63 -0.85
C40 A86 YK . 45.54 -86.71 7.16
C41 A86 YK . 46.19 -87.85 9.29
C5 A86 YK . 37.32 -92.90 -2.11
C6 A86 YK . 36.10 -93.43 -2.35
C7 A86 YK . 35.16 -93.87 -1.26
C8 A86 YK . 35.66 -93.57 -3.73
C9 A86 YK . 34.46 -93.94 -4.19
O1 A86 YK . 33.35 -93.95 -10.47
O2 A86 YK . 31.24 -91.96 -13.59
O3 A86 YK . 47.54 -90.46 8.70
O4 A86 YK . 50.28 -87.57 7.35
O5 A86 YK . 52.08 -86.26 7.61
C DD6 ZK . 20.23 -105.21 -7.42
C1 DD6 ZK . 20.18 -104.00 -8.33
C10 DD6 ZK . 26.41 -99.37 -2.42
C11 DD6 ZK . 27.25 -98.48 -1.82
C12 DD6 ZK . 27.63 -97.17 -2.44
C13 DD6 ZK . 27.83 -98.84 -0.53
C14 DD6 ZK . 28.92 -98.32 0.05
C15 DD6 ZK . 29.53 -98.65 1.38
C16 DD6 ZK . 30.39 -99.90 1.50
C17 DD6 ZK . 30.46 -100.33 2.98
C18 DD6 ZK . 30.69 -99.19 3.97
C19 DD6 ZK . 29.45 -98.31 4.00
C2 DD6 ZK . 20.87 -102.86 -8.09
C20 DD6 ZK . 29.04 -97.88 2.61
C21 DD6 ZK . 27.86 -96.93 2.56
C22 DD6 ZK . 29.82 -101.07 0.69
C23 DD6 ZK . 31.81 -99.65 1.00
C24 DD6 ZK . 19.33 -104.09 -9.51
C25 DD6 ZK . 18.59 -105.15 -9.91
C26 DD6 ZK . 17.79 -105.18 -11.10
C27 DD6 ZK . 17.13 -106.26 -11.60
C28 DD6 ZK . 17.14 -107.63 -10.97
C29 DD6 ZK . 16.37 -106.13 -12.81
C3 DD6 ZK . 21.76 -102.57 -6.99
C30 DD6 ZK . 15.71 -106.19 -13.81
C31 DD6 ZK . 14.95 -106.36 -14.99
C32 DD6 ZK . 15.54 -105.89 -16.32
C33 DD6 ZK . 14.63 -106.38 -17.47
C34 DD6 ZK . 13.14 -106.14 -17.29
C35 DD6 ZK . 12.64 -106.40 -15.88
C36 DD6 ZK . 13.73 -106.93 -14.98
C37 DD6 ZK . 13.34 -108.10 -14.12
C4 DD6 ZK . 22.51 -101.45 -6.85
C40 DD6 ZK . 15.69 -104.37 -16.32
C41 DD6 ZK . 16.93 -106.50 -16.54
C5 DD6 ZK . 23.37 -101.25 -5.71
C6 DD6 ZK . 24.20 -100.21 -5.46
C7 DD6 ZK . 24.37 -99.04 -6.39
C8 DD6 ZK . 24.94 -100.20 -4.20
C9 DD6 ZK . 25.73 -99.23 -3.69
O1 DD6 ZK . 30.19 -97.46 1.84
O2 DD6 ZK . 30.92 -99.74 5.27
O4 DD6 ZK . 12.85 -104.78 -17.64
C A86 AL . 39.39 -113.02 -10.75
O A86 AL . 34.44 -114.92 0.17
C1 A86 AL . 40.57 -112.41 -10.04
C10 A86 AL . 36.43 -113.37 -1.20
C11 A86 AL . 36.29 -113.47 0.15
C12 A86 AL . 37.36 -113.16 1.17
C13 A86 AL . 34.96 -113.93 0.68
C14 A86 AL . 34.27 -113.16 1.78
C15 A86 AL . 34.39 -113.65 3.23
C16 A86 AL . 33.41 -114.77 3.71
C17 A86 AL . 34.00 -115.47 4.95
C18 A86 AL . 34.73 -114.64 5.99
C19 A86 AL . 34.62 -113.15 5.73
C2 A86 AL . 40.61 -112.23 -8.70
C20 A86 AL . 34.94 -112.78 4.29
C21 A86 AL . 35.42 -111.36 4.12
C22 A86 AL . 32.02 -114.21 4.03
C23 A86 AL . 33.21 -115.84 2.62
C24 A86 AL . 41.70 -111.97 -10.84
C25 A86 AL . 41.71 -111.67 -12.15
C26 A86 AL . 42.90 -111.26 -12.86
C27 A86 AL . 43.00 -110.82 -14.14
C28 A86 AL . 41.81 -110.64 -15.05
C29 A86 AL . 44.28 -110.54 -14.68
C3 A86 AL . 39.59 -112.55 -7.74
C30 A86 AL . 44.71 -111.05 -15.81
C31 A86 AL . 45.18 -111.60 -16.90
C32 A86 AL . 44.24 -112.22 -17.92
C33 A86 AL . 44.90 -112.73 -19.25
C34 A86 AL . 46.41 -112.88 -19.30
C35 A86 AL . 47.01 -112.90 -17.91
C36 A86 AL . 46.68 -111.61 -17.14
C37 A86 AL . 47.48 -111.54 -15.85
C38 A86 AL . 46.66 -115.29 -20.16
C39 A86 AL . 46.13 -115.76 -18.84
C4 A86 AL . 39.76 -112.37 -6.40
C40 A86 AL . 43.49 -113.40 -17.30
C41 A86 AL . 43.22 -111.19 -18.41
C5 A86 AL . 38.76 -112.67 -5.42
C6 A86 AL . 38.81 -112.50 -4.08
C7 A86 AL . 40.03 -111.93 -3.39
C8 A86 AL . 37.66 -112.87 -3.27
C9 A86 AL . 37.62 -113.02 -1.92
O1 A86 AL . 35.78 -113.81 3.67
O2 A86 AL . 34.18 -114.92 7.29
O3 A86 AL . 47.03 -110.50 -17.98
O4 A86 AL . 46.86 -113.94 -20.25
O5 A86 AL . 46.91 -116.02 -21.08
O1 LHG BL . 34.68 -79.35 -22.90
C1 LHG BL . 34.53 -79.30 -21.49
C2 LHG BL . 34.03 -77.92 -21.11
O2 LHG BL . 33.31 -77.95 -19.89
C3 LHG BL . 33.07 -77.35 -22.13
O3 LHG BL . 32.58 -76.24 -21.38
P LHG BL . 31.03 -76.03 -20.90
O4 LHG BL . 30.81 -74.57 -20.78
O5 LHG BL . 30.25 -77.12 -21.54
O6 LHG BL . 31.32 -76.46 -19.31
C4 LHG BL . 30.24 -76.55 -18.41
C5 LHG BL . 30.64 -75.64 -17.20
C6 LHG BL . 29.58 -75.68 -16.11
O7 LHG BL . 31.92 -76.05 -16.59
C7 LHG BL . 32.37 -77.32 -16.77
O9 LHG BL . 33.12 -77.63 -17.67
C8 LHG BL . 31.97 -78.21 -15.65
C9 LHG BL . 32.45 -77.65 -14.34
C10 LHG BL . 32.10 -78.61 -13.21
O8 LHG BL . 29.89 -74.52 -15.30
C23 LHG BL . 29.12 -74.31 -14.19
O10 LHG BL . 28.46 -73.30 -14.10
C24 LHG BL . 28.90 -75.44 -13.19
C11 LHG BL . 33.16 -78.33 -12.18
C12 LHG BL . 32.79 -79.05 -10.92
C13 LHG BL . 33.81 -78.68 -9.86
C14 LHG BL . 33.51 -79.29 -8.51
C15 LHG BL . 32.47 -78.41 -7.81
C16 LHG BL . 33.13 -77.25 -7.09
C17 LHG BL . 33.87 -77.72 -5.83
C18 LHG BL . 35.32 -77.39 -6.07
C19 LHG BL . 36.24 -77.82 -4.95
C20 LHG BL . 37.63 -77.67 -5.54
C21 LHG BL . 38.65 -77.94 -4.49
C22 LHG BL . 40.02 -77.88 -5.15
C25 LHG BL . 28.54 -75.05 -11.78
C26 LHG BL . 27.59 -76.01 -11.09
C27 LHG BL . 27.62 -75.64 -9.63
C28 LHG BL . 26.59 -76.35 -8.79
C29 LHG BL . 26.75 -75.88 -7.34
C30 LHG BL . 25.48 -75.86 -6.51
C31 LHG BL . 24.53 -77.03 -6.66
C32 LHG BL . 25.12 -78.43 -6.47
C33 LHG BL . 24.11 -79.42 -7.00
C34 LHG BL . 24.28 -80.84 -6.54
C35 LHG BL . 22.98 -81.62 -6.63
C1 LMG CL . 44.00 -81.03 12.13
O1 LMG CL . 45.36 -81.20 11.73
C2 LMG CL . 43.17 -82.26 11.80
O2 LMG CL . 43.29 -82.66 10.43
C3 LMG CL . 41.73 -81.92 12.09
O3 LMG CL . 40.91 -83.06 11.83
C4 LMG CL . 41.57 -81.50 13.55
O4 LMG CL . 41.70 -82.65 14.38
C5 LMG CL . 42.62 -80.47 13.99
O5 LMG CL . 41.42 -79.69 15.90
C6 LMG CL . 42.62 -80.35 15.49
O6 LMG CL . 43.92 -80.85 13.54
C7 LMG CL . 45.56 -80.87 10.36
C8 LMG CL . 46.75 -79.95 10.18
C9 LMG CL . 48.01 -80.61 10.71
O7 LMG CL . 46.91 -79.65 8.80
C10 LMG CL . 46.02 -78.59 8.38
O9 LMG CL . 45.70 -77.73 9.19
C11 LMG CL . 45.48 -78.55 6.97
C12 LMG CL . 46.62 -78.28 5.99
C13 LMG CL . 46.11 -77.75 4.66
C14 LMG CL . 46.93 -78.29 3.50
C15 LMG CL . 48.36 -77.77 3.53
C16 LMG CL . 48.89 -77.48 2.13
C17 LMG CL . 50.11 -76.57 2.18
C18 LMG CL . 51.38 -77.36 2.43
C19 LMG CL . 52.43 -77.08 1.36
C20 LMG CL . 53.78 -77.69 1.74
C21 LMG CL . 54.45 -78.33 0.53
O8 LMG CL . 48.00 -81.99 10.34
C28 LMG CL . 48.58 -82.40 9.08
O10 LMG CL . 49.78 -82.58 9.01
C29 LMG CL . 47.71 -82.61 7.87
C30 LMG CL . 48.33 -83.68 6.98
C31 LMG CL . 48.55 -83.15 5.57
C32 LMG CL . 48.90 -84.29 4.62
C33 LMG CL . 48.01 -84.26 3.38
C34 LMG CL . 47.34 -85.61 3.15
C35 LMG CL . 46.59 -85.63 1.83
C36 LMG CL . 46.22 -87.04 1.42
C37 LMG CL . 46.31 -87.22 -0.08
C38 LMG CL . 45.30 -88.23 -0.58
C39 LMG CL . 44.13 -87.54 -1.27
C40 LMG CL . 43.45 -88.48 -2.25
C41 LMG CL . 44.39 -89.61 -2.64
C A86 DL . 53.17 -90.81 -2.36
O A86 DL . 41.86 -86.96 -7.52
C1 A86 DL . 52.86 -89.70 -1.40
C10 A86 DL . 45.15 -86.69 -6.52
C11 A86 DL . 43.95 -86.13 -6.80
C12 A86 DL . 43.41 -84.87 -6.15
C13 A86 DL . 43.04 -86.79 -7.79
C14 A86 DL . 43.62 -87.25 -9.11
C15 A86 DL . 42.67 -87.16 -10.33
C16 A86 DL . 41.84 -88.42 -10.74
C17 A86 DL . 41.63 -88.41 -12.27
C18 A86 DL . 41.14 -87.08 -12.83
C19 A86 DL . 42.19 -86.02 -12.62
C2 A86 DL . 51.87 -88.80 -1.59
C20 A86 DL . 42.68 -85.97 -11.19
C21 A86 DL . 43.63 -84.79 -10.99
C22 A86 DL . 42.55 -89.73 -10.39
C23 A86 DL . 40.47 -88.45 -10.05
C24 A86 DL . 53.60 -89.66 -0.14
C25 A86 DL . 54.44 -90.57 0.36
C26 A86 DL . 55.12 -90.41 1.61
C27 A86 DL . 56.03 -91.24 2.17
C28 A86 DL . 56.54 -92.49 1.49
C29 A86 DL . 56.53 -90.90 3.47
C3 A86 DL . 50.93 -88.74 -2.68
C30 A86 DL . 57.13 -91.72 4.31
C31 A86 DL . 57.77 -92.52 5.11
C32 A86 DL . 57.07 -93.51 5.99
C33 A86 DL . 58.02 -94.68 6.27
C34 A86 DL . 58.95 -94.96 5.10
C35 A86 DL . 59.90 -93.80 4.88
C36 A86 DL . 59.28 -92.44 5.18
C37 A86 DL . 59.77 -91.89 6.52
C38 A86 DL . 59.24 -97.36 5.22
C39 A86 DL . 60.22 -98.42 5.60
C4 A86 DL . 50.02 -87.76 -2.81
C40 A86 DL . 56.64 -92.85 7.30
C41 A86 DL . 55.82 -94.06 5.29
C5 A86 DL . 49.07 -87.73 -3.88
C6 A86 DL . 48.13 -86.78 -4.14
C7 A86 DL . 47.97 -85.53 -3.30
C8 A86 DL . 47.18 -87.01 -5.21
C9 A86 DL . 46.01 -86.37 -5.43
O1 A86 DL . 41.68 -86.11 -10.15
O2 A86 DL . 40.88 -87.23 -14.23
O3 A86 DL . 59.74 -91.56 4.14
O4 A86 DL . 59.76 -96.13 5.42
O5 A86 DL . 58.13 -97.54 4.82
MG CLA EL . 48.47 97.43 0.62
CHA CLA EL . 45.88 98.67 -1.26
CHB CLA EL . 50.50 97.92 -1.97
CHC CLA EL . 50.91 95.85 2.40
CHD CLA EL . 46.10 96.14 2.93
NA CLA EL . 48.23 98.22 -1.13
C1A CLA EL . 47.14 98.83 -1.72
C2A CLA EL . 47.50 99.65 -2.92
C3A CLA EL . 48.74 98.93 -3.38
C4A CLA EL . 49.21 98.31 -2.09
CMA CLA EL . 48.48 97.89 -4.47
CAA CLA EL . 47.77 101.07 -2.40
CBA CLA EL . 47.11 102.18 -3.20
CGA CLA EL . 47.40 103.54 -2.64
O1A CLA EL . 47.91 104.44 -3.25
O2A CLA EL . 47.04 103.61 -1.35
NB CLA EL . 50.33 96.99 0.29
C1B CLA EL . 51.11 97.33 -0.87
C2B CLA EL . 52.45 96.93 -0.70
C3B CLA EL . 52.53 96.33 0.55
C4B CLA EL . 51.27 96.35 1.16
CMB CLA EL . 53.56 97.14 -1.68
CAB CLA EL . 53.73 95.75 1.16
CBB CLA EL . 54.79 96.37 1.59
NC CLA EL . 48.50 96.32 2.25
C1C CLA EL . 49.63 95.81 2.89
C2C CLA EL . 49.29 95.15 4.16
C3C CLA EL . 47.94 95.25 4.31
C4C CLA EL . 47.43 95.94 3.15
CMC CLA EL . 50.23 94.50 5.13
CAC CLA EL . 47.12 94.83 5.50
CBC CLA EL . 46.37 93.54 5.25
ND CLA EL . 46.53 97.34 0.82
C1D CLA EL . 45.62 96.79 1.82
C2D CLA EL . 44.29 97.09 1.45
C3D CLA EL . 44.32 97.84 0.26
C4D CLA EL . 45.67 97.96 -0.06
CMD CLA EL . 43.06 96.68 2.22
CAD CLA EL . 43.57 98.53 -0.77
OBD CLA EL . 42.36 98.63 -0.89
CBD CLA EL . 44.52 99.15 -1.75
CGD CLA EL . 44.17 98.75 -3.17
O1D CLA EL . 44.49 97.72 -3.69
O2D CLA EL . 43.45 99.70 -3.77
CED CLA EL . 43.03 99.42 -5.12
C1 CLA EL . 47.48 104.80 -0.64
C2 CLA EL . 46.98 104.73 0.76
C3 CLA EL . 46.10 105.56 1.31
C4 CLA EL . 45.42 106.68 0.58
C5 CLA EL . 45.72 105.42 2.76
C6 CLA EL . 44.26 105.06 3.00
C7 CLA EL . 43.95 104.84 4.47
C8 CLA EL . 42.47 104.82 4.91
C9 CLA EL . 41.80 106.16 4.66
C10 CLA EL . 42.28 104.37 6.37
C11 CLA EL . 43.49 104.23 7.30
C12 CLA EL . 43.09 103.97 8.75
C13 CLA EL . 44.17 103.38 9.65
C14 CLA EL . 43.75 103.41 11.12
C15 CLA EL . 45.51 104.07 9.44
NB KC2 FL . 39.06 101.82 5.73
ND KC2 FL . 42.03 101.45 3.21
C1A KC2 FL . 39.52 102.69 1.63
C1B KC2 FL . 37.74 102.32 5.53
C1C KC2 FL . 41.37 100.61 7.16
C1D KC2 FL . 43.31 100.96 3.31
C2A KC2 FL . 38.35 103.20 0.99
C2B KC2 FL . 36.98 102.29 6.80
C2C KC2 FL . 42.49 100.03 7.84
C2D KC2 FL . 43.97 101.14 2.08
C3A KC2 FL . 37.37 103.28 1.93
C3B KC2 FL . 37.82 101.78 7.76
C3C KC2 FL . 43.49 99.89 6.91
C3D KC2 FL . 43.02 101.77 1.19
C4A KC2 FL . 37.92 102.81 3.16
C4B KC2 FL . 39.10 101.47 7.13
C4C KC2 FL . 43.03 100.40 5.66
C4D KC2 FL . 41.82 101.92 1.95
CAA KC2 FL . 38.25 103.55 -0.42
CAB KC2 FL . 37.52 101.63 9.19
CAC KC2 FL . 44.82 99.33 7.18
CAD KC2 FL . 42.86 102.32 -0.13
CBA KC2 FL . 38.00 104.76 -0.91
CBB KC2 FL . 37.50 100.56 9.93
CBC KC2 FL . 45.30 98.20 6.77
CBD KC2 FL . 41.42 102.74 -0.24
CED KC2 FL . 41.98 106.39 -0.01
CGA KC2 FL . 37.91 105.11 -2.34
CGD KC2 FL . 41.40 104.21 -0.66
CHA KC2 FL . 40.81 102.47 1.14
CHB KC2 FL . 37.20 102.78 4.36
CHC KC2 FL . 40.15 100.91 7.80
CHD KC2 FL . 43.79 100.45 4.51
CMA KC2 FL . 35.96 103.76 1.74
CMB KC2 FL . 35.57 102.76 6.99
CMC KC2 FL . 42.54 99.67 9.29
CMD KC2 FL . 45.38 100.78 1.75
NA KC2 FL . 39.23 102.43 2.96
NC KC2 FL . 41.68 100.84 5.84
O1A KC2 FL . 36.90 105.65 -2.80
O1D KC2 FL . 40.89 104.62 -1.66
O2A KC2 FL . 38.95 104.82 -3.07
O2D KC2 FL . 42.02 104.97 0.23
OBD KC2 FL . 43.71 102.48 -1.01
MG KC2 FL . 40.57 101.70 4.34
MG CLA GL . 30.44 99.19 -1.29
CHA CLA GL . 28.60 99.34 -4.17
CHB CLA GL . 33.02 100.35 -3.01
CHC CLA GL . 32.32 98.68 1.50
CHD CLA GL . 27.93 97.14 0.14
NA CLA GL . 30.65 99.84 -3.09
C1A CLA GL . 29.75 100.05 -4.09
C2A CLA GL . 30.24 101.05 -5.10
C3A CLA GL . 31.70 100.62 -5.09
C4A CLA GL . 31.83 100.23 -3.64
CMA CLA GL . 32.03 99.47 -6.05
CAA CLA GL . 30.01 102.52 -4.67
CBA CLA GL . 29.62 102.87 -3.22
CGA CLA GL . 30.75 102.88 -2.23
O1A CLA GL . 30.94 102.02 -1.41
O2A CLA GL . 31.52 103.96 -2.38
NB CLA GL . 32.30 99.49 -0.82
C1B CLA GL . 33.31 100.06 -1.68
C2B CLA GL . 34.54 100.17 -0.99
C3B CLA GL . 34.33 99.66 0.30
C4B CLA GL . 32.98 99.25 0.40
CMB CLA GL . 35.82 100.73 -1.53
CAB CLA GL . 35.32 99.49 1.37
CBB CLA GL . 36.48 100.06 1.59
NC CLA GL . 30.17 98.22 0.40
C1C CLA GL . 31.05 98.18 1.48
C2C CLA GL . 30.46 97.45 2.62
C3C CLA GL . 29.21 97.02 2.23
C4C CLA GL . 29.03 97.46 0.87
CMC CLA GL . 31.08 97.21 3.96
CAC CLA GL . 28.20 96.28 3.05
CBC CLA GL . 27.10 97.18 3.57
ND CLA GL . 28.77 98.36 -1.82
C1D CLA GL . 27.78 97.51 -1.18
C2D CLA GL . 26.72 97.24 -2.06
C3D CLA GL . 27.00 97.91 -3.27
C4D CLA GL . 28.20 98.57 -3.06
CMD CLA GL . 25.51 96.39 -1.75
CAD CLA GL . 26.59 98.18 -4.64
OBD CLA GL . 25.66 97.69 -5.26
CBD CLA GL . 27.50 99.19 -5.23
CGD CLA GL . 27.99 98.68 -6.58
O1D CLA GL . 28.75 97.78 -6.74
O2D CLA GL . 27.43 99.37 -7.57
CED CLA GL . 27.66 98.86 -8.90
C1 CLA GL . 32.77 103.98 -1.61
C2 CLA GL . 32.49 104.15 -0.16
C3 CLA GL . 32.45 105.30 0.49
C4 CLA GL . 32.76 106.64 -0.14
C5 CLA GL . 32.05 105.36 1.95
C6 CLA GL . 33.20 105.69 2.89
C7 CLA GL . 32.78 106.59 4.05
C8 CLA GL . 31.92 105.95 5.15
C9 CLA GL . 31.24 107.03 6.00
C10 CLA GL . 32.74 104.95 5.98
C11 CLA GL . 32.44 104.75 7.47
C12 CLA GL . 31.12 104.07 7.77
C13 CLA GL . 31.13 103.07 8.93
C14 CLA GL . 31.75 101.74 8.52
C15 CLA GL . 29.73 102.88 9.50
MG CLA HL . 22.88 83.67 3.99
CHA CLA HL . 25.13 83.29 1.45
CHB CLA HL . 20.40 83.14 1.84
CHC CLA HL . 20.67 84.32 6.53
CHD CLA HL . 25.40 85.23 5.94
NA CLA HL . 22.82 83.27 2.10
C1A CLA HL . 23.83 83.02 1.17
C2A CLA HL . 23.31 82.42 -0.10
C3A CLA HL . 21.89 82.91 -0.10
C4A CLA HL . 21.66 83.13 1.37
CMA CLA HL . 21.65 84.16 -0.93
CAA CLA HL . 23.43 80.88 -0.06
CBA CLA HL . 23.07 80.13 1.23
CGA CLA HL . 21.67 79.57 1.28
O1A CLA HL . 20.75 79.94 0.60
O2A CLA HL . 21.57 78.67 2.25
NB CLA HL . 20.93 83.67 4.17
C1B CLA HL . 19.97 83.34 3.14
C2B CLA HL . 18.67 83.33 3.67
C3B CLA HL . 18.78 83.67 5.02
C4B CLA HL . 20.13 83.89 5.32
CMB CLA HL . 17.41 83.03 2.92
CAB CLA HL . 17.69 83.75 6.00
CBB CLA HL . 16.66 82.95 6.13
NC CLA HL . 23.00 84.53 5.77
C1C CLA HL . 21.98 84.65 6.70
C2C CLA HL . 22.45 85.29 7.94
C3C CLA HL . 23.79 85.55 7.77
C4C CLA HL . 24.14 85.11 6.45
CMC CLA HL . 21.64 85.60 9.16
CAC CLA HL . 24.73 86.15 8.77
CBC CLA HL . 25.00 87.60 8.53
ND CLA HL . 24.75 84.16 3.82
C1D CLA HL . 25.75 84.76 4.68
C2D CLA HL . 27.00 84.79 4.03
C3D CLA HL . 26.82 84.18 2.76
C4D CLA HL . 25.47 83.84 2.69
CMD CLA HL . 28.28 85.32 4.59
CAD CLA HL . 27.44 83.79 1.50
OBD CLA HL . 28.59 83.94 1.14
CBD CLA HL . 26.42 83.13 0.64
CGD CLA HL . 26.40 83.81 -0.73
O1D CLA HL . 25.86 84.85 -0.97
O2D CLA HL . 27.04 83.08 -1.63
CED CLA HL . 27.16 83.65 -2.95
C1 CLA HL . 20.30 78.57 2.92
C2 CLA HL . 20.62 78.33 4.36
C3 CLA HL . 19.88 78.70 5.41
C4 CLA HL . 18.57 79.41 5.30
C5 CLA HL . 20.35 78.42 6.81
MG CLA IL . 31.77 80.88 4.85
CHA CLA IL . 30.07 79.76 2.10
CHB CLA IL . 34.56 79.61 3.60
CHC CLA IL . 33.30 81.64 7.81
CHD CLA IL . 28.65 81.44 6.46
NA CLA IL . 32.19 80.00 3.17
C1A CLA IL . 31.42 79.68 2.07
C2A CLA IL . 32.20 79.23 0.88
C3A CLA IL . 33.55 78.92 1.48
C4A CLA IL . 33.44 79.55 2.84
CMA CLA IL . 33.84 77.43 1.58
CAA CLA IL . 32.20 80.38 -0.15
CBA CLA IL . 31.88 79.90 -1.56
CGA CLA IL . 32.97 79.03 -2.12
O1A CLA IL . 34.03 79.43 -2.49
O2A CLA IL . 32.58 77.74 -2.15
NB CLA IL . 33.56 80.69 5.57
C1B CLA IL . 34.70 80.13 4.88
C2B CLA IL . 35.85 80.20 5.68
C3B CLA IL . 35.46 80.77 6.89
C4B CLA IL . 34.09 81.07 6.82
CMB CLA IL . 37.23 79.75 5.31
CAB CLA IL . 36.31 81.02 8.05
CBB CLA IL . 37.19 80.22 8.59
NC CLA IL . 31.14 81.45 6.65
C1C CLA IL . 31.95 81.78 7.73
C2C CLA IL . 31.16 82.23 8.87
C3C CLA IL . 29.84 82.15 8.50
C4C CLA IL . 29.81 81.66 7.14
CMC CLA IL . 31.68 82.71 10.19
CAC CLA IL . 28.64 82.47 9.34
CBC CLA IL . 28.09 83.85 9.07
ND CLA IL . 29.87 80.67 4.46
C1D CLA IL . 28.62 80.94 5.17
C2D CLA IL . 27.52 80.64 4.36
C3D CLA IL . 28.03 80.18 3.12
C4D CLA IL . 29.41 80.22 3.24
CMD CLA IL . 26.08 80.78 4.73
CAD CLA IL . 27.73 79.71 1.78
OBD CLA IL . 26.64 79.56 1.26
CBD CLA IL . 29.00 79.42 1.06
CGD CLA IL . 29.07 77.96 0.63
O1D CLA IL . 29.22 77.04 1.38
O2D CLA IL . 29.03 77.85 -0.70
CED CLA IL . 29.48 76.59 -1.24
C1 CLA IL . 33.48 76.74 -2.73
C2 CLA IL . 33.53 75.57 -1.81
C3 CLA IL . 34.51 74.67 -1.81
C4 CLA IL . 35.67 74.70 -2.75
C5 CLA IL . 34.51 73.53 -0.82
C6 CLA IL . 35.63 73.62 0.21
MG CLA JL . 40.04 84.82 -2.37
CHA CLA JL . 41.09 85.15 -5.62
CHB CLA JL . 37.16 83.65 -3.48
CHC CLA JL . 38.85 85.09 0.84
CHD CLA JL . 42.90 86.64 -1.32
NA CLA JL . 39.39 84.37 -4.14
C1A CLA JL . 39.98 84.44 -5.39
C2A CLA JL . 39.24 83.67 -6.46
C3A CLA JL . 37.88 83.53 -5.83
C4A CLA JL . 38.14 83.87 -4.38
CMA CLA JL . 36.86 84.47 -6.47
CAA CLA JL . 39.92 82.32 -6.78
CBA CLA JL . 40.38 81.40 -5.64
CGA CLA JL . 39.45 80.25 -5.34
O1A CLA JL . 39.46 79.19 -5.90
O2A CLA JL . 38.66 80.54 -4.32
NB CLA JL . 38.35 84.44 -1.49
C1B CLA JL . 37.18 83.88 -2.11
C2B CLA JL . 36.17 83.68 -1.16
C3B CLA JL . 36.67 84.10 0.07
C4B CLA JL . 37.98 84.57 -0.12
CMB CLA JL . 34.82 83.09 -1.42
CAB CLA JL . 35.97 84.09 1.36
CBB CLA JL . 35.90 83.12 2.23
NC CLA JL . 40.72 85.61 -0.69
C1C CLA JL . 40.09 85.57 0.57
C2C CLA JL . 40.93 86.18 1.61
C3C CLA JL . 42.07 86.62 1.00
C4C CLA JL . 41.96 86.29 -0.40
CMC CLA JL . 40.61 86.30 3.06
CAC CLA JL . 43.26 87.28 1.65
CBC CLA JL . 44.32 86.29 2.03
ND CLA JL . 41.56 85.73 -3.18
C1D CLA JL . 42.73 86.44 -2.69
C2D CLA JL . 43.58 86.78 -3.74
C3D CLA JL . 42.98 86.32 -4.94
C4D CLA JL . 41.79 85.71 -4.54
CMD CLA JL . 44.90 87.49 -3.64
CAD CLA JL . 43.08 86.18 -6.38
OBD CLA JL . 43.98 86.54 -7.11
CBD CLA JL . 41.87 85.48 -6.90
CGD CLA JL . 41.11 86.41 -7.84
O1D CLA JL . 40.12 87.03 -7.54
O2D CLA JL . 41.67 86.43 -9.05
CED CLA JL . 40.99 87.20 -10.05
C1 CLA JL . 38.23 79.43 -3.47
C2 CLA JL . 37.91 80.11 -2.19
C3 CLA JL . 37.91 79.63 -0.95
C4 CLA JL . 37.59 80.48 0.25
C5 CLA JL . 38.23 78.18 -0.66
C6 CLA JL . 37.64 77.61 0.63
C7 CLA JL . 38.55 77.72 1.86
C8 CLA JL . 39.27 76.45 2.32
C9 CLA JL . 38.29 75.39 2.81
C10 CLA JL . 40.36 76.76 3.35
C11 CLA JL . 39.93 77.14 4.77
C12 CLA JL . 40.46 78.49 5.27
C13 CLA JL . 41.87 78.54 5.88
C14 CLA JL . 42.10 79.84 6.63
C15 CLA JL . 42.96 78.29 4.82
C16 CLA JL . 44.41 78.44 5.27
C17 CLA JL . 45.42 77.91 4.27
MG CLA KL . 46.52 87.59 15.45
CHA CLA KL . 47.49 87.40 18.72
CHB CLA KL . 47.78 90.65 15.26
CHC CLA KL . 45.10 87.86 12.33
CHD CLA KL . 44.68 84.58 15.88
NA CLA KL . 47.49 88.71 16.72
C1A CLA KL . 47.89 88.48 18.02
C2A CLA KL . 48.82 89.54 18.57
C3A CLA KL . 48.77 90.61 17.52
C4A CLA KL . 47.95 89.97 16.42
CMA CLA KL . 48.17 91.91 18.02
CAA CLA KL . 50.22 88.94 18.74
CBA CLA KL . 50.66 88.02 17.60
CGA CLA KL . 52.14 87.80 17.52
O1A CLA KL . 52.95 88.64 17.21
O2A CLA KL . 52.44 86.51 17.70
NB CLA KL . 46.43 88.98 14.08
C1B CLA KL . 47.08 90.26 14.13
C2B CLA KL . 46.86 90.97 12.94
C3B CLA KL . 46.06 90.17 12.13
C4B CLA KL . 45.81 88.97 12.80
CMB CLA KL . 47.42 92.32 12.59
CAB CLA KL . 45.55 90.49 10.79
CBB CLA KL . 46.19 90.44 9.65
NC CLA KL . 45.26 86.50 14.37
C1C CLA KL . 44.86 86.74 13.06
C2C CLA KL . 44.07 85.62 12.53
C3C CLA KL . 43.97 84.68 13.53
C4C CLA KL . 44.67 85.22 14.67
CMC CLA KL . 43.49 85.48 11.16
CAC CLA KL . 43.36 83.31 13.43
CBC CLA KL . 42.01 83.22 14.09
ND CLA KL . 46.10 86.33 16.87
C1D CLA KL . 45.33 85.10 16.99
C2D CLA KL . 45.44 84.58 18.28
C3D CLA KL . 46.29 85.44 19.02
C4D CLA KL . 46.65 86.44 18.14
CMD CLA KL . 44.77 83.33 18.79
CAD CLA KL . 46.90 85.72 20.30
OBD CLA KL . 46.77 85.15 21.36
CBD CLA KL . 47.79 86.93 20.15
CGD CLA KL . 47.49 87.96 21.23
O1D CLA KL . 46.44 88.54 21.35
O2D CLA KL . 48.54 88.14 22.01
CED CLA KL . 48.46 89.24 22.96
C1 CLA KL . 53.25 85.90 16.67
C2 CLA KL . 54.69 86.27 16.79
C3 CLA KL . 55.59 86.06 15.84
C4 CLA KL . 57.04 86.44 15.98
C5 CLA KL . 55.22 85.43 14.51
C6 CLA KL . 54.79 86.44 13.47
C7 CLA KL . 54.33 85.78 12.17
C8 CLA KL . 54.14 86.69 10.94
C9 CLA KL . 53.49 85.92 9.79
C10 CLA KL . 55.47 87.34 10.53
C11 CLA KL . 55.69 87.79 9.08
C12 CLA KL . 54.74 88.87 8.60
C13 CLA KL . 55.39 90.04 7.86
C14 CLA KL . 56.01 91.03 8.85
C15 CLA KL . 54.40 90.71 6.91
C16 CLA KL . 54.85 91.95 6.16
C17 CLA KL . 53.86 92.42 5.11
MG CLA LL . 26.16 96.23 15.74
CHA CLA LL . 25.22 96.50 19.02
CHB CLA LL . 25.37 93.01 15.84
CHC CLA LL . 27.48 95.94 12.61
CHD CLA LL . 27.76 99.39 16.00
NA CLA LL . 25.32 95.11 17.07
C1A CLA LL . 24.84 95.39 18.34
C2A CLA LL . 23.93 94.33 18.91
C3A CLA LL . 24.36 93.13 18.09
C4A CLA LL . 25.06 93.77 16.92
CMA CLA LL . 25.25 92.14 18.83
CAA CLA LL . 22.45 94.70 18.72
CBA CLA LL . 21.92 94.96 17.31
CGA CLA LL . 22.07 96.37 16.85
O1A CLA LL . 23.08 96.85 16.42
O2A CLA LL . 20.92 97.05 16.96
NB CLA LL . 26.40 94.77 14.48
C1B CLA LL . 26.00 93.40 14.67
C2B CLA LL . 26.33 92.63 13.55
C3B CLA LL . 26.93 93.48 12.62
C4B CLA LL . 26.98 94.77 13.18
CMB CLA LL . 26.06 91.16 13.36
CAB CLA LL . 27.42 93.15 11.29
CBB CLA LL . 28.31 92.26 10.96
NC CLA LL . 27.26 97.38 14.58
C1C CLA LL . 27.64 97.12 13.27
C2C CLA LL . 28.36 98.24 12.68
C3C CLA LL . 28.50 99.20 13.65
C4C CLA LL . 27.82 98.70 14.82
CMC CLA LL . 28.83 98.36 11.26
CAC CLA LL . 29.27 100.49 13.57
CBC CLA LL . 28.38 101.68 13.39
ND CLA LL . 26.47 97.59 17.09
C1D CLA LL . 27.15 98.89 17.13
C2D CLA LL . 27.01 99.46 18.40
C3D CLA LL . 26.26 98.56 19.19
C4D CLA LL . 25.98 97.49 18.37
CMD CLA LL . 27.55 100.79 18.83
CAD CLA LL . 25.67 98.29 20.50
OBD CLA LL . 25.69 98.97 21.50
CBD CLA LL . 24.98 96.97 20.45
CGD CLA LL . 25.60 96.04 21.49
O1D CLA LL . 26.24 95.07 21.24
O2D CLA LL . 25.32 96.45 22.72
CED CLA LL . 25.81 95.63 23.80
MG CLA ML . 23.49 83.63 15.58
CHA CLA ML . 21.40 82.02 17.76
CHB CLA ML . 25.94 81.57 16.46
CHC CLA ML . 25.65 85.61 13.82
CHD CLA ML . 21.04 86.17 15.18
NA CLA ML . 23.58 82.09 16.77
C1A CLA ML . 22.61 81.46 17.53
C2A CLA ML . 23.04 80.14 18.10
C3A CLA ML . 24.53 80.18 17.92
C4A CLA ML . 24.71 81.37 17.00
CMA CLA ML . 25.31 80.34 19.22
CAA CLA ML . 22.37 78.98 17.34
CBA CLA ML . 22.47 78.99 15.80
CGA CLA ML . 21.21 79.44 15.12
O1A CLA ML . 20.67 80.51 15.30
O2A CLA ML . 20.74 78.51 14.29
NB CLA ML . 25.40 83.60 15.20
C1B CLA ML . 26.33 82.59 15.62
C2B CLA ML . 27.61 82.84 15.07
C3B CLA ML . 27.50 84.02 14.33
C4B CLA ML . 26.18 84.47 14.40
CMB CLA ML . 28.83 82.01 15.25
CAB CLA ML . 28.58 84.69 13.60
CBB CLA ML . 29.47 84.18 12.84
NC CLA ML . 23.37 85.41 14.70
C1C CLA ML . 24.37 86.03 13.98
C2C CLA ML . 23.91 87.29 13.39
C3C CLA ML . 22.60 87.46 13.75
C4C CLA ML . 22.24 86.33 14.57
CMC CLA ML . 24.71 88.21 12.51
CAC CLA ML . 21.69 88.60 13.33
CBC CLA ML . 21.31 88.51 11.87
ND CLA ML . 21.73 84.07 16.27
C1D CLA ML . 20.76 85.13 16.05
C2D CLA ML . 19.58 84.86 16.77
C3D CLA ML . 19.77 83.64 17.46
C4D CLA ML . 21.06 83.24 17.14
CMD CLA ML . 18.34 85.72 16.79
CAD CLA ML . 19.19 82.62 18.32
OBD CLA ML . 18.05 82.55 18.77
CBD CLA ML . 20.21 81.58 18.62
CGD CLA ML . 20.53 81.55 20.10
O1D CLA ML . 21.01 82.46 20.72
O2D CLA ML . 20.20 80.38 20.64
CED CLA ML . 20.41 80.25 22.07
MG CLA NL . 37.39 79.17 17.24
CHA CLA NL . 35.29 79.83 19.85
CHB CLA NL . 39.96 79.88 19.22
CHC CLA NL . 39.41 78.78 14.52
CHD CLA NL . 34.64 79.44 15.01
NA CLA NL . 37.54 79.57 19.12
C1A CLA NL . 36.60 79.64 20.12
C2A CLA NL . 37.17 79.56 21.51
C3A CLA NL . 38.56 80.12 21.23
C4A CLA NL . 38.74 79.84 19.77
CMA CLA NL . 38.69 81.61 21.52
CAA CLA NL . 37.06 78.11 22.00
CBA CLA NL . 38.14 77.08 21.62
CGA CLA NL . 38.15 76.69 20.18
O1A CLA NL . 37.18 76.45 19.52
O2A CLA NL . 39.40 76.62 19.71
NB CLA NL . 39.31 79.32 16.92
C1B CLA NL . 40.32 79.63 17.90
C2B CLA NL . 41.59 79.61 17.30
C3B CLA NL . 41.42 79.27 15.96
C4B CLA NL . 40.04 79.10 15.72
CMB CLA NL . 42.89 79.90 17.99
CAB CLA NL . 42.46 79.11 14.94
CBB CLA NL . 42.80 78.01 14.33
NC CLA NL . 37.09 79.09 15.28
C1C CLA NL . 38.06 78.83 14.33
C2C CLA NL . 37.47 78.69 13.00
C3C CLA NL . 36.12 78.90 13.13
C4C CLA NL . 35.87 79.17 14.52
CMC CLA NL . 38.21 78.38 11.73
CAC CLA NL . 35.08 78.82 12.04
CBC CLA NL . 34.69 80.18 11.50
ND CLA NL . 35.49 79.54 17.33
C1D CLA NL . 34.39 79.62 16.37
C2D CLA NL . 33.18 79.90 17.04
C3D CLA NL . 33.47 79.98 18.42
C4D CLA NL . 34.84 79.77 18.52
CMD CLA NL . 31.83 80.05 16.40
CAD CLA NL . 32.95 80.16 19.76
OBD CLA NL . 31.79 80.34 20.12
CBD CLA NL . 34.07 80.10 20.74
CGD CLA NL . 34.18 81.42 21.49
O1D CLA NL . 34.88 82.34 21.16
O2D CLA NL . 33.39 81.42 22.56
CED CLA NL . 33.41 82.62 23.37
C1 CLA NL . 39.53 76.21 18.33
C A86 OL . 33.95 99.16 7.47
O A86 OL . 44.44 93.32 11.15
C1 A86 OL . 34.71 99.45 6.20
C10 A86 OL . 42.83 95.72 10.08
C11 A86 OL . 44.13 95.51 10.37
C12 A86 OL . 45.27 96.21 9.69
C13 A86 OL . 44.49 94.51 11.42
C14 A86 OL . 45.01 95.03 12.74
C15 A86 OL . 44.16 94.95 14.03
C16 A86 OL . 44.40 96.00 15.17
C17 A86 OL . 44.85 95.27 16.46
C18 A86 OL . 44.21 93.93 16.81
C19 A86 OL . 43.07 93.57 15.88
C2 A86 OL . 36.04 99.17 6.07
C20 A86 OL . 43.45 93.72 14.41
C21 A86 OL . 43.44 92.40 13.67
C22 A86 OL . 45.52 97.00 14.83
C23 A86 OL . 43.15 96.83 15.46
C24 A86 OL . 34.00 100.03 5.08
C25 A86 OL . 32.72 100.47 5.03
C26 A86 OL . 32.13 101.00 3.84
C27 A86 OL . 30.82 101.27 3.59
C28 A86 OL . 29.71 101.04 4.59
C29 A86 OL . 30.47 101.76 2.29
C3 A86 OL . 36.93 98.59 7.04
C30 A86 OL . 29.31 102.31 1.98
C31 A86 OL . 28.16 102.80 1.64
C32 A86 OL . 27.65 104.12 2.15
C33 A86 OL . 26.21 103.96 2.69
C34 A86 OL . 25.27 103.23 1.76
C35 A86 OL . 25.88 101.89 1.39
C36 A86 OL . 27.23 102.04 0.70
C37 A86 OL . 27.79 100.67 0.29
C38 A86 OL . 22.82 102.76 2.07
C39 A86 OL . 22.75 102.85 0.58
C4 A86 OL . 38.22 98.31 6.79
C40 A86 OL . 28.48 104.60 3.34
C41 A86 OL . 27.73 105.19 1.06
C5 A86 OL . 39.09 97.73 7.78
C6 A86 OL . 40.33 97.21 7.60
C7 A86 OL . 41.04 97.20 6.27
C8 A86 OL . 41.00 96.60 8.74
C9 A86 OL . 42.30 96.34 8.91
O1 A86 OL . 42.73 94.79 13.75
O2 A86 OL . 45.21 92.90 16.72
O3 A86 OL . 27.00 102.80 -0.49
O4 A86 OL . 24.08 102.97 2.58
O5 A86 OL . 21.88 102.51 2.78
C DD6 PL . 23.72 95.50 12.80
C1 DD6 PL . 24.06 96.24 11.53
C10 DD6 PL . 26.01 104.94 15.55
C11 DD6 PL . 26.65 106.13 15.67
C12 DD6 PL . 27.33 106.82 14.51
C13 DD6 PL . 26.66 106.80 16.97
C14 DD6 PL . 26.92 108.07 17.23
C15 DD6 PL . 26.93 108.73 18.58
C16 DD6 PL . 26.14 109.98 18.77
C17 DD6 PL . 27.11 111.18 18.68
C18 DD6 PL . 28.23 111.24 19.70
C19 DD6 PL . 28.69 109.86 20.15
C2 DD6 PL . 24.36 97.57 11.48
C20 DD6 PL . 28.29 108.73 19.21
C21 DD6 PL . 29.44 107.91 18.66
C22 DD6 PL . 25.42 110.00 20.13
C23 DD6 PL . 25.06 110.16 17.70
C24 DD6 PL . 24.08 95.50 10.29
C25 DD6 PL . 24.12 94.18 10.10
C26 DD6 PL . 24.16 93.62 8.79
C27 DD6 PL . 24.24 92.32 8.44
C28 DD6 PL . 24.32 91.15 9.38
C29 DD6 PL . 24.28 92.08 7.02
C3 DD6 PL . 24.44 98.50 12.56
C30 DD6 PL . 24.25 92.08 5.82
C31 DD6 PL . 24.12 92.16 4.41
C32 DD6 PL . 22.84 92.78 3.85
C33 DD6 PL . 22.43 91.99 2.58
C34 DD6 PL . 23.57 91.74 1.60
C35 DD6 PL . 24.72 91.04 2.29
C36 DD6 PL . 25.08 91.70 3.59
C37 DD6 PL . 26.56 91.80 3.88
C4 DD6 PL . 24.74 99.80 12.33
C40 DD6 PL . 21.67 92.66 4.84
C41 DD6 PL . 23.07 94.26 3.52
C5 DD6 PL . 24.84 100.79 13.35
C6 DD6 PL . 25.02 102.12 13.18
C7 DD6 PL . 25.07 102.77 11.82
C8 DD6 PL . 25.24 102.97 14.35
C9 DD6 PL . 25.83 104.17 14.37
O1 DD6 PL . 27.18 107.96 19.74
O2 DD6 PL . 29.34 111.93 19.13
O4 DD6 PL . 23.08 90.94 0.52
C DD6 QL . 31.55 85.66 7.72
C1 DD6 QL . 32.55 85.86 8.83
C10 DD6 QL . 39.93 82.33 3.44
C11 DD6 QL . 41.16 82.23 2.88
C12 DD6 QL . 42.40 82.85 3.49
C13 DD6 QL . 41.33 81.45 1.66
C14 DD6 QL . 42.42 81.18 0.96
C15 DD6 QL . 42.50 80.35 -0.30
C16 DD6 QL . 43.20 79.02 -0.21
C17 DD6 QL . 43.91 78.71 -1.55
C18 DD6 QL . 43.06 79.00 -2.78
C19 DD6 QL . 42.82 80.49 -2.89
C2 DD6 QL . 33.86 85.51 8.72
C20 DD6 QL . 42.30 81.10 -1.61
C21 DD6 QL . 42.00 82.57 -1.67
C22 DD6 QL . 44.27 78.99 0.90
C23 DD6 QL . 42.22 77.88 0.09
C24 DD6 QL . 32.09 86.47 10.07
C25 DD6 QL . 30.93 87.11 10.30
C26 DD6 QL . 30.58 87.66 11.58
C27 DD6 QL . 29.47 88.35 11.92
C28 DD6 QL . 28.32 88.63 11.00
C29 DD6 QL . 29.36 88.85 13.25
C3 DD6 QL . 34.52 84.94 7.58
C30 DD6 QL . 29.27 89.36 14.34
C31 DD6 QL . 29.19 89.86 15.67
C32 DD6 QL . 28.86 88.86 16.78
C33 DD6 QL . 28.24 89.61 17.97
C34 DD6 QL . 28.99 90.88 18.35
C35 DD6 QL . 28.95 91.82 17.16
C36 DD6 QL . 29.43 91.16 15.90
C37 DD6 QL . 30.18 92.07 14.96
C4 DD6 QL . 35.86 84.65 7.56
C40 DD6 QL . 27.84 87.82 16.29
C41 DD6 QL . 30.13 88.13 17.25
C5 DD6 QL . 36.52 84.06 6.44
C6 DD6 QL . 37.83 83.71 6.33
C7 DD6 QL . 38.82 83.91 7.44
C8 DD6 QL . 38.30 83.11 5.09
C9 DD6 QL . 39.57 82.95 4.68
O1 DD6 QL . 41.26 80.29 -1.00
O2 DD6 QL . 43.74 78.52 -3.94
O4 DD6 QL . 28.37 91.48 19.47
C DD6 RL . 42.08 80.37 11.59
C1 DD6 RL . 41.66 81.44 10.62
C10 DD6 RL . 33.48 83.50 15.50
C11 DD6 RL . 32.43 84.20 16.00
C12 DD6 RL . 31.84 85.38 15.29
C13 DD6 RL . 31.88 83.82 17.28
C14 DD6 RL . 31.15 84.53 18.13
C15 DD6 RL . 30.59 84.08 19.44
C16 DD6 RL . 29.21 83.48 19.44
C17 DD6 RL . 28.52 83.72 20.79
C18 DD6 RL . 29.42 83.56 22.01
C19 DD6 RL . 30.48 84.65 22.00
C2 DD6 RL . 40.47 82.09 10.71
C20 DD6 RL . 31.22 84.68 20.69
C21 DD6 RL . 32.37 85.66 20.62
C22 DD6 RL . 28.34 84.13 18.35
C23 DD6 RL . 29.23 81.98 19.15
C24 DD6 RL . 42.58 81.83 9.57
C25 DD6 RL . 43.85 81.42 9.40
C26 DD6 RL . 44.68 81.88 8.34
C27 DD6 RL . 45.93 81.48 8.03
C28 DD6 RL . 46.70 80.41 8.74
C29 DD6 RL . 46.59 82.15 6.94
C3 DD6 RL . 39.46 81.96 11.72
C30 DD6 RL . 47.09 82.69 5.99
C31 DD6 RL . 47.73 83.23 4.85
C32 DD6 RL . 47.13 82.91 3.48
C33 DD6 RL . 47.99 83.56 2.41
C34 DD6 RL . 48.31 85.02 2.69
C35 DD6 RL . 49.00 85.20 4.04
C36 DD6 RL . 48.82 84.02 4.95
C37 DD6 RL . 49.94 83.80 5.93
C4 DD6 RL . 38.28 82.62 11.66
C40 DD6 RL . 47.07 81.38 3.27
C41 DD6 RL . 45.71 83.47 3.40
C5 DD6 RL . 37.28 82.51 12.66
C6 DD6 RL . 36.08 83.15 12.73
C7 DD6 RL . 35.60 84.08 11.64
C8 DD6 RL . 35.26 82.99 13.91
C9 DD6 RL . 34.22 83.74 14.30
O1 DD6 RL . 31.54 83.34 20.22
O2 DD6 RL . 28.63 83.67 23.20
O4 DD6 RL . 49.16 85.52 1.66
C DD6 SL . 48.40 87.08 10.35
C1 DD6 SL . 47.65 86.11 9.48
C10 DD6 SL . 46.51 80.22 17.11
C11 DD6 SL . 46.35 79.19 17.96
C12 DD6 SL . 46.25 77.75 17.52
C13 DD6 SL . 46.16 79.48 19.38
C14 DD6 SL . 45.93 78.70 20.42
C15 DD6 SL . 45.73 79.16 21.84
C16 DD6 SL . 46.86 79.86 22.53
C17 DD6 SL . 46.85 79.51 24.04
C18 DD6 SL . 45.47 79.62 24.70
C19 DD6 SL . 44.54 78.56 24.13
C2 DD6 SL . 47.17 84.92 9.94
C20 DD6 SL . 44.58 78.49 22.62
C21 DD6 SL . 43.70 77.43 22.03
C22 DD6 SL . 48.22 79.45 21.96
C23 DD6 SL . 46.75 81.39 22.39
C24 DD6 SL . 47.36 86.51 8.11
C25 DD6 SL . 47.58 87.70 7.53
C26 DD6 SL . 47.25 87.99 6.16
C27 DD6 SL . 47.48 89.16 5.50
C28 DD6 SL . 48.20 90.33 6.10
C29 DD6 SL . 47.01 89.32 4.17
C3 DD6 SL . 47.23 84.43 11.29
C30 DD6 SL . 46.62 89.62 3.08
C31 DD6 SL . 46.20 90.10 1.80
C32 DD6 SL . 45.25 91.30 1.78
C33 DD6 SL . 44.37 91.20 0.54
C34 DD6 SL . 45.12 90.90 -0.74
C35 DD6 SL . 45.86 89.58 -0.61
C36 DD6 SL . 46.64 89.49 0.68
C37 DD6 SL . 47.91 88.69 0.58
C4 DD6 SL . 46.86 83.17 11.65
C40 DD6 SL . 44.34 91.32 3.01
C41 DD6 SL . 46.05 92.61 1.73
C5 DD6 SL . 46.92 82.73 13.01
C6 DD6 SL . 46.64 81.50 13.51
C7 DD6 SL . 46.26 80.32 12.65
C8 DD6 SL . 46.62 81.34 14.96
C9 DD6 SL . 46.54 80.20 15.67
O1 DD6 SL . 44.46 79.81 21.99
O2 DD6 SL . 45.61 79.43 26.10
O4 DD6 SL . 44.21 90.81 -1.83
C A86 TL . 38.50 107.13 9.40
O A86 TL . 42.22 100.20 19.83
C1 A86 TL . 38.75 105.85 8.64
C10 A86 TL . 40.96 101.07 16.82
C11 A86 TL . 41.04 100.12 17.78
C12 A86 TL . 40.94 98.64 17.56
C13 A86 TL . 41.25 100.58 19.18
C14 A86 TL . 40.21 101.52 19.74
C15 A86 TL . 39.95 101.43 21.25
C16 A86 TL . 38.89 100.42 21.74
C17 A86 TL . 39.12 100.11 23.22
C18 A86 TL . 39.41 101.26 24.18
C19 A86 TL . 39.58 102.60 23.46
C2 A86 TL . 39.20 104.72 9.23
C20 A86 TL . 40.36 102.51 22.17
C21 A86 TL . 41.06 103.79 21.76
C22 A86 TL . 37.46 100.97 21.53
C23 A86 TL . 38.97 99.11 20.95
C24 A86 TL . 38.51 105.85 7.20
C25 A86 TL . 38.30 106.90 6.40
C26 A86 TL . 38.06 106.77 4.99
C27 A86 TL . 37.77 107.76 4.10
C28 A86 TL . 37.64 109.21 4.48
C29 A86 TL . 37.61 107.38 2.72
C3 A86 TL . 39.50 104.50 10.61
C30 A86 TL . 37.73 108.20 1.71
C31 A86 TL . 37.78 109.04 0.71
C32 A86 TL . 36.57 109.35 -0.08
C33 A86 TL . 36.82 110.60 -0.92
C34 A86 TL . 37.57 111.69 -0.18
C35 A86 TL . 38.96 111.21 0.22
C36 A86 TL . 39.11 109.69 0.33
C37 A86 TL . 39.70 109.09 -0.93
C38 A86 TL . 38.15 113.98 -0.63
C39 A86 TL . 38.29 114.99 -1.73
C4 A86 TL . 39.82 103.29 11.12
C40 A86 TL . 36.23 108.18 -1.00
C41 A86 TL . 35.38 109.62 0.84
C5 A86 TL . 40.11 103.08 12.51
C6 A86 TL . 40.36 101.91 13.14
C7 A86 TL . 40.35 100.57 12.44
C8 A86 TL . 40.63 101.93 14.58
C9 A86 TL . 40.67 100.90 15.43
O1 A86 TL . 41.17 101.30 22.04
O2 A86 TL . 38.32 101.38 25.11
O3 A86 TL . 40.02 109.47 1.42
O4 A86 TL . 37.76 112.78 -1.12
O5 A86 TL . 38.34 114.18 0.53
NB KC2 UL . 52.39 87.30 2.22
ND KC2 UL . 52.56 87.79 -1.65
C1A KC2 UL . 51.07 90.35 -0.40
C1B KC2 UL . 51.85 88.13 3.23
C1C KC2 UL . 53.67 84.89 1.01
C1D KC2 UL . 53.07 87.04 -2.69
C2A KC2 UL . 50.42 91.45 0.24
C2B KC2 UL . 52.00 87.50 4.57
C2C KC2 UL . 54.27 83.74 0.43
C2D KC2 UL . 52.84 87.70 -3.90
C3A KC2 UL . 50.42 91.20 1.58
C3B KC2 UL . 52.63 86.30 4.36
C3C KC2 UL . 54.29 83.96 -0.93
C3D KC2 UL . 52.14 88.93 -3.59
C4A KC2 UL . 51.06 89.94 1.80
C4B KC2 UL . 52.87 86.14 2.94
C4C KC2 UL . 53.73 85.24 -1.20
C4D KC2 UL . 51.99 88.93 -2.15
CAA KC2 UL . 49.92 92.66 -0.37
CAB KC2 UL . 53.01 85.31 5.37
CAC KC2 UL . 54.76 83.01 -1.96
CAD KC2 UL . 51.58 90.11 -4.16
CBA KC2 UL . 48.73 92.86 -0.94
CBB KC2 UL . 53.71 85.45 6.44
CBC KC2 UL . 55.82 82.26 -1.97
CBD KC2 UL . 50.94 90.87 -3.03
CED KC2 UL . 52.71 94.00 -2.19
CGA KC2 UL . 48.30 94.13 -1.52
CGD KC2 UL . 51.44 92.30 -3.18
CHA KC2 UL . 51.31 90.10 -1.75
CHB KC2 UL . 51.23 89.34 3.06
CHC KC2 UL . 53.46 85.04 2.39
CHD KC2 UL . 53.63 85.81 -2.45
CMA KC2 UL . 49.87 92.11 2.63
CMB KC2 UL . 51.53 88.08 5.86
CMC KC2 UL . 54.75 82.54 1.18
CMD KC2 UL . 53.21 87.24 -5.28
NA KC2 UL . 51.46 89.43 0.56
NC KC2 UL . 53.33 85.82 0.04
O1A KC2 UL . 48.20 95.14 -0.84
O1D KC2 UL . 51.13 93.05 -4.08
O2A KC2 UL . 48.02 94.11 -2.79
O2D KC2 UL . 52.24 92.64 -2.18
OBD KC2 UL . 51.61 90.47 -5.34
MG KC2 UL . 52.48 87.69 0.20
C1A DGD VL . 52.52 93.24 21.01
C2A DGD VL . 52.37 92.67 19.65
C3A DGD VL . 52.52 93.77 18.62
C4A DGD VL . 52.68 93.14 17.25
C5A DGD VL . 52.10 94.04 16.20
C6A DGD VL . 50.66 93.66 15.95
C7A DGD VL . 50.01 94.62 14.98
C8A DGD VL . 50.49 94.37 13.58
C9A DGD VL . 49.64 95.15 12.59
O1A DGD VL . 53.47 93.95 21.25
C1B DGD VL . 51.96 97.12 23.86
C2B DGD VL . 53.08 97.27 22.87
C3B DGD VL . 52.68 98.29 21.83
C4B DGD VL . 53.15 97.91 20.44
C5B DGD VL . 52.01 98.05 19.47
C6B DGD VL . 52.36 97.45 18.13
C7B DGD VL . 52.52 98.52 17.06
C8B DGD VL . 52.30 97.96 15.67
C9B DGD VL . 53.59 97.81 14.86
CAB DGD VL . 54.46 96.68 15.38
CBB DGD VL . 54.94 95.82 14.23
CCB DGD VL . 55.81 96.63 13.29
CDB DGD VL . 56.91 95.80 12.69
CEB DGD VL . 56.99 95.92 11.17
CFB DGD VL . 55.85 95.27 10.38
CGB DGD VL . 55.32 93.91 10.84
CHB DGD VL . 53.97 93.67 10.18
O1B DGD VL . 51.89 97.84 24.85
O1G DGD VL . 51.58 92.96 22.07
C1G DGD VL . 50.74 93.98 22.59
C2G DGD VL . 51.40 94.78 23.71
O2G DGD VL . 50.92 96.12 23.65
C3G DGD VL . 51.05 94.20 25.08
O3G DGD VL . 51.06 92.78 24.99
C1D DGD VL . 50.82 92.12 26.23
C2D DGD VL . 49.34 91.83 26.35
O2D DGD VL . 48.62 93.03 26.66
C3D DGD VL . 49.07 90.82 27.44
O3D DGD VL . 47.70 90.43 27.39
C4D DGD VL . 49.90 89.60 27.19
O4D DGD VL . 49.53 89.16 25.91
C5D DGD VL . 51.37 89.91 27.17
O5D DGD VL . 51.54 87.48 27.05
C6D DGD VL . 52.19 88.71 26.73
O6D DGD VL . 51.61 90.93 26.22
C1E DGD VL . 50.97 86.78 25.94
C2E DGD VL . 49.60 86.27 26.37
O2E DGD VL . 49.75 85.40 27.50
C3E DGD VL . 48.94 85.51 25.24
O3E DGD VL . 48.58 86.47 24.23
C4E DGD VL . 49.87 84.45 24.67
O4E DGD VL . 49.35 83.99 23.43
C5E DGD VL . 51.30 84.93 24.45
O6E DGD VL . 51.79 85.70 25.56
C6E DGD VL . 51.41 85.76 23.17
O5E DGD VL . 51.64 84.91 22.03
MG CLA WL . 76.43 -110.61 -12.00
CHA CLA WL . 76.96 -107.41 -13.10
CHB CLA WL . 77.37 -111.69 -15.02
CHC CLA WL . 75.51 -113.74 -11.02
CHD CLA WL . 74.64 -109.31 -9.23
NA CLA WL . 77.15 -109.73 -13.57
C1A CLA WL . 77.50 -108.43 -13.81
C2A CLA WL . 78.43 -108.27 -14.97
C3A CLA WL . 77.95 -109.41 -15.82
C4A CLA WL . 77.46 -110.36 -14.76
CMA CLA WL . 76.89 -109.02 -16.83
CAA CLA WL . 79.87 -108.48 -14.45
CBA CLA WL . 80.44 -107.31 -13.66
CGA CLA WL . 81.89 -107.46 -13.32
O1A CLA WL . 82.62 -106.55 -12.99
O2A CLA WL . 82.29 -108.72 -13.43
NB CLA WL . 76.46 -112.37 -12.83
C1B CLA WL . 76.93 -112.69 -14.16
C2B CLA WL . 76.86 -114.08 -14.37
C3B CLA WL . 76.32 -114.66 -13.22
C4B CLA WL . 76.07 -113.63 -12.29
CMB CLA WL . 77.28 -114.80 -15.61
CAB CLA WL . 76.05 -116.07 -12.97
CBB CLA WL . 76.59 -116.85 -12.07
NC CLA WL . 75.38 -111.34 -10.50
C1C CLA WL . 75.17 -112.68 -10.23
C2C CLA WL . 74.43 -112.87 -8.98
C3C CLA WL . 74.15 -111.63 -8.47
C4C CLA WL . 74.73 -110.67 -9.39
CMC CLA WL . 74.04 -114.18 -8.36
CAC CLA WL . 73.39 -111.31 -7.21
CBC CLA WL . 74.27 -111.40 -5.98
ND CLA WL . 75.87 -108.87 -11.32
C1D CLA WL . 75.14 -108.41 -10.14
C2D CLA WL . 75.10 -107.00 -10.13
C3D CLA WL . 75.80 -106.54 -11.28
C4D CLA WL . 76.23 -107.70 -11.93
CMD CLA WL . 74.46 -106.14 -9.09
CAD CLA WL . 76.24 -105.40 -12.06
OBD CLA WL . 76.06 -104.21 -11.85
CBD CLA WL . 77.03 -105.90 -13.24
CGD CLA WL . 76.42 -105.38 -14.55
O1D CLA WL . 75.59 -105.96 -15.18
O2D CLA WL . 76.96 -104.23 -14.90
CED CLA WL . 76.51 -103.67 -16.16
NB KC2 XL . 78.22 -101.67 -4.39
ND KC2 XL . 78.64 -104.21 -7.35
C1A KC2 XL . 79.02 -101.23 -8.53
C1B KC2 XL . 78.38 -100.26 -4.36
C1C KC2 XL . 77.64 -104.43 -3.39
C1D KC2 XL . 78.58 -105.58 -7.45
C2A KC2 XL . 79.15 -99.86 -8.96
C2B KC2 XL . 78.21 -99.76 -2.97
C2C KC2 XL . 77.37 -105.74 -2.91
C2D KC2 XL . 78.88 -105.97 -8.76
C3A KC2 XL . 79.01 -99.07 -7.85
C3B KC2 XL . 77.92 -100.85 -2.19
C3C KC2 XL . 77.55 -106.59 -3.96
C3D KC2 XL . 79.11 -104.75 -9.50
C4A KC2 XL . 78.77 -99.92 -6.73
C4B KC2 XL . 77.92 -102.03 -3.03
C4C KC2 XL . 77.92 -105.83 -5.12
C4D KC2 XL . 78.93 -103.68 -8.57
CAA KC2 XL . 79.42 -99.41 -10.30
CAB KC2 XL . 77.70 -100.87 -0.74
CAC KC2 XL . 77.42 -108.05 -3.89
CAD KC2 XL . 79.51 -104.25 -10.78
CBA KC2 XL . 80.47 -98.70 -10.70
CBB KC2 XL . 76.82 -100.22 -0.03
CBC KC2 XL . 76.71 -108.86 -4.63
CBD KC2 XL . 79.35 -102.75 -10.72
CED KC2 XL . 81.52 -101.58 -13.48
CGA KC2 XL . 80.75 -98.24 -12.07
CGD KC2 XL . 80.58 -102.16 -11.40
CHA KC2 XL . 79.10 -102.43 -9.23
CHB KC2 XL . 78.63 -99.44 -5.43
CHC KC2 XL . 77.64 -103.29 -2.55
CHD KC2 XL . 78.23 -106.36 -6.35
CMA KC2 XL . 79.09 -97.58 -7.80
CMB KC2 XL . 78.39 -98.35 -2.51
CMC KC2 XL . 76.95 -106.09 -1.51
CMD KC2 XL . 78.95 -107.35 -9.32
NA KC2 XL . 78.76 -101.24 -7.17
NC KC2 XL . 77.97 -104.45 -4.73
O1A KC2 XL . 79.88 -98.28 -12.94
O1D KC2 XL . 81.59 -101.85 -10.83
O2A KC2 XL . 81.95 -97.80 -12.31
O2D KC2 XL . 80.40 -102.07 -12.71
OBD KC2 XL . 79.95 -104.88 -11.75
MG KC2 XL . 78.47 -102.93 -6.02
NB KC2 YL . 73.47 -94.47 -10.69
ND KC2 YL . 70.90 -91.52 -10.80
C1A KC2 YL . 71.96 -92.04 -13.79
C1B KC2 YL . 74.28 -95.02 -11.72
C1C KC2 YL . 72.40 -94.03 -7.93
C1D KC2 YL . 70.22 -90.81 -9.85
C2A KC2 YL . 72.54 -92.27 -15.07
C2B KC2 YL . 75.12 -96.13 -11.17
C2C KC2 YL . 71.91 -93.80 -6.62
C2D KC2 YL . 69.49 -89.78 -10.47
C3A KC2 YL . 73.49 -93.23 -14.92
C3B KC2 YL . 74.84 -96.22 -9.84
C3C KC2 YL . 71.03 -92.74 -6.70
C3D KC2 YL . 69.73 -89.89 -11.88
C4A KC2 YL . 73.50 -93.63 -13.55
C4B KC2 YL . 73.83 -95.21 -9.51
C4C KC2 YL . 70.98 -92.29 -8.05
C4D KC2 YL . 70.63 -90.99 -12.02
CAA KC2 YL . 72.13 -91.63 -16.31
CAB KC2 YL . 75.43 -97.14 -8.86
CAC KC2 YL . 70.25 -92.27 -5.55
CAD KC2 YL . 69.42 -89.30 -13.17
CBA KC2 YL . 72.84 -90.74 -17.01
CBB KC2 YL . 75.44 -98.44 -8.86
CBC KC2 YL . 70.04 -91.07 -5.13
CBD KC2 YL . 70.15 -90.14 -14.20
CED KC2 YL . 68.13 -90.80 -17.23
CGA KC2 YL . 72.39 -90.11 -18.28
CGD KC2 YL . 69.13 -90.83 -15.10
CHA KC2 YL . 70.98 -91.14 -13.38
CHB KC2 YL . 74.31 -94.65 -13.04
CHC KC2 YL . 73.36 -95.01 -8.23
CHD KC2 YL . 70.27 -91.19 -8.51
CMA KC2 YL . 74.39 -93.78 -15.99
CMB KC2 YL . 76.09 -96.96 -11.94
CMC KC2 YL . 72.29 -94.56 -5.39
CMD KC2 YL . 68.63 -88.75 -9.81
NA KC2 YL . 72.55 -92.87 -12.86
NC KC2 YL . 71.84 -93.13 -8.82
O1A KC2 YL . 73.19 -89.59 -19.04
O1D KC2 YL . 68.55 -91.85 -14.83
O2A KC2 YL . 71.11 -90.14 -18.51
O2D KC2 YL . 68.98 -90.17 -16.25
OBD KC2 YL . 68.71 -88.32 -13.42
MG KC2 YL . 72.06 -92.98 -10.87
MG CLA ZL . 73.22 -83.76 -4.18
CHA CLA ZL . 75.29 -85.99 -5.77
CHB CLA ZL . 70.68 -85.85 -4.68
CHC CLA ZL . 71.13 -81.35 -2.93
CHD CLA ZL . 75.73 -81.28 -4.49
NA CLA ZL . 73.09 -85.54 -4.94
C1A CLA ZL . 74.05 -86.41 -5.43
C2A CLA ZL . 73.57 -87.82 -5.59
C3A CLA ZL . 72.07 -87.59 -5.71
C4A CLA ZL . 71.91 -86.23 -5.07
CMA CLA ZL . 71.54 -87.64 -7.14
CAA CLA ZL . 73.96 -88.56 -4.31
CBA CLA ZL . 73.61 -90.05 -4.28
CGA CLA ZL . 74.26 -90.79 -3.15
O1A CLA ZL . 73.89 -90.74 -2.00
O2A CLA ZL . 75.29 -91.51 -3.57
NB CLA ZL . 71.30 -83.63 -3.84
C1B CLA ZL . 70.32 -84.66 -4.07
C2B CLA ZL . 69.06 -84.25 -3.62
C3B CLA ZL . 69.21 -82.95 -3.12
C4B CLA ZL . 70.55 -82.57 -3.26
CMB CLA ZL . 67.79 -85.05 -3.64
CAB CLA ZL . 68.16 -82.10 -2.54
CBB CLA ZL . 67.31 -82.41 -1.60
NC CLA ZL . 73.39 -81.84 -3.78
C1C CLA ZL . 72.43 -81.01 -3.20
C2C CLA ZL . 72.93 -79.66 -2.99
C3C CLA ZL . 74.21 -79.62 -3.48
C4C CLA ZL . 74.52 -80.94 -3.95
CMC CLA ZL . 72.19 -78.51 -2.35
CAC CLA ZL . 75.14 -78.43 -3.52
CBC CLA ZL . 76.09 -78.38 -2.35
ND CLA ZL . 75.01 -83.60 -4.92
C1D CLA ZL . 76.01 -82.54 -4.98
C2D CLA ZL . 77.20 -83.03 -5.56
C3D CLA ZL . 76.97 -84.39 -5.88
C4D CLA ZL . 75.68 -84.66 -5.48
CMD CLA ZL . 78.46 -82.25 -5.77
CAD CLA ZL . 77.54 -85.62 -6.41
OBD CLA ZL . 78.68 -85.82 -6.82
CBD CLA ZL . 76.49 -86.70 -6.39
CGD CLA ZL . 76.28 -87.18 -7.82
O1D CLA ZL . 75.27 -87.01 -8.45
O2D CLA ZL . 77.36 -87.78 -8.29
CED CLA ZL . 77.37 -88.09 -9.70
NB KC2 AM . 50.36 -88.73 -12.94
ND KC2 AM . 51.12 -84.91 -12.85
C1A KC2 AM . 51.04 -85.83 -15.93
C1B KC2 AM . 50.26 -89.64 -14.03
C1C KC2 AM . 50.31 -87.83 -10.10
C1D KC2 AM . 51.29 -83.99 -11.85
C2A KC2 AM . 50.94 -86.33 -17.28
C2B KC2 AM . 50.00 -91.01 -13.55
C2C KC2 AM . 50.27 -87.37 -8.76
C2D KC2 AM . 51.62 -82.74 -12.39
C3A KC2 AM . 50.65 -87.66 -17.20
C3B KC2 AM . 49.91 -90.96 -12.19
C3C KC2 AM . 50.53 -86.02 -8.77
C3D KC2 AM . 51.66 -82.92 -13.81
C4A KC2 AM . 50.59 -88.01 -15.83
C4B KC2 AM . 50.13 -89.58 -11.78
C4C KC2 AM . 50.76 -85.62 -10.13
C4D KC2 AM . 51.33 -84.29 -14.05
CAA KC2 AM . 51.04 -85.54 -18.50
CAB KC2 AM . 49.58 -92.07 -11.29
CAC KC2 AM . 50.50 -85.12 -7.63
CAD KC2 AM . 51.91 -82.23 -15.06
CBA KC2 AM . 51.92 -85.68 -19.47
CBB KC2 AM . 50.21 -92.52 -10.24
CBC KC2 AM . 51.02 -85.26 -6.46
CBD KC2 AM . 51.67 -83.24 -16.15
CED KC2 AM . 50.05 -81.55 -19.02
CGA KC2 AM . 51.99 -84.85 -20.70
CGD KC2 AM . 50.55 -82.65 -17.00
CHA KC2 AM . 51.33 -84.55 -15.44
CHB KC2 AM . 50.35 -89.32 -15.37
CHC KC2 AM . 50.10 -89.17 -10.48
CHD KC2 AM . 51.09 -84.36 -10.52
CMA KC2 AM . 50.37 -88.57 -18.36
CMB KC2 AM . 49.86 -92.22 -14.43
CMC KC2 AM . 49.94 -88.21 -7.56
CMD KC2 AM . 51.88 -81.46 -11.65
NA KC2 AM . 50.81 -86.87 -15.06
NC KC2 AM . 50.59 -86.78 -10.95
O1A KC2 AM . 51.14 -84.93 -21.56
O1D KC2 AM . 49.39 -82.65 -16.69
O2A KC2 AM . 53.00 -84.02 -20.78
O2D KC2 AM . 51.03 -82.12 -18.12
OBD KC2 AM . 52.23 -81.05 -15.22
MG KC2 AM . 50.67 -86.70 -13.01
MG CLA BM . 56.03 -90.06 -4.26
CHA CLA BM . 55.86 -92.04 -7.02
CHB CLA BM . 54.29 -87.73 -5.87
CHC CLA BM . 56.44 -88.05 -1.54
CHD CLA BM . 58.72 -92.05 -3.07
NA CLA BM . 55.19 -89.99 -5.99
C1A CLA BM . 55.07 -90.94 -6.98
C2A CLA BM . 54.02 -90.62 -8.00
C3A CLA BM . 54.04 -89.11 -7.91
C4A CLA BM . 54.53 -88.90 -6.49
CMA CLA BM . 54.93 -88.44 -8.94
CAA CLA BM . 52.69 -91.27 -7.59
CBA CLA BM . 52.39 -91.43 -6.09
CGA CLA BM . 50.99 -91.89 -5.82
O1A CLA BM . 50.60 -93.03 -5.92
O2A CLA BM . 50.21 -90.88 -5.45
NB CLA BM . 55.45 -88.27 -3.77
C1B CLA BM . 54.65 -87.38 -4.58
C2B CLA BM . 54.32 -86.22 -3.85
C3B CLA BM . 54.89 -86.35 -2.59
C4B CLA BM . 55.60 -87.56 -2.55
CMB CLA BM . 53.51 -85.05 -4.34
CAB CLA BM . 54.70 -85.43 -1.46
CBB CLA BM . 54.47 -85.68 -0.20
NC CLA BM . 57.25 -90.06 -2.70
C1C CLA BM . 57.22 -89.16 -1.64
C2C CLA BM . 58.22 -89.50 -0.62
C3C CLA BM . 58.88 -90.63 -1.06
C4C CLA BM . 58.31 -90.98 -2.34
CMC CLA BM . 58.48 -88.78 0.65
CAC CLA BM . 59.96 -91.38 -0.35
CBC CLA BM . 61.34 -91.11 -0.91
ND CLA BM . 57.05 -91.61 -4.82
C1D CLA BM . 58.14 -92.41 -4.27
C2D CLA BM . 58.41 -93.50 -5.11
C3D CLA BM . 57.52 -93.42 -6.21
C4D CLA BM . 56.76 -92.29 -5.98
CMD CLA BM . 59.46 -94.55 -4.88
CAD CLA BM . 57.07 -94.02 -7.45
OBD CLA BM . 57.46 -95.03 -8.00
CBD CLA BM . 55.97 -93.20 -8.02
CGD CLA BM . 56.37 -92.79 -9.43
O1D CLA BM . 56.64 -91.66 -9.76
O2D CLA BM . 56.41 -93.83 -10.24
CED CLA BM . 56.83 -93.58 -11.60
MG CLA CM . 56.16 -99.36 -3.56
CHA CLA CM . 54.28 -97.80 -5.96
CHB CLA CM . 55.38 -102.29 -4.89
CHC CLA CM . 57.76 -100.85 -0.94
CHD CLA CM . 56.24 -96.32 -1.74
NA CLA CM . 55.17 -99.87 -5.15
C1A CLA CM . 54.53 -99.12 -6.12
C2A CLA CM . 54.12 -99.90 -7.34
C3A CLA CM . 54.24 -101.33 -6.85
C4A CLA CM . 54.97 -101.17 -5.53
CMA CLA CM . 52.89 -102.04 -6.68
CAA CLA CM . 55.12 -99.57 -8.45
CBA CLA CM . 54.88 -100.25 -9.80
CGA CLA CM . 53.51 -99.97 -10.37
O1A CLA CM . 52.99 -98.89 -10.41
O2A CLA CM . 52.95 -101.09 -10.82
NB CLA CM . 56.49 -101.20 -3.01
C1B CLA CM . 56.06 -102.38 -3.69
C2B CLA CM . 56.47 -103.53 -2.99
C3B CLA CM . 57.17 -103.10 -1.87
C4B CLA CM . 57.18 -101.70 -1.87
CMB CLA CM . 56.18 -104.96 -3.38
CAB CLA CM . 57.78 -103.92 -0.82
CBB CLA CM . 58.46 -105.03 -0.96
NC CLA CM . 56.88 -98.73 -1.83
C1C CLA CM . 57.57 -99.50 -0.91
C2C CLA CM . 58.04 -98.69 0.22
C3C CLA CM . 57.63 -97.41 -0.01
C4C CLA CM . 56.88 -97.42 -1.25
CMC CLA CM . 58.79 -99.18 1.43
CAC CLA CM . 57.91 -96.20 0.84
CBC CLA CM . 56.79 -95.92 1.82
ND CLA CM . 55.47 -97.55 -3.72
C1D CLA CM . 55.53 -96.34 -2.92
C2D CLA CM . 54.82 -95.30 -3.56
C3D CLA CM . 54.32 -95.82 -4.76
C4D CLA CM . 54.73 -97.14 -4.81
CMD CLA CM . 54.64 -93.91 -3.03
CAD CLA CM . 53.53 -95.55 -5.96
OBD CLA CM . 52.92 -94.55 -6.27
CBD CLA CM . 53.56 -96.77 -6.84
CGD CLA CM . 52.13 -97.15 -7.21
O1D CLA CM . 51.47 -97.99 -6.65
O2D CLA CM . 51.70 -96.42 -8.23
CED CLA CM . 50.34 -96.67 -8.67
MG CLA DM . 61.33 -105.72 -11.73
CHA CLA DM . 61.92 -106.35 -15.04
CHB CLA DM . 59.32 -103.22 -12.59
CHC CLA DM . 61.31 -104.73 -8.43
CHD CLA DM . 63.94 -107.98 -10.90
NA CLA DM . 60.70 -105.05 -13.44
C1A CLA DM . 60.95 -105.46 -14.74
C2A CLA DM . 60.07 -104.81 -15.79
C3A CLA DM . 59.46 -103.67 -15.01
C4A CLA DM . 59.84 -103.98 -13.58
CMA CLA DM . 60.00 -102.32 -15.47
CAA CLA DM . 59.05 -105.80 -16.38
CBA CLA DM . 58.18 -106.65 -15.45
CGA CLA DM . 56.94 -105.95 -14.97
O1A CLA DM . 56.13 -105.43 -15.68
O2A CLA DM . 56.87 -105.97 -13.65
NB CLA DM . 60.46 -104.30 -10.70
C1B CLA DM . 59.56 -103.32 -11.23
C2B CLA DM . 59.07 -102.50 -10.18
C3B CLA DM . 59.66 -102.94 -9.01
C4B CLA DM . 60.51 -104.01 -9.31
CMB CLA DM . 58.07 -101.38 -10.33
CAB CLA DM . 59.47 -102.38 -7.67
CBB CLA DM . 58.43 -102.49 -6.90
NC CLA DM . 62.33 -106.24 -10.09
C1C CLA DM . 62.16 -105.73 -8.80
C2C CLA DM . 63.05 -106.39 -7.83
C3C CLA DM . 63.77 -107.33 -8.52
C4C CLA DM . 63.37 -107.25 -9.91
CMC CLA DM . 63.20 -106.17 -6.36
CAC CLA DM . 64.76 -108.31 -7.93
CBC CLA DM . 64.08 -109.50 -7.27
ND CLA DM . 62.63 -106.83 -12.65
C1D CLA DM . 63.67 -107.78 -12.24
C2D CLA DM . 64.21 -108.41 -13.38
C3D CLA DM . 63.58 -107.87 -14.51
C4D CLA DM . 62.66 -106.96 -14.02
CMD CLA DM . 65.27 -109.48 -13.36
CAD CLA DM . 63.49 -107.86 -15.96
OBD CLA DM . 64.15 -108.49 -16.77
CBD CLA DM . 62.42 -106.90 -16.38
CGD CLA DM . 62.99 -105.81 -17.28
O1D CLA DM . 63.33 -104.72 -16.91
O2D CLA DM . 63.05 -106.22 -18.54
CED CLA DM . 63.52 -105.25 -19.50
C1 CLA DM . 55.81 -105.16 -13.05
C2 CLA DM . 56.20 -104.95 -11.64
C3 CLA DM . 55.35 -104.69 -10.65
C4 CLA DM . 53.87 -104.53 -10.85
C5 CLA DM . 55.84 -104.55 -9.23
C6 CLA DM . 55.76 -105.85 -8.44
C7 CLA DM . 54.50 -105.93 -7.58
C8 CLA DM . 54.16 -107.30 -6.96
C9 CLA DM . 52.74 -107.31 -6.43
C10 CLA DM . 55.17 -107.70 -5.89
C11 CLA DM . 55.08 -109.14 -5.39
C12 CLA DM . 56.30 -109.57 -4.56
C13 CLA DM . 56.46 -108.90 -3.19
C14 CLA DM . 57.82 -109.22 -2.57
C15 CLA DM . 55.31 -109.29 -2.25
MG CLA EM . 63.83 -114.79 4.88
CHA CLA EM . 61.48 -115.84 7.13
CHB CLA EM . 65.78 -117.32 5.82
CHC CLA EM . 66.25 -113.53 2.82
CHD CLA EM . 62.20 -111.63 4.73
NA CLA EM . 63.59 -116.27 6.08
C1A CLA EM . 62.50 -116.69 6.82
C2A CLA EM . 62.61 -118.12 7.25
C3A CLA EM . 64.11 -118.18 7.46
C4A CLA EM . 64.55 -117.20 6.38
CMA CLA EM . 64.59 -117.79 8.85
CAA CLA EM . 62.13 -119.00 6.09
NB CLA EM . 65.63 -115.33 4.38
C1B CLA EM . 66.33 -116.51 4.84
C2B CLA EM . 67.57 -116.64 4.17
C3B CLA EM . 67.68 -115.54 3.32
C4B CLA EM . 66.53 -114.75 3.45
CMB CLA EM . 68.55 -117.76 4.32
CAB CLA EM . 68.81 -115.22 2.43
CBB CLA EM . 69.33 -115.98 1.50
NC CLA EM . 64.14 -113.05 3.98
C1C CLA EM . 65.17 -112.75 3.10
C2C CLA EM . 65.02 -111.40 2.55
C3C CLA EM . 63.91 -110.85 3.12
C4C CLA EM . 63.34 -111.84 4.00
CMC CLA EM . 65.92 -110.74 1.53
CAC CLA EM . 63.33 -109.48 2.87
CBC CLA EM . 62.24 -109.49 1.82
ND CLA EM . 62.30 -113.90 5.69
C1D CLA EM . 61.66 -112.59 5.57
C2D CLA EM . 60.51 -112.54 6.37
C3D CLA EM . 60.38 -113.80 7.01
C4D CLA EM . 61.46 -114.55 6.56
CMD CLA EM . 59.58 -111.37 6.50
CAD CLA EM . 59.60 -114.63 7.92
OBD CLA EM . 58.59 -114.34 8.54
CBD CLA EM . 60.23 -115.99 8.00
CGD CLA EM . 60.53 -116.34 9.45
O1D CLA EM . 61.64 -116.39 9.94
O2D CLA EM . 59.42 -116.58 10.13
CED CLA EM . 59.58 -116.91 11.53
MG CLA FM . 70.58 -90.22 7.06
CHA CLA FM . 70.91 -89.36 10.36
CHB CLA FM . 67.32 -90.63 7.54
CHC CLA FM . 70.39 -91.48 3.89
CHD CLA FM . 74.12 -90.51 6.84
NA CLA FM . 69.42 -89.94 8.58
C1A CLA FM . 69.66 -89.47 9.86
C2A CLA FM . 68.42 -89.11 10.63
C3A CLA FM . 67.36 -89.89 9.88
C4A CLA FM . 68.06 -90.19 8.58
CMA CLA FM . 66.88 -91.15 10.58
CAA CLA FM . 68.23 -87.59 10.59
CBA CLA FM . 68.16 -86.89 9.24
CGA CLA FM . 69.49 -86.50 8.68
O1A CLA FM . 70.28 -85.78 9.23
O2A CLA FM . 69.68 -87.01 7.47
NB CLA FM . 69.16 -90.90 5.92
C1B CLA FM . 67.76 -90.96 6.27
C2B CLA FM . 67.01 -91.40 5.16
C3B CLA FM . 67.90 -91.63 4.12
C4B CLA FM . 69.20 -91.34 4.58
CMB CLA FM . 65.52 -91.56 5.10
CAB CLA FM . 67.59 -92.08 2.75
CBB CLA FM . 66.66 -91.62 1.97
NC CLA FM . 71.90 -90.82 5.72
C1C CLA FM . 71.63 -91.26 4.42
C2C CLA FM . 72.85 -91.58 3.69
C3C CLA FM . 73.91 -91.35 4.52
C4C CLA FM . 73.35 -90.87 5.78
CMC CLA FM . 72.95 -92.05 2.26
CAC CLA FM . 75.36 -91.55 4.24
CBC CLA FM . 76.04 -90.31 3.68
ND CLA FM . 72.13 -90.04 8.23
C1D CLA FM . 73.58 -90.12 8.05
C2D CLA FM . 74.23 -89.74 9.25
C3D CLA FM . 73.23 -89.43 10.20
C4D CLA FM . 72.02 -89.63 9.54
CMD CLA FM . 75.71 -89.65 9.46
CAD CLA FM . 72.93 -88.99 11.55
OBD CLA FM . 73.70 -88.67 12.43
CBD CLA FM . 71.45 -88.94 11.74
CGD CLA FM . 71.06 -89.87 12.87
O1D CLA FM . 70.08 -89.76 13.54
O2D CLA FM . 71.98 -90.82 13.03
CED CLA FM . 71.77 -91.73 14.14
C1 CLA FM . 70.82 -86.49 6.72
C2 CLA FM . 70.93 -87.24 5.44
C3 CLA FM . 71.57 -86.80 4.35
C4 CLA FM . 72.26 -85.46 4.26
C5 CLA FM . 71.65 -87.67 3.12
C6 CLA FM . 70.31 -87.85 2.42
C7 CLA FM . 70.36 -88.83 1.26
C8 CLA FM . 70.13 -88.24 -0.13
C9 CLA FM . 70.00 -89.34 -1.19
C10 CLA FM . 71.24 -87.25 -0.49
NB KC2 GM . 66.76 -75.91 6.89
ND KC2 GM . 65.92 -79.32 8.64
C1A KC2 GM . 66.05 -77.02 10.90
C1B KC2 GM . 66.95 -74.62 7.43
C1C KC2 GM . 66.61 -78.05 4.80
C1D KC2 GM . 65.81 -80.62 8.20
C2A KC2 GM . 66.13 -75.96 11.83
C2B KC2 GM . 67.33 -73.67 6.37
C2C KC2 GM . 66.53 -79.07 3.82
C2D KC2 GM . 65.58 -81.46 9.30
C3A KC2 GM . 66.44 -74.82 11.14
C3B KC2 GM . 67.36 -74.37 5.20
C3C KC2 GM . 66.24 -80.25 4.47
C3D KC2 GM . 65.55 -80.62 10.48
C4A KC2 GM . 66.54 -75.18 9.77
C4B KC2 GM . 67.03 -75.75 5.48
C4C KC2 GM . 66.14 -79.98 5.87
C4D KC2 GM . 65.77 -79.29 9.99
CAA KC2 GM . 65.91 -76.08 13.27
CAB KC2 GM . 67.74 -73.87 3.87
CAC KC2 GM . 66.04 -81.55 3.82
CAD KC2 GM . 65.41 -80.63 11.92
CBA KC2 GM . 64.84 -75.65 13.93
CBB KC2 GM . 68.82 -73.23 3.52
CBC KC2 GM . 66.78 -82.13 2.91
CBD KC2 GM . 65.49 -79.18 12.36
CED KC2 GM . 62.92 -78.90 15.01
CGA KC2 GM . 64.60 -75.77 15.39
CGD KC2 GM . 64.16 -78.80 13.01
CHA KC2 GM . 65.78 -78.38 11.08
CHB KC2 GM . 66.85 -74.26 8.75
CHC KC2 GM . 66.95 -76.72 4.51
CHD KC2 GM . 65.90 -80.92 6.84
CMA KC2 GM . 66.62 -73.44 11.69
CMB KC2 GM . 67.60 -72.21 6.57
CMC KC2 GM . 66.70 -78.88 2.33
CMD KC2 GM . 65.39 -82.94 9.30
NA KC2 GM . 66.30 -76.54 9.62
NC KC2 GM . 66.38 -78.57 6.06
O1A KC2 GM . 65.30 -76.49 16.09
O1D KC2 GM . 63.26 -78.23 12.46
O2A KC2 GM . 63.61 -75.06 15.86
O2D KC2 GM . 64.14 -79.19 14.28
OBD KC2 GM . 65.25 -81.60 12.67
MG KC2 GM . 66.24 -77.64 7.89
C A86 HM . 74.53 -102.91 -3.20
O A86 HM . 77.49 -91.64 -9.13
C1 A86 HM . 73.92 -102.05 -2.12
C10 A86 HM . 76.58 -94.23 -6.99
C11 A86 HM . 76.38 -93.13 -7.69
C12 A86 HM . 75.24 -92.18 -7.49
C13 A86 HM . 77.33 -92.80 -8.79
C14 A86 HM . 78.07 -93.93 -9.46
C15 A86 HM . 79.12 -93.46 -10.47
C16 A86 HM . 78.66 -93.15 -11.90
C17 A86 HM . 79.65 -92.13 -12.52
C18 A86 HM . 81.13 -92.48 -12.42
C19 A86 HM . 81.40 -93.69 -11.53
C2 A86 HM . 74.00 -100.70 -2.13
C20 A86 HM . 80.54 -93.74 -10.28
C21 A86 HM . 81.10 -94.53 -9.12
C22 A86 HM . 78.63 -94.41 -12.77
C23 A86 HM . 77.25 -92.55 -11.92
C24 A86 HM . 73.27 -102.71 -1.02
C25 A86 HM . 72.96 -104.01 -0.93
C26 A86 HM . 72.35 -104.57 0.22
C27 A86 HM . 71.93 -105.84 0.41
C28 A86 HM . 72.03 -106.91 -0.65
C29 A86 HM . 71.44 -106.19 1.69
C3 A86 HM . 74.65 -99.89 -3.10
C30 A86 HM . 71.40 -107.44 2.09
C31 A86 HM . 71.41 -108.68 2.46
C32 A86 HM . 70.38 -109.63 1.95
C33 A86 HM . 69.86 -110.59 3.02
C34 A86 HM . 70.52 -110.35 4.36
C35 A86 HM . 72.02 -110.35 4.18
C36 A86 HM . 72.51 -109.16 3.37
C37 A86 HM . 73.01 -108.04 4.29
C38 A86 HM . 70.49 -108.58 6.00
C39 A86 HM . 69.89 -107.24 6.30
C4 A86 HM . 74.66 -98.54 -3.07
C40 A86 HM . 69.14 -108.87 1.45
C41 A86 HM . 70.94 -110.46 0.78
C5 A86 HM . 75.32 -97.78 -4.05
C6 A86 HM . 75.34 -96.44 -4.19
C7 A86 HM . 74.64 -95.51 -3.24
C8 A86 HM . 76.01 -95.88 -5.35
C9 A86 HM . 75.88 -94.64 -5.84
O1 A86 HM . 80.00 -92.44 -9.93
O2 A86 HM . 81.62 -92.75 -13.72
O3 A86 HM . 73.59 -109.63 2.57
O4 A86 HM . 70.06 -109.04 4.80
O5 A86 HM . 71.27 -109.17 6.68
C A86 IM . 69.92 -80.86 5.31
O A86 IM . 66.73 -90.23 -2.67
C1 A86 IM . 69.57 -81.82 6.41
C10 A86 IM . 66.37 -88.10 -0.24
C11 A86 IM . 65.68 -89.00 -0.95
C12 A86 IM . 64.51 -89.80 -0.44
C13 A86 IM . 66.10 -89.23 -2.36
C14 A86 IM . 65.73 -88.15 -3.35
C15 A86 IM . 65.06 -88.60 -4.68
C16 A86 IM . 65.96 -89.32 -5.75
C17 A86 IM . 65.51 -88.89 -7.16
C18 A86 IM . 64.02 -89.01 -7.40
C19 A86 IM . 63.28 -88.03 -6.51
C2 A86 IM . 69.06 -83.06 6.19
C20 A86 IM . 63.73 -88.09 -5.07
C21 A86 IM . 62.91 -87.11 -4.26
C22 A86 IM . 67.44 -88.98 -5.59
C23 A86 IM . 65.84 -90.84 -5.65
C24 A86 IM . 69.78 -81.39 7.78
C25 A86 IM . 70.12 -80.15 8.21
C26 A86 IM . 70.32 -79.81 9.59
C27 A86 IM . 70.53 -78.58 10.11
C28 A86 IM . 70.54 -77.32 9.28
C29 A86 IM . 70.79 -78.48 11.51
C3 A86 IM . 68.81 -83.70 4.93
C30 A86 IM . 71.54 -77.54 12.04
C31 A86 IM . 72.23 -76.56 12.55
C32 A86 IM . 73.72 -76.62 12.61
C33 A86 IM . 74.29 -75.23 12.89
C34 A86 IM . 73.57 -74.14 12.13
C35 A86 IM . 72.12 -74.05 12.58
C36 A86 IM . 71.52 -75.35 13.12
C37 A86 IM . 71.52 -75.37 14.65
C38 A86 IM . 75.34 -72.52 11.88
C39 A86 IM . 75.82 -71.20 12.38
C4 A86 IM . 68.13 -84.86 4.77
C40 A86 IM . 74.17 -77.60 13.71
C41 A86 IM . 74.29 -77.10 11.27
C5 A86 IM . 67.91 -85.43 3.47
C6 A86 IM . 67.27 -86.58 3.14
C7 A86 IM . 66.66 -87.51 4.16
C8 A86 IM . 67.14 -86.93 1.74
C9 A86 IM . 66.38 -87.88 1.17
O1 A86 IM . 63.88 -89.41 -4.46
O2 A86 IM . 63.74 -88.71 -8.77
O3 A86 IM . 70.17 -75.39 12.67
O4 A86 IM . 74.18 -72.87 12.49
O5 A86 IM . 75.87 -73.20 11.06
C DD6 JM . 61.69 -105.53 -2.29
C1 DD6 JM . 60.97 -104.63 -3.26
C10 DD6 JM . 63.21 -97.22 2.53
C11 DD6 JM . 63.39 -96.05 3.17
C12 DD6 JM . 63.06 -94.70 2.60
C13 DD6 JM . 63.92 -96.08 4.53
C14 DD6 JM . 64.25 -95.12 5.37
C15 DD6 JM . 64.78 -95.30 6.76
C16 DD6 JM . 63.92 -94.92 7.89
C17 DD6 JM . 64.52 -95.47 9.20
C18 DD6 JM . 65.99 -95.19 9.48
C19 DD6 JM . 66.76 -94.66 8.28
C2 DD6 JM . 60.84 -103.29 -3.07
C20 DD6 JM . 66.27 -95.19 6.95
C21 DD6 JM . 67.25 -95.09 5.81
C22 DD6 JM . 63.74 -93.39 8.00
C23 DD6 JM . 62.53 -95.51 7.72
C24 DD6 JM . 60.38 -105.23 -4.45
C25 DD6 JM . 60.29 -106.54 -4.72
C26 DD6 JM . 59.73 -107.07 -5.93
C27 DD6 JM . 59.73 -108.37 -6.33
C28 DD6 JM . 60.31 -109.50 -5.53
C29 DD6 JM . 59.18 -108.69 -7.60
C3 DD6 JM . 61.32 -102.51 -1.96
C30 DD6 JM . 58.80 -109.11 -8.67
C31 DD6 JM . 58.40 -109.71 -9.88
C32 DD6 JM . 58.73 -109.00 -11.20
C33 DD6 JM . 57.79 -109.55 -12.30
C34 DD6 JM . 56.42 -109.98 -11.80
C35 DD6 JM . 56.56 -111.09 -10.78
C36 DD6 JM . 57.75 -110.89 -9.88
C37 DD6 JM . 58.12 -112.07 -9.02
C4 DD6 JM . 61.34 -101.16 -1.90
C40 DD6 JM . 58.54 -107.48 -11.05
C41 DD6 JM . 60.18 -109.27 -11.60
C5 DD6 JM . 61.86 -100.48 -0.74
C6 DD6 JM . 62.00 -99.14 -0.55
C7 DD6 JM . 61.63 -98.10 -1.57
C8 DD6 JM . 62.53 -98.70 0.74
C9 DD6 JM . 62.67 -97.45 1.20
O1 DD6 JM . 65.57 -96.47 7.01
O2 DD6 JM . 66.08 -94.22 10.54
O4 DD6 JM . 55.77 -108.85 -11.19
MG CLA KM . 91.94 82.22 3.92
CHA CLA KM . 90.51 84.98 2.51
CHB CLA KM . 93.22 81.49 0.94
CHC CLA KM . 93.10 79.31 5.29
CHD CLA KM . 89.77 82.57 6.70
NA CLA KM . 91.99 83.15 2.23
C1A CLA KM . 91.52 84.38 1.85
C2A CLA KM . 92.20 84.89 0.61
C3A CLA KM . 92.37 83.57 -0.11
C4A CLA KM . 92.55 82.65 1.08
CMA CLA KM . 91.19 83.19 -0.99
CAA CLA KM . 93.53 85.53 1.04
CBA CLA KM . 93.45 86.97 1.53
CGA CLA KM . 92.99 87.95 0.49
O1A CLA KM . 92.54 89.04 0.73
O2A CLA KM . 93.14 87.46 -0.75
NB CLA KM . 92.96 80.70 3.26
C1B CLA KM . 93.48 80.53 1.92
C2B CLA KM . 94.21 79.33 1.83
C3B CLA KM . 94.16 78.72 3.08
C4B CLA KM . 93.41 79.54 3.95
CMB CLA KM . 94.90 78.80 0.60
CAB CLA KM . 94.78 77.45 3.49
CBB CLA KM . 94.17 76.37 3.91
NC CLA KM . 91.57 81.23 5.58
C1C CLA KM . 92.22 80.08 6.01
C2C CLA KM . 91.79 79.68 7.36
C3C CLA KM . 90.83 80.58 7.76
C4C CLA KM . 90.67 81.53 6.67
CMC CLA KM . 92.31 78.54 8.17
CAC CLA KM . 90.09 80.63 9.06
CBC CLA KM . 90.68 81.62 10.04
ND CLA KM . 90.50 83.38 4.50
C1D CLA KM . 89.64 83.47 5.68
C2D CLA KM . 88.78 84.57 5.55
C3D CLA KM . 89.07 85.21 4.32
C4D CLA KM . 90.09 84.46 3.75
CMD CLA KM . 87.74 85.00 6.55
CAD CLA KM . 88.77 86.31 3.42
OBD CLA KM . 87.94 87.19 3.54
CBD CLA KM . 89.67 86.23 2.22
CGD CLA KM . 88.86 86.10 0.93
O1D CLA KM . 88.08 85.22 0.71
O2D CLA KM . 89.12 87.11 0.11
CED CLA KM . 88.43 87.08 -1.16
NB KC2 LM . 86.88 90.86 9.96
ND KC2 LM . 89.19 89.18 7.28
C1A KC2 LM . 87.65 91.64 5.87
C1B KC2 LM . 86.01 91.98 9.85
C1C KC2 LM . 88.24 88.51 11.20
C1D KC2 LM . 90.05 88.11 7.29
C2A KC2 LM . 86.90 92.73 5.33
C2B KC2 LM . 85.39 92.26 11.16
C2C KC2 LM . 88.90 87.38 11.79
C2D KC2 LM . 90.65 87.98 6.03
C3A KC2 LM . 86.09 93.21 6.31
C3B KC2 LM . 85.85 91.34 12.04
C3C KC2 LM . 89.70 86.84 10.82
C3D KC2 LM . 90.13 89.04 5.21
C4A KC2 LM . 86.35 92.44 7.49
C4B KC2 LM . 86.76 90.44 11.33
C4C KC2 LM . 89.55 87.60 9.61
C4D KC2 LM . 89.22 89.76 6.04
CAA KC2 LM . 87.01 93.25 3.97
CAB KC2 LM . 85.54 91.33 13.48
CAC KC2 LM . 90.58 85.68 11.01
CAD KC2 LM . 90.23 89.66 3.90
CBA KC2 LM . 86.67 92.65 2.85
CBB KC2 LM . 85.22 90.38 14.29
CBC KC2 LM . 91.87 85.65 10.92
CBD KC2 LM . 89.22 90.79 3.89
CED KC2 LM . 90.37 93.60 1.78
CGA KC2 LM . 86.80 93.21 1.49
CGD KC2 LM . 89.96 92.07 3.52
CHA KC2 LM . 88.62 90.81 5.30
CHB KC2 LM . 85.77 92.72 8.73
CHC KC2 LM . 87.38 89.36 11.91
CHD KC2 LM . 90.21 87.33 8.44
CMA KC2 LM . 85.10 94.32 6.20
CMB KC2 LM . 84.45 93.40 11.45
CMC KC2 LM . 88.72 86.91 13.19
CMD KC2 LM . 91.66 86.95 5.59
NA KC2 LM . 87.30 91.48 7.20
NC KC2 LM . 88.62 88.66 9.88
O1A KC2 LM . 86.77 92.50 0.50
O1D KC2 LM . 90.61 92.74 4.29
O2A KC2 LM . 86.97 94.51 1.43
O2D KC2 LM . 89.77 92.37 2.24
OBD KC2 LM . 90.98 89.37 2.96
MG KC2 LM . 88.08 90.07 8.48
NB KC2 MM . 79.46 92.49 2.97
ND KC2 MM . 75.61 92.86 2.37
C1A KC2 MM . 77.12 93.27 -0.44
C1B KC2 MM . 80.55 92.60 2.08
C1C KC2 MM . 78.04 92.21 5.59
C1D KC2 MM . 74.50 92.86 3.18
C2A KC2 MM . 77.87 93.53 -1.63
C2B KC2 MM . 81.83 92.41 2.80
C2C KC2 MM . 77.35 92.11 6.83
C2D KC2 MM . 73.36 93.09 2.40
C3A KC2 MM . 79.18 93.46 -1.30
C3B KC2 MM . 81.52 92.17 4.10
C3C KC2 MM . 76.03 92.30 6.58
C3D KC2 MM . 73.79 93.23 1.04
C4A KC2 MM . 79.27 93.14 0.08
C4B KC2 MM . 80.08 92.23 4.26
C4C KC2 MM . 75.85 92.48 5.17
C4D KC2 MM . 75.21 93.09 1.08
CAA KC2 MM . 77.31 93.79 -2.95
CAB KC2 MM . 82.46 91.93 5.21
CAC KC2 MM . 74.98 92.31 7.60
CAD KC2 MM . 73.34 93.46 -0.31
CBA KC2 MM . 77.26 92.94 -3.97
CBB KC2 MM . 83.32 90.97 5.34
CBC KC2 MM . 74.97 92.99 8.72
CBD KC2 MM . 74.57 93.49 -1.18
CED KC2 MM . 74.86 90.19 -2.83
CGA KC2 MM . 76.69 93.19 -5.31
CGD KC2 MM . 74.43 92.43 -2.28
CHA KC2 MM . 75.74 93.26 -0.22
CHB KC2 MM . 80.48 92.90 0.75
CHC KC2 MM . 79.44 92.13 5.46
CHD KC2 MM . 74.63 92.68 4.55
CMA KC2 MM . 80.34 93.75 -2.20
CMB KC2 MM . 83.20 92.51 2.21
CMC KC2 MM . 77.99 91.86 8.16
CMD KC2 MM . 71.94 93.17 2.87
NA KC2 MM . 77.99 93.04 0.60
NC KC2 MM . 77.14 92.42 4.56
O1A KC2 MM . 76.71 92.33 -6.17
O1D KC2 MM . 74.02 92.65 -3.38
O2A KC2 MM . 76.19 94.38 -5.49
O2D KC2 MM . 74.86 91.25 -1.85
OBD KC2 MM . 72.18 93.62 -0.71
MG KC2 MM . 77.45 92.64 2.54
MG CLA NM . 71.92 100.31 8.35
CHA CLA NM . 74.73 99.96 6.41
CHB CLA NM . 72.83 103.41 9.11
CHC CLA NM . 69.36 100.40 10.67
CHD CLA NM . 71.42 96.80 8.18
NA CLA NM . 73.44 101.43 7.81
C1A CLA NM . 74.53 101.18 6.97
C2A CLA NM . 75.47 102.36 6.80
C3A CLA NM . 74.82 103.43 7.65
C4A CLA NM . 73.62 102.73 8.25
CMA CLA NM . 75.78 103.97 8.70
CAA CLA NM . 75.62 102.83 5.35
CBA CLA NM . 76.81 103.78 5.16
NB CLA NM . 71.21 101.63 9.61
C1B CLA NM . 71.72 102.97 9.80
C2B CLA NM . 70.95 103.65 10.76
C3B CLA NM . 69.97 102.77 11.20
C4B CLA NM . 70.11 101.55 10.52
CMB CLA NM . 71.16 105.06 11.23
CAB CLA NM . 68.93 103.02 12.22
CBB CLA NM . 67.64 103.08 12.06
NC CLA NM . 70.68 98.98 9.15
C1C CLA NM . 69.65 99.21 10.07
C2C CLA NM . 68.90 98.00 10.40
C3C CLA NM . 69.47 96.99 9.67
C4C CLA NM . 70.57 97.56 8.93
CMC CLA NM . 67.76 97.84 11.37
CAC CLA NM . 69.05 95.54 9.62
CBC CLA NM . 69.96 94.63 10.40
ND CLA NM . 72.78 98.76 7.57
C1D CLA NM . 72.52 97.32 7.53
C2D CLA NM . 73.49 96.67 6.75
C3D CLA NM . 74.38 97.66 6.28
C4D CLA NM . 73.91 98.87 6.78
CMD CLA NM . 73.55 95.21 6.47
CAD CLA NM . 75.59 97.93 5.54
OBD CLA NM . 76.37 97.13 5.03
CBD CLA NM . 75.79 99.40 5.45
CGD CLA NM . 77.21 99.82 5.81
O1D CLA NM . 77.65 99.89 6.92
O2D CLA NM . 77.89 100.15 4.71
CED CLA NM . 79.16 100.83 4.93
MG CLA OM . 52.80 103.11 8.20
CHA CLA OM . 55.29 104.91 9.73
CHB CLA OM . 51.33 105.96 7.30
CHC CLA OM . 50.04 101.28 7.28
CHD CLA OM . 54.08 100.17 9.70
NA CLA OM . 53.29 104.99 8.39
C1A CLA OM . 54.39 105.60 8.98
C2A CLA OM . 54.50 107.08 8.73
C3A CLA OM . 53.22 107.39 7.97
C4A CLA OM . 52.56 106.04 7.88
CMA CLA OM . 52.38 108.44 8.69
CAA CLA OM . 55.75 107.43 7.90
CBA CLA OM . 56.03 106.65 6.61
CGA CLA OM . 57.51 106.58 6.30
O1A CLA OM . 58.13 107.45 5.75
O2A CLA OM . 58.03 105.43 6.73
NB CLA OM . 51.04 103.53 7.47
C1B CLA OM . 50.54 104.84 7.12
C2B CLA OM . 49.23 104.75 6.61
C3B CLA OM . 48.88 103.40 6.61
C4B CLA OM . 49.96 102.66 7.12
CMB CLA OM . 48.38 105.90 6.16
CAB CLA OM . 47.61 102.81 6.18
CBB CLA OM . 47.40 102.07 5.13
NC CLA OM . 52.24 101.22 8.38
C1C CLA OM . 51.08 100.63 7.88
C2C CLA OM . 51.01 99.20 8.19
C3C CLA OM . 52.13 98.89 8.91
C4C CLA OM . 52.90 100.11 9.03
CMC CLA OM . 49.94 98.23 7.76
CAC CLA OM . 52.47 97.57 9.54
CBC CLA OM . 53.33 96.70 8.64
ND CLA OM . 54.25 102.60 9.39
C1D CLA OM . 54.76 101.35 9.92
C2D CLA OM . 55.94 101.58 10.64
C3D CLA OM . 56.18 102.97 10.63
C4D CLA OM . 55.16 103.52 9.86
CMD CLA OM . 56.80 100.52 11.27
CAD CLA OM . 57.00 104.06 11.13
OBD CLA OM . 57.92 104.02 11.94
CBD CLA OM . 56.54 105.34 10.50
CGD CLA OM . 56.26 106.41 11.54
O1D CLA OM . 55.38 106.35 12.37
O2D CLA OM . 57.10 107.43 11.43
CED CLA OM . 56.88 108.56 12.30
C1 CLA OM . 59.46 105.27 6.47
C2 CLA OM . 59.89 103.85 6.68
C3 CLA OM . 60.21 103.33 7.86
C4 CLA OM . 60.13 104.09 9.16
C5 CLA OM . 60.71 101.91 7.98
C6 CLA OM . 59.61 100.90 8.28
C7 CLA OM . 58.90 100.41 7.04
C8 CLA OM . 57.52 99.77 7.25
C9 CLA OM . 57.60 98.47 8.03
C10 CLA OM . 56.82 99.58 5.91
C11 CLA OM . 55.42 98.99 5.97
C12 CLA OM . 54.63 99.17 4.68
C13 CLA OM . 53.15 98.78 4.75
C14 CLA OM . 52.99 97.28 4.87
C15 CLA OM . 52.36 99.35 3.56
C16 CLA OM . 50.84 99.38 3.72
C17 CLA OM . 50.14 100.06 2.56
C18 CLA OM . 48.64 99.87 2.50
NB KC2 PM . 59.77 80.97 -0.33
ND KC2 PM . 58.18 84.46 -1.13
C1A KC2 PM . 59.13 83.13 -3.90
C1B KC2 PM . 60.32 79.99 -1.20
C1C KC2 PM . 58.92 82.25 2.23
C1D KC2 PM . 57.64 85.48 -0.37
C2A KC2 PM . 59.57 82.47 -5.09
C2B KC2 PM . 60.82 78.85 -0.42
C2C KC2 PM . 58.49 82.87 3.44
C2D KC2 PM . 57.24 86.52 -1.21
C3A KC2 PM . 60.06 81.25 -4.72
C3B KC2 PM . 60.59 79.12 0.90
C3C KC2 PM . 57.99 84.11 3.11
C3D KC2 PM . 57.55 86.13 -2.55
C4A KC2 PM . 59.96 81.16 -3.30
C4B KC2 PM . 59.94 80.42 0.99
C4C KC2 PM . 58.06 84.26 1.69
C4D KC2 PM . 58.14 84.82 -2.45
CAA KC2 PM . 59.56 83.04 -6.43
CAB KC2 PM . 60.93 78.28 2.05
CAC KC2 PM . 57.52 85.11 4.06
CAD KC2 PM . 57.49 86.55 -3.93
CBA KC2 PM . 58.90 82.59 -7.47
CBB KC2 PM . 60.24 77.31 2.57
CBC KC2 PM . 56.62 84.98 4.98
CBD KC2 PM . 58.06 85.42 -4.74
CED KC2 PM . 55.89 85.41 -7.75
CGA KC2 PM . 58.91 83.20 -8.82
CGD KC2 PM . 56.99 84.94 -5.72
CHA KC2 PM . 58.49 84.36 -3.72
CHB KC2 PM . 60.42 80.07 -2.57
CHC KC2 PM . 59.54 80.99 2.16
CHD KC2 PM . 57.59 85.36 1.01
CMA KC2 PM . 60.60 80.18 -5.62
CMB KC2 PM . 61.47 77.62 -0.99
CMC KC2 PM . 58.52 82.25 4.80
CMD KC2 PM . 56.59 87.81 -0.80
NA KC2 PM . 59.37 82.31 -2.81
NC KC2 PM . 58.64 83.07 1.16
O1A KC2 PM . 58.43 82.61 -9.79
O1D KC2 PM . 56.37 83.91 -5.60
O2A KC2 PM . 59.48 84.37 -8.93
O2D KC2 PM . 56.83 85.80 -6.72
OBD KC2 PM . 57.05 87.61 -4.39
MG KC2 PM . 58.89 82.77 -0.86
MG CLA QM . 63.85 83.83 8.53
CHA CLA QM . 65.38 81.93 6.14
CHB CLA QM . 61.28 84.16 6.45
CHC CLA QM . 62.43 85.87 10.84
CHD CLA QM . 66.98 84.35 10.09
NA CLA QM . 63.43 83.08 6.81
C1A CLA QM . 64.05 82.13 6.05
C2A CLA QM . 63.09 81.50 5.10
C3A CLA QM . 62.39 82.78 4.69
C4A CLA QM . 62.33 83.41 6.06
CMA CLA QM . 63.10 83.63 3.64
CAA CLA QM . 62.23 80.56 5.97
CBA CLA QM . 62.06 79.13 5.49
CGA CLA QM . 61.64 78.22 6.60
O1A CLA QM . 62.35 77.46 7.19
O2A CLA QM . 60.34 78.39 6.90
NB CLA QM . 62.17 84.79 8.66
C1B CLA QM . 61.10 84.77 7.69
C2B CLA QM . 59.95 85.39 8.20
C3B CLA QM . 60.27 85.82 9.50
C4B CLA QM . 61.62 85.49 9.76
CMB CLA QM . 58.64 85.54 7.50
CAB CLA QM . 59.34 86.42 10.47
CBB CLA QM . 59.23 86.21 11.75
NC CLA QM . 64.53 84.84 10.07
C1C CLA QM . 63.76 85.60 10.95
C2C CLA QM . 64.59 86.15 12.03
C3C CLA QM . 65.88 85.73 11.81
C4C CLA QM . 65.87 84.94 10.61
CMC CLA QM . 64.13 87.02 13.16
CAC CLA QM . 67.09 86.01 12.66
CBC CLA QM . 67.95 87.11 12.10
ND CLA QM . 65.71 83.33 8.25
C1D CLA QM . 66.95 83.54 8.96
C2D CLA QM . 67.99 82.85 8.32
C3D CLA QM . 67.44 82.19 7.20
C4D CLA QM . 66.09 82.51 7.21
CMD CLA QM . 69.42 82.81 8.76
CAD CLA QM . 67.67 81.33 6.06
OBD CLA QM . 68.71 80.80 5.68
CBD CLA QM . 66.37 81.12 5.31
CGD CLA QM . 66.50 81.62 3.89
O1D CLA QM . 66.13 82.71 3.51
O2D CLA QM . 67.07 80.71 3.11
CED CLA QM . 67.23 81.09 1.71
C1 CLA QM . 59.90 77.85 8.18
C2 CLA QM . 59.76 76.37 8.10
C3 CLA QM . 59.48 75.56 9.12
C4 CLA QM . 59.37 74.07 8.97
C5 CLA QM . 59.24 76.09 10.52
C6 CLA QM . 60.51 76.20 11.35
C7 CLA QM . 60.24 76.68 12.77
MG CLA RM . 70.09 77.24 10.17
CHA CLA RM . 68.05 76.82 7.47
CHB CLA RM . 71.58 74.37 9.47
CHC CLA RM . 71.95 77.66 13.00
CHD CLA RM . 67.72 79.49 11.56
NA CLA RM . 69.89 75.97 8.73
C1A CLA RM . 69.09 75.97 7.59
C2A CLA RM . 69.51 74.92 6.60
C3A CLA RM . 70.14 73.91 7.51
C4A CLA RM . 70.58 74.78 8.65
CMA CLA RM . 69.21 72.79 7.95
CAA CLA RM . 70.51 75.52 5.61
CBA CLA RM . 70.53 74.81 4.25
CGA CLA RM . 69.44 75.29 3.33
O1A CLA RM . 69.48 76.30 2.69
O2A CLA RM . 68.41 74.44 3.32
NB CLA RM . 71.53 76.25 11.04
C1B CLA RM . 72.11 75.03 10.57
C2B CLA RM . 73.17 74.64 11.40
C3B CLA RM . 73.27 75.59 12.42
C4B CLA RM . 72.27 76.57 12.21
CMB CLA RM . 74.05 73.44 11.23
CAB CLA RM . 74.20 75.60 13.56
CBB CLA RM . 74.61 74.59 14.25
NC CLA RM . 69.92 78.33 11.81
C1C CLA RM . 70.84 78.43 12.83
C2C CLA RM . 70.44 79.38 13.84
C3C CLA RM . 69.22 79.87 13.47
C4C CLA RM . 68.88 79.24 12.22
CAC CLA RM . 68.38 80.87 14.21
CBC CLA RM . 68.34 82.22 13.53
ND CLA RM . 68.36 78.01 9.72
C1D CLA RM . 67.42 78.93 10.34
C2D CLA RM . 66.31 79.11 9.51
C3D CLA RM . 66.51 78.32 8.34
C4D CLA RM . 67.74 77.71 8.53
CMD CLA RM . 65.12 79.97 9.80
CAD CLA RM . 65.97 77.89 7.07
OBD CLA RM . 64.90 78.14 6.57
CBD CLA RM . 66.99 77.04 6.38
CGD CLA RM . 66.28 75.79 5.87
O1D CLA RM . 66.17 74.76 6.47
O2D CLA RM . 65.79 75.99 4.65
CED CLA RM . 65.10 74.87 4.05
MG CLA SM . 78.74 75.70 3.68
CHA CLA SM . 79.87 74.80 0.57
CHB CLA SM . 75.74 76.29 2.37
CHC CLA SM . 77.78 76.87 6.73
CHD CLA SM . 82.11 75.98 4.76
NA CLA SM . 77.99 75.45 1.90
C1A CLA SM . 78.53 74.95 0.73
C2A CLA SM . 77.53 74.67 -0.36
C3A CLA SM . 76.32 75.45 0.13
C4A CLA SM . 76.68 75.76 1.57
CMA CLA SM . 76.04 76.71 -0.67
CAA CLA SM . 77.36 73.15 -0.55
CBA CLA SM . 76.63 72.31 0.50
CGA CLA SM . 77.41 71.97 1.73
O1A CLA SM . 78.17 71.04 1.83
O2A CLA SM . 77.07 72.74 2.75
NB CLA SM . 77.10 76.44 4.41
C1B CLA SM . 75.86 76.64 3.72
C2B CLA SM . 74.88 77.14 4.60
C3B CLA SM . 75.47 77.25 5.84
C4B CLA SM . 76.81 76.85 5.74
CMB CLA SM . 73.46 77.50 4.23
CAB CLA SM . 74.81 77.69 7.08
CBB CLA SM . 73.97 77.02 7.81
NC CLA SM . 79.68 76.25 5.33
C1C CLA SM . 79.11 76.64 6.53
C2C CLA SM . 80.11 76.89 7.57
C3C CLA SM . 81.34 76.66 7.00
C4C CLA SM . 81.10 76.27 5.63
CMC CLA SM . 79.84 77.29 9.00
CAC CLA SM . 82.69 76.76 7.65
CBC CLA SM . 83.26 75.42 8.04
ND CLA SM . 80.53 75.48 2.94
C1D CLA SM . 81.88 75.60 3.46
C2D CLA SM . 82.81 75.28 2.45
C3D CLA SM . 82.08 74.94 1.29
C4D CLA SM . 80.74 75.09 1.64
CMD CLA SM . 84.30 75.27 2.60
CAD CLA SM . 82.12 74.54 -0.10
OBD CLA SM . 83.10 74.35 -0.81
CBD CLA SM . 80.73 74.36 -0.61
CGD CLA SM . 80.55 75.21 -1.86
O1D CLA SM . 79.95 74.88 -2.84
O2D CLA SM . 81.15 76.40 -1.72
CED CLA SM . 81.08 77.28 -2.85
C1 CLA SM . 76.73 72.08 4.00
C2 CLA SM . 75.59 72.90 4.45
C3 CLA SM . 74.58 72.61 5.26
C4 CLA SM . 73.50 73.60 5.59
C5 CLA SM . 74.42 71.25 5.89
C6 CLA SM . 73.69 71.27 7.24
C7 CLA SM . 73.71 69.95 7.98
C8 CLA SM . 73.57 70.09 9.50
C9 CLA SM . 74.94 70.10 10.18
C10 CLA SM . 72.64 69.04 10.09
C11 CLA SM . 71.15 69.32 9.96
C12 CLA SM . 70.29 68.29 10.69
C13 CLA SM . 68.77 68.46 10.60
C14 CLA SM . 68.25 68.29 9.18
C15 CLA SM . 68.33 69.80 11.19
MG CLA TM . 85.40 72.32 20.68
CHA CLA TM . 84.16 69.92 22.79
CHB CLA TM . 88.45 71.71 21.88
CHC CLA TM . 86.54 74.99 18.86
CHD CLA TM . 82.09 73.46 20.09
NA CLA TM . 86.11 71.02 21.94
C1A CLA TM . 85.50 70.00 22.65
C2A CLA TM . 86.46 69.02 23.27
C3A CLA TM . 87.72 69.86 23.33
C4A CLA TM . 87.43 70.94 22.32
CMA CLA TM . 88.05 70.42 24.71
CAA CLA TM . 86.58 67.76 22.39
CBA CLA TM . 86.53 67.93 20.86
CGA CLA TM . 85.15 67.84 20.29
O1A CLA TM . 84.54 68.76 19.81
O2A CLA TM . 84.68 66.60 20.36
NB CLA TM . 87.14 73.16 20.39
C1B CLA TM . 88.40 72.74 20.96
C2B CLA TM . 89.45 73.51 20.42
C3B CLA TM . 88.89 74.43 19.54
C4B CLA TM . 87.50 74.24 19.54
CMB CLA TM . 90.92 73.34 20.73
CAB CLA TM . 89.61 75.41 18.72
CBB CLA TM . 89.58 75.55 17.43
NC CLA TM . 84.55 73.82 19.71
C1C CLA TM . 85.19 74.80 18.96
C2C CLA TM . 84.23 75.70 18.31
C3C CLA TM . 82.97 75.28 18.67
C4C CLA TM . 83.14 74.13 19.54
CMC CLA TM . 84.58 76.82 17.38
CAC CLA TM . 81.65 75.87 18.25
CBC CLA TM . 81.03 75.15 17.08
ND CLA TM . 83.60 71.89 21.26
C1D CLA TM . 82.26 72.39 20.96
C2D CLA TM . 81.29 71.61 21.62
C3D CLA TM . 81.98 70.63 22.37
C4D CLA TM . 83.33 70.84 22.11
CMD CLA TM . 79.81 71.80 21.55
CAD CLA TM . 81.87 69.50 23.28
OBD CLA TM . 80.88 69.02 23.78
CBD CLA TM . 83.25 68.96 23.56
CGD CLA TM . 83.51 68.94 25.06
O1D CLA TM . 83.35 69.88 25.80
O2D CLA TM . 83.94 67.74 25.45
CED CLA TM . 84.25 67.59 26.86
MG CLA UM . 71.39 94.55 19.50
CHA CLA UM . 70.34 95.94 22.45
CHB CLA UM . 69.22 92.09 19.98
CHC CLA UM . 72.60 93.15 16.68
CHD CLA UM . 74.21 96.70 19.56
NA CLA UM . 70.02 94.23 20.83
C1A CLA UM . 69.57 94.98 21.89
C2A CLA UM . 68.21 94.58 22.36
C3A CLA UM . 68.24 93.11 22.00
C4A CLA UM . 69.22 93.12 20.86
CMA CLA UM . 68.69 92.18 23.13
CAA CLA UM . 67.12 95.39 21.66
CBA CLA UM . 67.14 95.56 20.13
CGA CLA UM . 68.04 96.65 19.62
O1A CLA UM . 67.88 97.83 19.83
O2A CLA UM . 69.04 96.15 18.89
NB CLA UM . 71.02 92.91 18.54
C1B CLA UM . 70.01 91.94 18.86
C2B CLA UM . 69.95 90.95 17.86
C3B CLA UM . 70.92 91.26 16.91
C4B CLA UM . 71.58 92.45 17.31
CMB CLA UM . 68.98 89.81 17.81
CAB CLA UM . 71.19 90.52 15.68
CBB CLA UM . 72.33 90.20 15.16
NC CLA UM . 72.98 94.86 18.40
C1C CLA UM . 73.24 94.24 17.19
C2C CLA UM . 74.37 94.87 16.51
C3C CLA UM . 74.84 95.87 17.32
C4C CLA UM . 74.02 95.87 18.50
CMC CLA UM . 74.89 94.52 15.15
CAC CLA UM . 75.94 96.84 17.00
CBC CLA UM . 77.30 96.24 17.17
ND CLA UM . 72.14 95.93 20.65
C1D CLA UM . 73.32 96.80 20.62
C2D CLA UM . 73.33 97.64 21.74
C3D CLA UM . 72.16 97.37 22.49
C4D CLA UM . 71.52 96.35 21.82
CMD CLA UM . 74.37 98.67 22.07
CAD CLA UM . 71.33 97.74 23.63
OBD CLA UM . 71.48 98.65 24.42
CBD CLA UM . 70.17 96.80 23.71
CGD CLA UM . 70.25 96.02 25.02
O1D CLA UM . 69.39 95.30 25.45
O2D CLA UM . 71.41 96.24 25.62
CED CLA UM . 71.62 95.54 26.87
C1 CLA UM . 69.95 97.09 18.23
C2 CLA UM . 69.46 97.34 16.85
C3 CLA UM . 70.22 97.55 15.78
C4 CLA UM . 69.66 97.79 14.40
C5 CLA UM . 71.73 97.57 15.87
NB KC2 VM . 56.24 100.82 17.37
ND KC2 VM . 58.88 99.04 19.62
C1A KC2 VM . 56.70 100.41 21.54
C1B KC2 VM . 55.13 101.62 17.72
C1C KC2 VM . 58.28 99.52 15.64
C1D KC2 VM . 60.05 98.35 19.37
C2A KC2 VM . 55.70 101.07 22.30
C2B KC2 VM . 54.45 102.10 16.52
C2C KC2 VM . 59.25 98.92 14.80
C2D KC2 VM . 60.61 97.97 20.58
C3A KC2 VM . 54.88 101.72 21.43
C3B KC2 VM . 55.13 101.61 15.46
C3C KC2 VM . 60.16 98.32 15.62
C3D KC2 VM . 59.74 98.46 21.62
C4A KC2 VM . 55.34 101.44 20.13
C4B KC2 VM . 56.25 100.84 15.95
C4C KC2 VM . 59.76 98.54 16.97
C4D KC2 VM . 58.67 99.11 20.96
CAA KC2 VM . 55.56 101.01 23.75
CAB KC2 VM . 54.77 101.77 14.05
CAC KC2 VM . 61.32 97.57 15.17
CAD KC2 VM . 59.58 98.57 23.04
CBA KC2 VM . 55.41 102.04 24.57
CBB KC2 VM . 53.74 101.24 13.45
CBC KC2 VM . 62.29 98.01 14.41
CBD KC2 VM . 58.25 99.15 23.29
CED KC2 VM . 56.47 97.09 25.80
CGA KC2 VM . 55.23 101.99 26.03
CGD KC2 VM . 57.42 98.00 23.86
CHA KC2 VM . 57.78 99.62 21.91
CHB KC2 VM . 54.70 101.91 18.97
CHC KC2 VM . 57.19 100.25 15.14
CHD KC2 VM . 60.46 98.11 18.07
CMA KC2 VM . 53.69 102.56 21.79
CMB KC2 VM . 53.21 102.95 16.48
CMC KC2 VM . 59.25 98.96 13.31
CMD KC2 VM . 61.86 97.19 20.78
NA KC2 VM . 56.46 100.64 20.20
NC KC2 VM . 58.57 99.29 16.94
O1A KC2 VM . 55.16 100.92 26.61
O1D KC2 VM . 56.95 97.12 23.21
O2A KC2 VM . 55.11 103.13 26.65
O2D KC2 VM . 57.27 98.12 25.16
OBD KC2 VM . 60.38 98.27 23.90
MG KC2 VM . 57.54 99.85 18.64
MG CLA WM . 62.58 76.66 18.45
CHA CLA WM . 60.08 77.72 20.55
CHB CLA WM . 63.76 74.76 20.91
CHC CLA WM . 65.25 75.93 16.44
CHD CLA WM . 61.86 79.40 16.31
NA CLA WM . 61.95 76.26 20.24
C1A CLA WM . 60.81 76.65 20.92
C2A CLA WM . 60.53 75.78 22.11
C3A CLA WM . 61.93 75.36 22.46
C4A CLA WM . 62.61 75.46 21.13
CMA CLA WM . 62.58 76.25 23.52
CAA CLA WM . 59.65 74.62 21.61
CBA CLA WM . 58.55 74.19 22.58
CGA CLA WM . 57.47 75.22 22.75
O1A CLA WM . 57.19 75.76 23.79
O2A CLA WM . 56.86 75.47 21.59
NB CLA WM . 64.16 75.53 18.61
C1B CLA WM . 64.52 74.72 19.75
C2B CLA WM . 65.69 73.99 19.48
C3B CLA WM . 66.10 74.32 18.18
C4B CLA WM . 65.19 75.26 17.65
CMB CLA WM . 66.37 73.03 20.41
CAB CLA WM . 67.26 73.81 17.45
CBB CLA WM . 67.26 73.02 16.40
NC CLA WM . 63.33 77.44 16.79
C1C CLA WM . 64.43 76.94 16.07
C2C CLA WM . 64.65 77.72 14.85
C3C CLA WM . 63.71 78.71 14.82
C4C CLA WM . 62.89 78.57 16.00
CMC CLA WM . 65.71 77.49 13.82
CAC CLA WM . 63.54 79.76 13.76
CBC CLA WM . 62.56 79.34 12.69
ND CLA WM . 61.37 78.18 18.39
C1D CLA WM . 61.11 79.28 17.46
C2D CLA WM . 60.03 80.05 17.91
C3D CLA WM . 59.58 79.49 19.13
C4D CLA WM . 60.40 78.40 19.35
CMD CLA WM . 59.45 81.25 17.22
CAD CLA WM . 58.67 79.60 20.25
OBD CLA WM . 57.86 80.48 20.50
CBD CLA WM . 58.85 78.41 21.15
CGD CLA WM . 59.01 78.85 22.59
O1D CLA WM . 58.34 78.47 23.51
O2D CLA WM . 60.00 79.73 22.71
CED CLA WM . 60.27 80.21 24.05
C A86 XM . 84.70 86.83 11.21
O A86 XM . 80.57 97.86 5.22
C1 A86 XM . 83.92 87.37 12.37
C10 A86 XM . 80.99 95.03 7.16
C11 A86 XM . 80.20 95.94 6.54
C12 A86 XM . 78.82 96.32 7.01
C13 A86 XM . 80.71 96.64 5.32
C14 A86 XM . 81.33 95.81 4.22
C15 A86 XM . 81.72 96.55 2.93
C16 A86 XM . 83.00 97.44 2.92
C17 A86 XM . 83.49 97.59 1.46
C18 A86 XM . 82.47 98.02 0.42
C19 A86 XM . 81.03 97.91 0.91
C2 A86 XM . 83.17 88.50 12.29
C20 A86 XM . 80.77 96.73 1.83
C21 A86 XM . 79.33 96.27 1.88
C22 A86 XM . 82.74 98.82 3.53
C23 A86 XM . 84.14 96.80 3.72
C24 A86 XM . 84.05 86.71 13.66
C25 A86 XM . 84.94 85.78 14.02
C26 A86 XM . 84.97 85.21 15.34
C27 A86 XM . 85.82 84.26 15.83
C28 A86 XM . 86.91 83.63 15.00
C29 A86 XM . 85.65 83.88 17.22
C3 A86 XM . 83.03 89.38 11.18
C30 A86 XM . 86.38 83.00 17.86
C31 A86 XM . 87.14 82.11 18.43
C32 A86 XM . 86.76 80.63 18.33
C33 A86 XM . 87.86 79.62 18.77
C34 A86 XM . 89.23 80.29 18.80
C35 A86 XM . 89.17 81.46 19.76
C36 A86 XM . 88.39 82.62 19.14
C37 A86 XM . 88.06 83.67 20.21
C38 A86 XM . 90.82 78.69 20.02
C39 A86 XM . 89.75 78.49 21.04
C4 A86 XM . 82.22 90.47 11.19
C40 A86 XM . 85.54 80.34 19.21
C41 A86 XM . 86.40 80.27 16.88
C5 A86 XM . 82.12 91.36 10.08
C6 A86 XM . 81.30 92.45 9.94
C7 A86 XM . 80.29 92.85 10.97
C8 A86 XM . 81.48 93.29 8.77
C9 A86 XM . 80.70 94.29 8.33
O1 A86 XM . 81.75 95.66 1.76
O2 A86 XM . 82.72 99.39 0.07
O3 A86 XM . 89.26 83.21 18.17
O4 A86 XM . 90.44 79.46 18.94
O5 A86 XM . 91.93 78.22 20.11
C A86 YM . 64.07 100.07 16.49
O A86 YM . 67.36 90.89 9.97
C1 A86 YM . 64.34 99.22 17.71
C10 A86 YM . 68.28 92.37 12.12
C11 A86 YM . 68.97 91.36 11.61
C12 A86 YM . 70.07 90.59 12.29
C13 A86 YM . 68.55 90.93 10.24
C14 A86 YM . 69.61 90.60 9.21
C15 A86 YM . 69.21 90.68 7.72
C16 A86 YM . 68.17 89.65 7.16
C17 A86 YM . 68.69 89.11 5.82
C18 A86 YM . 68.99 90.19 4.78
C19 A86 YM . 70.08 91.11 5.29
C2 A86 YM . 64.88 97.97 17.64
C20 A86 YM . 70.02 91.46 6.76
C21 A86 YM . 71.26 92.24 7.13
C22 A86 YM . 67.98 88.46 8.11
C23 A86 YM . 66.80 90.28 6.94
C24 A86 YM . 63.98 99.76 19.01
C25 A86 YM . 63.19 100.81 19.28
C26 A86 YM . 62.90 101.24 20.61
C27 A86 YM . 62.02 102.21 21.00
C28 A86 YM . 61.19 103.00 20.03
C29 A86 YM . 61.91 102.46 22.41
C3 A86 YM . 65.25 97.24 16.47
C30 A86 YM . 61.37 103.54 22.92
C31 A86 YM . 60.79 104.60 23.39
C32 A86 YM . 59.39 104.54 23.91
C33 A86 YM . 59.13 105.73 24.85
C34 A86 YM . 59.38 107.10 24.26
C35 A86 YM . 60.46 107.04 23.20
C36 A86 YM . 61.50 105.94 23.44
C37 A86 YM . 62.63 106.03 22.42
C38 A86 YM . 58.08 108.83 23.19
C39 A86 YM . 56.78 109.11 22.53
C4 A86 YM . 65.94 96.09 16.50
C40 A86 YM . 58.39 104.50 22.75
C41 A86 YM . 59.19 103.29 24.76
C5 A86 YM . 66.30 95.38 15.31
C6 A86 YM . 67.11 94.29 15.19
C7 A86 YM . 67.79 93.64 16.35
C8 A86 YM . 67.34 93.76 13.86
C9 A86 YM . 68.18 92.78 13.48
O1 A86 YM . 68.78 92.01 7.30
O2 A86 YM . 69.43 89.56 3.58
O3 A86 YM . 62.03 106.15 24.75
O4 A86 YM . 58.15 107.54 23.61
O5 A86 YM . 58.97 109.60 23.35
C A86 ZM . 61.03 81.75 9.89
O A86 ZM . 52.67 79.65 2.12
C1 A86 ZM . 60.03 82.29 10.88
C10 A86 ZM . 52.75 80.92 4.60
C11 A86 ZM . 51.62 80.37 4.10
C12 A86 ZM . 50.39 80.05 4.89
C13 A86 ZM . 51.63 80.02 2.64
C14 A86 ZM . 50.35 80.12 1.84
C15 A86 ZM . 50.43 79.57 0.40
C16 A86 ZM . 50.46 78.04 0.17
C17 A86 ZM . 51.77 77.69 -0.57
C18 A86 ZM . 51.98 78.36 -1.91
C19 A86 ZM . 51.36 79.74 -2.02
C2 A86 ZM . 58.70 82.38 10.62
C20 A86 ZM . 50.98 80.39 -0.69
C21 A86 ZM . 51.55 81.77 -0.47
C22 A86 ZM . 50.42 77.24 1.48
C23 A86 ZM . 49.26 77.59 -0.67
C24 A86 ZM . 60.52 82.78 12.16
C25 A86 ZM . 61.78 82.82 12.60
C26 A86 ZM . 62.15 83.37 13.87
C27 A86 ZM . 63.40 83.57 14.37
C28 A86 ZM . 64.65 83.20 13.62
C29 A86 ZM . 63.52 84.18 15.65
C3 A86 ZM . 58.02 82.06 9.40
C30 A86 ZM . 64.51 83.92 16.46
C31 A86 ZM . 65.51 83.60 17.23
C32 A86 ZM . 65.59 82.26 17.85
C33 A86 ZM . 66.98 81.68 17.62
C34 A86 ZM . 68.17 82.59 17.78
C35 A86 ZM . 67.74 83.95 18.32
C36 A86 ZM . 66.61 84.60 17.51
C37 A86 ZM . 66.10 85.84 18.24
C38 A86 ZM . 70.31 81.98 18.94
C39 A86 ZM . 70.96 82.83 17.91
C4 A86 ZM . 56.68 82.20 9.23
C40 A86 ZM . 65.11 82.30 19.30
C41 A86 ZM . 64.70 81.26 17.09
C5 A86 ZM . 56.03 81.89 8.00
C6 A86 ZM . 54.70 81.90 7.72
C7 A86 ZM . 53.65 82.24 8.75
C8 A86 ZM . 54.27 81.57 6.38
C9 A86 ZM . 53.05 81.20 5.96
O1 A86 ZM . 49.54 80.29 -0.50
O2 A86 ZM . 53.39 78.48 -2.16
O3 A86 ZM . 67.19 85.01 16.27
O4 A86 ZM . 68.95 81.91 18.82
O5 A86 ZM . 70.90 81.40 19.81
C A86 AN . 70.52 73.06 13.30
O A86 AN . 61.91 72.38 3.46
C1 A86 AN . 69.72 74.26 13.75
C10 A86 AN . 63.22 72.74 6.76
C11 A86 AN . 62.38 72.93 5.70
C12 A86 AN . 61.33 74.00 5.67
C13 A86 AN . 62.50 72.06 4.48
C14 A86 AN . 63.35 70.82 4.52
C15 A86 AN . 63.31 69.95 3.26
C16 A86 AN . 64.32 70.24 2.12
C17 A86 AN . 63.61 70.04 0.76
C18 A86 AN . 62.84 68.74 0.63
C19 A86 AN . 61.72 68.67 1.67
C2 A86 AN . 68.60 74.68 13.12
C20 A86 AN . 62.19 69.01 3.07
C21 A86 AN . 61.07 68.87 4.08
C22 A86 AN . 64.84 71.68 2.18
C23 A86 AN . 65.53 69.31 2.22
C24 A86 AN . 70.10 74.91 15.00
C25 A86 AN . 70.87 74.41 15.98
C26 A86 AN . 71.20 75.12 17.16
C27 A86 AN . 71.95 74.70 18.21
C28 A86 AN . 72.59 73.34 18.26
C29 A86 AN . 72.12 75.59 19.31
C3 A86 AN . 67.94 74.06 12.01
C30 A86 AN . 72.24 75.19 20.55
C31 A86 AN . 72.34 74.84 21.80
C32 A86 AN . 71.18 74.31 22.57
C33 A86 AN . 71.56 73.03 23.35
C34 A86 AN . 73.03 72.86 23.67
C35 A86 AN . 73.68 74.22 23.80
C36 A86 AN . 73.67 75.02 22.50
C37 A86 AN . 73.98 76.48 22.75
C38 A86 AN . 73.07 70.94 25.29
C39 A86 AN . 72.80 70.10 24.08
C4 A86 AN . 66.85 74.57 11.42
C40 A86 AN . 70.60 75.39 23.49
C41 A86 AN . 70.06 73.85 21.62
C5 A86 AN . 66.20 73.92 10.34
C6 A86 AN . 65.07 74.29 9.69
C7 A86 AN . 64.29 75.54 10.02
C8 A86 AN . 64.56 73.43 8.64
C9 A86 AN . 63.64 73.70 7.71
O1 A86 AN . 63.49 68.52 3.54
O2 A86 AN . 62.27 68.66 -0.68
O3 A86 AN . 74.69 74.46 21.67
O4 A86 AN . 73.17 72.28 25.01
O5 A86 AN . 73.17 70.51 26.40
C A86 BN . 77.37 77.21 12.86
O A86 BN . 69.87 86.94 17.85
C1 A86 BN . 76.36 77.35 11.77
C10 A86 BN . 72.17 85.08 15.99
C11 A86 BN . 71.39 86.15 16.25
C12 A86 BN . 70.85 87.05 15.17
C13 A86 BN . 70.99 86.48 17.65
C14 A86 BN . 71.95 86.24 18.78
C15 A86 BN . 71.79 87.10 20.04
C16 A86 BN . 70.81 86.64 21.17
C17 A86 BN . 71.18 87.38 22.48
C18 A86 BN . 71.47 88.87 22.43
C19 A86 BN . 71.50 89.42 21.02
C2 A86 BN . 75.41 78.32 11.76
C20 A86 BN . 72.21 88.52 20.04
C21 A86 BN . 72.80 89.19 18.82
C22 A86 BN . 69.34 86.93 20.81
C23 A86 BN . 70.92 85.14 21.43
C24 A86 BN . 76.39 76.40 10.66
C25 A86 BN . 77.17 75.33 10.52
C26 A86 BN . 77.10 74.47 9.37
C27 A86 BN . 77.86 73.38 9.09
C28 A86 BN . 78.94 72.86 10.00
C29 A86 BN . 77.63 72.72 7.84
C3 A86 BN . 75.18 79.35 12.73
C30 A86 BN . 78.44 71.81 7.36
C31 A86 BN . 79.26 70.89 6.95
C32 A86 BN . 78.99 69.42 7.16
C33 A86 BN . 80.18 68.79 7.88
C34 A86 BN . 81.51 69.07 7.24
C35 A86 BN . 81.70 70.57 7.09
C36 A86 BN . 80.59 71.24 6.29
C37 A86 BN . 80.82 72.75 6.22
C38 A86 BN . 83.08 67.41 8.30
C39 A86 BN . 82.49 66.43 7.33
C4 A86 BN . 74.22 80.29 12.60
C40 A86 BN . 77.80 69.23 8.12
C41 A86 BN . 78.66 68.73 5.83
C5 A86 BN . 73.99 81.31 13.56
C6 A86 BN . 73.10 82.33 13.50
C7 A86 BN . 72.16 82.54 12.35
C8 A86 BN . 73.02 83.25 14.63
C9 A86 BN . 72.13 84.23 14.86
O1 A86 BN . 73.06 87.49 20.65
O2 A86 BN . 70.46 89.57 23.18
O3 A86 BN . 80.65 70.70 4.97
O4 A86 BN . 82.58 68.67 8.18
O5 A86 BN . 83.92 67.13 9.11
C A86 CN . 80.83 69.98 15.16
O A86 CN . 87.17 78.95 9.66
C1 A86 CN . 81.50 70.57 16.37
C10 A86 CN . 87.05 76.17 10.64
C11 A86 CN . 88.09 76.83 10.11
C12 A86 CN . 89.53 76.53 10.40
C13 A86 CN . 87.79 77.99 9.22
C14 A86 CN . 88.28 77.96 7.79
C15 A86 CN . 87.23 77.59 6.73
C16 A86 CN . 87.39 76.29 5.87
C17 A86 CN . 87.49 76.67 4.38
C18 A86 CN . 86.85 77.98 3.93
C19 A86 CN . 85.73 78.40 4.87
C2 A86 CN . 82.45 71.54 16.28
C20 A86 CN . 86.25 78.60 6.28
C21 A86 CN . 86.19 80.02 6.77
C22 A86 CN . 88.65 75.48 6.24
C23 A86 CN . 86.19 75.34 6.07
C24 A86 CN . 81.09 70.12 17.69
C25 A86 CN . 80.09 69.27 17.99
C26 A86 CN . 79.78 68.90 19.35
C27 A86 CN . 78.92 67.94 19.78
C28 A86 CN . 78.14 67.03 18.87
C29 A86 CN . 78.73 67.80 21.21
C3 A86 CN . 82.95 72.19 15.10
C30 A86 CN . 77.90 66.95 21.78
C31 A86 CN . 77.13 66.12 22.40
C32 A86 CN . 76.39 66.50 23.66
C33 A86 CN . 74.92 65.99 23.66
C34 A86 CN . 74.64 64.85 22.70
C35 A86 CN . 75.86 63.97 22.57
C36 A86 CN . 77.02 64.69 21.88
C37 A86 CN . 78.32 63.92 22.05
C38 A86 CN . 72.31 64.48 23.18
C39 A86 CN . 71.36 63.52 23.81
C4 A86 CN . 84.03 73.00 15.08
C40 A86 CN . 77.13 66.01 24.90
C41 A86 CN . 76.25 68.03 23.76
C5 A86 CN . 84.50 73.64 13.88
C6 A86 CN . 85.62 74.37 13.70
C7 A86 CN . 86.64 74.62 14.79
C8 A86 CN . 85.85 74.98 12.39
C9 A86 CN . 86.97 75.59 11.94
O1 A86 CN . 85.87 77.59 7.27
O2 A86 CN . 87.84 79.00 3.91
O3 A86 CN . 76.68 64.73 20.49
O4 A86 CN . 73.58 64.03 23.27
O5 A86 CN . 72.02 65.52 22.67
C A86 DN . 88.10 95.18 13.25
O A86 DN . 87.70 88.14 24.03
C1 A86 DN . 88.52 93.90 12.55
C10 A86 DN . 87.27 89.00 20.81
C11 A86 DN . 87.01 88.08 21.76
C12 A86 DN . 86.83 86.61 21.53
C13 A86 DN . 86.92 88.56 23.18
C14 A86 DN . 85.86 89.59 23.47
C15 A86 DN . 85.15 89.50 24.84
C16 A86 DN . 83.62 89.15 24.87
C17 A86 DN . 82.98 89.71 26.16
C18 A86 DN . 83.79 89.51 27.43
C19 A86 DN . 85.07 90.31 27.33
C2 A86 DN . 88.64 92.72 13.19
C20 A86 DN . 85.82 90.00 26.06
C21 A86 DN . 87.18 90.66 25.99
C22 A86 DN . 82.86 89.75 23.69
C23 A86 DN . 83.41 87.63 24.82
C24 A86 DN . 88.79 93.97 11.12
C25 A86 DN . 88.56 95.00 10.27
C26 A86 DN . 88.87 94.95 8.87
C27 A86 DN . 88.63 95.89 7.92
C28 A86 DN . 87.97 97.21 8.19
C29 A86 DN . 89.03 95.60 6.57
C3 A86 DN . 88.44 92.44 14.58
C30 A86 DN . 89.20 96.51 5.64
C31 A86 DN . 89.38 97.46 4.77
C32 A86 DN . 88.24 98.17 4.12
C33 A86 DN . 88.69 99.59 3.71
C34 A86 DN . 89.68 100.15 4.70
C35 A86 DN . 90.98 99.37 4.64
C36 A86 DN . 90.80 97.87 4.39
C37 A86 DN . 91.14 97.50 2.95
C38 A86 DN . 89.09 102.49 4.65
C39 A86 DN . 89.54 103.82 4.17
C4 A86 DN . 88.36 91.19 15.10
C40 A86 DN . 87.74 97.37 2.90
C41 A86 DN . 87.08 98.35 5.10
C5 A86 DN . 88.14 90.96 16.50
C6 A86 DN . 87.89 89.79 17.13
C7 A86 DN . 87.79 88.46 16.42
C8 A86 DN . 87.67 89.82 18.58
C9 A86 DN . 87.45 88.80 19.41
O1 A86 DN . 85.81 88.57 25.75
O2 A86 DN . 83.03 89.96 28.55
O3 A86 DN . 91.70 97.22 5.27
O4 A86 DN . 89.97 101.53 4.30
O5 A86 DN . 88.07 102.27 5.25
C DD6 EN . 54.97 106.07 15.97
C1 DD6 EN . 55.34 105.33 17.22
C10 DD6 EN . 63.21 102.21 12.65
C11 DD6 EN . 64.10 101.36 12.08
C12 DD6 EN . 64.31 99.97 12.57
C13 DD6 EN . 64.78 101.78 10.90
C14 DD6 EN . 64.75 101.15 9.74
C15 DD6 EN . 65.48 101.46 8.46
C16 DD6 EN . 65.89 102.77 8.01
C17 DD6 EN . 67.31 102.70 7.40
C18 DD6 EN . 67.68 101.44 6.63
C19 DD6 EN . 66.43 100.70 6.20
C2 DD6 EN . 56.43 104.55 17.28
C20 DD6 EN . 65.58 100.42 7.40
C21 DD6 EN . 64.64 99.25 7.31
C22 DD6 EN . 64.88 103.09 6.91
C23 DD6 EN . 65.87 103.93 9.00
C24 DD6 EN . 54.46 105.51 18.36
C25 DD6 EN . 53.26 106.10 18.29
C26 DD6 EN . 52.36 106.33 19.33
C27 DD6 EN . 51.13 106.87 19.17
C28 DD6 EN . 50.56 107.19 17.82
C29 DD6 EN . 50.34 107.26 20.29
C3 DD6 EN . 57.38 104.36 16.23
C30 DD6 EN . 49.66 107.79 21.10
C31 DD6 EN . 48.84 108.54 22.00
C32 DD6 EN . 47.54 107.90 22.50
C33 DD6 EN . 47.13 108.61 23.81
C34 DD6 EN . 48.30 109.13 24.62
C35 DD6 EN . 49.00 110.20 23.82
C36 DD6 EN . 49.21 109.77 22.39
C37 DD6 EN . 49.87 110.78 21.50
C4 DD6 EN . 58.38 103.48 16.24
C40 DD6 EN . 46.45 108.05 21.44
C41 DD6 EN . 47.76 106.43 22.81
C5 DD6 EN . 59.30 103.38 15.18
C6 DD6 EN . 60.37 102.55 15.09
C7 DD6 EN . 60.70 101.54 16.14
C8 DD6 EN . 61.29 102.72 13.99
C9 DD6 EN . 62.35 101.95 13.73
O1 DD6 EN . 66.44 100.47 8.56
O2 DD6 EN . 68.46 101.79 5.49
O4 DD6 EN . 47.83 109.67 25.86
C1 LMG FN . 53.71 102.66 27.86
O1 LMG FN . 54.44 103.88 27.93
C2 LMG FN . 54.68 101.55 27.57
O2 LMG FN . 54.39 100.94 26.31
C3 LMG FN . 54.56 100.52 28.68
O3 LMG FN . 54.89 101.12 29.92
C4 LMG FN . 53.13 100.08 28.72
O4 LMG FN . 53.01 98.99 29.65
C5 LMG FN . 52.28 101.26 29.16
O5 LMG FN . 51.14 102.29 31.02
C6 LMG FN . 51.77 101.08 30.57
O6 LMG FN . 53.06 102.46 29.10
C7 LMG FN . 53.64 105.00 27.62
C8 LMG FN . 53.77 105.28 26.13
C9 LMG FN . 55.24 105.46 25.77
O7 LMG FN . 53.25 104.18 25.41
C10 LMG FN . 51.83 104.36 25.21
O9 LMG FN . 51.45 105.14 24.36
C11 LMG FN . 50.85 103.59 26.04
C12 LMG FN . 49.83 102.95 25.11
C13 LMG FN . 50.53 102.24 23.95
C14 LMG FN . 50.19 102.90 22.62
C15 LMG FN . 49.84 101.84 21.60
C16 LMG FN . 50.47 102.14 20.25
C17 LMG FN . 49.43 102.15 19.14
C18 LMG FN . 49.70 103.29 18.18
C19 LMG FN . 49.44 102.85 16.75
C20 LMG FN . 49.32 104.06 15.83
O8 LMG FN . 55.33 106.49 24.81
C28 LMG FN . 54.81 106.26 23.48
O10 LMG FN . 54.40 105.15 23.19
C29 LMG FN . 54.75 107.37 22.47
C30 LMG FN . 55.23 106.85 21.13
C1 LMG GN . 75.27 40.58 28.15
O1 LMG GN . 74.74 41.55 27.25
C2 LMG GN . 75.80 41.41 29.34
O2 LMG GN . 77.19 41.41 29.17
C3 LMG GN . 75.47 40.63 30.64
O3 LMG GN . 74.14 40.98 30.97
C4 LMG GN . 75.57 39.11 30.39
O4 LMG GN . 75.25 38.44 31.57
C5 LMG GN . 74.50 38.73 29.32
O5 LMG GN . 73.20 38.80 31.28
C6 LMG GN . 73.24 38.19 30.03
O6 LMG GN . 74.13 39.85 28.56
C7 LMG GN . 75.28 41.60 25.93
C8 LMG GN . 76.42 42.68 25.99
C9 LMG GN . 77.37 42.60 24.77
O7 LMG GN . 75.79 43.94 25.87
C10 LMG GN . 76.31 45.02 26.51
O9 LMG GN . 75.80 45.38 27.56
C11 LMG GN . 77.28 45.82 25.68
C12 LMG GN . 76.71 46.21 24.31
C13 LMG GN . 77.78 46.65 23.32
C14 LMG GN . 78.33 45.41 22.62
C15 LMG GN . 79.46 45.81 21.68
C16 LMG GN . 80.29 44.59 21.28
C17 LMG GN . 81.61 45.11 20.74
C18 LMG GN . 82.38 43.96 20.10
C19 LMG GN . 83.65 43.75 20.90
O8 LMG GN . 77.52 41.26 24.36
C28 LMG GN . 78.23 41.07 23.21
O10 LMG GN . 77.99 41.77 22.24
C29 LMG GN . 79.47 40.26 23.42
C30 LMG GN . 80.33 40.24 22.17
C31 LMG GN . 81.06 38.92 22.16
C32 LMG GN . 82.29 39.01 21.24
C33 LMG GN . 82.26 37.80 20.33
C34 LMG GN . 83.53 37.77 19.53
C35 LMG GN . 83.48 36.48 18.71
MG CLA HN . 113.25 19.48 5.98
CHA CLA HN . 111.40 22.06 4.74
CHB CLA HN . 114.97 19.43 3.13
CHC CLA HN . 114.76 16.63 7.10
CHD CLA HN . 110.84 19.07 8.56
NA CLA HN . 113.27 20.62 4.42
C1A CLA HN . 112.54 21.76 4.10
C2A CLA HN . 113.11 22.55 2.96
C3A CLA HN . 113.97 21.51 2.27
C4A CLA HN . 114.09 20.44 3.33
CMA CLA HN . 113.37 20.98 0.97
CAA CLA HN . 113.88 23.72 3.58
CBA CLA HN . 113.54 25.09 2.98
CGA CLA HN . 113.80 25.18 1.51
O1A CLA HN . 113.25 25.94 0.76
O2A CLA HN . 114.74 24.31 1.12
NB CLA HN . 114.58 18.26 5.26
C1B CLA HN . 115.24 18.36 3.98
C2B CLA HN . 116.13 17.29 3.79
C3B CLA HN . 116.06 16.50 4.95
C4B CLA HN . 115.13 17.08 5.83
CMB CLA HN . 117.00 17.05 2.59
CAB CLA HN . 116.81 15.27 5.22
CBB CLA HN . 117.74 15.07 6.13
NC CLA HN . 112.93 18.22 7.47
C1C CLA HN . 113.72 17.14 7.81
C2C CLA HN . 113.28 16.53 9.07
C3C CLA HN . 112.18 17.23 9.50
C4C CLA HN . 111.93 18.25 8.52
CMC CLA HN . 113.89 15.34 9.76
CAC CLA HN . 111.42 17.07 10.79
CBC CLA HN . 110.14 16.30 10.62
ND CLA HN . 111.56 20.27 6.54
C1D CLA HN . 110.61 20.05 7.62
C2D CLA HN . 109.55 20.97 7.52
C3D CLA HN . 109.80 21.81 6.41
C4D CLA HN . 111.01 21.34 5.87
CMD CLA HN . 108.36 21.04 8.43
CAD CLA HN . 109.38 22.93 5.62
OBD CLA HN . 108.39 23.64 5.76
CBD CLA HN . 110.36 23.16 4.51
CGD CLA HN . 109.71 23.07 3.14
O1D CLA HN . 109.35 22.05 2.62
O2D CLA HN . 109.60 24.27 2.58
CED CLA HN . 109.15 24.31 1.22
NB KC2 IN . 107.01 26.34 12.71
ND KC2 IN . 109.67 25.02 10.16
C1A KC2 IN . 108.05 27.44 8.78
C1B KC2 IN . 106.10 27.43 12.63
C1C KC2 IN . 108.38 23.96 13.89
C1D KC2 IN . 110.61 24.02 10.19
C2A KC2 IN . 107.26 28.50 8.23
C2B KC2 IN . 105.35 27.57 13.90
C2C KC2 IN . 109.02 22.81 14.44
C2D KC2 IN . 111.35 24.06 9.00
C3A KC2 IN . 106.36 28.87 9.18
C3B KC2 IN . 105.77 26.57 14.73
C3C KC2 IN . 109.94 22.40 13.52
C3D KC2 IN . 110.84 25.14 8.22
C4A KC2 IN . 106.59 28.06 10.33
C4B KC2 IN . 106.78 25.79 14.03
C4C KC2 IN . 109.88 23.26 12.38
C4D KC2 IN . 109.76 25.71 8.98
CAA KC2 IN . 107.40 29.06 6.89
CAB KC2 IN . 105.30 26.29 16.08
CAC KC2 IN . 110.85 21.26 13.70
CAD KC2 IN . 111.02 25.88 6.99
CBA KC2 IN . 107.61 30.33 6.60
CBB KC2 IN . 105.96 26.42 17.20
CBC KC2 IN . 112.15 21.28 13.79
CBD KC2 IN . 109.89 26.90 6.93
CED KC2 IN . 111.79 29.57 5.19
CGA KC2 IN . 107.75 30.94 5.26
CGD KC2 IN . 110.52 28.26 6.70
CHA KC2 IN . 109.15 26.75 8.27
CHB KC2 IN . 105.89 28.23 11.54
CHC KC2 IN . 107.40 24.69 14.57
CHD KC2 IN . 110.69 23.15 11.28
CMA KC2 IN . 105.32 29.94 9.07
CMB KC2 IN . 104.37 28.65 14.24
CMC KC2 IN . 108.73 22.21 15.79
CMD KC2 IN . 112.49 23.16 8.61
NA KC2 IN . 107.61 27.18 10.06
NC KC2 IN . 108.87 24.23 12.63
O1A KC2 IN . 108.30 30.33 4.35
O1D KC2 IN . 110.47 29.18 7.48
O2A KC2 IN . 107.25 32.13 5.12
O2D KC2 IN . 111.13 28.32 5.52
OBD KC2 IN . 111.91 25.76 6.15
MG KC2 IN . 108.38 25.73 11.30
NB KC2 JN . 99.58 28.13 5.80
ND KC2 JN . 95.76 28.53 5.02
C1A KC2 JN . 97.42 29.06 2.31
C1B KC2 JN . 100.71 28.26 4.95
C1C KC2 JN . 98.04 27.80 8.33
C1D KC2 JN . 94.62 28.51 5.78
C2A KC2 JN . 98.21 29.33 1.16
C2B KC2 JN . 101.95 28.03 5.72
C2C KC2 JN . 97.29 27.70 9.54
C2D KC2 JN . 93.51 28.74 4.95
C3A KC2 JN . 99.53 29.16 1.52
C3B KC2 JN . 101.57 27.77 7.00
C3C KC2 JN . 95.99 27.93 9.24
C3D KC2 JN . 94.02 28.92 3.62
C4A KC2 JN . 99.54 28.80 2.90
C4B KC2 JN . 100.13 27.84 7.09
C4C KC2 JN . 95.86 28.13 7.83
C4D KC2 JN . 95.44 28.79 3.72
CAA KC2 JN . 97.71 29.82 -0.12
CAB KC2 JN . 102.46 27.47 8.12
CAC KC2 JN . 94.95 28.06 10.27
CAD KC2 JN . 93.63 29.19 2.23
CBA KC2 JN . 97.83 29.24 -1.30
CBB KC2 JN . 103.45 26.66 8.15
CBC KC2 JN . 93.80 27.49 10.34
CBD KC2 JN . 94.92 29.23 1.44
CED KC2 JN . 94.69 27.69 -1.91
CGA KC2 JN . 97.29 29.76 -2.56
CGD KC2 JN . 94.93 28.13 0.38
CHA KC2 JN . 96.04 29.02 2.46
CHB KC2 JN . 100.71 28.57 3.62
CHC KC2 JN . 99.44 27.71 8.26
CHD KC2 JN . 94.68 28.31 7.16
CMA KC2 JN . 100.73 29.27 0.63
CMB KC2 JN . 103.34 28.10 5.18
CMC KC2 JN . 97.87 27.41 10.90
CMD KC2 JN . 92.07 28.81 5.35
NA KC2 JN . 98.24 28.75 3.37
NC KC2 JN . 97.19 28.05 7.28
O1A KC2 JN . 97.15 29.05 -3.55
O1D KC2 JN . 95.28 26.99 0.58
O2A KC2 JN . 96.97 31.03 -2.57
O2D KC2 JN . 94.53 28.59 -0.79
OBD KC2 JN . 92.50 29.38 1.77
MG KC2 JN . 97.59 28.31 5.28
MG CLA KN . 90.96 35.14 10.95
CHA CLA KN . 94.31 34.84 10.31
CHB CLA KN . 90.66 31.84 10.79
CHC CLA KN . 87.65 35.54 11.59
CHD CLA KN . 91.04 38.44 9.66
NA CLA KN . 92.23 33.70 10.66
C1A CLA KN . 93.61 33.70 10.52
C2A CLA KN . 94.19 32.31 10.62
C3A CLA KN . 93.01 31.52 10.07
C4A CLA KN . 91.87 32.39 10.52
CMA CLA KN . 93.03 31.34 8.55
CAA CLA KN . 94.50 32.03 12.10
CBA CLA KN . 96.00 31.88 12.38
CGA CLA KN . 96.30 31.70 13.84
O1A CLA KN . 96.60 32.58 14.60
O2A CLA KN . 96.21 30.42 14.20
NB CLA KN . 89.47 33.92 11.22
C1B CLA KN . 89.50 32.48 11.20
C2B CLA KN . 88.25 31.96 11.55
C3B CLA KN . 87.39 33.04 11.77
C4B CLA KN . 88.12 34.23 11.56
CMB CLA KN . 87.90 30.50 11.66
CAB CLA KN . 85.98 32.99 12.15
CBB CLA KN . 84.96 33.51 11.52
NC CLA KN . 89.68 36.60 10.70
C1C CLA KN . 88.35 36.60 11.11
C2C CLA KN . 87.70 37.89 10.82
C3C CLA KN . 88.63 38.68 10.19
C4C CLA KN . 89.86 37.92 10.12
CMC CLA KN . 86.30 38.28 11.17
CAC CLA KN . 88.45 40.07 9.65
CBC CLA KN . 89.01 41.14 10.57
ND CLA KN . 92.25 36.37 10.21
C1D CLA KN . 92.23 37.73 9.69
C2D CLA KN . 93.53 38.13 9.31
C3D CLA KN . 94.40 37.06 9.64
C4D CLA KN . 93.59 36.04 10.13
CMD CLA KN . 93.91 39.41 8.64
CAD CLA KN . 95.78 36.64 9.77
OBD CLA KN . 96.79 37.30 9.66
CBD CLA KN . 95.80 35.18 10.14
CGD CLA KN . 96.60 34.45 9.06
O1D CLA KN . 97.04 33.33 9.16
O2D CLA KN . 96.83 35.25 8.02
CED CLA KN . 97.99 34.92 7.22
MG CLA LN . 83.78 18.84 9.89
CHA CLA LN . 85.40 17.34 7.28
CHB CLA LN . 81.12 19.29 7.94
CHC CLA LN . 82.34 20.58 12.46
CHD CLA LN . 86.91 19.26 11.52
NA CLA LN . 83.36 18.30 8.07
C1A CLA LN . 84.07 17.58 7.14
C2A CLA LN . 83.24 17.12 5.98
C3A CLA LN . 82.12 18.14 6.01
C4A CLA LN . 82.18 18.62 7.43
CMA CLA LN . 82.28 19.27 5.00
CAA CLA LN . 82.78 15.67 6.23
CBA CLA LN . 82.01 15.39 7.53
CGA CLA LN . 81.68 13.94 7.71
O1A CLA LN . 81.92 13.07 6.92
O2A CLA LN . 81.13 13.72 8.91
NB CLA LN . 82.07 19.74 10.16
C1B CLA LN . 80.98 19.82 9.22
C2B CLA LN . 79.87 20.43 9.81
C3B CLA LN . 80.22 20.76 11.13
C4B CLA LN . 81.56 20.36 11.33
CMB CLA LN . 78.55 20.70 9.15
CAB CLA LN . 79.37 21.34 12.16
CBB CLA LN . 78.13 21.06 12.44
NC CLA LN . 84.44 19.68 11.56
C1C CLA LN . 83.67 20.30 12.54
C2C CLA LN . 84.48 20.70 13.69
C3C CLA LN . 85.77 20.34 13.42
C4C CLA LN . 85.78 19.73 12.12
CMC CLA LN . 84.01 21.36 14.96
CAC CLA LN . 86.98 20.48 14.32
CBC CLA LN . 87.86 21.64 13.93
ND CLA LN . 85.66 18.45 9.56
C1D CLA LN . 86.91 18.61 10.30
C2D CLA LN . 87.97 18.04 9.59
C3D CLA LN . 87.44 17.50 8.38
C4D CLA LN . 86.07 17.78 8.43
CMD CLA LN . 89.41 18.00 10.02
CAD CLA LN . 87.70 16.80 7.15
OBD CLA LN . 88.77 16.41 6.71
CBD CLA LN . 86.43 16.62 6.40
CGD CLA LN . 86.60 17.23 5.02
O1D CLA LN . 86.03 18.22 4.63
O2D CLA LN . 87.48 16.55 4.30
CED CLA LN . 87.78 17.06 2.98
C1 CLA LN . 81.16 12.35 9.40
C2 CLA LN . 80.58 12.31 10.76
C3 CLA LN . 79.30 12.07 11.04
C4 CLA LN . 78.25 11.80 10.00
C5 CLA LN . 78.84 11.97 12.48
C6 CLA LN . 77.66 12.86 12.83
C7 CLA LN . 77.55 13.15 14.33
C8 CLA LN . 77.97 14.54 14.80
C9 CLA LN . 78.87 14.49 16.02
C10 CLA LN . 76.71 15.39 15.05
C11 CLA LN . 76.93 16.88 15.29
C12 CLA LN . 76.91 17.26 16.77
C13 CLA LN . 77.20 18.73 17.07
C14 CLA LN . 77.41 18.96 18.56
C15 CLA LN . 76.09 19.63 16.52
MG CLA MN . 90.15 12.45 11.18
CHA CLA MN . 87.92 12.38 8.59
CHB CLA MN . 91.80 9.93 9.80
CHC CLA MN . 92.10 12.33 13.99
CHD CLA MN . 87.92 14.54 12.97
NA CLA MN . 89.94 11.49 9.51
C1A CLA MN . 89.04 11.64 8.47
C2A CLA MN . 89.40 10.87 7.24
C3A CLA MN . 90.44 9.90 7.75
C4A CLA MN . 90.76 10.46 9.11
CMA CLA MN . 89.96 8.46 7.82
CAA CLA MN . 89.95 11.89 6.23
CBA CLA MN . 90.35 11.34 4.87
CGA CLA MN . 89.27 10.53 4.22
O1A CLA MN . 88.25 10.97 3.77
O2A CLA MN . 89.58 9.23 4.21
NB CLA MN . 91.64 11.35 11.78
C1B CLA MN . 92.26 10.28 11.05
C2B CLA MN . 93.33 9.73 11.78
C3B CLA MN . 93.40 10.43 12.99
C4B CLA MN . 92.39 11.42 12.99
CMB CLA MN . 94.22 8.60 11.35
CAB CLA MN . 94.34 10.21 14.09
CBB CLA MN . 94.06 9.82 15.30
NC CLA MN . 90.07 13.27 12.98
C1C CLA MN . 91.02 13.16 13.98
C2C CLA MN . 90.67 13.98 15.15
C3C CLA MN . 89.46 14.57 14.87
C4C CLA MN . 89.07 14.15 13.55
CMC CLA MN . 91.49 14.17 16.39
CAC CLA MN . 88.67 15.49 15.76
CBC CLA MN . 88.75 16.93 15.33
ND CLA MN . 88.40 13.24 10.93
C1D CLA MN . 87.52 14.12 11.72
C2D CLA MN . 86.37 14.42 10.99
C3D CLA MN . 86.47 13.77 9.74
C4D CLA MN . 87.68 13.10 9.77
CMD CLA MN . 85.23 15.29 11.46
CAD CLA MN . 85.83 13.48 8.48
OBD CLA MN . 84.73 13.82 8.09
CBD CLA MN . 86.75 12.66 7.64
CGD CLA MN . 86.01 11.41 7.18
O1D CLA MN . 85.71 10.49 7.89
O2D CLA MN . 85.73 11.48 5.88
CED CLA MN . 85.02 10.34 5.33
C1 CLA MN . 88.55 8.32 3.75
C2 CLA MN . 89.10 6.94 3.76
C3 CLA MN . 88.38 5.87 3.49
C4 CLA MN . 88.93 4.47 3.51
C5 CLA MN . 86.91 5.98 3.15
MG CLA NN . 99.64 11.92 4.18
CHA CLA NN . 100.98 11.96 1.03
CHB CLA NN . 96.63 12.30 2.84
CHC CLA NN . 98.45 12.40 7.35
CHD CLA NN . 102.93 12.16 5.51
NA CLA NN . 98.99 11.93 2.36
C1A CLA NN . 99.65 11.77 1.15
C2A CLA NN . 98.74 11.41 0.00
C3A CLA NN . 97.43 12.03 0.52
C4A CLA NN . 97.68 12.10 2.00
CMA CLA NN . 97.12 13.41 -0.07
CAA CLA NN . 98.87 9.87 -0.10
CBA CLA NN . 97.60 9.01 -0.23
CGA CLA NN . 96.93 8.78 1.09
O1A CLA NN . 97.31 9.25 2.14
O2A CLA NN . 95.82 8.06 0.95
NB CLA NN . 97.90 12.28 4.95
C1B CLA NN . 96.66 12.38 4.23
C2B CLA NN . 95.58 12.56 5.12
C3B CLA NN . 96.13 12.58 6.41
C4B CLA NN . 97.52 12.43 6.31
CMB CLA NN . 94.14 12.69 4.76
CAB CLA NN . 95.40 12.71 7.67
CBB CLA NN . 94.57 13.65 8.03
NC CLA NN . 100.48 12.16 5.96
C1C CLA NN . 99.80 12.28 7.18
C2C CLA NN . 100.74 12.24 8.31
C3C CLA NN . 102.00 12.10 7.79
C4C CLA NN . 101.86 12.11 6.35
CMC CLA NN . 100.46 12.32 9.79
CAC CLA NN . 103.27 11.82 8.56
CBC CLA NN . 103.94 13.07 9.05
ND CLA NN . 101.47 12.08 3.52
C1D CLA NN . 102.79 12.17 4.13
C2D CLA NN . 103.77 12.24 3.13
C3D CLA NN . 103.12 12.18 1.88
C4D CLA NN . 101.76 12.09 2.18
CMD CLA NN . 105.25 12.33 3.36
CAD CLA NN . 103.25 12.21 0.44
OBD CLA NN . 104.26 12.39 -0.24
CBD CLA NN . 101.90 12.00 -0.19
CGD CLA NN . 101.56 13.12 -1.16
O1D CLA NN . 101.09 14.18 -0.85
O2D CLA NN . 101.87 12.77 -2.41
CED CLA NN . 101.61 13.77 -3.43
C1 CLA NN . 94.70 8.36 1.85
C2 CLA NN . 94.95 8.07 3.29
C3 CLA NN . 93.99 8.19 4.19
C4 CLA NN . 92.57 8.54 3.85
C5 CLA NN . 94.27 8.00 5.66
C6 CLA NN . 94.10 6.56 6.13
C7 CLA NN . 94.25 6.41 7.64
C8 CLA NN . 94.30 4.97 8.19
C9 CLA NN . 93.10 4.16 7.71
C10 CLA NN . 94.41 4.96 9.70
C11 CLA NN . 95.74 5.38 10.31
C12 CLA NN . 95.79 5.22 11.82
C13 CLA NN . 97.15 5.45 12.48
C14 CLA NN . 97.10 5.15 13.98
C15 CLA NN . 97.64 6.88 12.22
MG CLA ON . 105.68 6.08 22.08
CHA CLA ON . 104.19 3.83 24.20
CHB CLA ON . 108.52 5.74 23.78
CHC CLA ON . 106.98 8.60 20.16
CHD CLA ON . 102.45 7.08 20.97
NA CLA ON . 106.22 4.94 23.55
C1A CLA ON . 105.54 3.94 24.25
C2A CLA ON . 106.44 3.06 25.06
C3A CLA ON . 107.64 3.98 25.27
C4A CLA ON . 107.47 4.96 24.13
CMA CLA ON . 107.67 4.67 26.63
CAA CLA ON . 106.76 1.82 24.22
CBA CLA ON . 106.90 0.54 25.03
CGA CLA ON . 107.11 -0.69 24.19
O1A CLA ON . 107.74 -0.72 23.17
O2A CLA ON . 106.49 -1.75 24.71
NB CLA ON . 107.40 6.99 21.98
C1B CLA ON . 108.57 6.70 22.78
C2B CLA ON . 109.64 7.50 22.37
C3B CLA ON . 109.19 8.31 21.32
C4B CLA ON . 107.84 8.00 21.09
CMB CLA ON . 111.03 7.48 22.95
CAB CLA ON . 109.96 9.29 20.55
CBB CLA ON . 110.25 9.26 19.27
NC CLA ON . 104.92 7.44 20.85
C1C CLA ON . 105.64 8.35 20.10
C2C CLA ON . 104.76 9.13 19.22
C3C CLA ON . 103.48 8.70 19.43
C4C CLA ON . 103.55 7.68 20.45
CMC CLA ON . 105.17 10.22 18.27
CAC CLA ON . 102.25 9.14 18.70
CBC CLA ON . 101.53 10.27 19.40
ND CLA ON . 103.81 5.63 22.44
C1D CLA ON . 102.52 6.08 21.93
C2D CLA ON . 101.48 5.36 22.55
C3D CLA ON . 102.08 4.43 23.44
C4D CLA ON . 103.45 4.65 23.33
CMD CLA ON . 100.02 5.53 22.30
CAD CLA ON . 101.88 3.35 24.40
OBD CLA ON . 100.83 2.84 24.75
CBD CLA ON . 103.21 2.91 24.93
CGD CLA ON . 103.22 3.06 26.45
O1D CLA ON . 103.98 3.76 27.06
O2D CLA ON . 102.27 2.32 27.01
CED CLA ON . 102.17 2.40 28.45
MG CLA PN . 92.07 28.72 22.62
CHA CLA PN . 91.35 29.58 25.85
CHB CLA PN . 90.03 26.12 22.90
CHC CLA PN . 93.14 27.71 19.53
CHD CLA PN . 94.81 30.98 22.70
NA CLA PN . 90.88 28.12 24.01
C1A CLA PN . 90.57 28.64 25.26
C2A CLA PN . 89.34 28.06 25.89
C3A CLA PN . 89.24 26.75 25.15
C4A CLA PN . 90.10 26.99 23.93
CMA CLA PN . 89.71 25.55 25.97
CAA CLA PN . 88.15 29.01 25.66
CBA CLA PN . 87.79 29.42 24.23
CGA CLA PN . 88.57 30.58 23.70
O1A CLA PN . 88.69 31.63 24.25
O2A CLA PN . 89.13 30.29 22.52
NB CLA PN . 91.68 27.21 21.45
C1B CLA PN . 90.73 26.16 21.70
C2B CLA PN . 90.67 25.29 20.61
C3B CLA PN . 91.56 25.76 19.64
C4B CLA PN . 92.18 26.91 20.15
CMB CLA PN . 89.77 24.09 20.49
CAB CLA PN . 91.82 25.21 18.31
CBB CLA PN . 92.03 23.96 17.99
NC CLA PN . 93.57 29.23 21.42
C1C CLA PN . 93.80 28.75 20.13
C2C CLA PN . 94.91 29.43 19.49
C3C CLA PN . 95.40 30.35 20.38
C4C CLA PN . 94.59 30.24 21.58
CMC CLA PN . 95.44 29.19 18.10
CAC CLA PN . 96.53 31.31 20.17
CBC CLA PN . 97.84 30.82 20.74
ND CLA PN . 92.91 29.95 23.86
C1D CLA PN . 94.02 30.90 23.84
C2D CLA PN . 94.09 31.60 25.05
C3D CLA PN . 93.04 31.14 25.87
C4D CLA PN . 92.40 30.16 25.13
CMD CLA PN . 95.10 32.65 25.39
CAD CLA PN . 92.29 31.33 27.10
OBD CLA PN . 92.38 32.22 27.93
CBD CLA PN . 91.30 30.23 27.24
CGD CLA PN . 91.73 29.31 28.37
O1D CLA PN . 91.10 28.36 28.75
O2D CLA PN . 92.89 29.70 28.87
CED CLA PN . 93.40 28.89 29.96
C1 CLA PN . 89.92 31.36 21.92
C2 CLA PN . 90.48 30.87 20.64
C3 CLA PN . 91.18 31.65 19.82
C4 CLA PN . 91.46 33.10 20.08
C5 CLA PN . 91.75 31.10 18.53
C6 CLA PN . 91.07 31.65 17.28
C7 CLA PN . 91.64 31.05 16.00
C8 CLA PN . 91.09 31.59 14.67
C9 CLA PN . 91.46 33.06 14.45
C10 CLA PN . 89.59 31.36 14.57
NB KC2 QN . 78.64 36.08 21.23
ND KC2 QN . 80.62 33.34 23.17
C1A KC2 QN . 78.66 34.82 25.25
C1B KC2 QN . 77.68 37.03 21.68
C1C KC2 QN . 80.41 34.64 19.31
C1D KC2 QN . 81.62 32.46 22.84
C2A KC2 QN . 77.79 35.55 26.11
C2B KC2 QN . 77.26 37.91 20.56
C2C KC2 QN . 81.26 33.94 18.39
C2D KC2 QN . 82.04 31.77 23.99
C3A KC2 QN . 77.17 36.49 25.36
C3B KC2 QN . 77.95 37.50 19.45
C3C KC2 QN . 81.95 33.01 19.12
C3D KC2 QN . 81.24 32.26 25.09
C4A KC2 QN . 77.64 36.37 24.01
C4B KC2 QN . 78.79 36.38 19.82
C4C KC2 QN . 81.54 33.10 20.50
C4D KC2 QN . 80.37 33.24 24.51
CAA KC2 QN . 77.58 35.29 27.53
CAB KC2 QN . 77.88 38.09 18.10
CAC KC2 QN . 82.91 32.05 18.57
CAD KC2 QN . 81.03 32.15 26.51
CBA KC2 QN . 77.88 36.10 28.54
CBB KC2 QN . 76.95 37.94 17.21
CBC KC2 QN . 83.92 32.29 17.78
CBD KC2 QN . 79.86 33.04 26.83
CED KC2 QN . 77.90 30.94 29.16
CGA KC2 QN . 77.64 35.80 29.97
CGD KC2 QN . 78.72 32.14 27.32
CHA KC2 QN . 79.55 33.78 25.52
CHB KC2 QN . 77.21 37.18 22.95
CHC KC2 QN . 79.60 35.72 18.93
CHD KC2 QN . 82.05 32.35 21.53
CMA KC2 QN . 76.18 37.52 25.83
CMB KC2 QN . 76.27 39.03 20.64
CMC KC2 QN . 81.34 34.19 16.91
CMD KC2 QN . 83.11 30.73 24.10
NA KC2 QN . 78.57 35.33 23.97
NC KC2 QN . 80.56 34.14 20.58
O1A KC2 QN . 78.01 36.59 30.84
O1D KC2 QN . 77.77 31.84 26.67
O2A KC2 QN . 77.02 34.69 30.24
O2D KC2 QN . 78.92 31.76 28.57
OBD KC2 QN . 81.65 31.47 27.33
MG KC2 QN . 79.56 34.60 22.32
C A86 RN . 105.54 22.21 14.84
O A86 RN . 99.52 31.94 8.22
C1 A86 RN . 104.17 22.12 15.42
C10 A86 RN . 101.19 29.95 10.52
C11 A86 RN . 100.43 30.99 10.15
C12 A86 RN . 99.39 31.63 11.03
C13 A86 RN . 100.52 31.52 8.76
C14 A86 RN . 101.86 31.44 8.06
C15 A86 RN . 102.27 32.56 7.11
C16 A86 RN . 101.68 32.55 5.68
C17 A86 RN . 102.84 32.71 4.68
C18 A86 RN . 103.65 33.97 4.88
C19 A86 RN . 104.27 34.01 6.27
C2 A86 RN . 103.17 22.96 15.06
C20 A86 RN . 103.48 33.36 7.37
C21 A86 RN . 104.35 33.21 8.59
C22 A86 RN . 100.93 31.25 5.37
C23 A86 RN . 100.69 33.70 5.47
C24 A86 RN . 103.97 21.14 16.45
C25 A86 RN . 104.93 20.36 16.96
C26 A86 RN . 104.72 19.40 17.97
C27 A86 RN . 105.61 18.50 18.47
C28 A86 RN . 107.02 18.39 18.00
C29 A86 RN . 105.14 17.66 19.47
C3 A86 RN . 103.26 24.04 14.15
C30 A86 RN . 105.84 16.74 20.06
C31 A86 RN . 106.48 15.83 20.72
C32 A86 RN . 106.75 14.48 20.21
C33 A86 RN . 108.25 14.30 20.07
C34 A86 RN . 109.02 15.34 20.85
C35 A86 RN . 108.40 15.51 22.23
C36 A86 RN . 107.02 16.16 22.09
C37 A86 RN . 106.09 15.72 23.21
C38 A86 RN . 111.36 15.43 20.34
C39 A86 RN . 112.67 14.79 20.62
C4 A86 RN . 102.27 24.93 13.98
C40 A86 RN . 106.25 13.42 21.19
C41 A86 RN . 106.04 14.28 18.86
C5 A86 RN . 102.35 26.02 13.07
C6 A86 RN . 101.50 27.05 12.93
C7 A86 RN . 100.27 27.22 13.78
C8 A86 RN . 101.72 28.03 11.88
C9 A86 RN . 100.92 29.04 11.57
O1 A86 RN . 102.15 33.90 7.66
O2 A86 RN . 104.69 34.03 3.91
O3 A86 RN . 107.21 17.57 22.15
O4 A86 RN . 110.37 14.82 21.03
O5 A86 RN . 111.18 16.37 19.62
C A86 SN . 84.96 33.84 20.48
O A86 SN . 90.54 25.96 12.13
C1 A86 SN . 85.86 33.14 21.46
C10 A86 SN . 88.41 26.92 14.52
C11 A86 SN . 88.95 25.94 13.84
C12 A86 SN . 89.23 24.57 14.37
C13 A86 SN . 89.40 26.21 12.45
C14 A86 SN . 88.43 26.82 11.48
C15 A86 SN . 88.42 26.24 10.07
C16 A86 SN . 87.23 25.30 9.73
C17 A86 SN . 87.61 24.44 8.50
C18 A86 SN . 88.37 25.16 7.41
C19 A86 SN . 89.75 25.53 7.94
C2 A86 SN . 86.60 32.05 21.11
C20 A86 SN . 89.62 26.31 9.22
C21 A86 SN . 90.94 26.88 9.66
C22 A86 SN . 86.90 24.40 10.91
C23 A86 SN . 85.98 26.11 9.39
C24 A86 SN . 85.85 33.60 22.82
C25 A86 SN . 84.99 34.50 23.31
C26 A86 SN . 84.98 34.95 24.63
C27 A86 SN . 84.14 35.86 25.17
C28 A86 SN . 83.07 36.54 24.38
C29 A86 SN . 84.29 36.17 26.53
C3 A86 SN . 86.63 31.41 19.84
C30 A86 SN . 83.53 37.07 27.10
C31 A86 SN . 82.73 37.96 27.60
C32 A86 SN . 81.31 37.65 27.76
C33 A86 SN . 80.46 38.80 27.24
C34 A86 SN . 80.90 40.10 27.86
C35 A86 SN . 82.33 40.38 27.45
C36 A86 SN . 83.28 39.32 27.97
C37 A86 SN . 84.68 39.53 27.42
C38 A86 SN . 79.84 42.28 28.05
C39 A86 SN . 80.51 42.23 29.38
C4 A86 SN . 87.38 30.33 19.58
C40 A86 SN . 80.92 36.41 26.95
C41 A86 SN . 80.99 37.38 29.25
C5 A86 SN . 87.39 29.73 18.29
C6 A86 SN . 88.12 28.67 17.87
C7 A86 SN . 89.08 27.93 18.74
C8 A86 SN . 87.98 28.24 16.49
C9 A86 SN . 88.62 27.24 15.88
O1 A86 SN . 88.55 27.29 9.07
O2 A86 SN . 88.52 24.31 6.27
O3 A86 SN . 83.30 39.43 29.39
O4 A86 SN . 80.06 41.16 27.33
O5 A86 SN . 79.19 43.20 27.64
C DD6 TN . 92.53 17.03 13.81
C1 DD6 TN . 93.53 16.79 14.91
C10 DD6 TN . 98.15 9.59 10.10
C11 DD6 TN . 99.07 8.64 9.76
C12 DD6 TN . 100.22 8.26 10.65
C13 DD6 TN . 98.97 8.02 8.45
C14 DD6 TN . 99.91 7.40 7.75
C15 DD6 TN . 99.76 6.78 6.38
C16 DD6 TN . 99.54 7.69 5.23
C17 DD6 TN . 99.74 6.92 3.90
C18 DD6 TN . 99.30 5.47 3.83
C19 DD6 TN . 98.45 5.05 5.02
C2 DD6 TN . 94.51 15.84 14.82
C20 DD6 TN . 99.11 5.43 6.32
C21 DD6 TN . 98.72 4.63 7.55
C22 DD6 TN . 98.14 8.31 5.26
C23 DD6 TN . 100.54 8.85 5.27
C24 DD6 TN . 93.43 17.57 16.13
C25 DD6 TN . 92.43 18.37 16.52
C26 DD6 TN . 92.45 19.08 17.76
C27 DD6 TN . 91.51 19.92 18.27
C28 DD6 TN . 90.23 20.28 17.58
C29 DD6 TN . 91.75 20.48 19.56
C3 DD6 TN . 94.77 14.92 13.76
C30 DD6 TN . 91.88 20.89 20.69
C31 DD6 TN . 91.99 21.26 22.05
C32 DD6 TN . 91.15 20.53 23.08
C33 DD6 TN . 90.81 21.48 24.24
C34 DD6 TN . 92.00 22.29 24.76
C35 DD6 TN . 92.54 23.11 23.61
C36 DD6 TN . 92.84 22.25 22.40
C37 DD6 TN . 94.11 22.59 21.68
C4 DD6 TN . 95.80 14.05 13.78
C40 DD6 TN . 89.82 20.06 22.47
C41 DD6 TN . 91.89 19.30 23.61
C5 DD6 TN . 96.10 13.11 12.74
C6 DD6 TN . 97.15 12.26 12.65
C7 DD6 TN . 98.23 12.16 13.69
C8 DD6 TN . 97.24 11.39 11.49
C9 DD6 TN . 98.12 10.39 11.28
O1 DD6 TN . 100.55 5.61 6.14
O2 DD6 TN . 98.53 5.28 2.63
O4 DD6 TN . 91.57 23.15 25.81
C A86 UN . 88.03 -7.52 7.29
O A86 UN . 81.76 -12.47 16.18
C1 A86 UN . 87.52 -8.57 6.34
C10 A86 UN . 83.44 -13.34 13.71
C11 A86 UN . 82.44 -13.89 14.42
C12 A86 UN . 81.43 -14.84 13.88
C13 A86 UN . 82.31 -13.52 15.86
C14 A86 UN . 82.85 -14.48 16.88
C15 A86 UN . 83.83 -13.96 17.93
C16 A86 UN . 83.33 -12.90 18.96
C17 A86 UN . 84.20 -13.02 20.24
C18 A86 UN . 85.70 -13.10 20.06
C19 A86 UN . 86.13 -13.13 18.59
C2 A86 UN . 86.89 -9.69 6.75
C20 A86 UN . 85.29 -14.06 17.76
C21 A86 UN . 85.96 -14.63 16.53
C22 A86 UN . 83.41 -11.48 18.40
C23 A86 UN . 81.86 -13.15 19.35
C24 A86 UN . 87.74 -8.38 4.91
C25 A86 UN . 88.53 -7.45 4.32
C26 A86 UN . 88.67 -7.34 2.89
C27 A86 UN . 89.49 -6.50 2.21
C28 A86 UN . 90.43 -5.53 2.88
C29 A86 UN . 89.45 -6.56 0.78
C3 A86 UN . 86.60 -10.09 8.10
C30 A86 UN . 89.93 -5.64 -0.01
C31 A86 UN . 90.46 -4.72 -0.79
C32 A86 UN . 89.90 -3.36 -0.87
C33 A86 UN . 90.97 -2.39 -1.39
C34 A86 UN . 92.33 -2.74 -0.85
C35 A86 UN . 92.80 -4.07 -1.43
C36 A86 UN . 91.67 -5.08 -1.65
C37 A86 UN . 91.32 -5.19 -3.12
C38 A86 UN . 94.50 -1.67 -0.80
C39 A86 UN . 95.30 -0.58 -1.40
C4 A86 UN . 85.87 -11.18 8.42
C40 A86 UN . 88.70 -3.34 -1.83
C41 A86 UN . 89.43 -2.89 0.51
C5 A86 UN . 85.58 -11.54 9.77
C6 A86 UN . 84.79 -12.55 10.23
C7 A86 UN . 84.08 -13.51 9.31
C8 A86 UN . 84.56 -12.66 11.65
C9 A86 UN . 83.56 -13.30 12.29
O1 A86 UN . 84.57 -15.03 18.58
O2 A86 UN . 86.31 -11.97 20.70
O3 A86 UN . 92.18 -6.34 -1.19
O4 A86 UN . 93.26 -1.72 -1.34
O5 A86 UN . 94.86 -2.42 0.06
MG CLA VN . -101.51 -33.04 1.03
CHA CLA VN . -102.90 -33.19 -2.09
CHB CLA VN . -98.75 -34.44 -0.20
CHC CLA VN . -100.45 -33.50 4.26
CHD CLA VN . -104.69 -32.13 2.35
NA CLA VN . -100.93 -33.50 -0.77
C1A CLA VN . -101.56 -33.37 -1.98
C2A CLA VN . -100.65 -33.50 -3.17
C3A CLA VN . -99.43 -34.14 -2.56
C4A CLA VN . -99.70 -34.03 -1.08
CMA CLA VN . -99.19 -35.58 -3.04
NB CLA VN . -99.94 -33.83 1.87
C1B CLA VN . -98.81 -34.42 1.18
C2B CLA VN . -97.88 -34.91 2.12
C3B CLA VN . -98.38 -34.63 3.39
C4B CLA VN . -99.62 -33.97 3.25
CMB CLA VN . -96.59 -35.61 1.79
CAB CLA VN . -97.77 -34.96 4.68
CBB CLA VN . -96.61 -34.57 5.15
NC CLA VN . -102.32 -32.81 2.82
C1C CLA VN . -101.70 -32.99 4.06
C2C CLA VN . -102.58 -32.65 5.18
C3C CLA VN . -103.79 -32.28 4.63
C4C CLA VN . -103.66 -32.37 3.20
CMC CLA VN . -102.24 -32.66 6.64
CAC CLA VN . -105.04 -31.87 5.36
CBC CLA VN . -105.26 -30.38 5.37
ND CLA VN . -103.32 -32.74 0.38
C1D CLA VN . -104.59 -32.33 0.97
C2D CLA VN . -105.56 -32.17 -0.03
C3D CLA VN . -104.96 -32.50 -1.26
C4D CLA VN . -103.64 -32.84 -0.95
CMD CLA VN . -106.98 -31.74 0.19
CAD CLA VN . -105.10 -32.58 -2.70
OBD CLA VN . -106.04 -32.23 -3.41
CBD CLA VN . -103.85 -33.20 -3.27
CGD CLA VN . -104.15 -34.63 -3.72
O1D CLA VN . -105.25 -35.08 -3.89
O2D CLA VN . -103.01 -35.32 -3.88
CED CLA VN . -103.16 -36.70 -4.25
MG CLA WN . -90.95 -30.38 -3.40
CHA CLA WN . -89.39 -29.85 -6.41
CHB CLA WN . -93.83 -30.69 -5.00
CHC CLA WN . -92.46 -30.66 -0.35
CHD CLA WN . -88.08 -29.10 -1.75
NA CLA WN . -91.43 -30.41 -5.27
C1A CLA WN . -90.65 -30.34 -6.42
C2A CLA WN . -91.37 -30.79 -7.66
C3A CLA WN . -92.82 -30.55 -7.25
C4A CLA WN . -92.71 -30.55 -5.74
CMA CLA WN . -93.43 -29.26 -7.79
CAA CLA WN . -91.06 -32.25 -8.00
CBA CLA WN . -91.05 -33.29 -6.87
CGA CLA WN . -89.73 -33.44 -6.18
O1A CLA WN . -89.37 -32.76 -5.25
O2A CLA WN . -89.00 -34.42 -6.72
NB CLA WN . -92.78 -30.61 -2.79
C1B CLA WN . -93.95 -30.73 -3.63
C2B CLA WN . -95.10 -30.93 -2.83
C3B CLA WN . -94.68 -30.93 -1.50
C4B CLA WN . -93.29 -30.74 -1.47
CMB CLA WN . -96.50 -31.09 -3.33
CAB CLA WN . -95.52 -31.14 -0.32
CBB CLA WN . -95.49 -32.13 0.53
NC CLA WN . -90.40 -30.02 -1.53
C1C CLA WN . -91.14 -30.30 -0.40
C2C CLA WN . -90.37 -30.04 0.83
C3C CLA WN . -89.15 -29.55 0.43
C4C CLA WN . -89.15 -29.53 -1.02
CMC CLA WN . -90.76 -30.29 2.25
CAC CLA WN . -88.00 -29.15 1.32
CBC CLA WN . -86.96 -30.25 1.48
ND CLA WN . -89.22 -29.63 -3.87
C1D CLA WN . -88.07 -29.11 -3.12
C2D CLA WN . -87.06 -28.71 -4.02
C3D CLA WN . -87.52 -28.98 -5.33
C4D CLA WN . -88.79 -29.53 -5.18
CMD CLA WN . -85.73 -28.12 -3.64
CAD CLA WN . -87.24 -28.91 -6.75
OBD CLA WN . -86.27 -28.42 -7.31
CBD CLA WN . -88.37 -29.55 -7.51
CGD CLA WN . -88.85 -28.59 -8.59
O1D CLA WN . -89.46 -27.58 -8.39
O2D CLA WN . -88.47 -29.01 -9.79
CED CLA WN . -88.73 -28.13 -10.90
MG CLA XN . -80.18 -18.23 3.14
CHA CLA XN . -82.49 -16.76 1.10
CHB CLA XN . -77.93 -17.90 0.70
CHC CLA XN . -77.94 -19.86 5.13
CHD CLA XN . -82.79 -19.58 5.11
NA CLA XN . -80.22 -17.42 1.38
C1A CLA XN . -81.19 -16.69 0.73
C2A CLA XN . -80.63 -15.92 -0.44
C3A CLA XN . -79.59 -16.92 -0.87
C4A CLA XN . -79.19 -17.47 0.48
CMA CLA XN . -80.08 -18.00 -1.83
CAA CLA XN . -80.06 -14.59 0.05
CBA CLA XN . -81.05 -13.68 0.78
CGA CLA XN . -80.52 -12.30 1.03
O1A CLA XN . -81.20 -11.33 1.25
O2A CLA XN . -79.19 -12.27 0.99
NB CLA XN . -78.30 -18.71 2.98
C1B CLA XN . -77.42 -18.42 1.88
C2B CLA XN . -76.09 -18.75 2.21
C3B CLA XN . -76.11 -19.28 3.51
C4B CLA XN . -77.44 -19.29 3.96
CMB CLA XN . -74.90 -18.57 1.33
CAB CLA XN . -74.96 -19.65 4.34
CBB CLA XN . -74.09 -20.58 4.13
NC CLA XN . -80.32 -19.41 4.71
C1C CLA XN . -79.27 -19.95 5.43
C2C CLA XN . -79.73 -20.73 6.57
C3C CLA XN . -81.11 -20.70 6.56
C4C CLA XN . -81.50 -19.88 5.43
CMC CLA XN . -78.87 -21.44 7.56
CAC CLA XN . -82.03 -21.36 7.55
CBC CLA XN . -82.03 -20.67 8.89
ND CLA XN . -82.11 -18.24 3.16
C1D CLA XN . -83.14 -18.81 4.01
C2D CLA XN . -84.41 -18.43 3.55
C3D CLA XN . -84.23 -17.60 2.42
C4D CLA XN . -82.85 -17.53 2.24
CMD CLA XN . -85.73 -18.81 4.17
CAD CLA XN . -84.85 -16.82 1.37
OBD CLA XN . -86.03 -16.67 1.11
CBD CLA XN . -83.78 -16.16 0.53
CGD CLA XN . -84.04 -16.48 -0.94
O1D CLA XN . -83.74 -17.51 -1.48
O2D CLA XN . -84.62 -15.46 -1.55
CED CLA XN . -84.93 -15.64 -2.95
NB KC2 YN . -89.98 -14.22 7.61
ND KC2 YN . -86.44 -14.61 5.96
C1A KC2 YN . -88.18 -12.55 4.17
C1B KC2 YN . -91.07 -13.38 7.27
C1C KC2 YN . -88.47 -16.33 9.08
C1D KC2 YN . -85.32 -15.33 6.27
C2A KC2 YN . -89.02 -11.66 3.44
C2B KC2 YN . -92.16 -13.51 8.27
C2C KC2 YN . -87.75 -17.35 9.75
C2D KC2 YN . -84.31 -15.03 5.35
C3A KC2 YN . -90.22 -11.60 4.08
C3B KC2 YN . -91.74 -14.42 9.20
C3C KC2 YN . -86.52 -17.45 9.15
C3D KC2 YN . -84.86 -14.10 4.41
C4A KC2 YN . -90.14 -12.44 5.23
C4B KC2 YN . -90.42 -14.90 8.81
C4C KC2 YN . -86.45 -16.49 8.09
C4D KC2 YN . -86.21 -13.86 4.85
CAA KC2 YN . -88.64 -10.92 2.24
CAB KC2 YN . -92.40 -14.84 10.44
CAC KC2 YN . -85.48 -18.40 9.54
CAD KC2 YN . -84.58 -13.33 3.22
CBA KC2 YN . -88.76 -11.33 0.98
CBB KC2 YN . -93.64 -15.16 10.66
CBC KC2 YN . -85.52 -19.71 9.39
CBD KC2 YN . -85.85 -12.58 2.87
CED KC2 YN . -85.07 -9.32 1.29
CGA KC2 YN . -88.35 -10.50 -0.17
CGD KC2 YN . -85.49 -11.10 2.77
CHA KC2 YN . -86.86 -12.95 3.97
CHB KC2 YN . -91.17 -12.56 6.17
CHC KC2 YN . -89.74 -15.88 9.47
CHD KC2 YN . -85.34 -16.25 7.31
CMA KC2 YN . -91.44 -10.82 3.67
CMB KC2 YN . -93.43 -12.72 8.25
CMC KC2 YN . -88.27 -18.16 10.90
CMD KC2 YN . -82.90 -15.55 5.33
NA KC2 YN . -88.88 -13.02 5.26
NC KC2 YN . -87.70 -15.80 8.05
O1A KC2 YN . -88.85 -9.40 -0.36
O1D KC2 YN . -85.32 -10.38 3.72
O2A KC2 YN . -87.44 -11.00 -0.96
O2D KC2 YN . -85.39 -10.72 1.51
OBD KC2 YN . -83.52 -13.28 2.58
MG KC2 YN . -88.15 -14.35 6.66
MG CLA ZN . -97.49 -14.48 -0.53
CHA CLA ZN . -98.47 -13.51 -3.67
CHB CLA ZN . -94.35 -13.86 -1.41
CHC CLA ZN . -96.56 -15.63 2.53
CHD CLA ZN . -100.63 -16.05 -0.08
NA CLA ZN . -96.69 -13.71 -2.10
C1A CLA ZN . -97.23 -13.16 -3.25
C2A CLA ZN . -96.27 -12.22 -3.93
C3A CLA ZN . -95.00 -13.00 -3.65
C4A CLA ZN . -95.33 -13.57 -2.30
CMA CLA ZN . -94.66 -14.07 -4.68
CAA CLA ZN . -96.42 -10.88 -3.19
CBA CLA ZN . -95.28 -9.88 -3.39
CGA CLA ZN . -94.44 -9.68 -2.16
O1A CLA ZN . -94.09 -8.60 -1.72
O2A CLA ZN . -94.12 -10.83 -1.58
NB CLA ZN . -95.79 -14.71 0.39
C1B CLA ZN . -94.49 -14.37 -0.13
C2B CLA ZN . -93.50 -14.66 0.83
C3B CLA ZN . -94.15 -15.16 1.95
C4B CLA ZN . -95.53 -15.20 1.70
CMB CLA ZN . -92.02 -14.46 0.67
CAB CLA ZN . -93.53 -15.58 3.22
CBB CLA ZN . -92.62 -14.95 3.91
NC CLA ZN . -98.37 -15.54 0.88
C1C CLA ZN . -97.84 -15.84 2.13
C2C CLA ZN . -98.82 -16.54 2.98
C3C CLA ZN . -99.96 -16.71 2.22
C4C CLA ZN . -99.71 -16.11 0.93
CMC CLA ZN . -98.64 -16.94 4.41
CAC CLA ZN . -101.24 -17.38 2.64
CBC CLA ZN . -102.19 -16.45 3.35
ND CLA ZN . -99.11 -14.78 -1.55
C1D CLA ZN . -100.38 -15.46 -1.30
C2D CLA ZN . -101.22 -15.34 -2.43
C3D CLA ZN . -100.51 -14.58 -3.40
C4D CLA ZN . -99.29 -14.29 -2.83
CMD CLA ZN . -102.60 -15.89 -2.56
CAD CLA ZN . -100.52 -14.04 -4.75
OBD CLA ZN . -101.35 -14.17 -5.62
CBD CLA ZN . -99.27 -13.20 -4.95
CGD CLA ZN . -98.58 -13.57 -6.26
O1D CLA ZN . -97.84 -12.85 -6.87
O2D CLA ZN . -98.93 -14.79 -6.66
CED CLA ZN . -98.48 -15.18 -7.97
MG CLA AO . -85.86 -32.22 13.66
CHA CLA AO . -84.82 -33.51 16.65
CHB CLA AO . -84.38 -29.35 14.44
CHC CLA AO . -87.10 -30.93 10.75
CHD CLA AO . -88.25 -34.82 13.40
NA CLA AO . -84.75 -31.66 15.14
C1A CLA AO . -84.25 -32.36 16.23
C2A CLA AO . -83.08 -31.66 16.87
C3A CLA AO . -83.47 -30.21 16.57
C4A CLA AO . -84.25 -30.39 15.29
CMA CLA AO . -84.27 -29.51 17.67
CAA CLA AO . -81.75 -32.09 16.22
CBA CLA AO . -81.77 -32.57 14.76
CGA CLA AO . -80.42 -32.63 14.12
O1A CLA AO . -79.95 -33.60 13.59
O2A CLA AO . -79.79 -31.45 14.19
NB CLA AO . -85.76 -30.50 12.76
C1B CLA AO . -85.03 -29.34 13.22
C2B CLA AO . -85.10 -28.31 12.26
C3B CLA AO . -85.87 -28.78 11.19
C4B CLA AO . -86.27 -30.09 11.50
CMB CLA AO . -84.43 -26.97 12.35
CAB CLA AO . -86.18 -28.09 9.95
CBB CLA AO . -87.34 -27.76 9.50
NC CLA AO . -87.28 -32.75 12.40
C1C CLA AO . -87.59 -32.13 11.19
C2C CLA AO . -88.62 -32.86 10.46
C3C CLA AO . -89.00 -33.92 11.24
C4C CLA AO . -88.19 -33.88 12.42
CMC CLA AO . -89.14 -32.55 9.08
CAC CLA AO . -90.09 -34.92 10.95
CBC CLA AO . -89.56 -36.21 10.39
ND CLA AO . -86.44 -33.75 14.69
C1D CLA AO . -87.43 -34.81 14.52
C2D CLA AO . -87.36 -35.71 15.60
C3D CLA AO . -86.34 -35.26 16.47
C4D CLA AO . -85.85 -34.10 15.88
CMD CLA AO . -88.20 -36.95 15.75
CAD CLA AO . -85.61 -35.48 17.70
OBD CLA AO . -85.77 -36.36 18.53
CBD CLA AO . -84.56 -34.41 17.86
CGD CLA AO . -84.76 -33.74 19.22
O1D CLA AO . -83.88 -33.19 19.84
O2D CLA AO . -86.01 -33.84 19.64
CED CLA AO . -86.29 -33.33 20.97
MG CLA BO . -80.97 -20.53 15.27
CHA CLA BO . -78.33 -19.75 17.29
CHB CLA BO . -82.92 -18.62 17.19
CHC CLA BO . -83.61 -21.57 13.38
CHD CLA BO . -79.13 -23.31 14.02
NA CLA BO . -80.62 -19.34 16.75
C1A CLA BO . -79.44 -18.97 17.37
C2A CLA BO . -79.58 -17.72 18.17
C3A CLA BO . -81.03 -17.82 18.57
C4A CLA BO . -81.59 -18.65 17.44
CMA CLA BO . -81.27 -18.46 19.95
CAA CLA BO . -79.31 -16.53 17.22
CBA CLA BO . -77.84 -16.33 16.86
CGA CLA BO . -77.60 -15.10 16.05
O1A CLA BO . -78.00 -14.92 14.93
O2A CLA BO . -76.88 -14.21 16.74
NB CLA BO . -82.88 -20.17 15.26
C1B CLA BO . -83.59 -19.31 16.18
C2B CLA BO . -84.96 -19.29 15.86
C3B CLA BO . -85.14 -20.12 14.76
C4B CLA BO . -83.89 -20.66 14.40
CMB CLA BO . -86.04 -18.52 16.59
CAB CLA BO . -86.40 -20.44 14.06
CBB CLA BO . -87.36 -19.63 13.74
NC CLA BO . -81.27 -22.01 14.01
C1C CLA BO . -82.42 -22.22 13.25
C2C CLA BO . -82.28 -23.35 12.34
C3C CLA BO . -81.03 -23.89 12.55
C4C CLA BO . -80.39 -23.08 13.57
CMC CLA BO . -83.30 -23.81 11.35
CAC CLA BO . -80.43 -25.09 11.87
CBC CLA BO . -79.74 -24.73 10.57
ND CLA BO . -79.23 -21.36 15.54
C1D CLA BO . -78.52 -22.51 14.99
C2D CLA BO . -77.25 -22.61 15.55
C3D CLA BO . -77.10 -21.53 16.46
C4D CLA BO . -78.30 -20.84 16.41
CMD CLA BO . -76.23 -23.67 15.27
CAD CLA BO . -76.23 -20.82 17.38
OBD CLA BO . -75.06 -21.06 17.67
CBD CLA BO . -76.98 -19.67 18.00
CGD CLA BO . -77.08 -19.86 19.50
O1D CLA BO . -78.12 -19.83 20.12
O2D CLA BO . -75.89 -20.07 20.04
CED CLA BO . -75.88 -20.33 21.47
C A86 CO . -87.11 -38.21 9.39
O A86 CO . -84.47 -25.90 5.14
C1 A86 CO . -86.23 -37.81 10.54
C10 A86 CO . -84.26 -29.05 6.67
C11 A86 CO . -83.86 -27.76 6.47
C12 A86 CO . -83.13 -26.94 7.48
C13 A86 CO . -84.16 -27.09 5.15
C14 A86 CO . -84.08 -27.89 3.88
C15 A86 CO . -84.17 -27.09 2.57
C16 A86 CO . -82.83 -26.57 1.97
C17 A86 CO . -83.12 -25.76 0.69
C18 A86 CO . -84.25 -24.74 0.77
C19 A86 CO . -85.56 -25.45 1.06
C2 A86 CO . -85.57 -36.61 10.61
C20 A86 CO . -85.44 -26.47 2.17
C21 A86 CO . -86.68 -26.54 3.05
C22 A86 CO . -82.08 -25.70 2.99
C23 A86 CO . -81.91 -27.73 1.60
C24 A86 CO . -86.09 -38.73 11.66
C25 A86 CO . -86.85 -39.81 11.94
C26 A86 CO . -86.62 -40.63 13.10
C27 A86 CO . -87.36 -41.67 13.56
C28 A86 CO . -88.63 -42.14 12.91
C29 A86 CO . -86.91 -42.33 14.75
C3 A86 CO . -85.58 -35.53 9.67
C30 A86 CO . -87.34 -43.50 15.15
C31 A86 CO . -87.73 -44.69 15.51
C32 A86 CO . -86.92 -45.87 15.17
C33 A86 CO . -87.75 -47.15 15.38
C34 A86 CO . -89.19 -47.09 14.93
C35 A86 CO . -89.90 -45.90 15.54
C36 A86 CO . -89.01 -44.92 16.31
C37 A86 CO . -89.76 -43.62 16.58
C38 A86 CO . -89.18 -47.84 12.52
C39 A86 CO . -89.13 -49.21 13.10
C4 A86 CO . -84.91 -34.38 9.87
C40 A86 CO . -86.43 -45.79 13.72
C41 A86 CO . -85.69 -45.96 16.08
C5 A86 CO . -84.92 -33.29 8.92
C6 A86 CO . -84.33 -32.07 9.03
C7 A86 CO . -83.52 -31.64 10.22
C8 A86 CO . -84.49 -31.13 7.92
C9 A86 CO . -84.03 -29.86 7.82
O1 A86 CO . -85.03 -27.75 1.59
O2 A86 CO . -83.98 -23.78 1.79
O3 A86 CO . -88.69 -45.52 17.56
O4 A86 CO . -89.23 -46.86 13.47
O5 A86 CO . -89.18 -47.59 11.35
C DD6 DO . -96.35 -16.47 8.43
C1 DD6 DO . -95.32 -15.99 7.42
C10 DD6 DO . -89.05 -22.46 10.95
C11 DD6 DO . -87.94 -23.13 11.35
C12 DD6 DO . -86.63 -23.09 10.61
C13 DD6 DO . -88.00 -23.86 12.62
C14 DD6 DO . -87.09 -24.54 13.29
C15 DD6 DO . -87.30 -25.25 14.61
C16 DD6 DO . -86.49 -24.76 15.80
C17 DD6 DO . -86.16 -25.96 16.71
C18 DD6 DO . -87.34 -26.85 17.03
C19 DD6 DO . -87.80 -27.57 15.79
C2 DD6 DO . -94.05 -16.47 7.37
C20 DD6 DO . -87.95 -26.64 14.59
C21 DD6 DO . -88.41 -27.36 13.35
C22 DD6 DO . -85.17 -24.09 15.38
C23 DD6 DO . -87.27 -23.72 16.61
C24 DD6 DO . -95.74 -15.00 6.44
C25 DD6 DO . -96.95 -14.43 6.31
C26 DD6 DO . -97.26 -13.47 5.29
C27 DD6 DO . -98.48 -12.91 5.03
C28 DD6 DO . -99.74 -13.22 5.77
C29 DD6 DO . -98.55 -11.96 3.97
C3 DD6 DO . -93.44 -17.46 8.21
C30 DD6 DO . -98.51 -11.11 3.12
C31 DD6 DO . -98.38 -10.07 2.16
C32 DD6 DO . -99.18 -8.79 2.37
C33 DD6 DO . -98.32 -7.57 1.92
C34 DD6 DO . -97.54 -7.71 0.62
C35 DD6 DO . -97.59 -9.09 0.02
C36 DD6 DO . -97.58 -10.18 1.08
C37 DD6 DO . -96.65 -11.33 0.80
C4 DD6 DO . -92.30 -18.11 7.93
C40 DD6 DO . -100.51 -8.85 1.60
C41 DD6 DO . -99.49 -8.56 3.85
C5 DD6 DO . -91.76 -19.12 8.80
C6 DD6 DO . -90.66 -19.90 8.62
C7 DD6 DO . -89.79 -19.83 7.39
C8 DD6 DO . -90.33 -20.85 9.66
C9 DD6 DO . -89.20 -21.55 9.83
O1 DD6 DO . -88.69 -25.43 14.90
O2 DD6 DO . -86.96 -27.82 18.02
O4 DD6 DO . -98.03 -6.76 -0.32
C1 BCR EO . -73.22 -15.37 3.88
C2 BCR EO . -73.28 -13.84 3.85
C3 BCR EO . -73.61 -13.27 2.48
C4 BCR EO . -72.61 -13.75 1.44
C5 BCR EO . -72.31 -15.23 1.52
C6 BCR EO . -72.45 -15.91 2.67
C7 BCR EO . -71.88 -17.24 2.85
C8 BCR EO . -70.61 -17.59 2.60
C9 BCR EO . -70.01 -18.91 2.69
C10 BCR EO . -68.66 -19.02 2.57
C11 BCR EO . -67.86 -20.22 2.61
C33 BCR EO . -71.90 -15.83 0.22
C31 BCR EO . -74.65 -15.92 3.86
C32 BCR EO . -72.55 -15.82 5.19
C34 BCR EO . -70.91 -20.10 2.91
C12 BCR EO . -66.53 -20.20 2.41
C13 BCR EO . -65.62 -21.34 2.39
C14 BCR EO . -64.32 -21.10 2.06
C15 BCR EO . -63.26 -22.06 1.91
C16 BCR EO . -61.98 -21.66 1.69
C17 BCR EO . -60.88 -22.56 1.51
C18 BCR EO . -59.57 -22.23 1.35
C19 BCR EO . -58.62 -23.26 0.98
C20 BCR EO . -57.47 -23.09 0.29
C21 BCR EO . -56.56 -24.14 -0.07
C22 BCR EO . -55.48 -24.05 -0.89
C23 BCR EO . -54.71 -25.24 -1.18
C24 BCR EO . -53.51 -25.31 -1.78
C25 BCR EO . -52.83 -26.50 -2.22
C26 BCR EO . -53.14 -27.09 -3.38
C27 BCR EO . -52.46 -28.34 -3.88
C28 BCR EO . -51.67 -29.06 -2.82
C29 BCR EO . -50.86 -28.08 -2.00
C30 BCR EO . -51.73 -27.02 -1.29
C35 BCR EO . -66.16 -22.69 2.71
C36 BCR EO . -59.09 -20.80 1.43
C37 BCR EO . -55.08 -22.76 -1.55
C38 BCR EO . -54.20 -26.58 -4.33
C39 BCR EO . -50.80 -25.88 -0.87
C40 BCR EO . -52.35 -27.63 -0.03
MG CLA FO . 30.30 -27.43 8.76
CHA CLA FO . 30.64 -25.56 11.61
CHB CLA FO . 31.56 -30.04 10.37
CHC CLA FO . 30.28 -29.10 5.79
CHD CLA FO . 29.83 -24.42 6.93
NA CLA FO . 30.82 -27.72 10.59
C1A CLA FO . 30.80 -26.90 11.71
C2A CLA FO . 30.96 -27.64 13.02
C3A CLA FO . 31.62 -28.91 12.55
C4A CLA FO . 31.33 -28.92 11.07
CMA CLA FO . 33.12 -28.99 12.83
CAA CLA FO . 29.56 -27.86 13.64
CBA CLA FO . 28.46 -28.37 12.70
CGA CLA FO . 27.22 -28.80 13.40
O1A CLA FO . 27.19 -29.35 14.48
O2A CLA FO . 26.13 -28.52 12.67
NB CLA FO . 30.82 -29.20 8.18
C1B CLA FO . 31.35 -30.26 9.02
C2B CLA FO . 31.58 -31.43 8.26
C3B CLA FO . 31.20 -31.14 6.95
C4B CLA FO . 30.74 -29.81 6.89
CMB CLA FO . 32.11 -32.72 8.77
CAB CLA FO . 31.25 -32.04 5.79
CBB CLA FO . 30.37 -32.92 5.42
NC CLA FO . 30.07 -26.91 6.87
C1C CLA FO . 30.00 -27.77 5.78
C2C CLA FO . 29.68 -27.06 4.54
C3C CLA FO . 29.57 -25.73 4.86
C4C CLA FO . 29.83 -25.61 6.28
CMC CLA FO . 29.49 -27.65 3.17
CAC CLA FO . 29.21 -24.60 3.94
CBC CLA FO . 30.42 -23.81 3.48
ND CLA FO . 30.24 -25.51 9.09
C1D CLA FO . 30.02 -24.31 8.29
C2D CLA FO . 30.02 -23.17 9.11
C3D CLA FO . 30.24 -23.60 10.45
C4D CLA FO . 30.37 -24.98 10.36
CMD CLA FO . 29.82 -21.76 8.66
CAD CLA FO . 30.34 -23.23 11.84
OBD CLA FO . 30.20 -22.13 12.35
CBD CLA FO . 30.64 -24.44 12.66
CGD CLA FO . 31.98 -24.24 13.35
O1D CLA FO . 33.05 -24.37 12.81
O2D CLA FO . 31.82 -23.87 14.62
CED CLA FO . 33.01 -23.46 15.32
C1 CLA FO . 24.92 -29.21 13.06
C2 CLA FO . 25.08 -30.64 12.74
C3 CLA FO . 24.91 -31.26 11.58
C4 CLA FO . 25.15 -32.73 11.40
C5 CLA FO . 24.44 -30.54 10.34
C6 CLA FO . 22.97 -30.81 10.04
C7 CLA FO . 22.65 -31.20 8.59
C8 CLA FO . 21.47 -32.14 8.43
C9 CLA FO . 21.93 -33.60 8.42
C10 CLA FO . 20.64 -31.79 7.19
C11 CLA FO . 19.55 -32.79 6.81
C12 CLA FO . 18.45 -32.18 5.94
C13 CLA FO . 18.93 -31.48 4.67
C DD6 GO . 43.05 -9.96 5.48
C1 DD6 GO . 43.47 -8.89 4.49
C10 DD6 GO . 46.41 -3.07 11.69
C11 DD6 GO . 46.60 -1.94 12.41
C12 DD6 GO . 46.78 -0.59 11.77
C13 DD6 GO . 46.61 -1.99 13.87
C14 DD6 GO . 46.36 -2.96 14.72
C15 DD6 GO . 46.42 -2.88 16.22
C16 DD6 GO . 45.33 -2.19 16.95
C17 DD6 GO . 45.47 -2.45 18.47
C18 DD6 GO . 46.87 -2.49 19.07
C19 DD6 GO . 47.93 -2.02 18.09
C2 DD6 GO . 44.13 -7.76 4.87
C20 DD6 GO . 47.80 -2.72 16.77
C21 DD6 GO . 49.05 -2.83 15.92
C22 DD6 GO . 43.99 -2.80 16.50
C23 DD6 GO . 45.25 -0.68 16.70
C24 DD6 GO . 43.04 -9.03 3.11
C25 DD6 GO . 42.11 -9.87 2.64
C26 DD6 GO . 41.73 -9.94 1.26
C27 DD6 GO . 40.78 -10.74 0.71
C28 DD6 GO . 39.94 -11.73 1.49
C29 DD6 GO . 40.51 -10.62 -0.68
C3 DD6 GO . 44.49 -7.34 6.20
C30 DD6 GO . 40.18 -10.52 -1.83
C31 DD6 GO . 39.84 -10.49 -3.21
C32 DD6 GO . 38.42 -10.05 -3.60
C33 DD6 GO . 38.05 -10.70 -4.95
C34 DD6 GO . 39.14 -10.63 -6.00
C35 DD6 GO . 40.37 -11.34 -5.48
C36 DD6 GO . 40.78 -10.82 -4.11
C37 DD6 GO . 42.26 -10.73 -3.88
C4 DD6 GO . 45.18 -6.21 6.47
C40 DD6 GO . 38.34 -8.52 -3.68
C41 DD6 GO . 37.40 -10.54 -2.57
C5 DD6 GO . 45.49 -5.80 7.81
C6 DD6 GO . 46.09 -4.66 8.21
C7 DD6 GO . 46.57 -3.61 7.26
C8 DD6 GO . 46.19 -4.40 9.65
C9 DD6 GO . 46.34 -3.21 10.26
O1 DD6 GO . 47.05 -3.96 16.90
O2 DD6 GO . 46.90 -1.65 20.24
O4 DD6 GO . 38.69 -11.27 -7.20
MG CLA HO . 56.03 -2.52 10.65
CHA CLA HO . 58.56 -4.84 10.90
CHB CLA HO . 58.30 -0.11 10.94
CHC CLA HO . 53.45 -0.30 11.01
CHD CLA HO . 53.67 -5.14 10.99
NA CLA HO . 57.98 -2.53 10.71
C1A CLA HO . 58.91 -3.55 10.68
C2A CLA HO . 60.32 -3.09 10.42
C3A CLA HO . 60.23 -1.64 10.80
C4A CLA HO . 58.75 -1.38 10.81
CMA CLA HO . 60.89 -1.33 12.13
CAA CLA HO . 60.68 -3.36 8.94
CBA CLA HO . 59.90 -2.58 7.88
CGA CLA HO . 60.19 -3.03 6.49
O1A CLA HO . 60.82 -4.01 6.18
O2A CLA HO . 59.63 -2.20 5.60
NB CLA HO . 55.89 -0.60 10.92
C1B CLA HO . 56.98 0.33 10.99
C2B CLA HO . 56.51 1.65 11.13
C3B CLA HO . 55.11 1.58 11.15
C4B CLA HO . 54.74 0.23 11.03
CMB CLA HO . 57.34 2.89 11.22
CAB CLA HO . 54.16 2.68 11.28
CBB CLA HO . 53.99 3.70 10.48
NC CLA HO . 54.08 -2.68 10.89
C1C CLA HO . 53.16 -1.63 10.97
C2C CLA HO . 51.78 -2.12 11.05
C3C CLA HO . 51.84 -3.49 11.07
C4C CLA HO . 53.23 -3.85 10.98
CMC CLA HO . 50.52 -1.31 11.09
CAC CLA HO . 50.68 -4.45 11.15
CBC CLA HO . 50.21 -4.92 9.80
ND CLA HO . 56.03 -4.45 10.91
C1D CLA HO . 55.01 -5.48 10.98
C2D CLA HO . 55.61 -6.75 11.02
C3D CLA HO . 57.01 -6.56 11.01
C4D CLA HO . 57.19 -5.19 10.95
CMD CLA HO . 54.89 -8.06 11.02
CAD CLA HO . 58.32 -7.18 11.01
OBD CLA HO . 58.59 -8.37 11.00
CBD CLA HO . 59.37 -6.12 11.04
CGD CLA HO . 60.12 -6.22 12.36
O1D CLA HO . 59.65 -6.62 13.39
O2D CLA HO . 61.37 -5.79 12.23
CED CLA HO . 62.18 -5.80 13.43
C1 CLA HO . 59.54 -2.66 4.23
C2 CLA HO . 58.59 -1.74 3.55
C3 CLA HO . 57.70 -2.12 2.63
C4 CLA HO . 57.54 -3.52 2.14
C5 CLA HO . 56.72 -1.12 2.06
C6 CLA HO . 55.29 -1.33 2.57
C7 CLA HO . 54.28 -0.32 2.01
C8 CLA HO . 54.59 1.16 2.20
C9 CLA HO . 54.89 1.51 3.66
C10 CLA HO . 53.44 2.00 1.65
MG CLA IO . 18.68 -32.59 10.53
CHA CLA IO . 20.26 -30.45 12.71
CHB CLA IO . 16.45 -30.22 9.89
CHC CLA IO . 16.93 -34.90 8.72
CHD CLA IO . 20.63 -35.25 11.81
NA CLA IO . 18.51 -30.74 11.10
C1A CLA IO . 19.31 -29.95 11.91
C2A CLA IO . 18.99 -28.48 11.79
C3A CLA IO . 17.57 -28.52 11.26
C4A CLA IO . 17.48 -29.90 10.71
CMA CLA IO . 16.51 -28.24 12.32
CAA CLA IO . 20.03 -27.87 10.85
CBA CLA IO . 19.99 -28.28 9.37
CGA CLA IO . 21.19 -27.81 8.61
O1A CLA IO . 22.21 -27.42 9.11
O2A CLA IO . 21.00 -27.89 7.29
NB CLA IO . 17.02 -32.57 9.51
C1B CLA IO . 16.18 -31.43 9.27
C2B CLA IO . 15.14 -31.75 8.38
C3B CLA IO . 15.30 -33.10 8.06
C4B CLA IO . 16.42 -33.59 8.74
CMB CLA IO . 14.11 -30.81 7.83
CAB CLA IO . 14.47 -33.89 7.13
CBB CLA IO . 13.18 -33.85 6.95
NC CLA IO . 18.78 -34.55 10.30
C1C CLA IO . 17.99 -35.32 9.44
C2C CLA IO . 18.41 -36.72 9.45
C3C CLA IO . 19.47 -36.82 10.32
C4C CLA IO . 19.70 -35.51 10.86
CMC CLA IO . 17.81 -37.84 8.64
CAC CLA IO . 20.28 -38.05 10.64
CBC CLA IO . 19.90 -38.67 11.97
ND CLA IO . 20.05 -32.86 11.90
C1D CLA IO . 20.82 -34.01 12.37
C2D CLA IO . 21.74 -33.59 13.35
C3D CLA IO . 21.55 -32.20 13.54
C4D CLA IO . 20.55 -31.83 12.65
CMD CLA IO . 22.73 -34.47 14.06
CAD CLA IO . 21.94 -31.01 14.29
OBD CLA IO . 22.70 -30.93 15.24
CBD CLA IO . 21.23 -29.82 13.72
CGD CLA IO . 20.60 -28.98 14.81
O1D CLA IO . 20.53 -27.79 14.81
O2D CLA IO . 20.12 -29.74 15.79
CED CLA IO . 19.56 -29.04 16.92
C1 CLA IO . 22.11 -27.43 6.47
C2 CLA IO . 21.69 -27.28 5.05
C3 CLA IO . 21.76 -28.23 4.12
C4 CLA IO . 21.33 -28.03 2.70
C5 CLA IO . 22.27 -29.62 4.44
C1B LMU JO . 20.77 -1.14 16.88
C2B LMU JO . 20.27 -1.15 18.33
C3B LMU JO . 19.88 0.19 18.91
C4B LMU JO . 20.70 1.34 18.35
C5B LMU JO . 20.73 1.21 16.85
C6B LMU JO . 21.41 2.41 16.22
O1B LMU JO . 19.66 -1.26 15.98
O2B LMU JO . 19.11 -2.00 18.40
O3B LMU JO . 20.09 0.13 20.32
O4' LMU JO . 20.11 2.59 18.69
O5B LMU JO . 21.48 0.06 16.58
O6B LMU JO . 21.85 2.01 14.93
C1' LMU JO . 19.67 -3.11 12.33
C2' LMU JO . 18.76 -3.72 13.38
C3' LMU JO . 18.54 -2.74 14.50
C4' LMU JO . 19.82 -2.43 15.20
C5' LMU JO . 20.94 -2.22 14.19
C6' LMU JO . 21.91 -3.39 14.27
O1' LMU JO . 18.80 -2.57 11.36
O2' LMU JO . 17.52 -3.97 12.77
O3' LMU JO . 17.66 -3.33 15.44
O5' LMU JO . 20.43 -2.05 12.87
O6' LMU JO . 21.29 -4.65 14.47
C1 LMU JO . 19.31 -2.62 10.05
C2 LMU JO . 18.68 -3.77 9.32
C3 LMU JO . 17.20 -3.53 9.11
C4 LMU JO . 16.57 -4.83 8.65
C5 LMU JO . 15.94 -4.62 7.31
C6 LMU JO . 15.72 -5.96 6.65
C7 LMU JO . 14.26 -6.14 6.39
C8 LMU JO . 14.07 -7.31 5.45
C9 LMU JO . 12.71 -7.27 4.80
C10 LMU JO . 12.68 -8.30 3.69
C11 LMU JO . 11.42 -8.16 2.86
NB KC2 KO . 79.89 16.59 0.40
ND KC2 KO . 77.79 19.90 0.58
C1A KC2 KO . 78.82 19.52 -2.45
C1B KC2 KO . 80.57 15.99 -0.69
C1C KC2 KO . 78.95 16.97 3.21
C1D KC2 KO . 77.14 20.57 1.60
C2A KC2 KO . 79.35 19.30 -3.76
C2B KC2 KO . 81.23 14.75 -0.26
C2C KC2 KO . 78.49 17.17 4.54
C2D KC2 KO . 76.55 21.73 1.07
C3A KC2 KO . 80.05 18.14 -3.72
C3B KC2 KO . 80.96 14.59 1.07
C3C KC2 KO . 77.77 18.33 4.55
C3D KC2 KO . 76.87 21.76 -0.33
C4A KC2 KO . 79.99 17.64 -2.38
C4B KC2 KO . 80.15 15.72 1.51
C4C KC2 KO . 77.76 18.89 3.24
C4D KC2 KO . 77.65 20.59 -0.58
CAA KC2 KO . 79.15 20.17 -4.91
CAB KC2 KO . 81.37 13.47 1.91
CAC KC2 KO . 77.10 18.89 5.73
CAD KC2 KO . 76.66 22.51 -1.54
CBA KC2 KO . 78.51 19.88 -6.02
CBB KC2 KO . 80.59 12.62 2.50
CBC KC2 KO . 75.89 18.64 6.15
CBD KC2 KO . 77.41 21.79 -2.62
CED KC2 KO . 74.82 22.30 -5.22
CGA KC2 KO . 78.31 20.78 -7.18
CGD KC2 KO . 76.42 21.44 -3.72
CHA KC2 KO . 78.03 20.56 -1.94
CHB KC2 KO . 80.64 16.46 -1.98
CHC KC2 KO . 79.74 15.88 2.80
CHD KC2 KO . 77.14 20.06 2.89
CMA KC2 KO . 80.77 17.47 -4.87
CMB KC2 KO . 82.05 13.85 -1.14
CMC KC2 KO . 78.72 16.24 5.68
CMD KC2 KO . 75.73 22.74 1.82
NA KC2 KO . 79.24 18.50 -1.62
NC KC2 KO . 78.51 18.01 2.40
O1A KC2 KO . 78.02 20.34 -8.29
O1D KC2 KO . 76.23 20.33 -4.13
O2A KC2 KO . 78.47 22.05 -6.96
O2D KC2 KO . 75.80 22.52 -4.17
OBD KC2 KO . 76.00 23.55 -1.69
MG KC2 KO . 78.74 18.31 0.37
C A86 LO . 81.92 16.42 11.40
O A86 LO . 73.82 13.60 3.29
C1 A86 LO . 80.82 16.88 12.32
C10 A86 LO . 73.98 14.09 6.03
C11 A86 LO . 72.82 13.78 5.41
C12 A86 LO . 71.45 14.01 5.98
C13 A86 LO . 72.93 13.22 4.04
C14 A86 LO . 71.93 12.19 3.57
C15 A86 LO . 72.06 11.77 2.10
C16 A86 LO . 72.81 10.45 1.73
C17 A86 LO . 72.39 10.02 0.30
C18 A86 LO . 72.38 11.06 -0.80
C19 A86 LO . 72.59 12.48 -0.28
C2 A86 LO . 79.51 16.82 11.99
C20 A86 LO . 71.90 12.76 1.03
C21 A86 LO . 71.65 14.24 1.27
C22 A86 LO . 72.43 9.30 2.68
C23 A86 LO . 74.32 10.63 1.81
C24 A86 LO . 81.19 17.36 13.64
C25 A86 LO . 82.37 17.25 14.26
C26 A86 LO . 82.61 17.76 15.57
C27 A86 LO . 83.77 17.78 16.26
C28 A86 LO . 85.06 17.21 15.72
C29 A86 LO . 83.76 18.36 17.56
C3 A86 LO . 78.93 16.30 10.80
C30 A86 LO . 84.58 18.00 18.52
C31 A86 LO . 85.43 17.71 19.46
C32 A86 LO . 85.39 16.42 20.23
C33 A86 LO . 86.76 15.73 20.20
C34 A86 LO . 87.91 16.63 19.79
C35 A86 LO . 87.72 18.01 20.38
C36 A86 LO . 86.51 18.72 19.80
C37 A86 LO . 86.00 19.79 20.76
C38 A86 LO . 90.32 16.43 19.89
C39 A86 LO . 91.43 15.77 20.62
C4 A86 LO . 77.60 16.32 10.55
C40 A86 LO . 84.40 15.44 19.59
C41 A86 LO . 84.96 16.68 21.67
C5 A86 LO . 77.04 15.77 9.36
C6 A86 LO . 75.74 15.74 8.98
C7 A86 LO . 74.62 16.34 9.80
C8 A86 LO . 75.39 15.06 7.74
C9 A86 LO . 74.17 14.77 7.27
O1 A86 LO . 70.79 11.87 1.37
O2 A86 LO . 73.40 10.75 -1.76
O3 A86 LO . 86.95 19.35 18.60
O4 A86 LO . 89.12 16.06 20.40
O5 A86 LO . 90.43 17.18 18.97
NB KC2 MO . 85.15 -20.84 -4.81
ND KC2 MO . 84.22 -17.31 -3.42
C1A KC2 MO . 86.06 -16.92 -6.03
C1B KC2 MO . 85.90 -21.22 -5.96
C1C KC2 MO . 83.61 -21.18 -2.28
C1D KC2 MO . 83.50 -16.86 -2.34
C2A KC2 MO . 86.93 -16.83 -7.17
C2B KC2 MO . 85.97 -22.69 -6.07
C2C KC2 MO . 82.89 -21.35 -1.06
C2D KC2 MO . 83.48 -15.46 -2.35
C3A KC2 MO . 87.19 -18.10 -7.58
C3B KC2 MO . 85.31 -23.19 -4.99
C3C KC2 MO . 82.58 -20.09 -0.61
C3D KC2 MO . 84.24 -15.03 -3.49
C4A KC2 MO . 86.51 -18.99 -6.70
C4B KC2 MO . 84.80 -22.10 -4.20
C4C KC2 MO . 83.10 -19.13 -1.53
C4D KC2 MO . 84.68 -16.24 -4.12
CAA KC2 MO . 87.46 -15.61 -7.74
CAB KC2 MO . 85.11 -24.61 -4.66
CAC KC2 MO . 81.86 -19.81 0.64
CAD KC2 MO . 84.69 -13.87 -4.22
CBA KC2 MO . 87.43 -15.25 -9.03
CBB KC2 MO . 84.45 -25.50 -5.34
CBC KC2 MO . 82.31 -19.97 1.85
CBD KC2 MO . 85.54 -14.39 -5.36
CED KC2 MO . 85.26 -12.22 -8.34
CGA KC2 MO . 87.98 -14.02 -9.61
CGD KC2 MO . 84.98 -13.84 -6.67
CHA KC2 MO . 85.47 -15.92 -5.25
CHB KC2 MO . 86.52 -20.38 -6.84
CHC KC2 MO . 84.09 -22.27 -3.03
CHD KC2 MO . 82.97 -17.77 -1.42
CMA KC2 MO . 88.05 -18.52 -8.74
CMB KC2 MO . 86.66 -23.44 -7.17
CMC KC2 MO . 82.54 -22.65 -0.42
CMD KC2 MO . 82.80 -14.56 -1.36
NA KC2 MO . 85.82 -18.24 -5.75
NC KC2 MO . 83.75 -19.84 -2.59
O1A KC2 MO . 88.96 -13.48 -9.11
O1D KC2 MO . 84.03 -14.31 -7.26
O2A KC2 MO . 87.35 -13.54 -10.64
O2D KC2 MO . 85.68 -12.79 -7.08
OBD KC2 MO . 84.47 -12.68 -3.99
MG KC2 MO . 84.68 -18.93 -4.19
NB KC2 NO . 84.45 -10.15 3.10
ND KC2 NO . 85.92 -12.35 0.23
C1A KC2 NO . 86.16 -9.26 -0.64
C1B KC2 NO . 84.37 -8.74 3.24
C1C KC2 NO . 84.17 -13.02 3.85
C1D KC2 NO . 86.08 -13.71 0.03
C2A KC2 NO . 86.23 -7.87 -0.96
C2B KC2 NO . 83.82 -8.37 4.56
C2C KC2 NO . 84.05 -14.40 4.21
C2D KC2 NO . 86.73 -13.92 -1.20
C3A KC2 NO . 85.63 -7.19 0.07
C3B KC2 NO . 83.54 -9.55 5.21
C3C KC2 NO . 84.59 -15.13 3.19
C3D KC2 NO . 86.97 -12.63 -1.77
C4A KC2 NO . 85.24 -8.15 1.04
C4B KC2 NO . 83.92 -10.65 4.35
C4C KC2 NO . 85.04 -14.23 2.17
C4D KC2 NO . 86.45 -11.69 -0.84
CAA KC2 NO . 86.90 -7.30 -2.10
CAB KC2 NO . 82.98 -9.70 6.55
CAC KC2 NO . 84.78 -16.59 3.16
CAD KC2 NO . 87.52 -11.96 -2.93
CBA KC2 NO . 86.44 -7.14 -3.33
CBB KC2 NO . 83.34 -9.10 7.65
CBC KC2 NO . 83.94 -17.54 3.42
CBD KC2 NO . 87.40 -10.49 -2.65
CED KC2 NO . 90.48 -8.78 -3.81
CGA KC2 NO . 87.26 -6.54 -4.41
CGD KC2 NO . 88.82 -9.91 -2.60
CHA KC2 NO . 86.63 -10.37 -1.34
CHB KC2 NO . 84.73 -7.80 2.31
CHC KC2 NO . 83.78 -11.97 4.70
CHD KC2 NO . 85.64 -14.61 0.99
CMA KC2 NO . 85.43 -5.71 0.18
CMB KC2 NO . 83.66 -6.99 5.11
CMC KC2 NO . 83.47 -14.92 5.49
CMD KC2 NO . 87.13 -15.24 -1.78
NA KC2 NO . 85.55 -9.42 0.58
NC KC2 NO . 84.76 -12.90 2.61
O1A KC2 NO . 87.30 -7.04 -5.52
O1D KC2 NO . 89.55 -10.01 -1.65
O2A KC2 NO . 87.94 -5.48 -4.09
O2D KC2 NO . 89.14 -9.31 -3.73
OBD KC2 NO . 88.02 -12.46 -3.94
MG KC2 NO . 85.27 -11.22 1.54
NB KC2 OO . 80.13 -3.44 -3.87
ND KC2 OO . 77.16 -1.00 -4.61
C1A KC2 OO . 78.82 -1.44 -7.33
C1B KC2 OO . 81.18 -3.88 -4.71
C1C KC2 OO . 78.57 -3.03 -1.36
C1D KC2 OO . 76.22 -0.37 -3.85
C2A KC2 OO . 79.66 -1.58 -8.48
C2B KC2 OO . 82.05 -4.83 -3.96
C2C KC2 OO . 77.84 -2.77 -0.15
C2D KC2 OO . 75.41 0.42 -4.66
C3A KC2 OO . 80.76 -2.29 -8.09
C3B KC2 OO . 81.52 -4.95 -2.71
C3C KC2 OO . 76.87 -1.87 -0.45
C3D KC2 OO . 75.89 0.25 -6.01
C4A KC2 OO . 80.57 -2.64 -6.72
C4B KC2 OO . 80.36 -4.09 -2.61
C4C KC2 OO . 76.96 -1.54 -1.85
C4D KC2 OO . 76.99 -0.66 -5.92
CAA KC2 OO . 79.29 -1.19 -9.83
CAB KC2 OO . 82.02 -5.82 -1.64
CAC KC2 OO . 75.86 -1.36 0.48
CAD KC2 OO . 75.69 0.66 -7.38
CBA KC2 OO . 79.98 -0.60 -10.79
CBB KC2 OO . 81.51 -6.93 -1.20
CBC KC2 OO . 76.02 -0.94 1.70
CBD KC2 OO . 76.62 -0.18 -8.20
CED KC2 OO . 75.23 -2.11 -11.03
CGA KC2 OO . 79.41 -0.27 -12.11
CGD KC2 OO . 75.79 -1.23 -8.93
CHA KC2 OO . 77.57 -0.82 -7.19
CHB KC2 OO . 81.39 -3.54 -6.01
CHC KC2 OO . 79.69 -3.88 -1.45
CHD KC2 OO . 76.13 -0.63 -2.48
CMA KC2 OO . 81.99 -2.57 -8.90
CMB KC2 OO . 83.28 -5.51 -4.47
CMC KC2 OO . 78.15 -3.37 1.19
CMD KC2 OO . 74.26 1.28 -4.24
NA KC2 OO . 79.39 -2.08 -6.27
NC KC2 OO . 78.03 -2.29 -2.39
O1A KC2 OO . 79.11 0.89 -12.39
O1D KC2 OO . 75.20 -2.13 -8.38
O2A KC2 OO . 79.25 -1.26 -12.92
O2D KC2 OO . 75.83 -1.06 -10.24
OBD KC2 OO . 74.92 1.52 -7.82
MG KC2 OO . 78.57 -2.19 -4.38
MG CLA PO . 77.15 6.23 3.62
CHA CLA PO . 79.65 4.68 1.86
CHB CLA PO . 75.00 3.96 2.47
CHC CLA PO . 74.66 7.98 5.16
CHD CLA PO . 79.21 9.09 3.93
NA CLA PO . 77.35 4.65 2.51
C1A CLA PO . 78.46 4.03 1.98
C2A CLA PO . 78.18 2.62 1.55
C3A CLA PO . 76.72 2.76 1.18
C4A CLA PO . 76.29 3.86 2.11
CMA CLA PO . 76.45 3.09 -0.28
CAA CLA PO . 78.42 1.76 2.81
CBA CLA PO . 79.66 0.88 2.74
CGA CLA PO . 79.71 -0.18 3.79
O1A CLA PO . 79.03 -1.17 3.80
O2A CLA PO . 80.62 0.10 4.72
NB CLA PO . 75.22 6.00 3.82
C1B CLA PO . 74.44 4.90 3.33
C2B CLA PO . 73.12 5.00 3.81
C3B CLA PO . 73.04 6.14 4.58
C4B CLA PO . 74.31 6.77 4.57
CMB CLA PO . 72.02 4.00 3.57
CAB CLA PO . 71.87 6.65 5.31
CBB CLA PO . 71.73 6.76 6.59
NC CLA PO . 76.98 8.05 4.35
C1C CLA PO . 75.86 8.58 5.01
C2C CLA PO . 76.11 9.94 5.48
C3C CLA PO . 77.38 10.28 5.08
C4C CLA PO . 77.93 9.13 4.39
CMC CLA PO . 75.18 10.81 6.27
CAC CLA PO . 78.09 11.59 5.27
CBC CLA PO . 79.08 11.55 6.40
ND CLA PO . 78.92 6.81 3.06
C1D CLA PO . 79.74 8.00 3.28
C2D CLA PO . 81.03 7.79 2.76
C3D CLA PO . 81.06 6.49 2.19
C4D CLA PO . 79.79 5.97 2.40
CMD CLA PO . 82.16 8.77 2.81
CAD CLA PO . 81.84 5.50 1.50
OBD CLA PO . 83.01 5.54 1.16
CBD CLA PO . 81.00 4.27 1.26
CGD CLA PO . 81.00 4.00 -0.24
O1D CLA PO . 80.22 4.45 -1.03
O2D CLA PO . 82.02 3.21 -0.56
CED CLA PO . 82.38 3.17 -1.97
C1 CLA PO . 80.93 -0.99 5.65
C2 CLA PO . 81.72 -0.42 6.78
C3 CLA PO . 82.84 -0.91 7.31
C4 CLA PO . 83.55 -0.25 8.46
C5 CLA PO . 83.48 -2.18 6.80
C6 CLA PO . 84.40 -1.95 5.60
C7 CLA PO . 85.14 -3.21 5.18
C8 CLA PO . 86.34 -3.00 4.25
C9 CLA PO . 85.92 -2.36 2.93
C10 CLA PO . 87.09 -4.31 4.02
MG CLA QO . 67.36 20.07 2.00
CHA CLA QO . 69.94 22.05 3.04
CHB CLA QO . 65.49 22.78 1.60
CHC CLA QO . 64.68 18.00 1.43
CHD CLA QO . 69.12 17.22 3.18
NA CLA QO . 67.71 21.97 2.17
C1A CLA QO . 68.87 22.67 2.50
C2A CLA QO . 68.79 24.14 2.26
C3A CLA QO . 67.31 24.36 2.03
C4A CLA QO . 66.78 22.96 1.93
CMA CLA QO . 66.63 25.19 3.12
CAA CLA QO . 69.62 24.48 1.01
CBA CLA QO . 69.87 25.96 0.80
CGA CLA QO . 70.85 26.24 -0.31
O1A CLA QO . 70.56 26.50 -1.44
O2A CLA QO . 72.11 26.13 0.12
NB CLA QO . 65.47 20.32 1.61
C1B CLA QO . 64.79 21.59 1.46
C2B CLA QO . 63.43 21.39 1.15
C3B CLA QO . 63.22 20.01 1.11
C4B CLA QO . 64.44 19.36 1.38
CMB CLA QO . 62.41 22.46 0.93
CAB CLA QO . 61.96 19.31 0.85
CBB CLA QO . 61.25 19.31 -0.23
NC CLA QO . 67.01 18.13 2.20
C1C CLA QO . 65.85 17.44 1.85
C2C CLA QO . 65.97 16.00 2.05
C3C CLA QO . 67.23 15.78 2.55
C4C CLA QO . 67.88 17.06 2.67
CMC CLA QO . 64.93 14.96 1.79
CAC CLA QO . 67.84 14.45 2.92
CBC CLA QO . 67.83 14.19 4.40
ND CLA QO . 69.04 19.66 2.88
C1D CLA QO . 69.73 18.45 3.32
C2D CLA QO . 71.00 18.78 3.84
C3D CLA QO . 71.14 20.18 3.76
C4D CLA QO . 69.97 20.64 3.18
CMD CLA QO . 71.99 17.81 4.39
CAD CLA QO . 71.99 21.33 4.01
OBD CLA QO . 73.09 21.37 4.52
CBD CLA QO . 71.28 22.57 3.55
CGD CLA QO . 71.11 23.56 4.70
O1D CLA QO . 71.21 24.76 4.61
O2D CLA QO . 70.83 22.92 5.83
CED CLA QO . 70.64 23.76 7.00
NB KC2 RO . 56.66 -1.29 -7.64
ND KC2 RO . 57.09 2.59 -7.49
C1A KC2 RO . 57.29 1.68 -10.56
C1B KC2 RO . 56.70 -2.18 -8.75
C1C KC2 RO . 56.47 -0.43 -4.80
C1D KC2 RO . 57.15 3.51 -6.46
C2A KC2 RO . 57.39 1.22 -11.90
C2B KC2 RO . 56.48 -3.57 -8.29
C2C KC2 RO . 56.40 0.00 -3.44
C2D KC2 RO . 57.35 4.79 -6.99
C3A KC2 RO . 57.24 -0.14 -11.87
C3B KC2 RO . 56.32 -3.53 -6.95
C3C KC2 RO . 56.59 1.35 -3.43
C3D KC2 RO . 57.43 4.63 -8.42
C4A KC2 RO . 57.06 -0.53 -10.51
C4B KC2 RO . 56.43 -2.15 -6.51
C4C KC2 RO . 56.77 1.80 -4.78
C4D KC2 RO . 57.25 3.24 -8.67
CAA KC2 RO . 57.64 2.03 -13.07
CAB KC2 RO . 56.04 -4.67 -6.06
CAC KC2 RO . 56.60 2.19 -2.23
CAD KC2 RO . 57.63 5.34 -9.67
CBA KC2 RO . 56.89 2.08 -14.16
CBB KC2 RO . 55.01 -4.85 -5.30
CBC KC2 RO . 55.60 2.83 -1.70
CBD KC2 RO . 57.50 4.33 -10.76
CED KC2 RO . 55.49 6.19 -13.25
CGA KC2 RO . 57.16 2.91 -15.35
CGD KC2 RO . 56.28 4.72 -11.59
CHA KC2 RO . 57.34 2.98 -10.06
CHB KC2 RO . 56.89 -1.86 -10.07
CHC KC2 RO . 56.36 -1.77 -5.19
CHD KC2 RO . 56.99 3.10 -5.14
CMA KC2 RO . 57.25 -1.05 -13.07
CMB KC2 RO . 56.46 -4.79 -9.18
CMC KC2 RO . 56.11 -0.90 -2.27
CMD KC2 RO . 57.46 6.08 -6.25
NA KC2 RO . 57.08 0.61 -9.72
NC KC2 RO . 56.69 0.65 -5.63
O1A KC2 RO . 56.29 3.12 -16.19
O1D KC2 RO . 55.20 4.21 -11.50
O2A KC2 RO . 58.36 3.42 -15.44
O2D KC2 RO . 56.57 5.73 -12.42
OBD KC2 RO . 57.85 6.56 -9.83
MG KC2 RO . 56.82 0.76 -7.68
MG CLA SO . 61.96 -2.01 1.09
CHA CLA SO . 62.25 -4.00 -1.67
CHB CLA SO . 60.03 0.06 -0.65
CHC CLA SO . 61.93 0.04 3.81
CHD CLA SO . 64.78 -3.65 2.50
NA CLA SO . 61.24 -2.06 -0.71
C1A CLA SO . 61.34 -3.00 -1.71
C2A CLA SO . 60.37 -2.79 -2.84
C3A CLA SO . 60.10 -1.31 -2.69
C4A CLA SO . 60.47 -1.06 -1.26
CMA CLA SO . 60.92 -0.43 -3.64
CAA CLA SO . 59.13 -3.68 -2.65
CBA CLA SO . 58.58 -3.85 -1.23
CGA CLA SO . 57.23 -4.52 -1.20
O1A CLA SO . 56.26 -4.10 -1.77
O2A CLA SO . 57.25 -5.62 -0.44
NB CLA SO . 61.13 -0.31 1.51
C1B CLA SO . 60.25 0.46 0.66
C2B CLA SO . 59.74 1.57 1.36
C3B CLA SO . 60.28 1.53 2.65
C4B CLA SO . 61.13 0.41 2.74
CMB CLA SO . 58.79 2.59 0.82
CAB CLA SO . 59.99 2.43 3.76
CBB CLA SO . 59.53 2.14 4.95
NC CLA SO . 63.06 -1.85 2.73
C1C CLA SO . 62.84 -0.97 3.78
C2C CLA SO . 63.80 -1.16 4.86
C3C CLA SO . 64.66 -2.15 4.46
C4C CLA SO . 64.22 -2.60 3.16
CMC CLA SO . 63.80 -0.47 6.19
CAC CLA SO . 65.87 -2.66 5.19
CBC CLA SO . 65.57 -3.86 6.02
ND CLA SO . 63.21 -3.42 0.62
C1D CLA SO . 64.32 -4.10 1.28
C2D CLA SO . 64.78 -5.15 0.48
C3D CLA SO . 63.98 -5.18 -0.68
C4D CLA SO . 63.09 -4.14 -0.55
CMD CLA SO . 65.91 -6.08 0.82
CAD CLA SO . 63.68 -5.86 -1.94
OBD CLA SO . 64.19 -6.87 -2.40
CBD CLA SO . 62.60 -5.12 -2.66
CGD CLA SO . 63.10 -4.64 -4.00
O1D CLA SO . 63.62 -3.58 -4.21
O2D CLA SO . 62.88 -5.54 -4.95
CED CLA SO . 63.35 -5.21 -6.27
C1 CLA SO . 55.94 -6.18 -0.12
C2 CLA SO . 56.02 -7.56 0.44
C3 CLA SO . 56.33 -7.87 1.69
C4 CLA SO . 56.71 -6.85 2.73
C5 CLA SO . 56.24 -9.29 2.19
C6 CLA SO . 57.56 -9.85 2.69
C7 CLA SO . 57.68 -11.37 2.48
C8 CLA SO . 59.09 -11.95 2.56
C9 CLA SO . 59.18 -13.27 1.80
C10 CLA SO . 59.58 -12.05 4.02
C11 CLA SO . 60.29 -13.32 4.46
C12 CLA SO . 60.77 -13.27 5.91
C13 CLA SO . 61.72 -14.38 6.35
C14 CLA SO . 61.12 -15.77 6.16
C15 CLA SO . 62.17 -14.13 7.80
C16 CLA SO . 63.19 -15.11 8.39
C17 CLA SO . 63.65 -14.71 9.79
C18 CLA SO . 64.78 -15.55 10.38
C19 CLA SO . 65.03 -15.18 11.83
C20 CLA SO . 64.56 -17.04 10.26
MG CLA TO . 63.11 -11.23 1.60
CHA CLA TO . 61.49 -9.76 -1.01
CHB CLA TO . 62.85 -14.16 0.10
CHC CLA TO . 64.46 -12.66 4.40
CHD CLA TO . 62.60 -8.27 3.51
NA CLA TO . 62.42 -11.77 -0.12
C1A CLA TO . 61.88 -11.04 -1.16
C2A CLA TO . 61.69 -11.84 -2.43
C3A CLA TO . 61.82 -13.27 -1.94
C4A CLA TO . 62.40 -13.08 -0.56
CMA CLA TO . 60.51 -14.06 -1.93
CAA CLA TO . 62.75 -11.42 -3.45
CBA CLA TO . 62.21 -11.08 -4.84
CGA CLA TO . 61.28 -12.13 -5.36
O1A CLA TO . 61.42 -13.30 -5.18
O2A CLA TO . 60.22 -11.60 -5.97
NB CLA TO . 63.56 -13.04 2.14
C1B CLA TO . 63.39 -14.23 1.36
C2B CLA TO . 63.81 -15.36 2.08
C3B CLA TO . 64.25 -14.91 3.31
C4B CLA TO . 64.12 -13.51 3.35
CMB CLA TO . 63.78 -16.78 1.60
CAB CLA TO . 64.71 -15.74 4.44
CBB CLA TO . 65.91 -15.89 4.85
NC CLA TO . 63.48 -10.61 3.44
C1C CLA TO . 64.12 -11.34 4.44
C2C CLA TO . 64.31 -10.54 5.64
C3C CLA TO . 63.75 -9.32 5.42
C4C CLA TO . 63.24 -9.34 4.07
CMC CLA TO . 65.01 -10.97 6.91
CAC CLA TO . 63.65 -8.17 6.39
CBC CLA TO . 64.84 -7.26 6.32
ND CLA TO . 62.26 -9.50 1.41
C1D CLA TO . 62.07 -8.32 2.23
C2D CLA TO . 61.37 -7.33 1.52
C3D CLA TO . 61.13 -7.84 0.23
C4D CLA TO . 61.67 -9.11 0.22
CMD CLA TO . 60.96 -5.99 2.03
CAD CLA TO . 60.53 -7.61 -1.07
OBD CLA TO . 59.87 -6.66 -1.45
CBD CLA TO . 60.81 -8.75 -1.96
CGD CLA TO . 59.43 -9.22 -2.38
O1D CLA TO . 59.19 -9.77 -3.42
O2D CLA TO . 58.57 -9.06 -1.39
CED CLA TO . 58.14 -10.28 -0.75
C1 CLA TO . 59.07 -12.46 -6.15
C2 CLA TO . 58.40 -12.71 -4.84
C3 CLA TO . 57.18 -13.19 -4.63
C4 CLA TO . 56.21 -13.52 -5.72
C5 CLA TO . 56.70 -13.44 -3.22
C6 CLA TO . 56.18 -12.21 -2.51
C7 CLA TO . 54.69 -11.93 -2.70
C8 CLA TO . 54.20 -10.67 -1.97
C9 CLA TO . 53.99 -10.91 -0.48
C10 CLA TO . 52.94 -10.12 -2.65
C11 CLA TO . 52.17 -9.00 -1.97
C12 CLA TO . 52.92 -7.67 -1.93
C13 CLA TO . 52.33 -6.56 -2.79
C14 CLA TO . 52.31 -6.94 -4.27
C15 CLA TO . 53.06 -5.24 -2.55
MG CLA UO . 70.21 -16.26 -6.35
CHA CLA UO . 71.03 -16.80 -9.64
CHB CLA UO . 67.78 -14.25 -7.30
CHC CLA UO . 69.84 -15.35 -3.06
CHD CLA UO . 73.11 -18.07 -5.38
NA CLA UO . 69.55 -15.71 -8.09
C1A CLA UO . 69.94 -16.06 -9.39
C2A CLA UO . 69.02 -15.53 -10.46
C3A CLA UO . 68.08 -14.65 -9.69
C4A CLA UO . 68.49 -14.86 -8.26
CMA CLA UO . 68.18 -13.20 -10.16
CAA CLA UO . 68.30 -16.67 -11.22
CBA CLA UO . 67.79 -17.90 -10.46
CGA CLA UO . 66.51 -17.69 -9.71
O1A CLA UO . 65.43 -18.06 -10.07
O2A CLA UO . 66.74 -17.14 -8.51
NB CLA UO . 69.05 -15.05 -5.36
C1B CLA UO . 67.98 -14.28 -5.93
C2B CLA UO . 67.26 -13.62 -4.91
C3B CLA UO . 67.88 -13.92 -3.71
C4B CLA UO . 68.96 -14.79 -3.97
CMB CLA UO . 66.05 -12.76 -5.10
CAB CLA UO . 67.49 -13.44 -2.39
CBB CLA UO . 66.36 -13.65 -1.78
NC CLA UO . 71.19 -16.65 -4.66
C1C CLA UO . 70.84 -16.21 -3.38
C2C CLA UO . 71.73 -16.78 -2.36
C3C CLA UO . 72.64 -17.58 -3.01
C4C CLA UO . 72.33 -17.49 -4.43
CMC CLA UO . 71.69 -16.57 -0.88
CAC CLA UO . 73.71 -18.43 -2.40
CBC CLA UO . 73.31 -19.87 -2.23
ND CLA UO . 71.72 -17.14 -7.20
C1D CLA UO . 72.90 -17.87 -6.74
C2D CLA UO . 73.62 -18.36 -7.84
C3D CLA UO . 72.95 -17.96 -9.01
C4D CLA UO . 71.83 -17.25 -8.57
CMD CLA UO . 74.89 -19.16 -7.77
CAD CLA UO . 72.96 -17.92 -10.46
OBD CLA UO . 73.83 -18.29 -11.23
CBD CLA UO . 71.65 -17.33 -10.94
CGD CLA UO . 71.85 -16.31 -12.05
O1D CLA UO . 71.00 -15.97 -12.82
O2D CLA UO . 73.11 -15.89 -12.10
CED CLA UO . 73.46 -15.09 -13.25
C1 CLA UO . 65.84 -17.50 -7.43
C2 CLA UO . 64.53 -16.79 -7.50
C3 CLA UO . 63.86 -16.21 -6.52
C4 CLA UO . 62.53 -15.55 -6.74
C5 CLA UO . 64.40 -16.11 -5.11
C6 CLA UO . 64.28 -17.40 -4.31
C7 CLA UO . 62.99 -17.46 -3.48
C8 CLA UO . 62.68 -18.78 -2.77
C9 CLA UO . 61.19 -18.86 -2.42
C10 CLA UO . 63.55 -18.98 -1.53
C11 CLA UO . 63.29 -20.26 -0.70
C12 CLA UO . 64.18 -20.38 0.52
C13 CLA UO . 65.62 -20.86 0.29
C14 CLA UO . 65.69 -22.37 0.15
C15 CLA UO . 66.57 -20.34 1.36
C16 CLA UO . 66.44 -20.94 2.76
C17 CLA UO . 67.28 -20.23 3.82
C18 CLA UO . 68.77 -20.06 3.51
C19 CLA UO . 69.49 -19.41 4.68
C20 CLA UO . 69.45 -21.35 3.13
MG CLA VO . 72.60 -25.88 11.14
CHA CLA VO . 70.59 -27.67 13.26
CHB CLA VO . 75.23 -27.58 12.25
CHC CLA VO . 74.61 -23.76 9.34
CHD CLA VO . 69.95 -23.55 10.69
NA CLA VO . 72.81 -27.35 12.40
C1A CLA VO . 71.87 -28.06 13.15
C2A CLA VO . 72.43 -29.30 13.80
C3A CLA VO . 73.91 -29.05 13.72
C4A CLA VO . 74.01 -27.93 12.73
CMA CLA VO . 74.56 -28.68 15.05
CAA CLA VO . 71.96 -30.54 13.03
CBA CLA VO . 71.77 -30.38 11.51
CGA CLA VO . 71.66 -31.69 10.79
O1A CLA VO . 71.11 -32.66 11.22
O2A CLA VO . 72.22 -31.63 9.58
NB CLA VO . 74.52 -25.71 10.83
C1B CLA VO . 75.54 -26.59 11.35
C2B CLA VO . 76.79 -26.23 10.82
C3B CLA VO . 76.60 -25.14 9.98
C4B CLA VO . 75.23 -24.82 10.00
CMB CLA VO . 78.10 -26.91 11.11
CAB CLA VO . 77.61 -24.42 9.21
CBB CLA VO . 78.36 -24.89 8.24
NC CLA VO . 72.35 -24.14 10.22
C1C CLA VO . 73.29 -23.44 9.48
C2C CLA VO . 72.73 -22.22 8.90
C3C CLA VO . 71.43 -22.14 9.32
C4C CLA VO . 71.17 -23.31 10.12
CMC CLA VO . 73.43 -21.28 7.97
CAC CLA VO . 70.44 -21.05 9.03
CBC CLA VO . 69.43 -21.43 7.96
ND CLA VO . 70.77 -25.62 11.75
C1D CLA VO . 69.71 -24.66 11.48
C2D CLA VO . 68.52 -25.05 12.13
C3D CLA VO . 68.80 -26.24 12.84
C4D CLA VO . 70.14 -26.52 12.59
CMD CLA VO . 67.21 -24.33 12.06
CAD CLA VO . 68.30 -27.26 13.73
OBD CLA VO . 67.18 -27.38 14.21
CBD CLA VO . 69.39 -28.25 14.02
CGD CLA VO . 69.58 -28.34 15.52
O1D CLA VO . 69.98 -29.32 16.11
O2D CLA VO . 69.23 -27.22 16.12
CED CLA VO . 69.33 -27.20 17.56
C1 CLA VO . 72.04 -32.79 8.74
C2 CLA VO . 72.77 -32.62 7.46
C3 CLA VO . 72.80 -33.57 6.53
C4 CLA VO . 72.11 -34.90 6.66
C5 CLA VO . 73.55 -33.35 5.23
C6 CLA VO . 72.91 -32.31 4.33
C7 CLA VO . 72.93 -32.69 2.84
C8 CLA VO . 71.66 -33.37 2.35
C9 CLA VO . 71.97 -34.41 1.28
C10 CLA VO . 70.67 -32.32 1.83
C11 CLA VO . 69.21 -32.73 1.71
C12 CLA VO . 68.34 -31.65 1.09
C13 CLA VO . 66.83 -31.85 1.17
C14 CLA VO . 66.39 -33.15 0.50
C15 CLA VO . 66.09 -30.65 0.59
MG CLA WO . 74.57 -0.26 13.79
CHA CLA WO . 74.45 0.81 17.03
CHB CLA WO . 71.36 -1.06 14.02
CHC CLA WO . 74.82 -1.55 10.67
CHD CLA WO . 78.12 -0.21 13.95
NA CLA WO . 73.24 0.00 15.16
C1A CLA WO . 73.28 0.65 16.38
C2A CLA WO . 71.91 1.03 16.86
C3A CLA WO . 71.13 -0.16 16.32
C4A CLA WO . 71.94 -0.45 15.07
CMA CLA WO . 71.03 -1.36 17.26
CAA CLA WO . 71.46 2.35 16.23
CBA CLA WO . 72.28 3.59 16.61
CGA CLA WO . 73.55 3.82 15.84
O1A CLA WO . 74.46 4.52 16.22
O2A CLA WO . 73.55 3.18 14.68
NB CLA WO . 73.35 -1.15 12.58
C1B CLA WO . 71.94 -1.39 12.80
C2B CLA WO . 71.35 -1.93 11.65
C3B CLA WO . 72.35 -2.06 10.69
C4B CLA WO . 73.56 -1.60 11.26
CMB CLA WO . 69.89 -2.28 11.48
CAB CLA WO . 72.21 -2.56 9.32
CBB CLA WO . 71.50 -3.56 8.89
NC CLA WO . 76.08 -0.75 12.62
C1C CLA WO . 75.96 -1.18 11.30
C2C CLA WO . 77.27 -1.25 10.65
C3C CLA WO . 78.22 -0.93 11.59
C4C CLA WO . 77.50 -0.62 12.81
CMC CLA WO . 77.50 -1.48 9.19
CAC CLA WO . 79.71 -0.90 11.42
CBC CLA WO . 80.23 0.47 11.04
ND CLA WO . 75.96 0.13 15.10
C1D CLA WO . 77.41 0.15 15.09
C2D CLA WO . 77.90 0.60 16.33
C3D CLA WO . 76.77 0.88 17.14
C4D CLA WO . 75.66 0.57 16.37
CMD CLA WO . 79.34 0.77 16.71
CAD CLA WO . 76.30 1.41 18.40
OBD CLA WO . 76.94 1.87 19.33
CBD CLA WO . 74.81 1.30 18.45
CGD CLA WO . 74.46 0.30 19.55
O1D CLA WO . 75.25 -0.43 20.08
O2D CLA WO . 73.17 0.35 19.85
CED CLA WO . 72.71 -0.61 20.83
C1 CLA WO . 74.66 3.44 13.79
C2 CLA WO . 74.31 2.81 12.48
C3 CLA WO . 75.14 2.67 11.47
C4 CLA WO . 76.57 3.13 11.48
C5 CLA WO . 74.69 1.97 10.21
C6 CLA WO . 74.55 2.89 9.00
C7 CLA WO . 75.84 3.04 8.19
C8 CLA WO . 75.76 3.41 6.71
C9 CLA WO . 74.79 2.53 5.94
C10 CLA WO . 77.14 3.38 6.05
C11 CLA WO . 78.26 4.24 6.65
C12 CLA WO . 79.56 4.12 5.87
C13 CLA WO . 80.71 5.04 6.28
C14 CLA WO . 81.98 4.72 5.49
C15 CLA WO . 80.98 4.97 7.79
NB KC2 XO . 68.87 14.21 13.34
ND KC2 XO . 68.86 10.67 14.99
C1A KC2 XO . 68.28 12.85 17.28
C1B KC2 XO . 68.65 15.49 13.90
C1C KC2 XO . 69.51 12.17 11.25
C1D KC2 XO . 69.09 9.39 14.53
C2A KC2 XO . 68.05 13.89 18.25
C2B KC2 XO . 68.76 16.54 12.86
C2C KC2 XO . 69.82 11.21 10.25
C2D KC2 XO . 68.97 8.49 15.60
C3A KC2 XO . 68.09 15.08 17.57
C3B KC2 XO . 69.06 15.90 11.68
C3C KC2 XO . 69.83 9.99 10.87
C3D KC2 XO . 68.67 9.26 16.77
C4A KC2 XO . 68.33 14.79 16.21
C4B KC2 XO . 69.14 14.48 11.94
C4C KC2 XO . 69.51 10.17 12.27
C4D KC2 XO . 68.61 10.62 16.33
CAA KC2 XO . 67.87 13.69 19.67
CAB KC2 XO . 69.27 16.52 10.37
CAC KC2 XO . 70.10 8.72 10.21
CAD KC2 XO . 68.42 9.17 18.19
CBA KC2 XO . 66.86 14.14 20.40
CBB KC2 XO . 68.42 17.19 9.64
CBC KC2 XO . 69.38 7.65 10.22
CBD KC2 XO . 68.16 10.58 18.66
CED KC2 XO . 65.49 10.10 21.20
CGA KC2 XO . 66.67 13.93 21.85
CGD KC2 XO . 66.77 10.64 19.28
CHA KC2 XO . 68.33 11.47 17.43
CHB KC2 XO . 68.40 15.78 15.22
CHC KC2 XO . 69.43 13.55 10.97
CHD KC2 XO . 69.40 9.17 13.19
CMA KC2 XO . 67.90 16.45 18.16
CMB KC2 XO . 68.58 18.02 13.08
CMC KC2 XO . 70.10 11.49 8.81
CMD KC2 XO . 69.14 7.00 15.56
NA KC2 XO . 68.45 13.43 16.04
NC KC2 XO . 69.31 11.58 12.47
O1A KC2 XO . 67.01 12.89 22.39
O1D KC2 XO . 65.80 11.12 18.76
O2A KC2 XO . 66.14 14.93 22.50
O2D KC2 XO . 66.75 10.07 20.49
OBD KC2 XO . 68.39 8.15 18.90
MG KC2 XO . 68.79 12.39 14.29
C A86 YO . 80.28 -11.96 3.25
O A86 YO . 82.70 -0.51 -1.75
C1 A86 YO . 80.04 -11.23 4.54
C10 A86 YO . 82.44 -2.71 0.58
C11 A86 YO . 82.89 -1.46 0.41
C12 A86 YO . 82.92 -0.40 1.47
C13 A86 YO . 83.40 -1.08 -0.94
C14 A86 YO . 84.85 -1.43 -1.23
C15 A86 YO . 85.50 -0.69 -2.41
C16 A86 YO . 85.19 -1.14 -3.86
C17 A86 YO . 86.50 -1.56 -4.54
C18 A86 YO . 87.63 -0.55 -4.55
C19 A86 YO . 87.52 0.51 -3.46
C2 A86 YO . 80.18 -9.90 4.67
C20 A86 YO . 86.73 0.12 -2.23
C21 A86 YO . 87.49 0.32 -0.94
C22 A86 YO . 84.23 -2.34 -3.90
C23 A86 YO . 84.52 -0.02 -4.66
C24 A86 YO . 79.67 -12.02 5.71
C25 A86 YO . 79.70 -13.35 5.85
C26 A86 YO . 79.30 -14.02 7.05
C27 A86 YO . 79.24 -15.36 7.29
C28 A86 YO . 79.63 -16.39 6.27
C29 A86 YO . 78.74 -15.75 8.57
C3 A86 YO . 80.55 -8.94 3.67
C30 A86 YO . 78.98 -16.91 9.15
C31 A86 YO . 79.21 -18.09 9.65
C32 A86 YO . 78.29 -19.24 9.42
C33 A86 YO . 79.08 -20.50 9.06
C34 A86 YO . 80.37 -20.75 9.79
C35 A86 YO . 80.54 -19.76 10.94
C36 A86 YO . 80.44 -18.30 10.49
C37 A86 YO . 80.48 -17.37 11.70
C38 A86 YO . 81.18 -22.96 10.72
C39 A86 YO . 82.54 -22.44 10.39
C4 A86 YO . 80.69 -7.62 3.91
C40 A86 YO . 77.33 -19.42 10.60
C41 A86 YO . 77.44 -19.01 8.16
C5 A86 YO . 81.05 -6.69 2.91
C6 A86 YO . 81.11 -5.34 2.99
C7 A86 YO . 80.74 -4.58 4.24
C8 A86 YO . 81.58 -4.59 1.84
C9 A86 YO . 81.98 -3.32 1.79
O1 A86 YO . 85.41 0.77 -2.27
O2 A86 YO . 88.87 -1.22 -4.40
O3 A86 YO . 81.60 -18.05 9.68
O4 A86 YO . 80.18 -22.08 10.39
O5 A86 YO . 80.96 -24.02 11.23
C A86 ZO . 73.15 8.55 12.18
O A86 ZO . 68.87 -0.93 3.95
C1 A86 ZO . 72.75 7.55 13.23
C10 A86 ZO . 70.31 1.04 6.41
C11 A86 ZO . 70.18 -0.13 5.73
C12 A86 ZO . 70.47 -1.48 6.32
C13 A86 ZO . 69.69 -0.10 4.31
C14 A86 ZO . 70.26 0.93 3.38
C15 A86 ZO . 70.19 0.64 1.86
C16 A86 ZO . 68.86 0.90 1.10
C17 A86 ZO . 69.17 1.08 -0.40
C18 A86 ZO . 70.11 0.08 -1.06
C19 A86 ZO . 70.73 -0.89 -0.07
C2 A86 ZO . 72.28 6.31 12.92
C20 A86 ZO . 71.17 -0.24 1.22
C21 A86 ZO . 72.28 -0.94 1.97
C22 A86 ZO . 67.86 -0.25 1.29
C23 A86 ZO . 68.16 2.17 1.59
C24 A86 ZO . 72.79 7.94 14.62
C25 A86 ZO . 72.84 9.20 15.11
C26 A86 ZO . 72.88 9.49 16.51
C27 A86 ZO . 72.83 10.71 17.10
C28 A86 ZO . 72.70 11.99 16.33
C29 A86 ZO . 72.87 10.75 18.53
C3 A86 ZO . 72.05 5.75 11.62
C30 A86 ZO . 73.26 11.78 19.25
C31 A86 ZO . 73.61 12.77 20.01
C32 A86 ZO . 75.02 13.19 20.14
C33 A86 ZO . 75.10 14.58 20.77
C34 A86 ZO . 74.04 15.53 20.27
C35 A86 ZO . 72.66 15.01 20.63
C36 A86 ZO . 72.54 13.49 20.83
C37 A86 ZO . 72.60 13.12 22.30
C38 A86 ZO . 73.84 18.00 20.69
C39 A86 ZO . 73.06 18.01 19.40
C4 A86 ZO . 71.61 4.49 11.42
C40 A86 ZO . 75.80 12.20 21.00
C41 A86 ZO . 75.68 13.25 18.76
C5 A86 ZO . 71.37 3.96 10.11
C6 A86 ZO . 70.96 2.72 9.78
C7 A86 ZO . 70.69 1.64 10.80
C8 A86 ZO . 70.73 2.40 8.38
C9 A86 ZO . 70.55 1.21 7.81
O1 A86 ZO . 71.31 1.21 1.14
O2 A86 ZO . 69.39 -0.66 -2.04
O3 A86 ZO . 71.27 13.13 20.31
O4 A86 ZO . 74.30 16.76 21.05
O5 A86 ZO . 74.05 18.97 21.35
C DD6 AP . 67.88 -8.88 4.13
C1 DD6 AP . 68.35 -9.90 5.14
C10 DD6 AP . 67.83 -17.73 -0.82
C11 DD6 AP . 68.32 -18.82 -1.45
C12 DD6 AP . 69.48 -19.62 -0.94
C13 DD6 AP . 67.69 -19.24 -2.70
C14 DD6 AP . 68.06 -20.20 -3.53
C15 DD6 AP . 67.34 -20.59 -4.79
C16 DD6 AP . 66.59 -21.88 -4.80
C17 DD6 AP . 66.66 -22.52 -6.20
C18 DD6 AP . 66.44 -21.55 -7.35
C19 DD6 AP . 67.60 -20.56 -7.41
C2 DD6 AP . 68.45 -11.22 4.88
C20 DD6 AP . 67.83 -19.91 -6.06
C21 DD6 AP . 68.91 -18.85 -6.07
C22 DD6 AP . 67.16 -22.89 -3.78
C23 DD6 AP . 65.12 -21.65 -4.43
C24 DD6 AP . 68.71 -9.42 6.48
C25 DD6 AP . 68.50 -8.21 7.01
C26 DD6 AP . 68.90 -7.88 8.34
C27 DD6 AP . 68.79 -6.67 8.96
C28 DD6 AP . 68.19 -5.44 8.33
C29 DD6 AP . 69.27 -6.55 10.30
C3 DD6 AP . 68.14 -11.91 3.66
C30 DD6 AP . 69.64 -6.35 11.43
C31 DD6 AP . 69.96 -6.14 12.79
C32 DD6 AP . 68.82 -6.25 13.81
C33 DD6 AP . 69.22 -5.51 15.09
C34 DD6 AP . 70.63 -5.80 15.55
C35 DD6 AP . 71.58 -5.31 14.47
C36 DD6 AP . 71.23 -5.85 13.11
C37 DD6 AP . 72.40 -6.03 12.18
C4 DD6 AP . 68.37 -13.24 3.52
C40 DD6 AP . 67.54 -5.61 13.27
C41 DD6 AP . 68.53 -7.73 14.13
C5 DD6 AP . 68.07 -14.02 2.34
C6 DD6 AP . 68.39 -15.32 2.11
C7 DD6 AP . 69.16 -16.16 3.09
C8 DD6 AP . 67.97 -15.93 0.85
C9 DD6 AP . 68.24 -17.18 0.43
O1 DD6 AP . 66.62 -19.52 -5.37
O2 DD6 AP . 66.37 -22.27 -8.58
O4 DD6 AP . 70.90 -5.12 16.77
C A86 BP . 67.71 -24.32 5.61
O A86 BP . 78.56 -22.45 -1.04
C1 A86 BP . 68.62 -24.92 6.64
C10 A86 BP . 76.48 -22.18 1.57
C11 A86 BP . 77.76 -22.04 1.14
C12 A86 BP . 78.97 -22.25 2.00
C13 A86 BP . 78.00 -21.66 -0.28
C14 A86 BP . 77.58 -20.27 -0.70
C15 A86 BP . 77.88 -19.76 -2.13
C16 A86 BP . 78.28 -18.25 -2.29
C17 A86 BP . 77.79 -17.73 -3.65
C18 A86 BP . 78.13 -18.64 -4.82
C19 A86 BP . 77.34 -19.93 -4.69
C2 A86 BP . 69.97 -24.89 6.54
C20 A86 BP . 77.48 -20.54 -3.31
C21 A86 BP . 76.73 -21.86 -3.26
C22 A86 BP . 77.64 -17.37 -1.20
C23 A86 BP . 79.80 -18.06 -2.20
C24 A86 BP . 68.01 -25.60 7.77
C25 A86 BP . 66.75 -26.04 7.90
C26 A86 BP . 66.28 -26.70 9.08
C27 A86 BP . 65.07 -27.26 9.29
C28 A86 BP . 63.96 -27.24 8.28
C29 A86 BP . 64.86 -27.92 10.55
C3 A86 BP . 70.75 -24.31 5.50
C30 A86 BP . 63.70 -28.10 11.12
C31 A86 BP . 62.55 -28.21 11.72
C32 A86 BP . 62.08 -27.06 12.59
C33 A86 BP . 60.64 -27.20 13.12
C34 A86 BP . 59.79 -28.10 12.25
C35 A86 BP . 60.42 -29.47 12.23
C36 A86 BP . 61.76 -29.49 11.47
C37 A86 BP . 62.55 -30.74 11.85
C38 A86 BP . 57.41 -27.45 12.71
C39 A86 BP . 57.68 -26.30 11.79
C4 A86 BP . 72.10 -24.21 5.53
C40 A86 BP . 62.98 -26.93 13.83
C41 A86 BP . 62.14 -25.74 11.81
C5 A86 BP . 72.86 -23.62 4.46
C6 A86 BP . 74.21 -23.46 4.38
C7 A86 BP . 75.16 -23.91 5.45
C8 A86 BP . 74.76 -22.86 3.17
C9 A86 BP . 76.05 -22.81 2.79
O1 A86 BP . 78.86 -20.60 -2.84
O2 A86 BP . 77.78 -17.98 -6.04
O3 A86 BP . 61.42 -29.56 10.09
O4 A86 BP . 58.48 -28.29 12.88
O5 A86 BP . 56.36 -27.63 13.27
O1 LHG CP . 64.74 14.01 -11.51
C1 LHG CP . 63.82 13.32 -10.67
C2 LHG CP . 62.78 12.66 -11.55
O2 LHG CP . 61.85 13.61 -12.00
C3 LHG CP . 62.00 11.58 -10.83
O3 LHG CP . 61.31 12.37 -9.87
P LHG CP . 59.73 12.77 -9.99
O4 LHG CP . 59.57 14.05 -9.25
O5 LHG CP . 59.32 12.34 -11.35
O6 LHG CP . 59.18 11.63 -8.90
C4 LHG CP . 57.83 11.56 -8.56
C5 LHG CP . 57.78 12.09 -7.11
C6 LHG CP . 56.69 11.42 -6.29
O7 LHG CP . 59.00 11.73 -6.52
C7 LHG CP . 59.87 12.74 -6.27
O9 LHG CP . 59.68 13.90 -6.58
C8 LHG CP . 61.20 12.18 -5.99
C9 LHG CP . 61.15 11.34 -4.75
C10 LHG CP . 61.51 12.19 -3.56
O8 LHG CP . 56.83 11.99 -4.99
C23 LHG CP . 55.73 12.60 -4.45
O10 LHG CP . 55.05 13.31 -5.15
C24 LHG CP . 55.58 12.69 -2.95
C11 LHG CP . 61.13 11.27 -2.41
C12 LHG CP . 61.74 11.78 -1.13
C13 LHG CP . 60.66 12.21 -0.17
C14 LHG CP . 60.02 11.01 0.52
C15 LHG CP . 58.76 11.50 1.25
C16 LHG CP . 59.12 12.18 2.55
C17 LHG CP . 59.51 11.15 3.64
C18 LHG CP . 58.68 11.52 4.86
C19 LHG CP . 57.21 11.12 4.78
C20 LHG CP . 56.54 11.81 5.97
C21 LHG CP . 56.86 11.10 7.26
C22 LHG CP . 57.70 12.02 8.12
C25 LHG CP . 55.24 11.40 -2.24
C26 LHG CP . 55.66 11.33 -0.77
C27 LHG CP . 54.75 10.29 -0.18
C28 LHG CP . 55.20 9.67 1.11
C29 LHG CP . 53.94 9.43 1.96
C30 LHG CP . 52.93 8.41 1.46
C31 LHG CP . 52.96 7.06 2.12
C32 LHG CP . 54.18 6.22 1.76
C33 LHG CP . 54.24 5.06 2.72
C34 LHG CP . 54.66 5.37 4.15
C35 LHG CP . 53.51 5.17 5.11
C1 LMG DP . 66.41 15.94 23.94
O1 LMG DP . 67.70 16.55 23.91
C2 LMG DP . 66.59 14.45 23.62
O2 LMG DP . 66.94 14.27 22.23
C3 LMG DP . 65.30 13.68 23.89
O3 LMG DP . 65.56 12.28 23.79
C4 LMG DP . 64.82 13.99 25.29
O4 LMG DP . 65.79 13.56 26.24
C5 LMG DP . 64.62 15.48 25.45
O5 LMG DP . 62.75 15.20 26.93
C6 LMG DP . 64.05 15.78 26.83
O6 LMG DP . 65.87 16.13 25.26
C7 LMG DP . 67.62 17.97 23.87
C8 LMG DP . 68.21 18.44 22.53
C9 LMG DP . 69.53 17.73 22.28
O7 LMG DP . 67.28 18.11 21.50
C10 LMG DP . 66.43 19.24 21.19
O9 LMG DP . 65.97 19.90 22.11
C11 LMG DP . 66.13 19.60 19.76
C12 LMG DP . 67.13 20.63 19.29
C13 LMG DP . 67.13 20.72 17.77
C14 LMG DP . 65.91 21.49 17.29
C15 LMG DP . 66.21 22.27 16.02
C16 LMG DP . 65.09 22.11 15.01
C17 LMG DP . 65.21 20.77 14.30
C18 LMG DP . 64.16 19.78 14.81
O8 LMG DP . 70.37 18.60 21.51
C28 LMG DP . 70.43 18.46 20.06
O10 LMG DP . 69.54 18.94 19.38
C29 LMG DP . 71.57 17.71 19.40
C30 LMG DP . 71.46 17.87 17.90
C31 LMG DP . 72.55 17.08 17.18
C32 LMG DP . 72.04 16.50 15.88
C33 LMG DP . 73.07 15.58 15.23
C34 LMG DP . 72.40 14.65 14.24
C35 LMG DP . 73.39 14.04 13.26
C36 LMG DP . 72.64 13.40 12.11
C37 LMG DP . 73.54 12.48 11.30
C38 LMG DP . 72.85 12.11 10.00
MG CLA EP . -19.03 3.46 13.41
CHA CLA EP . -18.39 0.39 12.17
CHB CLA EP . -18.95 4.73 10.35
CHC CLA EP . -19.79 6.47 14.78
CHD CLA EP . -17.88 2.40 16.59
NA CLA EP . -18.66 2.70 11.65
C1A CLA EP . -18.45 1.38 11.24
C2A CLA EP . -18.37 1.24 9.75
C3A CLA EP . -18.07 2.66 9.32
C4A CLA EP . -18.59 3.44 10.50
CMA CLA EP . -16.61 2.93 9.00
CAA CLA EP . -19.75 0.76 9.27
CBA CLA EP . -19.82 0.33 7.81
CGA CLA EP . -20.57 -0.96 7.65
O1A CLA EP . -20.36 -1.95 8.31
O2A CLA EP . -21.52 -0.88 6.73
NB CLA EP . -19.36 5.23 12.70
C1B CLA EP . -19.45 5.60 11.31
C2B CLA EP . -19.99 6.90 11.19
C3B CLA EP . -20.19 7.39 12.47
C4B CLA EP . -19.80 6.39 13.39
CMB CLA EP . -20.39 7.57 9.91
CAB CLA EP . -20.71 8.70 12.86
CBB CLA EP . -20.39 9.87 12.39
NC CLA EP . -18.89 4.23 15.21
C1C CLA EP . -19.34 5.48 15.61
C2C CLA EP . -19.18 5.68 17.05
C3C CLA EP . -18.62 4.54 17.55
C4C CLA EP . -18.42 3.64 16.45
CMC CLA EP . -19.58 6.90 17.83
CAC CLA EP . -18.31 4.23 19.00
CBC CLA EP . -16.84 4.36 19.32
ND CLA EP . -18.27 1.90 14.24
C1D CLA EP . -17.78 1.52 15.54
C2D CLA EP . -17.33 0.19 15.50
C3D CLA EP . -17.56 -0.30 14.19
C4D CLA EP . -18.17 0.75 13.51
CMD CLA EP . -16.74 -0.58 16.64
CAD CLA EP . -17.34 -1.36 13.24
OBD CLA EP . -16.50 -2.24 13.23
CBD CLA EP . -18.39 -1.14 12.26
CGD CLA EP . -18.28 -1.94 10.96
O1D CLA EP . -19.12 -2.69 10.55
O2D CLA EP . -17.13 -1.69 10.35
CED CLA EP . -17.05 -2.23 9.00
C1 CLA EP . -22.43 -2.01 6.68
C2 CLA EP . -23.31 -1.96 7.89
C3 CLA EP . -23.46 -2.91 8.80
C4 CLA EP . -22.72 -4.23 8.78
C5 CLA EP . -24.42 -2.74 9.94
C6 CLA EP . -23.74 -2.48 11.28
C7 CLA EP . -24.01 -3.56 12.33
C8 CLA EP . -25.47 -3.72 12.81
C9 CLA EP . -25.81 -2.70 13.89
C10 CLA EP . -25.79 -5.15 13.28
C11 CLA EP . -25.66 -6.24 12.22
C12 CLA EP . -26.49 -7.49 12.48
C13 CLA EP . -28.03 -7.38 12.49
C14 CLA EP . -28.67 -8.75 12.39
C15 CLA EP . -28.58 -6.42 11.44
C16 CLA EP . -28.16 -6.66 9.98
C17 CLA EP . -29.34 -6.87 9.03
C18 CLA EP . -29.04 -6.64 7.54
C19 CLA EP . -30.13 -7.25 6.67
C20 CLA EP . -27.69 -7.13 7.11
MG CLA FP . -14.45 16.08 -0.52
CHA CLA FP . -13.27 18.64 -2.48
CHB CLA FP . -11.40 15.62 0.66
CHC CLA FP . -15.67 13.48 1.31
CHD CLA FP . -17.29 15.85 -2.59
NA CLA FP . -12.76 16.97 -0.84
C1A CLA FP . -12.41 18.11 -1.58
C2A CLA FP . -11.04 18.61 -1.22
C3A CLA FP . -10.39 17.28 -0.86
C4A CLA FP . -11.57 16.56 -0.30
CMA CLA FP . -9.77 16.55 -2.04
CAA CLA FP . -11.30 19.59 -0.06
CBA CLA FP . -10.10 20.39 0.40
CGA CLA FP . -9.21 19.58 1.29
O1A CLA FP . -9.54 19.13 2.35
O2A CLA FP . -8.01 19.40 0.74
NB CLA FP . -13.71 14.85 0.79
C1B CLA FP . -12.36 14.86 1.29
C2B CLA FP . -12.24 13.95 2.36
C3B CLA FP . -13.48 13.35 2.54
C4B CLA FP . -14.37 13.87 1.57
CMB CLA FP . -11.00 13.71 3.17
CAB CLA FP . -13.84 12.36 3.56
CBB CLA FP . -13.47 12.34 4.80
NC CLA FP . -16.07 14.98 -0.61
C1C CLA FP . -16.43 13.97 0.28
C2C CLA FP . -17.74 13.43 -0.03
C3C CLA FP . -18.22 14.13 -1.12
C4C CLA FP . -17.19 15.05 -1.50
CMC CLA FP . -18.41 12.27 0.65
CAC CLA FP . -19.60 14.04 -1.73
CBC CLA FP . -19.62 13.27 -3.02
ND CLA FP . -15.13 16.92 -2.14
C1D CLA FP . -16.31 16.75 -2.96
C2D CLA FP . -16.29 17.67 -4.02
C3D CLA FP . -15.10 18.45 -3.88
C4D CLA FP . -14.49 17.98 -2.73
CMD CLA FP . -17.33 17.79 -5.10
CAD CLA FP . -14.24 19.46 -4.46
OBD CLA FP . -14.26 19.93 -5.59
CBD CLA FP . -13.28 19.88 -3.39
CGD CLA FP . -11.93 20.41 -3.87
O1D CLA FP . -11.36 21.34 -3.38
O2D CLA FP . -11.48 19.73 -4.91
CED CLA FP . -10.22 20.21 -5.45
C1 CLA FP . -6.99 18.74 1.54
C2 CLA FP . -7.06 17.26 1.41
C3 CLA FP . -7.27 16.38 2.39
C4 CLA FP . -7.62 16.75 3.80
C5 CLA FP . -7.07 14.90 2.14
C6 CLA FP . -5.81 14.58 1.34
C7 CLA FP . -5.20 13.22 1.67
C8 CLA FP . -4.55 12.95 3.03
C9 CLA FP . -4.08 14.22 3.74
C10 CLA FP . -3.42 11.94 2.90
C11 CLA FP . -2.12 12.42 2.26
C12 CLA FP . -1.47 11.40 1.33
C13 CLA FP . -0.90 10.12 1.98
C14 CLA FP . 0.43 10.39 2.67
C15 CLA FP . -0.81 8.99 0.95
C16 CLA FP . -0.44 7.61 1.48
C17 CLA FP . -0.67 6.50 0.47
C18 CLA FP . -0.29 5.09 0.91
MG CLA GP . 3.63 2.23 -11.55
CHA CLA GP . 3.11 5.62 -11.66
CHB CLA GP . 3.04 2.30 -8.28
CHC CLA GP . 4.71 -1.02 -11.38
CHD CLA GP . 5.18 2.44 -14.75
NA CLA GP . 3.11 3.64 -10.31
C1A CLA GP . 2.83 4.99 -10.50
C2A CLA GP . 2.24 5.67 -9.30
C3A CLA GP . 2.62 4.71 -8.20
C4A CLA GP . 2.95 3.46 -8.96
CMA CLA GP . 3.80 5.18 -7.36
CAA CLA GP . 0.72 5.81 -9.52
CBA CLA GP . 0.14 7.24 -9.49
CGA CLA GP . 0.61 8.12 -8.38
O1A CLA GP . 0.70 9.32 -8.46
O2A CLA GP . 0.94 7.43 -7.28
NB CLA GP . 3.76 0.88 -10.14
C1B CLA GP . 3.36 1.04 -8.77
C2B CLA GP . 3.49 -0.18 -8.08
C3B CLA GP . 4.00 -1.12 -8.98
C4B CLA GP . 4.16 -0.48 -10.23
CMB CLA GP . 3.16 -0.42 -6.64
CAB CLA GP . 4.35 -2.51 -8.70
CBB CLA GP . 3.74 -3.36 -7.95
NC CLA GP . 4.64 1.03 -12.76
C1C CLA GP . 4.97 -0.30 -12.51
C2C CLA GP . 5.73 -0.89 -13.61
C3C CLA GP . 5.85 0.08 -14.58
C4C CLA GP . 5.20 1.26 -14.07
CMC CLA GP . 6.34 -2.26 -13.67
CAC CLA GP . 6.51 -0.05 -15.93
CBC CLA GP . 7.88 0.58 -15.97
ND CLA GP . 4.04 3.59 -12.89
C1D CLA GP . 4.65 3.60 -14.21
C2D CLA GP . 4.57 4.89 -14.77
C3D CLA GP . 3.96 5.73 -13.82
C4D CLA GP . 3.68 4.91 -12.74
CMD CLA GP . 5.09 5.29 -16.12
CAD CLA GP . 3.51 7.07 -13.49
OBD CLA GP . 3.56 8.08 -14.18
CBD CLA GP . 2.95 7.08 -12.11
CGD CLA GP . 3.75 8.10 -11.30
O1D CLA GP . 3.62 9.28 -11.39
O2D CLA GP . 4.62 7.49 -10.51
CED CLA GP . 5.44 8.36 -9.70
C1 CLA GP . 1.48 8.22 -6.20
C2 CLA GP . 1.75 7.39 -4.99
C3 CLA GP . 2.19 7.90 -3.84
C4 CLA GP . 2.45 7.07 -2.62
C5 CLA GP . 2.48 9.38 -3.71
C6 CLA GP . 2.74 9.89 -2.30
C7 CLA GP . 2.80 11.43 -2.31
C8 CLA GP . 3.58 12.17 -1.22
C9 CLA GP . 5.03 11.74 -1.15
C10 CLA GP . 2.90 12.09 0.15
C11 CLA GP . 3.54 12.99 1.20
C12 CLA GP . 2.71 13.22 2.45
C13 CLA GP . 3.10 14.46 3.24
C14 CLA GP . 4.59 14.50 3.53
C15 CLA GP . 2.27 14.63 4.51
C16 CLA GP . 0.78 14.92 4.30
C17 CLA GP . 0.12 15.58 5.51
C18 CLA GP . -1.37 15.82 5.40
MG CLA HP . 3.76 -7.41 -12.55
CHA CLA HP . 4.62 -7.12 -15.86
CHB CLA HP . 4.28 -10.68 -12.74
CHC CLA HP . 2.43 -7.70 -9.41
CHD CLA HP . 2.40 -4.13 -12.68
NA CLA HP . 4.39 -8.58 -13.97
C1A CLA HP . 4.84 -8.32 -15.26
C2A CLA HP . 5.52 -9.49 -15.91
C3A CLA HP . 4.91 -10.64 -15.12
C4A CLA HP . 4.50 -9.94 -13.85
CMA CLA HP . 3.71 -11.28 -15.81
CAA CLA HP . 7.04 -9.26 -15.78
CBA CLA HP . 7.81 -9.91 -14.63
CGA CLA HP . 9.24 -9.44 -14.58
O1A CLA HP . 9.79 -8.86 -15.48
O2A CLA HP . 9.83 -9.74 -13.43
NB CLA HP . 3.49 -8.87 -11.29
C1B CLA HP . 3.90 -10.24 -11.49
C2B CLA HP . 3.75 -10.98 -10.29
C3B CLA HP . 3.22 -10.09 -9.34
C4B CLA HP . 3.03 -8.84 -9.95
CMB CLA HP . 4.16 -12.40 -10.09
CAB CLA HP . 2.92 -10.38 -7.93
CBB CLA HP . 2.54 -11.49 -7.37
NC CLA HP . 2.72 -6.22 -11.35
C1C CLA HP . 2.29 -6.52 -10.06
C2C CLA HP . 1.60 -5.38 -9.45
C3C CLA HP . 1.61 -4.36 -10.36
C4C CLA HP . 2.28 -4.86 -11.54
CMC CLA HP . 0.96 -5.34 -8.09
CAC CLA HP . 1.10 -2.96 -10.16
CBC CLA HP . -0.26 -2.75 -10.75
ND CLA HP . 3.52 -5.98 -13.86
C1D CLA HP . 3.00 -4.62 -13.83
C2D CLA HP . 3.21 -3.99 -15.07
C3D CLA HP . 3.86 -4.93 -15.91
C4D CLA HP . 4.01 -6.07 -15.15
CMD CLA HP . 2.84 -2.58 -15.42
CAD CLA HP . 4.43 -5.19 -17.21
OBD CLA HP . 4.50 -4.44 -18.17
CBD CLA HP . 4.96 -6.58 -17.25
CGD CLA HP . 4.38 -7.36 -18.44
O1D CLA HP . 4.96 -7.54 -19.47
O2D CLA HP . 3.15 -7.78 -18.18
CED CLA HP . 2.50 -8.48 -19.27
C1 CLA HP . 11.23 -9.36 -13.29
C2 CLA HP . 11.85 -10.18 -12.21
C3 CLA HP . 11.95 -9.88 -10.92
C4 CLA HP . 12.62 -10.79 -9.92
C5 CLA HP . 11.43 -8.59 -10.35
C6 CLA HP . 12.46 -7.47 -10.33
C7 CLA HP . 12.60 -6.80 -8.97
C8 CLA HP . 11.45 -5.91 -8.54
C9 CLA HP . 11.54 -4.53 -9.19
C10 CLA HP . 11.35 -5.79 -7.00
C11 CLA HP . 10.72 -6.98 -6.29
C12 CLA HP . 10.51 -6.75 -4.80
C13 CLA HP . 9.90 -7.91 -4.02
MG CLA IP . -3.00 -17.09 -11.71
CHA CLA IP . -4.27 -19.48 -9.72
CHB CLA IP . -1.37 -15.88 -9.14
CHC CLA IP . -2.30 -14.39 -13.56
CHD CLA IP . -5.35 -17.98 -14.17
NA CLA IP . -2.84 -17.62 -9.85
C1A CLA IP . -3.32 -18.68 -9.19
C2A CLA IP . -2.70 -18.95 -7.86
C3A CLA IP . -2.10 -17.64 -7.60
C4A CLA IP . -2.10 -16.99 -8.94
CMA CLA IP . -2.92 -16.85 -6.60
CAA CLA IP . -1.75 -20.10 -8.24
CBA CLA IP . -0.42 -20.26 -7.51
CGA CLA IP . -0.59 -20.84 -6.14
O1A CLA IP . 0.23 -21.48 -5.57
O2A CLA IP . -1.80 -20.57 -5.65
NB CLA IP . -1.98 -15.48 -11.44
C1B CLA IP . -1.24 -15.13 -10.29
C2B CLA IP . -0.49 -13.99 -10.53
C3B CLA IP . -0.76 -13.60 -11.79
C4B CLA IP . -1.67 -14.50 -12.34
CMB CLA IP . 0.45 -13.34 -9.55
CAB CLA IP . -0.25 -12.42 -12.49
CBB CLA IP . 0.91 -11.96 -12.43
NC CLA IP . -3.65 -16.37 -13.43
C1C CLA IP . -3.24 -15.24 -14.01
C2C CLA IP . -3.93 -14.96 -15.20
C3C CLA IP . -4.80 -15.98 -15.40
C4C CLA IP . -4.64 -16.85 -14.30
CMC CLA IP . -3.76 -13.73 -16.05
CAC CLA IP . -5.73 -16.17 -16.56
CBC CLA IP . -7.15 -16.00 -16.20
ND CLA IP . -4.47 -18.31 -11.95
C1D CLA IP . -5.32 -18.70 -13.02
C2D CLA IP . -6.00 -19.86 -12.67
C3D CLA IP . -5.62 -20.20 -11.37
C4D CLA IP . -4.73 -19.25 -10.99
CMD CLA IP . -6.91 -20.65 -13.56
CAD CLA IP . -5.77 -21.08 -10.28
OBD CLA IP . -6.46 -22.05 -10.20
CBD CLA IP . -4.94 -20.74 -9.17
CGD CLA IP . -5.83 -20.54 -7.95
O1D CLA IP . -5.51 -20.80 -6.83
O2D CLA IP . -7.00 -20.03 -8.27
CED CLA IP . -7.85 -19.67 -7.16
C1 CLA IP . -1.83 -19.86 -4.38
C2 CLA IP . -1.01 -20.55 -3.35
C3 CLA IP . -1.39 -21.70 -2.79
C4 CLA IP . -2.64 -22.43 -3.16
C5 CLA IP . -0.57 -22.34 -1.71
C6 CLA IP . 0.89 -21.95 -1.73
C7 CLA IP . 1.77 -22.98 -1.06
C8 CLA IP . 3.01 -22.47 -0.36
C9 CLA IP . 3.99 -21.89 -1.36
C10 CLA IP . 3.64 -23.58 0.45
C11 CLA IP . 4.71 -23.08 1.40
C12 CLA IP . 4.82 -23.92 2.65
C13 CLA IP . 4.87 -25.42 2.44
C14 CLA IP . 4.88 -26.16 3.77
C15 CLA IP . 6.06 -25.82 1.59
C16 CLA IP . 6.22 -27.31 1.41
C17 CLA IP . 7.46 -27.66 0.64
C18 CLA IP . 7.48 -29.02 0.05
C19 CLA IP . 7.31 -30.05 1.12
C20 CLA IP . 8.74 -29.28 -0.72
MG CLA JP . -31.54 -21.38 -2.78
CHA CLA JP . -29.76 -22.21 0.02
CHB CLA JP . -28.74 -20.31 -4.21
CHC CLA JP . -33.43 -20.26 -5.39
CHD CLA JP . -34.54 -21.83 -0.95
NA CLA JP . -29.68 -21.37 -2.23
C1A CLA JP . -29.06 -21.84 -1.08
C2A CLA JP . -27.56 -21.93 -1.21
C3A CLA JP . -27.31 -20.93 -2.31
C4A CLA JP . -28.65 -20.86 -2.98
CMA CLA JP . -26.82 -19.57 -1.82
CAA CLA JP . -27.27 -23.40 -1.55
CBA CLA JP . -26.42 -24.09 -0.49
CGA CLA JP . -26.40 -25.59 -0.60
O1A CLA JP . -26.90 -26.33 0.20
O2A CLA JP . -25.70 -25.99 -1.65
NB CLA JP . -31.17 -20.48 -4.46
C1B CLA JP . -29.87 -20.16 -5.00
C2B CLA JP . -29.98 -19.73 -6.34
C3B CLA JP . -31.33 -19.74 -6.66
C4B CLA JP . -32.06 -20.16 -5.53
CMB CLA JP . -28.84 -19.37 -7.24
CAB CLA JP . -31.95 -19.46 -7.95
CBB CLA JP . -31.61 -18.60 -8.85
NC CLA JP . -33.47 -21.10 -3.09
C1C CLA JP . -34.07 -20.70 -4.26
C2C CLA JP . -35.52 -20.71 -4.18
C3C CLA JP . -35.84 -21.08 -2.90
C4C CLA JP . -34.60 -21.35 -2.22
CMC CLA JP . -36.49 -20.50 -5.31
CAC CLA JP . -37.22 -21.15 -2.29
CBC CLA JP . -37.85 -22.51 -2.46
ND CLA JP . -32.07 -21.84 -0.97
C1D CLA JP . -33.35 -22.07 -0.29
C2D CLA JP . -33.11 -22.55 1.01
C3D CLA JP . -31.72 -22.60 1.20
C4D CLA JP . -31.16 -22.18 0.00
CMD CLA JP . -34.16 -22.98 1.99
CAD CLA JP . -30.63 -22.86 2.12
OBD CLA JP . -30.67 -23.15 3.31
CBD CLA JP . -29.33 -22.72 1.39
CGD CLA JP . -28.37 -21.82 2.14
O1D CLA JP . -27.17 -21.91 2.12
O2D CLA JP . -29.03 -20.91 2.86
CED CLA JP . -28.21 -20.07 3.72
C1 CLA JP . -25.16 -27.35 -1.57
C2 CLA JP . -26.22 -28.36 -1.87
C3 CLA JP . -26.56 -29.38 -1.09
C4 CLA JP . -25.95 -29.66 0.25
C5 CLA JP . -27.60 -30.38 -1.54
C6 CLA JP . -27.00 -31.76 -1.85
C7 CLA JP . -28.05 -32.80 -2.29
C8 CLA JP . -27.86 -34.23 -1.80
C9 CLA JP . -28.03 -34.35 -0.28
C10 CLA JP . -26.54 -34.85 -2.28
C11 CLA JP . -26.14 -36.22 -1.72
C12 CLA JP . -27.13 -37.33 -2.03
C13 CLA JP . -26.82 -38.71 -1.43
C14 CLA JP . -26.92 -38.72 0.09
C15 CLA JP . -25.45 -39.22 -1.90
MG CLA KP . 2.06 -5.88 11.49
CHA CLA KP . 1.93 -9.29 11.72
CHB CLA KP . 4.82 -6.17 9.70
CHC CLA KP . 2.25 -2.49 11.49
CHD CLA KP . -0.22 -5.66 14.19
NA CLA KP . 3.02 -7.39 10.78
C1A CLA KP . 2.75 -8.74 10.80
C2A CLA KP . 3.50 -9.48 9.74
C3A CLA KP . 4.76 -8.66 9.76
C4A CLA KP . 4.20 -7.30 10.09
CMA CLA KP . 5.82 -9.08 10.77
CAA CLA KP . 2.66 -9.34 8.46
CBA CLA KP . 3.14 -10.14 7.27
CGA CLA KP . 2.82 -9.50 5.95
O1A CLA KP . 3.61 -9.35 5.05
O2A CLA KP . 1.55 -9.09 5.89
NB CLA KP . 3.28 -4.57 10.73
C1B CLA KP . 4.42 -4.86 9.91
C2B CLA KP . 5.01 -3.66 9.47
C3B CLA KP . 4.28 -2.62 10.01
C4B CLA KP . 3.23 -3.17 10.77
CMB CLA KP . 6.19 -3.55 8.54
CAB CLA KP . 4.56 -1.18 9.88
CBB CLA KP . 3.79 -0.26 9.36
NC CLA KP . 1.21 -4.44 12.54
C1C CLA KP . 1.37 -3.08 12.33
C2C CLA KP . 0.51 -2.30 13.21
C3C CLA KP . -0.18 -3.19 14.00
C4C CLA KP . 0.25 -4.52 13.62
CMC CLA KP . 0.38 -0.81 13.25
CAC CLA KP . -1.20 -2.87 15.06
CBC CLA KP . -0.62 -2.84 16.45
ND CLA KP . 1.10 -7.08 12.67
C1D CLA KP . 0.14 -6.92 13.75
C2D CLA KP . -0.28 -8.19 14.21
C3D CLA KP . 0.40 -9.17 13.44
C4D CLA KP . 1.19 -8.45 12.56
CMD CLA KP . -1.33 -8.43 15.27
CAD CLA KP . 0.62 -10.58 13.20
OBD CLA KP . 0.14 -11.54 13.78
CBD CLA KP . 1.55 -10.74 12.04
CGD CLA KP . 2.75 -11.63 12.38
O1D CLA KP . 2.82 -12.80 12.14
O2D CLA KP . 3.72 -10.92 12.96
CED CLA KP . 4.95 -11.64 13.23
C1 CLA KP . 1.17 -8.46 4.63
C2 CLA KP . -0.27 -8.11 4.61
C3 CLA KP . -0.81 -7.44 3.60
C4 CLA KP . -0.03 -6.94 2.41
C5 CLA KP . -2.30 -7.16 3.56
C6 CLA KP . -2.66 -5.74 3.97
C7 CLA KP . -4.15 -5.55 4.26
C8 CLA KP . -4.54 -5.55 5.74
C9 CLA KP . -4.23 -6.89 6.39
C10 CLA KP . -6.01 -5.13 5.92
C11 CLA KP . -6.51 -4.84 7.33
C12 CLA KP . -6.50 -3.37 7.73
C13 CLA KP . -5.18 -2.58 7.66
C14 CLA KP . -4.14 -3.17 8.60
C15 CLA KP . -5.43 -1.10 7.97
C16 CLA KP . -6.09 -0.23 6.91
C17 CLA KP . -6.43 1.17 7.41
C18 CLA KP . -5.27 2.17 7.46
C19 CLA KP . -5.05 2.82 6.11
C20 CLA KP . -5.48 3.21 8.53
MG CLA LP . 5.88 3.67 12.21
CHA CLA LP . 7.71 0.78 12.04
CHB CLA LP . 8.59 5.35 11.32
CHC CLA LP . 4.10 6.52 12.73
CHD CLA LP . 3.38 1.91 14.00
NA CLA LP . 7.65 3.13 11.63
C1A CLA LP . 8.21 1.88 11.45
C2A CLA LP . 9.45 1.91 10.61
C3A CLA LP . 9.91 3.34 10.81
C4A CLA LP . 8.65 4.01 11.28
CMA CLA LP . 11.05 3.50 11.81
CAA CLA LP . 8.97 1.61 9.17
CBA CLA LP . 9.91 0.74 8.32
CGA CLA LP . 9.23 -0.45 7.73
O1A CLA LP . 8.64 -1.28 8.37
O2A CLA LP . 9.31 -0.45 6.39
NB CLA LP . 6.27 5.57 12.08
C1B CLA LP . 7.53 6.15 11.72
C2B CLA LP . 7.45 7.56 11.78
C3B CLA LP . 6.14 7.88 12.19
C4B CLA LP . 5.44 6.68 12.36
CMB CLA LP . 8.56 8.53 11.50
CAB CLA LP . 5.57 9.20 12.43
CBB CLA LP . 5.84 10.34 11.85
NC CLA LP . 4.16 4.10 13.09
C1C CLA LP . 3.55 5.34 13.10
C2C CLA LP . 2.23 5.28 13.71
C3C CLA LP . 2.03 3.98 14.12
C4C CLA LP . 3.21 3.24 13.74
CMC CLA LP . 1.24 6.40 13.83
CAC CLA LP . 0.81 3.42 14.81
CBC CLA LP . -0.18 2.82 13.85
ND CLA LP . 5.57 1.87 12.89
C1D CLA LP . 4.50 1.21 13.63
C2D CLA LP . 4.82 -0.15 13.83
C3D CLA LP . 6.07 -0.38 13.21
C4D CLA LP . 6.46 0.85 12.69
CMD CLA LP . 4.00 -1.16 14.56
CAD CLA LP . 7.10 -1.35 12.88
OBD CLA LP . 7.14 -2.54 13.14
CBD CLA LP . 8.20 -0.67 12.13
CGD CLA LP . 9.52 -0.81 12.88
O1D CLA LP . 10.20 0.10 13.23
O2D CLA LP . 9.83 -2.09 13.04
CED CLA LP . 11.16 -2.38 13.54
C1 CLA LP . 8.42 -1.38 5.71
C2 CLA LP . 8.99 -2.76 5.74
C3 CLA LP . 9.81 -3.27 4.82
C4 CLA LP . 10.35 -4.67 4.89
C5 CLA LP . 10.28 -2.46 3.63
MG CLA MP . 11.91 -7.92 8.04
CHA CLA MP . 13.06 -6.02 10.64
CHB CLA MP . 8.99 -6.39 8.25
CHC CLA MP . 10.68 -10.22 5.83
CHD CLA MP . 14.82 -9.94 8.31
NA CLA MP . 11.25 -6.47 9.14
C1A CLA MP . 11.86 -5.71 10.11
C2A CLA MP . 11.07 -4.50 10.53
C3A CLA MP . 9.70 -4.82 10.00
C4A CLA MP . 9.97 -5.97 9.07
CMA CLA MP . 8.67 -5.17 11.07
CAA CLA MP . 11.67 -3.25 9.88
CBA CLA MP . 11.93 -3.31 8.37
CGA CLA MP . 12.39 -2.00 7.80
O1A CLA MP . 12.87 -1.10 8.45
O2A CLA MP . 12.25 -1.98 6.48
NB CLA MP . 10.19 -8.24 7.18
C1B CLA MP . 9.01 -7.41 7.32
C2B CLA MP . 7.99 -7.86 6.46
C3B CLA MP . 8.48 -8.97 5.78
C4B CLA MP . 9.80 -9.21 6.22
CMB CLA MP . 6.67 -7.19 6.25
CAB CLA MP . 7.74 -9.78 4.81
CBB CLA MP . 8.10 -10.24 3.65
NC CLA MP . 12.57 -9.62 7.27
C1C CLA MP . 11.93 -10.42 6.33
C2C CLA MP . 12.73 -11.58 5.96
C3C CLA MP . 13.89 -11.52 6.66
C4C CLA MP . 13.83 -10.32 7.47
CMC CLA MP . 12.36 -12.65 4.96
CAC CLA MP . 15.04 -12.49 6.60
CBC CLA MP . 15.97 -12.21 5.45
ND CLA MP . 13.51 -8.03 9.15
C1D CLA MP . 14.71 -8.85 9.18
C2D CLA MP . 15.62 -8.36 10.12
C3D CLA MP . 15.02 -7.24 10.74
C4D CLA MP . 13.78 -7.10 10.14
CMD CLA MP . 17.00 -8.89 10.39
CAD CLA MP . 15.16 -6.18 11.72
OBD CLA MP . 16.10 -5.91 12.44
CBD CLA MP . 13.89 -5.37 11.75
CGD CLA MP . 13.25 -5.45 13.12
O1D CLA MP . 12.30 -6.11 13.41
O2D CLA MP . 13.90 -4.68 14.00
CED CLA MP . 13.45 -4.76 15.38
C1 CLA MP . 12.73 -0.82 5.74
C2 CLA MP . 14.12 -1.09 5.29
C3 CLA MP . 14.74 -0.65 4.19
C4 CLA MP . 16.15 -1.03 3.86
C5 CLA MP . 14.04 0.25 3.18
C6 CLA MP . 14.91 1.35 2.59
C7 CLA MP . 15.30 1.11 1.13
C8 CLA MP . 14.21 1.40 0.09
C9 CLA MP . 13.73 0.12 -0.60
C10 CLA MP . 14.69 2.44 -0.94
C11 CLA MP . 15.81 1.99 -1.89
C12 CLA MP . 16.48 3.14 -2.62
C13 CLA MP . 17.20 4.22 -1.81
C14 CLA MP . 18.10 5.08 -2.69
C15 CLA MP . 17.99 3.62 -0.63
MG CLA NP . 10.68 -11.09 -17.47
CHA CLA NP . 8.41 -10.31 -19.90
CHB CLA NP . 13.01 -9.41 -19.13
CHC CLA NP . 12.94 -12.10 -15.11
CHD CLA NP . 8.43 -13.49 -16.20
NA CLA NP . 10.67 -10.08 -19.12
C1A CLA NP . 9.63 -9.75 -19.99
C2A CLA NP . 10.00 -8.71 -21.01
C3A CLA NP . 11.52 -8.77 -20.98
C4A CLA NP . 11.77 -9.46 -19.67
CMA CLA NP . 12.16 -9.49 -22.16
CAA CLA NP . 9.33 -7.38 -20.58
CBA CLA NP . 9.90 -6.62 -19.37
CGA CLA NP . 8.97 -6.56 -18.20
O1A CLA NP . 8.23 -7.44 -17.88
O2A CLA NP . 9.10 -5.39 -17.55
NB CLA NP . 12.58 -10.81 -17.17
C1B CLA NP . 13.46 -9.96 -17.94
C2B CLA NP . 14.71 -9.84 -17.31
C3B CLA NP . 14.67 -10.63 -16.16
C4B CLA NP . 13.39 -11.22 -16.08
CMB CLA NP . 15.85 -8.99 -17.77
CAB CLA NP . 15.73 -10.79 -15.17
CBB CLA NP . 16.04 -9.96 -14.21
NC CLA NP . 10.69 -12.45 -16.02
C1C CLA NP . 11.70 -12.68 -15.10
C2C CLA NP . 11.30 -13.67 -14.08
C3C CLA NP . 10.03 -14.06 -14.41
C4C CLA NP . 9.65 -13.34 -15.61
CMC CLA NP . 12.06 -14.14 -12.87
CAC CLA NP . 9.14 -15.00 -13.65
CBC CLA NP . 8.15 -14.28 -12.77
ND CLA NP . 8.93 -11.81 -17.92
C1D CLA NP . 8.05 -12.81 -17.35
C2D CLA NP . 6.84 -12.85 -18.06
C3D CLA NP . 6.92 -11.87 -19.07
C4D CLA NP . 8.17 -11.29 -18.94
CMD CLA NP . 5.66 -13.73 -17.78
CAD CLA NP . 6.25 -11.24 -20.19
OBD CLA NP . 5.18 -11.50 -20.70
CBD CLA NP . 7.10 -10.12 -20.68
CGD CLA NP . 7.15 -10.13 -22.21
O1D CLA NP . 6.44 -9.46 -22.91
O2D CLA NP . 8.06 -10.97 -22.66
CED CLA NP . 8.16 -11.07 -24.09
C1 CLA NP . 8.30 -5.14 -16.34
C2 CLA NP . 9.20 -4.60 -15.28
C3 CLA NP . 9.13 -4.84 -13.97
C4 CLA NP . 10.08 -4.21 -12.98
C5 CLA NP . 8.07 -5.76 -13.38
C6 CLA NP . 8.24 -6.09 -11.90
C7 CLA NP . 7.23 -7.13 -11.43
C8 CLA NP . 7.44 -7.65 -10.01
C9 CLA NP . 7.36 -9.17 -9.96
C10 CLA NP . 6.43 -7.01 -9.06
C11 CLA NP . 6.69 -7.14 -7.56
C12 CLA NP . 5.43 -7.29 -6.74
C13 CLA NP . 5.57 -7.09 -5.24
C14 CLA NP . 4.60 -7.97 -4.47
C15 CLA NP . 5.42 -5.61 -4.87
C16 CLA NP . 4.00 -5.03 -4.85
C17 CLA NP . 3.32 -5.13 -3.49
MG CLA OP . -24.60 -21.71 11.41
CHA CLA OP . -25.65 -24.83 12.35
CHB CLA OP . -25.43 -22.40 8.27
CHC CLA OP . -23.05 -18.79 10.47
CHD CLA OP . -22.93 -21.40 14.55
NA CLA OP . -25.46 -23.24 10.56
C1A CLA OP . -25.93 -24.44 11.08
C2A CLA OP . -26.74 -25.26 10.11
C3A CLA OP . -26.40 -24.60 8.79
C4A CLA OP . -25.71 -23.33 9.22
CMA CLA OP . -25.50 -25.45 7.89
CAA CLA OP . -28.22 -25.17 10.52
CBA CLA OP . -28.89 -26.51 10.82
CGA CLA OP . -29.07 -27.40 9.64
O1A CLA OP . -28.19 -27.72 8.88
O2A CLA OP . -30.33 -27.84 9.55
NB CLA OP . -24.32 -20.76 9.72
C1B CLA OP . -24.78 -21.19 8.42
C2B CLA OP . -24.40 -20.26 7.45
C3B CLA OP . -23.69 -19.24 8.09
C4B CLA OP . -23.65 -19.54 9.46
CMB CLA OP . -24.71 -20.33 5.97
CAB CLA OP . -23.02 -18.09 7.49
CBB CLA OP . -23.36 -17.39 6.46
NC CLA OP . -23.37 -20.41 12.29
C1C CLA OP . -22.88 -19.23 11.75
C2C CLA OP . -22.02 -18.50 12.69
C3C CLA OP . -21.95 -19.26 13.82
C4C CLA OP . -22.77 -20.42 13.61
CMC CLA OP . -21.33 -17.19 12.46
CAC CLA OP . -21.10 -19.00 15.04
CBC CLA OP . -21.89 -18.36 16.16
ND CLA OP . -24.33 -22.75 13.02
C1D CLA OP . -23.65 -22.55 14.31
C2D CLA OP . -23.87 -23.65 15.14
C3D CLA OP . -24.66 -24.57 14.43
C4D CLA OP . -24.90 -23.99 13.19
CMD CLA OP . -23.35 -23.82 16.54
CAD CLA OP . -25.32 -25.86 14.44
OBD CLA OP . -25.36 -26.69 15.34
CBD CLA OP . -25.98 -26.09 13.13
CGD CLA OP . -25.42 -27.35 12.49
O1D CLA OP . -26.04 -28.37 12.31
O2D CLA OP . -24.15 -27.18 12.15
CED CLA OP . -23.50 -28.32 11.56
C1 CLA OP . -30.61 -28.94 8.63
C2 CLA OP . -32.00 -28.81 8.14
C3 CLA OP . -32.68 -29.62 7.33
C4 CLA OP . -34.09 -29.34 6.90
C5 CLA OP . -32.06 -30.88 6.75
C6 CLA OP . -32.86 -32.16 6.99
C7 CLA OP . -33.60 -32.72 5.76
C8 CLA OP . -33.66 -34.23 5.63
C9 CLA OP . -34.26 -34.66 4.30
C10 CLA OP . -34.41 -34.86 6.81
MG CLA PP . 10.27 -27.80 -13.94
CHA CLA PP . 11.72 -28.91 -16.78
CHB CLA PP . 7.34 -28.42 -15.22
CHC CLA PP . 8.92 -26.48 -11.20
CHD CLA PP . 13.35 -26.32 -13.02
NA CLA PP . 9.69 -28.55 -15.63
C1A CLA PP . 10.39 -29.08 -16.67
C2A CLA PP . 9.52 -29.83 -17.61
C3A CLA PP . 8.27 -29.11 -17.43
C4A CLA PP . 8.42 -28.66 -16.01
CMA CLA PP . 8.13 -27.97 -18.42
CAA CLA PP . 9.31 -31.25 -17.09
CBA CLA PP . 10.54 -32.11 -16.90
CGA CLA PP . 10.11 -33.45 -16.39
O1A CLA PP . 9.83 -34.38 -17.09
O2A CLA PP . 10.08 -33.49 -15.06
NB CLA PP . 8.47 -27.52 -13.32
C1B CLA PP . 7.31 -27.98 -13.93
C2B CLA PP . 6.22 -27.86 -13.06
C3B CLA PP . 6.68 -27.29 -11.94
C4B CLA PP . 8.04 -27.06 -12.09
CMB CLA PP . 4.83 -28.35 -13.30
CAB CLA PP . 5.88 -26.96 -10.75
CBB CLA PP . 5.33 -25.83 -10.50
NC CLA PP . 10.96 -26.67 -12.50
C1C CLA PP . 10.25 -26.31 -11.40
C2C CLA PP . 11.07 -25.66 -10.44
C3C CLA PP . 12.31 -25.55 -10.96
C4C CLA PP . 12.25 -26.17 -12.24
CMC CLA PP . 10.63 -25.17 -9.09
CAC CLA PP . 13.52 -24.91 -10.35
CBC CLA PP . 14.57 -25.89 -10.01
ND CLA PP . 12.06 -27.56 -14.67
C1D CLA PP . 13.31 -27.01 -14.20
C2D CLA PP . 14.33 -27.32 -15.10
C3D CLA PP . 13.75 -28.06 -16.15
C4D CLA PP . 12.42 -28.18 -15.84
CMD CLA PP . 15.78 -27.01 -14.93
CAD CLA PP . 13.96 -28.77 -17.36
OBD CLA PP . 14.98 -28.91 -18.00
CBD CLA PP . 12.74 -29.39 -17.82
CGD CLA PP . 12.58 -28.87 -19.23
O1D CLA PP . 12.35 -27.73 -19.53
O2D CLA PP . 12.77 -29.84 -20.11
CED CLA PP . 12.49 -29.50 -21.49
C1 CLA PP . 9.94 -34.80 -14.45
C2 CLA PP . 10.80 -34.93 -13.25
C3 CLA PP . 12.03 -35.40 -13.35
C4 CLA PP . 12.69 -35.74 -14.65
C5 CLA PP . 12.86 -35.70 -12.12
C6 CLA PP . 13.69 -34.53 -11.65
C7 CLA PP . 13.10 -33.89 -10.41
C8 CLA PP . 13.90 -34.06 -9.12
C9 CLA PP . 13.28 -33.28 -7.99
C10 CLA PP . 15.37 -33.70 -9.34
MG CLA QP . 7.66 -44.66 8.86
CHA CLA QP . 9.82 -46.42 10.83
CHB CLA QP . 10.25 -42.92 7.70
CHC CLA QP . 5.44 -42.67 7.21
CHD CLA QP . 4.96 -45.96 10.75
NA CLA QP . 9.57 -44.79 9.11
C1A CLA QP . 10.34 -45.69 9.82
C2A CLA QP . 11.77 -45.68 9.36
C3A CLA QP . 11.90 -44.22 9.03
C4A CLA QP . 10.49 -43.93 8.57
CMA CLA QP . 12.33 -43.34 10.20
CAA CLA QP . 11.82 -46.61 8.13
CBA CLA QP . 12.78 -47.79 8.25
CGA CLA QP . 13.02 -48.48 6.95
O1A CLA QP . 13.23 -47.93 5.90
O2A CLA QP . 12.99 -49.81 7.08
NB CLA QP . 7.81 -43.13 7.67
C1B CLA QP . 9.03 -42.53 7.19
C2B CLA QP . 8.73 -41.54 6.21
C3B CLA QP . 7.35 -41.49 6.10
C4B CLA QP . 6.78 -42.42 6.98
CMB CLA QP . 9.75 -40.77 5.42
CAB CLA QP . 6.58 -40.63 5.19
CBB CLA QP . 6.82 -40.35 3.94
NC CLA QP . 5.70 -44.41 8.94
C1C CLA QP . 4.95 -43.58 8.12
C2C CLA QP . 3.52 -43.73 8.37
C3C CLA QP . 3.39 -44.64 9.38
C4C CLA QP . 4.71 -45.07 9.75
CMC CLA QP . 2.41 -43.04 7.65
CAC CLA QP . 2.11 -45.14 9.99
CBC CLA QP . 1.65 -46.46 9.41
ND CLA QP . 7.39 -45.82 10.40
C1D CLA QP . 6.23 -46.32 11.13
C2D CLA QP . 6.66 -47.21 12.13
C3D CLA QP . 8.07 -47.28 12.08
C4D CLA QP . 8.44 -46.44 11.03
CMD CLA QP . 5.76 -47.95 13.09
CAD CLA QP . 9.28 -47.87 12.63
OBD CLA QP . 9.39 -48.66 13.54
CBD CLA QP . 10.46 -47.34 11.87
CGD CLA QP . 11.38 -46.58 12.82
O1D CLA QP . 12.57 -46.45 12.67
O2D CLA QP . 10.70 -46.07 13.83
CED CLA QP . 11.47 -45.32 14.80
MG CLA RP . -4.28 -30.20 6.83
CHA CLA RP . -2.60 -29.27 9.66
CHB CLA RP . -7.01 -30.60 8.65
CHC CLA RP . -5.77 -31.62 4.09
CHD CLA RP . -1.17 -30.44 5.13
NA CLA RP . -4.68 -29.91 8.71
C1A CLA RP . -3.93 -29.42 9.76
C2A CLA RP . -4.71 -29.11 11.00
C3A CLA RP . -5.97 -29.95 10.76
C4A CLA RP . -5.89 -30.17 9.28
CMA CLA RP . -6.00 -31.29 11.47
CAA CLA RP . -4.85 -27.57 11.09
CBA CLA RP . -6.18 -26.90 10.72
CGA CLA RP . -6.52 -27.01 9.27
O1A CLA RP . -5.71 -26.93 8.38
O2A CLA RP . -7.82 -27.21 9.07
NB CLA RP . -6.04 -30.91 6.42
C1B CLA RP . -7.17 -30.90 7.31
C2B CLA RP . -8.33 -31.33 6.65
C3B CLA RP . -7.96 -31.67 5.36
C4B CLA RP . -6.59 -31.42 5.21
CMB CLA RP . -9.70 -31.37 7.25
CAB CLA RP . -8.83 -32.25 4.32
CBB CLA RP . -9.88 -33.01 4.47
NC CLA RP . -3.64 -30.84 5.07
C1C CLA RP . -4.44 -31.35 4.04
C2C CLA RP . -3.64 -31.67 2.85
C3C CLA RP . -2.32 -31.39 3.16
C4C CLA RP . -2.31 -30.87 4.50
CMC CLA RP . -4.15 -32.15 1.53
CAC CLA RP . -1.12 -31.64 2.29
CBC CLA RP . -0.89 -30.55 1.27
ND CLA RP . -2.38 -29.97 7.22
C1D CLA RP . -1.15 -30.03 6.45
C2D CLA RP . -0.07 -29.58 7.22
C3D CLA RP . -0.58 -29.27 8.51
C4D CLA RP . -1.94 -29.53 8.44
CMD CLA RP . 1.35 -29.44 6.77
CAD CLA RP . -0.29 -28.76 9.85
OBD CLA RP . 0.74 -28.30 10.28
CBD CLA RP . -1.54 -28.82 10.67
CGD CLA RP . -1.41 -29.80 11.83
O1D CLA RP . -1.07 -30.94 11.72
O2D CLA RP . -1.74 -29.22 12.97
CED CLA RP . -1.74 -30.09 14.14
C1 CLA RP . -8.21 -27.37 7.69
C2 CLA RP . -9.63 -27.78 7.53
C3 CLA RP . -10.13 -28.04 6.33
C4 CLA RP . -11.57 -28.46 6.11
C5 CLA RP . -9.26 -27.95 5.09
C6 CLA RP . -9.92 -28.33 3.77
C7 CLA RP . -8.98 -28.09 2.60
C8 CLA RP . -8.68 -29.24 1.64
C9 CLA RP . -7.53 -28.88 0.71
C10 CLA RP . -9.91 -29.70 0.86
C11 CLA RP . -9.85 -31.13 0.31
C12 CLA RP . -11.08 -31.53 -0.50
C13 CLA RP . -11.50 -33.00 -0.38
C14 CLA RP . -12.28 -33.49 -1.59
C15 CLA RP . -12.26 -33.29 0.92
C16 CLA RP . -13.56 -32.54 1.18
C17 CLA RP . -13.50 -31.65 2.42
C18 CLA RP . -14.60 -30.63 2.55
C19 CLA RP . -14.94 -30.37 4.02
C20 CLA RP . -14.23 -29.33 1.86
MG CLA SP . 9.98 -32.27 8.41
CHA CLA SP . 11.72 -30.70 10.91
CHB CLA SP . 8.05 -29.59 8.10
CHC CLA SP . 8.08 -34.03 6.17
CHD CLA SP . 11.42 -35.37 9.43
NA CLA SP . 9.95 -30.54 9.30
C1A CLA SP . 10.76 -29.98 10.29
C2A CLA SP . 10.48 -28.54 10.60
C3A CLA SP . 9.20 -28.29 9.82
C4A CLA SP . 9.04 -29.55 9.01
CMA CLA SP . 8.00 -28.01 10.71
CAA CLA SP . 11.63 -27.64 10.13
CBA CLA SP . 12.09 -27.72 8.67
CGA CLA SP . 13.44 -27.11 8.45
O1A CLA SP . 14.08 -26.55 9.30
O2A CLA SP . 13.84 -27.27 7.19
NB CLA SP . 8.40 -31.89 7.33
C1B CLA SP . 7.70 -30.63 7.26
C2B CLA SP . 6.70 -30.69 6.27
C3B CLA SP . 6.73 -31.97 5.73
C4B CLA SP . 7.74 -32.70 6.37
CMB CLA SP . 5.79 -29.57 5.87
CAB CLA SP . 5.90 -32.49 4.64
CBB CLA SP . 4.61 -32.42 4.50
NC CLA SP . 9.81 -34.19 7.92
C1C CLA SP . 8.99 -34.71 6.92
C2C CLA SP . 9.15 -36.16 6.80
C3C CLA SP . 10.07 -36.55 7.73
C4C CLA SP . 10.49 -35.36 8.43
CMC CLA SP . 8.44 -37.08 5.85
CAC CLA SP . 10.61 -37.94 7.95
CBC CLA SP . 9.86 -38.68 9.03
ND CLA SP . 11.22 -32.94 9.76
C1D CLA SP . 11.81 -34.22 10.09
C2D CLA SP . 12.77 -34.07 11.11
C3D CLA SP . 12.81 -32.69 11.45
C4D CLA SP . 11.87 -32.08 10.63
CMD CLA SP . 13.62 -35.15 11.70
CAD CLA SP . 13.44 -31.65 12.24
OBD CLA SP . 14.39 -31.74 12.99
CBD CLA SP . 12.76 -30.35 11.98
CGD CLA SP . 12.17 -29.79 13.26
O1D CLA SP . 12.51 -28.75 13.77
O2D CLA SP . 11.23 -30.59 13.74
CED CLA SP . 10.60 -30.16 14.97
C1 CLA SP . 15.20 -26.85 6.92
C2 CLA SP . 15.53 -27.25 5.53
C3 CLA SP . 16.77 -27.28 5.05
C4 CLA SP . 17.11 -27.67 3.64
C5 CLA SP . 17.95 -26.90 5.92
MG CLA TP . -22.57 -41.14 -13.22
CHA CLA TP . -20.94 -42.85 -15.71
CHB CLA TP . -25.45 -41.65 -14.80
CHC CLA TP . -24.08 -39.11 -10.92
CHD CLA TP . -19.44 -39.94 -12.06
NA CLA TP . -23.05 -42.09 -14.84
C1A CLA TP . -22.29 -42.84 -15.74
C2A CLA TP . -23.11 -43.64 -16.72
C3A CLA TP . -24.44 -42.93 -16.63
C4A CLA TP . -24.33 -42.17 -15.34
CMA CLA TP . -24.72 -42.02 -17.81
CAA CLA TP . -23.14 -45.11 -16.26
CBA CLA TP . -23.10 -45.37 -14.75
CGA CLA TP . -23.50 -46.78 -14.39
O1A CLA TP . -24.17 -47.50 -15.07
O2A CLA TP . -23.00 -47.13 -13.20
NB CLA TP . -24.40 -40.54 -12.89
C1B CLA TP . -25.57 -40.91 -13.64
C2B CLA TP . -26.73 -40.39 -13.02
C3B CLA TP . -26.31 -39.66 -11.93
C4B CLA TP . -24.92 -39.73 -11.84
CMB CLA TP . -28.14 -40.61 -13.47
CAB CLA TP . -27.17 -38.93 -10.98
CBB CLA TP . -27.38 -39.22 -9.73
NC CLA TP . -21.94 -39.87 -11.84
C1C CLA TP . -22.72 -39.16 -10.94
C2C CLA TP . -21.91 -38.34 -10.04
C3C CLA TP . -20.60 -38.54 -10.39
C4C CLA TP . -20.59 -39.48 -11.48
CMC CLA TP . -22.42 -37.48 -8.92
CAC CLA TP . -19.38 -37.86 -9.80
CBC CLA TP . -18.79 -38.65 -8.66
ND CLA TP . -20.69 -41.27 -13.72
C1D CLA TP . -19.44 -40.76 -13.17
C2D CLA TP . -18.36 -41.29 -13.90
C3D CLA TP . -18.88 -42.12 -14.92
C4D CLA TP . -20.27 -42.06 -14.75
CMD CLA TP . -16.91 -41.05 -13.62
CAD CLA TP . -18.61 -42.94 -16.07
OBD CLA TP . -17.55 -43.14 -16.63
CBD CLA TP . -19.88 -43.57 -16.54
CGD CLA TP . -19.98 -43.40 -18.06
O1D CLA TP . -20.48 -44.20 -18.80
O2D CLA TP . -19.36 -42.29 -18.46
CED CLA TP . -18.98 -42.24 -19.85
MG CLA UP . 1.08 -44.98 -9.94
CHA CLA UP . -0.21 -44.44 -13.07
CHB CLA UP . 0.34 -48.19 -10.20
CHC CLA UP . 1.80 -45.32 -6.59
CHD CLA UP . 1.15 -41.46 -9.45
NA CLA UP . 0.27 -46.05 -11.35
C1A CLA UP . -0.19 -45.72 -12.62
C2A CLA UP . -0.71 -46.88 -13.42
C3A CLA UP . -0.58 -48.03 -12.47
C4A CLA UP . 0.04 -47.40 -11.24
CMA CLA UP . -1.92 -48.71 -12.17
CAA CLA UP . 0.10 -47.10 -14.70
CBA CLA UP . 1.62 -47.09 -14.55
CGA CLA UP . 2.33 -47.81 -15.66
O1A CLA UP . 1.81 -48.12 -16.71
O2A CLA UP . 3.60 -48.05 -15.36
NB CLA UP . 1.14 -46.46 -8.66
C1B CLA UP . 0.86 -47.84 -8.97
C2B CLA UP . 1.07 -48.64 -7.84
C3B CLA UP . 1.45 -47.80 -6.79
C4B CLA UP . 1.49 -46.49 -7.28
CMB CLA UP . 0.88 -50.14 -7.76
CAB CLA UP . 1.69 -48.22 -5.41
CBB CLA UP . 2.61 -47.89 -4.55
NC CLA UP . 1.44 -43.73 -8.44
C1C CLA UP . 1.78 -44.07 -7.13
C2C CLA UP . 2.05 -42.88 -6.32
C3C CLA UP . 1.87 -41.79 -7.12
C4C CLA UP . 1.47 -42.29 -8.42
CMC CLA UP . 2.49 -42.86 -4.87
CAC CLA UP . 2.04 -40.35 -6.75
CBC CLA UP . 3.36 -39.79 -7.22
ND CLA UP . 0.61 -43.36 -10.92
C1D CLA UP . 0.70 -41.92 -10.67
C2D CLA UP . 0.31 -41.20 -11.81
C3D CLA UP . -0.05 -42.14 -12.81
C4D CLA UP . 0.15 -43.39 -12.22
CMD CLA UP . 0.32 -39.71 -11.95
CAD CLA UP . -0.56 -42.36 -14.15
OBD CLA UP . -0.89 -41.53 -14.97
CBD CLA UP . -0.62 -43.83 -14.42
CGD CLA UP . -2.03 -44.19 -14.87
O1D CLA UP . -2.29 -44.99 -15.72
O2D CLA UP . -2.94 -43.49 -14.20
CED CLA UP . -4.32 -43.75 -14.54
C1 CLA UP . 4.42 -48.59 -16.43
C2 CLA UP . 5.82 -48.69 -15.92
C3 CLA UP . 6.37 -49.73 -15.31
C4 CLA UP . 7.80 -49.72 -14.82
C5 CLA UP . 5.62 -51.03 -15.09
C6 CLA UP . 6.19 -51.96 -14.02
C7 CLA UP . 5.33 -53.21 -13.85
C8 CLA UP . 5.49 -54.06 -12.59
C9 CLA UP . 6.95 -54.41 -12.30
C10 CLA UP . 4.64 -55.33 -12.71
C11 CLA UP . 3.87 -55.80 -11.47
C12 CLA UP . 4.69 -56.66 -10.50
C13 CLA UP . 5.29 -57.98 -11.01
C14 CLA UP . 4.34 -58.72 -11.95
C15 CLA UP . 5.70 -58.85 -9.82
C16 CLA UP . 6.45 -60.15 -10.13
MG CLA VP . 5.31 -37.87 -14.13
CHA CLA VP . 4.95 -36.03 -16.96
CHB CLA VP . 3.48 -40.26 -15.56
CHC CLA VP . 5.35 -39.55 -11.15
CHD CLA VP . 6.40 -34.97 -12.41
NA CLA VP . 4.56 -38.11 -15.90
C1A CLA VP . 4.64 -37.34 -17.04
C2A CLA VP . 4.24 -38.08 -18.29
C3A CLA VP . 3.20 -38.99 -17.67
C4A CLA VP . 3.76 -39.15 -16.29
CMA CLA VP . 1.78 -38.42 -17.68
CAA CLA VP . 5.37 -38.89 -18.94
CBA CLA VP . 6.77 -38.27 -19.00
CGA CLA VP . 7.64 -38.69 -17.86
O1A CLA VP . 7.68 -39.81 -17.41
O2A CLA VP . 8.32 -37.67 -17.35
NB CLA VP . 4.62 -39.58 -13.50
C1B CLA VP . 3.91 -40.55 -14.28
C2B CLA VP . 3.72 -41.73 -13.53
C3B CLA VP . 4.26 -41.51 -12.27
C4B CLA VP . 4.79 -40.21 -12.23
CMB CLA VP . 3.08 -42.99 -14.02
CAB CLA VP . 4.34 -42.47 -11.17
CBB CLA VP . 5.37 -43.16 -10.82
NC CLA VP . 5.77 -37.38 -12.25
C1C CLA VP . 5.79 -38.24 -11.17
C2C CLA VP . 6.31 -37.59 -9.98
C3C CLA VP . 6.60 -36.29 -10.31
C4C CLA VP . 6.26 -36.14 -11.71
CMC CLA VP . 6.54 -38.21 -8.63
CAC CLA VP . 7.15 -35.23 -9.40
CBC CLA VP . 8.66 -35.23 -9.36
ND CLA VP . 5.59 -36.00 -14.49
C1D CLA VP . 6.07 -34.84 -13.74
C2D CLA VP . 6.14 -33.72 -14.58
C3D CLA VP . 5.71 -34.12 -15.87
C4D CLA VP . 5.39 -35.47 -15.75
CMD CLA VP . 6.59 -32.34 -14.18
CAD CLA VP . 5.47 -33.73 -17.24
OBD CLA VP . 5.64 -32.64 -17.77
CBD CLA VP . 4.93 -34.90 -18.00
CGD CLA VP . 3.52 -34.62 -18.49
O1D CLA VP . 2.57 -35.34 -18.31
O2D CLA VP . 3.46 -33.48 -19.17
CED CLA VP . 2.19 -33.12 -19.75
C1 CLA VP . 8.39 -37.67 -15.90
C2 CLA VP . 9.57 -38.40 -15.35
C3 CLA VP . 9.61 -38.69 -14.06
C4 CLA VP . 8.53 -38.29 -13.10
C5 CLA VP . 10.73 -39.50 -13.45
C6 CLA VP . 11.49 -38.78 -12.33
C7 CLA VP . 11.28 -39.36 -10.93
C8 CLA VP . 12.23 -38.90 -9.82
C9 CLA VP . 13.63 -39.46 -10.02
C10 CLA VP . 11.68 -39.23 -8.43
C11 CLA VP . 11.52 -38.06 -7.47
C12 CLA VP . 12.85 -37.38 -7.14
C13 CLA VP . 12.86 -36.41 -5.94
C14 CLA VP . 12.81 -37.15 -4.61
C15 CLA VP . 11.72 -35.39 -6.06
MG CLA WP . -1.61 -13.45 -3.85
CHA CLA WP . -1.29 -10.76 -5.94
CHB CLA WP . -4.54 -14.14 -5.22
CHC CLA WP . -2.05 -15.90 -1.49
CHD CLA WP . 0.86 -12.03 -1.74
NA CLA WP . -2.61 -12.66 -5.31
C1A CLA WP . -2.32 -11.60 -6.17
C2A CLA WP . -3.29 -11.47 -7.31
C3A CLA WP . -4.44 -12.31 -6.85
C4A CLA WP . -3.83 -13.10 -5.73
CMA CLA WP . -5.66 -11.51 -6.41
CAA CLA WP . -2.61 -12.01 -8.58
CBA CLA WP . -3.42 -11.79 -9.86
CGA CLA WP . -3.50 -10.36 -10.27
O1A CLA WP . -2.57 -9.68 -10.61
O2A CLA WP . -4.75 -9.91 -10.15
NB CLA WP . -2.99 -14.78 -3.46
C1B CLA WP . -4.20 -14.99 -4.20
C2B CLA WP . -4.90 -16.10 -3.70
C3B CLA WP . -4.17 -16.60 -2.64
C4B CLA WP . -3.01 -15.80 -2.47
CMB CLA WP . -6.20 -16.63 -4.22
CAB CLA WP . -4.49 -17.76 -1.80
CBB CLA WP . -4.66 -18.99 -2.20
NC CLA WP . -0.79 -13.88 -2.11
C1C CLA WP . -1.07 -14.97 -1.29
C2C CLA WP . -0.25 -14.99 -0.09
C3C CLA WP . 0.58 -13.90 -0.16
C4C CLA WP . 0.26 -13.20 -1.38
CMC CLA WP . -0.31 -15.98 1.04
CAC CLA WP . 1.64 -13.48 0.83
CBC CLA WP . 1.19 -12.35 1.72
ND CLA WP . -0.49 -11.88 -3.80
C1D CLA WP . 0.53 -11.35 -2.89
C2D CLA WP . 1.06 -10.15 -3.40
C3D CLA WP . 0.41 -9.89 -4.63
C4D CLA WP . -0.49 -10.93 -4.80
CMD CLA WP . 2.11 -9.31 -2.74
CAD CLA WP . 0.31 -9.02 -5.78
OBD CLA WP . 0.94 -8.01 -6.04
CBD CLA WP . -0.78 -9.52 -6.68
CGD CLA WP . -1.81 -8.41 -6.86
O1D CLA WP . -2.04 -7.85 -7.89
O2D CLA WP . -2.42 -8.13 -5.71
CED CLA WP . -3.38 -7.05 -5.74
C1 CLA WP . -4.92 -8.50 -9.84
C2 CLA WP . -5.88 -8.45 -8.70
C3 CLA WP . -7.14 -8.01 -8.77
C4 CLA WP . -7.79 -7.54 -10.03
C5 CLA WP . -8.01 -7.96 -7.53
C6 CLA WP . -7.30 -7.44 -6.29
C7 CLA WP . -8.25 -7.05 -5.16
C8 CLA WP . -8.03 -7.71 -3.80
C9 CLA WP . -6.71 -7.30 -3.17
C10 CLA WP . -8.16 -9.23 -3.90
C11 CLA WP . -8.63 -9.99 -2.67
C12 CLA WP . -7.52 -10.65 -1.85
C13 CLA WP . -6.84 -11.89 -2.43
C14 CLA WP . -7.81 -13.06 -2.58
C15 CLA WP . -5.61 -12.28 -1.60
C16 CLA WP . -4.26 -11.72 -2.02
C17 CLA WP . -4.05 -10.25 -1.66
C18 CLA WP . -2.60 -9.78 -1.60
C19 CLA WP . -2.52 -8.28 -1.64
C20 CLA WP . -1.90 -10.31 -0.36
MG CLA XP . -13.09 -35.43 -7.88
CHA CLA XP . -14.84 -35.72 -10.81
CHB CLA XP . -11.99 -32.48 -8.91
CHC CLA XP . -11.01 -35.40 -5.17
CHD CLA XP . -13.69 -38.87 -7.25
NA CLA XP . -13.48 -34.33 -9.43
C1A CLA XP . -14.32 -34.51 -10.51
C2A CLA XP . -14.58 -33.27 -11.31
C3A CLA XP . -13.38 -32.43 -10.93
C4A CLA XP . -12.91 -33.11 -9.67
CMA CLA XP . -12.27 -32.39 -11.98
CAA CLA XP . -15.92 -32.67 -10.89
CBA CLA XP . -16.41 -32.92 -9.45
CGA CLA XP . -17.45 -31.95 -8.99
O1A CLA XP . -17.73 -30.93 -9.56
O2A CLA XP . -17.94 -32.28 -7.80
NB CLA XP . -11.77 -34.20 -7.17
C1B CLA XP . -11.43 -32.91 -7.73
C2B CLA XP . -10.51 -32.26 -6.91
C3B CLA XP . -10.24 -33.10 -5.82
C4B CLA XP . -11.00 -34.27 -5.98
CMB CLA XP . -9.90 -30.91 -7.17
CAB CLA XP . -9.34 -32.84 -4.69
CBB CLA XP . -9.37 -31.83 -3.87
NC CLA XP . -12.52 -36.77 -6.54
C1C CLA XP . -11.69 -36.55 -5.45
C2C CLA XP . -11.58 -37.74 -4.61
C3C CLA XP . -12.36 -38.71 -5.18
C4C CLA XP . -12.93 -38.14 -6.38
CMC CLA XP . -10.75 -37.89 -3.37
CAC CLA XP . -12.66 -40.08 -4.64
CBC CLA XP . -11.88 -41.17 -5.33
ND CLA XP . -13.99 -36.93 -8.74
C1D CLA XP . -14.23 -38.32 -8.41
C2D CLA XP . -15.03 -38.92 -9.40
C3D CLA XP . -15.30 -37.94 -10.38
C4D CLA XP . -14.66 -36.80 -9.93
CMD CLA XP . -15.51 -40.34 -9.39
CAD CLA XP . -15.94 -37.63 -11.64
OBD CLA XP . -16.56 -38.36 -12.38
CBD CLA XP . -15.72 -36.19 -11.97
CGD CLA XP . -15.02 -36.05 -13.32
O1D CLA XP . -14.02 -36.61 -13.63
O2D CLA XP . -15.68 -35.20 -14.10
CED CLA XP . -15.10 -34.96 -15.41
C1 CLA XP . -17.96 -31.23 -6.80
C2 CLA XP . -19.05 -30.22 -6.98
C3 CLA XP . -19.03 -29.10 -6.27
C4 CLA XP . -17.97 -28.76 -5.27
C5 CLA XP . -20.13 -28.07 -6.43
C6 CLA XP . -20.13 -27.38 -7.79
C7 CLA XP . -19.41 -26.03 -7.80
C8 CLA XP . -19.79 -25.05 -8.91
C9 CLA XP . -18.73 -23.95 -9.06
C10 CLA XP . -21.19 -24.47 -8.66
C11 CLA XP . -21.62 -23.30 -9.53
C12 CLA XP . -23.12 -23.08 -9.49
C13 CLA XP . -23.65 -21.88 -10.28
C14 CLA XP . -25.05 -21.48 -9.81
C15 CLA XP . -23.64 -22.16 -11.78
C16 CLA XP . -23.44 -20.93 -12.65
C17 CLA XP . -23.51 -21.26 -14.14
C18 CLA XP . -23.46 -20.08 -15.10
C19 CLA XP . -23.42 -20.55 -16.54
C20 CLA XP . -24.62 -19.12 -14.88
MG CLA YP . 1.88 -28.96 -11.03
CHA CLA YP . 1.34 -25.63 -10.52
CHB CLA YP . 3.03 -29.21 -7.94
CHC CLA YP . 2.83 -32.16 -11.76
CHD CLA YP . 1.36 -28.46 -14.51
NA CLA YP . 2.00 -27.71 -9.56
C1A CLA YP . 1.64 -26.37 -9.44
C2A CLA YP . 1.68 -25.83 -8.04
C3A CLA YP . 2.43 -26.91 -7.30
C4A CLA YP . 2.50 -28.02 -8.31
CMA CLA YP . 3.81 -26.47 -6.81
CAA CLA YP . 0.24 -25.65 -7.53
CBA CLA YP . 0.09 -24.69 -6.34
CGA CLA YP . 0.45 -25.32 -5.02
O1A CLA YP . -0.30 -25.96 -4.33
O2A CLA YP . 1.73 -25.11 -4.72
NB CLA YP . 2.76 -30.39 -10.05
C1B CLA YP . 3.19 -30.35 -8.69
C2B CLA YP . 3.73 -31.59 -8.31
C3B CLA YP . 3.65 -32.43 -9.40
C4B CLA YP . 3.08 -31.71 -10.47
CMB CLA YP . 4.30 -31.93 -6.96
CAB CLA YP . 4.06 -33.84 -9.48
CBB CLA YP . 3.89 -34.77 -8.58
NC CLA YP . 2.03 -30.04 -12.70
C1C CLA YP . 2.39 -31.37 -12.79
C2C CLA YP . 2.32 -31.87 -14.17
C3C CLA YP . 1.95 -30.82 -14.96
C4C CLA YP . 1.76 -29.69 -14.08
CMC CLA YP . 2.55 -33.27 -14.65
CAC CLA YP . 1.80 -30.82 -16.47
CBC CLA YP . 0.52 -31.45 -16.92
ND CLA YP . 1.48 -27.50 -12.25
C1D CLA YP . 1.25 -27.37 -13.68
C2D CLA YP . 0.88 -26.05 -13.98
C3D CLA YP . 0.90 -25.31 -12.77
C4D CLA YP . 1.27 -26.22 -11.79
CMD CLA YP . 0.51 -25.53 -15.34
CAD CLA YP . 0.67 -24.03 -12.14
OBD CLA YP . 0.28 -22.99 -12.64
CBD CLA YP . 1.01 -24.14 -10.69
CGD CLA YP . 2.23 -23.27 -10.41
O1D CLA YP . 2.55 -22.87 -9.32
O2D CLA YP . 2.91 -23.03 -11.52
CED CLA YP . 4.18 -22.35 -11.36
C1 CLA YP . 2.23 -25.82 -3.55
C2 CLA YP . 3.68 -25.56 -3.41
C3 CLA YP . 4.50 -26.35 -2.73
C4 CLA YP . 4.06 -27.60 -2.03
C5 CLA YP . 5.97 -26.03 -2.60
C6 CLA YP . 6.87 -26.94 -3.43
C7 CLA YP . 7.13 -26.41 -4.83
C8 CLA YP . 8.00 -27.28 -5.75
C9 CLA YP . 7.33 -28.60 -6.09
C10 CLA YP . 9.40 -27.50 -5.17
MG CLA ZP . -11.18 -28.39 -11.83
CHA CLA ZP . -8.13 -28.18 -10.21
CHB CLA ZP . -12.70 -27.66 -9.04
CHC CLA ZP . -14.13 -29.27 -13.34
CHD CLA ZP . -9.51 -29.67 -14.68
NA CLA ZP . -10.51 -27.91 -10.06
C1A CLA ZP . -9.23 -27.78 -9.51
C2A CLA ZP . -9.19 -27.21 -8.11
C3A CLA ZP . -10.66 -26.91 -7.84
C4A CLA ZP . -11.35 -27.54 -9.02
CMA CLA ZP . -11.09 -27.34 -6.43
CAA CLA ZP . -8.31 -25.95 -8.05
CBA CLA ZP . -7.03 -26.04 -7.20
CGA CLA ZP . -6.69 -24.78 -6.46
O1A CLA ZP . -6.89 -24.60 -5.29
O2A CLA ZP . -5.99 -23.97 -7.24
NB CLA ZP . -13.04 -28.51 -11.29
C1B CLA ZP . -13.54 -28.17 -9.99
C2B CLA ZP . -14.95 -28.35 -9.94
C3B CLA ZP . -15.35 -28.78 -11.20
C4B CLA ZP . -14.20 -28.87 -12.02
CMB CLA ZP . -15.83 -28.08 -8.76
CAB CLA ZP . -16.71 -29.07 -11.64
CBB CLA ZP . -17.82 -28.46 -11.32
NC CLA ZP . -11.69 -29.20 -13.57
C1C CLA ZP . -12.98 -29.44 -14.04
C2C CLA ZP . -12.98 -30.00 -15.39
C3C CLA ZP . -11.67 -30.12 -15.78
C4C CLA ZP . -10.86 -29.64 -14.67
CMC CLA ZP . -14.17 -30.39 -16.22
CAC CLA ZP . -11.14 -30.67 -17.07
CBC CLA ZP . -10.86 -29.59 -18.08
ND CLA ZP . -9.37 -28.86 -12.36
C1D CLA ZP . -8.75 -29.35 -13.58
C2D CLA ZP . -7.36 -29.41 -13.42
C3D CLA ZP . -7.07 -28.99 -12.11
C4D CLA ZP . -8.28 -28.67 -11.54
CMD CLA ZP . -6.36 -29.80 -14.47
CAD CLA ZP . -6.05 -28.85 -11.09
OBD CLA ZP . -4.88 -29.20 -11.13
CBD CLA ZP . -6.63 -28.20 -9.90
CGD CLA ZP . -6.23 -28.96 -8.64
O1D CLA ZP . -5.45 -28.55 -7.82
O2D CLA ZP . -6.83 -30.14 -8.58
CED CLA ZP . -6.49 -30.96 -7.43
C1 CLA ZP . -4.59 -23.81 -6.89
C2 CLA ZP . -3.90 -24.44 -8.05
C3 CLA ZP . -3.39 -25.68 -8.06
C4 CLA ZP . -3.37 -26.56 -6.84
C5 CLA ZP . -2.89 -26.35 -9.32
C6 CLA ZP . -2.76 -25.49 -10.58
C7 CLA ZP . -4.07 -25.29 -11.34
C8 CLA ZP . -3.94 -24.69 -12.75
C9 CLA ZP . -3.28 -23.31 -12.70
C10 CLA ZP . -5.29 -24.64 -13.46
C11 CLA ZP . -5.78 -25.92 -14.13
C12 CLA ZP . -6.35 -25.71 -15.53
C13 CLA ZP . -5.41 -25.80 -16.74
C14 CLA ZP . -4.02 -25.23 -16.45
C15 CLA ZP . -6.06 -25.10 -17.94
C16 CLA ZP . -5.55 -25.45 -19.33
C17 CLA ZP . -6.03 -24.48 -20.40
MG CLA AQ . -4.30 -19.37 5.26
CHA CLA AQ . -3.44 -20.72 8.28
CHB CLA AQ . -2.93 -16.51 6.17
CHC CLA AQ . -5.59 -17.96 2.41
CHD CLA AQ . -6.46 -22.12 4.71
NA CLA AQ . -3.40 -18.79 6.88
C1A CLA AQ . -3.05 -19.46 8.05
C2A CLA AQ . -2.22 -18.64 9.01
C3A CLA AQ . -2.34 -17.26 8.42
C4A CLA AQ . -2.93 -17.52 7.06
CMA CLA AQ . -3.25 -16.35 9.24
CAA CLA AQ . -0.78 -19.17 9.07
CBA CLA AQ . 0.04 -19.18 7.78
CGA CLA AQ . 0.72 -20.49 7.53
O1A CLA AQ . 1.89 -20.68 7.66
O2A CLA AQ . -0.15 -21.42 7.13
NB CLA AQ . -4.21 -17.63 4.42
C1B CLA AQ . -3.44 -16.51 4.89
C2B CLA AQ . -3.46 -15.47 3.94
C3B CLA AQ . -4.26 -15.89 2.88
C4B CLA AQ . -4.72 -17.19 3.17
CMB CLA AQ . -2.76 -14.15 4.06
CAB CLA AQ . -4.56 -15.14 1.67
CBB CLA AQ . -3.75 -14.42 0.97
NC CLA AQ . -5.64 -19.91 3.90
C1C CLA AQ . -6.01 -19.20 2.76
C2C CLA AQ . -7.00 -19.93 1.95
C3C CLA AQ . -7.27 -21.10 2.63
C4C CLA AQ . -6.45 -21.10 3.81
CMC CLA AQ . -7.58 -19.51 0.63
CAC CLA AQ . -8.25 -22.17 2.23
CBC CLA AQ . -7.58 -23.40 1.69
ND CLA AQ . -4.86 -20.99 6.18
C1D CLA AQ . -5.72 -22.11 5.87
C2D CLA AQ . -5.63 -23.07 6.88
C3D CLA AQ . -4.72 -22.60 7.85
C4D CLA AQ . -4.30 -21.36 7.39
CMD CLA AQ . -6.35 -24.39 6.92
CAD CLA AQ . -4.08 -22.84 9.13
OBD CLA AQ . -4.20 -23.78 9.88
CBD CLA AQ . -3.16 -21.71 9.43
CGD CLA AQ . -3.46 -21.16 10.82
O1D CLA AQ . -4.44 -20.53 11.11
O2D CLA AQ . -2.50 -21.45 11.67
CED CLA AQ . -2.69 -21.02 13.04
C1 CLA AQ . 0.38 -22.65 6.56
C2 CLA AQ . 0.46 -23.73 7.59
C3 CLA AQ . -0.48 -24.60 7.92
C4 CLA AQ . -0.28 -25.65 8.98
C5 CLA AQ . -1.84 -24.64 7.24
C6 CLA AQ . -1.85 -25.53 6.00
C7 CLA AQ . -3.02 -26.52 5.89
C8 CLA AQ . -3.82 -26.50 4.58
C9 CLA AQ . -5.03 -27.42 4.68
C10 CLA AQ . -2.94 -26.86 3.37
C11 CLA AQ . -3.69 -27.02 2.06
C12 CLA AQ . -2.83 -26.81 0.82
C13 CLA AQ . -3.05 -27.77 -0.35
C14 CLA AQ . -1.97 -27.65 -1.41
C15 CLA AQ . -4.46 -27.67 -0.95
C16 CLA AQ . -4.83 -26.55 -1.92
C17 CLA AQ . -5.58 -27.05 -3.15
C18 CLA AQ . -6.96 -27.66 -2.90
C19 CLA AQ . -7.49 -28.47 -4.08
C20 CLA AQ . -7.96 -26.59 -2.53
MG CLA BQ . -5.51 -10.16 7.49
CHA CLA BQ . -2.43 -11.50 8.19
CHB CLA BQ . -6.54 -10.99 10.53
CHC CLA BQ . -8.62 -9.05 6.63
CHD CLA BQ . -4.69 -10.20 4.04
NA CLA BQ . -4.65 -11.05 8.99
C1A CLA BQ . -3.34 -11.49 9.19
C2A CLA BQ . -3.07 -11.95 10.59
C3A CLA BQ . -4.46 -12.18 11.11
C4A CLA BQ . -5.29 -11.36 10.17
CMA CLA BQ . -4.90 -13.65 11.11
CAA CLA BQ . -2.26 -10.88 11.36
CBA CLA BQ . -2.89 -9.50 11.58
CGA CLA BQ . -2.79 -8.59 10.40
O1A CLA BQ . -3.73 -8.13 9.81
O2A CLA BQ . -1.51 -8.37 10.07
NB CLA BQ . -7.22 -9.97 8.42
C1B CLA BQ . -7.46 -10.26 9.81
C2B CLA BQ . -8.71 -9.75 10.20
C3B CLA BQ . -9.30 -9.17 9.06
C4B CLA BQ . -8.42 -9.34 7.98
CMB CLA BQ . -9.28 -9.80 11.59
CAB CLA BQ . -10.58 -8.46 8.99
CBB CLA BQ . -11.27 -7.82 9.89
NC CLA BQ . -6.43 -9.77 5.79
C1C CLA BQ . -7.73 -9.29 5.63
C2C CLA BQ . -8.07 -9.10 4.21
C3C CLA BQ . -6.98 -9.47 3.49
C4C CLA BQ . -5.96 -9.87 4.42
CMC CLA BQ . -9.37 -8.57 3.67
CAC CLA BQ . -6.83 -9.49 1.98
CBC CLA BQ . -6.25 -8.21 1.44
ND CLA BQ . -4.02 -10.68 6.36
C1D CLA BQ . -3.72 -10.59 4.94
C2D CLA BQ . -2.38 -10.95 4.71
C3D CLA BQ . -1.81 -11.29 5.96
C4D CLA BQ . -2.82 -11.13 6.89
CMD CLA BQ . -1.66 -10.90 3.39
CAD CLA BQ . -0.63 -11.74 6.67
OBD CLA BQ . 0.48 -11.99 6.23
CBD CLA BQ . -0.94 -11.85 8.13
CGD CLA BQ . -0.57 -13.26 8.59
O1D CLA BQ . -1.28 -14.22 8.54
O2D CLA BQ . 0.69 -13.29 9.03
CED CLA BQ . 1.20 -14.59 9.41
C1 CLA BQ . -1.20 -8.07 8.67
C2 CLA BQ . -0.34 -6.87 8.52
C3 CLA BQ . -0.60 -5.68 9.05
C4 CLA BQ . -1.77 -5.39 9.95
C5 CLA BQ . 0.27 -4.49 8.71
C6 CLA BQ . 0.30 -4.23 7.21
C7 CLA BQ . 0.48 -2.77 6.81
C8 CLA BQ . -0.02 -2.43 5.40
C9 CLA BQ . -1.54 -2.31 5.36
C10 CLA BQ . 0.49 -3.45 4.37
C11 CLA BQ . 0.44 -3.09 2.90
C12 CLA BQ . 1.41 -1.98 2.50
C13 CLA BQ . 1.83 -1.93 1.02
C14 CLA BQ . 0.64 -1.89 0.08
C15 CLA BQ . 2.78 -3.08 0.67
C16 CLA BQ . 3.50 -2.95 -0.67
MG CLA CQ . -8.86 -10.42 -11.10
CHA CLA CQ . -9.37 -8.43 -13.84
CHB CLA CQ . -6.54 -12.08 -12.74
CHC CLA CQ . -8.68 -12.57 -8.44
CHD CLA CQ . -11.86 -9.16 -9.70
NA CLA CQ . -8.07 -10.19 -12.85
C1A CLA CQ . -8.30 -9.26 -13.87
C2A CLA CQ . -7.28 -9.28 -14.96
C3A CLA CQ . -6.55 -10.59 -14.70
C4A CLA CQ . -7.07 -11.00 -13.35
CMA CLA CQ . -6.82 -11.63 -15.78
CAA CLA CQ . -6.37 -8.05 -14.87
CBA CLA CQ . -5.87 -7.69 -13.47
CGA CLA CQ . -4.71 -6.75 -13.48
O1A CLA CQ . -4.02 -6.51 -14.44
O2A CLA CQ . -4.48 -6.24 -12.27
NB CLA CQ . -7.85 -12.03 -10.67
C1B CLA CQ . -6.85 -12.63 -11.51
C2B CLA CQ . -6.30 -13.77 -10.87
C3B CLA CQ . -6.92 -13.89 -9.64
C4B CLA CQ . -7.85 -12.84 -9.51
CMB CLA CQ . -5.20 -14.63 -11.41
CAB CLA CQ . -6.66 -14.89 -8.60
CBB CLA CQ . -6.38 -16.15 -8.72
NC CLA CQ . -9.95 -10.74 -9.47
C1C CLA CQ . -9.64 -11.60 -8.43
C2C CLA CQ . -10.55 -11.45 -7.30
C3C CLA CQ . -11.47 -10.49 -7.66
C4C CLA CQ . -11.13 -10.07 -9.00
CMC CLA CQ . -10.47 -12.13 -5.97
CAC CLA CQ . -12.62 -9.98 -6.85
CBC CLA CQ . -12.33 -8.66 -6.19
ND CLA CQ . -10.29 -9.19 -11.58
C1D CLA CQ . -11.52 -8.73 -10.95
C2D CLA CQ . -12.15 -7.79 -11.78
C3D CLA CQ . -11.34 -7.61 -12.92
C4D CLA CQ . -10.26 -8.46 -12.76
CMD CLA CQ . -13.45 -7.10 -11.50
CAD CLA CQ . -11.16 -6.91 -14.18
OBD CLA CQ . -11.89 -6.08 -14.71
CBD CLA CQ . -9.87 -7.35 -14.81
CGD CLA CQ . -10.12 -7.80 -16.25
O1D CLA CQ . -10.29 -7.06 -17.17
O2D CLA CQ . -10.11 -9.12 -16.34
CED CLA CQ . -10.08 -9.65 -17.69
C1 CLA CQ . -3.18 -5.62 -12.06
C2 CLA CQ . -3.12 -5.16 -10.65
C3 CLA CQ . -3.70 -4.05 -10.22
C4 CLA CQ . -4.48 -3.13 -11.12
C5 CLA CQ . -3.61 -3.63 -8.79
C6 CLA CQ . -4.90 -3.82 -8.01
C7 CLA CQ . -4.86 -3.21 -6.61
C8 CLA CQ . -6.05 -3.51 -5.70
C9 CLA CQ . -7.37 -3.08 -6.35
C10 CLA CQ . -5.87 -2.89 -4.33
C11 CLA CQ . -4.83 -3.54 -3.44
C12 CLA CQ . -4.94 -3.11 -1.99
C13 CLA CQ . -3.89 -3.68 -1.02
C14 CLA CQ . -3.98 -5.20 -0.92
C15 CLA CQ . -3.99 -3.03 0.35
C16 CLA CQ . -3.62 -1.56 0.44
C17 CLA CQ . -3.36 -1.11 1.87
C18 CLA CQ . -3.17 0.38 2.10
C19 CLA CQ . -3.09 0.68 3.59
C20 CLA CQ . -1.95 0.92 1.40
MG CLA DQ . -23.31 -30.01 -13.67
CHA CLA DQ . -20.73 -32.21 -13.34
CHB CLA DQ . -25.45 -32.40 -12.81
CHC CLA DQ . -25.87 -27.83 -14.35
CHD CLA DQ . -21.15 -27.82 -15.46
NA CLA DQ . -23.09 -31.87 -13.15
C1A CLA DQ . -21.95 -32.65 -13.00
C2A CLA DQ . -22.22 -34.01 -12.41
C3A CLA DQ . -23.73 -34.10 -12.41
C4A CLA DQ . -24.14 -32.71 -12.83
CMA CLA DQ . -24.27 -35.18 -13.34
CAA CLA DQ . -21.65 -34.06 -10.98
CBA CLA DQ . -21.92 -32.83 -10.12
CGA CLA DQ . -22.16 -33.10 -8.66
O1A CLA DQ . -22.42 -34.16 -8.18
O2A CLA DQ . -22.16 -31.96 -7.97
NB CLA DQ . -25.27 -30.09 -13.59
C1B CLA DQ . -26.06 -31.21 -13.14
C2B CLA DQ . -27.42 -30.86 -13.13
C3B CLA DQ . -27.52 -29.56 -13.58
C4B CLA DQ . -26.23 -29.09 -13.86
CMB CLA DQ . -28.56 -31.74 -12.69
CAB CLA DQ . -28.74 -28.76 -13.73
CBB CLA DQ . -29.07 -27.70 -13.05
NC CLA DQ . -23.47 -28.27 -14.62
C1C CLA DQ . -24.61 -27.49 -14.73
C2C CLA DQ . -24.34 -26.22 -15.40
C3C CLA DQ . -23.01 -26.21 -15.73
C4C CLA DQ . -22.46 -27.47 -15.27
CMC CLA DQ . -25.32 -25.12 -15.68
CAC CLA DQ . -22.27 -25.10 -16.42
CBC CLA DQ . -22.31 -25.22 -17.92
ND CLA DQ . -21.46 -29.95 -14.26
C1D CLA DQ . -20.63 -29.00 -14.97
C2D CLA DQ . -19.31 -29.48 -15.04
C3D CLA DQ . -19.27 -30.73 -14.37
C4D CLA DQ . -20.58 -30.95 -13.95
CMD CLA DQ . -18.16 -28.80 -15.71
CAD CLA DQ . -18.46 -31.85 -13.93
OBD CLA DQ . -17.27 -32.02 -14.05
CBD CLA DQ . -19.33 -32.84 -13.24
CGD CLA DQ . -19.23 -34.19 -13.96
O1D CLA DQ . -19.08 -34.32 -15.14
O2D CLA DQ . -19.32 -35.19 -13.10
CED CLA DQ . -19.26 -36.52 -13.66
C1 CLA DQ . -23.06 -31.87 -6.85
C2 CLA DQ . -23.31 -30.42 -6.65
C3 CLA DQ . -24.23 -29.89 -5.86
C4 CLA DQ . -25.25 -30.70 -5.10
C5 CLA DQ . -24.30 -28.40 -5.64
C6 CLA DQ . -25.48 -27.75 -6.35
C7 CLA DQ . -25.38 -26.24 -6.44
C8 CLA DQ . -26.50 -25.59 -7.25
C9 CLA DQ . -26.31 -25.83 -8.75
C10 CLA DQ . -26.68 -24.10 -6.96
C11 CLA DQ . -28.14 -23.67 -7.04
C12 CLA DQ . -28.88 -23.85 -5.72
C13 CLA DQ . -30.33 -24.35 -5.75
C14 CLA DQ . -31.13 -23.73 -6.89
C15 CLA DQ . -31.01 -24.08 -4.41
C16 CLA DQ . -31.98 -25.15 -3.92
C17 CLA DQ . -31.34 -26.15 -2.98
C18 CLA DQ . -31.43 -25.84 -1.49
C19 CLA DQ . -32.84 -26.10 -0.96
C20 CLA DQ . -30.41 -26.61 -0.68
MG CLA EQ . -35.05 -22.02 6.81
CHA CLA EQ . -32.86 -23.18 9.19
CHB CLA EQ . -32.47 -20.77 5.15
CHC CLA EQ . -37.28 -20.51 4.70
CHD CLA EQ . -37.73 -22.57 9.06
NA CLA EQ . -33.13 -22.10 7.07
C1A CLA EQ . -32.34 -22.75 8.02
C2A CLA EQ . -30.88 -22.83 7.63
C3A CLA EQ . -30.80 -21.58 6.76
C4A CLA EQ . -32.21 -21.46 6.28
CMA CLA EQ . -30.33 -20.34 7.51
CAA CLA EQ . -30.50 -24.12 6.88
CBA CLA EQ . -31.40 -25.35 7.01
CGA CLA EQ . -32.51 -25.35 6.01
O1A CLA EQ . -32.36 -25.25 4.82
O2A CLA EQ . -33.70 -25.44 6.59
NB CLA EQ . -34.92 -20.92 5.21
C1B CLA EQ . -33.69 -20.54 4.55
C2B CLA EQ . -33.99 -19.88 3.34
C3B CLA EQ . -35.36 -19.81 3.23
C4B CLA EQ . -35.94 -20.42 4.36
CMB CLA EQ . -32.98 -19.36 2.36
CAB CLA EQ . -36.13 -19.21 2.13
CBB CLA EQ . -37.04 -19.76 1.39
NC CLA EQ . -37.00 -21.66 6.85
C1C CLA EQ . -37.75 -21.06 5.85
C2C CLA EQ . -39.17 -21.02 6.20
C3C CLA EQ . -39.30 -21.57 7.44
C4C CLA EQ . -37.98 -21.98 7.87
CMC CLA EQ . -40.29 -20.50 5.34
CAC CLA EQ . -40.56 -21.72 8.24
CBC CLA EQ . -41.23 -23.06 8.05
ND CLA EQ . -35.30 -22.67 8.63
C1D CLA EQ . -36.46 -22.92 9.48
C2D CLA EQ . -36.04 -23.52 10.69
C3D CLA EQ . -34.63 -23.65 10.63
C4D CLA EQ . -34.25 -23.13 9.40
CMD CLA EQ . -36.94 -23.97 11.80
CAD CLA EQ . -33.43 -24.09 11.31
OBD CLA EQ . -33.32 -24.64 12.38
CBD CLA EQ . -32.24 -23.82 10.45
CGD CLA EQ . -31.23 -22.92 11.17
O1D CLA EQ . -30.06 -22.85 10.91
O2D CLA EQ . -31.80 -22.25 12.16
CED CLA EQ . -30.92 -21.38 12.90
C1 CLA EQ . -34.83 -25.22 5.70
C2 CLA EQ . -36.10 -25.31 6.47
C3 CLA EQ . -37.27 -25.14 5.89
C4 CLA EQ . -38.58 -25.23 6.63
C5 CLA EQ . -37.37 -24.82 4.40
C6 CLA EQ . -38.78 -24.64 3.86
C7 CLA EQ . -38.78 -24.27 2.38
C8 CLA EQ . -40.14 -23.81 1.87
C9 CLA EQ . -41.09 -24.99 1.67
C10 CLA EQ . -39.96 -22.99 0.59
C11 CLA EQ . -41.21 -22.46 -0.10
C12 CLA EQ . -41.96 -21.39 0.70
C13 CLA EQ . -43.36 -21.05 0.20
C14 CLA EQ . -44.37 -22.11 0.61
C15 CLA EQ . -43.35 -20.83 -1.32
C16 CLA EQ . -44.51 -20.05 -1.89
C17 CLA EQ . -44.39 -19.84 -3.40
C18 CLA EQ . -45.28 -20.71 -4.28
C19 CLA EQ . -45.06 -22.18 -4.05
C20 CLA EQ . -46.75 -20.36 -4.16
MG CLA FQ . -11.36 -36.22 9.70
CHA CLA FQ . -11.55 -33.04 10.96
CHB CLA FQ . -9.85 -37.20 12.49
CHC CLA FQ . -10.54 -39.17 8.16
CHD CLA FQ . -12.36 -34.98 6.54
NA CLA FQ . -10.87 -35.30 11.35
C1A CLA FQ . -11.10 -34.01 11.79
C2A CLA FQ . -10.80 -33.80 13.26
C3A CLA FQ . -9.84 -34.97 13.50
C4A CLA FQ . -10.19 -35.89 12.38
CMA CLA FQ . -8.37 -34.59 13.44
CAA CLA FQ . -12.15 -33.79 13.99
CBA CLA FQ . -12.49 -34.85 15.04
CGA CLA FQ . -12.71 -36.22 14.47
O1A CLA FQ . -12.00 -37.17 14.67
O2A CLA FQ . -13.79 -36.25 13.69
NB CLA FQ . -10.49 -37.88 10.25
C1B CLA FQ . -10.01 -38.19 11.57
C2B CLA FQ . -9.55 -39.52 11.62
C3B CLA FQ . -9.67 -40.05 10.34
C4B CLA FQ . -10.24 -39.07 9.51
CMB CLA FQ . -9.02 -40.22 12.83
CAB CLA FQ . -9.19 -41.35 9.89
CBB CLA FQ . -9.82 -42.32 9.36
NC CLA FQ . -11.45 -36.91 7.85
C1C CLA FQ . -11.07 -38.17 7.40
C2C CLA FQ . -11.28 -38.33 5.96
C3C CLA FQ . -11.79 -37.13 5.49
C4C CLA FQ . -11.91 -36.26 6.64
CMC CLA FQ . -11.01 -39.56 5.15
CAC CLA FQ . -12.14 -36.79 4.07
CBC CLA FQ . -13.55 -37.17 3.71
ND CLA FQ . -11.82 -34.52 8.89
C1D CLA FQ . -12.29 -34.09 7.59
C2D CLA FQ . -12.66 -32.74 7.63
C3D CLA FQ . -12.39 -32.26 8.94
C4D CLA FQ . -11.88 -33.36 9.63
CMD CLA FQ . -13.26 -31.95 6.50
CAD CLA FQ . -12.41 -31.13 9.84
OBD CLA FQ . -12.81 -30.00 9.64
CBD CLA FQ . -11.84 -31.56 11.16
CGD CLA FQ . -10.58 -30.73 11.44
O1D CLA FQ . -9.47 -31.08 11.24
O2D CLA FQ . -10.92 -29.54 11.94
CED CLA FQ . -9.82 -28.66 12.25
C1 CLA FQ . -13.99 -37.42 12.83
C2 CLA FQ . -14.49 -36.88 11.54
C3 CLA FQ . -14.52 -37.43 10.34
C4 CLA FQ . -15.03 -36.71 9.13
C5 CLA FQ . -14.09 -38.87 10.10
C6 CLA FQ . -15.04 -39.66 9.21
C7 CLA FQ . -14.71 -39.61 7.71
C8 CLA FQ . -14.94 -40.89 6.91
C9 CLA FQ . -13.92 -41.96 7.26
C10 CLA FQ . -14.97 -40.57 5.41
C11 CLA FQ . -15.19 -41.75 4.46
C12 CLA FQ . -15.44 -41.32 3.03
C13 CLA FQ . -15.58 -42.45 2.02
MG CLA GQ . -7.76 -46.99 9.32
CHA CLA GQ . -9.33 -47.62 12.30
CHB CLA GQ . -4.87 -47.80 10.76
CHC CLA GQ . -6.22 -46.08 6.43
CHD CLA GQ . -10.69 -45.35 8.17
NA CLA GQ . -7.30 -47.70 11.06
C1A CLA GQ . -8.07 -48.09 12.13
C2A CLA GQ . -7.34 -49.00 13.10
C3A CLA GQ . -5.95 -48.44 12.91
C4A CLA GQ . -6.02 -47.95 11.49
CMA CLA GQ . -5.58 -47.33 13.88
CAA CLA GQ . -7.43 -50.50 12.71
CBA CLA GQ . -8.67 -50.99 11.99
CGA CLA GQ . -8.62 -50.77 10.50
O1A CLA GQ . -7.63 -50.50 9.88
O2A CLA GQ . -9.83 -50.83 9.97
NB CLA GQ . -5.91 -46.94 8.71
C1B CLA GQ . -4.75 -47.36 9.45
C2B CLA GQ . -3.60 -47.26 8.64
C3B CLA GQ . -4.01 -46.76 7.40
C4B CLA GQ . -5.40 -46.56 7.45
CMB CLA GQ . -2.21 -47.66 9.04
CAB CLA GQ . -3.17 -46.49 6.23
CBB CLA GQ . -2.22 -47.23 5.73
NC CLA GQ . -8.32 -46.00 7.71
C1C CLA GQ . -7.55 -45.80 6.57
C2C CLA GQ . -8.34 -45.19 5.49
C3C CLA GQ . -9.60 -44.99 5.98
C4C CLA GQ . -9.60 -45.45 7.35
CMC CLA GQ . -7.88 -44.85 4.11
CAC CLA GQ . -10.79 -44.46 5.23
CBC CLA GQ . -11.00 -43.00 5.43
ND CLA GQ . -9.51 -46.52 10.00
C1D CLA GQ . -10.69 -45.83 9.46
C2D CLA GQ . -11.72 -45.81 10.42
C3D CLA GQ . -11.24 -46.52 11.56
C4D CLA GQ . -9.94 -46.89 11.25
CMD CLA GQ . -13.07 -45.19 10.25
CAD CLA GQ . -11.55 -47.03 12.89
OBD CLA GQ . -12.60 -46.95 13.51
CBD CLA GQ . -10.34 -47.72 13.44
CGD CLA GQ . -9.89 -47.01 14.72
O1D CLA GQ . -9.07 -46.14 14.77
O2D CLA GQ . -10.54 -47.49 15.78
CED CLA GQ . -10.21 -46.87 17.04
C1 CLA GQ . -10.11 -49.83 8.95
C2 CLA GQ . -9.75 -50.29 7.59
C3 CLA GQ . -10.24 -49.75 6.48
C4 CLA GQ . -11.27 -48.66 6.47
C5 CLA GQ . -9.76 -50.19 5.12
C6 CLA GQ . -8.48 -49.50 4.70
C7 CLA GQ . -8.62 -48.71 3.41
C8 CLA GQ . -8.76 -49.54 2.12
C9 CLA GQ . -7.42 -50.14 1.69
C10 CLA GQ . -9.41 -48.72 1.00
C11 CLA GQ . -8.70 -47.44 0.58
C12 CLA GQ . -9.35 -46.77 -0.63
C13 CLA GQ . -10.81 -46.35 -0.48
C14 CLA GQ . -11.76 -47.34 -1.12
C15 CLA GQ . -11.02 -44.94 -1.02
MG CLA HQ . -19.06 -28.54 8.60
CHA CLA HQ . -20.78 -27.35 5.91
CHB CLA HQ . -18.45 -31.33 6.89
CHC CLA HQ . -17.78 -29.89 11.47
CHD CLA HQ . -20.46 -25.98 10.60
NA CLA HQ . -19.42 -29.10 6.78
C1A CLA HQ . -20.02 -28.45 5.72
C2A CLA HQ . -19.83 -29.14 4.39
C3A CLA HQ . -19.55 -30.55 4.85
C4A CLA HQ . -19.11 -30.33 6.27
CMA CLA HQ . -20.73 -31.49 4.74
CAA CLA HQ . -18.64 -28.49 3.66
CBA CLA HQ . -18.29 -29.16 2.34
CGA CLA HQ . -18.51 -28.31 1.11
O1A CLA HQ . -19.19 -27.33 1.06
O2A CLA HQ . -17.81 -28.81 0.08
NB CLA HQ . -18.24 -30.24 9.08
C1B CLA HQ . -17.98 -31.35 8.19
C2B CLA HQ . -17.28 -32.36 8.87
C3B CLA HQ . -17.09 -31.92 10.17
C4B CLA HQ . -17.69 -30.66 10.31
CMB CLA HQ . -16.83 -33.68 8.30
CAB CLA HQ . -16.37 -32.61 11.25
CBB CLA HQ . -15.26 -33.22 11.17
NC CLA HQ . -19.08 -28.05 10.52
C1C CLA HQ . -18.45 -28.72 11.56
C2C CLA HQ . -18.62 -28.03 12.84
C3C CLA HQ . -19.35 -26.90 12.59
C4C CLA HQ . -19.66 -26.91 11.18
CMC CLA HQ . -18.12 -28.48 14.18
CAC CLA HQ . -19.72 -25.81 13.56
CBC CLA HQ . -21.14 -25.92 14.06
ND CLA HQ . -20.28 -27.06 8.40
C1D CLA HQ . -20.81 -26.02 9.27
C2D CLA HQ . -21.63 -25.15 8.53
C3D CLA HQ . -21.67 -25.62 7.20
C4D CLA HQ . -20.86 -26.76 7.18
CMD CLA HQ . -22.33 -23.94 9.07
CAD CLA HQ . -22.19 -25.44 5.87
OBD CLA HQ . -22.93 -24.58 5.45
CBD CLA HQ . -21.66 -26.52 4.97
CGD CLA HQ . -22.81 -27.35 4.41
O1D CLA HQ . -23.76 -27.72 5.05
O2D CLA HQ . -22.64 -27.61 3.13
CED CLA HQ . -23.66 -28.42 2.50
C1 CLA HQ . -17.49 -27.92 -1.03
C2 CLA HQ . -16.09 -28.24 -1.40
C3 CLA HQ . -15.19 -27.36 -1.82
C4 CLA HQ . -15.51 -25.90 -2.04
C5 CLA HQ . -13.74 -27.74 -2.04
C6 CLA HQ . -13.50 -29.10 -2.68
C7 CLA HQ . -14.10 -29.26 -4.08
C8 CLA HQ . -13.45 -30.34 -4.95
C9 CLA HQ . -13.80 -30.17 -6.42
C10 CLA HQ . -13.76 -31.75 -4.46
C11 CLA HQ . -15.20 -32.25 -4.64
C12 CLA HQ . -15.33 -33.44 -5.60
C13 CLA HQ . -15.33 -34.92 -5.14
C14 CLA HQ . -16.40 -35.69 -5.92
C15 CLA HQ . -15.45 -35.14 -3.63
C16 CLA HQ . -15.23 -36.54 -3.07
C17 CLA HQ . -15.78 -36.69 -1.64
C18 CLA HQ . -14.98 -37.58 -0.70
C19 CLA HQ . -13.70 -36.91 -0.25
C20 CLA HQ . -14.71 -38.97 -1.26
MG CLA IQ . -24.16 -34.81 9.83
CHA CLA IQ . -22.11 -36.97 11.53
CHB CLA IQ . -21.72 -32.55 9.85
CHC CLA IQ . -26.41 -32.53 8.59
CHD CLA IQ . -26.90 -36.92 10.59
NA CLA IQ . -22.32 -34.84 10.44
C1A CLA IQ . -21.56 -35.84 11.04
C2A CLA IQ . -20.09 -35.53 11.11
C3A CLA IQ . -20.08 -34.05 10.89
C4A CLA IQ . -21.46 -33.78 10.36
CMA CLA IQ . -19.80 -33.25 12.16
CAA CLA IQ . -19.33 -36.33 10.03
CBA CLA IQ . -19.75 -36.13 8.57
CGA CLA IQ . -18.86 -36.90 7.65
O1A CLA IQ . -18.23 -37.88 7.96
O2A CLA IQ . -18.81 -36.35 6.42
NB CLA IQ . -24.08 -32.93 9.31
C1B CLA IQ . -22.92 -32.08 9.33
C2B CLA IQ . -23.24 -30.81 8.84
C3B CLA IQ . -24.58 -30.81 8.50
C4B CLA IQ . -25.09 -32.09 8.78
CMB CLA IQ . -22.29 -29.65 8.69
CAB CLA IQ . -25.36 -29.71 7.95
CBB CLA IQ . -25.80 -29.57 6.73
NC CLA IQ . -26.13 -34.76 9.61
C1C CLA IQ . -26.87 -33.76 8.99
C2C CLA IQ . -28.27 -34.11 8.87
C3C CLA IQ . -28.42 -35.36 9.43
C4C CLA IQ . -27.13 -35.76 9.90
CMC CLA IQ . -29.36 -33.31 8.20
CAC CLA IQ . -29.69 -36.17 9.51
CBC CLA IQ . -29.84 -37.12 8.35
ND CLA IQ . -24.50 -36.46 10.81
C1D CLA IQ . -25.67 -37.29 11.07
C2D CLA IQ . -25.29 -38.43 11.79
C3D CLA IQ . -23.90 -38.37 11.99
C4D CLA IQ . -23.49 -37.19 11.39
CMD CLA IQ . -26.21 -39.53 12.24
CAD CLA IQ . -22.72 -39.01 12.55
OBD CLA IQ . -22.64 -40.05 13.18
CBD CLA IQ . -21.51 -38.19 12.26
CGD CLA IQ . -20.78 -37.84 13.54
O1D CLA IQ . -21.16 -37.06 14.36
O2D CLA IQ . -19.64 -38.51 13.63
CED CLA IQ . -18.83 -38.25 14.80
C1 CLA IQ . -17.86 -36.92 5.47
C2 CLA IQ . -18.23 -36.57 4.08
C3 CLA IQ . -17.75 -35.55 3.35
C4 CLA IQ . -16.78 -34.53 3.87
C5 CLA IQ . -18.14 -35.39 1.91
C6 CLA IQ . -19.16 -34.27 1.68
C7 CLA IQ . -18.64 -33.14 0.80
C8 CLA IQ . -18.35 -33.41 -0.68
C9 CLA IQ . -17.72 -32.19 -1.33
C10 CLA IQ . -19.62 -33.88 -1.42
C11 CLA IQ . -19.60 -33.99 -2.94
C12 CLA IQ . -20.93 -34.46 -3.52
C13 CLA IQ . -21.00 -35.88 -4.08
C14 CLA IQ . -20.59 -36.92 -3.04
C15 CLA IQ . -20.16 -36.00 -5.35
MG CLA JQ . -22.41 -19.70 0.11
CHA CLA JQ . -21.76 -21.07 3.18
CHB CLA JQ . -22.91 -22.74 -1.08
CHC CLA JQ . -22.60 -18.33 -3.01
CHD CLA JQ . -21.08 -16.63 1.25
NA CLA JQ . -22.44 -21.45 0.92
C1A CLA JQ . -22.30 -21.86 2.23
C2A CLA JQ . -22.78 -23.27 2.46
C3A CLA JQ . -22.52 -23.84 1.10
C4A CLA JQ . -22.64 -22.62 0.24
CMA CLA JQ . -21.18 -24.54 0.99
CAA CLA JQ . -24.26 -23.15 2.83
CBA CLA JQ . -24.99 -24.49 3.00
CGA CLA JQ . -26.25 -24.37 3.80
O1A CLA JQ . -26.65 -23.38 4.32
O2A CLA JQ . -26.89 -25.55 3.85
NB CLA JQ . -22.74 -20.38 -1.68
C1B CLA JQ . -23.05 -21.74 -2.02
C2B CLA JQ . -23.42 -21.83 -3.37
C3B CLA JQ . -23.34 -20.55 -3.90
C4B CLA JQ . -22.90 -19.68 -2.89
CMB CLA JQ . -23.85 -23.07 -4.09
CAB CLA JQ . -23.68 -20.13 -5.26
CBB CLA JQ . -24.82 -20.24 -5.87
NC CLA JQ . -21.98 -17.94 -0.67
C1C CLA JQ . -22.16 -17.54 -1.99
C2C CLA JQ . -21.80 -16.13 -2.20
C3C CLA JQ . -21.39 -15.66 -0.98
C4C CLA JQ . -21.46 -16.74 -0.04
CMC CLA JQ . -21.83 -15.37 -3.48
CAC CLA JQ . -20.96 -14.25 -0.64
CBC CLA JQ . -19.47 -14.12 -0.50
ND CLA JQ . -21.60 -18.98 1.72
C1D CLA JQ . -21.13 -17.68 2.15
C2D CLA JQ . -20.77 -17.72 3.50
C3D CLA JQ . -20.99 -19.04 3.98
C4D CLA JQ . -21.47 -19.72 2.88
CMD CLA JQ . -20.30 -16.55 4.31
CAD CLA JQ . -20.93 -19.96 5.09
OBD CLA JQ . -20.57 -19.75 6.24
CBD CLA JQ . -21.38 -21.31 4.65
CGD CLA JQ . -20.25 -22.32 4.79
O1D CLA JQ . -19.49 -22.62 3.91
O2D CLA JQ . -20.21 -22.82 6.02
CED CLA JQ . -19.08 -23.68 6.32
C1 CLA JQ . -28.09 -25.58 4.66
C2 CLA JQ . -28.38 -26.98 5.06
C3 CLA JQ . -28.88 -27.90 4.22
C4 CLA JQ . -29.19 -27.62 2.78
C5 CLA JQ . -29.17 -29.30 4.70
C6 CLA JQ . -28.39 -30.38 3.96
C7 CLA JQ . -28.37 -31.69 4.73
C8 CLA JQ . -28.07 -32.97 3.94
C9 CLA JQ . -26.89 -32.78 3.00
C10 CLA JQ . -29.31 -33.49 3.20
C11 CLA JQ . -30.34 -34.27 4.02
C12 CLA JQ . -29.95 -35.72 4.27
C13 CLA JQ . -30.21 -36.71 3.14
C14 CLA JQ . -31.69 -37.06 3.01
C15 CLA JQ . -29.36 -37.97 3.32
MG CLA KQ . -5.26 5.65 -2.61
CHA CLA KQ . -5.74 3.30 -5.03
CHB CLA KQ . -5.33 3.26 -0.31
CHC CLA KQ . -5.26 8.08 -0.19
CHD CLA KQ . -6.09 8.17 -4.97
NA CLA KQ . -5.44 3.73 -2.70
C1A CLA KQ . -5.56 2.86 -3.77
C2A CLA KQ . -5.52 1.40 -3.41
C3A CLA KQ . -5.73 1.44 -1.92
C4A CLA KQ . -5.49 2.89 -1.60
CMA CLA KQ . -7.11 0.97 -1.49
CAA CLA KQ . -4.16 0.78 -3.80
CBA CLA KQ . -2.92 1.56 -3.38
CGA CLA KQ . -1.69 0.71 -3.34
O1A CLA KQ . -1.67 -0.46 -3.08
O2A CLA KQ . -0.60 1.43 -3.59
NB CLA KQ . -5.21 5.68 -0.65
C1B CLA KQ . -5.12 4.53 0.20
C2B CLA KQ . -4.89 4.92 1.53
C3B CLA KQ . -4.85 6.31 1.55
C4B CLA KQ . -5.08 6.77 0.24
CMB CLA KQ . -4.71 4.01 2.70
CAB CLA KQ . -4.56 7.13 2.73
CBB CLA KQ . -3.90 8.25 2.82
NC CLA KQ . -5.56 7.62 -2.59
C1C CLA KQ . -5.48 8.46 -1.49
C2C CLA KQ . -5.67 9.86 -1.87
C3C CLA KQ . -5.88 9.90 -3.22
C4C CLA KQ . -5.85 8.53 -3.68
CMC CLA KQ . -5.66 11.06 -0.96
CAC CLA KQ . -6.02 11.10 -4.10
CBC CLA KQ . -7.45 11.38 -4.52
ND CLA KQ . -5.78 5.79 -4.48
C1D CLA KQ . -6.08 6.87 -5.40
C2D CLA KQ . -6.29 6.35 -6.69
C3D CLA KQ . -6.12 4.95 -6.62
C4D CLA KQ . -5.84 4.68 -5.29
CMD CLA KQ . -6.64 7.15 -7.92
CAD CLA KQ . -6.07 3.68 -7.35
OBD CLA KQ . -6.14 3.50 -8.54
CBD CLA KQ . -5.91 2.57 -6.37
CGD CLA KQ . -7.17 1.71 -6.41
O1D CLA KQ . -8.02 1.70 -5.55
O2D CLA KQ . -7.23 0.99 -7.52
CED CLA KQ . -8.46 0.27 -7.76
C1 CLA KQ . 0.66 0.75 -3.35
C2 CLA KQ . 1.76 1.67 -3.73
C3 CLA KQ . 3.03 1.44 -3.44
C4 CLA KQ . 3.52 0.24 -2.70
C5 CLA KQ . 4.10 2.41 -3.88
C6 CLA KQ . 4.50 3.38 -2.78
C7 CLA KQ . 5.45 4.47 -3.28
C8 CLA KQ . 6.05 5.35 -2.19
C9 CLA KQ . 6.43 6.73 -2.74
C10 CLA KQ . 7.24 4.65 -1.54
C11 CLA KQ . 7.97 5.37 -0.40
C12 CLA KQ . 7.10 5.61 0.83
C13 CLA KQ . 7.78 6.41 1.93
C14 CLA KQ . 8.72 5.55 2.76
C15 CLA KQ . 6.74 7.13 2.80
C16 CLA KQ . 6.23 8.46 2.23
C17 CLA KQ . 7.25 9.59 2.38
C18 CLA KQ . 6.93 10.66 3.42
C19 CLA KQ . 6.61 10.09 4.79
C20 CLA KQ . 8.08 11.62 3.50
MG CLA LQ . -42.47 -20.51 -10.54
CHA CLA LQ . -42.19 -21.31 -13.86
CHB CLA LQ . -43.72 -17.55 -11.37
CHC CLA LQ . -42.39 -19.63 -7.22
CHD CLA LQ . -40.32 -23.22 -9.75
NA CLA LQ . -42.88 -19.67 -12.24
C1A CLA LQ . -42.80 -20.15 -13.55
C2A CLA LQ . -43.49 -19.26 -14.55
C3A CLA LQ . -43.61 -17.96 -13.80
C4A CLA LQ . -43.39 -18.40 -12.37
CMA CLA LQ . -42.61 -16.89 -14.23
CAA CLA LQ . -44.83 -19.92 -14.91
CBA CLA LQ . -45.86 -20.05 -13.77
CGA CLA LQ . -46.95 -21.02 -14.09
O1A CLA LQ . -47.07 -21.61 -15.13
O2A CLA LQ . -47.76 -21.17 -13.04
NB CLA LQ . -42.99 -18.93 -9.50
C1B CLA LQ . -43.61 -17.74 -10.01
C2B CLA LQ . -44.00 -16.90 -8.96
C3B CLA LQ . -43.62 -17.52 -7.77
C4B CLA LQ . -42.99 -18.74 -8.10
CMB CLA LQ . -44.74 -15.59 -9.08
CAB CLA LQ . -43.86 -17.04 -6.41
CBB CLA LQ . -43.74 -15.84 -5.95
NC CLA LQ . -41.61 -21.24 -8.91
C1C CLA LQ . -41.73 -20.77 -7.60
C2C CLA LQ . -41.03 -21.62 -6.65
C3C CLA LQ . -40.47 -22.64 -7.36
C4C CLA LQ . -40.79 -22.42 -8.74
CMC CLA LQ . -40.92 -21.41 -5.17
CAC CLA LQ . -39.70 -23.81 -6.80
CBC CLA LQ . -38.22 -23.65 -6.90
ND CLA LQ . -41.48 -21.90 -11.47
C1D CLA LQ . -40.63 -23.00 -11.07
C2D CLA LQ . -40.24 -23.74 -12.21
C3D CLA LQ . -40.85 -23.13 -13.33
C4D CLA LQ . -41.57 -22.06 -12.83
CMD CLA LQ . -39.36 -24.95 -12.22
CAD CLA LQ . -41.00 -23.13 -14.77
OBD CLA LQ . -40.44 -23.83 -15.60
CBD CLA LQ . -42.01 -22.10 -15.16
CGD CLA LQ . -41.57 -21.32 -16.38
O1D CLA LQ . -42.25 -21.11 -17.35
O2D CLA LQ . -40.32 -20.89 -16.26
CED CLA LQ . -39.77 -20.21 -17.42
C1 CLA LQ . -48.87 -22.11 -13.15
C2 CLA LQ . -48.43 -23.43 -12.61
C3 CLA LQ . -48.82 -24.06 -11.51
C4 CLA LQ . -48.28 -25.40 -11.10
C5 CLA LQ . -49.85 -23.44 -10.57
C6 CLA LQ . -50.31 -24.29 -9.38
C7 CLA LQ . -49.51 -24.11 -8.10
C8 CLA LQ . -49.77 -25.13 -6.97
C9 CLA LQ . -51.26 -25.37 -6.76
C10 CLA LQ . -49.08 -24.74 -5.66
C11 CLA LQ . -47.78 -25.46 -5.30
C12 CLA LQ . -47.52 -25.52 -3.81
C13 CLA LQ . -46.32 -26.35 -3.35
C14 CLA LQ . -46.49 -26.84 -1.92
C15 CLA LQ . -45.02 -25.54 -3.51
C16 CLA LQ . -43.72 -26.33 -3.54
C17 CLA LQ . -42.56 -25.57 -2.93
C18 CLA LQ . -41.17 -26.09 -3.25
C19 CLA LQ . -40.12 -25.26 -2.55
C20 CLA LQ . -41.01 -27.56 -2.90
MG CLA MQ . 0.22 22.21 -8.07
CHA CLA MQ . -2.30 24.34 -7.16
CHB CLA MQ . 2.16 24.84 -8.72
CHC CLA MQ . 2.58 20.05 -9.26
CHD CLA MQ . -2.14 19.57 -8.23
NA CLA MQ . -0.03 24.13 -7.89
C1A CLA MQ . -1.10 24.89 -7.42
C2A CLA MQ . -0.79 26.35 -7.25
C3A CLA MQ . 0.50 26.50 -8.02
C4A CLA MQ . 0.92 25.07 -8.22
CMA CLA MQ . 0.34 27.19 -9.38
CAA CLA MQ . -0.68 26.66 -5.75
CBA CLA MQ . 0.28 25.83 -4.90
CGA CLA MQ . -0.41 24.70 -4.21
O1A CLA MQ . -1.41 24.82 -3.55
O2A CLA MQ . 0.18 23.54 -4.44
NB CLA MQ . 2.01 22.39 -8.82
C1B CLA MQ . 2.75 23.62 -8.98
C2B CLA MQ . 4.07 23.33 -9.38
C3B CLA MQ . 4.18 21.96 -9.50
C4B CLA MQ . 2.93 21.39 -9.19
CMB CLA MQ . 5.16 24.34 -9.60
CAB CLA MQ . 5.39 21.20 -9.83
CBB CLA MQ . 5.76 20.75 -10.98
NC CLA MQ . 0.22 20.30 -8.60
C1C CLA MQ . 1.33 19.56 -9.02
C2C CLA MQ . 0.98 18.14 -9.22
C3C CLA MQ . -0.36 18.02 -8.93
C4C CLA MQ . -0.83 19.32 -8.56
CMC CLA MQ . 1.89 17.01 -9.60
CAC CLA MQ . -1.18 16.76 -8.93
CBC CLA MQ . -1.34 16.17 -7.54
ND CLA MQ . -1.69 21.95 -7.81
C1D CLA MQ . -2.61 20.82 -7.87
C2D CLA MQ . -3.90 21.22 -7.50
C3D CLA MQ . -3.84 22.60 -7.20
C4D CLA MQ . -2.52 22.97 -7.39
CMD CLA MQ . -5.11 20.33 -7.43
CAD CLA MQ . -4.58 23.79 -6.80
OBD CLA MQ . -5.77 23.90 -6.58
CBD CLA MQ . -3.63 24.94 -6.68
CGD CLA MQ . -4.13 26.10 -7.53
O1D CLA MQ . -4.65 26.00 -8.60
O2D CLA MQ . -3.90 27.26 -6.91
CED CLA MQ . -4.19 28.45 -7.68
C1 CLA MQ . -0.59 22.39 -4.01
C2 CLA MQ . 0.25 21.18 -4.15
C3 CLA MQ . -0.26 19.95 -4.22
C4 CLA MQ . -1.74 19.66 -4.21
C5 CLA MQ . 0.64 18.75 -4.29
C6 CLA MQ . 1.51 18.71 -5.54
C7 CLA MQ . 2.50 17.55 -5.55
C8 CLA MQ . 3.95 17.87 -5.17
C9 CLA MQ . 4.03 18.65 -3.86
C10 CLA MQ . 4.69 18.58 -6.30
C11 CLA MQ . 5.26 17.71 -7.41
C12 CLA MQ . 6.74 17.95 -7.66
C13 CLA MQ . 7.39 17.29 -8.86
C14 CLA MQ . 7.14 15.79 -8.90
C15 CLA MQ . 8.88 17.62 -8.85
C16 CLA MQ . 9.72 17.17 -10.04
C17 CLA MQ . 11.15 17.71 -9.98
C18 CLA MQ . 12.14 17.11 -10.95
C19 CLA MQ . 13.29 18.07 -11.21
C20 CLA MQ . 11.52 16.66 -12.26
MG CLA NQ . -14.04 -46.09 -12.82
CHA CLA NQ . -12.96 -47.58 -15.70
CHB CLA NQ . -17.12 -46.10 -14.03
CHC CLA NQ . -14.95 -44.13 -10.16
CHD CLA NQ . -10.66 -45.37 -12.01
NA CLA NQ . -14.83 -46.84 -14.42
C1A CLA NQ . -14.29 -47.56 -15.46
C2A CLA NQ . -15.31 -48.23 -16.34
C3A CLA NQ . -16.53 -47.40 -16.04
C4A CLA NQ . -16.16 -46.73 -14.74
CMA CLA NQ . -16.88 -46.40 -17.13
CAA CLA NQ . -15.45 -49.72 -15.94
CBA CLA NQ . -15.83 -50.01 -14.49
CGA CLA NQ . -16.20 -51.44 -14.26
O1A CLA NQ . -17.26 -51.93 -14.55
O2A CLA NQ . -15.23 -52.09 -13.62
NB CLA NQ . -15.69 -45.29 -12.20
C1B CLA NQ . -16.98 -45.42 -12.83
C2B CLA NQ . -17.96 -44.74 -12.08
C3B CLA NQ . -17.31 -44.16 -10.99
C4B CLA NQ . -15.95 -44.49 -11.05
CMB CLA NQ . -19.42 -44.67 -12.39
CAB CLA NQ . -17.93 -43.33 -9.95
CBB CLA NQ . -18.06 -43.61 -8.68
NC CLA NQ . -13.06 -45.08 -11.41
C1C CLA NQ . -13.62 -44.40 -10.33
C2C CLA NQ . -12.60 -43.90 -9.41
C3C CLA NQ . -11.38 -44.25 -9.95
C4C CLA NQ . -11.65 -44.95 -11.18
CMC CLA NQ . -12.81 -43.16 -8.12
CAC CLA NQ . -10.02 -44.01 -9.36
CBC CLA NQ . -9.36 -45.29 -8.88
ND CLA NQ . -12.26 -46.35 -13.58
C1D CLA NQ . -10.90 -46.04 -13.18
C2D CLA NQ . -9.99 -46.54 -14.12
C3D CLA NQ . -10.74 -47.15 -15.15
C4D CLA NQ . -12.07 -47.01 -14.78
CMD CLA NQ . -8.50 -46.43 -14.04
CAD CLA NQ . -10.71 -47.87 -16.40
OBD CLA NQ . -9.75 -48.23 -17.07
CBD CLA NQ . -12.12 -48.15 -16.84
CGD CLA NQ . -12.37 -47.48 -18.18
O1D CLA NQ . -11.96 -47.88 -19.24
O2D CLA NQ . -13.11 -46.38 -18.03
CED CLA NQ . -13.36 -45.62 -19.23
C1 CLA NQ . -15.61 -53.21 -12.76
C2 CLA NQ . -15.03 -52.87 -11.43
C3 CLA NQ . -14.75 -53.75 -10.49
C4 CLA NQ . -15.00 -55.23 -10.59
C5 CLA NQ . -14.09 -53.30 -9.21
C6 CLA NQ . -15.06 -52.76 -8.16
C7 CLA NQ . -14.35 -52.21 -6.93
C8 CLA NQ . -15.10 -51.14 -6.14
C9 CLA NQ . -14.20 -50.49 -5.09
C10 CLA NQ . -16.37 -51.70 -5.52
MG CLA OQ . -21.81 -44.50 10.23
CHA CLA OQ . -18.70 -45.68 10.99
CHB CLA OQ . -20.47 -41.50 9.72
CHC CLA OQ . -24.97 -43.31 9.74
CHD CLA OQ . -23.23 -47.36 11.78
NA CLA OQ . -20.00 -43.83 10.23
C1A CLA OQ . -18.79 -44.48 10.37
C2A CLA OQ . -17.65 -43.68 9.82
C3A CLA OQ . -18.16 -42.30 10.19
C4A CLA OQ . -19.64 -42.52 10.04
CMA CLA OQ . -17.77 -41.80 11.57
CAA CLA OQ . -17.53 -43.87 8.30
CBA CLA OQ . -17.29 -45.29 7.79
CGA CLA OQ . -17.46 -45.36 6.30
O1A CLA OQ . -17.14 -44.49 5.52
O2A CLA OQ . -18.00 -46.53 5.93
NB CLA OQ . -22.58 -42.76 9.79
C1B CLA OQ . -21.84 -41.55 9.53
C2B CLA OQ . -22.72 -40.54 9.09
C3B CLA OQ . -24.00 -41.08 9.08
C4B CLA OQ . -23.92 -42.41 9.52
CMB CLA OQ . -22.33 -39.14 8.71
CAB CLA OQ . -25.24 -40.41 8.66
CBB CLA OQ . -26.08 -40.79 7.75
NC CLA OQ . -23.63 -45.17 10.63
C1C CLA OQ . -24.82 -44.54 10.30
C2C CLA OQ . -25.97 -45.36 10.68
C3C CLA OQ . -25.48 -46.49 11.27
C4C CLA OQ . -24.04 -46.39 11.25
CMC CLA OQ . -27.43 -45.01 10.51
CAC CLA OQ . -26.27 -47.66 11.80
CBC CLA OQ . -26.37 -47.65 13.31
ND CLA OQ . -21.20 -46.09 11.17
C1D CLA OQ . -21.84 -47.25 11.76
C2D CLA OQ . -20.87 -48.15 12.24
C3D CLA OQ . -19.61 -47.58 11.96
C4D CLA OQ . -19.87 -46.37 11.33
CMD CLA OQ . -21.13 -49.47 12.89
CAD CLA OQ . -18.16 -47.72 12.06
OBD CLA OQ . -17.52 -48.61 12.59
CBD CLA OQ . -17.51 -46.55 11.41
CGD CLA OQ . -16.53 -45.89 12.39
O1D CLA OQ . -15.54 -46.41 12.80
O2D CLA OQ . -16.92 -44.66 12.71
CED CLA OQ . -16.04 -43.94 13.60
C1 CLA OQ . -18.26 -46.70 4.50
C2 CLA OQ . -18.60 -48.14 4.29
C3 CLA OQ . -18.11 -48.94 3.35
C4 CLA OQ . -17.17 -48.49 2.27
C5 CLA OQ . -18.44 -50.41 3.34
C6 CLA OQ . -19.02 -50.94 2.04
C7 CLA OQ . -18.12 -51.98 1.37
C8 CLA OQ . -18.72 -52.71 0.17
C9 CLA OQ . -19.10 -54.14 0.52
C10 CLA OQ . -17.77 -52.66 -1.02
MG CLA PQ . -15.42 13.12 6.94
CHA CLA PQ . -15.60 10.63 9.26
CHB CLA PQ . -12.88 14.45 8.62
CHC CLA PQ . -15.49 15.77 4.77
CHD CLA PQ . -18.65 12.22 5.78
NA CLA PQ . -14.49 12.63 8.58
C1A CLA PQ . -14.61 11.53 9.43
C2A CLA PQ . -13.57 11.46 10.52
C3A CLA PQ . -13.05 12.87 10.49
C4A CLA PQ . -13.50 13.36 9.14
CMA CLA PQ . -13.62 13.73 11.61
CAA CLA PQ . -12.48 10.44 10.18
CBA CLA PQ . -11.43 10.25 11.29
CGA CLA PQ . -10.08 10.83 10.97
O1A CLA PQ . -9.88 11.71 10.18
O2A CLA PQ . -9.12 10.25 11.68
NB CLA PQ . -14.34 14.72 6.68
C1B CLA PQ . -13.16 15.07 7.40
C2B CLA PQ . -12.47 16.12 6.76
C3B CLA PQ . -13.25 16.50 5.67
C4B CLA PQ . -14.39 15.68 5.63
CMB CLA PQ . -11.13 16.68 7.13
CAB CLA PQ . -12.93 17.56 4.70
CBB CLA PQ . -12.10 17.49 3.70
NC CLA PQ . -16.73 13.83 5.63
C1C CLA PQ . -16.57 14.93 4.80
C2C CLA PQ . -17.75 15.14 3.95
C3C CLA PQ . -18.65 14.15 4.25
C4C CLA PQ . -18.05 13.33 5.27
CMC CLA PQ . -17.96 16.25 2.95
CAC CLA PQ . -20.00 13.91 3.62
CBC CLA PQ . -21.14 14.27 4.53
ND CLA PQ . -16.80 11.83 7.35
C1D CLA PQ . -18.09 11.46 6.79
C2D CLA PQ . -18.56 10.29 7.39
C3D CLA PQ . -17.59 9.88 8.34
C4D CLA PQ . -16.60 10.84 8.28
CMD CLA PQ . -19.84 9.58 7.07
CAD CLA PQ . -17.12 8.83 9.23
OBD CLA PQ . -17.54 7.69 9.35
CBD CLA PQ . -15.94 9.32 9.98
CGD CLA PQ . -16.29 9.47 11.45
O1D CLA PQ . -16.36 10.52 12.04
O2D CLA PQ . -16.47 8.28 12.02
CED CLA PQ . -16.64 8.28 13.46
C1 CLA PQ . -7.79 10.82 11.55
C2 CLA PQ . -6.93 10.31 12.67
C3 CLA PQ . -6.06 9.31 12.72
C4 CLA PQ . -5.29 8.98 13.96
C5 CLA PQ . -5.80 8.40 11.54
C6 CLA PQ . -4.33 8.36 11.11
C7 CLA PQ . -3.51 7.22 11.72
C8 CLA PQ . -2.20 6.86 11.03
C9 CLA PQ . -1.37 8.10 10.70
C10 CLA PQ . -2.47 5.99 9.79
C11 CLA PQ . -1.27 5.64 8.91
C12 CLA PQ . -1.60 4.61 7.83
C13 CLA PQ . -0.72 4.68 6.59
C14 CLA PQ . -1.19 5.77 5.63
C15 CLA PQ . -0.64 3.31 5.90
C16 CLA PQ . 0.15 3.22 4.59
C17 CLA PQ . 1.59 3.71 4.69
C18 CLA PQ . 2.41 3.62 3.41
C19 CLA PQ . 3.71 4.38 3.55
C20 CLA PQ . 2.68 2.18 3.00
MG CLA QQ . -33.53 -24.00 -14.35
CHA CLA QQ . -34.01 -25.62 -17.32
CHB CLA QQ . -36.60 -22.76 -14.58
CHC CLA QQ . -32.86 -22.05 -11.61
CHD CLA QQ . -30.04 -24.50 -14.69
NA CLA QQ . -34.98 -24.27 -15.62
C1A CLA QQ . -35.09 -25.05 -16.75
C2A CLA QQ . -36.48 -25.14 -17.31
C3A CLA QQ . -37.11 -23.93 -16.69
C4A CLA QQ . -36.19 -23.62 -15.54
CMA CLA QQ . -37.23 -22.74 -17.63
CAA CLA QQ . -37.16 -26.46 -16.93
CBA CLA QQ . -37.20 -26.85 -15.45
CGA CLA QQ . -38.32 -27.79 -15.15
O1A CLA QQ . -39.49 -27.55 -15.29
O2A CLA QQ . -37.86 -28.96 -14.71
NB CLA QQ . -34.54 -22.71 -13.28
C1B CLA QQ . -35.91 -22.33 -13.47
C2B CLA QQ . -36.33 -21.47 -12.44
C3B CLA QQ . -35.24 -21.28 -11.60
C4B CLA QQ . -34.16 -22.02 -12.10
CMB CLA QQ . -37.69 -20.88 -12.29
CAB CLA QQ . -35.19 -20.46 -10.38
CBB CLA QQ . -35.82 -20.67 -9.26
NC CLA QQ . -31.88 -23.45 -13.38
C1C CLA QQ . -31.82 -22.67 -12.23
C2C CLA QQ . -30.45 -22.52 -11.75
C3C CLA QQ . -29.65 -23.22 -12.62
C4C CLA QQ . -30.51 -23.78 -13.63
CMC CLA QQ . -29.98 -21.72 -10.57
CAC CLA QQ . -28.16 -23.39 -12.53
CBC CLA QQ . -27.40 -22.42 -13.39
ND CLA QQ . -32.30 -24.83 -15.59
C1D CLA QQ . -30.86 -25.05 -15.66
C2D CLA QQ . -30.54 -25.80 -16.80
C3D CLA QQ . -31.74 -26.06 -17.49
C4D CLA QQ . -32.73 -25.47 -16.74
CMD CLA QQ . -29.17 -26.28 -17.18
CAD CLA QQ . -32.35 -26.65 -18.66
OBD CLA QQ . -31.82 -27.25 -19.58
CBD CLA QQ . -33.83 -26.43 -18.61
CGD CLA QQ . -34.24 -25.69 -19.87
O1D CLA QQ . -34.85 -26.17 -20.78
O2D CLA QQ . -33.82 -24.43 -19.83
CED CLA QQ . -34.07 -23.64 -21.03
C1 CLA QQ . -38.87 -29.96 -14.37
C2 CLA QQ . -39.48 -29.63 -13.06
C3 CLA QQ . -38.85 -29.79 -11.91
C4 CLA QQ . -37.45 -30.33 -11.81
C5 CLA QQ . -39.50 -29.44 -10.59
C6 CLA QQ . -38.89 -28.22 -9.93
C7 CLA QQ . -38.14 -28.51 -8.62
C8 CLA QQ . -38.96 -28.43 -7.34
C9 CLA QQ . -38.09 -28.61 -6.10
C10 CLA QQ . -40.12 -29.42 -7.34
MG CLA RQ . -45.60 -7.06 12.42
CHA CLA RQ . -48.04 -7.32 14.80
CHB CLA RQ . -45.49 -10.38 12.23
CHC CLA RQ . -42.90 -6.75 10.36
CHD CLA RQ . -45.17 -3.65 13.32
NA CLA RQ . -46.64 -8.48 13.24
C1A CLA RQ . -47.69 -8.44 14.13
C2A CLA RQ . -48.39 -9.75 14.31
C3A CLA RQ . -47.39 -10.73 13.74
C4A CLA RQ . -46.44 -9.81 13.02
CMA CLA RQ . -46.68 -11.57 14.80
CAA CLA RQ . -49.72 -9.71 13.56
CBA CLA RQ . -49.78 -8.88 12.28
CGA CLA RQ . -50.98 -9.18 11.44
O1A CLA RQ . -52.12 -8.99 11.78
O2A CLA RQ . -50.64 -9.67 10.25
NB CLA RQ . -44.44 -8.31 11.47
C1B CLA RQ . -44.55 -9.73 11.46
C2B CLA RQ . -43.60 -10.29 10.59
C3B CLA RQ . -42.90 -9.24 10.02
C4B CLA RQ . -43.37 -8.04 10.57
CMB CLA RQ . -43.38 -11.76 10.33
CAB CLA RQ . -41.89 -9.32 8.96
CBB CLA RQ . -42.07 -9.05 7.71
NC CLA RQ . -44.37 -5.59 11.95
C1C CLA RQ . -43.36 -5.64 11.01
C2C CLA RQ . -42.73 -4.33 10.81
C3C CLA RQ . -43.34 -3.46 11.67
C4C CLA RQ . -44.35 -4.21 12.39
CMC CLA RQ . -41.67 -3.99 9.81
CAC CLA RQ . -43.05 -2.00 11.87
CBC CLA RQ . -44.05 -1.12 11.19
ND CLA RQ . -46.34 -5.79 13.69
C1D CLA RQ . -46.15 -4.36 13.96
C2D CLA RQ . -47.08 -3.94 14.94
C3D CLA RQ . -47.85 -5.07 15.31
C4D CLA RQ . -47.37 -6.12 14.54
CMD CLA RQ . -47.23 -2.54 15.46
CAD CLA RQ . -48.91 -5.59 16.14
OBD CLA RQ . -49.58 -5.01 16.98
CBD CLA RQ . -49.11 -7.04 15.84
CGD CLA RQ . -48.96 -7.90 17.10
O1D CLA RQ . -49.82 -8.07 17.92
O2D CLA RQ . -47.76 -8.47 17.15
CED CLA RQ . -47.62 -9.56 18.09
C1 CLA RQ . -51.72 -9.91 9.31
C2 CLA RQ . -51.15 -10.70 8.19
C3 CLA RQ . -51.90 -11.14 7.18
C4 CLA RQ . -53.37 -10.85 7.10
C5 CLA RQ . -51.36 -11.96 6.04
C6 CLA RQ . -49.90 -12.41 6.18
C7 CLA RQ . -49.37 -13.19 4.99
C8 CLA RQ . -49.87 -14.60 4.69
C9 CLA RQ . -49.94 -15.47 5.93
C10 CLA RQ . -48.97 -15.19 3.61
C11 CLA RQ . -49.37 -16.54 3.02
C12 CLA RQ . -48.63 -16.82 1.72
C13 CLA RQ . -48.95 -18.14 1.03
C14 CLA RQ . -48.15 -19.31 1.62
C15 CLA RQ . -48.75 -18.00 -0.48
C16 CLA RQ . -48.97 -19.23 -1.34
C17 CLA RQ . -50.37 -19.83 -1.22
C18 CLA RQ . -50.73 -20.84 -2.30
C19 CLA RQ . -49.80 -22.03 -2.32
C20 CLA RQ . -52.16 -21.30 -2.17
MG CLA SQ . -45.80 -13.62 4.66
CHA CLA SQ . -44.74 -12.56 1.57
CHB CLA SQ . -45.65 -10.49 5.76
CHC CLA SQ . -46.54 -14.79 7.80
CHD CLA SQ . -45.01 -16.95 3.73
NA CLA SQ . -45.35 -11.93 3.82
C1A CLA SQ . -44.96 -11.61 2.50
C2A CLA SQ . -44.80 -10.13 2.27
C3A CLA SQ . -44.88 -9.56 3.63
C4A CLA SQ . -45.32 -10.73 4.47
CMA CLA SQ . -43.57 -8.95 4.11
CAA CLA SQ . -45.95 -9.62 1.38
CBA CLA SQ . -45.76 -8.20 0.87
CGA CLA SQ . -44.55 -8.02 0.01
O1A CLA SQ . -44.05 -8.87 -0.67
O2A CLA SQ . -44.10 -6.76 0.08
NB CLA SQ . -46.09 -12.81 6.42
C1B CLA SQ . -46.07 -11.40 6.71
C2B CLA SQ . -46.50 -11.17 8.03
C3B CLA SQ . -46.75 -12.42 8.60
C4B CLA SQ . -46.50 -13.41 7.63
CMB CLA SQ . -46.64 -9.84 8.71
CAB CLA SQ . -47.24 -12.70 9.95
CBB CLA SQ . -48.47 -12.70 10.37
NC CLA SQ . -45.79 -15.40 5.54
C1C CLA SQ . -46.17 -15.69 6.84
C2C CLA SQ . -46.09 -17.12 7.13
C3C CLA SQ . -45.65 -17.73 5.98
C4C CLA SQ . -45.45 -16.70 5.00
CMC CLA SQ . -46.41 -17.81 8.42
CAC CLA SQ . -45.45 -19.21 5.75
CBC CLA SQ . -43.99 -19.60 5.77
ND CLA SQ . -45.10 -14.57 3.12
C1D CLA SQ . -44.83 -15.96 2.80
C2D CLA SQ . -44.39 -16.07 1.46
C3D CLA SQ . -44.38 -14.76 0.92
C4D CLA SQ . -44.79 -13.92 1.94
CMD CLA SQ . -44.04 -17.34 0.75
CAD CLA SQ . -44.11 -13.95 -0.25
OBD CLA SQ . -43.74 -14.29 -1.35
CBD CLA SQ . -44.36 -12.51 0.09
CGD CLA SQ . -43.09 -11.75 -0.28
O1D CLA SQ . -42.34 -11.25 0.50
O2D CLA SQ . -42.94 -11.72 -1.60
CED CLA SQ . -41.85 -10.89 -2.09
C1 CLA SQ . -43.09 -6.35 -0.89
C2 CLA SQ . -43.25 -4.88 -1.07
C3 CLA SQ . -42.72 -4.22 -2.09
C4 CLA SQ . -41.89 -4.91 -3.15
C5 CLA SQ . -42.95 -2.74 -2.33
C6 CLA SQ . -43.57 -1.96 -1.17
C7 CLA SQ . -43.72 -0.47 -1.47
C8 CLA SQ . -44.56 0.32 -0.46
C9 CLA SQ . -45.63 1.16 -1.18
C10 CLA SQ . -43.73 1.14 0.55
C11 CLA SQ . -43.59 2.66 0.44
C12 CLA SQ . -42.75 3.15 -0.73
C13 CLA SQ . -42.28 4.62 -0.79
C14 CLA SQ . -41.22 4.92 0.26
C15 CLA SQ . -43.42 5.63 -0.71
C16 CLA SQ . -43.92 6.20 -2.04
C17 CLA SQ . -42.94 7.15 -2.71
C18 CLA SQ . -43.57 8.29 -3.51
C19 CLA SQ . -44.62 7.82 -4.49
C20 CLA SQ . -44.12 9.38 -2.60
MG CLA TQ . 22.94 -8.93 7.61
CHA CLA TQ . 21.09 -10.92 9.70
CHB CLA TQ . 23.98 -11.62 5.97
CHC CLA TQ . 25.09 -6.90 5.86
CHD CLA TQ . 22.40 -6.20 9.83
NA CLA TQ . 22.55 -10.83 7.79
C1A CLA TQ . 21.71 -11.52 8.65
C2A CLA TQ . 21.55 -12.99 8.33
C3A CLA TQ . 22.56 -13.20 7.23
C4A CLA TQ . 23.08 -11.80 6.97
CMA CLA TQ . 23.64 -14.19 7.64
CAA CLA TQ . 20.10 -13.31 7.89
CBA CLA TQ . 19.50 -12.54 6.72
CGA CLA TQ . 19.00 -11.16 7.05
O1A CLA TQ . 18.29 -10.89 7.97
O2A CLA TQ . 19.48 -10.27 6.19
NB CLA TQ . 24.26 -9.19 6.21
C1B CLA TQ . 24.59 -10.45 5.57
C2B CLA TQ . 25.52 -10.25 4.54
C3B CLA TQ . 25.83 -8.88 4.52
C4B CLA TQ . 25.08 -8.24 5.52
CMB CLA TQ . 26.10 -11.31 3.64
CAB CLA TQ . 26.74 -8.20 3.58
CBB CLA TQ . 27.74 -7.40 3.84
NC CLA TQ . 23.56 -7.04 7.78
C1C CLA TQ . 24.42 -6.36 6.93
C2C CLA TQ . 24.60 -4.96 7.32
C3C CLA TQ . 23.84 -4.76 8.44
C4C CLA TQ . 23.20 -6.01 8.75
CMC CLA TQ . 25.48 -3.94 6.66
CAC CLA TQ . 23.63 -3.47 9.18
CBC CLA TQ . 24.44 -3.38 10.45
ND CLA TQ . 22.04 -8.58 9.30
C1D CLA TQ . 21.82 -7.41 10.16
C2D CLA TQ . 20.98 -7.74 11.23
C3D CLA TQ . 20.67 -9.12 11.10
C4D CLA TQ . 21.31 -9.55 9.95
CMD CLA TQ . 20.50 -6.81 12.30
CAD CLA TQ . 20.01 -10.26 11.70
OBD CLA TQ . 19.44 -10.35 12.78
CBD CLA TQ . 20.12 -11.42 10.76
CGD CLA TQ . 20.56 -12.68 11.49
O1D CLA TQ . 20.26 -13.80 11.19
O2D CLA TQ . 21.33 -12.38 12.54
CED CLA TQ . 21.80 -13.50 13.32
C1 CLA TQ . 19.22 -8.87 6.48
C2 CLA TQ . 19.88 -8.11 5.40
C3 CLA TQ . 20.36 -6.87 5.54
C4 CLA TQ . 20.21 -6.07 6.79
C5 CLA TQ . 21.14 -6.18 4.43
C6 CLA TQ . 21.91 -7.13 3.50
C7 CLA TQ . 22.94 -6.43 2.64
C8 CLA TQ . 23.20 -7.05 1.27
C9 CLA TQ . 23.46 -8.56 1.36
C10 CLA TQ . 24.33 -6.33 0.55
C1 BCR UQ . 10.85 -41.03 -2.67
C2 BCR UQ . 10.73 -42.35 -1.90
C3 BCR UQ . 10.24 -43.49 -2.78
C4 BCR UQ . 8.90 -43.18 -3.43
C5 BCR UQ . 8.67 -41.72 -3.74
C6 BCR UQ . 9.57 -40.76 -3.46
C7 BCR UQ . 9.36 -39.41 -3.91
C8 BCR UQ . 8.63 -38.53 -3.23
C9 BCR UQ . 8.23 -37.19 -3.65
C10 BCR UQ . 7.43 -36.47 -2.82
C11 BCR UQ . 6.80 -35.22 -3.06
C33 BCR UQ . 7.34 -41.48 -4.38
C31 BCR UQ . 12.06 -41.10 -3.62
C32 BCR UQ . 11.09 -39.92 -1.65
C34 BCR UQ . 8.62 -36.72 -5.03
C12 BCR UQ . 6.07 -34.59 -2.13
C13 BCR UQ . 5.35 -33.33 -2.26
C14 BCR UQ . 4.83 -32.76 -1.15
C15 BCR UQ . 4.04 -31.58 -1.04
C16 BCR UQ . 3.68 -31.03 0.13
C17 BCR UQ . 2.88 -29.86 0.22
C18 BCR UQ . 2.53 -29.16 1.33
C19 BCR UQ . 1.75 -27.95 1.15
C20 BCR UQ . 1.54 -26.97 2.05
C21 BCR UQ . 0.75 -25.81 1.75
C22 BCR UQ . 0.53 -24.74 2.53
C23 BCR UQ . -0.32 -23.67 2.03
C24 BCR UQ . -1.03 -22.82 2.75
C25 BCR UQ . -1.70 -21.65 2.28
C26 BCR UQ . -2.82 -21.71 1.53
C27 BCR UQ . -3.23 -20.59 0.61
C28 BCR UQ . -2.37 -19.34 0.73
C29 BCR UQ . -1.89 -19.15 2.16
C30 BCR UQ . -1.04 -20.32 2.67
C35 BCR UQ . 5.18 -32.75 -3.64
C36 BCR UQ . 2.94 -29.56 2.72
C37 BCR UQ . 1.13 -24.58 3.90
C38 BCR UQ . -3.77 -22.87 1.53
C39 BCR UQ . -0.95 -20.22 4.20
C40 BCR UQ . 0.36 -20.23 2.07
C1 BCR VQ . -32.18 -36.97 -2.34
C2 BCR VQ . -31.37 -37.85 -1.37
C3 BCR VQ . -31.11 -39.26 -1.88
C4 BCR VQ . -30.44 -39.24 -3.24
C5 BCR VQ . -31.06 -38.25 -4.20
C6 BCR VQ . -31.64 -37.12 -3.77
C7 BCR VQ . -31.78 -35.96 -4.61
C8 BCR VQ . -30.76 -35.25 -5.10
C9 BCR VQ . -30.82 -34.05 -5.93
C10 BCR VQ . -29.67 -33.57 -6.46
C11 BCR VQ . -29.50 -32.43 -7.30
C33 BCR VQ . -30.97 -38.65 -5.65
C31 BCR VQ . -32.06 -35.51 -1.85
C32 BCR VQ . -33.66 -37.38 -2.29
C34 BCR VQ . -32.17 -33.41 -6.15
C12 BCR VQ . -28.28 -32.01 -7.70
C13 BCR VQ . -27.96 -30.86 -8.55
C14 BCR VQ . -26.67 -30.65 -8.88
C15 BCR VQ . -26.12 -29.58 -9.67
C16 BCR VQ . -24.80 -29.44 -9.87
C17 BCR VQ . -24.22 -28.37 -10.64
C18 BCR VQ . -22.92 -28.20 -10.99
C19 BCR VQ . -22.54 -26.99 -11.71
C20 BCR VQ . -21.31 -26.61 -12.08
C21 BCR VQ . -21.06 -25.39 -12.79
C22 BCR VQ . -19.88 -24.98 -13.35
C23 BCR VQ . -19.83 -23.68 -14.00
C24 BCR VQ . -18.77 -23.05 -14.49
C25 BCR VQ . -18.80 -21.77 -15.13
C26 BCR VQ . -18.81 -20.63 -14.40
C27 BCR VQ . -18.91 -19.28 -15.03
C28 BCR VQ . -18.72 -19.24 -16.53
C29 BCR VQ . -19.36 -20.46 -17.19
C30 BCR VQ . -18.79 -21.77 -16.66
C35 BCR VQ . -29.09 -29.96 -8.98
C36 BCR VQ . -21.83 -29.17 -10.63
C37 BCR VQ . -18.63 -25.80 -13.32
C38 BCR VQ . -18.71 -20.59 -12.91
C39 BCR VQ . -17.37 -21.98 -17.18
C40 BCR VQ . -19.68 -22.90 -17.19
C1 BCR WQ . -22.13 -17.10 -8.85
C2 BCR WQ . -22.35 -16.38 -10.19
C3 BCR WQ . -22.07 -17.27 -11.39
C4 BCR WQ . -20.64 -17.78 -11.36
C5 BCR WQ . -20.10 -18.08 -9.98
C6 BCR WQ . -20.82 -17.89 -8.87
C7 BCR WQ . -20.39 -18.42 -7.60
C8 BCR WQ . -20.48 -19.69 -7.24
C9 BCR WQ . -20.09 -20.30 -5.98
C10 BCR WQ . -20.35 -21.62 -5.79
C11 BCR WQ . -20.07 -22.41 -4.65
C33 BCR WQ . -18.70 -18.62 -10.02
C31 BCR WQ . -22.12 -16.05 -7.74
C32 BCR WQ . -23.31 -18.05 -8.60
C34 BCR WQ . -19.42 -19.43 -4.95
C12 BCR WQ . -20.50 -23.68 -4.53
C13 BCR WQ . -20.28 -24.60 -3.42
C14 BCR WQ . -20.95 -25.78 -3.42
C15 BCR WQ . -21.01 -26.76 -2.39
C16 BCR WQ . -21.59 -27.97 -2.56
C17 BCR WQ . -21.67 -28.93 -1.52
C18 BCR WQ . -22.03 -30.23 -1.62
C19 BCR WQ . -22.31 -30.97 -0.40
C20 BCR WQ . -22.81 -32.22 -0.28
C21 BCR WQ . -23.06 -32.82 0.97
C22 BCR WQ . -23.37 -34.12 1.21
C23 BCR WQ . -23.71 -34.52 2.56
C24 BCR WQ . -23.60 -35.73 3.10
C25 BCR WQ . -24.06 -36.10 4.41
C26 BCR WQ . -25.17 -36.84 4.57
C27 BCR WQ . -25.84 -37.05 5.90
C28 BCR WQ . -25.14 -36.36 7.07
C29 BCR WQ . -23.63 -36.36 6.87
C30 BCR WQ . -23.21 -35.62 5.60
C35 BCR WQ . -19.38 -24.16 -2.31
C36 BCR WQ . -22.29 -30.92 -2.94
C37 BCR WQ . -23.40 -35.17 0.13
C38 BCR WQ . -25.88 -37.54 3.45
C39 BCR WQ . -23.38 -34.11 5.81
C40 BCR WQ . -21.73 -35.92 5.34
C1 BCR XQ . 5.87 -48.98 -0.82
C2 BCR XQ . 6.51 -50.37 -0.92
C3 BCR XQ . 7.98 -50.37 -0.60
C4 BCR XQ . 8.74 -49.47 -1.56
C5 BCR XQ . 8.05 -48.16 -1.84
C6 BCR XQ . 6.80 -47.90 -1.40
C7 BCR XQ . 6.25 -46.55 -1.44
C8 BCR XQ . 6.77 -45.48 -0.83
C9 BCR XQ . 6.27 -44.12 -0.83
C10 BCR XQ . 7.05 -43.13 -0.32
C11 BCR XQ . 6.78 -41.73 -0.24
C33 BCR XQ . 8.90 -47.21 -2.63
C31 BCR XQ . 5.57 -48.68 0.66
C32 BCR XQ . 4.55 -49.02 -1.59
C34 BCR XQ . 4.92 -43.86 -1.44
C12 BCR XQ . 7.58 -40.86 0.37
C13 BCR XQ . 7.38 -39.42 0.51
C14 BCR XQ . 8.33 -38.67 1.13
C15 BCR XQ . 8.34 -37.26 1.35
C16 BCR XQ . 9.24 -36.62 2.10
C17 BCR XQ . 9.20 -35.19 2.29
C18 BCR XQ . 10.03 -34.42 3.03
C19 BCR XQ . 9.74 -33.00 3.11
C20 BCR XQ . 10.22 -32.11 4.00
C21 BCR XQ . 9.87 -30.73 3.97
C22 BCR XQ . 10.39 -29.72 4.72
C23 BCR XQ . 9.89 -28.37 4.50
C24 BCR XQ . 10.33 -27.23 5.05
C25 BCR XQ . 9.87 -25.91 4.71
C26 BCR XQ . 8.88 -25.31 5.39
C27 BCR XQ . 8.40 -23.91 5.08
C28 BCR XQ . 9.35 -23.12 4.21
C29 BCR XQ . 9.87 -23.97 3.06
C30 BCR XQ . 10.62 -25.23 3.55
C35 BCR XQ . 6.12 -38.82 -0.05
C36 BCR XQ . 11.20 -34.96 3.80
C37 BCR XQ . 11.47 -29.93 5.73
C38 BCR XQ . 8.12 -25.94 6.51
C39 BCR XQ . 12.02 -24.82 4.01
C40 BCR XQ . 10.73 -26.18 2.36
FE1 SF4 YQ . -22.03 7.95 -16.42
FE2 SF4 YQ . -23.86 7.01 -18.20
FE3 SF4 YQ . -23.93 9.62 -17.42
FE4 SF4 YQ . -24.64 7.65 -15.67
S1 SF4 YQ . -25.71 8.20 -17.61
S2 SF4 YQ . -23.30 9.43 -15.25
S3 SF4 YQ . -23.19 6.00 -16.28
S4 SF4 YQ . -22.27 8.59 -18.59
C1 PQN ZQ . -13.47 11.59 -7.54
O1 PQN ZQ . -14.13 11.34 -6.56
C2 PQN ZQ . -12.28 12.47 -7.44
C2M PQN ZQ . -11.98 12.99 -6.06
C3 PQN ZQ . -11.55 12.76 -8.55
C4 PQN ZQ . -11.92 12.20 -9.87
O4 PQN ZQ . -11.27 12.44 -10.86
C5 PQN ZQ . -13.11 11.32 -9.98
C6 PQN ZQ . -13.47 10.78 -11.21
C7 PQN ZQ . -14.57 9.96 -11.31
C8 PQN ZQ . -15.32 9.67 -10.17
C9 PQN ZQ . -14.97 10.20 -8.95
C10 PQN ZQ . -13.86 11.03 -8.85
C11 PQN ZQ . -10.33 13.64 -8.60
C12 PQN ZQ . -9.14 12.73 -8.79
C13 PQN ZQ . -8.19 12.80 -9.72
C14 PQN ZQ . -8.14 13.86 -10.80
C15 PQN ZQ . -7.11 11.78 -9.71
C16 PQN ZQ . -6.25 11.86 -8.44
C17 PQN ZQ . -5.09 10.88 -8.48
C18 PQN ZQ . -3.89 11.35 -7.68
C19 PQN ZQ . -3.02 12.31 -8.49
C20 PQN ZQ . -3.11 10.16 -7.12
C21 PQN ZQ . -1.85 10.49 -6.33
C22 PQN ZQ . -2.09 11.43 -5.14
C23 PQN ZQ . -0.83 11.95 -4.47
C24 PQN ZQ . -1.11 12.33 -3.02
C25 PQN ZQ . -0.26 13.12 -5.28
C26 PQN ZQ . 1.21 13.45 -5.03
C27 PQN ZQ . 2.15 12.71 -5.98
C28 PQN ZQ . 2.41 13.36 -7.34
C29 PQN ZQ . 3.89 13.28 -7.69
C30 PQN ZQ . 1.58 12.74 -8.45
O1 LHG AR . -8.21 -1.02 -21.79
C1 LHG AR . -7.86 0.31 -21.39
C2 LHG AR . -8.15 0.46 -19.92
O2 LHG AR . -8.03 -0.78 -19.25
C3 LHG AR . -9.55 0.95 -19.64
O3 LHG AR . -9.48 1.12 -18.24
P LHG AR . -10.71 1.77 -17.43
O4 LHG AR . -11.95 1.09 -17.89
O5 LHG AR . -10.32 3.21 -17.29
O6 LHG AR . -10.39 1.02 -15.99
C4 LHG AR . -9.22 1.28 -15.29
C5 LHG AR . -9.41 0.58 -13.93
C6 LHG AR . -10.23 -0.69 -14.04
O7 LHG AR . -8.12 0.20 -13.48
C7 LHG AR . -7.59 1.01 -12.54
O9 LHG AR . -8.21 1.37 -11.55
C8 LHG AR . -6.12 1.15 -12.77
C9 LHG AR . -5.41 1.73 -11.57
C10 LHG AR . -4.71 0.66 -10.75
O8 LHG AR . -9.93 -1.41 -12.87
C23 LHG AR . -9.99 -2.77 -12.96
O10 LHG AR . -11.06 -3.30 -13.16
C24 LHG AR . -8.73 -3.61 -12.88
C11 LHG AR . -3.66 1.46 -10.02
C12 LHG AR . -3.10 0.63 -8.89
C13 LHG AR . -1.62 0.95 -8.71
C14 LHG AR . -1.33 2.36 -8.24
C15 LHG AR . -1.69 2.44 -6.76
C16 LHG AR . -1.33 3.81 -6.23
C17 LHG AR . -2.29 4.87 -6.78
C18 LHG AR . -2.63 5.77 -5.61
C19 LHG AR . -1.48 6.60 -5.06
C20 LHG AR . -2.06 7.31 -3.86
C21 LHG AR . -1.88 6.48 -2.63
C25 LHG AR . -8.46 -4.32 -11.56
C26 LHG AR . -9.13 -3.78 -10.28
C27 LHG AR . -10.48 -4.50 -10.19
C28 LHG AR . -11.57 -3.75 -9.44
C29 LHG AR . -11.00 -3.38 -8.07
C30 LHG AR . -12.01 -3.25 -6.95
C31 LHG AR . -11.46 -3.34 -5.55
C32 LHG AR . -10.96 -4.73 -5.17
C33 LHG AR . -10.87 -4.84 -3.65
C34 LHG AR . -9.85 -3.96 -2.93
C35 LHG AR . -10.15 -3.90 -1.45
C36 LHG AR . -8.86 -4.04 -0.68
C37 LHG AR . -9.22 -4.00 0.77
C38 LHG AR . -8.06 -4.29 1.71
O1 LHG BR . -27.50 -32.19 -17.65
C1 LHG BR . -27.56 -32.37 -16.24
C2 LHG BR . -27.91 -33.80 -15.96
O2 LHG BR . -26.85 -34.65 -16.32
C3 LHG BR . -29.12 -34.29 -16.72
O3 LHG BR . -30.09 -33.37 -16.24
P LHG BR . -31.66 -33.69 -16.15
O4 LHG BR . -32.34 -32.94 -17.24
O5 LHG BR . -31.73 -35.10 -15.71
O6 LHG BR . -31.88 -32.72 -14.83
C4 LHG BR . -33.13 -32.24 -14.48
C5 LHG BR . -32.85 -30.77 -14.11
C6 LHG BR . -34.13 -29.88 -14.18
O7 LHG BR . -32.22 -30.75 -12.77
C7 LHG BR . -32.99 -30.99 -11.65
O9 LHG BR . -33.55 -32.03 -11.44
C8 LHG BR . -32.70 -29.98 -10.61
C9 LHG BR . -33.60 -30.24 -9.43
C10 LHG BR . -33.38 -29.17 -8.39
O8 LHG BR . -33.63 -28.56 -14.40
C23 LHG BR . -33.51 -27.73 -13.32
O10 LHG BR . -32.48 -27.11 -13.20
C24 LHG BR . -34.76 -27.21 -12.62
C11 LHG BR . -34.65 -29.27 -7.58
C25 LHG BR . -34.55 -26.56 -11.25
C26 LHG BR . -35.19 -25.17 -11.01
C27 LHG BR . -36.14 -25.33 -9.83
C28 LHG BR . -35.50 -25.51 -8.46
C29 LHG BR . -34.86 -24.18 -8.07
C30 LHG BR . -34.96 -23.81 -6.60
O1 LHG CR . -30.31 -52.96 14.20
C1 LHG CR . -29.64 -51.69 14.14
C2 LHG CR . -29.37 -51.19 15.55
O2 LHG CR . -30.61 -50.80 16.16
C3 LHG CR . -28.45 -49.98 15.47
O3 LHG CR . -27.83 -49.75 16.74
P LHG CR . -28.39 -48.60 17.72
O4 LHG CR . -27.69 -48.68 19.04
O5 LHG CR . -29.89 -48.65 17.67
O6 LHG CR . -27.89 -47.24 17.00
C4 LHG CR . -28.59 -46.03 17.27
C5 LHG CR . -29.20 -45.47 16.00
C6 LHG CR . -29.68 -46.58 15.09
O7 LHG CR . -30.33 -44.68 16.36
C7 LHG CR . -30.21 -43.36 15.80
O9 LHG CR . -30.28 -42.40 16.56
C8 LHG CR . -30.04 -43.15 14.32
C9 LHG CR . -29.85 -41.66 14.09
C10 LHG CR . -29.31 -41.39 12.71
O8 LHG CR . -30.56 -46.04 14.09
C23 LHG CR . -30.81 -46.79 12.88
O10 LHG CR . -30.04 -47.67 12.55
C24 LHG CR . -32.03 -46.56 12.04
C11 LHG CR . -30.24 -41.96 11.66
C12 LHG CR . -29.81 -41.45 10.32
C13 LHG CR . -30.64 -42.11 9.24
C14 LHG CR . -30.30 -41.49 7.91
C15 LHG CR . -30.98 -42.26 6.81
C16 LHG CR . -30.84 -41.53 5.48
C17 LHG CR . -31.73 -40.30 5.44
C18 LHG CR . -31.93 -39.82 4.01
C25 LHG CR . -31.91 -45.35 11.12
C26 LHG CR . -33.10 -45.41 10.19
C27 LHG CR . -33.40 -44.09 9.52
C28 LHG CR . -34.87 -44.07 9.10
C29 LHG CR . -35.13 -43.00 8.07
C30 LHG CR . -34.79 -43.53 6.69
C31 LHG CR . -35.14 -42.49 5.63
MG CLA DR . -29.86 -2.65 -1.10
CHA CLA DR . -31.20 -4.86 -3.29
CHB CLA DR . -32.78 -2.43 0.47
CHC CLA DR . -28.41 -0.44 1.04
CHD CLA DR . -27.30 -1.92 -3.45
NA CLA DR . -31.58 -3.50 -1.37
C1A CLA DR . -31.99 -4.46 -2.27
C2A CLA DR . -33.36 -5.00 -1.98
C3A CLA DR . -33.92 -4.00 -1.01
C4A CLA DR . -32.68 -3.26 -0.59
CMA CLA DR . -35.00 -3.10 -1.58
CAA CLA DR . -33.19 -6.41 -1.38
CBA CLA DR . -34.47 -7.24 -1.31
CGA CLA DR . -35.19 -7.11 -0.01
O1A CLA DR . -34.95 -7.74 0.98
O2A CLA DR . -36.16 -6.18 -0.09
NB CLA DR . -30.47 -1.63 0.45
C1B CLA DR . -31.78 -1.67 1.05
C2B CLA DR . -31.79 -0.91 2.22
C3B CLA DR . -30.52 -0.40 2.40
C4B CLA DR . -29.72 -0.82 1.32
CMB CLA DR . -32.97 -0.70 3.13
CAB CLA DR . -30.02 0.37 3.54
CBB CLA DR . -30.28 0.17 4.80
NC CLA DR . -28.27 -1.50 -1.18
C1C CLA DR . -27.78 -0.72 -0.13
C2C CLA DR . -26.54 -0.05 -0.52
C3C CLA DR . -26.26 -0.41 -1.81
C4C CLA DR . -27.30 -1.30 -2.23
CMC CLA DR . -25.72 0.88 0.33
CAC CLA DR . -25.10 0.04 -2.65
CBC CLA DR . -23.96 -0.97 -2.65
ND CLA DR . -29.33 -3.17 -2.88
C1D CLA DR . -28.27 -2.84 -3.80
C2D CLA DR . -28.37 -3.61 -4.97
C3D CLA DR . -29.49 -4.47 -4.81
C4D CLA DR . -30.01 -4.16 -3.56
CMD CLA DR . -27.46 -3.55 -6.17
CAD CLA DR . -30.32 -5.51 -5.39
OBD CLA DR . -30.26 -5.99 -6.50
CBD CLA DR . -31.32 -5.94 -4.38
CGD CLA DR . -32.70 -6.10 -5.00
O1D CLA DR . -33.32 -5.21 -5.51
O2D CLA DR . -33.14 -7.35 -4.87
CED CLA DR . -34.51 -7.59 -5.26
C1 CLA DR . -37.10 -6.04 1.03
C2 CLA DR . -36.88 -4.74 1.73
C3 CLA DR . -36.03 -4.54 2.72
C4 CLA DR . -35.13 -5.60 3.27
C5 CLA DR . -35.96 -3.21 3.42
C6 CLA DR . -36.61 -3.21 4.79
C7 CLA DR . -37.91 -4.00 4.84
C8 CLA DR . -38.80 -3.79 6.08
C9 CLA DR . -38.70 -4.96 7.05
C10 CLA DR . -40.25 -3.49 5.69
C11 CLA DR . -40.95 -4.49 4.77
C12 CLA DR . -42.46 -4.60 4.97
C13 CLA DR . -43.39 -3.65 4.21
C14 CLA DR . -43.51 -4.06 2.75
C15 CLA DR . -42.99 -2.18 4.32
C16 CLA DR . -43.00 -1.52 5.71
C17 CLA DR . -44.24 -0.66 5.96
C18 CLA DR . -44.30 0.65 5.19
C19 CLA DR . -45.49 0.71 4.26
C20 CLA DR . -44.32 1.84 6.14
MG CLA ER . -45.87 -7.52 -7.56
CHA CLA ER . -43.42 -9.92 -7.48
CHB CLA ER . -48.08 -9.84 -8.41
CHC CLA ER . -48.15 -5.02 -8.04
CHD CLA ER . -43.34 -5.02 -7.50
NA CLA ER . -45.75 -9.45 -7.79
C1A CLA ER . -44.70 -10.34 -7.64
C2A CLA ER . -45.07 -11.80 -7.76
C3A CLA ER . -46.48 -11.69 -8.26
C4A CLA ER . -46.81 -10.23 -8.15
CMA CLA ER . -46.60 -12.16 -9.71
CAA CLA ER . -44.95 -12.56 -6.43
CBA CLA ER . -45.73 -12.07 -5.20
CGA CLA ER . -45.12 -10.90 -4.52
O1A CLA ER . -43.93 -10.73 -4.35
O2A CLA ER . -46.05 -10.02 -4.15
NB CLA ER . -47.74 -7.43 -8.11
C1B CLA ER . -48.60 -8.56 -8.39
C2B CLA ER . -49.90 -8.12 -8.66
C3B CLA ER . -49.89 -6.73 -8.58
C4B CLA ER . -48.60 -6.32 -8.24
CMB CLA ER . -51.08 -8.99 -8.95
CAB CLA ER . -51.01 -5.83 -8.85
CBB CLA ER . -51.57 -4.95 -8.06
NC CLA ER . -45.78 -5.55 -7.70
C1C CLA ER . -46.86 -4.68 -7.80
C2C CLA ER . -46.44 -3.30 -7.71
C3C CLA ER . -45.07 -3.28 -7.61
C4C CLA ER . -44.64 -4.65 -7.61
CMC CLA ER . -47.32 -2.09 -7.60
CAC CLA ER . -44.19 -2.07 -7.53
CBC CLA ER . -43.89 -1.66 -6.11
ND CLA ER . -43.93 -7.42 -7.50
C1D CLA ER . -42.93 -6.34 -7.44
C2D CLA ER . -41.65 -6.88 -7.32
C3D CLA ER . -41.77 -8.29 -7.32
C4D CLA ER . -43.14 -8.54 -7.44
CMD CLA ER . -40.37 -6.11 -7.19
CAD CLA ER . -41.09 -9.57 -7.25
OBD CLA ER . -39.90 -9.80 -7.14
CBD CLA ER . -42.10 -10.67 -7.36
CGD CLA ER . -41.78 -11.51 -8.58
O1D CLA ER . -41.48 -11.08 -9.66
O2D CLA ER . -41.86 -12.81 -8.30
CED CLA ER . -41.45 -13.72 -9.35
C1 CLA ER . -45.61 -8.67 -3.88
C2 CLA ER . -46.80 -7.82 -4.18
C3 CLA ER . -46.81 -6.52 -3.96
C4 CLA ER . -45.63 -5.77 -3.42
C5 CLA ER . -48.03 -5.67 -4.23
C6 CLA ER . -49.36 -6.40 -4.10
C7 CLA ER . -50.53 -5.42 -3.98
C8 CLA ER . -51.95 -5.97 -3.83
C9 CLA ER . -52.26 -7.04 -4.88
C10 CLA ER . -53.00 -4.86 -3.85
C11 CLA ER . -52.68 -3.58 -3.09
C12 CLA ER . -53.88 -2.67 -2.85
C13 CLA ER . -53.49 -1.26 -2.38
C14 CLA ER . -53.06 -1.26 -0.92
C15 CLA ER . -54.55 -0.20 -2.69
C16 CLA ER . -55.69 0.01 -1.69
C17 CLA ER . -55.44 1.16 -0.70
C18 CLA ER . -55.99 2.53 -1.07
C19 CLA ER . -55.50 3.03 -2.42
C20 CLA ER . -57.50 2.59 -1.01
C1 BCR FR . 5.83 28.81 -8.06
C2 BCR FR . 6.95 27.82 -7.73
C3 BCR FR . 7.66 28.13 -6.41
C4 BCR FR . 8.28 29.52 -6.44
C5 BCR FR . 7.41 30.54 -7.14
C6 BCR FR . 6.22 30.23 -7.65
C7 BCR FR . 5.21 31.24 -7.89
C8 BCR FR . 4.42 31.81 -6.98
C9 BCR FR . 3.39 32.81 -7.22
C10 BCR FR . 2.85 33.47 -6.17
C11 BCR FR . 1.88 34.54 -6.20
C33 BCR FR . 8.04 31.90 -7.19
C31 BCR FR . 5.57 28.74 -9.57
C32 BCR FR . 4.56 28.37 -7.33
C34 BCR FR . 2.99 33.09 -8.65
C12 BCR FR . 1.22 35.02 -5.13
C13 BCR FR . 0.22 36.08 -5.14
C14 BCR FR . -0.23 36.63 -3.97
C15 BCR FR . 0.16 36.34 -2.62
C16 BCR FR . -0.44 36.94 -1.57
C17 BCR FR . -0.12 36.70 -0.20
C18 BCR FR . -0.73 37.22 0.91
C19 BCR FR . -0.23 36.86 2.23
C20 BCR FR . -0.54 37.41 3.40
C21 BCR FR . 0.01 36.97 4.66
C22 BCR FR . -0.30 37.42 5.90
C23 BCR FR . 0.40 36.84 7.05
C24 BCR FR . 0.46 37.33 8.29
C25 BCR FR . 1.10 36.70 9.42
C26 BCR FR . 2.43 36.75 9.59
C27 BCR FR . 3.15 35.85 10.55
C28 BCR FR . 2.26 34.81 11.21
C29 BCR FR . 0.93 35.44 11.61
C30 BCR FR . 0.15 36.01 10.41
C35 BCR FR . -0.31 36.54 -6.47
C36 BCR FR . -1.91 38.15 0.83
C37 BCR FR . -1.31 38.51 6.16
C38 BCR FR . 3.35 37.70 8.87
C39 BCR FR . -0.87 37.01 10.95
C40 BCR FR . -0.60 34.86 9.72
MG CLA GR . -45.25 73.21 17.32
CHA CLA GR . -45.32 70.98 19.90
CHB CLA GR . -42.39 74.43 18.54
CHC CLA GR . -45.51 75.83 15.13
CHD CLA GR . -48.59 72.34 16.53
NA CLA GR . -44.10 72.70 18.79
C1A CLA GR . -44.17 71.66 19.69
C2A CLA GR . -42.90 71.42 20.44
C3A CLA GR . -42.32 72.82 20.42
C4A CLA GR . -42.96 73.38 19.18
CMA CLA GR . -42.64 73.60 21.69
CAA CLA GR . -42.06 70.38 19.69
CBA CLA GR . -41.88 69.06 20.46
CGA CLA GR . -40.77 68.19 19.96
O1A CLA GR . -39.63 68.54 19.83
O2A CLA GR . -41.20 66.94 19.74
NB CLA GR . -44.14 74.75 16.86
C1B CLA GR . -42.84 75.08 17.40
C2B CLA GR . -42.27 76.15 16.69
C3B CLA GR . -43.19 76.55 15.73
C4B CLA GR . -44.32 75.72 15.84
CMB CLA GR . -40.91 76.73 16.92
CAB CLA GR . -43.04 77.63 14.75
CBB CLA GR . -42.46 78.78 14.90
NC CLA GR . -46.67 73.90 16.13
C1C CLA GR . -46.58 75.00 15.28
C2C CLA GR . -47.84 75.21 14.54
C3C CLA GR . -48.71 74.22 14.93
C4C CLA GR . -48.01 73.41 15.90
CMC CLA GR . -48.14 76.29 13.54
CAC CLA GR . -50.11 74.02 14.44
CBC CLA GR . -50.16 73.30 13.11
ND CLA GR . -46.64 72.05 18.01
C1D CLA GR . -48.01 71.70 17.61
C2D CLA GR . -48.48 70.65 18.42
C3D CLA GR . -47.48 70.34 19.36
C4D CLA GR . -46.43 71.20 19.07
CMD CLA GR . -49.82 69.96 18.27
CAD CLA GR . -47.09 69.53 20.50
OBD CLA GR . -47.73 68.66 21.08
CBD CLA GR . -45.70 69.91 20.92
CGD CLA GR . -45.72 70.47 22.34
O1D CLA GR . -45.54 71.63 22.61
O2D CLA GR . -45.94 69.52 23.24
CED CLA GR . -45.85 69.92 24.62
C1 CLA GR . -40.21 65.90 19.96
C2 CLA GR . -39.41 65.61 18.74
C3 CLA GR . -39.88 64.94 17.71
C4 CLA GR . -41.30 64.44 17.61
C5 CLA GR . -38.98 64.55 16.56
C6 CLA GR . -39.03 65.53 15.39
C7 CLA GR . -38.08 65.13 14.26
C8 CLA GR . -37.68 66.25 13.29
C9 CLA GR . -38.90 66.85 12.62
C10 CLA GR . -36.66 65.75 12.26
C11 CLA GR . -35.76 66.83 11.67
C12 CLA GR . -35.24 66.50 10.28
C13 CLA GR . -34.30 65.30 10.14
C14 CLA GR . -32.95 65.56 10.80
C15 CLA GR . -34.13 64.91 8.68
MG CLA HR . -27.62 -1.19 5.85
CHA CLA HR . -27.09 0.72 8.59
CHB CLA HR . -29.96 -2.86 7.51
CHC CLA HR . -27.92 -3.29 3.19
CHD CLA HR . -24.56 -0.06 4.49
NA CLA HR . -28.31 -1.09 7.66
C1A CLA HR . -28.05 -0.22 8.70
C2A CLA HR . -28.93 -0.40 9.91
C3A CLA HR . -29.47 -1.79 9.67
C4A CLA HR . -29.24 -1.94 8.19
CMA CLA HR . -28.77 -2.88 10.48
CAA CLA HR . -30.00 0.70 9.86
CBA CLA HR . -30.20 1.45 11.17
CGA CLA HR . -31.06 0.74 12.17
O1A CLA HR . -30.78 0.61 13.33
O2A CLA HR . -32.20 0.31 11.62
NB CLA HR . -28.77 -2.68 5.39
C1B CLA HR . -29.88 -3.15 6.17
C2B CLA HR . -30.70 -3.97 5.38
C3B CLA HR . -30.11 -4.07 4.13
C4B CLA HR . -28.92 -3.33 4.16
CMB CLA HR . -31.98 -4.62 5.81
CAB CLA HR . -30.65 -4.73 2.96
CBB CLA HR . -31.87 -4.74 2.54
NC CLA HR . -26.51 -1.60 4.26
C1C CLA HR . -26.80 -2.51 3.27
C2C CLA HR . -25.73 -2.59 2.28
C3C CLA HR . -24.77 -1.68 2.64
C4C CLA HR . -25.23 -1.06 3.86
CMC CLA HR . -25.65 -3.51 1.09
CAC CLA HR . -23.49 -1.37 1.93
CBC CLA HR . -22.28 -1.98 2.59
ND CLA HR . -26.17 -0.02 6.33
C1D CLA HR . -24.98 0.48 5.70
C2D CLA HR . -24.42 1.53 6.47
C3D CLA HR . -25.27 1.72 7.60
C4D CLA HR . -26.24 0.75 7.48
CMD CLA HR . -23.19 2.32 6.13
CAD CLA HR . -25.62 2.54 8.74
OBD CLA HR . -25.24 3.66 9.02
CBD CLA HR . -26.66 1.84 9.53
CGD CLA HR . -26.12 1.31 10.86
O1D CLA HR . -25.58 0.25 11.00
O2D CLA HR . -26.33 2.18 11.85
CED CLA HR . -25.87 1.78 13.15
C1 CLA HR . -33.33 -0.02 12.48
C2 CLA HR . -34.47 0.84 12.03
C3 CLA HR . -35.62 0.96 12.69
C4 CLA HR . -35.92 0.27 13.99
C5 CLA HR . -36.74 1.78 12.11
C6 CLA HR . -37.63 0.97 11.17
C7 CLA HR . -38.63 1.81 10.38
C8 CLA HR . -39.66 1.00 9.58
C9 CLA HR . -39.00 0.14 8.51
C10 CLA HR . -40.76 1.89 8.98
C11 CLA HR . -41.66 2.60 9.97
C12 CLA HR . -43.01 3.01 9.39
C13 CLA HR . -43.85 3.95 10.25
C14 CLA HR . -44.36 3.26 11.50
C15 CLA HR . -44.97 4.57 9.42
C16 CLA HR . -45.92 5.50 10.15
C17 CLA HR . -46.79 6.33 9.21
C18 CLA HR . -47.96 7.06 9.86
C19 CLA HR . -48.70 7.92 8.85
C20 CLA HR . -47.55 7.89 11.06
MG CLA IR . -2.57 34.63 -6.77
CHA CLA IR . -3.53 35.97 -9.77
CHB CLA IR . -1.25 32.06 -8.38
CHC CLA IR . -2.16 33.05 -3.74
CHD CLA IR . -4.55 37.04 -5.10
NA CLA IR . -2.42 34.17 -8.65
C1A CLA IR . -2.79 34.84 -9.81
C2A CLA IR . -2.30 34.20 -11.08
C3A CLA IR . -1.87 32.85 -10.61
C4A CLA IR . -1.85 33.01 -9.11
CMA CLA IR . -2.79 31.72 -11.05
CAA CLA IR . -1.15 35.05 -11.67
CBA CLA IR . 0.11 35.20 -10.82
CGA CLA IR . 0.68 36.59 -10.85
O1A CLA IR . 0.48 37.39 -11.73
O2A CLA IR . 1.44 36.82 -9.78
NB CLA IR . -1.81 32.93 -6.17
C1B CLA IR . -1.13 32.00 -7.01
C2B CLA IR . -0.47 31.03 -6.23
C3B CLA IR . -0.79 31.29 -4.89
C4B CLA IR . -1.59 32.44 -4.86
CMB CLA IR . 0.48 29.98 -6.75
CAB CLA IR . -0.38 30.53 -3.71
CBB CLA IR . 0.84 30.26 -3.30
NC CLA IR . -3.18 34.96 -4.90
C1C CLA IR . -2.88 34.20 -3.78
C2C CLA IR . -3.43 34.81 -2.56
C3C CLA IR . -4.07 35.97 -2.94
C4C CLA IR . -3.94 36.06 -4.37
CMC CLA IR . -3.34 34.28 -1.16
CAC CLA IR . -4.69 37.01 -2.05
CBC CLA IR . -6.20 36.96 -2.05
ND CLA IR . -3.76 36.09 -7.22
C1D CLA IR . -4.51 37.09 -6.48
C2D CLA IR . -5.08 38.02 -7.36
C3D CLA IR . -4.72 37.64 -8.67
C4D CLA IR . -3.94 36.50 -8.52
CMD CLA IR . -5.91 39.20 -6.97
CAD CLA IR . -4.79 37.95 -10.08
OBD CLA IR . -5.30 38.91 -10.63
CBD CLA IR . -4.06 36.91 -10.86
CGD CLA IR . -4.98 36.22 -11.87
O1D CLA IR . -5.46 35.14 -11.73
O2D CLA IR . -5.15 37.00 -12.95
CED CLA IR . -5.89 36.41 -14.03
C1 CLA IR . 2.12 38.11 -9.68
C2 CLA IR . 3.53 37.83 -9.29
C3 CLA IR . 4.02 37.84 -8.06
C4 CLA IR . 3.21 38.10 -6.82
C5 CLA IR . 5.49 37.58 -7.82
C6 CLA IR . 5.76 36.36 -6.96
C7 CLA IR . 7.23 35.98 -6.88
C8 CLA IR . 8.03 36.57 -5.72
C9 CLA IR . 8.12 38.10 -5.83
C10 CLA IR . 9.42 35.94 -5.60
C11 CLA IR . 9.73 35.38 -4.21
C12 CLA IR . 9.88 36.45 -3.13
C13 CLA IR . 9.67 35.98 -1.69
C14 CLA IR . 9.64 37.17 -0.72
C15 CLA IR . 10.73 34.95 -1.28
C16 CLA IR . 10.59 34.36 0.12
C17 CLA IR . 11.42 33.10 0.32
C18 CLA IR . 12.11 32.93 1.65
C19 CLA IR . 13.26 33.91 1.83
C20 CLA IR . 11.15 33.01 2.83
MG CLA JR . 2.97 23.45 4.34
CHA CLA JR . 1.24 23.71 1.41
CHB CLA JR . 2.59 20.15 4.20
CHC CLA JR . 4.42 23.28 7.42
CHD CLA JR . 2.54 26.93 4.83
NA CLA JR . 2.20 22.25 3.03
C1A CLA JR . 1.66 22.48 1.79
C2A CLA JR . 1.58 21.23 0.96
C3A CLA JR . 1.41 20.21 2.04
C4A CLA JR . 2.11 20.89 3.18
CMA CLA JR . -0.04 19.86 2.35
CAA CLA JR . 2.94 21.15 0.24
CBA CLA JR . 2.89 21.41 -1.26
CGA CLA JR . 4.09 22.17 -1.72
O1A CLA JR . 4.18 23.37 -1.73
O2A CLA JR . 5.05 21.35 -2.15
NB CLA JR . 3.42 22.01 5.57
C1B CLA JR . 3.25 20.60 5.33
C2B CLA JR . 3.85 19.85 6.37
C3B CLA JR . 4.37 20.77 7.27
C4B CLA JR . 4.11 22.07 6.80
CMB CLA JR . 3.92 18.36 6.45
CAB CLA JR . 5.11 20.43 8.50
CBB CLA JR . 6.28 20.84 8.87
NC CLA JR . 3.37 24.77 5.76
C1C CLA JR . 4.05 24.51 6.96
C2C CLA JR . 4.30 25.75 7.71
C3C CLA JR . 3.74 26.77 6.98
C4C CLA JR . 3.16 26.19 5.79
CMC CLA JR . 5.03 25.90 9.02
CAC CLA JR . 3.75 28.24 7.29
CBC CLA JR . 4.64 29.04 6.35
ND CLA JR . 2.15 24.96 3.43
C1D CLA JR . 2.08 26.40 3.66
C2D CLA JR . 1.45 27.02 2.56
C3D CLA JR . 1.10 26.01 1.64
C4D CLA JR . 1.52 24.82 2.21
CMD CLA JR . 1.20 28.49 2.42
CAD CLA JR . 0.53 25.69 0.34
OBD CLA JR . 0.13 26.46 -0.52
CBD CLA JR . 0.51 24.22 0.17
CGD CLA JR . -0.95 23.76 0.15
O1D CLA JR . -1.51 23.22 1.07
O2D CLA JR . -1.52 24.04 -1.02
CED CLA JR . -2.91 23.67 -1.15
C1 CLA JR . 6.01 21.94 -3.06
C2 CLA JR . 5.22 22.30 -4.26
C3 CLA JR . 4.92 23.49 -4.81
C4 CLA JR . 4.07 23.59 -6.04
C5 CLA JR . 5.48 24.79 -4.28
C6 CLA JR . 4.61 26.05 -4.44
C7 CLA JR . 3.88 26.44 -3.16
C8 CLA JR . 4.73 27.18 -2.12
C9 CLA JR . 4.13 27.07 -0.73
C10 CLA JR . 4.93 28.64 -2.53
C11 CLA JR . 6.28 29.24 -2.16
C12 CLA JR . 6.57 30.59 -2.83
C13 CLA JR . 5.46 31.65 -2.88
C14 CLA JR . 5.91 32.85 -3.71
C15 CLA JR . 5.00 32.09 -1.50
C16 CLA JR . 3.51 32.41 -1.37
C17 CLA JR . 3.08 32.54 0.09
C18 CLA JR . 1.68 33.06 0.33
C19 CLA JR . 1.43 33.18 1.81
C20 CLA JR . 0.62 32.20 -0.32
MG CLA KR . -23.19 6.77 13.99
CHA CLA KR . -24.03 10.03 13.58
CHB CLA KR . -23.72 6.23 10.77
CHC CLA KR . -22.35 3.49 14.51
CHD CLA KR . -23.76 7.07 17.47
NA CLA KR . -23.80 7.90 12.54
C1A CLA KR . -24.10 9.25 12.47
C2A CLA KR . -24.45 9.74 11.09
C3A CLA KR . -24.70 8.45 10.36
C4A CLA KR . -24.04 7.44 11.26
CMA CLA KR . -26.18 8.17 10.12
CAA CLA KR . -23.26 10.51 10.49
CBA CLA KR . -23.64 11.28 9.22
CGA CLA KR . -22.49 11.97 8.56
O1A CLA KR . -22.36 12.10 7.37
O2A CLA KR . -21.62 12.44 9.45
NB CLA KR . -23.00 5.19 12.86
C1B CLA KR . -23.11 5.17 11.43
C2B CLA KR . -22.63 3.94 10.93
C3B CLA KR . -22.29 3.16 12.03
C4B CLA KR . -22.53 3.90 13.20
CMB CLA KR . -22.38 3.61 9.49
CAB CLA KR . -21.79 1.78 12.03
CBB CLA KR . -22.28 0.75 11.41
NC CLA KR . -23.08 5.59 15.58
C1C CLA KR . -22.64 4.27 15.60
C2C CLA KR . -22.58 3.74 16.96
C3C CLA KR . -23.01 4.74 17.81
C4C CLA KR . -23.32 5.88 16.97
CMC CLA KR . -22.13 2.38 17.40
CAC CLA KR . -23.08 4.70 19.31
CBC CLA KR . -24.44 4.33 19.81
ND CLA KR . -23.75 8.11 15.25
C1D CLA KR . -23.96 8.19 16.68
C2D CLA KR . -24.32 9.48 17.05
C3D CLA KR . -24.34 10.26 15.87
C4D CLA KR . -23.98 9.40 14.84
CMD CLA KR . -24.62 9.96 18.43
CAD CLA KR . -24.67 11.53 15.26
OBD CLA KR . -25.29 12.47 15.74
CBD CLA KR . -24.10 11.53 13.89
CGD CLA KR . -24.88 12.43 12.94
O1D CLA KR . -26.05 12.33 12.68
O2D CLA KR . -24.10 13.40 12.46
CED CLA KR . -24.75 14.41 11.65
C1 CLA KR . -20.55 13.28 8.94
C2 CLA KR . -19.43 13.25 9.92
C3 CLA KR . -19.44 13.93 11.05
C4 CLA KR . -20.57 14.83 11.48
C5 CLA KR . -18.29 13.86 12.01
C6 CLA KR . -18.51 12.87 13.15
C7 CLA KR . -17.66 13.13 14.37
C8 CLA KR . -16.14 13.02 14.21
C9 CLA KR . -15.60 11.74 14.84
C10 CLA KR . -15.42 14.25 14.77
C11 CLA KR . -15.61 15.57 14.04
C12 CLA KR . -14.90 16.72 14.76
C13 CLA KR . -15.08 18.15 14.25
C14 CLA KR . -16.54 18.60 14.36
C15 CLA KR . -14.54 18.35 12.83
C16 CLA KR . -13.13 17.87 12.56
C17 CLA KR . -12.44 18.62 11.42
C18 CLA KR . -11.46 17.84 10.54
C19 CLA KR . -10.59 18.79 9.75
C20 CLA KR . -10.61 16.84 11.31
MG CLA LR . -46.76 0.12 -10.50
CHA CLA LR . -50.15 -0.24 -10.87
CHB CLA LR . -47.17 3.39 -10.26
CHC CLA LR . -43.37 0.43 -10.58
CHD CLA LR . -46.37 -3.29 -11.39
NA CLA LR . -48.33 1.26 -10.45
C1A CLA LR . -49.69 0.97 -10.49
C2A CLA LR . -50.57 2.13 -10.13
C3A CLA LR . -49.62 3.30 -10.21
C4A CLA LR . -48.28 2.63 -10.33
CMA CLA LR . -49.91 4.26 -11.36
CAA CLA LR . -51.14 1.91 -8.71
CBA CLA LR . -50.14 1.74 -7.56
CGA CLA LR . -50.08 0.34 -7.01
O1A CLA LR . -50.01 -0.66 -7.68
O2A CLA LR . -50.06 0.36 -5.68
NB CLA LR . -45.50 1.61 -10.46
C1B CLA LR . -45.86 3.00 -10.34
C2B CLA LR . -44.70 3.80 -10.35
C3B CLA LR . -43.61 2.95 -10.49
C4B CLA LR . -44.09 1.62 -10.52
CMB CLA LR . -44.65 5.30 -10.22
CAB CLA LR . -42.22 3.38 -10.69
CBB CLA LR . -41.10 2.94 -10.28
NC CLA LR . -45.26 -1.12 -10.84
C1C CLA LR . -43.91 -0.82 -10.74
C2C CLA LR . -43.08 -2.01 -10.92
C3C CLA LR . -43.93 -3.07 -11.14
C4C CLA LR . -45.27 -2.53 -11.12
CMC CLA LR . -41.58 -2.09 -10.88
CAC CLA LR . -43.56 -4.52 -11.31
CBC CLA LR . -43.52 -4.94 -12.75
ND CLA LR . -47.89 -1.38 -11.05
C1D CLA LR . -47.65 -2.78 -11.39
C2D CLA LR . -48.88 -3.43 -11.64
C3D CLA LR . -49.90 -2.47 -11.46
C4D CLA LR . -49.25 -1.29 -11.11
CMD CLA LR . -49.06 -4.87 -11.96
CAD CLA LR . -51.33 -2.21 -11.46
OBD CLA LR . -52.25 -2.96 -11.73
CBD CLA LR . -51.57 -0.78 -11.07
CGD CLA LR . -52.32 -0.04 -12.17
O1D CLA LR . -51.82 0.70 -12.97
O2D CLA LR . -53.62 -0.31 -12.12
CED CLA LR . -54.46 0.38 -13.07
C1 CLA LR . -49.45 -0.81 -5.07
C2 CLA LR . -49.58 -0.69 -3.59
C3 CLA LR . -48.65 -1.08 -2.72
C4 CLA LR . -47.32 -1.67 -3.10
C5 CLA LR . -48.91 -0.98 -1.24
C6 CLA LR . -49.35 -2.30 -0.60
C7 CLA LR . -48.21 -3.30 -0.43
C8 CLA LR . -48.41 -4.34 0.67
C9 CLA LR . -47.14 -5.16 0.87
C10 CLA LR . -49.61 -5.25 0.41
C11 CLA LR . -50.53 -5.57 1.59
C12 CLA LR . -52.02 -5.65 1.20
C13 CLA LR . -52.42 -6.65 0.11
C14 CLA LR . -53.74 -6.24 -0.54
C15 CLA LR . -52.45 -8.08 0.61
C16 CLA LR . -53.60 -8.60 1.48
C17 CLA LR . -53.91 -10.08 1.26
C18 CLA LR . -54.80 -10.43 0.06
C19 CLA LR . -54.03 -10.67 -1.23
C20 CLA LR . -55.71 -11.59 0.35
MG CLA MR . -48.80 21.97 -5.24
CHA CLA MR . -50.01 21.77 -8.43
CHB CLA MR . -49.19 25.28 -5.39
CHC CLA MR . -47.34 22.15 -2.17
CHD CLA MR . -47.56 18.68 -5.55
NA CLA MR . -49.54 23.16 -6.56
C1A CLA MR . -50.19 22.92 -7.75
C2A CLA MR . -51.03 24.09 -8.14
C3A CLA MR . -50.13 25.21 -7.67
C4A CLA MR . -49.57 24.54 -6.45
CMA CLA MR . -49.05 25.64 -8.66
CAA CLA MR . -52.33 23.97 -7.33
CBA CLA MR . -53.43 23.22 -8.06
CGA CLA MR . -54.04 22.11 -7.25
O1A CLA MR . -53.42 21.19 -6.78
O2A CLA MR . -55.36 22.23 -7.18
NB CLA MR . -48.37 23.42 -4.01
C1B CLA MR . -48.66 24.82 -4.20
C2B CLA MR . -48.31 25.54 -3.05
C3B CLA MR . -47.77 24.64 -2.13
C4B CLA MR . -47.80 23.35 -2.72
CMB CLA MR . -48.51 27.02 -2.86
CAB CLA MR . -47.22 24.91 -0.81
CBB CLA MR . -47.70 25.65 0.14
NC CLA MR . -47.75 20.72 -4.14
C1C CLA MR . -47.30 20.96 -2.84
C2C CLA MR . -46.70 19.76 -2.25
C3C CLA MR . -46.79 18.76 -3.20
C4C CLA MR . -47.39 19.35 -4.37
CMC CLA MR . -46.07 19.64 -0.90
CAC CLA MR . -46.45 17.31 -3.03
CBC CLA MR . -45.07 16.95 -3.50
ND CLA MR . -48.72 20.57 -6.59
C1D CLA MR . -48.20 19.22 -6.65
C2D CLA MR . -48.47 18.65 -7.91
C3D CLA MR . -49.19 19.61 -8.67
C4D CLA MR . -49.31 20.72 -7.83
CMD CLA MR . -48.11 17.27 -8.36
CAD CLA MR . -49.83 19.94 -9.92
OBD CLA MR . -49.87 19.29 -10.95
CBD CLA MR . -50.49 21.29 -9.81
CGD CLA MR . -50.11 22.20 -10.97
O1D CLA MR . -50.60 22.16 -12.06
O2D CLA MR . -49.17 23.07 -10.60
CED CLA MR . -48.80 24.04 -11.61
C1 CLA MR . -56.11 20.99 -6.98
C2 CLA MR . -56.05 20.54 -5.56
C3 CLA MR . -56.93 20.86 -4.61
C4 CLA MR . -58.08 21.80 -4.81
C5 CLA MR . -56.83 20.24 -3.25
C6 CLA MR . -55.92 21.01 -2.28
C7 CLA MR . -55.54 20.18 -1.05
C8 CLA MR . -55.81 20.79 0.32
C9 CLA MR . -55.19 19.92 1.42
C10 CLA MR . -57.32 21.02 0.51
C11 CLA MR . -57.94 21.02 1.90
C12 CLA MR . -58.53 19.66 2.30
C13 CLA MR . -58.55 19.34 3.80
C14 CLA MR . -57.17 18.95 4.32
C15 CLA MR . -59.59 18.26 4.11
MG CLA NR . -42.06 26.99 3.35
CHA CLA NR . -42.81 24.82 0.80
CHB CLA NR . -39.49 28.11 1.61
CHC CLA NR . -41.16 28.85 6.09
CHD CLA NR . -44.28 25.20 5.46
NA CLA NR . -41.39 26.59 1.56
C1A CLA NR . -41.82 25.72 0.57
C2A CLA NR . -41.09 25.84 -0.73
C3A CLA NR . -39.93 26.74 -0.37
C4A CLA NR . -40.28 27.19 1.03
CMA CLA NR . -38.59 26.03 -0.45
CAA CLA NR . -41.99 26.49 -1.79
CBA CLA NR . -41.40 26.51 -3.21
CGA CLA NR . -41.12 25.15 -3.78
O1A CLA NR . -41.97 24.35 -4.07
O2A CLA NR . -39.81 24.95 -3.93
NB CLA NR . -40.63 28.24 3.77
C1B CLA NR . -39.60 28.67 2.88
C2B CLA NR . -38.80 29.66 3.49
C3B CLA NR . -39.30 29.86 4.77
C4B CLA NR . -40.39 29.00 4.94
CMB CLA NR . -37.63 30.36 2.86
CAB CLA NR . -38.81 30.80 5.77
CBB CLA NR . -38.89 32.09 5.76
NC CLA NR . -42.60 27.04 5.25
C1C CLA NR . -42.14 27.91 6.23
C2C CLA NR . -42.80 27.69 7.52
C3C CLA NR . -43.69 26.68 7.34
C4C CLA NR . -43.58 26.25 5.96
CMC CLA NR . -42.50 28.41 8.80
CAC CLA NR . -44.65 26.11 8.36
CBC CLA NR . -44.10 24.88 9.03
ND CLA NR . -43.23 25.45 3.25
C1D CLA NR . -44.15 24.77 4.16
C2D CLA NR . -44.80 23.71 3.49
C3D CLA NR . -44.33 23.71 2.17
C4D CLA NR . -43.40 24.73 2.08
CMD CLA NR . -45.80 22.78 4.09
CAD CLA NR . -44.41 23.07 0.87
OBD CLA NR . -45.11 22.14 0.52
CBD CLA NR . -43.46 23.75 -0.07
CGD CLA NR . -42.53 22.66 -0.62
O1D CLA NR . -41.48 22.38 -0.14
O2D CLA NR . -43.08 22.04 -1.66
CED CLA NR . -42.49 20.78 -2.04
C1 CLA NR . -39.37 23.71 -4.56
C2 CLA NR . -39.01 22.69 -3.54
C3 CLA NR . -37.82 22.63 -2.94
C4 CLA NR . -36.69 23.58 -3.23
C5 CLA NR . -37.54 21.60 -1.88
C6 CLA NR . -38.05 22.01 -0.51
C7 CLA NR . -37.36 21.32 0.67
C8 CLA NR . -35.89 21.62 0.99
C9 CLA NR . -35.51 21.13 2.38
C10 CLA NR . -35.49 23.09 0.80
C11 CLA NR . -36.28 24.18 1.53
C12 CLA NR . -35.72 24.57 2.90
C13 CLA NR . -36.39 25.78 3.54
C14 CLA NR . -35.36 26.67 4.24
C15 CLA NR . -37.53 25.40 4.50
C16 CLA NR . -38.56 24.41 3.99
C17 CLA NR . -39.69 24.14 4.96
C18 CLA NR . -40.27 22.74 4.91
C19 CLA NR . -40.69 22.33 3.51
C20 CLA NR . -41.42 22.57 5.88
MG CLA OR . -52.04 0.30 12.92
CHA CLA OR . -52.97 -2.69 14.26
CHB CLA OR . -54.81 1.67 14.15
CHC CLA OR . -51.33 3.11 11.10
CHD CLA OR . -49.49 -1.37 11.10
NA CLA OR . -53.47 -0.36 14.05
C1A CLA OR . -53.69 -1.60 14.63
C2A CLA OR . -54.79 -1.63 15.65
C3A CLA OR . -55.53 -0.35 15.35
C4A CLA OR . -54.55 0.38 14.46
CMA CLA OR . -56.89 -0.54 14.69
CAA CLA OR . -54.16 -1.67 17.04
CBA CLA OR . -55.03 -2.37 18.09
CGA CLA OR . -54.42 -2.43 19.46
O1A CLA OR . -55.04 -2.60 20.47
O2A CLA OR . -53.10 -2.27 19.42
NB CLA OR . -52.87 2.04 12.69
C1B CLA OR . -54.06 2.52 13.35
C2B CLA OR . -54.27 3.88 13.06
C3B CLA OR . -53.24 4.29 12.22
C4B CLA OR . -52.41 3.17 11.97
CMB CLA OR . -55.40 4.73 13.57
CAB CLA OR . -52.96 5.64 11.76
CBB CLA OR . -52.98 6.70 12.50
NC CLA OR . -50.74 0.76 11.50
C1C CLA OR . -50.58 2.00 10.88
C2C CLA OR . -49.49 1.98 9.91
C3C CLA OR . -48.96 0.72 9.90
C4C CLA OR . -49.71 -0.05 10.86
CMC CLA OR . -49.00 3.16 9.10
CAC CLA OR . -47.84 0.23 9.02
CBC CLA OR . -46.48 0.54 9.58
ND CLA OR . -51.38 -1.51 12.66
C1D CLA OR . -50.30 -2.13 11.91
C2D CLA OR . -50.23 -3.50 12.21
C3D CLA OR . -51.27 -3.78 13.14
C4D CLA OR . -51.91 -2.57 13.35
CMD CLA OR . -49.25 -4.48 11.65
CAD CLA OR . -51.95 -4.79 13.92
OBD CLA OR . -51.72 -5.99 14.00
CBD CLA OR . -53.06 -4.15 14.67
CGD CLA OR . -54.38 -4.80 14.26
O1D CLA OR . -55.01 -5.57 14.92
O2D CLA OR . -54.74 -4.39 13.04
CED CLA OR . -55.93 -4.98 12.51
MG CLA PR . -46.24 6.56 16.63
CHA CLA PR . -47.95 9.46 17.16
CHB CLA PR . -48.62 5.55 14.54
CHC CLA PR . -44.64 3.53 16.38
CHD CLA PR . -44.31 7.20 19.53
NA CLA PR . -47.91 7.37 16.01
C1A CLA PR . -48.49 8.60 16.27
C2A CLA PR . -49.77 8.85 15.51
C3A CLA PR . -50.06 7.50 14.90
C4A CLA PR . -48.78 6.74 15.16
CMA CLA PR . -51.26 6.78 15.50
CAA CLA PR . -49.59 9.95 14.45
CBA CLA PR . -50.89 10.71 14.21
CGA CLA PR . -50.98 11.43 12.89
O1A CLA PR . -52.00 11.83 12.41
O2A CLA PR . -49.78 11.57 12.33
NB CLA PR . -46.53 4.90 15.63
C1B CLA PR . -47.56 4.68 14.65
C2B CLA PR . -47.32 3.47 13.97
C3B CLA PR . -46.20 2.89 14.53
C4B CLA PR . -45.73 3.74 15.54
CMB CLA PR . -48.11 2.95 12.81
CAB CLA PR . -45.60 1.62 14.15
CBB CLA PR . -46.20 0.50 13.87
NC CLA PR . -44.84 5.61 17.68
C1C CLA PR . -44.27 4.39 17.37
C2C CLA PR . -43.19 4.06 18.32
C3C CLA PR . -43.11 5.08 19.22
C4C CLA PR . -44.12 6.04 18.85
CMC CLA PR . -42.30 2.84 18.30
CAC CLA PR . -42.14 5.22 20.36
CBC CLA PR . -42.77 4.93 21.71
ND CLA PR . -46.11 7.92 17.99
C1D CLA PR . -45.24 8.15 19.15
C2D CLA PR . -45.53 9.40 19.72
C3D CLA PR . -46.55 9.99 18.95
C4D CLA PR . -46.86 9.07 17.96
CMD CLA PR . -44.83 10.00 20.90
CAD CLA PR . -47.37 11.16 18.72
OBD CLA PR . -47.35 12.24 19.28
CBD CLA PR . -48.32 10.89 17.60
CGD CLA PR . -49.75 11.02 18.12
O1D CLA PR . -50.22 10.36 18.99
O2D CLA PR . -50.40 11.99 17.48
CED CLA PR . -51.75 12.24 17.92
C1 CLA PR . -49.76 12.17 11.01
C2 CLA PR . -48.51 11.69 10.35
C3 CLA PR . -47.70 12.43 9.60
C4 CLA PR . -47.93 13.89 9.29
C5 CLA PR . -46.44 11.84 9.02
C6 CLA PR . -46.54 11.53 7.55
C7 CLA PR . -45.63 12.40 6.69
C8 CLA PR . -45.87 12.30 5.19
C9 CLA PR . -45.34 10.98 4.64
C10 CLA PR . -45.27 13.51 4.46
C11 CLA PR . -45.48 13.61 2.95
C12 CLA PR . -46.95 13.70 2.53
C13 CLA PR . -47.68 12.41 2.12
C14 CLA PR . -47.03 11.74 0.91
C15 CLA PR . -49.16 12.69 1.86
MG CLA QR . -12.50 33.93 1.76
CHA CLA QR . -13.72 33.67 4.95
CHB CLA QR . -15.46 33.04 0.55
CHC CLA QR . -11.04 33.54 -1.32
CHD CLA QR . -9.23 34.30 3.10
NA CLA QR . -14.21 33.50 2.60
C1A CLA QR . -14.60 33.48 3.95
C2A CLA QR . -16.06 33.18 4.15
C3A CLA QR . -16.54 32.84 2.76
C4A CLA QR . -15.34 33.14 1.90
CMA CLA QR . -17.00 31.40 2.63
CAA CLA QR . -16.81 34.38 4.76
CBA CLA QR . -16.74 35.71 4.01
CGA CLA QR . -16.28 36.86 4.83
O1A CLA QR . -15.18 36.97 5.31
O2A CLA QR . -17.21 37.82 4.91
NB CLA QR . -13.12 33.48 -0.04
C1B CLA QR . -14.48 33.25 -0.41
C2B CLA QR . -14.60 33.18 -1.82
C3B CLA QR . -13.31 33.32 -2.34
C4B CLA QR . -12.42 33.48 -1.27
CMB CLA QR . -15.87 33.00 -2.60
CAB CLA QR . -12.96 33.40 -3.77
CBB CLA QR . -12.06 32.74 -4.44
NC CLA QR . -10.64 33.93 1.08
C1C CLA QR . -10.23 33.74 -0.24
C2C CLA QR . -8.77 33.85 -0.38
C3C CLA QR . -8.27 34.14 0.85
C4C CLA QR . -9.39 34.17 1.76
CMC CLA QR . -7.98 33.61 -1.63
CAC CLA QR . -6.85 34.48 1.21
CBC CLA QR . -6.14 33.36 1.90
ND CLA QR . -11.64 33.96 3.50
C1D CLA QR . -10.28 34.18 3.99
C2D CLA QR . -10.28 34.23 5.40
C3D CLA QR . -11.61 34.03 5.83
C4D CLA QR . -12.36 33.87 4.67
CMD CLA QR . -9.08 34.49 6.26
CAD CLA QR . -12.50 33.88 6.95
OBD CLA QR . -12.23 33.92 8.14
CBD CLA QR . -13.87 33.66 6.48
CGD CLA QR . -14.38 32.35 7.05
O1D CLA QR . -14.51 31.33 6.43
O2D CLA QR . -14.63 32.46 8.35
CED CLA QR . -15.00 31.24 9.03
C1 CLA QR . -16.74 39.18 5.07
C2 CLA QR . -16.30 39.46 6.47
C3 CLA QR . -15.81 40.64 6.83
C4 CLA QR . -15.37 40.97 8.22
C5 CLA QR . -15.69 41.77 5.82
MG CLA RR . -54.58 19.50 14.90
CHA CLA RR . -55.27 16.73 16.79
CHB CLA RR . -51.52 18.35 14.39
CHC CLA RR . -53.73 22.57 13.63
CHD CLA RR . -57.62 20.93 15.98
NA CLA RR . -53.67 17.86 15.42
C1A CLA RR . -54.09 16.74 16.14
C2A CLA RR . -53.11 15.60 16.15
C3A CLA RR . -51.86 16.26 15.65
C4A CLA RR . -52.36 17.58 15.11
CMA CLA RR . -50.79 16.46 16.71
CAA CLA RR . -53.60 14.45 15.25
CBA CLA RR . -53.90 14.75 13.78
CGA CLA RR . -55.34 15.01 13.47
O1A CLA RR . -56.07 14.25 12.90
O2A CLA RR . -55.70 16.26 13.81
NB CLA RR . -52.99 20.28 14.10
C1B CLA RR . -51.76 19.59 13.82
C2B CLA RR . -50.90 20.40 13.04
C3B CLA RR . -51.56 21.61 12.85
C4B CLA RR . -52.81 21.55 13.50
CMB CLA RR . -49.57 20.02 12.49
CAB CLA RR . -51.08 22.76 12.07
CBB CLA RR . -50.70 22.77 10.82
NC CLA RR . -55.46 21.27 14.80
C1C CLA RR . -54.94 22.43 14.24
C2C CLA RR . -55.90 23.54 14.29
C3C CLA RR . -57.04 23.04 14.86
C4C CLA RR . -56.77 21.67 15.22
CMC CLA RR . -55.66 24.97 13.90
CAC CLA RR . -58.38 23.71 14.97
CBC CLA RR . -58.65 24.25 16.34
ND CLA RR . -56.06 19.03 16.07
C1D CLA RR . -57.33 19.66 16.44
C2D CLA RR . -58.08 18.79 17.24
C3D CLA RR . -57.32 17.61 17.40
C4D CLA RR . -56.15 17.81 16.70
CMD CLA RR . -59.44 19.07 17.79
CAD CLA RR . -57.27 16.27 17.98
OBD CLA RR . -58.12 15.68 18.61
CBD CLA RR . -55.94 15.67 17.68
CGD CLA RR . -55.16 15.44 18.95
O1D CLA RR . -54.99 16.26 19.82
O2D CLA RR . -54.65 14.21 19.00
CED CLA RR . -53.86 13.88 20.17
C1 CLA RR . -56.22 17.10 12.76
C2 CLA RR . -57.48 17.77 13.20
C3 CLA RR . -57.93 18.94 12.73
C4 CLA RR . -59.21 19.56 13.22
C5 CLA RR . -57.14 19.71 11.69
C6 CLA RR . -57.77 21.02 11.21
C7 CLA RR . -57.02 21.62 10.03
C8 CLA RR . -55.55 22.03 10.15
C9 CLA RR . -55.45 23.45 10.70
C10 CLA RR . -54.86 21.89 8.79
C11 CLA RR . -53.39 22.26 8.67
C12 CLA RR . -52.89 22.22 7.23
C13 CLA RR . -51.48 22.75 6.96
C14 CLA RR . -51.34 24.22 7.33
C15 CLA RR . -51.06 22.50 5.51
C16 CLA RR . -50.79 21.06 5.10
C17 CLA RR . -49.76 20.98 3.96
C18 CLA RR . -49.63 19.64 3.27
C19 CLA RR . -48.56 19.70 2.19
C20 CLA RR . -49.34 18.50 4.24
MG CLA SR . -50.89 42.86 20.21
CHA CLA SR . -52.42 40.87 22.51
CHB CLA SR . -49.11 40.26 19.17
CHC CLA SR . -49.19 44.99 18.12
CHD CLA SR . -51.98 45.71 22.02
NA CLA SR . -50.86 40.99 20.70
C1A CLA SR . -51.61 40.26 21.62
C2A CLA SR . -51.39 38.77 21.57
C3A CLA SR . -50.17 38.67 20.70
C4A CLA SR . -50.02 40.06 20.14
CMA CLA SR . -48.93 38.21 21.46
CAA CLA SR . -52.61 38.05 20.98
CBA CLA SR . -53.22 38.63 19.70
CGA CLA SR . -54.46 39.43 19.94
O1A CLA SR . -54.57 40.60 19.71
O2A CLA SR . -55.43 38.67 20.45
NB CLA SR . -49.45 42.67 18.90
C1B CLA SR . -48.81 41.44 18.51
C2B CLA SR . -47.91 41.67 17.45
C3B CLA SR . -47.96 43.02 17.16
C4B CLA SR . -48.88 43.64 18.03
CMB CLA SR . -47.07 40.64 16.77
CAB CLA SR . -47.22 43.73 16.10
CBB CLA SR . -45.97 43.60 15.77
NC CLA SR . -50.66 44.83 20.08
C1C CLA SR . -49.97 45.52 19.10
C2C CLA SR . -50.05 46.97 19.30
C3C CLA SR . -50.77 47.18 20.45
C4C CLA SR . -51.17 45.89 20.94
CMC CLA SR . -49.50 48.05 18.41
CAC CLA SR . -51.05 48.49 21.12
CBC CLA SR . -52.37 49.08 20.71
ND CLA SR . -51.92 43.26 21.80
C1D CLA SR . -52.39 44.47 22.46
C2D CLA SR . -53.23 44.14 23.54
C3D CLA SR . -53.31 42.72 23.58
C4D CLA SR . -52.51 42.27 22.55
CMD CLA SR . -53.91 45.11 24.45
CAD CLA SR . -53.89 41.56 24.23
OBD CLA SR . -54.71 41.51 25.14
CBD CLA SR . -53.33 40.32 23.61
CGD CLA SR . -52.59 39.51 24.67
O1D CLA SR . -53.04 38.57 25.25
O2D CLA SR . -51.36 39.98 24.86
CED CLA SR . -50.56 39.30 25.85
MG CLA TR . -48.93 54.49 22.01
CHA CLA TR . -51.12 55.93 24.22
CHB CLA TR . -51.49 53.11 20.42
CHC CLA TR . -46.67 52.81 20.06
CHD CLA TR . -46.28 55.20 24.25
NA CLA TR . -50.86 54.58 22.25
C1A CLA TR . -51.65 55.29 23.16
C2A CLA TR . -53.12 55.23 22.86
C3A CLA TR . -53.20 54.05 21.91
C4A CLA TR . -51.76 53.88 21.49
CMA CLA TR . -53.74 52.78 22.56
CAA CLA TR . -53.61 56.56 22.25
CBA CLA TR . -53.06 57.03 20.91
CGA CLA TR . -51.92 57.98 21.04
O1A CLA TR . -51.00 57.84 21.79
O2A CLA TR . -52.04 59.01 20.21
NB CLA TR . -49.05 53.25 20.52
C1B CLA TR . -50.25 52.81 19.87
C2B CLA TR . -49.95 52.05 18.73
C3B CLA TR . -48.56 51.96 18.65
C4B CLA TR . -48.01 52.67 19.74
CMB CLA TR . -50.94 51.51 17.74
CAB CLA TR . -47.76 51.25 17.65
CBB CLA TR . -47.84 51.36 16.35
NC CLA TR . -46.98 54.14 22.11
C1C CLA TR . -46.21 53.49 21.15
C2C CLA TR . -44.78 53.54 21.48
C3C CLA TR . -44.68 54.21 22.67
C4C CLA TR . -46.01 54.56 23.09
CMC CLA TR . -43.65 53.00 20.66
CAC CLA TR . -43.42 54.59 23.41
CBC CLA TR . -43.09 56.05 23.30
ND CLA TR . -48.69 55.31 23.77
C1D CLA TR . -47.55 55.59 24.63
C2D CLA TR . -47.98 56.26 25.79
C3D CLA TR . -49.37 56.46 25.67
C4D CLA TR . -49.74 55.87 24.46
CMD CLA TR . -47.11 56.71 26.93
CAD CLA TR . -50.58 57.01 26.26
OBD CLA TR . -50.70 57.61 27.31
CBD CLA TR . -51.74 56.74 25.36
CGD CLA TR . -52.80 55.99 26.14
O1D CLA TR . -53.80 56.48 26.60
O2D CLA TR . -52.50 54.71 26.24
CED CLA TR . -53.47 53.87 26.91
MG CLA UR . -37.27 41.39 16.13
CHA CLA UR . -38.54 39.82 18.89
CHB CLA UR . -34.29 41.49 17.57
CHC CLA UR . -36.19 43.39 13.57
CHD CLA UR . -40.58 41.99 15.04
NA CLA UR . -36.60 40.75 17.83
C1A CLA UR . -37.20 40.04 18.86
C2A CLA UR . -36.27 39.55 19.93
C3A CLA UR . -35.02 40.43 19.65
C4A CLA UR . -35.31 40.92 18.26
CMA CLA UR . -34.85 41.58 20.63
CAA CLA UR . -36.16 38.02 19.73
CBA CLA UR . -34.82 37.40 19.41
CGA CLA UR . -34.33 37.68 18.02
O1A CLA UR . -35.00 37.60 17.04
O2A CLA UR . -33.04 38.01 18.02
NB CLA UR . -35.57 42.21 15.63
C1B CLA UR . -34.33 42.01 16.30
C2B CLA UR . -33.27 42.52 15.54
C3B CLA UR . -33.83 43.08 14.39
C4B CLA UR . -35.22 42.92 14.45
CMB CLA UR . -31.82 42.46 15.89
CAB CLA UR . -33.13 43.70 13.26
CBB CLA UR . -32.02 44.37 13.27
NC CLA UR . -38.15 42.42 14.68
C1C CLA UR . -37.52 43.17 13.69
C2C CLA UR . -38.48 43.77 12.77
C3C CLA UR . -39.73 43.41 13.21
C4C CLA UR . -39.55 42.58 14.37
CMC CLA UR . -38.19 44.58 11.55
CAC CLA UR . -41.06 43.80 12.63
CBC CLA UR . -41.62 42.77 11.69
ND CLA UR . -39.08 41.04 16.73
C1D CLA UR . -40.41 41.24 16.18
C2D CLA UR . -41.37 40.58 16.97
C3D CLA UR . -40.68 39.97 18.04
C4D CLA UR . -39.35 40.30 17.86
CMD CLA UR . -42.84 40.52 16.69
CAD CLA UR . -40.76 39.11 19.21
OBD CLA UR . -41.71 38.47 19.62
CBD CLA UR . -39.42 39.09 19.89
CGD CLA UR . -39.52 39.84 21.22
O1D CLA UR . -39.62 41.03 21.33
O2D CLA UR . -39.44 39.00 22.24
CED CLA UR . -39.51 39.59 23.56
C1 CLA UR . -32.29 37.76 16.79
C2 CLA UR . -32.60 38.74 15.71
C3 CLA UR . -31.77 39.10 14.73
C4 CLA UR . -30.33 38.65 14.65
C5 CLA UR . -32.25 39.90 13.56
C6 CLA UR . -32.33 39.10 12.27
C7 CLA UR . -32.94 39.86 11.10
C8 CLA UR . -32.25 41.15 10.63
C9 CLA UR . -33.04 41.80 9.50
C10 CLA UR . -30.79 40.91 10.24
C11 CLA UR . -30.08 42.14 9.69
C12 CLA UR . -28.58 42.12 9.94
C13 CLA UR . -27.81 43.32 9.38
C14 CLA UR . -27.87 43.36 7.86
C15 CLA UR . -26.38 43.36 9.93
C16 CLA UR . -26.22 44.09 11.26
C17 CLA UR . -25.58 45.46 11.11
C18 CLA UR . -25.65 46.38 12.33
C19 CLA UR . -24.92 45.80 13.52
C20 CLA UR . -25.12 47.76 12.01
MG CLA VR . -46.23 43.58 -0.38
CHA CLA VR . -45.88 40.20 -0.73
CHB CLA VR . -46.65 43.18 2.88
CHC CLA VR . -47.04 46.90 -0.20
CHD CLA VR . -46.36 43.88 -3.93
NA CLA VR . -46.17 42.02 0.79
C1A CLA VR . -45.94 40.68 0.53
C2A CLA VR . -45.79 39.81 1.77
C3A CLA VR . -46.17 40.77 2.90
C4A CLA VR . -46.36 42.08 2.16
CMA CLA VR . -47.38 40.34 3.71
CAA CLA VR . -44.34 39.32 1.89
CBA CLA VR . -44.19 38.04 2.70
CGA CLA VR . -44.26 38.27 4.18
O1A CLA VR . -45.27 38.17 4.84
O2A CLA VR . -43.09 38.63 4.67
NB CLA VR . -46.75 44.80 1.04
C1B CLA VR . -46.85 44.48 2.45
C2B CLA VR . -47.14 45.63 3.19
C3B CLA VR . -47.25 46.68 2.29
C4B CLA VR . -47.03 46.19 0.99
CMB CLA VR . -47.26 45.72 4.68
CAB CLA VR . -47.53 48.09 2.59
CBB CLA VR . -47.06 48.79 3.58
NC CLA VR . -46.57 45.03 -1.71
C1C CLA VR . -46.85 46.36 -1.44
C2C CLA VR . -46.98 47.15 -2.66
C3C CLA VR . -46.80 46.31 -3.73
C4C CLA VR . -46.55 45.00 -3.16
CMC CLA VR . -47.21 48.63 -2.78
CAC CLA VR . -46.87 46.69 -5.19
CBC CLA VR . -45.73 47.58 -5.62
ND CLA VR . -46.21 42.42 -1.94
C1D CLA VR . -46.25 42.62 -3.39
C2D CLA VR . -46.08 41.38 -4.04
C3D CLA VR . -45.96 40.39 -3.04
C4D CLA VR . -46.02 41.06 -1.83
CMD CLA VR . -46.04 41.18 -5.52
CAD CLA VR . -45.83 38.98 -2.76
OBD CLA VR . -45.84 38.04 -3.54
CBD CLA VR . -45.69 38.79 -1.29
CGD CLA VR . -46.72 37.81 -0.76
O1D CLA VR . -46.52 36.97 0.07
O2D CLA VR . -47.91 38.03 -1.32
CED CLA VR . -49.02 37.29 -0.76
C1 CLA VR . -43.07 39.06 6.07
C2 CLA VR . -41.87 39.91 6.27
C3 CLA VR . -41.66 40.63 7.35
C4 CLA VR . -42.60 40.68 8.53
C5 CLA VR . -40.43 41.52 7.46
C6 CLA VR . -39.51 41.15 8.62
C7 CLA VR . -38.93 39.74 8.54
C8 CLA VR . -37.42 39.60 8.70
C9 CLA VR . -36.98 38.14 8.57
C10 CLA VR . -36.87 40.26 9.97
C11 CLA VR . -37.62 40.15 11.30
C12 CLA VR . -37.70 38.74 11.88
C13 CLA VR . -38.00 38.69 13.39
C14 CLA VR . -36.72 38.87 14.20
C15 CLA VR . -38.74 37.40 13.77
C16 CLA VR . -39.17 37.26 15.23
C17 CLA VR . -40.10 36.08 15.47
MG CLA WR . -44.83 59.03 3.83
CHA CLA WR . -44.11 59.08 0.49
CHB CLA WR . -44.18 62.28 4.02
CHC CLA WR . -44.98 58.78 7.26
CHD CLA WR . -44.87 55.48 3.71
NA CLA WR . -44.33 60.36 2.51
C1A CLA WR . -44.13 60.28 1.13
C2A CLA WR . -43.87 61.59 0.45
C3A CLA WR . -43.77 62.55 1.61
C4A CLA WR . -44.11 61.69 2.80
CMA CLA WR . -42.40 63.19 1.71
CAA CLA WR . -44.93 61.98 -0.60
CBA CLA WR . -46.35 61.40 -0.51
CGA CLA WR . -47.20 61.84 0.64
O1A CLA WR . -46.84 61.91 1.78
O2A CLA WR . -48.46 62.02 0.24
NB CLA WR . -44.66 60.27 5.33
C1B CLA WR . -44.45 61.69 5.24
C2B CLA WR . -44.47 62.28 6.51
C3B CLA WR . -44.68 61.26 7.43
C4B CLA WR . -44.80 60.05 6.73
CMB CLA WR . -44.30 63.74 6.82
CAB CLA WR . -44.79 61.39 8.89
CBB CLA WR . -45.85 61.60 9.60
NC CLA WR . -44.95 57.54 5.14
C1C CLA WR . -45.04 57.64 6.52
C2C CLA WR . -45.15 56.32 7.16
C3C CLA WR . -45.12 55.38 6.17
C4C CLA WR . -44.99 56.11 4.91
CMC CLA WR . -45.31 56.04 8.63
CAC CLA WR . -45.20 53.89 6.32
CBC CLA WR . -46.62 53.37 6.29
ND CLA WR . -44.54 57.62 2.53
C1D CLA WR . -44.60 56.16 2.54
C2D CLA WR . -44.41 55.66 1.24
C3D CLA WR . -44.21 56.77 0.39
C4D CLA WR . -44.30 57.89 1.19
CMD CLA WR . -44.42 54.21 0.85
CAD CLA WR . -43.95 57.22 -0.97
OBD CLA WR . -43.79 56.55 -1.98
CBD CLA WR . -43.90 58.71 -0.99
CGD CLA WR . -42.56 59.20 -1.55
O1D CLA WR . -42.41 60.19 -2.19
O2D CLA WR . -41.58 58.35 -1.23
CED CLA WR . -40.26 58.71 -1.69
C1 CLA WR . -49.46 61.22 0.92
C2 CLA WR . -50.71 61.98 1.22
C3 CLA WR . -51.41 62.62 0.30
C4 CLA WR . -51.00 62.74 -1.15
C5 CLA WR . -52.74 63.26 0.65
C6 CLA WR . -53.94 62.47 0.11
C7 CLA WR . -55.27 63.10 0.48
C8 CLA WR . -55.58 63.31 1.97
C9 CLA WR . -55.37 62.03 2.77
C10 CLA WR . -56.99 63.85 2.17
MG CLA XR . -33.65 57.44 21.59
CHA CLA XR . -31.84 57.50 24.50
CHB CLA XR . -36.42 57.82 23.37
CHC CLA XR . -35.41 56.96 18.71
CHD CLA XR . -30.72 56.37 19.87
NA CLA XR . -33.98 57.75 23.47
C1A CLA XR . -33.13 57.93 24.53
C2A CLA XR . -33.78 58.56 25.73
C3A CLA XR . -35.22 58.14 25.49
C4A CLA XR . -35.23 57.88 24.01
CMA CLA XR . -35.68 56.94 26.30
CAA CLA XR . -33.56 60.08 25.69
CBA CLA XR . -33.44 60.74 24.31
CGA CLA XR . -33.66 62.22 24.33
O1A CLA XR . -33.81 62.88 25.32
O2A CLA XR . -33.73 62.70 23.09
NB CLA XR . -35.54 57.38 21.12
C1B CLA XR . -36.64 57.62 22.02
C2B CLA XR . -37.85 57.63 21.31
C3B CLA XR . -37.53 57.40 19.96
C4B CLA XR . -36.14 57.23 19.85
CMB CLA XR . -39.21 57.89 21.88
CAB CLA XR . -38.46 57.38 18.82
CBB CLA XR . -39.37 58.26 18.52
NC CLA XR . -33.18 56.85 19.76
C1C CLA XR . -34.05 56.78 18.67
C2C CLA XR . -33.33 56.46 17.44
C3C CLA XR . -32.01 56.33 17.76
C4C CLA XR . -31.90 56.53 19.19
CMC CLA XR . -33.90 56.35 16.05
CAC CLA XR . -30.87 56.09 16.82
CBC CLA XR . -30.49 54.64 16.69
ND CLA XR . -31.80 56.99 22.01
C1D CLA XR . -30.63 56.56 21.24
C2D CLA XR . -29.51 56.44 22.09
C3D CLA XR . -29.94 56.79 23.39
C4D CLA XR . -31.28 57.10 23.28
CMD CLA XR . -28.14 56.02 21.68
CAD CLA XR . -29.56 56.97 24.79
OBD CLA XR . -28.46 56.83 25.31
CBD CLA XR . -30.76 57.41 25.58
CGD CLA XR . -31.12 56.40 26.66
O1D CLA XR . -32.23 55.99 26.87
O2D CLA XR . -30.05 56.03 27.34
CED CLA XR . -30.28 55.18 28.49
C1 CLA XR . -34.32 64.02 22.95
C2 CLA XR . -34.22 64.41 21.51
C3 CLA XR . -35.14 65.07 20.81
C4 CLA XR . -36.45 65.55 21.36
C5 CLA XR . -34.91 65.39 19.35
C6 CLA XR . -34.48 64.19 18.49
C7 CLA XR . -34.46 64.53 17.01
C8 CLA XR . -33.66 63.61 16.08
C9 CLA XR . -32.16 63.81 16.24
C10 CLA XR . -34.12 63.83 14.62
C11 CLA XR . -33.37 63.12 13.50
C12 CLA XR . -33.48 61.61 13.54
C13 CLA XR . -32.62 60.82 12.55
C14 CLA XR . -32.75 61.34 11.13
C15 CLA XR . -32.94 59.33 12.63
C16 CLA XR . -31.80 58.35 12.35
C17 CLA XR . -30.78 58.25 13.48
C18 CLA XR . -29.51 59.09 13.34
C19 CLA XR . -29.31 59.98 14.55
C20 CLA XR . -28.30 58.20 13.13
MG CLA YR . -33.33 43.30 -3.62
CHA CLA YR . -36.13 42.75 -1.71
CHB CLA YR . -31.47 41.80 -1.34
CHC CLA YR . -30.54 44.45 -5.27
CHD CLA YR . -35.28 45.33 -5.79
NA CLA YR . -33.76 42.41 -1.93
C1A CLA YR . -34.98 42.20 -1.26
C2A CLA YR . -34.85 41.37 -0.01
C3A CLA YR . -33.39 40.97 -0.01
C4A CLA YR . -32.81 41.79 -1.13
CMA CLA YR . -32.75 41.07 1.38
CAA CLA YR . -35.74 40.10 -0.05
CBA CLA YR . -35.56 39.15 1.14
CGA CLA YR . -35.74 39.83 2.46
O1A CLA YR . -36.45 40.78 2.66
O2A CLA YR . -35.00 39.25 3.41
NB CLA YR . -31.40 43.18 -3.35
C1B CLA YR . -30.74 42.48 -2.29
C2B CLA YR . -29.35 42.58 -2.42
C3B CLA YR . -29.10 43.34 -3.56
C4B CLA YR . -30.33 43.71 -4.12
CMB CLA YR . -28.33 41.97 -1.51
CAB CLA YR . -27.79 43.70 -4.12
CBB CLA YR . -26.74 42.94 -4.25
NC CLA YR . -33.00 44.51 -5.16
C1C CLA YR . -31.77 44.84 -5.72
C2C CLA YR . -31.91 45.73 -6.88
C3C CLA YR . -33.25 45.97 -7.05
C4C CLA YR . -33.93 45.25 -5.99
CMC CLA YR . -30.79 46.28 -7.72
CAC CLA YR . -33.90 46.81 -8.13
CBC CLA YR . -34.09 46.04 -9.41
ND CLA YR . -35.15 43.94 -3.75
C1D CLA YR . -35.89 44.79 -4.69
C2D CLA YR . -37.25 44.85 -4.32
C3D CLA YR . -37.39 44.09 -3.14
C4D CLA YR . -36.13 43.57 -2.86
CMD CLA YR . -38.33 45.58 -5.05
CAD CLA YR . -38.29 43.69 -2.08
OBD CLA YR . -39.43 44.03 -1.88
CBD CLA YR . -37.57 42.72 -1.20
CGD CLA YR . -37.67 43.13 0.27
O1D CLA YR . -38.05 42.42 1.15
O2D CLA YR . -37.23 44.37 0.46
CED CLA YR . -37.18 44.83 1.83
C1 CLA YR . -35.13 39.76 4.77
C2 CLA YR . -34.17 40.88 5.00
C3 CLA YR . -32.88 40.68 5.21
C4 CLA YR . -32.23 39.32 5.21
C5 CLA YR . -31.96 41.83 5.54
C6 CLA YR . -31.22 42.39 4.33
C7 CLA YR . -30.06 43.29 4.73
C8 CLA YR . -29.39 44.15 3.65
C9 CLA YR . -28.94 43.32 2.45
C10 CLA YR . -28.23 44.92 4.26
C11 CLA YR . -28.20 46.44 4.12
C12 CLA YR . -29.35 47.17 4.81
C13 CLA YR . -29.15 47.79 6.19
C14 CLA YR . -28.23 49.00 6.13
C15 CLA YR . -28.67 46.77 7.23
C16 CLA YR . -28.36 47.29 8.63
C17 CLA YR . -29.48 48.09 9.27
C18 CLA YR . -30.83 47.42 9.43
C19 CLA YR . -31.74 48.27 10.28
C20 CLA YR . -30.76 46.01 9.98
MG CLA ZR . -21.24 31.85 5.11
CHA CLA ZR . -21.58 32.74 8.41
CHB CLA ZR . -20.43 34.99 4.41
CHC CLA ZR . -21.20 30.98 1.81
CHD CLA ZR . -23.06 28.89 5.77
NA CLA ZR . -20.99 33.43 6.19
C1A CLA ZR . -21.01 33.63 7.57
C2A CLA ZR . -20.39 34.93 7.96
C3A CLA ZR . -20.71 35.75 6.75
C4A CLA ZR . -20.72 34.68 5.69
CMA CLA ZR . -22.03 36.51 6.83
CAA CLA ZR . -18.88 34.67 8.14
CBA CLA ZR . -18.08 35.82 8.75
CGA CLA ZR . -16.75 35.38 9.25
O1A CLA ZR . -16.53 34.32 9.78
O2A CLA ZR . -15.81 36.31 9.05
NB CLA ZR . -20.84 32.78 3.44
C1B CLA ZR . -20.39 34.14 3.31
C2B CLA ZR . -20.04 34.41 1.97
C3B CLA ZR . -20.31 33.25 1.24
C4B CLA ZR . -20.80 32.27 2.12
CMB CLA ZR . -19.39 35.65 1.45
CAB CLA ZR . -20.18 33.07 -0.21
CBB CLA ZR . -19.22 33.50 -0.99
NC CLA ZR . -21.92 30.33 4.07
C1C CLA ZR . -21.75 30.12 2.71
C2C CLA ZR . -22.33 28.84 2.27
C3C CLA ZR . -22.91 28.28 3.37
C4C CLA ZR . -22.66 29.16 4.49
CMC CLA ZR . -22.29 28.24 0.90
CAC CLA ZR . -23.66 26.98 3.45
CBC CLA ZR . -22.82 25.86 3.98
ND CLA ZR . -22.11 30.99 6.62
C1D CLA ZR . -22.82 29.73 6.83
C2D CLA ZR . -23.15 29.59 8.19
C3D CLA ZR . -22.65 30.72 8.87
C4D CLA ZR . -22.07 31.52 7.89
CMD CLA ZR . -23.88 28.42 8.79
CAD CLA ZR . -22.49 31.40 10.15
OBD CLA ZR . -22.83 31.02 11.26
CBD CLA ZR . -21.80 32.71 9.93
CGD CLA ZR . -22.66 33.83 10.51
O1D CLA ZR . -22.60 34.23 11.63
O2D CLA ZR . -23.52 34.30 9.59
CED CLA ZR . -24.34 35.40 10.02
C1 CLA ZR . -14.45 35.94 9.45
C2 CLA ZR . -13.48 36.89 8.87
C3 CLA ZR . -13.13 38.05 9.41
C4 CLA ZR . -13.66 38.57 10.71
C5 CLA ZR . -12.15 38.96 8.70
C6 CLA ZR . -10.72 38.43 8.69
C7 CLA ZR . -9.78 39.28 7.84
C8 CLA ZR . -8.28 39.02 7.97
C9 CLA ZR . -7.73 39.55 9.30
C10 CLA ZR . -7.51 39.59 6.79
C11 CLA ZR . -7.43 38.67 5.58
C12 CLA ZR . -6.95 39.38 4.30
C13 CLA ZR . -6.72 38.45 3.12
C14 CLA ZR . -5.24 38.08 2.99
C15 CLA ZR . -7.27 39.02 1.82
C16 CLA ZR . -6.56 40.23 1.23
C17 CLA ZR . -7.30 40.82 0.02
C18 CLA ZR . -6.58 41.93 -0.72
C19 CLA ZR . -5.45 41.40 -1.60
MG CLA AS . -49.77 52.92 -0.49
CHA CLA AS . -49.86 51.82 -3.73
CHB CLA AS . -48.26 55.70 -1.51
CHC CLA AS . -49.35 53.78 2.80
CHD CLA AS . -50.50 49.61 0.60
NA CLA AS . -49.28 53.60 -2.24
C1A CLA AS . -49.47 53.10 -3.51
C2A CLA AS . -49.17 54.08 -4.62
C3A CLA AS . -48.29 55.07 -3.90
C4A CLA AS . -48.62 54.79 -2.45
CMA CLA AS . -46.79 54.91 -4.20
CAA CLA AS . -50.49 54.66 -5.16
CBA CLA AS . -51.31 55.61 -4.27
CGA CLA AS . -52.03 54.94 -3.14
O1A CLA AS . -52.91 54.13 -3.26
O2A CLA AS . -51.58 55.38 -1.96
NB CLA AS . -49.01 54.44 0.45
C1B CLA AS . -48.45 55.62 -0.14
C2B CLA AS . -48.11 56.57 0.85
C3B CLA AS . -48.41 55.99 2.08
C4B CLA AS . -48.95 54.71 1.85
CMB CLA AS . -47.55 57.94 0.61
CAB CLA AS . -48.22 56.58 3.41
CBB CLA AS . -48.55 57.77 3.82
NC CLA AS . -49.92 51.96 1.24
C1C CLA AS . -49.75 52.51 2.51
C2C CLA AS . -49.99 51.53 3.56
C3C CLA AS . -50.28 50.33 2.95
C4C CLA AS . -50.25 50.58 1.53
CMC CLA AS . -49.94 51.77 5.04
CAC CLA AS . -50.55 49.02 3.64
CBC CLA AS . -51.97 48.88 4.09
ND CLA AS . -50.10 51.16 -1.27
C1D CLA AS . -50.42 49.84 -0.76
C2D CLA AS . -50.64 48.96 -1.84
C3D CLA AS . -50.46 49.68 -3.03
C4D CLA AS . -50.13 50.97 -2.64
CMD CLA AS . -51.01 47.51 -1.71
CAD CLA AS . -50.47 49.66 -4.48
OBD CLA AS . -50.74 48.73 -5.23
CBD CLA AS . -50.09 51.00 -5.01
CGD CLA AS . -48.85 50.86 -5.88
O1D CLA AS . -47.72 50.96 -5.49
O2D CLA AS . -49.18 50.60 -7.14
CED CLA AS . -48.08 50.41 -8.05
C1 CLA AS . -52.28 54.85 -0.81
C2 CLA AS . -51.93 55.56 0.45
C3 CLA AS . -52.39 55.15 1.62
C4 CLA AS . -53.24 53.93 1.79
C5 CLA AS . -52.11 55.92 2.89
C6 CLA AS . -53.35 56.58 3.47
C7 CLA AS . -53.07 57.36 4.74
C8 CLA AS . -53.23 58.88 4.63
C9 CLA AS . -52.20 59.49 3.69
C10 CLA AS . -53.18 59.54 6.01
MG CLA BS . -36.90 21.32 12.85
CHA CLA BS . -39.76 22.47 14.29
CHB CLA BS . -35.42 21.27 15.82
CHC CLA BS . -33.90 20.70 11.29
CHD CLA BS . -38.24 22.11 9.67
NA CLA BS . -37.50 21.77 14.64
C1A CLA BS . -38.74 22.16 15.12
C2A CLA BS . -38.85 22.13 16.61
C3A CLA BS . -37.38 22.23 17.00
C4A CLA BS . -36.69 21.73 15.76
CMA CLA BS . -36.92 23.65 17.33
CAA CLA BS . -39.57 20.80 16.88
CBA CLA BS . -39.28 20.04 18.16
CGA CLA BS . -38.13 19.09 18.04
O1A CLA BS . -37.10 19.18 18.65
O2A CLA BS . -38.37 18.14 17.14
NB CLA BS . -35.06 20.95 13.43
C1B CLA BS . -34.63 20.80 14.80
C2B CLA BS . -33.33 20.27 14.84
C3B CLA BS . -32.90 20.13 13.52
C4B CLA BS . -33.93 20.57 12.67
CMB CLA BS . -32.58 19.89 16.07
CAB CLA BS . -31.62 19.61 13.05
CBB CLA BS . -31.29 18.37 12.84
NC CLA BS . -36.24 21.39 10.98
C1C CLA BS . -34.96 21.07 10.52
C2C CLA BS . -34.85 21.24 9.07
C3C CLA BS . -36.07 21.67 8.62
C4C CLA BS . -36.94 21.76 9.76
CMC CLA BS . -33.65 20.95 8.21
CAC CLA BS . -36.44 22.02 7.20
CBC CLA BS . -37.09 20.87 6.46
ND CLA BS . -38.52 22.09 12.10
C1D CLA BS . -39.06 22.29 10.77
C2D CLA BS . -40.41 22.65 10.85
C3D CLA BS . -40.75 22.75 12.22
C4D CLA BS . -39.59 22.42 12.91
CMD CLA BS . -41.34 22.83 9.68
CAD CLA BS . -41.77 23.08 13.19
OBD CLA BS . -42.92 23.44 13.01
CBD CLA BS . -41.21 22.90 14.57
CGD CLA BS . -41.34 24.18 15.38
O1D CLA BS . -40.54 25.07 15.37
O2D CLA BS . -42.46 24.18 16.10
CED CLA BS . -42.72 25.36 16.88
C1 CLA BS . -37.31 17.21 16.78
C2 CLA BS . -36.78 17.60 15.44
C3 CLA BS . -36.43 16.76 14.47
C4 CLA BS . -36.56 15.27 14.57
C5 CLA BS . -35.85 17.27 13.18
C6 CLA BS . -36.87 17.36 12.05
C7 CLA BS . -38.20 17.97 12.47
C8 CLA BS . -39.09 18.57 11.38
C9 CLA BS . -40.43 19.00 11.95
C10 CLA BS . -39.26 17.62 10.18
C11 CLA BS . -40.16 18.12 9.05
C12 CLA BS . -39.62 17.80 7.66
C13 CLA BS . -39.52 16.33 7.26
C14 CLA BS . -38.63 16.16 6.02
C15 CLA BS . -40.90 15.71 7.08
C16 CLA BS . -41.02 14.34 6.40
C17 CLA BS . -40.26 13.22 7.13
C18 CLA BS . -40.20 11.88 6.42
C19 CLA BS . -39.48 10.84 7.26
C20 CLA BS . -41.57 11.35 6.02
MG CLA CS . -44.84 16.92 17.05
CHA CLA CS . -44.50 20.09 18.28
CHB CLA CS . -47.41 17.93 15.23
CHC CLA CS . -45.34 13.65 16.17
CHD CLA CS . -42.52 15.78 19.48
NA CLA CS . -45.68 18.63 16.80
C1A CLA CS . -45.34 19.89 17.25
C2A CLA CS . -45.98 20.97 16.44
C3A CLA CS . -47.24 20.27 15.99
C4A CLA CS . -46.78 18.83 16.01
CMA CLA CS . -48.47 20.51 16.88
CAA CLA CS . -45.03 21.39 15.29
CBA CLA CS . -44.45 20.32 14.35
CGA CLA CS . -43.32 19.51 14.93
O1A CLA CS . -42.53 19.94 15.73
O2A CLA CS . -43.33 18.25 14.51
NB CLA CS . -46.11 15.97 15.92
C1B CLA CS . -47.12 16.58 15.09
C2B CLA CS . -47.70 15.63 14.25
C3B CLA CS . -47.14 14.40 14.57
C4B CLA CS . -46.17 14.60 15.58
CMB CLA CS . -48.66 15.90 13.13
CAB CLA CS . -47.50 13.10 13.99
CBB CLA CS . -46.74 12.25 13.34
NC CLA CS . -44.12 15.17 17.67
C1C CLA CS . -44.42 13.93 17.13
C2C CLA CS . -43.63 12.87 17.76
C3C CLA CS . -42.85 13.45 18.72
C4C CLA CS . -43.14 14.87 18.68
CMC CLA CS . -43.60 11.42 17.36
CAC CLA CS . -41.90 12.77 19.66
CBC CLA CS . -40.54 12.58 19.04
ND CLA CS . -43.82 17.65 18.54
C1D CLA CS . -42.83 17.13 19.47
C2D CLA CS . -42.28 18.17 20.22
C3D CLA CS . -42.91 19.37 19.81
C4D CLA CS . -43.79 19.00 18.83
CMD CLA CS . -41.19 18.02 21.25
CAD CLA CS . -43.00 20.81 19.98
OBD CLA CS . -42.40 21.54 20.76
CBD CLA CS . -44.00 21.36 18.99
CGD CLA CS . -45.08 22.17 19.69
O1D CLA CS . -44.90 23.22 20.25
O2D CLA CS . -46.27 21.58 19.59
CED CLA CS . -47.38 22.29 20.18
C1 CLA CS . -42.32 17.43 15.16
C2 CLA CS . -42.35 16.02 14.72
C3 CLA CS . -41.39 15.17 15.07
C4 CLA CS . -40.25 15.53 15.98
C5 CLA CS . -41.36 13.76 14.52
C6 CLA CS . -41.56 13.69 13.01
C7 CLA CS . -42.96 13.25 12.61
C8 CLA CS . -43.53 13.83 11.31
C9 CLA CS . -42.54 13.75 10.16
C10 CLA CS . -44.05 15.26 11.53
C11 CLA CS . -44.79 15.87 10.36
C12 CLA CS . -45.56 17.15 10.72
C13 CLA CS . -44.96 18.45 10.22
C14 CLA CS . -43.62 18.75 10.89
C15 CLA CS . -45.95 19.59 10.38
C16 CLA CS . -45.51 20.94 9.83
C17 CLA CS . -46.68 21.89 9.56
C18 CLA CS . -47.14 21.97 8.12
C19 CLA CS . -47.79 20.68 7.65
C20 CLA CS . -48.07 23.15 7.92
MG CLA DS . -36.11 25.94 -5.36
CHA CLA DS . -35.99 24.68 -8.55
CHB CLA DS . -38.67 27.83 -6.20
CHC CLA DS . -35.80 27.47 -2.32
CHD CLA DS . -33.03 24.30 -4.68
NA CLA DS . -37.13 26.12 -6.99
C1A CLA DS . -37.03 25.50 -8.23
C2A CLA DS . -38.14 25.80 -9.18
C3A CLA DS . -38.96 26.82 -8.43
C4A CLA DS . -38.22 26.96 -7.12
CMA CLA DS . -39.08 28.12 -9.22
CAA CLA DS . -38.92 24.51 -9.48
CBA CLA DS . -39.04 23.50 -8.34
CGA CLA DS . -40.15 22.51 -8.55
O1A CLA DS . -40.99 22.59 -9.40
O2A CLA DS . -40.11 21.55 -7.63
NB CLA DS . -37.02 27.40 -4.45
C1B CLA DS . -38.15 28.13 -4.96
C2B CLA DS . -38.57 29.08 -4.00
C3B CLA DS . -37.73 28.98 -2.91
C4B CLA DS . -36.79 27.96 -3.17
CMB CLA DS . -39.73 30.02 -4.15
CAB CLA DS . -37.76 29.77 -1.68
CBB CLA DS . -38.01 31.04 -1.53
NC CLA DS . -34.79 25.87 -3.88
C1C CLA DS . -34.90 26.51 -2.64
C2C CLA DS . -33.87 26.07 -1.71
C3C CLA DS . -33.07 25.17 -2.39
C4C CLA DS . -33.61 25.05 -3.71
CMC CLA DS . -33.71 26.47 -0.28
CAC CLA DS . -31.87 24.44 -1.86
CBC CLA DS . -32.19 23.01 -1.48
ND CLA DS . -34.80 24.83 -6.30
C1D CLA DS . -33.55 24.19 -5.95
C2D CLA DS . -33.06 23.46 -7.05
C3D CLA DS . -33.99 23.59 -8.10
C4D CLA DS . -34.99 24.42 -7.60
CMD CLA DS . -31.79 22.67 -7.09
CAD CLA DS . -34.37 23.21 -9.44
OBD CLA DS . -33.79 22.47 -10.22
CBD CLA DS . -35.66 23.89 -9.81
CGD CLA DS . -35.44 24.74 -11.05
O1D CLA DS . -35.53 25.93 -11.10
O2D CLA DS . -35.11 23.98 -12.10
CED CLA DS . -34.77 24.68 -13.32
C1 CLA DS . -41.37 20.89 -7.37
C2 CLA DS . -41.09 19.76 -6.44
C3 CLA DS . -42.02 19.22 -5.64
C4 CLA DS . -43.44 19.70 -5.62
C5 CLA DS . -41.70 18.08 -4.70
C6 CLA DS . -40.25 17.95 -4.27
C7 CLA DS . -40.04 16.92 -3.16
C8 CLA DS . -39.07 17.25 -2.03
C9 CLA DS . -37.77 16.47 -2.17
C10 CLA DS . -39.72 17.04 -0.66
C11 CLA DS . -40.80 18.04 -0.27
C12 CLA DS . -41.25 17.89 1.18
C13 CLA DS . -42.38 18.84 1.61
MG CLA ES . -21.91 45.50 -6.53
CHA CLA ES . -24.38 47.70 -5.70
CHB CLA ES . -19.64 47.82 -5.85
CHC CLA ES . -19.50 43.35 -7.66
CHD CLA ES . -24.31 43.50 -8.19
NA CLA ES . -22.02 47.33 -5.89
C1A CLA ES . -23.10 48.12 -5.53
C2A CLA ES . -22.74 49.46 -4.96
C3A CLA ES . -21.28 49.55 -5.27
C4A CLA ES . -20.94 48.14 -5.69
CMA CLA ES . -20.96 50.58 -6.34
CAA CLA ES . -23.03 49.45 -3.46
CBA CLA ES . -22.41 48.33 -2.63
CGA CLA ES . -22.56 48.61 -1.17
O1A CLA ES . -21.79 49.28 -0.53
O2A CLA ES . -23.72 48.17 -0.73
NB CLA ES . -19.96 45.54 -6.67
C1B CLA ES . -19.10 46.62 -6.24
C2B CLA ES . -17.76 46.22 -6.33
C3B CLA ES . -17.74 44.93 -6.83
C4B CLA ES . -19.06 44.52 -7.06
CMB CLA ES . -16.57 47.05 -5.93
CAB CLA ES . -16.56 44.08 -7.06
CBB CLA ES . -15.55 43.91 -6.28
NC CLA ES . -21.90 43.84 -7.63
C1C CLA ES . -20.80 43.06 -7.94
C2C CLA ES . -21.17 41.88 -8.71
C3C CLA ES . -22.53 41.93 -8.90
C4C CLA ES . -22.99 43.13 -8.23
CMC CLA ES . -20.26 40.80 -9.20
CAC CLA ES . -23.38 40.95 -9.65
CBC CLA ES . -23.86 39.81 -8.79
ND CLA ES . -23.81 45.52 -6.90
C1D CLA ES . -24.75 44.65 -7.58
C2D CLA ES . -26.05 45.17 -7.45
C3D CLA ES . -25.98 46.34 -6.68
C4D CLA ES . -24.64 46.51 -6.39
CMD CLA ES . -27.29 44.56 -8.05
CAD CLA ES . -26.70 47.44 -6.06
OBD CLA ES . -27.90 47.65 -6.06
CBD CLA ES . -25.73 48.33 -5.36
CGD CLA ES . -25.90 49.76 -5.85
O1D CLA ES . -26.21 50.08 -6.97
O2D CLA ES . -25.66 50.63 -4.88
CED CLA ES . -25.75 52.04 -5.22
C1 CLA ES . -24.57 49.20 -0.18
C2 CLA ES . -24.78 49.02 1.29
C3 CLA ES . -25.93 49.23 1.91
C4 CLA ES . -27.24 49.53 1.22
C5 CLA ES . -25.96 49.34 3.41
C6 CLA ES . -25.18 50.55 3.93
C7 CLA ES . -25.59 51.86 3.28
C8 CLA ES . -25.04 53.16 3.86
C9 CLA ES . -23.52 53.17 3.84
C10 CLA ES . -25.60 53.42 5.26
C11 CLA ES . -25.41 54.82 5.84
C12 CLA ES . -26.09 55.91 5.02
C13 CLA ES . -26.39 57.22 5.77
C14 CLA ES . -25.16 57.80 6.43
C15 CLA ES . -27.53 57.01 6.77
MG CLA FS . -11.73 39.73 -8.80
CHA CLA FS . -11.41 41.80 -11.49
CHB CLA FS . -8.90 38.24 -9.71
CHC CLA FS . -12.26 37.47 -6.30
CHD CLA FS . -15.14 40.69 -8.51
NA CLA FS . -10.43 40.09 -10.16
C1A CLA FS . -10.33 41.10 -11.10
C2A CLA FS . -8.96 41.25 -11.68
C3A CLA FS . -8.48 39.82 -11.56
C4A CLA FS . -9.31 39.32 -10.40
CMA CLA FS . -8.69 38.94 -12.79
CAA CLA FS . -8.19 42.31 -10.88
CBA CLA FS . -7.66 41.92 -9.49
CGA CLA FS . -7.04 43.08 -8.76
O1A CLA FS . -6.82 44.15 -9.24
O2A CLA FS . -6.80 42.76 -7.49
NB CLA FS . -10.78 38.17 -8.12
C1B CLA FS . -9.53 37.65 -8.62
C2B CLA FS . -9.12 36.55 -7.85
C3B CLA FS . -10.08 36.37 -6.86
C4B CLA FS . -11.09 37.33 -7.03
CMB CLA FS . -7.91 35.70 -8.07
CAB CLA FS . -10.07 35.37 -5.79
CBB CLA FS . -9.07 34.90 -5.11
NC CLA FS . -13.29 39.24 -7.68
C1C CLA FS . -13.28 38.32 -6.64
C2C CLA FS . -14.57 38.28 -5.95
C3C CLA FS . -15.40 39.18 -6.57
C4C CLA FS . -14.64 39.77 -7.65
CMC CLA FS . -14.92 37.44 -4.76
CAC CLA FS . -16.83 39.49 -6.22
CBC CLA FS . -16.94 40.50 -5.10
ND CLA FS . -12.99 40.88 -9.71
C1D CLA FS . -14.41 41.21 -9.57
C2D CLA FS . -14.79 42.14 -10.55
C3D CLA FS . -13.64 42.43 -11.33
C4D CLA FS . -12.62 41.65 -10.80
CMD CLA FS . -16.17 42.69 -10.76
CAD CLA FS . -13.07 43.19 -12.43
OBD CLA FS . -13.61 44.02 -13.14
CBD CLA FS . -11.64 42.83 -12.59
CGD CLA FS . -11.41 42.24 -13.99
O1D CLA FS . -10.88 42.82 -14.89
O2D CLA FS . -11.86 40.99 -14.06
CED CLA FS . -11.69 40.34 -15.34
C1 CLA FS . -6.40 43.86 -6.61
C2 CLA FS . -4.96 44.20 -6.84
C3 CLA FS . -3.97 44.03 -5.97
C4 CLA FS . -4.13 43.49 -4.58
MG CLA GS . 4.15 16.19 12.52
CHA CLA GS . 6.65 15.93 14.84
CHB CLA GS . 4.52 19.48 12.53
CHC CLA GS . 1.49 16.37 10.39
CHD CLA GS . 3.20 12.84 13.24
NA CLA GS . 5.41 17.38 13.39
C1A CLA GS . 6.47 17.13 14.23
C2A CLA GS . 7.37 18.32 14.42
C3A CLA GS . 6.50 19.45 13.99
C4A CLA GS . 5.39 18.74 13.24
CMA CLA GS . 5.98 20.31 15.14
CAA CLA GS . 8.59 18.11 13.51
CBA CLA GS . 9.76 19.04 13.83
CGA CLA GS . 11.10 18.40 13.68
O1A CLA GS . 11.42 17.35 14.18
O2A CLA GS . 11.93 19.17 12.98
NB CLA GS . 3.17 17.63 11.65
C1B CLA GS . 3.44 19.04 11.78
C2B CLA GS . 2.52 19.79 11.02
C3B CLA GS . 1.68 18.88 10.40
C4B CLA GS . 2.06 17.58 10.78
CMB CLA GS . 2.47 21.28 10.90
CAB CLA GS . 0.56 19.20 9.50
CBB CLA GS . 0.55 19.16 8.20
NC CLA GS . 2.75 14.93 11.93
C1C CLA GS . 1.80 15.17 10.95
C2C CLA GS . 1.04 13.95 10.62
C3C CLA GS . 1.51 12.96 11.45
C4C CLA GS . 2.54 13.54 12.27
CMC CLA GS . -0.02 13.80 9.57
CAC CLA GS . 1.09 11.52 11.48
CBC CLA GS . 2.13 10.59 10.91
ND CLA GS . 4.70 14.75 13.69
C1D CLA GS . 4.25 13.38 13.96
C2D CLA GS . 5.05 12.80 14.96
C3D CLA GS . 6.02 13.76 15.34
C4D CLA GS . 5.77 14.87 14.55
CMD CLA GS . 4.88 11.42 15.52
CAD CLA GS . 7.14 14.07 16.21
OBD CLA GS . 7.62 13.40 17.11
CBD CLA GS . 7.68 15.41 15.85
CGD CLA GS . 7.81 16.28 17.11
O1D CLA GS . 8.84 16.50 17.67
O2D CLA GS . 6.63 16.76 17.47
CED CLA GS . 6.66 17.72 18.55
C1 CLA GS . 13.36 18.91 13.11
C2 CLA GS . 14.07 19.64 12.03
C3 CLA GS . 15.35 20.02 12.08
C4 CLA GS . 16.25 19.78 13.25
C5 CLA GS . 15.98 20.75 10.92
MG CLA HS . -29.67 46.97 18.89
CHA CLA HS . -29.22 43.61 19.28
CHB CLA HS . -30.72 47.13 22.04
CHC CLA HS . -30.57 50.20 18.31
CHD CLA HS . -29.25 46.55 15.40
NA CLA HS . -29.82 45.67 20.31
C1A CLA HS . -29.47 44.34 20.39
C2A CLA HS . -29.38 43.83 21.79
C3A CLA HS . -30.36 44.74 22.48
C4A CLA HS . -30.32 45.94 21.57
CMA CLA HS . -31.78 44.20 22.62
CAA CLA HS . -27.92 44.10 22.18
CBA CLA HS . -27.53 43.63 23.58
CGA CLA HS . -26.95 44.72 24.43
O1A CLA HS . -27.37 45.03 25.51
O2A CLA HS . -25.91 45.31 23.84
NB CLA HS . -30.45 48.39 19.96
C1B CLA HS . -30.78 48.33 21.36
C2B CLA HS . -31.24 49.58 21.81
C3B CLA HS . -31.24 50.43 20.72
C4B CLA HS . -30.76 49.72 19.60
CMB CLA HS . -31.64 49.92 23.21
CAB CLA HS . -31.69 51.82 20.70
CBB CLA HS . -30.99 52.88 20.52
NC CLA HS . -29.84 48.10 17.28
C1C CLA HS . -30.16 49.44 17.26
C2C CLA HS . -30.10 49.98 15.90
C3C CLA HS . -29.76 48.95 15.06
C4C CLA HS . -29.59 47.78 15.89
CMC CLA HS . -30.29 51.41 15.50
CAC CLA HS . -29.59 49.01 13.57
CBC CLA HS . -28.15 49.32 13.17
ND CLA HS . -29.36 45.53 17.62
C1D CLA HS . -29.14 45.44 16.19
C2D CLA HS . -28.81 44.12 15.84
C3D CLA HS . -28.82 43.35 17.02
C4D CLA HS . -29.16 44.23 18.04
CMD CLA HS . -28.47 43.63 14.46
CAD CLA HS . -28.65 42.04 17.62
OBD CLA HS . -28.38 40.98 17.08
CBD CLA HS . -28.88 42.12 19.10
CGD CLA HS . -30.01 41.18 19.47
O1D CLA HS . -31.18 41.42 19.37
O2D CLA HS . -29.53 40.01 19.89
CED CLA HS . -30.49 38.95 20.09
C1 CLA HS . -25.23 46.32 24.64
C2 CLA HS . -24.02 46.79 23.90
C3 CLA HS . -23.95 47.55 22.81
C4 CLA HS . -22.65 47.94 22.17
C5 CLA HS . -25.19 48.09 22.13
C6 CLA HS . -25.55 47.34 20.85
C7 CLA HS . -26.83 47.85 20.21
C8 CLA HS . -26.70 48.58 18.87
C9 CLA HS . -26.29 47.62 17.75
C10 CLA HS . -25.74 49.76 18.98
C11 CLA HS . -25.88 50.86 17.93
C12 CLA HS . -26.76 52.04 18.35
C13 CLA HS . -26.29 53.41 17.82
C14 CLA HS . -26.96 54.55 18.56
C15 CLA HS . -26.50 53.52 16.31
C16 CLA HS . -25.98 54.79 15.65
MG CLA IS . -17.35 31.43 15.96
CHA CLA IS . -15.80 34.25 17.17
CHB CLA IS . -17.14 32.67 12.90
CHC CLA IS . -19.37 28.87 14.91
CHD CLA IS . -18.12 30.50 19.30
NA CLA IS . -16.53 33.03 15.24
C1A CLA IS . -15.79 34.05 15.83
C2A CLA IS . -15.07 34.93 14.86
C3A CLA IS . -15.79 34.61 13.57
C4A CLA IS . -16.55 33.36 13.91
CMA CLA IS . -16.71 35.72 13.08
CAA CLA IS . -13.59 34.47 14.89
CBA CLA IS . -12.63 35.16 13.94
CGA CLA IS . -12.36 36.61 14.23
O1A CLA IS . -13.08 37.32 14.88
O2A CLA IS . -11.24 37.03 13.63
NB CLA IS . -18.12 30.88 14.25
C1B CLA IS . -17.90 31.52 12.98
C2B CLA IS . -18.60 30.83 11.96
C3B CLA IS . -19.28 29.78 12.57
C4B CLA IS . -18.97 29.79 13.95
CMB CLA IS . -18.55 31.15 10.50
CAB CLA IS . -20.23 28.86 11.95
CBB CLA IS . -20.24 28.35 10.75
NC CLA IS . -18.42 30.03 16.86
C1C CLA IS . -19.13 29.00 16.25
C2C CLA IS . -19.73 28.11 17.22
C3C CLA IS . -19.43 28.59 18.47
C4C CLA IS . -18.61 29.76 18.27
CMC CLA IS . -20.49 26.85 16.94
CAC CLA IS . -19.91 28.06 19.79
CBC CLA IS . -18.97 27.06 20.40
ND CLA IS . -17.10 32.13 17.76
C1D CLA IS . -17.42 31.68 19.11
C2D CLA IS . -16.89 32.57 20.06
C3D CLA IS . -16.24 33.61 19.35
C4D CLA IS . -16.40 33.29 18.01
CMD CLA IS . -16.99 32.43 21.55
CAD CLA IS . -15.49 34.84 19.44
OBD CLA IS . -15.10 35.43 20.43
CBD CLA IS . -15.19 35.33 18.06
CGD CLA IS . -15.88 36.67 17.84
O1D CLA IS . -15.35 37.65 17.37
O2D CLA IS . -17.15 36.62 18.23
CED CLA IS . -17.96 37.79 17.91
C1 CLA IS . -11.19 38.40 13.11
C2 CLA IS . -9.89 39.01 13.52
C3 CLA IS . -9.41 40.15 13.03
C4 CLA IS . -8.11 40.74 13.48
C5 CLA IS . -10.17 40.93 11.97
C6 CLA IS . -9.50 42.21 11.48
C7 CLA IS . -10.28 42.89 10.35
C8 CLA IS . -11.59 43.58 10.73
C9 CLA IS . -12.80 42.74 10.34
C10 CLA IS . -11.66 44.98 10.11
MG CLA JS . -6.52 32.10 10.49
CHA CLA JS . -8.51 32.78 13.19
CHB CLA JS . -9.25 31.36 8.76
CHC CLA JS . -4.49 31.14 7.93
CHD CLA JS . -3.72 31.92 12.65
NA CLA JS . -8.41 32.18 10.89
C1A CLA JS . -9.10 32.66 11.98
C2A CLA JS . -10.54 32.91 11.67
C3A CLA JS . -10.76 31.78 10.69
C4A CLA JS . -9.39 31.74 10.05
CMA CLA JS . -11.19 30.46 11.32
CAA CLA JS . -10.75 34.29 10.98
CBA CLA JS . -9.85 35.45 11.39
CGA CLA JS . -8.70 35.67 10.45
O1A CLA JS . -8.80 35.64 9.25
O2A CLA JS . -7.56 35.90 11.12
NB CLA JS . -6.81 31.44 8.69
C1B CLA JS . -8.08 31.27 8.03
C2B CLA JS . -7.90 30.93 6.68
C3B CLA JS . -6.52 30.86 6.46
C4B CLA JS . -5.86 31.16 7.67
CMB CLA JS . -8.98 30.71 5.66
CAB CLA JS . -5.83 30.55 5.20
CBB CLA JS . -6.16 30.83 3.98
NC CLA JS . -4.61 31.65 10.33
C1C CLA JS . -3.94 31.32 9.16
C2C CLA JS . -2.50 31.13 9.40
C3C CLA JS . -2.28 31.33 10.74
C4C CLA JS . -3.56 31.66 11.33
CMC CLA JS . -1.45 30.76 8.38
CAC CLA JS . -0.98 31.28 11.47
CBC CLA JS . -0.82 30.02 12.29
ND CLA JS . -6.13 32.27 12.39
C1D CLA JS . -4.95 32.23 13.21
C2D CLA JS . -5.26 32.56 14.54
C3D CLA JS . -6.65 32.81 14.59
C4D CLA JS . -7.12 32.61 13.30
CMD CLA JS . -4.30 32.64 15.68
CAD CLA JS . -7.78 33.23 15.40
OBD CLA JS . -7.79 33.62 16.56
CBD CLA JS . -9.03 33.15 14.59
CGD CLA JS . -9.88 32.07 15.26
O1D CLA JS . -9.58 30.90 15.33
O2D CLA JS . -10.98 32.58 15.79
CED CLA JS . -11.67 31.77 16.76
C1 CLA JS . -6.25 35.45 10.63
C2 CLA JS . -6.03 35.33 9.16
C3 CLA JS . -5.14 35.99 8.41
C4 CLA JS . -4.15 36.99 8.94
C5 CLA JS . -5.09 35.75 6.93
C6 CLA JS . -4.09 34.68 6.53
C7 CLA JS . -4.02 34.46 5.02
C8 CLA JS . -2.65 34.06 4.46
C9 CLA JS . -2.62 34.15 2.94
C10 CLA JS . -2.25 32.67 4.95
C11 CLA JS . -0.84 32.19 4.61
C12 CLA JS . 0.26 33.00 5.27
C13 CLA JS . 1.60 32.28 5.43
C14 CLA JS . 1.56 31.30 6.60
C15 CLA JS . 2.76 33.26 5.56
C16 CLA JS . 2.85 34.00 6.89
MG CLA KS . -38.24 5.48 0.60
CHA CLA KS . -39.10 8.48 -0.79
CHB CLA KS . -38.23 6.86 3.61
CHC CLA KS . -36.78 2.61 1.81
CHD CLA KS . -37.72 4.17 -2.65
NA CLA KS . -38.60 7.28 1.23
C1A CLA KS . -39.00 8.44 0.56
C2A CLA KS . -39.31 9.60 1.46
C3A CLA KS . -38.95 9.08 2.83
C4A CLA KS . -38.56 7.64 2.56
CMA CLA KS . -37.86 9.89 3.50
CAA CLA KS . -40.80 9.95 1.35
CBA CLA KS . -41.74 8.75 1.30
CGA CLA KS . -43.12 9.05 1.82
O1A CLA KS . -43.36 9.77 2.75
O2A CLA KS . -44.04 8.34 1.17
NB CLA KS . -37.65 4.86 2.36
C1B CLA KS . -37.81 5.55 3.60
C2B CLA KS . -37.41 4.72 4.67
C3B CLA KS . -36.97 3.52 4.13
C4B CLA KS . -37.10 3.60 2.73
CMB CLA KS . -37.53 5.02 6.14
CAB CLA KS . -36.44 2.37 4.86
CBB CLA KS . -36.88 1.15 4.85
NC CLA KS . -37.51 3.81 -0.20
C1C CLA KS . -37.01 2.71 0.48
C2C CLA KS . -36.70 1.62 -0.42
C3C CLA KS . -37.00 2.01 -1.69
C4C CLA KS . -37.47 3.38 -1.58
CMC CLA KS . -36.16 0.26 -0.03
CAC CLA KS . -36.94 1.17 -2.94
CBC CLA KS . -35.53 0.89 -3.37
ND CLA KS . -38.31 6.10 -1.23
C1D CLA KS . -38.10 5.49 -2.54
C2D CLA KS . -38.38 6.43 -3.55
C3D CLA KS . -38.80 7.62 -2.93
C4D CLA KS . -38.75 7.36 -1.56
CMD CLA KS . -38.24 6.18 -5.02
CAD CLA KS . -39.27 8.99 -3.11
OBD CLA KS . -39.44 9.60 -4.14
CBD CLA KS . -39.55 9.59 -1.76
CGD CLA KS . -38.83 10.93 -1.63
O1D CLA KS . -39.12 11.78 -0.83
O2D CLA KS . -37.88 11.05 -2.55
CED CLA KS . -37.38 12.39 -2.75
C1 CLA KS . -45.28 8.09 1.89
C2 CLA KS . -46.18 7.32 0.99
C3 CLA KS . -47.12 6.46 1.37
C4 CLA KS . -47.42 6.10 2.80
C5 CLA KS . -47.98 5.77 0.33
C6 CLA KS . -48.23 4.28 0.58
C7 CLA KS . -49.69 3.99 0.95
C8 CLA KS . -50.01 2.63 1.57
C9 CLA KS . -49.10 1.54 1.02
C10 CLA KS . -51.49 2.29 1.38
C11 CLA KS . -52.19 1.46 2.47
C12 CLA KS . -52.31 -0.02 2.16
C13 CLA KS . -52.27 -0.97 3.36
C14 CLA KS . -51.96 -2.40 2.92
C15 CLA KS . -53.57 -0.91 4.16
MG CLA LS . -30.73 49.36 1.34
CHA CLA LS . -29.48 50.25 -1.71
CHB CLA LS . -32.06 46.68 -0.06
CHC CLA LS . -32.29 48.74 4.32
CHD CLA LS . -29.90 52.57 2.56
NA CLA LS . -30.65 48.61 -0.44
C1A CLA LS . -29.96 49.00 -1.57
C2A CLA LS . -29.84 47.94 -2.62
C3A CLA LS . -31.07 47.11 -2.28
C4A CLA LS . -31.31 47.47 -0.84
CMA CLA LS . -32.29 47.43 -3.14
CAA CLA LS . -28.47 47.25 -2.43
CBA CLA LS . -28.31 46.28 -1.26
CGA CLA LS . -26.88 45.95 -0.93
O1A CLA LS . -25.99 46.75 -0.92
O2A CLA LS . -26.74 44.68 -0.56
NB CLA LS . -31.92 47.98 2.01
C1B CLA LS . -32.37 46.83 1.28
C2B CLA LS . -33.09 45.97 2.12
C3B CLA LS . -33.12 46.57 3.39
C4B CLA LS . -32.43 47.80 3.32
CMB CLA LS . -33.68 44.66 1.73
CAB CLA LS . -33.71 46.03 4.62
CBB CLA LS . -34.92 45.63 4.82
NC CLA LS . -30.99 50.38 3.02
C1C CLA LS . -31.64 49.93 4.17
C2C CLA LS . -31.53 50.90 5.26
C3C CLA LS . -30.82 51.97 4.77
C4C CLA LS . -30.50 51.68 3.40
CMC CLA LS . -32.10 50.78 6.64
CAC CLA LS . -30.33 53.17 5.53
CBC CLA LS . -31.17 54.41 5.27
ND CLA LS . -29.97 51.01 0.67
C1D CLA LS . -29.65 52.30 1.23
C2D CLA LS . -29.05 53.12 0.26
C3D CLA LS . -28.95 52.36 -0.93
C4D CLA LS . -29.51 51.13 -0.62
CMD CLA LS . -28.60 54.53 0.46
CAD CLA LS . -28.51 52.32 -2.32
OBD CLA LS . -27.98 53.19 -2.98
CBD CLA LS . -28.81 50.97 -2.89
CGD CLA LS . -29.70 51.09 -4.11
O1D CLA LS . -30.86 51.41 -4.09
O2D CLA LS . -29.03 50.78 -5.22
CED CLA LS . -29.80 50.79 -6.45
C1 CLA LS . -25.93 44.41 0.62
C2 CLA LS . -24.46 44.62 0.42
C3 CLA LS . -23.46 44.21 1.21
C4 CLA LS . -22.02 44.51 0.89
C5 CLA LS . -23.69 43.35 2.44
C6 CLA LS . -23.04 43.87 3.73
C7 CLA LS . -23.83 44.96 4.44
C8 CLA LS . -23.15 45.61 5.65
C9 CLA LS . -22.68 44.57 6.67
C10 CLA LS . -24.09 46.63 6.31
C11 CLA LS . -23.43 47.74 7.12
C12 CLA LS . -24.45 48.67 7.78
C13 CLA LS . -23.93 50.05 8.23
C14 CLA LS . -23.09 49.95 9.48
C15 CLA LS . -25.08 51.04 8.40
C16 CLA LS . -26.08 50.79 9.53
C17 CLA LS . -27.32 51.67 9.45
C18 CLA LS . -27.14 53.12 9.93
C19 CLA LS . -28.01 54.07 9.12
C20 CLA LS . -27.44 53.24 11.40
MG CLA MS . -22.85 57.32 -4.54
CHA CLA MS . -25.13 58.88 -6.56
CHB CLA MS . -20.42 58.67 -6.35
CHC CLA MS . -20.66 55.23 -2.93
CHD CLA MS . -25.50 55.48 -3.10
NA CLA MS . -22.82 58.60 -6.00
C1A CLA MS . -23.84 59.28 -6.64
C2A CLA MS . -23.39 60.44 -7.46
C3A CLA MS . -21.92 60.08 -7.68
C4A CLA MS . -21.68 59.04 -6.61
CMA CLA MS . -21.62 59.53 -9.07
CAA CLA MS . -23.66 61.70 -6.63
CBA CLA MS . -22.78 61.94 -5.39
CGA CLA MS . -23.36 62.88 -4.39
O1A CLA MS . -22.88 63.94 -4.09
O2A CLA MS . -24.42 62.36 -3.79
NB CLA MS . -20.92 57.02 -4.61
C1B CLA MS . -19.97 57.75 -5.42
C2B CLA MS . -18.66 57.34 -5.12
C3B CLA MS . -18.75 56.33 -4.15
C4B CLA MS . -20.11 56.14 -3.84
CMB CLA MS . -17.40 57.94 -5.67
CAB CLA MS . -17.66 55.55 -3.56
CBB CLA MS . -16.44 55.91 -3.29
NC CLA MS . -23.03 55.80 -3.31
C1C CLA MS . -21.99 55.08 -2.71
C2C CLA MS . -22.51 54.03 -1.82
C3C CLA MS . -23.88 54.09 -1.88
C4C CLA MS . -24.22 55.17 -2.78
CMC CLA MS . -21.71 53.07 -0.98
CAC CLA MS . -24.86 53.20 -1.19
CBC CLA MS . -25.37 53.78 0.10
ND CLA MS . -24.78 57.15 -4.74
C1D CLA MS . -25.83 56.40 -4.07
C2D CLA MS . -27.08 56.80 -4.54
C3D CLA MS . -26.87 57.78 -5.55
C4D CLA MS . -25.49 57.93 -5.61
CMD CLA MS . -28.40 56.30 -4.06
CAD CLA MS . -27.47 58.71 -6.48
OBD CLA MS . -28.64 58.98 -6.67
CBD CLA MS . -26.40 59.32 -7.28
CGD CLA MS . -26.39 58.70 -8.66
O1D CLA MS . -26.86 59.20 -9.66
O2D CLA MS . -25.74 57.54 -8.64
CED CLA MS . -25.29 57.04 -9.92
C1 CLA MS . -24.56 62.62 -2.36
C2 CLA MS . -25.11 63.97 -2.06
C3 CLA MS . -25.51 64.39 -0.87
C4 CLA MS . -26.05 65.77 -0.63
C5 CLA MS . -25.46 63.50 0.35
C6 CLA MS . -26.63 62.54 0.47
C7 CLA MS . -27.09 62.24 1.90
C8 CLA MS . -26.14 61.59 2.92
C9 CLA MS . -25.15 60.63 2.27
C10 CLA MS . -26.93 60.89 4.03
C11 CLA MS . -27.79 61.79 4.92
C12 CLA MS . -28.54 61.05 6.02
C13 CLA MS . -29.65 60.05 5.65
C14 CLA MS . -30.45 60.49 4.42
C15 CLA MS . -30.60 59.80 6.84
C16 CLA MS . -30.05 59.00 8.02
C17 CLA MS . -30.51 57.55 8.01
MG CLA NS . -30.49 60.84 -1.16
CHA CLA NS . -31.93 62.99 -3.40
CHB CLA NS . -27.68 61.00 -2.89
CHC CLA NS . -29.28 58.36 0.84
CHD CLA NS . -33.72 60.17 0.16
NA CLA NS . -29.93 61.91 -2.67
C1A CLA NS . -30.58 62.86 -3.42
C2A CLA NS . -29.68 63.69 -4.28
C3A CLA NS . -28.44 62.85 -4.33
C4A CLA NS . -28.68 61.86 -3.23
CMA CLA NS . -28.17 62.20 -5.68
CAA CLA NS . -29.45 65.02 -3.56
CBA CLA NS . -28.71 66.08 -4.37
CGA CLA NS . -28.34 67.27 -3.54
O1A CLA NS . -27.97 67.22 -2.40
O2A CLA NS . -28.48 68.41 -4.23
NB CLA NS . -28.82 59.85 -1.07
C1B CLA NS . -27.66 60.04 -1.90
C2B CLA NS . -26.61 59.19 -1.50
C3B CLA NS . -27.08 58.46 -0.41
C4B CLA NS . -28.41 58.84 -0.14
CMB CLA NS . -25.25 59.11 -2.11
CAB CLA NS . -26.33 57.46 0.38
CBB CLA NS . -25.06 57.41 0.67
NC CLA NS . -31.28 59.63 0.18
C1C CLA NS . -30.59 58.71 0.96
C2C CLA NS . -31.48 58.06 1.94
C3C CLA NS . -32.73 58.58 1.75
C4C CLA NS . -32.64 59.52 0.66
CMC CLA NS . -31.07 57.05 2.97
CAC CLA NS . -33.98 58.26 2.52
CBC CLA NS . -34.31 59.31 3.56
ND CLA NS . -32.34 61.36 -1.50
C1D CLA NS . -33.64 61.04 -0.90
C2D CLA NS . -34.65 61.77 -1.55
C3D CLA NS . -34.04 62.56 -2.55
C4D CLA NS . -32.68 62.28 -2.47
CMD CLA NS . -36.11 61.71 -1.24
CAD CLA NS . -34.22 63.53 -3.62
OBD CLA NS . -35.25 64.03 -4.03
CBD CLA NS . -32.89 63.86 -4.21
CGD CLA NS . -32.87 63.52 -5.70
O1D CLA NS . -33.16 64.29 -6.57
O2D CLA NS . -32.50 62.27 -5.90
CED CLA NS . -32.47 61.83 -7.27
C1 CLA NS . -28.19 69.63 -3.50
C2 CLA NS . -29.27 69.87 -2.50
C3 CLA NS . -30.28 70.71 -2.62
C4 CLA NS . -30.52 71.60 -3.81
C5 CLA NS . -31.32 70.82 -1.52
C6 CLA NS . -30.73 71.15 -0.15
C7 CLA NS . -31.80 71.34 0.92
C8 CLA NS . -31.34 71.14 2.37
C9 CLA NS . -30.00 71.82 2.64
C10 CLA NS . -31.30 69.65 2.71
C11 CLA NS . -30.66 69.23 4.03
C12 CLA NS . -30.87 67.75 4.34
C13 CLA NS . -29.86 67.12 5.31
C14 CLA NS . -30.04 65.60 5.39
C15 CLA NS . -29.94 67.77 6.69
MG CLA OS . -55.18 43.54 -2.28
CHA CLA OS . -56.73 45.17 -4.88
CHB CLA OS . -52.30 43.94 -3.79
CHC CLA OS . -53.77 41.54 0.12
CHD CLA OS . -58.36 42.46 -1.14
NA CLA OS . -54.67 44.42 -3.93
C1A CLA OS . -55.38 45.15 -4.88
C2A CLA OS . -54.52 45.88 -5.87
C3A CLA OS . -53.21 45.15 -5.71
C4A CLA OS . -53.39 44.45 -4.39
CMA CLA OS . -52.93 44.13 -6.81
CAA CLA OS . -54.42 47.36 -5.51
CBA CLA OS . -54.15 47.70 -4.04
CGA CLA OS . -53.83 49.15 -3.83
O1A CLA OS . -53.64 49.94 -4.70
O2A CLA OS . -53.80 49.43 -2.52
NB CLA OS . -53.38 42.90 -1.89
C1B CLA OS . -52.19 43.24 -2.62
C2B CLA OS . -51.06 42.68 -2.00
C3B CLA OS . -51.51 41.96 -0.91
C4B CLA OS . -52.90 42.09 -0.83
CMB CLA OS . -49.64 42.86 -2.44
CAB CLA OS . -50.70 41.10 -0.03
CBB CLA OS . -49.49 41.29 0.40
NC CLA OS . -55.87 42.34 -0.87
C1C CLA OS . -55.12 41.64 0.06
C2C CLA OS . -55.97 40.94 1.04
C3C CLA OS . -57.27 41.22 0.70
C4C CLA OS . -57.24 42.05 -0.49
CMC CLA OS . -55.52 40.10 2.20
CAC CLA OS . -58.52 40.83 1.44
CBC CLA OS . -59.26 39.70 0.78
ND CLA OS . -57.05 43.69 -2.83
C1D CLA OS . -58.33 43.24 -2.28
C2D CLA OS . -59.39 43.75 -3.05
C3D CLA OS . -58.83 44.52 -4.09
C4D CLA OS . -57.45 44.45 -3.91
CMD CLA OS . -60.86 43.56 -2.79
CAD CLA OS . -59.07 45.32 -5.28
OBD CLA OS . -60.12 45.56 -5.84
CBD CLA OS . -57.76 45.87 -5.78
CGD CLA OS . -57.62 45.61 -7.28
O1D CLA OS . -58.05 46.33 -8.14
O2D CLA OS . -56.92 44.51 -7.51
CED CLA OS . -56.50 44.29 -8.87
C1 CLA OS . -53.78 50.83 -2.09
C2 CLA OS . -54.87 51.05 -1.11
C3 CLA OS . -54.86 50.74 0.18
C4 CLA OS . -53.77 49.94 0.84
C5 CLA OS . -55.94 51.31 1.08
C6 CLA OS . -55.86 51.03 2.59
C7 CLA OS . -56.67 49.81 3.04
C8 CLA OS . -57.06 49.67 4.52
C9 CLA OS . -57.82 50.89 5.04
C10 CLA OS . -55.86 49.34 5.41
C11 CLA OS . -55.39 47.89 5.40
C12 CLA OS . -55.22 47.31 6.80
C13 CLA OS . -54.54 45.96 6.90
C14 CLA OS . -55.29 44.88 6.11
C15 CLA OS . -54.35 45.54 8.36
MG CLA PS . -38.12 30.79 13.04
CHA CLA PS . -38.44 31.40 16.38
CHB CLA PS . -39.44 27.79 13.51
CHC CLA PS . -37.40 30.06 9.77
CHD CLA PS . -35.97 33.57 12.77
NA CLA PS . -38.80 29.86 14.60
C1A CLA PS . -38.99 30.26 15.91
C2A CLA PS . -39.85 29.33 16.72
C3A CLA PS . -39.62 28.05 15.96
C4A CLA PS . -39.26 28.57 14.60
CMA CLA PS . -38.53 27.17 16.54
CAA CLA PS . -41.31 29.82 16.71
CBA CLA PS . -41.76 30.64 15.50
CGA CLA PS . -43.24 30.80 15.39
O1A CLA PS . -44.06 30.31 16.14
O2A CLA PS . -43.54 31.59 14.36
NB CLA PS . -38.43 29.28 11.85
C1B CLA PS . -39.14 28.08 12.19
C2B CLA PS . -39.36 27.30 11.05
C3B CLA PS . -38.74 27.95 9.98
C4B CLA PS . -38.16 29.13 10.47
CMB CLA PS . -40.13 26.01 10.99
CAB CLA PS . -38.70 27.52 8.59
CBB CLA PS . -38.36 26.36 8.12
NC CLA PS . -37.00 31.61 11.62
C1C CLA PS . -36.87 31.19 10.31
C2C CLA PS . -36.01 32.08 9.54
C3C CLA PS . -35.58 33.06 10.39
C4C CLA PS . -36.18 32.80 11.68
CMC CLA PS . -35.69 31.97 8.07
CAC CLA PS . -34.65 34.19 10.08
CBC CLA PS . -35.36 35.49 9.80
ND CLA PS . -37.35 32.13 14.19
C1D CLA PS . -36.48 33.28 14.02
C2D CLA PS . -36.35 33.96 15.23
C3D CLA PS . -37.13 33.29 16.20
C4D CLA PS . -37.68 32.21 15.54
CMD CLA PS . -35.52 35.19 15.46
CAD CLA PS . -37.60 33.26 17.57
OBD CLA PS . -37.39 34.06 18.47
CBD CLA PS . -38.46 32.05 17.77
CGD CLA PS . -37.85 31.19 18.86
O1D CLA PS . -36.82 30.60 18.78
O2D CLA PS . -38.63 31.17 19.94
CED CLA PS . -38.12 30.44 21.07
C1 CLA PS . -44.86 32.21 14.31
C2 CLA PS . -44.58 33.61 13.86
C3 CLA PS . -45.30 34.34 13.02
C4 CLA PS . -46.57 33.87 12.37
C5 CLA PS . -44.88 35.74 12.69
C6 CLA PS . -45.12 36.72 13.83
C7 CLA PS . -44.22 37.95 13.75
C8 CLA PS . -44.51 38.93 12.62
C9 CLA PS . -43.22 39.42 11.97
C10 CLA PS . -45.35 40.11 13.11
C11 CLA PS . -46.33 40.66 12.07
C12 CLA PS . -46.73 42.12 12.29
C13 CLA PS . -48.20 42.54 12.36
C14 CLA PS . -49.07 41.81 11.34
C15 CLA PS . -48.28 44.06 12.19
C16 CLA PS . -49.57 44.76 12.63
C17 CLA PS . -49.50 46.27 12.45
C18 CLA PS . -50.69 47.05 12.95
C19 CLA PS . -50.44 48.55 12.85
C20 CLA PS . -51.98 46.69 12.23
MG CLA QS . -42.06 32.06 -4.25
CHA CLA QS . -40.55 34.14 -2.01
CHB CLA QS . -43.28 30.32 -1.69
CHC CLA QS . -43.22 29.77 -6.50
CHD CLA QS . -40.06 33.45 -6.82
NA CLA QS . -42.02 32.30 -2.34
C1A CLA QS . -41.50 33.30 -1.55
C2A CLA QS . -42.06 33.30 -0.16
C3A CLA QS . -42.28 31.82 0.01
C4A CLA QS . -42.55 31.43 -1.42
CMA CLA QS . -41.13 31.06 0.65
CAA CLA QS . -43.38 34.09 -0.21
CBA CLA QS . -43.61 35.06 0.94
CGA CLA QS . -43.68 34.43 2.30
O1A CLA QS . -44.66 34.39 2.99
O2A CLA QS . -42.47 34.00 2.68
NB CLA QS . -43.09 30.41 -4.13
C1B CLA QS . -43.63 29.83 -2.93
C2B CLA QS . -44.47 28.74 -3.25
C3B CLA QS . -44.46 28.62 -4.64
C4B CLA QS . -43.62 29.60 -5.17
CMB CLA QS . -45.23 27.91 -2.26
CAB CLA QS . -45.27 27.71 -5.47
CBB CLA QS . -45.38 26.42 -5.37
NC CLA QS . -41.73 31.70 -6.16
C1C CLA QS . -42.32 30.70 -6.94
C2C CLA QS . -41.84 30.74 -8.31
C3C CLA QS . -40.96 31.78 -8.41
C4C CLA QS . -40.87 32.39 -7.11
CMC CLA QS . -42.22 29.79 -9.42
CAC CLA QS . -40.23 32.26 -9.64
CBC CLA QS . -38.76 31.90 -9.63
ND CLA QS . -40.67 33.39 -4.44
C1D CLA QS . -39.92 33.98 -5.55
C2D CLA QS . -39.14 35.05 -5.10
C3D CLA QS . -39.33 35.15 -3.70
C4D CLA QS . -40.23 34.16 -3.37
CMD CLA QS . -38.30 35.94 -5.96
CAD CLA QS . -39.00 35.86 -2.48
OBD CLA QS . -38.27 36.83 -2.33
CBD CLA QS . -39.72 35.22 -1.32
CGD CLA QS . -38.71 34.68 -0.31
O1D CLA QS . -38.96 34.47 0.85
O2D CLA QS . -37.53 34.50 -0.87
CED CLA QS . -36.45 34.12 0.03
C1 CLA QS . -42.10 34.25 4.06
C2 CLA QS . -40.74 34.88 3.95
C3 CLA QS . -40.16 35.66 4.85
C4 CLA QS . -40.77 36.03 6.17
C5 CLA QS . -38.80 36.25 4.55
C6 CLA QS . -38.78 37.18 3.34
C7 CLA QS . -39.63 38.42 3.52
C8 CLA QS . -39.65 39.45 2.38
C9 CLA QS . -40.23 40.78 2.86
C10 CLA QS . -40.42 38.90 1.18
C11 CLA QS . -40.57 39.77 -0.07
C12 CLA QS . -41.39 39.07 -1.14
C13 CLA QS . -41.28 39.59 -2.58
C14 CLA QS . -41.95 40.96 -2.70
C15 CLA QS . -41.88 38.59 -3.55
C16 CLA QS . -41.60 38.79 -5.03
C17 CLA QS . -42.86 38.71 -5.89
C18 CLA QS . -42.66 38.57 -7.40
C19 CLA QS . -42.15 37.20 -7.76
C20 CLA QS . -41.74 39.65 -7.96
MG CLA RS . -13.76 55.48 -6.32
CHA CLA RS . -15.67 52.67 -6.33
CHB CLA RS . -12.40 54.43 -3.47
CHC CLA RS . -12.07 58.44 -6.15
CHD CLA RS . -16.05 57.02 -8.55
NA CLA RS . -13.91 53.87 -5.29
C1A CLA RS . -14.60 52.70 -5.52
C2A CLA RS . -14.09 51.57 -4.68
C3A CLA RS . -13.70 52.33 -3.44
C4A CLA RS . -13.29 53.64 -4.08
CMA CLA RS . -14.80 52.46 -2.40
CAA CLA RS . -12.88 50.96 -5.42
CBA CLA RS . -13.23 50.16 -6.66
CGA CLA RS . -12.01 49.48 -7.21
O1A CLA RS . -10.98 50.03 -7.48
O2A CLA RS . -12.21 48.16 -7.31
NB CLA RS . -12.45 56.26 -5.11
C1B CLA RS . -11.91 55.65 -3.91
C2B CLA RS . -10.90 56.45 -3.37
C3B CLA RS . -10.77 57.56 -4.19
C4B CLA RS . -11.74 57.46 -5.22
CMB CLA RS . -10.13 56.17 -2.12
CAB CLA RS . -9.75 58.60 -4.10
CBB CLA RS . -9.90 59.85 -3.88
NC CLA RS . -13.97 57.25 -7.17
C1C CLA RS . -13.13 58.35 -7.01
C2C CLA RS . -13.58 59.49 -7.82
C3C CLA RS . -14.69 59.09 -8.50
C4C CLA RS . -14.97 57.73 -8.12
CMC CLA RS . -12.97 60.87 -7.82
CAC CLA RS . -15.50 59.89 -9.49
CBC CLA RS . -16.68 60.59 -8.86
ND CLA RS . -15.41 55.05 -7.22
C1D CLA RS . -16.32 55.73 -8.13
C2D CLA RS . -17.39 54.88 -8.48
C3D CLA RS . -17.17 53.64 -7.82
C4D CLA RS . -16.00 53.80 -7.10
CMD CLA RS . -18.56 55.24 -9.33
CAD CLA RS . -17.62 52.28 -7.64
OBD CLA RS . -18.54 51.70 -8.20
CBD CLA RS . -16.72 51.59 -6.63
CGD CLA RS . -17.41 51.15 -5.35
O1D CLA RS . -17.20 50.13 -4.77
O2D CLA RS . -18.26 52.09 -4.93
CED CLA RS . -18.78 51.93 -3.59
C1 CLA RS . -11.01 47.34 -7.52
C2 CLA RS . -11.39 46.00 -7.02
C3 CLA RS . -11.43 44.86 -7.71
C4 CLA RS . -11.08 44.73 -9.16
C5 CLA RS . -11.87 43.59 -7.04
C6 CLA RS . -10.72 42.81 -6.42
C7 CLA RS . -11.20 41.60 -5.63
C8 CLA RS . -10.19 40.93 -4.72
C9 CLA RS . -9.02 40.34 -5.52
C10 CLA RS . -10.91 39.90 -3.85
C11 CLA RS . -10.12 38.78 -3.19
C12 CLA RS . -10.99 37.84 -2.38
C13 CLA RS . -11.08 38.09 -0.87
C14 CLA RS . -9.82 37.62 -0.16
C15 CLA RS . -12.36 37.41 -0.34
C16 CLA RS . -12.44 36.99 1.12
C17 CLA RS . -12.40 38.14 2.13
C18 CLA RS . -12.07 37.71 3.54
C19 CLA RS . -10.58 37.57 3.75
C20 CLA RS . -12.66 38.62 4.60
MG CLA SS . -22.71 39.28 15.89
CHA CLA SS . -21.52 38.47 12.79
CHB CLA SS . -23.43 42.33 14.82
CHC CLA SS . -23.30 40.19 19.16
CHD CLA SS . -21.36 36.23 17.12
NA CLA SS . -22.55 40.14 14.16
C1A CLA SS . -22.10 39.68 12.92
C2A CLA SS . -22.27 40.66 11.79
C3A CLA SS . -22.73 41.92 12.51
C4A CLA SS . -22.91 41.45 13.92
CMA CLA SS . -21.74 43.07 12.40
CAA CLA SS . -23.30 40.14 10.77
CBA CLA SS . -22.94 40.50 9.33
CGA CLA SS . -24.01 40.15 8.35
O1A CLA SS . -24.79 39.24 8.49
O2A CLA SS . -24.03 41.01 7.33
NB CLA SS . -23.29 40.90 16.80
C1B CLA SS . -23.66 42.13 16.16
C2B CLA SS . -24.21 43.02 17.11
C3B CLA SS . -24.18 42.39 18.35
C4B CLA SS . -23.61 41.12 18.17
CMB CLA SS . -24.74 44.40 16.82
CAB CLA SS . -24.71 42.89 19.62
CBB CLA SS . -24.06 43.40 20.62
NC CLA SS . -22.42 38.42 17.67
C1C CLA SS . -22.74 38.96 18.91
C2C CLA SS . -22.39 38.05 20.00
C3C CLA SS . -21.87 36.92 19.42
C4C CLA SS . -21.88 37.13 18.01
CMC CLA SS . -22.52 38.31 21.47
CAC CLA SS . -21.40 35.67 20.11
CBC CLA SS . -19.91 35.54 20.15
ND CLA SS . -21.70 37.75 15.22
C1D CLA SS . -21.22 36.49 15.79
C2D CLA SS . -20.68 35.69 14.76
C3D CLA SS . -20.77 36.41 13.56
C4D CLA SS . -21.37 37.62 13.89
CMD CLA SS . -20.10 34.31 14.94
CAD CLA SS . -20.56 36.41 12.13
OBD CLA SS . -20.16 35.50 11.42
CBD CLA SS . -20.89 37.75 11.58
CGD CLA SS . -19.62 38.45 11.10
O1D CLA SS . -18.72 38.80 11.83
O2D CLA SS . -19.63 38.62 9.79
CED CLA SS . -18.48 39.29 9.24
C1 CLA SS . -25.27 41.16 6.59
C2 CLA SS . -25.05 40.86 5.14
C3 CLA SS . -25.99 40.51 4.27
C4 CLA SS . -27.43 40.30 4.62
C5 CLA SS . -25.66 40.33 2.81
C6 CLA SS . -26.25 39.08 2.18
C7 CLA SS . -25.58 38.68 0.88
C8 CLA SS . -25.79 39.61 -0.32
C9 CLA SS . -26.01 38.79 -1.60
C10 CLA SS . -24.67 40.65 -0.51
C11 CLA SS . -23.31 40.14 -1.01
C12 CLA SS . -22.23 41.22 -1.01
C13 CLA SS . -20.80 40.73 -0.79
C14 CLA SS . -19.79 41.87 -0.89
C15 CLA SS . -20.45 39.55 -1.71
C16 CLA SS . -18.98 39.19 -1.92
C17 CLA SS . -18.29 38.73 -0.64
C18 CLA SS . -16.77 38.57 -0.73
C19 CLA SS . -16.09 39.29 0.42
C20 CLA SS . -16.36 37.11 -0.77
MG CLA TS . -16.44 44.38 17.61
CHA CLA TS . -18.23 46.06 19.99
CHB CLA TS . -18.87 42.12 17.38
CHC CLA TS . -14.46 42.62 15.45
CHD CLA TS . -13.54 46.16 18.60
NA CLA TS . -18.17 44.20 18.47
C1A CLA TS . -18.83 45.00 19.40
C2A CLA TS . -20.26 44.59 19.66
C3A CLA TS . -20.29 43.19 19.08
C4A CLA TS . -19.04 43.15 18.25
CMA CLA TS . -20.29 42.09 20.13
CAA CLA TS . -21.22 45.57 18.99
CBA CLA TS . -21.23 45.64 17.47
CGA CLA TS . -21.93 46.87 16.95
O1A CLA TS . -22.29 47.78 17.64
O2A CLA TS . -22.05 46.84 15.62
NB CLA TS . -16.63 42.72 16.59
C1B CLA TS . -17.81 41.89 16.54
C2B CLA TS . -17.63 40.88 15.57
C3B CLA TS . -16.35 41.02 15.04
C4B CLA TS . -15.74 42.13 15.66
CMB CLA TS . -18.65 39.85 15.16
CAB CLA TS . -15.70 40.20 14.02
CBB CLA TS . -15.41 38.95 14.09
NC CLA TS . -14.51 44.39 17.14
C1C CLA TS . -13.89 43.63 16.16
C2C CLA TS . -12.47 43.98 16.01
C3C CLA TS . -12.20 44.93 16.94
C4C CLA TS . -13.43 45.21 17.65
CMC CLA TS . -11.50 43.44 15.00
CAC CLA TS . -10.87 45.59 17.23
CBC CLA TS . -10.73 46.94 16.56
ND CLA TS . -15.94 45.73 18.91
C1D CLA TS . -14.72 46.46 19.25
C2D CLA TS . -15.00 47.42 20.23
C3D CLA TS . -16.37 47.34 20.54
C4D CLA TS . -16.87 46.33 19.73
CMD CLA TS . -13.99 48.34 20.85
CAD CLA TS . -17.48 47.92 21.27
OBD CLA TS . -17.49 48.89 22.00
CBD CLA TS . -18.71 47.10 21.00
CGD CLA TS . -19.19 46.51 22.32
O1D CLA TS . -19.02 45.36 22.66
O2D CLA TS . -19.82 47.42 23.05
CED CLA TS . -20.28 47.00 24.35
C1 CLA TS . -22.53 48.05 14.97
C2 CLA TS . -21.41 49.03 14.90
C3 CLA TS . -21.33 50.04 14.03
C4 CLA TS . -22.39 50.35 13.00
C5 CLA TS . -20.11 50.92 14.00
C6 CLA TS . -19.01 50.38 13.11
C7 CLA TS . -17.61 50.52 13.68
C8 CLA TS . -16.94 51.88 13.56
C9 CLA TS . -15.55 51.77 12.91
C10 CLA TS . -16.88 52.60 14.91
C11 CLA TS . -16.44 54.06 14.88
C12 CLA TS . -16.64 54.79 16.21
C13 CLA TS . -16.46 56.30 16.17
C14 CLA TS . -15.07 56.71 16.67
C15 CLA TS . -17.58 57.01 16.95
C16 CLA TS . -17.52 58.53 16.97
C1 BCR US . -54.04 54.02 7.86
C2 BCR US . -55.33 54.38 7.11
C3 BCR US . -56.58 54.06 7.90
C4 BCR US . -56.63 52.57 8.25
C5 BCR US . -55.32 52.02 8.73
C6 BCR US . -54.13 52.62 8.46
C7 BCR US . -52.87 51.98 8.74
C8 BCR US . -52.41 50.85 8.22
C9 BCR US . -51.11 50.24 8.44
C10 BCR US . -50.94 48.93 8.15
C11 BCR US . -49.77 48.13 8.36
C33 BCR US . -55.47 50.75 9.52
C31 BCR US . -53.79 55.05 8.97
C32 BCR US . -52.88 54.09 6.86
C34 BCR US . -50.02 51.09 9.02
C12 BCR US . -49.67 46.85 7.96
C13 BCR US . -48.52 45.96 8.13
C14 BCR US . -48.67 44.64 7.90
C15 BCR US . -47.73 43.59 8.14
C16 BCR US . -47.93 42.30 7.80
C17 BCR US . -46.97 41.29 8.07
C18 BCR US . -47.07 39.95 7.85
C19 BCR US . -46.02 39.08 8.39
C20 BCR US . -45.74 37.80 8.10
C21 BCR US . -44.69 37.09 8.76
C22 BCR US . -44.23 35.84 8.49
C23 BCR US . -43.15 35.32 9.31
C24 BCR US . -42.35 34.29 9.05
C25 BCR US . -41.33 33.79 9.95
C26 BCR US . -40.42 34.60 10.51
C27 BCR US . -39.83 34.31 11.86
C28 BCR US . -40.39 33.05 12.47
C29 BCR US . -40.50 31.93 11.44
C30 BCR US . -41.37 32.28 10.22
C35 BCR US . -47.23 46.55 8.63
C36 BCR US . -48.25 39.32 7.16
C37 BCR US . -44.77 34.99 7.38
C38 BCR US . -39.90 35.86 9.87
C39 BCR US . -42.81 31.82 10.47
C40 BCR US . -40.82 31.54 9.01
C1 BCR VS . -57.93 55.46 21.62
C2 BCR VS . -59.17 56.20 22.16
C3 BCR VS . -60.22 55.26 22.72
C4 BCR VS . -60.71 54.29 21.66
C5 BCR VS . -59.63 53.82 20.72
C6 BCR VS . -58.35 54.22 20.83
C7 BCR VS . -57.27 53.47 20.16
C8 BCR VS . -56.72 53.81 19.00
C9 BCR VS . -55.72 53.12 18.20
C10 BCR VS . -55.50 51.80 18.36
C11 BCR VS . -54.68 50.94 17.54
C33 BCR VS . -60.13 52.85 19.68
C31 BCR VS . -57.04 55.06 22.81
C32 BCR VS . -57.17 56.46 20.74
C34 BCR VS . -55.07 53.92 17.10
C12 BCR VS . -54.46 49.62 17.77
C13 BCR VS . -53.65 48.71 16.97
C14 BCR VS . -53.62 47.39 17.29
C15 BCR VS . -52.98 46.32 16.57
C16 BCR VS . -52.96 45.03 16.97
C17 BCR VS . -52.31 44.01 16.20
C18 BCR VS . -52.26 42.68 16.44
C19 BCR VS . -51.57 41.83 15.48
C20 BCR VS . -51.15 40.56 15.64
C21 BCR VS . -50.49 39.84 14.58
C22 BCR VS . -49.87 38.63 14.63
C23 BCR VS . -49.78 37.89 15.88
C24 BCR VS . -49.50 36.59 16.02
C25 BCR VS . -49.33 35.88 17.26
C26 BCR VS . -50.38 35.60 18.05
C27 BCR VS . -50.25 34.90 19.38
C28 BCR VS . -48.82 34.79 19.88
C29 BCR VS . -47.87 34.44 18.74
C30 BCR VS . -47.90 35.45 17.60
C35 BCR VS . -52.94 49.26 15.76
C36 BCR VS . -52.91 42.03 17.62
C37 BCR VS . -49.25 38.02 13.41
C38 BCR VS . -51.81 35.94 17.72
C39 BCR VS . -47.25 34.78 16.39
C40 BCR VS . -47.07 36.68 17.98
C1 BCR WS . -43.73 8.17 14.15
C2 BCR WS . -43.18 7.52 15.45
C3 BCR WS . -42.00 8.24 16.08
C4 BCR WS . -40.89 8.47 15.07
C5 BCR WS . -41.38 9.03 13.76
C6 BCR WS . -42.59 8.70 13.27
C7 BCR WS . -42.90 8.81 11.87
C8 BCR WS . -42.44 7.95 10.98
C9 BCR WS . -42.64 7.94 9.53
C10 BCR WS . -42.17 6.89 8.83
C11 BCR WS . -42.22 6.66 7.42
C33 BCR WS . -40.40 9.93 13.08
C31 BCR WS . -44.50 7.06 13.42
C32 BCR WS . -44.71 9.30 14.50
C34 BCR WS . -43.36 9.11 8.92
C12 BCR WS . -41.69 5.55 6.87
C13 BCR WS . -41.66 5.17 5.47
C14 BCR WS . -41.27 3.91 5.15
C15 BCR WS . -41.16 3.32 3.85
C16 BCR WS . -40.67 2.08 3.64
C17 BCR WS . -40.54 1.52 2.33
C18 BCR WS . -40.09 0.29 1.98
C19 BCR WS . -39.92 0.00 0.56
C20 BCR WS . -39.60 -1.17 -0.01
C21 BCR WS . -39.43 -1.30 -1.43
C22 BCR WS . -39.15 -2.43 -2.14
C23 BCR WS . -38.91 -2.32 -3.57
C24 BCR WS . -38.80 -3.29 -4.47
C25 BCR WS . -38.41 -3.08 -5.83
C26 BCR WS . -39.25 -2.58 -6.74
C27 BCR WS . -38.86 -2.31 -8.17
C28 BCR WS . -37.36 -2.31 -8.40
C29 BCR WS . -36.73 -3.48 -7.67
C30 BCR WS . -36.96 -3.46 -6.16
C35 BCR WS . -42.06 6.19 4.43
C36 BCR WS . -39.69 -0.77 2.97
C37 BCR WS . -39.03 -3.79 -1.49
C38 BCR WS . -40.69 -2.21 -6.46
C39 BCR WS . -36.01 -2.46 -5.50
C40 BCR WS . -36.65 -4.86 -5.63
C1 BCR XS . -26.72 35.47 -7.49
C2 BCR XS . -26.88 35.66 -9.01
C3 BCR XS . -25.54 35.75 -9.73
C4 BCR XS . -24.75 34.47 -9.52
C5 BCR XS . -24.87 33.87 -8.15
C6 BCR XS . -25.67 34.40 -7.20
C7 BCR XS . -25.59 33.99 -5.81
C8 BCR XS . -24.73 34.49 -4.93
C9 BCR XS . -24.65 34.19 -3.51
C10 BCR XS . -23.96 35.05 -2.70
C11 BCR XS . -23.87 35.04 -1.27
C33 BCR XS . -24.02 32.64 -7.96
C31 BCR XS . -28.09 35.03 -6.94
C32 BCR XS . -26.33 36.80 -6.84
C34 BCR XS . -25.41 33.00 -2.98
C12 BCR XS . -23.14 35.94 -0.61
C13 BCR XS . -22.95 36.11 0.82
C14 BCR XS . -22.21 37.16 1.26
C15 BCR XS . -22.05 37.66 2.59
C16 BCR XS . -21.24 38.72 2.82
C17 BCR XS . -21.00 39.33 4.08
C18 BCR XS . -20.23 40.42 4.34
C19 BCR XS . -20.15 40.94 5.69
C20 BCR XS . -19.69 42.14 6.08
C21 BCR XS . -19.63 42.57 7.44
C22 BCR XS . -19.19 43.76 7.92
C23 BCR XS . -19.17 43.98 9.35
C24 BCR XS . -18.55 44.94 10.02
C25 BCR XS . -18.60 45.14 11.44
C26 BCR XS . -19.56 45.88 12.01
C27 BCR XS . -19.77 45.93 13.51
C28 BCR XS . -18.93 44.94 14.28
C29 BCR XS . -17.52 44.89 13.71
C30 BCR XS . -17.50 44.43 12.24
C35 BCR XS . -23.70 35.18 1.74
C36 BCR XS . -19.47 41.15 3.25
C37 BCR XS . -18.70 44.87 7.03
C38 BCR XS . -20.55 46.73 11.25
C39 BCR XS . -17.69 42.91 12.18
C40 BCR XS . -16.12 44.77 11.66
C1 BCR YS . -46.30 57.59 19.34
C2 BCR YS . -47.55 57.26 20.17
C3 BCR YS . -48.82 57.20 19.35
C4 BCR YS . -48.72 56.18 18.22
C5 BCR YS . -47.33 56.01 17.64
C6 BCR YS . -46.27 56.73 18.07
C7 BCR YS . -45.01 56.71 17.37
C8 BCR YS . -44.72 57.34 16.23
C9 BCR YS . -43.45 57.37 15.54
C10 BCR YS . -43.40 57.80 14.26
C11 BCR YS . -42.25 57.89 13.39
C33 BCR YS . -47.27 54.98 16.57
C31 BCR YS . -45.08 57.31 20.22
C32 BCR YS . -46.32 59.08 18.97
C34 BCR YS . -42.23 56.90 16.29
C12 BCR YS . -42.27 58.39 12.14
C13 BCR YS . -41.14 58.50 11.22
C14 BCR YS . -41.28 59.26 10.10
C15 BCR YS . -40.29 59.56 9.11
C16 BCR YS . -40.52 60.26 7.98
C17 BCR YS . -39.51 60.56 7.02
C18 BCR YS . -39.63 61.25 5.86
C19 BCR YS . -38.45 61.51 5.06
C20 BCR YS . -38.30 62.40 4.07
C21 BCR YS . -37.07 62.58 3.35
C22 BCR YS . -36.77 63.54 2.45
C23 BCR YS . -35.41 63.63 1.94
C24 BCR YS . -34.75 64.75 1.65
C25 BCR YS . -33.38 64.88 1.15
C26 BCR YS . -32.35 64.14 1.62
C27 BCR YS . -31.05 64.05 0.87
C28 BCR YS . -30.73 65.27 0.04
C29 BCR YS . -31.94 65.69 -0.77
C30 BCR YS . -33.21 65.96 0.07
C35 BCR YS . -39.86 57.81 11.58
C36 BCR YS . -40.94 61.82 5.39
C37 BCR YS . -37.76 64.59 2.01
C38 BCR YS . -32.37 63.37 2.91
C39 BCR YS . -34.41 65.97 -0.88
C40 BCR YS . -33.07 67.33 0.72
C1A DGD ZS . -37.75 14.31 -11.12
C2A DGD ZS . -38.59 13.63 -10.09
C3A DGD ZS . -37.92 13.65 -8.74
C4A DGD ZS . -38.60 12.64 -7.85
C5A DGD ZS . -39.90 13.20 -7.31
C6A DGD ZS . -39.81 13.31 -5.82
C7A DGD ZS . -41.14 13.74 -5.24
C8A DGD ZS . -41.63 12.68 -4.27
C9A DGD ZS . -42.95 13.09 -3.66
CAA DGD ZS . -42.70 13.95 -2.45
CBA DGD ZS . -43.17 13.24 -1.19
CCA DGD ZS . -43.34 14.24 -0.05
O1A DGD ZS . -38.27 14.90 -12.04
C1B DGD ZS . -36.01 18.45 -9.82
C2B DGD ZS . -35.17 19.00 -8.70
C3B DGD ZS . -36.08 19.69 -7.69
C4B DGD ZS . -35.23 20.47 -6.71
C5B DGD ZS . -35.48 20.09 -5.27
C6B DGD ZS . -34.18 20.19 -4.50
C7B DGD ZS . -34.38 19.84 -3.04
C8B DGD ZS . -33.90 18.43 -2.70
C9B DGD ZS . -33.37 18.35 -1.28
CAB DGD ZS . -34.01 17.22 -0.50
CBB DGD ZS . -33.89 17.45 1.01
CCB DGD ZS . -35.24 17.34 1.70
CDB DGD ZS . -35.05 17.43 3.20
CEB DGD ZS . -36.30 17.94 3.91
O1B DGD ZS . -37.19 18.63 -9.73
O1G DGD ZS . -36.33 14.27 -11.08
C1G DGD ZS . -35.52 15.43 -11.32
C2G DGD ZS . -36.30 16.72 -11.52
O2G DGD ZS . -35.47 17.77 -10.99
C3G DGD ZS . -36.65 16.85 -13.01
O3G DGD ZS . -35.83 17.74 -13.78
C1D DGD ZS . -36.64 18.48 -14.70
C2D DGD ZS . -35.79 19.47 -15.47
O2D DGD ZS . -36.54 20.65 -15.81
C3D DGD ZS . -35.34 18.85 -16.77
O3D DGD ZS . -34.72 17.60 -16.47
C4D DGD ZS . -36.54 18.62 -17.66
O4D DGD ZS . -36.26 17.54 -18.53
C5D DGD ZS . -37.72 18.27 -16.78
O5D DGD ZS . -38.93 17.88 -18.81
C6D DGD ZS . -38.68 17.36 -17.52
O6D DGD ZS . -37.21 17.60 -15.63
C1E DGD ZS . -40.18 18.54 -18.91
C2E DGD ZS . -40.65 18.35 -20.33
O2E DGD ZS . -39.76 17.46 -21.00
C3E DGD ZS . -40.62 19.65 -21.08
O3E DGD ZS . -41.10 19.41 -22.40
C4E DGD ZS . -41.51 20.66 -20.37
O4E DGD ZS . -42.87 20.22 -20.41
C5E DGD ZS . -41.06 20.79 -18.92
O6E DGD ZS . -39.96 19.92 -18.66
C6E DGD ZS . -42.15 20.48 -17.92
O5E DGD ZS . -41.57 20.70 -16.65
C1 PQN AT . -31.77 2.67 -7.26
O1 PQN AT . -30.97 2.78 -6.36
C2 PQN AT . -32.97 1.79 -7.13
C2M PQN AT . -33.06 1.06 -5.82
C3 PQN AT . -33.86 1.69 -8.14
C4 PQN AT . -33.67 2.46 -9.40
O4 PQN AT . -34.45 2.39 -10.32
C5 PQN AT . -32.49 3.34 -9.54
C6 PQN AT . -32.29 4.06 -10.70
C7 PQN AT . -31.19 4.89 -10.82
C8 PQN AT . -30.27 4.96 -9.78
C9 PQN AT . -30.48 4.26 -8.62
C10 PQN AT . -31.58 3.44 -8.50
C11 PQN AT . -35.07 0.80 -8.09
C12 PQN AT . -36.21 1.42 -7.33
C13 PQN AT . -37.39 1.78 -7.82
C14 PQN AT . -37.78 1.68 -9.27
C15 PQN AT . -38.43 2.38 -6.91
C16 PQN AT . -39.75 1.59 -6.95
C17 PQN AT . -40.36 1.32 -5.57
C18 PQN AT . -40.72 2.56 -4.76
C19 PQN AT . -40.79 2.21 -3.27
C20 PQN AT . -41.99 3.25 -5.31
C21 PQN AT . -43.33 2.58 -5.01
C22 PQN AT . -44.50 3.26 -5.73
C23 PQN AT . -45.89 2.72 -5.39
C24 PQN AT . -45.96 1.21 -5.61
C25 PQN AT . -46.97 3.43 -6.22
C26 PQN AT . -47.25 4.90 -5.91
C27 PQN AT . -48.37 5.42 -6.81
C28 PQN AT . -48.53 6.94 -6.92
C29 PQN AT . -47.29 7.59 -7.54
C30 PQN AT . -49.75 7.30 -7.74
FE1 SF4 BT . -20.20 12.17 -39.32
FE2 SF4 BT . -19.51 13.57 -37.09
FE3 SF4 BT . -19.51 14.80 -39.53
FE4 SF4 BT . -17.60 12.93 -38.94
S1 SF4 BT . -17.90 14.95 -37.93
S2 SF4 BT . -18.80 13.09 -40.86
S3 SF4 BT . -18.81 11.48 -37.65
S4 SF4 BT . -21.31 13.95 -38.44
FE1 SF4 CT . -27.88 6.61 -33.18
FE2 SF4 CT . -29.55 8.55 -32.22
FE3 SF4 CT . -26.84 8.79 -31.90
FE4 SF4 CT . -28.23 6.91 -30.49
S1 SF4 CT . -28.45 9.16 -30.32
S2 SF4 CT . -26.25 6.61 -31.58
S3 SF4 CT . -29.81 6.30 -32.01
S4 SF4 CT . -27.99 8.78 -33.86
MG CLA DT . 0.77 15.40 -12.47
CHA CLA DT . 4.07 16.09 -13.01
CHB CLA DT . 1.30 12.22 -13.20
CHC CLA DT . -2.59 14.87 -12.09
CHD CLA DT . 0.06 18.88 -12.67
NA CLA DT . 2.36 14.41 -12.97
C1A CLA DT . 3.69 14.79 -13.10
C2A CLA DT . 4.64 13.65 -13.35
C3A CLA DT . 3.70 12.51 -13.66
C4A CLA DT . 2.36 13.06 -13.26
CMA CLA DT . 3.73 12.05 -15.11
CAA CLA DT . 5.44 13.38 -12.08
CBA CLA DT . 6.61 12.43 -12.30
CGA CLA DT . 7.23 11.96 -11.01
O1A CLA DT . 6.65 11.37 -10.15
O2A CLA DT . 8.52 12.29 -10.96
NB CLA DT . -0.41 13.85 -12.59
C1B CLA DT . -0.01 12.51 -12.87
C2B CLA DT . -1.11 11.63 -12.75
C3B CLA DT . -2.22 12.41 -12.44
C4B CLA DT . -1.80 13.75 -12.35
CMB CLA DT . -1.07 10.14 -12.93
CAB CLA DT . -3.59 11.95 -12.24
CBB CLA DT . -4.68 12.38 -12.82
NC CLA DT . -0.84 16.56 -12.39
C1C CLA DT . -2.14 16.15 -12.15
C2C CLA DT . -3.06 17.29 -12.04
C3C CLA DT . -2.30 18.42 -12.21
C4C CLA DT . -0.95 18.00 -12.44
CMC CLA DT . -4.54 17.24 -11.81
CAC CLA DT . -2.75 19.85 -12.06
CBC CLA DT . -2.91 20.56 -13.37
ND CLA DT . 1.73 17.07 -12.78
C1D CLA DT . 1.37 18.48 -12.83
C2D CLA DT . 2.52 19.26 -13.01
C3D CLA DT . 3.62 18.37 -13.07
C4D CLA DT . 3.10 17.10 -12.91
CMD CLA DT . 2.56 20.75 -13.11
CAD CLA DT . 5.06 18.23 -13.22
OBD CLA DT . 5.89 19.09 -13.49
CBD CLA DT . 5.43 16.81 -13.02
CGD CLA DT . 6.43 16.44 -14.11
O1D CLA DT . 6.54 17.01 -15.17
O2D CLA DT . 7.22 15.45 -13.71
CED CLA DT . 8.41 15.22 -14.51
C1 CLA DT . 9.24 11.99 -9.73
C2 CLA DT . 10.25 13.05 -9.51
C3 CLA DT . 10.97 13.11 -8.40
C4 CLA DT . 10.86 12.11 -7.28
C5 CLA DT . 11.95 14.24 -8.16
C6 CLA DT . 13.32 13.98 -8.80
C7 CLA DT . 13.96 12.68 -8.34
C8 CLA DT . 15.49 12.63 -8.35
C9 CLA DT . 16.05 12.83 -9.76
C10 CLA DT . 16.00 11.35 -7.71
C11 CLA DT . 17.49 11.26 -7.40
C12 CLA DT . 17.86 9.99 -6.67
C13 CLA DT . 19.31 9.88 -6.17
C14 CLA DT . 20.31 9.98 -7.31
C15 CLA DT . 19.51 8.61 -5.36
C1 BCR ET . -8.06 16.55 -6.12
C2 BCR ET . -8.81 17.00 -7.39
C3 BCR ET . -7.95 17.87 -8.29
C4 BCR ET . -6.69 17.14 -8.72
C5 BCR ET . -6.12 16.22 -7.69
C6 BCR ET . -6.64 16.10 -6.46
C7 BCR ET . -5.89 15.55 -5.34
C8 BCR ET . -4.70 15.97 -4.89
C9 BCR ET . -4.06 15.59 -3.65
C10 BCR ET . -2.73 15.83 -3.51
C11 BCR ET . -1.94 15.71 -2.32
C33 BCR ET . -4.90 15.47 -8.16
C31 BCR ET . -8.87 15.39 -5.52
C32 BCR ET . -8.05 17.71 -5.11
C34 BCR ET . -4.93 15.04 -2.55
C12 BCR ET . -0.60 15.81 -2.29
C13 BCR ET . 0.24 15.75 -1.11
C14 BCR ET . 1.41 16.45 -1.12
C15 BCR ET . 2.26 16.73 0.00
C16 BCR ET . 3.46 17.32 -0.09
C17 BCR ET . 4.25 17.62 1.07
C18 BCR ET . 5.44 18.25 1.13
C19 BCR ET . 5.98 18.57 2.44
C20 BCR ET . 7.06 19.30 2.75
C21 BCR ET . 7.45 19.54 4.10
C22 BCR ET . 8.51 20.24 4.55
C23 BCR ET . 8.69 20.40 5.99
C24 BCR ET . 9.79 20.75 6.65
C25 BCR ET . 9.84 20.98 8.08
C26 BCR ET . 9.62 19.98 8.95
C27 BCR ET . 9.47 20.22 10.43
C28 BCR ET . 9.34 21.67 10.81
C29 BCR ET . 10.34 22.51 10.03
C30 BCR ET . 10.17 22.41 8.51
C35 BCR ET . -0.30 15.07 0.11
C36 BCR ET . 6.19 18.72 -0.09
C37 BCR ET . 9.53 20.88 3.65
C38 BCR ET . 9.49 18.53 8.57
C39 BCR ET . 11.47 22.90 7.85
C40 BCR ET . 9.03 23.36 8.11
MG CLA FT . 0.35 40.89 14.45
CHA CLA FT . 3.66 41.77 14.63
CHB CLA FT . 0.54 41.07 11.13
CHC CLA FT . -3.08 40.58 14.33
CHD CLA FT . 0.05 41.53 17.92
NA CLA FT . 1.81 41.23 13.21
C1A CLA FT . 3.15 41.48 13.41
C2A CLA FT . 3.99 41.46 12.16
C3A CLA FT . 2.94 41.54 11.08
C4A CLA FT . 1.66 41.27 11.84
CMA CLA FT . 2.91 42.86 10.34
CAA CLA FT . 4.77 40.14 12.12
CBA CLA FT . 5.90 40.14 11.09
CGA CLA FT . 6.70 38.86 11.10
O1A CLA FT . 6.94 38.21 12.07
O2A CLA FT . 7.14 38.56 9.88
NB CLA FT . -0.99 40.80 13.03
C1B CLA FT . -0.75 40.84 11.61
C2B CLA FT . -1.94 40.65 10.90
C3B CLA FT . -2.96 40.50 11.84
C4B CLA FT . -2.40 40.60 13.12
CMB CLA FT . -2.09 40.64 9.40
CAB CLA FT . -4.38 40.25 11.57
CBB CLA FT . -5.07 39.19 11.89
NC CLA FT . -1.12 40.99 15.78
C1C CLA FT . -2.48 40.80 15.55
C2C CLA FT . -3.27 40.96 16.77
C3C CLA FT . -2.39 41.25 17.78
C4C CLA FT . -1.07 41.26 17.20
CMC CLA FT . -4.77 40.86 16.94
CAC CLA FT . -2.71 41.53 19.22
CBC CLA FT . -2.54 40.34 20.11
ND CLA FT . 1.48 41.48 15.92
C1D CLA FT . 1.30 41.68 17.35
C2D CLA FT . 2.52 41.99 17.96
C3D CLA FT . 3.50 42.04 16.93
C4D CLA FT . 2.83 41.74 15.76
CMD CLA FT . 2.76 42.24 19.42
CAD CLA FT . 4.90 42.22 16.60
OBD CLA FT . 5.85 42.40 17.35
CBD CLA FT . 5.06 42.15 15.11
CGD CLA FT . 5.51 43.51 14.58
O1D CLA FT . 4.93 44.53 14.75
O2D CLA FT . 6.65 43.40 13.91
CED CLA FT . 7.18 44.62 13.35
MG CLA GT . 11.57 17.94 -0.63
CHA CLA GT . 14.39 19.19 -2.10
CHB CLA GT . 13.05 18.15 2.32
CHC CLA GT . 8.84 16.38 0.71
CHD CLA GT . 10.41 16.92 -3.84
NA CLA GT . 13.31 18.59 -0.06
C1A CLA GT . 14.36 19.18 -0.75
C2A CLA GT . 15.45 19.73 0.12
C3A CLA GT . 15.14 19.10 1.45
C4A CLA GT . 13.74 18.58 1.25
CMA CLA GT . 16.11 18.02 1.88
CAA CLA GT . 15.30 21.27 0.16
CBA CLA GT . 16.40 22.01 0.90
CGA CLA GT . 17.79 21.73 0.39
O1A CLA GT . 18.04 21.38 -0.74
O2A CLA GT . 18.70 21.91 1.32
NB CLA GT . 11.03 17.40 1.16
C1B CLA GT . 11.78 17.63 2.38
C2B CLA GT . 11.02 17.23 3.49
C3B CLA GT . 9.81 16.72 3.02
C4B CLA GT . 9.82 16.81 1.61
CMB CLA GT . 11.44 17.33 4.92
CAB CLA GT . 8.69 16.24 3.83
CBB CLA GT . 8.04 15.12 3.71
NC CLA GT . 10.03 16.93 -1.37
C1C CLA GT . 8.96 16.40 -0.64
C2C CLA GT . 7.96 15.81 -1.53
C3C CLA GT . 8.38 15.98 -2.82
C4C CLA GT . 9.67 16.64 -2.74
CMC CLA GT . 6.68 15.14 -1.11
CAC CLA GT . 7.65 15.62 -4.08
CBC CLA GT . 8.10 14.30 -4.67
ND CLA GT . 12.17 17.98 -2.47
C1D CLA GT . 11.64 17.57 -3.77
C2D CLA GT . 12.50 17.97 -4.80
C3D CLA GT . 13.58 18.66 -4.20
C4D CLA GT . 13.34 18.61 -2.84
CMD CLA GT . 12.30 17.72 -6.27
CAD CLA GT . 14.73 19.52 -4.42
OBD CLA GT . 15.10 20.04 -5.45
CBD CLA GT . 15.41 19.73 -3.11
CGD CLA GT . 16.75 19.00 -3.07
O1D CLA GT . 16.89 17.83 -2.83
O2D CLA GT . 17.76 19.84 -3.32
CED CLA GT . 19.09 19.27 -3.24
C1 CLA GT . 20.08 21.63 0.92
C2 CLA GT . 20.98 21.84 2.08
O1 LHG HT . 18.96 23.89 14.92
C1 LHG HT . 19.90 23.27 15.80
C2 LHG HT . 19.57 21.80 15.90
O2 LHG HT . 18.97 21.33 14.71
C3 LHG HT . 18.59 21.47 17.02
O3 LHG HT . 17.38 21.79 16.35
P LHG HT . 16.10 22.32 17.19
O4 LHG HT . 15.70 21.24 18.13
O5 LHG HT . 16.36 23.78 17.35
O6 LHG HT . 15.03 22.12 15.93
C4 LHG HT . 13.97 23.00 15.78
C5 LHG HT . 13.40 22.67 14.41
C6 LHG HT . 12.00 22.06 14.53
O7 LHG HT . 13.30 23.91 13.73
C7 LHG HT . 12.83 23.84 12.45
O9 LHG HT . 11.73 24.25 12.15
C8 LHG HT . 13.82 23.20 11.55
C9 LHG HT . 13.83 23.90 10.20
C10 LHG HT . 15.12 24.69 9.98
O8 LHG HT . 11.16 23.18 14.82
C23 LHG HT . 9.83 22.97 14.79
O10 LHG HT . 9.38 21.85 14.90
C24 LHG HT . 8.92 24.09 14.35
C11 LHG HT . 14.87 26.03 10.64
C12 LHG HT . 14.22 26.97 9.67
C13 LHG HT . 15.28 27.64 8.82
C14 LHG HT . 15.75 28.98 9.38
C15 LHG HT . 16.33 29.76 8.22
C16 LHG HT . 15.21 30.52 7.50
C17 LHG HT . 15.69 31.42 6.36
C18 LHG HT . 16.50 30.59 5.35
C19 LHG HT . 15.86 29.31 4.82
C20 LHG HT . 17.01 28.70 4.04
C25 LHG HT . 7.45 23.80 14.30
C26 LHG HT . 6.67 24.73 13.39
C27 LHG HT . 5.24 24.37 13.59
C28 LHG HT . 4.28 25.18 12.78
C29 LHG HT . 2.93 24.51 12.88
C30 LHG HT . 1.82 25.16 12.11
C31 LHG HT . 1.98 25.20 10.61
C32 LHG HT . 0.88 24.56 9.81
C33 LHG HT . -0.43 25.32 10.03
C34 LHG HT . -0.46 26.75 9.55
C35 LHG HT . -1.83 27.14 9.01
C36 LHG HT . -2.83 27.18 10.17
C37 LHG HT . -3.89 26.15 9.90
C38 LHG HT . -4.83 26.48 8.75
C1 BCR IT . -51.98 17.14 9.72
C2 BCR IT . -53.04 17.74 10.67
C3 BCR IT . -54.00 18.67 9.96
C4 BCR IT . -54.76 17.93 8.89
C5 BCR IT . -53.90 16.99 8.08
C6 BCR IT . -52.62 16.72 8.39
C7 BCR IT . -51.77 15.97 7.52
C8 BCR IT . -51.83 14.65 7.40
C9 BCR IT . -50.98 13.77 6.61
C10 BCR IT . -51.23 12.44 6.66
C11 BCR IT . -50.49 11.38 6.04
C33 BCR IT . -54.62 16.42 6.88
C31 BCR IT . -51.36 15.94 10.43
C32 BCR IT . -50.89 18.18 9.47
C34 BCR IT . -49.84 14.39 5.84
C12 BCR IT . -50.91 10.11 6.11
C13 BCR IT . -50.27 8.92 5.56
C14 BCR IT . -50.81 7.71 5.85
C15 BCR IT . -50.29 6.42 5.57
C16 BCR IT . -50.96 5.28 5.87
C17 BCR IT . -50.45 3.98 5.62
C18 BCR IT . -51.03 2.80 5.91
C19 BCR IT . -50.24 1.59 5.78
C20 BCR IT . -50.45 0.41 6.38
C21 BCR IT . -49.60 -0.72 6.20
C22 BCR IT . -49.62 -1.90 6.86
C23 BCR IT . -48.58 -2.87 6.59
C24 BCR IT . -48.46 -4.11 7.05
C25 BCR IT . -47.30 -4.90 6.89
C26 BCR IT . -47.02 -5.51 5.72
C27 BCR IT . -45.78 -6.34 5.51
C28 BCR IT . -44.87 -6.49 6.72
C29 BCR IT . -44.96 -5.28 7.65
C30 BCR IT . -46.39 -4.99 8.10
C35 BCR IT . -49.00 9.08 4.78
C36 BCR IT . -52.42 2.68 6.49
C37 BCR IT . -50.65 -2.23 7.91
C38 BCR IT . -47.87 -5.42 4.49
C39 BCR IT . -46.88 -6.09 9.06
C40 BCR IT . -46.36 -3.66 8.87
MG CLA JT . 21.57 5.65 8.22
CHA CLA JT . 23.63 5.02 10.89
CHB CLA JT . 22.44 8.85 8.33
CHC CLA JT . 19.16 6.28 5.86
CHD CLA JT . 20.11 2.44 8.66
NA CLA JT . 22.81 6.66 9.33
C1A CLA JT . 23.66 6.26 10.35
C2A CLA JT . 24.62 7.33 10.81
C3A CLA JT . 24.06 8.57 10.16
C4A CLA JT . 23.03 8.01 9.21
CMA CLA JT . 23.43 9.56 11.13
CAA CLA JT . 26.04 7.00 10.32
CBA CLA JT . 26.17 6.58 8.86
CGA CLA JT . 27.56 6.75 8.34
O1A CLA JT . 28.30 5.85 8.04
O2A CLA JT . 27.89 8.04 8.25
NB CLA JT . 20.94 7.24 7.27
C1B CLA JT . 21.48 8.57 7.39
C2B CLA JT . 20.84 9.44 6.48
C3B CLA JT . 19.90 8.68 5.79
C4B CLA JT . 19.95 7.36 6.26
CMB CLA JT . 21.14 10.89 6.29
CAB CLA JT . 19.00 9.15 4.73
CBB CLA JT . 18.99 8.77 3.48
NC CLA JT . 20.05 4.63 7.44
C1C CLA JT . 19.20 5.05 6.43
C2C CLA JT . 18.26 4.00 6.04
C3C CLA JT . 18.53 2.90 6.82
C4C CLA JT . 19.61 3.27 7.70
CMC CLA JT . 17.17 4.08 5.00
CAC CLA JT . 17.91 1.53 6.74
CBC CLA JT . 16.92 1.27 7.85
ND CLA JT . 21.74 4.13 9.42
C1D CLA JT . 21.13 2.80 9.52
C2D CLA JT . 21.75 2.06 10.54
C3D CLA JT . 22.74 2.88 11.12
C4D CLA JT . 22.69 4.08 10.42
CMD CLA JT . 21.42 0.65 10.92
CAD CLA JT . 23.78 3.00 12.13
OBD CLA JT . 24.12 2.19 12.97
CBD CLA JT . 24.44 4.34 12.00
CGD CLA JT . 24.40 5.07 13.34
O1D CLA JT . 23.39 5.36 13.93
O2D CLA JT . 25.63 5.32 13.79
CED CLA JT . 25.72 5.94 15.09
C1 BCR KT . 6.80 -7.70 0.84
C2 BCR KT . 7.38 -8.99 0.24
C3 BCR KT . 6.35 -9.81 -0.54
C4 BCR KT . 5.13 -10.13 0.31
C5 BCR KT . 4.64 -8.96 1.10
C6 BCR KT . 5.45 -7.98 1.51
C7 BCR KT . 5.10 -7.15 2.67
C8 BCR KT . 5.03 -5.82 2.71
C9 BCR KT . 4.63 -4.97 3.82
C10 BCR KT . 4.99 -3.66 3.78
C11 BCR KT . 4.60 -2.61 4.67
C33 BCR KT . 3.16 -9.01 1.40
C31 BCR KT . 6.62 -6.71 -0.32
C32 BCR KT . 7.83 -7.14 1.83
C34 BCR KT . 3.79 -5.56 4.91
C12 BCR KT . 5.13 -1.39 4.61
C13 BCR KT . 4.82 -0.23 5.42
C14 BCR KT . 5.70 0.79 5.47
C15 BCR KT . 5.55 2.06 6.10
C16 BCR KT . 6.56 2.97 6.16
C17 BCR KT . 6.40 4.25 6.78
C18 BCR KT . 7.34 5.21 6.94
C19 BCR KT . 6.93 6.51 7.45
C20 BCR KT . 7.59 7.67 7.36
C21 BCR KT . 7.08 8.90 7.89
C22 BCR KT . 7.69 10.11 7.92
C23 BCR KT . 6.93 11.25 8.43
C24 BCR KT . 7.26 12.53 8.39
C25 BCR KT . 6.48 13.62 8.93
C26 BCR KT . 6.88 14.29 10.02
C27 BCR KT . 6.50 15.74 10.23
C28 BCR KT . 5.18 16.13 9.55
C29 BCR KT . 5.03 15.51 8.17
C30 BCR KT . 5.21 13.98 8.16
C35 BCR KT . 3.48 -0.20 6.10
C36 BCR KT . 8.78 5.04 6.53
C37 BCR KT . 9.07 10.35 7.39
C38 BCR KT . 7.73 13.72 11.12
C39 BCR KT . 5.28 13.52 6.70
C40 BCR KT . 4.00 13.31 8.82
C DD6 LT . 12.85 4.76 4.46
C1 DD6 LT . 12.27 3.65 5.28
C10 DD6 LT . 8.12 -0.08 -2.55
C11 DD6 LT . 7.48 -0.84 -3.48
C12 DD6 LT . 6.42 -1.86 -3.13
C13 DD6 LT . 7.89 -0.72 -4.86
C14 DD6 LT . 7.41 -1.22 -5.99
C15 DD6 LT . 8.01 -0.98 -7.35
C16 DD6 LT . 7.99 0.42 -7.90
C17 DD6 LT . 7.80 0.36 -9.42
C18 DD6 LT . 8.69 -0.64 -10.14
C19 DD6 LT . 8.30 -2.05 -9.73
C2 DD6 LT . 11.40 2.73 4.79
C20 DD6 LT . 8.16 -2.21 -8.23
C21 DD6 LT . 7.76 -3.60 -7.79
C22 DD6 LT . 6.86 1.26 -7.30
C23 DD6 LT . 9.29 1.15 -7.60
C24 DD6 LT . 12.75 3.48 6.65
C25 DD6 LT . 13.81 4.07 7.22
C26 DD6 LT . 14.21 3.84 8.55
C27 DD6 LT . 15.23 4.43 9.22
C28 DD6 LT . 16.09 5.55 8.68
C29 DD6 LT . 15.56 3.96 10.53
C3 DD6 LT . 10.97 2.60 3.43
C30 DD6 LT . 15.93 3.66 11.63
C31 DD6 LT . 16.41 3.41 12.94
C32 DD6 LT . 15.72 4.19 14.07
C33 DD6 LT . 16.45 3.84 15.38
C34 DD6 LT . 16.69 2.34 15.52
C35 DD6 LT . 17.63 1.85 14.43
C36 DD6 LT . 17.42 2.55 13.12
C37 DD6 LT . 18.42 2.20 12.05
C4 DD6 LT . 10.02 1.73 3.02
C40 DD6 LT . 15.83 5.69 13.80
C41 DD6 LT . 14.25 3.80 14.15
C5 DD6 LT . 9.66 1.62 1.65
C6 DD6 LT . 8.72 0.82 1.10
C7 DD6 LT . 7.80 -0.06 1.89
C8 DD6 LT . 8.68 0.73 -0.36
C9 DD6 LT . 7.99 -0.12 -1.12
O1 DD6 LT . 9.28 -1.64 -7.49
O2 DD6 LT . 8.55 -0.49 -11.55
O4 DD6 LT . 17.25 2.08 16.79
C1 LMG MT . 19.63 7.38 -17.46
O1 LMG MT . 20.98 7.56 -17.01
C2 LMG MT . 18.92 8.67 -17.89
O2 LMG MT . 17.53 8.38 -18.06
C3 LMG MT . 19.43 9.26 -19.20
O3 LMG MT . 20.16 10.46 -18.97
C4 LMG MT . 20.36 8.29 -19.91
O4 LMG MT . 21.65 8.28 -19.30
C5 LMG MT . 19.71 6.93 -19.86
O5 LMG MT . 19.86 5.87 -22.02
C6 LMG MT . 20.48 5.95 -20.73
O6 LMG MT . 19.70 6.44 -18.53
C7 LMG MT . 21.30 8.66 -16.17
C8 LMG MT . 20.96 8.40 -14.71
C9 LMG MT . 20.45 7.00 -14.47
O7 LMG MT . 22.17 8.51 -13.96
C10 LMG MT . 22.02 9.21 -12.71
O9 LMG MT . 21.14 8.91 -11.94
C11 LMG MT . 22.99 10.28 -12.33
C12 LMG MT . 23.93 9.69 -11.29
C13 LMG MT . 23.61 10.19 -9.89
C14 LMG MT . 24.86 10.71 -9.21
C15 LMG MT . 24.53 11.85 -8.26
C16 LMG MT . 25.77 12.33 -7.54
C17 LMG MT . 26.04 11.46 -6.31
C18 LMG MT . 25.10 11.82 -5.19
O8 LMG MT . 20.56 6.65 -13.09
C28 LMG MT . 19.39 6.64 -12.25
O10 LMG MT . 18.45 7.33 -12.55
C29 LMG MT . 19.28 5.80 -11.01
C30 LMG MT . 18.69 6.68 -9.92
C31 LMG MT . 18.73 5.98 -8.57
C32 LMG MT . 17.35 5.46 -8.18
C33 LMG MT . 17.27 3.96 -8.35
C34 LMG MT . 17.89 3.25 -7.16
C35 LMG MT . 17.00 2.14 -6.64
C36 LMG MT . 15.76 2.71 -5.98
C37 LMG MT . 14.94 1.65 -5.27
C1B LMU NT . 24.29 7.80 19.06
C2B LMU NT . 23.51 8.82 19.87
C3B LMU NT . 22.02 8.68 19.52
C4B LMU NT . 21.76 7.43 18.70
C5B LMU NT . 22.53 6.22 19.21
C6B LMU NT . 22.61 5.15 18.15
O1B LMU NT . 25.70 7.97 19.22
O2B LMU NT . 23.70 8.56 21.26
O3B LMU NT . 21.58 9.82 18.77
O4' LMU NT . 20.36 7.16 18.73
O5B LMU NT . 23.88 6.54 19.57
O6B LMU NT . 23.69 4.28 18.47
C1' LMU NT . 27.30 9.13 15.76
C2' LMU NT . 26.90 10.32 16.61
C3' LMU NT . 26.04 9.85 17.77
C4' LMU NT . 26.26 8.36 17.96
C5' LMU NT . 27.76 8.13 17.86
C6' LMU NT . 28.14 6.72 18.25
O1' LMU NT . 27.89 9.60 14.56
O2' LMU NT . 28.06 10.95 17.11
O3' LMU NT . 24.66 10.12 17.52
O5' LMU NT . 28.21 8.36 16.52
O6' LMU NT . 29.49 6.52 17.88
C1 LMU NT . 26.92 9.63 13.52
C2 LMU NT . 27.04 10.92 12.73
C3 LMU NT . 27.22 10.54 11.26
C4 LMU NT . 27.03 11.75 10.38
C5 LMU NT . 27.02 11.34 8.93
C6 LMU NT . 25.92 12.13 8.22
C7 LMU NT . 26.37 12.62 6.87
C8 LMU NT . 25.91 11.69 5.76
C9 LMU NT . 26.34 10.25 6.01
C10 LMU NT . 25.69 9.36 4.98
C11 LMU NT . 24.26 9.05 5.38
MG CLA OT . 1.36 -57.65 -1.59
CHA CLA OT . 0.25 -60.78 -0.81
CHB CLA OT . 3.15 -58.93 -4.08
CHC CLA OT . 2.85 -54.58 -1.99
CHD CLA OT . 0.06 -56.48 1.50
NA CLA OT . 1.56 -59.44 -2.30
C1A CLA OT . 1.00 -60.66 -1.93
C2A CLA OT . 1.28 -61.79 -2.87
C3A CLA OT . 2.32 -61.22 -3.78
C4A CLA OT . 2.37 -59.77 -3.37
CMA CLA OT . 3.68 -61.90 -3.64
CAA CLA OT . -0.02 -62.15 -3.62
CBA CLA OT . -0.82 -60.99 -4.20
CGA CLA OT . -1.87 -61.47 -5.16
O1A CLA OT . -2.91 -61.97 -4.83
O2A CLA OT . -1.46 -61.34 -6.42
NB CLA OT . 2.70 -56.89 -2.81
C1B CLA OT . 3.35 -57.58 -3.89
C2B CLA OT . 4.18 -56.70 -4.60
C3B CLA OT . 4.08 -55.46 -3.99
C4B CLA OT . 3.20 -55.57 -2.90
CMB CLA OT . 5.01 -57.04 -5.81
CAB CLA OT . 4.75 -54.21 -4.38
CBB CLA OT . 4.21 -53.09 -4.76
NC CLA OT . 1.40 -55.96 -0.55
C1C CLA OT . 2.05 -54.78 -0.90
C2C CLA OT . 1.84 -53.73 0.09
C3C CLA OT . 1.05 -54.26 1.08
C4C CLA OT . 0.78 -55.63 0.72
CMC CLA OT . 2.39 -52.34 0.05
CAC CLA OT . 0.57 -53.58 2.34
CBC CLA OT . -0.81 -52.98 2.18
ND CLA OT . 0.44 -58.36 -0.04
C1D CLA OT . -0.08 -57.82 1.21
C2D CLA OT . -0.75 -58.82 1.93
C3D CLA OT . -0.67 -60.02 1.18
C4D CLA OT . 0.05 -59.69 0.03
CMD CLA OT . -1.43 -58.66 3.25
CAD CLA OT . -1.01 -61.42 1.09
OBD CLA OT . -1.61 -62.11 1.91
CBD CLA OT . -0.49 -61.98 -0.19
CGD CLA OT . 0.41 -63.18 0.09
O1D CLA OT . 0.05 -64.32 0.13
O2D CLA OT . 1.67 -62.79 0.28
CED CLA OT . 2.64 -63.86 0.44
C1 CLA OT . -2.07 -62.24 -7.39
C2 CLA OT . -1.41 -63.56 -7.22
C3 CLA OT . -1.86 -64.70 -7.74
C4 CLA OT . -3.14 -64.80 -8.54
C5 CLA OT . -1.14 -66.02 -7.53
C6 CLA OT . 0.38 -65.91 -7.46
C7 CLA OT . 0.90 -65.90 -6.03
C8 CLA OT . 2.29 -65.30 -5.79
C9 CLA OT . 3.31 -65.80 -6.81
C10 CLA OT . 2.76 -65.60 -4.35
MG CLA PT . -15.67 -52.36 4.46
CHA CLA PT . -15.58 -49.85 6.78
CHB CLA PT . -16.74 -54.45 6.80
CHC CLA PT . -15.33 -54.90 2.18
CHD CLA PT . -13.82 -50.29 2.23
NA CLA PT . -16.14 -52.14 6.33
C1A CLA PT . -16.13 -51.02 7.16
C2A CLA PT . -16.78 -51.23 8.50
C3A CLA PT . -17.01 -52.73 8.53
C4A CLA PT . -16.60 -53.15 7.14
CMA CLA PT . -16.20 -53.43 9.62
CAA CLA PT . -18.07 -50.43 8.61
CBA CLA PT . -19.08 -50.49 7.46
CGA CLA PT . -20.29 -49.66 7.72
O1A CLA PT . -21.33 -50.07 8.18
O2A CLA PT . -20.07 -48.37 7.43
NB CLA PT . -15.96 -54.28 4.48
C1B CLA PT . -16.44 -55.06 5.60
C2B CLA PT . -16.58 -56.42 5.22
C3B CLA PT . -16.19 -56.52 3.89
C4B CLA PT . -15.80 -55.25 3.44
CMB CLA PT . -17.05 -57.53 6.11
CAB CLA PT . -16.19 -57.72 3.07
CBB CLA PT . -17.20 -58.24 2.40
NC CLA PT . -14.83 -52.53 2.67
C1C CLA PT . -14.85 -53.67 1.85
C2C CLA PT . -14.22 -53.41 0.55
C3C CLA PT . -13.80 -52.10 0.57
C4C CLA PT . -14.14 -51.56 1.85
CMC CLA PT . -14.03 -54.38 -0.58
CAC CLA PT . -13.13 -51.35 -0.55
CBC CLA PT . -11.65 -51.20 -0.35
ND CLA PT . -14.88 -50.58 4.43
C1D CLA PT . -14.14 -49.77 3.47
C2D CLA PT . -13.88 -48.50 4.01
C3D CLA PT . -14.43 -48.47 5.30
C4D CLA PT . -15.00 -49.71 5.51
CMD CLA PT . -13.14 -47.39 3.31
CAD CLA PT . -14.63 -47.69 6.51
OBD CLA PT . -14.25 -46.56 6.77
CBD CLA PT . -15.43 -48.50 7.50
CGD CLA PT . -14.72 -48.58 8.84
O1D CLA PT . -14.80 -47.77 9.71
O2D CLA PT . -14.03 -49.71 8.93
CED CLA PT . -13.54 -50.05 10.26
C1 CLA PT . -20.88 -47.40 8.15
C2 CLA PT . -22.11 -47.02 7.40
C3 CLA PT . -22.36 -45.88 6.79
C4 CLA PT . -23.66 -45.60 6.07
C5 CLA PT . -21.33 -44.75 6.77
C6 CLA PT . -21.64 -43.61 5.80
C7 CLA PT . -20.48 -42.61 5.73
C8 CLA PT . -20.64 -41.46 4.72
C9 CLA PT . -19.34 -40.66 4.59
C10 CLA PT . -21.81 -40.57 5.09
MG CLA QT . -1.20 -64.68 -17.56
CHA CLA QT . 0.23 -61.71 -18.45
CHB CLA QT . 0.93 -66.25 -19.58
CHC CLA QT . -2.83 -67.59 -16.82
CHD CLA QT . -3.91 -62.92 -16.13
NA CLA QT . 0.28 -64.10 -18.66
C1A CLA QT . 0.88 -62.85 -18.80
C2A CLA QT . 2.25 -62.94 -19.40
C3A CLA QT . 2.06 -64.17 -20.27
C4A CLA QT . 1.02 -64.91 -19.47
CMA CLA QT . 1.61 -63.87 -21.69
CAA CLA QT . 3.35 -63.07 -18.34
CBA CLA QT . 3.08 -63.85 -17.03
CGA CLA QT . 2.29 -63.12 -15.99
O1A CLA QT . 1.98 -61.95 -16.06
O2A CLA QT . 1.85 -63.94 -15.05
NB CLA QT . -0.98 -66.55 -18.07
C1B CLA QT . 0.05 -67.09 -18.92
C2B CLA QT . -0.02 -68.49 -18.94
C3B CLA QT . -1.09 -68.86 -18.13
C4B CLA QT . -1.68 -67.70 -17.62
CMB CLA QT . 0.89 -69.41 -19.69
CAB CLA QT . -1.55 -70.22 -17.82
CBB CLA QT . -1.48 -70.83 -16.67
NC CLA QT . -2.92 -65.13 -16.70
C1C CLA QT . -3.40 -66.42 -16.44
C2C CLA QT . -4.68 -66.38 -15.74
C3C CLA QT . -5.01 -65.06 -15.58
C4C CLA QT . -3.95 -64.27 -16.16
CMC CLA QT . -5.48 -67.55 -15.26
CAC CLA QT . -6.25 -64.50 -14.93
CBC CLA QT . -6.07 -64.23 -13.46
ND CLA QT . -1.80 -62.84 -17.38
C1D CLA QT . -2.90 -62.17 -16.72
C2D CLA QT . -2.71 -60.78 -16.75
C3D CLA QT . -1.52 -60.53 -17.48
C4D CLA QT . -1.02 -61.78 -17.80
CMD CLA QT . -3.55 -59.76 -16.05
CAD CLA QT . -0.64 -59.55 -18.07
OBD CLA QT . -0.80 -58.34 -18.19
CBD CLA QT . 0.61 -60.23 -18.56
CGD CLA QT . 1.01 -59.80 -19.96
O1D CLA QT . 0.89 -60.47 -20.94
O2D CLA QT . 1.56 -58.59 -19.94
CED CLA QT . 2.24 -58.19 -21.15
C1 CLA QT . 0.41 -63.97 -14.88
C2 CLA QT . -0.09 -63.26 -13.68
C3 CLA QT . -0.57 -63.80 -12.57
C4 CLA QT . -1.08 -62.99 -11.40
C5 CLA QT . -0.60 -65.30 -12.37
C6 CLA QT . -1.77 -65.98 -13.08
C7 CLA QT . -1.53 -67.47 -13.33
C8 CLA QT . -1.38 -68.36 -12.10
C9 CLA QT . 0.08 -68.58 -11.73
C10 CLA QT . -2.12 -69.68 -12.30
C1 BCR RT . 3.76 -67.65 -15.37
C2 BCR RT . 4.02 -67.65 -16.89
C3 BCR RT . 5.49 -67.54 -17.25
C4 BCR RT . 6.09 -66.29 -16.65
C5 BCR RT . 5.72 -66.07 -15.21
C6 BCR RT . 4.61 -66.59 -14.67
C7 BCR RT . 4.13 -66.21 -13.36
C8 BCR RT . 3.76 -64.99 -12.97
C9 BCR RT . 3.23 -64.59 -11.67
C10 BCR RT . 3.03 -63.28 -11.41
C11 BCR RT . 2.60 -62.67 -10.18
C33 BCR RT . 6.72 -65.23 -14.46
C31 BCR RT . 4.08 -69.03 -14.82
C32 BCR RT . 2.26 -67.37 -15.16
C34 BCR RT . 2.97 -65.67 -10.64
C12 BCR RT . 2.32 -61.36 -10.05
C13 BCR RT . 1.89 -60.65 -8.85
C14 BCR RT . 1.84 -59.29 -8.87
C15 BCR RT . 1.54 -58.41 -7.78
C16 BCR RT . 1.45 -57.06 -7.91
C17 BCR RT . 1.16 -56.22 -6.79
C18 BCR RT . 0.99 -54.86 -6.78
C19 BCR RT . 0.64 -54.22 -5.53
C20 BCR RT . -0.01 -53.07 -5.34
C21 BCR RT . -0.29 -52.54 -4.03
C22 BCR RT . -1.04 -51.46 -3.71
C23 BCR RT . -1.18 -51.10 -2.31
C24 BCR RT . -1.65 -49.96 -1.79
C25 BCR RT . -1.82 -49.70 -0.38
C26 BCR RT . -0.79 -49.33 0.40
C27 BCR RT . -0.97 -48.87 1.82
C28 BCR RT . -2.42 -48.64 2.21
C29 BCR RT . -3.29 -49.77 1.69
C30 BCR RT . -3.24 -49.90 0.15
C35 BCR RT . 1.59 -61.46 -7.62
C36 BCR RT . 1.09 -54.01 -8.02
C37 BCR RT . -1.73 -50.61 -4.73
C38 BCR RT . 0.65 -49.30 -0.04
C39 BCR RT . -4.18 -48.84 -0.45
C40 BCR RT . -3.76 -51.29 -0.22
C DD6 ST . -2.13 -45.31 -0.59
C1 DD6 ST . -0.91 -45.79 -1.31
C10 DD6 ST . -6.09 -48.47 -9.20
C11 DD6 ST . -6.47 -48.56 -10.50
C12 DD6 ST . -5.59 -48.10 -11.63
C13 DD6 ST . -7.70 -49.25 -10.82
C14 DD6 ST . -8.31 -49.40 -11.98
C15 DD6 ST . -9.58 -50.17 -12.25
C16 DD6 ST . -9.52 -51.20 -13.36
C17 DD6 ST . -10.89 -51.28 -14.05
C18 DD6 ST . -12.08 -51.35 -13.12
C19 DD6 ST . -12.21 -50.05 -12.33
C2 DD6 ST . -0.96 -46.30 -2.57
C20 DD6 ST . -10.91 -49.63 -11.69
C21 DD6 ST . -11.04 -48.40 -10.83
C22 DD6 ST . -9.19 -52.56 -12.73
C23 DD6 ST . -8.46 -50.94 -14.44
C24 DD6 ST . 0.36 -45.78 -0.60
C25 DD6 ST . 0.54 -45.69 0.73
C26 DD6 ST . 1.82 -45.68 1.36
C27 DD6 ST . 2.07 -45.71 2.69
C28 DD6 ST . 1.03 -45.73 3.76
C29 DD6 ST . 3.44 -45.72 3.13
C3 DD6 ST . -2.12 -46.52 -3.37
C30 DD6 ST . 4.53 -45.77 3.60
C31 DD6 ST . 5.79 -45.83 4.27
C32 DD6 ST . 5.95 -46.91 5.34
C33 DD6 ST . 7.25 -46.63 6.10
C34 DD6 ST . 8.40 -46.29 5.18
C35 DD6 ST . 8.11 -44.99 4.47
C36 DD6 ST . 6.72 -44.94 3.89
C37 DD6 ST . 6.49 -43.83 2.91
C4 DD6 ST . -2.07 -46.90 -4.67
C40 DD6 ST . 4.78 -46.86 6.32
C41 DD6 ST . 6.01 -48.30 4.70
C5 DD6 ST . -3.23 -47.13 -5.47
C6 DD6 ST . -3.30 -47.40 -6.80
C7 DD6 ST . -2.07 -47.43 -7.67
C8 DD6 ST . -4.57 -47.77 -7.39
C9 DD6 ST . -4.81 -48.07 -8.68
O1 DD6 ST . -10.15 -50.71 -11.06
O2 DD6 ST . -13.27 -51.54 -13.90
O4 DD6 ST . 9.61 -46.16 5.95
O6 SQD TT . -1.83 -69.76 -21.70
C44 SQD TT . -2.81 -68.95 -21.05
C45 SQD TT . -4.05 -69.73 -20.63
C46 SQD TT . -4.17 -69.78 -19.13
O47 SQD TT . -5.19 -69.04 -21.15
C7 SQD TT . -5.80 -68.15 -20.18
O49 SQD TT . -5.24 -67.12 -19.87
C8 SQD TT . -7.14 -68.47 -19.57
C9 SQD TT . -7.42 -67.52 -18.41
C10 SQD TT . -8.71 -67.93 -17.73
C11 SQD TT . -9.06 -66.95 -16.61
C12 SQD TT . -9.83 -67.65 -15.51
C13 SQD TT . -10.05 -66.69 -14.34
C14 SQD TT . -10.10 -67.44 -13.01
C15 SQD TT . -8.78 -68.12 -12.72
O48 SQD TT . -5.00 -70.86 -18.71
C23 SQD TT . -4.40 -71.96 -17.97
O10 SQD TT . -3.54 -72.62 -18.52
C24 SQD TT . -4.82 -72.31 -16.56
C25 SQD TT . -3.64 -73.01 -15.89
C26 SQD TT . -4.00 -73.54 -14.51
C27 SQD TT . -2.75 -73.79 -13.69
C1 SQD TT . -1.48 -69.28 -23.00
C2 SQD TT . -0.60 -68.04 -22.94
O2 SQD TT . -1.14 -67.04 -22.09
C3 SQD TT . -0.56 -67.50 -24.35
O3 SQD TT . 0.13 -66.24 -24.33
C4 SQD TT . 0.16 -68.51 -25.21
O4 SQD TT . 0.08 -68.06 -26.57
C5 SQD TT . -0.47 -69.89 -25.10
C6 SQD TT . 0.43 -70.92 -25.75
O5 SQD TT . -0.71 -70.25 -23.73
S SQD TT . 0.16 -71.09 -27.39
O7 SQD TT . -1.24 -71.04 -27.67
O8 SQD TT . 0.91 -69.89 -28.21
O9 SQD TT . 0.69 -72.34 -27.83
C1 LMG UT . -56.34 -25.61 17.64
O1 LMG UT . -55.15 -24.92 18.00
C2 LMG UT . -56.04 -26.86 16.83
O2 LMG UT . -55.05 -26.65 15.81
C3 LMG UT . -57.36 -27.21 16.21
O3 LMG UT . -57.21 -28.44 15.51
C4 LMG UT . -58.44 -27.36 17.29
O4 LMG UT . -58.37 -28.69 17.81
C5 LMG UT . -58.33 -26.38 18.48
O5 LMG UT . -58.55 -26.56 20.86
C6 LMG UT . -59.06 -27.06 19.63
O6 LMG UT . -56.99 -26.08 18.80
C7 LMG UT . -54.91 -23.81 17.14
C8 LMG UT . -53.45 -23.86 16.76
C9 LMG UT . -52.91 -22.45 16.78
O7 LMG UT . -52.75 -24.65 17.72
C10 LMG UT . -51.51 -25.20 17.18
O9 LMG UT . -50.63 -25.50 17.95
C11 LMG UT . -51.34 -25.38 15.69
C12 LMG UT . -50.18 -26.34 15.46
C13 LMG UT . -49.28 -25.86 14.35
C14 LMG UT . -50.05 -25.81 13.04
C15 LMG UT . -49.08 -25.76 11.87
C16 LMG UT . -49.77 -25.17 10.66
C17 LMG UT . -49.05 -25.56 9.38
C18 LMG UT . -49.75 -26.74 8.74
C19 LMG UT . -49.70 -26.63 7.24
C20 LMG UT . -48.58 -27.49 6.69
C21 LMG UT . -48.66 -27.57 5.17
C22 LMG UT . -48.22 -28.94 4.68
C23 LMG UT . -48.36 -29.04 3.18
C24 LMG UT . -47.88 -30.40 2.67
C25 LMG UT . -49.00 -31.15 1.97
C26 LMG UT . -48.47 -32.35 1.20
C27 LMG UT . -48.64 -32.13 -0.29
O8 LMG UT . -53.24 -21.89 15.53
C28 LMG UT . -52.26 -21.97 14.47
O10 LMG UT . -51.09 -21.97 14.76
C29 LMG UT . -52.68 -22.07 13.04
C30 LMG UT . -51.47 -21.79 12.18
C31 LMG UT . -51.73 -22.28 10.76
C32 LMG UT . -50.91 -21.49 9.77
C33 LMG UT . -51.00 -22.11 8.38
C34 LMG UT . -50.23 -21.24 7.40
C35 LMG UT . -49.35 -22.11 6.51
C36 LMG UT . -49.89 -22.12 5.09
C37 LMG UT . -48.73 -22.27 4.12
C38 LMG UT . -48.97 -23.42 3.14
C39 LMG UT . -49.86 -22.96 2.00
MG CLA VT . -55.11 -20.71 8.33
CHA CLA VT . -57.90 -22.31 9.51
CHB CLA VT . -54.64 -19.40 11.33
CHC CLA VT . -52.56 -18.84 7.00
CHD CLA VT . -56.12 -21.47 5.03
NA CLA VT . -56.02 -20.91 10.02
C1A CLA VT . -57.10 -21.69 10.42
C2A CLA VT . -57.28 -21.75 11.91
C3A CLA VT . -56.59 -20.51 12.36
C4A CLA VT . -55.69 -20.23 11.17
CMA CLA VT . -57.51 -19.34 12.68
CAA CLA VT . -56.58 -23.03 12.40
CBA CLA VT . -56.87 -23.41 13.84
CGA CLA VT . -58.30 -23.82 14.07
O1A CLA VT . -58.92 -24.57 13.36
O2A CLA VT . -58.79 -23.26 15.18
NB CLA VT . -53.83 -19.41 9.03
C1B CLA VT . -53.69 -19.02 10.40
C2B CLA VT . -52.53 -18.23 10.57
C3B CLA VT . -51.96 -18.07 9.31
C4B CLA VT . -52.73 -18.76 8.38
CMB CLA VT . -52.00 -17.72 11.88
CAB CLA VT . -50.73 -17.34 8.97
CBB CLA VT . -50.30 -16.19 9.42
NC CLA VT . -54.49 -20.29 6.50
C1C CLA VT . -53.37 -19.53 6.15
C2C CLA VT . -53.16 -19.52 4.70
C3C CLA VT . -54.16 -20.27 4.14
C4C CLA VT . -55.00 -20.74 5.23
CMC CLA VT . -52.08 -18.80 3.94
CAC CLA VT . -54.35 -20.62 2.69
CBC CLA VT . -55.46 -19.83 2.05
ND CLA VT . -56.59 -21.59 7.44
C1D CLA VT . -56.94 -21.88 6.06
C2D CLA VT . -58.14 -22.63 6.01
C3D CLA VT . -58.55 -22.84 7.34
C4D CLA VT . -57.61 -22.20 8.14
CMD CLA VT . -58.82 -23.11 4.77
CAD CLA VT . -59.54 -23.44 8.22
OBD CLA VT . -60.55 -24.06 7.94
CBD CLA VT . -59.15 -23.16 9.65
CGD CLA VT . -60.33 -22.49 10.36
O1D CLA VT . -60.59 -22.61 11.52
O2D CLA VT . -61.04 -21.78 9.50
CED CLA VT . -62.25 -21.18 10.03
MG CLA WT . -64.00 -24.57 -5.41
CHA CLA WT . -67.23 -23.74 -4.66
CHB CLA WT . -62.96 -22.77 -2.83
CHC CLA WT . -60.81 -24.96 -6.59
CHD CLA WT . -65.14 -26.03 -8.44
NA CLA WT . -64.94 -23.60 -4.01
C1A CLA WT . -66.29 -23.40 -3.75
C2A CLA WT . -66.59 -22.73 -2.43
C3A CLA WT . -65.20 -22.34 -1.94
C4A CLA WT . -64.29 -22.92 -2.99
CMA CLA WT . -65.06 -20.83 -1.78
CAA CLA WT . -67.34 -23.68 -1.49
CBA CLA WT . -68.38 -22.97 -0.61
CGA CLA WT . -69.34 -23.89 0.08
O1A CLA WT . -70.44 -24.13 -0.31
O2A CLA WT . -68.82 -24.37 1.21
NB CLA WT . -62.24 -23.97 -4.84
C1B CLA WT . -61.95 -23.21 -3.66
C2B CLA WT . -60.55 -23.02 -3.54
C3B CLA WT . -59.95 -23.65 -4.62
C4B CLA WT . -60.96 -24.22 -5.42
CMB CLA WT . -59.85 -22.31 -2.41
CAB CLA WT . -58.52 -23.74 -4.92
CBB CLA WT . -57.59 -24.26 -4.15
NC CLA WT . -63.19 -25.34 -7.04
C1C CLA WT . -61.83 -25.46 -7.33
C2C CLA WT . -61.59 -26.21 -8.57
C3C CLA WT . -62.83 -26.57 -9.05
C4C CLA WT . -63.81 -26.01 -8.16
CMC CLA WT . -60.26 -26.51 -9.19
CAC CLA WT . -63.14 -27.46 -10.22
CBC CLA WT . -63.74 -28.79 -9.80
ND CLA WT . -65.67 -24.81 -6.36
C1D CLA WT . -66.08 -25.44 -7.62
C2D CLA WT . -67.47 -25.36 -7.77
C3D CLA WT . -67.98 -24.69 -6.64
C4D CLA WT . -66.88 -24.39 -5.84
CMD CLA WT . -68.28 -25.91 -8.91
CAD CLA WT . -69.16 -24.19 -5.96
OBD CLA WT . -70.32 -24.27 -6.33
CBD CLA WT . -68.76 -23.58 -4.65
CGD CLA WT . -69.25 -22.13 -4.55
O1D CLA WT . -70.23 -21.78 -3.95
O2D CLA WT . -68.47 -21.32 -5.27
CED CLA WT . -69.09 -20.11 -5.78
C1 CLA WT . -69.71 -25.19 2.04
C2 CLA WT . -70.48 -24.29 2.95
C3 CLA WT . -70.10 -23.91 4.16
C4 CLA WT . -68.79 -24.30 4.80
C5 CLA WT . -70.98 -23.03 5.02
C6 CLA WT . -71.42 -23.71 6.31
C7 CLA WT . -72.46 -22.93 7.11
C8 CLA WT . -71.97 -21.97 8.21
C9 CLA WT . -71.35 -22.73 9.39
C10 CLA WT . -73.11 -21.09 8.71
C11 CLA WT . -73.01 -19.59 8.46
C12 CLA WT . -74.16 -18.82 9.09
C13 CLA WT . -74.11 -17.29 8.99
C14 CLA WT . -74.53 -16.64 10.31
C15 CLA WT . -74.96 -16.78 7.82
C16 CLA WT . -76.47 -16.72 8.04
C17 CLA WT . -77.24 -16.54 6.74
C18 CLA WT . -78.76 -16.33 6.83
C19 CLA WT . -79.42 -17.18 7.89
C20 CLA WT . -79.10 -14.86 7.02
MG CLA XT . -54.80 -15.73 -4.40
CHA CLA XT . -56.96 -17.96 -5.85
CHB CLA XT . -54.71 -17.68 -1.71
CHC CLA XT . -52.80 -13.40 -2.93
CHD CLA XT . -55.77 -13.30 -6.77
NA CLA XT . -55.56 -17.45 -3.99
C1A CLA XT . -56.27 -18.35 -4.76
C2A CLA XT . -56.20 -19.74 -4.18
C3A CLA XT . -56.25 -19.34 -2.72
C4A CLA XT . -55.46 -18.07 -2.78
CMA CLA XT . -57.64 -19.12 -2.14
CAA CLA XT . -54.87 -20.37 -4.62
CBA CLA XT . -54.75 -20.67 -6.11
CGA CLA XT . -53.36 -21.05 -6.54
O1A CLA XT . -52.85 -22.12 -6.32
O2A CLA XT . -52.78 -20.08 -7.23
NB CLA XT . -53.93 -15.57 -2.68
C1B CLA XT . -53.93 -16.55 -1.62
C2B CLA XT . -53.10 -16.13 -0.56
C3B CLA XT . -52.60 -14.89 -0.90
C4B CLA XT . -53.08 -14.54 -2.18
CMB CLA XT . -52.79 -16.91 0.68
CAB CLA XT . -51.73 -14.03 -0.09
CBB CLA XT . -51.95 -13.52 1.08
NC CLA XT . -54.36 -13.86 -4.78
C1C CLA XT . -53.41 -13.10 -4.12
C2C CLA XT . -53.19 -11.81 -4.78
C3C CLA XT . -54.06 -11.77 -5.86
C4C CLA XT . -54.79 -13.01 -5.86
CMC CLA XT . -52.20 -10.75 -4.42
CAC CLA XT . -54.20 -10.70 -6.89
CBC CLA XT . -53.65 -11.10 -8.24
ND CLA XT . -56.04 -15.57 -5.88
C1D CLA XT . -56.40 -14.53 -6.82
C2D CLA XT . -57.40 -15.00 -7.70
C3D CLA XT . -57.66 -16.34 -7.37
C4D CLA XT . -56.82 -16.63 -6.30
CMD CLA XT . -58.04 -14.20 -8.80
CAD CLA XT . -58.46 -17.51 -7.62
OBD CLA XT . -59.44 -17.64 -8.35
CBD CLA XT . -57.92 -18.67 -6.81
CGD CLA XT . -59.04 -19.47 -6.14
O1D CLA XT . -58.99 -20.66 -5.94
O2D CLA XT . -60.06 -18.70 -5.82
CED CLA XT . -61.18 -19.39 -5.20
C1 CLA XT . -51.79 -20.46 -8.24
C2 CLA XT . -50.44 -19.96 -7.88
C3 CLA XT . -49.49 -19.61 -8.75
C4 CLA XT . -49.67 -19.64 -10.25
C5 CLA XT . -48.12 -19.17 -8.28
C6 CLA XT . -47.39 -20.22 -7.45
C7 CLA XT . -47.00 -21.50 -8.21
C8 CLA XT . -45.58 -21.59 -8.75
C9 CLA XT . -45.58 -21.63 -10.28
C10 CLA XT . -44.83 -22.79 -8.16
C11 CLA XT . -45.20 -24.17 -8.72
C12 CLA XT . -44.99 -25.33 -7.76
C13 CLA XT . -43.87 -26.35 -8.07
C14 CLA XT . -42.50 -25.69 -7.97
C15 CLA XT . -44.06 -27.06 -9.41
C16 CLA XT . -45.46 -27.54 -9.76
C17 CLA XT . -45.48 -28.59 -10.85
C18 CLA XT . -46.82 -28.85 -11.52
C19 CLA XT . -46.71 -29.94 -12.58
C20 CLA XT . -47.91 -29.19 -10.52
C1 BCR YT . -48.21 12.92 -3.79
C2 BCR YT . -48.54 14.38 -4.17
C3 BCR YT . -49.85 14.53 -4.92
C4 BCR YT . -51.02 14.01 -4.09
C5 BCR YT . -50.67 12.82 -3.25
C6 BCR YT . -49.48 12.20 -3.34
C7 BCR YT . -49.31 10.80 -3.00
C8 BCR YT . -49.90 9.79 -3.63
C9 BCR YT . -49.74 8.37 -3.37
C10 BCR YT . -50.63 7.50 -3.92
C11 BCR YT . -50.71 6.08 -3.72
C33 BCR YT . -51.78 12.39 -2.33
C31 BCR YT . -47.17 12.95 -2.67
C32 BCR YT . -47.61 12.21 -5.01
C34 BCR YT . -48.62 7.93 -2.46
C12 BCR YT . -51.62 5.30 -4.33
C13 BCR YT . -51.78 3.86 -4.17
C14 BCR YT . -52.50 3.18 -5.10
C15 BCR YT . -52.74 1.77 -5.16
C16 BCR YT . -53.42 1.16 -6.17
C17 BCR YT . -53.64 -0.25 -6.17
C18 BCR YT . -54.23 -1.00 -7.14
C19 BCR YT . -54.45 -2.42 -6.87
C20 BCR YT . -55.23 -3.28 -7.55
C21 BCR YT . -55.38 -4.65 -7.17
C22 BCR YT . -56.23 -5.57 -7.71
C23 BCR YT . -56.35 -6.87 -7.08
C24 BCR YT . -57.47 -7.57 -6.93
C25 BCR YT . -57.65 -8.88 -6.34
C26 BCR YT . -57.98 -9.93 -7.10
C27 BCR YT . -58.71 -11.13 -6.55
C28 BCR YT . -59.00 -11.03 -5.07
C29 BCR YT . -57.82 -10.39 -4.34
C30 BCR YT . -57.53 -8.96 -4.82
C35 BCR YT . -51.11 3.19 -3.02
C36 BCR YT . -54.73 -0.43 -8.43
C37 BCR YT . -57.14 -5.26 -8.87
C38 BCR YT . -57.68 -10.05 -8.57
C39 BCR YT . -56.12 -8.59 -4.35
C40 BCR YT . -58.55 -8.01 -4.17
C1 BCR ZT . -49.66 -14.51 -6.83
C2 BCR ZT . -50.61 -15.02 -7.93
C3 BCR ZT . -52.03 -15.21 -7.45
C4 BCR ZT . -52.08 -16.23 -6.34
C5 BCR ZT . -51.00 -16.03 -5.30
C6 BCR ZT . -49.98 -15.18 -5.48
C7 BCR ZT . -49.02 -14.85 -4.40
C8 BCR ZT . -48.24 -15.74 -3.81
C9 BCR ZT . -47.21 -15.63 -2.78
C10 BCR ZT . -47.27 -14.73 -1.76
C11 BCR ZT . -48.22 -13.68 -1.49
C33 BCR ZT . -51.21 -16.87 -4.07
C31 BCR ZT . -48.23 -14.85 -7.25
C32 BCR ZT . -49.80 -12.99 -6.72
C34 BCR ZT . -46.10 -16.64 -2.83
C12 BCR ZT . -48.06 -12.86 -0.43
C13 BCR ZT . -48.92 -11.76 0.00
C14 BCR ZT . -48.89 -11.39 1.30
C15 BCR ZT . -49.72 -10.42 1.94
C16 BCR ZT . -49.49 -9.93 3.19
C17 BCR ZT . -50.34 -8.96 3.83
C18 BCR ZT . -50.16 -8.32 5.02
C19 BCR ZT . -51.17 -7.36 5.45
C20 BCR ZT . -51.34 -6.83 6.67
C21 BCR ZT . -52.37 -5.87 6.96
C22 BCR ZT . -52.62 -5.24 8.13
C23 BCR ZT . -53.70 -4.26 8.18
C24 BCR ZT . -54.20 -3.64 9.26
C25 BCR ZT . -55.25 -2.63 9.24
C26 BCR ZT . -56.47 -2.88 8.77
C27 BCR ZT . -57.46 -1.78 8.46
C28 BCR ZT . -57.20 -0.49 9.20
C29 BCR ZT . -55.70 -0.16 9.23
C30 BCR ZT . -54.85 -1.27 9.83
C35 BCR ZT . -49.84 -11.13 -1.02
C36 BCR ZT . -48.97 -8.57 5.91
C37 BCR ZT . -51.83 -5.49 9.39
C38 BCR ZT . -57.02 -4.26 8.49
C39 BCR ZT . -55.04 -1.29 11.35
C40 BCR ZT . -53.39 -0.95 9.51
C1 BCR AU . -52.75 25.25 -1.67
C2 BCR AU . -52.23 24.67 -2.99
C3 BCR AU . -52.42 23.16 -3.10
C4 BCR AU . -51.69 22.44 -1.98
C5 BCR AU . -51.73 23.17 -0.66
C6 BCR AU . -52.41 24.31 -0.50
C7 BCR AU . -52.90 24.76 0.80
C8 BCR AU . -53.64 24.02 1.63
C9 BCR AU . -54.28 24.46 2.87
C10 BCR AU . -55.08 23.59 3.53
C11 BCR AU . -55.92 23.85 4.66
C33 BCR AU . -50.96 22.47 0.43
C31 BCR AU . -54.26 25.44 -1.77
C32 BCR AU . -52.09 26.62 -1.47
C34 BCR AU . -54.09 25.89 3.29
C12 BCR AU . -56.63 22.89 5.29
C13 BCR AU . -57.53 23.05 6.43
C14 BCR AU . -58.32 22.00 6.79
C15 BCR AU . -59.36 22.00 7.77
C16 BCR AU . -60.09 20.91 8.11
C17 BCR AU . -61.13 20.98 9.09
C18 BCR AU . -61.99 20.01 9.47
C19 BCR AU . -63.09 20.37 10.34
C20 BCR AU . -64.26 19.76 10.50
C21 BCR AU . -65.27 20.28 11.38
C22 BCR AU . -66.55 19.83 11.55
C23 BCR AU . -67.42 20.58 12.44
C24 BCR AU . -68.65 20.27 12.85
C25 BCR AU . -69.49 21.14 13.64
C26 BCR AU . -69.17 21.49 14.90
C27 BCR AU . -69.65 22.78 15.52
C28 BCR AU . -70.64 23.54 14.65
C29 BCR AU . -71.54 22.60 13.86
C30 BCR AU . -70.75 21.66 12.93
C35 BCR AU . -57.59 24.39 7.10
C36 BCR AU . -61.94 18.60 8.93
C37 BCR AU . -67.12 18.64 10.83
C38 BCR AU . -68.30 20.69 15.81
C39 BCR AU . -71.65 20.49 12.53
C40 BCR AU . -70.36 22.44 11.67
MG CLA BU . -9.94 68.18 16.51
CHA CLA BU . -10.87 67.34 19.70
CHB CLA BU . -9.02 65.02 16.02
CHC CLA BU . -8.72 69.14 13.47
CHD CLA BU . -10.09 71.61 17.42
NA CLA BU . -10.10 66.57 17.57
C1A CLA BU . -10.68 66.34 18.80
C2A CLA BU . -11.02 64.89 19.03
C3A CLA BU . -9.89 64.26 18.21
C4A CLA BU . -9.63 65.33 17.19
CMA CLA BU . -8.64 63.95 19.04
CAA CLA BU . -12.46 64.73 18.54
CBA CLA BU . -12.74 63.98 17.23
CGA CLA BU . -14.19 63.99 16.85
O1A CLA BU . -15.08 64.33 17.59
O2A CLA BU . -14.38 63.60 15.59
NB CLA BU . -9.04 67.27 15.03
C1B CLA BU . -8.72 65.87 14.97
C2B CLA BU . -8.09 65.58 13.74
C3B CLA BU . -8.01 66.78 13.02
C4B CLA BU . -8.59 67.80 13.80
CMB CLA BU . -7.60 64.23 13.30
CAB CLA BU . -7.45 66.97 11.68
CBB CLA BU . -7.75 66.34 10.59
NC CLA BU . -9.55 69.92 15.65
C1C CLA BU . -9.12 70.12 14.35
C2C CLA BU . -9.02 71.53 14.02
C3C CLA BU . -9.38 72.25 15.13
C4C CLA BU . -9.72 71.28 16.15
CMC CLA BU . -8.63 72.10 12.68
CAC CLA BU . -9.43 73.75 15.25
CBC CLA BU . -10.65 74.35 14.61
ND CLA BU . -10.31 69.25 18.08
C1D CLA BU . -10.35 70.67 18.40
C2D CLA BU . -10.72 70.86 19.75
C3D CLA BU . -10.91 69.57 20.32
C4D CLA BU . -10.67 68.67 19.28
CMD CLA BU . -10.89 72.17 20.44
CAD CLA BU . -11.14 68.81 21.52
OBD CLA BU . -11.15 69.20 22.68
CBD CLA BU . -11.32 67.36 21.16
CGD CLA BU . -10.51 66.48 22.09
O1D CLA BU . -9.52 65.89 21.77
O2D CLA BU . -11.06 66.43 23.30
CED CLA BU . -10.41 65.56 24.26
C1 CLA BU . -15.75 63.65 15.11
C2 CLA BU . -15.88 62.90 13.83
C3 CLA BU . -15.74 61.59 13.75
C4 CLA BU . -15.40 60.71 14.93
C5 CLA BU . -15.93 60.87 12.44
C6 CLA BU . -14.67 60.81 11.60
C7 CLA BU . -14.77 59.82 10.45
C8 CLA BU . -13.57 59.74 9.51
C9 CLA BU . -13.52 60.96 8.59
C10 CLA BU . -13.59 58.41 8.73
C11 CLA BU . -12.50 58.20 7.68
C12 CLA BU . -12.44 56.77 7.15
C13 CLA BU . -13.71 56.25 6.48
C14 CLA BU . -14.50 55.33 7.41
C15 CLA BU . -13.38 55.55 5.16
MG CLA CU . -16.44 52.52 18.57
CHA CLA CU . -18.77 54.52 20.05
CHB CLA CU . -18.76 50.19 18.15
CHC CLA CU . -13.98 50.43 17.39
CHD CLA CU . -13.88 54.62 19.85
NA CLA CU . -18.34 52.45 18.95
C1A CLA CU . -19.21 53.39 19.47
C2A CLA CU . -20.67 53.02 19.34
C3A CLA CU . -20.58 51.52 19.14
C4A CLA CU . -19.14 51.35 18.71
CMA CLA CU . -20.93 50.69 20.36
CAA CLA CU . -21.24 53.81 18.15
CBA CLA CU . -20.73 53.46 16.75
CGA CLA CU . -21.15 54.45 15.71
O1A CLA CU . -22.11 55.16 15.80
O2A CLA CU . -20.32 54.45 14.67
NB CLA CU . -16.38 50.69 17.88
C1B CLA CU . -17.51 49.82 17.70
C2B CLA CU . -17.12 48.65 17.02
C3B CLA CU . -15.75 48.76 16.77
C4B CLA CU . -15.30 49.96 17.31
CMB CLA CU . -18.02 47.51 16.64
CAB CLA CU . -14.94 47.81 15.98
CBB CLA CU . -14.06 48.05 15.06
NC CLA CU . -14.46 52.54 18.60
C1C CLA CU . -13.61 51.60 18.00
C2C CLA CU . -12.20 51.98 18.14
C3C CLA CU . -12.17 53.18 18.83
C4C CLA CU . -13.54 53.52 19.13
CMC CLA CU . -10.99 51.23 17.66
CAC CLA CU . -10.97 54.03 19.13
CBC CLA CU . -10.53 53.94 20.57
ND CLA CU . -16.28 54.10 19.67
C1D CLA CU . -15.19 54.95 20.16
C2D CLA CU . -15.71 56.04 20.86
C3D CLA CU . -17.12 55.95 20.82
C4D CLA CU . -17.40 54.79 20.12
CMD CLA CU . -14.89 57.10 21.55
CAD CLA CU . -18.37 56.60 21.13
OBD CLA CU . -18.58 57.69 21.64
CBD CLA CU . -19.50 55.70 20.71
CGD CLA CU . -20.33 55.34 21.94
O1D CLA CU . -20.35 54.26 22.46
O2D CLA CU . -21.02 56.40 22.37
CED CLA CU . -21.74 56.21 23.61
C1 BCR DU . -18.35 56.90 3.83
C2 BCR DU . -19.21 57.96 4.53
C3 BCR DU . -20.28 58.57 3.65
C4 BCR DU . -21.16 57.51 3.04
C5 BCR DU . -20.38 56.36 2.44
C6 BCR DU . -19.21 55.97 2.97
C7 BCR DU . -18.69 54.62 2.78
C8 BCR DU . -18.19 54.11 1.67
C9 BCR DU . -17.55 52.83 1.48
C10 BCR DU . -18.04 51.99 0.54
C11 BCR DU . -17.56 50.68 0.18
C33 BCR DU . -21.02 55.74 1.23
C31 BCR DU . -17.61 56.12 4.93
C32 BCR DU . -17.30 57.60 2.95
C34 BCR DU . -16.39 52.48 2.36
C12 BCR DU . -18.29 49.84 -0.57
C13 BCR DU . -17.93 48.52 -1.05
C14 BCR DU . -18.92 47.70 -1.46
C15 BCR DU . -18.83 46.45 -2.15
C16 BCR DU . -19.93 45.75 -2.51
C17 BCR DU . -19.87 44.52 -3.24
C18 BCR DU . -20.90 43.81 -3.75
C19 BCR DU . -20.61 42.56 -4.44
C20 BCR DU . -21.44 41.54 -4.70
C21 BCR DU . -21.01 40.37 -5.39
C22 BCR DU . -21.70 39.21 -5.56
C23 BCR DU . -21.03 38.11 -6.24
C24 BCR DU . -21.36 36.83 -6.22
C25 BCR DU . -20.66 35.80 -6.94
C26 BCR DU . -20.88 35.59 -8.25
C27 BCR DU . -20.49 34.32 -8.95
C28 BCR DU . -19.80 33.31 -8.04
C29 BCR DU . -18.90 34.01 -7.04
C30 BCR DU . -19.65 34.98 -6.13
C35 BCR DU . -16.47 48.18 -1.18
C36 BCR DU . -22.34 44.23 -3.62
C37 BCR DU . -23.09 38.98 -5.03
C38 BCR DU . -21.56 36.57 -9.17
C39 BCR DU . -18.62 35.90 -5.48
C40 BCR DU . -20.37 34.20 -5.03
C A86 EU . -15.64 67.87 4.00
O A86 EU . -19.99 56.50 9.15
C1 A86 EU . -14.61 67.02 3.31
C10 A86 EU . -18.36 59.20 7.68
C11 A86 EU . -18.41 58.13 8.53
C12 A86 EU . -17.21 57.34 8.96
C13 A86 EU . -19.72 57.70 9.09
C14 A86 EU . -20.72 58.73 9.56
C15 A86 EU . -21.41 58.43 10.91
C16 A86 EU . -22.89 57.96 10.84
C17 A86 EU . -23.41 57.74 12.28
C18 A86 EU . -23.10 58.85 13.27
C19 A86 EU . -21.60 58.95 13.48
C2 A86 EU . -14.55 65.68 3.45
C20 A86 EU . -20.83 58.94 12.17
C21 A86 EU . -19.58 59.79 12.23
C22 A86 EU . -23.01 56.64 10.08
C23 A86 EU . -23.78 59.00 10.13
C24 A86 EU . -13.63 67.69 2.45
C25 A86 EU . -13.55 69.00 2.13
C26 A86 EU . -12.55 69.57 1.26
C27 A86 EU . -12.42 70.87 0.90
C28 A86 EU . -13.34 71.96 1.38
C29 A86 EU . -11.35 71.22 0.00
C3 A86 EU . -15.43 64.84 4.22
C30 A86 EU . -11.30 72.33 -0.68
C31 A86 EU . -11.30 73.49 -1.29
C32 A86 EU . -11.92 73.70 -2.64
C33 A86 EU . -12.88 74.91 -2.59
C34 A86 EU . -12.57 76.00 -1.59
C35 A86 EU . -11.09 75.97 -1.26
C36 A86 EU . -10.64 74.67 -0.59
C37 A86 EU . -9.12 74.56 -0.59
C38 A86 EU . -13.97 77.91 -2.38
C39 A86 EU . -15.12 77.13 -1.80
C4 A86 EU . -15.29 63.50 4.38
C40 A86 EU . -10.83 73.87 -3.72
C41 A86 EU . -12.79 72.51 -3.03
C5 A86 EU . -16.21 62.71 5.15
C6 A86 EU . -16.14 61.40 5.47
C7 A86 EU . -14.99 60.52 5.07
C8 A86 EU . -17.23 60.81 6.24
C9 A86 EU . -17.21 59.70 6.98
O1 A86 EU . -20.61 57.56 11.76
O2 A86 EU . -23.60 60.11 12.80
O3 A86 EU . -11.11 74.73 0.75
O4 A86 EU . -12.76 77.30 -2.22
O5 A86 EU . -14.09 78.97 -2.92
C1 BCR FU . -47.84 60.56 13.99
C2 BCR FU . -48.87 59.97 14.97
C3 BCR FU . -49.48 61.01 15.90
C4 BCR FU . -48.40 61.76 16.67
C5 BCR FU . -47.24 62.18 15.82
C6 BCR FU . -46.89 61.51 14.71
C7 BCR FU . -45.57 61.62 14.12
C8 BCR FU . -44.41 61.46 14.77
C9 BCR FU . -43.06 61.58 14.23
C10 BCR FU . -42.01 61.17 14.98
C11 BCR FU . -40.63 61.11 14.61
C33 BCR FU . -46.54 63.41 16.32
C31 BCR FU . -47.08 59.37 13.36
C32 BCR FU . -48.58 61.30 12.87
C34 BCR FU . -42.90 62.11 12.82
C12 BCR FU . -39.65 60.79 15.47
C13 BCR FU . -38.22 60.68 15.22
C14 BCR FU . -37.39 60.45 16.27
C15 BCR FU . -35.96 60.24 16.24
C16 BCR FU . -35.21 60.16 17.36
C17 BCR FU . -33.80 59.95 17.37
C18 BCR FU . -32.95 59.92 18.43
C19 BCR FU . -31.54 59.65 18.19
C20 BCR FU . -30.53 59.66 19.08
C21 BCR FU . -29.18 59.37 18.70
C22 BCR FU . -28.07 59.40 19.47
C23 BCR FU . -26.78 59.11 18.86
C24 BCR FU . -25.57 59.41 19.33
C25 BCR FU . -24.33 59.10 18.67
C26 BCR FU . -23.64 57.98 18.97
C27 BCR FU . -22.47 57.49 18.14
C28 BCR FU . -22.21 58.32 16.89
C29 BCR FU . -22.42 59.81 17.18
C30 BCR FU . -23.85 60.12 17.64
C35 BCR FU . -37.75 60.83 13.80
C36 BCR FU . -33.42 60.11 19.85
C37 BCR FU . -28.09 59.75 20.93
C38 BCR FU . -23.92 57.08 20.13
C39 BCR FU . -24.77 60.11 16.42
C40 BCR FU . -23.86 61.52 18.25
#